data_9E1I
#
_entry.id   9E1I
#
_cell.length_a   1.00
_cell.length_b   1.00
_cell.length_c   1.00
_cell.angle_alpha   90.00
_cell.angle_beta   90.00
_cell.angle_gamma   90.00
#
_symmetry.space_group_name_H-M   'P 1'
#
loop_
_entity.id
_entity.type
_entity.pdbx_description
1 polymer 'Ryanodine receptor 1'
2 polymer 'Peptidyl-prolyl cis-trans isomerase FKBP1A'
3 non-polymer "ADENOSINE-5'-TRIPHOSPHATE"
4 non-polymer 'CALCIUM ION'
5 non-polymer 'ZINC ION'
6 non-polymer oxopyricid
7 water water
#
loop_
_entity_poly.entity_id
_entity_poly.type
_entity_poly.pdbx_seq_one_letter_code
_entity_poly.pdbx_strand_id
1 'polypeptide(L)'
;MGDGGEGEDEVQFLRTDDEVVLQCSATVLKEQLKLCLAAEGFGNRLCFLEPTSNAQNVPPDLAICCFTLEQSLSVRALQE
MLANTVEAGVESSQGGGHRTLLYGHAILLRHAHSRMYLSCLTTSRSMTDKLAFDVGLQEDATGEACWWTMHPASKQRSEG
EKVRVGDDLILVSVSSERYLHLSTASGELQVDASFMQTLWNMNPICSCCEEGYVTGGHVLRLFHGHMDECLTISAADSDD
QRRLVYYEGGAVCTHARSLWRLEPLRISWSGSHLRWGQPLRIRHVTTGRYLALTEDQGLVVVDACKAHTKATSFCFRVSK
EKLDTAPKRDVEGMGPPEIKYGESLCFVQHVASGLWLTYAAPDPKALRLGVLKKKAILHQEGHMDDALFLTRCQQEESQA
ARMIHSTAGLYNQFIKGLDSFSGKPRGSGPPAGPALPIEAVILSLQDLIGYFEPPSEELQHEEKQSKLRSLRNRQSLFQE
EGMLSLVLNCIDRLNVYTTAAHFAEYAGEEAAESWKEIVNLLYELLASLIRGNRANCALFSTNLDWVVSKLDRLEASSGI
LEVLYCVLIESPEVLNIIQENHIKSIISLLDKHGRNHKVLDVLCSLCVCNGVAVRSNQDLITENLLPGRELLLQTNLINY
VTSIRPNIFVGRAEGSTQYGKWYFEVMVDEVVPFLTAQATHLRVGWALTEGYSPYPGGGEGWGGNGVGDDLYSYGFDGLH
LWTGHVARPVTSPGQHLLAPEDVVSCCLDLSVPSISFRINGCPVQGVFEAFNLDGLFFPVVSFSAGVKVRFLLGGRHGEF
KFLPPPGYAPCHEAVLPRERLRLEPIKEYRREGPRGPHLVGPSRCLSHTDFVPCPVDTVQIVLPPHLERIREKLAENIHE
LWALTRIEQGWTYGPVRDDNKRLHPCLVNFHSLPEPERNYNLQMSGETLKTLLALGCHVGMADEKAEDNLKKTKLPKTYM
MSNGYKPAPLDLSHVRLTPAQTTLVDRLAENGHNVWARDRVAQGWSYSAVQDIPARRNPRLVPYRLLDEATKRSNRDSLC
QAVRTLLGYGYNIEPPDQEPSQVENQSRWDRVRIFRAEKSYTVQSGRWYFEFEAVTTGEMRVGWARPELRPDVELGADEL
AYVFNGHRGQRWHLGSEPFGRPWQSGDVVGCMIDLTENTIIFTLNGEVLMSDSGSETAFREIEIGDGFLPVCSLGPGQVG
HLNLGQDVSSLRFFAICGLQEGFEPFAINMQRPVTTWFSKSLPQFEPVPPEHPHYEVARMDGTVDTPPCLRLAHRTWGSQ
NSLVEMLFLRLSLPVQFHQHFRCTAGATPLAPPGLQPPAEDEARAAEPDPDYENLRRSAGGWGEAEGGKEGTAKEGTPGG
TPQPGVEAQPVRAENEKDATTEKNKKRGFLFKAKKAAMMTQPPATPALPRLPHDVVPADNRDDPEIILNTTTYYYSVRVF
AGQEPSCVWVGWVTPDYHQHDMNFDLSKVRAVTVTMGDEQGNVHSSLKCSNCYMVWGGDFVSPGQQGRISHTDLVIGCLV
DLATGLMTFTANGKESNTFFQVEPNTKLFPAVFVLPTHQNVIQFELGKQKNIMPLSAAMFLSERKNPAPQCPPRLEVQML
MPVSWSRMPNHFLQVETRRAGERLGWAVQCQDPLTMMALHIPEENRCMDILELSERLDLQRFHSHTLRLYRAVCALGNNR
VAHALCSHVDQAQLLHALEDAHLPGPLRAGYYDLLISIHLESACRSRRSMLSEYIVPLTPETRAITLFPPGRKGGNARRH
GLPGVGVTTSLRPPHHFSPPCFVAALPAAGVAEAPARLSPAIPLEALRDKALRMLGEAVRDGGQHARDPVGGSVEFQFVP
VLKLVSTLLVMGIFGDEDVKQILKMIEPEVFTEEEEEEEEEEEEEEEEEEDEEEKEEDEEEEEKEDAEKEEEEAPEGEKE
DLEEGLLQMKLPESVKLQMCNLLEYFCDQELQHRVESLAAFAERYVDKLQANQRSRYALLMRAFTMSAAETARRTREFRS
PPQEQINMLLHFKDEADEEDCPLPEDIRQDLQDFHQDLLAHCGIQLEGEEEEPEEETSLSSRLRSLLETVRLVKKKEEKP
EEELPAEEKKPQSLQELVSHMVVRWAQEDYVQSPELVRAMFSLLHRQYDGLGELLRALPRAYTISPSSVEDTMSLLECLG
QIRSLLIVQMGPQEENLMIQSIGNIMNNKVFYQHPNLMRALGMHETVMEVMVNVLGGGETKEIRFPKMVTSCCRFLCYFC
RISRQNQRSMFDHLSYLLENSGIGLGMQGSTPLDVAAASVIDNNELALALQEQDLEKVVSYLAGCGLQSCPMLLAKGYPD
IGWNPCGGERYLDFLRFAVFVNGESVEENANVVVRLLIRKPECFGPALRGEGGSGLLAAIEEAIRISEDPARDGPGVRRD
RRREHFGEEPPEENRVHLGHAIMSFYAALIDLLGRCAPEMHLIQAGKGEALRIRAILRSLVPLDDLVGIISLPLQIPTLG
KDGALVQPKMSASFVPDHKASMVLFLDRVYGIENQDFLLHVLDVGFLPDMRAAASLDTATFSTTEMALALNRYLCLAVLP
LITKCAPLFAGTEHRAIMVDSMLHTVYRLSRGRSLTKAQRDVIEDCLMALCRYIRPSMLQHLLRRLVFDVPILNEFAKMP
LKLLTNHYERCWKYYCLPTGWANFGVTSEEELHLTRKLFWGIFDSLAHKKYDQELYRMAMPCLCAIAGALPPDYVDASYS
SKAEKKATVDAEGNFDPRPVETLNVIIPEKLDSFINKFAEYTHEKWAFDKIQNNWSYGENVDEELKTHPMLRPYKTFSEK
DKEIYRWPIKESLKAMIAWEWTIEKAREGEEERTEKKKTRKISQTAQTYDPREGYNPQPPDLSGVTLSRELQAMAEQLAE
NYHNTWGRKKKQELEAKGGGTHPLLVPYDTLTAKEKARDREKAQELLKFLQMNGYAVTRGLKDMELDTSSIEKRFAFGFL
QQLLRWMDISQEFIAHLEAVVSSGRVEKSPHEQEIKFFAKILLPLINQYFTNHCLYFLSTPAKVLGSGGHASNKEKEMIT
SLFCKLAALVRHRVSLFGTDAPAVVNCLHILARSLDARTVMKSGPEIVKAGLRSFFESASEDIEKMVENLRLGKVSQART
QVKGVGQNLTYTTVALLPVLTTLFQHIAQHQFGDDVILDDVQVSCYRTLCSIYSLGTTKNTYVEKLRPALGECLARLAAA
MPVAFLEPQLNEYNACSVYTTKSPRERAILGLPNSVEEMCPDIPVLDRLMADIGGLAESGARYTEMPHVIEITLPMLCSY
LPRWWERGPEAPPPALPAGAPPPCTAVTSDHLNSLLGNILRIIVNNLGIDEATWMKRLAVFAQPIVSRARPELLHSHFIP
TIGRLRKRAGKVVAEEEQLRLEAKAEAEEGELLVRDEFSVLCRDLYALYPLLIRYVDNNRAHWLTEPNANAEELFRMVGE
IFIYWSKSHNFKREEQNFVVQNEINNMSFLTADSKSKMAKAGDAQSGGSDQERTKKKRRGDRYSVQTSLIVATLKKMLPI
GLNMCAPTDQDLIMLAKTRYALKDTDEEVREFLQNNLHLQGKVEGSPSLRWQMALYRGLPGREEDADDPEKIVRRVQEVS
AVLYHLEQTEHPYKSKKAVWHKLLSKQRRRAVVACFRMTPLYNLPTHRACNMFLESYKAAWILTEDHSFEDRMIDDLSKA
GEQEEEEEEVEEKKPDPLHQLVLHFSRTALTEKSKLDEDYLYMAYADIMAKSCHLEEGGENGEAEEEEVEVSFEEKEMEK
QRLLYQQSRLHTRGAAEMVLQMISACKGETGAMVSSTLKLGISILNGGNAEVQQKMLDYLKDKKEVGFFQSIQALMQTCS
VLDLNAFERQNKAEGLGMVNEDGTVINRQNGEKVMADDEFTQDLFRFLQLLCEGHNNDFQNYLRTQTGNTTTINIIICTV
DYLLRLQESISDFYWYYSGKDVIEEQGKRNFSKAMSVAKQVFNSLTEYIQGPCTGNQQSLAHSRLWDAVVGFLHVFAHMM
MKLAQDSSQIELLKELLDLQKDMVVMLLSLLEGNVVNGMIARQMVDMLVESSSNVEMILKFFDMFLKLKDIVGSEAFQDY
VTDPRGLISKKDFQKAMDSQKQFTGPEIQFLLSCSEADENEMINFEEFANRFQEPARDIGFNVAVLLTNLSEHVPHDPRL
RNFLELAESILEYFRPYLGRIEIMGASRRIERIYFEISETNRAQWEMPQVKESKRQFIFDVVNEGGEAEKMELFVSFCED
TIFEMQIAAQISEPEGEPEADEDEGMGEAAAEGAEEGAAGAEGAAGTVAAGATARLAAAAARALRGLSYRSLRRRVRRLR
RLTAREAATALAALLWAVVARAGAAGAGAAAGALRLLWGSLFGGGLVEGAKKVTVTELLAGMPDPTSDEVHGEQPAGPGG
DADGAGEGEGEGDAAEGDGDEEVAGHEAGPGGAEGVVAVADGGPFRPEGAGGLGDMGDTTPAEPPTPEGSPILKRKLGVD
GEEEELVPEPEPEPEPEPEKADEENGEKEEVPEAPPEPPKKAPPSPPAKKEEAGGAGMEFWGELEVQRVKFLNYLSRNFY
TLRFLALFLAFAINFILLFYKVSDSPPGEDDMEGSAAGDLAGAGSGGGSGWGSGAGEEAEGDEDENMVYYFLEESTGYME
PALWCLSLLHTLVAFLCIIGYNCLKVPLVIFKREKELARKLEFDGLYITEQPGDDDVKGQWDRLVLNTPSFPSNYWDKFV
KRKVLDKHGDIFGRERIAELLGMDLASLEITAHNERKPDPPPGLLTWLMSIDVKYQIWKFGVIFTDNSFLYLGWYMVMSL
LGHYNNFFFAAHLLDIAMGVKTLRTILSSVTHNGKQLVMTVGLLAVVVYLYTVVAFNFFRKFYNKSEDEDEPDMKCDDMM
TCYLFHMYVGVRAGGGIGDEIEDPAGDEYELYRVVFDITFFFFVIVILLAIIQGLIIDAFGELRDQQEQVKEDMETKCFI
CGIGSDYFDTTPHGFETHTLEEHNLANYMFFLMYLINKDETEHTGQESYVWKMYQERCWDFFPAGDCFRKQYEDQLS
;
A,B,D,C
2 'polypeptide(L)'
;MGVQVETISPGDGRTFPKRGQTCVVHYTGMLEDGKKFDSSRDRNKPFKFMLGKQEVIRGWEEGVAQMSVGQRAKLTISPD
YAYGATGHPGIIPPHATLVFDVELLKLE
;
E,H,G,F
#
# COMPACT_ATOMS: atom_id res chain seq x y z
N GLU A 10 18.09 -14.73 -20.73
CA GLU A 10 19.48 -14.36 -20.96
C GLU A 10 20.36 -15.60 -20.90
N VAL A 11 21.25 -15.74 -21.89
CA VAL A 11 22.19 -16.86 -21.96
C VAL A 11 23.54 -16.39 -21.45
N GLN A 12 24.00 -17.03 -20.38
CA GLN A 12 25.29 -16.66 -19.80
C GLN A 12 26.41 -16.92 -20.81
N PHE A 13 27.33 -15.96 -20.92
CA PHE A 13 28.40 -16.00 -21.90
C PHE A 13 29.73 -16.07 -21.17
N LEU A 14 30.61 -16.96 -21.62
CA LEU A 14 31.90 -17.11 -20.96
C LEU A 14 32.73 -15.84 -21.13
N ARG A 15 33.53 -15.53 -20.11
CA ARG A 15 34.32 -14.31 -20.07
C ARG A 15 35.77 -14.68 -19.77
N THR A 16 36.68 -13.83 -20.23
CA THR A 16 38.09 -14.02 -19.93
C THR A 16 38.34 -13.83 -18.43
N ASP A 17 39.40 -14.49 -17.95
CA ASP A 17 39.80 -14.49 -16.54
C ASP A 17 38.75 -15.12 -15.63
N ASP A 18 37.91 -15.99 -16.16
CA ASP A 18 36.93 -16.75 -15.38
C ASP A 18 37.37 -18.20 -15.29
N GLU A 19 37.34 -18.75 -14.08
CA GLU A 19 37.74 -20.14 -13.90
C GLU A 19 36.68 -21.08 -14.44
N VAL A 20 37.11 -22.05 -15.25
CA VAL A 20 36.22 -23.00 -15.88
C VAL A 20 36.82 -24.39 -15.78
N VAL A 21 35.99 -25.40 -16.02
CA VAL A 21 36.41 -26.80 -16.06
C VAL A 21 36.02 -27.37 -17.42
N LEU A 22 36.88 -28.23 -17.96
CA LEU A 22 36.62 -28.86 -19.24
C LEU A 22 35.94 -30.21 -19.02
N GLN A 23 34.75 -30.36 -19.57
CA GLN A 23 33.90 -31.51 -19.32
C GLN A 23 33.68 -32.29 -20.61
N CYS A 24 33.96 -33.59 -20.57
CA CYS A 24 33.72 -34.50 -21.69
C CYS A 24 32.78 -35.60 -21.22
N SER A 25 31.80 -35.93 -22.06
CA SER A 25 30.79 -36.93 -21.72
C SER A 25 30.98 -38.16 -22.59
N ALA A 26 31.09 -39.32 -21.93
CA ALA A 26 31.20 -40.60 -22.61
C ALA A 26 30.32 -41.61 -21.92
N THR A 27 29.87 -42.61 -22.68
CA THR A 27 28.97 -43.64 -22.17
C THR A 27 29.68 -44.99 -22.20
N VAL A 28 29.76 -45.64 -21.04
CA VAL A 28 30.36 -46.95 -20.89
C VAL A 28 29.33 -47.89 -20.28
N LEU A 29 29.19 -49.08 -20.85
CA LEU A 29 28.22 -50.09 -20.41
C LEU A 29 26.83 -49.49 -20.20
N LYS A 30 26.44 -48.58 -21.09
CA LYS A 30 25.13 -47.95 -21.09
C LYS A 30 24.88 -47.15 -19.81
N GLU A 31 25.77 -46.22 -19.51
CA GLU A 31 25.55 -45.20 -18.48
C GLU A 31 26.35 -43.97 -18.85
N GLN A 32 25.77 -42.79 -18.62
CA GLN A 32 26.43 -41.56 -19.01
C GLN A 32 27.45 -41.14 -17.97
N LEU A 33 28.72 -41.09 -18.38
CA LEU A 33 29.82 -40.70 -17.51
C LEU A 33 30.35 -39.35 -17.94
N LYS A 34 30.36 -38.39 -17.02
CA LYS A 34 30.89 -37.06 -17.26
C LYS A 34 32.26 -36.95 -16.60
N LEU A 35 33.27 -36.63 -17.39
CA LEU A 35 34.64 -36.59 -16.93
C LEU A 35 35.19 -35.18 -17.10
N CYS A 36 35.92 -34.70 -16.09
CA CYS A 36 36.53 -33.38 -16.11
C CYS A 36 38.03 -33.52 -16.29
N LEU A 37 38.58 -32.77 -17.23
CA LEU A 37 40.01 -32.83 -17.49
C LEU A 37 40.79 -32.28 -16.31
N ALA A 38 41.79 -33.04 -15.85
CA ALA A 38 42.57 -32.69 -14.67
C ALA A 38 44.04 -32.95 -14.94
N ALA A 39 44.90 -32.15 -14.33
CA ALA A 39 46.34 -32.32 -14.41
C ALA A 39 46.94 -32.04 -13.05
N GLU A 40 47.89 -32.88 -12.63
CA GLU A 40 48.53 -32.69 -11.34
C GLU A 40 49.52 -31.52 -11.38
N GLY A 41 50.22 -31.35 -12.49
CA GLY A 41 51.16 -30.25 -12.64
C GLY A 41 52.56 -30.59 -12.17
N PHE A 42 52.73 -30.73 -10.86
CA PHE A 42 54.04 -31.03 -10.28
C PHE A 42 54.22 -32.53 -10.21
N GLY A 43 55.24 -33.04 -10.91
CA GLY A 43 55.54 -34.44 -10.92
C GLY A 43 54.86 -35.23 -12.02
N ASN A 44 53.83 -34.68 -12.67
CA ASN A 44 53.14 -35.35 -13.75
C ASN A 44 52.57 -34.29 -14.69
N ARG A 45 53.24 -34.09 -15.82
CA ARG A 45 52.77 -33.10 -16.78
C ARG A 45 51.46 -33.53 -17.44
N LEU A 46 51.31 -34.84 -17.67
CA LEU A 46 50.18 -35.34 -18.46
C LEU A 46 48.85 -35.08 -17.77
N CYS A 47 47.81 -34.94 -18.57
CA CYS A 47 46.47 -34.71 -18.05
C CYS A 47 45.66 -36.00 -18.06
N PHE A 48 44.84 -36.18 -17.03
CA PHE A 48 43.99 -37.36 -16.89
C PHE A 48 42.56 -36.90 -16.65
N LEU A 49 41.60 -37.67 -17.14
CA LEU A 49 40.20 -37.33 -16.92
C LEU A 49 39.72 -37.89 -15.58
N GLU A 50 39.06 -37.04 -14.81
CA GLU A 50 38.56 -37.38 -13.50
C GLU A 50 37.05 -37.47 -13.54
N PRO A 51 36.45 -38.63 -13.23
CA PRO A 51 35.01 -38.81 -13.42
C PRO A 51 34.22 -37.99 -12.40
N THR A 52 33.09 -37.44 -12.85
CA THR A 52 32.21 -36.64 -12.01
C THR A 52 30.81 -37.22 -11.89
N SER A 53 30.52 -38.33 -12.57
CA SER A 53 29.21 -38.96 -12.43
C SER A 53 29.00 -39.47 -11.02
N ASN A 54 30.02 -40.10 -10.44
CA ASN A 54 29.96 -40.61 -9.08
C ASN A 54 30.29 -39.54 -8.04
N ALA A 55 30.19 -38.26 -8.41
CA ALA A 55 30.50 -37.19 -7.46
C ALA A 55 29.59 -37.24 -6.25
N GLN A 56 28.32 -37.59 -6.45
CA GLN A 56 27.41 -37.69 -5.33
C GLN A 56 27.83 -38.80 -4.37
N ASN A 57 28.26 -39.94 -4.90
CA ASN A 57 28.68 -41.04 -4.04
C ASN A 57 30.09 -40.82 -3.50
N VAL A 58 31.01 -40.38 -4.36
CA VAL A 58 32.40 -40.20 -3.97
C VAL A 58 32.87 -38.81 -4.37
N PRO A 59 33.38 -38.02 -3.43
CA PRO A 59 33.78 -36.64 -3.75
C PRO A 59 34.92 -36.61 -4.74
N PRO A 60 34.77 -35.87 -5.84
CA PRO A 60 35.90 -35.64 -6.73
C PRO A 60 36.74 -34.46 -6.28
N ASP A 61 37.96 -34.39 -6.81
CA ASP A 61 38.88 -33.31 -6.50
C ASP A 61 38.91 -32.33 -7.66
N LEU A 62 38.31 -31.16 -7.47
CA LEU A 62 38.21 -30.16 -8.52
C LEU A 62 39.40 -29.20 -8.55
N ALA A 63 40.31 -29.28 -7.57
CA ALA A 63 41.45 -28.38 -7.56
C ALA A 63 42.32 -28.59 -8.79
N ILE A 64 42.54 -29.84 -9.18
CA ILE A 64 43.31 -30.13 -10.38
C ILE A 64 42.51 -29.80 -11.62
N CYS A 65 41.18 -29.97 -11.56
CA CYS A 65 40.36 -29.84 -12.76
C CYS A 65 40.18 -28.39 -13.18
N CYS A 66 40.23 -27.46 -12.22
CA CYS A 66 39.92 -26.07 -12.52
C CYS A 66 40.98 -25.45 -13.42
N PHE A 67 40.52 -24.67 -14.40
CA PHE A 67 41.39 -23.95 -15.31
C PHE A 67 40.88 -22.53 -15.46
N THR A 68 41.80 -21.60 -15.68
CA THR A 68 41.48 -20.21 -15.93
C THR A 68 42.03 -19.80 -17.29
N LEU A 69 41.28 -19.01 -18.03
CA LEU A 69 41.69 -18.54 -19.35
C LEU A 69 42.15 -17.09 -19.23
N GLU A 70 43.44 -16.86 -19.48
CA GLU A 70 44.01 -15.53 -19.30
C GLU A 70 43.50 -14.56 -20.37
N GLN A 71 43.52 -14.97 -21.63
CA GLN A 71 43.22 -14.06 -22.72
C GLN A 71 42.52 -14.82 -23.84
N SER A 72 41.77 -14.07 -24.63
CA SER A 72 41.15 -14.57 -25.86
C SER A 72 41.64 -13.72 -27.02
N LEU A 73 42.02 -14.37 -28.11
CA LEU A 73 42.61 -13.70 -29.25
C LEU A 73 42.08 -14.32 -30.54
N SER A 74 41.79 -13.46 -31.52
CA SER A 74 41.41 -13.95 -32.85
C SER A 74 42.59 -14.70 -33.46
N VAL A 75 42.31 -15.44 -34.54
CA VAL A 75 43.37 -16.22 -35.19
C VAL A 75 44.46 -15.30 -35.73
N ARG A 76 44.06 -14.18 -36.34
CA ARG A 76 45.05 -13.29 -36.95
C ARG A 76 45.89 -12.60 -35.87
N ALA A 77 45.25 -12.14 -34.79
CA ALA A 77 46.01 -11.56 -33.68
C ALA A 77 46.90 -12.61 -33.03
N LEU A 78 46.46 -13.87 -33.02
CA LEU A 78 47.32 -14.96 -32.58
C LEU A 78 48.57 -15.03 -33.44
N GLN A 79 48.39 -14.97 -34.76
CA GLN A 79 49.53 -15.00 -35.67
C GLN A 79 50.48 -13.83 -35.38
N GLU A 80 49.93 -12.64 -35.15
CA GLU A 80 50.77 -11.50 -34.83
C GLU A 80 51.54 -11.71 -33.53
N MET A 81 50.89 -12.31 -32.52
CA MET A 81 51.57 -12.43 -31.23
C MET A 81 52.62 -13.54 -31.27
N LEU A 82 52.44 -14.55 -32.13
CA LEU A 82 53.55 -15.45 -32.43
C LEU A 82 54.67 -14.71 -33.15
N ALA A 83 54.32 -13.81 -34.08
CA ALA A 83 55.35 -13.06 -34.80
C ALA A 83 56.18 -12.22 -33.83
N ASN A 84 55.54 -11.60 -32.85
CA ASN A 84 56.24 -10.82 -31.84
C ASN A 84 56.64 -11.69 -30.66
N HIS A 98 37.75 -7.86 -19.09
CA HIS A 98 37.10 -9.16 -19.22
C HIS A 98 36.45 -9.30 -20.59
N ARG A 99 37.24 -9.72 -21.59
CA ARG A 99 36.73 -9.83 -22.95
C ARG A 99 35.87 -11.08 -23.10
N THR A 100 34.87 -10.99 -23.96
CA THR A 100 33.94 -12.09 -24.19
C THR A 100 34.59 -13.15 -25.07
N LEU A 101 34.37 -14.42 -24.72
CA LEU A 101 34.82 -15.51 -25.56
C LEU A 101 33.95 -15.60 -26.80
N LEU A 102 34.60 -15.58 -27.97
CA LEU A 102 33.93 -15.60 -29.25
C LEU A 102 34.44 -16.78 -30.06
N TYR A 103 33.54 -17.47 -30.76
CA TYR A 103 33.93 -18.64 -31.52
C TYR A 103 34.98 -18.28 -32.57
N GLY A 104 35.95 -19.17 -32.74
CA GLY A 104 37.07 -18.93 -33.62
C GLY A 104 38.25 -18.24 -32.98
N HIS A 105 38.11 -17.79 -31.74
CA HIS A 105 39.20 -17.14 -31.03
C HIS A 105 40.20 -18.16 -30.50
N ALA A 106 41.35 -17.65 -30.08
CA ALA A 106 42.37 -18.45 -29.42
C ALA A 106 42.50 -18.01 -27.98
N ILE A 107 42.52 -18.98 -27.07
CA ILE A 107 42.59 -18.72 -25.64
C ILE A 107 43.78 -19.48 -25.06
N LEU A 108 44.25 -19.01 -23.91
CA LEU A 108 45.33 -19.66 -23.18
C LEU A 108 44.81 -20.08 -21.82
N LEU A 109 44.74 -21.39 -21.59
CA LEU A 109 44.21 -21.95 -20.36
C LEU A 109 45.36 -22.30 -19.44
N ARG A 110 45.33 -21.77 -18.23
CA ARG A 110 46.35 -22.05 -17.23
C ARG A 110 45.73 -22.86 -16.09
N HIS A 111 46.51 -23.77 -15.53
CA HIS A 111 46.03 -24.59 -14.43
C HIS A 111 46.08 -23.78 -13.13
N ALA A 112 44.97 -23.79 -12.39
CA ALA A 112 44.85 -22.90 -11.24
C ALA A 112 45.88 -23.22 -10.17
N HIS A 113 46.02 -24.51 -9.82
CA HIS A 113 46.90 -24.88 -8.72
C HIS A 113 48.38 -24.74 -9.11
N SER A 114 48.74 -25.26 -10.28
CA SER A 114 50.16 -25.37 -10.62
C SER A 114 50.66 -24.15 -11.38
N ARG A 115 49.76 -23.24 -11.74
CA ARG A 115 50.02 -22.02 -12.51
C ARG A 115 50.52 -22.35 -13.91
N MET A 116 50.62 -23.63 -14.28
CA MET A 116 51.08 -24.02 -15.60
C MET A 116 49.97 -23.83 -16.63
N TYR A 117 50.38 -23.76 -17.90
CA TYR A 117 49.46 -23.53 -19.00
C TYR A 117 49.27 -24.82 -19.78
N LEU A 118 48.00 -25.15 -20.06
CA LEU A 118 47.70 -26.38 -20.79
C LEU A 118 48.23 -26.27 -22.21
N SER A 119 48.80 -27.36 -22.72
CA SER A 119 49.39 -27.38 -24.04
C SER A 119 49.40 -28.81 -24.56
N CYS A 120 49.70 -28.94 -25.84
CA CYS A 120 49.82 -30.25 -26.48
C CYS A 120 51.29 -30.63 -26.57
N LEU A 121 51.62 -31.83 -26.12
CA LEU A 121 53.00 -32.28 -26.14
C LEU A 121 53.29 -33.10 -27.39
N THR A 122 54.53 -32.99 -27.88
CA THR A 122 54.91 -33.71 -29.09
C THR A 122 54.88 -35.21 -28.88
N THR A 123 55.30 -35.68 -27.70
CA THR A 123 55.33 -37.11 -27.42
C THR A 123 53.92 -37.67 -27.34
N SER A 124 53.79 -38.96 -27.59
CA SER A 124 52.51 -39.66 -27.54
C SER A 124 52.66 -40.94 -26.73
N ARG A 125 51.86 -41.06 -25.67
CA ARG A 125 51.84 -42.28 -24.88
C ARG A 125 50.83 -43.30 -25.41
N SER A 126 49.95 -42.89 -26.31
CA SER A 126 48.94 -43.77 -26.89
C SER A 126 49.51 -44.39 -28.15
N MET A 127 49.69 -45.71 -28.14
CA MET A 127 50.25 -46.39 -29.29
C MET A 127 49.15 -46.74 -30.30
N THR A 128 47.90 -46.52 -29.93
CA THR A 128 46.79 -46.86 -30.82
C THR A 128 46.72 -45.91 -32.02
N ASP A 129 46.98 -44.63 -31.79
CA ASP A 129 46.77 -43.59 -32.80
C ASP A 129 48.07 -42.83 -33.01
N LYS A 130 48.68 -43.01 -34.20
CA LYS A 130 49.94 -42.36 -34.50
C LYS A 130 49.81 -40.85 -34.48
N LEU A 131 48.74 -40.34 -35.09
CA LEU A 131 48.52 -38.90 -35.15
C LEU A 131 48.34 -38.28 -33.76
N ALA A 132 47.89 -39.08 -32.79
CA ALA A 132 47.54 -38.54 -31.49
C ALA A 132 48.77 -37.98 -30.77
N PHE A 133 48.57 -36.86 -30.08
CA PHE A 133 49.60 -36.22 -29.27
C PHE A 133 49.12 -36.11 -27.83
N ASP A 134 50.06 -36.23 -26.89
CA ASP A 134 49.72 -36.11 -25.49
C ASP A 134 49.43 -34.66 -25.13
N VAL A 135 48.45 -34.48 -24.24
CA VAL A 135 48.08 -33.16 -23.74
C VAL A 135 48.60 -33.05 -22.31
N GLY A 136 49.43 -32.05 -22.06
CA GLY A 136 50.04 -31.90 -20.75
C GLY A 136 50.26 -30.45 -20.41
N LEU A 137 50.51 -30.21 -19.12
CA LEU A 137 50.76 -28.86 -18.65
C LEU A 137 52.13 -28.39 -19.09
N GLN A 138 52.25 -27.08 -19.33
CA GLN A 138 53.48 -26.47 -19.80
C GLN A 138 53.85 -25.32 -18.87
N GLU A 139 55.15 -25.21 -18.57
CA GLU A 139 55.60 -24.19 -17.61
C GLU A 139 55.40 -22.78 -18.16
N ASP A 140 55.78 -22.55 -19.41
CA ASP A 140 55.77 -21.22 -20.01
C ASP A 140 54.56 -21.05 -20.91
N ALA A 141 54.00 -19.84 -20.92
CA ALA A 141 52.86 -19.57 -21.79
C ALA A 141 53.32 -19.30 -23.23
N THR A 142 54.62 -19.08 -23.42
CA THR A 142 55.13 -18.78 -24.75
C THR A 142 55.07 -20.01 -25.64
N GLY A 143 54.81 -19.80 -26.92
CA GLY A 143 54.74 -20.88 -27.87
C GLY A 143 53.32 -21.12 -28.35
N GLU A 144 53.20 -21.73 -29.52
CA GLU A 144 51.89 -22.01 -30.09
C GLU A 144 51.23 -23.21 -29.41
N ALA A 145 52.02 -24.01 -28.69
CA ALA A 145 51.46 -25.19 -28.02
C ALA A 145 50.48 -24.79 -26.94
N CYS A 146 50.78 -23.73 -26.19
CA CYS A 146 49.93 -23.32 -25.09
C CYS A 146 48.59 -22.78 -25.58
N TRP A 147 48.54 -22.32 -26.81
CA TRP A 147 47.35 -21.65 -27.32
C TRP A 147 46.38 -22.66 -27.92
N TRP A 148 45.09 -22.42 -27.70
CA TRP A 148 44.04 -23.30 -28.19
C TRP A 148 42.92 -22.48 -28.81
N THR A 149 42.37 -22.99 -29.91
CA THR A 149 41.31 -22.33 -30.63
C THR A 149 40.03 -23.14 -30.52
N MET A 150 38.93 -22.50 -30.15
CA MET A 150 37.63 -23.14 -30.11
C MET A 150 36.84 -22.83 -31.38
N HIS A 151 36.19 -23.87 -31.91
CA HIS A 151 35.24 -23.77 -33.00
C HIS A 151 33.90 -24.35 -32.54
N PRO A 152 32.77 -23.79 -32.96
CA PRO A 152 31.49 -24.29 -32.45
C PRO A 152 31.20 -25.69 -32.96
N ALA A 153 30.98 -26.61 -32.01
CA ALA A 153 30.68 -27.98 -32.38
C ALA A 153 29.28 -28.11 -32.97
N SER A 154 28.31 -27.39 -32.39
CA SER A 154 26.95 -27.44 -32.91
C SER A 154 26.86 -26.70 -34.24
N LYS A 155 26.01 -27.22 -35.14
CA LYS A 155 25.84 -26.60 -36.44
C LYS A 155 25.20 -25.22 -36.30
N GLN A 156 24.19 -25.10 -35.44
CA GLN A 156 23.46 -23.84 -35.31
C GLN A 156 24.37 -22.72 -34.84
N ARG A 157 25.34 -23.03 -33.99
CA ARG A 157 26.35 -22.05 -33.61
C ARG A 157 27.28 -21.79 -34.78
N SER A 158 27.71 -20.54 -34.93
CA SER A 158 28.53 -20.13 -36.06
C SER A 158 29.77 -19.40 -35.59
N GLU A 159 30.81 -19.42 -36.41
CA GLU A 159 32.04 -18.72 -36.08
C GLU A 159 31.78 -17.21 -36.01
N GLY A 160 32.49 -16.55 -35.09
CA GLY A 160 32.24 -15.16 -34.81
C GLY A 160 31.15 -14.92 -33.79
N GLU A 161 30.47 -15.97 -33.32
CA GLU A 161 29.49 -15.83 -32.27
C GLU A 161 30.16 -15.94 -30.90
N LYS A 162 29.60 -15.22 -29.93
CA LYS A 162 30.10 -15.30 -28.57
C LYS A 162 29.81 -16.67 -27.96
N VAL A 163 30.73 -17.14 -27.13
CA VAL A 163 30.61 -18.48 -26.55
C VAL A 163 29.61 -18.46 -25.42
N ARG A 164 28.72 -19.46 -25.40
CA ARG A 164 27.62 -19.53 -24.45
C ARG A 164 27.89 -20.63 -23.43
N VAL A 165 27.45 -20.42 -22.19
CA VAL A 165 27.69 -21.39 -21.13
C VAL A 165 26.86 -22.65 -21.38
N GLY A 166 27.52 -23.80 -21.30
CA GLY A 166 26.86 -25.08 -21.51
C GLY A 166 26.82 -25.55 -22.94
N ASP A 167 27.24 -24.73 -23.90
CA ASP A 167 27.25 -25.14 -25.29
C ASP A 167 28.34 -26.16 -25.52
N ASP A 168 28.09 -27.11 -26.42
CA ASP A 168 29.14 -28.02 -26.86
C ASP A 168 30.21 -27.25 -27.60
N LEU A 169 31.43 -27.75 -27.55
CA LEU A 169 32.57 -26.99 -28.04
C LEU A 169 33.66 -27.94 -28.52
N ILE A 170 34.34 -27.56 -29.59
CA ILE A 170 35.50 -28.28 -30.10
C ILE A 170 36.68 -27.33 -30.08
N LEU A 171 37.83 -27.82 -29.60
CA LEU A 171 39.02 -27.01 -29.40
C LEU A 171 40.16 -27.57 -30.23
N VAL A 172 40.95 -26.68 -30.84
CA VAL A 172 42.07 -27.05 -31.70
C VAL A 172 43.36 -26.56 -31.07
N SER A 173 44.31 -27.46 -30.89
CA SER A 173 45.64 -27.05 -30.45
C SER A 173 46.31 -26.26 -31.56
N VAL A 174 46.77 -25.06 -31.23
CA VAL A 174 47.31 -24.16 -32.25
C VAL A 174 48.57 -24.75 -32.89
N SER A 175 49.47 -25.28 -32.06
CA SER A 175 50.72 -25.81 -32.59
C SER A 175 50.48 -27.04 -33.46
N SER A 176 49.72 -28.01 -32.96
CA SER A 176 49.56 -29.27 -33.66
C SER A 176 48.33 -29.32 -34.56
N GLU A 177 47.51 -28.25 -34.55
CA GLU A 177 46.26 -28.23 -35.32
C GLU A 177 45.42 -29.48 -35.00
N ARG A 178 45.31 -29.79 -33.72
CA ARG A 178 44.73 -31.04 -33.25
C ARG A 178 43.62 -30.75 -32.27
N TYR A 179 42.56 -31.56 -32.32
CA TYR A 179 41.47 -31.41 -31.37
C TYR A 179 41.79 -32.14 -30.07
N LEU A 180 41.32 -31.54 -28.97
CA LEU A 180 41.33 -32.24 -27.69
C LEU A 180 40.38 -33.43 -27.77
N HIS A 181 40.94 -34.64 -27.70
CA HIS A 181 40.19 -35.84 -28.00
C HIS A 181 40.24 -36.83 -26.85
N LEU A 182 39.09 -37.43 -26.57
CA LEU A 182 38.96 -38.54 -25.62
C LEU A 182 39.04 -39.84 -26.41
N SER A 183 39.97 -40.70 -26.04
CA SER A 183 40.21 -41.95 -26.74
C SER A 183 39.77 -43.13 -25.87
N THR A 184 38.81 -43.89 -26.36
CA THR A 184 38.37 -45.11 -25.69
C THR A 184 39.16 -46.33 -26.16
N ALA A 185 40.12 -46.16 -27.06
CA ALA A 185 40.90 -47.29 -27.55
C ALA A 185 41.63 -48.00 -26.41
N SER A 186 42.31 -47.23 -25.56
CA SER A 186 42.89 -47.80 -24.35
C SER A 186 41.78 -48.19 -23.39
N GLY A 187 42.07 -49.17 -22.53
CA GLY A 187 41.07 -49.60 -21.57
C GLY A 187 40.60 -48.47 -20.67
N GLU A 188 41.53 -47.70 -20.15
CA GLU A 188 41.16 -46.51 -19.38
C GLU A 188 40.85 -45.36 -20.33
N LEU A 189 39.99 -44.46 -19.86
CA LEU A 189 39.67 -43.28 -20.66
C LEU A 189 40.84 -42.30 -20.66
N GLN A 190 41.31 -41.96 -21.85
CA GLN A 190 42.49 -41.13 -22.01
C GLN A 190 42.17 -39.91 -22.85
N VAL A 191 42.72 -38.77 -22.44
CA VAL A 191 42.54 -37.51 -23.15
C VAL A 191 43.84 -37.15 -23.84
N ASP A 192 43.76 -36.84 -25.13
CA ASP A 192 44.94 -36.50 -25.91
C ASP A 192 44.56 -35.57 -27.06
N ALA A 193 45.54 -34.84 -27.56
CA ALA A 193 45.33 -34.01 -28.74
C ALA A 193 45.33 -34.87 -29.98
N SER A 194 44.27 -34.77 -30.78
CA SER A 194 44.13 -35.65 -31.92
C SER A 194 43.44 -34.92 -33.07
N PHE A 195 43.55 -35.53 -34.24
CA PHE A 195 43.00 -34.96 -35.47
C PHE A 195 41.48 -35.17 -35.51
N MET A 196 41.00 -36.25 -34.90
CA MET A 196 39.57 -36.44 -34.72
C MET A 196 39.04 -35.45 -33.71
N GLN A 197 37.75 -35.14 -33.79
CA GLN A 197 37.14 -34.22 -32.85
C GLN A 197 36.39 -34.98 -31.76
N THR A 198 36.26 -34.34 -30.59
CA THR A 198 35.56 -34.91 -29.44
C THR A 198 34.88 -33.78 -28.69
N LEU A 199 33.56 -33.89 -28.51
CA LEU A 199 32.79 -32.79 -27.95
C LEU A 199 33.23 -32.48 -26.52
N TRP A 200 33.38 -31.19 -26.23
CA TRP A 200 33.76 -30.71 -24.92
C TRP A 200 32.82 -29.60 -24.49
N ASN A 201 32.56 -29.51 -23.19
CA ASN A 201 31.72 -28.47 -22.61
C ASN A 201 32.49 -27.78 -21.51
N MET A 202 32.48 -26.45 -21.52
CA MET A 202 33.18 -25.65 -20.53
C MET A 202 32.17 -25.02 -19.58
N ASN A 203 32.21 -25.44 -18.33
CA ASN A 203 31.30 -24.94 -17.31
C ASN A 203 32.03 -23.96 -16.41
N PRO A 204 31.44 -22.82 -16.08
CA PRO A 204 32.16 -21.82 -15.30
C PRO A 204 32.15 -22.12 -13.82
N ILE A 205 33.32 -22.04 -13.18
CA ILE A 205 33.40 -22.22 -11.74
C ILE A 205 33.10 -20.90 -11.03
N CYS A 206 33.87 -19.87 -11.35
CA CYS A 206 33.67 -18.54 -10.76
C CYS A 206 33.97 -17.49 -11.80
N SER A 207 33.05 -16.54 -11.96
CA SER A 207 33.24 -15.48 -12.94
C SER A 207 34.11 -14.35 -12.39
N CYS A 208 33.76 -13.84 -11.20
CA CYS A 208 34.52 -12.77 -10.58
C CYS A 208 34.46 -12.94 -9.07
N CYS A 209 35.62 -12.84 -8.44
CA CYS A 209 35.75 -13.06 -6.99
C CYS A 209 35.62 -11.72 -6.29
N GLU A 210 34.62 -11.63 -5.40
CA GLU A 210 34.40 -10.41 -4.64
C GLU A 210 35.34 -10.36 -3.44
N GLU A 211 35.62 -9.14 -2.98
CA GLU A 211 36.48 -8.97 -1.82
C GLU A 211 35.78 -9.49 -0.58
N GLY A 212 36.54 -10.14 0.31
CA GLY A 212 35.92 -10.91 1.36
C GLY A 212 35.02 -11.94 0.72
N TYR A 213 33.76 -11.96 1.14
CA TYR A 213 32.67 -12.52 0.33
C TYR A 213 33.01 -13.95 -0.11
N VAL A 214 33.07 -14.86 0.87
CA VAL A 214 33.62 -16.19 0.66
C VAL A 214 32.93 -16.89 -0.51
N THR A 215 33.73 -17.60 -1.29
CA THR A 215 33.23 -18.37 -2.43
C THR A 215 33.64 -19.82 -2.27
N GLY A 216 32.89 -20.71 -2.92
CA GLY A 216 33.25 -22.12 -2.88
C GLY A 216 34.56 -22.38 -3.57
N GLY A 217 35.24 -23.45 -3.13
CA GLY A 217 36.54 -23.79 -3.64
C GLY A 217 37.70 -23.08 -2.98
N HIS A 218 37.44 -22.14 -2.08
CA HIS A 218 38.50 -21.46 -1.38
C HIS A 218 39.14 -22.38 -0.35
N VAL A 219 40.41 -22.11 -0.05
CA VAL A 219 41.14 -22.84 0.99
C VAL A 219 41.33 -21.89 2.16
N LEU A 220 40.87 -22.30 3.34
CA LEU A 220 40.83 -21.41 4.48
C LEU A 220 40.90 -22.21 5.78
N ARG A 221 41.30 -21.53 6.84
CA ARG A 221 41.33 -22.10 8.18
C ARG A 221 40.29 -21.39 9.03
N LEU A 222 39.37 -22.16 9.61
CA LEU A 222 38.34 -21.58 10.45
C LEU A 222 38.76 -21.62 11.92
N PHE A 223 38.53 -20.50 12.61
CA PHE A 223 39.00 -20.31 13.97
C PHE A 223 37.83 -20.38 14.93
N HIS A 224 37.91 -21.28 15.91
CA HIS A 224 36.83 -21.40 16.89
C HIS A 224 36.71 -20.14 17.75
N GLY A 225 37.83 -19.71 18.32
CA GLY A 225 37.85 -18.48 19.07
C GLY A 225 38.22 -17.28 18.23
N HIS A 226 38.27 -16.13 18.90
CA HIS A 226 38.75 -14.91 18.25
C HIS A 226 40.27 -15.02 18.13
N MET A 227 40.67 -15.65 17.04
CA MET A 227 42.02 -16.04 16.56
C MET A 227 42.80 -16.75 17.65
N ASP A 228 42.16 -17.17 18.74
CA ASP A 228 42.86 -18.00 19.73
C ASP A 228 43.21 -19.37 19.18
N GLU A 229 42.26 -20.05 18.56
CA GLU A 229 42.44 -21.45 18.19
C GLU A 229 41.74 -21.72 16.87
N CYS A 230 42.27 -22.66 16.10
CA CYS A 230 41.74 -23.04 14.80
C CYS A 230 41.56 -24.54 14.74
N LEU A 231 40.48 -24.99 14.08
CA LEU A 231 40.24 -26.41 13.94
C LEU A 231 41.28 -27.04 13.01
N THR A 232 41.86 -28.15 13.45
CA THR A 232 42.90 -28.82 12.69
C THR A 232 42.96 -30.28 13.08
N ILE A 233 43.50 -31.09 12.16
CA ILE A 233 43.75 -32.49 12.50
C ILE A 233 45.08 -32.61 13.23
N SER A 234 45.30 -33.78 13.82
CA SER A 234 46.50 -34.01 14.59
C SER A 234 47.74 -33.98 13.69
N ALA A 235 48.87 -33.62 14.30
CA ALA A 235 50.12 -33.49 13.55
C ALA A 235 50.56 -34.83 12.99
N ALA A 236 51.61 -34.78 12.17
CA ALA A 236 52.11 -35.99 11.50
C ALA A 236 52.67 -36.97 12.52
N ASP A 237 52.63 -38.26 12.16
CA ASP A 237 53.12 -39.40 12.92
C ASP A 237 52.35 -39.59 14.22
N SER A 238 51.18 -38.99 14.39
CA SER A 238 50.40 -39.19 15.60
C SER A 238 49.72 -40.55 15.57
N ASP A 239 49.40 -41.05 16.77
CA ASP A 239 48.77 -42.36 16.88
C ASP A 239 47.35 -42.34 16.34
N ASP A 240 46.69 -41.19 16.42
CA ASP A 240 45.29 -41.11 16.01
C ASP A 240 45.15 -41.22 14.49
N GLN A 241 46.26 -41.20 13.76
CA GLN A 241 46.34 -41.25 12.31
C GLN A 241 45.70 -40.02 11.68
N ARG A 242 45.61 -38.92 12.40
CA ARG A 242 45.02 -37.64 11.98
C ARG A 242 43.56 -37.78 11.58
N ARG A 243 42.89 -38.89 11.90
CA ARG A 243 41.48 -39.00 11.58
C ARG A 243 40.64 -38.13 12.51
N LEU A 244 41.14 -37.85 13.70
CA LEU A 244 40.41 -37.04 14.67
C LEU A 244 40.74 -35.57 14.48
N VAL A 245 39.76 -34.70 14.77
CA VAL A 245 39.90 -33.26 14.59
C VAL A 245 39.87 -32.59 15.96
N TYR A 246 40.60 -31.48 16.08
CA TYR A 246 40.77 -30.75 17.32
C TYR A 246 40.94 -29.26 17.05
N TYR A 247 40.61 -28.44 18.05
CA TYR A 247 41.00 -27.04 18.01
C TYR A 247 42.36 -26.87 18.65
N GLU A 248 43.25 -26.15 17.96
CA GLU A 248 44.61 -25.97 18.44
C GLU A 248 45.02 -24.51 18.24
N GLY A 249 45.95 -24.06 19.08
CA GLY A 249 46.47 -22.72 18.98
C GLY A 249 47.99 -22.71 19.00
N GLY A 250 48.56 -21.70 18.38
CA GLY A 250 50.00 -21.56 18.30
C GLY A 250 50.49 -21.60 16.86
N ALA A 251 51.58 -22.35 16.64
CA ALA A 251 52.16 -22.42 15.30
C ALA A 251 51.27 -23.20 14.35
N VAL A 252 50.29 -23.93 14.89
CA VAL A 252 49.39 -24.69 14.03
C VAL A 252 48.58 -23.76 13.13
N CYS A 253 48.37 -22.52 13.58
CA CYS A 253 47.65 -21.55 12.75
C CYS A 253 48.45 -21.20 11.50
N THR A 254 49.78 -21.29 11.58
CA THR A 254 50.61 -21.01 10.41
C THR A 254 50.88 -22.29 9.63
N HIS A 255 50.83 -23.45 10.30
CA HIS A 255 51.13 -24.71 9.62
C HIS A 255 50.02 -25.08 8.64
N ALA A 256 50.35 -25.98 7.72
CA ALA A 256 49.42 -26.35 6.66
C ALA A 256 48.37 -27.32 7.16
N ARG A 257 48.62 -27.97 8.30
CA ARG A 257 47.67 -28.96 8.80
C ARG A 257 46.35 -28.30 9.19
N SER A 258 46.38 -26.99 9.50
CA SER A 258 45.15 -26.30 9.86
C SER A 258 44.40 -25.83 8.62
N LEU A 259 45.02 -25.95 7.45
CA LEU A 259 44.39 -25.47 6.23
C LEU A 259 43.28 -26.40 5.80
N TRP A 260 42.12 -25.82 5.50
CA TRP A 260 40.94 -26.60 5.11
C TRP A 260 40.43 -26.06 3.79
N ARG A 261 39.78 -26.92 3.01
CA ARG A 261 39.15 -26.53 1.76
C ARG A 261 37.68 -26.92 1.81
N LEU A 262 36.82 -25.98 1.47
CA LEU A 262 35.38 -26.21 1.42
C LEU A 262 34.91 -26.14 -0.02
N GLU A 263 34.25 -27.19 -0.48
CA GLU A 263 33.72 -27.25 -1.82
C GLU A 263 32.23 -27.59 -1.79
N PRO A 264 31.38 -26.76 -2.39
CA PRO A 264 29.96 -27.13 -2.48
C PRO A 264 29.79 -28.34 -3.37
N LEU A 265 28.74 -29.11 -3.10
CA LEU A 265 28.46 -30.33 -3.85
C LEU A 265 27.72 -30.00 -5.15
N ARG A 266 28.32 -29.08 -5.91
CA ARG A 266 27.87 -28.73 -7.24
C ARG A 266 29.09 -28.66 -8.16
N ILE A 267 29.09 -29.48 -9.20
CA ILE A 267 30.21 -29.44 -10.14
C ILE A 267 30.21 -28.13 -10.92
N SER A 268 29.02 -27.59 -11.21
CA SER A 268 28.92 -26.34 -11.93
C SER A 268 28.76 -25.18 -10.97
N TRP A 269 29.45 -24.08 -11.26
CA TRP A 269 29.41 -22.87 -10.43
C TRP A 269 29.81 -23.18 -9.00
N SER A 270 30.80 -24.08 -8.84
CA SER A 270 31.30 -24.40 -7.51
C SER A 270 31.97 -23.20 -6.86
N GLY A 271 32.49 -22.28 -7.68
CA GLY A 271 33.14 -21.08 -7.15
C GLY A 271 32.18 -19.97 -6.83
N SER A 272 30.88 -20.25 -6.81
CA SER A 272 29.90 -19.24 -6.44
C SER A 272 30.05 -18.89 -4.97
N HIS A 273 29.55 -17.71 -4.60
CA HIS A 273 29.55 -17.29 -3.20
C HIS A 273 28.78 -18.28 -2.36
N LEU A 274 29.31 -18.58 -1.17
CA LEU A 274 28.60 -19.43 -0.24
C LEU A 274 27.39 -18.71 0.34
N ARG A 275 26.33 -19.46 0.59
CA ARG A 275 25.11 -18.95 1.19
C ARG A 275 24.93 -19.57 2.56
N TRP A 276 24.25 -18.83 3.43
CA TRP A 276 23.89 -19.39 4.73
C TRP A 276 22.98 -20.60 4.55
N GLY A 277 23.27 -21.67 5.28
CA GLY A 277 22.47 -22.88 5.18
C GLY A 277 22.53 -23.54 3.81
N GLN A 278 23.66 -23.42 3.12
CA GLN A 278 23.86 -24.11 1.86
C GLN A 278 24.78 -25.30 2.09
N PRO A 279 24.41 -26.50 1.65
CA PRO A 279 25.25 -27.67 1.91
C PRO A 279 26.61 -27.53 1.23
N LEU A 280 27.65 -27.99 1.92
CA LEU A 280 29.01 -27.93 1.41
C LEU A 280 29.81 -29.09 1.98
N ARG A 281 30.93 -29.36 1.32
CA ARG A 281 31.81 -30.47 1.66
C ARG A 281 33.18 -29.90 2.06
N ILE A 282 33.65 -30.29 3.24
CA ILE A 282 34.89 -29.76 3.79
C ILE A 282 35.96 -30.84 3.71
N ARG A 283 37.07 -30.51 3.05
CA ARG A 283 38.17 -31.45 2.84
C ARG A 283 39.45 -30.86 3.43
N HIS A 284 40.24 -31.71 4.09
CA HIS A 284 41.54 -31.28 4.58
C HIS A 284 42.56 -31.39 3.45
N VAL A 285 43.29 -30.31 3.21
CA VAL A 285 44.04 -30.19 1.96
C VAL A 285 45.24 -31.13 1.93
N THR A 286 46.01 -31.20 3.03
CA THR A 286 47.24 -31.99 3.00
C THR A 286 46.95 -33.48 3.07
N THR A 287 46.03 -33.89 3.94
CA THR A 287 45.72 -35.31 4.06
C THR A 287 44.83 -35.76 2.91
N GLY A 288 44.03 -34.86 2.34
CA GLY A 288 43.08 -35.23 1.32
C GLY A 288 41.83 -35.90 1.84
N ARG A 289 41.65 -35.97 3.16
CA ARG A 289 40.51 -36.65 3.73
C ARG A 289 39.39 -35.66 4.05
N TYR A 290 38.15 -36.15 3.96
CA TYR A 290 36.97 -35.32 4.02
C TYR A 290 36.33 -35.40 5.40
N LEU A 291 35.97 -34.24 5.95
CA LEU A 291 35.39 -34.20 7.29
C LEU A 291 33.96 -34.73 7.27
N ALA A 292 33.73 -35.79 8.05
CA ALA A 292 32.43 -36.46 8.08
C ALA A 292 32.10 -36.86 9.50
N LEU A 293 30.82 -37.17 9.72
CA LEU A 293 30.34 -37.61 11.02
C LEU A 293 29.98 -39.08 10.95
N THR A 294 30.76 -39.92 11.63
CA THR A 294 30.46 -41.33 11.81
C THR A 294 30.14 -41.57 13.27
N GLU A 295 28.98 -42.17 13.53
CA GLU A 295 28.47 -42.28 14.91
C GLU A 295 29.43 -43.05 15.79
N ASP A 296 30.16 -44.03 15.22
CA ASP A 296 31.13 -44.77 16.01
C ASP A 296 32.27 -43.89 16.46
N GLN A 297 32.73 -42.99 15.59
CA GLN A 297 33.88 -42.13 15.89
C GLN A 297 33.52 -40.65 16.00
N GLY A 298 32.23 -40.32 15.97
CA GLY A 298 31.85 -38.92 16.09
C GLY A 298 32.34 -38.12 14.89
N LEU A 299 32.93 -36.96 15.17
CA LEU A 299 33.45 -36.12 14.10
C LEU A 299 34.86 -36.54 13.73
N VAL A 300 35.04 -36.99 12.49
CA VAL A 300 36.32 -37.44 11.99
C VAL A 300 36.49 -36.97 10.56
N VAL A 301 37.64 -37.28 9.98
CA VAL A 301 37.91 -37.06 8.57
C VAL A 301 38.19 -38.40 7.92
N VAL A 302 37.54 -38.66 6.77
CA VAL A 302 37.56 -39.96 6.15
C VAL A 302 37.99 -39.82 4.69
N ASP A 303 38.42 -40.95 4.11
CA ASP A 303 38.84 -40.97 2.73
C ASP A 303 37.65 -40.69 1.80
N ALA A 304 37.95 -40.05 0.67
CA ALA A 304 36.90 -39.71 -0.29
C ALA A 304 36.22 -40.96 -0.84
N CYS A 305 37.01 -41.99 -1.15
CA CYS A 305 36.43 -43.21 -1.71
C CYS A 305 35.48 -43.88 -0.73
N LYS A 306 35.86 -43.92 0.56
CA LYS A 306 35.00 -44.56 1.54
C LYS A 306 33.78 -43.70 1.85
N ALA A 307 33.95 -42.38 1.83
CA ALA A 307 32.88 -41.47 2.23
C ALA A 307 31.69 -41.57 1.28
N HIS A 308 30.52 -41.86 1.83
CA HIS A 308 29.29 -41.79 1.05
C HIS A 308 28.79 -40.35 0.96
N THR A 309 29.46 -39.44 1.68
CA THR A 309 29.39 -37.97 1.65
C THR A 309 28.11 -37.42 2.25
N LYS A 310 27.14 -38.27 2.61
CA LYS A 310 25.96 -37.77 3.29
C LYS A 310 26.30 -37.37 4.72
N ALA A 311 27.25 -38.08 5.34
CA ALA A 311 27.81 -37.63 6.60
C ALA A 311 28.80 -36.49 6.39
N THR A 312 29.44 -36.46 5.22
CA THR A 312 30.46 -35.45 4.97
C THR A 312 29.84 -34.08 4.72
N SER A 313 28.58 -34.06 4.30
CA SER A 313 27.94 -32.79 3.97
C SER A 313 27.75 -31.94 5.23
N PHE A 314 28.03 -30.65 5.09
CA PHE A 314 27.84 -29.69 6.16
C PHE A 314 27.24 -28.41 5.59
N CYS A 315 26.57 -27.65 6.44
CA CYS A 315 25.96 -26.38 6.04
C CYS A 315 26.33 -25.31 7.05
N PHE A 316 26.71 -24.14 6.55
CA PHE A 316 27.09 -23.04 7.42
C PHE A 316 25.84 -22.28 7.84
N ARG A 317 25.81 -21.81 9.09
CA ARG A 317 24.62 -21.15 9.63
C ARG A 317 25.00 -19.88 10.37
N VAL A 318 24.21 -18.83 10.17
CA VAL A 318 24.48 -17.54 10.79
C VAL A 318 24.20 -17.61 12.29
N SER A 319 23.14 -18.31 12.70
CA SER A 319 22.74 -18.39 14.08
C SER A 319 22.51 -19.84 14.48
N LYS A 320 22.62 -20.11 15.78
CA LYS A 320 22.46 -21.48 16.26
C LYS A 320 21.06 -21.99 15.99
N GLU A 321 20.05 -21.16 16.22
CA GLU A 321 18.68 -21.55 15.90
C GLU A 321 18.49 -21.53 14.39
N LYS A 322 17.86 -22.59 13.87
CA LYS A 322 17.72 -22.79 12.43
C LYS A 322 16.27 -22.57 12.04
N LEU A 323 16.03 -21.60 11.15
CA LEU A 323 14.68 -21.37 10.65
C LEU A 323 14.20 -22.51 9.77
N ASP A 324 15.07 -22.96 8.86
CA ASP A 324 14.72 -24.01 7.89
C ASP A 324 13.46 -23.65 7.10
N THR A 325 13.35 -22.37 6.74
CA THR A 325 12.18 -21.91 5.99
C THR A 325 12.12 -22.53 4.61
N ALA A 326 13.25 -22.58 3.91
CA ALA A 326 13.32 -23.15 2.58
C ALA A 326 14.74 -23.64 2.31
N PRO A 327 14.88 -24.78 1.65
CA PRO A 327 16.22 -25.27 1.31
C PRO A 327 16.95 -24.32 0.38
N LYS A 328 18.26 -24.20 0.57
CA LYS A 328 19.07 -23.36 -0.29
C LYS A 328 19.08 -23.91 -1.71
N ARG A 329 18.81 -23.05 -2.68
CA ARG A 329 18.66 -23.44 -4.07
C ARG A 329 19.89 -23.03 -4.86
N ASP A 330 20.40 -23.97 -5.65
CA ASP A 330 21.57 -23.69 -6.49
C ASP A 330 21.17 -22.84 -7.69
N VAL A 331 21.94 -21.79 -7.95
CA VAL A 331 21.72 -20.92 -9.09
C VAL A 331 22.97 -20.89 -9.95
N GLU A 332 22.78 -20.56 -11.22
CA GLU A 332 23.88 -20.58 -12.20
C GLU A 332 24.52 -19.20 -12.28
N GLY A 333 24.90 -18.70 -11.11
CA GLY A 333 25.60 -17.43 -11.04
C GLY A 333 26.35 -17.30 -9.74
N MET A 334 27.18 -16.26 -9.66
CA MET A 334 27.90 -15.98 -8.42
C MET A 334 26.92 -15.67 -7.28
N GLY A 335 25.86 -14.91 -7.57
CA GLY A 335 24.80 -14.70 -6.62
C GLY A 335 25.16 -13.74 -5.52
N PRO A 336 24.20 -13.44 -4.65
CA PRO A 336 24.47 -12.57 -3.50
C PRO A 336 25.25 -13.32 -2.43
N PRO A 337 26.33 -12.74 -1.95
CA PRO A 337 27.10 -13.37 -0.87
C PRO A 337 26.71 -12.89 0.52
N GLU A 338 26.61 -13.80 1.48
CA GLU A 338 26.25 -13.42 2.85
C GLU A 338 27.36 -13.63 3.86
N ILE A 339 28.47 -14.28 3.48
CA ILE A 339 29.51 -14.67 4.43
C ILE A 339 30.77 -13.90 4.10
N LYS A 340 31.41 -13.35 5.13
CA LYS A 340 32.56 -12.48 4.98
C LYS A 340 33.83 -13.15 5.46
N TYR A 341 34.97 -12.59 5.04
CA TYR A 341 36.28 -13.03 5.48
C TYR A 341 36.66 -12.28 6.76
N GLY A 342 36.60 -12.98 7.89
CA GLY A 342 37.00 -12.41 9.16
C GLY A 342 35.94 -11.63 9.88
N GLU A 343 34.75 -11.48 9.31
CA GLU A 343 33.66 -10.74 9.94
C GLU A 343 32.46 -11.60 10.30
N SER A 344 31.95 -12.38 9.34
CA SER A 344 30.77 -13.18 9.60
C SER A 344 31.06 -14.25 10.65
N LEU A 345 30.06 -14.51 11.48
CA LEU A 345 30.12 -15.54 12.51
C LEU A 345 29.38 -16.77 12.01
N CYS A 346 30.04 -17.92 12.02
CA CYS A 346 29.62 -19.08 11.26
C CYS A 346 29.38 -20.27 12.17
N PHE A 347 28.18 -20.83 12.11
CA PHE A 347 27.82 -22.05 12.83
C PHE A 347 27.77 -23.22 11.86
N VAL A 348 28.41 -24.32 12.22
CA VAL A 348 28.55 -25.50 11.37
C VAL A 348 27.68 -26.62 11.93
N GLN A 349 26.80 -27.16 11.10
CA GLN A 349 26.01 -28.33 11.46
C GLN A 349 25.99 -29.32 10.31
N HIS A 350 26.09 -30.60 10.63
CA HIS A 350 25.95 -31.63 9.61
C HIS A 350 24.51 -31.70 9.15
N VAL A 351 24.29 -31.65 7.84
CA VAL A 351 22.95 -31.44 7.30
C VAL A 351 22.02 -32.58 7.69
N ALA A 352 22.47 -33.82 7.51
CA ALA A 352 21.60 -34.96 7.75
C ALA A 352 21.28 -35.12 9.23
N SER A 353 22.31 -35.09 10.08
CA SER A 353 22.08 -35.31 11.51
C SER A 353 21.51 -34.08 12.19
N GLY A 354 21.93 -32.89 11.74
CA GLY A 354 21.56 -31.67 12.43
C GLY A 354 22.42 -31.36 13.64
N LEU A 355 23.39 -32.21 13.96
CA LEU A 355 24.27 -31.98 15.10
C LEU A 355 25.11 -30.72 14.88
N TRP A 356 25.34 -29.97 15.95
CA TRP A 356 26.08 -28.71 15.90
C TRP A 356 27.51 -28.93 16.39
N LEU A 357 28.46 -28.35 15.68
CA LEU A 357 29.86 -28.50 16.04
C LEU A 357 30.18 -27.63 17.26
N THR A 358 30.65 -28.29 18.32
CA THR A 358 30.95 -27.61 19.58
C THR A 358 32.36 -27.96 20.03
N TYR A 359 32.82 -27.25 21.06
CA TYR A 359 34.14 -27.50 21.59
C TYR A 359 34.15 -28.76 22.45
N ALA A 360 35.35 -29.20 22.81
CA ALA A 360 35.51 -30.43 23.57
C ALA A 360 34.89 -30.32 24.96
N ALA A 361 35.04 -29.15 25.60
CA ALA A 361 34.75 -28.97 27.03
C ALA A 361 35.53 -30.03 27.80
N PRO A 362 36.86 -29.96 27.81
CA PRO A 362 37.64 -31.06 28.38
C PRO A 362 37.47 -31.15 29.89
N ASP A 363 37.64 -32.37 30.40
CA ASP A 363 37.61 -32.60 31.83
C ASP A 363 38.80 -31.92 32.51
N PRO A 364 38.69 -31.60 33.80
CA PRO A 364 39.80 -30.93 34.49
C PRO A 364 41.04 -31.82 34.52
N LYS A 365 42.16 -31.21 34.90
CA LYS A 365 43.52 -31.76 34.91
C LYS A 365 44.07 -31.76 33.48
N ALA A 366 43.26 -31.44 32.47
CA ALA A 366 43.76 -31.34 31.11
C ALA A 366 44.84 -30.27 30.99
N LEU A 367 44.76 -29.23 31.83
CA LEU A 367 45.79 -28.20 31.82
C LEU A 367 47.12 -28.73 32.34
N ARG A 368 47.07 -29.80 33.15
CA ARG A 368 48.32 -30.42 33.61
C ARG A 368 49.08 -31.02 32.44
N LEU A 369 48.40 -31.74 31.56
CA LEU A 369 49.03 -32.11 30.30
C LEU A 369 49.35 -30.86 29.47
N GLY A 370 48.55 -29.81 29.64
CA GLY A 370 48.83 -28.54 29.00
C GLY A 370 48.68 -28.53 27.50
N VAL A 371 48.12 -29.59 26.93
CA VAL A 371 48.09 -29.73 25.49
C VAL A 371 46.96 -28.89 24.91
N LEU A 372 47.26 -28.15 23.84
CA LEU A 372 46.33 -27.17 23.29
C LEU A 372 45.12 -27.84 22.65
N LYS A 373 45.29 -29.08 22.16
CA LYS A 373 44.27 -29.70 21.33
C LYS A 373 43.04 -30.08 22.16
N LYS A 374 41.86 -29.83 21.58
CA LYS A 374 40.58 -30.13 22.21
C LYS A 374 39.70 -30.83 21.19
N LYS A 375 39.29 -32.06 21.51
CA LYS A 375 38.59 -32.88 20.54
C LYS A 375 37.26 -32.24 20.16
N ALA A 376 37.16 -31.81 18.90
CA ALA A 376 35.93 -31.21 18.41
C ALA A 376 34.84 -32.28 18.31
N ILE A 377 33.66 -31.94 18.84
CA ILE A 377 32.54 -32.87 18.91
C ILE A 377 31.29 -32.18 18.40
N LEU A 378 30.29 -32.98 18.04
CA LEU A 378 29.01 -32.49 17.57
C LEU A 378 27.95 -32.74 18.63
N HIS A 379 27.50 -31.67 19.27
CA HIS A 379 26.49 -31.71 20.32
C HIS A 379 25.23 -31.04 19.81
N GLN A 380 24.08 -31.67 20.08
CA GLN A 380 22.82 -31.18 19.53
C GLN A 380 22.48 -29.79 20.05
N GLU A 381 22.69 -29.57 21.35
CA GLU A 381 22.34 -28.28 21.94
C GLU A 381 23.25 -27.17 21.44
N GLY A 382 24.53 -27.47 21.24
CA GLY A 382 25.48 -26.47 20.81
C GLY A 382 25.91 -25.57 21.95
N HIS A 383 26.70 -24.56 21.60
CA HIS A 383 27.25 -23.64 22.57
C HIS A 383 27.34 -22.24 21.96
N MET A 384 27.54 -21.25 22.82
CA MET A 384 27.52 -19.87 22.37
C MET A 384 28.70 -19.55 21.48
N ASP A 385 29.91 -19.91 21.91
CA ASP A 385 31.12 -19.59 21.16
C ASP A 385 31.48 -20.64 20.11
N ASP A 386 30.50 -21.43 19.66
CA ASP A 386 30.79 -22.42 18.63
C ASP A 386 31.05 -21.76 17.28
N ALA A 387 30.60 -20.53 17.11
CA ALA A 387 30.70 -19.85 15.82
C ALA A 387 32.15 -19.53 15.49
N LEU A 388 32.46 -19.53 14.20
CA LEU A 388 33.82 -19.38 13.70
C LEU A 388 33.88 -18.27 12.66
N PHE A 389 35.08 -17.73 12.46
CA PHE A 389 35.37 -16.86 11.33
C PHE A 389 36.16 -17.63 10.29
N LEU A 390 35.89 -17.34 9.02
CA LEU A 390 36.72 -17.88 7.94
C LEU A 390 37.85 -16.90 7.62
N THR A 391 39.07 -17.40 7.58
CA THR A 391 40.25 -16.59 7.38
C THR A 391 40.90 -16.93 6.05
N ARG A 392 41.25 -15.89 5.28
CA ARG A 392 41.87 -16.09 3.98
C ARG A 392 43.22 -16.76 4.13
N CYS A 393 43.51 -17.72 3.24
CA CYS A 393 44.80 -18.37 3.15
C CYS A 393 45.48 -17.91 1.88
N GLN A 394 46.79 -17.70 1.95
CA GLN A 394 47.51 -17.14 0.82
C GLN A 394 47.74 -18.19 -0.27
N GLN A 395 47.94 -17.70 -1.49
CA GLN A 395 48.04 -18.59 -2.64
C GLN A 395 49.23 -19.52 -2.53
N GLU A 396 50.38 -19.00 -2.09
CA GLU A 396 51.57 -19.84 -2.03
C GLU A 396 51.43 -20.93 -0.97
N GLU A 397 50.74 -20.63 0.13
CA GLU A 397 50.59 -21.65 1.16
C GLU A 397 49.56 -22.70 0.75
N SER A 398 48.49 -22.29 0.06
CA SER A 398 47.54 -23.28 -0.47
C SER A 398 48.22 -24.19 -1.49
N GLN A 399 49.01 -23.60 -2.39
CA GLN A 399 49.74 -24.39 -3.37
C GLN A 399 50.72 -25.32 -2.68
N ALA A 400 51.42 -24.84 -1.66
CA ALA A 400 52.37 -25.66 -0.94
C ALA A 400 51.67 -26.84 -0.28
N ALA A 401 50.50 -26.62 0.31
CA ALA A 401 49.76 -27.73 0.91
C ALA A 401 49.36 -28.76 -0.13
N ARG A 402 48.89 -28.30 -1.30
CA ARG A 402 48.49 -29.25 -2.33
C ARG A 402 49.69 -30.07 -2.82
N MET A 403 50.83 -29.42 -3.06
CA MET A 403 52.02 -30.16 -3.47
C MET A 403 52.48 -31.11 -2.37
N ILE A 404 52.32 -30.70 -1.11
CA ILE A 404 52.67 -31.60 -0.01
C ILE A 404 51.83 -32.86 -0.07
N HIS A 405 50.52 -32.70 -0.29
CA HIS A 405 49.65 -33.86 -0.40
C HIS A 405 50.09 -34.78 -1.54
N SER A 406 50.27 -34.21 -2.74
CA SER A 406 50.61 -35.04 -3.89
C SER A 406 51.97 -35.72 -3.72
N THR A 407 52.97 -34.97 -3.26
CA THR A 407 54.31 -35.53 -3.07
C THR A 407 54.31 -36.61 -2.00
N ALA A 408 53.57 -36.39 -0.91
CA ALA A 408 53.49 -37.41 0.12
C ALA A 408 52.89 -38.70 -0.42
N GLY A 409 51.80 -38.58 -1.19
CA GLY A 409 51.21 -39.77 -1.78
C GLY A 409 52.17 -40.51 -2.69
N LEU A 410 52.83 -39.77 -3.59
CA LEU A 410 53.74 -40.41 -4.54
C LEU A 410 54.91 -41.08 -3.83
N TYR A 411 55.50 -40.39 -2.86
CA TYR A 411 56.66 -40.95 -2.18
C TYR A 411 56.27 -42.13 -1.29
N ASN A 412 55.07 -42.09 -0.70
CA ASN A 412 54.59 -43.24 0.06
C ASN A 412 54.40 -44.45 -0.85
N GLN A 413 53.86 -44.23 -2.06
CA GLN A 413 53.73 -45.35 -2.99
C GLN A 413 55.09 -45.90 -3.40
N PHE A 414 56.06 -45.02 -3.64
CA PHE A 414 57.40 -45.44 -3.99
C PHE A 414 58.03 -46.27 -2.87
N ILE A 415 57.90 -45.81 -1.63
CA ILE A 415 58.43 -46.53 -0.47
C ILE A 415 57.74 -47.88 -0.33
N LYS A 416 56.43 -47.91 -0.57
CA LYS A 416 55.70 -49.18 -0.48
C LYS A 416 56.21 -50.18 -1.51
N GLY A 417 56.47 -49.72 -2.74
CA GLY A 417 57.04 -50.61 -3.74
C GLY A 417 58.42 -51.12 -3.35
N LEU A 418 59.27 -50.22 -2.86
CA LEU A 418 60.61 -50.63 -2.46
C LEU A 418 60.56 -51.67 -1.33
N ASP A 419 59.68 -51.46 -0.35
CA ASP A 419 59.54 -52.45 0.71
C ASP A 419 58.94 -53.74 0.19
N SER A 420 58.08 -53.65 -0.83
CA SER A 420 57.49 -54.85 -1.40
C SER A 420 58.55 -55.75 -2.04
N PHE A 421 59.47 -55.16 -2.79
CA PHE A 421 60.49 -55.97 -3.44
C PHE A 421 61.74 -56.17 -2.59
N SER A 422 61.82 -55.57 -1.41
CA SER A 422 63.06 -55.57 -0.65
C SER A 422 63.42 -56.97 -0.14
N GLY A 423 62.42 -57.72 0.35
CA GLY A 423 62.72 -58.92 1.09
C GLY A 423 63.40 -60.01 0.26
N LYS A 424 62.89 -60.24 -0.94
CA LYS A 424 63.32 -61.38 -1.75
C LYS A 424 63.94 -60.90 -3.05
N PRO A 425 65.09 -61.43 -3.45
CA PRO A 425 65.68 -61.05 -4.74
C PRO A 425 64.79 -61.50 -5.89
N ARG A 426 64.64 -60.62 -6.88
CA ARG A 426 63.85 -60.95 -8.06
C ARG A 426 64.49 -62.09 -8.84
N GLY A 427 65.81 -62.05 -9.01
CA GLY A 427 66.50 -63.10 -9.72
C GLY A 427 66.22 -63.05 -11.21
N SER A 428 66.58 -64.14 -11.88
CA SER A 428 66.37 -64.27 -13.33
C SER A 428 64.90 -64.59 -13.60
N GLY A 429 64.06 -63.59 -13.34
CA GLY A 429 62.63 -63.72 -13.51
C GLY A 429 61.93 -62.38 -13.41
N PRO A 430 60.61 -62.38 -13.57
CA PRO A 430 59.85 -61.14 -13.44
C PRO A 430 59.92 -60.59 -12.04
N PRO A 431 59.93 -59.27 -11.87
CA PRO A 431 59.87 -58.70 -10.51
C PRO A 431 58.62 -59.08 -9.75
N ALA A 432 57.53 -59.36 -10.47
CA ALA A 432 56.27 -59.85 -9.88
C ALA A 432 55.74 -58.88 -8.82
N GLY A 433 55.84 -57.58 -9.10
CA GLY A 433 55.32 -56.57 -8.21
C GLY A 433 54.86 -55.35 -8.96
N PRO A 434 54.13 -54.46 -8.28
CA PRO A 434 53.73 -53.20 -8.92
C PRO A 434 54.95 -52.39 -9.34
N ALA A 435 54.84 -51.77 -10.51
CA ALA A 435 55.97 -51.04 -11.08
C ALA A 435 56.28 -49.81 -10.25
N LEU A 436 57.58 -49.58 -10.00
CA LEU A 436 57.99 -48.39 -9.30
C LEU A 436 57.77 -47.16 -10.18
N PRO A 437 57.16 -46.11 -9.65
CA PRO A 437 56.95 -44.88 -10.44
C PRO A 437 58.23 -44.05 -10.52
N ILE A 438 59.23 -44.58 -11.20
CA ILE A 438 60.55 -43.96 -11.19
C ILE A 438 60.53 -42.62 -11.95
N GLU A 439 59.82 -42.57 -13.08
CA GLU A 439 59.79 -41.33 -13.86
C GLU A 439 59.02 -40.25 -13.11
N ALA A 440 57.90 -40.61 -12.49
CA ALA A 440 57.14 -39.65 -11.70
C ALA A 440 57.96 -39.16 -10.51
N VAL A 441 58.70 -40.07 -9.87
CA VAL A 441 59.53 -39.69 -8.73
C VAL A 441 60.62 -38.73 -9.17
N ILE A 442 61.27 -39.01 -10.30
CA ILE A 442 62.32 -38.13 -10.79
C ILE A 442 61.77 -36.75 -11.12
N LEU A 443 60.62 -36.71 -11.82
CA LEU A 443 60.02 -35.44 -12.17
C LEU A 443 59.61 -34.65 -10.94
N SER A 444 59.02 -35.33 -9.95
CA SER A 444 58.62 -34.67 -8.73
C SER A 444 59.82 -34.13 -7.97
N LEU A 445 60.90 -34.90 -7.91
CA LEU A 445 62.11 -34.44 -7.25
C LEU A 445 62.67 -33.19 -7.92
N GLN A 446 62.73 -33.20 -9.26
CA GLN A 446 63.24 -32.04 -9.97
C GLN A 446 62.35 -30.82 -9.75
N ASP A 447 61.03 -31.02 -9.79
CA ASP A 447 60.11 -29.91 -9.55
C ASP A 447 60.27 -29.36 -8.14
N LEU A 448 60.46 -30.24 -7.15
CA LEU A 448 60.63 -29.79 -5.77
C LEU A 448 61.94 -29.02 -5.61
N ILE A 449 63.01 -29.48 -6.26
CA ILE A 449 64.28 -28.76 -6.20
C ILE A 449 64.13 -27.37 -6.83
N GLY A 450 63.44 -27.29 -7.96
CA GLY A 450 63.15 -25.98 -8.54
C GLY A 450 62.28 -25.13 -7.63
N TYR A 451 61.39 -25.78 -6.88
CA TYR A 451 60.54 -25.06 -5.93
C TYR A 451 61.38 -24.44 -4.82
N PHE A 452 62.36 -25.17 -4.30
CA PHE A 452 63.12 -24.73 -3.15
C PHE A 452 64.45 -24.06 -3.51
N GLU A 453 64.62 -23.63 -4.76
CA GLU A 453 65.87 -23.00 -5.14
C GLU A 453 66.01 -21.65 -4.43
N PRO A 454 67.24 -21.26 -4.05
CA PRO A 454 67.41 -19.95 -3.43
C PRO A 454 67.19 -18.84 -4.45
N PRO A 455 66.73 -17.67 -4.01
CA PRO A 455 66.58 -16.55 -4.94
C PRO A 455 67.92 -16.12 -5.51
N SER A 456 67.88 -15.67 -6.75
CA SER A 456 69.12 -15.27 -7.43
C SER A 456 69.68 -14.00 -6.80
N GLU A 457 71.00 -13.85 -6.88
CA GLU A 457 71.67 -12.75 -6.19
C GLU A 457 71.41 -11.42 -6.88
N GLU A 458 71.34 -11.41 -8.21
CA GLU A 458 71.33 -10.16 -8.94
C GLU A 458 70.08 -9.34 -8.67
N LEU A 459 68.99 -9.99 -8.24
CA LEU A 459 67.77 -9.26 -7.98
C LEU A 459 67.89 -8.47 -6.67
N GLN A 460 67.11 -7.39 -6.59
CA GLN A 460 67.34 -6.36 -5.57
C GLN A 460 67.16 -6.91 -4.16
N HIS A 461 67.64 -6.14 -3.18
CA HIS A 461 67.78 -6.64 -1.82
C HIS A 461 66.43 -6.85 -1.16
N GLU A 462 65.49 -5.94 -1.34
CA GLU A 462 64.21 -6.05 -0.66
C GLU A 462 63.39 -7.23 -1.19
N GLU A 463 63.33 -7.38 -2.51
CA GLU A 463 62.66 -8.54 -3.09
C GLU A 463 63.42 -9.82 -2.77
N LYS A 464 64.75 -9.73 -2.60
CA LYS A 464 65.51 -10.88 -2.13
C LYS A 464 65.07 -11.29 -0.73
N GLN A 465 64.87 -10.31 0.15
CA GLN A 465 64.38 -10.61 1.49
C GLN A 465 62.99 -11.24 1.43
N SER A 466 62.12 -10.70 0.58
CA SER A 466 60.77 -11.25 0.46
C SER A 466 60.80 -12.70 -0.02
N LYS A 467 61.55 -12.97 -1.10
CA LYS A 467 61.64 -14.34 -1.59
C LYS A 467 62.31 -15.26 -0.59
N LEU A 468 63.29 -14.74 0.16
CA LEU A 468 63.94 -15.54 1.18
C LEU A 468 62.96 -15.93 2.27
N ARG A 469 62.14 -14.99 2.73
CA ARG A 469 61.17 -15.33 3.78
C ARG A 469 60.12 -16.28 3.26
N SER A 470 59.72 -16.13 1.99
CA SER A 470 58.79 -17.08 1.40
C SER A 470 59.41 -18.48 1.36
N LEU A 471 60.69 -18.56 0.98
CA LEU A 471 61.37 -19.86 0.93
C LEU A 471 61.45 -20.49 2.32
N ARG A 472 61.77 -19.69 3.33
CA ARG A 472 61.82 -20.22 4.70
C ARG A 472 60.45 -20.72 5.12
N ASN A 473 59.39 -19.98 4.79
CA ASN A 473 58.05 -20.41 5.15
C ASN A 473 57.68 -21.73 4.48
N ARG A 474 58.02 -21.87 3.20
CA ARG A 474 57.72 -23.11 2.49
C ARG A 474 58.52 -24.28 3.06
N GLN A 475 59.80 -24.05 3.36
CA GLN A 475 60.61 -25.09 3.97
C GLN A 475 60.03 -25.52 5.32
N SER A 476 59.60 -24.54 6.13
CA SER A 476 59.00 -24.87 7.41
C SER A 476 57.71 -25.66 7.24
N LEU A 477 56.89 -25.29 6.26
CA LEU A 477 55.65 -26.02 6.03
C LEU A 477 55.94 -27.46 5.65
N PHE A 478 56.87 -27.68 4.71
CA PHE A 478 57.19 -29.04 4.30
C PHE A 478 57.79 -29.84 5.44
N GLN A 479 58.58 -29.19 6.30
CA GLN A 479 59.12 -29.88 7.46
C GLN A 479 58.01 -30.28 8.42
N GLU A 480 57.07 -29.36 8.69
CA GLU A 480 55.98 -29.69 9.60
C GLU A 480 55.15 -30.85 9.08
N GLU A 481 54.90 -30.91 7.78
CA GLU A 481 54.07 -31.98 7.26
C GLU A 481 54.84 -33.31 7.18
N GLY A 482 56.16 -33.27 7.34
CA GLY A 482 56.95 -34.48 7.40
C GLY A 482 57.55 -34.93 6.09
N MET A 483 57.55 -34.09 5.05
CA MET A 483 58.16 -34.48 3.78
C MET A 483 59.64 -34.72 3.94
N LEU A 484 60.29 -34.01 4.88
CA LEU A 484 61.70 -34.26 5.14
C LEU A 484 61.92 -35.68 5.67
N SER A 485 61.08 -36.11 6.61
CA SER A 485 61.19 -37.47 7.12
C SER A 485 60.89 -38.49 6.03
N LEU A 486 59.93 -38.17 5.15
CA LEU A 486 59.65 -39.05 4.02
C LEU A 486 60.86 -39.19 3.11
N VAL A 487 61.54 -38.08 2.84
CA VAL A 487 62.75 -38.10 2.02
C VAL A 487 63.83 -38.95 2.69
N LEU A 488 63.98 -38.81 4.00
CA LEU A 488 64.94 -39.64 4.73
C LEU A 488 64.60 -41.12 4.60
N ASN A 489 63.32 -41.47 4.70
CA ASN A 489 62.92 -42.86 4.57
C ASN A 489 63.23 -43.40 3.17
N CYS A 490 62.95 -42.60 2.14
CA CYS A 490 63.29 -43.03 0.77
C CYS A 490 64.81 -43.22 0.63
N ILE A 491 65.58 -42.30 1.20
CA ILE A 491 67.04 -42.40 1.12
C ILE A 491 67.53 -43.67 1.79
N ASP A 492 66.98 -43.99 2.97
CA ASP A 492 67.37 -45.24 3.63
C ASP A 492 67.00 -46.46 2.81
N ARG A 493 65.76 -46.49 2.29
CA ARG A 493 65.32 -47.61 1.47
C ARG A 493 66.27 -47.83 0.29
N LEU A 494 66.70 -46.75 -0.35
CA LEU A 494 67.62 -46.90 -1.47
C LEU A 494 69.04 -47.22 -0.99
N ASN A 495 69.37 -46.83 0.25
CA ASN A 495 70.72 -47.01 0.74
C ASN A 495 70.96 -48.43 1.23
N VAL A 496 69.89 -49.21 1.42
CA VAL A 496 70.09 -50.61 1.76
C VAL A 496 70.79 -51.35 0.63
N TYR A 497 70.80 -50.78 -0.57
CA TYR A 497 71.48 -51.39 -1.71
C TYR A 497 72.77 -50.65 -2.00
N THR A 498 73.87 -51.40 -2.12
CA THR A 498 75.18 -50.78 -2.23
C THR A 498 75.41 -50.17 -3.61
N THR A 499 75.01 -50.87 -4.66
CA THR A 499 75.32 -50.43 -6.02
C THR A 499 74.12 -50.66 -6.94
N ALA A 500 74.28 -50.18 -8.18
CA ALA A 500 73.19 -50.23 -9.14
C ALA A 500 72.80 -51.67 -9.48
N ALA A 501 73.78 -52.55 -9.68
CA ALA A 501 73.47 -53.94 -10.00
C ALA A 501 72.84 -54.65 -8.82
N HIS A 502 73.32 -54.35 -7.61
CA HIS A 502 72.73 -54.94 -6.41
C HIS A 502 71.28 -54.52 -6.26
N PHE A 503 70.98 -53.26 -6.54
CA PHE A 503 69.59 -52.81 -6.55
C PHE A 503 68.80 -53.47 -7.66
N ALA A 504 69.43 -53.67 -8.83
CA ALA A 504 68.73 -54.22 -9.99
C ALA A 504 68.30 -55.66 -9.74
N GLU A 505 69.16 -56.45 -9.10
CA GLU A 505 68.82 -57.87 -8.93
C GLU A 505 67.58 -58.04 -8.05
N TYR A 506 67.20 -56.99 -7.31
CA TYR A 506 65.94 -57.03 -6.57
C TYR A 506 64.82 -56.32 -7.34
N ALA A 507 65.13 -55.20 -7.98
CA ALA A 507 64.12 -54.35 -8.58
C ALA A 507 64.03 -54.47 -10.09
N GLY A 508 64.83 -55.32 -10.71
CA GLY A 508 64.83 -55.43 -12.15
C GLY A 508 65.83 -54.51 -12.81
N GLU A 509 66.19 -54.85 -14.05
CA GLU A 509 67.22 -54.11 -14.76
C GLU A 509 66.72 -52.71 -15.17
N GLU A 510 65.44 -52.59 -15.48
CA GLU A 510 64.93 -51.32 -16.01
C GLU A 510 64.83 -50.26 -14.93
N ALA A 511 64.85 -50.66 -13.66
CA ALA A 511 64.82 -49.68 -12.58
C ALA A 511 66.21 -49.27 -12.15
N ALA A 512 67.23 -50.00 -12.61
CA ALA A 512 68.59 -49.75 -12.14
C ALA A 512 69.13 -48.41 -12.64
N GLU A 513 68.89 -48.10 -13.91
CA GLU A 513 69.51 -46.92 -14.51
C GLU A 513 69.02 -45.63 -13.86
N SER A 514 67.86 -45.69 -13.19
CA SER A 514 67.33 -44.48 -12.55
C SER A 514 67.74 -44.41 -11.09
N TRP A 515 68.37 -45.46 -10.56
CA TRP A 515 68.61 -45.54 -9.12
C TRP A 515 69.61 -44.49 -8.66
N LYS A 516 70.74 -44.36 -9.37
CA LYS A 516 71.74 -43.38 -9.01
C LYS A 516 71.21 -41.95 -9.12
N GLU A 517 70.46 -41.68 -10.20
CA GLU A 517 69.87 -40.36 -10.36
C GLU A 517 68.88 -40.07 -9.25
N ILE A 518 68.10 -41.06 -8.84
CA ILE A 518 67.10 -40.84 -7.79
C ILE A 518 67.79 -40.56 -6.46
N VAL A 519 68.85 -41.29 -6.13
CA VAL A 519 69.53 -41.02 -4.86
C VAL A 519 70.19 -39.63 -4.89
N ASN A 520 70.79 -39.26 -6.02
CA ASN A 520 71.38 -37.93 -6.10
C ASN A 520 70.34 -36.84 -5.98
N LEU A 521 69.18 -37.03 -6.63
CA LEU A 521 68.10 -36.05 -6.54
C LEU A 521 67.56 -35.97 -5.12
N LEU A 522 67.45 -37.10 -4.43
CA LEU A 522 66.96 -37.10 -3.07
C LEU A 522 67.92 -36.33 -2.14
N TYR A 523 69.22 -36.55 -2.30
CA TYR A 523 70.17 -35.81 -1.48
C TYR A 523 70.14 -34.33 -1.80
N GLU A 524 70.00 -33.97 -3.07
CA GLU A 524 69.93 -32.56 -3.43
C GLU A 524 68.66 -31.92 -2.88
N LEU A 525 67.55 -32.65 -2.89
CA LEU A 525 66.31 -32.14 -2.31
C LEU A 525 66.46 -31.96 -0.80
N LEU A 526 67.13 -32.89 -0.13
CA LEU A 526 67.40 -32.73 1.29
C LEU A 526 68.19 -31.45 1.55
N ALA A 527 69.25 -31.23 0.76
CA ALA A 527 70.07 -30.03 0.94
C ALA A 527 69.24 -28.78 0.71
N SER A 528 68.41 -28.77 -0.33
CA SER A 528 67.58 -27.61 -0.61
C SER A 528 66.57 -27.36 0.51
N LEU A 529 66.03 -28.44 1.09
CA LEU A 529 65.06 -28.28 2.17
C LEU A 529 65.71 -27.70 3.42
N ILE A 530 66.87 -28.20 3.82
CA ILE A 530 67.42 -27.79 5.10
C ILE A 530 68.31 -26.56 4.95
N ARG A 531 68.59 -26.15 3.72
CA ARG A 531 69.46 -25.01 3.51
C ARG A 531 68.84 -23.73 4.04
N GLY A 532 69.57 -23.02 4.89
CA GLY A 532 69.16 -21.73 5.41
C GLY A 532 68.09 -21.76 6.47
N ASN A 533 67.73 -22.94 7.00
CA ASN A 533 66.66 -23.06 7.98
C ASN A 533 67.23 -23.69 9.24
N ARG A 534 67.30 -22.90 10.32
CA ARG A 534 67.81 -23.42 11.58
C ARG A 534 66.92 -24.52 12.13
N ALA A 535 65.61 -24.36 12.03
CA ALA A 535 64.70 -25.39 12.54
C ALA A 535 64.89 -26.70 11.79
N ASN A 536 65.04 -26.64 10.47
CA ASN A 536 65.25 -27.86 9.69
C ASN A 536 66.60 -28.47 10.00
N CYS A 537 67.63 -27.64 10.18
CA CYS A 537 68.97 -28.18 10.45
C CYS A 537 69.05 -28.78 11.85
N ALA A 538 68.21 -28.30 12.77
CA ALA A 538 68.27 -28.79 14.14
C ALA A 538 67.83 -30.25 14.22
N LEU A 539 67.02 -30.70 13.26
CA LEU A 539 66.60 -32.10 13.26
C LEU A 539 67.78 -33.02 13.01
N PHE A 540 68.65 -32.65 12.08
CA PHE A 540 69.80 -33.51 11.77
C PHE A 540 70.82 -33.49 12.90
N SER A 541 70.66 -32.56 13.85
CA SER A 541 71.49 -32.59 15.04
C SER A 541 71.21 -33.83 15.88
N THR A 542 69.95 -34.29 15.88
CA THR A 542 69.61 -35.50 16.61
C THR A 542 70.31 -36.72 16.02
N ASN A 543 70.39 -36.79 14.69
CA ASN A 543 71.03 -37.90 13.99
C ASN A 543 72.08 -37.33 13.03
N LEU A 544 73.29 -37.10 13.56
CA LEU A 544 74.39 -36.65 12.70
C LEU A 544 75.20 -37.84 12.20
N ASP A 545 75.20 -38.94 12.95
CA ASP A 545 75.88 -40.15 12.50
C ASP A 545 75.23 -40.71 11.24
N TRP A 546 73.94 -40.45 11.06
CA TRP A 546 73.25 -40.89 9.85
C TRP A 546 73.86 -40.21 8.62
N VAL A 547 74.12 -38.91 8.70
CA VAL A 547 74.76 -38.21 7.60
C VAL A 547 76.22 -38.61 7.48
N VAL A 548 76.91 -38.75 8.61
CA VAL A 548 78.35 -39.02 8.58
C VAL A 548 78.64 -40.37 7.95
N SER A 549 77.85 -41.38 8.30
CA SER A 549 78.07 -42.71 7.74
C SER A 549 77.82 -42.74 6.24
N LYS A 550 77.02 -41.81 5.74
CA LYS A 550 76.70 -41.78 4.31
C LYS A 550 77.87 -41.25 3.49
N LEU A 551 78.84 -40.58 4.14
CA LEU A 551 79.88 -39.88 3.40
C LEU A 551 80.72 -40.83 2.57
N ASP A 552 81.05 -42.01 3.11
CA ASP A 552 81.94 -42.92 2.41
C ASP A 552 81.28 -43.51 1.16
N ARG A 553 79.96 -43.40 1.05
CA ARG A 553 79.27 -43.98 -0.10
C ARG A 553 79.68 -43.26 -1.37
N LEU A 554 79.74 -44.02 -2.47
CA LEU A 554 80.36 -43.50 -3.69
C LEU A 554 79.32 -42.90 -4.63
N GLU A 555 78.05 -43.25 -4.46
CA GLU A 555 77.05 -42.90 -5.46
C GLU A 555 76.70 -41.42 -5.44
N ALA A 556 76.61 -40.81 -4.25
CA ALA A 556 76.16 -39.43 -4.11
C ALA A 556 77.04 -38.71 -3.08
N SER A 557 78.35 -38.89 -3.20
CA SER A 557 79.27 -38.32 -2.22
C SER A 557 79.15 -36.81 -2.17
N SER A 558 79.08 -36.16 -3.34
CA SER A 558 78.96 -34.71 -3.38
C SER A 558 77.67 -34.24 -2.71
N GLY A 559 76.56 -34.93 -2.98
CA GLY A 559 75.30 -34.54 -2.37
C GLY A 559 75.31 -34.70 -0.86
N ILE A 560 75.87 -35.81 -0.37
CA ILE A 560 75.95 -36.02 1.08
C ILE A 560 76.83 -34.96 1.72
N LEU A 561 77.96 -34.65 1.09
CA LEU A 561 78.85 -33.63 1.64
C LEU A 561 78.17 -32.26 1.66
N GLU A 562 77.41 -31.93 0.61
CA GLU A 562 76.68 -30.67 0.59
C GLU A 562 75.63 -30.62 1.70
N VAL A 563 74.92 -31.73 1.91
CA VAL A 563 73.93 -31.78 2.97
C VAL A 563 74.59 -31.54 4.32
N LEU A 564 75.71 -32.22 4.57
CA LEU A 564 76.42 -32.04 5.84
C LEU A 564 76.90 -30.62 6.02
N TYR A 565 77.42 -30.01 4.95
CA TYR A 565 77.87 -28.62 5.01
C TYR A 565 76.74 -27.70 5.39
N CYS A 566 75.60 -27.80 4.69
CA CYS A 566 74.48 -26.92 4.98
C CYS A 566 73.95 -27.14 6.39
N VAL A 567 74.00 -28.38 6.88
CA VAL A 567 73.62 -28.62 8.27
C VAL A 567 74.57 -27.92 9.23
N LEU A 568 75.88 -28.00 8.96
CA LEU A 568 76.85 -27.47 9.91
C LEU A 568 76.82 -25.94 9.97
N ILE A 569 76.72 -25.28 8.81
CA ILE A 569 76.87 -23.82 8.82
C ILE A 569 75.67 -23.15 9.48
N GLU A 570 74.59 -23.89 9.72
CA GLU A 570 73.37 -23.25 10.20
C GLU A 570 73.17 -23.44 11.70
N SER A 571 73.64 -24.55 12.25
CA SER A 571 73.34 -24.90 13.63
C SER A 571 74.61 -24.98 14.47
N PRO A 572 74.62 -24.40 15.66
CA PRO A 572 75.72 -24.70 16.60
C PRO A 572 75.49 -26.00 17.36
N GLU A 573 74.26 -26.49 17.39
CA GLU A 573 73.97 -27.73 18.08
C GLU A 573 74.71 -28.91 17.46
N VAL A 574 74.78 -28.95 16.13
CA VAL A 574 75.51 -30.03 15.48
C VAL A 574 76.98 -29.99 15.84
N LEU A 575 77.54 -28.77 15.96
CA LEU A 575 78.94 -28.65 16.36
C LEU A 575 79.15 -29.13 17.79
N ASN A 576 78.20 -28.81 18.68
CA ASN A 576 78.29 -29.35 20.04
C ASN A 576 78.16 -30.86 20.05
N ILE A 577 77.46 -31.42 19.07
CA ILE A 577 77.29 -32.88 19.03
C ILE A 577 78.51 -33.55 18.40
N ILE A 578 79.25 -32.80 17.57
CA ILE A 578 80.35 -33.38 16.81
C ILE A 578 81.36 -34.06 17.74
N GLN A 579 81.86 -35.22 17.31
CA GLN A 579 82.80 -36.00 18.08
C GLN A 579 84.03 -36.34 17.26
N GLU A 580 85.01 -36.93 17.94
CA GLU A 580 86.27 -37.28 17.30
C GLU A 580 86.08 -38.31 16.21
N ASN A 581 85.14 -39.23 16.39
CA ASN A 581 84.85 -40.21 15.33
C ASN A 581 84.31 -39.52 14.09
N HIS A 582 83.44 -38.53 14.26
CA HIS A 582 82.94 -37.79 13.11
C HIS A 582 84.06 -37.03 12.41
N ILE A 583 84.93 -36.39 13.18
CA ILE A 583 86.04 -35.65 12.58
C ILE A 583 86.96 -36.60 11.81
N LYS A 584 87.25 -37.75 12.41
CA LYS A 584 88.06 -38.74 11.72
C LYS A 584 87.39 -39.24 10.46
N SER A 585 86.07 -39.40 10.49
CA SER A 585 85.35 -39.83 9.29
C SER A 585 85.48 -38.79 8.18
N ILE A 586 85.35 -37.51 8.52
CA ILE A 586 85.48 -36.47 7.49
C ILE A 586 86.91 -36.43 6.93
N ILE A 587 87.91 -36.54 7.80
CA ILE A 587 89.29 -36.53 7.34
C ILE A 587 89.57 -37.74 6.46
N SER A 588 89.06 -38.91 6.85
CA SER A 588 89.21 -40.10 6.03
C SER A 588 88.50 -39.94 4.69
N LEU A 589 87.36 -39.24 4.68
CA LEU A 589 86.69 -38.97 3.42
C LEU A 589 87.58 -38.13 2.51
N LEU A 590 88.23 -37.11 3.08
CA LEU A 590 89.21 -36.36 2.31
C LEU A 590 90.29 -37.26 1.74
N ASP A 591 90.83 -38.16 2.58
CA ASP A 591 91.90 -39.04 2.15
C ASP A 591 91.45 -39.97 1.02
N LYS A 592 90.24 -40.52 1.14
CA LYS A 592 89.77 -41.50 0.15
C LYS A 592 89.38 -40.83 -1.15
N HIS A 593 88.73 -39.67 -1.10
CA HIS A 593 88.22 -39.04 -2.31
C HIS A 593 89.15 -37.99 -2.87
N GLY A 594 90.32 -37.79 -2.29
CA GLY A 594 91.28 -36.86 -2.83
C GLY A 594 91.10 -35.45 -2.29
N ARG A 595 91.90 -34.55 -2.84
CA ARG A 595 91.93 -33.19 -2.33
C ARG A 595 90.74 -32.40 -2.86
N ASN A 596 89.75 -32.20 -2.01
CA ASN A 596 88.56 -31.41 -2.33
C ASN A 596 88.43 -30.30 -1.31
N HIS A 597 88.21 -29.07 -1.78
CA HIS A 597 88.19 -27.93 -0.88
C HIS A 597 86.90 -27.89 -0.06
N LYS A 598 85.87 -28.61 -0.51
CA LYS A 598 84.61 -28.62 0.25
C LYS A 598 84.78 -29.30 1.60
N VAL A 599 85.61 -30.34 1.66
CA VAL A 599 85.88 -30.99 2.94
C VAL A 599 86.59 -30.02 3.87
N LEU A 600 87.53 -29.24 3.33
CA LEU A 600 88.20 -28.22 4.13
C LEU A 600 87.20 -27.18 4.64
N ASP A 601 86.27 -26.78 3.79
CA ASP A 601 85.22 -25.84 4.22
C ASP A 601 84.38 -26.44 5.35
N VAL A 602 84.07 -27.73 5.24
CA VAL A 602 83.31 -28.39 6.29
C VAL A 602 84.08 -28.37 7.60
N LEU A 603 85.38 -28.66 7.55
CA LEU A 603 86.19 -28.64 8.76
C LEU A 603 86.23 -27.24 9.36
N CYS A 604 86.41 -26.21 8.52
CA CYS A 604 86.41 -24.84 9.02
C CYS A 604 85.09 -24.50 9.68
N SER A 605 83.97 -24.93 9.09
CA SER A 605 82.68 -24.75 9.72
C SER A 605 82.62 -25.43 11.07
N LEU A 606 83.26 -26.59 11.19
CA LEU A 606 83.33 -27.27 12.49
C LEU A 606 84.09 -26.45 13.51
N CYS A 607 85.14 -25.74 13.08
CA CYS A 607 85.98 -25.03 14.05
C CYS A 607 85.20 -23.96 14.81
N VAL A 608 84.52 -23.06 14.11
CA VAL A 608 83.90 -21.89 14.72
C VAL A 608 82.43 -21.82 14.33
N CYS A 609 81.57 -21.46 15.28
CA CYS A 609 80.16 -21.28 15.05
C CYS A 609 79.73 -19.90 15.51
N ASN A 610 79.01 -19.19 14.64
CA ASN A 610 78.39 -17.88 14.92
C ASN A 610 79.25 -17.01 15.85
N GLY A 611 80.54 -16.91 15.54
CA GLY A 611 81.44 -16.09 16.32
C GLY A 611 81.95 -16.71 17.59
N VAL A 612 81.62 -17.98 17.86
CA VAL A 612 82.10 -18.70 19.03
C VAL A 612 82.85 -19.93 18.56
N ALA A 613 84.06 -20.12 19.06
CA ALA A 613 84.96 -21.16 18.60
C ALA A 613 84.92 -22.35 19.54
N VAL A 614 84.92 -23.55 18.98
CA VAL A 614 84.90 -24.78 19.77
C VAL A 614 86.33 -25.28 19.94
N ARG A 615 86.85 -25.14 21.17
CA ARG A 615 88.22 -25.55 21.46
C ARG A 615 88.41 -27.04 21.17
N SER A 616 87.44 -27.86 21.58
CA SER A 616 87.57 -29.30 21.37
C SER A 616 87.61 -29.64 19.89
N ASN A 617 86.73 -29.02 19.09
CA ASN A 617 86.73 -29.30 17.66
C ASN A 617 88.05 -28.89 17.02
N GLN A 618 88.56 -27.70 17.37
CA GLN A 618 89.83 -27.27 16.79
C GLN A 618 90.96 -28.22 17.18
N ASP A 619 91.02 -28.61 18.46
CA ASP A 619 92.10 -29.48 18.91
C ASP A 619 92.03 -30.83 18.22
N LEU A 620 90.83 -31.41 18.11
CA LEU A 620 90.71 -32.69 17.43
C LEU A 620 91.11 -32.59 15.96
N ILE A 621 90.69 -31.51 15.30
CA ILE A 621 91.02 -31.36 13.88
C ILE A 621 92.53 -31.27 13.70
N THR A 622 93.21 -30.44 14.49
CA THR A 622 94.65 -30.32 14.35
C THR A 622 95.36 -31.64 14.69
N GLU A 623 94.93 -32.30 15.77
CA GLU A 623 95.59 -33.53 16.17
C GLU A 623 95.43 -34.62 15.12
N ASN A 624 94.25 -34.71 14.49
CA ASN A 624 94.02 -35.80 13.54
C ASN A 624 94.57 -35.49 12.15
N LEU A 625 94.67 -34.21 11.79
CA LEU A 625 95.02 -33.85 10.42
C LEU A 625 96.46 -33.38 10.27
N LEU A 626 96.96 -32.56 11.19
CA LEU A 626 98.22 -31.88 10.95
C LEU A 626 99.46 -32.75 11.08
N PRO A 627 99.69 -33.48 12.19
CA PRO A 627 101.02 -34.10 12.38
C PRO A 627 101.41 -35.10 11.31
N GLY A 628 100.44 -35.73 10.65
CA GLY A 628 100.78 -36.70 9.62
C GLY A 628 101.52 -36.10 8.46
N ARG A 629 101.11 -34.90 8.03
CA ARG A 629 101.67 -34.15 6.91
C ARG A 629 101.54 -34.89 5.58
N GLU A 630 100.61 -35.83 5.45
CA GLU A 630 100.43 -36.50 4.17
C GLU A 630 99.26 -35.90 3.39
N LEU A 631 98.17 -35.56 4.10
CA LEU A 631 96.96 -35.10 3.41
C LEU A 631 97.14 -33.71 2.84
N LEU A 632 97.69 -32.78 3.63
CA LEU A 632 97.81 -31.40 3.21
C LEU A 632 99.15 -31.16 2.50
N LEU A 633 99.13 -30.26 1.53
CA LEU A 633 100.36 -29.90 0.84
C LEU A 633 101.30 -29.16 1.79
N GLN A 634 102.58 -29.53 1.74
CA GLN A 634 103.59 -29.00 2.64
C GLN A 634 104.41 -27.95 1.93
N THR A 635 104.74 -26.87 2.63
CA THR A 635 105.50 -25.76 2.08
C THR A 635 106.72 -25.49 2.95
N ASN A 636 107.82 -25.10 2.31
CA ASN A 636 109.06 -24.79 3.00
C ASN A 636 109.97 -24.03 2.04
N LEU A 637 111.00 -23.39 2.60
CA LEU A 637 111.98 -22.66 1.81
C LEU A 637 113.22 -23.50 1.60
N ILE A 638 113.69 -23.56 0.37
CA ILE A 638 114.87 -24.33 0.00
C ILE A 638 115.79 -23.45 -0.83
N ASN A 639 117.09 -23.73 -0.79
CA ASN A 639 118.03 -22.99 -1.60
C ASN A 639 118.12 -23.60 -2.99
N TYR A 640 118.38 -22.75 -3.98
CA TYR A 640 118.63 -23.24 -5.33
C TYR A 640 119.96 -23.98 -5.37
N VAL A 641 120.03 -25.03 -6.17
CA VAL A 641 121.23 -25.85 -6.31
C VAL A 641 121.57 -25.93 -7.79
N THR A 642 122.82 -25.64 -8.13
CA THR A 642 123.31 -25.66 -9.49
C THR A 642 124.52 -26.58 -9.58
N SER A 643 124.70 -27.23 -10.71
CA SER A 643 125.77 -28.19 -10.92
C SER A 643 126.57 -27.81 -12.16
N ILE A 644 127.89 -27.85 -12.05
CA ILE A 644 128.81 -27.46 -13.12
C ILE A 644 129.71 -28.65 -13.44
N ARG A 645 129.92 -28.91 -14.72
CA ARG A 645 130.72 -30.05 -15.14
C ARG A 645 131.74 -29.64 -16.20
N PRO A 646 132.91 -30.26 -16.25
CA PRO A 646 133.79 -30.09 -17.40
C PRO A 646 133.29 -30.87 -18.60
N ASN A 647 133.73 -30.48 -19.78
CA ASN A 647 133.31 -31.14 -21.02
C ASN A 647 134.16 -32.40 -21.23
N ILE A 648 134.16 -33.25 -20.22
CA ILE A 648 134.87 -34.52 -20.22
C ILE A 648 133.84 -35.64 -20.16
N PHE A 649 133.75 -36.42 -21.23
CA PHE A 649 132.77 -37.50 -21.32
C PHE A 649 133.48 -38.81 -21.54
N VAL A 650 133.24 -39.77 -20.64
CA VAL A 650 133.86 -41.10 -20.70
C VAL A 650 132.76 -42.13 -20.58
N GLY A 651 132.90 -43.23 -21.32
CA GLY A 651 131.92 -44.30 -21.28
C GLY A 651 132.50 -45.59 -21.83
N ARG A 652 131.74 -46.66 -21.69
CA ARG A 652 132.14 -47.98 -22.13
C ARG A 652 131.17 -48.50 -23.17
N ALA A 653 131.70 -49.08 -24.24
CA ALA A 653 130.90 -49.78 -25.24
C ALA A 653 131.81 -50.75 -25.98
N GLU A 654 131.19 -51.70 -26.67
CA GLU A 654 131.98 -52.69 -27.41
C GLU A 654 132.74 -52.01 -28.54
N GLY A 655 134.05 -52.22 -28.59
CA GLY A 655 134.86 -51.60 -29.59
C GLY A 655 135.11 -50.11 -29.40
N SER A 656 134.73 -49.57 -28.24
CA SER A 656 134.86 -48.14 -28.01
C SER A 656 136.33 -47.73 -27.95
N THR A 657 136.61 -46.50 -28.37
CA THR A 657 137.98 -46.02 -28.41
C THR A 657 138.43 -45.49 -27.04
N GLN A 658 137.49 -45.29 -26.13
CA GLN A 658 137.80 -44.64 -24.86
C GLN A 658 138.54 -45.60 -23.92
N TYR A 659 139.30 -45.01 -23.00
CA TYR A 659 139.99 -45.80 -21.98
C TYR A 659 139.06 -46.08 -20.80
N GLY A 660 139.33 -47.19 -20.11
CA GLY A 660 138.38 -47.67 -19.11
C GLY A 660 138.34 -46.83 -17.85
N LYS A 661 139.50 -46.51 -17.30
CA LYS A 661 139.61 -45.93 -15.96
C LYS A 661 139.97 -44.46 -16.05
N TRP A 662 139.32 -43.64 -15.23
CA TRP A 662 139.55 -42.21 -15.22
C TRP A 662 139.58 -41.70 -13.78
N TYR A 663 140.36 -40.64 -13.55
CA TYR A 663 140.57 -40.09 -12.21
C TYR A 663 140.57 -38.57 -12.30
N PHE A 664 139.86 -37.92 -11.38
CA PHE A 664 139.85 -36.48 -11.27
C PHE A 664 139.76 -36.08 -9.80
N GLU A 665 140.21 -34.87 -9.50
CA GLU A 665 140.36 -34.40 -8.13
C GLU A 665 139.66 -33.05 -7.98
N VAL A 666 138.98 -32.87 -6.85
CA VAL A 666 138.31 -31.62 -6.52
C VAL A 666 138.70 -31.24 -5.10
N MET A 667 139.23 -30.03 -4.93
CA MET A 667 139.65 -29.55 -3.62
C MET A 667 138.90 -28.27 -3.29
N VAL A 668 138.47 -28.15 -2.05
CA VAL A 668 137.55 -27.11 -1.63
C VAL A 668 138.33 -25.89 -1.17
N ASP A 669 137.97 -24.72 -1.70
CA ASP A 669 138.63 -23.48 -1.29
C ASP A 669 137.89 -22.81 -0.15
N GLU A 670 136.57 -22.66 -0.27
CA GLU A 670 135.79 -21.94 0.72
C GLU A 670 134.37 -22.51 0.77
N VAL A 671 133.88 -22.73 1.98
CA VAL A 671 132.50 -23.14 2.23
C VAL A 671 131.95 -22.29 3.36
N VAL A 672 130.76 -21.76 3.15
CA VAL A 672 129.99 -21.09 4.21
C VAL A 672 128.94 -22.08 4.69
N PRO A 673 129.07 -22.63 5.89
CA PRO A 673 128.14 -23.71 6.30
C PRO A 673 126.68 -23.31 6.28
N PHE A 674 126.35 -22.09 6.69
CA PHE A 674 124.98 -21.60 6.68
C PHE A 674 124.97 -20.18 6.13
N LEU A 675 124.86 -20.07 4.81
CA LEU A 675 124.62 -18.76 4.21
C LEU A 675 123.17 -18.36 4.35
N THR A 676 122.26 -19.34 4.31
CA THR A 676 120.86 -19.14 4.60
C THR A 676 120.47 -20.04 5.76
N ALA A 677 119.17 -20.12 6.02
CA ALA A 677 118.68 -20.99 7.08
C ALA A 677 118.99 -22.45 6.78
N GLN A 678 118.81 -22.88 5.54
CA GLN A 678 119.11 -24.24 5.16
C GLN A 678 120.59 -24.40 4.86
N ALA A 679 121.15 -25.53 5.29
CA ALA A 679 122.59 -25.74 5.19
C ALA A 679 123.05 -25.76 3.74
N THR A 680 124.25 -25.24 3.51
CA THR A 680 124.82 -25.22 2.17
C THR A 680 125.09 -26.64 1.70
N HIS A 681 124.86 -26.87 0.41
CA HIS A 681 124.96 -28.21 -0.18
C HIS A 681 126.16 -28.25 -1.11
N LEU A 682 127.07 -29.19 -0.85
CA LEU A 682 128.23 -29.41 -1.70
C LEU A 682 128.40 -30.91 -1.91
N ARG A 683 128.53 -31.32 -3.17
CA ARG A 683 128.62 -32.73 -3.50
C ARG A 683 129.45 -32.90 -4.76
N VAL A 684 130.31 -33.91 -4.76
CA VAL A 684 131.21 -34.21 -5.87
C VAL A 684 130.98 -35.65 -6.31
N GLY A 685 130.93 -35.88 -7.61
CA GLY A 685 130.73 -37.23 -8.11
C GLY A 685 130.71 -37.30 -9.62
N TRP A 686 130.11 -38.37 -10.11
CA TRP A 686 130.00 -38.65 -11.53
C TRP A 686 128.52 -38.68 -11.92
N ALA A 687 128.23 -38.40 -13.18
CA ALA A 687 126.85 -38.36 -13.66
C ALA A 687 126.79 -38.82 -15.11
N LEU A 688 125.70 -39.50 -15.46
CA LEU A 688 125.49 -39.93 -16.84
C LEU A 688 124.93 -38.77 -17.66
N THR A 689 125.41 -38.63 -18.90
CA THR A 689 124.91 -37.55 -19.76
C THR A 689 123.43 -37.72 -20.05
N GLU A 690 123.00 -38.95 -20.35
CA GLU A 690 121.59 -39.23 -20.60
C GLU A 690 120.87 -39.44 -19.28
N GLY A 691 119.86 -38.62 -19.02
CA GLY A 691 119.01 -38.80 -17.85
C GLY A 691 119.30 -37.91 -16.67
N TYR A 692 120.49 -37.32 -16.58
CA TYR A 692 120.83 -36.40 -15.50
C TYR A 692 120.48 -34.99 -15.94
N SER A 693 119.32 -34.50 -15.50
CA SER A 693 118.84 -33.17 -15.86
C SER A 693 118.45 -32.42 -14.59
N PRO A 694 119.43 -31.92 -13.85
CA PRO A 694 119.10 -31.10 -12.68
C PRO A 694 118.49 -29.78 -13.13
N TYR A 695 117.24 -29.55 -12.73
CA TYR A 695 116.50 -28.38 -13.17
C TYR A 695 116.40 -27.42 -11.99
N PRO A 696 116.65 -26.13 -12.22
CA PRO A 696 116.60 -25.17 -11.10
C PRO A 696 115.22 -25.11 -10.47
N GLY A 697 115.21 -24.92 -9.16
CA GLY A 697 113.96 -24.76 -8.45
C GLY A 697 113.34 -26.09 -8.04
N GLY A 698 112.07 -26.23 -8.41
CA GLY A 698 111.32 -27.40 -8.02
C GLY A 698 111.91 -28.67 -8.62
N GLY A 699 111.89 -29.75 -7.84
CA GLY A 699 112.37 -31.03 -8.29
C GLY A 699 111.82 -32.14 -7.43
N GLU A 700 112.37 -33.33 -7.64
CA GLU A 700 111.97 -34.48 -6.85
C GLU A 700 112.46 -34.37 -5.42
N GLY A 701 111.73 -35.00 -4.51
CA GLY A 701 112.07 -34.89 -3.10
C GLY A 701 111.60 -33.57 -2.55
N TRP A 702 112.48 -32.89 -1.82
CA TRP A 702 112.22 -31.56 -1.30
C TRP A 702 112.95 -30.47 -2.07
N GLY A 703 113.32 -30.73 -3.32
CA GLY A 703 114.03 -29.74 -4.11
C GLY A 703 115.52 -29.76 -3.87
N GLY A 704 116.19 -28.80 -4.50
CA GLY A 704 117.64 -28.74 -4.41
C GLY A 704 118.33 -29.96 -4.95
N ASN A 705 117.87 -30.47 -6.09
CA ASN A 705 118.42 -31.70 -6.63
C ASN A 705 119.81 -31.47 -7.19
N GLY A 706 120.76 -32.29 -6.73
CA GLY A 706 122.13 -32.20 -7.18
C GLY A 706 122.66 -33.57 -7.54
N VAL A 707 123.98 -33.72 -7.38
CA VAL A 707 124.60 -35.01 -7.64
C VAL A 707 124.14 -36.01 -6.58
N GLY A 708 123.70 -37.17 -7.05
CA GLY A 708 123.21 -38.20 -6.15
C GLY A 708 121.75 -38.13 -5.81
N ASP A 709 121.04 -37.12 -6.29
CA ASP A 709 119.60 -37.02 -6.06
C ASP A 709 118.79 -37.82 -7.05
N ASP A 710 119.43 -38.43 -8.05
CA ASP A 710 118.76 -39.26 -9.04
C ASP A 710 119.60 -40.51 -9.27
N LEU A 711 119.01 -41.46 -10.01
CA LEU A 711 119.71 -42.72 -10.26
C LEU A 711 120.76 -42.58 -11.33
N TYR A 712 120.84 -41.41 -11.98
CA TYR A 712 121.82 -41.22 -13.05
C TYR A 712 123.11 -40.62 -12.51
N SER A 713 123.09 -40.09 -11.29
CA SER A 713 124.24 -39.42 -10.71
C SER A 713 124.59 -40.07 -9.38
N TYR A 714 125.89 -40.10 -9.07
CA TYR A 714 126.41 -40.67 -7.84
C TYR A 714 127.39 -39.68 -7.22
N GLY A 715 127.16 -39.33 -5.96
CA GLY A 715 127.89 -38.23 -5.36
C GLY A 715 128.40 -38.56 -3.97
N PHE A 716 129.14 -37.61 -3.41
CA PHE A 716 129.79 -37.74 -2.11
C PHE A 716 129.95 -36.37 -1.49
N ASP A 717 129.42 -36.20 -0.28
CA ASP A 717 129.43 -34.91 0.39
C ASP A 717 130.43 -34.83 1.54
N GLY A 718 131.32 -35.80 1.67
CA GLY A 718 132.21 -35.85 2.80
C GLY A 718 131.72 -36.69 3.95
N LEU A 719 130.41 -36.99 3.99
CA LEU A 719 129.82 -37.77 5.07
C LEU A 719 128.91 -38.88 4.58
N HIS A 720 128.39 -38.79 3.36
CA HIS A 720 127.43 -39.76 2.85
C HIS A 720 127.72 -40.04 1.39
N LEU A 721 127.27 -41.20 0.94
CA LEU A 721 127.22 -41.54 -0.47
C LEU A 721 125.80 -41.33 -0.97
N TRP A 722 125.65 -40.52 -2.01
CA TRP A 722 124.34 -40.09 -2.48
C TRP A 722 124.02 -40.76 -3.80
N THR A 723 122.89 -41.46 -3.84
CA THR A 723 122.35 -42.01 -5.08
C THR A 723 120.87 -42.26 -4.88
N GLY A 724 120.09 -41.97 -5.92
CA GLY A 724 118.65 -42.17 -5.85
C GLY A 724 117.99 -41.37 -4.76
N HIS A 725 118.51 -40.17 -4.46
CA HIS A 725 117.97 -39.30 -3.43
C HIS A 725 117.97 -39.97 -2.05
N VAL A 726 118.91 -40.87 -1.81
CA VAL A 726 119.05 -41.54 -0.53
C VAL A 726 120.47 -41.33 -0.04
N ALA A 727 120.60 -40.84 1.19
CA ALA A 727 121.89 -40.59 1.80
C ALA A 727 122.29 -41.78 2.66
N ARG A 728 123.38 -42.43 2.31
CA ARG A 728 123.89 -43.56 3.04
C ARG A 728 125.18 -43.19 3.74
N PRO A 729 125.22 -43.21 5.07
CA PRO A 729 126.44 -42.79 5.77
C PRO A 729 127.63 -43.66 5.41
N VAL A 730 128.78 -43.02 5.30
CA VAL A 730 130.01 -43.69 4.91
C VAL A 730 131.07 -43.38 5.97
N THR A 731 132.03 -44.29 6.13
CA THR A 731 133.05 -44.19 7.16
C THR A 731 134.35 -43.74 6.53
N SER A 732 134.94 -42.69 7.10
CA SER A 732 136.24 -42.20 6.70
C SER A 732 137.03 -41.78 7.92
N PRO A 733 138.36 -41.92 7.89
CA PRO A 733 139.18 -41.47 9.02
C PRO A 733 139.05 -39.96 9.21
N GLY A 734 138.61 -39.58 10.41
CA GLY A 734 138.36 -38.18 10.68
C GLY A 734 137.29 -37.59 9.80
N GLN A 735 136.20 -38.32 9.60
CA GLN A 735 135.17 -37.91 8.65
C GLN A 735 134.48 -36.63 9.12
N HIS A 736 134.11 -35.80 8.15
CA HIS A 736 133.40 -34.55 8.42
C HIS A 736 132.75 -34.07 7.13
N LEU A 737 131.83 -33.13 7.26
CA LEU A 737 131.24 -32.51 6.09
C LEU A 737 132.31 -31.74 5.33
N LEU A 738 132.11 -31.64 4.01
CA LEU A 738 133.11 -31.00 3.15
C LEU A 738 133.46 -29.61 3.67
N ALA A 739 134.73 -29.43 3.98
CA ALA A 739 135.24 -28.24 4.63
C ALA A 739 136.30 -27.62 3.74
N PRO A 740 136.61 -26.33 3.92
CA PRO A 740 137.66 -25.71 3.12
C PRO A 740 139.00 -26.40 3.34
N GLU A 741 139.80 -26.45 2.27
CA GLU A 741 141.12 -27.07 2.19
C GLU A 741 141.04 -28.58 2.23
N ASP A 742 139.90 -29.17 1.90
CA ASP A 742 139.77 -30.62 1.78
C ASP A 742 139.79 -31.00 0.30
N VAL A 743 140.50 -32.08 -0.02
CA VAL A 743 140.67 -32.54 -1.39
C VAL A 743 139.90 -33.84 -1.56
N VAL A 744 138.98 -33.86 -2.51
CA VAL A 744 138.17 -35.03 -2.82
C VAL A 744 138.66 -35.61 -4.13
N SER A 745 139.10 -36.87 -4.10
CA SER A 745 139.57 -37.57 -5.28
C SER A 745 138.58 -38.66 -5.65
N CYS A 746 138.05 -38.59 -6.86
CA CYS A 746 137.04 -39.51 -7.35
C CYS A 746 137.64 -40.36 -8.47
N CYS A 747 137.50 -41.67 -8.34
CA CYS A 747 138.02 -42.62 -9.32
C CYS A 747 136.86 -43.40 -9.91
N LEU A 748 136.84 -43.53 -11.23
CA LEU A 748 135.80 -44.26 -11.94
C LEU A 748 136.44 -45.31 -12.83
N ASP A 749 136.05 -46.57 -12.62
CA ASP A 749 136.46 -47.68 -13.47
C ASP A 749 135.23 -48.23 -14.17
N LEU A 750 135.24 -48.20 -15.51
CA LEU A 750 134.08 -48.64 -16.26
C LEU A 750 134.05 -50.16 -16.40
N SER A 751 135.15 -50.82 -16.06
CA SER A 751 135.23 -52.28 -16.26
C SER A 751 134.36 -53.02 -15.25
N VAL A 752 134.43 -52.64 -13.97
CA VAL A 752 133.71 -53.39 -12.94
C VAL A 752 132.20 -53.35 -13.15
N PRO A 753 131.54 -52.19 -13.33
CA PRO A 753 131.99 -50.80 -13.18
C PRO A 753 131.99 -50.37 -11.71
N SER A 754 132.84 -49.44 -11.30
CA SER A 754 132.89 -49.03 -9.91
C SER A 754 133.28 -47.56 -9.81
N ILE A 755 132.83 -46.91 -8.74
CA ILE A 755 133.20 -45.55 -8.40
C ILE A 755 133.69 -45.53 -6.97
N SER A 756 134.89 -44.98 -6.76
CA SER A 756 135.52 -44.93 -5.46
C SER A 756 135.93 -43.50 -5.16
N PHE A 757 135.93 -43.13 -3.88
CA PHE A 757 136.30 -41.80 -3.44
C PHE A 757 137.41 -41.88 -2.40
N ARG A 758 138.28 -40.89 -2.40
CA ARG A 758 139.26 -40.70 -1.34
C ARG A 758 139.27 -39.24 -0.91
N ILE A 759 139.15 -38.99 0.39
CA ILE A 759 139.08 -37.65 0.94
C ILE A 759 140.40 -37.35 1.63
N ASN A 760 141.02 -36.23 1.26
CA ASN A 760 142.30 -35.81 1.84
C ASN A 760 143.36 -36.89 1.70
N GLY A 761 143.25 -37.67 0.62
CA GLY A 761 144.20 -38.74 0.37
C GLY A 761 143.94 -40.02 1.12
N CYS A 762 142.92 -40.07 1.97
CA CYS A 762 142.59 -41.26 2.72
C CYS A 762 141.39 -41.95 2.07
N PRO A 763 141.35 -43.28 2.04
CA PRO A 763 140.25 -43.97 1.36
C PRO A 763 138.93 -43.77 2.07
N VAL A 764 137.85 -43.79 1.31
CA VAL A 764 136.49 -43.75 1.83
C VAL A 764 135.85 -45.10 1.59
N GLN A 765 135.40 -45.74 2.67
CA GLN A 765 134.88 -47.11 2.61
C GLN A 765 133.46 -47.12 2.02
N GLY A 766 133.39 -46.81 0.74
CA GLY A 766 132.14 -46.82 0.01
C GLY A 766 132.34 -46.96 -1.48
N VAL A 767 131.62 -47.89 -2.11
CA VAL A 767 131.78 -48.19 -3.53
C VAL A 767 130.41 -48.19 -4.18
N PHE A 768 130.34 -47.66 -5.40
CA PHE A 768 129.17 -47.75 -6.26
C PHE A 768 129.48 -48.77 -7.36
N GLU A 769 128.69 -49.83 -7.42
CA GLU A 769 128.92 -50.87 -8.43
C GLU A 769 127.61 -51.21 -9.12
N ALA A 770 127.75 -51.91 -10.25
CA ALA A 770 126.64 -52.49 -11.00
C ALA A 770 125.67 -51.44 -11.53
N PHE A 771 126.13 -50.22 -11.78
CA PHE A 771 125.25 -49.22 -12.37
C PHE A 771 125.22 -49.37 -13.88
N ASN A 772 124.21 -48.76 -14.50
CA ASN A 772 124.05 -48.85 -15.94
C ASN A 772 125.16 -48.11 -16.65
N LEU A 773 125.47 -48.55 -17.88
CA LEU A 773 126.56 -48.01 -18.66
C LEU A 773 126.10 -47.50 -20.03
N ASP A 774 124.80 -47.27 -20.21
CA ASP A 774 124.27 -46.82 -21.50
C ASP A 774 124.32 -45.28 -21.57
N GLY A 775 125.55 -44.78 -21.61
CA GLY A 775 125.76 -43.35 -21.70
C GLY A 775 127.22 -43.02 -21.46
N LEU A 776 127.47 -41.72 -21.27
CA LEU A 776 128.81 -41.21 -21.00
C LEU A 776 128.82 -40.60 -19.61
N PHE A 777 129.96 -40.66 -18.94
CA PHE A 777 130.11 -40.16 -17.58
C PHE A 777 130.96 -38.91 -17.58
N PHE A 778 130.53 -37.90 -16.84
CA PHE A 778 131.28 -36.66 -16.72
C PHE A 778 131.46 -36.31 -15.25
N PRO A 779 132.60 -35.75 -14.86
CA PRO A 779 132.73 -35.22 -13.50
C PRO A 779 131.73 -34.09 -13.28
N VAL A 780 131.18 -34.02 -12.07
CA VAL A 780 130.14 -33.05 -11.77
C VAL A 780 130.20 -32.70 -10.29
N VAL A 781 130.02 -31.41 -10.00
CA VAL A 781 129.90 -30.91 -8.65
C VAL A 781 128.63 -30.08 -8.55
N SER A 782 127.79 -30.40 -7.57
CA SER A 782 126.55 -29.68 -7.33
C SER A 782 126.73 -28.85 -6.07
N PHE A 783 126.40 -27.56 -6.15
CA PHE A 783 126.65 -26.64 -5.06
C PHE A 783 125.46 -25.71 -4.89
N SER A 784 125.13 -25.41 -3.64
CA SER A 784 124.29 -24.25 -3.37
C SER A 784 125.15 -23.01 -3.31
N ALA A 785 124.51 -21.86 -3.09
CA ALA A 785 125.24 -20.62 -3.01
C ALA A 785 126.07 -20.58 -1.73
N GLY A 786 127.26 -19.98 -1.83
CA GLY A 786 128.10 -19.80 -0.67
C GLY A 786 129.32 -20.70 -0.59
N VAL A 787 129.70 -21.34 -1.69
CA VAL A 787 130.86 -22.23 -1.71
C VAL A 787 131.72 -21.89 -2.92
N LYS A 788 133.03 -21.88 -2.73
CA LYS A 788 133.99 -21.77 -3.80
C LYS A 788 134.85 -23.03 -3.81
N VAL A 789 134.89 -23.70 -4.95
CA VAL A 789 135.64 -24.94 -5.08
C VAL A 789 136.43 -24.90 -6.39
N ARG A 790 137.50 -25.70 -6.45
CA ARG A 790 138.38 -25.73 -7.60
C ARG A 790 138.44 -27.14 -8.17
N PHE A 791 138.66 -27.22 -9.48
CA PHE A 791 138.56 -28.47 -10.24
C PHE A 791 139.93 -28.84 -10.76
N LEU A 792 140.43 -30.01 -10.38
CA LEU A 792 141.73 -30.50 -10.81
C LEU A 792 141.54 -31.69 -11.74
N LEU A 793 142.09 -31.60 -12.94
CA LEU A 793 141.91 -32.63 -13.95
C LEU A 793 143.24 -33.16 -14.50
N GLY A 794 144.36 -32.75 -13.92
CA GLY A 794 145.65 -33.20 -14.39
C GLY A 794 146.17 -32.37 -15.54
N GLY A 795 147.40 -32.70 -15.94
CA GLY A 795 148.05 -31.96 -17.01
C GLY A 795 148.26 -30.50 -16.62
N ARG A 796 147.90 -29.61 -17.54
CA ARG A 796 147.98 -28.17 -17.27
C ARG A 796 146.70 -27.59 -16.72
N HIS A 797 145.71 -28.44 -16.42
CA HIS A 797 144.44 -27.98 -15.87
C HIS A 797 144.30 -28.25 -14.38
N GLY A 798 145.41 -28.42 -13.68
CA GLY A 798 145.38 -28.62 -12.24
C GLY A 798 146.23 -29.79 -11.80
N GLU A 799 147.18 -29.55 -10.90
CA GLU A 799 148.03 -30.62 -10.42
C GLU A 799 147.33 -31.41 -9.33
N PHE A 800 147.33 -32.72 -9.47
CA PHE A 800 146.73 -33.59 -8.46
C PHE A 800 147.49 -33.48 -7.16
N LYS A 801 146.77 -33.19 -6.07
CA LYS A 801 147.41 -33.16 -4.75
C LYS A 801 147.89 -34.56 -4.36
N PHE A 802 147.15 -35.59 -4.75
CA PHE A 802 147.50 -36.97 -4.50
C PHE A 802 147.58 -37.71 -5.83
N LEU A 803 148.57 -38.57 -5.97
CA LEU A 803 148.78 -39.26 -7.24
C LEU A 803 147.61 -40.21 -7.51
N PRO A 804 147.21 -40.37 -8.77
CA PRO A 804 146.10 -41.26 -9.07
C PRO A 804 146.49 -42.71 -8.79
N PRO A 805 145.51 -43.56 -8.50
CA PRO A 805 145.83 -44.98 -8.34
C PRO A 805 146.32 -45.55 -9.65
N PRO A 806 147.15 -46.60 -9.59
CA PRO A 806 147.76 -47.13 -10.81
C PRO A 806 146.71 -47.60 -11.82
N GLY A 807 147.01 -47.37 -13.09
CA GLY A 807 146.09 -47.73 -14.16
C GLY A 807 144.95 -46.77 -14.39
N TYR A 808 144.93 -45.65 -13.69
CA TYR A 808 143.84 -44.67 -13.79
C TYR A 808 144.35 -43.46 -14.57
N ALA A 809 143.58 -43.04 -15.57
CA ALA A 809 144.11 -41.94 -16.34
C ALA A 809 143.54 -40.60 -15.87
N PRO A 810 144.32 -39.53 -15.95
CA PRO A 810 143.77 -38.21 -15.62
C PRO A 810 142.67 -37.81 -16.59
N CYS A 811 141.73 -37.02 -16.08
CA CYS A 811 140.54 -36.70 -16.86
C CYS A 811 140.85 -35.75 -18.01
N HIS A 812 141.97 -35.03 -17.93
CA HIS A 812 142.30 -34.09 -18.99
C HIS A 812 142.66 -34.81 -20.27
N GLU A 813 143.02 -36.09 -20.19
CA GLU A 813 143.33 -36.86 -21.39
C GLU A 813 142.08 -37.18 -22.18
N ALA A 814 140.90 -37.09 -21.55
CA ALA A 814 139.68 -37.53 -22.21
C ALA A 814 139.06 -36.41 -23.03
N VAL A 815 139.68 -35.22 -23.04
CA VAL A 815 139.14 -34.12 -23.82
C VAL A 815 139.26 -34.42 -25.30
N LEU A 816 138.21 -34.11 -26.05
CA LEU A 816 138.18 -34.44 -27.47
C LEU A 816 139.05 -33.47 -28.26
N PRO A 817 139.57 -33.92 -29.42
CA PRO A 817 140.46 -33.04 -30.20
C PRO A 817 139.78 -31.75 -30.64
N ARG A 818 138.50 -31.81 -31.03
CA ARG A 818 137.80 -30.59 -31.42
C ARG A 818 137.45 -29.74 -30.20
N GLU A 819 136.99 -30.39 -29.13
CA GLU A 819 136.55 -29.64 -27.95
C GLU A 819 137.73 -29.01 -27.24
N ARG A 820 137.48 -27.86 -26.62
CA ARG A 820 138.42 -27.22 -25.73
C ARG A 820 137.87 -27.30 -24.31
N LEU A 821 138.72 -27.66 -23.36
CA LEU A 821 138.26 -27.90 -22.01
C LEU A 821 137.63 -26.63 -21.43
N ARG A 822 136.44 -26.78 -20.86
CA ARG A 822 135.67 -25.65 -20.37
C ARG A 822 134.71 -26.15 -19.30
N LEU A 823 134.18 -25.21 -18.53
CA LEU A 823 133.23 -25.51 -17.47
C LEU A 823 131.85 -24.99 -17.87
N GLU A 824 130.86 -25.89 -17.87
CA GLU A 824 129.56 -25.56 -18.42
C GLU A 824 128.45 -26.07 -17.51
N PRO A 825 127.28 -25.44 -17.57
CA PRO A 825 126.11 -26.01 -16.89
C PRO A 825 125.54 -27.18 -17.69
N ILE A 826 124.57 -27.86 -17.08
CA ILE A 826 123.98 -29.06 -17.67
C ILE A 826 122.50 -28.78 -17.95
N LYS A 827 122.12 -28.95 -19.22
CA LYS A 827 120.73 -28.82 -19.65
C LYS A 827 120.10 -27.51 -19.17
N GLU A 828 120.79 -26.39 -19.41
CA GLU A 828 120.26 -25.07 -19.09
C GLU A 828 119.37 -24.61 -20.23
N TYR A 829 118.23 -24.01 -19.90
CA TYR A 829 117.31 -23.55 -20.92
C TYR A 829 117.53 -22.07 -21.23
N ARG A 830 118.11 -21.33 -20.29
CA ARG A 830 118.39 -19.92 -20.47
C ARG A 830 119.84 -19.65 -20.10
N ARG A 831 120.44 -18.66 -20.73
CA ARG A 831 121.81 -18.26 -20.46
C ARG A 831 121.91 -16.74 -20.56
N GLU A 832 122.67 -16.15 -19.63
CA GLU A 832 122.80 -14.69 -19.61
C GLU A 832 123.50 -14.21 -20.87
N GLY A 833 122.96 -13.14 -21.46
CA GLY A 833 123.52 -12.57 -22.65
C GLY A 833 123.72 -11.07 -22.52
N PRO A 834 124.52 -10.48 -23.41
CA PRO A 834 124.82 -9.04 -23.29
C PRO A 834 123.58 -8.17 -23.45
N ARG A 835 122.86 -8.31 -24.56
CA ARG A 835 121.67 -7.50 -24.77
C ARG A 835 120.55 -7.90 -23.82
N GLY A 836 120.50 -9.18 -23.46
CA GLY A 836 119.50 -9.69 -22.54
C GLY A 836 119.62 -11.18 -22.35
N PRO A 837 118.79 -11.75 -21.48
CA PRO A 837 118.84 -13.20 -21.28
C PRO A 837 118.53 -13.96 -22.56
N HIS A 838 119.28 -15.03 -22.80
CA HIS A 838 119.16 -15.82 -24.01
C HIS A 838 118.50 -17.15 -23.70
N LEU A 839 117.39 -17.43 -24.36
CA LEU A 839 116.79 -18.75 -24.30
C LEU A 839 117.65 -19.73 -25.10
N VAL A 840 117.81 -20.93 -24.58
CA VAL A 840 118.68 -21.95 -25.17
C VAL A 840 117.86 -23.20 -25.40
N GLY A 841 117.98 -23.77 -26.59
CA GLY A 841 117.30 -25.00 -26.92
C GLY A 841 118.03 -26.21 -26.37
N PRO A 842 117.49 -27.40 -26.60
CA PRO A 842 118.15 -28.62 -26.13
C PRO A 842 119.54 -28.78 -26.73
N SER A 843 120.44 -29.32 -25.93
CA SER A 843 121.82 -29.49 -26.37
C SER A 843 122.03 -30.87 -26.96
N ARG A 844 122.76 -30.92 -28.08
CA ARG A 844 123.12 -32.20 -28.68
C ARG A 844 124.06 -32.97 -27.78
N CYS A 845 123.83 -34.27 -27.64
CA CYS A 845 124.56 -35.12 -26.71
C CYS A 845 125.28 -36.21 -27.48
N LEU A 846 126.54 -36.44 -27.11
CA LEU A 846 127.30 -37.54 -27.70
C LEU A 846 126.92 -38.85 -27.04
N SER A 847 127.46 -39.95 -27.56
CA SER A 847 127.16 -41.27 -27.02
C SER A 847 128.34 -42.21 -27.21
N HIS A 848 128.37 -43.25 -26.38
CA HIS A 848 129.40 -44.28 -26.49
C HIS A 848 129.34 -44.98 -27.85
N THR A 849 128.12 -45.18 -28.37
CA THR A 849 127.99 -45.74 -29.70
C THR A 849 128.62 -44.83 -30.75
N ASP A 850 128.44 -43.52 -30.59
CA ASP A 850 129.12 -42.57 -31.48
C ASP A 850 130.64 -42.69 -31.34
N PHE A 851 131.11 -43.01 -30.13
CA PHE A 851 132.55 -43.22 -29.97
C PHE A 851 133.01 -44.53 -30.61
N VAL A 852 132.09 -45.47 -30.79
CA VAL A 852 132.48 -46.74 -31.42
C VAL A 852 132.61 -46.54 -32.92
N PRO A 853 133.75 -46.85 -33.53
CA PRO A 853 133.84 -46.79 -34.99
C PRO A 853 132.98 -47.84 -35.66
N CYS A 854 132.43 -47.50 -36.82
CA CYS A 854 131.55 -48.38 -37.58
C CYS A 854 131.91 -48.30 -39.07
N PRO A 855 132.99 -48.93 -39.48
CA PRO A 855 133.36 -48.91 -40.90
C PRO A 855 132.46 -49.82 -41.72
N VAL A 856 132.55 -49.69 -43.05
CA VAL A 856 131.84 -50.60 -43.93
C VAL A 856 132.47 -51.98 -43.79
N ASP A 857 131.69 -53.01 -44.13
CA ASP A 857 132.14 -54.38 -43.93
C ASP A 857 133.41 -54.67 -44.72
N THR A 858 134.43 -55.19 -44.04
CA THR A 858 135.69 -55.56 -44.65
C THR A 858 135.81 -57.06 -44.90
N VAL A 859 134.74 -57.81 -44.67
CA VAL A 859 134.82 -59.27 -44.79
C VAL A 859 134.83 -59.70 -46.25
N GLN A 860 133.94 -59.14 -47.07
CA GLN A 860 133.67 -59.65 -48.39
C GLN A 860 134.43 -58.82 -49.42
N ILE A 861 135.21 -59.49 -50.26
CA ILE A 861 136.11 -58.82 -51.20
C ILE A 861 135.77 -59.27 -52.62
N VAL A 862 135.56 -58.30 -53.50
CA VAL A 862 135.46 -58.52 -54.94
C VAL A 862 136.35 -57.53 -55.64
N LEU A 863 137.30 -58.03 -56.44
CA LEU A 863 138.23 -57.19 -57.17
C LEU A 863 138.33 -57.67 -58.61
N PRO A 864 138.11 -56.80 -59.60
CA PRO A 864 138.40 -57.17 -60.99
C PRO A 864 139.89 -57.40 -61.17
N PRO A 865 140.30 -58.13 -62.20
CA PRO A 865 141.74 -58.38 -62.40
C PRO A 865 142.53 -57.13 -62.77
N HIS A 866 141.98 -56.31 -63.66
CA HIS A 866 142.62 -55.05 -63.98
C HIS A 866 142.69 -54.16 -62.75
N LEU A 867 141.63 -54.14 -61.95
CA LEU A 867 141.67 -53.40 -60.69
C LEU A 867 142.70 -54.00 -59.73
N GLU A 868 142.97 -55.30 -59.83
CA GLU A 868 143.95 -55.92 -58.94
C GLU A 868 145.37 -55.50 -59.30
N ARG A 869 145.71 -55.57 -60.60
CA ARG A 869 147.03 -55.10 -61.00
C ARG A 869 147.16 -53.61 -60.73
N ILE A 870 146.07 -52.86 -60.87
CA ILE A 870 146.10 -51.44 -60.58
C ILE A 870 146.17 -51.22 -59.08
N ARG A 871 145.67 -52.16 -58.29
CA ARG A 871 145.83 -52.10 -56.85
C ARG A 871 147.29 -52.20 -56.46
N GLU A 872 148.02 -53.16 -57.06
CA GLU A 872 149.46 -53.24 -56.81
C GLU A 872 150.16 -51.95 -57.24
N LYS A 873 149.85 -51.48 -58.45
CA LYS A 873 150.49 -50.25 -58.93
C LYS A 873 150.13 -49.06 -58.06
N LEU A 874 148.91 -49.02 -57.54
CA LEU A 874 148.45 -47.89 -56.74
C LEU A 874 149.05 -47.92 -55.35
N ALA A 875 149.29 -49.11 -54.80
CA ALA A 875 150.03 -49.21 -53.55
C ALA A 875 151.44 -48.67 -53.73
N GLU A 876 152.12 -49.08 -54.81
CA GLU A 876 153.43 -48.50 -55.08
C GLU A 876 153.33 -46.98 -55.28
N ASN A 877 152.28 -46.53 -55.94
CA ASN A 877 152.13 -45.11 -56.21
C ASN A 877 151.93 -44.31 -54.92
N ILE A 878 151.09 -44.81 -54.01
CA ILE A 878 150.88 -44.11 -52.75
C ILE A 878 152.14 -44.16 -51.90
N HIS A 879 152.94 -45.22 -52.04
CA HIS A 879 154.30 -45.17 -51.49
C HIS A 879 155.07 -43.99 -52.05
N GLU A 880 155.00 -43.77 -53.36
CA GLU A 880 155.76 -42.66 -53.96
C GLU A 880 155.23 -41.30 -53.50
N LEU A 881 153.91 -41.13 -53.41
CA LEU A 881 153.36 -39.88 -52.90
C LEU A 881 153.73 -39.65 -51.43
N TRP A 882 153.67 -40.70 -50.61
CA TRP A 882 154.04 -40.55 -49.21
C TRP A 882 155.53 -40.26 -49.08
N ALA A 883 156.34 -40.82 -49.98
CA ALA A 883 157.76 -40.48 -50.03
C ALA A 883 157.95 -39.01 -50.39
N LEU A 884 157.15 -38.49 -51.33
CA LEU A 884 157.21 -37.07 -51.65
C LEU A 884 156.84 -36.21 -50.44
N THR A 885 155.81 -36.62 -49.69
CA THR A 885 155.47 -35.90 -48.48
C THR A 885 156.61 -35.94 -47.48
N ARG A 886 157.30 -37.08 -47.38
CA ARG A 886 158.44 -37.17 -46.47
C ARG A 886 159.58 -36.24 -46.92
N ILE A 887 159.82 -36.12 -48.22
CA ILE A 887 160.89 -35.24 -48.67
C ILE A 887 160.50 -33.78 -48.46
N GLU A 888 159.19 -33.46 -48.54
CA GLU A 888 158.76 -32.14 -48.11
C GLU A 888 159.06 -31.93 -46.62
N GLN A 889 158.80 -32.96 -45.80
CA GLN A 889 159.17 -32.89 -44.40
C GLN A 889 160.67 -32.79 -44.19
N GLY A 890 161.46 -33.20 -45.18
CA GLY A 890 162.91 -33.24 -45.04
C GLY A 890 163.49 -34.61 -44.78
N TRP A 891 162.69 -35.67 -44.88
CA TRP A 891 163.17 -37.01 -44.61
C TRP A 891 164.23 -37.43 -45.62
N THR A 892 165.24 -38.15 -45.14
CA THR A 892 166.25 -38.77 -45.99
C THR A 892 166.16 -40.27 -45.86
N TYR A 893 166.85 -40.99 -46.74
CA TYR A 893 166.82 -42.44 -46.69
C TYR A 893 167.67 -42.95 -45.54
N GLY A 894 167.20 -44.02 -44.90
CA GLY A 894 167.95 -44.70 -43.88
C GLY A 894 167.48 -46.13 -43.69
N PRO A 895 168.40 -47.03 -43.37
CA PRO A 895 167.99 -48.42 -43.11
C PRO A 895 167.01 -48.54 -41.97
N VAL A 896 167.12 -47.69 -40.95
CA VAL A 896 166.17 -47.70 -39.85
C VAL A 896 165.09 -46.64 -40.10
N ARG A 897 163.91 -46.87 -39.54
CA ARG A 897 162.78 -45.97 -39.68
C ARG A 897 162.44 -45.36 -38.33
N ASP A 898 162.68 -44.06 -38.18
CA ASP A 898 162.31 -43.31 -36.99
C ASP A 898 161.84 -41.93 -37.41
N ASP A 899 160.78 -41.46 -36.75
CA ASP A 899 160.26 -40.13 -37.04
C ASP A 899 161.30 -39.05 -36.70
N ASN A 900 161.96 -39.19 -35.55
CA ASN A 900 163.00 -38.24 -35.17
C ASN A 900 164.21 -38.34 -36.07
N LYS A 901 164.58 -39.57 -36.45
CA LYS A 901 165.77 -39.76 -37.28
C LYS A 901 165.56 -39.26 -38.70
N ARG A 902 164.29 -39.13 -39.12
CA ARG A 902 163.93 -38.69 -40.47
C ARG A 902 164.54 -39.61 -41.52
N LEU A 903 164.67 -40.90 -41.17
CA LEU A 903 165.26 -41.90 -42.05
C LEU A 903 164.19 -42.92 -42.41
N HIS A 904 164.09 -43.25 -43.69
CA HIS A 904 163.06 -44.16 -44.17
C HIS A 904 163.62 -45.09 -45.24
N PRO A 905 163.60 -46.41 -45.02
CA PRO A 905 163.97 -47.33 -46.10
C PRO A 905 163.04 -47.24 -47.30
N CYS A 906 161.76 -46.92 -47.07
CA CYS A 906 160.81 -46.81 -48.17
C CYS A 906 161.10 -45.59 -49.04
N LEU A 907 161.72 -44.56 -48.47
CA LEU A 907 162.03 -43.33 -49.19
C LEU A 907 163.34 -43.53 -49.97
N VAL A 908 163.29 -44.43 -50.94
CA VAL A 908 164.36 -44.57 -51.91
C VAL A 908 163.81 -44.59 -53.34
N ASN A 909 162.90 -45.52 -53.62
CA ASN A 909 162.29 -45.67 -54.93
C ASN A 909 161.21 -46.75 -54.84
N PHE A 910 160.24 -46.68 -55.75
CA PHE A 910 159.05 -47.53 -55.64
C PHE A 910 159.40 -49.01 -55.73
N HIS A 911 160.33 -49.38 -56.60
CA HIS A 911 160.69 -50.78 -56.75
C HIS A 911 161.77 -51.18 -55.75
N SER A 912 162.57 -50.22 -55.30
CA SER A 912 163.67 -50.53 -54.40
C SER A 912 163.28 -50.38 -52.94
N LEU A 913 162.06 -49.91 -52.67
CA LEU A 913 161.55 -49.98 -51.30
C LEU A 913 161.09 -51.41 -51.02
N PRO A 914 161.13 -51.86 -49.77
CA PRO A 914 160.91 -53.28 -49.48
C PRO A 914 159.55 -53.78 -49.96
N GLU A 915 159.56 -54.98 -50.54
CA GLU A 915 158.31 -55.66 -50.87
C GLU A 915 157.43 -55.91 -49.64
N PRO A 916 157.94 -56.36 -48.48
CA PRO A 916 157.06 -56.45 -47.31
C PRO A 916 156.46 -55.11 -46.91
N GLU A 917 157.23 -54.02 -47.05
CA GLU A 917 156.66 -52.69 -46.78
C GLU A 917 155.57 -52.36 -47.79
N ARG A 918 155.73 -52.78 -49.04
CA ARG A 918 154.68 -52.60 -50.03
C ARG A 918 153.44 -53.41 -49.65
N ASN A 919 153.65 -54.60 -49.08
CA ASN A 919 152.53 -55.50 -48.80
C ASN A 919 151.55 -54.89 -47.81
N TYR A 920 152.05 -54.10 -46.87
CA TYR A 920 151.15 -53.39 -45.95
C TYR A 920 150.26 -52.41 -46.72
N ASN A 921 150.79 -51.82 -47.79
CA ASN A 921 149.98 -50.89 -48.57
C ASN A 921 149.31 -51.57 -49.75
N LEU A 922 149.79 -52.75 -50.15
CA LEU A 922 148.98 -53.59 -51.03
C LEU A 922 147.66 -53.95 -50.36
N GLN A 923 147.72 -54.32 -49.07
CA GLN A 923 146.51 -54.71 -48.36
C GLN A 923 145.54 -53.54 -48.23
N MET A 924 146.01 -52.37 -47.79
CA MET A 924 145.10 -51.25 -47.62
C MET A 924 144.67 -50.66 -48.96
N SER A 925 145.49 -50.85 -50.00
CA SER A 925 145.03 -50.48 -51.34
C SER A 925 143.87 -51.36 -51.78
N GLY A 926 144.00 -52.68 -51.59
CA GLY A 926 142.89 -53.56 -51.85
C GLY A 926 141.68 -53.18 -51.05
N GLU A 927 141.88 -52.76 -49.80
CA GLU A 927 140.79 -52.24 -49.00
C GLU A 927 140.15 -51.01 -49.65
N THR A 928 140.97 -50.12 -50.21
CA THR A 928 140.41 -48.92 -50.84
C THR A 928 139.51 -49.27 -52.01
N LEU A 929 140.01 -50.09 -52.94
CA LEU A 929 139.16 -50.50 -54.06
C LEU A 929 137.93 -51.28 -53.59
N LYS A 930 138.10 -52.19 -52.64
CA LYS A 930 136.97 -52.98 -52.18
C LYS A 930 135.93 -52.10 -51.49
N THR A 931 136.37 -51.05 -50.81
CA THR A 931 135.43 -50.14 -50.16
C THR A 931 134.74 -49.24 -51.19
N LEU A 932 135.44 -48.91 -52.28
CA LEU A 932 134.75 -48.27 -53.40
C LEU A 932 133.64 -49.17 -53.92
N LEU A 933 133.92 -50.47 -54.06
CA LEU A 933 132.87 -51.41 -54.46
C LEU A 933 131.75 -51.47 -53.44
N ALA A 934 132.09 -51.49 -52.14
CA ALA A 934 131.10 -51.70 -51.10
C ALA A 934 130.19 -50.49 -50.92
N LEU A 935 130.74 -49.28 -51.10
CA LEU A 935 129.95 -48.07 -50.93
C LEU A 935 128.91 -47.94 -52.04
N GLY A 936 129.02 -48.75 -53.08
CA GLY A 936 128.20 -48.62 -54.27
C GLY A 936 128.89 -47.93 -55.42
N CYS A 937 130.13 -47.50 -55.24
CA CYS A 937 130.86 -46.84 -56.32
C CYS A 937 131.36 -47.87 -57.32
N HIS A 938 131.07 -47.63 -58.59
CA HIS A 938 131.48 -48.51 -59.68
C HIS A 938 132.79 -48.01 -60.27
N VAL A 939 133.84 -48.83 -60.15
CA VAL A 939 135.15 -48.53 -60.72
C VAL A 939 135.46 -49.59 -61.76
N GLY A 940 136.14 -49.17 -62.83
CA GLY A 940 136.54 -50.08 -63.88
C GLY A 940 137.43 -49.37 -64.88
N MET A 941 138.10 -50.17 -65.70
CA MET A 941 139.03 -49.66 -66.70
C MET A 941 138.25 -48.93 -67.78
N ALA A 942 138.85 -47.87 -68.32
CA ALA A 942 138.28 -47.22 -69.50
C ALA A 942 139.25 -47.32 -70.68
N ASP A 943 140.54 -47.10 -70.43
CA ASP A 943 141.58 -47.24 -71.43
C ASP A 943 142.71 -48.09 -70.86
N GLU A 944 143.14 -49.08 -71.63
CA GLU A 944 144.29 -49.89 -71.21
C GLU A 944 145.60 -49.15 -71.46
N LYS A 945 145.68 -48.39 -72.56
CA LYS A 945 146.92 -47.69 -72.89
C LYS A 945 147.19 -46.56 -71.90
N ALA A 946 146.13 -45.97 -71.35
CA ALA A 946 146.32 -44.98 -70.28
C ALA A 946 146.99 -45.61 -69.06
N GLU A 947 146.57 -46.83 -68.72
CA GLU A 947 147.25 -47.58 -67.67
C GLU A 947 148.70 -47.86 -68.05
N ASP A 948 148.93 -48.29 -69.31
CA ASP A 948 150.26 -48.71 -69.72
C ASP A 948 151.26 -47.56 -69.69
N ASN A 949 150.85 -46.39 -70.18
CA ASN A 949 151.73 -45.22 -70.23
C ASN A 949 151.09 -44.07 -69.48
N LEU A 950 151.79 -43.58 -68.45
CA LEU A 950 151.32 -42.48 -67.63
C LEU A 950 152.49 -41.59 -67.26
N LYS A 951 152.24 -40.28 -67.25
CA LYS A 951 153.26 -39.32 -66.88
C LYS A 951 153.52 -39.38 -65.39
N LYS A 952 154.79 -39.50 -65.02
CA LYS A 952 155.22 -39.69 -63.64
C LYS A 952 155.82 -38.41 -63.09
N THR A 953 155.37 -37.99 -61.92
CA THR A 953 156.04 -36.90 -61.21
C THR A 953 157.47 -37.32 -60.89
N LYS A 954 158.39 -36.36 -60.98
CA LYS A 954 159.80 -36.63 -60.72
C LYS A 954 160.23 -35.86 -59.47
N LEU A 955 160.92 -36.55 -58.58
CA LEU A 955 161.34 -35.93 -57.33
C LEU A 955 162.28 -34.76 -57.61
N PRO A 956 162.08 -33.62 -56.97
CA PRO A 956 162.92 -32.44 -57.26
C PRO A 956 164.39 -32.71 -56.94
N LYS A 957 165.26 -32.12 -57.75
CA LYS A 957 166.69 -32.28 -57.52
C LYS A 957 167.13 -31.51 -56.28
N THR A 958 166.49 -30.38 -56.00
CA THR A 958 166.87 -29.57 -54.84
C THR A 958 166.62 -30.31 -53.54
N TYR A 959 165.49 -30.99 -53.43
CA TYR A 959 165.13 -31.76 -52.23
C TYR A 959 165.45 -33.22 -52.48
N MET A 960 166.53 -33.71 -51.85
CA MET A 960 167.03 -35.05 -52.09
C MET A 960 167.14 -35.81 -50.79
N MET A 961 166.99 -37.12 -50.86
CA MET A 961 167.30 -37.98 -49.73
C MET A 961 168.65 -38.66 -49.92
N SER A 962 169.02 -39.50 -48.94
CA SER A 962 170.40 -39.97 -48.84
C SER A 962 170.84 -40.75 -50.07
N ASN A 963 169.98 -41.62 -50.60
CA ASN A 963 170.36 -42.41 -51.76
C ASN A 963 170.60 -41.55 -52.99
N GLY A 964 169.77 -40.54 -53.20
CA GLY A 964 169.81 -39.77 -54.42
C GLY A 964 168.94 -40.28 -55.54
N TYR A 965 168.27 -41.42 -55.33
CA TYR A 965 167.31 -41.92 -56.30
C TYR A 965 166.11 -40.98 -56.35
N LYS A 966 165.37 -41.02 -57.46
CA LYS A 966 164.19 -40.19 -57.61
C LYS A 966 162.96 -41.07 -57.72
N PRO A 967 162.15 -41.18 -56.67
CA PRO A 967 160.84 -41.86 -56.81
C PRO A 967 159.96 -41.12 -57.80
N ALA A 968 159.15 -41.89 -58.51
CA ALA A 968 158.32 -41.35 -59.60
C ALA A 968 156.86 -41.66 -59.34
N PRO A 969 156.18 -40.80 -58.58
CA PRO A 969 154.72 -40.92 -58.46
C PRO A 969 154.02 -40.47 -59.73
N LEU A 970 152.84 -41.03 -59.95
CA LEU A 970 152.01 -40.60 -61.06
C LEU A 970 151.65 -39.13 -60.90
N ASP A 971 151.80 -38.36 -61.98
CA ASP A 971 151.46 -36.95 -61.92
C ASP A 971 149.96 -36.77 -61.79
N LEU A 972 149.55 -35.88 -60.90
CA LEU A 972 148.14 -35.63 -60.64
C LEU A 972 147.68 -34.29 -61.20
N SER A 973 148.51 -33.64 -62.01
CA SER A 973 148.14 -32.34 -62.58
C SER A 973 147.03 -32.47 -63.61
N HIS A 974 147.12 -33.47 -64.48
CA HIS A 974 146.13 -33.62 -65.55
C HIS A 974 144.79 -34.10 -64.98
N VAL A 975 144.81 -34.80 -63.85
CA VAL A 975 143.60 -35.39 -63.32
C VAL A 975 142.75 -34.33 -62.64
N ARG A 976 141.45 -34.38 -62.91
CA ARG A 976 140.47 -33.50 -62.27
C ARG A 976 139.38 -34.35 -61.63
N LEU A 977 138.78 -33.84 -60.56
CA LEU A 977 137.81 -34.57 -59.77
C LEU A 977 136.49 -33.80 -59.71
N THR A 978 135.40 -34.52 -59.88
CA THR A 978 134.07 -33.93 -59.76
C THR A 978 133.74 -33.71 -58.28
N PRO A 979 132.86 -32.76 -57.97
CA PRO A 979 132.48 -32.55 -56.56
C PRO A 979 131.86 -33.78 -55.91
N ALA A 980 131.06 -34.53 -56.65
CA ALA A 980 130.53 -35.78 -56.12
C ALA A 980 131.65 -36.77 -55.85
N GLN A 981 132.67 -36.79 -56.71
CA GLN A 981 133.82 -37.65 -56.47
C GLN A 981 134.60 -37.20 -55.24
N THR A 982 134.63 -35.89 -54.98
CA THR A 982 135.27 -35.40 -53.75
C THR A 982 134.49 -35.83 -52.52
N THR A 983 133.15 -35.78 -52.59
CA THR A 983 132.35 -36.29 -51.48
C THR A 983 132.59 -37.79 -51.28
N LEU A 984 132.70 -38.54 -52.38
CA LEU A 984 133.12 -39.93 -52.31
C LEU A 984 134.47 -40.07 -51.63
N VAL A 985 135.41 -39.18 -51.95
CA VAL A 985 136.74 -39.23 -51.35
C VAL A 985 136.64 -39.02 -49.85
N ASP A 986 135.79 -38.08 -49.43
CA ASP A 986 135.57 -37.87 -48.00
C ASP A 986 135.03 -39.12 -47.34
N ARG A 987 134.08 -39.81 -48.00
CA ARG A 987 133.52 -41.01 -47.41
C ARG A 987 134.56 -42.13 -47.30
N LEU A 988 135.38 -42.31 -48.33
CA LEU A 988 136.44 -43.32 -48.22
C LEU A 988 137.49 -42.95 -47.17
N ALA A 989 137.82 -41.66 -47.02
CA ALA A 989 138.73 -41.27 -45.95
C ALA A 989 138.13 -41.61 -44.59
N GLU A 990 136.84 -41.30 -44.43
CA GLU A 990 136.12 -41.69 -43.21
C GLU A 990 136.23 -43.19 -42.96
N ASN A 991 135.94 -44.01 -43.98
CA ASN A 991 135.86 -45.44 -43.75
C ASN A 991 137.25 -46.04 -43.51
N GLY A 992 138.27 -45.50 -44.17
CA GLY A 992 139.62 -45.94 -43.90
C GLY A 992 140.07 -45.62 -42.49
N HIS A 993 139.76 -44.41 -42.02
CA HIS A 993 140.08 -44.08 -40.63
C HIS A 993 139.30 -44.96 -39.66
N ASN A 994 138.06 -45.28 -40.00
CA ASN A 994 137.26 -46.17 -39.14
C ASN A 994 137.86 -47.57 -39.08
N VAL A 995 138.32 -48.08 -40.23
CA VAL A 995 138.96 -49.39 -40.27
C VAL A 995 140.23 -49.37 -39.42
N TRP A 996 141.04 -48.31 -39.56
CA TRP A 996 142.24 -48.20 -38.75
C TRP A 996 141.89 -48.14 -37.27
N ALA A 997 140.84 -47.42 -36.91
CA ALA A 997 140.42 -47.34 -35.52
C ALA A 997 140.00 -48.71 -35.00
N ARG A 998 139.26 -49.47 -35.81
CA ARG A 998 138.85 -50.80 -35.38
C ARG A 998 140.05 -51.71 -35.17
N ASP A 999 141.03 -51.65 -36.07
CA ASP A 999 142.21 -52.50 -35.91
C ASP A 999 143.02 -52.08 -34.69
N ARG A 1000 143.08 -50.78 -34.41
CA ARG A 1000 143.76 -50.31 -33.21
C ARG A 1000 143.06 -50.79 -31.95
N VAL A 1001 141.71 -50.76 -31.96
CA VAL A 1001 140.95 -51.25 -30.81
C VAL A 1001 141.22 -52.73 -30.62
N ALA A 1002 141.26 -53.50 -31.70
CA ALA A 1002 141.64 -54.91 -31.61
C ALA A 1002 143.03 -55.06 -31.01
N GLN A 1003 143.95 -54.17 -31.39
CA GLN A 1003 145.27 -54.16 -30.77
C GLN A 1003 145.18 -53.77 -29.30
N GLY A 1004 144.13 -53.05 -28.92
CA GLY A 1004 143.99 -52.55 -27.57
C GLY A 1004 144.28 -51.08 -27.41
N TRP A 1005 144.47 -50.34 -28.51
CA TRP A 1005 144.78 -48.92 -28.42
C TRP A 1005 143.56 -48.14 -27.96
N SER A 1006 143.80 -47.06 -27.22
CA SER A 1006 142.75 -46.21 -26.69
C SER A 1006 143.07 -44.75 -26.96
N TYR A 1007 142.05 -43.90 -26.87
CA TYR A 1007 142.22 -42.49 -27.12
C TYR A 1007 142.79 -41.78 -25.90
N SER A 1008 143.62 -40.76 -26.15
CA SER A 1008 144.13 -39.90 -25.11
C SER A 1008 144.55 -38.57 -25.73
N ALA A 1009 144.38 -37.49 -24.95
CA ALA A 1009 144.78 -36.18 -25.43
C ALA A 1009 146.28 -36.12 -25.69
N VAL A 1010 147.07 -36.73 -24.80
CA VAL A 1010 148.51 -36.87 -24.99
C VAL A 1010 148.76 -38.25 -25.58
N GLN A 1011 149.94 -38.43 -26.17
CA GLN A 1011 150.28 -39.66 -26.87
C GLN A 1011 151.43 -40.36 -26.16
N ASP A 1012 151.41 -41.69 -26.15
CA ASP A 1012 152.47 -42.49 -25.57
C ASP A 1012 152.38 -43.91 -26.10
N ILE A 1013 153.41 -44.34 -26.85
CA ILE A 1013 153.43 -45.71 -27.37
C ILE A 1013 153.41 -46.74 -26.24
N PRO A 1014 154.25 -46.66 -25.20
CA PRO A 1014 154.14 -47.68 -24.13
C PRO A 1014 152.78 -47.72 -23.47
N ALA A 1015 152.14 -46.57 -23.28
CA ALA A 1015 150.79 -46.57 -22.72
C ALA A 1015 149.76 -47.05 -23.74
N ARG A 1016 150.16 -47.11 -25.01
CA ARG A 1016 149.28 -47.52 -26.10
C ARG A 1016 148.05 -46.61 -26.16
N ARG A 1017 148.31 -45.32 -26.36
CA ARG A 1017 147.27 -44.30 -26.39
C ARG A 1017 147.57 -43.33 -27.52
N ASN A 1018 146.53 -42.95 -28.27
CA ASN A 1018 146.72 -42.15 -29.47
C ASN A 1018 145.65 -41.07 -29.58
N PRO A 1019 146.02 -39.80 -29.73
CA PRO A 1019 145.02 -38.77 -30.06
C PRO A 1019 144.34 -39.03 -31.39
N ARG A 1020 145.07 -39.60 -32.35
CA ARG A 1020 144.48 -39.93 -33.65
C ARG A 1020 143.42 -41.01 -33.51
N LEU A 1021 143.54 -41.88 -32.51
CA LEU A 1021 142.64 -43.03 -32.38
C LEU A 1021 141.29 -42.52 -31.87
N VAL A 1022 140.47 -42.11 -32.83
CA VAL A 1022 139.16 -41.52 -32.55
C VAL A 1022 138.35 -41.50 -33.84
N PRO A 1023 137.08 -41.90 -33.77
CA PRO A 1023 136.27 -41.99 -34.99
C PRO A 1023 136.22 -40.69 -35.77
N TYR A 1024 135.81 -40.80 -37.04
CA TYR A 1024 136.14 -39.77 -38.03
C TYR A 1024 135.43 -38.45 -37.76
N ARG A 1025 134.12 -38.48 -37.45
CA ARG A 1025 133.44 -37.22 -37.19
C ARG A 1025 134.05 -36.52 -35.99
N LEU A 1026 134.43 -37.28 -34.97
CA LEU A 1026 135.02 -36.68 -33.78
C LEU A 1026 136.44 -36.20 -34.05
N LEU A 1027 137.09 -36.75 -35.08
CA LEU A 1027 138.45 -36.38 -35.38
C LEU A 1027 138.52 -34.93 -35.88
N ASP A 1028 139.66 -34.28 -35.63
CA ASP A 1028 139.79 -32.86 -35.91
C ASP A 1028 139.84 -32.57 -37.41
N GLU A 1029 139.52 -31.33 -37.76
CA GLU A 1029 139.39 -30.96 -39.16
C GLU A 1029 140.71 -31.07 -39.90
N ALA A 1030 141.81 -30.64 -39.27
CA ALA A 1030 143.10 -30.70 -39.95
C ALA A 1030 143.51 -32.14 -40.28
N THR A 1031 143.38 -33.04 -39.30
CA THR A 1031 143.76 -34.43 -39.53
C THR A 1031 142.84 -35.09 -40.54
N LYS A 1032 141.53 -34.83 -40.45
CA LYS A 1032 140.62 -35.44 -41.41
C LYS A 1032 140.85 -34.86 -42.80
N ARG A 1033 141.29 -33.60 -42.88
CA ARG A 1033 141.65 -33.02 -44.18
C ARG A 1033 142.90 -33.69 -44.74
N SER A 1034 143.88 -34.00 -43.89
CA SER A 1034 145.05 -34.72 -44.37
C SER A 1034 144.69 -36.10 -44.90
N ASN A 1035 143.84 -36.83 -44.16
CA ASN A 1035 143.40 -38.14 -44.64
C ASN A 1035 142.60 -38.01 -45.93
N ARG A 1036 141.75 -37.00 -46.03
CA ARG A 1036 140.99 -36.76 -47.24
C ARG A 1036 141.91 -36.45 -48.41
N ASP A 1037 142.98 -35.68 -48.17
CA ASP A 1037 143.95 -35.42 -49.22
C ASP A 1037 144.64 -36.70 -49.67
N SER A 1038 144.98 -37.57 -48.72
CA SER A 1038 145.60 -38.85 -49.09
C SER A 1038 144.66 -39.68 -49.97
N LEU A 1039 143.39 -39.79 -49.58
CA LEU A 1039 142.43 -40.54 -50.38
C LEU A 1039 142.19 -39.87 -51.73
N CYS A 1040 142.20 -38.54 -51.75
CA CYS A 1040 142.02 -37.82 -53.00
C CYS A 1040 143.20 -38.03 -53.93
N GLN A 1041 144.41 -38.14 -53.39
CA GLN A 1041 145.56 -38.47 -54.22
C GLN A 1041 145.48 -39.88 -54.75
N ALA A 1042 144.95 -40.82 -53.94
CA ALA A 1042 144.72 -42.16 -54.43
C ALA A 1042 143.74 -42.17 -55.60
N VAL A 1043 142.65 -41.41 -55.45
CA VAL A 1043 141.65 -41.34 -56.53
C VAL A 1043 142.24 -40.63 -57.75
N ARG A 1044 143.07 -39.61 -57.51
CA ARG A 1044 143.78 -38.93 -58.58
C ARG A 1044 144.65 -39.90 -59.37
N THR A 1045 145.37 -40.78 -58.66
CA THR A 1045 146.16 -41.81 -59.32
C THR A 1045 145.26 -42.79 -60.08
N LEU A 1046 144.08 -43.07 -59.53
CA LEU A 1046 143.14 -43.95 -60.24
C LEU A 1046 142.71 -43.37 -61.57
N LEU A 1047 142.37 -42.08 -61.60
CA LEU A 1047 142.08 -41.43 -62.89
C LEU A 1047 143.32 -41.37 -63.78
N GLY A 1048 144.49 -41.16 -63.19
CA GLY A 1048 145.71 -41.18 -63.98
C GLY A 1048 145.94 -42.53 -64.64
N TYR A 1049 145.46 -43.60 -64.00
CA TYR A 1049 145.46 -44.91 -64.63
C TYR A 1049 144.48 -44.97 -65.80
N GLY A 1050 143.59 -43.99 -65.89
CA GLY A 1050 142.59 -43.97 -66.94
C GLY A 1050 141.30 -44.69 -66.62
N TYR A 1051 141.20 -45.32 -65.45
CA TYR A 1051 140.00 -46.03 -65.08
C TYR A 1051 138.85 -45.07 -64.81
N ASN A 1052 137.62 -45.54 -65.00
CA ASN A 1052 136.45 -44.72 -64.74
C ASN A 1052 135.89 -45.01 -63.36
N ILE A 1053 135.77 -43.97 -62.54
CA ILE A 1053 135.25 -44.06 -61.19
C ILE A 1053 134.01 -43.18 -61.10
N GLU A 1054 132.90 -43.75 -60.65
CA GLU A 1054 131.63 -43.04 -60.58
C GLU A 1054 131.15 -42.99 -59.13
N PRO A 1055 130.68 -41.85 -58.66
CA PRO A 1055 130.28 -41.73 -57.25
C PRO A 1055 128.93 -42.34 -56.99
N PRO A 1056 128.79 -43.15 -55.94
CA PRO A 1056 127.48 -43.75 -55.66
C PRO A 1056 126.48 -42.70 -55.19
N ASP A 1057 125.21 -42.98 -55.46
CA ASP A 1057 124.15 -42.08 -55.05
C ASP A 1057 124.09 -41.97 -53.53
N GLN A 1058 123.97 -40.74 -53.03
CA GLN A 1058 123.89 -40.52 -51.59
C GLN A 1058 122.53 -40.93 -51.06
N GLU A 1059 122.52 -41.47 -49.84
CA GLU A 1059 121.30 -41.88 -49.17
C GLU A 1059 121.12 -41.07 -47.89
N PRO A 1060 120.00 -40.36 -47.73
CA PRO A 1060 119.83 -39.52 -46.54
C PRO A 1060 119.73 -40.34 -45.27
N SER A 1061 120.21 -39.78 -44.16
CA SER A 1061 120.14 -40.40 -42.86
C SER A 1061 120.05 -39.31 -41.79
N GLN A 1062 119.43 -39.67 -40.67
CA GLN A 1062 119.27 -38.76 -39.54
C GLN A 1062 119.77 -39.44 -38.28
N VAL A 1063 120.61 -38.72 -37.53
CA VAL A 1063 121.22 -39.31 -36.33
C VAL A 1063 120.18 -39.52 -35.24
N GLU A 1064 119.29 -38.55 -35.04
CA GLU A 1064 118.27 -38.60 -33.99
C GLU A 1064 118.91 -38.78 -32.62
N ASN A 1065 120.05 -38.12 -32.41
CA ASN A 1065 120.72 -38.19 -31.11
C ASN A 1065 119.85 -37.61 -30.01
N GLN A 1066 119.21 -36.48 -30.28
CA GLN A 1066 118.25 -35.92 -29.34
C GLN A 1066 116.93 -36.68 -29.42
N SER A 1067 116.35 -36.96 -28.26
CA SER A 1067 115.09 -37.71 -28.22
C SER A 1067 113.96 -36.88 -28.84
N ARG A 1068 113.01 -37.59 -29.46
CA ARG A 1068 112.00 -36.92 -30.27
C ARG A 1068 111.16 -35.95 -29.43
N TRP A 1069 110.91 -36.28 -28.17
CA TRP A 1069 110.11 -35.40 -27.32
C TRP A 1069 110.88 -34.15 -26.92
N ASP A 1070 112.16 -34.30 -26.62
CA ASP A 1070 113.00 -33.16 -26.28
C ASP A 1070 113.75 -32.59 -27.49
N ARG A 1071 113.22 -32.77 -28.69
CA ARG A 1071 113.77 -32.07 -29.85
C ARG A 1071 113.61 -30.56 -29.71
N VAL A 1072 112.44 -30.12 -29.26
CA VAL A 1072 112.05 -28.71 -29.30
C VAL A 1072 111.65 -28.28 -27.89
N ARG A 1073 112.20 -27.16 -27.44
CA ARG A 1073 111.82 -26.54 -26.17
C ARG A 1073 110.97 -25.31 -26.46
N ILE A 1074 109.79 -25.27 -25.85
CA ILE A 1074 108.82 -24.22 -26.10
C ILE A 1074 108.76 -23.30 -24.89
N PHE A 1075 108.95 -22.01 -25.13
CA PHE A 1075 108.85 -20.98 -24.10
C PHE A 1075 107.65 -20.10 -24.39
N ARG A 1076 106.83 -19.85 -23.37
CA ARG A 1076 105.65 -19.03 -23.51
C ARG A 1076 105.43 -18.23 -22.25
N ALA A 1077 104.67 -17.14 -22.37
CA ALA A 1077 104.34 -16.32 -21.22
C ALA A 1077 103.28 -17.00 -20.37
N GLU A 1078 103.15 -16.53 -19.13
CA GLU A 1078 102.17 -17.08 -18.21
C GLU A 1078 100.75 -16.80 -18.72
N LYS A 1079 99.83 -17.71 -18.40
CA LYS A 1079 98.46 -17.57 -18.87
C LYS A 1079 97.82 -16.29 -18.37
N SER A 1080 98.28 -15.78 -17.22
CA SER A 1080 97.69 -14.57 -16.67
C SER A 1080 97.97 -13.37 -17.56
N TYR A 1081 98.96 -13.47 -18.44
CA TYR A 1081 99.32 -12.34 -19.28
C TYR A 1081 98.58 -12.37 -20.62
N THR A 1082 97.66 -13.31 -20.81
CA THR A 1082 96.96 -13.41 -22.08
C THR A 1082 96.14 -12.16 -22.35
N VAL A 1083 96.00 -11.81 -23.62
CA VAL A 1083 95.33 -10.60 -24.05
C VAL A 1083 94.23 -10.97 -25.03
N GLN A 1084 93.07 -10.33 -24.89
CA GLN A 1084 91.94 -10.56 -25.79
C GLN A 1084 91.56 -9.31 -26.58
N SER A 1085 92.31 -8.22 -26.45
CA SER A 1085 91.97 -6.99 -27.14
C SER A 1085 93.23 -6.15 -27.32
N GLY A 1086 93.14 -5.18 -28.22
CA GLY A 1086 94.23 -4.26 -28.46
C GLY A 1086 95.24 -4.79 -29.47
N ARG A 1087 96.26 -3.96 -29.70
CA ARG A 1087 97.35 -4.29 -30.61
C ARG A 1087 98.64 -4.41 -29.81
N TRP A 1088 99.34 -5.52 -29.99
CA TRP A 1088 100.52 -5.83 -29.18
C TRP A 1088 101.70 -6.20 -30.07
N TYR A 1089 102.89 -5.88 -29.61
CA TYR A 1089 104.13 -6.04 -30.35
C TYR A 1089 105.20 -6.58 -29.42
N PHE A 1090 105.96 -7.58 -29.89
CA PHE A 1090 107.15 -8.04 -29.19
C PHE A 1090 108.15 -8.54 -30.23
N GLU A 1091 109.41 -8.60 -29.81
CA GLU A 1091 110.53 -8.84 -30.72
C GLU A 1091 111.26 -10.10 -30.31
N PHE A 1092 111.62 -10.93 -31.29
CA PHE A 1092 112.41 -12.13 -31.08
C PHE A 1092 113.63 -12.08 -31.99
N GLU A 1093 114.80 -12.28 -31.40
CA GLU A 1093 116.06 -12.18 -32.13
C GLU A 1093 116.71 -13.55 -32.21
N ALA A 1094 117.08 -13.95 -33.43
CA ALA A 1094 117.64 -15.27 -33.68
C ALA A 1094 119.17 -15.18 -33.64
N VAL A 1095 119.75 -15.62 -32.52
CA VAL A 1095 121.20 -15.64 -32.41
C VAL A 1095 121.80 -16.67 -33.37
N THR A 1096 121.12 -17.78 -33.56
CA THR A 1096 121.56 -18.85 -34.44
C THR A 1096 120.66 -18.90 -35.67
N THR A 1097 121.18 -19.51 -36.74
CA THR A 1097 120.39 -19.62 -37.98
C THR A 1097 119.50 -20.85 -37.96
N GLY A 1098 119.58 -21.66 -36.91
CA GLY A 1098 118.79 -22.87 -36.86
C GLY A 1098 117.31 -22.59 -36.79
N GLU A 1099 116.52 -23.67 -36.80
CA GLU A 1099 115.07 -23.50 -36.85
C GLU A 1099 114.51 -23.15 -35.47
N MET A 1100 113.74 -22.07 -35.43
CA MET A 1100 112.93 -21.72 -34.27
C MET A 1100 111.60 -21.17 -34.77
N ARG A 1101 110.57 -21.35 -33.96
CA ARG A 1101 109.24 -20.86 -34.27
C ARG A 1101 108.83 -19.83 -33.22
N VAL A 1102 108.47 -18.64 -33.68
CA VAL A 1102 108.04 -17.56 -32.81
C VAL A 1102 106.71 -17.02 -33.34
N GLY A 1103 105.76 -16.81 -32.43
CA GLY A 1103 104.45 -16.35 -32.83
C GLY A 1103 103.52 -16.25 -31.65
N TRP A 1104 102.23 -16.18 -31.96
CA TRP A 1104 101.22 -16.04 -30.92
C TRP A 1104 100.46 -17.35 -30.77
N ALA A 1105 100.23 -17.75 -29.52
CA ALA A 1105 99.64 -19.04 -29.23
C ALA A 1105 98.58 -18.91 -28.16
N ARG A 1106 97.64 -19.85 -28.16
CA ARG A 1106 96.59 -19.88 -27.14
C ARG A 1106 97.12 -20.52 -25.86
N PRO A 1107 96.52 -20.19 -24.72
CA PRO A 1107 97.04 -20.73 -23.45
C PRO A 1107 96.98 -22.25 -23.36
N GLU A 1108 95.98 -22.88 -23.96
CA GLU A 1108 95.78 -24.31 -23.76
C GLU A 1108 96.67 -25.16 -24.66
N LEU A 1109 97.66 -24.56 -25.31
CA LEU A 1109 98.53 -25.35 -26.18
C LEU A 1109 99.30 -26.39 -25.38
N ARG A 1110 99.41 -27.58 -25.93
CA ARG A 1110 100.13 -28.65 -25.25
C ARG A 1110 101.63 -28.50 -25.51
N PRO A 1111 102.46 -28.92 -24.55
CA PRO A 1111 103.91 -28.77 -24.74
C PRO A 1111 104.51 -29.75 -25.72
N ASP A 1112 103.92 -30.94 -25.86
CA ASP A 1112 104.52 -31.96 -26.71
C ASP A 1112 104.28 -31.67 -28.19
N VAL A 1113 103.12 -31.10 -28.52
CA VAL A 1113 102.79 -30.85 -29.92
C VAL A 1113 103.70 -29.77 -30.49
N GLU A 1114 104.14 -29.97 -31.73
CA GLU A 1114 104.96 -28.98 -32.40
C GLU A 1114 104.15 -27.70 -32.63
N LEU A 1115 104.83 -26.56 -32.55
CA LEU A 1115 104.16 -25.28 -32.74
C LEU A 1115 103.65 -25.16 -34.16
N GLY A 1116 102.37 -24.78 -34.30
CA GLY A 1116 101.76 -24.59 -35.59
C GLY A 1116 101.18 -25.85 -36.22
N ALA A 1117 101.52 -27.03 -35.70
CA ALA A 1117 100.93 -28.25 -36.23
C ALA A 1117 99.46 -28.36 -35.82
N ASP A 1118 99.07 -27.65 -34.77
CA ASP A 1118 97.70 -27.60 -34.30
C ASP A 1118 97.20 -26.17 -34.36
N GLU A 1119 95.90 -26.00 -34.09
CA GLU A 1119 95.28 -24.70 -34.26
C GLU A 1119 95.60 -23.76 -33.10
N LEU A 1120 96.22 -24.29 -32.05
CA LEU A 1120 96.38 -23.50 -30.82
C LEU A 1120 97.50 -22.47 -30.94
N ALA A 1121 98.29 -22.55 -32.01
CA ALA A 1121 99.43 -21.67 -32.19
C ALA A 1121 99.46 -21.09 -33.60
N TYR A 1122 99.87 -19.84 -33.72
CA TYR A 1122 100.17 -19.20 -35.00
C TYR A 1122 101.62 -18.72 -34.95
N VAL A 1123 102.49 -19.37 -35.71
CA VAL A 1123 103.92 -19.13 -35.60
C VAL A 1123 104.53 -18.94 -36.98
N PHE A 1124 105.73 -18.38 -36.98
CA PHE A 1124 106.54 -18.21 -38.18
C PHE A 1124 107.92 -18.78 -37.91
N ASN A 1125 108.41 -19.64 -38.79
CA ASN A 1125 109.71 -20.29 -38.62
C ASN A 1125 110.64 -19.76 -39.70
N GLY A 1126 111.66 -19.02 -39.28
CA GLY A 1126 112.53 -18.35 -40.24
C GLY A 1126 113.37 -19.32 -41.06
N HIS A 1127 113.83 -20.40 -40.45
CA HIS A 1127 114.72 -21.33 -41.15
C HIS A 1127 114.04 -21.91 -42.38
N ARG A 1128 112.82 -22.43 -42.22
CA ARG A 1128 112.07 -22.93 -43.37
C ARG A 1128 111.72 -21.79 -44.32
N GLY A 1129 111.36 -20.63 -43.78
CA GLY A 1129 110.68 -19.63 -44.58
C GLY A 1129 109.20 -19.89 -44.74
N GLN A 1130 108.58 -20.52 -43.74
CA GLN A 1130 107.18 -20.86 -43.78
C GLN A 1130 106.48 -20.33 -42.54
N ARG A 1131 105.16 -20.18 -42.64
CA ARG A 1131 104.32 -19.85 -41.49
C ARG A 1131 103.45 -21.08 -41.18
N TRP A 1132 103.22 -21.33 -39.90
CA TRP A 1132 102.51 -22.52 -39.47
C TRP A 1132 101.24 -22.14 -38.72
N HIS A 1133 100.11 -22.70 -39.14
CA HIS A 1133 98.90 -22.77 -38.36
C HIS A 1133 98.08 -23.94 -38.88
N LEU A 1134 97.99 -25.01 -38.09
CA LEU A 1134 97.28 -26.22 -38.50
C LEU A 1134 97.87 -26.77 -39.79
N GLY A 1135 99.18 -26.60 -39.95
CA GLY A 1135 99.87 -27.01 -41.16
C GLY A 1135 101.05 -26.12 -41.48
N SER A 1136 101.56 -26.20 -42.70
CA SER A 1136 102.69 -25.39 -43.15
C SER A 1136 102.33 -24.72 -44.46
N GLU A 1137 102.83 -23.50 -44.65
CA GLU A 1137 102.55 -22.71 -45.84
C GLU A 1137 103.65 -21.68 -46.00
N PRO A 1138 104.36 -21.67 -47.14
CA PRO A 1138 105.54 -20.81 -47.28
C PRO A 1138 105.19 -19.33 -47.12
N PHE A 1139 106.06 -18.60 -46.43
CA PHE A 1139 105.81 -17.20 -46.14
C PHE A 1139 107.10 -16.55 -45.66
N GLY A 1140 107.42 -15.39 -46.22
CA GLY A 1140 108.58 -14.66 -45.76
C GLY A 1140 109.89 -15.19 -46.32
N ARG A 1141 110.98 -14.64 -45.79
CA ARG A 1141 112.33 -14.90 -46.24
C ARG A 1141 113.10 -15.57 -45.10
N PRO A 1142 113.97 -16.52 -45.43
CA PRO A 1142 114.79 -17.14 -44.38
C PRO A 1142 115.67 -16.12 -43.68
N TRP A 1143 115.84 -16.32 -42.38
CA TRP A 1143 116.57 -15.36 -41.56
C TRP A 1143 118.05 -15.72 -41.48
N GLN A 1144 118.84 -14.75 -41.01
CA GLN A 1144 120.27 -14.93 -40.83
C GLN A 1144 120.61 -14.68 -39.37
N SER A 1145 121.87 -14.95 -39.02
CA SER A 1145 122.32 -14.76 -37.65
C SER A 1145 122.20 -13.29 -37.26
N GLY A 1146 121.62 -13.05 -36.08
CA GLY A 1146 121.43 -11.71 -35.60
C GLY A 1146 120.16 -11.03 -36.07
N ASP A 1147 119.38 -11.68 -36.93
CA ASP A 1147 118.14 -11.08 -37.40
C ASP A 1147 117.11 -11.00 -36.27
N VAL A 1148 116.26 -9.99 -36.33
CA VAL A 1148 115.23 -9.75 -35.33
C VAL A 1148 113.87 -9.82 -36.00
N VAL A 1149 112.98 -10.63 -35.45
CA VAL A 1149 111.64 -10.81 -35.99
C VAL A 1149 110.66 -10.16 -35.04
N GLY A 1150 109.83 -9.26 -35.57
CA GLY A 1150 108.81 -8.58 -34.79
C GLY A 1150 107.45 -9.18 -35.07
N CYS A 1151 106.80 -9.64 -34.01
CA CYS A 1151 105.49 -10.26 -34.11
C CYS A 1151 104.43 -9.25 -33.67
N MET A 1152 103.39 -9.12 -34.47
CA MET A 1152 102.36 -8.11 -34.27
C MET A 1152 100.99 -8.78 -34.37
N ILE A 1153 100.10 -8.47 -33.43
CA ILE A 1153 98.73 -8.95 -33.46
C ILE A 1153 97.80 -7.80 -33.11
N ASP A 1154 96.75 -7.62 -33.89
CA ASP A 1154 95.68 -6.68 -33.57
C ASP A 1154 94.39 -7.47 -33.44
N LEU A 1155 93.98 -7.72 -32.20
CA LEU A 1155 92.79 -8.53 -31.97
C LEU A 1155 91.55 -7.85 -32.52
N THR A 1156 91.56 -6.52 -32.59
CA THR A 1156 90.45 -5.82 -33.24
C THR A 1156 90.45 -6.06 -34.74
N GLU A 1157 91.62 -5.94 -35.38
CA GLU A 1157 91.70 -6.22 -36.82
C GLU A 1157 91.67 -7.71 -37.10
N ASN A 1158 91.95 -8.52 -36.08
CA ASN A 1158 92.01 -9.98 -36.18
C ASN A 1158 93.04 -10.45 -37.20
N THR A 1159 94.22 -9.84 -37.22
CA THR A 1159 95.29 -10.21 -38.13
C THR A 1159 96.61 -10.29 -37.37
N ILE A 1160 97.53 -11.11 -37.86
CA ILE A 1160 98.87 -11.25 -37.29
C ILE A 1160 99.88 -10.85 -38.34
N ILE A 1161 100.81 -9.98 -37.98
CA ILE A 1161 101.81 -9.43 -38.89
C ILE A 1161 103.19 -9.78 -38.37
N PHE A 1162 104.04 -10.28 -39.26
CA PHE A 1162 105.43 -10.60 -38.95
C PHE A 1162 106.33 -9.71 -39.80
N THR A 1163 107.29 -9.05 -39.15
CA THR A 1163 108.27 -8.21 -39.83
C THR A 1163 109.68 -8.65 -39.44
N LEU A 1164 110.56 -8.76 -40.43
CA LEU A 1164 111.94 -9.18 -40.23
C LEU A 1164 112.87 -7.99 -40.42
N ASN A 1165 113.65 -7.67 -39.39
CA ASN A 1165 114.57 -6.53 -39.40
C ASN A 1165 113.83 -5.23 -39.74
N GLY A 1166 112.61 -5.10 -39.25
CA GLY A 1166 111.81 -3.92 -39.48
C GLY A 1166 111.07 -3.90 -40.80
N GLU A 1167 111.26 -4.89 -41.66
CA GLU A 1167 110.58 -4.97 -42.94
C GLU A 1167 109.48 -6.01 -42.86
N VAL A 1168 108.27 -5.64 -43.24
CA VAL A 1168 107.15 -6.56 -43.15
C VAL A 1168 107.37 -7.74 -44.07
N LEU A 1169 107.31 -8.94 -43.50
CA LEU A 1169 107.46 -10.14 -44.30
C LEU A 1169 106.24 -10.33 -45.19
N MET A 1170 106.50 -10.59 -46.47
CA MET A 1170 105.48 -10.63 -47.50
C MET A 1170 105.16 -12.07 -47.86
N SER A 1171 103.89 -12.43 -47.77
CA SER A 1171 103.46 -13.74 -48.24
C SER A 1171 103.46 -13.78 -49.76
N ASP A 1172 103.53 -14.99 -50.31
CA ASP A 1172 103.46 -15.20 -51.75
C ASP A 1172 101.99 -15.16 -52.19
N SER A 1173 101.36 -14.02 -51.88
CA SER A 1173 99.94 -13.81 -52.16
C SER A 1173 99.64 -12.33 -51.99
N GLY A 1174 98.35 -12.00 -52.09
CA GLY A 1174 97.95 -10.60 -51.99
C GLY A 1174 98.18 -10.00 -50.61
N SER A 1175 97.81 -10.74 -49.56
CA SER A 1175 97.79 -10.17 -48.22
C SER A 1175 99.21 -9.97 -47.70
N GLU A 1176 99.39 -8.86 -46.97
CA GLU A 1176 100.63 -8.59 -46.25
C GLU A 1176 100.61 -9.15 -44.83
N THR A 1177 99.47 -9.64 -44.36
CA THR A 1177 99.35 -10.23 -43.04
C THR A 1177 99.48 -11.74 -43.15
N ALA A 1178 100.27 -12.33 -42.25
CA ALA A 1178 100.47 -13.77 -42.29
C ALA A 1178 99.18 -14.53 -42.04
N PHE A 1179 98.38 -14.08 -41.08
CA PHE A 1179 97.13 -14.74 -40.71
C PHE A 1179 96.02 -13.71 -40.70
N ARG A 1180 94.82 -14.13 -41.08
CA ARG A 1180 93.68 -13.23 -41.25
C ARG A 1180 92.48 -13.77 -40.49
N GLU A 1181 91.57 -12.87 -40.12
CA GLU A 1181 90.26 -13.20 -39.54
C GLU A 1181 90.38 -14.18 -38.38
N ILE A 1182 91.53 -14.19 -37.71
CA ILE A 1182 91.74 -15.08 -36.58
C ILE A 1182 90.79 -14.72 -35.45
N GLU A 1183 90.04 -15.71 -34.97
CA GLU A 1183 89.07 -15.47 -33.92
C GLU A 1183 89.79 -15.16 -32.61
N ILE A 1184 89.19 -14.27 -31.81
CA ILE A 1184 89.81 -13.87 -30.55
C ILE A 1184 89.74 -15.01 -29.54
N GLY A 1185 88.54 -15.50 -29.28
CA GLY A 1185 88.38 -16.63 -28.38
C GLY A 1185 88.91 -16.35 -26.99
N ASP A 1186 89.71 -17.29 -26.49
CA ASP A 1186 90.22 -17.20 -25.12
C ASP A 1186 91.26 -16.11 -24.97
N GLY A 1187 92.13 -15.95 -25.95
CA GLY A 1187 93.19 -14.97 -25.86
C GLY A 1187 94.38 -15.41 -26.68
N PHE A 1188 95.50 -14.73 -26.44
CA PHE A 1188 96.74 -14.99 -27.17
C PHE A 1188 97.93 -14.76 -26.26
N LEU A 1189 98.98 -15.54 -26.45
CA LEU A 1189 100.18 -15.49 -25.64
C LEU A 1189 101.40 -15.56 -26.53
N PRO A 1190 102.39 -14.70 -26.32
CA PRO A 1190 103.65 -14.83 -27.07
C PRO A 1190 104.32 -16.17 -26.77
N VAL A 1191 104.87 -16.78 -27.81
CA VAL A 1191 105.45 -18.11 -27.71
C VAL A 1191 106.67 -18.20 -28.62
N CYS A 1192 107.64 -19.00 -28.21
CA CYS A 1192 108.84 -19.27 -29.01
C CYS A 1192 109.30 -20.69 -28.74
N SER A 1193 109.53 -21.45 -29.81
CA SER A 1193 110.05 -22.80 -29.72
C SER A 1193 111.45 -22.83 -30.29
N LEU A 1194 112.40 -23.38 -29.53
CA LEU A 1194 113.79 -23.41 -29.92
C LEU A 1194 114.21 -24.85 -30.20
N GLY A 1195 114.81 -25.08 -31.37
CA GLY A 1195 115.27 -26.39 -31.75
C GLY A 1195 116.56 -26.75 -31.06
N PRO A 1196 117.08 -27.94 -31.35
CA PRO A 1196 118.31 -28.39 -30.69
C PRO A 1196 119.50 -27.53 -31.10
N GLY A 1197 120.30 -27.16 -30.10
CA GLY A 1197 121.47 -26.34 -30.35
C GLY A 1197 121.16 -24.97 -30.91
N GLN A 1198 120.05 -24.37 -30.49
CA GLN A 1198 119.61 -23.08 -31.00
C GLN A 1198 119.50 -22.09 -29.85
N VAL A 1199 119.98 -20.87 -30.07
CA VAL A 1199 119.93 -19.80 -29.09
C VAL A 1199 119.12 -18.64 -29.66
N GLY A 1200 118.19 -18.13 -28.88
CA GLY A 1200 117.39 -16.99 -29.29
C GLY A 1200 117.09 -16.09 -28.12
N HIS A 1201 116.94 -14.81 -28.41
CA HIS A 1201 116.64 -13.80 -27.40
C HIS A 1201 115.25 -13.25 -27.65
N LEU A 1202 114.42 -13.26 -26.62
CA LEU A 1202 113.03 -12.85 -26.73
C LEU A 1202 112.81 -11.59 -25.90
N ASN A 1203 112.38 -10.52 -26.56
CA ASN A 1203 112.14 -9.24 -25.93
C ASN A 1203 110.65 -8.95 -25.94
N LEU A 1204 110.08 -8.69 -24.76
CA LEU A 1204 108.66 -8.43 -24.61
C LEU A 1204 108.35 -6.95 -24.48
N GLY A 1205 109.33 -6.08 -24.73
CA GLY A 1205 109.11 -4.65 -24.60
C GLY A 1205 108.93 -4.18 -23.18
N GLN A 1206 109.67 -4.76 -22.24
CA GLN A 1206 109.69 -4.22 -20.88
C GLN A 1206 110.27 -2.81 -20.88
N ASP A 1207 111.34 -2.60 -21.63
CA ASP A 1207 111.88 -1.27 -21.92
C ASP A 1207 111.60 -0.95 -23.38
N VAL A 1208 110.87 0.13 -23.61
CA VAL A 1208 110.49 0.47 -24.98
C VAL A 1208 111.72 0.81 -25.81
N SER A 1209 112.80 1.24 -25.16
CA SER A 1209 114.02 1.56 -25.88
C SER A 1209 114.78 0.30 -26.28
N SER A 1210 114.52 -0.81 -25.59
CA SER A 1210 115.26 -2.03 -25.86
C SER A 1210 114.99 -2.56 -27.26
N LEU A 1211 113.73 -2.51 -27.70
CA LEU A 1211 113.38 -3.05 -29.01
C LEU A 1211 114.06 -2.25 -30.11
N ARG A 1212 114.57 -2.97 -31.12
CA ARG A 1212 115.36 -2.32 -32.16
C ARG A 1212 114.48 -1.73 -33.26
N PHE A 1213 113.46 -2.46 -33.68
CA PHE A 1213 112.67 -2.09 -34.85
C PHE A 1213 111.26 -1.67 -34.49
N PHE A 1214 110.97 -1.40 -33.22
CA PHE A 1214 109.64 -0.97 -32.84
C PHE A 1214 109.31 0.40 -33.43
N ALA A 1215 110.28 1.30 -33.45
CA ALA A 1215 110.06 2.60 -34.09
C ALA A 1215 109.84 2.45 -35.58
N ILE A 1216 110.59 1.56 -36.22
CA ILE A 1216 110.47 1.39 -37.68
C ILE A 1216 109.11 0.82 -38.04
N CYS A 1217 108.65 -0.19 -37.30
CA CYS A 1217 107.36 -0.80 -37.54
C CYS A 1217 106.65 -1.05 -36.23
N GLY A 1218 105.39 -0.64 -36.14
CA GLY A 1218 104.58 -0.84 -34.97
C GLY A 1218 104.31 0.40 -34.15
N LEU A 1219 105.24 1.36 -34.12
CA LEU A 1219 105.02 2.57 -33.33
C LEU A 1219 103.91 3.42 -33.94
N GLN A 1220 103.97 3.64 -35.26
CA GLN A 1220 102.98 4.50 -35.90
C GLN A 1220 101.65 3.79 -36.07
N GLU A 1221 101.66 2.46 -36.13
CA GLU A 1221 100.42 1.71 -36.29
C GLU A 1221 99.65 1.65 -34.97
N GLY A 1222 100.23 2.18 -33.90
CA GLY A 1222 99.60 2.13 -32.61
C GLY A 1222 99.82 0.85 -31.84
N PHE A 1223 100.67 -0.04 -32.33
CA PHE A 1223 100.92 -1.28 -31.62
C PHE A 1223 101.70 -0.99 -30.34
N GLU A 1224 101.32 -1.68 -29.27
CA GLU A 1224 101.92 -1.46 -27.97
C GLU A 1224 102.84 -2.62 -27.64
N PRO A 1225 103.98 -2.37 -26.99
CA PRO A 1225 104.80 -3.50 -26.53
C PRO A 1225 104.02 -4.35 -25.54
N PHE A 1226 104.26 -5.66 -25.60
CA PHE A 1226 103.46 -6.58 -24.79
C PHE A 1226 103.64 -6.32 -23.31
N ALA A 1227 104.87 -6.01 -22.89
CA ALA A 1227 105.17 -5.67 -21.50
C ALA A 1227 105.52 -4.20 -21.34
N ILE A 1228 104.80 -3.30 -22.02
CA ILE A 1228 105.21 -1.91 -22.06
C ILE A 1228 105.16 -1.27 -20.68
N ASN A 1229 104.08 -1.48 -19.94
CA ASN A 1229 103.89 -0.88 -18.62
C ASN A 1229 103.69 -2.00 -17.61
N MET A 1230 104.81 -2.56 -17.14
CA MET A 1230 104.80 -3.68 -16.21
C MET A 1230 105.91 -3.47 -15.18
N GLN A 1231 105.56 -3.60 -13.91
CA GLN A 1231 106.53 -3.38 -12.85
CA GLN A 1231 106.54 -3.38 -12.86
C GLN A 1231 107.63 -4.44 -12.88
N ARG A 1232 107.27 -5.69 -13.17
CA ARG A 1232 108.21 -6.79 -13.15
C ARG A 1232 108.22 -7.50 -14.49
N PRO A 1233 109.33 -8.17 -14.83
CA PRO A 1233 109.41 -8.86 -16.11
C PRO A 1233 108.38 -9.98 -16.22
N VAL A 1234 107.98 -10.27 -17.46
CA VAL A 1234 106.96 -11.29 -17.69
C VAL A 1234 107.47 -12.65 -17.25
N THR A 1235 106.65 -13.35 -16.48
CA THR A 1235 106.95 -14.72 -16.10
C THR A 1235 106.79 -15.63 -17.31
N THR A 1236 107.81 -16.45 -17.57
CA THR A 1236 107.84 -17.33 -18.74
C THR A 1236 107.75 -18.77 -18.29
N TRP A 1237 107.00 -19.57 -19.04
CA TRP A 1237 106.86 -21.00 -18.78
C TRP A 1237 107.46 -21.76 -19.95
N PHE A 1238 108.21 -22.82 -19.65
CA PHE A 1238 108.90 -23.59 -20.68
C PHE A 1238 108.48 -25.04 -20.59
N SER A 1239 108.49 -25.72 -21.73
CA SER A 1239 108.16 -27.14 -21.75
C SER A 1239 109.33 -27.97 -21.21
N LYS A 1240 109.09 -28.63 -20.08
CA LYS A 1240 110.11 -29.42 -19.41
C LYS A 1240 110.01 -30.86 -19.88
N SER A 1241 111.10 -31.38 -20.43
CA SER A 1241 111.12 -32.72 -21.00
C SER A 1241 111.50 -33.73 -19.91
N LEU A 1242 110.75 -33.67 -18.81
CA LEU A 1242 110.87 -34.62 -17.72
C LEU A 1242 109.55 -35.38 -17.60
N PRO A 1243 109.50 -36.66 -17.96
CA PRO A 1243 108.22 -37.37 -17.93
C PRO A 1243 107.66 -37.49 -16.52
N GLN A 1244 106.43 -37.02 -16.35
CA GLN A 1244 105.74 -37.05 -15.06
C GLN A 1244 104.47 -37.84 -15.22
N PHE A 1245 104.15 -38.66 -14.22
CA PHE A 1245 102.91 -39.43 -14.26
C PHE A 1245 101.71 -38.52 -14.08
N GLU A 1246 100.75 -38.64 -14.99
CA GLU A 1246 99.57 -37.79 -14.99
C GLU A 1246 98.33 -38.65 -15.16
N PRO A 1247 97.17 -38.19 -14.69
CA PRO A 1247 95.93 -38.94 -14.89
C PRO A 1247 95.63 -39.14 -16.37
N VAL A 1248 95.06 -40.29 -16.69
CA VAL A 1248 94.65 -40.53 -18.08
C VAL A 1248 93.49 -39.62 -18.41
N PRO A 1249 93.60 -38.77 -19.43
CA PRO A 1249 92.51 -37.83 -19.74
C PRO A 1249 91.24 -38.58 -20.09
N PRO A 1250 90.09 -38.09 -19.63
CA PRO A 1250 88.83 -38.76 -19.98
C PRO A 1250 88.54 -38.77 -21.47
N GLU A 1251 88.97 -37.74 -22.18
CA GLU A 1251 88.72 -37.61 -23.60
C GLU A 1251 89.88 -38.10 -24.46
N HIS A 1252 90.90 -38.71 -23.86
CA HIS A 1252 92.06 -39.12 -24.62
C HIS A 1252 91.65 -40.17 -25.64
N PRO A 1253 91.94 -39.97 -26.93
CA PRO A 1253 91.32 -40.81 -27.96
C PRO A 1253 91.79 -42.25 -27.97
N HIS A 1254 93.09 -42.49 -27.85
CA HIS A 1254 93.61 -43.83 -28.09
C HIS A 1254 93.37 -44.75 -26.89
N TYR A 1255 93.41 -44.21 -25.67
CA TYR A 1255 93.37 -45.02 -24.46
C TYR A 1255 92.16 -44.63 -23.63
N GLU A 1256 91.48 -45.64 -23.09
CA GLU A 1256 90.31 -45.45 -22.24
C GLU A 1256 90.47 -46.30 -20.99
N VAL A 1257 90.07 -45.77 -19.84
CA VAL A 1257 90.11 -46.47 -18.57
C VAL A 1257 88.70 -46.56 -18.03
N ALA A 1258 88.24 -47.79 -17.76
CA ALA A 1258 86.90 -48.04 -17.25
C ALA A 1258 86.98 -48.64 -15.86
N ARG A 1259 86.29 -48.03 -14.91
CA ARG A 1259 86.27 -48.48 -13.53
C ARG A 1259 85.04 -49.35 -13.31
N MET A 1260 85.25 -50.63 -13.03
CA MET A 1260 84.15 -51.57 -12.81
C MET A 1260 84.13 -51.98 -11.34
N ASP A 1261 82.98 -51.78 -10.70
CA ASP A 1261 82.83 -52.14 -9.31
C ASP A 1261 82.91 -53.66 -9.13
N GLY A 1262 83.46 -54.09 -8.00
CA GLY A 1262 83.67 -55.49 -7.78
C GLY A 1262 82.37 -56.24 -7.55
N THR A 1263 82.23 -57.37 -8.24
CA THR A 1263 81.11 -58.26 -8.02
C THR A 1263 81.42 -59.24 -6.88
N VAL A 1264 80.53 -60.22 -6.70
CA VAL A 1264 80.74 -61.21 -5.65
C VAL A 1264 81.89 -62.14 -6.00
N ASP A 1265 82.13 -62.36 -7.30
CA ASP A 1265 83.17 -63.30 -7.70
C ASP A 1265 84.46 -62.57 -8.06
N THR A 1266 84.36 -61.35 -8.56
CA THR A 1266 85.51 -60.60 -9.02
C THR A 1266 85.71 -59.35 -8.16
N PRO A 1267 86.94 -59.00 -7.81
CA PRO A 1267 87.15 -57.80 -7.01
C PRO A 1267 86.96 -56.55 -7.87
N PRO A 1268 86.99 -55.37 -7.26
CA PRO A 1268 87.01 -54.14 -8.07
C PRO A 1268 88.24 -54.11 -8.96
N CYS A 1269 88.06 -53.64 -10.20
CA CYS A 1269 89.13 -53.66 -11.17
C CYS A 1269 89.17 -52.34 -11.94
N LEU A 1270 90.36 -52.00 -12.42
CA LEU A 1270 90.58 -50.88 -13.31
C LEU A 1270 91.07 -51.43 -14.66
N ARG A 1271 90.26 -51.25 -15.69
CA ARG A 1271 90.51 -51.86 -16.99
C ARG A 1271 90.88 -50.80 -18.02
N LEU A 1272 91.94 -51.08 -18.77
CA LEU A 1272 92.39 -50.20 -19.84
C LEU A 1272 92.01 -50.80 -21.18
N ALA A 1273 91.34 -50.01 -22.01
CA ALA A 1273 90.93 -50.44 -23.34
C ALA A 1273 91.42 -49.44 -24.37
N HIS A 1274 91.84 -49.96 -25.53
CA HIS A 1274 92.35 -49.15 -26.62
C HIS A 1274 91.20 -48.92 -27.60
N ARG A 1275 90.69 -47.69 -27.63
CA ARG A 1275 89.52 -47.40 -28.46
C ARG A 1275 89.83 -47.57 -29.94
N THR A 1276 90.94 -47.01 -30.40
CA THR A 1276 91.21 -46.90 -31.83
C THR A 1276 91.86 -48.16 -32.39
N TRP A 1277 92.29 -49.08 -31.53
CA TRP A 1277 92.95 -50.30 -31.99
C TRP A 1277 92.11 -51.04 -33.02
N GLY A 1278 92.80 -51.68 -33.96
CA GLY A 1278 92.13 -52.42 -35.01
C GLY A 1278 91.63 -51.56 -36.15
N SER A 1279 91.98 -50.28 -36.18
CA SER A 1279 91.54 -49.38 -37.24
C SER A 1279 92.71 -48.52 -37.69
N GLN A 1280 92.42 -47.68 -38.68
CA GLN A 1280 93.42 -46.75 -39.19
C GLN A 1280 93.67 -45.68 -38.14
N ASN A 1281 94.79 -44.96 -38.28
CA ASN A 1281 95.29 -43.91 -37.38
C ASN A 1281 95.40 -44.39 -35.95
N SER A 1282 95.46 -45.71 -35.73
CA SER A 1282 95.73 -46.22 -34.39
C SER A 1282 97.16 -45.91 -33.99
N LEU A 1283 97.35 -45.52 -32.74
CA LEU A 1283 98.66 -45.21 -32.19
C LEU A 1283 99.09 -46.36 -31.30
N VAL A 1284 100.21 -46.99 -31.65
CA VAL A 1284 100.77 -48.09 -30.87
C VAL A 1284 102.13 -47.65 -30.37
N GLU A 1285 102.32 -47.70 -29.05
CA GLU A 1285 103.57 -47.33 -28.43
C GLU A 1285 103.62 -47.96 -27.05
N MET A 1286 104.81 -47.92 -26.44
CA MET A 1286 104.92 -48.39 -25.08
C MET A 1286 104.15 -47.46 -24.15
N LEU A 1287 103.22 -48.03 -23.40
CA LEU A 1287 102.35 -47.28 -22.51
C LEU A 1287 102.75 -47.56 -21.07
N PHE A 1288 103.07 -46.50 -20.32
CA PHE A 1288 103.49 -46.63 -18.94
C PHE A 1288 102.32 -46.25 -18.05
N LEU A 1289 101.89 -47.19 -17.21
CA LEU A 1289 100.74 -47.00 -16.34
C LEU A 1289 101.18 -47.19 -14.90
N ARG A 1290 100.65 -46.36 -14.00
CA ARG A 1290 100.88 -46.52 -12.57
C ARG A 1290 99.62 -46.11 -11.82
N LEU A 1291 99.48 -46.62 -10.60
CA LEU A 1291 98.35 -46.25 -9.77
C LEU A 1291 98.64 -44.97 -9.01
N SER A 1292 97.59 -44.20 -8.72
CA SER A 1292 97.78 -42.88 -8.14
C SER A 1292 98.39 -42.95 -6.75
N LEU A 1293 97.98 -43.92 -5.94
CA LEU A 1293 98.42 -43.91 -4.56
C LEU A 1293 99.50 -44.95 -4.33
N PRO A 1294 100.49 -44.65 -3.49
CA PRO A 1294 101.56 -45.61 -3.22
C PRO A 1294 101.27 -46.43 -1.98
N VAL A 1295 102.16 -47.40 -1.74
CA VAL A 1295 102.18 -48.17 -0.50
C VAL A 1295 103.52 -47.91 0.17
N GLN A 1296 103.49 -47.52 1.44
CA GLN A 1296 104.68 -47.16 2.19
C GLN A 1296 105.09 -48.34 3.07
N PHE A 1297 106.33 -48.79 2.92
CA PHE A 1297 106.82 -49.87 3.77
C PHE A 1297 106.94 -49.39 5.21
N HIS A 1298 106.78 -50.32 6.15
CA HIS A 1298 106.84 -49.98 7.56
C HIS A 1298 108.16 -49.29 7.88
N GLN A 1299 108.16 -48.50 8.96
CA GLN A 1299 109.32 -47.68 9.26
C GLN A 1299 110.50 -48.52 9.76
N HIS A 1300 110.26 -49.40 10.72
CA HIS A 1300 111.27 -50.31 11.25
C HIS A 1300 110.93 -51.73 10.84
N PHE A 1301 111.82 -52.36 10.10
CA PHE A 1301 111.55 -53.70 9.58
C PHE A 1301 111.51 -54.70 10.73
N ARG A 1302 110.63 -55.68 10.61
CA ARG A 1302 110.53 -56.73 11.62
C ARG A 1302 111.86 -57.46 11.71
N CYS A 1303 112.32 -57.69 12.94
CA CYS A 1303 113.61 -58.32 13.16
C CYS A 1303 113.62 -59.72 12.54
N THR A 1304 114.70 -60.03 11.84
CA THR A 1304 114.88 -61.31 11.16
C THR A 1304 113.72 -61.60 10.20
N ASP A 1419 85.29 -72.74 1.20
CA ASP A 1419 86.70 -72.84 1.53
C ASP A 1419 87.43 -71.54 1.19
N ASN A 1420 88.72 -71.49 1.54
CA ASN A 1420 89.57 -70.33 1.26
C ASN A 1420 89.08 -69.07 1.97
N ARG A 1421 88.83 -69.19 3.27
CA ARG A 1421 88.49 -68.04 4.11
C ARG A 1421 89.75 -67.60 4.84
N ASP A 1422 89.88 -66.29 5.03
CA ASP A 1422 91.00 -65.76 5.80
C ASP A 1422 90.76 -65.99 7.29
N ASP A 1423 91.80 -66.43 7.99
CA ASP A 1423 91.69 -66.58 9.43
C ASP A 1423 91.54 -65.23 10.09
N PRO A 1424 90.58 -65.07 11.01
CA PRO A 1424 90.29 -63.72 11.54
C PRO A 1424 91.47 -63.06 12.23
N GLU A 1425 92.30 -63.81 12.94
CA GLU A 1425 93.41 -63.19 13.66
C GLU A 1425 94.63 -63.03 12.77
N ILE A 1426 94.85 -63.97 11.85
CA ILE A 1426 95.98 -63.86 10.93
C ILE A 1426 95.78 -62.68 9.99
N ILE A 1427 94.55 -62.51 9.47
CA ILE A 1427 94.30 -61.48 8.46
C ILE A 1427 94.55 -60.09 9.04
N LEU A 1428 94.39 -59.94 10.35
CA LEU A 1428 94.69 -58.65 10.98
C LEU A 1428 96.18 -58.56 11.33
N ASN A 1429 96.80 -59.69 11.66
CA ASN A 1429 98.22 -59.68 11.99
C ASN A 1429 99.09 -59.55 10.75
N THR A 1430 98.63 -60.09 9.61
CA THR A 1430 99.46 -60.13 8.42
C THR A 1430 99.75 -58.73 7.91
N THR A 1431 100.99 -58.54 7.45
CA THR A 1431 101.41 -57.30 6.81
C THR A 1431 101.61 -57.45 5.31
N THR A 1432 101.34 -58.63 4.76
CA THR A 1432 101.48 -58.85 3.33
C THR A 1432 100.26 -58.30 2.60
N TYR A 1433 100.50 -57.60 1.50
CA TYR A 1433 99.44 -56.98 0.72
C TYR A 1433 99.53 -57.51 -0.71
N TYR A 1434 98.36 -57.71 -1.32
CA TYR A 1434 98.27 -58.37 -2.61
C TYR A 1434 97.75 -57.41 -3.66
N TYR A 1435 98.24 -57.54 -4.88
CA TYR A 1435 97.82 -56.73 -6.02
C TYR A 1435 98.09 -57.53 -7.28
N SER A 1436 97.05 -57.71 -8.09
CA SER A 1436 97.11 -58.59 -9.25
C SER A 1436 96.74 -57.84 -10.51
N VAL A 1437 97.34 -58.22 -11.62
CA VAL A 1437 97.06 -57.63 -12.93
C VAL A 1437 96.78 -58.76 -13.91
N ARG A 1438 95.69 -58.63 -14.65
CA ARG A 1438 95.25 -59.66 -15.59
C ARG A 1438 95.52 -59.20 -17.01
N VAL A 1439 96.23 -60.01 -17.77
CA VAL A 1439 96.50 -59.74 -19.17
C VAL A 1439 95.45 -60.49 -19.99
N PHE A 1440 94.63 -59.75 -20.72
CA PHE A 1440 93.53 -60.36 -21.45
C PHE A 1440 94.05 -61.21 -22.61
N ALA A 1441 93.21 -62.13 -23.06
CA ALA A 1441 93.56 -62.95 -24.21
C ALA A 1441 93.70 -62.08 -25.45
N GLY A 1442 94.68 -62.41 -26.29
CA GLY A 1442 94.98 -61.61 -27.46
C GLY A 1442 95.98 -60.51 -27.23
N GLN A 1443 96.38 -60.26 -25.99
CA GLN A 1443 97.42 -59.31 -25.67
C GLN A 1443 98.70 -60.07 -25.36
N GLU A 1444 99.75 -59.78 -26.10
CA GLU A 1444 100.99 -60.54 -25.96
C GLU A 1444 101.56 -60.37 -24.56
N PRO A 1445 101.77 -61.46 -23.81
CA PRO A 1445 102.39 -61.33 -22.49
C PRO A 1445 103.80 -60.78 -22.55
N SER A 1446 104.48 -60.95 -23.69
CA SER A 1446 105.85 -60.44 -23.81
C SER A 1446 105.86 -58.91 -23.76
N CYS A 1447 104.78 -58.27 -24.20
CA CYS A 1447 104.74 -56.82 -24.23
C CYS A 1447 104.32 -56.24 -22.88
N VAL A 1448 103.85 -57.08 -21.98
CA VAL A 1448 103.35 -56.59 -20.70
C VAL A 1448 104.45 -56.68 -19.64
N TRP A 1449 104.49 -55.68 -18.77
CA TRP A 1449 105.42 -55.64 -17.65
C TRP A 1449 104.63 -55.26 -16.41
N VAL A 1450 104.72 -56.08 -15.35
CA VAL A 1450 103.95 -55.87 -14.13
C VAL A 1450 104.92 -55.77 -12.96
N GLY A 1451 104.68 -54.79 -12.09
CA GLY A 1451 105.53 -54.61 -10.93
C GLY A 1451 105.18 -53.34 -10.19
N TRP A 1452 106.21 -52.75 -9.57
CA TRP A 1452 106.09 -51.53 -8.80
C TRP A 1452 107.14 -50.53 -9.28
N VAL A 1453 106.86 -49.24 -9.08
CA VAL A 1453 107.80 -48.17 -9.38
C VAL A 1453 107.87 -47.22 -8.18
N THR A 1454 109.08 -46.79 -7.87
CA THR A 1454 109.26 -45.74 -6.88
C THR A 1454 108.88 -44.39 -7.49
N PRO A 1455 108.57 -43.39 -6.65
CA PRO A 1455 108.18 -42.09 -7.20
C PRO A 1455 109.26 -41.42 -8.02
N ASP A 1456 110.51 -41.86 -7.88
CA ASP A 1456 111.60 -41.23 -8.62
C ASP A 1456 111.63 -41.67 -10.08
N TYR A 1457 110.77 -42.62 -10.45
CA TYR A 1457 110.83 -43.18 -11.79
C TYR A 1457 110.31 -42.18 -12.81
N HIS A 1458 111.17 -41.79 -13.74
CA HIS A 1458 110.82 -40.82 -14.76
C HIS A 1458 111.18 -41.28 -16.17
N GLN A 1459 112.02 -42.28 -16.32
CA GLN A 1459 112.43 -42.72 -17.65
C GLN A 1459 111.25 -43.39 -18.37
N HIS A 1460 111.04 -43.00 -19.62
CA HIS A 1460 110.13 -43.71 -20.50
C HIS A 1460 110.83 -43.95 -21.83
N ASP A 1461 110.75 -45.18 -22.32
CA ASP A 1461 111.48 -45.61 -23.49
C ASP A 1461 110.57 -46.43 -24.39
N MET A 1462 110.62 -46.16 -25.69
CA MET A 1462 109.77 -46.88 -26.62
C MET A 1462 110.28 -48.30 -26.82
N ASN A 1463 111.55 -48.55 -26.50
CA ASN A 1463 112.15 -49.87 -26.51
C ASN A 1463 112.50 -50.36 -25.12
N PHE A 1464 111.63 -50.10 -24.13
CA PHE A 1464 111.96 -50.36 -22.75
C PHE A 1464 112.08 -51.85 -22.48
N ASP A 1465 112.94 -52.20 -21.52
CA ASP A 1465 113.04 -53.57 -21.04
C ASP A 1465 113.68 -53.61 -19.66
N LEU A 1466 113.65 -54.80 -19.07
CA LEU A 1466 114.17 -54.97 -17.71
C LEU A 1466 115.66 -54.65 -17.64
N SER A 1467 116.37 -54.84 -18.76
CA SER A 1467 117.75 -54.40 -18.83
C SER A 1467 117.85 -52.89 -18.87
N LYS A 1468 116.86 -52.24 -19.48
CA LYS A 1468 116.87 -50.78 -19.57
C LYS A 1468 116.55 -50.16 -18.21
N VAL A 1469 115.90 -50.92 -17.32
CA VAL A 1469 115.63 -50.42 -15.98
C VAL A 1469 116.92 -50.03 -15.27
N ARG A 1470 116.90 -48.88 -14.59
CA ARG A 1470 118.05 -48.41 -13.85
C ARG A 1470 118.27 -49.24 -12.60
N ALA A 1471 119.54 -49.45 -12.25
CA ALA A 1471 119.92 -50.17 -11.04
C ALA A 1471 121.33 -49.77 -10.64
N VAL A 1472 121.57 -49.72 -9.33
CA VAL A 1472 122.88 -49.36 -8.79
C VAL A 1472 123.04 -50.07 -7.46
N THR A 1473 124.24 -50.58 -7.19
CA THR A 1473 124.56 -51.27 -5.95
C THR A 1473 125.55 -50.45 -5.14
N VAL A 1474 125.25 -50.24 -3.87
CA VAL A 1474 126.10 -49.50 -2.95
C VAL A 1474 126.64 -50.47 -1.91
N THR A 1475 127.95 -50.50 -1.75
CA THR A 1475 128.61 -51.42 -0.84
C THR A 1475 129.36 -50.64 0.22
N MET A 1476 129.09 -50.93 1.48
CA MET A 1476 129.79 -50.36 2.62
C MET A 1476 130.65 -51.43 3.26
N GLY A 1477 131.93 -51.13 3.47
CA GLY A 1477 132.87 -52.13 3.91
C GLY A 1477 133.80 -51.62 4.98
N ASP A 1478 134.44 -52.57 5.66
CA ASP A 1478 135.53 -52.27 6.57
C ASP A 1478 136.79 -51.93 5.77
N GLU A 1479 137.73 -51.25 6.41
CA GLU A 1479 138.91 -50.78 5.71
C GLU A 1479 139.69 -51.92 5.06
N GLN A 1480 139.68 -53.09 5.68
CA GLN A 1480 140.30 -54.29 5.09
C GLN A 1480 139.20 -55.32 4.83
N GLY A 1481 138.60 -55.25 3.64
CA GLY A 1481 137.54 -56.17 3.30
C GLY A 1481 136.38 -56.05 4.26
N ASN A 1482 135.74 -57.20 4.55
CA ASN A 1482 134.67 -57.28 5.55
C ASN A 1482 133.57 -56.25 5.26
N VAL A 1483 132.89 -56.43 4.13
CA VAL A 1483 131.84 -55.49 3.74
C VAL A 1483 130.70 -55.56 4.75
N HIS A 1484 130.26 -54.40 5.22
CA HIS A 1484 129.16 -54.37 6.19
C HIS A 1484 127.84 -54.76 5.54
N SER A 1485 127.53 -54.17 4.39
CA SER A 1485 126.27 -54.43 3.73
C SER A 1485 126.38 -54.00 2.27
N SER A 1486 125.63 -54.69 1.42
CA SER A 1486 125.51 -54.35 0.01
C SER A 1486 124.04 -54.13 -0.31
N LEU A 1487 123.71 -52.94 -0.79
CA LEU A 1487 122.34 -52.53 -1.04
C LEU A 1487 122.16 -52.23 -2.51
N LYS A 1488 121.07 -52.72 -3.09
CA LYS A 1488 120.73 -52.46 -4.48
C LYS A 1488 119.51 -51.57 -4.56
N CYS A 1489 119.64 -50.47 -5.30
CA CYS A 1489 118.56 -49.49 -5.44
C CYS A 1489 118.16 -49.39 -6.90
N SER A 1490 116.86 -49.51 -7.16
CA SER A 1490 116.32 -49.40 -8.50
C SER A 1490 115.05 -48.55 -8.46
N ASN A 1491 114.80 -47.80 -9.53
CA ASN A 1491 113.61 -46.95 -9.57
C ASN A 1491 112.36 -47.76 -9.90
N CYS A 1492 112.54 -48.95 -10.48
CA CYS A 1492 111.43 -49.74 -10.98
C CYS A 1492 111.69 -51.22 -10.70
N TYR A 1493 110.76 -51.86 -10.01
CA TYR A 1493 110.81 -53.29 -9.72
C TYR A 1493 109.66 -53.97 -10.46
N MET A 1494 109.99 -54.72 -11.51
CA MET A 1494 108.98 -55.39 -12.30
C MET A 1494 109.45 -56.79 -12.65
N VAL A 1495 108.52 -57.59 -13.15
CA VAL A 1495 108.79 -58.91 -13.71
C VAL A 1495 108.20 -58.94 -15.12
N TRP A 1496 108.97 -59.46 -16.07
CA TRP A 1496 108.52 -59.52 -17.44
C TRP A 1496 107.39 -60.52 -17.59
N GLY A 1497 106.38 -60.17 -18.38
CA GLY A 1497 105.30 -61.09 -18.63
C GLY A 1497 105.68 -62.20 -19.59
N GLY A 1498 106.80 -62.01 -20.30
CA GLY A 1498 107.22 -63.01 -21.27
C GLY A 1498 107.67 -64.31 -20.64
N ASP A 1499 108.37 -64.22 -19.51
CA ASP A 1499 108.95 -65.42 -18.92
C ASP A 1499 107.88 -66.34 -18.34
N PHE A 1500 106.72 -65.79 -17.97
CA PHE A 1500 105.64 -66.62 -17.46
C PHE A 1500 105.10 -67.56 -18.54
N VAL A 1501 104.90 -67.05 -19.75
CA VAL A 1501 104.31 -67.86 -20.80
C VAL A 1501 105.32 -68.92 -21.24
N SER A 1502 104.80 -70.12 -21.53
CA SER A 1502 105.66 -71.19 -21.99
C SER A 1502 106.20 -70.86 -23.37
N PRO A 1503 107.46 -71.20 -23.66
CA PRO A 1503 108.04 -70.88 -24.98
C PRO A 1503 107.52 -71.83 -26.06
N GLY A 1504 106.21 -71.74 -26.33
CA GLY A 1504 105.62 -72.57 -27.34
C GLY A 1504 105.95 -72.08 -28.74
N GLN A 1505 106.26 -73.02 -29.63
CA GLN A 1505 106.58 -72.66 -31.00
C GLN A 1505 105.37 -72.08 -31.72
N GLN A 1506 104.19 -72.64 -31.47
CA GLN A 1506 102.95 -72.15 -32.05
C GLN A 1506 101.91 -71.99 -30.96
N GLY A 1507 100.98 -71.07 -31.19
CA GLY A 1507 99.97 -70.77 -30.18
C GLY A 1507 100.55 -70.17 -28.92
N ARG A 1508 101.53 -69.28 -29.06
CA ARG A 1508 102.09 -68.61 -27.89
C ARG A 1508 101.03 -67.77 -27.18
N ILE A 1509 100.18 -67.10 -27.95
CA ILE A 1509 99.02 -66.44 -27.36
C ILE A 1509 98.12 -67.49 -26.72
N SER A 1510 97.57 -67.16 -25.56
CA SER A 1510 96.74 -68.09 -24.81
C SER A 1510 95.32 -67.57 -24.78
N HIS A 1511 94.36 -68.43 -25.14
CA HIS A 1511 92.95 -68.09 -24.97
C HIS A 1511 92.64 -67.83 -23.51
N THR A 1512 93.33 -68.51 -22.60
CA THR A 1512 93.21 -68.21 -21.19
C THR A 1512 93.98 -66.94 -20.85
N ASP A 1513 93.36 -66.08 -20.06
CA ASP A 1513 94.01 -64.87 -19.61
C ASP A 1513 95.16 -65.20 -18.66
N LEU A 1514 96.20 -64.39 -18.71
CA LEU A 1514 97.35 -64.53 -17.82
C LEU A 1514 97.23 -63.50 -16.71
N VAL A 1515 97.20 -63.97 -15.46
CA VAL A 1515 97.00 -63.12 -14.29
C VAL A 1515 98.25 -63.17 -13.43
N ILE A 1516 98.96 -62.04 -13.35
CA ILE A 1516 100.17 -61.92 -12.56
C ILE A 1516 99.81 -61.20 -11.27
N GLY A 1517 100.20 -61.79 -10.14
CA GLY A 1517 99.94 -61.22 -8.83
C GLY A 1517 101.23 -60.81 -8.16
N CYS A 1518 101.17 -59.67 -7.47
CA CYS A 1518 102.33 -59.11 -6.77
C CYS A 1518 102.01 -59.01 -5.28
N LEU A 1519 102.90 -59.56 -4.46
CA LEU A 1519 102.76 -59.53 -3.00
C LEU A 1519 103.91 -58.74 -2.41
N VAL A 1520 103.60 -57.82 -1.51
CA VAL A 1520 104.60 -57.02 -0.81
C VAL A 1520 104.31 -57.09 0.68
N ASP A 1521 105.34 -57.36 1.47
CA ASP A 1521 105.24 -57.37 2.92
C ASP A 1521 105.97 -56.14 3.44
N LEU A 1522 105.21 -55.21 4.03
CA LEU A 1522 105.80 -53.96 4.48
C LEU A 1522 106.80 -54.18 5.62
N ALA A 1523 106.50 -55.11 6.52
CA ALA A 1523 107.37 -55.35 7.66
C ALA A 1523 108.68 -55.97 7.24
N THR A 1524 108.64 -57.02 6.41
CA THR A 1524 109.88 -57.66 5.98
C THR A 1524 110.58 -56.86 4.90
N GLY A 1525 109.81 -56.19 4.04
CA GLY A 1525 110.39 -55.50 2.90
C GLY A 1525 110.73 -56.40 1.74
N LEU A 1526 110.07 -57.54 1.61
CA LEU A 1526 110.36 -58.50 0.56
C LEU A 1526 109.21 -58.51 -0.44
N MET A 1527 109.55 -58.62 -1.73
CA MET A 1527 108.59 -58.59 -2.81
C MET A 1527 108.62 -59.91 -3.56
N THR A 1528 107.45 -60.50 -3.79
CA THR A 1528 107.32 -61.76 -4.50
C THR A 1528 106.21 -61.64 -5.53
N PHE A 1529 106.32 -62.42 -6.60
CA PHE A 1529 105.36 -62.39 -7.71
C PHE A 1529 104.90 -63.81 -8.02
N THR A 1530 103.62 -63.95 -8.33
CA THR A 1530 103.04 -65.24 -8.70
C THR A 1530 102.70 -65.21 -10.19
N ALA A 1531 103.18 -66.21 -10.93
CA ALA A 1531 102.95 -66.23 -12.37
C ALA A 1531 101.48 -66.46 -12.69
N ASN A 1532 100.95 -67.62 -12.35
CA ASN A 1532 99.55 -67.97 -12.53
C ASN A 1532 99.00 -68.67 -11.30
N GLY A 1533 99.33 -68.13 -10.12
CA GLY A 1533 99.12 -68.84 -8.88
C GLY A 1533 100.32 -69.62 -8.41
N LYS A 1534 101.42 -69.60 -9.14
CA LYS A 1534 102.65 -70.29 -8.77
C LYS A 1534 103.75 -69.25 -8.58
N GLU A 1535 104.45 -69.33 -7.46
CA GLU A 1535 105.44 -68.31 -7.12
C GLU A 1535 106.59 -68.32 -8.11
N SER A 1536 106.89 -67.14 -8.64
CA SER A 1536 108.04 -66.99 -9.54
C SER A 1536 109.33 -66.95 -8.75
N ASN A 1537 110.43 -67.29 -9.42
CA ASN A 1537 111.73 -67.30 -8.76
C ASN A 1537 112.20 -65.89 -8.42
N THR A 1538 111.81 -64.91 -9.23
CA THR A 1538 112.27 -63.54 -9.03
C THR A 1538 111.70 -62.94 -7.75
N PHE A 1539 112.53 -62.20 -7.04
CA PHE A 1539 112.11 -61.49 -5.83
C PHE A 1539 112.98 -60.26 -5.64
N PHE A 1540 112.50 -59.33 -4.84
CA PHE A 1540 113.18 -58.06 -4.61
C PHE A 1540 113.17 -57.74 -3.12
N GLN A 1541 114.18 -57.01 -2.67
CA GLN A 1541 114.29 -56.56 -1.29
C GLN A 1541 114.53 -55.06 -1.28
N VAL A 1542 113.75 -54.33 -0.47
CA VAL A 1542 113.81 -52.88 -0.44
C VAL A 1542 114.05 -52.42 1.00
N GLU A 1543 114.64 -51.23 1.11
CA GLU A 1543 114.93 -50.65 2.41
C GLU A 1543 113.65 -50.12 3.06
N PRO A 1544 113.65 -49.92 4.38
CA PRO A 1544 112.47 -49.38 5.05
C PRO A 1544 112.17 -47.96 4.59
N ASN A 1545 110.91 -47.58 4.71
CA ASN A 1545 110.33 -46.31 4.28
C ASN A 1545 110.28 -46.19 2.77
N THR A 1546 110.59 -47.25 2.03
CA THR A 1546 110.48 -47.21 0.58
C THR A 1546 109.03 -47.05 0.17
N LYS A 1547 108.78 -46.19 -0.81
CA LYS A 1547 107.45 -45.87 -1.29
C LYS A 1547 107.29 -46.40 -2.70
N LEU A 1548 106.26 -47.21 -2.92
CA LEU A 1548 106.10 -47.94 -4.16
C LEU A 1548 104.70 -47.76 -4.71
N PHE A 1549 104.61 -47.57 -6.03
CA PHE A 1549 103.34 -47.45 -6.74
C PHE A 1549 103.09 -48.68 -7.57
N PRO A 1550 101.90 -49.26 -7.54
CA PRO A 1550 101.57 -50.31 -8.51
C PRO A 1550 101.63 -49.75 -9.92
N ALA A 1551 102.27 -50.50 -10.81
CA ALA A 1551 102.52 -50.01 -12.16
C ALA A 1551 102.55 -51.16 -13.15
N VAL A 1552 102.13 -50.86 -14.39
CA VAL A 1552 102.14 -51.80 -15.48
C VAL A 1552 102.65 -51.10 -16.72
N PHE A 1553 103.64 -51.71 -17.38
CA PHE A 1553 104.19 -51.21 -18.64
C PHE A 1553 103.78 -52.18 -19.74
N VAL A 1554 103.11 -51.67 -20.77
CA VAL A 1554 102.55 -52.56 -21.79
C VAL A 1554 102.58 -51.88 -23.15
N LEU A 1555 102.82 -52.68 -24.18
CA LEU A 1555 102.67 -52.29 -25.57
C LEU A 1555 101.39 -52.93 -26.11
N PRO A 1556 100.34 -52.17 -26.36
CA PRO A 1556 99.04 -52.78 -26.65
C PRO A 1556 98.97 -53.47 -27.99
N THR A 1557 98.55 -54.73 -27.99
CA THR A 1557 98.31 -55.49 -29.20
C THR A 1557 96.88 -56.01 -29.30
N HIS A 1558 95.95 -55.41 -28.58
CA HIS A 1558 94.57 -55.87 -28.54
C HIS A 1558 93.67 -54.71 -28.11
N GLN A 1559 92.37 -54.85 -28.36
CA GLN A 1559 91.44 -53.77 -28.01
C GLN A 1559 91.42 -53.51 -26.51
N ASN A 1560 91.38 -54.57 -25.71
CA ASN A 1560 91.47 -54.47 -24.26
C ASN A 1560 92.83 -55.02 -23.84
N VAL A 1561 93.63 -54.18 -23.18
CA VAL A 1561 95.04 -54.51 -23.00
C VAL A 1561 95.27 -55.23 -21.68
N ILE A 1562 95.02 -54.56 -20.56
CA ILE A 1562 95.32 -55.11 -19.24
C ILE A 1562 94.20 -54.74 -18.29
N GLN A 1563 94.30 -55.19 -17.05
CA GLN A 1563 93.31 -54.94 -16.01
C GLN A 1563 93.98 -54.94 -14.65
N PHE A 1564 93.70 -53.91 -13.85
CA PHE A 1564 94.21 -53.78 -12.50
C PHE A 1564 93.19 -54.35 -11.53
N GLU A 1565 93.48 -55.50 -10.94
CA GLU A 1565 92.59 -56.12 -9.96
C GLU A 1565 93.11 -55.86 -8.56
N LEU A 1566 92.33 -55.16 -7.75
CA LEU A 1566 92.68 -54.88 -6.37
C LEU A 1566 92.03 -55.94 -5.46
N GLY A 1567 92.29 -57.19 -5.80
CA GLY A 1567 91.76 -58.28 -5.02
C GLY A 1567 92.66 -58.62 -3.84
N LYS A 1568 92.24 -59.62 -3.07
CA LYS A 1568 92.98 -60.11 -1.92
C LYS A 1568 93.12 -61.62 -2.01
N GLN A 1569 94.33 -62.11 -1.77
CA GLN A 1569 94.54 -63.55 -1.66
C GLN A 1569 94.08 -64.03 -0.29
N LYS A 1570 93.93 -65.34 -0.16
CA LYS A 1570 93.54 -65.90 1.12
C LYS A 1570 94.61 -65.62 2.17
N ASN A 1571 94.20 -65.08 3.31
CA ASN A 1571 95.06 -64.67 4.41
C ASN A 1571 95.98 -63.52 4.04
N ILE A 1572 95.69 -62.81 2.95
CA ILE A 1572 96.51 -61.69 2.50
C ILE A 1572 95.63 -60.45 2.41
N MET A 1573 96.11 -59.35 3.00
CA MET A 1573 95.34 -58.12 3.08
C MET A 1573 95.21 -57.52 1.67
N PRO A 1574 94.11 -56.83 1.39
CA PRO A 1574 93.99 -56.15 0.09
C PRO A 1574 94.82 -54.88 0.05
N LEU A 1575 95.02 -54.39 -1.18
CA LEU A 1575 95.97 -53.31 -1.39
C LEU A 1575 95.42 -51.97 -0.92
N SER A 1576 94.10 -51.79 -1.00
CA SER A 1576 93.48 -50.57 -0.51
C SER A 1576 93.73 -50.40 0.99
N ALA A 1577 93.78 -51.52 1.71
CA ALA A 1577 94.12 -51.46 3.13
C ALA A 1577 95.51 -50.88 3.33
N ALA A 1578 96.46 -51.26 2.49
CA ALA A 1578 97.80 -50.70 2.57
C ALA A 1578 97.80 -49.21 2.25
N MET A 1579 97.06 -48.80 1.21
CA MET A 1579 97.06 -47.39 0.85
C MET A 1579 96.43 -46.51 1.93
N PHE A 1580 95.26 -46.90 2.43
CA PHE A 1580 94.44 -46.00 3.24
C PHE A 1580 94.51 -46.39 4.71
N LEU A 1581 94.65 -45.37 5.56
CA LEU A 1581 94.81 -45.59 6.99
C LEU A 1581 93.58 -46.24 7.61
N SER A 1582 92.39 -45.81 7.19
CA SER A 1582 91.17 -46.33 7.81
C SER A 1582 90.87 -47.75 7.36
N GLU A 1583 91.42 -48.16 6.22
CA GLU A 1583 91.03 -49.44 5.63
C GLU A 1583 91.98 -50.56 6.02
N ARG A 1584 93.06 -50.26 6.73
CA ARG A 1584 94.04 -51.29 7.02
C ARG A 1584 93.51 -52.31 8.03
N LYS A 1585 92.37 -52.02 8.63
CA LYS A 1585 91.71 -53.03 9.46
C LYS A 1585 90.63 -53.76 8.68
N ASN A 1586 90.18 -53.19 7.57
CA ASN A 1586 89.09 -53.76 6.82
C ASN A 1586 89.60 -54.70 5.73
N PRO A 1587 89.27 -55.99 5.77
CA PRO A 1587 89.78 -56.90 4.73
C PRO A 1587 89.03 -56.81 3.43
N ALA A 1588 87.96 -56.04 3.36
CA ALA A 1588 87.18 -55.96 2.14
C ALA A 1588 87.93 -55.13 1.09
N PRO A 1589 88.15 -55.66 -0.11
CA PRO A 1589 88.80 -54.87 -1.15
C PRO A 1589 87.96 -53.67 -1.55
N GLN A 1590 88.64 -52.57 -1.86
CA GLN A 1590 87.98 -51.31 -2.17
C GLN A 1590 88.78 -50.54 -3.22
N CYS A 1591 88.08 -49.68 -3.94
CA CYS A 1591 88.69 -48.81 -4.94
C CYS A 1591 88.12 -47.40 -4.77
N PRO A 1592 88.66 -46.62 -3.82
CA PRO A 1592 88.15 -45.28 -3.62
C PRO A 1592 88.46 -44.39 -4.81
N PRO A 1593 87.74 -43.28 -4.96
CA PRO A 1593 87.90 -42.46 -6.18
C PRO A 1593 89.30 -41.91 -6.38
N ARG A 1594 90.03 -41.61 -5.30
CA ARG A 1594 91.36 -41.03 -5.46
C ARG A 1594 92.29 -42.01 -6.18
N LEU A 1595 92.13 -43.30 -5.93
CA LEU A 1595 92.94 -44.29 -6.62
C LEU A 1595 92.48 -44.43 -8.06
N GLU A 1596 93.36 -44.08 -8.99
CA GLU A 1596 93.00 -44.02 -10.40
C GLU A 1596 94.27 -44.15 -11.23
N VAL A 1597 94.09 -44.55 -12.49
CA VAL A 1597 95.22 -44.95 -13.33
C VAL A 1597 95.92 -43.73 -13.90
N GLN A 1598 97.22 -43.63 -13.68
CA GLN A 1598 98.04 -42.53 -14.16
C GLN A 1598 98.94 -43.03 -15.28
N MET A 1599 99.14 -42.20 -16.30
CA MET A 1599 99.93 -42.54 -17.47
C MET A 1599 101.06 -41.53 -17.63
N LEU A 1600 102.16 -41.97 -18.23
CA LEU A 1600 103.36 -41.14 -18.27
C LEU A 1600 103.33 -40.20 -19.46
N MET A 1601 103.41 -38.89 -19.18
CA MET A 1601 103.47 -37.84 -20.17
C MET A 1601 104.90 -37.33 -20.31
N PRO A 1602 105.51 -37.42 -21.48
CA PRO A 1602 106.93 -37.08 -21.61
C PRO A 1602 107.25 -35.62 -21.29
N VAL A 1603 106.37 -34.69 -21.65
CA VAL A 1603 106.65 -33.26 -21.56
C VAL A 1603 105.55 -32.60 -20.75
N SER A 1604 105.94 -31.70 -19.84
CA SER A 1604 105.01 -30.97 -19.00
C SER A 1604 105.43 -29.51 -18.93
N TRP A 1605 104.47 -28.63 -18.66
CA TRP A 1605 104.77 -27.22 -18.53
C TRP A 1605 105.42 -26.92 -17.19
N SER A 1606 106.48 -26.11 -17.22
CA SER A 1606 107.16 -25.72 -15.99
C SER A 1606 107.44 -24.22 -16.04
N ARG A 1607 107.55 -23.63 -14.85
CA ARG A 1607 107.69 -22.19 -14.71
C ARG A 1607 109.14 -21.81 -14.52
N MET A 1608 109.64 -20.94 -15.38
CA MET A 1608 111.02 -20.48 -15.26
C MET A 1608 111.18 -19.59 -14.03
N PRO A 1609 112.23 -19.79 -13.25
CA PRO A 1609 112.46 -18.91 -12.10
C PRO A 1609 112.73 -17.48 -12.54
N ASN A 1610 112.33 -16.53 -11.70
CA ASN A 1610 112.55 -15.12 -12.02
C ASN A 1610 114.03 -14.76 -11.92
N HIS A 1611 114.73 -15.35 -10.96
CA HIS A 1611 116.14 -15.07 -10.73
C HIS A 1611 116.91 -16.38 -10.72
N PHE A 1612 118.11 -16.36 -11.27
CA PHE A 1612 118.90 -17.56 -11.46
C PHE A 1612 120.21 -17.45 -10.68
N LEU A 1613 120.68 -18.59 -10.18
CA LEU A 1613 121.93 -18.61 -9.43
C LEU A 1613 123.08 -18.18 -10.32
N GLN A 1614 123.93 -17.29 -9.80
CA GLN A 1614 125.03 -16.71 -10.56
C GLN A 1614 126.32 -17.44 -10.21
N VAL A 1615 126.87 -18.14 -11.20
CA VAL A 1615 128.09 -18.93 -11.04
C VAL A 1615 129.16 -18.38 -11.98
N GLU A 1616 130.35 -18.14 -11.44
CA GLU A 1616 131.47 -17.63 -12.21
C GLU A 1616 132.50 -18.73 -12.38
N THR A 1617 132.88 -19.01 -13.62
CA THR A 1617 133.80 -20.08 -13.96
C THR A 1617 135.07 -19.48 -14.55
N ARG A 1618 136.22 -19.93 -14.06
CA ARG A 1618 137.50 -19.41 -14.50
C ARG A 1618 138.60 -20.35 -14.04
N ARG A 1619 139.62 -20.51 -14.88
CA ARG A 1619 140.81 -21.26 -14.50
C ARG A 1619 141.74 -20.34 -13.72
N ALA A 1620 141.87 -20.60 -12.42
CA ALA A 1620 142.71 -19.75 -11.58
C ALA A 1620 144.16 -19.79 -12.01
N GLY A 1621 144.65 -20.97 -12.37
CA GLY A 1621 146.01 -21.11 -12.84
C GLY A 1621 146.22 -22.48 -13.43
N GLU A 1622 147.35 -22.64 -14.11
CA GLU A 1622 147.68 -23.94 -14.71
C GLU A 1622 147.84 -25.01 -13.63
N ARG A 1623 148.49 -24.66 -12.52
CA ARG A 1623 148.63 -25.62 -11.42
C ARG A 1623 147.40 -25.60 -10.51
N LEU A 1624 146.72 -24.46 -10.42
CA LEU A 1624 145.58 -24.35 -9.52
C LEU A 1624 144.35 -25.04 -10.11
N GLY A 1625 144.16 -24.94 -11.42
CA GLY A 1625 143.04 -25.58 -12.07
C GLY A 1625 141.82 -24.67 -12.16
N TRP A 1626 140.79 -25.20 -12.80
CA TRP A 1626 139.56 -24.46 -13.00
C TRP A 1626 138.77 -24.32 -11.71
N ALA A 1627 138.18 -23.15 -11.50
CA ALA A 1627 137.49 -22.81 -10.26
C ALA A 1627 136.07 -22.35 -10.56
N VAL A 1628 135.13 -22.80 -9.74
CA VAL A 1628 133.75 -22.31 -9.76
C VAL A 1628 133.46 -21.72 -8.39
N GLN A 1629 132.52 -20.78 -8.34
CA GLN A 1629 132.11 -20.16 -7.09
C GLN A 1629 130.75 -19.51 -7.27
N CYS A 1630 129.98 -19.45 -6.18
CA CYS A 1630 128.67 -18.82 -6.15
C CYS A 1630 128.45 -18.24 -4.77
N GLN A 1631 128.40 -16.91 -4.68
CA GLN A 1631 128.39 -16.23 -3.39
C GLN A 1631 127.05 -15.59 -3.05
N ASP A 1632 126.10 -15.57 -3.97
CA ASP A 1632 124.84 -14.88 -3.76
C ASP A 1632 123.71 -15.86 -3.50
N PRO A 1633 123.10 -15.83 -2.32
CA PRO A 1633 122.06 -16.83 -2.01
C PRO A 1633 120.80 -16.63 -2.83
N LEU A 1634 120.08 -17.73 -3.06
CA LEU A 1634 118.79 -17.71 -3.73
C LEU A 1634 117.92 -18.81 -3.14
N THR A 1635 116.77 -18.43 -2.60
CA THR A 1635 115.84 -19.36 -1.98
C THR A 1635 114.49 -19.23 -2.67
N MET A 1636 113.69 -20.29 -2.65
CA MET A 1636 112.36 -20.29 -3.23
C MET A 1636 111.41 -21.04 -2.32
N MET A 1637 110.14 -20.63 -2.32
CA MET A 1637 109.11 -21.37 -1.61
C MET A 1637 108.74 -22.61 -2.41
N ALA A 1638 108.73 -23.76 -1.74
CA ALA A 1638 108.50 -25.05 -2.39
C ALA A 1638 107.25 -25.69 -1.82
N LEU A 1639 106.34 -26.10 -2.71
CA LEU A 1639 105.14 -26.82 -2.34
C LEU A 1639 105.35 -28.30 -2.61
N HIS A 1640 105.18 -29.12 -1.58
CA HIS A 1640 105.54 -30.53 -1.62
C HIS A 1640 104.29 -31.39 -1.56
N ILE A 1641 104.15 -32.29 -2.52
CA ILE A 1641 103.08 -33.30 -2.51
C ILE A 1641 103.63 -34.55 -1.85
N PRO A 1642 103.09 -34.97 -0.70
CA PRO A 1642 103.68 -36.11 0.01
C PRO A 1642 103.60 -37.42 -0.76
N GLU A 1643 102.44 -37.75 -1.33
CA GLU A 1643 102.30 -39.01 -2.06
C GLU A 1643 103.22 -39.05 -3.28
N GLU A 1644 103.29 -37.95 -4.03
CA GLU A 1644 104.14 -37.92 -5.21
C GLU A 1644 105.61 -37.85 -4.84
N ASN A 1645 105.91 -37.40 -3.61
CA ASN A 1645 107.29 -37.23 -3.15
C ASN A 1645 108.08 -36.31 -4.07
N ARG A 1646 107.43 -35.25 -4.54
CA ARG A 1646 108.09 -34.23 -5.34
C ARG A 1646 107.58 -32.86 -4.91
N CYS A 1647 108.33 -31.83 -5.24
CA CYS A 1647 107.99 -30.47 -4.88
C CYS A 1647 108.02 -29.58 -6.12
N MET A 1648 107.20 -28.53 -6.10
CA MET A 1648 107.20 -27.51 -7.13
C MET A 1648 107.21 -26.14 -6.48
N ASP A 1649 107.55 -25.12 -7.27
CA ASP A 1649 107.53 -23.76 -6.77
C ASP A 1649 106.11 -23.35 -6.41
N ILE A 1650 106.00 -22.53 -5.35
CA ILE A 1650 104.70 -22.00 -4.96
C ILE A 1650 104.15 -21.10 -6.04
N LEU A 1651 105.02 -20.51 -6.86
CA LEU A 1651 104.56 -19.63 -7.93
C LEU A 1651 103.97 -20.43 -9.07
N GLU A 1652 104.32 -21.72 -9.17
CA GLU A 1652 103.68 -22.58 -10.15
C GLU A 1652 102.19 -22.73 -9.88
N LEU A 1653 101.78 -22.45 -8.63
CA LEU A 1653 100.40 -22.67 -8.25
C LEU A 1653 99.48 -21.65 -8.90
N SER A 1654 100.06 -20.58 -9.45
CA SER A 1654 99.25 -19.56 -10.12
C SER A 1654 98.61 -20.11 -11.39
N GLU A 1655 99.19 -21.15 -11.96
CA GLU A 1655 98.67 -21.71 -13.20
C GLU A 1655 97.87 -22.98 -12.95
N ARG A 1656 98.11 -23.64 -11.82
CA ARG A 1656 97.36 -24.83 -11.43
C ARG A 1656 96.25 -24.42 -10.46
N LEU A 1657 95.07 -24.15 -11.00
CA LEU A 1657 94.02 -23.50 -10.23
C LEU A 1657 93.45 -24.42 -9.16
N ASP A 1658 93.35 -25.72 -9.45
CA ASP A 1658 92.82 -26.65 -8.45
C ASP A 1658 93.72 -26.71 -7.23
N LEU A 1659 95.03 -26.84 -7.45
CA LEU A 1659 95.98 -26.84 -6.33
C LEU A 1659 95.99 -25.51 -5.61
N GLN A 1660 95.88 -24.41 -6.35
CA GLN A 1660 95.84 -23.10 -5.71
C GLN A 1660 94.62 -22.97 -4.80
N ARG A 1661 93.45 -23.42 -5.28
CA ARG A 1661 92.24 -23.37 -4.47
C ARG A 1661 92.39 -24.25 -3.23
N PHE A 1662 92.92 -25.46 -3.40
CA PHE A 1662 93.08 -26.34 -2.25
C PHE A 1662 94.01 -25.74 -1.21
N HIS A 1663 95.11 -25.12 -1.66
CA HIS A 1663 96.05 -24.53 -0.71
C HIS A 1663 95.47 -23.30 -0.03
N SER A 1664 94.69 -22.50 -0.77
CA SER A 1664 94.04 -21.35 -0.15
C SER A 1664 93.07 -21.80 0.94
N HIS A 1665 92.29 -22.84 0.65
CA HIS A 1665 91.37 -23.35 1.65
C HIS A 1665 92.11 -24.03 2.80
N THR A 1666 93.30 -24.56 2.53
CA THR A 1666 94.13 -25.09 3.61
C THR A 1666 94.58 -23.97 4.55
N LEU A 1667 94.99 -22.82 3.98
CA LEU A 1667 95.34 -21.68 4.81
C LEU A 1667 94.13 -21.20 5.60
N ARG A 1668 92.95 -21.20 4.97
CA ARG A 1668 91.74 -20.84 5.68
C ARG A 1668 91.46 -21.80 6.83
N LEU A 1669 91.73 -23.09 6.62
CA LEU A 1669 91.56 -24.07 7.69
C LEU A 1669 92.54 -23.82 8.82
N TYR A 1670 93.79 -23.47 8.49
CA TYR A 1670 94.74 -23.08 9.53
C TYR A 1670 94.20 -21.92 10.36
N ARG A 1671 93.68 -20.90 9.68
CA ARG A 1671 93.11 -19.77 10.39
C ARG A 1671 91.95 -20.20 11.29
N ALA A 1672 91.08 -21.06 10.77
CA ALA A 1672 89.91 -21.48 11.53
C ALA A 1672 90.32 -22.27 12.78
N VAL A 1673 91.28 -23.18 12.65
CA VAL A 1673 91.67 -23.99 13.80
C VAL A 1673 92.43 -23.15 14.81
N CYS A 1674 93.16 -22.12 14.36
CA CYS A 1674 93.86 -21.24 15.28
C CYS A 1674 93.04 -20.02 15.67
N ALA A 1675 91.77 -19.96 15.27
CA ALA A 1675 90.97 -18.75 15.47
C ALA A 1675 90.56 -18.59 16.93
N LEU A 1676 90.28 -17.33 17.29
CA LEU A 1676 89.63 -16.97 18.55
C LEU A 1676 90.46 -17.40 19.75
N GLY A 1677 91.78 -17.26 19.67
CA GLY A 1677 92.62 -17.41 20.83
C GLY A 1677 93.05 -18.81 21.18
N ASN A 1678 93.13 -19.71 20.19
CA ASN A 1678 93.64 -21.07 20.43
C ASN A 1678 95.16 -21.02 20.25
N ASN A 1679 95.84 -20.65 21.35
CA ASN A 1679 97.28 -20.40 21.27
C ASN A 1679 98.08 -21.69 21.12
N ARG A 1680 97.58 -22.79 21.70
CA ARG A 1680 98.22 -24.08 21.48
C ARG A 1680 98.23 -24.44 20.00
N VAL A 1681 97.08 -24.27 19.34
CA VAL A 1681 97.00 -24.55 17.91
C VAL A 1681 97.84 -23.53 17.13
N ALA A 1682 97.96 -22.31 17.65
CA ALA A 1682 98.82 -21.32 17.01
C ALA A 1682 100.28 -21.78 17.01
N HIS A 1683 100.74 -22.31 18.14
CA HIS A 1683 102.10 -22.85 18.20
C HIS A 1683 102.25 -24.04 17.26
N ALA A 1684 101.25 -24.92 17.25
CA ALA A 1684 101.29 -26.06 16.33
C ALA A 1684 101.40 -25.61 14.89
N LEU A 1685 100.69 -24.54 14.54
CA LEU A 1685 100.78 -23.97 13.20
C LEU A 1685 102.16 -23.39 12.96
N CYS A 1686 102.74 -22.74 13.98
CA CYS A 1686 104.10 -22.22 13.85
C CYS A 1686 105.08 -23.33 13.54
N SER A 1687 104.79 -24.55 13.97
CA SER A 1687 105.61 -25.69 13.56
C SER A 1687 105.46 -25.96 12.06
N HIS A 1688 104.27 -25.76 11.51
CA HIS A 1688 104.03 -26.11 10.12
C HIS A 1688 104.42 -24.98 9.18
N VAL A 1689 104.13 -23.74 9.54
CA VAL A 1689 104.50 -22.58 8.75
C VAL A 1689 105.52 -21.78 9.54
N ASP A 1690 106.75 -21.74 9.03
CA ASP A 1690 107.83 -21.05 9.72
C ASP A 1690 107.65 -19.54 9.64
N GLN A 1691 108.24 -18.83 10.59
CA GLN A 1691 108.18 -17.37 10.57
C GLN A 1691 108.94 -16.81 9.37
N ALA A 1692 110.08 -17.42 9.02
CA ALA A 1692 110.79 -16.99 7.82
C ALA A 1692 109.95 -17.26 6.57
N GLN A 1693 109.24 -18.39 6.58
CA GLN A 1693 108.33 -18.70 5.49
C GLN A 1693 107.25 -17.64 5.35
N LEU A 1694 106.65 -17.22 6.47
CA LEU A 1694 105.62 -16.20 6.44
C LEU A 1694 106.16 -14.87 5.93
N LEU A 1695 107.34 -14.48 6.41
CA LEU A 1695 107.91 -13.21 5.99
C LEU A 1695 108.24 -13.22 4.50
N HIS A 1696 108.83 -14.32 4.00
CA HIS A 1696 109.14 -14.39 2.59
C HIS A 1696 107.88 -14.39 1.75
N ALA A 1697 106.82 -15.06 2.22
CA ALA A 1697 105.55 -15.02 1.51
C ALA A 1697 104.99 -13.61 1.47
N LEU A 1698 105.18 -12.85 2.55
CA LEU A 1698 104.76 -11.45 2.56
C LEU A 1698 105.52 -10.65 1.50
N GLU A 1699 106.84 -10.82 1.44
CA GLU A 1699 107.66 -10.02 0.54
C GLU A 1699 107.53 -10.43 -0.92
N ASP A 1700 107.15 -11.68 -1.19
CA ASP A 1700 107.14 -12.22 -2.55
C ASP A 1700 106.05 -11.53 -3.36
N ALA A 1701 106.41 -11.05 -4.56
CA ALA A 1701 105.47 -10.26 -5.36
C ALA A 1701 104.74 -11.12 -6.37
N HIS A 1702 105.39 -12.18 -6.88
CA HIS A 1702 104.77 -13.00 -7.92
C HIS A 1702 103.75 -13.96 -7.32
N LEU A 1703 103.63 -13.97 -6.00
CA LEU A 1703 102.73 -14.89 -5.34
C LEU A 1703 101.28 -14.56 -5.74
N PRO A 1704 100.50 -15.56 -6.16
CA PRO A 1704 99.11 -15.27 -6.58
C PRO A 1704 98.29 -14.70 -5.43
N GLY A 1705 97.32 -13.85 -5.80
CA GLY A 1705 96.59 -13.03 -4.85
C GLY A 1705 95.86 -13.76 -3.75
N PRO A 1706 95.07 -14.79 -4.06
CA PRO A 1706 94.39 -15.51 -2.97
C PRO A 1706 95.36 -16.11 -1.97
N LEU A 1707 96.46 -16.67 -2.43
CA LEU A 1707 97.42 -17.27 -1.51
C LEU A 1707 98.18 -16.21 -0.73
N ARG A 1708 98.46 -15.07 -1.37
CA ARG A 1708 99.12 -13.97 -0.68
C ARG A 1708 98.25 -13.42 0.44
N ALA A 1709 96.96 -13.20 0.16
CA ALA A 1709 96.04 -12.76 1.20
C ALA A 1709 95.91 -13.81 2.28
N GLY A 1710 95.87 -15.09 1.89
CA GLY A 1710 95.81 -16.15 2.88
C GLY A 1710 97.01 -16.16 3.80
N TYR A 1711 98.20 -15.90 3.26
CA TYR A 1711 99.40 -15.91 4.08
C TYR A 1711 99.46 -14.70 5.01
N TYR A 1712 99.05 -13.53 4.51
CA TYR A 1712 98.96 -12.37 5.39
C TYR A 1712 98.00 -12.63 6.54
N ASP A 1713 96.80 -13.14 6.22
CA ASP A 1713 95.82 -13.42 7.26
C ASP A 1713 96.31 -14.54 8.18
N LEU A 1714 97.11 -15.47 7.67
CA LEU A 1714 97.65 -16.52 8.51
C LEU A 1714 98.65 -15.97 9.51
N LEU A 1715 99.53 -15.06 9.08
CA LEU A 1715 100.44 -14.44 10.03
C LEU A 1715 99.66 -13.68 11.09
N ILE A 1716 98.63 -12.94 10.69
CA ILE A 1716 97.84 -12.19 11.65
C ILE A 1716 97.13 -13.14 12.62
N SER A 1717 96.57 -14.23 12.10
CA SER A 1717 95.78 -15.14 12.94
C SER A 1717 96.67 -16.06 13.75
N ILE A 1718 97.98 -16.06 13.49
CA ILE A 1718 98.88 -16.83 14.34
C ILE A 1718 99.45 -15.95 15.45
N HIS A 1719 99.90 -14.74 15.11
CA HIS A 1719 100.63 -13.96 16.10
C HIS A 1719 99.87 -12.77 16.65
N LEU A 1720 99.04 -12.10 15.85
CA LEU A 1720 98.60 -10.76 16.23
C LEU A 1720 97.14 -10.73 16.69
N GLU A 1721 96.40 -11.81 16.48
CA GLU A 1721 94.95 -11.74 16.62
C GLU A 1721 94.54 -11.53 18.08
N SER A 1722 95.16 -12.25 19.01
CA SER A 1722 94.73 -12.18 20.40
C SER A 1722 95.15 -10.86 21.03
N ALA A 1723 96.39 -10.43 20.76
CA ALA A 1723 96.82 -9.12 21.24
C ALA A 1723 95.95 -8.02 20.68
N CYS A 1724 95.59 -8.10 19.39
CA CYS A 1724 94.74 -7.09 18.80
C CYS A 1724 93.36 -7.07 19.45
N ARG A 1725 92.78 -8.24 19.71
CA ARG A 1725 91.46 -8.28 20.32
C ARG A 1725 91.49 -7.73 21.74
N SER A 1726 92.48 -8.12 22.54
CA SER A 1726 92.57 -7.60 23.90
C SER A 1726 92.79 -6.10 23.89
N ARG A 1727 93.66 -5.61 23.01
CA ARG A 1727 93.90 -4.17 22.93
C ARG A 1727 92.65 -3.42 22.51
N ARG A 1728 91.90 -3.96 21.54
CA ARG A 1728 90.67 -3.31 21.12
C ARG A 1728 89.66 -3.26 22.26
N SER A 1729 89.57 -4.34 23.04
CA SER A 1729 88.69 -4.33 24.20
C SER A 1729 89.11 -3.26 25.19
N MET A 1730 90.41 -3.07 25.39
CA MET A 1730 90.89 -2.09 26.34
C MET A 1730 90.74 -0.66 25.81
N LEU A 1731 90.72 -0.48 24.49
CA LEU A 1731 90.87 0.85 23.92
C LEU A 1731 89.69 1.76 24.24
N SER A 1732 88.49 1.19 24.38
CA SER A 1732 87.31 2.04 24.60
C SER A 1732 87.40 2.79 25.92
N GLU A 1733 87.99 2.16 26.93
CA GLU A 1733 88.05 2.78 28.25
C GLU A 1733 89.36 3.56 28.42
N TYR A 1734 89.27 4.70 29.10
CA TYR A 1734 90.42 5.54 29.39
C TYR A 1734 90.59 5.67 30.89
N ILE A 1735 91.70 5.17 31.41
CA ILE A 1735 92.11 5.43 32.79
C ILE A 1735 93.44 6.17 32.75
N VAL A 1736 93.49 7.32 33.41
CA VAL A 1736 94.60 8.26 33.28
C VAL A 1736 95.28 8.38 34.63
N PRO A 1737 96.47 7.82 34.81
CA PRO A 1737 97.22 8.07 36.04
C PRO A 1737 97.61 9.54 36.16
N LEU A 1738 97.62 10.02 37.39
CA LEU A 1738 97.97 11.42 37.66
C LEU A 1738 99.48 11.57 37.81
N THR A 1739 100.16 11.28 36.70
CA THR A 1739 101.62 11.31 36.64
C THR A 1739 102.09 12.62 36.00
N PRO A 1740 103.35 13.02 36.24
CA PRO A 1740 103.86 14.23 35.58
C PRO A 1740 103.79 14.17 34.06
N GLU A 1741 103.93 12.97 33.48
CA GLU A 1741 103.72 12.83 32.04
C GLU A 1741 102.31 13.22 31.66
N THR A 1742 101.33 12.82 32.47
CA THR A 1742 99.95 13.26 32.23
C THR A 1742 99.84 14.78 32.37
N ARG A 1743 100.50 15.35 33.38
CA ARG A 1743 100.44 16.79 33.56
CA ARG A 1743 100.44 16.80 33.56
C ARG A 1743 101.01 17.54 32.36
N ALA A 1744 102.03 16.96 31.72
CA ALA A 1744 102.65 17.62 30.58
C ALA A 1744 101.73 17.67 29.37
N ILE A 1745 100.74 16.78 29.32
CA ILE A 1745 99.89 16.69 28.14
C ILE A 1745 99.02 17.94 28.01
N THR A 1746 99.00 18.49 26.80
CA THR A 1746 98.18 19.66 26.48
C THR A 1746 97.36 19.37 25.23
N LEU A 1747 96.22 20.04 25.11
CA LEU A 1747 95.33 19.81 23.98
C LEU A 1747 96.00 20.16 22.66
N PHE A 1748 96.72 21.27 22.61
CA PHE A 1748 97.35 21.73 21.39
C PHE A 1748 98.86 21.79 21.58
N PRO A 1749 99.63 21.35 20.59
CA PRO A 1749 101.07 21.64 20.60
C PRO A 1749 101.28 23.15 20.52
N PRO A 1750 102.38 23.65 21.08
CA PRO A 1750 102.57 25.11 21.13
C PRO A 1750 102.52 25.75 19.74
N GLY A 1751 101.86 26.90 19.66
CA GLY A 1751 101.72 27.63 18.42
C GLY A 1751 101.99 29.11 18.55
N ARG A 1752 102.76 29.67 17.63
CA ARG A 1752 103.15 31.08 17.72
C ARG A 1752 101.98 32.00 17.41
N LYS A 1753 101.24 31.71 16.34
CA LYS A 1753 100.25 32.66 15.82
C LYS A 1753 99.10 32.88 16.79
N GLY A 1754 98.64 31.83 17.46
CA GLY A 1754 97.50 31.96 18.35
C GLY A 1754 97.57 31.11 19.59
N GLY A 1755 97.40 31.74 20.76
CA GLY A 1755 97.40 30.98 22.00
C GLY A 1755 96.23 30.04 22.12
N ASN A 1756 95.02 30.51 21.80
CA ASN A 1756 93.84 29.67 21.89
C ASN A 1756 93.81 28.61 20.80
N ALA A 1757 94.08 29.01 19.56
CA ALA A 1757 94.03 28.11 18.42
C ALA A 1757 95.43 27.91 17.86
N ARG A 1758 95.92 26.68 17.92
CA ARG A 1758 97.19 26.29 17.35
C ARG A 1758 96.97 25.18 16.35
N ARG A 1759 97.98 24.92 15.53
CA ARG A 1759 97.87 23.86 14.53
C ARG A 1759 97.72 22.50 15.21
N HIS A 1760 96.78 21.71 14.72
CA HIS A 1760 96.56 20.39 15.27
C HIS A 1760 97.81 19.54 15.12
N GLY A 1761 98.20 18.87 16.20
CA GLY A 1761 99.25 17.88 16.11
C GLY A 1761 98.81 16.68 15.27
N LEU A 1762 99.78 16.01 14.68
CA LEU A 1762 99.47 14.86 13.85
C LEU A 1762 98.82 13.78 14.71
N PRO A 1763 97.66 13.25 14.29
CA PRO A 1763 96.97 12.24 15.10
C PRO A 1763 97.85 11.01 15.30
N GLY A 1764 97.80 10.47 16.51
CA GLY A 1764 98.62 9.32 16.85
C GLY A 1764 100.06 9.63 17.18
N VAL A 1765 100.44 10.91 17.15
CA VAL A 1765 101.80 11.34 17.47
C VAL A 1765 101.76 12.13 18.77
N GLY A 1766 102.53 11.70 19.75
CA GLY A 1766 102.57 12.38 21.03
C GLY A 1766 102.72 11.38 22.15
N VAL A 1767 102.36 11.84 23.35
CA VAL A 1767 102.45 11.05 24.57
C VAL A 1767 101.04 10.74 25.05
N THR A 1768 100.74 9.46 25.21
CA THR A 1768 99.47 9.00 25.75
C THR A 1768 99.73 8.24 27.03
N THR A 1769 99.05 8.62 28.10
CA THR A 1769 99.25 8.01 29.42
C THR A 1769 98.15 7.02 29.79
N SER A 1770 97.15 6.84 28.95
CA SER A 1770 96.11 5.87 29.24
C SER A 1770 96.70 4.47 29.35
N LEU A 1771 96.26 3.73 30.36
CA LEU A 1771 96.85 2.43 30.69
C LEU A 1771 96.27 1.35 29.79
N ARG A 1772 97.16 0.64 29.09
CA ARG A 1772 96.81 -0.52 28.29
C ARG A 1772 97.73 -1.66 28.65
N PRO A 1773 97.22 -2.87 28.90
CA PRO A 1773 98.08 -3.98 29.34
C PRO A 1773 99.11 -4.32 28.28
N PRO A 1774 100.33 -4.65 28.70
CA PRO A 1774 101.36 -5.02 27.73
C PRO A 1774 101.03 -6.32 27.02
N HIS A 1775 101.48 -6.43 25.78
CA HIS A 1775 101.32 -7.67 25.03
C HIS A 1775 102.25 -8.73 25.57
N HIS A 1776 101.73 -9.95 25.70
CA HIS A 1776 102.49 -11.08 26.23
C HIS A 1776 102.65 -12.13 25.14
N PHE A 1777 103.89 -12.52 24.87
CA PHE A 1777 104.20 -13.47 23.83
C PHE A 1777 105.15 -14.53 24.36
N SER A 1778 105.04 -15.73 23.82
CA SER A 1778 105.90 -16.84 24.19
C SER A 1778 106.69 -17.30 22.98
N PRO A 1779 107.99 -17.51 23.10
CA PRO A 1779 108.78 -17.97 21.97
C PRO A 1779 108.40 -19.39 21.59
N PRO A 1780 108.23 -19.68 20.30
CA PRO A 1780 107.92 -21.05 19.90
C PRO A 1780 109.16 -21.93 19.79
N CYS A 1781 109.28 -22.89 20.69
CA CYS A 1781 110.33 -23.89 20.64
C CYS A 1781 109.70 -25.26 20.85
N PHE A 1782 109.99 -26.19 19.96
CA PHE A 1782 109.36 -27.50 20.00
C PHE A 1782 110.28 -28.60 20.52
N VAL A 1783 111.44 -28.23 21.08
CA VAL A 1783 112.28 -29.20 21.77
C VAL A 1783 112.13 -29.13 23.28
N ALA A 1784 111.33 -28.19 23.78
CA ALA A 1784 111.16 -28.05 25.23
C ALA A 1784 110.42 -29.24 25.79
N ALA A 1785 110.72 -29.57 27.05
CA ALA A 1785 110.08 -30.69 27.70
C ALA A 1785 108.60 -30.44 27.88
N LEU A 1786 107.80 -31.50 27.76
CA LEU A 1786 106.36 -31.37 27.94
C LEU A 1786 106.07 -30.94 29.38
N PRO A 1787 105.09 -30.06 29.58
CA PRO A 1787 104.84 -29.57 30.94
C PRO A 1787 104.42 -30.68 31.89
N ALA A 1788 104.90 -30.60 33.13
CA ALA A 1788 104.55 -31.60 34.12
C ALA A 1788 103.11 -31.43 34.59
N ALA A 1789 102.58 -30.21 34.50
CA ALA A 1789 101.20 -29.97 34.90
C ALA A 1789 100.23 -30.72 34.00
N GLY A 1790 99.16 -31.22 34.59
CA GLY A 1790 98.19 -31.97 33.82
C GLY A 1790 97.41 -31.08 32.87
N VAL A 1791 96.81 -31.71 31.86
CA VAL A 1791 96.03 -30.96 30.88
C VAL A 1791 94.81 -30.37 31.56
N ALA A 1792 94.30 -29.28 30.98
CA ALA A 1792 93.18 -28.47 31.44
C ALA A 1792 93.51 -27.73 32.75
N GLU A 1793 94.72 -27.88 33.28
CA GLU A 1793 95.15 -27.20 34.49
C GLU A 1793 96.25 -26.20 34.24
N ALA A 1794 97.10 -26.43 33.24
CA ALA A 1794 98.20 -25.53 32.95
C ALA A 1794 97.66 -24.17 32.49
N PRO A 1795 98.40 -23.10 32.75
CA PRO A 1795 97.93 -21.77 32.33
C PRO A 1795 97.81 -21.67 30.82
N ALA A 1796 96.90 -20.81 30.38
CA ALA A 1796 96.65 -20.63 28.95
C ALA A 1796 97.93 -20.21 28.24
N ARG A 1797 98.20 -20.85 27.11
CA ARG A 1797 99.40 -20.57 26.36
C ARG A 1797 99.38 -19.14 25.81
N LEU A 1798 100.55 -18.52 25.77
CA LEU A 1798 100.67 -17.21 25.16
C LEU A 1798 100.81 -17.34 23.65
N SER A 1799 100.47 -16.27 22.94
CA SER A 1799 100.56 -16.30 21.48
C SER A 1799 102.02 -16.43 21.06
N PRO A 1800 102.30 -17.10 19.95
CA PRO A 1800 103.70 -17.27 19.53
C PRO A 1800 104.39 -15.94 19.25
N ALA A 1801 105.68 -15.89 19.56
CA ALA A 1801 106.43 -14.65 19.44
C ALA A 1801 106.82 -14.38 18.00
N ILE A 1802 107.01 -13.10 17.69
CA ILE A 1802 107.42 -12.66 16.35
C ILE A 1802 108.14 -11.32 16.51
N PRO A 1803 109.23 -11.10 15.77
CA PRO A 1803 109.97 -9.85 15.92
C PRO A 1803 109.16 -8.67 15.40
N LEU A 1804 108.63 -7.88 16.35
CA LEU A 1804 107.62 -6.89 15.99
C LEU A 1804 108.24 -5.68 15.31
N GLU A 1805 109.42 -5.25 15.74
CA GLU A 1805 110.06 -4.11 15.10
C GLU A 1805 110.44 -4.44 13.65
N ALA A 1806 110.99 -5.64 13.42
CA ALA A 1806 111.30 -6.05 12.06
C ALA A 1806 110.04 -6.17 11.22
N LEU A 1807 108.98 -6.74 11.79
CA LEU A 1807 107.73 -6.88 11.05
C LEU A 1807 107.13 -5.53 10.71
N ARG A 1808 107.23 -4.56 11.63
CA ARG A 1808 106.64 -3.24 11.38
C ARG A 1808 107.45 -2.47 10.35
N ASP A 1809 108.78 -2.57 10.38
CA ASP A 1809 109.58 -1.95 9.33
C ASP A 1809 109.26 -2.59 7.98
N LYS A 1810 109.11 -3.92 7.95
CA LYS A 1810 108.74 -4.59 6.72
C LYS A 1810 107.40 -4.08 6.21
N ALA A 1811 106.41 -3.95 7.09
CA ALA A 1811 105.08 -3.51 6.68
C ALA A 1811 105.11 -2.09 6.14
N LEU A 1812 105.89 -1.21 6.78
CA LEU A 1812 106.05 0.13 6.24
C LEU A 1812 106.65 0.10 4.84
N ARG A 1813 107.66 -0.76 4.63
CA ARG A 1813 108.24 -0.88 3.31
C ARG A 1813 107.22 -1.37 2.29
N MET A 1814 106.41 -2.36 2.67
CA MET A 1814 105.38 -2.86 1.76
C MET A 1814 104.38 -1.78 1.40
N LEU A 1815 103.95 -1.00 2.39
CA LEU A 1815 103.00 0.07 2.12
C LEU A 1815 103.60 1.11 1.18
N GLY A 1816 104.85 1.48 1.40
CA GLY A 1816 105.50 2.43 0.50
C GLY A 1816 105.63 1.89 -0.92
N GLU A 1817 106.02 0.62 -1.05
CA GLU A 1817 106.14 0.02 -2.37
C GLU A 1817 104.79 -0.07 -3.07
N ALA A 1818 103.75 -0.40 -2.32
CA ALA A 1818 102.41 -0.47 -2.91
C ALA A 1818 101.93 0.91 -3.36
N VAL A 1819 102.22 1.93 -2.57
CA VAL A 1819 101.87 3.29 -2.98
C VAL A 1819 102.62 3.68 -4.25
N ARG A 1820 103.91 3.33 -4.33
CA ARG A 1820 104.68 3.62 -5.52
C ARG A 1820 104.11 2.89 -6.74
N ASP A 1821 103.73 1.62 -6.56
CA ASP A 1821 103.15 0.86 -7.67
C ASP A 1821 101.83 1.46 -8.12
N GLY A 1822 100.98 1.85 -7.17
CA GLY A 1822 99.72 2.49 -7.53
C GLY A 1822 99.94 3.78 -8.30
N GLY A 1823 100.95 4.56 -7.91
CA GLY A 1823 101.31 5.72 -8.71
C GLY A 1823 101.81 5.33 -10.09
N GLN A 1824 102.54 4.21 -10.18
CA GLN A 1824 103.07 3.77 -11.47
C GLN A 1824 101.95 3.34 -12.40
N HIS A 1825 100.85 2.82 -11.86
CA HIS A 1825 99.74 2.31 -12.67
C HIS A 1825 100.19 1.20 -13.60
N ALA A 1826 100.95 0.24 -13.05
CA ALA A 1826 101.42 -0.88 -13.84
C ALA A 1826 100.26 -1.79 -14.21
N ARG A 1827 100.41 -2.51 -15.33
CA ARG A 1827 99.36 -3.40 -15.78
C ARG A 1827 99.26 -4.65 -14.90
N ASP A 1828 100.32 -4.95 -14.15
CA ASP A 1828 100.33 -6.14 -13.32
C ASP A 1828 100.49 -5.75 -11.86
N PRO A 1829 99.40 -5.53 -11.13
CA PRO A 1829 99.52 -5.30 -9.69
C PRO A 1829 99.92 -6.57 -8.96
N VAL A 1830 100.55 -6.37 -7.79
CA VAL A 1830 100.96 -7.51 -6.98
C VAL A 1830 99.73 -8.28 -6.56
N GLY A 1831 99.76 -9.59 -6.75
CA GLY A 1831 98.62 -10.43 -6.50
C GLY A 1831 97.58 -10.46 -7.60
N GLY A 1832 97.83 -9.78 -8.71
CA GLY A 1832 96.92 -9.79 -9.83
C GLY A 1832 95.81 -8.76 -9.78
N SER A 1833 95.71 -7.99 -8.71
CA SER A 1833 94.68 -6.96 -8.59
C SER A 1833 95.13 -5.89 -7.61
N VAL A 1834 94.59 -4.69 -7.79
CA VAL A 1834 94.90 -3.59 -6.90
C VAL A 1834 94.43 -3.90 -5.48
N GLU A 1835 93.23 -4.47 -5.36
CA GLU A 1835 92.73 -4.83 -4.03
C GLU A 1835 93.59 -5.93 -3.42
N PHE A 1836 94.03 -6.90 -4.22
CA PHE A 1836 94.87 -7.96 -3.68
C PHE A 1836 96.22 -7.42 -3.26
N GLN A 1837 96.69 -6.34 -3.91
CA GLN A 1837 97.96 -5.76 -3.54
C GLN A 1837 97.83 -4.93 -2.26
N PHE A 1838 96.71 -4.23 -2.09
CA PHE A 1838 96.63 -3.24 -1.02
C PHE A 1838 96.00 -3.81 0.25
N VAL A 1839 94.94 -4.61 0.12
CA VAL A 1839 94.15 -5.00 1.30
C VAL A 1839 94.98 -5.75 2.33
N PRO A 1840 95.80 -6.75 2.00
CA PRO A 1840 96.56 -7.45 3.04
C PRO A 1840 97.54 -6.53 3.79
N VAL A 1841 98.29 -5.71 3.05
CA VAL A 1841 99.23 -4.80 3.69
C VAL A 1841 98.49 -3.82 4.58
N LEU A 1842 97.34 -3.32 4.12
CA LEU A 1842 96.56 -2.38 4.91
C LEU A 1842 96.05 -3.04 6.19
N LYS A 1843 95.59 -4.29 6.09
CA LYS A 1843 95.15 -5.00 7.30
C LYS A 1843 96.30 -5.17 8.28
N LEU A 1844 97.48 -5.55 7.78
CA LEU A 1844 98.62 -5.74 8.68
C LEU A 1844 99.00 -4.42 9.35
N VAL A 1845 99.02 -3.33 8.59
CA VAL A 1845 99.37 -2.03 9.15
C VAL A 1845 98.35 -1.59 10.18
N SER A 1846 97.06 -1.79 9.89
CA SER A 1846 96.01 -1.43 10.83
C SER A 1846 96.12 -2.24 12.12
N THR A 1847 96.40 -3.54 11.99
CA THR A 1847 96.54 -4.37 13.18
C THR A 1847 97.72 -3.93 14.02
N LEU A 1848 98.85 -3.62 13.37
CA LEU A 1848 100.01 -3.15 14.13
C LEU A 1848 99.75 -1.81 14.80
N LEU A 1849 99.04 -0.92 14.10
CA LEU A 1849 98.69 0.36 14.70
C LEU A 1849 97.80 0.18 15.93
N VAL A 1850 96.80 -0.69 15.83
CA VAL A 1850 95.93 -0.95 16.98
C VAL A 1850 96.73 -1.55 18.13
N MET A 1851 97.63 -2.48 17.82
CA MET A 1851 98.45 -3.09 18.87
C MET A 1851 99.41 -2.07 19.47
N GLY A 1852 99.68 -0.98 18.75
CA GLY A 1852 100.55 0.06 19.24
C GLY A 1852 102.03 -0.16 19.01
N ILE A 1853 102.38 -1.04 18.06
CA ILE A 1853 103.79 -1.31 17.79
C ILE A 1853 104.46 -0.10 17.17
N PHE A 1854 103.75 0.62 16.32
CA PHE A 1854 104.35 1.69 15.53
C PHE A 1854 104.79 2.85 16.40
N GLY A 1855 105.98 3.37 16.12
CA GLY A 1855 106.46 4.55 16.81
C GLY A 1855 105.92 5.83 16.20
N ASP A 1856 106.38 6.96 16.74
CA ASP A 1856 105.89 8.25 16.27
C ASP A 1856 106.36 8.54 14.86
N GLU A 1857 107.63 8.24 14.56
CA GLU A 1857 108.13 8.46 13.20
C GLU A 1857 107.44 7.55 12.21
N ASP A 1858 107.18 6.30 12.59
CA ASP A 1858 106.45 5.39 11.72
C ASP A 1858 105.03 5.89 11.49
N VAL A 1859 104.39 6.44 12.52
CA VAL A 1859 103.05 7.00 12.36
C VAL A 1859 103.10 8.18 11.40
N LYS A 1860 104.15 9.01 11.50
CA LYS A 1860 104.31 10.10 10.54
C LYS A 1860 104.43 9.58 9.13
N GLN A 1861 105.22 8.52 8.93
CA GLN A 1861 105.37 7.96 7.59
C GLN A 1861 104.04 7.41 7.07
N ILE A 1862 103.27 6.74 7.93
CA ILE A 1862 101.97 6.22 7.53
C ILE A 1862 101.04 7.36 7.14
N LEU A 1863 101.04 8.44 7.92
CA LEU A 1863 100.20 9.60 7.61
C LEU A 1863 100.62 10.22 6.28
N LYS A 1864 101.92 10.30 6.02
CA LYS A 1864 102.39 10.83 4.75
C LYS A 1864 101.94 9.95 3.59
N MET A 1865 101.99 8.64 3.77
CA MET A 1865 101.50 7.73 2.73
C MET A 1865 100.01 7.92 2.49
N ILE A 1866 99.24 8.14 3.56
CA ILE A 1866 97.80 8.35 3.41
C ILE A 1866 97.54 9.65 2.65
N GLU A 1867 98.17 10.74 3.06
CA GLU A 1867 98.01 12.03 2.40
C GLU A 1867 99.23 12.90 2.63
N PRO A 1868 100.15 12.96 1.68
CA PRO A 1868 101.41 13.69 1.91
C PRO A 1868 101.23 15.18 2.15
N GLU A 1869 100.26 15.80 1.48
CA GLU A 1869 100.10 17.25 1.60
C GLU A 1869 99.51 17.65 2.94
N VAL A 1870 98.47 16.95 3.39
CA VAL A 1870 97.77 17.36 4.61
C VAL A 1870 98.63 17.15 5.83
N PHE A 1871 99.26 15.98 5.96
CA PHE A 1871 99.93 15.59 7.19
C PHE A 1871 101.42 15.93 7.20
N THR A 1872 101.92 16.66 6.21
CA THR A 1872 103.30 17.14 6.28
C THR A 1872 103.42 18.16 7.41
N GLU A 1873 104.59 18.20 8.03
CA GLU A 1873 104.81 19.03 9.21
C GLU A 1873 105.87 20.09 8.90
N GLU A 1874 105.64 21.30 9.38
CA GLU A 1874 106.57 22.40 9.17
C GLU A 1874 106.83 23.16 10.47
N LEU A 1922 105.73 7.03 -8.00
CA LEU A 1922 105.08 8.24 -7.52
C LEU A 1922 104.51 8.01 -6.12
N GLU A 1923 104.76 8.98 -5.23
CA GLU A 1923 104.27 8.90 -3.84
C GLU A 1923 102.84 9.46 -3.77
N GLU A 1924 101.99 8.94 -4.66
CA GLU A 1924 100.59 9.33 -4.70
C GLU A 1924 99.90 9.03 -3.39
N GLY A 1925 99.01 9.93 -2.98
CA GLY A 1925 98.21 9.69 -1.79
C GLY A 1925 97.25 8.53 -1.99
N LEU A 1926 97.09 7.73 -0.92
CA LEU A 1926 96.14 6.63 -0.97
C LEU A 1926 94.73 7.14 -1.23
N LEU A 1927 94.37 8.27 -0.61
CA LEU A 1927 93.06 8.84 -0.85
C LEU A 1927 92.92 9.30 -2.30
N GLN A 1928 94.02 9.71 -2.92
CA GLN A 1928 93.98 10.16 -4.31
C GLN A 1928 94.00 8.98 -5.27
N MET A 1929 94.33 7.79 -4.77
CA MET A 1929 94.58 6.66 -5.66
C MET A 1929 93.31 6.09 -6.30
N LYS A 1930 92.13 6.54 -5.86
CA LYS A 1930 90.84 6.10 -6.43
C LYS A 1930 90.67 4.57 -6.28
N LEU A 1931 91.34 4.03 -5.27
CA LEU A 1931 91.38 2.61 -4.98
C LEU A 1931 89.98 2.02 -4.79
N PRO A 1932 89.82 0.70 -4.98
CA PRO A 1932 88.48 0.09 -4.93
C PRO A 1932 87.92 0.01 -3.52
N GLU A 1933 86.78 -0.69 -3.41
CA GLU A 1933 85.94 -0.58 -2.22
C GLU A 1933 86.54 -1.29 -1.01
N SER A 1934 87.15 -2.46 -1.21
CA SER A 1934 87.77 -3.14 -0.08
C SER A 1934 88.93 -2.31 0.48
N VAL A 1935 89.75 -1.74 -0.41
CA VAL A 1935 90.82 -0.86 0.03
C VAL A 1935 90.23 0.38 0.69
N LYS A 1936 89.06 0.81 0.24
CA LYS A 1936 88.36 1.91 0.89
C LYS A 1936 87.99 1.55 2.32
N LEU A 1937 87.52 0.32 2.53
CA LEU A 1937 87.16 -0.13 3.87
C LEU A 1937 88.39 -0.15 4.78
N GLN A 1938 89.52 -0.63 4.25
CA GLN A 1938 90.75 -0.61 5.04
C GLN A 1938 91.19 0.81 5.35
N MET A 1939 91.08 1.71 4.38
CA MET A 1939 91.34 3.12 4.60
C MET A 1939 90.47 3.65 5.73
N CYS A 1940 89.19 3.27 5.73
CA CYS A 1940 88.28 3.68 6.79
C CYS A 1940 88.74 3.16 8.15
N ASN A 1941 89.22 1.91 8.20
CA ASN A 1941 89.73 1.38 9.46
C ASN A 1941 90.91 2.19 9.98
N LEU A 1942 91.85 2.51 9.09
CA LEU A 1942 93.00 3.31 9.53
C LEU A 1942 92.57 4.70 10.01
N LEU A 1943 91.68 5.34 9.26
CA LEU A 1943 91.21 6.66 9.65
C LEU A 1943 90.44 6.60 10.97
N GLU A 1944 89.70 5.51 11.19
CA GLU A 1944 89.01 5.34 12.46
C GLU A 1944 89.98 5.21 13.61
N TYR A 1945 91.09 4.49 13.40
CA TYR A 1945 92.11 4.42 14.44
C TYR A 1945 92.66 5.80 14.76
N PHE A 1946 92.92 6.59 13.72
CA PHE A 1946 93.47 7.92 13.96
C PHE A 1946 92.47 8.82 14.68
N CYS A 1947 91.19 8.71 14.35
CA CYS A 1947 90.17 9.48 15.07
C CYS A 1947 90.07 9.05 16.52
N ASP A 1948 90.21 7.75 16.79
CA ASP A 1948 90.25 7.28 18.17
C ASP A 1948 91.44 7.86 18.91
N GLN A 1949 92.59 7.95 18.23
CA GLN A 1949 93.75 8.58 18.84
C GLN A 1949 93.47 10.04 19.18
N GLU A 1950 92.79 10.76 18.29
CA GLU A 1950 92.43 12.14 18.58
C GLU A 1950 91.51 12.25 19.79
N LEU A 1951 90.52 11.36 19.87
CA LEU A 1951 89.62 11.37 21.02
C LEU A 1951 90.37 11.07 22.31
N GLN A 1952 91.29 10.10 22.27
CA GLN A 1952 92.11 9.78 23.43
C GLN A 1952 92.93 10.98 23.85
N HIS A 1953 93.51 11.71 22.89
CA HIS A 1953 94.28 12.90 23.21
C HIS A 1953 93.41 13.95 23.88
N ARG A 1954 92.20 14.15 23.36
CA ARG A 1954 91.28 15.09 23.99
C ARG A 1954 90.99 14.71 25.44
N VAL A 1955 90.72 13.43 25.68
CA VAL A 1955 90.39 12.97 27.02
C VAL A 1955 91.58 13.16 27.96
N GLU A 1956 92.78 12.83 27.48
CA GLU A 1956 93.96 12.96 28.32
C GLU A 1956 94.25 14.42 28.65
N SER A 1957 94.08 15.32 27.68
CA SER A 1957 94.24 16.74 27.95
C SER A 1957 93.21 17.23 28.95
N LEU A 1958 91.97 16.74 28.83
CA LEU A 1958 90.95 17.05 29.82
C LEU A 1958 91.38 16.62 31.21
N ALA A 1959 91.94 15.41 31.33
CA ALA A 1959 92.39 14.93 32.63
C ALA A 1959 93.52 15.78 33.19
N ALA A 1960 94.46 16.18 32.33
CA ALA A 1960 95.57 17.02 32.80
C ALA A 1960 95.07 18.36 33.30
N PHE A 1961 94.21 19.02 32.52
CA PHE A 1961 93.64 20.28 32.98
C PHE A 1961 92.83 20.07 34.24
N ALA A 1962 92.16 18.93 34.37
CA ALA A 1962 91.44 18.62 35.59
C ALA A 1962 92.37 18.60 36.78
N GLU A 1963 93.54 17.97 36.63
CA GLU A 1963 94.51 17.92 37.72
C GLU A 1963 94.93 19.33 38.14
N ARG A 1964 95.37 20.14 37.18
CA ARG A 1964 95.83 21.48 37.55
C ARG A 1964 94.70 22.30 38.17
N TYR A 1965 93.50 22.22 37.59
CA TYR A 1965 92.39 23.02 38.07
C TYR A 1965 91.96 22.60 39.46
N VAL A 1966 91.94 21.30 39.75
CA VAL A 1966 91.52 20.88 41.09
C VAL A 1966 92.56 21.28 42.11
N ASP A 1967 93.85 21.24 41.74
CA ASP A 1967 94.86 21.75 42.66
C ASP A 1967 94.61 23.22 42.99
N LYS A 1968 94.40 24.04 41.97
CA LYS A 1968 94.17 25.47 42.22
C LYS A 1968 92.89 25.69 43.02
N LEU A 1969 91.84 24.94 42.70
CA LEU A 1969 90.57 25.10 43.40
C LEU A 1969 90.68 24.70 44.86
N GLN A 1970 91.41 23.63 45.16
CA GLN A 1970 91.60 23.22 46.54
C GLN A 1970 92.39 24.26 47.32
N ALA A 1971 93.44 24.83 46.70
CA ALA A 1971 94.16 25.91 47.36
C ALA A 1971 93.24 27.09 47.63
N ASN A 1972 92.41 27.45 46.64
CA ASN A 1972 91.49 28.56 46.81
C ASN A 1972 90.49 28.29 47.93
N GLN A 1973 89.97 27.06 48.01
CA GLN A 1973 89.01 26.74 49.05
C GLN A 1973 89.64 26.79 50.44
N ARG A 1974 90.90 26.34 50.55
CA ARG A 1974 91.61 26.49 51.82
C ARG A 1974 91.74 27.97 52.18
N SER A 1975 92.07 28.81 51.21
CA SER A 1975 92.14 30.25 51.48
C SER A 1975 90.79 30.80 51.91
N ARG A 1976 89.72 30.37 51.24
CA ARG A 1976 88.38 30.85 51.60
C ARG A 1976 88.04 30.49 53.03
N TYR A 1977 88.33 29.26 53.45
CA TYR A 1977 88.14 28.89 54.84
C TYR A 1977 88.98 29.77 55.77
N ALA A 1978 90.23 30.04 55.37
CA ALA A 1978 91.12 30.85 56.20
C ALA A 1978 90.53 32.24 56.46
N LEU A 1979 90.07 32.92 55.40
CA LEU A 1979 89.45 34.22 55.62
C LEU A 1979 88.06 34.10 56.23
N LEU A 1980 87.44 32.91 56.12
CA LEU A 1980 86.13 32.72 56.72
C LEU A 1980 86.22 32.70 58.24
N MET A 1981 87.32 32.16 58.78
CA MET A 1981 87.50 32.17 60.23
C MET A 1981 87.51 33.59 60.78
N ARG A 1982 88.25 34.50 60.14
CA ARG A 1982 88.23 35.90 60.57
C ARG A 1982 86.88 36.55 60.27
N ALA A 1983 86.28 36.21 59.13
CA ALA A 1983 85.03 36.84 58.73
C ALA A 1983 83.90 36.49 59.70
N PHE A 1984 84.00 35.35 60.38
CA PHE A 1984 83.00 35.01 61.38
C PHE A 1984 82.98 36.02 62.51
N THR A 1985 84.17 36.42 62.98
CA THR A 1985 84.25 37.54 63.92
C THR A 1985 83.81 38.84 63.27
N MET A 1986 84.11 39.01 61.98
CA MET A 1986 83.66 40.21 61.28
C MET A 1986 82.14 40.31 61.24
N SER A 1987 81.48 39.20 60.91
CA SER A 1987 80.02 39.15 60.84
C SER A 1987 79.61 37.70 60.72
N ALA A 1988 78.60 37.31 61.51
CA ALA A 1988 78.10 35.93 61.43
C ALA A 1988 77.21 35.72 60.22
N ALA A 1989 76.50 36.77 59.80
CA ALA A 1989 75.50 36.63 58.73
C ALA A 1989 76.14 36.23 57.40
N GLU A 1990 77.27 36.84 57.05
CA GLU A 1990 77.94 36.48 55.81
C GLU A 1990 78.54 35.07 55.89
N THR A 1991 79.21 34.76 57.00
CA THR A 1991 79.75 33.42 57.18
C THR A 1991 78.65 32.39 57.38
N ALA A 1992 77.42 32.85 57.65
CA ALA A 1992 76.30 31.93 57.67
C ALA A 1992 76.10 31.29 56.30
N ARG A 1993 76.24 32.08 55.23
CA ARG A 1993 76.11 31.51 53.89
C ARG A 1993 77.44 30.93 53.42
N ARG A 1994 78.54 31.65 53.63
CA ARG A 1994 79.85 31.15 53.19
C ARG A 1994 80.22 29.86 53.92
N THR A 1995 79.59 29.59 55.06
CA THR A 1995 79.83 28.32 55.72
C THR A 1995 78.95 27.22 55.13
N ARG A 1996 77.73 27.59 54.70
CA ARG A 1996 76.84 26.61 54.09
C ARG A 1996 77.48 25.93 52.90
N GLU A 1997 78.26 26.68 52.11
CA GLU A 1997 78.89 26.10 50.94
C GLU A 1997 79.98 25.11 51.34
N PHE A 1998 80.69 25.38 52.44
CA PHE A 1998 81.63 24.40 52.95
C PHE A 1998 80.92 23.18 53.53
N ARG A 1999 79.73 23.38 54.09
CA ARG A 1999 79.00 22.24 54.64
C ARG A 1999 78.39 21.39 53.53
N SER A 2000 78.23 21.97 52.34
CA SER A 2000 77.66 21.24 51.22
C SER A 2000 78.62 20.12 50.80
N PRO A 2001 78.08 19.02 50.26
CA PRO A 2001 78.94 17.90 49.88
C PRO A 2001 79.92 18.32 48.81
N PRO A 2002 81.09 17.66 48.75
CA PRO A 2002 82.15 18.15 47.86
C PRO A 2002 81.75 18.15 46.39
N GLN A 2003 80.90 17.20 45.98
CA GLN A 2003 80.44 17.20 44.60
C GLN A 2003 79.64 18.46 44.31
N GLU A 2004 78.71 18.83 45.18
CA GLU A 2004 77.94 20.06 44.99
C GLU A 2004 78.84 21.28 45.10
N GLN A 2005 79.87 21.20 45.94
CA GLN A 2005 80.83 22.30 46.03
C GLN A 2005 81.51 22.54 44.71
N ILE A 2006 82.05 21.49 44.09
CA ILE A 2006 82.76 21.68 42.84
C ILE A 2006 81.77 21.98 41.72
N ASN A 2007 80.51 21.61 41.90
CA ASN A 2007 79.47 22.06 40.98
C ASN A 2007 79.33 23.57 41.02
N MET A 2008 79.17 24.15 42.21
CA MET A 2008 78.93 25.60 42.26
C MET A 2008 80.19 26.36 41.86
N LEU A 2009 81.36 25.85 42.23
CA LEU A 2009 82.60 26.49 41.81
C LEU A 2009 82.75 26.43 40.30
N LEU A 2010 82.39 25.31 39.68
CA LEU A 2010 82.54 25.18 38.23
C LEU A 2010 81.50 26.02 37.50
N HIS A 2011 80.32 26.18 38.09
CA HIS A 2011 79.17 26.74 37.39
C HIS A 2011 79.24 28.28 37.43
N PHE A 2012 79.93 28.81 36.43
CA PHE A 2012 79.92 30.25 36.13
C PHE A 2012 79.92 30.52 34.63
N LYS A 2013 79.46 29.55 33.83
CA LYS A 2013 79.56 29.67 32.38
C LYS A 2013 78.68 30.79 31.83
N ASP A 2014 77.47 30.91 32.37
CA ASP A 2014 76.49 31.85 31.79
C ASP A 2014 76.90 33.31 32.03
N GLU A 2015 77.87 33.53 32.93
CA GLU A 2015 78.45 34.81 33.30
C GLU A 2015 77.47 35.71 34.06
N ALA A 2016 76.22 35.31 34.22
CA ALA A 2016 75.29 35.98 35.11
C ALA A 2016 75.35 35.42 36.52
N ASP A 2017 76.10 34.35 36.72
CA ASP A 2017 76.24 33.69 38.02
C ASP A 2017 77.58 33.93 38.67
N GLU A 2018 78.27 35.01 38.32
CA GLU A 2018 79.58 35.30 38.91
C GLU A 2018 79.45 35.61 40.39
N GLU A 2019 78.39 36.29 40.80
CA GLU A 2019 78.25 36.72 42.18
C GLU A 2019 78.12 35.53 43.13
N ASP A 2020 77.39 34.49 42.72
CA ASP A 2020 77.25 33.32 43.58
C ASP A 2020 78.51 32.45 43.54
N CYS A 2021 79.23 32.47 42.43
CA CYS A 2021 80.46 31.72 42.34
C CYS A 2021 81.57 32.41 43.13
N PRO A 2022 82.15 31.74 44.13
CA PRO A 2022 83.23 32.36 44.90
C PRO A 2022 84.61 32.23 44.29
N LEU A 2023 84.72 31.64 43.10
CA LEU A 2023 86.02 31.42 42.50
C LEU A 2023 86.67 32.74 42.12
N PRO A 2024 87.99 32.85 42.19
CA PRO A 2024 88.66 34.06 41.71
C PRO A 2024 88.54 34.20 40.20
N GLU A 2025 88.55 35.46 39.75
CA GLU A 2025 88.31 35.74 38.34
C GLU A 2025 89.42 35.20 37.46
N ASP A 2026 90.66 35.18 37.98
CA ASP A 2026 91.76 34.60 37.20
C ASP A 2026 91.58 33.11 36.97
N ILE A 2027 91.13 32.39 38.01
CA ILE A 2027 90.86 30.96 37.88
C ILE A 2027 89.72 30.73 36.89
N ARG A 2028 88.67 31.54 37.00
CA ARG A 2028 87.57 31.45 36.03
C ARG A 2028 88.08 31.71 34.61
N GLN A 2029 88.97 32.69 34.46
CA GLN A 2029 89.51 33.01 33.15
C GLN A 2029 90.32 31.87 32.57
N ASP A 2030 91.13 31.21 33.41
CA ASP A 2030 91.90 30.08 32.91
C ASP A 2030 90.99 28.93 32.48
N LEU A 2031 89.92 28.68 33.24
CA LEU A 2031 88.96 27.68 32.80
C LEU A 2031 88.32 28.06 31.48
N GLN A 2032 87.97 29.34 31.32
CA GLN A 2032 87.37 29.78 30.06
C GLN A 2032 88.34 29.63 28.89
N ASP A 2033 89.62 29.94 29.12
CA ASP A 2033 90.62 29.76 28.08
C ASP A 2033 90.75 28.30 27.69
N PHE A 2034 90.77 27.40 28.67
CA PHE A 2034 90.85 25.98 28.33
C PHE A 2034 89.61 25.53 27.58
N HIS A 2035 88.44 26.05 27.95
CA HIS A 2035 87.22 25.70 27.23
C HIS A 2035 87.29 26.15 25.78
N GLN A 2036 87.82 27.36 25.55
CA GLN A 2036 88.00 27.84 24.19
C GLN A 2036 88.98 26.95 23.43
N ASP A 2037 90.07 26.53 24.07
CA ASP A 2037 91.01 25.63 23.42
C ASP A 2037 90.35 24.30 23.06
N LEU A 2038 89.53 23.77 23.96
CA LEU A 2038 88.83 22.52 23.68
C LEU A 2038 87.89 22.68 22.49
N LEU A 2039 87.14 23.78 22.47
CA LEU A 2039 86.23 24.02 21.36
C LEU A 2039 86.98 24.16 20.05
N ALA A 2040 88.12 24.84 20.07
CA ALA A 2040 88.94 24.97 18.86
C ALA A 2040 89.45 23.60 18.40
N HIS A 2041 89.90 22.77 19.36
CA HIS A 2041 90.41 21.46 19.00
C HIS A 2041 89.33 20.57 18.39
N CYS A 2042 88.12 20.63 18.93
CA CYS A 2042 87.04 19.80 18.41
C CYS A 2042 86.55 20.30 17.06
N GLY A 2043 86.90 21.54 16.71
CA GLY A 2043 86.37 22.17 15.51
C GLY A 2043 84.96 22.68 15.66
N ILE A 2044 84.36 22.56 16.85
CA ILE A 2044 82.99 23.00 17.05
C ILE A 2044 82.87 24.51 16.86
N GLN A 2045 83.82 25.27 17.41
CA GLN A 2045 83.83 26.72 17.26
C GLN A 2045 85.07 27.13 16.47
N LEU A 2046 84.88 27.99 15.49
CA LEU A 2046 85.99 28.47 14.67
C LEU A 2046 86.95 29.33 15.49
N GLU A 2088 92.18 27.23 0.24
CA GLU A 2088 91.76 26.28 1.25
C GLU A 2088 91.32 24.98 0.56
N LYS A 2089 91.95 24.70 -0.59
CA LYS A 2089 91.68 23.45 -1.29
C LYS A 2089 92.13 22.26 -0.43
N LYS A 2090 93.28 22.37 0.20
CA LYS A 2090 93.71 21.34 1.14
C LYS A 2090 92.84 21.40 2.40
N PRO A 2091 92.34 20.26 2.88
CA PRO A 2091 91.54 20.27 4.11
C PRO A 2091 92.28 20.81 5.31
N GLN A 2092 93.60 20.65 5.36
CA GLN A 2092 94.51 21.16 6.39
C GLN A 2092 94.27 20.52 7.75
N SER A 2093 93.37 19.56 7.88
CA SER A 2093 93.15 18.88 9.15
C SER A 2093 92.56 17.50 8.89
N LEU A 2094 92.75 16.61 9.87
CA LEU A 2094 92.28 15.24 9.72
C LEU A 2094 90.76 15.18 9.59
N GLN A 2095 90.06 15.96 10.40
CA GLN A 2095 88.60 15.94 10.39
C GLN A 2095 88.05 16.41 9.03
N GLU A 2096 88.57 17.54 8.53
CA GLU A 2096 88.13 18.03 7.23
C GLU A 2096 88.50 17.06 6.13
N LEU A 2097 89.70 16.46 6.22
CA LEU A 2097 90.11 15.48 5.21
C LEU A 2097 89.16 14.30 5.16
N VAL A 2098 88.81 13.75 6.32
CA VAL A 2098 87.90 12.60 6.36
C VAL A 2098 86.53 12.99 5.84
N SER A 2099 86.03 14.17 6.24
CA SER A 2099 84.71 14.59 5.78
C SER A 2099 84.67 14.74 4.26
N HIS A 2100 85.63 15.48 3.70
CA HIS A 2100 85.66 15.66 2.25
CA HIS A 2100 85.65 15.66 2.25
C HIS A 2100 85.86 14.34 1.53
N MET A 2101 86.70 13.47 2.08
CA MET A 2101 86.95 12.17 1.48
C MET A 2101 85.69 11.31 1.43
N VAL A 2102 84.93 11.26 2.53
CA VAL A 2102 83.71 10.46 2.56
C VAL A 2102 82.70 11.03 1.58
N VAL A 2103 82.51 12.35 1.59
CA VAL A 2103 81.54 12.96 0.69
C VAL A 2103 81.94 12.74 -0.75
N ARG A 2104 83.24 12.79 -1.04
CA ARG A 2104 83.68 12.64 -2.43
C ARG A 2104 83.52 11.21 -2.91
N TRP A 2105 83.80 10.23 -2.05
CA TRP A 2105 83.55 8.84 -2.44
C TRP A 2105 82.08 8.62 -2.74
N ALA A 2106 81.21 9.10 -1.85
CA ALA A 2106 79.77 8.90 -2.04
C ALA A 2106 79.27 9.61 -3.28
N GLN A 2107 79.84 10.78 -3.58
CA GLN A 2107 79.47 11.51 -4.79
C GLN A 2107 79.97 10.79 -6.04
N GLU A 2108 81.14 10.15 -5.94
CA GLU A 2108 81.74 9.50 -7.09
C GLU A 2108 80.98 8.25 -7.48
N ASP A 2109 80.61 7.43 -6.50
CA ASP A 2109 79.94 6.19 -6.87
C ASP A 2109 78.97 5.74 -5.79
N TYR A 2110 77.93 5.04 -6.22
CA TYR A 2110 77.02 4.38 -5.30
C TYR A 2110 77.74 3.21 -4.64
N VAL A 2111 77.88 3.27 -3.32
CA VAL A 2111 78.62 2.27 -2.56
C VAL A 2111 77.75 1.03 -2.45
N GLN A 2112 78.31 -0.12 -2.88
CA GLN A 2112 77.55 -1.36 -2.81
C GLN A 2112 77.70 -2.05 -1.47
N SER A 2113 78.86 -1.91 -0.83
CA SER A 2113 79.13 -2.66 0.39
C SER A 2113 78.43 -2.00 1.58
N PRO A 2114 77.49 -2.70 2.22
CA PRO A 2114 76.88 -2.12 3.43
C PRO A 2114 77.88 -1.83 4.52
N GLU A 2115 78.88 -2.69 4.70
CA GLU A 2115 79.90 -2.43 5.70
C GLU A 2115 80.68 -1.17 5.37
N LEU A 2116 81.03 -0.98 4.09
CA LEU A 2116 81.77 0.21 3.69
C LEU A 2116 80.96 1.47 3.92
N VAL A 2117 79.68 1.47 3.52
CA VAL A 2117 78.89 2.68 3.66
C VAL A 2117 78.66 3.00 5.13
N ARG A 2118 78.41 1.96 5.94
CA ARG A 2118 78.26 2.16 7.37
C ARG A 2118 79.52 2.75 7.98
N ALA A 2119 80.69 2.22 7.60
CA ALA A 2119 81.94 2.71 8.15
C ALA A 2119 82.19 4.16 7.77
N MET A 2120 81.97 4.51 6.50
CA MET A 2120 82.28 5.88 6.07
C MET A 2120 81.32 6.87 6.71
N PHE A 2121 80.05 6.51 6.85
CA PHE A 2121 79.11 7.43 7.49
C PHE A 2121 79.37 7.55 8.99
N SER A 2122 79.81 6.46 9.62
CA SER A 2122 80.22 6.55 11.03
C SER A 2122 81.39 7.51 11.17
N LEU A 2123 82.38 7.40 10.28
CA LEU A 2123 83.52 8.31 10.32
C LEU A 2123 83.08 9.76 10.12
N LEU A 2124 82.19 9.99 9.16
CA LEU A 2124 81.72 11.35 8.89
C LEU A 2124 81.00 11.92 10.11
N HIS A 2125 80.16 11.11 10.75
CA HIS A 2125 79.47 11.57 11.95
C HIS A 2125 80.46 11.89 13.07
N ARG A 2126 81.49 11.06 13.24
CA ARG A 2126 82.50 11.34 14.26
C ARG A 2126 83.21 12.66 13.98
N GLN A 2127 83.54 12.92 12.71
CA GLN A 2127 84.19 14.18 12.38
C GLN A 2127 83.26 15.37 12.62
N TYR A 2128 81.98 15.21 12.36
CA TYR A 2128 81.07 16.36 12.46
C TYR A 2128 80.75 16.71 13.91
N ASP A 2129 80.76 15.73 14.82
CA ASP A 2129 80.43 15.99 16.22
C ASP A 2129 81.57 15.51 17.12
N GLY A 2130 82.61 16.33 17.21
CA GLY A 2130 83.70 16.02 18.13
C GLY A 2130 83.30 16.23 19.57
N LEU A 2131 82.51 17.26 19.84
CA LEU A 2131 82.03 17.49 21.20
C LEU A 2131 81.11 16.36 21.64
N GLY A 2132 80.25 15.88 20.74
CA GLY A 2132 79.41 14.74 21.07
C GLY A 2132 80.23 13.48 21.31
N GLU A 2133 81.26 13.26 20.50
CA GLU A 2133 82.13 12.11 20.72
C GLU A 2133 82.80 12.19 22.08
N LEU A 2134 83.31 13.37 22.45
CA LEU A 2134 83.95 13.54 23.74
C LEU A 2134 82.94 13.37 24.88
N LEU A 2135 81.71 13.86 24.69
CA LEU A 2135 80.68 13.68 25.70
C LEU A 2135 80.37 12.20 25.94
N ARG A 2136 80.28 11.41 24.87
CA ARG A 2136 80.01 10.00 25.05
C ARG A 2136 81.23 9.26 25.62
N ALA A 2137 82.43 9.75 25.33
CA ALA A 2137 83.63 9.06 25.80
C ALA A 2137 83.92 9.37 27.27
N LEU A 2138 83.54 10.56 27.72
CA LEU A 2138 83.90 10.98 29.09
C LEU A 2138 83.41 10.03 30.18
N PRO A 2139 82.20 9.49 30.15
CA PRO A 2139 81.81 8.55 31.22
C PRO A 2139 82.77 7.37 31.35
N ARG A 2140 83.43 6.99 30.26
CA ARG A 2140 84.40 5.90 30.34
C ARG A 2140 85.71 6.37 30.97
N ALA A 2141 85.93 7.69 31.00
CA ALA A 2141 87.20 8.21 31.51
C ALA A 2141 87.25 8.14 33.02
N TYR A 2142 88.46 7.91 33.54
CA TYR A 2142 88.69 7.82 34.98
C TYR A 2142 90.14 8.21 35.27
N THR A 2143 90.35 8.80 36.44
CA THR A 2143 91.68 9.21 36.87
C THR A 2143 92.02 8.52 38.18
N ILE A 2144 93.23 7.98 38.26
CA ILE A 2144 93.69 7.26 39.44
C ILE A 2144 95.05 7.80 39.86
N SER A 2145 95.37 7.58 41.13
CA SER A 2145 96.67 7.99 41.65
C SER A 2145 97.76 7.10 41.07
N PRO A 2146 98.98 7.63 40.92
CA PRO A 2146 100.07 6.80 40.36
C PRO A 2146 100.40 5.59 41.23
N SER A 2147 100.05 5.62 42.52
CA SER A 2147 100.34 4.48 43.38
C SER A 2147 99.52 3.26 42.98
N SER A 2148 98.27 3.47 42.57
CA SER A 2148 97.40 2.34 42.27
C SER A 2148 97.57 1.86 40.83
N VAL A 2149 98.60 2.35 40.15
CA VAL A 2149 98.76 2.05 38.73
C VAL A 2149 99.00 0.56 38.52
N GLU A 2150 99.91 -0.04 39.29
CA GLU A 2150 100.26 -1.44 39.06
C GLU A 2150 99.10 -2.37 39.41
N ASP A 2151 98.44 -2.11 40.53
CA ASP A 2151 97.32 -2.96 40.93
C ASP A 2151 96.16 -2.83 39.96
N THR A 2152 95.85 -1.60 39.53
CA THR A 2152 94.84 -1.40 38.50
C THR A 2152 95.23 -2.11 37.21
N MET A 2153 96.53 -2.17 36.92
CA MET A 2153 96.98 -2.76 35.68
C MET A 2153 96.79 -4.26 35.72
N SER A 2154 97.07 -4.88 36.87
CA SER A 2154 96.79 -6.30 37.04
C SER A 2154 95.29 -6.58 36.96
N LEU A 2155 94.48 -5.69 37.53
CA LEU A 2155 93.02 -5.83 37.40
C LEU A 2155 92.60 -5.79 35.94
N LEU A 2156 93.19 -4.89 35.16
CA LEU A 2156 92.89 -4.83 33.74
C LEU A 2156 93.31 -6.11 33.03
N GLU A 2157 94.44 -6.67 33.42
CA GLU A 2157 94.87 -7.95 32.83
C GLU A 2157 93.84 -9.04 33.10
N CYS A 2158 93.37 -9.16 34.35
CA CYS A 2158 92.38 -10.18 34.66
C CYS A 2158 91.07 -9.93 33.91
N LEU A 2159 90.67 -8.67 33.79
CA LEU A 2159 89.45 -8.36 33.04
C LEU A 2159 89.61 -8.73 31.57
N GLY A 2160 90.80 -8.53 31.01
CA GLY A 2160 91.07 -8.96 29.65
C GLY A 2160 90.99 -10.47 29.49
N GLN A 2161 91.53 -11.20 30.47
CA GLN A 2161 91.40 -12.66 30.45
C GLN A 2161 89.93 -13.07 30.47
N ILE A 2162 89.12 -12.38 31.29
CA ILE A 2162 87.69 -12.71 31.33
C ILE A 2162 87.04 -12.43 29.98
N ARG A 2163 87.30 -11.26 29.39
CA ARG A 2163 86.66 -10.92 28.13
C ARG A 2163 87.13 -11.82 27.00
N SER A 2164 88.31 -12.42 27.14
CA SER A 2164 88.83 -13.26 26.07
C SER A 2164 88.05 -14.56 25.95
N LEU A 2165 87.40 -15.00 27.04
CA LEU A 2165 86.75 -16.31 27.02
C LEU A 2165 85.29 -16.23 26.58
N LEU A 2166 84.73 -15.02 26.53
CA LEU A 2166 83.34 -14.90 26.10
C LEU A 2166 83.17 -15.35 24.65
N ILE A 2167 84.14 -15.05 23.80
CA ILE A 2167 84.10 -15.51 22.42
C ILE A 2167 84.42 -17.00 22.34
N VAL A 2168 84.98 -17.56 23.41
CA VAL A 2168 85.33 -18.98 23.43
C VAL A 2168 84.17 -19.78 23.98
N GLN A 2169 83.89 -20.92 23.33
CA GLN A 2169 82.84 -21.80 23.83
C GLN A 2169 83.20 -22.31 25.21
N MET A 2170 82.22 -22.31 26.11
CA MET A 2170 82.51 -22.49 27.53
C MET A 2170 82.82 -23.96 27.82
N GLY A 2171 83.91 -24.18 28.56
CA GLY A 2171 84.35 -25.51 28.89
C GLY A 2171 84.98 -25.60 30.26
N PRO A 2172 85.49 -26.77 30.63
CA PRO A 2172 86.02 -26.94 31.99
C PRO A 2172 87.28 -26.14 32.27
N GLN A 2173 88.29 -26.22 31.41
CA GLN A 2173 89.52 -25.47 31.64
C GLN A 2173 89.26 -23.97 31.56
N GLU A 2174 88.40 -23.55 30.62
CA GLU A 2174 87.99 -22.16 30.55
C GLU A 2174 87.30 -21.73 31.84
N GLU A 2175 86.50 -22.62 32.42
CA GLU A 2175 85.84 -22.32 33.68
C GLU A 2175 86.85 -22.16 34.81
N ASN A 2176 87.86 -23.02 34.86
CA ASN A 2176 88.90 -22.86 35.87
C ASN A 2176 89.61 -21.53 35.71
N LEU A 2177 89.93 -21.15 34.48
CA LEU A 2177 90.61 -19.88 34.24
C LEU A 2177 89.72 -18.70 34.64
N MET A 2178 88.42 -18.77 34.33
CA MET A 2178 87.51 -17.71 34.76
C MET A 2178 87.41 -17.62 36.28
N ILE A 2179 87.36 -18.76 36.96
CA ILE A 2179 87.32 -18.73 38.42
C ILE A 2179 88.57 -18.06 38.96
N GLN A 2180 89.73 -18.42 38.40
CA GLN A 2180 90.97 -17.80 38.86
C GLN A 2180 90.97 -16.29 38.61
N SER A 2181 90.52 -15.87 37.43
CA SER A 2181 90.50 -14.44 37.10
C SER A 2181 89.57 -13.67 38.02
N ILE A 2182 88.37 -14.22 38.26
CA ILE A 2182 87.41 -13.55 39.14
C ILE A 2182 87.99 -13.45 40.54
N GLY A 2183 88.60 -14.53 41.04
CA GLY A 2183 89.20 -14.49 42.36
C GLY A 2183 90.30 -13.44 42.45
N ASN A 2184 91.12 -13.33 41.41
CA ASN A 2184 92.15 -12.30 41.39
C ASN A 2184 91.52 -10.90 41.43
N ILE A 2185 90.42 -10.70 40.71
CA ILE A 2185 89.77 -9.39 40.73
C ILE A 2185 89.25 -9.07 42.13
N MET A 2186 88.61 -10.03 42.78
CA MET A 2186 88.14 -9.77 44.14
C MET A 2186 89.31 -9.49 45.09
N ASN A 2187 90.41 -10.21 44.92
CA ASN A 2187 91.57 -10.00 45.80
C ASN A 2187 92.20 -8.63 45.56
N ASN A 2188 91.92 -8.00 44.42
CA ASN A 2188 92.51 -6.72 44.10
C ASN A 2188 91.88 -5.60 44.93
N LYS A 2189 92.73 -4.74 45.48
CA LYS A 2189 92.23 -3.66 46.32
C LYS A 2189 91.64 -2.53 45.49
N VAL A 2190 92.08 -2.39 44.24
CA VAL A 2190 91.50 -1.37 43.36
C VAL A 2190 90.04 -1.69 43.08
N PHE A 2191 89.69 -2.98 43.09
CA PHE A 2191 88.30 -3.38 42.95
C PHE A 2191 87.47 -2.91 44.13
N TYR A 2192 88.12 -2.58 45.24
CA TYR A 2192 87.41 -2.07 46.41
C TYR A 2192 87.38 -0.55 46.42
N GLN A 2193 88.51 0.07 46.08
CA GLN A 2193 88.66 1.51 46.29
C GLN A 2193 87.94 2.32 45.21
N HIS A 2194 87.70 1.73 44.04
CA HIS A 2194 87.13 2.45 42.90
C HIS A 2194 85.95 1.66 42.33
N PRO A 2195 84.85 1.55 43.07
CA PRO A 2195 83.65 0.92 42.50
C PRO A 2195 83.13 1.66 41.29
N ASN A 2196 83.33 2.97 41.22
CA ASN A 2196 82.95 3.72 40.03
C ASN A 2196 83.76 3.31 38.82
N LEU A 2197 85.07 3.08 39.01
CA LEU A 2197 85.89 2.58 37.91
C LEU A 2197 85.45 1.19 37.50
N MET A 2198 85.12 0.34 38.47
CA MET A 2198 84.58 -0.99 38.13
C MET A 2198 83.29 -0.88 37.33
N ARG A 2199 82.40 0.04 37.71
CA ARG A 2199 81.17 0.24 36.97
C ARG A 2199 81.45 0.71 35.55
N ALA A 2200 82.37 1.67 35.41
CA ALA A 2200 82.70 2.19 34.08
C ALA A 2200 83.28 1.10 33.19
N LEU A 2201 84.12 0.23 33.76
CA LEU A 2201 84.68 -0.86 32.98
C LEU A 2201 83.61 -1.84 32.54
N GLY A 2202 82.47 -1.87 33.24
CA GLY A 2202 81.42 -2.81 32.92
C GLY A 2202 81.70 -4.23 33.31
N MET A 2203 82.60 -4.45 34.27
CA MET A 2203 82.99 -5.81 34.64
C MET A 2203 81.82 -6.56 35.26
N HIS A 2204 80.93 -5.87 35.97
CA HIS A 2204 79.75 -6.54 36.48
C HIS A 2204 78.88 -7.03 35.34
N GLU A 2205 78.72 -6.21 34.29
CA GLU A 2205 77.99 -6.68 33.12
C GLU A 2205 78.69 -7.88 32.49
N THR A 2206 80.03 -7.85 32.40
CA THR A 2206 80.75 -8.95 31.78
C THR A 2206 80.55 -10.27 32.53
N VAL A 2207 80.69 -10.22 33.85
CA VAL A 2207 80.44 -11.40 34.67
C VAL A 2207 78.97 -11.81 34.53
N MET A 2208 78.09 -10.85 34.31
CA MET A 2208 76.70 -11.22 34.08
C MET A 2208 76.51 -11.97 32.78
N GLU A 2209 77.18 -11.56 31.69
CA GLU A 2209 76.96 -12.32 30.46
C GLU A 2209 77.59 -13.71 30.55
N VAL A 2210 78.71 -13.86 31.27
CA VAL A 2210 79.21 -15.23 31.42
C VAL A 2210 78.22 -16.05 32.24
N MET A 2211 77.66 -15.46 33.31
CA MET A 2211 76.53 -16.08 34.00
C MET A 2211 75.44 -16.53 33.05
N VAL A 2212 74.96 -15.63 32.20
CA VAL A 2212 73.73 -15.90 31.46
C VAL A 2212 74.00 -16.87 30.33
N ASN A 2213 75.21 -16.86 29.76
CA ASN A 2213 75.56 -17.90 28.81
C ASN A 2213 75.55 -19.27 29.48
N VAL A 2214 76.25 -19.39 30.62
CA VAL A 2214 76.32 -20.66 31.32
C VAL A 2214 74.92 -21.16 31.68
N LEU A 2215 74.06 -20.24 32.14
CA LEU A 2215 72.71 -20.64 32.55
C LEU A 2215 71.85 -20.99 31.34
N GLY A 2216 71.66 -20.03 30.42
CA GLY A 2216 70.75 -20.23 29.32
C GLY A 2216 71.21 -21.29 28.34
N GLY A 2217 72.41 -21.83 28.53
CA GLY A 2217 72.84 -23.01 27.82
C GLY A 2217 72.30 -24.24 28.51
N GLY A 2218 71.18 -24.76 28.01
CA GLY A 2218 70.58 -25.98 28.54
C GLY A 2218 70.28 -25.97 30.02
N GLU A 2219 69.52 -24.98 30.50
CA GLU A 2219 69.31 -24.83 31.94
C GLU A 2219 68.61 -26.04 32.55
N THR A 2220 67.45 -26.42 32.00
CA THR A 2220 66.60 -27.40 32.67
C THR A 2220 67.16 -28.81 32.57
N LYS A 2221 67.70 -29.16 31.40
CA LYS A 2221 68.20 -30.52 31.21
C LYS A 2221 69.36 -30.83 32.14
N GLU A 2222 70.27 -29.88 32.33
CA GLU A 2222 71.42 -30.09 33.19
C GLU A 2222 71.94 -28.75 33.67
N ILE A 2223 72.58 -28.77 34.84
CA ILE A 2223 73.28 -27.62 35.39
C ILE A 2223 74.76 -27.88 35.25
N ARG A 2224 75.45 -27.05 34.47
CA ARG A 2224 76.85 -27.24 34.18
C ARG A 2224 77.62 -25.98 34.58
N PHE A 2225 78.86 -26.18 35.03
CA PHE A 2225 79.69 -25.13 35.61
C PHE A 2225 79.03 -24.49 36.81
N PRO A 2226 78.58 -25.31 37.79
CA PRO A 2226 78.00 -24.73 39.00
C PRO A 2226 79.00 -23.90 39.79
N LYS A 2227 80.28 -24.27 39.76
CA LYS A 2227 81.29 -23.44 40.39
C LYS A 2227 81.46 -22.11 39.66
N MET A 2228 81.23 -22.10 38.35
CA MET A 2228 81.08 -20.83 37.65
C MET A 2228 79.95 -20.00 38.21
N VAL A 2229 78.80 -20.63 38.48
CA VAL A 2229 77.68 -19.86 39.03
C VAL A 2229 78.03 -19.30 40.41
N THR A 2230 78.67 -20.11 41.25
CA THR A 2230 79.04 -19.64 42.58
C THR A 2230 80.03 -18.48 42.51
N SER A 2231 81.04 -18.59 41.65
CA SER A 2231 81.97 -17.47 41.50
C SER A 2231 81.26 -16.25 40.92
N CYS A 2232 80.24 -16.48 40.09
CA CYS A 2232 79.48 -15.38 39.53
C CYS A 2232 78.75 -14.60 40.61
N CYS A 2233 78.15 -15.29 41.59
CA CYS A 2233 77.90 -14.55 42.83
C CYS A 2233 79.14 -13.91 43.37
N ARG A 2234 80.09 -14.69 43.87
CA ARG A 2234 81.17 -14.10 44.66
C ARG A 2234 81.47 -12.71 44.14
N PHE A 2235 81.72 -12.60 42.83
CA PHE A 2235 81.93 -11.31 42.19
C PHE A 2235 80.68 -10.42 42.29
N LEU A 2236 79.56 -10.80 41.65
CA LEU A 2236 78.41 -9.90 41.51
C LEU A 2236 77.68 -9.68 42.83
N CYS A 2237 77.41 -10.76 43.55
CA CYS A 2237 76.88 -10.70 44.90
C CYS A 2237 77.71 -9.74 45.78
N TYR A 2238 79.04 -9.84 45.76
CA TYR A 2238 79.79 -8.93 46.63
C TYR A 2238 79.78 -7.53 46.03
N PHE A 2239 79.80 -7.44 44.70
CA PHE A 2239 79.67 -6.16 43.99
C PHE A 2239 78.46 -5.39 44.48
N CYS A 2240 77.33 -6.09 44.63
CA CYS A 2240 76.19 -5.51 45.33
C CYS A 2240 76.59 -5.04 46.71
N ARG A 2241 77.34 -5.87 47.44
CA ARG A 2241 77.68 -5.50 48.81
C ARG A 2241 78.55 -4.23 48.88
N ILE A 2242 79.30 -3.92 47.82
CA ILE A 2242 80.29 -2.84 47.93
C ILE A 2242 79.61 -1.48 47.97
N SER A 2243 78.90 -1.11 46.91
CA SER A 2243 78.36 0.24 46.79
C SER A 2243 76.92 0.19 46.33
N ARG A 2244 76.18 1.25 46.65
CA ARG A 2244 74.76 1.29 46.33
C ARG A 2244 74.50 1.68 44.88
N GLN A 2245 75.42 2.41 44.25
CA GLN A 2245 75.31 2.56 42.80
C GLN A 2245 75.48 1.22 42.11
N ASN A 2246 76.40 0.40 42.63
CA ASN A 2246 76.51 -0.99 42.18
C ASN A 2246 75.22 -1.75 42.45
N GLN A 2247 74.61 -1.51 43.62
CA GLN A 2247 73.35 -2.15 43.96
C GLN A 2247 72.25 -1.78 42.96
N ARG A 2248 72.20 -0.50 42.57
CA ARG A 2248 71.21 -0.05 41.59
C ARG A 2248 71.46 -0.70 40.23
N SER A 2249 72.72 -0.73 39.81
CA SER A 2249 73.05 -1.35 38.53
C SER A 2249 72.66 -2.81 38.52
N MET A 2250 72.83 -3.51 39.65
CA MET A 2250 72.39 -4.89 39.73
C MET A 2250 70.86 -4.98 39.83
N PHE A 2251 70.23 -3.96 40.41
CA PHE A 2251 68.78 -3.91 40.50
C PHE A 2251 68.15 -3.85 39.13
N ASP A 2252 68.79 -3.17 38.19
CA ASP A 2252 68.29 -3.16 36.81
C ASP A 2252 68.24 -4.57 36.24
N HIS A 2253 69.12 -5.46 36.72
CA HIS A 2253 69.14 -6.83 36.22
C HIS A 2253 68.35 -7.77 37.12
N LEU A 2254 67.78 -7.22 38.21
CA LEU A 2254 67.17 -8.08 39.22
C LEU A 2254 65.97 -8.84 38.68
N SER A 2255 65.24 -8.23 37.74
CA SER A 2255 64.07 -8.90 37.17
C SER A 2255 64.46 -10.21 36.49
N TYR A 2256 65.56 -10.19 35.73
CA TYR A 2256 66.01 -11.40 35.05
C TYR A 2256 66.67 -12.35 36.05
N LEU A 2257 67.42 -11.79 37.00
CA LEU A 2257 68.04 -12.60 38.03
C LEU A 2257 67.01 -13.41 38.80
N LEU A 2258 65.80 -12.86 38.96
CA LEU A 2258 64.73 -13.60 39.62
C LEU A 2258 64.33 -14.84 38.82
N GLU A 2259 64.23 -14.71 37.50
CA GLU A 2259 63.90 -15.89 36.69
C GLU A 2259 65.06 -16.88 36.70
N ASN A 2260 66.29 -16.40 36.88
CA ASN A 2260 67.41 -17.31 37.07
C ASN A 2260 67.33 -18.01 38.42
N SER A 2261 66.64 -17.40 39.39
CA SER A 2261 66.68 -17.90 40.76
C SER A 2261 65.98 -19.24 40.90
N GLY A 2262 65.16 -19.61 39.92
CA GLY A 2262 64.36 -20.83 40.04
C GLY A 2262 65.21 -22.09 40.09
N ILE A 2263 66.13 -22.24 39.14
CA ILE A 2263 66.88 -23.49 39.04
C ILE A 2263 68.18 -23.40 39.84
N GLY A 2264 68.75 -22.20 39.94
CA GLY A 2264 69.96 -22.04 40.74
C GLY A 2264 69.72 -22.33 42.20
N LEU A 2265 68.47 -22.26 42.65
CA LEU A 2265 68.14 -22.58 44.03
C LEU A 2265 68.47 -24.04 44.34
N GLY A 2266 68.13 -24.94 43.42
CA GLY A 2266 68.50 -26.33 43.60
C GLY A 2266 70.00 -26.53 43.63
N MET A 2267 70.73 -25.70 42.89
CA MET A 2267 72.18 -25.75 42.93
C MET A 2267 72.68 -25.21 44.26
N GLN A 2268 73.79 -25.78 44.74
CA GLN A 2268 74.27 -25.51 46.08
CA GLN A 2268 74.28 -25.52 46.07
C GLN A 2268 74.94 -24.14 46.18
N GLY A 2269 75.06 -23.66 47.41
CA GLY A 2269 75.78 -22.42 47.65
C GLY A 2269 75.09 -21.19 47.09
N SER A 2270 75.89 -20.27 46.56
CA SER A 2270 75.37 -18.98 46.11
C SER A 2270 74.56 -19.12 44.83
N THR A 2271 73.50 -18.33 44.73
CA THR A 2271 72.54 -18.41 43.65
C THR A 2271 72.19 -17.02 43.12
N PRO A 2272 71.61 -16.95 41.92
CA PRO A 2272 71.07 -15.66 41.46
C PRO A 2272 70.01 -15.10 42.38
N LEU A 2273 69.33 -15.96 43.15
CA LEU A 2273 68.44 -15.45 44.20
C LEU A 2273 69.25 -14.67 45.23
N ASP A 2274 70.44 -15.17 45.57
CA ASP A 2274 71.32 -14.40 46.44
C ASP A 2274 71.77 -13.11 45.77
N VAL A 2275 71.97 -13.13 44.45
CA VAL A 2275 72.30 -11.89 43.75
C VAL A 2275 71.20 -10.86 43.96
N ALA A 2276 69.96 -11.26 43.70
CA ALA A 2276 68.83 -10.35 43.82
C ALA A 2276 68.64 -9.90 45.26
N ALA A 2277 68.82 -10.80 46.22
CA ALA A 2277 68.70 -10.42 47.62
C ALA A 2277 69.74 -9.40 48.02
N ALA A 2278 70.99 -9.59 47.57
CA ALA A 2278 72.02 -8.61 47.85
C ALA A 2278 71.74 -7.29 47.17
N SER A 2279 71.01 -7.33 46.05
CA SER A 2279 70.68 -6.08 45.36
C SER A 2279 69.74 -5.21 46.18
N VAL A 2280 68.70 -5.80 46.77
CA VAL A 2280 67.64 -5.00 47.41
C VAL A 2280 68.02 -4.62 48.83
N ILE A 2281 68.81 -5.47 49.50
CA ILE A 2281 68.98 -5.33 50.94
C ILE A 2281 69.64 -4.00 51.28
N ASP A 2282 69.21 -3.40 52.38
CA ASP A 2282 69.69 -2.15 52.97
C ASP A 2282 69.24 -0.92 52.20
N ASN A 2283 68.47 -1.06 51.13
CA ASN A 2283 68.02 0.07 50.33
C ASN A 2283 66.50 0.15 50.37
N ASN A 2284 65.98 1.07 51.18
CA ASN A 2284 64.54 1.30 51.21
C ASN A 2284 64.04 1.76 49.85
N GLU A 2285 64.84 2.60 49.17
CA GLU A 2285 64.45 3.09 47.85
C GLU A 2285 64.42 1.98 46.82
N LEU A 2286 65.39 1.06 46.86
CA LEU A 2286 65.35 -0.08 45.94
C LEU A 2286 64.18 -1.00 46.30
N ALA A 2287 63.84 -1.10 47.58
CA ALA A 2287 62.65 -1.86 47.97
C ALA A 2287 61.39 -1.23 47.40
N LEU A 2288 61.30 0.11 47.45
CA LEU A 2288 60.14 0.79 46.89
C LEU A 2288 60.06 0.61 45.39
N ALA A 2289 61.21 0.70 44.70
CA ALA A 2289 61.21 0.56 43.25
C ALA A 2289 60.97 -0.89 42.84
N LEU A 2290 61.00 -1.81 43.80
CA LEU A 2290 60.81 -3.22 43.48
C LEU A 2290 59.38 -3.45 42.99
N GLN A 2291 59.25 -4.25 41.93
CA GLN A 2291 57.98 -4.36 41.24
C GLN A 2291 57.06 -5.39 41.90
N GLU A 2292 55.76 -5.05 41.93
CA GLU A 2292 54.76 -5.99 42.39
C GLU A 2292 54.72 -7.22 41.50
N GLN A 2293 55.05 -7.05 40.22
CA GLN A 2293 55.15 -8.21 39.33
C GLN A 2293 56.31 -9.09 39.74
N ASP A 2294 57.43 -8.48 40.15
CA ASP A 2294 58.54 -9.26 40.67
C ASP A 2294 58.15 -10.03 41.93
N LEU A 2295 57.43 -9.36 42.84
CA LEU A 2295 56.94 -10.04 44.03
C LEU A 2295 56.02 -11.19 43.66
N GLU A 2296 55.18 -10.99 42.65
CA GLU A 2296 54.27 -12.03 42.19
C GLU A 2296 55.05 -13.23 41.66
N LYS A 2297 56.11 -12.97 40.90
CA LYS A 2297 56.90 -14.08 40.38
C LYS A 2297 57.58 -14.85 41.49
N VAL A 2298 58.11 -14.14 42.50
CA VAL A 2298 58.72 -14.83 43.64
C VAL A 2298 57.69 -15.66 44.37
N VAL A 2299 56.49 -15.11 44.58
CA VAL A 2299 55.45 -15.84 45.28
C VAL A 2299 55.02 -17.05 44.48
N SER A 2300 54.99 -16.93 43.14
CA SER A 2300 54.67 -18.07 42.30
C SER A 2300 55.71 -19.16 42.44
N TYR A 2301 57.00 -18.78 42.49
CA TYR A 2301 58.05 -19.76 42.72
C TYR A 2301 57.85 -20.46 44.06
N LEU A 2302 57.54 -19.69 45.11
CA LEU A 2302 57.32 -20.28 46.43
C LEU A 2302 56.13 -21.23 46.42
N ALA A 2303 55.06 -20.85 45.72
CA ALA A 2303 53.90 -21.72 45.61
C ALA A 2303 54.25 -23.00 44.89
N GLY A 2304 55.06 -22.92 43.83
CA GLY A 2304 55.52 -24.12 43.17
C GLY A 2304 56.30 -25.01 44.10
N CYS A 2305 57.14 -24.41 44.95
CA CYS A 2305 57.84 -25.20 45.98
C CYS A 2305 56.85 -25.85 46.93
N GLY A 2306 55.74 -25.18 47.22
CA GLY A 2306 54.74 -25.77 48.10
C GLY A 2306 54.05 -26.98 47.51
N LEU A 2307 53.88 -27.00 46.19
CA LEU A 2307 53.13 -28.08 45.56
C LEU A 2307 53.98 -29.34 45.39
N GLN A 2308 55.21 -29.19 44.91
CA GLN A 2308 56.01 -30.33 44.48
C GLN A 2308 57.32 -30.40 45.25
N SER A 2309 57.76 -31.63 45.50
CA SER A 2309 59.07 -31.86 46.08
C SER A 2309 60.16 -31.59 45.06
N CYS A 2310 61.33 -31.19 45.54
CA CYS A 2310 62.43 -30.89 44.64
C CYS A 2310 62.96 -32.18 44.01
N PRO A 2311 63.43 -32.14 42.77
CA PRO A 2311 63.85 -33.38 42.11
C PRO A 2311 65.11 -34.01 42.71
N MET A 2312 66.05 -33.20 43.19
CA MET A 2312 67.31 -33.76 43.66
C MET A 2312 67.12 -34.58 44.92
N LEU A 2313 66.15 -34.19 45.76
CA LEU A 2313 65.84 -35.01 46.94
C LEU A 2313 65.39 -36.40 46.52
N LEU A 2314 64.54 -36.49 45.50
CA LEU A 2314 64.15 -37.79 44.98
C LEU A 2314 65.35 -38.53 44.40
N ALA A 2315 66.22 -37.81 43.68
CA ALA A 2315 67.39 -38.43 43.08
C ALA A 2315 68.34 -38.97 44.14
N LYS A 2316 68.53 -38.21 45.22
CA LYS A 2316 69.42 -38.67 46.30
C LYS A 2316 68.87 -39.92 46.97
N GLY A 2317 67.58 -40.18 46.83
CA GLY A 2317 66.94 -41.26 47.54
C GLY A 2317 66.25 -40.84 48.82
N TYR A 2318 66.08 -39.55 49.04
CA TYR A 2318 65.45 -39.06 50.25
C TYR A 2318 63.99 -39.51 50.30
N PRO A 2319 63.47 -39.87 51.47
CA PRO A 2319 62.03 -40.13 51.58
C PRO A 2319 61.26 -38.83 51.37
N ASP A 2320 60.59 -38.72 50.24
CA ASP A 2320 60.07 -37.45 49.76
C ASP A 2320 58.83 -37.03 50.56
N ILE A 2321 58.63 -35.73 50.69
CA ILE A 2321 57.36 -35.19 51.15
C ILE A 2321 56.64 -34.55 49.98
N GLY A 2322 55.38 -34.18 50.20
CA GLY A 2322 54.63 -33.54 49.13
C GLY A 2322 55.22 -32.22 48.70
N TRP A 2323 56.03 -31.61 49.56
CA TRP A 2323 56.54 -30.26 49.34
C TRP A 2323 58.04 -30.20 49.59
N ASN A 2324 58.70 -29.23 48.95
CA ASN A 2324 60.13 -29.03 49.11
C ASN A 2324 60.37 -27.82 50.01
N PRO A 2325 60.93 -28.00 51.20
CA PRO A 2325 61.06 -26.85 52.11
C PRO A 2325 62.26 -25.95 51.82
N CYS A 2326 63.31 -26.46 51.19
CA CYS A 2326 64.53 -25.67 51.04
C CYS A 2326 64.33 -24.47 50.12
N GLY A 2327 63.77 -24.70 48.93
CA GLY A 2327 63.49 -23.59 48.03
C GLY A 2327 62.49 -22.64 48.63
N GLY A 2328 61.52 -23.17 49.39
CA GLY A 2328 60.62 -22.31 50.11
C GLY A 2328 61.34 -21.39 51.07
N GLU A 2329 62.31 -21.94 51.82
CA GLU A 2329 63.09 -21.12 52.74
C GLU A 2329 63.82 -20.02 51.99
N ARG A 2330 64.42 -20.36 50.86
CA ARG A 2330 65.19 -19.37 50.12
C ARG A 2330 64.30 -18.25 49.61
N TYR A 2331 63.16 -18.59 49.01
CA TYR A 2331 62.24 -17.56 48.53
C TYR A 2331 61.69 -16.75 49.69
N LEU A 2332 61.42 -17.39 50.83
CA LEU A 2332 60.91 -16.67 51.98
C LEU A 2332 61.91 -15.66 52.51
N ASP A 2333 63.20 -16.03 52.54
CA ASP A 2333 64.19 -15.06 53.01
C ASP A 2333 64.35 -13.93 52.01
N PHE A 2334 64.23 -14.22 50.71
CA PHE A 2334 64.25 -13.13 49.74
C PHE A 2334 63.09 -12.16 49.98
N LEU A 2335 61.89 -12.70 50.18
CA LEU A 2335 60.74 -11.84 50.44
C LEU A 2335 60.92 -11.08 51.75
N ARG A 2336 61.57 -11.70 52.73
CA ARG A 2336 61.85 -11.04 54.00
C ARG A 2336 62.75 -9.84 53.79
N PHE A 2337 63.78 -9.99 52.96
CA PHE A 2337 64.61 -8.84 52.59
C PHE A 2337 63.77 -7.79 51.86
N ALA A 2338 62.82 -8.23 51.03
CA ALA A 2338 62.00 -7.30 50.28
C ALA A 2338 61.12 -6.46 51.20
N VAL A 2339 60.58 -7.06 52.26
CA VAL A 2339 59.56 -6.37 53.06
C VAL A 2339 60.20 -5.56 54.19
N PHE A 2340 61.34 -6.02 54.70
CA PHE A 2340 62.00 -5.38 55.83
C PHE A 2340 63.30 -4.76 55.37
N VAL A 2341 63.46 -3.46 55.61
CA VAL A 2341 64.68 -2.74 55.26
C VAL A 2341 65.08 -1.88 56.44
N ASN A 2342 66.34 -2.02 56.87
CA ASN A 2342 66.94 -1.19 57.90
C ASN A 2342 66.13 -1.21 59.20
N GLY A 2343 65.61 -2.39 59.54
CA GLY A 2343 64.85 -2.53 60.76
C GLY A 2343 63.48 -1.92 60.73
N GLU A 2344 63.00 -1.49 59.57
CA GLU A 2344 61.68 -0.88 59.42
C GLU A 2344 60.94 -1.55 58.28
N SER A 2345 59.66 -1.84 58.49
CA SER A 2345 58.86 -2.46 57.44
C SER A 2345 58.45 -1.43 56.39
N VAL A 2346 58.39 -1.87 55.14
CA VAL A 2346 57.87 -1.05 54.06
C VAL A 2346 56.45 -1.52 53.75
N GLU A 2347 55.50 -0.60 53.90
CA GLU A 2347 54.09 -0.98 53.90
C GLU A 2347 53.66 -1.51 52.54
N GLU A 2348 54.11 -0.88 51.45
CA GLU A 2348 53.64 -1.28 50.13
C GLU A 2348 54.05 -2.70 49.80
N ASN A 2349 55.36 -3.00 49.92
CA ASN A 2349 55.83 -4.34 49.63
C ASN A 2349 55.26 -5.35 50.61
N ALA A 2350 55.14 -4.97 51.88
CA ALA A 2350 54.56 -5.89 52.86
C ALA A 2350 53.14 -6.26 52.48
N ASN A 2351 52.33 -5.27 52.08
CA ASN A 2351 50.95 -5.55 51.71
C ASN A 2351 50.87 -6.40 50.46
N VAL A 2352 51.70 -6.11 49.45
CA VAL A 2352 51.65 -6.92 48.23
C VAL A 2352 52.04 -8.36 48.53
N VAL A 2353 53.09 -8.54 49.33
CA VAL A 2353 53.54 -9.89 49.68
C VAL A 2353 52.44 -10.63 50.44
N VAL A 2354 51.81 -9.96 51.40
CA VAL A 2354 50.81 -10.64 52.21
C VAL A 2354 49.59 -10.99 51.38
N ARG A 2355 49.20 -10.12 50.44
CA ARG A 2355 48.05 -10.42 49.60
C ARG A 2355 48.34 -11.60 48.68
N LEU A 2356 49.53 -11.63 48.07
CA LEU A 2356 49.86 -12.76 47.21
C LEU A 2356 49.92 -14.06 48.03
N LEU A 2357 50.52 -13.99 49.22
CA LEU A 2357 50.65 -15.18 50.06
C LEU A 2357 49.28 -15.72 50.46
N ILE A 2358 48.37 -14.84 50.88
CA ILE A 2358 47.04 -15.29 51.29
C ILE A 2358 46.24 -15.75 50.08
N ARG A 2359 46.58 -15.24 48.89
CA ARG A 2359 45.93 -15.73 47.69
C ARG A 2359 46.35 -17.17 47.38
N LYS A 2360 47.60 -17.52 47.65
CA LYS A 2360 48.05 -18.89 47.43
C LYS A 2360 48.48 -19.53 48.74
N PRO A 2361 47.61 -20.31 49.39
CA PRO A 2361 47.99 -20.93 50.68
C PRO A 2361 49.08 -21.98 50.56
N GLU A 2362 49.31 -22.49 49.35
CA GLU A 2362 50.39 -23.46 49.18
C GLU A 2362 51.74 -22.84 49.54
N CYS A 2363 51.84 -21.52 49.45
CA CYS A 2363 53.02 -20.83 49.97
C CYS A 2363 53.15 -21.04 51.47
N PHE A 2364 52.03 -20.98 52.20
CA PHE A 2364 52.07 -21.28 53.62
C PHE A 2364 52.49 -22.72 53.86
N GLY A 2365 51.98 -23.63 53.04
CA GLY A 2365 52.43 -25.01 53.09
C GLY A 2365 51.43 -25.96 53.73
N PRO A 2366 51.83 -27.22 53.91
CA PRO A 2366 50.90 -28.22 54.45
C PRO A 2366 50.32 -27.85 55.81
N ALA A 2367 51.14 -27.30 56.69
CA ALA A 2367 50.61 -26.68 57.90
C ALA A 2367 50.12 -25.28 57.57
N LEU A 2368 49.12 -24.81 58.31
CA LEU A 2368 48.44 -23.56 58.01
C LEU A 2368 47.82 -23.60 56.61
N ARG A 2369 47.55 -24.81 56.12
CA ARG A 2369 46.93 -24.94 54.80
CA ARG A 2369 46.92 -24.97 54.81
C ARG A 2369 45.53 -24.33 54.79
N GLY A 2370 44.78 -24.49 55.87
CA GLY A 2370 43.39 -24.11 55.89
C GLY A 2370 42.53 -25.35 55.87
N GLU A 2371 41.97 -25.69 54.71
CA GLU A 2371 41.16 -26.89 54.60
C GLU A 2371 42.03 -28.12 54.80
N GLY A 2372 41.73 -28.89 55.84
CA GLY A 2372 42.44 -30.13 56.08
C GLY A 2372 43.92 -29.97 56.34
N GLY A 2373 44.29 -28.97 57.14
CA GLY A 2373 45.68 -28.70 57.47
C GLY A 2373 45.91 -28.80 58.96
N SER A 2374 47.00 -29.47 59.33
CA SER A 2374 47.38 -29.58 60.72
C SER A 2374 47.86 -28.23 61.26
N GLY A 2375 47.82 -28.09 62.59
CA GLY A 2375 48.29 -26.86 63.19
C GLY A 2375 49.79 -26.70 63.01
N LEU A 2376 50.25 -25.45 63.11
CA LEU A 2376 51.68 -25.19 62.94
C LEU A 2376 52.50 -25.82 64.07
N LEU A 2377 51.99 -25.75 65.30
CA LEU A 2377 52.67 -26.39 66.42
C LEU A 2377 52.73 -27.90 66.22
N ALA A 2378 51.63 -28.50 65.75
CA ALA A 2378 51.63 -29.93 65.49
C ALA A 2378 52.62 -30.29 64.40
N ALA A 2379 52.72 -29.47 63.36
CA ALA A 2379 53.67 -29.73 62.29
C ALA A 2379 55.11 -29.62 62.80
N ILE A 2380 55.37 -28.65 63.66
CA ILE A 2380 56.72 -28.52 64.22
C ILE A 2380 57.06 -29.73 65.08
N GLU A 2381 56.11 -30.18 65.89
CA GLU A 2381 56.33 -31.38 66.70
C GLU A 2381 56.57 -32.60 65.82
N GLU A 2382 55.82 -32.70 64.71
CA GLU A 2382 56.03 -33.80 63.77
C GLU A 2382 57.42 -33.73 63.15
N ALA A 2383 57.89 -32.52 62.84
CA ALA A 2383 59.23 -32.36 62.31
C ALA A 2383 60.29 -32.78 63.32
N ILE A 2384 60.07 -32.45 64.59
CA ILE A 2384 60.99 -32.90 65.64
C ILE A 2384 61.00 -34.42 65.73
N ARG A 2385 59.82 -35.04 65.67
CA ARG A 2385 59.75 -36.49 65.67
C ARG A 2385 60.45 -37.10 64.46
N ILE A 2386 60.33 -36.44 63.30
CA ILE A 2386 61.03 -36.90 62.11
C ILE A 2386 62.53 -36.85 62.32
N SER A 2387 63.02 -35.75 62.90
CA SER A 2387 64.44 -35.63 63.18
C SER A 2387 64.90 -36.72 64.14
N GLU A 2388 64.08 -37.03 65.14
CA GLU A 2388 64.41 -38.15 66.03
C GLU A 2388 64.45 -39.46 65.26
N ASP A 2389 63.54 -39.63 64.29
CA ASP A 2389 63.42 -40.91 63.60
C ASP A 2389 64.56 -41.09 62.61
N PRO A 2390 65.37 -42.15 62.76
CA PRO A 2390 66.43 -42.41 61.78
C PRO A 2390 65.84 -42.75 60.42
N ALA A 2391 66.54 -42.36 59.37
CA ALA A 2391 66.21 -42.58 57.96
C ALA A 2391 64.98 -41.80 57.53
N ARG A 2392 64.35 -41.02 58.41
CA ARG A 2392 63.31 -40.10 57.97
C ARG A 2392 63.92 -38.79 57.48
N ASP A 2393 64.89 -38.26 58.22
CA ASP A 2393 65.57 -37.04 57.78
C ASP A 2393 66.35 -37.29 56.50
N GLY A 2394 67.04 -38.42 56.40
CA GLY A 2394 67.93 -38.68 55.31
C GLY A 2394 67.61 -39.95 54.55
N PRO A 2395 68.28 -40.15 53.41
CA PRO A 2395 68.00 -41.35 52.60
C PRO A 2395 68.52 -42.62 53.24
N GLY A 2396 69.76 -42.61 53.74
CA GLY A 2396 70.36 -43.82 54.27
C GLY A 2396 70.57 -44.89 53.21
N VAL A 2397 71.00 -44.49 52.02
CA VAL A 2397 71.20 -45.42 50.92
C VAL A 2397 72.30 -46.42 51.25
N PRO A 2410 76.72 -35.35 58.27
CA PRO A 2410 76.93 -34.72 56.97
C PRO A 2410 78.39 -34.69 56.54
N PRO A 2411 78.94 -35.85 56.17
CA PRO A 2411 80.35 -35.88 55.73
C PRO A 2411 80.61 -35.01 54.52
N GLU A 2412 79.65 -34.93 53.59
CA GLU A 2412 79.83 -34.08 52.41
C GLU A 2412 79.45 -32.63 52.72
N GLU A 2413 78.80 -32.41 53.86
CA GLU A 2413 78.32 -31.13 54.39
C GLU A 2413 77.14 -30.59 53.59
N ASN A 2414 76.79 -31.21 52.47
CA ASN A 2414 75.58 -30.87 51.73
C ASN A 2414 74.39 -31.69 52.19
N ARG A 2415 74.58 -32.57 53.17
CA ARG A 2415 73.48 -33.38 53.68
C ARG A 2415 72.40 -32.49 54.29
N VAL A 2416 71.16 -32.76 53.90
CA VAL A 2416 70.00 -31.98 54.34
C VAL A 2416 69.13 -32.87 55.21
N HIS A 2417 68.75 -32.36 56.38
CA HIS A 2417 67.87 -33.09 57.29
C HIS A 2417 66.45 -32.57 57.08
N LEU A 2418 65.53 -33.48 56.80
CA LEU A 2418 64.18 -33.08 56.41
C LEU A 2418 63.45 -32.39 57.55
N GLY A 2419 63.61 -32.90 58.78
CA GLY A 2419 62.97 -32.26 59.91
C GLY A 2419 63.45 -30.83 60.11
N HIS A 2420 64.77 -30.62 60.05
CA HIS A 2420 65.32 -29.28 60.17
C HIS A 2420 64.84 -28.41 59.01
N ALA A 2421 64.71 -28.99 57.82
CA ALA A 2421 64.26 -28.21 56.67
C ALA A 2421 62.82 -27.72 56.88
N ILE A 2422 61.95 -28.62 57.34
CA ILE A 2422 60.56 -28.23 57.59
C ILE A 2422 60.49 -27.16 58.68
N MET A 2423 61.25 -27.36 59.75
CA MET A 2423 61.26 -26.40 60.85
C MET A 2423 61.78 -25.04 60.39
N SER A 2424 62.83 -25.04 59.59
CA SER A 2424 63.38 -23.78 59.09
C SER A 2424 62.40 -23.10 58.15
N PHE A 2425 61.69 -23.88 57.33
CA PHE A 2425 60.68 -23.29 56.46
C PHE A 2425 59.61 -22.59 57.27
N TYR A 2426 59.09 -23.25 58.29
CA TYR A 2426 58.03 -22.62 59.08
C TYR A 2426 58.55 -21.41 59.85
N ALA A 2427 59.77 -21.50 60.38
CA ALA A 2427 60.36 -20.36 61.07
C ALA A 2427 60.53 -19.18 60.12
N ALA A 2428 61.02 -19.43 58.90
CA ALA A 2428 61.23 -18.35 57.95
C ALA A 2428 59.91 -17.75 57.50
N LEU A 2429 58.89 -18.59 57.27
CA LEU A 2429 57.59 -18.08 56.87
C LEU A 2429 56.99 -17.20 57.96
N ILE A 2430 57.09 -17.65 59.21
CA ILE A 2430 56.54 -16.86 60.31
C ILE A 2430 57.33 -15.58 60.49
N ASP A 2431 58.64 -15.64 60.30
CA ASP A 2431 59.45 -14.42 60.35
C ASP A 2431 59.01 -13.43 59.28
N LEU A 2432 58.79 -13.91 58.05
CA LEU A 2432 58.34 -13.03 56.98
C LEU A 2432 56.98 -12.42 57.31
N LEU A 2433 56.06 -13.24 57.83
CA LEU A 2433 54.75 -12.73 58.18
C LEU A 2433 54.84 -11.67 59.28
N GLY A 2434 55.68 -11.90 60.28
CA GLY A 2434 55.85 -10.93 61.34
C GLY A 2434 56.46 -9.63 60.84
N ARG A 2435 57.43 -9.72 59.93
CA ARG A 2435 58.02 -8.52 59.37
C ARG A 2435 57.03 -7.78 58.46
N CYS A 2436 56.06 -8.51 57.90
CA CYS A 2436 55.06 -7.88 57.05
C CYS A 2436 54.01 -7.17 57.88
N ALA A 2437 54.01 -7.37 59.19
CA ALA A 2437 52.97 -6.81 60.03
C ALA A 2437 53.05 -5.28 60.03
N PRO A 2438 51.92 -4.58 60.08
CA PRO A 2438 51.96 -3.12 60.12
C PRO A 2438 52.57 -2.63 61.44
N GLU A 2439 53.14 -1.43 61.37
CA GLU A 2439 53.80 -0.87 62.54
C GLU A 2439 52.79 -0.27 63.52
N MET A 2440 53.24 -0.10 64.76
CA MET A 2440 52.34 0.31 65.82
C MET A 2440 51.90 1.76 65.65
N HIS A 2441 52.67 2.57 64.92
CA HIS A 2441 52.19 3.91 64.61
C HIS A 2441 51.02 3.87 63.66
N LEU A 2442 51.06 3.01 62.65
CA LEU A 2442 49.91 2.82 61.77
C LEU A 2442 48.72 2.26 62.54
N ILE A 2443 48.98 1.32 63.45
CA ILE A 2443 47.88 0.76 64.24
C ILE A 2443 47.25 1.82 65.12
N GLN A 2444 48.06 2.67 65.76
CA GLN A 2444 47.53 3.76 66.57
C GLN A 2444 46.74 4.75 65.72
N ALA A 2445 47.21 4.99 64.49
CA ALA A 2445 46.44 5.83 63.58
C ALA A 2445 45.12 5.17 63.21
N GLY A 2446 44.99 3.87 63.47
CA GLY A 2446 43.76 3.17 63.17
C GLY A 2446 43.48 2.99 61.71
N LYS A 2447 44.50 2.93 60.86
CA LYS A 2447 44.27 2.87 59.43
C LYS A 2447 43.74 1.50 59.04
N GLY A 2448 42.71 1.51 58.19
CA GLY A 2448 41.93 0.31 57.95
C GLY A 2448 42.75 -0.81 57.32
N GLU A 2449 43.62 -0.47 56.38
CA GLU A 2449 44.45 -1.50 55.76
C GLU A 2449 45.37 -2.15 56.78
N ALA A 2450 45.96 -1.35 57.67
CA ALA A 2450 46.83 -1.91 58.70
C ALA A 2450 46.06 -2.84 59.62
N LEU A 2451 44.88 -2.41 60.08
CA LEU A 2451 44.09 -3.27 60.95
C LEU A 2451 43.68 -4.55 60.23
N ARG A 2452 43.30 -4.45 58.96
CA ARG A 2452 42.92 -5.63 58.20
C ARG A 2452 44.08 -6.60 58.04
N ILE A 2453 45.28 -6.09 57.74
CA ILE A 2453 46.44 -6.96 57.59
C ILE A 2453 46.76 -7.65 58.90
N ARG A 2454 46.73 -6.91 60.01
CA ARG A 2454 47.02 -7.53 61.30
C ARG A 2454 45.98 -8.59 61.63
N ALA A 2455 44.72 -8.34 61.31
CA ALA A 2455 43.68 -9.33 61.54
C ALA A 2455 43.91 -10.57 60.70
N ILE A 2456 44.32 -10.40 59.44
CA ILE A 2456 44.61 -11.55 58.58
C ILE A 2456 45.74 -12.38 59.17
N LEU A 2457 46.81 -11.72 59.62
CA LEU A 2457 47.93 -12.46 60.19
C LEU A 2457 47.52 -13.20 61.45
N ARG A 2458 46.74 -12.55 62.32
CA ARG A 2458 46.28 -13.20 63.54
C ARG A 2458 45.41 -14.41 63.23
N SER A 2459 44.54 -14.29 62.22
CA SER A 2459 43.73 -15.43 61.81
C SER A 2459 44.61 -16.55 61.26
N LEU A 2460 45.67 -16.19 60.55
CA LEU A 2460 46.55 -17.21 59.99
C LEU A 2460 47.28 -18.00 61.07
N VAL A 2461 47.90 -17.31 62.02
CA VAL A 2461 48.79 -17.94 62.99
C VAL A 2461 48.14 -17.84 64.37
N PRO A 2462 47.87 -18.95 65.03
CA PRO A 2462 47.30 -18.88 66.40
C PRO A 2462 48.35 -18.50 67.43
N LEU A 2463 47.94 -17.62 68.34
CA LEU A 2463 48.80 -17.25 69.47
C LEU A 2463 49.11 -18.46 70.33
N ASP A 2464 48.14 -19.37 70.48
CA ASP A 2464 48.39 -20.60 71.21
C ASP A 2464 49.45 -21.44 70.51
N ASP A 2465 49.43 -21.48 69.17
CA ASP A 2465 50.47 -22.19 68.45
C ASP A 2465 51.84 -21.57 68.69
N LEU A 2466 51.91 -20.23 68.67
CA LEU A 2466 53.20 -19.58 68.95
C LEU A 2466 53.69 -19.92 70.36
N VAL A 2467 52.80 -19.85 71.34
CA VAL A 2467 53.20 -20.13 72.73
C VAL A 2467 53.64 -21.58 72.87
N GLY A 2468 52.95 -22.49 72.17
CA GLY A 2468 53.35 -23.89 72.20
C GLY A 2468 54.72 -24.13 71.61
N ILE A 2469 55.02 -23.46 70.49
CA ILE A 2469 56.34 -23.65 69.89
C ILE A 2469 57.42 -23.07 70.79
N ILE A 2470 57.16 -21.90 71.40
CA ILE A 2470 58.12 -21.33 72.34
C ILE A 2470 58.32 -22.26 73.54
N SER A 2471 57.25 -22.94 73.96
CA SER A 2471 57.33 -23.79 75.14
C SER A 2471 57.97 -25.13 74.82
N LEU A 2472 58.24 -25.39 73.55
CA LEU A 2472 58.84 -26.66 73.17
C LEU A 2472 60.24 -26.77 73.76
N PRO A 2473 60.60 -27.92 74.34
CA PRO A 2473 61.93 -28.07 74.94
C PRO A 2473 63.02 -28.03 73.88
N LEU A 2474 64.17 -27.51 74.28
CA LEU A 2474 65.35 -27.43 73.43
C LEU A 2474 66.41 -28.38 73.96
N GLN A 2475 66.99 -29.19 73.06
CA GLN A 2475 68.06 -30.09 73.47
C GLN A 2475 69.23 -29.27 73.99
N ILE A 2476 69.73 -29.65 75.17
CA ILE A 2476 70.78 -28.94 75.86
C ILE A 2476 72.01 -29.84 75.89
N PRO A 2477 73.20 -29.33 75.59
CA PRO A 2477 74.40 -30.17 75.70
C PRO A 2477 74.54 -30.73 77.11
N THR A 2478 74.92 -32.00 77.20
CA THR A 2478 74.93 -32.71 78.46
C THR A 2478 76.28 -33.37 78.68
N LEU A 2479 76.59 -33.59 79.94
CA LEU A 2479 77.85 -34.20 80.35
C LEU A 2479 77.62 -35.68 80.64
N GLY A 2480 78.32 -36.55 79.91
CA GLY A 2480 78.13 -37.97 80.09
C GLY A 2480 79.15 -38.76 79.31
N LYS A 2481 79.05 -40.09 79.46
CA LYS A 2481 79.96 -41.03 78.81
C LYS A 2481 81.42 -40.71 79.15
N ASP A 2482 81.73 -40.84 80.44
CA ASP A 2482 83.04 -40.60 81.08
C ASP A 2482 83.37 -39.11 81.11
N GLY A 2483 82.43 -38.27 80.67
CA GLY A 2483 82.67 -36.84 80.60
C GLY A 2483 82.80 -36.29 79.20
N ALA A 2484 82.53 -37.08 78.17
CA ALA A 2484 82.56 -36.57 76.81
C ALA A 2484 81.37 -35.66 76.55
N LEU A 2485 81.62 -34.53 75.89
CA LEU A 2485 80.56 -33.60 75.59
C LEU A 2485 79.60 -34.19 74.56
N VAL A 2486 78.31 -34.17 74.89
CA VAL A 2486 77.25 -34.62 74.00
C VAL A 2486 76.52 -33.39 73.50
N GLN A 2487 76.66 -33.08 72.22
CA GLN A 2487 76.09 -31.88 71.65
C GLN A 2487 75.15 -32.23 70.50
N PRO A 2488 73.95 -31.66 70.47
CA PRO A 2488 73.06 -31.87 69.32
C PRO A 2488 73.64 -31.22 68.06
N LYS A 2489 73.36 -31.82 66.92
CA LYS A 2489 73.84 -31.27 65.66
C LYS A 2489 72.92 -30.14 65.20
N MET A 2490 73.53 -29.04 64.75
CA MET A 2490 72.76 -27.87 64.36
C MET A 2490 71.86 -28.18 63.17
N SER A 2491 72.37 -28.95 62.21
CA SER A 2491 71.63 -29.15 60.97
C SER A 2491 70.51 -30.17 61.15
N ALA A 2492 70.39 -30.75 62.34
CA ALA A 2492 69.43 -31.83 62.55
C ALA A 2492 68.62 -31.69 63.83
N SER A 2493 68.54 -30.51 64.43
CA SER A 2493 67.89 -30.35 65.71
C SER A 2493 67.11 -29.03 65.77
N PHE A 2494 66.19 -28.96 66.72
CA PHE A 2494 65.43 -27.73 66.96
C PHE A 2494 66.35 -26.66 67.50
N VAL A 2495 66.15 -25.42 67.04
CA VAL A 2495 67.21 -24.42 67.22
C VAL A 2495 66.60 -23.11 67.73
N PRO A 2496 67.35 -22.40 68.57
CA PRO A 2496 66.84 -21.16 69.15
C PRO A 2496 66.51 -20.07 68.13
N ASP A 2497 67.08 -20.08 66.93
CA ASP A 2497 66.63 -19.07 65.96
C ASP A 2497 65.24 -19.43 65.45
N HIS A 2498 64.97 -20.74 65.33
CA HIS A 2498 63.62 -21.20 65.04
C HIS A 2498 62.65 -20.70 66.10
N LYS A 2499 63.06 -20.75 67.37
CA LYS A 2499 62.20 -20.20 68.41
C LYS A 2499 62.12 -18.67 68.34
N ALA A 2500 63.22 -18.02 67.91
CA ALA A 2500 63.27 -16.57 67.88
C ALA A 2500 62.33 -16.01 66.82
N SER A 2501 62.15 -16.73 65.71
CA SER A 2501 61.17 -16.30 64.73
C SER A 2501 59.76 -16.28 65.32
N MET A 2502 59.43 -17.31 66.09
CA MET A 2502 58.15 -17.36 66.79
C MET A 2502 58.00 -16.16 67.70
N VAL A 2503 59.05 -15.87 68.49
CA VAL A 2503 58.98 -14.77 69.44
C VAL A 2503 58.81 -13.44 68.72
N LEU A 2504 59.54 -13.25 67.62
CA LEU A 2504 59.44 -12.00 66.87
C LEU A 2504 58.05 -11.80 66.32
N PHE A 2505 57.45 -12.87 65.77
CA PHE A 2505 56.08 -12.76 65.27
C PHE A 2505 55.11 -12.43 66.40
N LEU A 2506 55.29 -13.08 67.56
CA LEU A 2506 54.42 -12.81 68.70
C LEU A 2506 54.50 -11.36 69.13
N ASP A 2507 55.71 -10.80 69.18
CA ASP A 2507 55.85 -9.40 69.53
C ASP A 2507 55.25 -8.49 68.46
N ARG A 2508 55.41 -8.86 67.19
CA ARG A 2508 55.03 -7.96 66.11
C ARG A 2508 53.52 -7.86 65.94
N VAL A 2509 52.82 -8.99 65.94
CA VAL A 2509 51.41 -9.03 65.54
C VAL A 2509 50.47 -9.10 66.75
N TYR A 2510 50.86 -9.86 67.78
CA TYR A 2510 49.97 -10.01 68.93
C TYR A 2510 50.33 -9.03 70.04
N GLY A 2511 51.62 -8.80 70.25
CA GLY A 2511 52.03 -7.99 71.38
C GLY A 2511 51.76 -8.73 72.67
N ILE A 2512 51.84 -7.98 73.77
CA ILE A 2512 51.54 -8.48 75.10
C ILE A 2512 50.36 -7.70 75.64
N GLU A 2513 49.17 -8.31 75.60
CA GLU A 2513 47.95 -7.61 75.97
C GLU A 2513 47.94 -7.29 77.46
N ASN A 2514 48.43 -8.21 78.30
CA ASN A 2514 48.26 -8.05 79.73
C ASN A 2514 49.37 -8.77 80.48
N GLN A 2515 49.51 -8.38 81.75
CA GLN A 2515 50.61 -8.86 82.58
C GLN A 2515 50.45 -10.34 82.93
N ASP A 2516 49.22 -10.81 83.09
CA ASP A 2516 49.03 -12.23 83.40
C ASP A 2516 49.39 -13.11 82.21
N PHE A 2517 49.04 -12.68 81.00
CA PHE A 2517 49.50 -13.40 79.81
C PHE A 2517 51.01 -13.35 79.69
N LEU A 2518 51.60 -12.19 80.00
CA LEU A 2518 53.06 -12.10 79.98
C LEU A 2518 53.68 -13.14 80.90
N LEU A 2519 53.20 -13.20 82.15
CA LEU A 2519 53.74 -14.17 83.10
C LEU A 2519 53.51 -15.59 82.63
N HIS A 2520 52.35 -15.87 82.04
CA HIS A 2520 52.09 -17.21 81.50
C HIS A 2520 53.11 -17.58 80.44
N VAL A 2521 53.38 -16.68 79.50
CA VAL A 2521 54.31 -17.00 78.42
C VAL A 2521 55.72 -17.18 78.98
N LEU A 2522 56.07 -16.41 80.01
CA LEU A 2522 57.39 -16.60 80.61
C LEU A 2522 57.50 -17.95 81.29
N ASP A 2523 56.49 -18.34 82.08
CA ASP A 2523 56.63 -19.59 82.83
C ASP A 2523 56.53 -20.80 81.92
N VAL A 2524 55.91 -20.64 80.73
CA VAL A 2524 55.85 -21.78 79.83
C VAL A 2524 57.10 -21.86 78.95
N GLY A 2525 57.50 -20.75 78.35
CA GLY A 2525 58.56 -20.81 77.35
C GLY A 2525 59.85 -20.08 77.67
N PHE A 2526 59.77 -18.94 78.35
CA PHE A 2526 60.95 -18.10 78.50
C PHE A 2526 61.82 -18.55 79.66
N LEU A 2527 61.23 -18.67 80.85
CA LEU A 2527 62.00 -19.04 82.03
C LEU A 2527 62.79 -20.32 81.86
N PRO A 2528 62.25 -21.39 81.28
CA PRO A 2528 63.11 -22.56 80.99
C PRO A 2528 64.29 -22.22 80.10
N ASP A 2529 64.12 -21.30 79.14
CA ASP A 2529 65.22 -20.96 78.25
C ASP A 2529 66.31 -20.19 79.00
N MET A 2530 65.93 -19.20 79.82
CA MET A 2530 66.98 -18.50 80.57
C MET A 2530 67.64 -19.42 81.58
N ARG A 2531 66.88 -20.33 82.19
CA ARG A 2531 67.48 -21.28 83.12
C ARG A 2531 68.47 -22.19 82.40
N ALA A 2532 68.11 -22.69 81.21
CA ALA A 2532 69.01 -23.54 80.45
C ALA A 2532 70.27 -22.78 80.05
N ALA A 2533 70.11 -21.51 79.64
CA ALA A 2533 71.27 -20.71 79.29
C ALA A 2533 72.19 -20.47 80.49
N ALA A 2534 71.59 -20.20 81.65
CA ALA A 2534 72.39 -20.01 82.86
C ALA A 2534 73.14 -21.28 83.22
N SER A 2535 72.49 -22.43 83.08
CA SER A 2535 73.19 -23.70 83.30
C SER A 2535 74.32 -23.89 82.29
N LEU A 2536 74.09 -23.52 81.04
CA LEU A 2536 75.12 -23.67 80.01
C LEU A 2536 76.26 -22.69 80.21
N ASP A 2537 76.06 -21.69 81.08
CA ASP A 2537 77.06 -20.65 81.30
C ASP A 2537 78.12 -21.17 82.27
N THR A 2538 78.75 -22.27 81.88
CA THR A 2538 79.86 -22.84 82.62
C THR A 2538 81.00 -23.09 81.64
N ALA A 2539 82.22 -23.18 82.18
CA ALA A 2539 83.41 -23.24 81.33
C ALA A 2539 83.38 -24.42 80.39
N THR A 2540 82.79 -25.54 80.82
CA THR A 2540 82.81 -26.74 79.99
C THR A 2540 81.68 -26.75 78.97
N PHE A 2541 80.62 -25.96 79.20
CA PHE A 2541 79.50 -25.88 78.27
C PHE A 2541 79.42 -24.55 77.52
N SER A 2542 80.17 -23.53 77.91
CA SER A 2542 80.01 -22.21 77.30
C SER A 2542 80.45 -22.21 75.85
N THR A 2543 81.37 -23.09 75.47
CA THR A 2543 81.90 -23.09 74.11
C THR A 2543 80.88 -23.67 73.13
N THR A 2544 79.90 -24.42 73.63
CA THR A 2544 79.01 -25.18 72.75
C THR A 2544 78.14 -24.27 71.91
N GLU A 2545 77.84 -24.73 70.69
CA GLU A 2545 77.07 -23.93 69.76
C GLU A 2545 75.63 -23.77 70.21
N MET A 2546 75.08 -24.76 70.93
CA MET A 2546 73.80 -24.54 71.59
C MET A 2546 73.86 -23.41 72.60
N ALA A 2547 74.92 -23.35 73.40
CA ALA A 2547 75.04 -22.26 74.35
C ALA A 2547 75.11 -20.91 73.64
N LEU A 2548 75.92 -20.83 72.59
CA LEU A 2548 76.06 -19.57 71.86
C LEU A 2548 74.75 -19.17 71.20
N ALA A 2549 74.06 -20.13 70.57
CA ALA A 2549 72.79 -19.83 69.91
C ALA A 2549 71.72 -19.44 70.91
N LEU A 2550 71.69 -20.11 72.07
CA LEU A 2550 70.75 -19.73 73.11
C LEU A 2550 71.00 -18.32 73.59
N ASN A 2551 72.26 -17.95 73.80
CA ASN A 2551 72.58 -16.59 74.21
C ASN A 2551 72.15 -15.59 73.16
N ARG A 2552 72.43 -15.88 71.88
CA ARG A 2552 72.03 -14.97 70.81
C ARG A 2552 70.52 -14.81 70.76
N TYR A 2553 69.79 -15.92 70.85
CA TYR A 2553 68.33 -15.87 70.77
C TYR A 2553 67.74 -15.11 71.94
N LEU A 2554 68.29 -15.28 73.14
CA LEU A 2554 67.80 -14.54 74.29
C LEU A 2554 68.07 -13.05 74.14
N CYS A 2555 69.28 -12.69 73.67
CA CYS A 2555 69.64 -11.28 73.63
C CYS A 2555 68.99 -10.58 72.44
N LEU A 2556 68.50 -11.34 71.46
CA LEU A 2556 67.90 -10.71 70.28
C LEU A 2556 66.41 -10.46 70.48
N ALA A 2557 65.67 -11.44 70.98
CA ALA A 2557 64.22 -11.34 71.07
C ALA A 2557 63.70 -11.35 72.50
N VAL A 2558 64.03 -12.38 73.28
CA VAL A 2558 63.37 -12.59 74.56
C VAL A 2558 63.66 -11.45 75.52
N LEU A 2559 64.93 -11.08 75.66
CA LEU A 2559 65.28 -10.01 76.58
C LEU A 2559 64.74 -8.65 76.16
N PRO A 2560 64.82 -8.22 74.89
CA PRO A 2560 64.13 -6.98 74.53
C PRO A 2560 62.64 -7.01 74.78
N LEU A 2561 61.99 -8.14 74.52
CA LEU A 2561 60.56 -8.26 74.82
C LEU A 2561 60.30 -8.07 76.31
N ILE A 2562 61.08 -8.74 77.15
CA ILE A 2562 60.92 -8.61 78.59
C ILE A 2562 61.15 -7.18 79.03
N THR A 2563 62.16 -6.52 78.44
CA THR A 2563 62.45 -5.13 78.77
C THR A 2563 61.27 -4.23 78.42
N LYS A 2564 60.64 -4.47 77.28
CA LYS A 2564 59.44 -3.70 76.93
C LYS A 2564 58.31 -3.97 77.90
N CYS A 2565 58.17 -5.21 78.37
CA CYS A 2565 57.03 -5.57 79.20
C CYS A 2565 57.29 -5.41 80.70
N ALA A 2566 58.36 -4.74 81.09
CA ALA A 2566 58.62 -4.53 82.52
C ALA A 2566 57.54 -3.73 83.24
N PRO A 2567 56.97 -2.66 82.69
CA PRO A 2567 55.86 -2.00 83.40
C PRO A 2567 54.71 -2.94 83.71
N LEU A 2568 54.45 -3.91 82.83
CA LEU A 2568 53.49 -4.96 83.18
C LEU A 2568 54.01 -5.82 84.32
N PHE A 2569 55.33 -6.05 84.35
CA PHE A 2569 55.93 -6.81 85.44
C PHE A 2569 55.71 -6.12 86.78
N ALA A 2570 55.54 -4.80 86.76
CA ALA A 2570 55.46 -4.03 88.00
C ALA A 2570 54.30 -4.46 88.89
N GLY A 2571 53.26 -5.07 88.31
CA GLY A 2571 52.00 -5.22 89.02
C GLY A 2571 52.00 -6.33 90.05
N THR A 2572 52.17 -7.58 89.60
CA THR A 2572 51.75 -8.76 90.35
C THR A 2572 52.51 -8.89 91.67
N GLU A 2573 51.78 -9.23 92.73
CA GLU A 2573 52.40 -9.63 93.99
C GLU A 2573 52.31 -11.14 94.18
N HIS A 2574 51.49 -11.82 93.36
CA HIS A 2574 51.26 -13.25 93.56
C HIS A 2574 52.26 -14.09 92.78
N ARG A 2575 52.60 -13.68 91.56
CA ARG A 2575 53.67 -14.33 90.80
C ARG A 2575 55.06 -13.91 91.27
N ALA A 2576 55.17 -13.34 92.47
CA ALA A 2576 56.42 -12.72 92.90
C ALA A 2576 57.53 -13.74 93.05
N ILE A 2577 57.21 -14.98 93.43
CA ILE A 2577 58.25 -15.99 93.56
C ILE A 2577 58.88 -16.29 92.21
N MET A 2578 58.05 -16.51 91.20
CA MET A 2578 58.57 -16.76 89.86
C MET A 2578 59.26 -15.53 89.30
N VAL A 2579 58.78 -14.35 89.67
CA VAL A 2579 59.45 -13.11 89.27
C VAL A 2579 60.86 -13.05 89.86
N ASP A 2580 61.00 -13.39 91.13
CA ASP A 2580 62.32 -13.40 91.76
C ASP A 2580 63.22 -14.44 91.11
N SER A 2581 62.65 -15.60 90.75
CA SER A 2581 63.44 -16.60 90.05
C SER A 2581 63.95 -16.07 88.72
N MET A 2582 63.09 -15.37 87.98
CA MET A 2582 63.54 -14.79 86.71
C MET A 2582 64.62 -13.75 86.96
N LEU A 2583 64.49 -12.98 88.03
CA LEU A 2583 65.50 -11.98 88.37
C LEU A 2583 66.86 -12.65 88.61
N HIS A 2584 66.87 -13.74 89.37
CA HIS A 2584 68.12 -14.44 89.61
CA HIS A 2584 68.12 -14.44 89.61
C HIS A 2584 68.70 -15.00 88.32
N THR A 2585 67.84 -15.56 87.45
CA THR A 2585 68.35 -16.12 86.20
C THR A 2585 68.95 -15.04 85.32
N VAL A 2586 68.29 -13.89 85.21
CA VAL A 2586 68.80 -12.82 84.35
C VAL A 2586 70.07 -12.22 84.96
N TYR A 2587 70.17 -12.22 86.29
CA TYR A 2587 71.40 -11.76 86.92
C TYR A 2587 72.56 -12.70 86.59
N ARG A 2588 72.33 -14.02 86.70
CA ARG A 2588 73.37 -14.97 86.35
C ARG A 2588 73.76 -14.85 84.89
N LEU A 2589 72.78 -14.60 84.02
CA LEU A 2589 73.10 -14.33 82.62
C LEU A 2589 73.95 -13.09 82.46
N SER A 2590 73.66 -12.05 83.25
CA SER A 2590 74.45 -10.83 83.19
C SER A 2590 75.90 -11.10 83.57
N ARG A 2591 76.12 -11.87 84.63
CA ARG A 2591 77.48 -12.28 84.97
C ARG A 2591 77.81 -13.58 84.24
N GLY A 2592 77.96 -13.46 82.93
CA GLY A 2592 78.18 -14.61 82.08
C GLY A 2592 79.55 -14.65 81.45
N ARG A 2593 80.11 -15.85 81.34
CA ARG A 2593 81.42 -16.04 80.73
C ARG A 2593 81.29 -16.31 79.24
N SER A 2594 82.24 -15.79 78.47
CA SER A 2594 82.24 -15.93 77.00
C SER A 2594 80.97 -15.35 76.39
N LEU A 2595 80.71 -14.08 76.70
CA LEU A 2595 79.53 -13.37 76.21
C LEU A 2595 79.96 -12.02 75.68
N THR A 2596 79.52 -11.69 74.47
CA THR A 2596 79.95 -10.45 73.85
C THR A 2596 79.36 -9.24 74.56
N LYS A 2597 79.94 -8.06 74.25
CA LYS A 2597 79.60 -6.85 75.00
C LYS A 2597 78.16 -6.42 74.74
N ALA A 2598 77.72 -6.46 73.47
CA ALA A 2598 76.35 -6.08 73.17
C ALA A 2598 75.35 -7.01 73.84
N GLN A 2599 75.63 -8.32 73.79
CA GLN A 2599 74.77 -9.26 74.51
C GLN A 2599 74.71 -8.91 75.99
N ARG A 2600 75.89 -8.71 76.60
CA ARG A 2600 75.95 -8.46 78.04
C ARG A 2600 75.18 -7.21 78.43
N ASP A 2601 75.33 -6.12 77.67
CA ASP A 2601 74.65 -4.90 78.09
C ASP A 2601 73.16 -4.97 77.77
N VAL A 2602 72.76 -5.83 76.83
CA VAL A 2602 71.34 -6.12 76.67
C VAL A 2602 70.79 -6.78 77.93
N ILE A 2603 71.49 -7.80 78.46
CA ILE A 2603 71.04 -8.40 79.71
C ILE A 2603 70.99 -7.35 80.82
N GLU A 2604 72.02 -6.50 80.88
CA GLU A 2604 72.09 -5.51 81.96
C GLU A 2604 70.92 -4.53 81.89
N ASP A 2605 70.59 -4.05 80.69
CA ASP A 2605 69.46 -3.13 80.56
C ASP A 2605 68.14 -3.81 80.92
N CYS A 2606 67.96 -5.06 80.48
CA CYS A 2606 66.73 -5.77 80.81
C CYS A 2606 66.60 -5.93 82.33
N LEU A 2607 67.68 -6.33 82.99
CA LEU A 2607 67.65 -6.49 84.44
C LEU A 2607 67.37 -5.17 85.14
N MET A 2608 67.97 -4.09 84.65
CA MET A 2608 67.73 -2.77 85.22
C MET A 2608 66.24 -2.41 85.14
N ALA A 2609 65.63 -2.58 83.97
CA ALA A 2609 64.22 -2.24 83.82
C ALA A 2609 63.35 -3.09 84.72
N LEU A 2610 63.62 -4.40 84.76
CA LEU A 2610 62.87 -5.27 85.67
C LEU A 2610 62.96 -4.78 87.09
N CYS A 2611 64.17 -4.44 87.55
CA CYS A 2611 64.36 -4.07 88.95
C CYS A 2611 63.67 -2.74 89.26
N ARG A 2612 63.71 -1.78 88.33
CA ARG A 2612 63.05 -0.51 88.58
CA ARG A 2612 63.04 -0.51 88.59
C ARG A 2612 61.54 -0.70 88.71
N TYR A 2613 60.94 -1.47 87.82
CA TYR A 2613 59.48 -1.59 87.87
C TYR A 2613 59.01 -2.52 88.99
N ILE A 2614 59.85 -3.47 89.40
CA ILE A 2614 59.41 -4.45 90.39
C ILE A 2614 59.36 -3.80 91.77
N ARG A 2615 58.36 -4.20 92.57
CA ARG A 2615 58.18 -3.65 93.90
C ARG A 2615 59.36 -4.02 94.81
N PRO A 2616 59.64 -3.19 95.81
CA PRO A 2616 60.84 -3.41 96.64
C PRO A 2616 60.88 -4.74 97.36
N SER A 2617 59.73 -5.28 97.76
CA SER A 2617 59.73 -6.47 98.59
C SER A 2617 60.34 -7.66 97.87
N MET A 2618 60.09 -7.79 96.57
CA MET A 2618 60.64 -8.92 95.81
C MET A 2618 62.14 -8.77 95.64
N LEU A 2619 62.64 -7.53 95.63
CA LEU A 2619 64.04 -7.29 95.32
C LEU A 2619 64.96 -7.74 96.45
N GLN A 2620 64.38 -8.30 97.51
CA GLN A 2620 65.19 -8.71 98.67
C GLN A 2620 66.09 -9.89 98.33
N HIS A 2621 65.56 -10.90 97.64
CA HIS A 2621 66.35 -12.09 97.37
C HIS A 2621 67.48 -11.80 96.41
N LEU A 2622 67.21 -11.03 95.35
CA LEU A 2622 68.28 -10.59 94.46
C LEU A 2622 69.25 -9.67 95.19
N LEU A 2623 68.72 -8.83 96.08
CA LEU A 2623 69.57 -7.88 96.79
C LEU A 2623 70.55 -8.59 97.69
N ARG A 2624 70.17 -9.75 98.23
CA ARG A 2624 71.10 -10.51 99.08
C ARG A 2624 72.27 -11.06 98.26
N ARG A 2625 71.99 -11.60 97.07
CA ARG A 2625 73.06 -12.09 96.21
C ARG A 2625 73.93 -10.93 95.76
N LEU A 2626 73.33 -9.78 95.47
CA LEU A 2626 74.12 -8.59 95.15
C LEU A 2626 74.97 -8.16 96.33
N VAL A 2627 74.43 -8.28 97.54
CA VAL A 2627 75.19 -7.96 98.75
C VAL A 2627 76.42 -8.83 98.84
N PHE A 2628 76.29 -10.10 98.47
CA PHE A 2628 77.48 -10.96 98.44
C PHE A 2628 78.45 -10.55 97.34
N ASP A 2629 77.93 -10.22 96.16
CA ASP A 2629 78.79 -10.04 94.99
C ASP A 2629 79.55 -8.71 95.03
N VAL A 2630 78.89 -7.63 95.45
CA VAL A 2630 79.45 -6.29 95.23
C VAL A 2630 80.78 -6.05 95.95
N PRO A 2631 80.95 -6.41 97.23
CA PRO A 2631 82.15 -5.92 97.95
C PRO A 2631 83.48 -6.33 97.33
N ILE A 2632 83.51 -7.39 96.52
CA ILE A 2632 84.74 -7.73 95.82
C ILE A 2632 85.15 -6.61 94.88
N LEU A 2633 84.17 -5.86 94.37
CA LEU A 2633 84.41 -4.72 93.47
C LEU A 2633 85.14 -5.16 92.21
N ASN A 2634 84.82 -6.35 91.72
CA ASN A 2634 85.31 -6.79 90.43
C ASN A 2634 84.56 -6.06 89.31
N GLU A 2635 85.05 -6.24 88.08
CA GLU A 2635 84.42 -5.57 86.94
C GLU A 2635 82.99 -6.04 86.74
N PHE A 2636 82.66 -7.24 87.22
CA PHE A 2636 81.29 -7.74 87.07
C PHE A 2636 80.38 -7.19 88.16
N ALA A 2637 80.94 -6.49 89.15
CA ALA A 2637 80.11 -5.97 90.23
C ALA A 2637 79.68 -4.54 89.96
N LYS A 2638 80.20 -3.93 88.89
CA LYS A 2638 79.93 -2.53 88.63
C LYS A 2638 78.46 -2.27 88.30
N MET A 2639 77.93 -2.94 87.29
CA MET A 2639 76.53 -2.68 86.96
C MET A 2639 75.60 -3.19 88.06
N PRO A 2640 75.94 -4.22 88.85
CA PRO A 2640 75.19 -4.46 90.07
C PRO A 2640 75.16 -3.27 91.01
N LEU A 2641 76.29 -2.56 91.17
CA LEU A 2641 76.28 -1.44 92.11
C LEU A 2641 75.52 -0.25 91.54
N LYS A 2642 75.58 -0.06 90.23
CA LYS A 2642 74.77 0.98 89.60
C LYS A 2642 73.28 0.68 89.77
N LEU A 2643 72.90 -0.59 89.57
CA LEU A 2643 71.53 -0.99 89.79
C LEU A 2643 71.11 -0.76 91.23
N LEU A 2644 71.98 -1.07 92.18
CA LEU A 2644 71.68 -0.80 93.58
C LEU A 2644 71.49 0.69 93.83
N THR A 2645 72.31 1.52 93.20
CA THR A 2645 72.14 2.96 93.31
C THR A 2645 70.74 3.38 92.88
N ASN A 2646 70.32 2.96 91.68
CA ASN A 2646 69.01 3.35 91.19
C ASN A 2646 67.90 2.81 92.10
N HIS A 2647 68.02 1.55 92.52
CA HIS A 2647 66.98 0.93 93.33
C HIS A 2647 66.84 1.64 94.67
N TYR A 2648 67.95 1.98 95.32
CA TYR A 2648 67.88 2.65 96.61
C TYR A 2648 67.42 4.09 96.46
N GLU A 2649 67.71 4.71 95.31
CA GLU A 2649 67.12 6.03 95.06
C GLU A 2649 65.62 5.94 94.92
N ARG A 2650 65.12 4.85 94.31
CA ARG A 2650 63.67 4.71 94.14
C ARG A 2650 62.97 4.43 95.46
N CYS A 2651 63.50 3.50 96.25
CA CYS A 2651 62.83 3.01 97.45
C CYS A 2651 63.41 3.59 98.74
N TRP A 2652 64.07 4.75 98.66
CA TRP A 2652 64.65 5.36 99.86
C TRP A 2652 63.58 5.65 100.90
N LYS A 2653 62.42 6.13 100.46
CA LYS A 2653 61.32 6.40 101.38
C LYS A 2653 60.86 5.11 102.05
N TYR A 2654 60.75 4.04 101.26
CA TYR A 2654 60.32 2.74 101.79
C TYR A 2654 61.26 2.24 102.87
N TYR A 2655 62.57 2.38 102.63
CA TYR A 2655 63.53 1.89 103.62
C TYR A 2655 63.60 2.81 104.84
N CYS A 2656 63.44 4.12 104.64
CA CYS A 2656 63.73 5.07 105.72
C CYS A 2656 62.51 5.33 106.59
N LEU A 2657 61.40 5.77 106.01
CA LEU A 2657 60.29 6.24 106.83
C LEU A 2657 59.68 5.09 107.63
N PRO A 2658 59.31 5.32 108.89
CA PRO A 2658 58.67 4.26 109.67
C PRO A 2658 57.36 3.79 109.06
N THR A 2659 56.59 4.70 108.45
CA THR A 2659 55.38 4.29 107.76
C THR A 2659 55.70 3.51 106.49
N GLY A 2660 56.80 3.86 105.83
CA GLY A 2660 57.18 3.19 104.60
C GLY A 2660 56.57 3.84 103.38
N TRP A 2661 56.88 3.26 102.23
CA TRP A 2661 56.35 3.76 100.97
C TRP A 2661 54.83 3.58 100.92
N ALA A 2662 54.17 4.50 100.25
CA ALA A 2662 52.71 4.45 100.13
C ALA A 2662 52.31 3.25 99.29
N ASN A 2663 51.55 2.33 99.89
CA ASN A 2663 50.98 1.12 99.30
C ASN A 2663 52.04 0.08 98.94
N PHE A 2664 53.33 0.38 99.11
CA PHE A 2664 54.38 -0.60 98.85
C PHE A 2664 54.84 -1.32 100.10
N GLY A 2665 54.14 -1.16 101.21
CA GLY A 2665 54.53 -1.83 102.44
C GLY A 2665 55.67 -1.10 103.14
N VAL A 2666 56.25 -1.80 104.11
CA VAL A 2666 57.34 -1.26 104.91
C VAL A 2666 58.46 -2.29 104.97
N THR A 2667 59.64 -1.81 105.34
CA THR A 2667 60.83 -2.67 105.39
C THR A 2667 60.68 -3.74 106.47
N SER A 2668 61.14 -4.95 106.16
CA SER A 2668 61.03 -6.06 107.11
C SER A 2668 62.23 -6.10 108.05
N GLU A 2669 63.12 -5.12 107.95
CA GLU A 2669 64.25 -4.86 108.84
C GLU A 2669 65.33 -5.92 108.66
N GLU A 2670 65.01 -7.01 107.94
CA GLU A 2670 66.06 -7.91 107.50
C GLU A 2670 66.77 -7.35 106.28
N GLU A 2671 66.00 -6.80 105.33
CA GLU A 2671 66.62 -6.10 104.22
C GLU A 2671 67.34 -4.86 104.68
N LEU A 2672 66.94 -4.29 105.83
CA LEU A 2672 67.70 -3.21 106.42
C LEU A 2672 69.07 -3.69 106.89
N HIS A 2673 69.13 -4.86 107.51
CA HIS A 2673 70.41 -5.44 107.88
C HIS A 2673 71.26 -5.72 106.64
N LEU A 2674 70.64 -6.22 105.58
CA LEU A 2674 71.35 -6.44 104.33
C LEU A 2674 71.90 -5.14 103.77
N THR A 2675 71.09 -4.08 103.81
CA THR A 2675 71.51 -2.77 103.31
C THR A 2675 72.69 -2.23 104.11
N ARG A 2676 72.63 -2.36 105.44
CA ARG A 2676 73.75 -1.92 106.28
C ARG A 2676 75.01 -2.70 105.96
N LYS A 2677 74.90 -4.01 105.83
CA LYS A 2677 76.08 -4.83 105.52
C LYS A 2677 76.64 -4.44 104.15
N LEU A 2678 75.77 -4.20 103.17
CA LEU A 2678 76.22 -3.77 101.86
C LEU A 2678 76.96 -2.44 101.93
N PHE A 2679 76.41 -1.48 102.67
CA PHE A 2679 77.07 -0.19 102.81
C PHE A 2679 78.46 -0.34 103.40
N TRP A 2680 78.56 -1.10 104.50
CA TRP A 2680 79.86 -1.24 105.16
C TRP A 2680 80.84 -2.00 104.28
N GLY A 2681 80.39 -3.02 103.57
CA GLY A 2681 81.27 -3.76 102.69
C GLY A 2681 81.81 -2.90 101.57
N ILE A 2682 80.93 -2.13 100.90
CA ILE A 2682 81.38 -1.25 99.83
C ILE A 2682 82.33 -0.20 100.39
N PHE A 2683 82.02 0.36 101.56
CA PHE A 2683 82.86 1.40 102.13
C PHE A 2683 84.27 0.87 102.42
N ASP A 2684 84.36 -0.29 103.09
CA ASP A 2684 85.68 -0.84 103.41
C ASP A 2684 86.43 -1.24 102.14
N SER A 2685 85.74 -1.84 101.17
CA SER A 2685 86.41 -2.23 99.94
C SER A 2685 86.95 -1.01 99.20
N LEU A 2686 86.17 0.07 99.12
CA LEU A 2686 86.64 1.28 98.47
C LEU A 2686 87.80 1.89 99.23
N ALA A 2687 87.77 1.82 100.55
CA ALA A 2687 88.88 2.35 101.35
C ALA A 2687 90.16 1.57 101.06
N HIS A 2688 90.06 0.25 100.94
CA HIS A 2688 91.26 -0.56 100.71
C HIS A 2688 91.76 -0.43 99.28
N LYS A 2689 90.86 -0.29 98.32
CA LYS A 2689 91.24 -0.31 96.90
C LYS A 2689 92.13 0.88 96.55
N LYS A 2690 93.08 0.64 95.64
CA LYS A 2690 93.86 1.72 95.07
C LYS A 2690 92.95 2.58 94.19
N TYR A 2691 93.21 3.88 94.18
CA TYR A 2691 92.28 4.82 93.56
C TYR A 2691 92.14 4.55 92.06
N ASP A 2692 90.92 4.27 91.63
CA ASP A 2692 90.57 4.21 90.22
C ASP A 2692 89.44 5.20 89.97
N GLN A 2693 89.62 6.06 88.97
CA GLN A 2693 88.69 7.17 88.78
C GLN A 2693 87.28 6.67 88.48
N GLU A 2694 87.15 5.73 87.55
CA GLU A 2694 85.81 5.25 87.17
C GLU A 2694 85.15 4.53 88.34
N LEU A 2695 85.89 3.67 89.03
CA LEU A 2695 85.32 2.93 90.15
C LEU A 2695 84.83 3.87 91.24
N TYR A 2696 85.66 4.85 91.61
CA TYR A 2696 85.25 5.81 92.63
C TYR A 2696 84.05 6.62 92.18
N ARG A 2697 84.10 7.13 90.94
CA ARG A 2697 83.03 7.97 90.43
C ARG A 2697 81.69 7.24 90.45
N MET A 2698 81.70 5.95 90.09
CA MET A 2698 80.43 5.27 89.92
C MET A 2698 79.99 4.60 91.21
N ALA A 2699 80.93 4.34 92.13
CA ALA A 2699 80.58 3.75 93.41
C ALA A 2699 80.03 4.78 94.39
N MET A 2700 80.56 6.02 94.35
CA MET A 2700 80.13 7.01 95.34
C MET A 2700 78.62 7.27 95.32
N PRO A 2701 77.94 7.35 94.17
CA PRO A 2701 76.48 7.49 94.22
C PRO A 2701 75.81 6.32 94.92
N CYS A 2702 76.33 5.11 94.75
CA CYS A 2702 75.76 3.95 95.43
C CYS A 2702 75.86 4.11 96.93
N LEU A 2703 77.02 4.53 97.42
CA LEU A 2703 77.19 4.73 98.86
C LEU A 2703 76.25 5.81 99.38
N CYS A 2704 76.13 6.91 98.64
CA CYS A 2704 75.20 7.96 99.08
C CYS A 2704 73.77 7.48 99.10
N ALA A 2705 73.34 6.74 98.07
CA ALA A 2705 71.98 6.24 98.03
C ALA A 2705 71.70 5.27 99.17
N ILE A 2706 72.63 4.36 99.44
CA ILE A 2706 72.45 3.41 100.53
C ILE A 2706 72.38 4.14 101.87
N ALA A 2707 73.26 5.13 102.07
CA ALA A 2707 73.24 5.89 103.31
C ALA A 2707 71.92 6.63 103.48
N GLY A 2708 71.40 7.21 102.39
CA GLY A 2708 70.11 7.87 102.48
C GLY A 2708 68.98 6.90 102.77
N ALA A 2709 69.05 5.70 102.20
CA ALA A 2709 68.01 4.70 102.45
C ALA A 2709 68.01 4.24 103.90
N LEU A 2710 69.18 4.01 104.47
CA LEU A 2710 69.25 3.48 105.83
C LEU A 2710 68.77 4.52 106.84
N PRO A 2711 67.84 4.19 107.71
CA PRO A 2711 67.43 5.12 108.76
C PRO A 2711 68.55 5.32 109.77
N PRO A 2712 68.82 6.57 110.16
CA PRO A 2712 69.87 6.79 111.17
C PRO A 2712 69.58 6.12 112.49
N ASP A 2713 68.32 6.03 112.88
CA ASP A 2713 67.98 5.43 114.17
C ASP A 2713 68.16 3.92 114.14
N TYR A 2714 68.25 3.34 112.96
CA TYR A 2714 68.18 1.90 112.81
C TYR A 2714 69.34 1.21 113.52
N VAL A 2715 69.02 0.12 114.23
CA VAL A 2715 70.00 -0.72 114.89
C VAL A 2715 69.86 -2.12 114.32
N ASP A 2716 70.96 -2.67 113.83
CA ASP A 2716 70.94 -4.05 113.34
C ASP A 2716 70.58 -4.99 114.49
N ALA A 2717 69.82 -6.05 114.16
CA ALA A 2717 69.34 -6.95 115.19
C ALA A 2717 70.48 -7.55 116.00
N SER A 2718 71.61 -7.80 115.35
CA SER A 2718 72.80 -8.33 116.02
C SER A 2718 74.03 -7.55 115.57
N TYR A 2719 74.84 -7.10 116.53
CA TYR A 2719 76.12 -6.49 116.23
C TYR A 2719 77.16 -7.62 116.13
N SER A 2720 76.99 -8.43 115.09
CA SER A 2720 77.84 -9.59 114.85
C SER A 2720 78.49 -9.45 113.48
N SER A 2721 79.80 -9.65 113.44
CA SER A 2721 80.57 -9.61 112.20
C SER A 2721 81.12 -11.00 111.91
N LYS A 2722 80.84 -11.51 110.71
CA LYS A 2722 81.34 -12.82 110.33
C LYS A 2722 82.87 -12.81 110.22
N ALA A 2723 83.44 -11.67 109.85
CA ALA A 2723 84.87 -11.47 109.67
C ALA A 2723 85.46 -12.38 108.59
N GLU A 2724 84.62 -12.95 107.73
CA GLU A 2724 85.11 -13.81 106.66
C GLU A 2724 85.80 -12.98 105.58
N LYS A 2725 86.80 -13.58 104.94
CA LYS A 2725 87.58 -12.94 103.88
C LYS A 2725 88.21 -11.64 104.37
N ASN A 2734 78.24 -21.27 92.43
CA ASN A 2734 77.19 -21.96 93.17
C ASN A 2734 77.56 -22.10 94.64
N PHE A 2735 76.77 -22.89 95.37
CA PHE A 2735 76.99 -23.15 96.78
C PHE A 2735 77.29 -24.63 96.97
N ASP A 2736 78.45 -24.92 97.53
CA ASP A 2736 78.90 -26.29 97.71
C ASP A 2736 78.93 -26.66 99.20
N PRO A 2737 77.98 -27.45 99.67
CA PRO A 2737 77.99 -27.86 101.08
C PRO A 2737 78.70 -29.20 101.28
N ARG A 2738 79.52 -29.30 102.33
CA ARG A 2738 80.24 -30.54 102.60
C ARG A 2738 79.65 -31.22 103.82
N PRO A 2739 79.50 -32.55 103.79
CA PRO A 2739 78.87 -33.24 104.92
C PRO A 2739 79.84 -33.42 106.08
N VAL A 2740 79.27 -33.52 107.29
CA VAL A 2740 80.07 -33.76 108.48
C VAL A 2740 79.94 -35.21 108.89
N GLU A 2741 81.08 -35.87 109.09
CA GLU A 2741 81.13 -37.30 109.37
C GLU A 2741 81.56 -37.52 110.82
N THR A 2742 81.06 -38.61 111.42
CA THR A 2742 81.42 -38.99 112.77
C THR A 2742 81.87 -40.44 112.88
N LEU A 2743 82.03 -41.12 111.74
CA LEU A 2743 82.44 -42.52 111.77
C LEU A 2743 83.83 -42.66 112.42
N ASN A 2744 84.72 -41.71 112.18
CA ASN A 2744 86.03 -41.73 112.81
C ASN A 2744 85.94 -41.35 114.28
N VAL A 2745 85.06 -40.41 114.63
CA VAL A 2745 84.94 -39.95 116.00
C VAL A 2745 84.30 -41.05 116.86
N ILE A 2746 84.83 -41.25 118.06
CA ILE A 2746 84.31 -42.29 118.95
C ILE A 2746 82.93 -41.90 119.43
N ILE A 2747 82.12 -42.90 119.76
CA ILE A 2747 80.74 -42.71 120.18
C ILE A 2747 80.55 -43.44 121.51
N PRO A 2748 80.08 -42.77 122.56
CA PRO A 2748 79.88 -43.45 123.85
C PRO A 2748 78.84 -44.56 123.74
N GLU A 2749 79.11 -45.68 124.42
CA GLU A 2749 78.15 -46.77 124.45
C GLU A 2749 76.99 -46.47 125.40
N LYS A 2750 77.25 -45.65 126.43
CA LYS A 2750 76.18 -45.26 127.35
C LYS A 2750 75.11 -44.47 126.63
N LEU A 2751 75.51 -43.54 125.75
CA LEU A 2751 74.55 -42.81 124.95
C LEU A 2751 73.92 -43.71 123.89
N ASP A 2752 74.70 -44.64 123.34
CA ASP A 2752 74.23 -45.45 122.21
C ASP A 2752 72.98 -46.25 122.57
N SER A 2753 72.89 -46.72 123.82
CA SER A 2753 71.65 -47.36 124.26
C SER A 2753 70.49 -46.39 124.23
N PHE A 2754 70.72 -45.14 124.65
CA PHE A 2754 69.68 -44.12 124.56
C PHE A 2754 69.30 -43.85 123.11
N ILE A 2755 70.26 -43.90 122.20
CA ILE A 2755 69.98 -43.65 120.79
C ILE A 2755 69.16 -44.80 120.21
N ASN A 2756 69.45 -46.03 120.63
CA ASN A 2756 68.62 -47.17 120.22
C ASN A 2756 67.20 -47.02 120.75
N LYS A 2757 67.07 -46.57 122.01
CA LYS A 2757 65.75 -46.32 122.57
C LYS A 2757 65.04 -45.22 121.78
N PHE A 2758 65.79 -44.21 121.35
CA PHE A 2758 65.24 -43.16 120.49
C PHE A 2758 64.78 -43.72 119.15
N ALA A 2759 65.53 -44.67 118.59
CA ALA A 2759 65.11 -45.30 117.35
C ALA A 2759 63.80 -46.05 117.54
N GLU A 2760 63.68 -46.81 118.63
CA GLU A 2760 62.42 -47.47 118.94
C GLU A 2760 61.30 -46.45 119.12
N TYR A 2761 61.61 -45.32 119.76
CA TYR A 2761 60.60 -44.27 119.94
C TYR A 2761 60.21 -43.64 118.62
N THR A 2762 61.13 -43.58 117.66
CA THR A 2762 60.80 -43.01 116.35
C THR A 2762 59.92 -43.97 115.55
N HIS A 2763 60.18 -45.28 115.66
CA HIS A 2763 59.25 -46.24 115.07
C HIS A 2763 57.88 -46.14 115.74
N GLU A 2764 57.86 -45.99 117.07
CA GLU A 2764 56.60 -45.79 117.79
C GLU A 2764 55.92 -44.50 117.34
N LYS A 2765 56.71 -43.48 116.99
CA LYS A 2765 56.13 -42.22 116.54
C LYS A 2765 55.59 -42.33 115.12
N TRP A 2766 56.20 -43.17 114.29
CA TRP A 2766 55.60 -43.48 113.00
C TRP A 2766 54.27 -44.20 113.20
N ALA A 2767 54.21 -45.12 114.16
CA ALA A 2767 52.93 -45.74 114.49
C ALA A 2767 51.93 -44.70 114.99
N PHE A 2768 52.40 -43.73 115.77
CA PHE A 2768 51.54 -42.65 116.25
C PHE A 2768 51.02 -41.80 115.10
N ASP A 2769 51.88 -41.52 114.11
CA ASP A 2769 51.45 -40.80 112.93
C ASP A 2769 50.42 -41.59 112.14
N LYS A 2770 50.56 -42.92 112.12
CA LYS A 2770 49.54 -43.75 111.49
C LYS A 2770 48.24 -43.70 112.27
N ILE A 2771 48.32 -43.62 113.60
CA ILE A 2771 47.12 -43.44 114.42
C ILE A 2771 46.44 -42.12 114.10
N GLN A 2772 47.24 -41.05 113.98
CA GLN A 2772 46.68 -39.76 113.56
C GLN A 2772 46.09 -39.85 112.16
N ASN A 2773 46.64 -40.74 111.33
CA ASN A 2773 46.07 -40.98 110.00
C ASN A 2773 44.75 -41.73 110.10
N ASN A 2774 44.45 -42.28 111.28
CA ASN A 2774 43.26 -43.07 111.58
C ASN A 2774 43.21 -44.36 110.75
N TRP A 2775 44.33 -44.78 110.19
CA TRP A 2775 44.41 -46.03 109.43
C TRP A 2775 45.36 -46.98 110.14
N SER A 2776 44.88 -48.18 110.43
CA SER A 2776 45.69 -49.14 111.19
C SER A 2776 46.91 -49.57 110.40
N TYR A 2777 48.04 -49.66 111.10
CA TYR A 2777 49.28 -50.11 110.46
C TYR A 2777 49.15 -51.56 110.03
N GLY A 2778 49.70 -51.88 108.86
CA GLY A 2778 49.60 -53.22 108.34
C GLY A 2778 50.94 -53.90 108.13
N GLU A 2779 51.02 -55.19 108.44
CA GLU A 2779 52.24 -55.95 108.18
C GLU A 2779 52.53 -56.03 106.68
N ASN A 2780 51.50 -56.26 105.88
CA ASN A 2780 51.66 -56.32 104.44
C ASN A 2780 51.65 -54.93 103.83
N VAL A 2781 52.21 -54.82 102.63
CA VAL A 2781 52.28 -53.56 101.89
C VAL A 2781 51.05 -53.46 100.99
N ASP A 2782 50.36 -52.33 101.07
CA ASP A 2782 49.14 -52.09 100.31
C ASP A 2782 48.89 -50.58 100.19
N GLU A 2783 48.40 -50.17 99.03
CA GLU A 2783 48.30 -48.74 98.73
C GLU A 2783 47.12 -48.08 99.45
N GLU A 2784 45.97 -48.78 99.52
CA GLU A 2784 44.77 -48.14 100.04
C GLU A 2784 44.90 -47.79 101.52
N LEU A 2785 45.64 -48.61 102.28
CA LEU A 2785 45.83 -48.32 103.69
C LEU A 2785 46.71 -47.09 103.89
N LYS A 2786 47.63 -46.84 102.96
CA LYS A 2786 48.60 -45.74 103.06
C LYS A 2786 49.43 -45.84 104.33
N THR A 2787 49.76 -47.07 104.71
CA THR A 2787 50.55 -47.36 105.90
C THR A 2787 51.86 -48.00 105.51
N HIS A 2788 52.92 -47.70 106.26
CA HIS A 2788 54.21 -48.31 106.00
C HIS A 2788 54.14 -49.80 106.31
N PRO A 2789 54.53 -50.67 105.39
CA PRO A 2789 54.42 -52.12 105.65
C PRO A 2789 55.20 -52.61 106.84
N MET A 2790 56.36 -52.01 107.12
CA MET A 2790 57.22 -52.55 108.16
C MET A 2790 56.76 -52.13 109.55
N LEU A 2791 55.72 -51.29 109.63
CA LEU A 2791 55.03 -51.06 110.89
C LEU A 2791 54.38 -52.36 111.35
N ARG A 2792 54.89 -52.93 112.44
CA ARG A 2792 54.44 -54.23 112.91
C ARG A 2792 54.40 -54.20 114.44
N PRO A 2793 53.59 -55.05 115.06
CA PRO A 2793 53.69 -55.22 116.51
C PRO A 2793 55.06 -55.76 116.89
N TYR A 2794 55.53 -55.36 118.09
CA TYR A 2794 56.90 -55.66 118.47
C TYR A 2794 57.15 -57.16 118.56
N LYS A 2795 56.13 -57.93 118.93
CA LYS A 2795 56.27 -59.38 118.94
C LYS A 2795 56.51 -59.92 117.53
N THR A 2796 55.75 -59.42 116.56
CA THR A 2796 55.96 -59.84 115.17
C THR A 2796 57.09 -59.04 114.53
N PHE A 2797 57.54 -57.98 115.19
CA PHE A 2797 58.62 -57.16 114.67
C PHE A 2797 59.93 -57.93 114.64
N SER A 2798 60.64 -57.85 113.52
CA SER A 2798 61.98 -58.39 113.44
C SER A 2798 62.97 -57.37 114.00
N GLU A 2799 64.03 -57.87 114.65
CA GLU A 2799 65.01 -56.96 115.24
C GLU A 2799 65.86 -56.31 114.16
N LYS A 2800 66.12 -57.01 113.06
CA LYS A 2800 67.02 -56.50 112.03
C LYS A 2800 66.44 -55.23 111.40
N ASP A 2801 65.14 -55.22 111.10
CA ASP A 2801 64.54 -54.01 110.56
C ASP A 2801 64.56 -52.88 111.59
N LYS A 2802 64.48 -53.23 112.87
CA LYS A 2802 64.68 -52.22 113.91
C LYS A 2802 66.08 -51.64 113.83
N GLU A 2803 67.06 -52.46 113.44
CA GLU A 2803 68.45 -51.99 113.38
C GLU A 2803 68.70 -51.08 112.19
N ILE A 2804 68.08 -51.37 111.04
CA ILE A 2804 68.41 -50.61 109.83
C ILE A 2804 67.89 -49.17 109.94
N TYR A 2805 66.72 -48.99 110.54
CA TYR A 2805 66.18 -47.64 110.71
C TYR A 2805 66.81 -46.99 111.93
N ARG A 2806 67.47 -47.78 112.78
CA ARG A 2806 68.21 -47.23 113.91
C ARG A 2806 69.37 -46.35 113.42
N TRP A 2807 69.92 -46.69 112.25
CA TRP A 2807 71.15 -46.03 111.81
C TRP A 2807 70.97 -44.55 111.50
N PRO A 2808 69.88 -44.07 110.88
CA PRO A 2808 69.72 -42.61 110.74
C PRO A 2808 69.70 -41.85 112.06
N ILE A 2809 69.09 -42.42 113.10
CA ILE A 2809 69.09 -41.75 114.40
C ILE A 2809 70.49 -41.80 115.00
N LYS A 2810 71.18 -42.93 114.83
CA LYS A 2810 72.61 -43.00 115.11
C LYS A 2810 73.36 -41.86 114.43
N GLU A 2811 73.05 -41.59 113.16
CA GLU A 2811 73.77 -40.57 112.41
C GLU A 2811 73.45 -39.17 112.92
N SER A 2812 72.20 -38.93 113.32
CA SER A 2812 71.86 -37.64 113.89
C SER A 2812 72.62 -37.39 115.19
N LEU A 2813 72.60 -38.38 116.09
CA LEU A 2813 73.39 -38.24 117.32
C LEU A 2813 74.88 -38.17 117.01
N LYS A 2814 75.30 -38.78 115.90
CA LYS A 2814 76.69 -38.74 115.51
C LYS A 2814 77.11 -37.33 115.09
N ALA A 2815 76.28 -36.66 114.31
CA ALA A 2815 76.56 -35.26 113.98
C ALA A 2815 76.59 -34.41 115.25
N MET A 2816 75.63 -34.67 116.15
CA MET A 2816 75.63 -33.97 117.44
C MET A 2816 76.96 -34.12 118.15
N ILE A 2817 77.46 -35.36 118.26
CA ILE A 2817 78.74 -35.59 118.93
C ILE A 2817 79.88 -34.95 118.16
N ALA A 2818 79.84 -35.03 116.83
CA ALA A 2818 80.96 -34.58 116.01
C ALA A 2818 81.18 -33.08 116.14
N TRP A 2819 80.11 -32.29 116.17
CA TRP A 2819 80.26 -30.85 116.26
C TRP A 2819 80.63 -30.41 117.69
N GLU A 2820 81.80 -30.89 118.13
CA GLU A 2820 82.42 -30.58 119.43
C GLU A 2820 81.39 -30.48 120.55
N TRP A 2821 80.52 -31.49 120.65
CA TRP A 2821 79.50 -31.55 121.68
C TRP A 2821 79.58 -32.91 122.38
N THR A 2822 79.58 -32.88 123.71
CA THR A 2822 79.67 -34.09 124.52
C THR A 2822 78.41 -34.21 125.38
N ILE A 2823 77.84 -35.40 125.43
CA ILE A 2823 76.58 -35.67 126.11
C ILE A 2823 76.88 -36.25 127.49
N GLU A 2824 76.07 -35.88 128.47
CA GLU A 2824 76.15 -36.41 129.83
C GLU A 2824 74.92 -36.00 130.62
N LYS A 2825 74.36 -36.95 131.36
CA LYS A 2825 73.17 -36.73 132.17
C LYS A 2825 73.50 -36.98 133.63
N ALA A 2826 73.15 -36.00 134.47
CA ALA A 2826 73.34 -36.17 135.91
C ALA A 2826 72.46 -37.28 136.46
N ARG A 2827 71.20 -37.33 136.02
CA ARG A 2827 70.28 -38.37 136.47
C ARG A 2827 70.58 -39.67 135.73
N GLU A 2828 70.24 -40.79 136.38
CA GLU A 2828 70.43 -42.11 135.81
C GLU A 2828 69.07 -42.73 135.48
N GLY A 2829 68.91 -43.16 134.23
CA GLY A 2829 67.67 -43.77 133.80
C GLY A 2829 67.85 -45.20 133.33
N GLU A 2830 67.08 -46.12 133.93
CA GLU A 2830 67.14 -47.54 133.60
C GLU A 2830 68.56 -48.09 133.72
N TYR A 2855 51.53 -51.15 120.16
CA TYR A 2855 52.54 -50.64 119.24
C TYR A 2855 52.46 -49.11 119.20
N ASN A 2856 51.95 -48.52 120.28
CA ASN A 2856 51.87 -47.08 120.40
C ASN A 2856 52.71 -46.62 121.59
N PRO A 2857 53.51 -45.57 121.43
CA PRO A 2857 54.34 -45.11 122.54
C PRO A 2857 53.47 -44.52 123.66
N GLN A 2858 53.95 -44.63 124.89
CA GLN A 2858 53.24 -44.00 125.99
C GLN A 2858 53.40 -42.48 125.96
N PRO A 2859 54.60 -41.90 125.94
CA PRO A 2859 54.70 -40.46 125.71
C PRO A 2859 54.96 -40.16 124.24
N PRO A 2860 54.31 -39.15 123.68
CA PRO A 2860 54.70 -38.69 122.34
C PRO A 2860 55.77 -37.61 122.42
N ASP A 2861 56.71 -37.68 121.49
CA ASP A 2861 57.80 -36.72 121.43
C ASP A 2861 57.44 -35.61 120.44
N LEU A 2862 57.30 -34.39 120.95
CA LEU A 2862 56.87 -33.24 120.15
C LEU A 2862 57.97 -32.18 120.18
N SER A 2863 58.29 -31.63 119.00
CA SER A 2863 59.30 -30.59 118.93
C SER A 2863 58.76 -29.26 119.44
N GLY A 2864 57.44 -29.17 119.64
CA GLY A 2864 56.85 -27.91 120.05
C GLY A 2864 57.11 -27.57 121.50
N VAL A 2865 57.45 -28.58 122.31
CA VAL A 2865 57.67 -28.35 123.74
C VAL A 2865 58.91 -27.48 123.92
N THR A 2866 58.97 -26.80 125.07
CA THR A 2866 60.04 -25.85 125.31
C THR A 2866 61.38 -26.55 125.50
N LEU A 2867 62.46 -25.79 125.34
CA LEU A 2867 63.82 -26.32 125.43
C LEU A 2867 64.78 -25.18 125.76
N SER A 2868 65.95 -25.56 126.26
CA SER A 2868 66.96 -24.57 126.61
C SER A 2868 67.41 -23.79 125.37
N ARG A 2869 67.77 -22.52 125.57
CA ARG A 2869 68.19 -21.69 124.45
C ARG A 2869 69.51 -22.18 123.86
N GLU A 2870 70.45 -22.59 124.71
CA GLU A 2870 71.70 -23.16 124.19
CA GLU A 2870 71.70 -23.16 124.21
C GLU A 2870 71.44 -24.46 123.44
N LEU A 2871 70.53 -25.28 123.95
CA LEU A 2871 70.17 -26.52 123.26
C LEU A 2871 69.55 -26.22 121.90
N GLN A 2872 68.72 -25.18 121.84
CA GLN A 2872 68.12 -24.78 120.57
C GLN A 2872 69.17 -24.25 119.60
N ALA A 2873 70.17 -23.53 120.11
CA ALA A 2873 71.26 -23.08 119.25
C ALA A 2873 72.05 -24.25 118.69
N MET A 2874 72.33 -25.26 119.53
CA MET A 2874 72.97 -26.47 119.04
C MET A 2874 72.10 -27.17 118.01
N ALA A 2875 70.78 -27.17 118.22
CA ALA A 2875 69.87 -27.79 117.26
C ALA A 2875 69.86 -27.04 115.93
N GLU A 2876 69.96 -25.71 115.97
CA GLU A 2876 70.03 -24.94 114.73
C GLU A 2876 71.34 -25.19 114.00
N GLN A 2877 72.43 -25.36 114.75
CA GLN A 2877 73.69 -25.75 114.13
C GLN A 2877 73.56 -27.12 113.48
N LEU A 2878 72.92 -28.05 114.17
CA LEU A 2878 72.63 -29.36 113.58
C LEU A 2878 71.76 -29.24 112.36
N ALA A 2879 70.86 -28.26 112.34
CA ALA A 2879 70.03 -28.03 111.16
C ALA A 2879 70.88 -27.61 109.98
N GLU A 2880 71.84 -26.71 110.20
CA GLU A 2880 72.78 -26.37 109.13
C GLU A 2880 73.58 -27.59 108.69
N ASN A 2881 73.99 -28.43 109.64
CA ASN A 2881 74.73 -29.65 109.29
C ASN A 2881 73.89 -30.59 108.43
N TYR A 2882 72.63 -30.81 108.82
CA TYR A 2882 71.76 -31.68 108.04
C TYR A 2882 71.50 -31.10 106.66
N HIS A 2883 71.32 -29.78 106.58
CA HIS A 2883 71.13 -29.13 105.30
C HIS A 2883 72.36 -29.30 104.41
N ASN A 2884 73.56 -29.21 104.99
CA ASN A 2884 74.76 -29.37 104.18
C ASN A 2884 74.95 -30.82 103.75
N THR A 2885 74.57 -31.78 104.61
CA THR A 2885 74.65 -33.18 104.21
C THR A 2885 73.72 -33.47 103.04
N TRP A 2886 72.48 -32.97 103.10
CA TRP A 2886 71.55 -33.16 101.98
C TRP A 2886 72.02 -32.40 100.75
N GLY A 2887 72.55 -31.20 100.94
CA GLY A 2887 73.07 -30.44 99.82
C GLY A 2887 74.31 -31.07 99.22
N ARG A 2888 74.96 -31.97 99.97
CA ARG A 2888 76.08 -32.71 99.40
C ARG A 2888 75.64 -33.61 98.26
N LYS A 2889 74.61 -34.43 98.48
CA LYS A 2889 74.10 -35.26 97.39
C LYS A 2889 73.44 -34.42 96.31
N LYS A 2890 72.78 -33.32 96.71
CA LYS A 2890 72.22 -32.42 95.70
C LYS A 2890 73.31 -31.82 94.82
N LYS A 2891 74.45 -31.46 95.41
CA LYS A 2891 75.55 -30.87 94.66
C LYS A 2891 76.27 -31.94 93.84
N GLN A 2892 76.27 -33.19 94.31
CA GLN A 2892 76.77 -34.28 93.48
C GLN A 2892 75.92 -34.45 92.24
N GLU A 2893 74.59 -34.35 92.39
CA GLU A 2893 73.71 -34.38 91.22
C GLU A 2893 73.98 -33.18 90.30
N LEU A 2894 74.15 -32.00 90.88
CA LEU A 2894 74.35 -30.80 90.08
C LEU A 2894 75.68 -30.82 89.33
N GLU A 2895 76.74 -31.31 89.97
CA GLU A 2895 78.08 -31.22 89.40
C GLU A 2895 78.25 -32.17 88.23
N ALA A 2896 77.47 -33.24 88.18
CA ALA A 2896 77.51 -34.13 87.03
C ALA A 2896 77.10 -33.39 85.76
N LYS A 2897 76.04 -32.59 85.83
CA LYS A 2897 75.70 -31.70 84.73
C LYS A 2897 76.75 -30.62 84.57
N GLY A 2898 77.27 -30.10 85.68
CA GLY A 2898 78.32 -29.11 85.66
C GLY A 2898 77.88 -27.69 85.40
N GLY A 2899 76.58 -27.42 85.37
CA GLY A 2899 76.11 -26.08 85.08
C GLY A 2899 74.95 -25.62 85.93
N GLY A 2900 74.90 -24.31 86.20
CA GLY A 2900 73.83 -23.74 86.99
C GLY A 2900 73.96 -24.09 88.46
N THR A 2901 72.92 -23.72 89.22
CA THR A 2901 72.84 -24.04 90.64
C THR A 2901 71.52 -24.73 90.93
N HIS A 2902 71.55 -25.69 91.84
CA HIS A 2902 70.32 -26.32 92.28
C HIS A 2902 69.49 -25.31 93.06
N PRO A 2903 68.18 -25.25 92.81
CA PRO A 2903 67.38 -24.15 93.41
C PRO A 2903 67.36 -24.16 94.93
N LEU A 2904 67.63 -25.29 95.56
CA LEU A 2904 67.40 -25.43 97.00
C LEU A 2904 68.68 -25.46 97.83
N LEU A 2905 69.86 -25.34 97.23
CA LEU A 2905 71.09 -25.33 98.00
C LEU A 2905 71.68 -23.91 97.99
N VAL A 2906 71.52 -23.20 99.11
CA VAL A 2906 72.09 -21.88 99.32
C VAL A 2906 72.59 -21.83 100.75
N PRO A 2907 73.50 -20.92 101.11
CA PRO A 2907 74.01 -20.89 102.49
C PRO A 2907 72.89 -20.66 103.51
N TYR A 2908 73.14 -21.15 104.72
CA TYR A 2908 72.09 -21.21 105.74
C TYR A 2908 71.57 -19.82 106.09
N ASP A 2909 72.47 -18.85 106.24
CA ASP A 2909 72.03 -17.48 106.52
C ASP A 2909 71.27 -16.90 105.36
N THR A 2910 71.59 -17.33 104.13
CA THR A 2910 70.93 -16.78 102.95
C THR A 2910 69.52 -17.35 102.78
N LEU A 2911 69.34 -18.63 103.09
CA LEU A 2911 68.04 -19.26 102.89
C LEU A 2911 67.04 -18.79 103.93
N THR A 2912 65.76 -18.85 103.56
CA THR A 2912 64.69 -18.38 104.43
C THR A 2912 64.52 -19.31 105.63
N ALA A 2913 63.84 -18.80 106.65
CA ALA A 2913 63.70 -19.55 107.90
C ALA A 2913 62.91 -20.85 107.69
N LYS A 2914 61.89 -20.82 106.83
CA LYS A 2914 61.01 -21.97 106.68
C LYS A 2914 61.75 -23.18 106.14
N GLU A 2915 62.65 -22.98 105.17
CA GLU A 2915 63.47 -24.10 104.70
C GLU A 2915 64.44 -24.55 105.79
N LYS A 2916 65.02 -23.60 106.51
CA LYS A 2916 65.79 -23.94 107.71
C LYS A 2916 64.90 -24.59 108.76
N ALA A 2917 63.60 -24.30 108.72
CA ALA A 2917 62.70 -24.74 109.78
C ALA A 2917 62.51 -26.25 109.79
N ARG A 2918 62.63 -26.91 108.63
CA ARG A 2918 62.44 -28.36 108.60
C ARG A 2918 63.60 -29.08 109.29
N ASP A 2919 64.84 -28.75 108.91
CA ASP A 2919 65.99 -29.34 109.59
C ASP A 2919 66.03 -28.93 111.05
N ARG A 2920 65.69 -27.67 111.33
CA ARG A 2920 65.60 -27.22 112.72
C ARG A 2920 64.54 -28.01 113.48
N GLU A 2921 63.44 -28.36 112.83
CA GLU A 2921 62.37 -29.09 113.50
C GLU A 2921 62.79 -30.51 113.84
N LYS A 2922 63.47 -31.19 112.90
CA LYS A 2922 63.92 -32.55 113.21
C LYS A 2922 65.03 -32.53 114.26
N ALA A 2923 65.91 -31.53 114.20
CA ALA A 2923 66.90 -31.37 115.27
C ALA A 2923 66.22 -31.08 116.60
N GLN A 2924 65.16 -30.27 116.60
CA GLN A 2924 64.42 -29.99 117.82
C GLN A 2924 63.74 -31.25 118.34
N GLU A 2925 63.26 -32.11 117.45
CA GLU A 2925 62.68 -33.38 117.89
C GLU A 2925 63.73 -34.23 118.60
N LEU A 2926 64.93 -34.31 118.02
CA LEU A 2926 66.02 -35.01 118.69
C LEU A 2926 66.32 -34.38 120.05
N LEU A 2927 66.39 -33.05 120.11
CA LEU A 2927 66.73 -32.36 121.35
C LEU A 2927 65.64 -32.53 122.38
N LYS A 2928 64.38 -32.59 121.95
CA LYS A 2928 63.28 -32.84 122.88
C LYS A 2928 63.37 -34.24 123.46
N PHE A 2929 63.75 -35.22 122.63
CA PHE A 2929 63.93 -36.56 123.19
C PHE A 2929 65.06 -36.59 124.21
N LEU A 2930 66.17 -35.89 123.91
CA LEU A 2930 67.24 -35.80 124.91
C LEU A 2930 66.76 -35.11 126.17
N GLN A 2931 65.94 -34.07 126.03
CA GLN A 2931 65.40 -33.37 127.19
C GLN A 2931 64.52 -34.29 128.04
N MET A 2932 63.66 -35.07 127.39
CA MET A 2932 62.80 -35.99 128.14
C MET A 2932 63.63 -37.06 128.83
N ASN A 2933 64.66 -37.59 128.16
CA ASN A 2933 65.51 -38.59 128.79
C ASN A 2933 66.39 -37.98 129.87
N GLY A 2934 66.53 -36.66 129.87
CA GLY A 2934 67.37 -35.97 130.82
C GLY A 2934 68.81 -35.78 130.37
N TYR A 2935 69.17 -36.27 129.19
CA TYR A 2935 70.54 -36.13 128.70
C TYR A 2935 70.84 -34.67 128.39
N ALA A 2936 72.01 -34.21 128.82
CA ALA A 2936 72.44 -32.84 128.63
C ALA A 2936 73.75 -32.84 127.85
N VAL A 2937 73.89 -31.92 126.91
CA VAL A 2937 75.07 -31.80 126.07
C VAL A 2937 75.60 -30.38 126.16
N THR A 2938 76.90 -30.25 126.37
CA THR A 2938 77.58 -28.96 126.51
C THR A 2938 78.66 -28.86 125.44
N ARG A 2939 78.86 -27.65 124.91
CA ARG A 2939 79.89 -27.41 123.91
C ARG A 2939 81.28 -27.78 124.42
N LEU A 2946 80.42 -6.47 122.14
CA LEU A 2946 80.13 -7.06 123.45
C LEU A 2946 79.47 -6.04 124.37
N ASP A 2947 78.20 -6.30 124.71
CA ASP A 2947 77.42 -5.40 125.55
C ASP A 2947 77.37 -3.99 124.98
N THR A 2948 77.26 -3.90 123.66
CA THR A 2948 77.21 -2.59 123.00
C THR A 2948 75.90 -1.90 123.33
N SER A 2949 75.99 -0.63 123.70
CA SER A 2949 74.81 0.17 124.00
C SER A 2949 73.98 0.40 122.74
N SER A 2950 72.68 0.59 122.94
CA SER A 2950 71.79 0.82 121.80
C SER A 2950 72.20 2.06 121.03
N ILE A 2951 72.73 3.07 121.72
CA ILE A 2951 73.20 4.27 121.05
C ILE A 2951 74.39 3.95 120.15
N GLU A 2952 75.34 3.15 120.65
CA GLU A 2952 76.51 2.82 119.85
C GLU A 2952 76.15 1.91 118.68
N LYS A 2953 75.08 1.13 118.84
CA LYS A 2953 74.70 0.20 117.79
C LYS A 2953 74.14 0.92 116.57
N ARG A 2954 73.76 2.18 116.73
CA ARG A 2954 73.07 2.89 115.66
C ARG A 2954 73.97 3.13 114.47
N PHE A 2955 73.38 3.03 113.28
CA PHE A 2955 74.13 3.16 112.03
C PHE A 2955 74.76 4.54 111.93
N ALA A 2956 74.02 5.58 112.31
CA ALA A 2956 74.59 6.92 112.29
C ALA A 2956 75.78 7.03 113.23
N PHE A 2957 75.68 6.39 114.40
CA PHE A 2957 76.79 6.39 115.35
C PHE A 2957 78.03 5.75 114.75
N GLY A 2958 77.88 4.56 114.17
CA GLY A 2958 79.03 3.91 113.56
C GLY A 2958 79.60 4.70 112.41
N PHE A 2959 78.73 5.25 111.56
CA PHE A 2959 79.19 6.04 110.42
C PHE A 2959 79.98 7.26 110.88
N LEU A 2960 79.49 7.95 111.91
CA LEU A 2960 80.19 9.12 112.41
C LEU A 2960 81.52 8.74 113.06
N GLN A 2961 81.57 7.59 113.74
CA GLN A 2961 82.84 7.14 114.29
C GLN A 2961 83.86 6.90 113.17
N GLN A 2962 83.42 6.26 112.09
CA GLN A 2962 84.31 6.04 110.95
C GLN A 2962 84.75 7.38 110.35
N LEU A 2963 83.84 8.34 110.28
CA LEU A 2963 84.20 9.65 109.75
C LEU A 2963 85.24 10.33 110.62
N LEU A 2964 85.11 10.23 111.95
CA LEU A 2964 86.11 10.86 112.83
C LEU A 2964 87.47 10.16 112.72
N ARG A 2965 87.47 8.84 112.56
CA ARG A 2965 88.76 8.16 112.38
C ARG A 2965 89.42 8.59 111.08
N TRP A 2966 88.65 8.63 109.99
CA TRP A 2966 89.18 9.16 108.74
C TRP A 2966 89.54 10.63 108.88
N MET A 2967 88.91 11.33 109.84
CA MET A 2967 89.18 12.75 110.03
C MET A 2967 90.56 12.96 110.65
N ASP A 2968 90.92 12.13 111.64
CA ASP A 2968 92.26 12.21 112.18
C ASP A 2968 93.30 11.77 111.14
N ILE A 2969 92.96 10.77 110.32
CA ILE A 2969 93.86 10.43 109.20
C ILE A 2969 94.00 11.61 108.26
N SER A 2970 92.92 12.37 108.06
CA SER A 2970 92.97 13.55 107.21
C SER A 2970 93.90 14.60 107.79
N GLN A 2971 93.82 14.84 109.10
CA GLN A 2971 94.74 15.76 109.74
C GLN A 2971 96.17 15.31 109.53
N GLU A 2972 96.40 13.99 109.64
CA GLU A 2972 97.75 13.48 109.46
C GLU A 2972 98.28 13.75 108.05
N PHE A 2973 97.48 13.44 107.02
CA PHE A 2973 98.05 13.58 105.68
C PHE A 2973 98.11 15.03 105.25
N ILE A 2974 97.24 15.90 105.79
CA ILE A 2974 97.40 17.32 105.47
C ILE A 2974 98.66 17.87 106.11
N ALA A 2975 98.97 17.41 107.34
CA ALA A 2975 100.23 17.83 107.95
C ALA A 2975 101.42 17.35 107.12
N HIS A 2976 101.36 16.11 106.63
CA HIS A 2976 102.44 15.59 105.80
C HIS A 2976 102.58 16.40 104.51
N LEU A 2977 101.45 16.76 103.89
CA LEU A 2977 101.50 17.52 102.65
C LEU A 2977 102.01 18.94 102.90
N GLU A 2978 101.64 19.54 104.03
CA GLU A 2978 102.21 20.84 104.38
C GLU A 2978 103.72 20.74 104.55
N ALA A 2979 104.19 19.68 105.19
CA ALA A 2979 105.63 19.49 105.34
C ALA A 2979 106.31 19.40 103.99
N VAL A 2980 105.75 18.61 103.06
CA VAL A 2980 106.42 18.42 101.77
C VAL A 2980 106.38 19.69 100.94
N VAL A 2981 105.28 20.45 100.98
CA VAL A 2981 105.22 21.68 100.20
C VAL A 2981 106.14 22.73 100.79
N SER A 2982 106.33 22.70 102.12
CA SER A 2982 107.32 23.57 102.74
C SER A 2982 108.73 23.20 102.28
N SER A 2983 109.05 21.91 102.26
CA SER A 2983 110.36 21.48 101.81
C SER A 2983 110.33 19.98 101.54
N GLY A 2984 111.16 19.55 100.60
CA GLY A 2984 111.31 18.13 100.29
C GLY A 2984 110.05 17.45 99.81
N ARG A 2985 109.40 18.01 98.79
CA ARG A 2985 108.18 17.42 98.26
C ARG A 2985 108.49 16.04 97.69
N VAL A 2986 107.54 15.11 97.87
CA VAL A 2986 107.75 13.70 97.58
C VAL A 2986 107.01 13.32 96.30
N GLU A 2987 107.71 12.63 95.40
CA GLU A 2987 107.08 12.14 94.18
C GLU A 2987 106.02 11.10 94.50
N LYS A 2988 106.33 10.16 95.38
CA LYS A 2988 105.41 9.06 95.69
C LYS A 2988 104.14 9.60 96.35
N SER A 2989 104.29 10.38 97.41
CA SER A 2989 103.17 10.81 98.24
C SER A 2989 102.33 9.61 98.68
N PRO A 2990 102.83 8.79 99.61
CA PRO A 2990 102.07 7.59 100.00
C PRO A 2990 100.70 7.90 100.54
N HIS A 2991 100.53 9.09 101.13
CA HIS A 2991 99.25 9.45 101.71
C HIS A 2991 98.26 9.91 100.63
N GLU A 2992 98.75 10.09 99.40
CA GLU A 2992 97.91 10.67 98.34
C GLU A 2992 96.74 9.77 98.01
N GLN A 2993 96.90 8.45 98.18
CA GLN A 2993 95.76 7.55 97.99
C GLN A 2993 94.67 7.84 99.01
N GLU A 2994 95.05 8.03 100.27
CA GLU A 2994 94.08 8.40 101.30
C GLU A 2994 93.46 9.75 101.00
N ILE A 2995 94.25 10.70 100.50
CA ILE A 2995 93.71 12.00 100.13
C ILE A 2995 92.66 11.86 99.05
N LYS A 2996 92.96 11.04 98.03
CA LYS A 2996 92.02 10.85 96.93
C LYS A 2996 90.73 10.20 97.40
N PHE A 2997 90.84 9.18 98.27
CA PHE A 2997 89.63 8.55 98.79
C PHE A 2997 88.83 9.53 99.64
N PHE A 2998 89.52 10.36 100.42
CA PHE A 2998 88.85 11.35 101.26
C PHE A 2998 88.13 12.38 100.41
N ALA A 2999 88.72 12.75 99.27
CA ALA A 2999 88.15 13.81 98.44
C ALA A 2999 86.99 13.30 97.60
N LYS A 3000 87.19 12.17 96.90
CA LYS A 3000 86.19 11.74 95.93
C LYS A 3000 84.95 11.17 96.61
N ILE A 3001 85.12 10.46 97.72
CA ILE A 3001 84.04 9.70 98.35
C ILE A 3001 83.57 10.36 99.63
N LEU A 3002 84.48 10.62 100.57
CA LEU A 3002 84.08 11.01 101.91
C LEU A 3002 83.34 12.34 101.92
N LEU A 3003 83.85 13.34 101.19
CA LEU A 3003 83.18 14.63 101.20
C LEU A 3003 81.78 14.58 100.60
N PRO A 3004 81.55 14.03 99.40
CA PRO A 3004 80.16 13.93 98.91
C PRO A 3004 79.28 13.06 99.79
N LEU A 3005 79.83 11.98 100.34
CA LEU A 3005 79.04 11.12 101.22
C LEU A 3005 78.58 11.87 102.46
N ILE A 3006 79.49 12.62 103.09
CA ILE A 3006 79.13 13.42 104.26
C ILE A 3006 78.09 14.46 103.88
N ASN A 3007 78.31 15.15 102.76
CA ASN A 3007 77.36 16.18 102.32
C ASN A 3007 75.97 15.60 102.16
N GLN A 3008 75.83 14.51 101.42
CA GLN A 3008 74.52 13.92 101.17
C GLN A 3008 73.89 13.41 102.46
N TYR A 3009 74.67 12.68 103.27
CA TYR A 3009 74.11 12.08 104.47
C TYR A 3009 73.59 13.13 105.44
N PHE A 3010 74.35 14.21 105.63
CA PHE A 3010 73.92 15.21 106.60
C PHE A 3010 72.97 16.22 105.97
N THR A 3011 72.80 16.17 104.64
CA THR A 3011 71.71 16.91 104.03
C THR A 3011 70.38 16.20 104.23
N ASN A 3012 70.38 14.87 104.17
CA ASN A 3012 69.13 14.12 104.30
C ASN A 3012 68.63 14.09 105.74
N HIS A 3013 69.52 13.89 106.71
CA HIS A 3013 69.13 13.66 108.08
C HIS A 3013 69.42 14.83 109.01
N CYS A 3014 69.50 16.05 108.47
CA CYS A 3014 69.73 17.22 109.31
C CYS A 3014 68.59 17.39 110.32
N LEU A 3015 67.36 17.13 109.89
CA LEU A 3015 66.23 17.23 110.81
C LEU A 3015 66.35 16.23 111.95
N TYR A 3016 66.73 15.00 111.64
CA TYR A 3016 66.90 14.01 112.69
C TYR A 3016 67.99 14.41 113.67
N PHE A 3017 69.10 14.94 113.16
CA PHE A 3017 70.18 15.36 114.04
C PHE A 3017 69.77 16.55 114.89
N LEU A 3018 68.96 17.45 114.33
CA LEU A 3018 68.54 18.63 115.08
C LEU A 3018 67.44 18.29 116.09
N SER A 3019 66.74 17.17 115.88
CA SER A 3019 65.63 16.83 116.75
C SER A 3019 66.10 16.56 118.17
N THR A 3020 65.24 16.86 119.13
CA THR A 3020 65.47 16.64 120.55
C THR A 3020 64.36 15.76 121.10
N PRO A 3021 64.62 15.05 122.20
CA PRO A 3021 63.55 14.23 122.79
C PRO A 3021 62.32 15.04 123.16
N ALA A 3022 62.50 16.27 123.63
CA ALA A 3022 61.37 17.11 123.96
C ALA A 3022 60.64 17.60 122.72
N LYS A 3023 61.39 18.05 121.72
CA LYS A 3023 60.81 18.61 120.49
C LYS A 3023 61.50 17.97 119.30
N VAL A 3024 60.71 17.41 118.40
CA VAL A 3024 61.22 16.65 117.25
C VAL A 3024 60.81 17.36 115.97
N LEU A 3025 61.80 17.91 115.26
CA LEU A 3025 61.54 18.43 113.92
C LEU A 3025 61.40 17.31 112.90
N GLY A 3026 62.21 16.26 113.05
CA GLY A 3026 62.22 15.19 112.07
C GLY A 3026 60.94 14.39 112.10
N SER A 3027 60.70 13.67 110.99
CA SER A 3027 59.49 12.84 110.90
C SER A 3027 59.52 11.72 111.93
N GLY A 3028 60.65 11.04 112.08
CA GLY A 3028 60.74 9.95 113.03
C GLY A 3028 62.08 9.86 113.74
N GLY A 3029 62.04 9.73 115.06
CA GLY A 3029 63.25 9.54 115.84
C GLY A 3029 64.00 10.85 116.07
N HIS A 3030 64.95 10.77 116.98
CA HIS A 3030 65.79 11.92 117.33
C HIS A 3030 67.20 11.43 117.63
N ALA A 3031 68.18 12.26 117.28
CA ALA A 3031 69.57 11.89 117.46
C ALA A 3031 69.93 11.87 118.93
N SER A 3032 70.85 10.98 119.29
CA SER A 3032 71.36 10.94 120.65
C SER A 3032 72.27 12.14 120.91
N ASN A 3033 72.38 12.51 122.19
CA ASN A 3033 73.27 13.61 122.55
C ASN A 3033 74.71 13.29 122.17
N LYS A 3034 75.11 12.02 122.32
CA LYS A 3034 76.46 11.62 121.92
C LYS A 3034 76.65 11.79 120.42
N GLU A 3035 75.63 11.45 119.63
CA GLU A 3035 75.71 11.66 118.19
C GLU A 3035 75.83 13.14 117.85
N LYS A 3036 75.08 14.00 118.56
CA LYS A 3036 75.19 15.44 118.34
C LYS A 3036 76.59 15.94 118.68
N GLU A 3037 77.15 15.45 119.78
CA GLU A 3037 78.52 15.81 120.13
C GLU A 3037 79.50 15.35 119.06
N MET A 3038 79.27 14.16 118.51
CA MET A 3038 80.17 13.63 117.49
C MET A 3038 80.10 14.43 116.19
N ILE A 3039 78.90 14.85 115.79
CA ILE A 3039 78.80 15.66 114.57
C ILE A 3039 79.40 17.04 114.81
N THR A 3040 79.24 17.59 116.02
CA THR A 3040 79.89 18.86 116.33
C THR A 3040 81.41 18.74 116.28
N SER A 3041 81.94 17.64 116.81
CA SER A 3041 83.37 17.40 116.75
C SER A 3041 83.85 17.27 115.31
N LEU A 3042 83.05 16.59 114.47
CA LEU A 3042 83.40 16.49 113.06
C LEU A 3042 83.45 17.86 112.40
N PHE A 3043 82.48 18.71 112.71
CA PHE A 3043 82.48 20.07 112.15
C PHE A 3043 83.72 20.85 112.57
N CYS A 3044 84.06 20.79 113.86
CA CYS A 3044 85.24 21.50 114.34
C CYS A 3044 86.51 20.96 113.68
N LYS A 3045 86.61 19.64 113.54
CA LYS A 3045 87.79 19.06 112.92
C LYS A 3045 87.90 19.46 111.46
N LEU A 3046 86.78 19.47 110.74
CA LEU A 3046 86.81 19.90 109.34
C LEU A 3046 87.22 21.38 109.23
N ALA A 3047 86.72 22.22 110.13
CA ALA A 3047 87.12 23.63 110.12
C ALA A 3047 88.61 23.77 110.37
N ALA A 3048 89.14 23.04 111.35
CA ALA A 3048 90.58 23.11 111.62
C ALA A 3048 91.39 22.59 110.43
N LEU A 3049 90.89 21.54 109.78
CA LEU A 3049 91.57 21.01 108.60
C LEU A 3049 91.63 22.03 107.48
N VAL A 3050 90.53 22.73 107.23
CA VAL A 3050 90.49 23.70 106.13
C VAL A 3050 91.13 25.03 106.49
N ARG A 3051 91.39 25.29 107.77
CA ARG A 3051 91.96 26.56 108.20
C ARG A 3051 93.33 26.76 107.56
N HIS A 3052 93.44 27.73 106.66
CA HIS A 3052 94.64 28.12 105.93
C HIS A 3052 95.15 27.04 104.99
N ARG A 3053 94.35 26.02 104.68
CA ARG A 3053 94.76 24.96 103.78
C ARG A 3053 94.01 25.00 102.45
N VAL A 3054 93.41 26.15 102.10
CA VAL A 3054 92.61 26.22 100.88
C VAL A 3054 93.48 26.04 99.65
N SER A 3055 94.65 26.67 99.63
CA SER A 3055 95.56 26.52 98.49
C SER A 3055 96.04 25.08 98.35
N LEU A 3056 96.38 24.45 99.48
CA LEU A 3056 96.80 23.06 99.44
C LEU A 3056 95.65 22.16 98.98
N PHE A 3057 94.44 22.44 99.45
CA PHE A 3057 93.29 21.64 99.05
C PHE A 3057 93.03 21.75 97.55
N GLY A 3058 93.14 22.96 97.01
CA GLY A 3058 92.94 23.13 95.57
C GLY A 3058 91.49 22.94 95.20
N THR A 3059 91.24 21.96 94.33
CA THR A 3059 89.88 21.70 93.88
C THR A 3059 89.02 21.11 94.98
N ASP A 3060 89.65 20.61 96.05
CA ASP A 3060 88.89 20.04 97.15
C ASP A 3060 88.20 21.11 97.98
N ALA A 3061 88.71 22.35 97.92
CA ALA A 3061 88.19 23.40 98.78
C ALA A 3061 86.70 23.68 98.60
N PRO A 3062 86.15 23.81 97.39
CA PRO A 3062 84.70 24.02 97.28
C PRO A 3062 83.88 22.91 97.93
N ALA A 3063 84.27 21.65 97.71
CA ALA A 3063 83.56 20.54 98.35
C ALA A 3063 83.68 20.62 99.86
N VAL A 3064 84.86 20.98 100.36
CA VAL A 3064 85.06 21.08 101.80
C VAL A 3064 84.17 22.15 102.40
N VAL A 3065 84.07 23.31 101.75
CA VAL A 3065 83.26 24.38 102.31
C VAL A 3065 81.77 24.05 102.21
N ASN A 3066 81.37 23.33 101.14
CA ASN A 3066 79.98 22.88 101.08
C ASN A 3066 79.66 21.91 102.21
N CYS A 3067 80.58 20.98 102.48
CA CYS A 3067 80.39 20.07 103.61
C CYS A 3067 80.35 20.83 104.92
N LEU A 3068 81.16 21.89 105.04
CA LEU A 3068 81.16 22.68 106.27
C LEU A 3068 79.82 23.39 106.46
N HIS A 3069 79.25 23.95 105.40
CA HIS A 3069 77.93 24.55 105.51
C HIS A 3069 76.88 23.52 105.89
N ILE A 3070 76.94 22.34 105.28
CA ILE A 3070 75.97 21.29 105.58
C ILE A 3070 76.09 20.87 107.05
N LEU A 3071 77.31 20.73 107.54
CA LEU A 3071 77.52 20.37 108.94
C LEU A 3071 77.02 21.48 109.86
N ALA A 3072 77.26 22.74 109.48
CA ALA A 3072 76.82 23.85 110.30
C ALA A 3072 75.29 23.86 110.43
N ARG A 3073 74.58 23.59 109.34
CA ARG A 3073 73.13 23.46 109.45
C ARG A 3073 72.76 22.21 110.25
N SER A 3074 73.59 21.18 110.20
CA SER A 3074 73.22 19.90 110.81
C SER A 3074 73.35 19.93 112.32
N LEU A 3075 74.36 20.60 112.85
CA LEU A 3075 74.71 20.45 114.26
C LEU A 3075 73.69 21.14 115.16
N ASP A 3076 73.38 20.49 116.28
CA ASP A 3076 72.54 21.06 117.33
C ASP A 3076 73.46 21.54 118.44
N ALA A 3077 73.74 22.84 118.46
CA ALA A 3077 74.75 23.37 119.35
C ALA A 3077 74.26 23.44 120.80
N ARG A 3078 72.96 23.69 120.99
CA ARG A 3078 72.43 23.88 122.34
C ARG A 3078 72.61 22.62 123.19
N THR A 3079 72.20 21.46 122.66
CA THR A 3079 72.31 20.23 123.43
C THR A 3079 73.77 19.89 123.72
N VAL A 3080 74.65 20.10 122.73
CA VAL A 3080 76.07 19.81 122.93
C VAL A 3080 76.65 20.70 124.03
N MET A 3081 76.31 21.99 124.01
CA MET A 3081 76.83 22.90 125.02
C MET A 3081 76.28 22.58 126.41
N LYS A 3082 74.99 22.25 126.50
CA LYS A 3082 74.40 21.98 127.81
C LYS A 3082 74.92 20.66 128.39
N SER A 3083 74.91 19.59 127.60
CA SER A 3083 75.33 18.27 128.05
C SER A 3083 76.24 17.66 126.99
N GLY A 3084 77.54 17.91 127.12
CA GLY A 3084 78.52 17.39 126.19
C GLY A 3084 79.88 17.27 126.83
N PRO A 3085 80.74 16.44 126.24
CA PRO A 3085 82.10 16.30 126.78
C PRO A 3085 82.87 17.61 126.67
N GLU A 3086 83.71 17.85 127.68
CA GLU A 3086 84.42 19.12 127.78
C GLU A 3086 85.31 19.35 126.56
N ILE A 3087 85.88 18.28 126.01
CA ILE A 3087 86.78 18.46 124.88
C ILE A 3087 86.01 18.88 123.62
N VAL A 3088 84.80 18.36 123.43
CA VAL A 3088 84.00 18.77 122.27
C VAL A 3088 83.53 20.22 122.45
N LYS A 3089 83.03 20.54 123.64
CA LYS A 3089 82.63 21.92 123.89
C LYS A 3089 83.79 22.89 123.66
N ALA A 3090 84.96 22.56 124.22
CA ALA A 3090 86.13 23.42 124.07
C ALA A 3090 86.58 23.49 122.61
N GLY A 3091 86.36 22.42 121.84
CA GLY A 3091 86.65 22.48 120.43
C GLY A 3091 85.77 23.50 119.71
N LEU A 3092 84.48 23.51 120.04
CA LEU A 3092 83.60 24.53 119.47
C LEU A 3092 84.04 25.94 119.86
N ARG A 3093 84.36 26.12 121.14
CA ARG A 3093 84.80 27.44 121.61
C ARG A 3093 86.08 27.87 120.91
N SER A 3094 87.03 26.94 120.74
CA SER A 3094 88.28 27.27 120.07
C SER A 3094 88.04 27.58 118.60
N PHE A 3095 87.08 26.92 117.97
CA PHE A 3095 86.74 27.26 116.60
C PHE A 3095 86.24 28.70 116.50
N PHE A 3096 85.38 29.10 117.44
CA PHE A 3096 84.92 30.49 117.44
C PHE A 3096 86.08 31.46 117.66
N GLU A 3097 86.98 31.14 118.59
CA GLU A 3097 88.12 32.03 118.84
C GLU A 3097 89.01 32.14 117.61
N SER A 3098 89.27 31.01 116.93
CA SER A 3098 90.10 31.03 115.74
C SER A 3098 89.44 31.83 114.62
N ALA A 3099 88.11 31.70 114.47
CA ALA A 3099 87.41 32.50 113.48
C ALA A 3099 87.55 33.99 113.78
N SER A 3100 87.42 34.37 115.05
CA SER A 3100 87.58 35.77 115.42
C SER A 3100 89.00 36.26 115.12
N GLU A 3101 90.00 35.43 115.42
CA GLU A 3101 91.38 35.83 115.16
C GLU A 3101 91.64 35.99 113.66
N ASP A 3102 91.08 35.10 112.85
CA ASP A 3102 91.21 35.24 111.40
C ASP A 3102 90.55 36.52 110.92
N ILE A 3103 89.39 36.85 111.47
CA ILE A 3103 88.71 38.09 111.08
C ILE A 3103 89.53 39.30 111.48
N GLU A 3104 90.24 39.22 112.61
CA GLU A 3104 91.11 40.32 113.01
C GLU A 3104 92.32 40.45 112.08
N LYS A 3105 92.90 39.32 111.69
CA LYS A 3105 93.94 39.38 110.67
C LYS A 3105 93.41 40.07 109.42
N MET A 3106 92.16 39.78 109.06
CA MET A 3106 91.52 40.46 107.94
C MET A 3106 91.35 41.97 108.15
N VAL A 3107 91.00 42.39 109.37
CA VAL A 3107 90.83 43.83 109.56
C VAL A 3107 92.18 44.52 109.39
N GLU A 3108 93.26 43.87 109.84
CA GLU A 3108 94.59 44.36 109.52
C GLU A 3108 94.85 44.40 108.01
N ASN A 3109 94.49 43.33 107.29
CA ASN A 3109 94.80 43.27 105.87
C ASN A 3109 94.10 44.38 105.10
N LEU A 3110 92.79 44.51 105.25
CA LEU A 3110 92.09 45.55 104.48
C LEU A 3110 92.25 46.92 105.12
N ARG A 3111 92.89 46.99 106.29
CA ARG A 3111 93.38 48.30 106.74
C ARG A 3111 94.48 48.81 105.82
N LEU A 3112 95.08 47.91 105.04
CA LEU A 3112 96.16 48.16 104.08
C LEU A 3112 97.41 48.66 104.78
N GLY A 3113 97.47 48.60 106.10
CA GLY A 3113 98.75 48.82 106.77
C GLY A 3113 99.78 47.80 106.34
N LYS A 3114 99.34 46.59 106.05
CA LYS A 3114 100.14 45.56 105.39
C LYS A 3114 99.37 45.07 104.17
N VAL A 3115 100.08 44.86 103.07
CA VAL A 3115 99.44 44.73 101.76
C VAL A 3115 98.53 43.50 101.72
N SER A 3116 99.03 42.36 102.18
CA SER A 3116 98.31 41.09 102.10
C SER A 3116 97.87 40.77 100.67
N LYS A 3123 101.64 36.28 100.73
CA LYS A 3123 102.34 35.43 101.68
C LYS A 3123 101.35 34.66 102.56
N GLY A 3124 101.82 34.17 103.71
CA GLY A 3124 100.96 33.38 104.58
C GLY A 3124 99.73 34.14 105.03
N VAL A 3125 99.88 35.44 105.33
CA VAL A 3125 98.74 36.25 105.71
C VAL A 3125 97.79 36.44 104.53
N GLY A 3126 98.34 36.60 103.33
CA GLY A 3126 97.50 36.61 102.15
C GLY A 3126 96.75 35.30 101.97
N GLN A 3127 97.41 34.19 102.27
CA GLN A 3127 96.73 32.89 102.23
C GLN A 3127 95.61 32.83 103.26
N ASN A 3128 95.83 33.39 104.45
CA ASN A 3128 94.76 33.46 105.44
C ASN A 3128 93.58 34.29 104.95
N LEU A 3129 93.88 35.42 104.31
CA LEU A 3129 92.82 36.26 103.76
C LEU A 3129 92.01 35.50 102.72
N THR A 3130 92.71 34.81 101.81
CA THR A 3130 92.01 34.03 100.79
C THR A 3130 91.17 32.93 101.42
N TYR A 3131 91.73 32.24 102.42
CA TYR A 3131 91.00 31.18 103.09
C TYR A 3131 89.72 31.70 103.73
N THR A 3132 89.79 32.84 104.42
CA THR A 3132 88.61 33.32 105.12
C THR A 3132 87.57 33.88 104.15
N THR A 3133 88.01 34.60 103.11
CA THR A 3133 87.02 35.12 102.16
C THR A 3133 86.41 33.97 101.35
N VAL A 3134 87.11 32.83 101.28
CA VAL A 3134 86.55 31.68 100.58
C VAL A 3134 85.73 30.82 101.53
N ALA A 3135 86.25 30.55 102.72
CA ALA A 3135 85.65 29.54 103.60
C ALA A 3135 85.06 30.11 104.87
N LEU A 3136 85.86 30.82 105.68
CA LEU A 3136 85.44 31.15 107.03
C LEU A 3136 84.24 32.09 107.05
N LEU A 3137 84.23 33.10 106.17
CA LEU A 3137 83.08 34.01 106.16
C LEU A 3137 81.78 33.30 105.81
N PRO A 3138 81.66 32.53 104.71
CA PRO A 3138 80.40 31.81 104.48
C PRO A 3138 80.08 30.79 105.55
N VAL A 3139 81.10 30.11 106.10
CA VAL A 3139 80.85 29.10 107.12
C VAL A 3139 80.28 29.73 108.37
N LEU A 3140 80.88 30.84 108.82
CA LEU A 3140 80.39 31.55 109.98
C LEU A 3140 79.01 32.14 109.72
N THR A 3141 78.77 32.63 108.50
CA THR A 3141 77.45 33.12 108.17
C THR A 3141 76.40 32.03 108.28
N THR A 3142 76.70 30.84 107.76
CA THR A 3142 75.75 29.73 107.85
C THR A 3142 75.53 29.31 109.31
N LEU A 3143 76.61 29.26 110.08
CA LEU A 3143 76.49 28.88 111.49
C LEU A 3143 75.61 29.87 112.25
N PHE A 3144 75.85 31.16 112.05
CA PHE A 3144 75.03 32.17 112.73
C PHE A 3144 73.59 32.12 112.26
N GLN A 3145 73.37 31.92 110.96
CA GLN A 3145 72.00 31.81 110.45
C GLN A 3145 71.27 30.65 111.10
N HIS A 3146 71.92 29.49 111.20
CA HIS A 3146 71.29 28.33 111.82
C HIS A 3146 71.02 28.57 113.29
N ILE A 3147 72.01 29.09 114.02
CA ILE A 3147 71.87 29.30 115.45
C ILE A 3147 70.84 30.39 115.75
N ALA A 3148 70.56 31.23 114.75
CA ALA A 3148 69.53 32.26 114.94
C ALA A 3148 68.15 31.73 114.60
N GLN A 3149 68.06 30.90 113.54
CA GLN A 3149 66.76 30.31 113.20
C GLN A 3149 66.25 29.40 114.31
N HIS A 3150 67.14 28.58 114.88
CA HIS A 3150 66.68 27.63 115.89
C HIS A 3150 66.81 28.16 117.31
N GLN A 3151 67.06 29.46 117.49
CA GLN A 3151 67.16 30.11 118.79
C GLN A 3151 68.27 29.53 119.65
N PHE A 3152 69.15 28.71 119.08
CA PHE A 3152 70.21 28.09 119.87
C PHE A 3152 71.21 29.12 120.37
N GLY A 3153 71.27 30.28 119.72
CA GLY A 3153 72.31 31.25 120.04
C GLY A 3153 72.21 31.79 121.46
N ASP A 3154 71.00 32.09 121.91
CA ASP A 3154 70.83 32.73 123.21
C ASP A 3154 71.34 31.85 124.34
N ASP A 3155 71.39 30.54 124.12
CA ASP A 3155 71.87 29.64 125.17
C ASP A 3155 73.31 29.23 124.90
N VAL A 3156 73.68 29.10 123.62
CA VAL A 3156 75.02 28.63 123.26
C VAL A 3156 76.06 29.70 123.54
N ILE A 3157 75.79 30.94 123.13
CA ILE A 3157 76.79 32.00 123.23
C ILE A 3157 76.71 32.62 124.61
N LEU A 3158 77.38 32.01 125.59
CA LEU A 3158 77.21 32.47 126.96
C LEU A 3158 78.34 33.40 127.41
N ASP A 3159 79.58 32.90 127.47
CA ASP A 3159 80.63 33.70 128.06
C ASP A 3159 81.82 33.98 127.13
N ASP A 3160 82.40 32.93 126.55
CA ASP A 3160 83.60 33.12 125.73
C ASP A 3160 83.23 33.18 124.26
N VAL A 3161 82.20 32.42 123.85
CA VAL A 3161 81.63 32.63 122.53
C VAL A 3161 81.10 34.06 122.43
N GLN A 3162 80.62 34.60 123.54
CA GLN A 3162 80.23 36.01 123.57
C GLN A 3162 81.42 36.91 123.30
N VAL A 3163 82.57 36.61 123.89
CA VAL A 3163 83.77 37.43 123.67
C VAL A 3163 84.21 37.34 122.22
N SER A 3164 84.23 36.13 121.65
CA SER A 3164 84.66 35.99 120.27
C SER A 3164 83.70 36.69 119.31
N CYS A 3165 82.40 36.55 119.53
CA CYS A 3165 81.43 37.22 118.69
C CYS A 3165 81.51 38.73 118.85
N TYR A 3166 81.78 39.20 120.07
CA TYR A 3166 82.00 40.62 120.30
C TYR A 3166 83.17 41.12 119.49
N ARG A 3167 84.29 40.40 119.53
CA ARG A 3167 85.47 40.82 118.80
C ARG A 3167 85.20 40.83 117.29
N THR A 3168 84.50 39.81 116.79
CA THR A 3168 84.17 39.77 115.37
C THR A 3168 83.27 40.94 114.98
N LEU A 3169 82.23 41.20 115.76
CA LEU A 3169 81.34 42.33 115.47
C LEU A 3169 82.10 43.65 115.45
N CYS A 3170 82.92 43.88 116.48
CA CYS A 3170 83.64 45.15 116.57
C CYS A 3170 84.62 45.30 115.42
N SER A 3171 85.33 44.23 115.08
CA SER A 3171 86.30 44.27 113.99
C SER A 3171 85.63 44.51 112.65
N ILE A 3172 84.50 43.85 112.40
CA ILE A 3172 83.80 44.06 111.14
C ILE A 3172 83.27 45.48 111.05
N TYR A 3173 82.73 46.01 112.15
CA TYR A 3173 82.27 47.40 112.14
C TYR A 3173 83.42 48.36 111.92
N SER A 3174 84.64 47.96 112.30
CA SER A 3174 85.80 48.81 112.07
C SER A 3174 86.07 48.98 110.58
N LEU A 3175 85.67 48.01 109.76
CA LEU A 3175 85.97 48.07 108.33
C LEU A 3175 85.30 49.25 107.65
N GLY A 3176 84.06 49.55 108.03
CA GLY A 3176 83.27 50.49 107.26
C GLY A 3176 83.89 51.88 107.17
N THR A 3177 84.60 52.29 108.22
CA THR A 3177 85.27 53.58 108.18
C THR A 3177 86.38 53.59 107.14
N THR A 3178 87.14 52.51 107.03
CA THR A 3178 88.25 52.44 106.07
C THR A 3178 87.71 52.29 104.66
N LYS A 3179 88.36 52.96 103.71
CA LYS A 3179 87.96 52.95 102.30
C LYS A 3179 89.08 52.31 101.49
N ASN A 3180 88.74 51.24 100.76
CA ASN A 3180 89.66 50.54 99.89
C ASN A 3180 88.87 49.79 98.83
N THR A 3181 89.56 49.46 97.73
CA THR A 3181 88.93 48.62 96.71
C THR A 3181 88.61 47.24 97.24
N TYR A 3182 89.55 46.65 97.99
CA TYR A 3182 89.31 45.34 98.58
C TYR A 3182 88.21 45.42 99.63
N VAL A 3183 88.17 46.51 100.40
CA VAL A 3183 87.07 46.70 101.34
C VAL A 3183 85.74 46.77 100.58
N GLU A 3184 85.75 47.42 99.42
CA GLU A 3184 84.53 47.54 98.62
C GLU A 3184 84.08 46.17 98.13
N LYS A 3185 85.02 45.32 97.71
CA LYS A 3185 84.63 44.00 97.23
C LYS A 3185 84.21 43.10 98.39
N LEU A 3186 84.71 43.38 99.59
CA LEU A 3186 84.44 42.47 100.72
C LEU A 3186 83.19 42.87 101.50
N ARG A 3187 82.78 44.14 101.42
CA ARG A 3187 81.71 44.61 102.30
C ARG A 3187 80.37 43.89 102.14
N PRO A 3188 79.98 43.32 101.00
CA PRO A 3188 78.73 42.55 101.00
C PRO A 3188 78.75 41.33 101.92
N ALA A 3189 79.76 40.48 101.79
CA ALA A 3189 79.87 39.31 102.65
C ALA A 3189 80.04 39.72 104.11
N LEU A 3190 80.83 40.78 104.36
CA LEU A 3190 80.99 41.25 105.72
C LEU A 3190 79.68 41.73 106.30
N GLY A 3191 78.88 42.45 105.51
CA GLY A 3191 77.58 42.90 105.99
C GLY A 3191 76.63 41.76 106.27
N GLU A 3192 76.63 40.75 105.40
CA GLU A 3192 75.77 39.59 105.63
C GLU A 3192 76.19 38.86 106.90
N CYS A 3193 77.49 38.67 107.10
CA CYS A 3193 77.98 38.02 108.30
C CYS A 3193 77.62 38.81 109.54
N LEU A 3194 77.73 40.15 109.47
CA LEU A 3194 77.41 40.97 110.63
C LEU A 3194 75.93 40.95 110.93
N ALA A 3195 75.09 40.90 109.90
CA ALA A 3195 73.65 40.79 110.12
C ALA A 3195 73.32 39.47 110.81
N ARG A 3196 73.94 38.37 110.35
CA ARG A 3196 73.69 37.09 110.98
C ARG A 3196 74.21 37.08 112.41
N LEU A 3197 75.35 37.71 112.66
CA LEU A 3197 75.86 37.81 114.03
C LEU A 3197 74.92 38.62 114.92
N ALA A 3198 74.34 39.70 114.39
CA ALA A 3198 73.38 40.47 115.15
C ALA A 3198 72.15 39.64 115.49
N ALA A 3199 71.69 38.84 114.53
CA ALA A 3199 70.57 37.94 114.80
C ALA A 3199 70.94 36.90 115.85
N ALA A 3200 72.20 36.47 115.88
CA ALA A 3200 72.59 35.37 116.75
C ALA A 3200 72.92 35.84 118.16
N MET A 3201 73.36 37.09 118.30
CA MET A 3201 73.95 37.53 119.56
C MET A 3201 72.90 37.53 120.68
N PRO A 3202 73.23 36.99 121.86
CA PRO A 3202 72.30 36.97 122.97
C PRO A 3202 72.27 38.24 123.82
N VAL A 3203 73.20 39.17 123.60
CA VAL A 3203 73.26 40.40 124.36
C VAL A 3203 73.10 41.57 123.40
N ALA A 3204 72.38 42.59 123.83
CA ALA A 3204 72.13 43.77 123.00
C ALA A 3204 73.37 44.65 123.03
N PHE A 3205 74.16 44.62 121.95
CA PHE A 3205 75.35 45.44 121.89
C PHE A 3205 75.03 46.90 121.62
N LEU A 3206 73.98 47.14 120.83
CA LEU A 3206 73.64 48.52 120.46
C LEU A 3206 73.26 49.34 121.67
N GLU A 3207 72.46 48.79 122.57
CA GLU A 3207 72.14 49.49 123.81
C GLU A 3207 73.06 48.99 124.92
N PRO A 3208 73.85 49.86 125.55
CA PRO A 3208 74.78 49.38 126.58
C PRO A 3208 74.16 49.29 127.96
N GLN A 3209 73.16 50.13 128.26
CA GLN A 3209 72.72 50.28 129.65
C GLN A 3209 72.12 49.00 130.19
N LEU A 3210 71.33 48.29 129.40
CA LEU A 3210 70.57 47.17 129.90
C LEU A 3210 71.22 45.82 129.62
N ASN A 3211 72.47 45.79 129.18
CA ASN A 3211 73.16 44.50 129.07
C ASN A 3211 73.32 43.87 130.44
N GLU A 3212 73.57 44.69 131.47
CA GLU A 3212 73.58 44.18 132.84
C GLU A 3212 72.21 43.62 133.21
N TYR A 3213 71.17 44.15 132.58
CA TYR A 3213 69.84 43.67 132.88
C TYR A 3213 69.56 42.37 132.14
N ASN A 3214 70.24 42.15 131.03
CA ASN A 3214 70.15 40.88 130.33
C ASN A 3214 70.75 39.77 131.19
N ALA A 3215 70.10 38.61 131.19
CA ALA A 3215 70.65 37.45 131.89
C ALA A 3215 71.82 36.83 131.14
N CYS A 3216 71.70 36.71 129.82
CA CYS A 3216 72.74 36.06 129.01
C CYS A 3216 73.81 37.09 128.61
N SER A 3217 74.35 37.74 129.61
CA SER A 3217 75.43 38.70 129.44
C SER A 3217 76.67 38.19 130.16
N VAL A 3218 77.84 38.47 129.59
CA VAL A 3218 79.08 38.00 130.20
C VAL A 3218 79.26 38.64 131.57
N TYR A 3219 78.77 39.87 131.75
CA TYR A 3219 78.95 40.55 133.03
C TYR A 3219 78.03 39.98 134.10
N THR A 3220 76.84 39.53 133.73
CA THR A 3220 75.95 38.92 134.70
C THR A 3220 76.38 37.49 135.01
N THR A 3221 76.85 36.76 133.99
CA THR A 3221 77.26 35.38 134.22
C THR A 3221 78.57 35.30 134.98
N LYS A 3222 79.49 36.21 134.72
CA LYS A 3222 80.82 36.20 135.31
C LYS A 3222 80.92 37.29 136.36
N SER A 3223 81.39 36.92 137.55
CA SER A 3223 81.49 37.86 138.65
C SER A 3223 82.56 38.91 138.37
N PRO A 3224 82.51 40.05 139.06
CA PRO A 3224 83.61 41.02 138.93
C PRO A 3224 84.95 40.44 139.33
N ARG A 3225 84.97 39.55 140.33
CA ARG A 3225 86.21 38.86 140.68
C ARG A 3225 86.57 37.85 139.59
N GLU A 3226 85.55 37.32 138.91
CA GLU A 3226 85.79 36.55 137.70
C GLU A 3226 86.27 37.47 136.59
N ARG A 3227 86.80 36.86 135.52
CA ARG A 3227 87.54 37.52 134.45
C ARG A 3227 88.81 38.17 135.00
N ALA A 3228 89.30 37.71 136.15
CA ALA A 3228 90.62 38.14 136.60
C ALA A 3228 91.72 37.44 135.83
N ILE A 3229 91.50 36.16 135.51
CA ILE A 3229 92.50 35.40 134.74
C ILE A 3229 92.57 35.90 133.31
N LEU A 3230 91.41 36.16 132.69
CA LEU A 3230 91.35 36.69 131.34
C LEU A 3230 90.89 38.14 131.39
N GLY A 3231 91.74 39.04 130.93
CA GLY A 3231 91.44 40.46 131.03
C GLY A 3231 90.21 40.82 130.19
N LEU A 3232 89.22 41.41 130.85
CA LEU A 3232 88.01 41.87 130.21
C LEU A 3232 87.84 43.36 130.44
N PRO A 3233 87.27 44.07 129.46
CA PRO A 3233 87.14 45.53 129.61
C PRO A 3233 86.24 45.95 130.76
N ASN A 3234 85.41 45.04 131.27
CA ASN A 3234 84.49 45.18 132.40
C ASN A 3234 83.36 46.17 132.10
N SER A 3235 83.32 46.78 130.93
CA SER A 3235 82.24 47.70 130.56
C SER A 3235 81.73 47.33 129.18
N VAL A 3236 80.40 47.32 129.04
CA VAL A 3236 79.78 47.00 127.75
C VAL A 3236 80.18 48.03 126.71
N GLU A 3237 80.27 49.30 127.11
CA GLU A 3237 80.77 50.33 126.20
C GLU A 3237 82.24 50.08 125.88
N GLU A 3238 82.99 49.56 126.85
CA GLU A 3238 84.42 49.31 126.63
C GLU A 3238 84.63 48.09 125.76
N MET A 3239 83.59 47.28 125.55
CA MET A 3239 83.71 46.13 124.64
C MET A 3239 84.19 46.59 123.27
N CYS A 3240 83.55 47.61 122.70
CA CYS A 3240 84.14 48.44 121.66
C CYS A 3240 83.36 49.75 121.60
N PRO A 3241 84.06 50.88 121.73
CA PRO A 3241 83.35 52.16 121.67
C PRO A 3241 82.97 52.60 120.26
N ASP A 3242 83.58 52.00 119.23
CA ASP A 3242 83.36 52.47 117.87
C ASP A 3242 81.92 52.24 117.43
N ILE A 3243 81.30 51.16 117.88
CA ILE A 3243 79.90 50.96 117.51
C ILE A 3243 79.04 51.99 118.22
N PRO A 3244 78.20 52.75 117.53
CA PRO A 3244 77.39 53.76 118.21
C PRO A 3244 76.21 53.15 118.93
N VAL A 3245 75.62 53.96 119.83
CA VAL A 3245 74.41 53.55 120.52
C VAL A 3245 73.27 53.48 119.50
N LEU A 3246 72.26 52.67 119.81
CA LEU A 3246 71.16 52.43 118.87
C LEU A 3246 70.51 53.73 118.43
N ASP A 3247 70.18 54.61 119.39
CA ASP A 3247 69.49 55.85 119.05
C ASP A 3247 70.37 56.75 118.17
N ARG A 3248 71.66 56.84 118.49
CA ARG A 3248 72.55 57.65 117.68
C ARG A 3248 72.68 57.11 116.27
N LEU A 3249 72.78 55.78 116.14
CA LEU A 3249 72.84 55.18 114.82
C LEU A 3249 71.57 55.45 114.03
N MET A 3250 70.42 55.35 114.68
CA MET A 3250 69.16 55.65 114.00
C MET A 3250 69.10 57.10 113.57
N ALA A 3251 69.61 58.00 114.41
CA ALA A 3251 69.67 59.41 114.03
C ALA A 3251 70.56 59.61 112.81
N ASP A 3252 71.70 58.90 112.75
CA ASP A 3252 72.55 59.00 111.57
C ASP A 3252 71.85 58.50 110.32
N ILE A 3253 71.16 57.37 110.43
CA ILE A 3253 70.46 56.82 109.26
C ILE A 3253 69.38 57.78 108.79
N GLY A 3254 68.62 58.35 109.74
CA GLY A 3254 67.61 59.33 109.37
C GLY A 3254 68.21 60.57 108.73
N GLY A 3255 69.36 61.02 109.25
CA GLY A 3255 70.02 62.17 108.66
C GLY A 3255 70.46 61.92 107.23
N LEU A 3256 71.04 60.75 106.97
CA LEU A 3256 71.41 60.42 105.59
C LEU A 3256 70.18 60.32 104.70
N ALA A 3257 69.10 59.72 105.22
CA ALA A 3257 67.89 59.58 104.42
C ALA A 3257 67.30 60.94 104.05
N GLU A 3258 67.28 61.88 105.01
CA GLU A 3258 66.74 63.20 104.72
C GLU A 3258 67.69 64.00 103.83
N SER A 3259 69.00 63.80 103.98
CA SER A 3259 69.96 64.49 103.14
C SER A 3259 69.83 64.05 101.69
N GLY A 3260 69.65 62.76 101.46
CA GLY A 3260 69.54 62.27 100.10
C GLY A 3260 70.84 62.04 99.38
N ALA A 3261 71.94 61.92 100.09
CA ALA A 3261 73.23 61.67 99.46
C ALA A 3261 73.22 60.30 98.78
N ARG A 3262 73.97 60.18 97.69
CA ARG A 3262 74.00 58.94 96.93
C ARG A 3262 74.68 57.84 97.73
N TYR A 3263 74.54 56.61 97.24
CA TYR A 3263 75.09 55.46 97.94
C TYR A 3263 76.60 55.52 97.99
N THR A 3264 77.23 56.02 96.93
CA THR A 3264 78.70 56.05 96.87
C THR A 3264 79.29 56.95 97.95
N GLU A 3265 78.50 57.90 98.45
CA GLU A 3265 79.03 58.83 99.45
C GLU A 3265 79.31 58.14 100.77
N MET A 3266 78.37 57.34 101.25
CA MET A 3266 78.53 56.59 102.50
C MET A 3266 78.07 55.13 102.30
N PRO A 3267 78.82 54.38 101.50
CA PRO A 3267 78.38 53.01 101.18
C PRO A 3267 78.36 52.08 102.38
N HIS A 3268 79.13 52.39 103.42
CA HIS A 3268 79.27 51.47 104.54
C HIS A 3268 77.94 51.25 105.26
N VAL A 3269 77.17 52.31 105.48
CA VAL A 3269 75.94 52.19 106.26
C VAL A 3269 74.92 51.35 105.49
N ILE A 3270 74.90 51.48 104.16
CA ILE A 3270 74.01 50.63 103.36
C ILE A 3270 74.50 49.18 103.38
N GLU A 3271 75.80 48.98 103.24
CA GLU A 3271 76.31 47.63 103.05
C GLU A 3271 76.35 46.85 104.36
N ILE A 3272 76.61 47.52 105.47
CA ILE A 3272 76.86 46.88 106.76
C ILE A 3272 75.87 47.33 107.82
N THR A 3273 75.85 48.63 108.12
CA THR A 3273 75.06 49.12 109.25
C THR A 3273 73.57 48.88 109.04
N LEU A 3274 73.06 49.13 107.84
CA LEU A 3274 71.64 48.90 107.60
C LEU A 3274 71.25 47.44 107.72
N PRO A 3275 71.96 46.47 107.10
CA PRO A 3275 71.61 45.07 107.36
C PRO A 3275 71.76 44.66 108.81
N MET A 3276 72.77 45.20 109.51
CA MET A 3276 72.92 44.85 110.92
C MET A 3276 71.73 45.34 111.73
N LEU A 3277 71.27 46.56 111.46
CA LEU A 3277 70.09 47.07 112.16
C LEU A 3277 68.83 46.30 111.77
N CYS A 3278 68.72 45.92 110.50
CA CYS A 3278 67.55 45.16 110.06
C CYS A 3278 67.46 43.81 110.76
N SER A 3279 68.61 43.16 110.95
CA SER A 3279 68.61 41.89 111.67
C SER A 3279 68.47 42.10 113.17
N TYR A 3280 68.93 43.24 113.68
CA TYR A 3280 68.95 43.48 115.12
C TYR A 3280 67.57 43.83 115.64
N LEU A 3281 66.82 44.66 114.91
CA LEU A 3281 65.61 45.24 115.48
C LEU A 3281 64.53 44.22 115.84
N PRO A 3282 64.10 43.31 114.95
CA PRO A 3282 62.97 42.43 115.33
C PRO A 3282 63.30 41.51 116.50
N ARG A 3283 64.51 40.99 116.53
CA ARG A 3283 64.88 40.02 117.56
C ARG A 3283 64.79 40.65 118.95
N TRP A 3284 65.25 41.89 119.09
CA TRP A 3284 65.16 42.55 120.38
C TRP A 3284 63.78 43.18 120.59
N TRP A 3285 63.04 43.38 119.50
CA TRP A 3285 61.66 43.81 119.64
C TRP A 3285 60.83 42.76 120.34
N GLU A 3286 61.05 41.48 120.00
CA GLU A 3286 60.27 40.41 120.61
C GLU A 3286 60.52 40.36 122.12
N ARG A 3287 61.77 40.53 122.54
CA ARG A 3287 62.09 40.45 123.97
C ARG A 3287 61.93 41.82 124.64
N GLY A 3288 61.73 42.87 123.86
CA GLY A 3288 61.51 44.19 124.39
C GLY A 3288 60.05 44.41 124.77
N PRO A 3289 59.74 45.60 125.26
CA PRO A 3289 58.34 45.91 125.57
C PRO A 3289 57.55 46.11 124.30
N GLU A 3290 56.22 46.13 124.44
CA GLU A 3290 55.22 46.31 123.39
C GLU A 3290 55.10 45.06 122.53
N ALA A 3291 55.99 44.08 122.70
CA ALA A 3291 55.81 42.78 122.10
C ALA A 3291 54.77 42.00 122.90
N PRO A 3292 54.11 41.01 122.28
CA PRO A 3292 53.08 40.25 123.02
C PRO A 3292 53.69 39.52 124.20
N PRO A 3293 53.41 39.98 125.41
CA PRO A 3293 54.16 39.52 126.58
C PRO A 3293 53.45 38.38 127.29
N PRO A 3294 54.21 37.40 127.77
CA PRO A 3294 53.72 36.60 128.91
C PRO A 3294 53.96 37.39 130.18
N ALA A 3295 52.87 37.84 130.82
CA ALA A 3295 52.97 38.86 131.86
C ALA A 3295 53.85 38.39 133.02
N LEU A 3296 53.57 37.22 133.57
CA LEU A 3296 54.35 36.75 134.72
C LEU A 3296 55.81 36.50 134.39
N PRO A 3297 56.18 35.75 133.34
CA PRO A 3297 57.62 35.58 133.05
C PRO A 3297 58.33 36.88 132.73
N ALA A 3298 57.66 37.81 132.04
CA ALA A 3298 58.29 39.09 131.71
C ALA A 3298 58.16 40.08 132.85
N GLY A 3299 57.36 39.74 133.87
CA GLY A 3299 57.20 40.65 134.99
C GLY A 3299 58.46 40.78 135.83
N ALA A 3300 59.04 39.65 136.24
CA ALA A 3300 60.17 39.71 137.15
C ALA A 3300 61.40 40.37 136.52
N PRO A 3301 61.90 39.96 135.36
CA PRO A 3301 62.85 40.81 134.65
C PRO A 3301 62.15 41.72 133.66
N PRO A 3302 62.28 43.03 133.81
CA PRO A 3302 61.84 43.97 132.76
C PRO A 3302 62.77 43.92 131.56
N PRO A 3303 62.35 44.42 130.39
CA PRO A 3303 63.01 44.04 129.14
C PRO A 3303 64.47 44.43 129.07
N CYS A 3304 65.21 43.70 128.22
CA CYS A 3304 66.61 44.03 127.96
C CYS A 3304 66.75 45.21 127.01
N THR A 3305 65.77 45.42 126.13
CA THR A 3305 65.91 46.35 125.03
C THR A 3305 64.73 47.31 125.00
N ALA A 3306 64.94 48.48 124.41
CA ALA A 3306 63.89 49.47 124.22
C ALA A 3306 63.38 49.51 122.78
N VAL A 3307 63.77 48.55 121.94
CA VAL A 3307 63.34 48.56 120.55
C VAL A 3307 61.84 48.33 120.47
N THR A 3308 61.17 49.15 119.66
CA THR A 3308 59.72 49.09 119.51
C THR A 3308 59.33 49.16 118.04
N SER A 3309 58.04 48.91 117.82
CA SER A 3309 57.50 48.91 116.46
C SER A 3309 57.73 50.26 115.78
N ASP A 3310 57.72 51.35 116.55
CA ASP A 3310 58.01 52.64 115.96
C ASP A 3310 59.47 52.72 115.50
N HIS A 3311 60.39 52.10 116.25
CA HIS A 3311 61.77 52.01 115.79
C HIS A 3311 61.86 51.25 114.48
N LEU A 3312 61.20 50.09 114.40
CA LEU A 3312 61.27 49.32 113.15
C LEU A 3312 60.67 50.10 111.99
N ASN A 3313 59.53 50.76 112.22
CA ASN A 3313 58.89 51.52 111.15
C ASN A 3313 59.76 52.68 110.70
N SER A 3314 60.39 53.37 111.64
CA SER A 3314 61.29 54.46 111.28
C SER A 3314 62.47 53.96 110.45
N LEU A 3315 63.03 52.81 110.82
CA LEU A 3315 64.13 52.26 110.04
C LEU A 3315 63.68 51.92 108.62
N LEU A 3316 62.48 51.34 108.48
CA LEU A 3316 61.98 51.03 107.14
C LEU A 3316 61.77 52.31 106.34
N GLY A 3317 61.27 53.37 106.98
CA GLY A 3317 61.12 54.63 106.28
C GLY A 3317 62.43 55.20 105.80
N ASN A 3318 63.46 55.16 106.64
CA ASN A 3318 64.78 55.62 106.20
C ASN A 3318 65.30 54.78 105.05
N ILE A 3319 65.04 53.46 105.09
CA ILE A 3319 65.49 52.60 104.01
C ILE A 3319 64.82 53.00 102.69
N LEU A 3320 63.51 53.24 102.74
CA LEU A 3320 62.80 53.68 101.54
C LEU A 3320 63.33 55.01 101.03
N ARG A 3321 63.57 55.95 101.94
CA ARG A 3321 64.10 57.25 101.50
C ARG A 3321 65.46 57.09 100.85
N ILE A 3322 66.31 56.23 101.41
CA ILE A 3322 67.62 55.97 100.80
C ILE A 3322 67.44 55.41 99.40
N ILE A 3323 66.53 54.46 99.23
CA ILE A 3323 66.31 53.85 97.93
C ILE A 3323 65.86 54.89 96.91
N VAL A 3324 64.94 55.77 97.30
CA VAL A 3324 64.44 56.77 96.35
C VAL A 3324 65.50 57.82 96.07
N ASN A 3325 66.38 58.10 97.04
CA ASN A 3325 67.48 59.01 96.76
C ASN A 3325 68.43 58.42 95.73
N ASN A 3326 68.71 57.12 95.83
CA ASN A 3326 69.54 56.47 94.82
C ASN A 3326 68.72 55.87 93.68
N LEU A 3327 67.55 56.45 93.37
CA LEU A 3327 66.70 55.89 92.33
C LEU A 3327 67.25 56.17 90.93
N GLY A 3328 67.93 57.31 90.77
CA GLY A 3328 68.32 57.75 89.44
C GLY A 3328 69.46 56.96 88.84
N ILE A 3329 70.43 56.56 89.67
CA ILE A 3329 71.64 55.93 89.14
C ILE A 3329 71.30 54.65 88.41
N ASP A 3330 72.06 54.36 87.36
CA ASP A 3330 71.70 53.27 86.46
C ASP A 3330 71.74 51.91 87.14
N GLU A 3331 72.82 51.63 87.87
CA GLU A 3331 73.03 50.31 88.47
C GLU A 3331 73.47 50.48 89.92
N ALA A 3332 72.85 49.71 90.81
CA ALA A 3332 73.22 49.66 92.21
C ALA A 3332 73.07 48.24 92.72
N THR A 3333 74.20 47.58 92.98
CA THR A 3333 74.15 46.21 93.47
C THR A 3333 73.60 46.15 94.88
N TRP A 3334 73.59 47.28 95.59
CA TRP A 3334 73.19 47.27 96.99
C TRP A 3334 71.68 47.17 97.15
N MET A 3335 70.93 47.49 96.10
CA MET A 3335 69.48 47.63 96.24
C MET A 3335 68.81 46.29 96.52
N LYS A 3336 69.20 45.24 95.79
CA LYS A 3336 68.59 43.94 96.03
C LYS A 3336 68.89 43.42 97.43
N ARG A 3337 70.14 43.58 97.88
CA ARG A 3337 70.49 43.14 99.22
C ARG A 3337 69.75 43.93 100.28
N LEU A 3338 69.64 45.25 100.10
CA LEU A 3338 68.88 46.04 101.07
C LEU A 3338 67.42 45.62 101.10
N ALA A 3339 66.85 45.30 99.94
CA ALA A 3339 65.47 44.83 99.91
C ALA A 3339 65.32 43.52 100.68
N VAL A 3340 66.22 42.57 100.43
CA VAL A 3340 66.06 41.25 101.07
C VAL A 3340 66.32 41.36 102.57
N PHE A 3341 67.16 42.30 102.99
CA PHE A 3341 67.33 42.50 104.43
C PHE A 3341 66.15 43.25 105.04
N ALA A 3342 65.50 44.12 104.27
CA ALA A 3342 64.45 44.95 104.84
C ALA A 3342 63.09 44.27 104.79
N GLN A 3343 63.00 43.14 104.09
CA GLN A 3343 61.71 42.44 104.03
C GLN A 3343 61.13 42.08 105.39
N PRO A 3344 61.88 41.57 106.37
CA PRO A 3344 61.25 41.23 107.66
C PRO A 3344 60.63 42.42 108.39
N ILE A 3345 61.22 43.61 108.29
CA ILE A 3345 60.73 44.76 109.04
C ILE A 3345 59.40 45.25 108.48
N VAL A 3346 59.10 44.89 107.24
CA VAL A 3346 57.91 45.38 106.55
C VAL A 3346 56.66 44.95 107.30
N SER A 3347 56.61 43.70 107.76
CA SER A 3347 55.44 43.22 108.48
C SER A 3347 55.22 44.00 109.76
N ARG A 3348 56.30 44.45 110.40
CA ARG A 3348 56.16 45.17 111.65
C ARG A 3348 55.79 46.63 111.41
N ALA A 3349 56.07 47.15 110.22
CA ALA A 3349 55.86 48.56 109.94
C ALA A 3349 54.40 48.98 110.14
N ARG A 3350 54.19 50.29 110.33
CA ARG A 3350 52.86 50.84 110.59
C ARG A 3350 52.27 51.49 109.34
N PRO A 3351 50.93 51.57 109.24
CA PRO A 3351 50.31 52.00 107.97
C PRO A 3351 50.51 53.47 107.62
N GLU A 3352 50.59 54.34 108.63
CA GLU A 3352 50.77 55.76 108.34
C GLU A 3352 52.01 55.98 107.50
N LEU A 3353 53.01 55.11 107.64
CA LEU A 3353 54.20 55.23 106.80
C LEU A 3353 53.92 54.78 105.38
N LEU A 3354 53.04 53.79 105.17
CA LEU A 3354 52.72 53.41 103.80
C LEU A 3354 52.01 54.56 103.10
N HIS A 3355 51.18 55.30 103.84
CA HIS A 3355 50.60 56.50 103.23
C HIS A 3355 51.69 57.55 103.00
N SER A 3356 52.64 57.68 103.94
CA SER A 3356 53.64 58.73 103.82
C SER A 3356 54.73 58.38 102.81
N HIS A 3357 55.15 57.12 102.76
CA HIS A 3357 56.31 56.73 101.97
C HIS A 3357 55.97 55.97 100.70
N PHE A 3358 55.21 54.87 100.82
CA PHE A 3358 55.01 53.98 99.69
C PHE A 3358 54.32 54.70 98.54
N ILE A 3359 53.33 55.54 98.84
CA ILE A 3359 52.61 56.25 97.78
C ILE A 3359 53.55 57.17 97.00
N PRO A 3360 54.37 58.04 97.63
CA PRO A 3360 55.34 58.81 96.83
C PRO A 3360 56.35 57.95 96.10
N THR A 3361 56.83 56.85 96.70
CA THR A 3361 57.80 56.02 96.00
C THR A 3361 57.21 55.43 94.73
N ILE A 3362 56.02 54.84 94.83
CA ILE A 3362 55.38 54.25 93.67
C ILE A 3362 55.00 55.33 92.68
N GLY A 3363 54.70 56.54 93.16
CA GLY A 3363 54.42 57.64 92.25
C GLY A 3363 55.63 58.01 91.40
N ARG A 3364 56.80 58.11 92.03
CA ARG A 3364 58.02 58.37 91.27
C ARG A 3364 58.31 57.23 90.30
N LEU A 3365 58.10 55.99 90.74
CA LEU A 3365 58.32 54.86 89.84
C LEU A 3365 57.39 54.94 88.63
N ARG A 3366 56.11 55.27 88.87
CA ARG A 3366 55.16 55.37 87.77
C ARG A 3366 55.52 56.51 86.83
N LYS A 3367 55.97 57.64 87.37
CA LYS A 3367 56.36 58.75 86.51
C LYS A 3367 57.56 58.37 85.64
N ARG A 3368 58.56 57.71 86.23
CA ARG A 3368 59.69 57.25 85.44
C ARG A 3368 59.24 56.27 84.37
N ALA A 3369 58.35 55.34 84.71
CA ALA A 3369 57.85 54.40 83.72
C ALA A 3369 57.13 55.12 82.59
N GLY A 3370 56.36 56.16 82.93
CA GLY A 3370 55.70 56.95 81.90
C GLY A 3370 56.69 57.61 80.97
N LYS A 3371 57.76 58.20 81.52
CA LYS A 3371 58.77 58.82 80.67
C LYS A 3371 59.42 57.79 79.75
N VAL A 3372 59.76 56.62 80.28
CA VAL A 3372 60.43 55.61 79.47
C VAL A 3372 59.51 55.11 78.36
N VAL A 3373 58.24 54.85 78.67
CA VAL A 3373 57.33 54.35 77.65
C VAL A 3373 57.03 55.44 76.62
N ALA A 3374 57.04 56.71 77.06
CA ALA A 3374 56.89 57.80 76.10
C ALA A 3374 58.07 57.84 75.13
N GLU A 3375 59.28 57.68 75.64
CA GLU A 3375 60.44 57.63 74.76
C GLU A 3375 60.38 56.43 73.82
N GLU A 3376 59.93 55.28 74.34
CA GLU A 3376 59.82 54.09 73.50
C GLU A 3376 58.80 54.28 72.38
N GLU A 3377 57.65 54.88 72.69
CA GLU A 3377 56.65 55.12 71.66
C GLU A 3377 57.15 56.18 70.67
N GLN A 3378 57.94 57.13 71.15
CA GLN A 3378 58.57 58.10 70.25
C GLN A 3378 59.49 57.40 69.26
N LEU A 3379 60.29 56.45 69.75
CA LEU A 3379 61.14 55.68 68.84
C LEU A 3379 60.32 54.77 67.94
N ARG A 3380 59.15 54.34 68.41
CA ARG A 3380 58.33 53.42 67.63
C ARG A 3380 57.63 54.11 66.47
N LEU A 3381 57.16 55.34 66.68
CA LEU A 3381 56.25 55.94 65.70
C LEU A 3381 56.91 56.11 64.34
N GLU A 3382 58.22 56.35 64.29
CA GLU A 3382 58.96 56.38 63.04
C GLU A 3382 60.02 55.29 63.06
N ALA A 3383 60.23 54.65 61.91
CA ALA A 3383 61.22 53.58 61.77
C ALA A 3383 62.31 54.05 60.82
N LYS A 3384 63.52 54.24 61.34
CA LYS A 3384 64.63 54.74 60.55
C LYS A 3384 65.91 54.37 61.28
N ALA A 3385 67.03 54.37 60.54
CA ALA A 3385 68.28 53.83 61.08
C ALA A 3385 68.71 54.56 62.35
N GLU A 3386 68.67 55.89 62.33
CA GLU A 3386 69.00 56.65 63.54
C GLU A 3386 67.95 56.43 64.62
N ALA A 3387 66.70 56.17 64.23
CA ALA A 3387 65.68 55.82 65.21
C ALA A 3387 65.98 54.46 65.84
N GLU A 3388 66.52 53.52 65.05
CA GLU A 3388 67.00 52.27 65.63
C GLU A 3388 68.12 52.52 66.63
N GLU A 3389 69.00 53.48 66.33
CA GLU A 3389 69.95 53.95 67.32
C GLU A 3389 69.20 54.62 68.46
N GLY A 3390 69.62 54.35 69.68
CA GLY A 3390 68.87 54.78 70.84
C GLY A 3390 67.85 53.79 71.35
N GLU A 3391 67.54 52.75 70.57
CA GLU A 3391 66.78 51.64 71.13
C GLU A 3391 67.52 51.03 72.30
N LEU A 3392 68.84 50.91 72.19
CA LEU A 3392 69.63 50.39 73.31
C LEU A 3392 69.58 51.33 74.50
N LEU A 3393 69.54 52.64 74.28
CA LEU A 3393 69.49 53.56 75.41
C LEU A 3393 68.12 53.53 76.09
N VAL A 3394 67.06 53.40 75.30
CA VAL A 3394 65.73 53.25 75.90
C VAL A 3394 65.64 51.92 76.65
N ARG A 3395 66.33 50.90 76.16
CA ARG A 3395 66.40 49.64 76.89
C ARG A 3395 67.20 49.79 78.19
N ASP A 3396 68.22 50.64 78.18
CA ASP A 3396 68.97 50.89 79.41
C ASP A 3396 68.11 51.63 80.43
N GLU A 3397 67.30 52.59 79.96
CA GLU A 3397 66.35 53.25 80.85
C GLU A 3397 65.33 52.26 81.39
N PHE A 3398 64.85 51.36 80.53
CA PHE A 3398 63.97 50.29 81.02
C PHE A 3398 64.68 49.42 82.04
N SER A 3399 65.98 49.18 81.86
CA SER A 3399 66.72 48.34 82.78
C SER A 3399 66.86 49.00 84.15
N VAL A 3400 67.22 50.28 84.18
CA VAL A 3400 67.33 50.98 85.46
C VAL A 3400 65.96 51.05 86.14
N LEU A 3401 64.91 51.30 85.36
CA LEU A 3401 63.57 51.35 85.93
C LEU A 3401 63.17 49.99 86.50
N CYS A 3402 63.45 48.91 85.79
CA CYS A 3402 63.10 47.58 86.27
C CYS A 3402 63.90 47.21 87.50
N ARG A 3403 65.18 47.61 87.56
CA ARG A 3403 65.98 47.33 88.75
C ARG A 3403 65.42 48.05 89.97
N ASP A 3404 65.10 49.34 89.81
CA ASP A 3404 64.52 50.08 90.92
C ASP A 3404 63.18 49.48 91.33
N LEU A 3405 62.38 49.07 90.34
CA LEU A 3405 61.06 48.53 90.63
C LEU A 3405 61.16 47.18 91.33
N TYR A 3406 62.11 46.34 90.94
CA TYR A 3406 62.27 45.05 91.60
C TYR A 3406 62.89 45.21 92.97
N ALA A 3407 63.56 46.33 93.21
CA ALA A 3407 64.00 46.62 94.58
C ALA A 3407 62.83 47.06 95.45
N LEU A 3408 61.95 47.90 94.90
CA LEU A 3408 60.92 48.54 95.74
C LEU A 3408 59.68 47.66 95.88
N TYR A 3409 59.45 46.75 94.94
CA TYR A 3409 58.16 46.07 94.89
C TYR A 3409 57.97 44.93 95.88
N PRO A 3410 58.97 44.09 96.20
CA PRO A 3410 58.70 43.03 97.20
C PRO A 3410 58.25 43.56 98.54
N LEU A 3411 58.80 44.68 98.99
CA LEU A 3411 58.33 45.29 100.24
C LEU A 3411 56.87 45.71 100.10
N LEU A 3412 56.51 46.29 98.95
CA LEU A 3412 55.13 46.68 98.73
C LEU A 3412 54.20 45.47 98.70
N ILE A 3413 54.67 44.35 98.13
CA ILE A 3413 53.87 43.13 98.10
C ILE A 3413 53.62 42.64 99.52
N ARG A 3414 54.69 42.53 100.32
CA ARG A 3414 54.53 42.10 101.71
C ARG A 3414 53.58 43.01 102.46
N TYR A 3415 53.72 44.31 102.26
CA TYR A 3415 53.03 45.28 103.10
C TYR A 3415 51.56 45.37 102.69
N VAL A 3416 51.29 45.25 101.39
CA VAL A 3416 49.92 45.15 100.90
C VAL A 3416 49.27 43.89 101.43
N ASP A 3417 50.00 42.78 101.44
CA ASP A 3417 49.43 41.54 102.00
C ASP A 3417 49.09 41.71 103.47
N ASN A 3418 49.91 42.46 104.21
CA ASN A 3418 49.60 42.70 105.62
C ASN A 3418 48.37 43.59 105.79
N ASN A 3419 48.25 44.65 104.99
CA ASN A 3419 47.22 45.66 105.25
C ASN A 3419 45.98 45.51 104.37
N ARG A 3420 45.92 44.48 103.53
CA ARG A 3420 44.76 44.31 102.65
C ARG A 3420 43.50 44.04 103.45
N ALA A 3421 43.63 43.34 104.57
CA ALA A 3421 42.46 43.08 105.41
C ALA A 3421 41.82 44.38 105.87
N HIS A 3422 42.62 45.29 106.42
CA HIS A 3422 42.09 46.57 106.88
CA HIS A 3422 42.09 46.57 106.88
C HIS A 3422 41.56 47.40 105.72
N TRP A 3423 42.27 47.40 104.59
CA TRP A 3423 41.80 48.17 103.45
C TRP A 3423 40.44 47.68 102.97
N LEU A 3424 40.25 46.36 102.90
CA LEU A 3424 38.99 45.82 102.42
C LEU A 3424 37.88 46.02 103.45
N THR A 3425 38.22 45.91 104.74
CA THR A 3425 37.21 46.14 105.78
C THR A 3425 36.73 47.58 105.77
N GLU A 3426 37.65 48.53 105.63
CA GLU A 3426 37.30 49.94 105.60
C GLU A 3426 37.98 50.56 104.39
N PRO A 3427 37.22 50.98 103.38
CA PRO A 3427 37.84 51.50 102.15
C PRO A 3427 38.74 52.70 102.42
N ASN A 3428 39.87 52.75 101.73
CA ASN A 3428 40.90 53.74 101.96
C ASN A 3428 41.26 54.45 100.66
N ALA A 3429 41.19 55.79 100.69
CA ALA A 3429 41.54 56.57 99.51
C ALA A 3429 43.01 56.40 99.13
N ASN A 3430 43.88 56.32 100.13
CA ASN A 3430 45.29 56.08 99.85
C ASN A 3430 45.50 54.72 99.19
N ALA A 3431 44.79 53.70 99.66
CA ALA A 3431 44.88 52.38 99.05
C ALA A 3431 44.39 52.42 97.61
N GLU A 3432 43.29 53.13 97.35
CA GLU A 3432 42.80 53.25 95.97
C GLU A 3432 43.79 53.99 95.09
N GLU A 3433 44.42 55.04 95.61
CA GLU A 3433 45.42 55.77 94.82
C GLU A 3433 46.62 54.89 94.52
N LEU A 3434 47.06 54.10 95.50
CA LEU A 3434 48.15 53.16 95.26
C LEU A 3434 47.76 52.13 94.21
N PHE A 3435 46.50 51.69 94.23
CA PHE A 3435 46.03 50.76 93.21
C PHE A 3435 46.07 51.40 91.83
N ARG A 3436 45.66 52.66 91.73
CA ARG A 3436 45.75 53.35 90.45
C ARG A 3436 47.19 53.40 89.97
N MET A 3437 48.13 53.70 90.87
CA MET A 3437 49.53 53.77 90.50
C MET A 3437 50.06 52.43 89.99
N VAL A 3438 49.82 51.36 90.76
CA VAL A 3438 50.35 50.05 90.35
C VAL A 3438 49.67 49.59 89.07
N GLY A 3439 48.39 49.90 88.91
CA GLY A 3439 47.69 49.55 87.69
C GLY A 3439 48.25 50.28 86.47
N GLU A 3440 48.58 51.56 86.62
CA GLU A 3440 49.19 52.28 85.51
C GLU A 3440 50.55 51.71 85.17
N ILE A 3441 51.35 51.34 86.19
CA ILE A 3441 52.65 50.73 85.91
C ILE A 3441 52.47 49.41 85.18
N PHE A 3442 51.50 48.59 85.61
CA PHE A 3442 51.25 47.32 84.95
C PHE A 3442 50.75 47.54 83.52
N ILE A 3443 49.97 48.60 83.30
CA ILE A 3443 49.49 48.91 81.95
C ILE A 3443 50.66 49.27 81.05
N TYR A 3444 51.57 50.10 81.54
CA TYR A 3444 52.78 50.38 80.77
C TYR A 3444 53.56 49.11 80.46
N TRP A 3445 53.69 48.24 81.45
CA TRP A 3445 54.44 47.00 81.24
C TRP A 3445 53.78 46.13 80.17
N SER A 3446 52.45 46.03 80.21
CA SER A 3446 51.74 45.21 79.23
C SER A 3446 51.84 45.82 77.83
N LYS A 3447 51.72 47.13 77.73
CA LYS A 3447 51.82 47.79 76.42
C LYS A 3447 53.21 47.65 75.84
N SER A 3448 54.24 47.80 76.66
CA SER A 3448 55.62 47.90 76.20
C SER A 3448 56.28 46.53 76.20
N HIS A 3449 56.45 45.97 75.00
CA HIS A 3449 57.21 44.73 74.88
C HIS A 3449 58.66 44.94 75.31
N ASN A 3450 59.18 46.15 75.11
CA ASN A 3450 60.51 46.47 75.62
C ASN A 3450 60.54 46.39 77.13
N PHE A 3451 59.50 46.92 77.80
CA PHE A 3451 59.40 46.80 79.25
C PHE A 3451 59.38 45.33 79.66
N LYS A 3452 58.58 44.51 78.97
CA LYS A 3452 58.47 43.12 79.35
C LYS A 3452 59.82 42.40 79.20
N ARG A 3453 60.47 42.57 78.04
CA ARG A 3453 61.73 41.88 77.81
C ARG A 3453 62.81 42.36 78.76
N GLU A 3454 62.83 43.67 79.06
CA GLU A 3454 63.87 44.19 79.95
C GLU A 3454 63.66 43.73 81.38
N GLU A 3455 62.40 43.64 81.83
CA GLU A 3455 62.14 43.09 83.15
C GLU A 3455 62.57 41.63 83.22
N GLN A 3456 62.27 40.86 82.18
CA GLN A 3456 62.71 39.47 82.15
C GLN A 3456 64.23 39.38 82.17
N ASN A 3457 64.90 40.27 81.44
CA ASN A 3457 66.36 40.30 81.43
C ASN A 3457 66.91 40.59 82.82
N PHE A 3458 66.34 41.58 83.51
CA PHE A 3458 66.82 41.88 84.86
C PHE A 3458 66.59 40.69 85.78
N VAL A 3459 65.46 39.98 85.60
CA VAL A 3459 65.21 38.78 86.37
C VAL A 3459 66.32 37.75 86.16
N VAL A 3460 66.67 37.48 84.90
CA VAL A 3460 67.64 36.40 84.65
C VAL A 3460 69.04 36.82 85.13
N GLN A 3461 69.42 38.08 84.94
CA GLN A 3461 70.72 38.52 85.48
C GLN A 3461 70.74 38.44 87.00
N ASN A 3462 69.63 38.77 87.67
CA ASN A 3462 69.59 38.57 89.12
C ASN A 3462 69.66 37.09 89.46
N GLU A 3463 69.14 36.23 88.59
CA GLU A 3463 68.99 34.80 88.80
C GLU A 3463 68.04 34.53 89.98
N ILE A 3464 67.19 35.50 90.32
CA ILE A 3464 66.28 35.32 91.44
C ILE A 3464 65.10 34.45 91.01
N ASN A 3465 64.61 33.64 91.94
CA ASN A 3465 63.45 32.79 91.63
C ASN A 3465 62.20 33.62 91.45
N ASN A 3466 62.17 34.82 92.02
CA ASN A 3466 61.08 35.80 92.00
C ASN A 3466 59.88 35.31 92.80
N MET A 3467 59.90 34.07 93.30
CA MET A 3467 58.94 33.60 94.28
C MET A 3467 59.47 33.75 95.70
N SER A 3468 60.69 34.26 95.85
CA SER A 3468 61.30 34.35 97.17
C SER A 3468 60.50 35.25 98.10
N PHE A 3469 59.86 36.29 97.55
CA PHE A 3469 59.10 37.21 98.39
C PHE A 3469 57.78 36.59 98.85
N LEU A 3470 57.11 35.85 97.97
CA LEU A 3470 55.91 35.12 98.38
C LEU A 3470 56.26 34.05 99.42
N THR A 3471 57.36 33.33 99.20
CA THR A 3471 57.80 32.36 100.21
C THR A 3471 58.24 33.07 101.49
N ALA A 3472 58.71 34.31 101.38
CA ALA A 3472 59.05 35.07 102.58
C ALA A 3472 57.81 35.45 103.37
N ASP A 3473 56.73 35.79 102.67
CA ASP A 3473 55.45 35.98 103.36
C ASP A 3473 54.99 34.69 104.05
N SER A 3474 55.10 33.56 103.33
CA SER A 3474 54.73 32.27 103.90
C SER A 3474 55.54 31.96 105.15
N LYS A 3475 56.85 32.22 105.11
CA LYS A 3475 57.70 32.05 106.29
C LYS A 3475 57.30 33.04 107.38
N SER A 3476 56.90 34.25 106.99
CA SER A 3476 56.52 35.28 107.94
C SER A 3476 55.32 34.86 108.76
N LYS A 3477 54.35 34.18 108.15
CA LYS A 3477 53.29 33.64 109.01
C LYS A 3477 53.81 32.37 109.69
N MET A 3478 54.63 31.58 108.98
CA MET A 3478 55.05 30.25 109.38
C MET A 3478 53.89 29.26 109.36
N ALA A 3479 53.45 28.89 108.15
CA ALA A 3479 52.52 27.78 108.00
C ALA A 3479 53.16 26.49 108.49
N ARG A 3498 59.15 23.29 88.82
CA ARG A 3498 60.35 23.05 88.04
C ARG A 3498 60.69 24.26 87.18
N ARG A 3499 60.46 24.14 85.87
CA ARG A 3499 60.70 25.26 84.96
C ARG A 3499 59.78 26.43 85.30
N GLY A 3500 58.50 26.15 85.56
CA GLY A 3500 57.60 27.20 85.98
C GLY A 3500 57.96 27.77 87.34
N ASP A 3501 58.53 26.93 88.21
CA ASP A 3501 58.95 27.40 89.53
C ASP A 3501 60.05 28.44 89.44
N ARG A 3502 61.01 28.23 88.53
CA ARG A 3502 62.15 29.15 88.43
C ARG A 3502 61.70 30.56 88.08
N TYR A 3503 60.86 30.70 87.06
CA TYR A 3503 60.36 32.01 86.66
C TYR A 3503 59.07 31.82 85.87
N SER A 3504 58.11 32.70 86.13
CA SER A 3504 56.81 32.61 85.47
C SER A 3504 56.12 33.98 85.54
N VAL A 3505 54.87 34.00 85.09
CA VAL A 3505 54.11 35.25 85.07
C VAL A 3505 53.80 35.73 86.47
N GLN A 3506 53.11 34.90 87.26
CA GLN A 3506 52.74 35.30 88.61
C GLN A 3506 53.96 35.55 89.48
N THR A 3507 55.11 35.00 89.09
CA THR A 3507 56.35 35.29 89.79
C THR A 3507 56.82 36.72 89.50
N SER A 3508 56.47 37.24 88.32
CA SER A 3508 56.91 38.59 87.97
C SER A 3508 56.26 39.62 88.88
N LEU A 3509 57.07 40.57 89.35
CA LEU A 3509 56.64 41.45 90.44
C LEU A 3509 55.48 42.36 90.02
N ILE A 3510 55.54 42.91 88.80
CA ILE A 3510 54.52 43.89 88.41
C ILE A 3510 53.13 43.22 88.35
N VAL A 3511 53.04 42.05 87.73
CA VAL A 3511 51.76 41.38 87.64
C VAL A 3511 51.33 40.85 89.01
N ALA A 3512 52.29 40.31 89.78
CA ALA A 3512 51.94 39.80 91.10
C ALA A 3512 51.37 40.89 91.99
N THR A 3513 52.00 42.06 92.00
CA THR A 3513 51.52 43.18 92.81
C THR A 3513 50.18 43.69 92.27
N LEU A 3514 50.01 43.70 90.95
CA LEU A 3514 48.74 44.12 90.39
C LEU A 3514 47.62 43.20 90.85
N LYS A 3515 47.86 41.88 90.83
CA LYS A 3515 46.86 40.95 91.34
C LYS A 3515 46.59 41.15 92.82
N LYS A 3516 47.65 41.36 93.62
CA LYS A 3516 47.46 41.52 95.05
C LYS A 3516 46.62 42.76 95.36
N MET A 3517 46.87 43.86 94.66
CA MET A 3517 46.17 45.11 94.97
C MET A 3517 44.90 45.26 94.13
N LEU A 3518 44.61 44.30 93.25
CA LEU A 3518 43.35 44.33 92.51
C LEU A 3518 42.10 44.32 93.39
N PRO A 3519 42.01 43.55 94.49
CA PRO A 3519 40.76 43.55 95.26
C PRO A 3519 40.32 44.92 95.73
N ILE A 3520 41.25 45.84 96.00
CA ILE A 3520 40.86 47.19 96.37
C ILE A 3520 40.18 47.88 95.19
N GLY A 3521 40.71 47.69 93.98
CA GLY A 3521 40.09 48.27 92.81
C GLY A 3521 38.72 47.68 92.50
N LEU A 3522 38.55 46.38 92.76
CA LEU A 3522 37.24 45.80 92.60
C LEU A 3522 36.27 46.29 93.67
N ASN A 3523 36.78 46.50 94.89
CA ASN A 3523 35.94 46.93 95.99
C ASN A 3523 35.44 48.36 95.78
N MET A 3524 36.30 49.24 95.26
CA MET A 3524 35.87 50.63 95.08
C MET A 3524 34.75 50.72 94.05
N CYS A 3525 34.78 49.90 93.01
CA CYS A 3525 33.72 49.87 92.03
C CYS A 3525 32.46 49.25 92.64
N ALA A 3526 31.30 49.84 92.32
CA ALA A 3526 30.04 49.33 92.82
C ALA A 3526 29.65 48.05 92.08
N PRO A 3527 28.85 47.19 92.73
CA PRO A 3527 28.36 46.01 92.00
C PRO A 3527 27.55 46.36 90.77
N THR A 3528 26.74 47.42 90.83
CA THR A 3528 26.01 47.87 89.65
C THR A 3528 26.96 48.31 88.55
N ASP A 3529 28.18 48.68 88.93
CA ASP A 3529 29.17 49.16 87.97
C ASP A 3529 29.69 48.02 87.10
N GLN A 3530 29.31 46.78 87.38
CA GLN A 3530 29.99 45.65 86.77
C GLN A 3530 29.64 45.52 85.29
N ASP A 3531 28.41 45.84 84.91
CA ASP A 3531 28.04 45.81 83.50
C ASP A 3531 28.78 46.91 82.72
N LEU A 3532 28.89 48.09 83.33
CA LEU A 3532 29.71 49.14 82.74
C LEU A 3532 31.15 48.67 82.60
N ILE A 3533 31.66 47.95 83.59
CA ILE A 3533 33.00 47.41 83.52
C ILE A 3533 33.14 46.45 82.34
N MET A 3534 32.15 45.57 82.17
CA MET A 3534 32.20 44.61 81.07
C MET A 3534 32.19 45.30 79.72
N LEU A 3535 31.33 46.29 79.55
CA LEU A 3535 31.26 46.95 78.25
C LEU A 3535 32.48 47.82 77.99
N ALA A 3536 33.08 48.37 79.06
CA ALA A 3536 34.35 49.09 78.89
C ALA A 3536 35.48 48.12 78.56
N LYS A 3537 35.40 46.89 79.08
CA LYS A 3537 36.35 45.85 78.67
C LYS A 3537 36.20 45.56 77.19
N THR A 3538 34.96 45.51 76.70
CA THR A 3538 34.75 45.34 75.26
C THR A 3538 35.36 46.50 74.48
N ARG A 3539 35.20 47.73 74.98
CA ARG A 3539 35.81 48.89 74.34
C ARG A 3539 37.34 48.77 74.31
N TYR A 3540 37.94 48.34 75.41
CA TYR A 3540 39.40 48.19 75.43
C TYR A 3540 39.85 47.08 74.50
N ALA A 3541 39.01 46.05 74.33
CA ALA A 3541 39.27 45.08 73.27
C ALA A 3541 39.20 45.73 71.90
N LEU A 3542 38.36 46.77 71.77
CA LEU A 3542 38.29 47.52 70.51
C LEU A 3542 39.49 48.44 70.36
N LYS A 3543 40.33 48.53 71.39
CA LYS A 3543 41.59 49.26 71.36
C LYS A 3543 41.40 50.77 71.21
N ASP A 3544 40.22 51.28 71.55
CA ASP A 3544 40.01 52.71 71.63
C ASP A 3544 40.68 53.26 72.88
N THR A 3545 41.01 54.56 72.85
CA THR A 3545 41.81 55.15 73.91
C THR A 3545 40.99 55.34 75.19
N ASP A 3546 41.70 55.63 76.27
CA ASP A 3546 41.06 55.74 77.58
C ASP A 3546 40.04 56.86 77.63
N GLU A 3547 40.35 58.01 77.02
CA GLU A 3547 39.39 59.10 77.00
C GLU A 3547 38.17 58.76 76.16
N GLU A 3548 38.37 58.06 75.05
CA GLU A 3548 37.24 57.64 74.23
C GLU A 3548 36.34 56.68 74.99
N VAL A 3549 36.92 55.71 75.71
CA VAL A 3549 36.07 54.78 76.45
C VAL A 3549 35.44 55.49 77.64
N ARG A 3550 36.09 56.53 78.16
CA ARG A 3550 35.47 57.34 79.20
C ARG A 3550 34.21 58.02 78.68
N GLU A 3551 34.29 58.62 77.49
CA GLU A 3551 33.11 59.27 76.91
C GLU A 3551 32.03 58.24 76.59
N PHE A 3552 32.44 57.07 76.09
CA PHE A 3552 31.49 56.02 75.79
C PHE A 3552 30.80 55.54 77.07
N LEU A 3553 31.54 55.49 78.18
CA LEU A 3553 30.95 55.19 79.48
C LEU A 3553 29.95 56.26 79.90
N GLN A 3554 30.30 57.53 79.66
CA GLN A 3554 29.36 58.62 79.94
C GLN A 3554 28.06 58.42 79.17
N ASN A 3555 28.16 57.97 77.93
CA ASN A 3555 26.95 57.66 77.18
C ASN A 3555 26.27 56.39 77.67
N ASN A 3556 27.03 55.50 78.30
CA ASN A 3556 26.57 54.15 78.59
C ASN A 3556 26.08 53.96 80.02
N LEU A 3557 25.93 55.03 80.80
CA LEU A 3557 25.61 54.88 82.22
C LEU A 3557 24.29 54.14 82.41
N HIS A 3558 23.28 54.46 81.60
CA HIS A 3558 21.96 53.85 81.79
C HIS A 3558 21.90 52.44 81.23
N LEU A 3559 22.95 51.99 80.53
CA LEU A 3559 23.03 50.57 80.19
C LEU A 3559 23.50 49.73 81.37
N GLN A 3560 23.98 50.37 82.43
CA GLN A 3560 24.48 49.62 83.57
C GLN A 3560 23.33 48.88 84.26
N GLY A 3561 23.66 47.74 84.85
CA GLY A 3561 22.62 46.92 85.48
C GLY A 3561 21.99 47.63 86.66
N LYS A 3562 20.67 47.53 86.76
CA LYS A 3562 19.94 48.13 87.87
C LYS A 3562 19.81 47.15 89.03
N VAL A 3563 19.68 47.70 90.23
CA VAL A 3563 19.65 46.88 91.43
C VAL A 3563 18.41 46.00 91.47
N GLU A 3564 17.28 46.53 90.98
CA GLU A 3564 16.03 45.78 91.07
C GLU A 3564 15.98 44.66 90.03
N GLY A 3565 16.84 44.74 89.02
CA GLY A 3565 16.83 43.73 87.96
C GLY A 3565 17.27 42.36 88.45
N SER A 3566 18.36 42.29 89.20
CA SER A 3566 18.98 41.01 89.52
C SER A 3566 19.06 40.79 91.02
N PRO A 3567 18.65 39.61 91.51
CA PRO A 3567 18.75 39.36 92.96
C PRO A 3567 20.17 39.20 93.45
N SER A 3568 21.01 38.46 92.72
CA SER A 3568 22.41 38.32 93.12
C SER A 3568 23.09 39.68 93.18
N LEU A 3569 22.90 40.49 92.14
CA LEU A 3569 23.44 41.83 92.16
C LEU A 3569 22.81 42.66 93.27
N ARG A 3570 21.56 42.31 93.64
CA ARG A 3570 20.91 43.03 94.73
C ARG A 3570 21.61 42.78 96.06
N TRP A 3571 21.91 41.52 96.39
CA TRP A 3571 22.62 41.27 97.63
C TRP A 3571 24.05 41.78 97.57
N GLN A 3572 24.68 41.75 96.39
CA GLN A 3572 26.00 42.36 96.26
C GLN A 3572 25.94 43.86 96.58
N MET A 3573 24.93 44.55 96.06
CA MET A 3573 24.85 45.98 96.31
C MET A 3573 24.49 46.24 97.76
N ALA A 3574 23.70 45.35 98.37
CA ALA A 3574 23.42 45.48 99.80
C ALA A 3574 24.70 45.41 100.61
N LEU A 3575 25.56 44.44 100.31
CA LEU A 3575 26.87 44.40 100.94
C LEU A 3575 27.64 45.69 100.68
N TYR A 3576 27.60 46.17 99.44
CA TYR A 3576 28.31 47.40 99.10
C TYR A 3576 27.85 48.57 99.95
N ARG A 3577 26.54 48.66 100.19
CA ARG A 3577 26.04 49.66 101.13
C ARG A 3577 26.54 49.39 102.54
N GLY A 3578 26.79 48.12 102.85
CA GLY A 3578 27.26 47.78 104.20
C GLY A 3578 28.58 48.44 104.56
N LEU A 3579 29.51 48.48 103.61
CA LEU A 3579 30.82 49.06 103.88
C LEU A 3579 30.69 50.55 104.17
N PRO A 3580 31.36 51.06 105.22
CA PRO A 3580 31.23 52.48 105.55
C PRO A 3580 31.81 53.43 104.52
N GLY A 3581 32.84 53.00 103.78
CA GLY A 3581 33.54 53.93 102.90
C GLY A 3581 32.70 54.42 101.74
N ARG A 3582 31.91 53.54 101.14
CA ARG A 3582 31.17 53.89 99.94
C ARG A 3582 30.02 54.84 100.26
N GLU A 3583 29.89 55.89 99.45
CA GLU A 3583 28.82 56.87 99.61
C GLU A 3583 28.08 57.06 98.30
N GLU A 3584 26.81 57.44 98.41
CA GLU A 3584 26.04 57.82 97.23
C GLU A 3584 26.65 59.04 96.55
N ASP A 3585 27.14 60.00 97.34
CA ASP A 3585 27.92 61.10 96.77
C ASP A 3585 29.24 60.60 96.22
N ALA A 3586 29.77 59.51 96.79
CA ALA A 3586 31.02 58.95 96.30
C ALA A 3586 30.82 58.31 94.93
N ASP A 3587 29.61 57.85 94.63
CA ASP A 3587 29.32 57.39 93.26
C ASP A 3587 28.56 58.47 92.50
N ASP A 3588 29.29 59.55 92.19
CA ASP A 3588 28.80 60.53 91.24
C ASP A 3588 28.93 59.96 89.83
N PRO A 3589 28.13 60.43 88.86
CA PRO A 3589 28.18 59.79 87.53
C PRO A 3589 29.56 59.80 86.90
N GLU A 3590 30.21 60.96 86.86
CA GLU A 3590 31.53 61.06 86.26
C GLU A 3590 32.55 60.24 87.04
N LYS A 3591 32.44 60.20 88.36
CA LYS A 3591 33.43 59.45 89.13
C LYS A 3591 33.22 57.95 88.95
N ILE A 3592 31.96 57.54 88.76
CA ILE A 3592 31.69 56.16 88.36
C ILE A 3592 32.33 55.84 87.02
N VAL A 3593 32.16 56.71 86.02
CA VAL A 3593 32.73 56.38 84.72
C VAL A 3593 34.26 56.35 84.82
N ARG A 3594 34.84 57.21 85.66
CA ARG A 3594 36.29 57.20 85.83
C ARG A 3594 36.78 55.91 86.48
N ARG A 3595 36.17 55.50 87.59
CA ARG A 3595 36.62 54.28 88.26
C ARG A 3595 36.37 53.05 87.40
N VAL A 3596 35.26 53.04 86.67
CA VAL A 3596 34.99 51.94 85.75
C VAL A 3596 36.04 51.89 84.64
N GLN A 3597 36.42 53.05 84.11
CA GLN A 3597 37.47 53.09 83.10
C GLN A 3597 38.77 52.51 83.64
N GLU A 3598 39.18 52.94 84.83
CA GLU A 3598 40.43 52.43 85.42
C GLU A 3598 40.36 50.93 85.62
N VAL A 3599 39.31 50.44 86.28
CA VAL A 3599 39.20 49.03 86.61
C VAL A 3599 39.11 48.21 85.34
N SER A 3600 38.45 48.72 84.31
CA SER A 3600 38.31 47.99 83.06
C SER A 3600 39.64 47.88 82.33
N ALA A 3601 40.42 48.96 82.30
CA ALA A 3601 41.75 48.89 81.68
C ALA A 3601 42.62 47.89 82.41
N VAL A 3602 42.61 47.93 83.75
CA VAL A 3602 43.40 46.99 84.52
C VAL A 3602 42.96 45.55 84.25
N LEU A 3603 41.64 45.31 84.21
CA LEU A 3603 41.14 43.97 83.99
C LEU A 3603 41.50 43.46 82.60
N TYR A 3604 41.39 44.32 81.58
CA TYR A 3604 41.71 43.90 80.22
C TYR A 3604 43.18 43.51 80.11
N HIS A 3605 44.07 44.40 80.54
CA HIS A 3605 45.49 44.06 80.44
C HIS A 3605 45.84 42.90 81.37
N LEU A 3606 45.07 42.73 82.45
CA LEU A 3606 45.31 41.62 83.36
C LEU A 3606 44.98 40.29 82.72
N GLU A 3607 43.85 40.21 82.01
CA GLU A 3607 43.52 38.95 81.34
C GLU A 3607 44.50 38.68 80.20
N GLN A 3608 44.90 39.72 79.46
CA GLN A 3608 45.91 39.52 78.42
C GLN A 3608 47.20 38.97 79.00
N THR A 3609 47.64 39.51 80.15
CA THR A 3609 48.84 38.99 80.80
C THR A 3609 48.61 37.58 81.34
N GLU A 3610 47.43 37.33 81.90
CA GLU A 3610 47.14 36.05 82.54
C GLU A 3610 47.19 34.90 81.54
N HIS A 3611 46.55 35.07 80.39
CA HIS A 3611 46.63 34.04 79.36
C HIS A 3611 47.53 34.55 78.24
N PRO A 3612 48.76 34.06 78.12
CA PRO A 3612 49.63 34.54 77.05
C PRO A 3612 49.25 34.00 75.68
N TYR A 3613 48.44 32.94 75.63
CA TYR A 3613 48.05 32.19 74.44
C TYR A 3613 49.22 31.95 73.49
N LYS A 3614 50.43 31.77 74.01
CA LYS A 3614 51.58 31.49 73.14
C LYS A 3614 51.48 30.11 72.52
N SER A 3615 50.96 29.14 73.26
CA SER A 3615 50.87 27.77 72.77
C SER A 3615 49.87 27.67 71.62
N LYS A 3616 50.09 26.70 70.74
CA LYS A 3616 49.29 26.37 69.56
C LYS A 3616 49.27 27.50 68.53
N LYS A 3617 50.00 28.60 68.74
CA LYS A 3617 50.05 29.65 67.73
C LYS A 3617 50.74 29.17 66.45
N ALA A 3618 51.85 28.44 66.60
CA ALA A 3618 52.60 27.92 65.47
C ALA A 3618 52.89 26.44 65.71
N VAL A 3619 51.95 25.58 65.28
CA VAL A 3619 52.15 24.15 65.40
C VAL A 3619 52.94 23.65 64.19
N TRP A 3620 54.02 22.92 64.46
CA TRP A 3620 54.93 22.45 63.42
C TRP A 3620 54.73 20.96 63.21
N HIS A 3621 54.52 20.57 61.95
CA HIS A 3621 54.26 19.16 61.64
C HIS A 3621 55.53 18.32 61.73
N LYS A 3622 56.68 18.93 61.39
CA LYS A 3622 58.01 18.30 61.47
C LYS A 3622 58.02 16.88 60.89
N LEU A 3623 57.33 16.69 59.76
CA LEU A 3623 57.31 15.39 59.10
C LEU A 3623 58.71 14.97 58.64
N LEU A 3624 59.46 15.90 58.06
CA LEU A 3624 60.80 15.62 57.55
C LEU A 3624 61.90 16.03 58.51
N SER A 3625 61.55 16.44 59.74
CA SER A 3625 62.53 17.06 60.62
C SER A 3625 63.63 16.09 61.03
N LYS A 3626 63.31 14.80 61.16
CA LYS A 3626 64.33 13.84 61.55
C LYS A 3626 65.39 13.68 60.46
N GLN A 3627 64.95 13.51 59.21
CA GLN A 3627 65.89 13.44 58.10
C GLN A 3627 66.65 14.74 57.94
N ARG A 3628 65.98 15.87 58.17
CA ARG A 3628 66.65 17.17 58.06
C ARG A 3628 67.73 17.33 59.13
N ARG A 3629 67.45 16.91 60.36
CA ARG A 3629 68.45 17.00 61.42
C ARG A 3629 69.64 16.08 61.14
N ARG A 3630 69.37 14.87 60.65
CA ARG A 3630 70.47 13.99 60.28
C ARG A 3630 71.31 14.61 59.16
N ALA A 3631 70.64 15.19 58.16
CA ALA A 3631 71.35 15.80 57.04
C ALA A 3631 72.19 17.00 57.48
N VAL A 3632 71.64 17.85 58.34
CA VAL A 3632 72.38 19.04 58.76
C VAL A 3632 73.55 18.66 59.65
N VAL A 3633 73.39 17.63 60.49
CA VAL A 3633 74.52 17.13 61.26
C VAL A 3633 75.63 16.62 60.33
N ALA A 3634 75.25 15.81 59.33
CA ALA A 3634 76.23 15.29 58.39
C ALA A 3634 76.93 16.43 57.66
N CYS A 3635 76.17 17.44 57.22
CA CYS A 3635 76.77 18.57 56.51
C CYS A 3635 77.70 19.36 57.42
N PHE A 3636 77.34 19.51 58.69
CA PHE A 3636 78.21 20.22 59.63
C PHE A 3636 79.54 19.48 59.81
N ARG A 3637 79.50 18.16 59.84
CA ARG A 3637 80.76 17.41 59.89
C ARG A 3637 81.22 16.90 58.54
N MET A 3638 80.71 17.48 57.44
CA MET A 3638 81.05 17.01 56.11
C MET A 3638 82.42 17.54 55.68
N THR A 3639 83.17 16.71 54.95
CA THR A 3639 84.58 16.97 54.73
C THR A 3639 84.82 17.81 53.47
N PRO A 3640 85.65 18.85 53.55
CA PRO A 3640 85.75 19.80 52.44
C PRO A 3640 86.47 19.23 51.22
N LEU A 3641 86.21 19.90 50.09
CA LEU A 3641 86.77 19.46 48.82
C LEU A 3641 88.29 19.55 48.83
N TYR A 3642 88.85 20.56 49.49
CA TYR A 3642 90.31 20.68 49.53
C TYR A 3642 90.91 19.56 50.36
N ASN A 3643 90.14 19.01 51.31
CA ASN A 3643 90.59 17.82 52.03
C ASN A 3643 90.45 16.57 51.19
N LEU A 3644 89.44 16.54 50.32
CA LEU A 3644 89.18 15.34 49.53
C LEU A 3644 90.34 15.07 48.58
N PRO A 3645 90.66 13.80 48.29
CA PRO A 3645 91.88 13.48 47.55
C PRO A 3645 91.87 13.98 46.11
N THR A 3646 93.08 14.06 45.54
CA THR A 3646 93.26 14.76 44.27
C THR A 3646 92.60 14.03 43.11
N HIS A 3647 92.83 12.71 43.00
CA HIS A 3647 92.26 11.97 41.87
C HIS A 3647 90.74 11.92 41.95
N ARG A 3648 90.19 11.75 43.14
CA ARG A 3648 88.74 11.78 43.30
C ARG A 3648 88.19 13.16 42.92
N ALA A 3649 88.88 14.22 43.34
CA ALA A 3649 88.45 15.56 42.94
C ALA A 3649 88.51 15.74 41.44
N CYS A 3650 89.52 15.15 40.79
CA CYS A 3650 89.60 15.19 39.34
C CYS A 3650 88.39 14.52 38.71
N ASN A 3651 87.98 13.37 39.24
CA ASN A 3651 86.81 12.67 38.70
C ASN A 3651 85.55 13.51 38.85
N MET A 3652 85.34 14.10 40.03
CA MET A 3652 84.18 14.96 40.21
C MET A 3652 84.24 16.17 39.31
N PHE A 3653 85.44 16.72 39.08
CA PHE A 3653 85.56 17.84 38.16
C PHE A 3653 85.19 17.43 36.74
N LEU A 3654 85.61 16.23 36.32
CA LEU A 3654 85.24 15.78 34.99
C LEU A 3654 83.73 15.68 34.86
N GLU A 3655 83.07 15.09 35.86
CA GLU A 3655 81.62 14.97 35.80
C GLU A 3655 80.94 16.35 35.79
N SER A 3656 81.35 17.24 36.70
CA SER A 3656 80.74 18.56 36.78
C SER A 3656 80.99 19.36 35.51
N TYR A 3657 82.18 19.24 34.94
CA TYR A 3657 82.50 20.00 33.74
C TYR A 3657 81.70 19.51 32.55
N LYS A 3658 81.55 18.19 32.41
CA LYS A 3658 80.72 17.69 31.32
C LYS A 3658 79.27 18.08 31.52
N ALA A 3659 78.83 18.21 32.77
CA ALA A 3659 77.44 18.56 33.03
C ALA A 3659 77.18 20.04 32.80
N ALA A 3660 78.14 20.90 33.12
CA ALA A 3660 77.85 22.33 33.18
C ALA A 3660 78.35 23.08 31.94
N TRP A 3661 79.37 22.55 31.28
CA TRP A 3661 79.97 23.27 30.15
C TRP A 3661 79.77 22.56 28.82
N ILE A 3662 80.19 21.29 28.72
CA ILE A 3662 80.08 20.58 27.45
C ILE A 3662 78.62 20.35 27.08
N LEU A 3663 77.80 19.95 28.06
CA LEU A 3663 76.39 19.75 27.79
C LEU A 3663 75.69 21.04 27.42
N THR A 3664 75.93 22.11 28.19
CA THR A 3664 75.26 23.38 27.93
C THR A 3664 75.68 23.96 26.58
N GLU A 3665 76.95 23.83 26.22
CA GLU A 3665 77.42 24.31 24.93
C GLU A 3665 76.72 23.55 23.81
N ASP A 3666 76.24 24.29 22.82
CA ASP A 3666 75.53 23.74 21.68
C ASP A 3666 76.14 24.25 20.39
N HIS A 3667 75.92 23.52 19.30
CA HIS A 3667 76.37 23.92 17.97
C HIS A 3667 75.58 23.18 16.92
N SER A 3668 75.08 23.91 15.93
CA SER A 3668 74.18 23.38 14.92
C SER A 3668 74.98 22.97 13.70
N PHE A 3669 75.39 21.71 13.65
CA PHE A 3669 76.03 21.14 12.47
C PHE A 3669 75.05 20.37 11.60
N GLU A 3670 73.80 20.21 12.07
CA GLU A 3670 72.87 19.34 11.36
C GLU A 3670 72.54 19.88 9.99
N ASP A 3671 72.20 21.16 9.89
CA ASP A 3671 71.87 21.74 8.60
C ASP A 3671 73.06 21.70 7.65
N ARG A 3672 74.25 22.01 8.15
CA ARG A 3672 75.43 22.00 7.29
C ARG A 3672 75.72 20.59 6.77
N MET A 3673 75.62 19.58 7.64
CA MET A 3673 75.84 18.22 7.18
C MET A 3673 74.79 17.80 6.16
N ILE A 3674 73.54 18.20 6.37
CA ILE A 3674 72.50 17.84 5.43
C ILE A 3674 72.73 18.51 4.08
N ASP A 3675 73.18 19.76 4.08
CA ASP A 3675 73.53 20.41 2.82
C ASP A 3675 74.68 19.68 2.12
N ASP A 3676 75.71 19.32 2.89
CA ASP A 3676 76.86 18.65 2.29
C ASP A 3676 76.49 17.29 1.71
N LEU A 3677 75.70 16.52 2.44
CA LEU A 3677 75.31 15.20 1.95
C LEU A 3677 74.32 15.31 0.78
N SER A 3678 73.52 16.38 0.76
CA SER A 3678 72.54 16.54 -0.30
C SER A 3678 73.20 16.98 -1.59
N LYS A 3679 74.24 17.80 -1.50
CA LYS A 3679 74.92 18.29 -2.70
C LYS A 3679 75.56 17.15 -3.46
N ALA A 3680 75.32 17.13 -4.77
CA ALA A 3680 75.95 16.20 -5.67
C ALA A 3680 76.98 16.96 -6.50
N GLY A 3681 78.23 16.54 -6.41
CA GLY A 3681 79.31 17.28 -7.06
C GLY A 3681 80.00 16.52 -8.16
N GLU A 3682 80.37 17.24 -9.23
CA GLU A 3682 81.14 16.79 -10.38
C GLU A 3682 80.34 15.93 -11.35
N GLN A 3683 79.06 15.64 -11.10
CA GLN A 3683 78.29 14.85 -12.05
C GLN A 3683 77.96 15.65 -13.29
N GLU A 3684 77.93 16.98 -13.16
CA GLU A 3684 77.64 17.83 -14.32
C GLU A 3684 78.74 17.71 -15.37
N GLU A 3685 80.01 17.71 -14.94
CA GLU A 3685 81.09 17.46 -15.89
C GLU A 3685 81.19 15.98 -16.24
N GLU A 3686 80.86 15.10 -15.29
CA GLU A 3686 80.85 13.67 -15.56
C GLU A 3686 79.80 13.31 -16.60
N GLU A 3687 78.63 13.95 -16.51
CA GLU A 3687 77.56 13.78 -17.50
C GLU A 3687 77.12 12.32 -17.57
N GLU A 3688 76.47 11.85 -16.50
CA GLU A 3688 75.83 10.54 -16.54
C GLU A 3688 74.38 10.68 -17.01
N GLU A 3689 73.87 9.61 -17.61
CA GLU A 3689 72.50 9.62 -18.08
C GLU A 3689 71.52 9.74 -16.92
N VAL A 3690 70.50 10.57 -17.10
CA VAL A 3690 69.51 10.77 -16.04
C VAL A 3690 68.76 9.46 -15.77
N GLU A 3691 68.77 8.55 -16.74
CA GLU A 3691 68.20 7.22 -16.51
C GLU A 3691 68.99 6.45 -15.48
N GLU A 3692 70.31 6.61 -15.47
CA GLU A 3692 71.13 5.93 -14.47
C GLU A 3692 70.74 6.34 -13.05
N LYS A 3693 70.71 7.65 -12.78
CA LYS A 3693 70.19 8.21 -11.54
C LYS A 3693 70.89 7.56 -10.34
N LYS A 3694 72.18 7.85 -10.21
CA LYS A 3694 72.91 7.38 -9.04
C LYS A 3694 72.58 8.25 -7.84
N PRO A 3695 72.33 7.66 -6.67
CA PRO A 3695 71.92 8.46 -5.52
C PRO A 3695 73.04 9.36 -5.02
N ASP A 3696 72.64 10.52 -4.50
CA ASP A 3696 73.56 11.39 -3.80
C ASP A 3696 73.85 10.82 -2.41
N PRO A 3697 74.87 11.33 -1.71
CA PRO A 3697 75.23 10.70 -0.41
C PRO A 3697 74.08 10.61 0.58
N LEU A 3698 73.24 11.64 0.67
CA LEU A 3698 72.10 11.58 1.57
C LEU A 3698 71.13 10.47 1.17
N HIS A 3699 70.89 10.33 -0.14
CA HIS A 3699 70.00 9.29 -0.61
C HIS A 3699 70.59 7.91 -0.33
N GLN A 3700 71.90 7.76 -0.48
CA GLN A 3700 72.54 6.48 -0.16
C GLN A 3700 72.43 6.17 1.32
N LEU A 3701 72.59 7.17 2.18
CA LEU A 3701 72.43 6.95 3.62
C LEU A 3701 71.00 6.53 3.95
N VAL A 3702 70.02 7.22 3.38
CA VAL A 3702 68.62 6.87 3.63
C VAL A 3702 68.32 5.47 3.13
N LEU A 3703 68.84 5.12 1.94
CA LEU A 3703 68.63 3.78 1.42
C LEU A 3703 69.28 2.72 2.30
N HIS A 3704 70.46 3.02 2.84
CA HIS A 3704 71.12 2.06 3.72
C HIS A 3704 70.29 1.82 4.98
N PHE A 3705 69.77 2.89 5.58
CA PHE A 3705 68.94 2.71 6.76
C PHE A 3705 67.63 1.99 6.43
N SER A 3706 67.07 2.29 5.26
CA SER A 3706 65.85 1.59 4.83
C SER A 3706 66.12 0.10 4.64
N ARG A 3707 67.26 -0.24 4.05
CA ARG A 3707 67.61 -1.64 3.89
C ARG A 3707 67.84 -2.31 5.24
N THR A 3708 68.43 -1.58 6.19
CA THR A 3708 68.59 -2.12 7.54
C THR A 3708 67.23 -2.43 8.16
N ALA A 3709 66.26 -1.54 7.97
CA ALA A 3709 64.92 -1.79 8.46
C ALA A 3709 64.27 -2.98 7.74
N LEU A 3710 64.56 -3.15 6.45
CA LEU A 3710 63.84 -4.12 5.63
C LEU A 3710 64.21 -5.55 6.00
N THR A 3711 65.47 -5.80 6.36
CA THR A 3711 65.88 -7.16 6.68
C THR A 3711 65.07 -7.70 7.86
N GLU A 3712 64.62 -8.95 7.72
CA GLU A 3712 63.80 -9.57 8.74
C GLU A 3712 64.62 -9.82 10.00
N LYS A 3713 64.05 -9.46 11.14
CA LYS A 3713 64.70 -9.62 12.43
C LYS A 3713 63.68 -10.06 13.46
N SER A 3714 64.13 -10.88 14.42
CA SER A 3714 63.26 -11.23 15.54
C SER A 3714 62.90 -9.98 16.34
N LYS A 3715 63.88 -9.14 16.63
CA LYS A 3715 63.65 -7.83 17.22
C LYS A 3715 64.56 -6.84 16.52
N LEU A 3716 64.13 -5.58 16.50
CA LEU A 3716 64.91 -4.56 15.79
C LEU A 3716 66.12 -4.14 16.61
N ASP A 3717 67.30 -4.28 16.03
CA ASP A 3717 68.54 -4.02 16.75
C ASP A 3717 68.75 -2.52 16.95
N GLU A 3718 69.34 -2.17 18.09
CA GLU A 3718 69.60 -0.78 18.41
C GLU A 3718 70.84 -0.28 17.68
N ASP A 3719 70.68 0.76 16.87
CA ASP A 3719 71.77 1.32 16.07
C ASP A 3719 72.00 2.77 16.43
N TYR A 3720 73.13 3.04 17.11
CA TYR A 3720 73.49 4.40 17.46
C TYR A 3720 73.64 5.27 16.23
N LEU A 3721 74.13 4.69 15.13
CA LEU A 3721 74.27 5.46 13.90
C LEU A 3721 72.91 5.91 13.38
N TYR A 3722 71.94 5.01 13.36
CA TYR A 3722 70.61 5.39 12.92
C TYR A 3722 70.02 6.44 13.84
N MET A 3723 70.19 6.28 15.15
CA MET A 3723 69.64 7.27 16.07
C MET A 3723 70.25 8.66 15.84
N ALA A 3724 71.58 8.72 15.72
CA ALA A 3724 72.23 10.00 15.52
C ALA A 3724 71.81 10.65 14.21
N TYR A 3725 71.76 9.86 13.13
CA TYR A 3725 71.41 10.45 11.84
C TYR A 3725 69.95 10.85 11.78
N ALA A 3726 69.06 10.09 12.43
CA ALA A 3726 67.67 10.49 12.51
C ALA A 3726 67.52 11.81 13.26
N ASP A 3727 68.25 11.96 14.37
CA ASP A 3727 68.22 13.23 15.09
C ASP A 3727 68.73 14.37 14.22
N ILE A 3728 69.81 14.12 13.47
CA ILE A 3728 70.37 15.16 12.61
C ILE A 3728 69.35 15.59 11.55
N MET A 3729 68.71 14.62 10.91
CA MET A 3729 67.72 14.93 9.88
C MET A 3729 66.53 15.68 10.46
N ALA A 3730 66.06 15.27 11.65
CA ALA A 3730 64.94 15.96 12.27
C ALA A 3730 65.30 17.41 12.60
N LYS A 3731 66.50 17.64 13.13
CA LYS A 3731 66.93 19.00 13.41
C LYS A 3731 67.03 19.81 12.13
N SER A 3732 67.54 19.21 11.06
CA SER A 3732 67.64 19.93 9.80
C SER A 3732 66.27 20.35 9.30
N CYS A 3733 65.29 19.45 9.39
CA CYS A 3733 63.94 19.81 8.95
C CYS A 3733 63.35 20.92 9.80
N HIS A 3734 63.41 20.79 11.13
CA HIS A 3734 62.74 21.78 11.95
C HIS A 3734 63.41 23.15 11.84
N LEU A 3735 64.74 23.18 11.79
CA LEU A 3735 65.50 24.39 11.44
C LEU A 3735 65.09 25.58 12.33
N GLU A 3736 64.68 25.28 13.56
CA GLU A 3736 64.26 26.32 14.49
C GLU A 3736 64.70 25.98 15.92
N VAL A 3749 56.98 40.44 18.16
CA VAL A 3749 55.91 39.47 18.31
C VAL A 3749 55.01 39.48 17.08
N GLU A 3750 55.29 40.40 16.16
CA GLU A 3750 54.54 40.51 14.92
C GLU A 3750 55.30 39.78 13.82
N VAL A 3751 54.57 39.25 12.83
CA VAL A 3751 55.15 38.53 11.73
C VAL A 3751 54.59 39.07 10.42
N SER A 3752 55.48 39.42 9.50
CA SER A 3752 55.05 39.83 8.17
C SER A 3752 54.52 38.63 7.40
N PHE A 3753 53.53 38.88 6.54
CA PHE A 3753 52.96 37.79 5.74
C PHE A 3753 54.01 37.18 4.83
N GLU A 3754 54.84 38.02 4.21
CA GLU A 3754 55.87 37.51 3.31
C GLU A 3754 56.86 36.63 4.03
N GLU A 3755 57.28 37.05 5.23
CA GLU A 3755 58.27 36.26 5.96
C GLU A 3755 57.64 34.99 6.53
N LYS A 3756 56.34 35.04 6.87
CA LYS A 3756 55.65 33.83 7.28
C LYS A 3756 55.60 32.81 6.15
N GLU A 3757 55.26 33.27 4.95
CA GLU A 3757 55.27 32.38 3.80
C GLU A 3757 56.67 31.90 3.50
N MET A 3758 57.68 32.72 3.77
CA MET A 3758 59.06 32.30 3.60
C MET A 3758 59.43 31.18 4.57
N GLU A 3759 59.00 31.28 5.83
CA GLU A 3759 59.26 30.18 6.76
C GLU A 3759 58.55 28.92 6.31
N LYS A 3760 57.31 29.04 5.85
CA LYS A 3760 56.61 27.86 5.36
C LYS A 3760 57.33 27.22 4.17
N GLN A 3761 57.80 28.05 3.23
CA GLN A 3761 58.47 27.52 2.05
C GLN A 3761 59.83 26.92 2.42
N ARG A 3762 60.52 27.53 3.37
CA ARG A 3762 61.80 26.98 3.83
C ARG A 3762 61.61 25.61 4.48
N LEU A 3763 60.60 25.50 5.35
CA LEU A 3763 60.29 24.21 5.95
C LEU A 3763 59.91 23.18 4.89
N LEU A 3764 59.13 23.61 3.90
CA LEU A 3764 58.77 22.71 2.82
C LEU A 3764 59.99 22.24 2.05
N TYR A 3765 60.95 23.13 1.83
CA TYR A 3765 62.14 22.75 1.07
C TYR A 3765 63.01 21.78 1.86
N GLN A 3766 63.15 21.99 3.17
CA GLN A 3766 63.90 21.04 3.99
C GLN A 3766 63.22 19.67 3.99
N GLN A 3767 61.91 19.66 4.22
CA GLN A 3767 61.18 18.41 4.18
C GLN A 3767 61.27 17.77 2.80
N SER A 3768 61.43 18.59 1.76
CA SER A 3768 61.62 18.07 0.41
C SER A 3768 62.97 17.37 0.29
N ARG A 3769 64.03 18.00 0.81
CA ARG A 3769 65.33 17.34 0.80
C ARG A 3769 65.23 15.97 1.45
N LEU A 3770 64.52 15.89 2.57
CA LEU A 3770 64.45 14.60 3.26
C LEU A 3770 63.57 13.60 2.53
N HIS A 3771 62.38 14.01 2.10
CA HIS A 3771 61.41 13.01 1.65
C HIS A 3771 61.58 12.68 0.16
N THR A 3772 62.40 13.44 -0.56
CA THR A 3772 62.78 13.03 -1.89
C THR A 3772 63.78 11.88 -1.84
N ARG A 3773 64.37 11.65 -0.67
CA ARG A 3773 65.32 10.55 -0.51
C ARG A 3773 64.62 9.27 -0.11
N GLY A 3774 63.35 9.36 0.31
CA GLY A 3774 62.65 8.22 0.84
C GLY A 3774 62.57 8.16 2.35
N ALA A 3775 62.73 9.30 3.03
CA ALA A 3775 62.72 9.30 4.48
C ALA A 3775 61.37 8.85 5.04
N ALA A 3776 60.28 9.15 4.33
CA ALA A 3776 58.96 8.72 4.78
C ALA A 3776 58.86 7.19 4.78
N GLU A 3777 59.28 6.56 3.68
CA GLU A 3777 59.28 5.11 3.62
C GLU A 3777 60.19 4.52 4.67
N MET A 3778 61.35 5.15 4.88
CA MET A 3778 62.27 4.65 5.91
C MET A 3778 61.64 4.73 7.28
N VAL A 3779 60.91 5.81 7.57
CA VAL A 3779 60.27 5.96 8.88
C VAL A 3779 59.21 4.87 9.07
N LEU A 3780 58.37 4.64 8.05
CA LEU A 3780 57.34 3.62 8.19
C LEU A 3780 57.96 2.23 8.38
N GLN A 3781 59.02 1.93 7.62
CA GLN A 3781 59.71 0.66 7.80
C GLN A 3781 60.32 0.56 9.19
N MET A 3782 60.86 1.66 9.70
CA MET A 3782 61.47 1.64 11.02
C MET A 3782 60.43 1.30 12.08
N ILE A 3783 59.25 1.90 11.98
CA ILE A 3783 58.18 1.57 12.94
C ILE A 3783 57.77 0.11 12.82
N SER A 3784 57.53 -0.34 11.59
CA SER A 3784 57.17 -1.74 11.38
C SER A 3784 58.23 -2.67 11.95
N ALA A 3785 59.50 -2.23 11.94
CA ALA A 3785 60.57 -3.05 12.50
C ALA A 3785 60.55 -3.03 14.02
N CYS A 3786 60.24 -1.87 14.61
CA CYS A 3786 60.11 -1.82 16.07
C CYS A 3786 59.03 -2.77 16.55
N LYS A 3787 57.98 -2.95 15.75
CA LYS A 3787 56.93 -3.94 16.05
C LYS A 3787 56.28 -3.68 17.40
N GLY A 3788 56.10 -2.40 17.73
CA GLY A 3788 55.42 -2.06 18.97
C GLY A 3788 56.24 -2.26 20.23
N GLU A 3789 57.56 -2.17 20.14
CA GLU A 3789 58.42 -2.21 21.31
C GLU A 3789 59.00 -0.82 21.54
N THR A 3790 58.74 -0.26 22.72
CA THR A 3790 59.20 1.09 23.03
C THR A 3790 60.73 1.11 23.11
N GLY A 3791 61.31 2.23 22.69
CA GLY A 3791 62.75 2.36 22.72
C GLY A 3791 63.21 3.67 22.15
N ALA A 3792 64.51 3.94 22.33
CA ALA A 3792 65.08 5.18 21.82
C ALA A 3792 65.01 5.23 20.30
N MET A 3793 65.11 4.08 19.64
CA MET A 3793 65.09 4.10 18.18
C MET A 3793 63.71 4.40 17.65
N VAL A 3794 62.66 3.84 18.26
CA VAL A 3794 61.30 4.20 17.86
C VAL A 3794 61.02 5.66 18.18
N SER A 3795 61.58 6.17 19.29
CA SER A 3795 61.43 7.58 19.59
C SER A 3795 62.05 8.45 18.51
N SER A 3796 63.27 8.10 18.07
CA SER A 3796 63.93 8.85 17.02
C SER A 3796 63.16 8.77 15.71
N THR A 3797 62.62 7.59 15.39
CA THR A 3797 61.84 7.45 14.17
C THR A 3797 60.60 8.32 14.22
N LEU A 3798 59.90 8.36 15.36
CA LEU A 3798 58.72 9.19 15.47
C LEU A 3798 59.07 10.66 15.37
N LYS A 3799 60.19 11.08 15.97
CA LYS A 3799 60.60 12.47 15.87
C LYS A 3799 60.93 12.84 14.43
N LEU A 3800 61.59 11.95 13.69
CA LEU A 3800 61.89 12.22 12.28
C LEU A 3800 60.61 12.31 11.46
N GLY A 3801 59.65 11.41 11.72
CA GLY A 3801 58.37 11.51 11.04
C GLY A 3801 57.65 12.80 11.32
N ILE A 3802 57.67 13.24 12.58
CA ILE A 3802 57.06 14.52 12.93
C ILE A 3802 57.76 15.66 12.20
N SER A 3803 59.09 15.60 12.13
CA SER A 3803 59.84 16.66 11.46
C SER A 3803 59.48 16.74 9.98
N ILE A 3804 59.33 15.59 9.32
CA ILE A 3804 59.02 15.64 7.89
C ILE A 3804 57.54 15.85 7.66
N LEU A 3805 56.72 15.76 8.70
CA LEU A 3805 55.28 15.92 8.53
C LEU A 3805 54.79 17.27 9.05
N ASN A 3806 55.67 18.05 9.69
CA ASN A 3806 55.25 19.27 10.36
C ASN A 3806 54.61 20.24 9.37
N GLY A 3807 53.54 20.89 9.82
CA GLY A 3807 52.75 21.75 8.96
C GLY A 3807 51.75 21.01 8.10
N GLY A 3808 51.63 19.70 8.24
CA GLY A 3808 50.73 18.93 7.39
C GLY A 3808 51.20 18.86 5.96
N ASN A 3809 52.34 18.21 5.72
CA ASN A 3809 52.90 18.19 4.39
C ASN A 3809 52.19 17.15 3.52
N ALA A 3810 51.41 17.64 2.56
CA ALA A 3810 50.57 16.76 1.75
C ALA A 3810 51.40 15.81 0.92
N GLU A 3811 52.56 16.25 0.46
CA GLU A 3811 53.43 15.36 -0.33
C GLU A 3811 53.89 14.17 0.50
N VAL A 3812 54.35 14.43 1.73
CA VAL A 3812 54.78 13.33 2.60
C VAL A 3812 53.60 12.45 2.95
N GLN A 3813 52.44 13.04 3.22
CA GLN A 3813 51.26 12.24 3.51
C GLN A 3813 50.91 11.31 2.36
N GLN A 3814 50.95 11.83 1.13
CA GLN A 3814 50.67 11.01 -0.03
C GLN A 3814 51.68 9.88 -0.18
N LYS A 3815 52.96 10.19 0.05
CA LYS A 3815 53.98 9.15 -0.08
C LYS A 3815 53.79 8.04 0.95
N MET A 3816 53.50 8.42 2.20
CA MET A 3816 53.27 7.40 3.23
C MET A 3816 52.04 6.56 2.89
N LEU A 3817 50.96 7.21 2.45
CA LEU A 3817 49.75 6.46 2.13
C LEU A 3817 49.97 5.50 0.97
N ASP A 3818 50.67 5.95 -0.06
CA ASP A 3818 50.97 5.07 -1.19
C ASP A 3818 51.85 3.91 -0.76
N TYR A 3819 52.86 4.17 0.07
CA TYR A 3819 53.72 3.08 0.53
C TYR A 3819 52.94 2.05 1.32
N LEU A 3820 52.09 2.51 2.25
CA LEU A 3820 51.29 1.57 3.02
C LEU A 3820 50.35 0.78 2.14
N LYS A 3821 49.71 1.45 1.17
CA LYS A 3821 48.75 0.77 0.31
C LYS A 3821 49.43 -0.28 -0.56
N ASP A 3822 50.61 0.03 -1.09
CA ASP A 3822 51.28 -0.95 -1.95
C ASP A 3822 51.87 -2.09 -1.14
N LYS A 3823 52.39 -1.80 0.06
CA LYS A 3823 52.94 -2.87 0.89
C LYS A 3823 51.86 -3.81 1.38
N LYS A 3824 50.71 -3.27 1.79
CA LYS A 3824 49.62 -4.08 2.36
C LYS A 3824 50.10 -4.94 3.53
N GLU A 3825 50.89 -4.34 4.40
CA GLU A 3825 51.40 -5.03 5.58
C GLU A 3825 50.58 -4.62 6.80
N VAL A 3826 50.37 -5.55 7.72
CA VAL A 3826 49.63 -5.25 8.94
C VAL A 3826 50.60 -4.90 10.06
N GLY A 3827 51.90 -5.04 9.79
CA GLY A 3827 52.90 -4.84 10.83
C GLY A 3827 52.94 -3.41 11.34
N PHE A 3828 52.78 -2.44 10.44
CA PHE A 3828 52.84 -1.04 10.84
C PHE A 3828 51.73 -0.69 11.82
N PHE A 3829 50.49 -1.03 11.48
CA PHE A 3829 49.38 -0.69 12.36
C PHE A 3829 49.41 -1.54 13.63
N GLN A 3830 49.87 -2.79 13.54
CA GLN A 3830 50.03 -3.60 14.73
C GLN A 3830 51.05 -2.97 15.68
N SER A 3831 52.17 -2.48 15.14
CA SER A 3831 53.16 -1.81 15.95
C SER A 3831 52.61 -0.55 16.59
N ILE A 3832 51.84 0.23 15.82
CA ILE A 3832 51.25 1.45 16.37
C ILE A 3832 50.31 1.13 17.51
N GLN A 3833 49.47 0.10 17.33
CA GLN A 3833 48.51 -0.28 18.36
C GLN A 3833 49.22 -0.79 19.61
N ALA A 3834 50.27 -1.59 19.43
CA ALA A 3834 51.02 -2.08 20.58
C ALA A 3834 51.68 -0.93 21.33
N LEU A 3835 52.27 0.02 20.59
CA LEU A 3835 52.87 1.19 21.24
C LEU A 3835 51.82 1.98 22.00
N MET A 3836 50.62 2.10 21.43
CA MET A 3836 49.54 2.77 22.14
C MET A 3836 49.21 2.08 23.45
N GLN A 3837 49.13 0.75 23.43
CA GLN A 3837 48.83 0.02 24.67
C GLN A 3837 49.97 0.14 25.68
N THR A 3838 51.20 0.33 25.20
CA THR A 3838 52.31 0.46 26.14
C THR A 3838 52.38 1.84 26.77
N CYS A 3839 51.67 2.82 26.21
CA CYS A 3839 51.69 4.16 26.77
C CYS A 3839 51.14 4.16 28.19
N SER A 3840 51.81 4.88 29.07
CA SER A 3840 51.46 4.88 30.48
C SER A 3840 50.51 6.03 30.82
N VAL A 3841 49.86 5.90 31.98
CA VAL A 3841 48.96 6.91 32.50
C VAL A 3841 49.36 7.22 33.93
N LEU A 3842 48.69 8.22 34.50
CA LEU A 3842 48.99 8.61 35.88
C LEU A 3842 48.69 7.46 36.83
N ASP A 3843 49.65 7.18 37.72
CA ASP A 3843 49.53 6.09 38.67
C ASP A 3843 49.72 6.61 40.09
N LEU A 3844 48.66 6.52 40.90
CA LEU A 3844 48.73 6.98 42.28
C LEU A 3844 49.74 6.17 43.08
N ASN A 3845 49.82 4.86 42.82
CA ASN A 3845 50.76 4.02 43.55
C ASN A 3845 52.20 4.45 43.30
N ALA A 3846 52.57 4.64 42.04
CA ALA A 3846 53.91 5.12 41.72
C ALA A 3846 54.14 6.52 42.26
N PHE A 3847 53.11 7.36 42.24
CA PHE A 3847 53.25 8.71 42.80
C PHE A 3847 53.57 8.67 44.28
N GLU A 3848 52.87 7.81 45.04
CA GLU A 3848 53.13 7.74 46.47
C GLU A 3848 54.48 7.08 46.74
N ARG A 3849 54.90 6.14 45.89
CA ARG A 3849 56.26 5.63 45.98
C ARG A 3849 57.29 6.74 45.80
N GLN A 3850 57.06 7.61 44.82
CA GLN A 3850 57.96 8.75 44.61
C GLN A 3850 57.94 9.68 45.81
N ASN A 3851 56.77 9.86 46.44
CA ASN A 3851 56.71 10.68 47.64
C ASN A 3851 57.56 10.09 48.75
N LYS A 3852 57.45 8.77 48.97
CA LYS A 3852 58.31 8.13 49.97
C LYS A 3852 59.78 8.30 49.63
N ALA A 3853 60.13 8.14 48.36
CA ALA A 3853 61.53 8.26 47.95
C ALA A 3853 62.07 9.67 48.18
N GLU A 3854 61.28 10.69 47.83
CA GLU A 3854 61.75 12.07 47.99
C GLU A 3854 61.82 12.45 49.46
N GLY A 3855 60.92 11.92 50.28
CA GLY A 3855 61.06 12.08 51.72
C GLY A 3855 62.29 11.36 52.25
N LEU A 3856 62.66 10.26 51.60
CA LEU A 3856 63.81 9.47 52.05
C LEU A 3856 65.12 10.18 51.77
N GLY A 3857 65.27 10.74 50.56
CA GLY A 3857 66.45 11.55 50.28
C GLY A 3857 67.75 10.79 50.16
N MET A 3858 67.93 10.03 49.08
CA MET A 3858 69.15 9.26 48.86
C MET A 3858 70.42 10.08 49.07
N VAL A 3859 71.44 9.42 49.62
CA VAL A 3859 72.76 10.00 49.86
C VAL A 3859 73.80 9.08 49.25
N ASN A 3860 74.74 9.64 48.49
CA ASN A 3860 75.69 8.81 47.76
C ASN A 3860 77.00 8.63 48.53
N GLU A 3861 77.61 7.47 48.31
CA GLU A 3861 78.88 7.15 48.99
C GLU A 3861 80.00 8.07 48.52
N ASP A 3862 80.15 8.23 47.21
CA ASP A 3862 81.17 9.11 46.68
C ASP A 3862 80.83 10.55 47.06
N GLY A 3863 81.58 11.09 48.01
CA GLY A 3863 81.18 12.36 48.59
C GLY A 3863 79.86 12.22 49.31
N THR A 3864 78.89 13.05 48.91
CA THR A 3864 77.56 13.04 49.49
C THR A 3864 76.60 13.67 48.48
N VAL A 3865 75.34 13.24 48.53
CA VAL A 3865 74.30 13.76 47.65
C VAL A 3865 73.09 14.16 48.50
N ILE A 3866 72.62 15.39 48.30
CA ILE A 3866 71.50 15.94 49.05
C ILE A 3866 70.36 16.23 48.07
N ASN A 3867 69.14 15.85 48.47
CA ASN A 3867 67.93 16.07 47.66
C ASN A 3867 68.05 15.43 46.29
N ARG A 3868 68.43 14.15 46.26
CA ARG A 3868 68.46 13.42 45.01
C ARG A 3868 67.02 13.14 44.54
N GLN A 3869 66.75 13.45 43.28
CA GLN A 3869 65.43 13.22 42.70
C GLN A 3869 65.57 12.31 41.50
N ASN A 3870 65.08 11.08 41.63
CA ASN A 3870 65.12 10.13 40.53
C ASN A 3870 64.12 10.53 39.45
N GLY A 3871 64.31 9.96 38.25
CA GLY A 3871 63.32 10.14 37.21
C GLY A 3871 61.97 9.61 37.67
N GLU A 3872 60.97 10.48 37.64
CA GLU A 3872 59.67 10.15 38.21
C GLU A 3872 59.04 8.97 37.48
N LYS A 3873 58.42 8.06 38.25
CA LYS A 3873 57.84 6.87 37.66
C LYS A 3873 56.54 7.20 36.94
N VAL A 3874 55.81 8.20 37.43
CA VAL A 3874 54.54 8.57 36.82
C VAL A 3874 54.79 9.31 35.51
N MET A 3875 54.07 8.90 34.46
CA MET A 3875 54.19 9.53 33.15
C MET A 3875 55.63 9.52 32.65
N ALA A 3876 56.31 8.39 32.81
CA ALA A 3876 57.72 8.30 32.40
C ALA A 3876 57.85 8.48 30.89
N ASP A 3877 56.95 7.90 30.11
CA ASP A 3877 56.98 7.99 28.66
C ASP A 3877 56.05 9.07 28.13
N ASP A 3878 55.86 10.16 28.86
CA ASP A 3878 54.88 11.17 28.45
C ASP A 3878 55.30 11.83 27.14
N GLU A 3879 56.58 12.18 26.99
CA GLU A 3879 57.02 12.81 25.75
C GLU A 3879 56.88 11.86 24.57
N PHE A 3880 57.14 10.57 24.78
CA PHE A 3880 56.95 9.60 23.72
C PHE A 3880 55.48 9.49 23.34
N THR A 3881 54.58 9.53 24.33
CA THR A 3881 53.15 9.50 24.04
C THR A 3881 52.75 10.72 23.22
N GLN A 3882 53.23 11.91 23.61
CA GLN A 3882 52.92 13.11 22.84
C GLN A 3882 53.42 12.99 21.42
N ASP A 3883 54.64 12.47 21.23
CA ASP A 3883 55.17 12.42 19.86
C ASP A 3883 54.43 11.39 19.01
N LEU A 3884 54.02 10.27 19.60
CA LEU A 3884 53.25 9.30 18.85
C LEU A 3884 51.91 9.85 18.41
N PHE A 3885 51.18 10.48 19.34
CA PHE A 3885 49.88 11.02 18.98
C PHE A 3885 50.02 12.22 18.05
N ARG A 3886 51.10 12.98 18.19
CA ARG A 3886 51.41 14.04 17.24
C ARG A 3886 51.67 13.48 15.86
N PHE A 3887 52.36 12.34 15.77
CA PHE A 3887 52.59 11.71 14.49
C PHE A 3887 51.28 11.33 13.81
N LEU A 3888 50.35 10.75 14.58
CA LEU A 3888 49.05 10.41 13.99
C LEU A 3888 48.29 11.66 13.56
N GLN A 3889 48.30 12.70 14.41
CA GLN A 3889 47.63 13.94 14.04
C GLN A 3889 48.24 14.55 12.79
N LEU A 3890 49.55 14.41 12.62
CA LEU A 3890 50.19 14.97 11.43
C LEU A 3890 49.90 14.12 10.21
N LEU A 3891 49.68 12.82 10.39
CA LEU A 3891 49.19 12.01 9.28
C LEU A 3891 47.83 12.51 8.81
N CYS A 3892 46.95 12.83 9.74
CA CYS A 3892 45.61 13.28 9.36
C CYS A 3892 45.49 14.79 9.15
N GLU A 3893 46.58 15.54 9.30
CA GLU A 3893 46.52 17.00 9.24
C GLU A 3893 46.11 17.47 7.85
N GLY A 3894 45.48 18.64 7.81
CA GLY A 3894 44.99 19.19 6.57
C GLY A 3894 43.71 18.58 6.08
N HIS A 3895 43.01 17.81 6.92
CA HIS A 3895 41.78 17.12 6.55
C HIS A 3895 42.03 16.15 5.39
N ASN A 3896 43.00 15.27 5.56
CA ASN A 3896 43.34 14.30 4.54
C ASN A 3896 42.40 13.11 4.67
N ASN A 3897 41.33 13.13 3.88
CA ASN A 3897 40.25 12.15 4.06
C ASN A 3897 40.74 10.73 3.81
N ASP A 3898 41.62 10.55 2.84
CA ASP A 3898 42.12 9.21 2.54
C ASP A 3898 42.85 8.63 3.74
N PHE A 3899 43.69 9.43 4.40
CA PHE A 3899 44.42 8.91 5.55
C PHE A 3899 43.51 8.75 6.75
N GLN A 3900 42.50 9.61 6.89
CA GLN A 3900 41.53 9.40 7.97
C GLN A 3900 40.81 8.07 7.81
N ASN A 3901 40.32 7.79 6.60
CA ASN A 3901 39.64 6.52 6.35
C ASN A 3901 40.60 5.34 6.50
N TYR A 3902 41.86 5.51 6.07
CA TYR A 3902 42.82 4.42 6.23
C TYR A 3902 43.10 4.14 7.70
N LEU A 3903 43.21 5.19 8.51
CA LEU A 3903 43.40 5.00 9.94
C LEU A 3903 42.22 4.28 10.56
N ARG A 3904 41.00 4.58 10.11
CA ARG A 3904 39.85 3.85 10.63
C ARG A 3904 39.90 2.40 10.19
N THR A 3905 39.84 2.14 8.88
CA THR A 3905 39.91 0.78 8.35
C THR A 3905 40.93 0.73 7.22
N GLN A 3906 41.64 -0.39 7.14
CA GLN A 3906 42.57 -0.66 6.05
C GLN A 3906 42.01 -1.80 5.21
N THR A 3907 41.63 -1.49 3.97
CA THR A 3907 40.93 -2.47 3.14
C THR A 3907 41.87 -3.55 2.62
N GLY A 3908 43.00 -3.14 2.04
CA GLY A 3908 43.91 -4.10 1.43
C GLY A 3908 44.48 -5.09 2.42
N ASN A 3909 44.74 -4.63 3.64
CA ASN A 3909 45.32 -5.50 4.66
C ASN A 3909 44.34 -6.62 5.02
N THR A 3910 44.88 -7.79 5.34
CA THR A 3910 44.04 -8.92 5.74
C THR A 3910 43.30 -8.61 7.03
N THR A 3911 43.97 -7.98 8.00
CA THR A 3911 43.37 -7.59 9.26
C THR A 3911 43.41 -6.07 9.38
N THR A 3912 42.36 -5.51 9.96
CA THR A 3912 42.20 -4.06 10.09
C THR A 3912 42.24 -3.68 11.57
N ILE A 3913 42.98 -2.61 11.88
CA ILE A 3913 43.07 -2.08 13.23
C ILE A 3913 42.50 -0.67 13.21
N ASN A 3914 41.63 -0.36 14.18
CA ASN A 3914 40.97 0.93 14.25
C ASN A 3914 41.77 1.85 15.17
N ILE A 3915 42.64 2.66 14.58
CA ILE A 3915 43.48 3.57 15.36
C ILE A 3915 42.62 4.58 16.09
N ILE A 3916 41.49 4.96 15.50
CA ILE A 3916 40.58 5.90 16.16
C ILE A 3916 40.07 5.31 17.47
N ILE A 3917 39.64 4.05 17.44
CA ILE A 3917 39.15 3.40 18.65
C ILE A 3917 40.28 3.19 19.64
N CYS A 3918 41.48 2.89 19.15
CA CYS A 3918 42.63 2.76 20.06
C CYS A 3918 42.92 4.08 20.78
N THR A 3919 42.84 5.19 20.05
CA THR A 3919 43.01 6.50 20.66
C THR A 3919 41.94 6.76 21.71
N VAL A 3920 40.70 6.37 21.42
CA VAL A 3920 39.62 6.55 22.39
C VAL A 3920 39.91 5.74 23.65
N ASP A 3921 40.39 4.51 23.49
CA ASP A 3921 40.69 3.68 24.66
C ASP A 3921 41.81 4.31 25.50
N TYR A 3922 42.86 4.80 24.85
CA TYR A 3922 43.92 5.44 25.63
C TYR A 3922 43.39 6.68 26.34
N LEU A 3923 42.53 7.45 25.68
CA LEU A 3923 41.97 8.64 26.32
C LEU A 3923 41.13 8.25 27.52
N LEU A 3924 40.38 7.16 27.43
CA LEU A 3924 39.62 6.67 28.58
C LEU A 3924 40.54 6.30 29.74
N ARG A 3925 41.64 5.60 29.44
CA ARG A 3925 42.58 5.25 30.49
C ARG A 3925 43.15 6.49 31.16
N LEU A 3926 43.53 7.49 30.35
CA LEU A 3926 44.05 8.73 30.91
C LEU A 3926 43.01 9.45 31.74
N GLN A 3927 41.75 9.44 31.29
CA GLN A 3927 40.70 10.09 32.04
C GLN A 3927 40.49 9.43 33.39
N GLU A 3928 40.49 8.10 33.43
CA GLU A 3928 40.36 7.40 34.69
C GLU A 3928 41.54 7.71 35.62
N SER A 3929 42.74 7.76 35.07
CA SER A 3929 43.91 8.11 35.88
C SER A 3929 43.78 9.51 36.47
N ILE A 3930 43.35 10.48 35.65
CA ILE A 3930 43.20 11.85 36.15
C ILE A 3930 42.11 11.92 37.20
N SER A 3931 41.03 11.17 37.01
CA SER A 3931 39.96 11.14 38.00
C SER A 3931 40.45 10.57 39.32
N ASP A 3932 41.25 9.50 39.27
CA ASP A 3932 41.81 8.94 40.50
C ASP A 3932 42.74 9.93 41.19
N PHE A 3933 43.56 10.65 40.41
CA PHE A 3933 44.43 11.65 41.00
C PHE A 3933 43.62 12.75 41.68
N TYR A 3934 42.56 13.21 41.02
CA TYR A 3934 41.70 14.22 41.63
C TYR A 3934 41.05 13.69 42.90
N TRP A 3935 40.59 12.43 42.89
CA TRP A 3935 39.98 11.86 44.08
C TRP A 3935 40.97 11.83 45.23
N TYR A 3936 42.22 11.46 44.95
CA TYR A 3936 43.24 11.45 45.99
C TYR A 3936 43.49 12.84 46.53
N TYR A 3937 43.47 13.85 45.66
CA TYR A 3937 43.81 15.20 46.10
C TYR A 3937 42.61 15.94 46.67
N SER A 3938 41.41 15.39 46.51
CA SER A 3938 40.21 16.07 47.00
C SER A 3938 40.23 16.21 48.52
N GLY A 3939 40.67 15.16 49.22
CA GLY A 3939 40.77 15.25 50.67
C GLY A 3939 41.75 16.32 51.11
N LYS A 3940 42.87 16.45 50.41
CA LYS A 3940 43.85 17.47 50.75
C LYS A 3940 43.30 18.85 50.46
N ASP A 3941 43.74 19.84 51.25
CA ASP A 3941 43.28 21.21 51.07
C ASP A 3941 43.84 21.81 49.79
N VAL A 3942 45.12 21.55 49.50
CA VAL A 3942 45.78 22.12 48.33
C VAL A 3942 46.66 21.06 47.69
N ILE A 3943 46.64 21.01 46.36
CA ILE A 3943 47.53 20.13 45.62
C ILE A 3943 48.96 20.66 45.72
N GLU A 3944 49.89 19.79 46.12
CA GLU A 3944 51.28 20.22 46.27
C GLU A 3944 52.00 20.19 44.93
N GLU A 3945 53.27 20.60 44.96
CA GLU A 3945 53.99 20.99 43.75
C GLU A 3945 54.23 19.79 42.83
N GLN A 3946 54.64 18.65 43.38
CA GLN A 3946 54.85 17.46 42.55
C GLN A 3946 53.54 17.00 41.92
N GLY A 3947 52.45 17.02 42.67
CA GLY A 3947 51.15 16.71 42.08
C GLY A 3947 50.78 17.68 40.98
N LYS A 3948 51.13 18.95 41.15
CA LYS A 3948 50.87 19.94 40.11
C LYS A 3948 51.64 19.62 38.83
N ARG A 3949 52.91 19.23 38.96
CA ARG A 3949 53.67 18.83 37.78
C ARG A 3949 53.06 17.60 37.11
N ASN A 3950 52.64 16.63 37.91
CA ASN A 3950 52.03 15.42 37.35
C ASN A 3950 50.75 15.76 36.60
N PHE A 3951 49.92 16.63 37.18
CA PHE A 3951 48.70 17.06 36.51
C PHE A 3951 49.02 17.80 35.21
N SER A 3952 50.06 18.63 35.24
CA SER A 3952 50.45 19.35 34.02
C SER A 3952 50.85 18.40 32.91
N LYS A 3953 51.66 17.39 33.24
CA LYS A 3953 52.06 16.42 32.22
C LYS A 3953 50.85 15.66 31.69
N ALA A 3954 49.98 15.20 32.59
CA ALA A 3954 48.80 14.45 32.16
C ALA A 3954 47.91 15.31 31.26
N MET A 3955 47.77 16.59 31.59
CA MET A 3955 46.89 17.45 30.80
C MET A 3955 47.52 17.81 29.47
N SER A 3956 48.86 17.90 29.40
CA SER A 3956 49.50 18.07 28.11
C SER A 3956 49.26 16.86 27.21
N VAL A 3957 49.40 15.66 27.77
CA VAL A 3957 49.11 14.46 26.99
C VAL A 3957 47.65 14.45 26.55
N ALA A 3958 46.75 14.86 27.44
CA ALA A 3958 45.33 14.91 27.11
C ALA A 3958 45.06 15.91 25.99
N LYS A 3959 45.72 17.06 26.02
CA LYS A 3959 45.60 18.02 24.92
C LYS A 3959 46.03 17.38 23.61
N GLN A 3960 47.14 16.67 23.62
CA GLN A 3960 47.61 16.04 22.39
C GLN A 3960 46.61 15.01 21.88
N VAL A 3961 46.04 14.21 22.78
CA VAL A 3961 45.07 13.19 22.36
C VAL A 3961 43.81 13.83 21.82
N PHE A 3962 43.34 14.90 22.47
CA PHE A 3962 42.16 15.61 21.97
C PHE A 3962 42.41 16.20 20.60
N ASN A 3963 43.61 16.77 20.39
CA ASN A 3963 43.94 17.30 19.09
C ASN A 3963 43.98 16.21 18.04
N SER A 3964 44.50 15.03 18.40
CA SER A 3964 44.52 13.92 17.46
C SER A 3964 43.12 13.47 17.08
N LEU A 3965 42.22 13.35 18.05
CA LEU A 3965 40.84 12.97 17.75
C LEU A 3965 40.16 14.01 16.89
N THR A 3966 40.38 15.29 17.21
CA THR A 3966 39.86 16.38 16.39
C THR A 3966 40.37 16.28 14.97
N GLU A 3967 41.64 15.94 14.80
CA GLU A 3967 42.21 15.82 13.46
C GLU A 3967 41.59 14.65 12.72
N TYR A 3968 41.32 13.54 13.41
CA TYR A 3968 40.67 12.42 12.77
C TYR A 3968 39.29 12.80 12.26
N ILE A 3969 38.50 13.50 13.08
CA ILE A 3969 37.09 13.68 12.72
C ILE A 3969 36.89 14.91 11.84
N GLN A 3970 37.82 15.86 11.88
CA GLN A 3970 37.61 17.12 11.19
C GLN A 3970 37.71 16.94 9.68
N GLY A 3971 36.96 17.78 8.96
CA GLY A 3971 37.00 17.78 7.51
C GLY A 3971 35.65 17.90 6.80
N PRO A 3972 34.57 17.27 7.31
CA PRO A 3972 34.49 16.20 8.31
C PRO A 3972 34.73 14.83 7.68
N CYS A 3973 35.16 13.85 8.46
CA CYS A 3973 35.20 12.46 8.00
C CYS A 3973 34.03 11.73 8.63
N THR A 3974 33.02 11.42 7.83
CA THR A 3974 31.77 10.89 8.36
C THR A 3974 31.97 9.52 9.01
N GLY A 3975 32.82 8.68 8.42
CA GLY A 3975 33.07 7.38 9.02
C GLY A 3975 33.71 7.50 10.39
N ASN A 3976 34.70 8.37 10.54
CA ASN A 3976 35.32 8.58 11.84
C ASN A 3976 34.35 9.20 12.81
N GLN A 3977 33.47 10.08 12.34
CA GLN A 3977 32.46 10.67 13.20
C GLN A 3977 31.53 9.59 13.75
N GLN A 3978 31.07 8.68 12.90
CA GLN A 3978 30.21 7.60 13.37
C GLN A 3978 30.95 6.67 14.33
N SER A 3979 32.21 6.37 14.01
CA SER A 3979 33.00 5.51 14.90
C SER A 3979 33.15 6.13 16.28
N LEU A 3980 33.38 7.44 16.35
CA LEU A 3980 33.42 8.11 17.64
C LEU A 3980 32.04 8.13 18.29
N ALA A 3981 30.98 8.25 17.50
CA ALA A 3981 29.64 8.29 18.04
C ALA A 3981 29.29 7.00 18.77
N HIS A 3982 29.64 5.86 18.19
CA HIS A 3982 29.33 4.58 18.80
C HIS A 3982 30.40 4.08 19.75
N SER A 3983 31.41 4.89 20.05
CA SER A 3983 32.49 4.46 20.92
C SER A 3983 32.20 4.86 22.37
N ARG A 3984 33.24 4.71 23.20
CA ARG A 3984 33.19 5.07 24.61
C ARG A 3984 33.61 6.52 24.86
N LEU A 3985 33.77 7.29 23.78
CA LEU A 3985 34.19 8.68 23.91
C LEU A 3985 33.23 9.47 24.78
N TRP A 3986 31.95 9.15 24.76
CA TRP A 3986 31.00 9.89 25.58
C TRP A 3986 31.23 9.65 27.06
N ASP A 3987 31.52 8.40 27.44
CA ASP A 3987 31.85 8.12 28.84
C ASP A 3987 33.13 8.83 29.23
N ALA A 3988 34.13 8.83 28.33
CA ALA A 3988 35.37 9.55 28.62
C ALA A 3988 35.10 11.04 28.83
N VAL A 3989 34.26 11.62 27.98
CA VAL A 3989 33.97 13.05 28.08
C VAL A 3989 33.19 13.35 29.36
N VAL A 3990 32.30 12.44 29.75
CA VAL A 3990 31.54 12.63 30.99
C VAL A 3990 32.49 12.66 32.19
N GLY A 3991 33.40 11.69 32.24
CA GLY A 3991 34.39 11.70 33.32
C GLY A 3991 35.24 12.95 33.30
N PHE A 3992 35.64 13.38 32.11
CA PHE A 3992 36.46 14.59 32.01
C PHE A 3992 35.68 15.81 32.50
N LEU A 3993 34.39 15.90 32.17
CA LEU A 3993 33.59 17.02 32.64
C LEU A 3993 33.46 17.03 34.15
N HIS A 3994 33.25 15.86 34.75
CA HIS A 3994 33.18 15.79 36.21
C HIS A 3994 34.49 16.27 36.84
N VAL A 3995 35.60 15.75 36.34
CA VAL A 3995 36.91 16.15 36.86
C VAL A 3995 37.12 17.64 36.66
N PHE A 3996 36.74 18.17 35.50
CA PHE A 3996 36.96 19.58 35.22
C PHE A 3996 36.16 20.46 36.16
N ALA A 3997 34.87 20.14 36.36
CA ALA A 3997 34.04 20.96 37.23
C ALA A 3997 34.60 20.99 38.65
N HIS A 3998 34.82 19.81 39.23
CA HIS A 3998 35.33 19.78 40.60
C HIS A 3998 36.73 20.36 40.70
N MET A 3999 37.53 20.18 39.65
CA MET A 3999 38.92 20.59 39.70
C MET A 3999 39.02 22.10 39.64
N MET A 4000 38.21 22.74 38.79
CA MET A 4000 38.11 24.20 38.78
C MET A 4000 37.59 24.70 40.12
N MET A 4001 36.55 24.05 40.65
CA MET A 4001 36.01 24.49 41.93
C MET A 4001 37.08 24.48 43.02
N LYS A 4002 37.98 23.50 42.97
CA LYS A 4002 39.06 23.44 43.95
C LYS A 4002 40.15 24.47 43.66
N LEU A 4003 40.49 24.65 42.37
CA LEU A 4003 41.61 25.51 42.03
C LEU A 4003 41.28 26.98 42.25
N ALA A 4004 39.99 27.32 42.24
CA ALA A 4004 39.61 28.72 42.28
C ALA A 4004 39.99 29.36 43.61
N GLN A 4005 40.15 28.55 44.66
CA GLN A 4005 40.34 29.12 46.00
C GLN A 4005 41.77 29.60 46.23
N ASP A 4006 42.76 28.87 45.73
CA ASP A 4006 44.16 29.15 46.03
C ASP A 4006 44.80 29.88 44.85
N SER A 4007 45.70 30.82 45.16
CA SER A 4007 46.34 31.62 44.11
C SER A 4007 47.42 30.82 43.40
N SER A 4008 48.10 29.93 44.11
CA SER A 4008 49.15 29.13 43.46
C SER A 4008 48.56 28.13 42.48
N GLN A 4009 47.25 27.87 42.58
CA GLN A 4009 46.63 26.86 41.75
C GLN A 4009 46.12 27.44 40.44
N ILE A 4010 46.29 28.75 40.24
CA ILE A 4010 45.61 29.41 39.12
C ILE A 4010 46.34 29.16 37.80
N GLU A 4011 47.64 28.87 37.85
CA GLU A 4011 48.35 28.54 36.62
C GLU A 4011 47.89 27.18 36.08
N LEU A 4012 47.85 26.18 36.96
CA LEU A 4012 47.27 24.91 36.60
C LEU A 4012 45.81 25.06 36.22
N LEU A 4013 45.13 26.07 36.78
CA LEU A 4013 43.75 26.33 36.41
C LEU A 4013 43.66 26.84 34.97
N LYS A 4014 44.58 27.72 34.56
CA LYS A 4014 44.61 28.15 33.16
C LYS A 4014 44.86 26.97 32.24
N GLU A 4015 45.81 26.12 32.61
CA GLU A 4015 46.11 24.96 31.76
C GLU A 4015 44.91 24.03 31.67
N LEU A 4016 44.21 23.81 32.78
CA LEU A 4016 43.01 22.99 32.76
C LEU A 4016 41.92 23.62 31.90
N LEU A 4017 41.80 24.95 31.96
CA LEU A 4017 40.80 25.64 31.16
C LEU A 4017 41.08 25.47 29.67
N ASP A 4018 42.34 25.59 29.26
CA ASP A 4018 42.64 25.38 27.85
C ASP A 4018 42.41 23.94 27.43
N LEU A 4019 42.64 22.99 28.34
CA LEU A 4019 42.32 21.59 28.04
C LEU A 4019 40.82 21.41 27.83
N GLN A 4020 40.00 22.07 28.65
CA GLN A 4020 38.56 22.03 28.42
C GLN A 4020 38.20 22.64 27.08
N LYS A 4021 38.89 23.72 26.71
CA LYS A 4021 38.65 24.32 25.39
C LYS A 4021 38.95 23.32 24.28
N ASP A 4022 40.04 22.56 24.42
CA ASP A 4022 40.35 21.55 23.42
C ASP A 4022 39.28 20.47 23.35
N MET A 4023 38.75 20.05 24.50
CA MET A 4023 37.68 19.06 24.47
C MET A 4023 36.45 19.60 23.76
N VAL A 4024 36.09 20.86 24.05
CA VAL A 4024 34.91 21.46 23.42
C VAL A 4024 35.14 21.61 21.92
N VAL A 4025 36.38 21.90 21.51
CA VAL A 4025 36.70 21.95 20.09
C VAL A 4025 36.50 20.59 19.45
N MET A 4026 36.90 19.53 20.16
CA MET A 4026 36.65 18.18 19.64
C MET A 4026 35.16 17.91 19.48
N LEU A 4027 34.36 18.31 20.46
CA LEU A 4027 32.92 18.12 20.36
C LEU A 4027 32.33 18.90 19.18
N LEU A 4028 32.75 20.15 19.01
CA LEU A 4028 32.29 20.95 17.90
C LEU A 4028 32.68 20.31 16.57
N SER A 4029 33.87 19.72 16.52
CA SER A 4029 34.28 18.99 15.33
C SER A 4029 33.38 17.79 15.08
N LEU A 4030 32.97 17.11 16.15
CA LEU A 4030 31.98 16.04 16.01
C LEU A 4030 30.67 16.58 15.45
N LEU A 4031 30.37 17.86 15.73
CA LEU A 4031 29.10 18.41 15.28
C LEU A 4031 29.17 18.96 13.86
N GLU A 4032 30.34 18.85 13.22
CA GLU A 4032 30.47 19.39 11.86
C GLU A 4032 29.65 18.58 10.87
N GLY A 4033 28.96 19.28 9.99
CA GLY A 4033 28.12 18.63 9.00
C GLY A 4033 26.93 17.89 9.59
N ASN A 4034 26.32 18.47 10.62
CA ASN A 4034 25.22 17.83 11.35
C ASN A 4034 23.89 18.42 10.92
N VAL A 4035 22.93 17.55 10.59
CA VAL A 4035 21.61 18.01 10.22
C VAL A 4035 20.79 18.31 11.46
N VAL A 4036 19.64 18.97 11.25
CA VAL A 4036 18.74 19.25 12.35
C VAL A 4036 18.18 17.94 12.89
N ASN A 4037 18.13 17.83 14.22
CA ASN A 4037 17.77 16.59 14.91
C ASN A 4037 18.68 15.44 14.49
N GLY A 4038 19.97 15.72 14.36
CA GLY A 4038 20.91 14.68 14.00
C GLY A 4038 21.18 13.74 15.16
N MET A 4039 21.57 12.51 14.83
CA MET A 4039 21.82 11.50 15.85
C MET A 4039 23.07 11.82 16.66
N ILE A 4040 24.09 12.41 16.02
CA ILE A 4040 25.26 12.90 16.76
C ILE A 4040 24.86 13.96 17.77
N ALA A 4041 24.06 14.93 17.34
CA ALA A 4041 23.64 16.00 18.24
C ALA A 4041 22.78 15.45 19.37
N ARG A 4042 21.90 14.51 19.07
CA ARG A 4042 21.07 13.92 20.11
C ARG A 4042 21.91 13.16 21.13
N GLN A 4043 22.94 12.44 20.68
CA GLN A 4043 23.84 11.81 21.63
C GLN A 4043 24.57 12.84 22.48
N MET A 4044 24.95 13.96 21.87
CA MET A 4044 25.60 15.02 22.64
C MET A 4044 24.68 15.56 23.72
N VAL A 4045 23.40 15.76 23.39
CA VAL A 4045 22.45 16.23 24.39
C VAL A 4045 22.26 15.20 25.50
N ASP A 4046 22.17 13.92 25.13
CA ASP A 4046 22.04 12.88 26.16
C ASP A 4046 23.25 12.85 27.07
N MET A 4047 24.45 13.01 26.49
CA MET A 4047 25.68 13.01 27.28
C MET A 4047 25.76 14.23 28.18
N LEU A 4048 25.29 15.38 27.71
CA LEU A 4048 25.19 16.55 28.59
C LEU A 4048 24.22 16.29 29.73
N VAL A 4049 23.11 15.61 29.43
CA VAL A 4049 22.10 15.33 30.45
C VAL A 4049 22.65 14.37 31.51
N GLU A 4050 23.44 13.38 31.08
CA GLU A 4050 24.02 12.43 32.03
C GLU A 4050 24.97 13.14 33.00
N SER A 4051 25.74 14.11 32.50
CA SER A 4051 26.64 14.90 33.32
C SER A 4051 26.03 16.25 33.70
N SER A 4052 24.71 16.28 33.93
CA SER A 4052 24.02 17.56 34.11
C SER A 4052 24.57 18.32 35.31
N SER A 4053 24.85 17.63 36.42
CA SER A 4053 25.36 18.32 37.60
C SER A 4053 26.69 18.99 37.33
N ASN A 4054 27.61 18.29 36.65
CA ASN A 4054 28.92 18.87 36.37
C ASN A 4054 28.81 20.01 35.36
N VAL A 4055 27.94 19.85 34.36
CA VAL A 4055 27.73 20.93 33.40
C VAL A 4055 27.19 22.16 34.10
N GLU A 4056 26.24 21.96 35.02
CA GLU A 4056 25.68 23.08 35.78
C GLU A 4056 26.74 23.71 36.67
N MET A 4057 27.64 22.91 37.23
CA MET A 4057 28.73 23.45 38.04
C MET A 4057 29.63 24.34 37.19
N ILE A 4058 29.97 23.89 35.98
CA ILE A 4058 30.82 24.69 35.09
C ILE A 4058 30.12 25.99 34.72
N LEU A 4059 28.85 25.90 34.34
CA LEU A 4059 28.10 27.09 33.97
C LEU A 4059 27.98 28.05 35.14
N LYS A 4060 27.78 27.51 36.35
CA LYS A 4060 27.71 28.33 37.55
C LYS A 4060 29.03 29.05 37.79
N PHE A 4061 30.15 28.35 37.63
CA PHE A 4061 31.45 28.99 37.74
C PHE A 4061 31.54 30.20 36.81
N PHE A 4062 31.24 29.99 35.53
CA PHE A 4062 31.38 31.07 34.56
C PHE A 4062 30.43 32.23 34.87
N ASP A 4063 29.15 31.93 35.15
CA ASP A 4063 28.18 32.99 35.36
C ASP A 4063 28.46 33.76 36.65
N MET A 4064 28.88 33.05 37.70
CA MET A 4064 29.22 33.73 38.95
C MET A 4064 30.38 34.69 38.75
N PHE A 4065 31.39 34.28 38.00
CA PHE A 4065 32.52 35.20 37.83
C PHE A 4065 32.18 36.38 36.92
N LEU A 4066 31.36 36.15 35.90
CA LEU A 4066 30.89 37.27 35.09
C LEU A 4066 30.06 38.26 35.93
N LYS A 4067 29.15 37.73 36.75
CA LYS A 4067 28.34 38.59 37.60
C LYS A 4067 29.20 39.31 38.63
N LEU A 4068 30.24 38.65 39.14
CA LEU A 4068 31.14 39.31 40.07
C LEU A 4068 31.86 40.47 39.41
N LYS A 4069 32.30 40.30 38.16
CA LYS A 4069 32.91 41.43 37.46
C LYS A 4069 31.92 42.58 37.29
N ASP A 4070 30.69 42.27 36.86
CA ASP A 4070 29.74 43.36 36.68
C ASP A 4070 29.39 44.02 38.01
N ILE A 4071 29.49 43.26 39.11
CA ILE A 4071 29.16 43.81 40.42
C ILE A 4071 30.27 44.71 40.94
N VAL A 4072 31.52 44.31 40.76
CA VAL A 4072 32.62 45.22 41.10
C VAL A 4072 32.57 46.43 40.18
N GLY A 4073 31.87 46.32 39.05
CA GLY A 4073 31.59 47.50 38.26
C GLY A 4073 30.37 48.26 38.73
N SER A 4074 29.65 47.73 39.73
CA SER A 4074 28.34 48.27 40.07
C SER A 4074 28.41 49.38 41.12
N GLU A 4075 27.53 50.36 40.96
CA GLU A 4075 27.52 51.52 41.85
C GLU A 4075 27.12 51.15 43.26
N ALA A 4076 26.19 50.21 43.42
CA ALA A 4076 25.80 49.79 44.76
C ALA A 4076 26.97 49.18 45.51
N PHE A 4077 27.75 48.34 44.84
CA PHE A 4077 28.94 47.78 45.45
C PHE A 4077 29.97 48.87 45.76
N GLN A 4078 30.15 49.83 44.85
CA GLN A 4078 31.08 50.92 45.11
C GLN A 4078 30.65 51.73 46.32
N ASP A 4079 29.35 51.91 46.52
CA ASP A 4079 28.86 52.58 47.72
C ASP A 4079 29.11 51.73 48.96
N TYR A 4080 28.95 50.41 48.83
CA TYR A 4080 29.20 49.52 49.97
C TYR A 4080 30.65 49.60 50.41
N VAL A 4081 31.60 49.63 49.48
CA VAL A 4081 33.01 49.73 49.82
C VAL A 4081 33.30 51.19 50.18
N THR A 4082 33.97 51.38 51.32
CA THR A 4082 34.28 52.71 51.82
C THR A 4082 35.78 52.96 51.96
N ASP A 4083 36.61 51.95 51.75
CA ASP A 4083 38.04 52.12 51.90
C ASP A 4083 38.59 53.06 50.82
N PRO A 4084 39.48 53.99 51.19
CA PRO A 4084 40.18 54.76 50.15
C PRO A 4084 41.01 53.88 49.23
N ARG A 4085 41.54 52.77 49.75
CA ARG A 4085 42.27 51.83 48.91
C ARG A 4085 41.32 50.99 48.06
N GLY A 4086 40.03 51.02 48.39
CA GLY A 4086 39.05 50.19 47.72
C GLY A 4086 38.96 48.78 48.24
N LEU A 4087 39.74 48.43 49.26
CA LEU A 4087 39.70 47.08 49.81
C LEU A 4087 38.45 46.89 50.66
N ILE A 4088 37.79 45.76 50.49
CA ILE A 4088 36.50 45.49 51.12
C ILE A 4088 36.64 44.32 52.07
N SER A 4089 36.02 44.42 53.24
CA SER A 4089 36.02 43.34 54.21
C SER A 4089 35.11 42.21 53.75
N LYS A 4090 35.40 41.00 54.23
CA LYS A 4090 34.58 39.84 53.86
C LYS A 4090 33.14 40.01 54.30
N LYS A 4091 32.93 40.60 55.47
CA LYS A 4091 31.55 40.88 55.91
C LYS A 4091 30.91 41.93 55.02
N ASP A 4092 31.64 43.03 54.74
CA ASP A 4092 31.11 44.06 53.85
C ASP A 4092 30.90 43.51 52.45
N PHE A 4093 31.82 42.68 51.97
CA PHE A 4093 31.69 42.05 50.66
C PHE A 4093 30.44 41.18 50.62
N GLN A 4094 30.20 40.42 51.69
CA GLN A 4094 29.01 39.59 51.80
C GLN A 4094 27.73 40.42 51.73
N LYS A 4095 27.64 41.46 52.57
CA LYS A 4095 26.41 42.25 52.58
C LYS A 4095 26.22 42.98 51.27
N ALA A 4096 27.33 43.35 50.61
CA ALA A 4096 27.23 43.99 49.30
C ALA A 4096 26.58 43.06 48.29
N MET A 4097 27.07 41.82 48.16
CA MET A 4097 26.44 40.94 47.19
C MET A 4097 25.01 40.61 47.57
N ASP A 4098 24.73 40.39 48.87
CA ASP A 4098 23.33 40.09 49.21
C ASP A 4098 22.43 41.30 48.96
N SER A 4099 23.01 42.50 48.95
CA SER A 4099 22.27 43.66 48.47
C SER A 4099 22.03 43.57 46.98
N GLN A 4100 23.01 43.08 46.22
CA GLN A 4100 22.80 42.89 44.78
C GLN A 4100 21.82 41.75 44.51
N LYS A 4101 21.80 40.73 45.37
CA LYS A 4101 20.92 39.56 45.32
C LYS A 4101 21.17 38.65 44.12
N GLN A 4102 22.18 38.90 43.29
CA GLN A 4102 22.42 38.00 42.17
C GLN A 4102 23.03 36.68 42.63
N PHE A 4103 23.77 36.71 43.74
CA PHE A 4103 24.42 35.52 44.27
C PHE A 4103 23.71 35.08 45.55
N THR A 4104 23.56 33.78 45.72
CA THR A 4104 23.01 33.23 46.95
C THR A 4104 24.10 33.15 48.01
N GLY A 4105 23.72 32.71 49.21
CA GLY A 4105 24.63 32.60 50.32
C GLY A 4105 25.79 31.64 50.12
N PRO A 4106 25.54 30.40 49.68
CA PRO A 4106 26.69 29.53 49.33
C PRO A 4106 27.57 30.11 48.26
N GLU A 4107 26.99 30.82 47.29
CA GLU A 4107 27.78 31.47 46.26
C GLU A 4107 28.68 32.55 46.86
N ILE A 4108 28.14 33.32 47.81
CA ILE A 4108 28.94 34.33 48.50
C ILE A 4108 30.08 33.68 49.27
N GLN A 4109 29.79 32.57 49.96
CA GLN A 4109 30.83 31.88 50.70
C GLN A 4109 31.92 31.36 49.76
N PHE A 4110 31.52 30.80 48.63
CA PHE A 4110 32.51 30.32 47.66
C PHE A 4110 33.34 31.46 47.10
N LEU A 4111 32.71 32.61 46.82
CA LEU A 4111 33.46 33.76 46.34
C LEU A 4111 34.45 34.25 47.39
N LEU A 4112 34.04 34.24 48.66
CA LEU A 4112 34.95 34.59 49.74
C LEU A 4112 36.14 33.64 49.78
N SER A 4113 35.88 32.34 49.61
CA SER A 4113 36.97 31.37 49.57
C SER A 4113 37.90 31.61 48.39
N CYS A 4114 37.34 31.93 47.23
CA CYS A 4114 38.16 32.19 46.05
C CYS A 4114 39.03 33.43 46.24
N SER A 4115 38.47 34.48 46.84
CA SER A 4115 39.24 35.70 47.06
C SER A 4115 40.35 35.45 48.07
N GLU A 4116 41.57 35.86 47.72
CA GLU A 4116 42.72 35.71 48.60
C GLU A 4116 42.65 36.78 49.69
N ALA A 4117 42.03 36.44 50.80
CA ALA A 4117 41.91 37.38 51.91
C ALA A 4117 43.26 37.62 52.56
N ASP A 4118 43.59 38.89 52.76
CA ASP A 4118 44.81 39.26 53.46
C ASP A 4118 44.64 39.13 54.97
N GLU A 4119 45.65 39.58 55.71
CA GLU A 4119 45.63 39.46 57.16
C GLU A 4119 44.52 40.30 57.79
N ASN A 4120 44.17 41.41 57.13
CA ASN A 4120 43.05 42.22 57.62
C ASN A 4120 41.73 41.67 57.13
N GLU A 4121 41.77 40.60 56.35
CA GLU A 4121 40.66 40.00 55.61
C GLU A 4121 40.15 41.00 54.57
N MET A 4122 41.00 41.92 54.13
CA MET A 4122 40.61 42.90 53.12
C MET A 4122 40.56 42.21 51.77
N ILE A 4123 39.71 42.69 50.87
CA ILE A 4123 39.57 42.11 49.53
C ILE A 4123 39.73 43.20 48.49
N ASN A 4124 40.58 42.96 47.50
CA ASN A 4124 40.75 43.87 46.37
C ASN A 4124 39.89 43.38 45.20
N PHE A 4125 38.73 44.03 45.00
CA PHE A 4125 37.75 43.47 44.08
C PHE A 4125 38.21 43.57 42.63
N GLU A 4126 39.09 44.53 42.32
CA GLU A 4126 39.57 44.66 40.95
C GLU A 4126 40.35 43.42 40.52
N GLU A 4127 41.35 43.02 41.30
CA GLU A 4127 42.10 41.82 40.98
C GLU A 4127 41.26 40.57 41.16
N PHE A 4128 40.37 40.58 42.16
CA PHE A 4128 39.48 39.42 42.34
C PHE A 4128 38.58 39.23 41.13
N ALA A 4129 38.26 40.31 40.42
CA ALA A 4129 37.43 40.21 39.24
C ALA A 4129 38.23 39.81 38.01
N ASN A 4130 39.33 40.52 37.74
CA ASN A 4130 40.07 40.27 36.51
C ASN A 4130 41.01 39.07 36.61
N ARG A 4131 41.09 38.42 37.78
CA ARG A 4131 42.01 37.29 37.93
C ARG A 4131 41.61 36.13 37.03
N PHE A 4132 40.30 35.88 36.91
CA PHE A 4132 39.80 34.69 36.23
C PHE A 4132 39.15 34.97 34.87
N GLN A 4133 38.96 36.23 34.50
CA GLN A 4133 38.25 36.52 33.26
C GLN A 4133 39.09 36.19 32.04
N GLU A 4134 40.37 36.54 32.07
CA GLU A 4134 41.23 36.24 30.91
C GLU A 4134 41.38 34.75 30.64
N PRO A 4135 41.71 33.89 31.61
CA PRO A 4135 41.82 32.46 31.28
C PRO A 4135 40.50 31.83 30.83
N ALA A 4136 39.37 32.34 31.33
CA ALA A 4136 38.11 31.65 31.10
C ALA A 4136 37.42 32.11 29.82
N ARG A 4137 38.00 33.11 29.14
CA ARG A 4137 37.33 33.67 27.97
C ARG A 4137 37.18 32.65 26.86
N ASP A 4138 38.26 31.94 26.52
CA ASP A 4138 38.22 31.01 25.40
C ASP A 4138 37.27 29.85 25.66
N ILE A 4139 37.33 29.26 26.85
CA ILE A 4139 36.46 28.13 27.17
C ILE A 4139 35.02 28.59 27.28
N GLY A 4140 34.78 29.78 27.83
CA GLY A 4140 33.43 30.30 27.88
C GLY A 4140 32.84 30.53 26.51
N PHE A 4141 33.63 31.11 25.60
CA PHE A 4141 33.16 31.32 24.25
C PHE A 4141 32.87 29.99 23.56
N ASN A 4142 33.75 29.00 23.74
CA ASN A 4142 33.51 27.70 23.12
C ASN A 4142 32.27 27.04 23.67
N VAL A 4143 32.04 27.17 24.98
CA VAL A 4143 30.83 26.61 25.59
C VAL A 4143 29.59 27.29 25.04
N ALA A 4144 29.63 28.62 24.90
CA ALA A 4144 28.52 29.34 24.31
C ALA A 4144 28.26 28.88 22.87
N VAL A 4145 29.33 28.70 22.10
CA VAL A 4145 29.18 28.24 20.73
C VAL A 4145 28.54 26.86 20.69
N LEU A 4146 29.01 25.95 21.55
CA LEU A 4146 28.47 24.59 21.57
C LEU A 4146 27.01 24.59 21.97
N LEU A 4147 26.64 25.37 22.99
CA LEU A 4147 25.25 25.41 23.40
C LEU A 4147 24.36 26.02 22.32
N THR A 4148 24.82 27.08 21.66
CA THR A 4148 24.04 27.67 20.58
C THR A 4148 23.86 26.69 19.43
N ASN A 4149 24.94 26.01 19.05
CA ASN A 4149 24.86 25.04 17.95
C ASN A 4149 23.89 23.92 18.28
N LEU A 4150 23.98 23.38 19.50
CA LEU A 4150 23.09 22.30 19.89
C LEU A 4150 21.64 22.78 19.95
N SER A 4151 21.42 23.99 20.46
CA SER A 4151 20.06 24.52 20.53
C SER A 4151 19.45 24.68 19.15
N GLU A 4152 20.23 25.19 18.19
CA GLU A 4152 19.69 25.43 16.87
C GLU A 4152 19.54 24.13 16.08
N HIS A 4153 20.32 23.10 16.41
CA HIS A 4153 20.23 21.87 15.63
C HIS A 4153 19.25 20.88 16.26
N VAL A 4154 18.96 21.05 17.55
CA VAL A 4154 17.97 20.23 18.26
C VAL A 4154 17.02 21.18 18.99
N PRO A 4155 16.09 21.82 18.27
CA PRO A 4155 15.33 22.91 18.89
C PRO A 4155 14.28 22.45 19.89
N HIS A 4156 13.84 21.20 19.83
CA HIS A 4156 12.63 20.81 20.55
C HIS A 4156 12.94 20.29 21.95
N ASP A 4157 14.18 19.91 22.21
CA ASP A 4157 14.49 19.23 23.46
C ASP A 4157 14.39 20.20 24.65
N PRO A 4158 13.66 19.84 25.71
CA PRO A 4158 13.55 20.76 26.86
C PRO A 4158 14.77 20.78 27.76
N ARG A 4159 15.50 19.67 27.84
CA ARG A 4159 16.73 19.65 28.64
C ARG A 4159 17.76 20.62 28.06
N LEU A 4160 17.84 20.70 26.74
CA LEU A 4160 18.72 21.70 26.12
C LEU A 4160 18.29 23.11 26.48
N ARG A 4161 16.98 23.36 26.48
CA ARG A 4161 16.50 24.68 26.89
C ARG A 4161 16.85 24.99 28.33
N ASN A 4162 16.78 24.00 29.20
CA ASN A 4162 17.20 24.19 30.58
C ASN A 4162 18.67 24.59 30.65
N PHE A 4163 19.54 23.85 29.97
CA PHE A 4163 20.96 24.22 29.93
C PHE A 4163 21.15 25.62 29.41
N LEU A 4164 20.38 26.02 28.39
CA LEU A 4164 20.49 27.37 27.86
C LEU A 4164 20.08 28.40 28.90
N GLU A 4165 19.02 28.11 29.67
CA GLU A 4165 18.60 29.03 30.72
C GLU A 4165 19.69 29.23 31.74
N LEU A 4166 20.37 28.15 32.14
CA LEU A 4166 21.46 28.29 33.10
C LEU A 4166 22.62 29.08 32.52
N ALA A 4167 22.89 28.92 31.24
CA ALA A 4167 23.99 29.64 30.59
C ALA A 4167 23.56 30.96 29.98
N GLU A 4168 22.46 31.55 30.47
CA GLU A 4168 21.92 32.75 29.86
C GLU A 4168 22.89 33.92 29.94
N SER A 4169 23.54 34.10 31.09
CA SER A 4169 24.48 35.20 31.25
C SER A 4169 25.71 35.04 30.36
N ILE A 4170 26.22 33.80 30.25
CA ILE A 4170 27.36 33.55 29.37
C ILE A 4170 26.99 33.84 27.92
N LEU A 4171 25.81 33.37 27.49
CA LEU A 4171 25.38 33.63 26.12
C LEU A 4171 25.19 35.12 25.88
N GLU A 4172 24.66 35.84 26.87
CA GLU A 4172 24.50 37.28 26.73
C GLU A 4172 25.85 37.98 26.62
N TYR A 4173 26.82 37.56 27.44
CA TYR A 4173 28.12 38.21 27.40
C TYR A 4173 28.80 37.97 26.06
N PHE A 4174 28.70 36.76 25.52
CA PHE A 4174 29.41 36.42 24.29
C PHE A 4174 28.57 36.63 23.04
N ARG A 4175 27.36 37.17 23.16
CA ARG A 4175 26.56 37.43 21.97
C ARG A 4175 27.20 38.41 20.99
N PRO A 4176 27.74 39.56 21.41
CA PRO A 4176 28.37 40.45 20.43
C PRO A 4176 29.58 39.85 19.73
N TYR A 4177 30.21 38.84 20.34
CA TYR A 4177 31.40 38.25 19.72
C TYR A 4177 31.05 37.01 18.92
N LEU A 4178 29.95 36.35 19.26
CA LEU A 4178 29.55 35.16 18.53
C LEU A 4178 29.05 35.52 17.14
N GLY A 4179 29.81 35.14 16.13
CA GLY A 4179 29.42 35.40 14.76
C GLY A 4179 28.92 34.15 14.08
N ARG A 4180 27.78 34.24 13.41
CA ARG A 4180 27.19 33.10 12.72
C ARG A 4180 26.96 33.48 11.26
N ILE A 4181 27.29 32.56 10.36
CA ILE A 4181 26.99 32.69 8.95
C ILE A 4181 26.51 31.33 8.45
N GLU A 4182 25.78 31.34 7.34
CA GLU A 4182 25.39 30.12 6.66
C GLU A 4182 26.15 30.06 5.34
N ILE A 4183 26.66 28.88 5.02
CA ILE A 4183 27.42 28.68 3.79
C ILE A 4183 26.79 27.55 3.01
N MET A 4184 27.04 27.53 1.71
CA MET A 4184 26.51 26.49 0.86
C MET A 4184 27.39 25.27 1.00
N GLY A 4185 27.02 24.35 1.90
CA GLY A 4185 27.95 23.40 2.45
C GLY A 4185 28.52 22.43 1.44
N ALA A 4186 29.52 21.68 1.91
CA ALA A 4186 30.21 20.72 1.05
C ALA A 4186 29.27 19.62 0.56
N SER A 4187 28.34 19.19 1.43
CA SER A 4187 27.45 18.09 1.10
C SER A 4187 26.27 18.52 0.23
N ARG A 4188 26.36 19.68 -0.42
CA ARG A 4188 25.22 20.24 -1.14
C ARG A 4188 24.04 20.41 -0.19
N ARG A 4189 24.34 20.88 1.01
CA ARG A 4189 23.33 21.14 2.05
C ARG A 4189 23.75 22.39 2.82
N ILE A 4190 22.79 23.25 3.15
CA ILE A 4190 23.11 24.49 3.83
C ILE A 4190 23.55 24.20 5.27
N GLU A 4191 24.68 24.78 5.65
CA GLU A 4191 25.23 24.62 6.99
C GLU A 4191 25.41 25.99 7.64
N ARG A 4192 25.28 26.02 8.96
CA ARG A 4192 25.51 27.22 9.75
C ARG A 4192 26.88 27.12 10.42
N ILE A 4193 27.63 28.22 10.40
CA ILE A 4193 29.00 28.26 10.88
C ILE A 4193 29.09 29.28 12.01
N TYR A 4194 29.72 28.90 13.11
CA TYR A 4194 29.92 29.77 14.26
C TYR A 4194 31.41 30.08 14.42
N PHE A 4195 31.73 31.34 14.64
CA PHE A 4195 33.11 31.77 14.73
C PHE A 4195 33.21 32.99 15.63
N GLU A 4196 34.44 33.31 16.03
CA GLU A 4196 34.67 34.44 16.93
C GLU A 4196 34.85 35.74 16.14
N ILE A 4197 34.30 36.82 16.68
CA ILE A 4197 34.49 38.15 16.13
C ILE A 4197 35.29 38.97 17.14
N SER A 4198 36.43 39.49 16.71
CA SER A 4198 37.28 40.25 17.60
C SER A 4198 36.66 41.60 17.93
N GLU A 4199 36.89 42.05 19.16
CA GLU A 4199 36.42 43.37 19.57
C GLU A 4199 37.06 44.46 18.71
N THR A 4200 38.35 44.32 18.40
CA THR A 4200 39.00 45.29 17.52
C THR A 4200 38.38 45.27 16.13
N ASN A 4201 38.06 44.08 15.62
CA ASN A 4201 37.41 43.97 14.33
C ASN A 4201 36.08 44.70 14.31
N ARG A 4202 35.25 44.46 15.33
CA ARG A 4202 33.96 45.13 15.38
C ARG A 4202 34.13 46.64 15.52
N ALA A 4203 35.10 47.07 16.34
CA ALA A 4203 35.33 48.50 16.52
C ALA A 4203 35.73 49.17 15.22
N GLN A 4204 36.62 48.53 14.45
CA GLN A 4204 37.00 49.09 13.16
C GLN A 4204 35.83 49.10 12.19
N TRP A 4205 34.97 48.08 12.26
CA TRP A 4205 33.79 48.06 11.41
C TRP A 4205 32.82 49.19 11.75
N GLU A 4206 32.76 49.57 13.02
CA GLU A 4206 31.79 50.60 13.42
C GLU A 4206 32.28 52.00 13.06
N MET A 4207 33.48 52.10 12.51
CA MET A 4207 34.03 53.42 12.21
C MET A 4207 33.22 54.12 11.13
N PRO A 4208 33.00 55.43 11.25
CA PRO A 4208 32.14 56.12 10.29
C PRO A 4208 32.62 56.08 8.85
N GLN A 4209 33.93 56.17 8.60
CA GLN A 4209 34.39 56.13 7.22
C GLN A 4209 34.22 54.74 6.62
N VAL A 4210 34.40 53.71 7.43
CA VAL A 4210 34.14 52.35 6.98
C VAL A 4210 32.66 52.18 6.65
N LYS A 4211 31.79 52.73 7.49
CA LYS A 4211 30.36 52.67 7.20
C LYS A 4211 30.01 53.42 5.93
N GLU A 4212 30.65 54.57 5.69
CA GLU A 4212 30.42 55.32 4.47
C GLU A 4212 30.84 54.52 3.24
N SER A 4213 32.01 53.88 3.31
CA SER A 4213 32.45 53.05 2.19
C SER A 4213 31.49 51.89 1.96
N LYS A 4214 30.97 51.31 3.04
CA LYS A 4214 30.00 50.23 2.90
C LYS A 4214 28.73 50.73 2.21
N ARG A 4215 28.25 51.92 2.58
CA ARG A 4215 27.07 52.48 1.94
C ARG A 4215 27.31 52.72 0.45
N GLN A 4216 28.46 53.28 0.12
CA GLN A 4216 28.79 53.52 -1.28
C GLN A 4216 28.84 52.21 -2.07
N PHE A 4217 29.48 51.19 -1.51
CA PHE A 4217 29.56 49.91 -2.19
C PHE A 4217 28.19 49.29 -2.38
N ILE A 4218 27.35 49.34 -1.34
CA ILE A 4218 26.01 48.76 -1.44
C ILE A 4218 25.23 49.45 -2.55
N PHE A 4219 25.29 50.79 -2.58
CA PHE A 4219 24.60 51.51 -3.64
C PHE A 4219 25.09 51.08 -5.01
N ASP A 4220 26.41 51.00 -5.20
CA ASP A 4220 26.95 50.65 -6.51
C ASP A 4220 26.51 49.26 -6.95
N VAL A 4221 26.62 48.27 -6.06
CA VAL A 4221 26.28 46.91 -6.49
C VAL A 4221 24.79 46.78 -6.73
N VAL A 4222 23.96 47.31 -5.83
CA VAL A 4222 22.52 47.15 -5.99
C VAL A 4222 22.04 47.89 -7.24
N ASN A 4223 22.70 48.98 -7.62
CA ASN A 4223 22.29 49.71 -8.80
C ASN A 4223 22.77 49.02 -10.09
N GLU A 4224 24.08 48.77 -10.21
CA GLU A 4224 24.62 48.24 -11.45
C GLU A 4224 25.44 46.96 -11.26
N GLY A 4225 24.90 45.95 -10.59
CA GLY A 4225 25.58 44.68 -10.42
C GLY A 4225 24.63 43.51 -10.62
N GLY A 4226 25.12 42.49 -11.32
CA GLY A 4226 24.39 41.24 -11.41
C GLY A 4226 24.65 40.35 -10.21
N GLU A 4227 23.71 39.43 -9.96
CA GLU A 4227 23.78 38.62 -8.74
C GLU A 4227 25.03 37.77 -8.69
N ALA A 4228 25.40 37.14 -9.81
CA ALA A 4228 26.61 36.33 -9.85
C ALA A 4228 27.86 37.18 -9.65
N GLU A 4229 27.92 38.32 -10.32
CA GLU A 4229 29.06 39.22 -10.17
C GLU A 4229 29.08 39.87 -8.80
N LYS A 4230 27.93 39.88 -8.12
CA LYS A 4230 27.82 40.65 -6.88
C LYS A 4230 28.60 40.00 -5.74
N MET A 4231 28.68 38.66 -5.72
CA MET A 4231 29.54 38.00 -4.74
C MET A 4231 31.00 38.39 -4.93
N GLU A 4232 31.48 38.41 -6.17
CA GLU A 4232 32.87 38.78 -6.41
C GLU A 4232 33.12 40.23 -6.01
N LEU A 4233 32.20 41.12 -6.37
CA LEU A 4233 32.33 42.51 -5.96
C LEU A 4233 32.33 42.64 -4.44
N PHE A 4234 31.51 41.84 -3.76
CA PHE A 4234 31.42 41.90 -2.31
C PHE A 4234 32.72 41.42 -1.67
N VAL A 4235 33.30 40.35 -2.20
CA VAL A 4235 34.58 39.87 -1.65
C VAL A 4235 35.68 40.89 -1.87
N SER A 4236 35.72 41.51 -3.06
CA SER A 4236 36.71 42.55 -3.31
C SER A 4236 36.52 43.72 -2.36
N PHE A 4237 35.26 44.09 -2.09
CA PHE A 4237 35.01 45.16 -1.13
C PHE A 4237 35.46 44.76 0.26
N CYS A 4238 35.29 43.50 0.63
CA CYS A 4238 35.77 43.04 1.93
C CYS A 4238 37.28 43.18 2.03
N GLU A 4239 38.00 42.80 0.98
CA GLU A 4239 39.46 42.94 1.00
C GLU A 4239 39.87 44.40 1.10
N ASP A 4240 39.22 45.28 0.33
CA ASP A 4240 39.53 46.70 0.41
C ASP A 4240 39.23 47.25 1.80
N THR A 4241 38.15 46.78 2.42
CA THR A 4241 37.81 47.22 3.77
C THR A 4241 38.85 46.76 4.78
N ILE A 4242 39.36 45.54 4.62
CA ILE A 4242 40.42 45.07 5.51
C ILE A 4242 41.65 45.95 5.40
N PHE A 4243 42.04 46.28 4.15
CA PHE A 4243 43.19 47.16 3.98
C PHE A 4243 42.94 48.55 4.56
N GLU A 4244 41.72 49.07 4.40
CA GLU A 4244 41.37 50.36 4.98
C GLU A 4244 41.45 50.31 6.50
N MET A 4245 41.02 49.19 7.09
CA MET A 4245 41.14 49.04 8.53
C MET A 4245 42.59 49.05 8.98
N GLN A 4246 43.47 48.39 8.22
CA GLN A 4246 44.89 48.45 8.57
C GLN A 4246 45.42 49.88 8.46
N ILE A 4247 45.01 50.62 7.44
CA ILE A 4247 45.45 52.02 7.32
C ILE A 4247 44.97 52.83 8.51
N ALA A 4248 43.71 52.65 8.91
CA ALA A 4248 43.18 53.39 10.04
C ALA A 4248 43.91 53.04 11.33
N ALA A 4249 44.22 51.75 11.51
CA ALA A 4249 44.97 51.34 12.70
C ALA A 4249 46.35 51.98 12.72
N GLN A 4250 47.04 52.02 11.58
CA GLN A 4250 48.35 52.63 11.54
C GLN A 4250 48.29 54.13 11.81
N ILE A 4251 47.32 54.83 11.20
CA ILE A 4251 47.27 56.28 11.37
C ILE A 4251 46.81 56.65 12.77
N SER A 4252 46.08 55.77 13.43
CA SER A 4252 45.68 56.02 14.80
C SER A 4252 46.90 56.01 15.72
N GLU A 4253 47.01 57.02 16.57
CA GLU A 4253 48.13 57.15 17.48
C GLU A 4253 47.62 57.00 18.92
N PRO A 4254 48.27 56.16 19.74
CA PRO A 4254 47.86 55.92 21.13
C PRO A 4254 48.05 57.15 22.02
N PHE A 4540 70.21 63.09 14.43
CA PHE A 4540 68.91 63.43 14.97
C PHE A 4540 67.82 63.15 13.92
N TRP A 4541 68.21 62.39 12.89
CA TRP A 4541 67.26 61.98 11.87
C TRP A 4541 66.11 61.18 12.47
N GLY A 4542 66.37 60.39 13.51
CA GLY A 4542 65.33 59.55 14.08
C GLY A 4542 64.21 60.34 14.73
N GLU A 4543 64.55 61.35 15.54
CA GLU A 4543 63.52 62.14 16.18
C GLU A 4543 62.76 62.99 15.16
N LEU A 4544 63.47 63.51 14.16
CA LEU A 4544 62.78 64.21 13.08
C LEU A 4544 61.82 63.27 12.36
N GLU A 4545 62.22 62.02 12.16
CA GLU A 4545 61.36 61.06 11.47
C GLU A 4545 60.11 60.73 12.29
N VAL A 4546 60.27 60.55 13.61
CA VAL A 4546 59.09 60.22 14.41
C VAL A 4546 58.15 61.42 14.49
N GLN A 4547 58.70 62.64 14.59
CA GLN A 4547 57.84 63.81 14.52
C GLN A 4547 57.14 63.92 13.17
N ARG A 4548 57.85 63.58 12.09
CA ARG A 4548 57.24 63.66 10.76
C ARG A 4548 56.11 62.65 10.60
N VAL A 4549 56.30 61.43 11.10
CA VAL A 4549 55.22 60.44 10.99
C VAL A 4549 54.05 60.84 11.90
N LYS A 4550 54.33 61.44 13.05
CA LYS A 4550 53.25 61.95 13.88
C LYS A 4550 52.47 63.02 13.14
N PHE A 4551 53.17 63.93 12.47
CA PHE A 4551 52.52 64.99 11.71
C PHE A 4551 51.67 64.43 10.58
N LEU A 4552 52.20 63.45 9.84
CA LEU A 4552 51.43 62.83 8.76
C LEU A 4552 50.21 62.11 9.30
N ASN A 4553 50.36 61.40 10.42
CA ASN A 4553 49.22 60.71 11.02
C ASN A 4553 48.15 61.70 11.47
N TYR A 4554 48.58 62.83 12.05
CA TYR A 4554 47.63 63.84 12.49
C TYR A 4554 46.89 64.44 11.31
N LEU A 4555 47.59 64.67 10.20
CA LEU A 4555 46.93 65.14 9.00
C LEU A 4555 45.94 64.12 8.46
N SER A 4556 46.31 62.85 8.48
CA SER A 4556 45.43 61.81 7.95
C SER A 4556 44.18 61.65 8.81
N ARG A 4557 44.33 61.70 10.13
CA ARG A 4557 43.17 61.58 11.01
C ARG A 4557 42.21 62.75 10.84
N ASN A 4558 42.75 63.96 10.65
CA ASN A 4558 41.95 65.17 10.58
C ASN A 4558 41.73 65.65 9.15
N PHE A 4559 41.67 64.73 8.18
CA PHE A 4559 41.55 65.13 6.78
C PHE A 4559 40.20 65.79 6.50
N TYR A 4560 39.12 65.19 6.99
CA TYR A 4560 37.79 65.75 6.75
C TYR A 4560 37.61 67.06 7.51
N THR A 4561 38.19 67.14 8.71
CA THR A 4561 38.18 68.40 9.45
C THR A 4561 38.91 69.49 8.67
N LEU A 4562 40.04 69.14 8.06
CA LEU A 4562 40.77 70.11 7.24
C LEU A 4562 39.95 70.53 6.03
N ARG A 4563 39.25 69.59 5.41
CA ARG A 4563 38.39 69.92 4.27
C ARG A 4563 37.29 70.91 4.69
N PHE A 4564 36.63 70.64 5.82
CA PHE A 4564 35.60 71.53 6.31
C PHE A 4564 36.16 72.89 6.66
N LEU A 4565 37.36 72.92 7.25
CA LEU A 4565 37.99 74.19 7.59
C LEU A 4565 38.30 74.99 6.33
N ALA A 4566 38.74 74.31 5.27
CA ALA A 4566 38.99 74.99 4.00
C ALA A 4566 37.70 75.58 3.44
N LEU A 4567 36.60 74.83 3.52
CA LEU A 4567 35.32 75.36 3.06
C LEU A 4567 34.91 76.59 3.86
N PHE A 4568 35.07 76.53 5.19
CA PHE A 4568 34.72 77.66 6.04
C PHE A 4568 35.58 78.88 5.72
N LEU A 4569 36.87 78.65 5.47
CA LEU A 4569 37.76 79.75 5.12
C LEU A 4569 37.37 80.38 3.80
N ALA A 4570 37.00 79.56 2.81
CA ALA A 4570 36.53 80.11 1.55
C ALA A 4570 35.27 80.94 1.73
N PHE A 4571 34.35 80.46 2.57
CA PHE A 4571 33.14 81.23 2.85
C PHE A 4571 33.47 82.57 3.50
N ALA A 4572 34.38 82.57 4.47
CA ALA A 4572 34.74 83.81 5.13
C ALA A 4572 35.42 84.78 4.18
N ILE A 4573 36.31 84.27 3.32
CA ILE A 4573 36.99 85.12 2.35
C ILE A 4573 35.98 85.75 1.40
N ASN A 4574 35.01 84.97 0.93
CA ASN A 4574 34.02 85.52 0.01
C ASN A 4574 33.12 86.53 0.70
N PHE A 4575 32.75 86.26 1.96
CA PHE A 4575 31.98 87.24 2.72
C PHE A 4575 32.72 88.56 2.85
N ILE A 4576 34.03 88.50 3.10
CA ILE A 4576 34.84 89.71 3.09
C ILE A 4576 34.81 90.36 1.72
N LEU A 4577 34.89 89.53 0.66
CA LEU A 4577 34.92 90.06 -0.69
C LEU A 4577 33.65 90.80 -1.06
N LEU A 4578 32.53 90.48 -0.39
CA LEU A 4578 31.27 91.13 -0.71
C LEU A 4578 31.34 92.64 -0.48
N PHE A 4579 32.27 93.10 0.34
CA PHE A 4579 32.37 94.53 0.63
C PHE A 4579 33.23 95.25 -0.39
N TYR A 4580 33.75 94.53 -1.38
CA TYR A 4580 34.66 95.12 -2.34
C TYR A 4580 33.92 96.13 -3.21
N LYS A 4581 34.61 97.22 -3.56
CA LYS A 4581 34.02 98.25 -4.39
C LYS A 4581 35.09 98.87 -5.27
N VAL A 4582 34.68 99.51 -6.34
CA VAL A 4582 35.57 100.08 -7.35
C VAL A 4582 35.24 101.55 -7.52
N SER A 4583 36.28 102.38 -7.56
CA SER A 4583 36.14 103.81 -7.80
C SER A 4583 37.31 104.31 -8.64
N ASP A 4584 37.03 105.31 -9.48
CA ASP A 4584 38.07 105.87 -10.33
C ASP A 4584 39.15 106.57 -9.49
N SER A 4585 38.74 107.28 -8.46
CA SER A 4585 39.70 107.94 -7.59
C SER A 4585 40.48 106.90 -6.78
N PRO A 4586 41.75 107.14 -6.47
CA PRO A 4586 42.51 106.20 -5.64
C PRO A 4586 41.95 106.16 -4.23
N PRO A 4587 42.14 105.04 -3.51
CA PRO A 4587 41.67 104.87 -2.13
C PRO A 4587 42.17 105.97 -1.19
N ASN A 4626 43.04 107.69 -15.12
CA ASN A 4626 41.76 107.26 -15.69
C ASN A 4626 41.59 105.75 -15.55
N MET A 4627 42.19 105.18 -14.51
CA MET A 4627 42.12 103.76 -14.24
C MET A 4627 41.35 103.54 -12.94
N VAL A 4628 40.47 102.53 -12.95
CA VAL A 4628 39.60 102.30 -11.80
C VAL A 4628 40.36 101.53 -10.73
N TYR A 4629 40.06 101.85 -9.47
CA TYR A 4629 40.77 101.29 -8.32
C TYR A 4629 39.85 100.34 -7.57
N TYR A 4630 40.37 99.17 -7.24
CA TYR A 4630 39.65 98.16 -6.48
C TYR A 4630 40.12 98.22 -5.03
N PHE A 4631 39.19 98.41 -4.11
CA PHE A 4631 39.54 98.44 -2.69
C PHE A 4631 38.36 98.01 -1.84
N LEU A 4632 38.66 97.37 -0.72
CA LEU A 4632 37.63 97.06 0.27
C LEU A 4632 37.15 98.35 0.93
N GLU A 4633 35.85 98.41 1.20
CA GLU A 4633 35.25 99.58 1.84
C GLU A 4633 34.67 99.15 3.17
N GLU A 4634 35.40 99.42 4.25
CA GLU A 4634 34.95 99.09 5.60
C GLU A 4634 35.40 100.18 6.55
N SER A 4635 34.54 100.48 7.53
CA SER A 4635 34.86 101.52 8.50
C SER A 4635 35.98 101.07 9.43
N THR A 4636 35.95 99.81 9.86
CA THR A 4636 36.92 99.34 10.86
C THR A 4636 38.33 99.27 10.28
N GLY A 4637 38.47 98.78 9.05
CA GLY A 4637 39.76 98.60 8.44
C GLY A 4637 40.47 97.31 8.80
N TYR A 4638 39.85 96.44 9.61
CA TYR A 4638 40.45 95.16 9.95
C TYR A 4638 40.36 94.18 8.79
N MET A 4639 39.44 94.43 7.86
CA MET A 4639 39.05 93.40 6.90
C MET A 4639 40.15 93.12 5.89
N GLU A 4640 40.93 94.13 5.51
CA GLU A 4640 42.03 93.87 4.58
C GLU A 4640 43.10 92.95 5.17
N PRO A 4641 43.68 93.22 6.35
CA PRO A 4641 44.58 92.23 6.94
C PRO A 4641 43.92 90.90 7.23
N ALA A 4642 42.65 90.93 7.63
CA ALA A 4642 41.93 89.69 7.88
C ALA A 4642 41.86 88.84 6.62
N LEU A 4643 41.56 89.47 5.49
CA LEU A 4643 41.49 88.75 4.22
C LEU A 4643 42.86 88.22 3.82
N TRP A 4644 43.91 89.01 4.04
CA TRP A 4644 45.25 88.53 3.68
C TRP A 4644 45.63 87.29 4.49
N CYS A 4645 45.45 87.36 5.82
CA CYS A 4645 45.76 86.20 6.66
C CYS A 4645 44.87 85.01 6.32
N LEU A 4646 43.59 85.28 6.03
CA LEU A 4646 42.67 84.19 5.69
C LEU A 4646 43.09 83.50 4.40
N SER A 4647 43.52 84.27 3.40
CA SER A 4647 43.99 83.67 2.16
C SER A 4647 45.22 82.81 2.40
N LEU A 4648 46.18 83.32 3.18
CA LEU A 4648 47.37 82.53 3.46
C LEU A 4648 47.00 81.23 4.17
N LEU A 4649 46.14 81.31 5.18
CA LEU A 4649 45.76 80.13 5.93
C LEU A 4649 44.98 79.16 5.06
N HIS A 4650 44.15 79.67 4.14
CA HIS A 4650 43.40 78.80 3.24
C HIS A 4650 44.34 78.03 2.33
N THR A 4651 45.35 78.70 1.79
CA THR A 4651 46.31 77.98 0.94
C THR A 4651 47.06 76.93 1.73
N LEU A 4652 47.46 77.26 2.96
CA LEU A 4652 48.14 76.28 3.80
C LEU A 4652 47.23 75.08 4.08
N VAL A 4653 45.95 75.33 4.36
CA VAL A 4653 45.03 74.24 4.64
C VAL A 4653 44.80 73.38 3.40
N ALA A 4654 44.77 74.00 2.22
CA ALA A 4654 44.65 73.22 1.00
C ALA A 4654 45.86 72.29 0.81
N PHE A 4655 47.06 72.82 1.07
CA PHE A 4655 48.25 71.98 0.98
C PHE A 4655 48.19 70.84 1.98
N LEU A 4656 47.75 71.12 3.20
CA LEU A 4656 47.62 70.08 4.21
C LEU A 4656 46.59 69.03 3.80
N CYS A 4657 45.50 69.46 3.15
CA CYS A 4657 44.52 68.50 2.66
C CYS A 4657 45.11 67.60 1.59
N ILE A 4658 45.93 68.15 0.69
CA ILE A 4658 46.56 67.31 -0.32
C ILE A 4658 47.46 66.27 0.33
N ILE A 4659 48.27 66.70 1.32
CA ILE A 4659 49.15 65.74 1.98
C ILE A 4659 48.34 64.67 2.72
N GLY A 4660 47.28 65.08 3.42
CA GLY A 4660 46.46 64.11 4.13
C GLY A 4660 45.80 63.11 3.19
N TYR A 4661 45.34 63.58 2.03
CA TYR A 4661 44.75 62.68 1.06
C TYR A 4661 45.78 61.70 0.53
N ASN A 4662 47.01 62.17 0.30
CA ASN A 4662 48.06 61.27 -0.14
C ASN A 4662 48.36 60.22 0.94
N CYS A 4663 48.24 60.61 2.21
CA CYS A 4663 48.57 59.67 3.28
C CYS A 4663 47.39 58.78 3.64
N LEU A 4664 46.20 59.09 3.13
CA LEU A 4664 44.99 58.39 3.57
C LEU A 4664 44.34 57.54 2.47
N LYS A 4665 44.14 58.10 1.28
CA LYS A 4665 43.33 57.41 0.27
C LYS A 4665 44.20 56.83 -0.84
N VAL A 4666 45.35 57.45 -1.10
CA VAL A 4666 46.26 56.94 -2.12
C VAL A 4666 46.69 55.51 -1.84
N PRO A 4667 46.98 55.09 -0.60
CA PRO A 4667 47.26 53.67 -0.38
C PRO A 4667 46.12 52.76 -0.82
N LEU A 4668 44.87 53.17 -0.59
CA LEU A 4668 43.75 52.34 -1.04
C LEU A 4668 43.70 52.27 -2.56
N VAL A 4669 43.93 53.40 -3.23
CA VAL A 4669 43.90 53.39 -4.70
C VAL A 4669 44.97 52.46 -5.25
N ILE A 4670 46.19 52.56 -4.71
CA ILE A 4670 47.28 51.71 -5.17
C ILE A 4670 46.99 50.26 -4.85
N PHE A 4671 46.41 49.99 -3.67
CA PHE A 4671 46.07 48.62 -3.31
C PHE A 4671 45.09 48.01 -4.30
N LYS A 4672 44.03 48.74 -4.63
CA LYS A 4672 43.05 48.23 -5.58
C LYS A 4672 43.68 47.98 -6.93
N ARG A 4673 44.49 48.93 -7.41
CA ARG A 4673 45.07 48.77 -8.75
C ARG A 4673 46.03 47.58 -8.79
N GLU A 4674 46.87 47.45 -7.77
CA GLU A 4674 47.80 46.33 -7.73
C GLU A 4674 47.07 45.01 -7.62
N LYS A 4675 46.00 44.96 -6.82
CA LYS A 4675 45.25 43.72 -6.68
C LYS A 4675 44.62 43.30 -7.99
N GLU A 4676 43.95 44.23 -8.68
CA GLU A 4676 43.31 43.88 -9.94
C GLU A 4676 44.35 43.51 -10.99
N LEU A 4677 45.49 44.20 -11.00
CA LEU A 4677 46.55 43.85 -11.94
C LEU A 4677 47.08 42.46 -11.68
N ALA A 4678 47.31 42.12 -10.41
CA ALA A 4678 47.82 40.79 -10.08
C ALA A 4678 46.83 39.71 -10.46
N ARG A 4679 45.55 39.93 -10.20
CA ARG A 4679 44.55 38.92 -10.53
C ARG A 4679 44.43 38.74 -12.04
N LYS A 4680 44.47 39.83 -12.80
CA LYS A 4680 44.46 39.71 -14.25
C LYS A 4680 45.71 39.00 -14.76
N LEU A 4681 46.86 39.28 -14.15
CA LEU A 4681 48.10 38.62 -14.55
C LEU A 4681 48.04 37.13 -14.32
N GLU A 4682 47.51 36.70 -13.18
CA GLU A 4682 47.60 35.30 -12.81
C GLU A 4682 46.42 34.46 -13.32
N PHE A 4683 45.18 34.89 -13.02
CA PHE A 4683 44.03 34.06 -13.38
C PHE A 4683 43.75 34.09 -14.88
N ASP A 4684 43.97 35.23 -15.51
CA ASP A 4684 43.67 35.38 -16.94
C ASP A 4684 44.92 35.43 -17.82
N GLY A 4685 46.10 35.62 -17.24
CA GLY A 4685 47.30 35.74 -18.07
C GLY A 4685 47.22 36.91 -19.02
N LEU A 4686 46.86 38.09 -18.51
CA LEU A 4686 46.53 39.21 -19.40
C LEU A 4686 47.73 39.63 -20.24
N TYR A 4687 48.88 39.85 -19.61
CA TYR A 4687 50.04 40.32 -20.37
C TYR A 4687 50.79 39.15 -20.99
N ILE A 4688 50.44 37.92 -20.60
CA ILE A 4688 51.07 36.75 -21.21
C ILE A 4688 50.24 36.26 -22.38
N THR A 4689 49.00 35.83 -22.13
CA THR A 4689 48.13 35.30 -23.15
C THR A 4689 47.36 36.37 -23.91
N GLU A 4690 46.63 37.23 -23.20
CA GLU A 4690 45.79 38.21 -23.89
C GLU A 4690 46.63 39.24 -24.64
N GLN A 4691 47.62 39.84 -23.97
CA GLN A 4691 48.51 40.82 -24.58
C GLN A 4691 47.76 41.94 -25.30
N PRO A 4692 47.15 42.86 -24.56
CA PRO A 4692 46.38 43.92 -25.21
C PRO A 4692 47.28 44.89 -25.96
N GLY A 4693 47.04 45.00 -27.26
CA GLY A 4693 47.78 45.93 -28.10
C GLY A 4693 47.21 47.32 -28.04
N ASP A 4694 47.47 48.03 -26.95
CA ASP A 4694 46.86 49.34 -26.68
C ASP A 4694 45.33 49.25 -26.68
N ASP A 4695 44.80 48.14 -26.15
CA ASP A 4695 43.35 48.01 -26.02
C ASP A 4695 42.81 48.91 -24.92
N ASP A 4696 43.47 48.93 -23.76
CA ASP A 4696 43.04 49.71 -22.61
C ASP A 4696 44.19 50.60 -22.16
N VAL A 4697 43.87 51.87 -21.87
CA VAL A 4697 44.91 52.81 -21.46
C VAL A 4697 45.48 52.43 -20.10
N LYS A 4698 44.63 52.01 -19.17
CA LYS A 4698 45.11 51.54 -17.87
C LYS A 4698 45.99 50.31 -18.03
N GLY A 4699 45.60 49.40 -18.92
CA GLY A 4699 46.43 48.23 -19.17
C GLY A 4699 47.77 48.59 -19.75
N GLN A 4700 47.81 49.57 -20.66
CA GLN A 4700 49.09 50.02 -21.20
C GLN A 4700 49.95 50.66 -20.13
N TRP A 4701 49.35 51.47 -19.25
CA TRP A 4701 50.12 52.10 -18.19
C TRP A 4701 50.65 51.06 -17.21
N ASP A 4702 49.93 49.97 -17.00
CA ASP A 4702 50.34 48.99 -16.00
C ASP A 4702 51.56 48.21 -16.45
N ARG A 4703 51.97 48.39 -17.72
CA ARG A 4703 53.11 47.63 -18.23
C ARG A 4703 54.41 48.01 -17.53
N LEU A 4704 54.53 49.27 -17.08
CA LEU A 4704 55.78 49.71 -16.48
C LEU A 4704 56.04 49.01 -15.16
N VAL A 4705 55.00 48.67 -14.41
CA VAL A 4705 55.18 48.25 -13.03
C VAL A 4705 55.56 46.78 -12.95
N LEU A 4706 55.26 46.00 -14.00
CA LEU A 4706 55.53 44.57 -13.95
C LEU A 4706 57.02 44.28 -13.79
N ASN A 4707 57.86 45.05 -14.49
CA ASN A 4707 59.30 44.83 -14.42
C ASN A 4707 59.83 45.21 -13.04
N THR A 4708 59.18 46.17 -12.38
CA THR A 4708 59.72 46.76 -11.17
C THR A 4708 59.77 45.74 -10.02
N PRO A 4709 60.78 45.80 -9.16
CA PRO A 4709 60.82 44.88 -8.01
C PRO A 4709 59.72 45.15 -7.00
N SER A 4710 59.24 46.40 -6.91
CA SER A 4710 58.35 46.78 -5.83
C SER A 4710 56.89 46.70 -6.21
N PHE A 4711 56.55 46.02 -7.30
CA PHE A 4711 55.17 46.02 -7.78
C PHE A 4711 54.19 45.44 -6.77
N PRO A 4712 54.43 44.29 -6.14
CA PRO A 4712 53.43 43.78 -5.19
C PRO A 4712 53.50 44.43 -3.82
N SER A 4713 54.08 45.62 -3.71
CA SER A 4713 54.31 46.22 -2.40
C SER A 4713 53.02 46.48 -1.65
N ASN A 4714 52.17 47.37 -2.17
CA ASN A 4714 50.99 47.80 -1.44
C ASN A 4714 50.01 46.64 -1.24
N TYR A 4715 49.81 45.82 -2.27
CA TYR A 4715 48.94 44.66 -2.18
C TYR A 4715 49.64 43.55 -1.40
N TRP A 4716 48.85 42.69 -0.75
CA TRP A 4716 49.42 41.84 0.29
C TRP A 4716 50.28 40.71 -0.28
N ASP A 4717 49.89 40.16 -1.42
CA ASP A 4717 50.57 38.99 -1.98
C ASP A 4717 51.87 39.43 -2.65
N LYS A 4718 53.00 39.12 -2.03
CA LYS A 4718 54.30 39.41 -2.59
C LYS A 4718 54.82 38.30 -3.49
N PHE A 4719 54.06 37.21 -3.62
CA PHE A 4719 54.48 36.07 -4.41
C PHE A 4719 53.66 35.91 -5.68
N VAL A 4720 52.94 36.95 -6.09
CA VAL A 4720 52.09 36.84 -7.28
C VAL A 4720 52.95 36.69 -8.53
N LYS A 4721 54.13 37.31 -8.53
CA LYS A 4721 55.05 37.10 -9.65
C LYS A 4721 55.45 35.64 -9.78
N ARG A 4722 55.81 35.02 -8.66
CA ARG A 4722 56.21 33.61 -8.69
C ARG A 4722 55.04 32.72 -9.09
N LYS A 4723 53.84 33.04 -8.60
CA LYS A 4723 52.68 32.23 -8.97
C LYS A 4723 52.38 32.36 -10.46
N VAL A 4724 52.48 33.58 -11.00
CA VAL A 4724 52.28 33.77 -12.44
C VAL A 4724 53.31 32.99 -13.22
N LEU A 4725 54.56 32.98 -12.75
CA LEU A 4725 55.60 32.22 -13.42
C LEU A 4725 55.27 30.73 -13.42
N ASP A 4726 54.94 30.18 -12.25
CA ASP A 4726 54.64 28.75 -12.18
C ASP A 4726 53.41 28.40 -13.00
N LYS A 4727 52.49 29.36 -13.19
CA LYS A 4727 51.28 29.07 -13.94
C LYS A 4727 51.53 29.09 -15.45
N HIS A 4728 52.11 30.17 -15.97
CA HIS A 4728 52.24 30.36 -17.40
C HIS A 4728 53.68 30.31 -17.91
N GLY A 4729 54.58 29.62 -17.20
CA GLY A 4729 55.95 29.53 -17.70
C GLY A 4729 56.08 28.60 -18.88
N ASP A 4730 55.47 27.41 -18.80
CA ASP A 4730 55.82 26.34 -19.72
C ASP A 4730 55.54 26.70 -21.18
N ILE A 4731 54.43 27.39 -21.45
CA ILE A 4731 54.03 27.58 -22.84
C ILE A 4731 54.44 28.96 -23.35
N PHE A 4732 55.15 29.74 -22.54
CA PHE A 4732 56.05 30.78 -23.04
C PHE A 4732 57.51 30.57 -22.64
N GLY A 4733 57.81 29.65 -21.75
CA GLY A 4733 59.19 29.55 -21.32
C GLY A 4733 59.45 30.31 -20.04
N ARG A 4734 60.35 29.76 -19.22
CA ARG A 4734 60.67 30.38 -17.94
C ARG A 4734 61.27 31.77 -18.13
N GLU A 4735 62.18 31.90 -19.09
CA GLU A 4735 62.94 33.13 -19.23
C GLU A 4735 62.07 34.28 -19.70
N ARG A 4736 61.06 34.00 -20.55
CA ARG A 4736 60.20 35.08 -21.02
C ARG A 4736 59.36 35.64 -19.89
N ILE A 4737 58.78 34.78 -19.06
CA ILE A 4737 58.01 35.26 -17.91
C ILE A 4737 58.95 35.96 -16.92
N ALA A 4738 60.18 35.44 -16.78
CA ALA A 4738 61.13 36.06 -15.88
C ALA A 4738 61.47 37.47 -16.31
N GLU A 4739 61.70 37.69 -17.61
CA GLU A 4739 62.03 39.04 -18.06
C GLU A 4739 60.79 39.94 -18.06
N LEU A 4740 59.61 39.34 -18.24
CA LEU A 4740 58.38 40.13 -18.16
C LEU A 4740 58.16 40.67 -16.76
N LEU A 4741 58.31 39.81 -15.76
CA LEU A 4741 58.05 40.21 -14.38
C LEU A 4741 59.30 40.71 -13.66
N GLY A 4742 60.43 40.76 -14.35
CA GLY A 4742 61.65 41.27 -13.74
C GLY A 4742 62.19 40.44 -12.59
N MET A 4743 62.14 39.11 -12.72
CA MET A 4743 62.74 38.21 -11.75
C MET A 4743 64.02 37.64 -12.29
N ASP A 4744 64.98 37.41 -11.40
CA ASP A 4744 66.04 36.45 -11.66
C ASP A 4744 65.57 35.05 -11.28
N LEU A 4745 65.84 34.07 -12.14
CA LEU A 4745 65.35 32.73 -11.88
C LEU A 4745 66.10 32.08 -10.71
N ALA A 4746 67.39 32.40 -10.56
CA ALA A 4746 68.17 31.80 -9.48
C ALA A 4746 67.81 32.40 -8.13
N SER A 4747 67.32 33.64 -8.12
CA SER A 4747 67.00 34.31 -6.87
C SER A 4747 65.88 33.60 -6.11
N LEU A 4748 64.83 33.19 -6.82
CA LEU A 4748 63.73 32.52 -6.14
C LEU A 4748 64.17 31.17 -5.59
N GLU A 4749 65.05 30.48 -6.31
CA GLU A 4749 65.56 29.19 -5.82
C GLU A 4749 66.40 29.38 -4.56
N ILE A 4750 67.29 30.38 -4.56
CA ILE A 4750 68.14 30.55 -3.38
C ILE A 4750 67.32 31.01 -2.18
N THR A 4751 66.32 31.87 -2.42
CA THR A 4751 65.43 32.27 -1.33
C THR A 4751 64.65 31.09 -0.78
N ALA A 4752 64.18 30.20 -1.66
CA ALA A 4752 63.51 28.99 -1.19
C ALA A 4752 64.47 28.10 -0.40
N HIS A 4753 65.74 28.07 -0.81
CA HIS A 4753 66.69 27.19 -0.15
C HIS A 4753 67.05 27.69 1.25
N ASN A 4754 67.27 29.00 1.39
CA ASN A 4754 67.60 29.56 2.70
C ASN A 4754 67.25 31.04 2.74
N GLU A 4755 67.29 31.59 3.95
CA GLU A 4755 66.99 32.99 4.21
C GLU A 4755 68.27 33.74 4.54
N ARG A 4756 68.47 34.89 3.89
CA ARG A 4756 69.61 35.76 4.14
C ARG A 4756 69.11 37.15 4.43
N LYS A 4757 69.61 37.75 5.52
CA LYS A 4757 69.19 39.08 5.94
C LYS A 4757 70.33 40.06 5.75
N PRO A 4758 70.16 41.08 4.91
CA PRO A 4758 71.17 42.14 4.82
C PRO A 4758 70.85 43.33 5.73
N ASP A 4759 71.86 43.94 6.33
CA ASP A 4759 71.62 45.08 7.18
C ASP A 4759 71.45 46.34 6.34
N PRO A 4760 70.46 47.17 6.63
CA PRO A 4760 70.29 48.43 5.90
C PRO A 4760 71.05 49.55 6.57
N PRO A 4761 71.90 50.26 5.83
CA PRO A 4761 72.55 51.45 6.39
C PRO A 4761 71.56 52.58 6.56
N PRO A 4762 71.62 53.31 7.69
CA PRO A 4762 70.67 54.41 7.93
C PRO A 4762 71.15 55.73 7.33
N GLY A 4763 71.26 55.74 6.00
CA GLY A 4763 71.73 56.92 5.29
C GLY A 4763 70.74 57.46 4.28
N LEU A 4764 70.78 58.78 4.06
CA LEU A 4764 69.87 59.39 3.09
C LEU A 4764 70.13 58.87 1.69
N LEU A 4765 71.41 58.72 1.32
CA LEU A 4765 71.73 58.09 0.04
C LEU A 4765 71.28 56.64 0.01
N THR A 4766 71.55 55.88 1.08
CA THR A 4766 71.11 54.49 1.13
C THR A 4766 69.62 54.38 0.87
N TRP A 4767 68.86 55.36 1.33
CA TRP A 4767 67.46 55.44 0.92
C TRP A 4767 67.31 55.95 -0.51
N LEU A 4768 68.31 56.67 -1.00
CA LEU A 4768 68.20 57.25 -2.34
C LEU A 4768 68.20 56.17 -3.43
N MET A 4769 69.20 55.29 -3.44
CA MET A 4769 69.09 54.23 -4.44
C MET A 4769 68.14 53.12 -3.97
N SER A 4770 67.57 53.25 -2.77
CA SER A 4770 66.50 52.34 -2.37
C SER A 4770 65.23 52.57 -3.18
N ILE A 4771 65.06 53.80 -3.70
CA ILE A 4771 63.88 54.12 -4.48
C ILE A 4771 63.93 53.43 -5.83
N ASP A 4772 62.77 53.06 -6.35
CA ASP A 4772 62.64 52.48 -7.68
C ASP A 4772 61.87 53.47 -8.55
N VAL A 4773 62.56 54.10 -9.49
CA VAL A 4773 61.98 55.23 -10.21
C VAL A 4773 60.84 54.78 -11.12
N LYS A 4774 60.93 53.56 -11.65
CA LYS A 4774 59.86 53.07 -12.53
C LYS A 4774 58.56 52.89 -11.75
N TYR A 4775 58.65 52.27 -10.57
CA TYR A 4775 57.47 52.14 -9.73
C TYR A 4775 56.96 53.50 -9.30
N GLN A 4776 57.86 54.42 -8.97
CA GLN A 4776 57.42 55.75 -8.56
C GLN A 4776 56.70 56.48 -9.69
N ILE A 4777 57.19 56.35 -10.91
CA ILE A 4777 56.55 56.99 -12.06
C ILE A 4777 55.18 56.39 -12.31
N TRP A 4778 55.08 55.06 -12.24
CA TRP A 4778 53.77 54.43 -12.43
C TRP A 4778 52.79 54.84 -11.34
N LYS A 4779 53.28 54.91 -10.10
CA LYS A 4779 52.42 55.33 -8.99
C LYS A 4779 51.96 56.76 -9.17
N PHE A 4780 52.85 57.65 -9.62
CA PHE A 4780 52.46 59.04 -9.84
C PHE A 4780 51.44 59.15 -10.96
N GLY A 4781 51.59 58.33 -12.01
CA GLY A 4781 50.57 58.30 -13.04
C GLY A 4781 49.22 57.87 -12.52
N VAL A 4782 49.21 56.81 -11.70
CA VAL A 4782 47.96 56.34 -11.11
C VAL A 4782 47.33 57.43 -10.25
N ILE A 4783 48.14 58.12 -9.45
CA ILE A 4783 47.62 59.18 -8.59
C ILE A 4783 47.06 60.33 -9.42
N PHE A 4784 47.79 60.73 -10.47
CA PHE A 4784 47.35 61.87 -11.26
C PHE A 4784 46.13 61.53 -12.11
N THR A 4785 45.86 60.24 -12.32
CA THR A 4785 44.65 59.86 -13.02
C THR A 4785 43.45 59.82 -12.07
N ASP A 4786 43.68 60.07 -10.78
CA ASP A 4786 42.62 59.94 -9.80
C ASP A 4786 41.82 61.24 -9.70
N ASN A 4787 40.49 61.12 -9.74
CA ASN A 4787 39.63 62.30 -9.76
C ASN A 4787 39.71 63.09 -8.47
N SER A 4788 39.75 62.41 -7.32
CA SER A 4788 39.81 63.14 -6.05
C SER A 4788 41.11 63.90 -5.92
N PHE A 4789 42.23 63.27 -6.30
CA PHE A 4789 43.51 63.96 -6.25
C PHE A 4789 43.53 65.13 -7.22
N LEU A 4790 42.95 64.95 -8.40
CA LEU A 4790 42.89 66.06 -9.36
C LEU A 4790 42.05 67.21 -8.81
N TYR A 4791 40.95 66.88 -8.14
CA TYR A 4791 40.13 67.91 -7.51
C TYR A 4791 40.91 68.68 -6.45
N LEU A 4792 41.65 67.96 -5.60
CA LEU A 4792 42.43 68.64 -4.56
C LEU A 4792 43.52 69.50 -5.17
N GLY A 4793 44.15 69.00 -6.23
CA GLY A 4793 45.16 69.80 -6.92
C GLY A 4793 44.57 71.06 -7.53
N TRP A 4794 43.39 70.95 -8.14
CA TRP A 4794 42.73 72.13 -8.68
C TRP A 4794 42.37 73.10 -7.58
N TYR A 4795 41.97 72.59 -6.42
CA TYR A 4795 41.70 73.43 -5.26
C TYR A 4795 42.94 74.22 -4.87
N MET A 4796 44.09 73.54 -4.77
CA MET A 4796 45.32 74.23 -4.41
C MET A 4796 45.73 75.26 -5.46
N VAL A 4797 45.60 74.91 -6.74
CA VAL A 4797 45.95 75.82 -7.81
C VAL A 4797 45.06 77.06 -7.76
N MET A 4798 43.77 76.86 -7.50
CA MET A 4798 42.85 77.99 -7.39
C MET A 4798 43.18 78.83 -6.17
N SER A 4799 43.68 78.21 -5.10
CA SER A 4799 44.09 78.98 -3.93
C SER A 4799 45.29 79.88 -4.26
N LEU A 4800 46.27 79.34 -4.98
CA LEU A 4800 47.40 80.17 -5.40
C LEU A 4800 46.95 81.29 -6.33
N LEU A 4801 46.05 80.99 -7.25
CA LEU A 4801 45.51 82.02 -8.13
C LEU A 4801 44.72 83.05 -7.33
N GLY A 4802 44.12 82.64 -6.22
CA GLY A 4802 43.46 83.59 -5.35
C GLY A 4802 44.45 84.51 -4.66
N HIS A 4803 45.62 83.97 -4.30
CA HIS A 4803 46.69 84.84 -3.83
C HIS A 4803 47.07 85.85 -4.89
N TYR A 4804 47.11 85.40 -6.15
CA TYR A 4804 47.38 86.33 -7.25
C TYR A 4804 46.32 87.43 -7.33
N ASN A 4805 45.05 87.04 -7.34
CA ASN A 4805 43.92 87.95 -7.35
C ASN A 4805 42.83 87.38 -6.45
N ASN A 4806 42.35 88.17 -5.49
CA ASN A 4806 41.53 87.64 -4.41
C ASN A 4806 40.23 87.03 -4.93
N PHE A 4807 39.71 87.53 -6.04
CA PHE A 4807 38.43 87.01 -6.54
C PHE A 4807 38.51 85.58 -7.04
N PHE A 4808 39.73 85.06 -7.24
CA PHE A 4808 39.85 83.66 -7.64
C PHE A 4808 39.48 82.71 -6.51
N PHE A 4809 39.34 83.24 -5.29
CA PHE A 4809 38.88 82.42 -4.17
C PHE A 4809 37.39 82.12 -4.26
N ALA A 4810 36.68 82.75 -5.19
CA ALA A 4810 35.26 82.48 -5.33
C ALA A 4810 35.02 81.07 -5.89
N ALA A 4811 35.99 80.54 -6.63
CA ALA A 4811 35.81 79.21 -7.22
C ALA A 4811 35.75 78.14 -6.14
N HIS A 4812 36.34 78.40 -4.98
CA HIS A 4812 36.33 77.42 -3.90
C HIS A 4812 34.94 77.25 -3.30
N LEU A 4813 34.04 78.19 -3.58
CA LEU A 4813 32.68 78.06 -3.09
C LEU A 4813 31.95 76.92 -3.78
N LEU A 4814 32.49 76.42 -4.89
CA LEU A 4814 31.86 75.30 -5.58
C LEU A 4814 32.06 74.01 -4.81
N ASP A 4815 32.97 74.01 -3.84
CA ASP A 4815 33.28 72.79 -3.12
C ASP A 4815 32.10 72.33 -2.27
N ILE A 4816 31.33 73.27 -1.73
CA ILE A 4816 30.19 72.89 -0.90
C ILE A 4816 29.15 72.17 -1.74
N ALA A 4817 29.12 72.44 -3.05
CA ALA A 4817 28.20 71.72 -3.93
C ALA A 4817 28.52 70.25 -3.97
N MET A 4818 29.78 69.90 -4.23
CA MET A 4818 30.16 68.49 -4.29
C MET A 4818 30.17 67.88 -2.90
N GLY A 4819 30.26 68.72 -1.86
CA GLY A 4819 30.19 68.20 -0.50
C GLY A 4819 28.83 67.64 -0.13
N VAL A 4820 27.77 68.28 -0.61
CA VAL A 4820 26.42 67.85 -0.25
C VAL A 4820 25.88 66.91 -1.31
N LYS A 4821 25.20 65.84 -0.87
CA LYS A 4821 24.74 64.81 -1.80
C LYS A 4821 23.71 65.35 -2.78
N THR A 4822 22.78 66.17 -2.30
CA THR A 4822 21.75 66.70 -3.18
C THR A 4822 22.36 67.57 -4.28
N LEU A 4823 23.29 68.45 -3.91
CA LEU A 4823 23.92 69.29 -4.92
C LEU A 4823 24.80 68.48 -5.86
N ARG A 4824 25.43 67.42 -5.33
CA ARG A 4824 26.21 66.54 -6.21
C ARG A 4824 25.31 65.85 -7.23
N THR A 4825 24.12 65.42 -6.80
CA THR A 4825 23.17 64.85 -7.75
C THR A 4825 22.71 65.89 -8.76
N ILE A 4826 22.53 67.13 -8.33
CA ILE A 4826 22.15 68.20 -9.25
C ILE A 4826 23.23 68.36 -10.32
N LEU A 4827 24.50 68.40 -9.90
CA LEU A 4827 25.59 68.52 -10.88
C LEU A 4827 25.66 67.31 -11.80
N SER A 4828 25.47 66.11 -11.24
CA SER A 4828 25.58 64.90 -12.05
C SER A 4828 24.41 64.76 -13.01
N SER A 4829 23.31 65.47 -12.74
CA SER A 4829 22.15 65.39 -13.62
C SER A 4829 22.46 65.97 -15.00
N VAL A 4830 23.27 67.03 -15.06
CA VAL A 4830 23.54 67.66 -16.35
C VAL A 4830 24.41 66.77 -17.23
N THR A 4831 25.13 65.83 -16.61
CA THR A 4831 25.97 64.93 -17.39
C THR A 4831 25.31 63.56 -17.55
N HIS A 4832 24.25 63.29 -16.78
CA HIS A 4832 23.59 62.00 -16.86
C HIS A 4832 23.00 61.75 -18.23
N ASN A 4833 22.44 62.79 -18.85
CA ASN A 4833 21.94 62.74 -20.22
C ASN A 4833 22.73 63.65 -21.15
N GLY A 4834 24.05 63.69 -21.00
CA GLY A 4834 24.84 64.69 -21.70
C GLY A 4834 24.80 64.55 -23.21
N LYS A 4835 24.83 63.31 -23.70
CA LYS A 4835 24.79 63.09 -25.14
C LYS A 4835 23.49 63.59 -25.74
N GLN A 4836 22.36 63.25 -25.11
CA GLN A 4836 21.08 63.74 -25.56
C GLN A 4836 21.01 65.26 -25.49
N LEU A 4837 21.55 65.85 -24.42
CA LEU A 4837 21.56 67.31 -24.29
C LEU A 4837 22.33 67.95 -25.43
N VAL A 4838 23.52 67.43 -25.73
CA VAL A 4838 24.33 68.01 -26.80
C VAL A 4838 23.60 67.88 -28.14
N MET A 4839 23.01 66.72 -28.40
CA MET A 4839 22.32 66.54 -29.68
C MET A 4839 21.12 67.46 -29.81
N THR A 4840 20.34 67.63 -28.74
CA THR A 4840 19.15 68.48 -28.86
C THR A 4840 19.53 69.95 -28.93
N VAL A 4841 20.63 70.34 -28.28
CA VAL A 4841 21.13 71.71 -28.45
C VAL A 4841 21.58 71.93 -29.88
N GLY A 4842 22.24 70.92 -30.47
CA GLY A 4842 22.61 71.02 -31.88
C GLY A 4842 21.40 71.15 -32.79
N LEU A 4843 20.34 70.40 -32.50
CA LEU A 4843 19.13 70.50 -33.30
C LEU A 4843 18.48 71.87 -33.15
N LEU A 4844 18.49 72.42 -31.94
CA LEU A 4844 17.98 73.78 -31.74
C LEU A 4844 18.79 74.78 -32.54
N ALA A 4845 20.12 74.63 -32.54
CA ALA A 4845 20.97 75.51 -33.33
C ALA A 4845 20.64 75.38 -34.82
N VAL A 4846 20.39 74.17 -35.29
CA VAL A 4846 20.09 73.96 -36.70
C VAL A 4846 18.77 74.63 -37.07
N VAL A 4847 17.73 74.45 -36.25
CA VAL A 4847 16.44 75.05 -36.59
C VAL A 4847 16.51 76.57 -36.52
N VAL A 4848 17.26 77.10 -35.55
CA VAL A 4848 17.43 78.54 -35.47
C VAL A 4848 18.20 79.05 -36.68
N TYR A 4849 19.16 78.26 -37.18
CA TYR A 4849 19.89 78.64 -38.38
C TYR A 4849 18.98 78.69 -39.60
N LEU A 4850 18.07 77.71 -39.72
CA LEU A 4850 17.13 77.74 -40.82
C LEU A 4850 16.22 78.97 -40.74
N TYR A 4851 15.74 79.29 -39.54
CA TYR A 4851 14.92 80.48 -39.38
C TYR A 4851 15.72 81.74 -39.72
N THR A 4852 17.00 81.75 -39.35
CA THR A 4852 17.86 82.88 -39.68
C THR A 4852 18.04 83.01 -41.18
N VAL A 4853 18.20 81.89 -41.88
CA VAL A 4853 18.31 81.93 -43.34
C VAL A 4853 17.05 82.52 -43.95
N VAL A 4854 15.89 82.09 -43.48
CA VAL A 4854 14.63 82.62 -44.02
C VAL A 4854 14.53 84.12 -43.76
N ALA A 4855 14.86 84.55 -42.54
CA ALA A 4855 14.79 85.97 -42.21
C ALA A 4855 15.76 86.79 -43.05
N PHE A 4856 16.98 86.27 -43.25
CA PHE A 4856 17.97 86.97 -44.05
C PHE A 4856 17.52 87.12 -45.49
N ASN A 4857 16.89 86.08 -46.04
CA ASN A 4857 16.43 86.18 -47.42
C ASN A 4857 15.25 87.13 -47.57
N PHE A 4858 14.27 87.08 -46.66
CA PHE A 4858 13.03 87.82 -46.90
C PHE A 4858 12.71 88.91 -45.89
N PHE A 4859 12.87 88.68 -44.59
CA PHE A 4859 12.35 89.58 -43.57
C PHE A 4859 13.40 90.53 -43.01
N ARG A 4860 14.32 91.02 -43.86
CA ARG A 4860 15.42 91.83 -43.38
C ARG A 4860 14.95 93.13 -42.77
N LYS A 4861 13.91 93.74 -43.34
CA LYS A 4861 13.52 95.09 -42.94
C LYS A 4861 13.06 95.14 -41.50
N PHE A 4862 12.39 94.09 -41.02
CA PHE A 4862 11.82 94.12 -39.68
C PHE A 4862 12.88 94.04 -38.60
N TYR A 4863 14.12 93.71 -38.98
CA TYR A 4863 15.12 93.36 -37.98
C TYR A 4863 15.91 94.57 -37.52
N ASN A 4864 15.50 95.77 -37.92
CA ASN A 4864 16.16 96.97 -37.45
C ASN A 4864 15.84 97.16 -35.98
N LYS A 4865 16.88 97.36 -35.17
CA LYS A 4865 16.73 97.52 -33.73
C LYS A 4865 17.05 98.93 -33.25
N SER A 4866 17.11 99.90 -34.15
CA SER A 4866 17.37 101.29 -33.79
C SER A 4866 16.12 102.11 -34.05
N GLU A 4867 15.66 102.83 -33.03
CA GLU A 4867 14.46 103.64 -33.17
C GLU A 4867 14.75 104.91 -33.96
N ASP A 4868 15.97 105.42 -33.88
CA ASP A 4868 16.30 106.67 -34.56
C ASP A 4868 16.39 106.47 -36.06
N GLU A 4869 15.79 107.39 -36.81
CA GLU A 4869 15.81 107.30 -38.27
C GLU A 4869 17.21 107.52 -38.82
N ASP A 4870 17.96 108.46 -38.24
CA ASP A 4870 19.26 108.81 -38.78
C ASP A 4870 20.25 107.65 -38.70
N GLU A 4871 20.31 106.97 -37.56
CA GLU A 4871 21.24 105.87 -37.39
C GLU A 4871 20.50 104.55 -37.26
N PRO A 4872 20.47 103.74 -38.30
CA PRO A 4872 19.89 102.40 -38.18
C PRO A 4872 20.93 101.34 -37.88
N ASP A 4873 20.55 100.30 -37.14
CA ASP A 4873 21.39 99.12 -36.97
C ASP A 4873 20.59 97.91 -37.43
N MET A 4874 21.23 97.04 -38.19
CA MET A 4874 20.56 95.91 -38.84
C MET A 4874 21.12 94.61 -38.28
N LYS A 4875 20.23 93.66 -38.00
CA LYS A 4875 20.68 92.36 -37.51
C LYS A 4875 20.84 91.37 -38.64
N CYS A 4876 19.92 91.37 -39.60
CA CYS A 4876 19.98 90.45 -40.74
C CYS A 4876 20.64 91.04 -41.97
N ASP A 4877 21.39 92.15 -41.84
CA ASP A 4877 22.19 92.58 -42.98
C ASP A 4877 23.37 91.64 -43.21
N ASP A 4878 23.77 90.91 -42.16
CA ASP A 4878 24.82 89.90 -42.25
C ASP A 4878 24.30 88.60 -41.66
N MET A 4879 24.58 87.49 -42.33
CA MET A 4879 24.05 86.20 -41.88
C MET A 4879 24.56 85.82 -40.50
N MET A 4880 25.86 86.02 -40.25
CA MET A 4880 26.41 85.70 -38.94
C MET A 4880 25.80 86.58 -37.86
N THR A 4881 25.64 87.87 -38.15
CA THR A 4881 25.02 88.77 -37.18
C THR A 4881 23.59 88.35 -36.87
N CYS A 4882 22.82 87.96 -37.90
CA CYS A 4882 21.44 87.60 -37.65
C CYS A 4882 21.34 86.26 -36.93
N TYR A 4883 22.25 85.33 -37.23
CA TYR A 4883 22.28 84.07 -36.49
C TYR A 4883 22.57 84.29 -35.02
N LEU A 4884 23.56 85.14 -34.73
CA LEU A 4884 23.87 85.45 -33.34
C LEU A 4884 22.70 86.16 -32.67
N PHE A 4885 22.05 87.08 -33.39
CA PHE A 4885 20.90 87.79 -32.84
C PHE A 4885 19.77 86.82 -32.50
N HIS A 4886 19.49 85.88 -33.39
CA HIS A 4886 18.48 84.88 -33.12
C HIS A 4886 18.84 84.07 -31.88
N MET A 4887 19.99 83.39 -31.91
CA MET A 4887 20.36 82.51 -30.80
C MET A 4887 20.48 83.28 -29.49
N TYR A 4888 20.66 84.60 -29.55
CA TYR A 4888 20.86 85.36 -28.33
C TYR A 4888 19.53 85.86 -27.76
N VAL A 4889 18.66 86.43 -28.59
CA VAL A 4889 17.45 87.08 -28.08
C VAL A 4889 16.21 86.25 -28.31
N GLY A 4890 16.10 85.55 -29.46
CA GLY A 4890 14.88 84.83 -29.74
C GLY A 4890 14.65 83.66 -28.80
N VAL A 4891 15.72 82.92 -28.49
CA VAL A 4891 15.61 81.78 -27.59
C VAL A 4891 15.25 82.24 -26.19
N ARG A 4892 15.84 83.34 -25.74
CA ARG A 4892 15.57 83.83 -24.39
C ARG A 4892 14.17 84.43 -24.29
N ALA A 4893 13.69 85.05 -25.37
CA ALA A 4893 12.39 85.71 -25.33
C ALA A 4893 11.27 84.70 -25.17
N GLY A 4894 10.28 85.06 -24.35
CA GLY A 4894 9.16 84.16 -24.13
C GLY A 4894 8.28 84.01 -25.35
N GLY A 4895 8.05 85.10 -26.08
CA GLY A 4895 7.21 85.02 -27.26
C GLY A 4895 7.98 84.60 -28.50
N GLY A 4896 9.29 84.49 -28.40
CA GLY A 4896 10.10 84.17 -29.54
C GLY A 4896 10.71 85.40 -30.17
N ILE A 4897 11.17 85.22 -31.41
CA ILE A 4897 11.82 86.31 -32.12
C ILE A 4897 10.82 87.41 -32.45
N GLY A 4898 9.55 87.03 -32.67
CA GLY A 4898 8.56 88.01 -33.08
C GLY A 4898 8.33 89.09 -32.04
N ASP A 4899 8.58 88.76 -30.77
CA ASP A 4899 8.53 89.78 -29.73
C ASP A 4899 9.58 90.84 -29.96
N GLU A 4900 10.80 90.42 -30.33
CA GLU A 4900 11.89 91.38 -30.51
C GLU A 4900 11.74 92.18 -31.79
N ILE A 4901 11.41 91.52 -32.91
CA ILE A 4901 11.43 92.24 -34.18
C ILE A 4901 10.14 93.04 -34.38
N GLU A 4902 10.16 93.90 -35.39
CA GLU A 4902 9.13 94.91 -35.57
C GLU A 4902 7.81 94.30 -36.05
N ASP A 4903 6.71 94.95 -35.67
CA ASP A 4903 5.38 94.45 -35.97
C ASP A 4903 5.14 94.48 -37.47
N PRO A 4904 4.68 93.38 -38.07
CA PRO A 4904 4.47 93.31 -39.52
C PRO A 4904 3.11 93.78 -40.01
N ALA A 4905 2.33 94.48 -39.19
CA ALA A 4905 0.99 94.86 -39.60
C ALA A 4905 1.03 95.75 -40.83
N GLY A 4906 0.10 95.50 -41.76
CA GLY A 4906 0.03 96.29 -42.98
C GLY A 4906 1.23 96.12 -43.90
N ASP A 4907 1.67 94.88 -44.09
CA ASP A 4907 2.79 94.59 -44.97
C ASP A 4907 2.41 93.41 -45.85
N GLU A 4908 3.00 93.37 -47.06
CA GLU A 4908 2.64 92.33 -48.02
C GLU A 4908 3.11 90.95 -47.54
N TYR A 4909 4.10 90.92 -46.65
CA TYR A 4909 4.63 89.68 -46.11
C TYR A 4909 4.05 89.36 -44.73
N GLU A 4910 2.93 89.99 -44.36
CA GLU A 4910 2.45 89.90 -42.99
C GLU A 4910 2.06 88.47 -42.63
N LEU A 4911 1.38 87.77 -43.53
CA LEU A 4911 0.92 86.42 -43.19
C LEU A 4911 2.08 85.45 -43.07
N TYR A 4912 3.01 85.49 -44.03
CA TYR A 4912 4.21 84.66 -43.91
C TYR A 4912 4.98 84.99 -42.65
N ARG A 4913 5.00 86.26 -42.26
CA ARG A 4913 5.77 86.65 -41.08
C ARG A 4913 5.11 86.17 -39.79
N VAL A 4914 3.78 86.24 -39.72
CA VAL A 4914 3.11 85.73 -38.52
C VAL A 4914 3.24 84.22 -38.44
N VAL A 4915 3.21 83.53 -39.59
CA VAL A 4915 3.48 82.09 -39.58
C VAL A 4915 4.89 81.82 -39.09
N PHE A 4916 5.86 82.62 -39.56
CA PHE A 4916 7.24 82.46 -39.17
C PHE A 4916 7.42 82.64 -37.66
N ASP A 4917 6.82 83.70 -37.10
CA ASP A 4917 6.93 83.95 -35.67
C ASP A 4917 6.25 82.85 -34.86
N ILE A 4918 5.04 82.44 -35.26
CA ILE A 4918 4.32 81.44 -34.49
C ILE A 4918 5.05 80.11 -34.52
N THR A 4919 5.55 79.70 -35.69
CA THR A 4919 6.28 78.44 -35.78
C THR A 4919 7.59 78.49 -35.00
N PHE A 4920 8.28 79.64 -35.03
CA PHE A 4920 9.48 79.79 -34.21
C PHE A 4920 9.15 79.61 -32.74
N PHE A 4921 8.11 80.30 -32.25
CA PHE A 4921 7.75 80.23 -30.84
C PHE A 4921 7.33 78.82 -30.46
N PHE A 4922 6.67 78.10 -31.38
CA PHE A 4922 6.24 76.75 -31.08
C PHE A 4922 7.42 75.78 -31.04
N PHE A 4923 8.27 75.80 -32.06
CA PHE A 4923 9.31 74.79 -32.18
C PHE A 4923 10.45 75.04 -31.21
N VAL A 4924 10.89 76.29 -31.07
CA VAL A 4924 12.08 76.61 -30.30
C VAL A 4924 11.75 76.94 -28.85
N ILE A 4925 10.90 77.94 -28.63
CA ILE A 4925 10.60 78.38 -27.27
C ILE A 4925 9.91 77.28 -26.47
N VAL A 4926 8.96 76.61 -27.09
CA VAL A 4926 8.13 75.62 -26.40
C VAL A 4926 8.76 74.24 -26.44
N ILE A 4927 8.87 73.66 -27.63
CA ILE A 4927 9.19 72.24 -27.74
C ILE A 4927 10.63 71.97 -27.34
N LEU A 4928 11.59 72.66 -27.96
CA LEU A 4928 12.99 72.31 -27.78
C LEU A 4928 13.51 72.73 -26.41
N LEU A 4929 13.16 73.93 -25.96
CA LEU A 4929 13.53 74.35 -24.61
C LEU A 4929 12.89 73.45 -23.57
N ALA A 4930 11.61 73.09 -23.78
CA ALA A 4930 10.95 72.18 -22.86
C ALA A 4930 11.65 70.83 -22.84
N ILE A 4931 12.15 70.37 -23.99
CA ILE A 4931 12.81 69.07 -24.05
C ILE A 4931 14.15 69.11 -23.32
N ILE A 4932 14.91 70.20 -23.47
CA ILE A 4932 16.18 70.31 -22.76
C ILE A 4932 15.95 70.36 -21.25
N GLN A 4933 14.99 71.20 -20.82
CA GLN A 4933 14.62 71.24 -19.41
C GLN A 4933 14.20 69.87 -18.92
N GLY A 4934 13.42 69.15 -19.72
CA GLY A 4934 12.98 67.83 -19.33
C GLY A 4934 14.14 66.87 -19.18
N LEU A 4935 15.11 66.93 -20.10
CA LEU A 4935 16.28 66.08 -19.96
C LEU A 4935 16.96 66.30 -18.62
N ILE A 4936 17.23 67.56 -18.27
CA ILE A 4936 17.91 67.83 -17.00
C ILE A 4936 17.07 67.38 -15.82
N ILE A 4937 15.78 67.75 -15.79
CA ILE A 4937 14.96 67.48 -14.62
C ILE A 4937 14.70 66.00 -14.47
N ASP A 4938 14.45 65.29 -15.57
CA ASP A 4938 14.25 63.86 -15.50
C ASP A 4938 15.52 63.13 -15.11
N ALA A 4939 16.70 63.64 -15.51
CA ALA A 4939 17.93 63.06 -15.01
C ALA A 4939 18.02 63.19 -13.49
N PHE A 4940 17.70 64.38 -12.97
CA PHE A 4940 17.70 64.59 -11.52
C PHE A 4940 16.73 63.61 -10.83
N GLY A 4941 15.49 63.58 -11.30
CA GLY A 4941 14.51 62.72 -10.67
C GLY A 4941 14.86 61.24 -10.78
N GLU A 4942 15.42 60.84 -11.91
CA GLU A 4942 15.80 59.45 -12.12
C GLU A 4942 16.91 59.04 -11.16
N LEU A 4943 17.88 59.93 -10.93
CA LEU A 4943 18.93 59.62 -9.96
C LEU A 4943 18.36 59.48 -8.56
N ARG A 4944 17.46 60.39 -8.17
CA ARG A 4944 16.86 60.29 -6.84
C ARG A 4944 16.03 59.00 -6.71
N ASP A 4945 15.30 58.64 -7.75
CA ASP A 4945 14.57 57.38 -7.74
C ASP A 4945 15.50 56.19 -7.66
N GLN A 4946 16.70 56.29 -8.25
CA GLN A 4946 17.67 55.22 -8.08
C GLN A 4946 18.09 55.07 -6.63
N GLN A 4947 18.33 56.19 -5.94
CA GLN A 4947 18.64 56.10 -4.52
C GLN A 4947 17.52 55.41 -3.75
N GLU A 4948 16.28 55.86 -3.96
CA GLU A 4948 15.15 55.28 -3.25
C GLU A 4948 14.97 53.80 -3.59
N GLN A 4949 15.19 53.43 -4.85
CA GLN A 4949 15.05 52.04 -5.26
C GLN A 4949 16.11 51.16 -4.64
N VAL A 4950 17.34 51.66 -4.52
CA VAL A 4950 18.38 50.88 -3.86
C VAL A 4950 18.00 50.65 -2.40
N LYS A 4951 17.52 51.70 -1.72
CA LYS A 4951 17.10 51.53 -0.34
C LYS A 4951 15.96 50.51 -0.23
N GLU A 4952 14.98 50.59 -1.13
CA GLU A 4952 13.85 49.69 -1.09
C GLU A 4952 14.28 48.24 -1.34
N ASP A 4953 15.19 48.04 -2.29
CA ASP A 4953 15.66 46.70 -2.58
C ASP A 4953 16.41 46.11 -1.39
N MET A 4954 17.21 46.93 -0.71
CA MET A 4954 17.86 46.47 0.51
C MET A 4954 16.83 46.08 1.57
N GLU A 4955 15.76 46.85 1.68
CA GLU A 4955 14.74 46.53 2.68
C GLU A 4955 13.94 45.29 2.30
N THR A 4956 13.86 44.98 1.00
CA THR A 4956 12.95 43.92 0.57
C THR A 4956 13.65 42.57 0.46
N LYS A 4957 14.90 42.55 0.01
CA LYS A 4957 15.57 41.27 -0.20
C LYS A 4957 16.82 41.18 0.66
N CYS A 4958 17.17 39.96 1.04
CA CYS A 4958 18.45 39.71 1.68
C CYS A 4958 19.57 39.89 0.66
N PHE A 4959 20.64 40.57 1.07
CA PHE A 4959 21.70 40.92 0.13
C PHE A 4959 22.51 39.70 -0.25
N ILE A 4960 22.51 38.67 0.59
CA ILE A 4960 23.36 37.50 0.34
C ILE A 4960 22.60 36.44 -0.45
N CYS A 4961 21.45 36.00 0.05
CA CYS A 4961 20.74 34.88 -0.54
C CYS A 4961 19.68 35.28 -1.54
N GLY A 4962 19.25 36.53 -1.57
CA GLY A 4962 18.32 36.99 -2.58
C GLY A 4962 16.86 36.66 -2.33
N ILE A 4963 16.54 36.04 -1.20
CA ILE A 4963 15.16 35.71 -0.90
C ILE A 4963 14.45 36.96 -0.38
N GLY A 4964 13.21 37.16 -0.83
CA GLY A 4964 12.48 38.35 -0.46
C GLY A 4964 12.10 38.36 1.01
N SER A 4965 11.73 39.55 1.49
CA SER A 4965 11.38 39.71 2.90
C SER A 4965 10.11 38.95 3.25
N ASP A 4966 9.22 38.75 2.28
CA ASP A 4966 7.90 38.20 2.57
C ASP A 4966 8.01 36.78 3.13
N TYR A 4967 8.93 35.98 2.60
CA TYR A 4967 9.05 34.61 3.08
C TYR A 4967 9.46 34.57 4.55
N PHE A 4968 10.39 35.44 4.94
CA PHE A 4968 10.83 35.48 6.33
C PHE A 4968 9.80 36.14 7.23
N ASP A 4969 8.99 37.03 6.67
CA ASP A 4969 8.12 37.88 7.50
C ASP A 4969 6.95 37.10 8.08
N THR A 4970 6.73 35.87 7.61
CA THR A 4970 5.70 35.03 8.21
C THR A 4970 5.95 34.87 9.71
N THR A 4971 7.17 34.52 10.07
CA THR A 4971 7.58 34.66 11.46
C THR A 4971 7.79 36.14 11.77
N PRO A 4972 7.25 36.63 12.90
CA PRO A 4972 7.43 38.06 13.23
C PRO A 4972 8.89 38.43 13.34
N HIS A 4973 9.22 39.61 12.81
CA HIS A 4973 10.60 40.11 12.72
C HIS A 4973 11.51 39.10 12.00
N GLY A 4974 10.93 38.28 11.12
CA GLY A 4974 11.71 37.23 10.48
C GLY A 4974 12.81 37.77 9.60
N PHE A 4975 12.49 38.75 8.75
CA PHE A 4975 13.50 39.34 7.89
C PHE A 4975 14.56 40.07 8.71
N GLU A 4976 14.14 40.77 9.76
CA GLU A 4976 15.10 41.48 10.60
C GLU A 4976 16.09 40.51 11.23
N THR A 4977 15.59 39.39 11.77
CA THR A 4977 16.49 38.39 12.34
C THR A 4977 17.38 37.76 11.26
N HIS A 4978 16.81 37.48 10.10
CA HIS A 4978 17.59 36.86 9.03
C HIS A 4978 18.75 37.75 8.60
N THR A 4979 18.50 39.05 8.48
CA THR A 4979 19.57 39.96 8.08
C THR A 4979 20.53 40.24 9.23
N LEU A 4980 20.03 40.18 10.48
CA LEU A 4980 20.87 40.57 11.60
C LEU A 4980 21.83 39.46 12.00
N GLU A 4981 21.33 38.23 12.19
CA GLU A 4981 22.23 37.14 12.55
C GLU A 4981 22.52 36.19 11.39
N GLU A 4982 21.50 35.63 10.75
CA GLU A 4982 21.72 34.49 9.86
C GLU A 4982 22.56 34.87 8.64
N HIS A 4983 22.24 35.97 7.98
CA HIS A 4983 22.92 36.34 6.73
C HIS A 4983 23.48 37.75 6.75
N ASN A 4984 24.19 38.12 7.81
CA ASN A 4984 24.75 39.47 7.91
C ASN A 4984 26.02 39.58 7.08
N LEU A 4985 26.04 40.51 6.12
CA LEU A 4985 27.23 40.69 5.31
C LEU A 4985 28.41 41.16 6.16
N ALA A 4986 28.12 41.90 7.24
CA ALA A 4986 29.17 42.22 8.19
C ALA A 4986 29.75 40.95 8.79
N ASN A 4987 28.90 39.97 9.09
CA ASN A 4987 29.38 38.70 9.60
C ASN A 4987 30.21 37.96 8.57
N TYR A 4988 29.84 38.07 7.29
CA TYR A 4988 30.66 37.44 6.25
C TYR A 4988 32.03 38.07 6.16
N MET A 4989 32.10 39.41 6.23
CA MET A 4989 33.41 40.07 6.23
C MET A 4989 34.22 39.67 7.45
N PHE A 4990 33.56 39.60 8.61
CA PHE A 4990 34.25 39.19 9.83
C PHE A 4990 34.78 37.78 9.71
N PHE A 4991 34.01 36.89 9.08
CA PHE A 4991 34.49 35.53 8.85
C PHE A 4991 35.71 35.53 7.95
N LEU A 4992 35.71 36.37 6.92
CA LEU A 4992 36.88 36.43 6.05
C LEU A 4992 38.12 36.89 6.82
N MET A 4993 37.97 37.95 7.63
CA MET A 4993 39.12 38.41 8.42
C MET A 4993 39.58 37.34 9.41
N TYR A 4994 38.62 36.67 10.04
CA TYR A 4994 38.95 35.62 11.01
C TYR A 4994 39.70 34.47 10.33
N LEU A 4995 39.28 34.11 9.11
CA LEU A 4995 39.99 33.09 8.36
C LEU A 4995 41.40 33.54 8.03
N ILE A 4996 41.57 34.81 7.64
CA ILE A 4996 42.90 35.30 7.31
C ILE A 4996 43.82 35.25 8.53
N ASN A 4997 43.32 35.68 9.69
CA ASN A 4997 44.18 35.72 10.88
C ASN A 4997 44.44 34.32 11.43
N LYS A 4998 43.46 33.42 11.33
CA LYS A 4998 43.61 32.09 11.91
C LYS A 4998 44.64 31.28 11.14
N ASP A 4999 45.25 30.33 11.83
CA ASP A 4999 46.24 29.45 11.22
C ASP A 4999 45.56 28.38 10.37
N GLU A 5000 46.20 28.06 9.25
CA GLU A 5000 45.66 27.05 8.35
C GLU A 5000 45.59 25.69 9.03
N THR A 5001 46.60 25.36 9.82
CA THR A 5001 46.57 24.11 10.58
C THR A 5001 45.47 24.13 11.64
N GLU A 5002 45.04 25.32 12.04
CA GLU A 5002 44.00 25.43 13.06
C GLU A 5002 42.61 25.49 12.44
N HIS A 5003 42.54 25.69 11.12
CA HIS A 5003 41.25 25.74 10.44
C HIS A 5003 40.47 24.44 10.65
N THR A 5004 39.18 24.57 10.88
CA THR A 5004 38.30 23.40 10.93
C THR A 5004 37.97 22.93 9.51
N GLY A 5005 37.10 21.94 9.42
CA GLY A 5005 36.73 21.43 8.10
C GLY A 5005 36.01 22.44 7.25
N GLN A 5006 34.96 23.05 7.80
CA GLN A 5006 34.20 24.06 7.07
C GLN A 5006 35.05 25.28 6.79
N GLU A 5007 35.86 25.70 7.76
CA GLU A 5007 36.73 26.85 7.55
C GLU A 5007 37.74 26.58 6.44
N SER A 5008 38.32 25.38 6.42
CA SER A 5008 39.26 25.03 5.35
C SER A 5008 38.56 24.98 4.00
N TYR A 5009 37.34 24.46 3.97
CA TYR A 5009 36.59 24.40 2.72
C TYR A 5009 36.34 25.80 2.17
N VAL A 5010 35.88 26.71 3.03
CA VAL A 5010 35.61 28.08 2.59
C VAL A 5010 36.90 28.78 2.20
N TRP A 5011 37.98 28.52 2.92
CA TRP A 5011 39.28 29.11 2.59
C TRP A 5011 39.77 28.66 1.22
N LYS A 5012 39.60 27.37 0.92
CA LYS A 5012 39.99 26.86 -0.39
C LYS A 5012 39.16 27.48 -1.50
N MET A 5013 37.83 27.58 -1.28
CA MET A 5013 37.00 28.25 -2.28
C MET A 5013 37.43 29.70 -2.48
N TYR A 5014 37.76 30.38 -1.39
CA TYR A 5014 38.16 31.78 -1.46
C TYR A 5014 39.46 31.96 -2.24
N GLN A 5015 40.46 31.14 -1.96
CA GLN A 5015 41.72 31.26 -2.71
C GLN A 5015 41.54 30.83 -4.15
N GLU A 5016 40.58 29.95 -4.42
CA GLU A 5016 40.27 29.59 -5.80
C GLU A 5016 39.38 30.63 -6.47
N ARG A 5017 38.93 31.64 -5.74
CA ARG A 5017 38.02 32.68 -6.24
C ARG A 5017 36.72 32.07 -6.77
N CYS A 5018 36.25 31.03 -6.09
CA CYS A 5018 34.97 30.41 -6.41
C CYS A 5018 33.99 30.71 -5.28
N TRP A 5019 32.85 31.29 -5.64
CA TRP A 5019 31.90 31.82 -4.66
C TRP A 5019 30.70 30.91 -4.47
N ASP A 5020 30.86 29.60 -4.67
CA ASP A 5020 29.73 28.70 -4.56
C ASP A 5020 29.33 28.49 -3.10
N PHE A 5021 30.21 28.86 -2.16
CA PHE A 5021 29.89 28.63 -0.75
C PHE A 5021 28.85 29.63 -0.24
N PHE A 5022 28.72 30.76 -0.93
CA PHE A 5022 27.68 31.71 -0.55
C PHE A 5022 26.31 31.10 -0.80
N PRO A 5023 25.40 31.17 0.17
CA PRO A 5023 24.04 30.69 -0.07
C PRO A 5023 23.37 31.50 -1.15
N ALA A 5024 22.73 30.81 -2.10
CA ALA A 5024 22.12 31.43 -3.26
C ALA A 5024 20.70 30.91 -3.40
N GLY A 5025 19.72 31.74 -3.04
CA GLY A 5025 18.34 31.32 -3.09
C GLY A 5025 17.97 30.24 -2.11
N ASP A 5026 18.79 30.01 -1.09
CA ASP A 5026 18.52 28.99 -0.09
C ASP A 5026 18.93 29.49 1.28
N CYS A 5027 18.23 29.00 2.30
CA CYS A 5027 18.46 29.42 3.68
C CYS A 5027 18.39 28.20 4.59
N PHE A 5028 18.99 28.33 5.77
CA PHE A 5028 18.91 27.27 6.76
C PHE A 5028 17.47 27.01 7.17
N ARG A 5029 16.70 28.07 7.39
CA ARG A 5029 15.32 27.89 7.83
C ARG A 5029 14.43 27.43 6.68
N LYS A 5030 14.85 27.70 5.43
CA LYS A 5030 14.09 27.20 4.29
C LYS A 5030 14.36 25.72 4.05
N GLN A 5031 15.61 25.30 4.21
CA GLN A 5031 15.96 23.91 3.94
C GLN A 5031 15.43 22.98 5.03
N TYR A 5032 15.48 23.40 6.29
CA TYR A 5032 15.06 22.58 7.41
C TYR A 5032 13.69 22.98 7.94
N GLU A 5033 12.82 23.53 7.10
CA GLU A 5033 11.56 24.08 7.59
C GLU A 5033 10.67 23.00 8.20
N ASP A 5034 10.60 21.83 7.57
CA ASP A 5034 9.75 20.77 8.10
C ASP A 5034 10.26 20.25 9.44
N GLN A 5035 11.58 20.04 9.54
CA GLN A 5035 12.14 19.54 10.80
C GLN A 5035 12.01 20.58 11.91
N LEU A 5036 12.19 21.86 11.57
CA LEU A 5036 11.99 22.91 12.57
C LEU A 5036 10.54 22.98 13.02
N SER A 5037 9.61 22.82 12.07
CA SER A 5037 8.19 22.83 12.41
C SER A 5037 7.72 21.48 12.93
N GLY B 2 119.85 -43.78 24.47
CA GLY B 2 118.87 -43.69 23.40
C GLY B 2 119.03 -42.44 22.57
N VAL B 3 120.12 -41.72 22.81
CA VAL B 3 120.54 -40.61 21.97
C VAL B 3 121.86 -40.98 21.31
N GLN B 4 121.84 -41.14 20.00
CA GLN B 4 123.04 -41.42 19.22
C GLN B 4 123.54 -40.11 18.64
N VAL B 5 124.80 -39.79 18.92
CA VAL B 5 125.42 -38.56 18.46
C VAL B 5 126.40 -38.93 17.36
N GLU B 6 126.14 -38.45 16.14
CA GLU B 6 127.00 -38.68 15.00
C GLU B 6 127.52 -37.33 14.53
N THR B 7 128.84 -37.17 14.54
CA THR B 7 129.44 -35.86 14.26
C THR B 7 129.31 -35.49 12.80
N ILE B 8 129.00 -34.23 12.54
CA ILE B 8 128.94 -33.67 11.20
C ILE B 8 130.17 -32.82 10.90
N SER B 9 130.49 -31.88 11.79
CA SER B 9 131.67 -31.05 11.67
C SER B 9 132.33 -31.01 13.05
N PRO B 10 133.60 -31.37 13.15
CA PRO B 10 134.25 -31.44 14.46
C PRO B 10 134.40 -30.07 15.09
N GLY B 11 134.34 -30.05 16.42
CA GLY B 11 134.62 -28.86 17.19
C GLY B 11 136.03 -28.87 17.75
N ASP B 12 136.23 -28.04 18.78
CA ASP B 12 137.53 -28.02 19.44
C ASP B 12 137.79 -29.29 20.24
N GLY B 13 136.75 -29.88 20.82
CA GLY B 13 136.88 -31.15 21.51
C GLY B 13 137.50 -31.08 22.89
N ARG B 14 137.67 -29.89 23.46
CA ARG B 14 138.25 -29.77 24.79
C ARG B 14 137.24 -29.35 25.85
N THR B 15 136.40 -28.36 25.55
CA THR B 15 135.44 -27.85 26.52
C THR B 15 134.04 -28.37 26.22
N PHE B 16 133.47 -29.11 27.17
CA PHE B 16 132.15 -29.69 27.04
C PHE B 16 131.21 -29.01 28.03
N PRO B 17 129.93 -28.94 27.72
CA PRO B 17 128.99 -28.30 28.64
C PRO B 17 128.75 -29.15 29.88
N LYS B 18 129.03 -28.55 31.03
CA LYS B 18 128.83 -29.20 32.32
C LYS B 18 127.52 -28.71 32.94
N ARG B 19 127.15 -29.33 34.06
CA ARG B 19 125.89 -29.00 34.71
C ARG B 19 125.92 -27.57 35.22
N GLY B 20 124.79 -26.88 35.06
CA GLY B 20 124.69 -25.49 35.46
C GLY B 20 125.26 -24.48 34.49
N GLN B 21 125.44 -24.86 33.23
CA GLN B 21 125.99 -23.96 32.22
C GLN B 21 125.00 -23.79 31.08
N THR B 22 124.73 -22.55 30.71
CA THR B 22 123.80 -22.27 29.63
C THR B 22 124.47 -22.52 28.28
N CYS B 23 123.78 -23.25 27.41
CA CYS B 23 124.30 -23.62 26.10
C CYS B 23 123.54 -22.85 25.03
N VAL B 24 124.29 -22.30 24.07
CA VAL B 24 123.74 -21.58 22.93
C VAL B 24 123.86 -22.47 21.71
N VAL B 25 122.73 -22.87 21.14
CA VAL B 25 122.72 -23.83 20.04
C VAL B 25 121.82 -23.33 18.92
N HIS B 26 122.18 -23.73 17.70
CA HIS B 26 121.30 -23.66 16.53
C HIS B 26 120.95 -25.08 16.13
N TYR B 27 119.66 -25.35 16.01
CA TYR B 27 119.18 -26.69 15.71
C TYR B 27 118.18 -26.65 14.58
N THR B 28 118.05 -27.79 13.89
CA THR B 28 117.06 -27.98 12.84
C THR B 28 116.50 -29.38 13.00
N GLY B 29 115.34 -29.50 13.61
CA GLY B 29 114.76 -30.78 13.93
C GLY B 29 113.80 -31.25 12.85
N MET B 30 113.87 -32.54 12.55
CA MET B 30 112.96 -33.19 11.62
C MET B 30 112.55 -34.53 12.19
N LEU B 31 111.36 -35.00 11.81
CA LEU B 31 111.00 -36.38 12.06
C LEU B 31 111.93 -37.30 11.30
N GLU B 32 112.12 -38.51 11.80
CA GLU B 32 113.15 -39.39 11.26
C GLU B 32 112.88 -39.74 9.80
N ASP B 33 111.61 -39.84 9.40
CA ASP B 33 111.30 -40.09 8.00
C ASP B 33 111.66 -38.92 7.09
N GLY B 34 111.99 -37.75 7.65
CA GLY B 34 112.52 -36.66 6.85
C GLY B 34 111.66 -35.40 6.79
N LYS B 35 110.58 -35.36 7.56
CA LYS B 35 109.70 -34.19 7.57
C LYS B 35 110.17 -33.23 8.64
N LYS B 36 110.68 -32.08 8.21
CA LYS B 36 111.12 -31.03 9.11
C LYS B 36 109.95 -30.47 9.92
N PHE B 37 110.20 -30.17 11.19
CA PHE B 37 109.18 -29.55 12.04
C PHE B 37 109.68 -28.36 12.84
N ASP B 38 110.99 -28.17 13.00
CA ASP B 38 111.50 -27.05 13.78
C ASP B 38 112.90 -26.69 13.30
N SER B 39 113.25 -25.41 13.46
CA SER B 39 114.62 -24.95 13.24
C SER B 39 114.75 -23.55 13.82
N SER B 40 115.81 -23.33 14.60
CA SER B 40 116.11 -21.99 15.08
C SER B 40 116.69 -21.10 13.98
N ARG B 41 117.16 -21.71 12.88
CA ARG B 41 117.68 -20.92 11.77
C ARG B 41 116.58 -20.07 11.15
N ASP B 42 115.39 -20.64 10.98
CA ASP B 42 114.28 -19.90 10.38
C ASP B 42 113.91 -18.68 11.21
N ARG B 43 113.86 -18.85 12.54
CA ARG B 43 113.59 -17.72 13.42
C ARG B 43 114.78 -16.78 13.55
N ASN B 44 115.95 -17.16 13.02
CA ASN B 44 117.14 -16.32 13.05
C ASN B 44 117.52 -15.91 14.47
N LYS B 45 117.35 -16.83 15.42
CA LYS B 45 117.64 -16.55 16.81
C LYS B 45 118.13 -17.82 17.50
N PRO B 46 119.34 -17.83 18.03
CA PRO B 46 119.85 -19.05 18.68
C PRO B 46 119.01 -19.44 19.87
N PHE B 47 118.90 -20.74 20.09
CA PHE B 47 118.13 -21.28 21.20
C PHE B 47 119.02 -21.44 22.42
N LYS B 48 118.57 -20.91 23.55
CA LYS B 48 119.34 -20.93 24.79
C LYS B 48 118.67 -21.83 25.81
N PHE B 49 119.46 -22.74 26.38
CA PHE B 49 118.97 -23.63 27.41
C PHE B 49 120.09 -23.90 28.40
N MET B 50 119.69 -24.25 29.62
CA MET B 50 120.61 -24.49 30.72
C MET B 50 120.43 -25.93 31.21
N LEU B 51 121.52 -26.68 31.28
CA LEU B 51 121.42 -28.09 31.60
C LEU B 51 120.94 -28.31 33.03
N GLY B 52 120.22 -29.41 33.24
CA GLY B 52 119.83 -29.84 34.56
C GLY B 52 118.53 -29.26 35.08
N LYS B 53 117.89 -28.35 34.34
CA LYS B 53 116.59 -27.83 34.74
C LYS B 53 115.44 -28.53 34.03
N GLN B 54 115.74 -29.54 33.19
CA GLN B 54 114.73 -30.30 32.46
C GLN B 54 113.83 -29.38 31.64
N GLU B 55 114.38 -28.26 31.20
CA GLU B 55 113.63 -27.33 30.34
C GLU B 55 113.41 -27.90 28.95
N VAL B 56 114.29 -28.80 28.50
CA VAL B 56 114.15 -29.43 27.18
C VAL B 56 113.97 -30.92 27.36
N ILE B 57 113.79 -31.64 26.25
CA ILE B 57 113.61 -33.08 26.33
C ILE B 57 114.89 -33.75 26.82
N ARG B 58 114.73 -34.85 27.54
CA ARG B 58 115.87 -35.51 28.17
C ARG B 58 116.79 -36.16 27.14
N GLY B 59 116.32 -36.33 25.90
CA GLY B 59 117.22 -36.73 24.83
C GLY B 59 118.26 -35.68 24.52
N TRP B 60 117.87 -34.41 24.54
CA TRP B 60 118.81 -33.32 24.29
C TRP B 60 119.85 -33.18 25.38
N GLU B 61 119.51 -33.51 26.63
CA GLU B 61 120.43 -33.29 27.73
C GLU B 61 121.73 -34.06 27.55
N GLU B 62 121.62 -35.36 27.22
CA GLU B 62 122.80 -36.18 27.05
C GLU B 62 123.48 -35.91 25.71
N GLY B 63 122.68 -35.63 24.67
CA GLY B 63 123.27 -35.40 23.35
C GLY B 63 124.14 -34.16 23.31
N VAL B 64 123.64 -33.05 23.87
CA VAL B 64 124.41 -31.81 23.88
C VAL B 64 125.62 -31.94 24.80
N ALA B 65 125.47 -32.63 25.93
CA ALA B 65 126.57 -32.77 26.86
C ALA B 65 127.77 -33.49 26.24
N GLN B 66 127.52 -34.34 25.26
CA GLN B 66 128.60 -35.04 24.56
C GLN B 66 129.27 -34.18 23.50
N MET B 67 128.65 -33.09 23.08
CA MET B 67 129.18 -32.23 22.03
C MET B 67 130.11 -31.18 22.63
N SER B 68 131.08 -30.77 21.82
CA SER B 68 132.03 -29.73 22.20
C SER B 68 131.61 -28.40 21.59
N VAL B 69 132.26 -27.33 22.06
CA VAL B 69 131.95 -26.00 21.56
C VAL B 69 132.38 -25.88 20.10
N GLY B 70 131.47 -25.41 19.26
CA GLY B 70 131.73 -25.29 17.84
C GLY B 70 131.48 -26.56 17.05
N GLN B 71 131.15 -27.65 17.71
CA GLN B 71 130.89 -28.91 17.02
C GLN B 71 129.46 -28.94 16.49
N ARG B 72 129.31 -29.40 15.26
CA ARG B 72 128.00 -29.62 14.66
C ARG B 72 127.79 -31.12 14.52
N ALA B 73 126.73 -31.63 15.15
CA ALA B 73 126.50 -33.06 15.21
C ALA B 73 125.03 -33.36 14.97
N LYS B 74 124.76 -34.60 14.57
CA LYS B 74 123.40 -35.08 14.32
C LYS B 74 122.99 -35.95 15.50
N LEU B 75 121.85 -35.61 16.10
CA LEU B 75 121.33 -36.34 17.26
C LEU B 75 120.07 -37.09 16.87
N THR B 76 120.05 -38.40 17.13
CA THR B 76 118.88 -39.23 16.92
C THR B 76 118.30 -39.60 18.28
N ILE B 77 117.04 -39.22 18.52
CA ILE B 77 116.40 -39.36 19.82
C ILE B 77 115.27 -40.37 19.71
N SER B 78 115.37 -41.44 20.49
CA SER B 78 114.31 -42.44 20.55
C SER B 78 113.10 -41.87 21.29
N PRO B 79 111.90 -42.39 21.04
CA PRO B 79 110.70 -41.78 21.64
C PRO B 79 110.71 -41.74 23.16
N ASP B 80 111.28 -42.75 23.83
CA ASP B 80 111.36 -42.70 25.29
C ASP B 80 112.24 -41.54 25.75
N TYR B 81 113.29 -41.24 24.98
CA TYR B 81 114.10 -40.06 25.19
C TYR B 81 113.44 -38.80 24.61
N ALA B 82 112.26 -38.93 24.02
CA ALA B 82 111.54 -37.82 23.43
C ALA B 82 110.14 -37.72 24.03
N TYR B 83 109.26 -36.95 23.40
CA TYR B 83 107.90 -36.80 23.88
C TYR B 83 107.19 -38.14 24.04
N GLY B 84 107.52 -39.13 23.21
CA GLY B 84 107.08 -40.49 23.45
C GLY B 84 105.66 -40.80 23.05
N ALA B 85 104.97 -41.60 23.87
CA ALA B 85 103.63 -42.07 23.53
C ALA B 85 102.65 -40.91 23.41
N THR B 86 102.70 -39.96 24.35
CA THR B 86 101.83 -38.80 24.27
C THR B 86 102.16 -37.95 23.05
N GLY B 87 103.44 -37.71 22.81
CA GLY B 87 103.84 -36.88 21.69
C GLY B 87 103.50 -35.42 21.92
N HIS B 88 103.78 -34.62 20.90
CA HIS B 88 103.40 -33.22 20.91
C HIS B 88 102.14 -33.06 20.07
N PRO B 89 101.00 -32.70 20.66
CA PRO B 89 99.73 -32.73 19.92
C PRO B 89 99.76 -31.87 18.68
N GLY B 90 99.59 -32.51 17.53
CA GLY B 90 99.57 -31.82 16.26
C GLY B 90 100.93 -31.47 15.70
N ILE B 91 102.02 -31.87 16.36
CA ILE B 91 103.34 -31.41 15.94
C ILE B 91 104.26 -32.62 15.75
N ILE B 92 104.43 -33.43 16.79
CA ILE B 92 105.10 -34.73 16.71
C ILE B 92 104.04 -35.81 16.86
N PRO B 93 103.95 -36.76 15.92
CA PRO B 93 103.06 -37.91 16.10
C PRO B 93 103.55 -38.82 17.21
N PRO B 94 102.66 -39.60 17.82
CA PRO B 94 103.09 -40.51 18.89
C PRO B 94 104.10 -41.54 18.39
N HIS B 95 105.04 -41.89 19.28
CA HIS B 95 106.07 -42.89 18.99
C HIS B 95 106.90 -42.50 17.77
N ALA B 96 107.39 -41.27 17.78
CA ALA B 96 108.17 -40.74 16.67
C ALA B 96 109.61 -40.57 17.10
N THR B 97 110.53 -41.05 16.26
CA THR B 97 111.96 -40.85 16.48
C THR B 97 112.37 -39.51 15.91
N LEU B 98 113.03 -38.69 16.73
CA LEU B 98 113.39 -37.34 16.35
C LEU B 98 114.85 -37.27 15.94
N VAL B 99 115.13 -36.57 14.84
CA VAL B 99 116.48 -36.36 14.34
C VAL B 99 116.77 -34.87 14.37
N PHE B 100 117.87 -34.50 15.01
CA PHE B 100 118.23 -33.10 15.19
C PHE B 100 119.62 -32.84 14.62
N ASP B 101 119.77 -31.68 13.98
CA ASP B 101 121.05 -31.20 13.48
C ASP B 101 121.40 -30.00 14.39
N VAL B 102 122.18 -30.27 15.43
CA VAL B 102 122.45 -29.30 16.49
C VAL B 102 123.90 -28.83 16.35
N GLU B 103 124.09 -27.52 16.38
CA GLU B 103 125.41 -26.90 16.38
C GLU B 103 125.58 -26.12 17.68
N LEU B 104 126.58 -26.49 18.47
CA LEU B 104 126.83 -25.85 19.76
C LEU B 104 127.63 -24.59 19.52
N LEU B 105 126.95 -23.45 19.46
CA LEU B 105 127.61 -22.19 19.13
C LEU B 105 128.61 -21.80 20.22
N LYS B 106 128.17 -21.75 21.47
CA LYS B 106 129.01 -21.25 22.56
C LYS B 106 128.31 -21.55 23.88
N LEU B 107 129.07 -21.46 24.96
CA LEU B 107 128.58 -21.77 26.30
C LEU B 107 128.65 -20.54 27.18
N GLU B 108 127.64 -20.38 28.03
CA GLU B 108 127.59 -19.23 28.92
C GLU B 108 126.71 -19.51 30.14
N GLY C 2 11.70 -64.34 -111.26
CA GLY C 2 10.32 -64.25 -110.85
C GLY C 2 9.63 -62.99 -111.34
N VAL C 3 9.98 -62.56 -112.55
CA VAL C 3 9.41 -61.37 -113.17
C VAL C 3 8.69 -61.77 -114.45
N GLN C 4 7.39 -61.47 -114.51
CA GLN C 4 6.61 -61.65 -115.71
C GLN C 4 6.46 -60.30 -116.41
N VAL C 5 6.85 -60.24 -117.67
CA VAL C 5 6.79 -59.02 -118.46
C VAL C 5 5.61 -59.16 -119.43
N GLU C 6 4.61 -58.30 -119.27
CA GLU C 6 3.45 -58.28 -120.15
C GLU C 6 3.42 -56.93 -120.86
N THR C 7 3.48 -56.96 -122.19
CA THR C 7 3.62 -55.74 -122.95
C THR C 7 2.34 -54.92 -122.94
N ILE C 8 2.50 -53.61 -122.84
CA ILE C 8 1.38 -52.67 -122.92
C ILE C 8 1.36 -51.94 -124.27
N SER C 9 2.50 -51.37 -124.67
CA SER C 9 2.65 -50.72 -125.95
C SER C 9 3.97 -51.19 -126.54
N PRO C 10 3.97 -51.73 -127.76
CA PRO C 10 5.21 -52.26 -128.33
C PRO C 10 6.22 -51.18 -128.61
N GLY C 11 7.50 -51.54 -128.50
CA GLY C 11 8.60 -50.70 -128.88
C GLY C 11 9.15 -51.07 -130.24
N ASP C 12 10.38 -50.62 -130.51
CA ASP C 12 11.03 -50.99 -131.77
C ASP C 12 11.40 -52.47 -131.80
N GLY C 13 11.77 -53.05 -130.66
CA GLY C 13 12.03 -54.46 -130.59
C GLY C 13 13.36 -54.90 -131.14
N ARG C 14 14.28 -53.99 -131.42
CA ARG C 14 15.59 -54.36 -131.95
C ARG C 14 16.71 -54.15 -130.95
N THR C 15 16.75 -52.99 -130.29
CA THR C 15 17.83 -52.68 -129.36
C THR C 15 17.38 -52.90 -127.92
N PHE C 16 18.06 -53.80 -127.23
CA PHE C 16 17.75 -54.15 -125.85
C PHE C 16 18.89 -53.68 -124.95
N PRO C 17 18.59 -53.37 -123.69
CA PRO C 17 19.65 -52.91 -122.78
C PRO C 17 20.57 -54.06 -122.38
N LYS C 18 21.86 -53.86 -122.62
CA LYS C 18 22.89 -54.81 -122.23
C LYS C 18 23.58 -54.33 -120.97
N ARG C 19 24.42 -55.19 -120.40
CA ARG C 19 25.12 -54.85 -119.18
C ARG C 19 26.07 -53.67 -119.42
N GLY C 20 26.17 -52.79 -118.43
CA GLY C 20 27.01 -51.62 -118.57
C GLY C 20 26.40 -50.48 -119.36
N GLN C 21 25.07 -50.45 -119.50
CA GLN C 21 24.38 -49.39 -120.21
C GLN C 21 23.35 -48.75 -119.28
N THR C 22 23.26 -47.43 -119.31
CA THR C 22 22.31 -46.73 -118.45
C THR C 22 20.96 -46.62 -119.15
N CYS C 23 19.89 -47.00 -118.45
CA CYS C 23 18.54 -46.91 -118.97
C CYS C 23 17.82 -45.71 -118.37
N VAL C 24 17.04 -45.02 -119.20
CA VAL C 24 16.18 -43.93 -118.76
C VAL C 24 14.75 -44.45 -118.83
N VAL C 25 14.10 -44.55 -117.67
CA VAL C 25 12.77 -45.15 -117.59
C VAL C 25 11.83 -44.25 -116.81
N HIS C 26 10.55 -44.31 -117.19
CA HIS C 26 9.46 -43.77 -116.40
C HIS C 26 8.62 -44.93 -115.90
N TYR C 27 8.44 -45.01 -114.60
CA TYR C 27 7.75 -46.13 -113.98
C TYR C 27 6.67 -45.62 -113.02
N THR C 28 5.69 -46.48 -112.78
CA THR C 28 4.61 -46.20 -111.84
C THR C 28 4.32 -47.48 -111.09
N GLY C 29 4.84 -47.60 -109.87
CA GLY C 29 4.75 -48.84 -109.12
C GLY C 29 3.56 -48.83 -108.17
N MET C 30 2.87 -49.97 -108.12
CA MET C 30 1.78 -50.19 -107.21
C MET C 30 1.89 -51.58 -106.60
N LEU C 31 1.36 -51.73 -105.39
CA LEU C 31 1.20 -53.05 -104.81
C LEU C 31 0.21 -53.86 -105.63
N GLU C 32 0.40 -55.18 -105.65
CA GLU C 32 -0.41 -56.04 -106.50
C GLU C 32 -1.89 -56.00 -106.17
N ASP C 33 -2.26 -55.55 -104.97
CA ASP C 33 -3.67 -55.33 -104.66
C ASP C 33 -4.22 -54.06 -105.29
N GLY C 34 -3.37 -53.21 -105.86
CA GLY C 34 -3.83 -52.02 -106.55
C GLY C 34 -3.49 -50.71 -105.87
N LYS C 35 -2.69 -50.76 -104.81
CA LYS C 35 -2.33 -49.57 -104.05
C LYS C 35 -1.01 -49.01 -104.58
N LYS C 36 -1.08 -47.83 -105.20
CA LYS C 36 0.10 -47.15 -105.73
C LYS C 36 1.03 -46.69 -104.62
N PHE C 37 2.33 -46.81 -104.85
CA PHE C 37 3.33 -46.33 -103.90
C PHE C 37 4.46 -45.52 -104.51
N ASP C 38 4.69 -45.58 -105.83
CA ASP C 38 5.75 -44.80 -106.44
C ASP C 38 5.43 -44.52 -107.89
N SER C 39 5.91 -43.39 -108.39
CA SER C 39 5.84 -43.07 -109.81
C SER C 39 6.81 -41.93 -110.10
N SER C 40 7.67 -42.12 -111.10
CA SER C 40 8.54 -41.04 -111.53
C SER C 40 7.77 -39.95 -112.28
N ARG C 41 6.57 -40.28 -112.77
CA ARG C 41 5.76 -39.27 -113.45
C ARG C 41 5.41 -38.12 -112.52
N ASP C 42 5.03 -38.44 -111.28
CA ASP C 42 4.66 -37.40 -110.32
C ASP C 42 5.84 -36.49 -110.00
N ARG C 43 7.03 -37.07 -109.83
CA ARG C 43 8.22 -36.26 -109.64
C ARG C 43 8.66 -35.57 -110.94
N ASN C 44 8.09 -35.95 -112.07
CA ASN C 44 8.36 -35.32 -113.37
C ASN C 44 9.85 -35.38 -113.71
N LYS C 45 10.49 -36.49 -113.37
CA LYS C 45 11.90 -36.68 -113.64
C LYS C 45 12.18 -38.16 -113.91
N PRO C 46 12.66 -38.50 -115.10
CA PRO C 46 12.91 -39.91 -115.42
C PRO C 46 13.94 -40.53 -114.49
N PHE C 47 13.73 -41.81 -114.18
CA PHE C 47 14.62 -42.54 -113.30
C PHE C 47 15.74 -43.19 -114.11
N LYS C 48 16.98 -42.97 -113.67
CA LYS C 48 18.15 -43.45 -114.38
C LYS C 48 18.86 -44.52 -113.55
N PHE C 49 19.14 -45.65 -114.20
CA PHE C 49 19.86 -46.73 -113.54
C PHE C 49 20.66 -47.50 -114.59
N MET C 50 21.66 -48.23 -114.13
CA MET C 50 22.62 -48.92 -114.98
C MET C 50 22.69 -50.38 -114.58
N LEU C 51 22.54 -51.29 -115.57
CA LEU C 51 22.48 -52.71 -115.24
C LEU C 51 23.81 -53.21 -114.69
N GLY C 52 23.74 -54.26 -113.88
CA GLY C 52 24.91 -54.95 -113.39
C GLY C 52 25.49 -54.41 -112.11
N LYS C 53 25.01 -53.27 -111.61
CA LYS C 53 25.50 -52.69 -110.38
C LYS C 53 24.59 -52.97 -109.18
N GLN C 54 23.52 -53.74 -109.38
CA GLN C 54 22.57 -54.08 -108.32
C GLN C 54 22.03 -52.84 -107.61
N GLU C 55 21.90 -51.74 -108.35
CA GLU C 55 21.39 -50.51 -107.76
C GLU C 55 19.89 -50.59 -107.48
N VAL C 56 19.16 -51.40 -108.23
CA VAL C 56 17.73 -51.57 -108.03
C VAL C 56 17.44 -53.03 -107.67
N ILE C 57 16.15 -53.33 -107.42
CA ILE C 57 15.78 -54.69 -107.03
C ILE C 57 16.05 -55.65 -108.18
N ARG C 58 16.21 -56.93 -107.84
CA ARG C 58 16.67 -57.92 -108.81
C ARG C 58 15.67 -58.12 -109.94
N GLY C 59 14.38 -58.10 -109.67
CA GLY C 59 13.39 -58.30 -110.72
C GLY C 59 13.49 -57.24 -111.80
N TRP C 60 13.80 -56.00 -111.42
CA TRP C 60 13.90 -54.91 -112.38
C TRP C 60 14.99 -55.13 -113.41
N GLU C 61 16.14 -55.67 -113.01
CA GLU C 61 17.21 -55.89 -113.99
C GLU C 61 16.70 -56.74 -115.16
N GLU C 62 16.12 -57.90 -114.86
CA GLU C 62 15.64 -58.77 -115.92
C GLU C 62 14.43 -58.20 -116.63
N GLY C 63 13.54 -57.50 -115.90
CA GLY C 63 12.39 -56.91 -116.54
C GLY C 63 12.76 -55.88 -117.59
N VAL C 64 13.69 -54.99 -117.24
CA VAL C 64 14.14 -53.98 -118.20
C VAL C 64 15.01 -54.61 -119.29
N ALA C 65 15.78 -55.65 -118.94
CA ALA C 65 16.59 -56.33 -119.94
C ALA C 65 15.72 -56.97 -121.02
N GLN C 66 14.55 -57.48 -120.64
CA GLN C 66 13.64 -58.07 -121.62
C GLN C 66 12.93 -57.02 -122.47
N MET C 67 12.87 -55.77 -122.02
CA MET C 67 12.16 -54.73 -122.74
C MET C 67 13.05 -54.08 -123.79
N SER C 68 12.42 -53.44 -124.77
CA SER C 68 13.10 -52.74 -125.83
C SER C 68 12.91 -51.23 -125.67
N VAL C 69 13.69 -50.47 -126.43
CA VAL C 69 13.63 -49.01 -126.36
C VAL C 69 12.28 -48.54 -126.88
N GLY C 70 11.61 -47.69 -126.11
CA GLY C 70 10.31 -47.18 -126.46
C GLY C 70 9.16 -48.09 -126.10
N GLN C 71 9.44 -49.28 -125.57
CA GLN C 71 8.38 -50.21 -125.19
C GLN C 71 7.87 -49.88 -123.80
N ARG C 72 6.55 -49.91 -123.64
CA ARG C 72 5.90 -49.75 -122.35
C ARG C 72 5.32 -51.11 -121.96
N ALA C 73 5.76 -51.63 -120.82
CA ALA C 73 5.39 -52.97 -120.40
C ALA C 73 5.04 -52.97 -118.91
N LYS C 74 4.27 -53.98 -118.52
CA LYS C 74 3.88 -54.17 -117.13
C LYS C 74 4.73 -55.29 -116.54
N LEU C 75 5.40 -55.00 -115.43
CA LEU C 75 6.29 -55.95 -114.76
C LEU C 75 5.67 -56.38 -113.44
N THR C 76 5.52 -57.68 -113.24
CA THR C 76 5.06 -58.24 -111.98
C THR C 76 6.24 -58.94 -111.31
N ILE C 77 6.58 -58.50 -110.10
CA ILE C 77 7.74 -59.00 -109.39
C ILE C 77 7.27 -59.76 -108.15
N SER C 78 7.68 -61.02 -108.05
CA SER C 78 7.41 -61.81 -106.87
C SER C 78 8.30 -61.31 -105.72
N PRO C 79 7.88 -61.56 -104.47
CA PRO C 79 8.64 -60.99 -103.34
C PRO C 79 10.09 -61.43 -103.28
N ASP C 80 10.40 -62.66 -103.70
CA ASP C 80 11.79 -63.11 -103.65
C ASP C 80 12.68 -62.26 -104.55
N TYR C 81 12.16 -61.84 -105.69
CA TYR C 81 12.87 -60.92 -106.57
C TYR C 81 12.64 -59.46 -106.18
N ALA C 82 11.98 -59.23 -105.06
CA ALA C 82 11.72 -57.89 -104.53
C ALA C 82 12.24 -57.80 -103.11
N TYR C 83 11.83 -56.76 -102.38
CA TYR C 83 12.30 -56.58 -101.02
C TYR C 83 12.03 -57.80 -100.13
N GLY C 84 10.96 -58.54 -100.40
CA GLY C 84 10.79 -59.85 -99.78
C GLY C 84 10.29 -59.84 -98.37
N ALA C 85 10.83 -60.76 -97.55
CA ALA C 85 10.35 -60.92 -96.18
C ALA C 85 10.57 -59.67 -95.36
N THR C 86 11.75 -59.06 -95.48
CA THR C 86 12.01 -57.82 -94.75
C THR C 86 11.12 -56.68 -95.24
N GLY C 87 11.01 -56.54 -96.56
CA GLY C 87 10.20 -55.48 -97.12
C GLY C 87 10.87 -54.13 -96.95
N HIS C 88 10.16 -53.10 -97.41
CA HIS C 88 10.59 -51.73 -97.21
C HIS C 88 9.82 -51.16 -96.02
N PRO C 89 10.49 -50.83 -94.92
CA PRO C 89 9.76 -50.47 -93.69
C PRO C 89 8.85 -49.28 -93.90
N GLY C 90 7.54 -49.53 -93.76
CA GLY C 90 6.54 -48.50 -93.90
C GLY C 90 6.09 -48.23 -95.32
N ILE C 91 6.69 -48.87 -96.31
CA ILE C 91 6.36 -48.55 -97.70
C ILE C 91 5.79 -49.78 -98.39
N ILE C 92 6.58 -50.86 -98.43
CA ILE C 92 6.12 -52.15 -98.93
C ILE C 92 5.91 -53.08 -97.74
N PRO C 93 4.73 -53.65 -97.57
CA PRO C 93 4.54 -54.65 -96.51
C PRO C 93 5.32 -55.91 -96.83
N PRO C 94 5.65 -56.71 -95.82
CA PRO C 94 6.40 -57.95 -96.07
C PRO C 94 5.62 -58.90 -96.97
N HIS C 95 6.36 -59.64 -97.80
CA HIS C 95 5.80 -60.65 -98.71
C HIS C 95 4.77 -60.02 -99.64
N ALA C 96 5.14 -58.90 -100.27
CA ALA C 96 4.27 -58.18 -101.18
C ALA C 96 4.77 -58.31 -102.60
N THR C 97 3.87 -58.68 -103.51
CA THR C 97 4.19 -58.73 -104.92
C THR C 97 4.03 -57.34 -105.52
N LEU C 98 5.04 -56.89 -106.26
CA LEU C 98 5.07 -55.54 -106.81
C LEU C 98 4.70 -55.58 -108.28
N VAL C 99 3.87 -54.62 -108.71
CA VAL C 99 3.47 -54.47 -110.10
C VAL C 99 3.94 -53.11 -110.58
N PHE C 100 4.67 -53.09 -111.69
CA PHE C 100 5.28 -51.87 -112.22
C PHE C 100 4.82 -51.64 -113.65
N ASP C 101 4.57 -50.38 -113.98
CA ASP C 101 4.26 -49.95 -115.33
C ASP C 101 5.47 -49.15 -115.79
N VAL C 102 6.41 -49.83 -116.45
CA VAL C 102 7.71 -49.26 -116.80
C VAL C 102 7.73 -48.97 -118.29
N GLU C 103 8.16 -47.76 -118.65
CA GLU C 103 8.36 -47.36 -120.04
C GLU C 103 9.83 -47.03 -120.23
N LEU C 104 10.48 -47.76 -121.13
CA LEU C 104 11.91 -47.58 -121.41
C LEU C 104 12.07 -46.44 -122.39
N LEU C 105 12.36 -45.24 -121.87
CA LEU C 105 12.43 -44.05 -122.71
C LEU C 105 13.60 -44.14 -123.69
N LYS C 106 14.80 -44.40 -123.19
CA LYS C 106 15.99 -44.39 -124.02
C LYS C 106 17.16 -44.97 -123.22
N LEU C 107 18.21 -45.34 -123.94
CA LEU C 107 19.39 -45.98 -123.35
C LEU C 107 20.60 -45.08 -123.53
N GLU C 108 21.45 -45.01 -122.51
CA GLU C 108 22.64 -44.18 -122.55
C GLU C 108 23.71 -44.71 -121.60
N GLY D 2 -126.47 -29.02 -7.98
CA GLY D 2 -125.42 -28.65 -7.06
C GLY D 2 -125.34 -27.15 -6.81
N VAL D 3 -126.32 -26.42 -7.36
CA VAL D 3 -126.48 -25.00 -7.08
C VAL D 3 -127.82 -24.81 -6.37
N GLN D 4 -127.77 -24.38 -5.12
CA GLN D 4 -128.97 -24.09 -4.35
C GLN D 4 -129.21 -22.59 -4.40
N VAL D 5 -130.39 -22.21 -4.87
CA VAL D 5 -130.77 -20.81 -5.00
C VAL D 5 -131.76 -20.50 -3.88
N GLU D 6 -131.37 -19.61 -2.98
CA GLU D 6 -132.22 -19.17 -1.87
C GLU D 6 -132.48 -17.68 -2.05
N THR D 7 -133.75 -17.32 -2.19
CA THR D 7 -134.10 -15.96 -2.53
C THR D 7 -133.86 -15.01 -1.35
N ILE D 8 -133.33 -13.83 -1.66
CA ILE D 8 -133.12 -12.77 -0.68
C ILE D 8 -134.18 -11.68 -0.82
N SER D 9 -134.37 -11.18 -2.04
CA SER D 9 -135.40 -10.19 -2.32
C SER D 9 -136.09 -10.64 -3.61
N PRO D 10 -137.42 -10.77 -3.60
CA PRO D 10 -138.11 -11.29 -4.79
C PRO D 10 -138.04 -10.31 -5.94
N GLY D 11 -138.04 -10.88 -7.15
CA GLY D 11 -138.13 -10.11 -8.38
C GLY D 11 -139.54 -10.12 -8.92
N ASP D 12 -139.65 -9.79 -10.22
CA ASP D 12 -140.94 -9.84 -10.89
C ASP D 12 -141.45 -11.27 -11.06
N GLY D 13 -140.54 -12.22 -11.28
CA GLY D 13 -140.92 -13.62 -11.38
C GLY D 13 -141.56 -14.04 -12.67
N ARG D 14 -141.54 -13.21 -13.71
CA ARG D 14 -142.15 -13.56 -14.98
C ARG D 14 -141.12 -13.82 -16.07
N THR D 15 -140.10 -12.96 -16.19
CA THR D 15 -139.11 -13.09 -17.26
C THR D 15 -137.80 -13.66 -16.71
N PHE D 16 -137.40 -14.80 -17.24
CA PHE D 16 -136.19 -15.50 -16.83
C PHE D 16 -135.19 -15.48 -17.98
N PRO D 17 -133.89 -15.52 -17.69
CA PRO D 17 -132.90 -15.51 -18.76
C PRO D 17 -132.88 -16.83 -19.51
N LYS D 18 -133.08 -16.75 -20.82
CA LYS D 18 -133.02 -17.89 -21.71
C LYS D 18 -131.65 -17.92 -22.39
N ARG D 19 -131.39 -19.02 -23.10
CA ARG D 19 -130.09 -19.20 -23.75
C ARG D 19 -129.92 -18.15 -24.84
N GLY D 20 -128.70 -17.62 -24.94
CA GLY D 20 -128.43 -16.59 -25.93
C GLY D 20 -128.85 -15.19 -25.52
N GLN D 21 -129.02 -14.93 -24.24
CA GLN D 21 -129.38 -13.61 -23.73
C GLN D 21 -128.32 -13.15 -22.74
N THR D 22 -127.90 -11.89 -22.85
CA THR D 22 -126.89 -11.35 -21.95
C THR D 22 -127.52 -10.84 -20.67
N CYS D 23 -126.98 -11.25 -19.53
CA CYS D 23 -127.48 -10.84 -18.22
C CYS D 23 -126.54 -9.80 -17.62
N VAL D 24 -127.13 -8.80 -16.97
CA VAL D 24 -126.38 -7.80 -16.22
C VAL D 24 -126.62 -8.09 -14.74
N VAL D 25 -125.55 -8.45 -14.04
CA VAL D 25 -125.65 -8.89 -12.64
C VAL D 25 -124.65 -8.14 -11.78
N HIS D 26 -125.03 -7.91 -10.54
CA HIS D 26 -124.13 -7.46 -9.49
C HIS D 26 -124.02 -8.58 -8.46
N TYR D 27 -122.80 -9.01 -8.19
CA TYR D 27 -122.56 -10.15 -7.34
C TYR D 27 -121.49 -9.83 -6.30
N THR D 28 -121.53 -10.59 -5.21
CA THR D 28 -120.54 -10.48 -4.14
C THR D 28 -120.26 -11.89 -3.64
N GLY D 29 -119.12 -12.44 -4.05
CA GLY D 29 -118.79 -13.83 -3.77
C GLY D 29 -117.91 -13.96 -2.55
N MET D 30 -118.18 -15.00 -1.75
CA MET D 30 -117.37 -15.34 -0.60
C MET D 30 -117.24 -16.85 -0.52
N LEU D 31 -116.15 -17.30 0.11
CA LEU D 31 -116.04 -18.71 0.45
C LEU D 31 -117.08 -19.08 1.49
N GLU D 32 -117.35 -20.37 1.62
CA GLU D 32 -118.44 -20.81 2.49
C GLU D 32 -118.18 -20.41 3.94
N ASP D 33 -116.93 -20.42 4.38
CA ASP D 33 -116.59 -20.02 5.74
C ASP D 33 -116.82 -18.54 6.00
N GLY D 34 -117.07 -17.74 4.96
CA GLY D 34 -117.39 -16.34 5.15
C GLY D 34 -116.32 -15.37 4.70
N LYS D 35 -115.29 -15.87 4.01
CA LYS D 35 -114.20 -15.04 3.52
C LYS D 35 -114.53 -14.54 2.12
N LYS D 36 -114.78 -13.24 2.01
CA LYS D 36 -115.07 -12.60 0.73
C LYS D 36 -113.86 -12.63 -0.19
N PHE D 37 -114.11 -12.85 -1.49
CA PHE D 37 -113.05 -12.81 -2.49
C PHE D 37 -113.38 -12.00 -3.74
N ASP D 38 -114.65 -11.72 -4.03
CA ASP D 38 -114.98 -10.93 -5.22
C ASP D 38 -116.29 -10.19 -4.99
N SER D 39 -116.41 -9.03 -5.64
CA SER D 39 -117.66 -8.29 -5.68
C SER D 39 -117.59 -7.27 -6.79
N SER D 40 -118.60 -7.28 -7.67
CA SER D 40 -118.68 -6.26 -8.71
C SER D 40 -119.09 -4.91 -8.14
N ARG D 41 -119.63 -4.88 -6.92
CA ARG D 41 -119.98 -3.62 -6.29
C ARG D 41 -118.74 -2.75 -6.05
N ASP D 42 -117.66 -3.37 -5.58
CA ASP D 42 -116.45 -2.60 -5.27
C ASP D 42 -115.85 -1.99 -6.54
N ARG D 43 -115.85 -2.73 -7.64
CA ARG D 43 -115.41 -2.17 -8.90
C ARG D 43 -116.41 -1.19 -9.49
N ASN D 44 -117.61 -1.09 -8.91
CA ASN D 44 -118.64 -0.15 -9.35
C ASN D 44 -118.99 -0.34 -10.82
N LYS D 45 -119.00 -1.59 -11.28
CA LYS D 45 -119.29 -1.91 -12.67
C LYS D 45 -120.02 -3.25 -12.74
N PRO D 46 -121.24 -3.28 -13.26
CA PRO D 46 -121.98 -4.55 -13.33
C PRO D 46 -121.28 -5.55 -14.23
N PHE D 47 -121.39 -6.82 -13.86
CA PHE D 47 -120.77 -7.91 -14.60
C PHE D 47 -121.74 -8.43 -15.66
N LYS D 48 -121.26 -8.55 -16.89
CA LYS D 48 -122.08 -8.96 -18.02
C LYS D 48 -121.62 -10.32 -18.52
N PHE D 49 -122.58 -11.21 -18.73
CA PHE D 49 -122.29 -12.54 -19.24
C PHE D 49 -123.50 -13.04 -20.02
N MET D 50 -123.25 -14.01 -20.89
CA MET D 50 -124.26 -14.52 -21.81
C MET D 50 -124.30 -16.05 -21.69
N LEU D 51 -125.50 -16.59 -21.48
CA LEU D 51 -125.62 -18.03 -21.24
C LEU D 51 -125.23 -18.83 -22.48
N GLY D 52 -124.77 -20.06 -22.23
CA GLY D 52 -124.48 -21.00 -23.30
C GLY D 52 -123.08 -20.94 -23.87
N LYS D 53 -122.29 -19.94 -23.50
CA LYS D 53 -120.92 -19.83 -23.98
C LYS D 53 -119.89 -20.34 -22.98
N GLN D 54 -120.32 -20.83 -21.82
CA GLN D 54 -119.44 -21.34 -20.78
C GLN D 54 -118.37 -20.32 -20.40
N GLU D 55 -118.70 -19.04 -20.49
CA GLU D 55 -117.76 -17.99 -20.10
C GLU D 55 -117.57 -17.94 -18.59
N VAL D 56 -118.56 -18.40 -17.83
CA VAL D 56 -118.45 -18.42 -16.37
C VAL D 56 -118.56 -19.87 -15.88
N ILE D 57 -118.46 -20.06 -14.56
CA ILE D 57 -118.53 -21.40 -14.00
C ILE D 57 -119.92 -21.99 -14.20
N ARG D 58 -119.98 -23.31 -14.28
CA ARG D 58 -121.23 -24.00 -14.60
C ARG D 58 -122.25 -23.92 -13.47
N GLY D 59 -121.81 -23.58 -12.26
CA GLY D 59 -122.75 -23.30 -11.19
C GLY D 59 -123.55 -22.03 -11.40
N TRP D 60 -122.92 -21.01 -11.98
CA TRP D 60 -123.64 -19.76 -12.28
C TRP D 60 -124.68 -19.92 -13.36
N GLU D 61 -124.46 -20.80 -14.33
CA GLU D 61 -125.37 -20.90 -15.47
C GLU D 61 -126.78 -21.27 -15.01
N GLU D 62 -126.88 -22.31 -14.17
CA GLU D 62 -128.20 -22.75 -13.71
C GLU D 62 -128.75 -21.82 -12.64
N GLY D 63 -127.89 -21.30 -11.76
CA GLY D 63 -128.38 -20.45 -10.69
C GLY D 63 -128.98 -19.16 -11.19
N VAL D 64 -128.31 -18.51 -12.15
CA VAL D 64 -128.86 -17.29 -12.74
C VAL D 64 -130.10 -17.60 -13.58
N ALA D 65 -130.10 -18.74 -14.28
CA ALA D 65 -131.25 -19.09 -15.11
C ALA D 65 -132.52 -19.26 -14.28
N GLN D 66 -132.38 -19.65 -13.01
CA GLN D 66 -133.55 -19.78 -12.14
C GLN D 66 -134.02 -18.44 -11.58
N MET D 67 -133.19 -17.41 -11.63
CA MET D 67 -133.54 -16.10 -11.09
C MET D 67 -134.29 -15.27 -12.11
N SER D 68 -135.16 -14.39 -11.60
CA SER D 68 -135.92 -13.47 -12.43
C SER D 68 -135.27 -12.10 -12.43
N VAL D 69 -135.73 -11.24 -13.33
CA VAL D 69 -135.19 -9.90 -13.45
C VAL D 69 -135.53 -9.10 -12.20
N GLY D 70 -134.52 -8.48 -11.60
CA GLY D 70 -134.70 -7.72 -10.38
C GLY D 70 -134.65 -8.54 -9.11
N GLN D 71 -134.55 -9.86 -9.22
CA GLN D 71 -134.48 -10.71 -8.04
C GLN D 71 -133.05 -10.76 -7.52
N ARG D 72 -132.93 -10.66 -6.19
CA ARG D 72 -131.65 -10.81 -5.50
C ARG D 72 -131.70 -12.13 -4.75
N ALA D 73 -130.76 -13.02 -5.05
CA ALA D 73 -130.78 -14.36 -4.49
C ALA D 73 -129.37 -14.77 -4.08
N LYS D 74 -129.30 -15.73 -3.17
CA LYS D 74 -128.04 -16.28 -2.69
C LYS D 74 -127.82 -17.64 -3.36
N LEU D 75 -126.67 -17.79 -4.00
CA LEU D 75 -126.33 -19.02 -4.71
C LEU D 75 -125.20 -19.73 -3.97
N THR D 76 -125.41 -21.00 -3.66
CA THR D 76 -124.38 -21.85 -3.07
C THR D 76 -123.94 -22.87 -4.11
N ILE D 77 -122.65 -22.87 -4.42
CA ILE D 77 -122.10 -23.69 -5.49
C ILE D 77 -121.17 -24.74 -4.90
N SER D 78 -121.45 -26.00 -5.17
CA SER D 78 -120.57 -27.08 -4.76
C SER D 78 -119.32 -27.08 -5.63
N PRO D 79 -118.20 -27.64 -5.13
CA PRO D 79 -116.94 -27.55 -5.89
C PRO D 79 -117.00 -28.17 -7.28
N ASP D 80 -117.74 -29.27 -7.46
CA ASP D 80 -117.86 -29.85 -8.79
C ASP D 80 -118.53 -28.87 -9.74
N TYR D 81 -119.44 -28.06 -9.24
CA TYR D 81 -120.05 -27.02 -10.04
C TYR D 81 -119.22 -25.74 -10.03
N ALA D 82 -118.07 -25.78 -9.37
CA ALA D 82 -117.15 -24.65 -9.28
C ALA D 82 -115.78 -25.06 -9.79
N TYR D 83 -114.76 -24.26 -9.50
CA TYR D 83 -113.41 -24.57 -9.95
C TYR D 83 -112.95 -25.95 -9.50
N GLY D 84 -113.42 -26.42 -8.34
CA GLY D 84 -113.23 -27.80 -7.96
C GLY D 84 -111.87 -28.16 -7.41
N ALA D 85 -111.37 -29.34 -7.78
CA ALA D 85 -110.13 -29.85 -7.22
C ALA D 85 -108.95 -28.94 -7.56
N THR D 86 -108.87 -28.49 -8.81
CA THR D 86 -107.79 -27.58 -9.20
C THR D 86 -107.92 -26.24 -8.48
N GLY D 87 -109.13 -25.69 -8.44
CA GLY D 87 -109.35 -24.42 -7.80
C GLY D 87 -108.77 -23.28 -8.63
N HIS D 88 -108.89 -22.08 -8.08
CA HIS D 88 -108.27 -20.90 -8.68
C HIS D 88 -106.99 -20.62 -7.92
N PRO D 89 -105.82 -20.73 -8.57
CA PRO D 89 -104.55 -20.66 -7.84
C PRO D 89 -104.40 -19.35 -7.08
N GLY D 90 -104.34 -19.45 -5.76
CA GLY D 90 -104.18 -18.31 -4.90
C GLY D 90 -105.44 -17.56 -4.56
N ILE D 91 -106.59 -17.94 -5.12
CA ILE D 91 -107.81 -17.18 -4.91
C ILE D 91 -108.85 -18.07 -4.22
N ILE D 92 -109.21 -19.17 -4.87
CA ILE D 92 -110.09 -20.18 -4.28
C ILE D 92 -109.24 -21.38 -3.89
N PRO D 93 -109.25 -21.81 -2.64
CA PRO D 93 -108.56 -23.05 -2.26
C PRO D 93 -109.24 -24.25 -2.89
N PRO D 94 -108.52 -25.35 -3.08
CA PRO D 94 -109.14 -26.55 -3.67
C PRO D 94 -110.29 -27.06 -2.82
N HIS D 95 -111.30 -27.61 -3.50
CA HIS D 95 -112.48 -28.20 -2.86
C HIS D 95 -113.19 -27.18 -1.96
N ALA D 96 -113.44 -26.01 -2.50
CA ALA D 96 -114.09 -24.93 -1.77
C ALA D 96 -115.49 -24.71 -2.32
N THR D 97 -116.47 -24.63 -1.41
CA THR D 97 -117.83 -24.32 -1.79
C THR D 97 -118.01 -22.79 -1.83
N LEU D 98 -118.51 -22.29 -2.95
CA LEU D 98 -118.62 -20.85 -3.17
C LEU D 98 -120.04 -20.39 -2.87
N VAL D 99 -120.16 -19.25 -2.20
CA VAL D 99 -121.44 -18.63 -1.90
C VAL D 99 -121.47 -17.27 -2.56
N PHE D 100 -122.52 -17.01 -3.34
CA PHE D 100 -122.65 -15.79 -4.12
C PHE D 100 -123.94 -15.07 -3.76
N ASP D 101 -123.88 -13.75 -3.70
CA ASP D 101 -125.04 -12.89 -3.49
C ASP D 101 -125.23 -12.17 -4.82
N VAL D 102 -126.06 -12.74 -5.70
CA VAL D 102 -126.20 -12.28 -7.07
C VAL D 102 -127.53 -11.55 -7.20
N GLU D 103 -127.49 -10.36 -7.80
CA GLU D 103 -128.69 -9.59 -8.12
C GLU D 103 -128.76 -9.42 -9.62
N LEU D 104 -129.85 -9.92 -10.23
CA LEU D 104 -130.04 -9.86 -11.67
C LEU D 104 -130.61 -8.48 -12.01
N LEU D 105 -129.73 -7.56 -12.42
CA LEU D 105 -130.16 -6.19 -12.68
C LEU D 105 -131.11 -6.12 -13.87
N LYS D 106 -130.72 -6.70 -15.00
CA LYS D 106 -131.53 -6.64 -16.22
C LYS D 106 -130.96 -7.63 -17.23
N LEU D 107 -131.70 -7.80 -18.32
CA LEU D 107 -131.32 -8.70 -19.39
C LEU D 107 -131.19 -7.93 -20.70
N GLU D 108 -130.25 -8.34 -21.54
CA GLU D 108 -130.04 -7.71 -22.83
C GLU D 108 -129.33 -8.65 -23.80
N GLY E 2 -18.12 -7.37 127.72
CA GLY E 2 -16.82 -7.67 127.14
C GLY E 2 -15.92 -6.46 127.07
N VAL E 3 -16.11 -5.51 127.98
CA VAL E 3 -15.32 -4.29 128.04
C VAL E 3 -14.62 -4.23 129.40
N GLN E 4 -13.30 -4.14 129.38
CA GLN E 4 -12.50 -3.93 130.58
C GLN E 4 -12.10 -2.47 130.65
N VAL E 5 -12.43 -1.81 131.75
CA VAL E 5 -12.13 -0.39 131.94
C VAL E 5 -10.97 -0.31 132.92
N GLU E 6 -9.85 0.24 132.46
CA GLU E 6 -8.66 0.42 133.27
C GLU E 6 -8.36 1.91 133.34
N THR E 7 -8.39 2.47 134.55
CA THR E 7 -8.30 3.91 134.71
C THR E 7 -6.90 4.41 134.40
N ILE E 8 -6.82 5.56 133.74
CA ILE E 8 -5.56 6.23 133.45
C ILE E 8 -5.37 7.44 134.35
N SER E 9 -6.38 8.32 134.42
CA SER E 9 -6.35 9.48 135.30
C SER E 9 -7.72 9.53 135.98
N PRO E 10 -7.76 9.58 137.31
CA PRO E 10 -9.05 9.54 138.00
C PRO E 10 -9.86 10.81 137.75
N GLY E 11 -11.18 10.65 137.77
CA GLY E 11 -12.10 11.76 137.71
C GLY E 11 -12.64 12.11 139.07
N ASP E 12 -13.77 12.83 139.07
CA ASP E 12 -14.43 13.16 140.33
C ASP E 12 -15.04 11.92 140.99
N GLY E 13 -15.54 10.99 140.19
CA GLY E 13 -16.07 9.75 140.72
C GLY E 13 -17.43 9.82 141.36
N ARG E 14 -18.14 10.94 141.22
CA ARG E 14 -19.47 11.08 141.80
C ARG E 14 -20.58 11.01 140.77
N THR E 15 -20.42 11.66 139.62
CA THR E 15 -21.48 11.72 138.62
C THR E 15 -21.13 10.85 137.42
N PHE E 16 -21.98 9.86 137.16
CA PHE E 16 -21.80 8.92 136.06
C PHE E 16 -22.89 9.14 135.02
N PRO E 17 -22.60 8.86 133.76
CA PRO E 17 -23.60 9.07 132.71
C PRO E 17 -24.72 8.04 132.82
N LYS E 18 -25.94 8.54 132.94
CA LYS E 18 -27.14 7.71 132.98
C LYS E 18 -27.78 7.71 131.59
N ARG E 19 -28.79 6.86 131.43
CA ARG E 19 -29.45 6.72 130.15
C ARG E 19 -30.16 8.01 129.79
N GLY E 20 -30.11 8.38 128.51
CA GLY E 20 -30.73 9.62 128.06
C GLY E 20 -29.92 10.87 128.31
N GLN E 21 -28.62 10.74 128.53
CA GLN E 21 -27.72 11.88 128.74
C GLN E 21 -26.62 11.86 127.69
N THR E 22 -26.38 13.01 127.06
CA THR E 22 -25.34 13.11 126.05
C THR E 22 -23.98 13.27 126.71
N CYS E 23 -23.01 12.47 126.27
CA CYS E 23 -21.64 12.53 126.77
C CYS E 23 -20.76 13.21 125.74
N VAL E 24 -19.85 14.05 126.21
CA VAL E 24 -18.84 14.68 125.38
C VAL E 24 -17.52 14.00 125.72
N VAL E 25 -16.93 13.32 124.73
CA VAL E 25 -15.73 12.52 124.97
C VAL E 25 -14.68 12.83 123.92
N HIS E 26 -13.42 12.73 124.34
CA HIS E 26 -12.27 12.70 123.44
C HIS E 26 -11.65 11.32 123.52
N TYR E 27 -11.52 10.66 122.37
CA TYR E 27 -11.06 9.29 122.32
C TYR E 27 -9.96 9.15 121.28
N THR E 28 -9.12 8.13 121.47
CA THR E 28 -8.06 7.78 120.53
C THR E 28 -8.02 6.26 120.43
N GLY E 29 -8.61 5.72 119.36
CA GLY E 29 -8.76 4.28 119.22
C GLY E 29 -7.64 3.66 118.41
N MET E 30 -7.17 2.51 118.86
CA MET E 30 -6.16 1.74 118.17
C MET E 30 -6.53 0.26 118.22
N LEU E 31 -6.07 -0.48 117.21
CA LEU E 31 -6.14 -1.93 117.28
C LEU E 31 -5.24 -2.44 118.39
N GLU E 32 -5.62 -3.59 118.97
CA GLU E 32 -4.93 -4.10 120.15
C GLU E 32 -3.45 -4.38 119.89
N ASP E 33 -3.06 -4.64 118.65
CA ASP E 33 -1.65 -4.80 118.33
C ASP E 33 -0.88 -3.49 118.38
N GLY E 34 -1.57 -2.35 118.44
CA GLY E 34 -0.90 -1.07 118.56
C GLY E 34 -1.06 -0.15 117.37
N LYS E 35 -1.89 -0.53 116.42
CA LYS E 35 -2.12 0.26 115.20
C LYS E 35 -3.30 1.19 115.40
N LYS E 36 -3.00 2.48 115.47
CA LYS E 36 -4.03 3.51 115.61
C LYS E 36 -4.91 3.60 114.36
N PHE E 37 -6.20 3.83 114.58
CA PHE E 37 -7.14 4.01 113.47
C PHE E 37 -8.08 5.20 113.62
N ASP E 38 -8.26 5.76 114.82
CA ASP E 38 -9.15 6.90 115.00
C ASP E 38 -8.68 7.71 116.20
N SER E 39 -8.99 9.01 116.15
CA SER E 39 -8.81 9.90 117.30
C SER E 39 -9.57 11.19 117.04
N SER E 40 -10.41 11.58 118.00
CA SER E 40 -11.06 12.88 117.91
C SER E 40 -10.09 14.02 118.14
N ARG E 41 -8.93 13.74 118.74
CA ARG E 41 -7.93 14.77 118.94
C ARG E 41 -7.42 15.31 117.61
N ASP E 42 -7.20 14.41 116.64
CA ASP E 42 -6.70 14.84 115.33
C ASP E 42 -7.71 15.75 114.63
N ARG E 43 -9.00 15.41 114.71
CA ARG E 43 -10.03 16.27 114.15
C ARG E 43 -10.29 17.49 115.01
N ASN E 44 -9.74 17.54 116.22
CA ASN E 44 -9.86 18.70 117.11
C ASN E 44 -11.31 19.04 117.40
N LYS E 45 -12.15 18.02 117.56
CA LYS E 45 -13.57 18.22 117.81
C LYS E 45 -14.07 17.07 118.69
N PRO E 46 -14.56 17.37 119.89
CA PRO E 46 -15.04 16.29 120.77
C PRO E 46 -16.20 15.53 120.15
N PHE E 47 -16.22 14.22 120.43
CA PHE E 47 -17.25 13.34 119.91
C PHE E 47 -18.43 13.31 120.88
N LYS E 48 -19.63 13.50 120.33
CA LYS E 48 -20.85 13.58 121.12
C LYS E 48 -21.74 12.38 120.84
N PHE E 49 -22.20 11.73 121.90
CA PHE E 49 -23.09 10.60 121.77
C PHE E 49 -24.00 10.55 122.99
N MET E 50 -25.14 9.89 122.83
CA MET E 50 -26.18 9.81 123.85
C MET E 50 -26.51 8.35 124.11
N LEU E 51 -26.48 7.93 125.38
CA LEU E 51 -26.68 6.52 125.69
C LEU E 51 -28.09 6.07 125.32
N GLY E 52 -28.21 4.77 125.03
CA GLY E 52 -29.50 4.15 124.82
C GLY E 52 -30.02 4.17 123.41
N LYS E 53 -29.37 4.88 122.50
CA LYS E 53 -29.79 4.94 121.11
C LYS E 53 -28.98 4.03 120.21
N GLN E 54 -28.04 3.26 120.77
CA GLN E 54 -27.21 2.32 120.01
C GLN E 54 -26.51 3.00 118.84
N GLU E 55 -26.16 4.29 119.02
CA GLU E 55 -25.47 5.02 117.96
C GLU E 55 -24.02 4.58 117.83
N VAL E 56 -23.43 4.02 118.88
CA VAL E 56 -22.05 3.54 118.82
C VAL E 56 -22.01 2.06 119.16
N ILE E 57 -20.82 1.47 119.12
CA ILE E 57 -20.69 0.05 119.39
C ILE E 57 -21.08 -0.26 120.84
N ARG E 58 -21.48 -1.50 121.08
CA ARG E 58 -22.07 -1.87 122.37
C ARG E 58 -21.08 -1.75 123.53
N GLY E 59 -19.81 -2.07 123.31
CA GLY E 59 -18.84 -1.96 124.38
C GLY E 59 -18.71 -0.54 124.91
N TRP E 60 -18.82 0.45 124.01
CA TRP E 60 -18.68 1.84 124.41
C TRP E 60 -19.75 2.28 125.39
N GLU E 61 -21.00 1.84 125.23
CA GLU E 61 -22.04 2.23 126.16
C GLU E 61 -21.65 1.89 127.60
N GLU E 62 -21.28 0.63 127.85
CA GLU E 62 -20.92 0.23 129.20
C GLU E 62 -19.60 0.85 129.64
N GLY E 63 -18.64 1.01 128.71
CA GLY E 63 -17.38 1.60 129.08
C GLY E 63 -17.53 3.04 129.57
N VAL E 64 -18.30 3.84 128.83
CA VAL E 64 -18.53 5.22 129.25
C VAL E 64 -19.46 5.27 130.47
N ALA E 65 -20.39 4.32 130.58
CA ALA E 65 -21.26 4.29 131.74
C ALA E 65 -20.49 4.03 133.03
N GLN E 66 -19.43 3.21 132.95
CA GLN E 66 -18.60 2.96 134.12
C GLN E 66 -17.69 4.13 134.46
N MET E 67 -17.44 5.04 133.53
CA MET E 67 -16.53 6.15 133.75
C MET E 67 -17.27 7.33 134.39
N SER E 68 -16.49 8.21 135.02
CA SER E 68 -17.01 9.41 135.65
C SER E 68 -16.57 10.64 134.87
N VAL E 69 -17.17 11.78 135.20
CA VAL E 69 -16.87 13.02 134.51
C VAL E 69 -15.44 13.44 134.82
N GLY E 70 -14.66 13.74 133.79
CA GLY E 70 -13.28 14.13 133.94
C GLY E 70 -12.32 12.97 134.04
N GLN E 71 -12.81 11.73 134.07
CA GLN E 71 -11.95 10.57 134.17
C GLN E 71 -11.44 10.17 132.79
N ARG E 72 -10.16 9.86 132.72
CA ARG E 72 -9.54 9.34 131.51
C ARG E 72 -9.21 7.87 131.76
N ALA E 73 -9.77 6.99 130.93
CA ALA E 73 -9.63 5.55 131.15
C ALA E 73 -9.37 4.86 129.82
N LYS E 74 -8.80 3.66 129.92
CA LYS E 74 -8.50 2.82 128.77
C LYS E 74 -9.56 1.73 128.69
N LEU E 75 -10.21 1.62 127.54
CA LEU E 75 -11.27 0.63 127.31
C LEU E 75 -10.77 -0.41 126.32
N THR E 76 -10.86 -1.69 126.70
CA THR E 76 -10.55 -2.80 125.82
C THR E 76 -11.85 -3.50 125.47
N ILE E 77 -12.16 -3.57 124.19
CA ILE E 77 -13.43 -4.12 123.70
C ILE E 77 -13.14 -5.40 122.94
N SER E 78 -13.76 -6.49 123.39
CA SER E 78 -13.68 -7.74 122.67
C SER E 78 -14.51 -7.65 121.38
N PRO E 79 -14.19 -8.47 120.37
CA PRO E 79 -14.88 -8.32 119.07
C PRO E 79 -16.39 -8.49 119.15
N ASP E 80 -16.90 -9.35 120.04
CA ASP E 80 -18.33 -9.54 120.14
C ASP E 80 -19.03 -8.25 120.55
N TYR E 81 -18.39 -7.46 121.42
CA TYR E 81 -18.89 -6.15 121.80
C TYR E 81 -18.45 -5.07 120.82
N ALA E 82 -17.80 -5.44 119.73
CA ALA E 82 -17.34 -4.53 118.70
C ALA E 82 -17.89 -4.98 117.36
N TYR E 83 -17.34 -4.44 116.27
CA TYR E 83 -17.82 -4.79 114.93
C TYR E 83 -17.80 -6.29 114.67
N GLY E 84 -16.87 -7.01 115.28
CA GLY E 84 -16.93 -8.46 115.29
C GLY E 84 -16.50 -9.15 114.01
N ALA E 85 -17.22 -10.21 113.66
CA ALA E 85 -16.83 -11.04 112.51
C ALA E 85 -16.87 -10.24 111.21
N THR E 86 -17.92 -9.43 111.02
CA THR E 86 -17.99 -8.61 109.82
C THR E 86 -16.91 -7.54 109.83
N GLY E 87 -16.70 -6.87 110.96
CA GLY E 87 -15.72 -5.83 111.03
C GLY E 87 -16.15 -4.58 110.28
N HIS E 88 -15.24 -3.61 110.26
CA HIS E 88 -15.45 -2.40 109.48
C HIS E 88 -14.64 -2.54 108.20
N PRO E 89 -15.28 -2.61 107.03
CA PRO E 89 -14.54 -2.95 105.79
C PRO E 89 -13.42 -1.97 105.51
N GLY E 90 -12.20 -2.49 105.49
CA GLY E 90 -11.03 -1.69 105.21
C GLY E 90 -10.53 -0.84 106.36
N ILE E 91 -11.12 -0.97 107.55
CA ILE E 91 -10.77 -0.08 108.64
C ILE E 91 -10.41 -0.90 109.88
N ILE E 92 -11.33 -1.74 110.34
CA ILE E 92 -11.06 -2.76 111.36
C ILE E 92 -11.05 -4.13 110.68
N PRO E 93 -10.01 -4.92 110.84
CA PRO E 93 -10.03 -6.30 110.34
C PRO E 93 -11.00 -7.15 111.14
N PRO E 94 -11.50 -8.24 110.56
CA PRO E 94 -12.43 -9.10 111.29
C PRO E 94 -11.79 -9.70 112.53
N HIS E 95 -12.61 -9.88 113.57
CA HIS E 95 -12.19 -10.47 114.84
C HIS E 95 -11.03 -9.69 115.46
N ALA E 96 -11.19 -8.37 115.54
CA ALA E 96 -10.17 -7.50 116.09
C ALA E 96 -10.63 -6.93 117.41
N THR E 97 -9.76 -7.00 118.42
CA THR E 97 -10.04 -6.39 119.70
C THR E 97 -9.61 -4.93 119.68
N LEU E 98 -10.51 -4.04 120.08
CA LEU E 98 -10.29 -2.60 119.99
C LEU E 98 -9.87 -2.06 121.36
N VAL E 99 -8.89 -1.18 121.35
CA VAL E 99 -8.41 -0.51 122.56
C VAL E 99 -8.63 0.98 122.39
N PHE E 100 -9.31 1.59 123.36
CA PHE E 100 -9.68 2.99 123.30
C PHE E 100 -9.14 3.74 124.50
N ASP E 101 -8.65 4.95 124.26
CA ASP E 101 -8.21 5.86 125.32
C ASP E 101 -9.26 6.97 125.34
N VAL E 102 -10.27 6.82 126.20
CA VAL E 102 -11.44 7.69 126.23
C VAL E 102 -11.35 8.59 127.44
N GLU E 103 -11.56 9.89 127.23
CA GLU E 103 -11.64 10.87 128.30
C GLU E 103 -13.03 11.49 128.29
N LEU E 104 -13.75 11.35 129.38
CA LEU E 104 -15.12 11.87 129.50
C LEU E 104 -15.04 13.34 129.89
N LEU E 105 -15.14 14.23 128.90
CA LEU E 105 -14.96 15.65 129.16
C LEU E 105 -16.09 16.21 130.02
N LYS E 106 -17.34 15.95 129.63
CA LYS E 106 -18.49 16.53 130.32
C LYS E 106 -19.76 15.86 129.81
N LEU E 107 -20.84 16.04 130.56
CA LEU E 107 -22.13 15.42 130.25
C LEU E 107 -23.17 16.50 129.99
N GLU E 108 -24.05 16.24 129.03
CA GLU E 108 -25.09 17.20 128.66
C GLU E 108 -26.26 16.51 127.99
N GLU F 10 22.77 -5.66 20.65
CA GLU F 10 22.94 -4.85 21.86
C GLU F 10 23.07 -5.76 23.07
N VAL F 11 24.06 -5.49 23.91
CA VAL F 11 24.31 -6.25 25.13
C VAL F 11 23.74 -5.47 26.30
N GLN F 12 22.77 -6.06 26.99
CA GLN F 12 22.16 -5.39 28.14
C GLN F 12 23.20 -5.17 29.23
N PHE F 13 23.18 -3.96 29.80
CA PHE F 13 24.17 -3.56 30.79
C PHE F 13 23.46 -3.31 32.11
N LEU F 14 24.03 -3.82 33.20
CA LEU F 14 23.41 -3.66 34.50
C LEU F 14 23.40 -2.18 34.91
N ARG F 15 22.36 -1.79 35.62
CA ARG F 15 22.16 -0.40 36.01
C ARG F 15 21.92 -0.34 37.51
N THR F 16 22.27 0.81 38.11
CA THR F 16 22.00 1.00 39.52
C THR F 16 20.50 1.07 39.78
N ASP F 17 20.11 0.70 41.00
CA ASP F 17 18.73 0.65 41.45
C ASP F 17 17.90 -0.39 40.69
N ASP F 18 18.55 -1.40 40.12
CA ASP F 18 17.87 -2.50 39.46
C ASP F 18 17.98 -3.75 40.31
N GLU F 19 16.86 -4.44 40.52
CA GLU F 19 16.88 -5.65 41.32
C GLU F 19 17.53 -6.79 40.56
N VAL F 20 18.47 -7.47 41.23
CA VAL F 20 19.23 -8.56 40.63
C VAL F 20 19.32 -9.71 41.63
N VAL F 21 19.69 -10.89 41.12
CA VAL F 21 19.94 -12.06 41.95
C VAL F 21 21.35 -12.54 41.69
N LEU F 22 22.01 -13.01 42.74
CA LEU F 22 23.37 -13.53 42.62
C LEU F 22 23.33 -15.03 42.39
N GLN F 23 23.90 -15.47 41.26
CA GLN F 23 23.80 -16.85 40.82
C GLN F 23 25.18 -17.49 40.78
N CYS F 24 25.32 -18.64 41.45
CA CYS F 24 26.54 -19.42 41.44
C CYS F 24 26.23 -20.80 40.90
N SER F 25 27.09 -21.30 40.02
CA SER F 25 26.91 -22.59 39.37
C SER F 25 27.93 -23.59 39.88
N ALA F 26 27.44 -24.73 40.37
CA ALA F 26 28.29 -25.82 40.83
C ALA F 26 27.74 -27.14 40.32
N THR F 27 28.63 -28.11 40.16
CA THR F 27 28.26 -29.42 39.64
C THR F 27 28.48 -30.47 40.72
N VAL F 28 27.42 -31.21 41.05
CA VAL F 28 27.46 -32.29 42.03
C VAL F 28 26.98 -33.56 41.34
N LEU F 29 27.72 -34.66 41.55
CA LEU F 29 27.41 -35.97 40.95
C LEU F 29 27.10 -35.86 39.45
N LYS F 30 27.86 -35.00 38.77
CA LYS F 30 27.76 -34.80 37.33
C LYS F 30 26.39 -34.29 36.91
N GLU F 31 25.96 -33.17 37.50
CA GLU F 31 24.80 -32.42 37.02
C GLU F 31 25.00 -30.97 37.40
N GLN F 32 24.61 -30.06 36.51
CA GLN F 32 24.83 -28.64 36.75
C GLN F 32 23.74 -28.07 37.64
N LEU F 33 24.15 -27.58 38.82
CA LEU F 33 23.25 -27.00 39.79
C LEU F 33 23.48 -25.50 39.87
N LYS F 34 22.45 -24.72 39.63
CA LYS F 34 22.51 -23.28 39.72
C LYS F 34 21.84 -22.84 41.03
N LEU F 35 22.58 -22.12 41.85
CA LEU F 35 22.13 -21.72 43.17
C LEU F 35 22.10 -20.20 43.27
N CYS F 36 21.05 -19.66 43.86
CA CYS F 36 20.89 -18.23 44.04
C CYS F 36 21.10 -17.88 45.51
N LEU F 37 21.93 -16.88 45.76
CA LEU F 37 22.20 -16.47 47.13
C LEU F 37 20.96 -15.87 47.76
N ALA F 38 20.62 -16.34 48.96
CA ALA F 38 19.41 -15.92 49.66
C ALA F 38 19.72 -15.69 51.12
N ALA F 39 19.01 -14.75 51.73
CA ALA F 39 19.12 -14.45 53.15
C ALA F 39 17.73 -14.18 53.71
N GLU F 40 17.45 -14.74 54.88
CA GLU F 40 16.14 -14.53 55.50
C GLU F 40 16.03 -13.12 56.08
N GLY F 41 17.11 -12.61 56.65
CA GLY F 41 17.11 -11.27 57.20
C GLY F 41 16.71 -11.22 58.66
N PHE F 42 15.43 -11.47 58.93
CA PHE F 42 14.90 -11.43 60.29
C PHE F 42 15.05 -12.80 60.92
N GLY F 43 15.81 -12.87 62.01
CA GLY F 43 16.02 -14.11 62.72
C GLY F 43 17.22 -14.92 62.26
N ASN F 44 17.76 -14.62 61.08
CA ASN F 44 18.93 -15.33 60.57
C ASN F 44 19.70 -14.38 59.66
N ARG F 45 20.81 -13.84 60.18
CA ARG F 45 21.62 -12.92 59.39
C ARG F 45 22.33 -13.66 58.25
N LEU F 46 22.74 -14.90 58.48
CA LEU F 46 23.57 -15.61 57.52
C LEU F 46 22.84 -15.85 56.21
N CYS F 47 23.62 -15.94 55.13
CA CYS F 47 23.05 -16.21 53.82
C CYS F 47 23.24 -17.66 53.43
N PHE F 48 22.24 -18.22 52.76
CA PHE F 48 22.25 -19.60 52.31
C PHE F 48 21.94 -19.63 50.82
N LEU F 49 22.52 -20.60 50.11
CA LEU F 49 22.26 -20.73 48.69
C LEU F 49 21.01 -21.58 48.47
N GLU F 50 20.12 -21.07 47.62
CA GLU F 50 18.87 -21.73 47.31
C GLU F 50 18.91 -22.27 45.89
N PRO F 51 18.77 -23.58 45.69
CA PRO F 51 18.96 -24.16 44.35
C PRO F 51 17.84 -23.77 43.41
N THR F 52 18.21 -23.52 42.14
CA THR F 52 17.25 -23.14 41.12
C THR F 52 17.21 -24.14 39.95
N SER F 53 18.03 -25.19 39.99
CA SER F 53 17.98 -26.20 38.93
C SER F 53 16.64 -26.94 38.95
N ASN F 54 16.16 -27.28 40.13
CA ASN F 54 14.88 -27.95 40.31
C ASN F 54 13.71 -26.98 40.35
N ALA F 55 13.89 -25.77 39.85
CA ALA F 55 12.82 -24.78 39.88
C ALA F 55 11.61 -25.26 39.08
N GLN F 56 11.85 -25.95 37.96
CA GLN F 56 10.75 -26.48 37.17
C GLN F 56 9.96 -27.52 37.95
N ASN F 57 10.65 -28.40 38.68
CA ASN F 57 9.94 -29.41 39.46
C ASN F 57 9.40 -28.85 40.76
N VAL F 58 10.18 -28.04 41.46
CA VAL F 58 9.78 -27.50 42.76
C VAL F 58 9.98 -25.99 42.75
N PRO F 59 8.94 -25.21 43.05
CA PRO F 59 9.07 -23.75 42.99
C PRO F 59 10.06 -23.24 44.03
N PRO F 60 11.05 -22.45 43.62
CA PRO F 60 11.91 -21.77 44.58
C PRO F 60 11.30 -20.46 45.04
N ASP F 61 11.83 -19.95 46.15
CA ASP F 61 11.38 -18.69 46.73
C ASP F 61 12.39 -17.60 46.40
N LEU F 62 12.04 -16.71 45.48
CA LEU F 62 12.93 -15.66 45.04
C LEU F 62 12.84 -14.40 45.88
N ALA F 63 11.89 -14.32 46.81
CA ALA F 63 11.76 -13.12 47.64
C ALA F 63 13.01 -12.89 48.47
N ILE F 64 13.57 -13.96 49.04
CA ILE F 64 14.80 -13.84 49.81
C ILE F 64 15.99 -13.61 48.88
N CYS F 65 15.94 -14.18 47.67
CA CYS F 65 17.11 -14.15 46.79
C CYS F 65 17.31 -12.78 46.16
N CYS F 66 16.24 -12.03 45.97
CA CYS F 66 16.34 -10.76 45.25
C CYS F 66 17.15 -9.74 46.03
N PHE F 67 18.02 -9.02 45.31
CA PHE F 67 18.82 -7.95 45.88
C PHE F 67 18.77 -6.74 44.95
N THR F 68 18.87 -5.56 45.54
CA THR F 68 18.92 -4.31 44.80
C THR F 68 20.22 -3.59 45.15
N LEU F 69 20.84 -2.97 44.15
CA LEU F 69 22.08 -2.23 44.33
C LEU F 69 21.76 -0.75 44.35
N GLU F 70 21.99 -0.09 45.50
CA GLU F 70 21.63 1.31 45.64
C GLU F 70 22.55 2.20 44.82
N GLN F 71 23.85 1.98 44.90
CA GLN F 71 24.80 2.90 44.28
C GLN F 71 26.02 2.12 43.79
N SER F 72 26.69 2.70 42.80
CA SER F 72 27.97 2.19 42.30
C SER F 72 29.01 3.29 42.47
N LEU F 73 30.18 2.93 42.97
CA LEU F 73 31.23 3.89 43.27
C LEU F 73 32.58 3.32 42.90
N SER F 74 33.43 4.16 42.31
CA SER F 74 34.80 3.76 42.04
C SER F 74 35.53 3.48 43.36
N VAL F 75 36.69 2.85 43.27
CA VAL F 75 37.46 2.52 44.48
C VAL F 75 37.87 3.80 45.21
N ARG F 76 38.31 4.81 44.47
CA ARG F 76 38.79 6.03 45.10
C ARG F 76 37.65 6.80 45.75
N ALA F 77 36.51 6.89 45.06
CA ALA F 77 35.33 7.52 45.65
C ALA F 77 34.85 6.73 46.85
N LEU F 78 35.01 5.41 46.81
CA LEU F 78 34.73 4.58 47.98
C LEU F 78 35.60 5.00 49.16
N GLN F 79 36.89 5.18 48.90
CA GLN F 79 37.80 5.62 49.95
C GLN F 79 37.36 6.96 50.52
N GLU F 80 36.97 7.89 49.64
CA GLU F 80 36.49 9.19 50.12
C GLU F 80 35.24 9.05 50.97
N MET F 81 34.32 8.17 50.58
CA MET F 81 33.06 8.08 51.32
C MET F 81 33.26 7.37 52.66
N LEU F 82 34.25 6.46 52.75
CA LEU F 82 34.68 6.00 54.07
C LEU F 82 35.30 7.13 54.88
N ALA F 83 36.09 7.98 54.23
CA ALA F 83 36.70 9.11 54.94
C ALA F 83 35.64 10.03 55.53
N ASN F 84 34.57 10.28 54.78
CA ASN F 84 33.48 11.11 55.26
C ASN F 84 32.42 10.25 55.97
N HIS F 98 20.31 6.60 37.37
CA HIS F 98 20.63 5.20 37.14
C HIS F 98 22.00 5.05 36.50
N ARG F 99 23.04 5.03 37.33
CA ARG F 99 24.41 4.93 36.82
C ARG F 99 24.72 3.52 36.37
N THR F 100 25.56 3.42 35.34
CA THR F 100 25.93 2.12 34.79
C THR F 100 26.96 1.43 35.67
N LEU F 101 26.78 0.12 35.86
CA LEU F 101 27.76 -0.67 36.58
C LEU F 101 29.00 -0.85 35.73
N LEU F 102 30.15 -0.48 36.28
CA LEU F 102 31.43 -0.54 35.58
C LEU F 102 32.39 -1.39 36.39
N TYR F 103 33.17 -2.22 35.70
CA TYR F 103 34.10 -3.12 36.39
C TYR F 103 35.09 -2.32 37.22
N GLY F 104 35.39 -2.84 38.41
CA GLY F 104 36.23 -2.15 39.36
C GLY F 104 35.51 -1.22 40.30
N HIS F 105 34.21 -1.01 40.11
CA HIS F 105 33.44 -0.15 40.98
C HIS F 105 33.06 -0.89 42.26
N ALA F 106 32.57 -0.11 43.22
CA ALA F 106 32.05 -0.63 44.47
C ALA F 106 30.55 -0.37 44.53
N ILE F 107 29.79 -1.40 44.89
CA ILE F 107 28.34 -1.32 44.95
C ILE F 107 27.87 -1.74 46.33
N LEU F 108 26.67 -1.30 46.70
CA LEU F 108 26.05 -1.67 47.96
C LEU F 108 24.76 -2.42 47.65
N LEU F 109 24.72 -3.71 47.98
CA LEU F 109 23.57 -4.55 47.71
C LEU F 109 22.72 -4.65 48.96
N ARG F 110 21.44 -4.32 48.83
CA ARG F 110 20.49 -4.41 49.93
C ARG F 110 19.48 -5.49 49.64
N HIS F 111 19.04 -6.18 50.69
CA HIS F 111 18.07 -7.25 50.53
C HIS F 111 16.68 -6.64 50.39
N ALA F 112 15.93 -7.09 49.38
CA ALA F 112 14.67 -6.44 49.05
C ALA F 112 13.65 -6.56 50.19
N HIS F 113 13.49 -7.78 50.72
CA HIS F 113 12.46 -8.00 51.72
C HIS F 113 12.84 -7.37 53.06
N SER F 114 14.07 -7.60 53.51
CA SER F 114 14.43 -7.22 54.88
C SER F 114 15.02 -5.82 54.95
N ARG F 115 15.24 -5.19 53.81
CA ARG F 115 15.84 -3.86 53.64
C ARG F 115 17.28 -3.84 54.15
N MET F 116 17.82 -4.97 54.61
CA MET F 116 19.18 -5.03 55.11
C MET F 116 20.17 -5.05 53.95
N TYR F 117 21.42 -4.70 54.26
CA TYR F 117 22.47 -4.61 53.26
C TYR F 117 23.42 -5.78 53.41
N LEU F 118 23.73 -6.45 52.31
CA LEU F 118 24.63 -7.60 52.36
C LEU F 118 26.03 -7.16 52.75
N SER F 119 26.67 -7.95 53.60
CA SER F 119 28.00 -7.61 54.10
C SER F 119 28.71 -8.89 54.52
N CYS F 120 30.00 -8.77 54.78
CA CYS F 120 30.81 -9.88 55.26
C CYS F 120 30.96 -9.77 56.77
N LEU F 121 30.69 -10.87 57.46
CA LEU F 121 30.77 -10.87 58.92
C LEU F 121 32.13 -11.39 59.38
N THR F 122 32.61 -10.85 60.50
CA THR F 122 33.91 -11.25 61.03
C THR F 122 33.91 -12.71 61.46
N THR F 123 32.80 -13.17 62.05
CA THR F 123 32.72 -14.55 62.52
C THR F 123 32.71 -15.51 61.35
N SER F 124 33.15 -16.75 61.62
CA SER F 124 33.18 -17.80 60.61
C SER F 124 32.56 -19.06 61.17
N ARG F 125 31.51 -19.55 60.50
CA ARG F 125 30.91 -20.82 60.88
C ARG F 125 31.56 -22.01 60.20
N SER F 126 32.38 -21.78 59.18
CA SER F 126 33.08 -22.85 58.48
C SER F 126 34.43 -23.10 59.14
N MET F 127 34.59 -24.29 59.72
CA MET F 127 35.84 -24.61 60.40
C MET F 127 36.87 -25.14 59.41
N THR F 128 36.46 -25.37 58.16
CA THR F 128 37.39 -25.91 57.17
C THR F 128 38.44 -24.88 56.76
N ASP F 129 38.05 -23.62 56.63
CA ASP F 129 38.90 -22.58 56.06
C ASP F 129 39.01 -21.43 57.06
N LYS F 130 40.22 -21.27 57.64
CA LYS F 130 40.42 -20.23 58.64
C LYS F 130 40.20 -18.84 58.05
N LEU F 131 40.72 -18.60 56.85
CA LEU F 131 40.58 -17.31 56.21
C LEU F 131 39.13 -16.96 55.92
N ALA F 132 38.27 -17.98 55.77
CA ALA F 132 36.90 -17.74 55.34
C ALA F 132 36.12 -16.93 56.37
N PHE F 133 35.28 -16.02 55.89
CA PHE F 133 34.40 -15.21 56.71
C PHE F 133 32.96 -15.44 56.30
N ASP F 134 32.06 -15.40 57.28
CA ASP F 134 30.64 -15.57 56.98
C ASP F 134 30.09 -14.34 56.28
N VAL F 135 29.18 -14.57 55.34
CA VAL F 135 28.49 -13.51 54.61
C VAL F 135 27.06 -13.44 55.14
N GLY F 136 26.68 -12.27 55.65
CA GLY F 136 25.37 -12.11 56.24
C GLY F 136 24.83 -10.71 56.02
N LEU F 137 23.53 -10.58 56.26
CA LEU F 137 22.87 -9.30 56.11
C LEU F 137 23.24 -8.37 57.26
N GLN F 138 23.31 -7.08 56.96
CA GLN F 138 23.69 -6.07 57.93
C GLN F 138 22.62 -4.99 57.99
N GLU F 139 22.31 -4.52 59.20
CA GLU F 139 21.23 -3.55 59.37
C GLU F 139 21.58 -2.21 58.73
N ASP F 140 22.79 -1.72 58.96
CA ASP F 140 23.18 -0.39 58.52
C ASP F 140 24.05 -0.48 57.28
N ALA F 141 23.89 0.50 56.38
CA ALA F 141 24.72 0.52 55.17
C ALA F 141 26.10 1.10 55.45
N THR F 142 26.27 1.74 56.60
CA THR F 142 27.55 2.34 56.95
C THR F 142 28.59 1.27 57.23
N GLY F 143 29.82 1.57 56.85
CA GLY F 143 30.92 0.65 57.05
C GLY F 143 31.42 0.05 55.75
N GLU F 144 32.67 -0.42 55.77
CA GLU F 144 33.25 -1.01 54.57
C GLU F 144 32.75 -2.43 54.35
N ALA F 145 32.16 -3.04 55.37
CA ALA F 145 31.64 -4.40 55.23
C ALA F 145 30.51 -4.47 54.22
N CYS F 146 29.63 -3.46 54.23
CA CYS F 146 28.47 -3.48 53.34
C CYS F 146 28.87 -3.32 51.89
N TRP F 147 30.05 -2.74 51.64
CA TRP F 147 30.43 -2.41 50.28
C TRP F 147 31.16 -3.58 49.63
N TRP F 148 30.91 -3.78 48.34
CA TRP F 148 31.50 -4.87 47.59
C TRP F 148 32.00 -4.35 46.24
N THR F 149 33.15 -4.86 45.82
CA THR F 149 33.77 -4.45 44.56
C THR F 149 33.77 -5.63 43.60
N MET F 150 33.30 -5.40 42.37
CA MET F 150 33.35 -6.42 41.33
C MET F 150 34.55 -6.21 40.43
N HIS F 151 35.22 -7.31 40.09
CA HIS F 151 36.28 -7.36 39.11
C HIS F 151 35.89 -8.37 38.03
N PRO F 152 36.23 -8.14 36.76
CA PRO F 152 35.79 -9.07 35.71
C PRO F 152 36.48 -10.41 35.83
N ALA F 153 35.67 -11.46 35.95
CA ALA F 153 36.22 -12.81 36.07
C ALA F 153 36.81 -13.28 34.74
N SER F 154 36.14 -12.98 33.63
CA SER F 154 36.65 -13.36 32.32
C SER F 154 37.86 -12.53 31.95
N LYS F 155 38.81 -13.15 31.26
CA LYS F 155 40.02 -12.45 30.85
C LYS F 155 39.68 -11.36 29.83
N GLN F 156 38.81 -11.67 28.87
CA GLN F 156 38.51 -10.72 27.80
C GLN F 156 37.88 -9.44 28.36
N ARG F 157 37.08 -9.55 29.42
CA ARG F 157 36.58 -8.37 30.09
C ARG F 157 37.72 -7.69 30.85
N SER F 158 37.70 -6.36 30.88
CA SER F 158 38.77 -5.58 31.47
C SER F 158 38.20 -4.57 32.46
N GLU F 159 39.03 -4.17 33.41
CA GLU F 159 38.62 -3.17 34.39
C GLU F 159 38.33 -1.84 33.69
N GLY F 160 37.33 -1.12 34.22
CA GLY F 160 36.86 0.08 33.57
C GLY F 160 35.81 -0.16 32.51
N GLU F 161 35.49 -1.42 32.21
CA GLU F 161 34.41 -1.72 31.28
C GLU F 161 33.08 -1.79 32.01
N LYS F 162 32.01 -1.42 31.31
CA LYS F 162 30.68 -1.51 31.88
C LYS F 162 30.27 -2.97 32.03
N VAL F 163 29.52 -3.25 33.10
CA VAL F 163 29.13 -4.61 33.42
C VAL F 163 27.99 -5.06 32.52
N ARG F 164 28.11 -6.26 31.97
CA ARG F 164 27.17 -6.80 30.99
C ARG F 164 26.33 -7.89 31.63
N VAL F 165 25.06 -7.97 31.21
CA VAL F 165 24.15 -8.97 31.77
C VAL F 165 24.56 -10.37 31.35
N GLY F 166 24.65 -11.26 32.33
CA GLY F 166 25.02 -12.64 32.08
C GLY F 166 26.51 -12.91 32.11
N ASP F 167 27.34 -11.88 32.21
CA ASP F 167 28.78 -12.09 32.28
C ASP F 167 29.16 -12.69 33.62
N ASP F 168 30.18 -13.55 33.61
CA ASP F 168 30.73 -14.03 34.87
C ASP F 168 31.37 -12.87 35.63
N LEU F 169 31.41 -12.98 36.95
CA LEU F 169 31.80 -11.86 37.78
C LEU F 169 32.40 -12.36 39.08
N ILE F 170 33.42 -11.65 39.56
CA ILE F 170 34.03 -11.92 40.86
C ILE F 170 33.88 -10.65 41.70
N LEU F 171 33.50 -10.84 42.96
CA LEU F 171 33.19 -9.73 43.86
C LEU F 171 34.10 -9.80 45.07
N VAL F 172 34.58 -8.64 45.52
CA VAL F 172 35.49 -8.55 46.66
C VAL F 172 34.80 -7.77 47.77
N SER F 173 34.77 -8.35 48.96
CA SER F 173 34.27 -7.62 50.12
C SER F 173 35.27 -6.52 50.47
N VAL F 174 34.77 -5.29 50.58
CA VAL F 174 35.67 -4.15 50.76
C VAL F 174 36.38 -4.24 52.10
N SER F 175 35.65 -4.57 53.16
CA SER F 175 36.25 -4.62 54.49
C SER F 175 37.29 -5.73 54.59
N SER F 176 36.92 -6.95 54.19
CA SER F 176 37.79 -8.10 54.37
C SER F 176 38.67 -8.40 53.16
N GLU F 177 38.52 -7.65 52.07
CA GLU F 177 39.26 -7.92 50.84
C GLU F 177 39.12 -9.38 50.42
N ARG F 178 37.89 -9.88 50.49
CA ARG F 178 37.59 -11.29 50.33
C ARG F 178 36.57 -11.49 49.23
N TYR F 179 36.73 -12.56 48.46
CA TYR F 179 35.76 -12.89 47.42
C TYR F 179 34.57 -13.64 48.00
N LEU F 180 33.40 -13.36 47.44
CA LEU F 180 32.24 -14.19 47.71
C LEU F 180 32.47 -15.60 47.16
N HIS F 181 32.56 -16.57 48.06
CA HIS F 181 33.03 -17.89 47.69
C HIS F 181 32.03 -18.96 48.10
N LEU F 182 31.82 -19.91 47.20
CA LEU F 182 31.04 -21.11 47.46
C LEU F 182 31.99 -22.22 47.88
N SER F 183 31.75 -22.80 49.05
CA SER F 183 32.62 -23.82 49.62
C SER F 183 31.92 -25.16 49.60
N THR F 184 32.51 -26.12 48.88
CA THR F 184 32.02 -27.49 48.87
C THR F 184 32.64 -28.35 49.97
N ALA F 185 33.52 -27.77 50.79
CA ALA F 185 34.17 -28.54 51.85
C ALA F 185 33.14 -29.13 52.80
N SER F 186 32.21 -28.31 53.26
CA SER F 186 31.08 -28.82 54.04
C SER F 186 30.18 -29.65 53.15
N GLY F 187 29.47 -30.61 53.76
CA GLY F 187 28.57 -31.44 52.98
C GLY F 187 27.52 -30.64 52.24
N GLU F 188 26.89 -29.69 52.92
CA GLU F 188 25.97 -28.78 52.26
C GLU F 188 26.75 -27.67 51.56
N LEU F 189 26.17 -27.13 50.50
CA LEU F 189 26.79 -26.02 49.80
C LEU F 189 26.66 -24.75 50.61
N GLN F 190 27.80 -24.11 50.90
CA GLN F 190 27.84 -22.95 51.78
C GLN F 190 28.51 -21.80 51.06
N VAL F 191 27.95 -20.60 51.26
CA VAL F 191 28.47 -19.37 50.67
C VAL F 191 29.11 -18.56 51.78
N ASP F 192 30.35 -18.13 51.54
CA ASP F 192 31.08 -17.33 52.52
C ASP F 192 32.09 -16.43 51.82
N ALA F 193 32.49 -15.37 52.52
CA ALA F 193 33.53 -14.50 52.00
C ALA F 193 34.89 -15.16 52.21
N SER F 194 35.67 -15.27 51.13
CA SER F 194 36.92 -16.00 51.20
C SER F 194 37.94 -15.38 50.27
N PHE F 195 39.19 -15.76 50.50
CA PHE F 195 40.32 -15.24 49.75
C PHE F 195 40.38 -15.89 48.36
N MET F 196 39.92 -17.13 48.26
CA MET F 196 39.76 -17.78 46.96
C MET F 196 38.62 -17.13 46.21
N GLN F 197 38.66 -17.22 44.88
CA GLN F 197 37.58 -16.66 44.07
C GLN F 197 36.60 -17.75 43.64
N THR F 198 35.37 -17.34 43.38
CA THR F 198 34.30 -18.23 42.93
C THR F 198 33.40 -17.47 41.98
N LEU F 199 33.23 -18.00 40.77
CA LEU F 199 32.51 -17.28 39.73
C LEU F 199 31.06 -17.04 40.13
N TRP F 200 30.59 -15.81 39.90
CA TRP F 200 29.23 -15.40 40.18
C TRP F 200 28.64 -14.70 38.96
N ASN F 201 27.34 -14.87 38.76
CA ASN F 201 26.62 -14.22 37.67
C ASN F 201 25.43 -13.48 38.25
N MET F 202 25.26 -12.22 37.84
CA MET F 202 24.18 -11.38 38.32
C MET F 202 23.15 -11.22 37.21
N ASN F 203 21.96 -11.77 37.43
CA ASN F 203 20.88 -11.70 36.47
C ASN F 203 19.86 -10.67 36.92
N PRO F 204 19.37 -9.82 36.02
CA PRO F 204 18.46 -8.75 36.43
C PRO F 204 17.02 -9.24 36.59
N ILE F 205 16.40 -8.88 37.72
CA ILE F 205 15.00 -9.21 37.92
C ILE F 205 14.12 -8.16 37.28
N CYS F 206 14.29 -6.90 37.67
CA CYS F 206 13.52 -5.80 37.12
C CYS F 206 14.41 -4.57 37.02
N SER F 207 14.42 -3.93 35.85
CA SER F 207 15.26 -2.75 35.68
C SER F 207 14.55 -1.50 36.19
N CYS F 208 13.31 -1.28 35.76
CA CYS F 208 12.55 -0.11 36.20
C CYS F 208 11.08 -0.48 36.25
N CYS F 209 10.44 -0.12 37.37
CA CYS F 209 9.05 -0.47 37.63
C CYS F 209 8.16 0.66 37.12
N GLU F 210 7.27 0.33 36.19
CA GLU F 210 6.34 1.31 35.66
C GLU F 210 5.14 1.49 36.59
N GLU F 211 4.53 2.67 36.52
CA GLU F 211 3.36 2.94 37.34
C GLU F 211 2.19 2.07 36.89
N GLY F 212 1.42 1.58 37.85
CA GLY F 212 0.47 0.52 37.54
C GLY F 212 1.24 -0.65 36.97
N TYR F 213 0.82 -1.10 35.79
CA TYR F 213 1.69 -1.86 34.89
C TYR F 213 2.33 -3.05 35.61
N VAL F 214 1.49 -4.01 36.00
CA VAL F 214 1.88 -5.07 36.90
C VAL F 214 3.13 -5.78 36.40
N THR F 215 4.02 -6.12 37.33
CA THR F 215 5.23 -6.85 37.04
C THR F 215 5.28 -8.11 37.88
N GLY F 216 6.05 -9.09 37.41
CA GLY F 216 6.21 -10.31 38.16
C GLY F 216 6.94 -10.08 39.47
N GLY F 217 6.64 -10.94 40.45
CA GLY F 217 7.21 -10.80 41.77
C GLY F 217 6.47 -9.85 42.70
N HIS F 218 5.44 -9.17 42.20
CA HIS F 218 4.66 -8.29 43.04
C HIS F 218 3.78 -9.10 43.98
N VAL F 219 3.44 -8.50 45.12
CA VAL F 219 2.53 -9.09 46.09
C VAL F 219 1.24 -8.28 46.03
N LEU F 220 0.12 -8.97 45.78
CA LEU F 220 -1.14 -8.29 45.52
C LEU F 220 -2.29 -9.19 45.91
N ARG F 221 -3.45 -8.57 46.14
CA ARG F 221 -4.69 -9.27 46.39
C ARG F 221 -5.65 -9.03 45.23
N LEU F 222 -6.12 -10.11 44.62
CA LEU F 222 -7.04 -10.00 43.49
C LEU F 222 -8.48 -10.09 43.97
N PHE F 223 -9.33 -9.20 43.46
CA PHE F 223 -10.70 -9.04 43.92
C PHE F 223 -11.65 -9.59 42.87
N HIS F 224 -12.49 -10.54 43.26
CA HIS F 224 -13.45 -11.11 42.31
C HIS F 224 -14.46 -10.07 41.87
N GLY F 225 -15.09 -9.41 42.82
CA GLY F 225 -16.02 -8.33 42.51
C GLY F 225 -15.34 -6.98 42.46
N HIS F 226 -16.15 -5.96 42.21
CA HIS F 226 -15.69 -4.57 42.26
C HIS F 226 -15.54 -4.21 43.74
N MET F 227 -14.36 -4.54 44.25
CA MET F 227 -13.82 -4.44 45.62
C MET F 227 -14.80 -5.00 46.65
N ASP F 228 -15.83 -5.75 46.21
CA ASP F 228 -16.70 -6.43 47.17
C ASP F 228 -15.96 -7.55 47.89
N GLU F 229 -15.25 -8.41 47.16
CA GLU F 229 -14.69 -9.62 47.74
C GLU F 229 -13.35 -9.92 47.08
N CYS F 230 -12.46 -10.55 47.84
CA CYS F 230 -11.12 -10.89 47.38
C CYS F 230 -10.85 -12.36 47.66
N LEU F 231 -10.15 -13.03 46.74
CA LEU F 231 -9.81 -14.42 46.93
C LEU F 231 -8.80 -14.58 48.06
N THR F 232 -9.08 -15.50 48.97
CA THR F 232 -8.23 -15.71 50.13
C THR F 232 -8.41 -17.14 50.64
N ILE F 233 -7.39 -17.61 51.36
CA ILE F 233 -7.52 -18.90 52.04
C ILE F 233 -8.22 -18.69 53.37
N SER F 234 -8.64 -19.81 53.96
CA SER F 234 -9.37 -19.77 55.22
C SER F 234 -8.47 -19.24 56.34
N ALA F 235 -9.11 -18.64 57.34
CA ALA F 235 -8.39 -18.04 58.45
C ALA F 235 -7.64 -19.10 59.26
N ALA F 236 -6.82 -18.63 60.20
CA ALA F 236 -6.01 -19.53 61.00
C ALA F 236 -6.87 -20.41 61.88
N ASP F 237 -6.32 -21.58 62.21
CA ASP F 237 -6.92 -22.62 63.06
C ASP F 237 -8.19 -23.21 62.45
N SER F 238 -8.44 -23.01 61.16
CA SER F 238 -9.62 -23.59 60.53
C SER F 238 -9.42 -25.08 60.30
N ASP F 239 -10.53 -25.81 60.21
CA ASP F 239 -10.47 -27.26 60.00
C ASP F 239 -9.95 -27.60 58.61
N ASP F 240 -10.19 -26.72 57.63
CA ASP F 240 -9.80 -27.01 56.26
C ASP F 240 -8.28 -26.98 56.09
N GLN F 241 -7.56 -26.51 57.11
CA GLN F 241 -6.11 -26.35 57.13
C GLN F 241 -5.66 -25.31 56.11
N ARG F 242 -6.53 -24.39 55.73
CA ARG F 242 -6.29 -23.31 54.77
C ARG F 242 -5.88 -23.82 53.40
N ARG F 243 -6.05 -25.11 53.11
CA ARG F 243 -5.74 -25.62 51.78
C ARG F 243 -6.77 -25.16 50.77
N LEU F 244 -8.00 -24.91 51.23
CA LEU F 244 -9.06 -24.49 50.33
C LEU F 244 -9.07 -22.97 50.19
N VAL F 245 -9.48 -22.50 49.01
CA VAL F 245 -9.51 -21.07 48.69
C VAL F 245 -10.95 -20.63 48.54
N TYR F 246 -11.22 -19.37 48.90
CA TYR F 246 -12.56 -18.79 48.90
C TYR F 246 -12.51 -17.31 48.61
N TYR F 247 -13.60 -16.75 48.09
CA TYR F 247 -13.75 -15.31 48.04
C TYR F 247 -14.40 -14.81 49.32
N GLU F 248 -13.81 -13.78 49.91
CA GLU F 248 -14.31 -13.25 51.17
C GLU F 248 -14.30 -11.73 51.12
N GLY F 249 -15.19 -11.13 51.91
CA GLY F 249 -15.27 -9.69 51.99
C GLY F 249 -15.29 -9.23 53.44
N GLY F 250 -14.80 -8.02 53.65
CA GLY F 250 -14.74 -7.43 54.97
C GLY F 250 -13.30 -7.14 55.39
N ALA F 251 -12.98 -7.48 56.63
CA ALA F 251 -11.64 -7.19 57.15
C ALA F 251 -10.59 -8.08 56.49
N VAL F 252 -11.02 -9.14 55.80
CA VAL F 252 -10.08 -10.03 55.12
C VAL F 252 -9.33 -9.27 54.04
N CYS F 253 -9.94 -8.22 53.48
CA CYS F 253 -9.26 -7.42 52.47
C CYS F 253 -8.07 -6.68 53.06
N THR F 254 -8.13 -6.37 54.36
CA THR F 254 -7.00 -5.71 55.01
C THR F 254 -6.05 -6.73 55.62
N HIS F 255 -6.54 -7.92 55.95
CA HIS F 255 -5.70 -8.93 56.58
C HIS F 255 -4.69 -9.49 55.59
N ALA F 256 -3.65 -10.12 56.14
CA ALA F 256 -2.55 -10.61 55.30
C ALA F 256 -2.92 -11.92 54.62
N ARG F 257 -3.95 -12.61 55.11
CA ARG F 257 -4.33 -13.89 54.52
C ARG F 257 -4.81 -13.72 53.09
N SER F 258 -5.30 -12.52 52.74
CA SER F 258 -5.76 -12.29 51.38
C SER F 258 -4.59 -11.91 50.46
N LEU F 259 -3.42 -11.68 51.03
CA LEU F 259 -2.28 -11.26 50.22
C LEU F 259 -1.73 -12.43 49.42
N TRP F 260 -1.53 -12.20 48.13
CA TRP F 260 -1.03 -13.23 47.23
C TRP F 260 0.19 -12.70 46.51
N ARG F 261 1.08 -13.62 46.12
CA ARG F 261 2.26 -13.28 45.34
C ARG F 261 2.26 -14.10 44.06
N LEU F 262 2.45 -13.43 42.94
CA LEU F 262 2.52 -14.08 41.64
C LEU F 262 3.95 -13.97 41.10
N GLU F 263 4.54 -15.11 40.76
CA GLU F 263 5.87 -15.16 40.22
C GLU F 263 5.88 -15.93 38.90
N PRO F 264 6.35 -15.34 37.81
CA PRO F 264 6.48 -16.10 36.56
C PRO F 264 7.54 -17.19 36.72
N LEU F 265 7.36 -18.27 35.97
CA LEU F 265 8.28 -19.41 36.03
C LEU F 265 9.51 -19.15 35.17
N ARG F 266 10.13 -17.99 35.42
CA ARG F 266 11.41 -17.63 34.82
C ARG F 266 12.31 -17.08 35.92
N ILE F 267 13.46 -17.71 36.13
CA ILE F 267 14.39 -17.21 37.13
C ILE F 267 14.98 -15.87 36.70
N SER F 268 15.19 -15.70 35.39
CA SER F 268 15.74 -14.45 34.89
C SER F 268 14.61 -13.53 34.42
N TRP F 269 14.76 -12.24 34.73
CA TRP F 269 13.76 -11.22 34.37
C TRP F 269 12.38 -11.58 34.92
N SER F 270 12.37 -12.13 36.13
CA SER F 270 11.10 -12.46 36.77
C SER F 270 10.30 -11.21 37.08
N GLY F 271 10.98 -10.07 37.26
CA GLY F 271 10.30 -8.83 37.55
C GLY F 271 9.80 -8.10 36.32
N SER F 272 9.83 -8.77 35.16
CA SER F 272 9.31 -8.17 33.94
C SER F 272 7.81 -7.98 34.05
N HIS F 273 7.27 -7.06 33.24
CA HIS F 273 5.84 -6.84 33.18
C HIS F 273 5.12 -8.13 32.78
N LEU F 274 4.00 -8.40 33.44
CA LEU F 274 3.20 -9.55 33.05
C LEU F 274 2.51 -9.30 31.71
N ARG F 275 2.36 -10.37 30.95
CA ARG F 275 1.69 -10.33 29.67
C ARG F 275 0.41 -11.15 29.74
N TRP F 276 -0.56 -10.79 28.92
CA TRP F 276 -1.77 -11.59 28.80
C TRP F 276 -1.42 -12.98 28.29
N GLY F 277 -2.00 -13.99 28.92
CA GLY F 277 -1.73 -15.36 28.52
C GLY F 277 -0.29 -15.79 28.70
N GLN F 278 0.38 -15.25 29.71
CA GLN F 278 1.72 -15.68 30.06
C GLN F 278 1.66 -16.55 31.30
N PRO F 279 2.27 -17.73 31.29
CA PRO F 279 2.18 -18.61 32.46
C PRO F 279 2.85 -17.98 33.67
N LEU F 280 2.23 -18.19 34.83
CA LEU F 280 2.74 -17.65 36.09
C LEU F 280 2.34 -18.57 37.23
N ARG F 281 3.03 -18.41 38.35
CA ARG F 281 2.85 -19.22 39.54
C ARG F 281 2.39 -18.33 40.68
N ILE F 282 1.28 -18.70 41.30
CA ILE F 282 0.66 -17.89 42.36
C ILE F 282 0.91 -18.58 43.69
N ARG F 283 1.52 -17.84 44.62
CA ARG F 283 1.86 -18.37 45.94
C ARG F 283 1.21 -17.50 47.01
N HIS F 284 0.68 -18.13 48.04
CA HIS F 284 0.15 -17.40 49.19
C HIS F 284 1.28 -17.05 50.13
N VAL F 285 1.38 -15.78 50.49
CA VAL F 285 2.60 -15.26 51.12
C VAL F 285 2.77 -15.80 52.54
N THR F 286 1.70 -15.77 53.33
CA THR F 286 1.84 -16.13 54.74
C THR F 286 1.98 -17.63 54.93
N THR F 287 1.16 -18.41 54.22
CA THR F 287 1.24 -19.86 54.35
C THR F 287 2.44 -20.42 53.58
N GLY F 288 2.86 -19.73 52.52
CA GLY F 288 3.92 -20.23 51.68
C GLY F 288 3.50 -21.32 50.72
N ARG F 289 2.20 -21.60 50.63
CA ARG F 289 1.71 -22.68 49.78
C ARG F 289 1.26 -22.12 48.43
N TYR F 290 1.40 -22.95 47.40
CA TYR F 290 1.22 -22.53 46.01
C TYR F 290 -0.14 -22.98 45.50
N LEU F 291 -0.84 -22.07 44.84
CA LEU F 291 -2.18 -22.38 44.34
C LEU F 291 -2.10 -23.31 43.14
N ALA F 292 -2.72 -24.48 43.26
CA ALA F 292 -2.66 -25.51 42.24
C ALA F 292 -4.02 -26.18 42.11
N LEU F 293 -4.20 -26.90 41.00
CA LEU F 293 -5.43 -27.63 40.72
C LEU F 293 -5.17 -29.12 40.83
N THR F 294 -5.72 -29.75 41.86
CA THR F 294 -5.70 -31.20 42.00
C THR F 294 -7.13 -31.71 41.83
N GLU F 295 -7.30 -32.67 40.93
CA GLU F 295 -8.64 -33.10 40.55
C GLU F 295 -9.42 -33.66 41.74
N ASP F 296 -8.72 -34.29 42.69
CA ASP F 296 -9.38 -34.79 43.88
C ASP F 296 -9.95 -33.66 44.73
N GLN F 297 -9.20 -32.56 44.86
CA GLN F 297 -9.60 -31.45 45.70
C GLN F 297 -9.92 -30.18 44.91
N GLY F 298 -9.96 -30.24 43.59
CA GLY F 298 -10.25 -29.06 42.81
C GLY F 298 -9.19 -28.00 42.98
N LEU F 299 -9.61 -26.77 43.21
CA LEU F 299 -8.67 -25.67 43.39
C LEU F 299 -8.24 -25.58 44.85
N VAL F 300 -6.95 -25.80 45.09
CA VAL F 300 -6.38 -25.77 46.42
C VAL F 300 -5.02 -25.09 46.37
N VAL F 301 -4.40 -24.95 47.54
CA VAL F 301 -3.03 -24.47 47.66
C VAL F 301 -2.20 -25.58 48.30
N VAL F 302 -1.05 -25.87 47.70
CA VAL F 302 -0.24 -27.01 48.09
C VAL F 302 1.18 -26.56 48.38
N ASP F 303 1.92 -27.42 49.09
CA ASP F 303 3.30 -27.13 49.44
C ASP F 303 4.17 -27.10 48.18
N ALA F 304 5.20 -26.27 48.21
CA ALA F 304 6.09 -26.14 47.07
C ALA F 304 6.81 -27.45 46.77
N CYS F 305 7.26 -28.15 47.81
CA CYS F 305 7.99 -29.40 47.61
C CYS F 305 7.10 -30.45 46.95
N LYS F 306 5.84 -30.54 47.38
CA LYS F 306 4.94 -31.53 46.80
C LYS F 306 4.52 -31.14 45.39
N ALA F 307 4.35 -29.83 45.16
CA ALA F 307 3.82 -29.36 43.89
C ALA F 307 4.77 -29.68 42.74
N HIS F 308 4.25 -30.39 41.74
CA HIS F 308 5.01 -30.59 40.51
C HIS F 308 4.89 -29.38 39.60
N THR F 309 4.06 -28.41 40.00
CA THR F 309 3.89 -27.05 39.49
C THR F 309 3.21 -27.00 38.12
N LYS F 310 2.97 -28.14 37.48
CA LYS F 310 2.20 -28.11 36.23
C LYS F 310 0.75 -27.81 36.51
N ALA F 311 0.24 -28.27 37.66
CA ALA F 311 -1.08 -27.85 38.12
C ALA F 311 -1.02 -26.44 38.71
N THR F 312 0.14 -26.06 39.25
CA THR F 312 0.26 -24.76 39.91
C THR F 312 0.31 -23.64 38.90
N SER F 313 0.72 -23.93 37.66
CA SER F 313 0.86 -22.90 36.65
C SER F 313 -0.49 -22.31 36.27
N PHE F 314 -0.53 -20.98 36.15
CA PHE F 314 -1.74 -20.28 35.73
C PHE F 314 -1.35 -19.19 34.75
N CYS F 315 -2.29 -18.78 33.92
CA CYS F 315 -2.09 -17.72 32.94
C CYS F 315 -3.23 -16.74 33.02
N PHE F 316 -2.90 -15.44 33.00
CA PHE F 316 -3.91 -14.40 33.07
C PHE F 316 -4.44 -14.11 31.67
N ARG F 317 -5.74 -13.85 31.57
CA ARG F 317 -6.37 -13.66 30.27
C ARG F 317 -7.27 -12.44 30.29
N VAL F 318 -7.22 -11.67 29.20
CA VAL F 318 -8.03 -10.45 29.10
C VAL F 318 -9.51 -10.78 28.92
N SER F 319 -9.81 -11.82 28.14
CA SER F 319 -11.19 -12.20 27.85
C SER F 319 -11.36 -13.70 28.10
N LYS F 320 -12.61 -14.08 28.34
CA LYS F 320 -12.90 -15.48 28.63
C LYS F 320 -12.58 -16.37 27.42
N GLU F 321 -12.92 -15.92 26.22
CA GLU F 321 -12.57 -16.65 25.02
C GLU F 321 -11.08 -16.51 24.77
N LYS F 322 -10.41 -17.62 24.46
CA LYS F 322 -8.97 -17.66 24.32
C LYS F 322 -8.61 -17.85 22.85
N LEU F 323 -7.86 -16.89 22.30
CA LEU F 323 -7.42 -17.02 20.91
C LEU F 323 -6.39 -18.14 20.77
N ASP F 324 -5.41 -18.18 21.67
CA ASP F 324 -4.31 -19.15 21.61
C ASP F 324 -3.59 -19.09 20.27
N THR F 325 -3.41 -17.87 19.76
CA THR F 325 -2.75 -17.69 18.47
C THR F 325 -1.29 -18.12 18.54
N ALA F 326 -0.58 -17.73 19.59
CA ALA F 326 0.82 -18.07 19.76
C ALA F 326 1.16 -18.07 21.25
N PRO F 327 1.98 -19.02 21.69
CA PRO F 327 2.38 -19.02 23.11
C PRO F 327 3.18 -17.78 23.46
N LYS F 328 2.98 -17.31 24.69
CA LYS F 328 3.72 -16.14 25.16
C LYS F 328 5.21 -16.49 25.26
N ARG F 329 6.04 -15.61 24.70
CA ARG F 329 7.48 -15.86 24.60
C ARG F 329 8.21 -14.99 25.63
N ASP F 330 9.12 -15.62 26.36
CA ASP F 330 9.93 -14.90 27.34
C ASP F 330 10.99 -14.06 26.64
N VAL F 331 11.10 -12.80 27.05
CA VAL F 331 12.11 -11.89 26.52
C VAL F 331 12.97 -11.38 27.67
N GLU F 332 14.19 -10.95 27.33
CA GLU F 332 15.16 -10.52 28.32
C GLU F 332 15.06 -9.00 28.52
N GLY F 333 13.83 -8.56 28.79
CA GLY F 333 13.59 -7.17 29.08
C GLY F 333 12.29 -6.98 29.83
N MET F 334 12.07 -5.75 30.29
CA MET F 334 10.80 -5.44 30.95
C MET F 334 9.63 -5.59 29.99
N GLY F 335 9.81 -5.16 28.74
CA GLY F 335 8.83 -5.41 27.70
C GLY F 335 7.61 -4.55 27.82
N PRO F 336 6.70 -4.66 26.85
CA PRO F 336 5.45 -3.91 26.90
C PRO F 336 4.50 -4.52 27.92
N PRO F 337 3.94 -3.70 28.80
CA PRO F 337 2.96 -4.20 29.78
C PRO F 337 1.53 -4.05 29.32
N GLU F 338 0.69 -5.06 29.55
CA GLU F 338 -0.70 -4.99 29.15
C GLU F 338 -1.68 -4.98 30.34
N ILE F 339 -1.20 -5.21 31.56
CA ILE F 339 -2.08 -5.38 32.71
C ILE F 339 -1.86 -4.23 33.67
N LYS F 340 -2.95 -3.65 34.16
CA LYS F 340 -2.92 -2.45 34.98
C LYS F 340 -3.29 -2.77 36.43
N TYR F 341 -2.95 -1.83 37.31
CA TYR F 341 -3.31 -1.90 38.72
C TYR F 341 -4.67 -1.25 38.92
N GLY F 342 -5.70 -2.07 39.12
CA GLY F 342 -7.03 -1.57 39.40
C GLY F 342 -7.87 -1.25 38.18
N GLU F 343 -7.33 -1.42 36.98
CA GLU F 343 -8.06 -1.12 35.75
C GLU F 343 -8.30 -2.34 34.88
N SER F 344 -7.25 -3.11 34.59
CA SER F 344 -7.40 -4.26 33.72
C SER F 344 -8.29 -5.32 34.36
N LEU F 345 -9.08 -5.99 33.53
CA LEU F 345 -9.96 -7.06 33.95
C LEU F 345 -9.30 -8.38 33.59
N CYS F 346 -9.15 -9.26 34.58
CA CYS F 346 -8.24 -10.39 34.48
C CYS F 346 -8.98 -11.71 34.65
N PHE F 347 -8.85 -12.60 33.66
CA PHE F 347 -9.39 -13.95 33.73
C PHE F 347 -8.26 -14.94 34.00
N VAL F 348 -8.48 -15.83 34.96
CA VAL F 348 -7.47 -16.79 35.39
C VAL F 348 -7.88 -18.18 34.94
N GLN F 349 -6.98 -18.85 34.22
CA GLN F 349 -7.19 -20.24 33.83
C GLN F 349 -5.90 -21.04 34.06
N HIS F 350 -6.05 -22.26 34.55
CA HIS F 350 -4.89 -23.14 34.69
C HIS F 350 -4.44 -23.60 33.30
N VAL F 351 -3.15 -23.44 33.03
CA VAL F 351 -2.66 -23.57 31.66
C VAL F 351 -2.89 -24.98 31.14
N ALA F 352 -2.53 -25.99 31.93
CA ALA F 352 -2.62 -27.37 31.46
C ALA F 352 -4.06 -27.81 31.27
N SER F 353 -4.91 -27.58 32.27
CA SER F 353 -6.29 -28.04 32.20
C SER F 353 -7.13 -27.13 31.31
N GLY F 354 -6.87 -25.83 31.33
CA GLY F 354 -7.71 -24.88 30.66
C GLY F 354 -8.95 -24.48 31.44
N LEU F 355 -9.15 -25.02 32.63
CA LEU F 355 -10.29 -24.68 33.46
C LEU F 355 -10.24 -23.22 33.88
N TRP F 356 -11.41 -22.59 33.91
CA TRP F 356 -11.53 -21.17 34.23
C TRP F 356 -11.98 -21.00 35.68
N LEU F 357 -11.34 -20.07 36.38
CA LEU F 357 -11.67 -19.83 37.78
C LEU F 357 -12.99 -19.07 37.88
N THR F 358 -13.95 -19.68 38.57
CA THR F 358 -15.29 -19.11 38.71
C THR F 358 -15.68 -19.08 40.17
N TYR F 359 -16.79 -18.40 40.45
CA TYR F 359 -17.28 -18.30 41.82
C TYR F 359 -17.95 -19.61 42.24
N ALA F 360 -18.25 -19.69 43.55
CA ALA F 360 -18.83 -20.91 44.10
C ALA F 360 -20.23 -21.17 43.54
N ALA F 361 -21.01 -20.10 43.36
CA ALA F 361 -22.46 -20.21 43.11
C ALA F 361 -23.07 -21.08 44.21
N PRO F 362 -23.07 -20.61 45.45
CA PRO F 362 -23.49 -21.47 46.56
C PRO F 362 -24.97 -21.81 46.49
N ASP F 363 -25.30 -22.97 47.04
CA ASP F 363 -26.70 -23.39 47.14
C ASP F 363 -27.45 -22.47 48.11
N PRO F 364 -28.77 -22.36 47.97
CA PRO F 364 -29.54 -21.48 48.86
C PRO F 364 -29.45 -21.95 50.31
N LYS F 365 -29.90 -21.08 51.21
CA LYS F 365 -29.81 -21.18 52.67
C LYS F 365 -28.39 -20.83 53.13
N ALA F 366 -27.45 -20.64 52.21
CA ALA F 366 -26.11 -20.22 52.59
C ALA F 366 -26.15 -18.87 53.29
N LEU F 367 -27.11 -18.02 52.94
CA LEU F 367 -27.24 -16.73 53.61
C LEU F 367 -27.67 -16.91 55.06
N ARG F 368 -28.32 -18.03 55.39
CA ARG F 368 -28.69 -18.29 56.77
C ARG F 368 -27.45 -18.47 57.64
N LEU F 369 -26.47 -19.25 57.15
CA LEU F 369 -25.16 -19.24 57.81
C LEU F 369 -24.52 -17.86 57.70
N GLY F 370 -24.84 -17.13 56.63
CA GLY F 370 -24.38 -15.76 56.48
C GLY F 370 -22.90 -15.61 56.26
N VAL F 371 -22.19 -16.71 56.02
CA VAL F 371 -20.73 -16.66 55.96
C VAL F 371 -20.29 -16.12 54.60
N LEU F 372 -19.33 -15.21 54.63
CA LEU F 372 -18.93 -14.50 53.41
C LEU F 372 -18.21 -15.41 52.43
N LYS F 373 -17.56 -16.46 52.93
CA LYS F 373 -16.66 -17.26 52.11
C LYS F 373 -17.43 -18.10 51.10
N LYS F 374 -16.89 -18.15 49.88
CA LYS F 374 -17.48 -18.90 48.77
C LYS F 374 -16.38 -19.69 48.09
N LYS F 375 -16.53 -21.02 48.09
CA LYS F 375 -15.46 -21.88 47.62
C LYS F 375 -15.18 -21.64 46.14
N ALA F 376 -14.00 -21.09 45.87
CA ALA F 376 -13.60 -20.85 44.49
C ALA F 376 -13.36 -22.16 43.76
N ILE F 377 -13.93 -22.28 42.57
CA ILE F 377 -13.89 -23.50 41.79
C ILE F 377 -13.49 -23.16 40.36
N LEU F 378 -13.03 -24.19 39.64
CA LEU F 378 -12.63 -24.05 38.24
C LEU F 378 -13.67 -24.75 37.36
N HIS F 379 -14.45 -23.95 36.64
CA HIS F 379 -15.49 -24.45 35.74
C HIS F 379 -15.09 -24.13 34.30
N GLN F 380 -15.27 -25.11 33.41
CA GLN F 380 -14.80 -24.96 32.04
C GLN F 380 -15.52 -23.82 31.33
N GLU F 381 -16.83 -23.71 31.52
CA GLU F 381 -17.59 -22.68 30.82
C GLU F 381 -17.25 -21.28 31.34
N GLY F 382 -17.00 -21.16 32.65
CA GLY F 382 -16.71 -19.86 33.23
C GLY F 382 -17.96 -19.03 33.41
N HIS F 383 -17.74 -17.80 33.85
CA HIS F 383 -18.83 -16.88 34.15
C HIS F 383 -18.41 -15.47 33.78
N MET F 384 -19.40 -14.58 33.71
CA MET F 384 -19.15 -13.21 33.25
C MET F 384 -18.30 -12.44 34.23
N ASP F 385 -18.67 -12.47 35.52
CA ASP F 385 -17.97 -11.70 36.54
C ASP F 385 -16.79 -12.44 37.14
N ASP F 386 -16.23 -13.43 36.44
CA ASP F 386 -15.06 -14.15 36.96
C ASP F 386 -13.83 -13.27 36.94
N ALA F 387 -13.83 -12.22 36.12
CA ALA F 387 -12.65 -11.39 35.97
C ALA F 387 -12.35 -10.59 37.23
N LEU F 388 -11.07 -10.33 37.46
CA LEU F 388 -10.59 -9.71 38.69
C LEU F 388 -9.71 -8.51 38.36
N PHE F 389 -9.58 -7.61 39.33
CA PHE F 389 -8.58 -6.54 39.29
C PHE F 389 -7.43 -6.90 40.22
N LEU F 390 -6.22 -6.55 39.83
CA LEU F 390 -5.07 -6.66 40.72
C LEU F 390 -4.88 -5.36 41.48
N THR F 391 -4.77 -5.45 42.80
CA THR F 391 -4.67 -4.29 43.67
C THR F 391 -3.30 -4.24 44.32
N ARG F 392 -2.69 -3.06 44.31
CA ARG F 392 -1.37 -2.89 44.89
C ARG F 392 -1.42 -3.13 46.39
N CYS F 393 -0.40 -3.83 46.91
CA CYS F 393 -0.22 -4.04 48.33
C CYS F 393 0.99 -3.23 48.78
N GLN F 394 0.90 -2.64 49.96
CA GLN F 394 1.94 -1.75 50.44
C GLN F 394 3.17 -2.53 50.91
N GLN F 395 4.31 -1.86 50.89
CA GLN F 395 5.57 -2.52 51.20
C GLN F 395 5.60 -3.05 52.62
N GLU F 396 5.10 -2.26 53.58
CA GLU F 396 5.17 -2.69 54.98
C GLU F 396 4.28 -3.91 55.21
N GLU F 397 3.13 -3.98 54.53
CA GLU F 397 2.25 -5.12 54.73
C GLU F 397 2.80 -6.37 54.05
N SER F 398 3.42 -6.22 52.87
CA SER F 398 4.07 -7.36 52.25
C SER F 398 5.21 -7.89 53.12
N GLN F 399 6.03 -6.97 53.65
CA GLN F 399 7.11 -7.38 54.53
C GLN F 399 6.57 -8.05 55.78
N ALA F 400 5.49 -7.50 56.35
CA ALA F 400 4.90 -8.09 57.54
C ALA F 400 4.41 -9.51 57.26
N ALA F 401 3.79 -9.72 56.11
CA ALA F 401 3.33 -11.07 55.77
C ALA F 401 4.50 -12.02 55.64
N ARG F 402 5.59 -11.59 55.01
CA ARG F 402 6.75 -12.48 54.86
C ARG F 402 7.36 -12.82 56.22
N MET F 403 7.52 -11.82 57.10
CA MET F 403 8.03 -12.11 58.44
C MET F 403 7.08 -13.00 59.21
N ILE F 404 5.76 -12.84 59.01
CA ILE F 404 4.81 -13.71 59.66
C ILE F 404 5.03 -15.15 59.23
N HIS F 405 5.21 -15.38 57.93
CA HIS F 405 5.49 -16.72 57.45
C HIS F 405 6.74 -17.30 58.09
N SER F 406 7.85 -16.56 58.03
CA SER F 406 9.11 -17.09 58.55
C SER F 406 9.05 -17.34 60.05
N THR F 407 8.49 -16.39 60.80
CA THR F 407 8.38 -16.52 62.25
C THR F 407 7.48 -17.69 62.63
N ALA F 408 6.36 -17.85 61.92
CA ALA F 408 5.47 -18.97 62.19
C ALA F 408 6.19 -20.29 61.98
N GLY F 409 6.93 -20.41 60.87
CA GLY F 409 7.67 -21.64 60.65
C GLY F 409 8.69 -21.92 61.73
N LEU F 410 9.48 -20.91 62.10
CA LEU F 410 10.52 -21.12 63.11
C LEU F 410 9.91 -21.48 64.46
N TYR F 411 8.86 -20.78 64.87
CA TYR F 411 8.26 -21.05 66.18
C TYR F 411 7.55 -22.39 66.19
N ASN F 412 6.95 -22.80 65.06
CA ASN F 412 6.36 -24.12 64.99
C ASN F 412 7.43 -25.20 65.14
N GLN F 413 8.58 -25.01 64.50
CA GLN F 413 9.66 -25.98 64.66
C GLN F 413 10.15 -26.03 66.11
N PHE F 414 10.27 -24.87 66.75
CA PHE F 414 10.69 -24.82 68.15
C PHE F 414 9.69 -25.56 69.04
N ILE F 415 8.40 -25.31 68.83
CA ILE F 415 7.36 -25.99 69.61
C ILE F 415 7.40 -27.49 69.37
N LYS F 416 7.64 -27.90 68.12
CA LYS F 416 7.72 -29.31 67.81
C LYS F 416 8.87 -29.97 68.56
N GLY F 417 10.03 -29.30 68.60
CA GLY F 417 11.15 -29.84 69.36
C GLY F 417 10.85 -29.95 70.85
N LEU F 418 10.24 -28.91 71.42
CA LEU F 418 9.90 -28.94 72.84
C LEU F 418 8.94 -30.07 73.15
N ASP F 419 7.93 -30.28 72.30
CA ASP F 419 7.01 -31.38 72.51
C ASP F 419 7.71 -32.73 72.30
N SER F 420 8.70 -32.76 71.41
CA SER F 420 9.42 -34.00 71.18
C SER F 420 10.18 -34.44 72.42
N PHE F 421 10.86 -33.51 73.10
CA PHE F 421 11.62 -33.89 74.28
C PHE F 421 10.83 -33.80 75.58
N SER F 422 9.55 -33.37 75.51
CA SER F 422 8.82 -33.08 76.75
C SER F 422 8.51 -34.35 77.52
N GLY F 423 8.12 -35.42 76.82
CA GLY F 423 7.56 -36.59 77.51
C GLY F 423 8.53 -37.28 78.44
N LYS F 424 9.76 -37.51 77.97
CA LYS F 424 10.71 -38.34 78.69
C LYS F 424 11.94 -37.53 79.06
N PRO F 425 12.41 -37.63 80.30
CA PRO F 425 13.64 -36.93 80.68
C PRO F 425 14.83 -37.47 79.92
N ARG F 426 15.70 -36.56 79.46
CA ARG F 426 16.90 -36.96 78.76
C ARG F 426 17.84 -37.74 79.67
N GLY F 427 18.00 -37.28 80.91
CA GLY F 427 18.87 -37.97 81.85
C GLY F 427 20.33 -37.81 81.49
N SER F 428 21.15 -38.65 82.13
CA SER F 428 22.60 -38.64 81.90
C SER F 428 22.90 -39.35 80.58
N GLY F 429 22.50 -38.71 79.49
CA GLY F 429 22.68 -39.23 78.16
C GLY F 429 22.39 -38.20 77.10
N PRO F 430 22.54 -38.58 75.84
CA PRO F 430 22.24 -37.65 74.73
C PRO F 430 20.76 -37.30 74.71
N PRO F 431 20.43 -36.07 74.32
CA PRO F 431 19.00 -35.73 74.18
C PRO F 431 18.29 -36.56 73.12
N ALA F 432 19.03 -37.07 72.13
CA ALA F 432 18.51 -37.99 71.12
C ALA F 432 17.32 -37.38 70.37
N GLY F 433 17.42 -36.09 70.06
CA GLY F 433 16.39 -35.41 69.30
C GLY F 433 16.96 -34.29 68.46
N PRO F 434 16.16 -33.77 67.53
CA PRO F 434 16.61 -32.61 66.74
C PRO F 434 16.93 -31.43 67.63
N ALA F 435 18.01 -30.73 67.30
CA ALA F 435 18.48 -29.62 68.13
C ALA F 435 17.48 -28.47 68.09
N LEU F 436 17.22 -27.90 69.26
CA LEU F 436 16.36 -26.73 69.33
C LEU F 436 17.06 -25.52 68.71
N PRO F 437 16.38 -24.79 67.83
CA PRO F 437 16.99 -23.59 67.23
C PRO F 437 16.96 -22.40 68.18
N ILE F 438 17.73 -22.51 69.28
CA ILE F 438 17.64 -21.52 70.34
C ILE F 438 18.20 -20.18 69.89
N GLU F 439 19.31 -20.19 69.14
CA GLU F 439 19.90 -18.94 68.70
C GLU F 439 19.02 -18.25 67.67
N ALA F 440 18.44 -19.01 66.75
CA ALA F 440 17.52 -18.44 65.78
C ALA F 440 16.28 -17.88 66.46
N VAL F 441 15.78 -18.60 67.47
CA VAL F 441 14.60 -18.13 68.20
C VAL F 441 14.90 -16.83 68.94
N ILE F 442 16.07 -16.75 69.58
CA ILE F 442 16.45 -15.54 70.29
C ILE F 442 16.58 -14.37 69.33
N LEU F 443 17.26 -14.59 68.21
CA LEU F 443 17.43 -13.52 67.22
C LEU F 443 16.10 -13.07 66.66
N SER F 444 15.21 -14.01 66.35
CA SER F 444 13.89 -13.67 65.82
C SER F 444 13.08 -12.90 66.84
N LEU F 445 13.14 -13.29 68.12
CA LEU F 445 12.42 -12.58 69.15
C LEU F 445 12.93 -11.15 69.28
N GLN F 446 14.25 -10.97 69.28
CA GLN F 446 14.80 -9.61 69.38
C GLN F 446 14.40 -8.77 68.17
N ASP F 447 14.46 -9.35 66.97
CA ASP F 447 14.06 -8.62 65.78
C ASP F 447 12.59 -8.23 65.83
N LEU F 448 11.74 -9.14 66.33
CA LEU F 448 10.31 -8.83 66.42
C LEU F 448 10.05 -7.73 67.44
N ILE F 449 10.76 -7.75 68.56
CA ILE F 449 10.61 -6.69 69.55
C ILE F 449 11.04 -5.35 68.96
N GLY F 450 12.15 -5.33 68.23
CA GLY F 450 12.54 -4.12 67.53
C GLY F 450 11.52 -3.69 66.50
N TYR F 451 10.86 -4.67 65.88
CA TYR F 451 9.81 -4.39 64.91
C TYR F 451 8.63 -3.69 65.56
N PHE F 452 8.23 -4.13 66.74
CA PHE F 452 7.02 -3.64 67.39
C PHE F 452 7.31 -2.57 68.43
N GLU F 453 8.48 -1.93 68.41
CA GLU F 453 8.77 -0.91 69.39
C GLU F 453 7.88 0.31 69.16
N PRO F 454 7.47 1.01 70.22
CA PRO F 454 6.68 2.22 70.02
C PRO F 454 7.53 3.32 69.42
N PRO F 455 6.93 4.23 68.66
CA PRO F 455 7.69 5.36 68.13
C PRO F 455 8.20 6.25 69.25
N SER F 456 9.38 6.83 69.02
CA SER F 456 10.00 7.67 70.05
C SER F 456 9.20 8.95 70.22
N GLU F 457 9.27 9.51 71.44
CA GLU F 457 8.44 10.65 71.78
C GLU F 457 8.93 11.93 71.10
N GLU F 458 10.25 12.09 70.97
CA GLU F 458 10.81 13.36 70.55
C GLU F 458 10.41 13.72 69.12
N LEU F 459 10.07 12.72 68.30
CA LEU F 459 9.70 13.00 66.93
C LEU F 459 8.30 13.61 66.86
N GLN F 460 8.06 14.38 65.81
CA GLN F 460 6.92 15.29 65.76
C GLN F 460 5.59 14.53 65.83
N HIS F 461 4.52 15.28 66.10
CA HIS F 461 3.24 14.66 66.45
C HIS F 461 2.60 13.97 65.25
N GLU F 462 2.66 14.58 64.08
CA GLU F 462 1.98 13.99 62.92
C GLU F 462 2.67 12.70 62.48
N GLU F 463 3.99 12.72 62.40
CA GLU F 463 4.73 11.49 62.08
C GLU F 463 4.58 10.47 63.20
N LYS F 464 4.42 10.94 64.45
CA LYS F 464 4.12 10.03 65.54
C LYS F 464 2.80 9.32 65.32
N GLN F 465 1.79 10.07 64.88
CA GLN F 465 0.49 9.47 64.56
C GLN F 465 0.63 8.46 63.43
N SER F 466 1.39 8.80 62.40
CA SER F 466 1.57 7.89 61.27
C SER F 466 2.25 6.60 61.70
N LYS F 467 3.36 6.70 62.45
CA LYS F 467 4.05 5.51 62.92
C LYS F 467 3.17 4.72 63.89
N LEU F 468 2.38 5.41 64.70
CA LEU F 468 1.48 4.72 65.61
C LEU F 468 0.44 3.90 64.85
N ARG F 469 -0.15 4.49 63.81
CA ARG F 469 -1.15 3.74 63.04
C ARG F 469 -0.51 2.59 62.29
N SER F 470 0.73 2.77 61.81
CA SER F 470 1.43 1.66 61.19
C SER F 470 1.68 0.54 62.19
N LEU F 471 2.07 0.89 63.42
CA LEU F 471 2.30 -0.11 64.45
C LEU F 471 1.02 -0.86 64.79
N ARG F 472 -0.09 -0.14 64.90
CA ARG F 472 -1.37 -0.81 65.17
C ARG F 472 -1.73 -1.75 64.04
N ASN F 473 -1.52 -1.32 62.79
CA ASN F 473 -1.82 -2.19 61.65
C ASN F 473 -0.97 -3.46 61.68
N ARG F 474 0.31 -3.32 61.98
CA ARG F 474 1.19 -4.49 62.03
C ARG F 474 0.79 -5.42 63.17
N GLN F 475 0.46 -4.86 64.34
CA GLN F 475 0.01 -5.68 65.45
C GLN F 475 -1.27 -6.42 65.10
N SER F 476 -2.21 -5.75 64.44
CA SER F 476 -3.44 -6.40 64.02
C SER F 476 -3.17 -7.52 63.02
N LEU F 477 -2.25 -7.29 62.08
CA LEU F 477 -1.93 -8.33 61.11
C LEU F 477 -1.35 -9.55 61.80
N PHE F 478 -0.38 -9.35 62.70
CA PHE F 478 0.22 -10.47 63.40
C PHE F 478 -0.81 -11.20 64.26
N GLN F 479 -1.74 -10.46 64.86
CA GLN F 479 -2.80 -11.09 65.65
C GLN F 479 -3.70 -11.94 64.74
N GLU F 480 -4.09 -11.40 63.59
CA GLU F 480 -4.96 -12.15 62.69
C GLU F 480 -4.30 -13.44 62.23
N GLU F 481 -2.99 -13.40 61.95
CA GLU F 481 -2.33 -14.60 61.46
C GLU F 481 -2.07 -15.60 62.59
N GLY F 482 -2.23 -15.18 63.84
CA GLY F 482 -2.11 -16.08 64.96
C GLY F 482 -0.74 -16.16 65.61
N MET F 483 0.17 -15.24 65.29
CA MET F 483 1.47 -15.26 65.92
C MET F 483 1.36 -15.04 67.43
N LEU F 484 0.33 -14.31 67.87
CA LEU F 484 0.13 -14.15 69.31
C LEU F 484 -0.20 -15.48 69.96
N SER F 485 -1.09 -16.27 69.35
CA SER F 485 -1.40 -17.58 69.88
C SER F 485 -0.18 -18.50 69.84
N LEU F 486 0.65 -18.36 68.80
CA LEU F 486 1.88 -19.15 68.74
C LEU F 486 2.81 -18.78 69.89
N VAL F 487 2.93 -17.49 70.20
CA VAL F 487 3.76 -17.04 71.32
C VAL F 487 3.22 -17.60 72.63
N LEU F 488 1.89 -17.59 72.80
CA LEU F 488 1.30 -18.18 73.99
C LEU F 488 1.62 -19.66 74.11
N ASN F 489 1.56 -20.40 72.99
CA ASN F 489 1.89 -21.82 73.03
C ASN F 489 3.35 -22.05 73.42
N CYS F 490 4.27 -21.25 72.87
CA CYS F 490 5.67 -21.36 73.26
C CYS F 490 5.85 -21.06 74.75
N ILE F 491 5.16 -20.04 75.24
CA ILE F 491 5.27 -19.67 76.65
C ILE F 491 4.78 -20.81 77.53
N ASP F 492 3.66 -21.44 77.16
CA ASP F 492 3.18 -22.58 77.94
C ASP F 492 4.17 -23.73 77.92
N ARG F 493 4.67 -24.07 76.72
CA ARG F 493 5.64 -25.16 76.61
C ARG F 493 6.83 -24.93 77.50
N LEU F 494 7.33 -23.70 77.57
CA LEU F 494 8.46 -23.40 78.44
C LEU F 494 8.03 -23.34 79.90
N ASN F 495 6.76 -23.04 80.15
CA ASN F 495 6.31 -22.85 81.53
C ASN F 495 6.02 -24.18 82.20
N VAL F 496 5.93 -25.27 81.42
CA VAL F 496 5.79 -26.58 82.06
C VAL F 496 7.01 -26.91 82.90
N TYR F 497 8.13 -26.22 82.66
CA TYR F 497 9.35 -26.43 83.44
C TYR F 497 9.53 -25.30 84.45
N THR F 498 9.76 -25.67 85.70
CA THR F 498 9.80 -24.67 86.77
C THR F 498 11.08 -23.84 86.73
N THR F 499 12.22 -24.48 86.51
CA THR F 499 13.51 -23.80 86.61
C THR F 499 14.44 -24.26 85.49
N ALA F 500 15.60 -23.61 85.43
CA ALA F 500 16.56 -23.86 84.37
C ALA F 500 17.08 -25.29 84.41
N ALA F 501 17.41 -25.79 85.60
CA ALA F 501 17.92 -27.15 85.71
C ALA F 501 16.84 -28.18 85.38
N HIS F 502 15.60 -27.90 85.81
CA HIS F 502 14.50 -28.80 85.49
C HIS F 502 14.28 -28.87 83.98
N PHE F 503 14.38 -27.72 83.30
CA PHE F 503 14.32 -27.72 81.84
C PHE F 503 15.51 -28.45 81.24
N ALA F 504 16.70 -28.28 81.84
CA ALA F 504 17.91 -28.87 81.29
C ALA F 504 17.87 -30.38 81.32
N GLU F 505 17.35 -30.96 82.40
CA GLU F 505 17.37 -32.42 82.52
C GLU F 505 16.51 -33.07 81.43
N TYR F 506 15.64 -32.30 80.79
CA TYR F 506 14.91 -32.81 79.64
C TYR F 506 15.56 -32.40 78.32
N ALA F 507 16.04 -31.16 78.24
CA ALA F 507 16.51 -30.58 76.99
C ALA F 507 18.02 -30.52 76.88
N GLY F 508 18.76 -31.00 77.86
CA GLY F 508 20.20 -30.92 77.82
C GLY F 508 20.74 -29.66 78.47
N GLU F 509 22.01 -29.72 78.86
CA GLU F 509 22.62 -28.60 79.57
C GLU F 509 22.82 -27.39 78.67
N GLU F 510 23.11 -27.63 77.39
CA GLU F 510 23.46 -26.51 76.50
C GLU F 510 22.24 -25.67 76.14
N ALA F 511 21.04 -26.22 76.34
CA ALA F 511 19.84 -25.44 76.05
C ALA F 511 19.36 -24.69 77.29
N ALA F 512 19.92 -25.01 78.46
CA ALA F 512 19.43 -24.41 79.70
C ALA F 512 19.75 -22.93 79.78
N GLU F 513 20.96 -22.53 79.40
CA GLU F 513 21.38 -21.15 79.60
C GLU F 513 20.56 -20.17 78.78
N SER F 514 19.90 -20.67 77.73
CA SER F 514 19.10 -19.78 76.89
C SER F 514 17.64 -19.78 77.33
N TRP F 515 17.27 -20.64 78.27
CA TRP F 515 15.85 -20.83 78.60
C TRP F 515 15.27 -19.58 79.25
N LYS F 516 15.96 -19.04 80.25
CA LYS F 516 15.46 -17.85 80.94
C LYS F 516 15.37 -16.65 79.99
N GLU F 517 16.39 -16.48 79.15
CA GLU F 517 16.38 -15.40 78.17
C GLU F 517 15.22 -15.57 77.20
N ILE F 518 14.95 -16.80 76.78
CA ILE F 518 13.87 -17.02 75.81
C ILE F 518 12.52 -16.72 76.44
N VAL F 519 12.31 -17.12 77.69
CA VAL F 519 11.01 -16.84 78.31
C VAL F 519 10.85 -15.33 78.52
N ASN F 520 11.93 -14.64 78.92
CA ASN F 520 11.83 -13.19 79.09
C ASN F 520 11.55 -12.50 77.76
N LEU F 521 12.21 -12.95 76.70
CA LEU F 521 11.99 -12.37 75.38
C LEU F 521 10.57 -12.64 74.90
N LEU F 522 10.05 -13.83 75.18
CA LEU F 522 8.68 -14.15 74.78
C LEU F 522 7.67 -13.25 75.49
N TYR F 523 7.85 -13.05 76.80
CA TYR F 523 6.95 -12.16 77.53
C TYR F 523 7.05 -10.73 77.02
N GLU F 524 8.27 -10.27 76.73
CA GLU F 524 8.43 -8.92 76.21
C GLU F 524 7.79 -8.77 74.85
N LEU F 525 7.90 -9.79 74.01
CA LEU F 525 7.24 -9.77 72.70
C LEU F 525 5.73 -9.75 72.86
N LEU F 526 5.19 -10.52 73.81
CA LEU F 526 3.77 -10.45 74.08
C LEU F 526 3.34 -9.05 74.47
N ALA F 527 4.09 -8.42 75.38
CA ALA F 527 3.76 -7.07 75.80
C ALA F 527 3.80 -6.09 74.62
N SER F 528 4.83 -6.21 73.78
CA SER F 528 4.94 -5.32 72.63
C SER F 528 3.79 -5.55 71.64
N LEU F 529 3.36 -6.81 71.48
CA LEU F 529 2.26 -7.09 70.56
C LEU F 529 0.95 -6.51 71.06
N ILE F 530 0.63 -6.69 72.34
CA ILE F 530 -0.69 -6.29 72.80
C ILE F 530 -0.71 -4.84 73.27
N ARG F 531 0.45 -4.21 73.35
CA ARG F 531 0.51 -2.83 73.84
C ARG F 531 -0.19 -1.89 72.88
N GLY F 532 -1.13 -1.11 73.41
CA GLY F 532 -1.81 -0.09 72.64
C GLY F 532 -2.88 -0.58 71.69
N ASN F 533 -3.23 -1.86 71.73
CA ASN F 533 -4.20 -2.43 70.80
C ASN F 533 -5.36 -3.02 71.59
N ARG F 534 -6.53 -2.39 71.47
CA ARG F 534 -7.71 -2.88 72.17
C ARG F 534 -8.11 -4.27 71.69
N ALA F 535 -8.04 -4.51 70.38
CA ALA F 535 -8.41 -5.81 69.85
C ALA F 535 -7.49 -6.90 70.39
N ASN F 536 -6.19 -6.63 70.44
CA ASN F 536 -5.25 -7.61 70.97
C ASN F 536 -5.46 -7.82 72.46
N CYS F 537 -5.74 -6.75 73.20
CA CYS F 537 -5.93 -6.89 74.65
C CYS F 537 -7.23 -7.60 74.97
N ALA F 538 -8.22 -7.52 74.08
CA ALA F 538 -9.51 -8.16 74.35
C ALA F 538 -9.38 -9.68 74.37
N LEU F 539 -8.38 -10.22 73.69
CA LEU F 539 -8.17 -11.66 73.71
C LEU F 539 -7.80 -12.15 75.11
N PHE F 540 -6.92 -11.41 75.79
CA PHE F 540 -6.49 -11.83 77.11
C PHE F 540 -7.61 -11.64 78.14
N SER F 541 -8.68 -10.94 77.74
CA SER F 541 -9.85 -10.87 78.60
C SER F 541 -10.51 -12.24 78.75
N THR F 542 -10.46 -13.05 77.70
CA THR F 542 -11.01 -14.39 77.76
C THR F 542 -10.25 -15.25 78.77
N ASN F 543 -8.92 -15.12 78.80
CA ASN F 543 -8.07 -15.88 79.72
C ASN F 543 -7.20 -14.90 80.50
N LEU F 544 -7.74 -14.39 81.61
CA LEU F 544 -6.95 -13.52 82.48
C LEU F 544 -6.28 -14.32 83.58
N ASP F 545 -6.86 -15.46 83.95
CA ASP F 545 -6.25 -16.33 84.94
C ASP F 545 -4.94 -16.89 84.43
N TRP F 546 -4.79 -17.02 83.11
CA TRP F 546 -3.54 -17.48 82.53
C TRP F 546 -2.42 -16.50 82.84
N VAL F 547 -2.68 -15.20 82.71
CA VAL F 547 -1.67 -14.21 83.05
C VAL F 547 -1.49 -14.13 84.56
N VAL F 548 -2.59 -14.19 85.31
CA VAL F 548 -2.52 -14.00 86.76
C VAL F 548 -1.70 -15.11 87.41
N SER F 549 -1.92 -16.36 86.99
CA SER F 549 -1.18 -17.47 87.57
C SER F 549 0.31 -17.38 87.27
N LYS F 550 0.67 -16.67 86.19
CA LYS F 550 2.08 -16.56 85.82
C LYS F 550 2.82 -15.60 86.73
N LEU F 551 2.10 -14.76 87.48
CA LEU F 551 2.74 -13.68 88.23
C LEU F 551 3.71 -14.21 89.28
N ASP F 552 3.34 -15.29 89.97
CA ASP F 552 4.16 -15.79 91.06
C ASP F 552 5.47 -16.38 90.55
N ARG F 553 5.56 -16.67 89.25
CA ARG F 553 6.77 -17.27 88.71
C ARG F 553 7.94 -16.31 88.83
N LEU F 554 9.14 -16.86 89.06
CA LEU F 554 10.27 -16.02 89.43
C LEU F 554 11.12 -15.66 88.21
N GLU F 555 10.97 -16.40 87.12
CA GLU F 555 11.92 -16.25 86.01
C GLU F 555 11.69 -14.95 85.23
N ALA F 556 10.43 -14.56 85.02
CA ALA F 556 10.09 -13.41 84.19
C ALA F 556 8.98 -12.59 84.85
N SER F 557 9.14 -12.36 86.16
CA SER F 557 8.10 -11.66 86.92
C SER F 557 7.83 -10.28 86.35
N SER F 558 8.90 -9.54 86.02
CA SER F 558 8.74 -8.20 85.47
C SER F 558 8.00 -8.23 84.13
N GLY F 559 8.36 -9.18 83.27
CA GLY F 559 7.69 -9.29 81.98
C GLY F 559 6.22 -9.63 82.12
N ILE F 560 5.89 -10.57 83.00
CA ILE F 560 4.49 -10.94 83.21
C ILE F 560 3.71 -9.75 83.76
N LEU F 561 4.30 -9.02 84.71
CA LEU F 561 3.62 -7.87 85.28
C LEU F 561 3.40 -6.79 84.22
N GLU F 562 4.39 -6.57 83.35
CA GLU F 562 4.23 -5.60 82.28
C GLU F 562 3.13 -6.01 81.32
N VAL F 563 3.06 -7.31 80.99
CA VAL F 563 2.00 -7.79 80.11
C VAL F 563 0.65 -7.54 80.73
N LEU F 564 0.49 -7.87 82.01
CA LEU F 564 -0.77 -7.66 82.70
C LEU F 564 -1.14 -6.19 82.72
N TYR F 565 -0.16 -5.32 82.99
CA TYR F 565 -0.42 -3.88 83.01
C TYR F 565 -0.93 -3.40 81.66
N CYS F 566 -0.24 -3.76 80.58
CA CYS F 566 -0.65 -3.30 79.26
C CYS F 566 -2.02 -3.86 78.89
N VAL F 567 -2.34 -5.07 79.34
CA VAL F 567 -3.68 -5.59 79.11
C VAL F 567 -4.72 -4.78 79.85
N LEU F 568 -4.44 -4.41 81.10
CA LEU F 568 -5.43 -3.74 81.92
C LEU F 568 -5.70 -2.32 81.44
N ILE F 569 -4.65 -1.57 81.09
CA ILE F 569 -4.86 -0.15 80.78
C ILE F 569 -5.62 0.04 79.48
N GLU F 570 -5.76 -1.03 78.68
CA GLU F 570 -6.33 -0.86 77.35
C GLU F 570 -7.79 -1.29 77.29
N SER F 571 -8.18 -2.27 78.10
CA SER F 571 -9.50 -2.87 77.98
C SER F 571 -10.31 -2.67 79.26
N PRO F 572 -11.58 -2.27 79.15
CA PRO F 572 -12.46 -2.33 80.33
C PRO F 572 -13.03 -3.73 80.55
N GLU F 573 -12.99 -4.57 79.52
CA GLU F 573 -13.51 -5.93 79.64
C GLU F 573 -12.73 -6.73 80.69
N VAL F 574 -11.41 -6.58 80.70
CA VAL F 574 -10.61 -7.29 81.68
C VAL F 574 -10.97 -6.84 83.09
N LEU F 575 -11.25 -5.54 83.27
CA LEU F 575 -11.64 -5.05 84.58
C LEU F 575 -12.99 -5.63 84.98
N ASN F 576 -13.92 -5.73 84.04
CA ASN F 576 -15.20 -6.37 84.34
C ASN F 576 -15.01 -7.85 84.69
N ILE F 577 -13.97 -8.48 84.14
CA ILE F 577 -13.72 -9.89 84.41
C ILE F 577 -13.00 -10.06 85.75
N ILE F 578 -12.26 -9.03 86.19
CA ILE F 578 -11.43 -9.14 87.38
C ILE F 578 -12.24 -9.59 88.58
N GLN F 579 -11.66 -10.48 89.38
CA GLN F 579 -12.32 -11.04 90.55
C GLN F 579 -11.44 -10.87 91.79
N GLU F 580 -12.02 -11.22 92.93
CA GLU F 580 -11.34 -11.08 94.20
C GLU F 580 -10.12 -11.96 94.28
N ASN F 581 -10.18 -13.15 93.66
CA ASN F 581 -9.00 -14.02 93.64
C ASN F 581 -7.86 -13.37 92.86
N HIS F 582 -8.17 -12.73 91.73
CA HIS F 582 -7.14 -12.04 90.97
C HIS F 582 -6.54 -10.89 91.78
N ILE F 583 -7.40 -10.11 92.45
CA ILE F 583 -6.89 -9.00 93.26
C ILE F 583 -6.00 -9.51 94.39
N LYS F 584 -6.42 -10.60 95.05
CA LYS F 584 -5.61 -11.20 96.09
C LYS F 584 -4.28 -11.70 95.53
N SER F 585 -4.30 -12.25 94.32
CA SER F 585 -3.06 -12.72 93.70
C SER F 585 -2.10 -11.56 93.46
N ILE F 586 -2.61 -10.44 92.97
CA ILE F 586 -1.75 -9.28 92.74
C ILE F 586 -1.18 -8.74 94.05
N ILE F 587 -2.02 -8.65 95.08
CA ILE F 587 -1.56 -8.16 96.38
C ILE F 587 -0.53 -9.11 96.96
N SER F 588 -0.74 -10.41 96.84
CA SER F 588 0.23 -11.38 97.31
C SER F 588 1.52 -11.28 96.52
N LEU F 589 1.43 -10.97 95.22
CA LEU F 589 2.65 -10.74 94.45
C LEU F 589 3.44 -9.56 94.99
N LEU F 590 2.73 -8.48 95.34
CA LEU F 590 3.40 -7.36 96.00
C LEU F 590 4.09 -7.82 97.28
N ASP F 591 3.38 -8.61 98.09
CA ASP F 591 3.95 -9.06 99.36
C ASP F 591 5.19 -9.93 99.15
N LYS F 592 5.14 -10.83 98.18
CA LYS F 592 6.25 -11.77 97.98
C LYS F 592 7.46 -11.09 97.34
N HIS F 593 7.23 -10.21 96.38
CA HIS F 593 8.34 -9.61 95.64
C HIS F 593 8.75 -8.26 96.19
N GLY F 594 8.16 -7.78 97.27
CA GLY F 594 8.57 -6.54 97.87
C GLY F 594 7.85 -5.35 97.30
N ARG F 595 8.26 -4.18 97.77
CA ARG F 595 7.57 -2.94 97.42
C ARG F 595 7.98 -2.49 96.02
N ASN F 596 7.09 -2.71 95.05
CA ASN F 596 7.30 -2.30 93.67
C ASN F 596 6.13 -1.42 93.25
N HIS F 597 6.44 -0.27 92.66
CA HIS F 597 5.39 0.68 92.33
C HIS F 597 4.56 0.22 91.14
N LYS F 598 5.09 -0.71 90.35
CA LYS F 598 4.35 -1.20 89.20
C LYS F 598 3.10 -1.97 89.63
N VAL F 599 3.18 -2.71 90.73
CA VAL F 599 2.01 -3.40 91.25
C VAL F 599 0.96 -2.39 91.67
N LEU F 600 1.38 -1.30 92.31
CA LEU F 600 0.46 -0.24 92.68
C LEU F 600 -0.19 0.37 91.44
N ASP F 601 0.59 0.58 90.38
CA ASP F 601 0.03 1.09 89.14
C ASP F 601 -1.00 0.13 88.57
N VAL F 602 -0.73 -1.17 88.65
CA VAL F 602 -1.69 -2.17 88.17
C VAL F 602 -2.98 -2.09 88.96
N LEU F 603 -2.88 -1.96 90.29
CA LEU F 603 -4.08 -1.84 91.11
C LEU F 603 -4.87 -0.58 90.76
N CYS F 604 -4.18 0.55 90.58
CA CYS F 604 -4.86 1.78 90.19
C CYS F 604 -5.57 1.60 88.85
N SER F 605 -4.92 0.93 87.90
CA SER F 605 -5.59 0.63 86.63
C SER F 605 -6.83 -0.20 86.86
N LEU F 606 -6.79 -1.12 87.83
CA LEU F 606 -7.97 -1.91 88.15
C LEU F 606 -9.10 -1.04 88.68
N CYS F 607 -8.76 0.01 89.44
CA CYS F 607 -9.81 0.81 90.08
C CYS F 607 -10.72 1.49 89.05
N VAL F 608 -10.16 2.22 88.10
CA VAL F 608 -10.93 3.05 87.19
C VAL F 608 -10.55 2.72 85.75
N CYS F 609 -11.56 2.68 84.88
CA CYS F 609 -11.35 2.45 83.45
C CYS F 609 -12.01 3.56 82.65
N ASN F 610 -11.25 4.12 81.70
CA ASN F 610 -11.72 5.14 80.75
C ASN F 610 -12.75 6.10 81.34
N GLY F 611 -12.45 6.62 82.53
CA GLY F 611 -13.33 7.57 83.18
C GLY F 611 -14.50 6.96 83.92
N VAL F 612 -14.59 5.64 83.99
CA VAL F 612 -15.65 4.95 84.72
C VAL F 612 -15.01 4.09 85.78
N ALA F 613 -15.48 4.21 87.02
CA ALA F 613 -14.86 3.57 88.17
C ALA F 613 -15.64 2.30 88.53
N VAL F 614 -14.90 1.25 88.87
CA VAL F 614 -15.51 -0.02 89.25
C VAL F 614 -15.62 -0.09 90.77
N ARG F 615 -16.84 0.05 91.29
CA ARG F 615 -17.07 0.04 92.73
C ARG F 615 -16.58 -1.27 93.35
N SER F 616 -16.87 -2.40 92.69
CA SER F 616 -16.47 -3.69 93.23
C SER F 616 -14.95 -3.80 93.30
N ASN F 617 -14.25 -3.39 92.24
CA ASN F 617 -12.79 -3.45 92.26
C ASN F 617 -12.22 -2.59 93.36
N GLN F 618 -12.72 -1.35 93.50
CA GLN F 618 -12.20 -0.48 94.55
C GLN F 618 -12.44 -1.08 95.94
N ASP F 619 -13.66 -1.60 96.17
CA ASP F 619 -13.97 -2.15 97.48
C ASP F 619 -13.11 -3.36 97.80
N LEU F 620 -12.93 -4.26 96.82
CA LEU F 620 -12.07 -5.42 97.07
C LEU F 620 -10.64 -5.01 97.33
N ILE F 621 -10.12 -4.03 96.58
CA ILE F 621 -8.74 -3.59 96.78
C ILE F 621 -8.57 -3.04 98.19
N THR F 622 -9.46 -2.14 98.61
CA THR F 622 -9.33 -1.57 99.95
C THR F 622 -9.47 -2.64 101.02
N GLU F 623 -10.45 -3.54 100.88
CA GLU F 623 -10.68 -4.56 101.89
C GLU F 623 -9.48 -5.49 102.02
N ASN F 624 -8.86 -5.86 100.90
CA ASN F 624 -7.78 -6.84 100.96
C ASN F 624 -6.44 -6.20 101.32
N LEU F 625 -6.26 -4.91 101.01
CA LEU F 625 -4.95 -4.29 101.17
C LEU F 625 -4.84 -3.39 102.39
N LEU F 626 -5.87 -2.58 102.67
CA LEU F 626 -5.71 -1.51 103.66
C LEU F 626 -5.72 -1.98 105.11
N PRO F 627 -6.71 -2.74 105.60
CA PRO F 627 -6.81 -2.94 107.06
C PRO F 627 -5.61 -3.63 107.68
N GLY F 628 -4.88 -4.44 106.91
CA GLY F 628 -3.72 -5.11 107.47
C GLY F 628 -2.65 -4.17 107.95
N ARG F 629 -2.39 -3.11 107.17
CA ARG F 629 -1.39 -2.08 107.42
C ARG F 629 0.03 -2.64 107.46
N GLU F 630 0.28 -3.80 106.85
CA GLU F 630 1.65 -4.33 106.82
C GLU F 630 2.33 -4.02 105.49
N LEU F 631 1.59 -4.11 104.38
CA LEU F 631 2.19 -3.97 103.06
C LEU F 631 2.55 -2.52 102.78
N LEU F 632 1.65 -1.59 103.07
CA LEU F 632 1.89 -0.19 102.75
C LEU F 632 2.55 0.53 103.91
N LEU F 633 3.38 1.51 103.58
CA LEU F 633 4.03 2.32 104.61
C LEU F 633 2.99 3.17 105.33
N GLN F 634 3.11 3.23 106.65
CA GLN F 634 2.14 3.92 107.49
C GLN F 634 2.71 5.25 107.94
N THR F 635 1.87 6.28 107.94
CA THR F 635 2.27 7.63 108.31
C THR F 635 1.38 8.13 109.45
N ASN F 636 1.96 8.93 110.34
CA ASN F 636 1.24 9.51 111.46
C ASN F 636 2.09 10.63 112.05
N LEU F 637 1.46 11.47 112.87
CA LEU F 637 2.15 12.57 113.53
C LEU F 637 2.47 12.17 114.96
N ILE F 638 3.71 12.42 115.37
CA ILE F 638 4.18 12.10 116.72
C ILE F 638 4.90 13.31 117.28
N ASN F 639 4.89 13.45 118.60
CA ASN F 639 5.61 14.54 119.24
C ASN F 639 7.08 14.17 119.44
N TYR F 640 7.93 15.18 119.39
CA TYR F 640 9.34 14.97 119.71
C TYR F 640 9.49 14.69 121.20
N VAL F 641 10.43 13.81 121.53
CA VAL F 641 10.70 13.42 122.91
C VAL F 641 12.18 13.64 123.20
N THR F 642 12.47 14.34 124.29
CA THR F 642 13.83 14.65 124.70
C THR F 642 14.04 14.16 126.12
N SER F 643 15.27 13.75 126.43
CA SER F 643 15.61 13.20 127.73
C SER F 643 16.79 13.96 128.31
N ILE F 644 16.70 14.32 129.59
CA ILE F 644 17.70 15.10 130.30
C ILE F 644 18.18 14.29 131.49
N ARG F 645 19.49 14.27 131.71
CA ARG F 645 20.08 13.50 132.80
C ARG F 645 21.08 14.34 133.59
N PRO F 646 21.22 14.11 134.89
CA PRO F 646 22.34 14.70 135.62
C PRO F 646 23.63 13.96 135.32
N ASN F 647 24.76 14.62 135.57
CA ASN F 647 26.07 14.02 135.31
C ASN F 647 26.45 13.12 136.48
N ILE F 648 25.56 12.18 136.79
CA ILE F 648 25.75 11.20 137.85
C ILE F 648 25.84 9.82 137.21
N PHE F 649 27.00 9.20 137.30
CA PHE F 649 27.24 7.90 136.69
C PHE F 649 27.65 6.90 137.76
N VAL F 650 26.88 5.81 137.86
CA VAL F 650 27.13 4.76 138.84
C VAL F 650 27.14 3.42 138.11
N GLY F 651 28.03 2.53 138.53
CA GLY F 651 28.14 1.22 137.92
C GLY F 651 28.86 0.26 138.85
N ARG F 652 28.86 -1.01 138.45
CA ARG F 652 29.49 -2.07 139.22
C ARG F 652 30.58 -2.73 138.39
N ALA F 653 31.73 -2.98 139.02
CA ALA F 653 32.81 -3.75 138.42
C ALA F 653 33.67 -4.29 139.55
N GLU F 654 34.49 -5.29 139.21
CA GLU F 654 35.36 -5.88 140.22
C GLU F 654 36.41 -4.87 140.68
N GLY F 655 36.48 -4.67 142.00
CA GLY F 655 37.40 -3.69 142.54
C GLY F 655 36.99 -2.25 142.33
N SER F 656 35.77 -1.99 141.85
CA SER F 656 35.35 -0.63 141.56
C SER F 656 35.24 0.19 142.84
N THR F 657 35.49 1.49 142.71
CA THR F 657 35.47 2.37 143.87
C THR F 657 34.05 2.82 144.21
N GLN F 658 33.10 2.60 143.30
CA GLN F 658 31.77 3.14 143.47
C GLN F 658 30.97 2.36 144.50
N TYR F 659 29.98 3.02 145.09
CA TYR F 659 29.09 2.35 146.03
C TYR F 659 27.96 1.66 145.29
N GLY F 660 27.42 0.60 145.91
CA GLY F 660 26.50 -0.27 145.21
C GLY F 660 25.13 0.34 144.97
N LYS F 661 24.54 0.93 146.01
CA LYS F 661 23.14 1.33 146.00
C LYS F 661 23.02 2.85 145.90
N TRP F 662 22.09 3.31 145.07
CA TRP F 662 21.89 4.74 144.86
C TRP F 662 20.40 5.04 144.80
N TYR F 663 20.02 6.23 145.24
CA TYR F 663 18.63 6.65 145.34
C TYR F 663 18.51 8.10 144.87
N PHE F 664 17.50 8.36 144.05
CA PHE F 664 17.19 9.72 143.61
C PHE F 664 15.68 9.87 143.48
N GLU F 665 15.22 11.11 143.55
CA GLU F 665 13.80 11.43 143.62
C GLU F 665 13.45 12.46 142.56
N VAL F 666 12.31 12.28 141.91
CA VAL F 666 11.80 13.22 140.91
C VAL F 666 10.35 13.51 141.24
N MET F 667 10.02 14.79 141.39
CA MET F 667 8.66 15.20 141.71
C MET F 667 8.16 16.13 140.62
N VAL F 668 6.90 15.95 140.24
CA VAL F 668 6.33 16.60 139.07
C VAL F 668 5.72 17.93 139.47
N ASP F 669 6.07 18.99 138.74
CA ASP F 669 5.50 20.30 139.03
C ASP F 669 4.27 20.58 138.17
N GLU F 670 4.36 20.33 136.86
CA GLU F 670 3.28 20.64 135.93
C GLU F 670 3.30 19.67 134.77
N VAL F 671 2.13 19.14 134.43
CA VAL F 671 1.93 18.31 133.25
C VAL F 671 0.69 18.79 132.52
N VAL F 672 0.81 18.97 131.21
CA VAL F 672 -0.32 19.22 130.33
C VAL F 672 -0.67 17.90 129.65
N PRO F 673 -1.79 17.26 130.00
CA PRO F 673 -2.05 15.92 129.47
C PRO F 673 -2.10 15.84 127.95
N PHE F 674 -2.68 16.85 127.30
CA PHE F 674 -2.75 16.89 125.84
C PHE F 674 -2.40 18.30 125.37
N LEU F 675 -1.09 18.55 125.17
CA LEU F 675 -0.68 19.79 124.53
C LEU F 675 -0.89 19.70 123.02
N THR F 676 -0.73 18.51 122.46
CA THR F 676 -1.05 18.22 121.07
C THR F 676 -2.07 17.10 121.03
N ALA F 677 -2.33 16.60 119.82
CA ALA F 677 -3.27 15.49 119.67
C ALA F 677 -2.77 14.25 120.39
N GLN F 678 -1.48 13.96 120.29
CA GLN F 678 -0.91 12.80 120.96
C GLN F 678 -0.58 13.14 122.41
N ALA F 679 -0.84 12.19 123.30
CA ALA F 679 -0.71 12.45 124.74
C ALA F 679 0.74 12.76 125.11
N THR F 680 0.90 13.66 126.08
CA THR F 680 2.22 14.02 126.55
C THR F 680 2.89 12.82 127.22
N HIS F 681 4.20 12.69 127.00
CA HIS F 681 4.96 11.54 127.47
C HIS F 681 5.90 11.98 128.58
N LEU F 682 5.78 11.34 129.74
CA LEU F 682 6.66 11.59 130.88
C LEU F 682 7.07 10.27 131.47
N ARG F 683 8.37 10.07 131.67
CA ARG F 683 8.90 8.82 132.17
C ARG F 683 10.19 9.08 132.95
N VAL F 684 10.33 8.39 134.07
CA VAL F 684 11.48 8.52 134.96
C VAL F 684 12.10 7.15 135.14
N GLY F 685 13.43 7.09 135.12
CA GLY F 685 14.10 5.81 135.30
C GLY F 685 15.61 5.94 135.23
N TRP F 686 16.24 4.81 134.96
CA TRP F 686 17.69 4.69 134.87
C TRP F 686 18.06 4.28 133.46
N ALA F 687 19.27 4.61 133.03
CA ALA F 687 19.74 4.29 131.69
C ALA F 687 21.24 4.02 131.70
N LEU F 688 21.68 3.10 130.85
CA LEU F 688 23.09 2.80 130.70
C LEU F 688 23.75 3.83 129.78
N THR F 689 24.95 4.27 130.14
CA THR F 689 25.66 5.24 129.30
C THR F 689 25.95 4.67 127.92
N GLU F 690 26.41 3.44 127.87
CA GLU F 690 26.69 2.77 126.60
C GLU F 690 25.41 2.18 126.05
N GLY F 691 25.03 2.61 124.85
CA GLY F 691 23.90 2.03 124.15
C GLY F 691 22.60 2.81 124.21
N TYR F 692 22.44 3.71 125.17
CA TYR F 692 21.24 4.53 125.26
C TYR F 692 21.48 5.82 124.49
N SER F 693 20.97 5.87 123.26
CA SER F 693 21.14 7.03 122.38
C SER F 693 19.78 7.45 121.85
N PRO F 694 18.98 8.12 122.67
CA PRO F 694 17.71 8.66 122.16
C PRO F 694 17.97 9.77 121.17
N TYR F 695 17.53 9.55 119.93
CA TYR F 695 17.80 10.48 118.85
C TYR F 695 16.50 11.21 118.52
N PRO F 696 16.54 12.53 118.35
CA PRO F 696 15.31 13.28 118.07
C PRO F 696 14.67 12.83 116.77
N GLY F 697 13.35 12.84 116.76
CA GLY F 697 12.60 12.51 115.57
C GLY F 697 12.38 11.02 115.40
N GLY F 698 12.77 10.55 114.21
CA GLY F 698 12.53 9.16 113.87
C GLY F 698 13.30 8.22 114.78
N GLY F 699 12.68 7.10 115.12
CA GLY F 699 13.31 6.10 115.95
C GLY F 699 12.61 4.76 115.80
N GLU F 700 12.98 3.83 116.67
CA GLU F 700 12.36 2.52 116.67
C GLU F 700 10.93 2.60 117.18
N GLY F 701 10.11 1.66 116.72
CA GLY F 701 8.70 1.68 117.07
C GLY F 701 7.97 2.73 116.25
N TRP F 702 7.17 3.54 116.93
CA TRP F 702 6.47 4.64 116.29
C TRP F 702 7.08 5.99 116.62
N GLY F 703 8.35 6.02 117.00
CA GLY F 703 9.01 7.26 117.34
C GLY F 703 8.77 7.68 118.77
N GLY F 704 9.28 8.86 119.09
CA GLY F 704 9.18 9.37 120.46
C GLY F 704 9.89 8.48 121.46
N ASN F 705 11.09 8.02 121.12
CA ASN F 705 11.81 7.09 121.98
C ASN F 705 12.33 7.80 123.22
N GLY F 706 11.99 7.25 124.39
CA GLY F 706 12.44 7.81 125.64
C GLY F 706 12.98 6.73 126.54
N VAL F 707 12.85 6.97 127.86
CA VAL F 707 13.29 5.98 128.82
C VAL F 707 12.39 4.76 128.74
N GLY F 708 13.00 3.58 128.63
CA GLY F 708 12.26 2.35 128.54
C GLY F 708 11.89 1.93 127.14
N ASP F 709 12.23 2.73 126.12
CA ASP F 709 11.97 2.35 124.74
C ASP F 709 13.07 1.48 124.16
N ASP F 710 14.15 1.24 124.91
CA ASP F 710 15.23 0.37 124.47
C ASP F 710 15.65 -0.52 125.63
N LEU F 711 16.50 -1.50 125.33
CA LEU F 711 16.91 -2.45 126.35
C LEU F 711 17.98 -1.85 127.27
N TYR F 712 18.45 -0.63 126.96
CA TYR F 712 19.49 -0.03 127.78
C TYR F 712 18.88 0.86 128.86
N SER F 713 17.61 1.20 128.73
CA SER F 713 16.94 2.11 129.66
C SER F 713 15.71 1.43 130.25
N TYR F 714 15.42 1.76 131.52
CA TYR F 714 14.28 1.21 132.24
C TYR F 714 13.54 2.36 132.90
N GLY F 715 12.25 2.47 132.64
CA GLY F 715 11.50 3.66 133.03
C GLY F 715 10.18 3.31 133.69
N PHE F 716 9.50 4.36 134.12
CA PHE F 716 8.23 4.26 134.86
C PHE F 716 7.42 5.53 134.62
N ASP F 717 6.20 5.37 134.12
CA ASP F 717 5.37 6.51 133.77
C ASP F 717 4.23 6.74 134.76
N GLY F 718 4.23 6.08 135.91
CA GLY F 718 3.13 6.15 136.83
C GLY F 718 2.09 5.05 136.67
N LEU F 719 2.08 4.38 135.52
CA LEU F 719 1.12 3.32 135.24
C LEU F 719 1.75 2.06 134.68
N HIS F 720 2.94 2.14 134.10
CA HIS F 720 3.58 1.00 133.45
C HIS F 720 5.07 1.01 133.74
N LEU F 721 5.67 -0.17 133.63
CA LEU F 721 7.12 -0.31 133.63
C LEU F 721 7.57 -0.48 132.19
N TRP F 722 8.49 0.38 131.75
CA TRP F 722 8.88 0.44 130.35
C TRP F 722 10.28 -0.12 130.19
N THR F 723 10.42 -1.12 129.32
CA THR F 723 11.70 -1.64 128.91
C THR F 723 11.54 -2.36 127.58
N GLY F 724 12.53 -2.18 126.71
CA GLY F 724 12.47 -2.82 125.40
C GLY F 724 11.28 -2.41 124.58
N HIS F 725 10.82 -1.17 124.72
CA HIS F 725 9.67 -0.64 124.00
C HIS F 725 8.40 -1.44 124.26
N VAL F 726 8.30 -2.04 125.45
CA VAL F 726 7.12 -2.80 125.85
C VAL F 726 6.61 -2.23 127.15
N ALA F 727 5.33 -1.88 127.19
CA ALA F 727 4.69 -1.33 128.38
C ALA F 727 4.01 -2.45 129.15
N ARG F 728 4.46 -2.67 130.38
CA ARG F 728 3.91 -3.70 131.23
C ARG F 728 3.16 -3.04 132.39
N PRO F 729 1.85 -3.22 132.50
CA PRO F 729 1.10 -2.54 133.56
C PRO F 729 1.58 -2.95 134.94
N VAL F 730 1.61 -1.98 135.84
CA VAL F 730 2.09 -2.18 137.21
C VAL F 730 1.01 -1.71 138.16
N THR F 731 0.99 -2.30 139.34
CA THR F 731 -0.03 -2.03 140.35
C THR F 731 0.53 -1.13 141.42
N SER F 732 -0.17 -0.02 141.69
CA SER F 732 0.16 0.89 142.76
C SER F 732 -1.10 1.36 143.45
N PRO F 733 -1.03 1.63 144.75
CA PRO F 733 -2.21 2.17 145.45
C PRO F 733 -2.62 3.52 144.89
N GLY F 734 -3.86 3.60 144.42
CA GLY F 734 -4.32 4.82 143.77
C GLY F 734 -3.54 5.15 142.53
N GLN F 735 -3.24 4.15 141.70
CA GLN F 735 -2.37 4.36 140.55
C GLN F 735 -3.01 5.29 139.53
N HIS F 736 -2.18 6.10 138.88
CA HIS F 736 -2.62 7.01 137.84
C HIS F 736 -1.41 7.42 137.02
N LEU F 737 -1.68 8.02 135.86
CA LEU F 737 -0.60 8.58 135.05
C LEU F 737 0.05 9.73 135.80
N LEU F 738 1.33 9.95 135.52
CA LEU F 738 2.10 10.96 136.24
C LEU F 738 1.41 12.30 136.18
N ALA F 739 1.08 12.82 137.35
CA ALA F 739 0.28 14.03 137.52
C ALA F 739 1.08 15.05 138.30
N PRO F 740 0.72 16.32 138.20
CA PRO F 740 1.43 17.34 138.98
C PRO F 740 1.32 17.06 140.47
N GLU F 741 2.39 17.41 141.19
CA GLU F 741 2.56 17.24 142.63
C GLU F 741 2.73 15.78 143.02
N ASP F 742 3.14 14.91 142.10
CA ASP F 742 3.46 13.52 142.40
C ASP F 742 4.97 13.37 142.46
N VAL F 743 5.44 12.60 143.45
CA VAL F 743 6.86 12.39 143.68
C VAL F 743 7.20 10.96 143.33
N VAL F 744 8.15 10.79 142.41
CA VAL F 744 8.61 9.47 141.99
C VAL F 744 9.99 9.25 142.57
N SER F 745 10.14 8.19 143.36
CA SER F 745 11.41 7.82 143.96
C SER F 745 11.91 6.54 143.32
N CYS F 746 13.11 6.61 142.74
CA CYS F 746 13.71 5.49 142.04
C CYS F 746 14.94 5.01 142.80
N CYS F 747 15.00 3.72 143.08
CA CYS F 747 16.10 3.11 143.81
C CYS F 747 16.78 2.09 142.92
N LEU F 748 18.11 2.14 142.87
CA LEU F 748 18.91 1.23 142.07
C LEU F 748 19.93 0.53 142.96
N ASP F 749 19.90 -0.79 142.97
CA ASP F 749 20.90 -1.60 143.65
C ASP F 749 21.66 -2.41 142.61
N LEU F 750 22.98 -2.20 142.55
CA LEU F 750 23.78 -2.87 141.54
C LEU F 750 24.13 -4.29 141.95
N SER F 751 23.88 -4.63 143.22
CA SER F 751 24.29 -5.94 143.72
C SER F 751 23.39 -7.05 143.18
N VAL F 752 22.07 -6.84 143.18
CA VAL F 752 21.15 -7.90 142.77
C VAL F 752 21.34 -8.30 141.32
N PRO F 753 21.34 -7.38 140.32
CA PRO F 753 21.01 -5.94 140.35
C PRO F 753 19.50 -5.73 140.29
N SER F 754 18.97 -4.64 140.84
CA SER F 754 17.54 -4.42 140.83
C SER F 754 17.23 -2.93 140.77
N ILE F 755 16.08 -2.60 140.19
CA ILE F 755 15.56 -1.24 140.14
C ILE F 755 14.15 -1.26 140.68
N SER F 756 13.87 -0.40 141.66
CA SER F 756 12.57 -0.33 142.31
C SER F 756 12.08 1.11 142.28
N PHE F 757 10.76 1.29 142.24
CA PHE F 757 10.15 2.60 142.21
C PHE F 757 9.14 2.72 143.34
N ARG F 758 8.99 3.93 143.87
CA ARG F 758 7.93 4.27 144.80
C ARG F 758 7.32 5.59 144.39
N ILE F 759 5.99 5.62 144.27
CA ILE F 759 5.26 6.80 143.82
C ILE F 759 4.53 7.38 145.02
N ASN F 760 4.75 8.68 145.26
CA ASN F 760 4.13 9.39 146.37
C ASN F 760 4.44 8.72 147.71
N GLY F 761 5.60 8.08 147.79
CA GLY F 761 6.00 7.40 149.00
C GLY F 761 5.44 6.01 149.17
N CYS F 762 4.59 5.55 148.25
CA CYS F 762 4.02 4.22 148.34
C CYS F 762 4.74 3.28 147.37
N PRO F 763 4.96 2.03 147.74
CA PRO F 763 5.73 1.13 146.86
C PRO F 763 4.97 0.83 145.58
N VAL F 764 5.73 0.57 144.51
CA VAL F 764 5.20 0.13 143.23
C VAL F 764 5.62 -1.32 143.02
N GLN F 765 4.64 -2.20 142.83
CA GLN F 765 4.88 -3.64 142.74
C GLN F 765 5.46 -3.99 141.37
N GLY F 766 6.69 -3.56 141.15
CA GLY F 766 7.40 -3.85 139.92
C GLY F 766 8.90 -3.73 140.08
N VAL F 767 9.64 -4.75 139.65
CA VAL F 767 11.09 -4.80 139.82
C VAL F 767 11.73 -5.13 138.48
N PHE F 768 12.86 -4.49 138.21
CA PHE F 768 13.72 -4.82 137.07
C PHE F 768 14.95 -5.54 137.62
N GLU F 769 15.16 -6.78 137.19
CA GLU F 769 16.29 -7.56 137.67
C GLU F 769 17.02 -8.20 136.49
N ALA F 770 18.23 -8.67 136.78
CA ALA F 770 19.06 -9.45 135.87
C ALA F 770 19.42 -8.69 134.60
N PHE F 771 19.51 -7.37 134.66
CA PHE F 771 19.94 -6.61 133.50
C PHE F 771 21.47 -6.57 133.43
N ASN F 772 21.98 -6.22 132.26
CA ASN F 772 23.42 -6.17 132.06
C ASN F 772 24.03 -5.03 132.87
N LEU F 773 25.30 -5.21 133.23
CA LEU F 773 26.02 -4.25 134.06
C LEU F 773 27.29 -3.74 133.41
N ASP F 774 27.44 -3.89 132.10
CA ASP F 774 28.65 -3.46 131.39
C ASP F 774 28.51 -1.99 130.98
N GLY F 775 28.48 -1.13 131.99
CA GLY F 775 28.37 0.29 131.76
C GLY F 775 28.11 1.02 133.06
N LEU F 776 27.73 2.29 132.92
CA LEU F 776 27.40 3.14 134.05
C LEU F 776 25.94 3.55 133.95
N PHE F 777 25.30 3.75 135.09
CA PHE F 777 23.88 4.08 135.14
C PHE F 777 23.71 5.53 135.57
N PHE F 778 22.84 6.26 134.89
CA PHE F 778 22.55 7.63 135.24
C PHE F 778 21.05 7.84 135.37
N PRO F 779 20.60 8.66 136.32
CA PRO F 779 19.17 9.02 136.34
C PRO F 779 18.80 9.75 135.07
N VAL F 780 17.59 9.50 134.59
CA VAL F 780 17.15 10.05 133.31
C VAL F 780 15.64 10.21 133.33
N VAL F 781 15.17 11.33 132.78
CA VAL F 781 13.75 11.60 132.59
C VAL F 781 13.53 11.98 131.13
N SER F 782 12.61 11.29 130.47
CA SER F 782 12.25 11.57 129.09
C SER F 782 10.90 12.24 129.07
N PHE F 783 10.81 13.36 128.36
CA PHE F 783 9.59 14.17 128.38
C PHE F 783 9.29 14.66 126.98
N SER F 784 8.01 14.68 126.62
CA SER F 784 7.58 15.48 125.49
C SER F 784 7.34 16.92 125.94
N ALA F 785 6.98 17.76 124.99
CA ALA F 785 6.72 19.16 125.33
C ALA F 785 5.45 19.28 126.17
N GLY F 786 5.47 20.22 127.10
CA GLY F 786 4.30 20.50 127.91
C GLY F 786 4.36 20.01 129.35
N VAL F 787 5.54 19.67 129.85
CA VAL F 787 5.69 19.18 131.22
C VAL F 787 6.85 19.91 131.88
N LYS F 788 6.66 20.30 133.13
CA LYS F 788 7.72 20.84 133.97
C LYS F 788 7.91 19.92 135.17
N VAL F 789 9.14 19.44 135.36
CA VAL F 789 9.44 18.51 136.43
C VAL F 789 10.73 18.96 137.10
N ARG F 790 10.92 18.54 138.36
CA ARG F 790 12.07 18.94 139.15
C ARG F 790 12.82 17.70 139.60
N PHE F 791 14.13 17.85 139.78
CA PHE F 791 15.05 16.75 140.02
C PHE F 791 15.64 16.89 141.42
N LEU F 792 15.42 15.88 142.26
CA LEU F 792 15.92 15.87 143.63
C LEU F 792 17.00 14.81 143.75
N LEU F 793 18.19 15.22 144.20
CA LEU F 793 19.33 14.32 144.29
C LEU F 793 19.95 14.29 145.68
N GLY F 794 19.33 14.96 146.66
CA GLY F 794 19.87 14.98 148.00
C GLY F 794 20.90 16.08 148.19
N GLY F 795 21.34 16.19 149.44
CA GLY F 795 22.30 17.23 149.78
C GLY F 795 21.72 18.60 149.57
N ARG F 796 22.49 19.46 148.91
CA ARG F 796 22.04 20.81 148.57
C ARG F 796 21.41 20.89 147.19
N HIS F 797 21.21 19.76 146.52
CA HIS F 797 20.60 19.73 145.20
C HIS F 797 19.17 19.25 145.23
N GLY F 798 18.50 19.32 146.37
CA GLY F 798 17.10 18.94 146.47
C GLY F 798 16.83 18.04 147.66
N GLU F 799 15.91 18.45 148.53
CA GLU F 799 15.59 17.64 149.69
C GLU F 799 14.62 16.54 149.30
N PHE F 800 14.93 15.30 149.70
CA PHE F 800 14.05 14.18 149.43
C PHE F 800 12.75 14.34 150.19
N LYS F 801 11.63 14.25 149.47
CA LYS F 801 10.33 14.30 150.13
C LYS F 801 10.13 13.08 151.02
N PHE F 802 10.66 11.94 150.60
CA PHE F 802 10.61 10.71 151.37
C PHE F 802 12.02 10.21 151.60
N LEU F 803 12.28 9.72 152.81
CA LEU F 803 13.63 9.29 153.15
C LEU F 803 14.03 8.08 152.31
N PRO F 804 15.30 7.97 151.92
CA PRO F 804 15.71 6.82 151.12
C PRO F 804 15.64 5.54 151.94
N PRO F 805 15.46 4.40 151.28
CA PRO F 805 15.50 3.14 152.00
C PRO F 805 16.88 2.91 152.59
N PRO F 806 16.97 2.17 153.69
CA PRO F 806 18.26 2.01 154.37
C PRO F 806 19.31 1.38 153.47
N GLY F 807 20.55 1.87 153.61
CA GLY F 807 21.65 1.38 152.81
C GLY F 807 21.74 1.96 151.42
N TYR F 808 20.89 2.93 151.09
CA TYR F 808 20.86 3.53 149.76
C TYR F 808 21.46 4.92 149.84
N ALA F 809 22.38 5.22 148.93
CA ALA F 809 23.00 6.52 149.07
C ALA F 809 22.34 7.54 148.14
N PRO F 810 22.27 8.81 148.56
CA PRO F 810 21.77 9.85 147.66
C PRO F 810 22.65 10.00 146.44
N CYS F 811 22.03 10.40 145.33
CA CYS F 811 22.76 10.44 144.07
C CYS F 811 23.77 11.59 144.02
N HIS F 812 23.59 12.60 144.88
CA HIS F 812 24.53 13.73 144.86
C HIS F 812 25.90 13.31 145.35
N GLU F 813 25.99 12.20 146.07
CA GLU F 813 27.28 11.72 146.56
C GLU F 813 28.11 11.15 145.41
N ALA F 814 27.46 10.79 144.30
CA ALA F 814 28.17 10.10 143.23
C ALA F 814 28.83 11.06 142.27
N VAL F 815 28.66 12.38 142.51
CA VAL F 815 29.28 13.35 141.61
C VAL F 815 30.80 13.29 141.76
N LEU F 816 31.49 13.37 140.63
CA LEU F 816 32.93 13.23 140.62
C LEU F 816 33.60 14.51 141.12
N PRO F 817 34.80 14.40 141.70
CA PRO F 817 35.47 15.61 142.24
C PRO F 817 35.72 16.67 141.19
N ARG F 818 36.10 16.28 139.97
CA ARG F 818 36.31 17.27 138.92
C ARG F 818 34.99 17.80 138.39
N GLU F 819 34.02 16.91 138.18
CA GLU F 819 32.74 17.32 137.60
C GLU F 819 31.97 18.19 138.57
N ARG F 820 31.19 19.11 138.02
CA ARG F 820 30.22 19.89 138.77
C ARG F 820 28.83 19.47 138.33
N LEU F 821 27.94 19.26 139.30
CA LEU F 821 26.63 18.72 138.99
C LEU F 821 25.88 19.65 138.04
N ARG F 822 25.33 19.07 136.98
CA ARG F 822 24.68 19.84 135.94
C ARG F 822 23.68 18.93 135.21
N LEU F 823 22.78 19.56 134.46
CA LEU F 823 21.77 18.84 133.70
C LEU F 823 22.09 18.97 132.22
N GLU F 824 22.20 17.83 131.55
CA GLU F 824 22.69 17.80 130.18
C GLU F 824 21.86 16.88 129.32
N PRO F 825 21.82 17.12 128.01
CA PRO F 825 21.23 16.13 127.10
C PRO F 825 22.16 14.97 126.87
N ILE F 826 21.66 13.94 126.19
CA ILE F 826 22.40 12.71 125.95
C ILE F 826 22.63 12.56 124.46
N LYS F 827 23.90 12.45 124.07
CA LYS F 827 24.31 12.21 122.68
C LYS F 827 23.65 13.19 121.72
N GLU F 828 23.74 14.48 122.02
CA GLU F 828 23.24 15.52 121.15
C GLU F 828 24.30 15.82 120.10
N TYR F 829 23.87 16.01 118.85
CA TYR F 829 24.82 16.30 117.79
C TYR F 829 24.92 17.80 117.53
N ARG F 830 23.89 18.54 117.91
CA ARG F 830 23.87 19.99 117.74
C ARG F 830 23.48 20.63 119.06
N ARG F 831 23.97 21.85 119.30
CA ARG F 831 23.66 22.60 120.50
C ARG F 831 23.54 24.07 120.14
N GLU F 832 22.55 24.75 120.72
CA GLU F 832 22.34 26.16 120.41
C GLU F 832 23.51 26.99 120.87
N GLY F 833 23.95 27.91 120.01
CA GLY F 833 25.06 28.78 120.31
C GLY F 833 24.71 30.23 120.06
N PRO F 834 25.52 31.14 120.60
CA PRO F 834 25.20 32.58 120.45
C PRO F 834 25.23 33.05 119.01
N ARG F 835 26.35 32.83 118.31
CA ARG F 835 26.44 33.26 116.92
C ARG F 835 25.54 32.42 116.03
N GLY F 836 25.36 31.15 116.37
CA GLY F 836 24.51 30.26 115.62
C GLY F 836 24.53 28.86 116.20
N PRO F 837 23.75 27.95 115.63
CA PRO F 837 23.74 26.57 116.11
C PRO F 837 25.12 25.93 115.98
N HIS F 838 25.50 25.18 117.01
CA HIS F 838 26.82 24.55 117.08
C HIS F 838 26.69 23.05 116.86
N LEU F 839 27.38 22.55 115.85
CA LEU F 839 27.50 21.10 115.69
C LEU F 839 28.43 20.55 116.76
N VAL F 840 28.08 19.39 117.30
CA VAL F 840 28.81 18.78 118.40
C VAL F 840 29.21 17.37 117.99
N GLY F 841 30.47 17.03 118.21
CA GLY F 841 30.96 15.69 117.92
C GLY F 841 30.58 14.72 119.02
N PRO F 842 30.98 13.45 118.85
CA PRO F 842 30.68 12.44 119.86
C PRO F 842 31.31 12.79 121.20
N SER F 843 30.59 12.45 122.27
CA SER F 843 31.06 12.78 123.60
C SER F 843 31.84 11.61 124.20
N ARG F 844 32.96 11.93 124.85
CA ARG F 844 33.73 10.91 125.55
C ARG F 844 32.95 10.36 126.72
N CYS F 845 33.00 9.04 126.90
CA CYS F 845 32.20 8.35 127.89
C CYS F 845 33.11 7.63 128.87
N LEU F 846 32.79 7.75 130.17
CA LEU F 846 33.52 7.02 131.19
C LEU F 846 33.05 5.58 131.25
N SER F 847 33.72 4.78 132.08
CA SER F 847 33.37 3.38 132.22
C SER F 847 33.71 2.86 133.62
N HIS F 848 33.02 1.78 133.98
CA HIS F 848 33.28 1.14 135.27
C HIS F 848 34.72 0.64 135.35
N THR F 849 35.25 0.15 134.24
CA THR F 849 36.65 -0.25 134.21
C THR F 849 37.57 0.94 134.48
N ASP F 850 37.22 2.10 133.94
CA ASP F 850 37.97 3.31 134.26
C ASP F 850 37.85 3.66 135.73
N PHE F 851 36.72 3.34 136.35
CA PHE F 851 36.60 3.56 137.79
C PHE F 851 37.41 2.55 138.58
N VAL F 852 37.71 1.40 137.99
CA VAL F 852 38.52 0.40 138.72
C VAL F 852 39.98 0.82 138.70
N PRO F 853 40.64 0.95 139.85
CA PRO F 853 42.08 1.24 139.84
C PRO F 853 42.87 0.06 139.31
N CYS F 854 43.97 0.37 138.63
CA CYS F 854 44.84 -0.63 138.02
C CYS F 854 46.30 -0.25 138.26
N PRO F 855 46.81 -0.47 139.47
CA PRO F 855 48.22 -0.14 139.73
C PRO F 855 49.15 -1.18 139.12
N VAL F 856 50.44 -0.85 139.10
CA VAL F 856 51.44 -1.82 138.66
C VAL F 856 51.49 -2.95 139.67
N ASP F 857 51.97 -4.10 139.24
CA ASP F 857 51.96 -5.29 140.08
C ASP F 857 52.80 -5.07 141.34
N THR F 858 52.20 -5.35 142.50
CA THR F 858 52.87 -5.22 143.78
C THR F 858 53.32 -6.57 144.34
N VAL F 859 53.19 -7.64 143.55
CA VAL F 859 53.50 -8.97 144.06
C VAL F 859 55.02 -9.18 144.14
N GLN F 860 55.73 -8.82 143.09
CA GLN F 860 57.13 -9.22 142.91
C GLN F 860 58.02 -8.07 143.33
N ILE F 861 58.95 -8.35 144.24
CA ILE F 861 59.80 -7.33 144.85
C ILE F 861 61.27 -7.67 144.59
N VAL F 862 62.00 -6.69 144.06
CA VAL F 862 63.46 -6.76 143.96
C VAL F 862 64.03 -5.45 144.48
N LEU F 863 64.89 -5.54 145.49
CA LEU F 863 65.50 -4.36 146.09
C LEU F 863 67.00 -4.60 146.26
N PRO F 864 67.86 -3.72 145.74
CA PRO F 864 69.27 -3.79 146.06
C PRO F 864 69.50 -3.53 147.54
N PRO F 865 70.63 -3.97 148.09
CA PRO F 865 70.86 -3.74 149.53
C PRO F 865 71.07 -2.28 149.89
N HIS F 866 71.83 -1.55 149.07
CA HIS F 866 71.98 -0.12 149.29
C HIS F 866 70.63 0.59 149.16
N LEU F 867 69.83 0.17 148.17
CA LEU F 867 68.49 0.72 148.05
C LEU F 867 67.63 0.35 149.26
N GLU F 868 67.91 -0.79 149.90
CA GLU F 868 67.12 -1.18 151.06
C GLU F 868 67.43 -0.32 152.28
N ARG F 869 68.71 -0.10 152.56
CA ARG F 869 69.06 0.79 153.65
C ARG F 869 68.58 2.21 153.35
N ILE F 870 68.62 2.58 152.07
CA ILE F 870 68.14 3.90 151.68
C ILE F 870 66.61 3.95 151.76
N ARG F 871 65.96 2.79 151.61
CA ARG F 871 64.52 2.71 151.81
C ARG F 871 64.17 3.01 153.26
N GLU F 872 64.90 2.41 154.19
CA GLU F 872 64.68 2.73 155.60
C GLU F 872 64.92 4.22 155.87
N LYS F 873 66.05 4.74 155.38
CA LYS F 873 66.37 6.15 155.59
C LYS F 873 65.34 7.05 154.94
N LEU F 874 64.81 6.64 153.78
CA LEU F 874 63.86 7.46 153.04
C LEU F 874 62.48 7.44 153.70
N ALA F 875 62.11 6.31 154.31
CA ALA F 875 60.89 6.30 155.09
C ALA F 875 61.00 7.25 156.28
N GLU F 876 62.13 7.22 156.99
CA GLU F 876 62.34 8.21 158.05
C GLU F 876 62.32 9.62 157.49
N ASN F 877 62.90 9.82 156.32
CA ASN F 877 62.98 11.15 155.73
C ASN F 877 61.59 11.67 155.36
N ILE F 878 60.74 10.82 154.76
CA ILE F 878 59.40 11.27 154.41
C ILE F 878 58.57 11.48 155.67
N HIS F 879 58.86 10.74 156.74
CA HIS F 879 58.33 11.14 158.04
C HIS F 879 58.71 12.56 158.40
N GLU F 880 59.99 12.92 158.20
CA GLU F 880 60.43 14.27 158.56
C GLU F 880 59.77 15.33 157.68
N LEU F 881 59.66 15.08 156.36
CA LEU F 881 58.97 16.04 155.50
C LEU F 881 57.49 16.17 155.85
N TRP F 882 56.82 15.05 156.15
CA TRP F 882 55.42 15.13 156.52
C TRP F 882 55.26 15.83 157.86
N ALA F 883 56.23 15.67 158.76
CA ALA F 883 56.26 16.43 160.00
C ALA F 883 56.40 17.92 159.72
N LEU F 884 57.25 18.28 158.76
CA LEU F 884 57.38 19.69 158.38
C LEU F 884 56.06 20.23 157.82
N THR F 885 55.37 19.43 157.00
CA THR F 885 54.06 19.85 156.51
C THR F 885 53.08 20.04 157.67
N ARG F 886 53.15 19.16 158.67
CA ARG F 886 52.28 19.30 159.83
C ARG F 886 52.59 20.58 160.60
N ILE F 887 53.86 20.93 160.74
CA ILE F 887 54.19 22.15 161.47
C ILE F 887 53.78 23.39 160.67
N GLU F 888 53.81 23.29 159.33
CA GLU F 888 53.19 24.35 158.54
C GLU F 888 51.70 24.45 158.83
N GLN F 889 51.03 23.30 158.93
CA GLN F 889 49.62 23.29 159.33
C GLN F 889 49.42 23.82 160.74
N GLY F 890 50.46 23.80 161.58
CA GLY F 890 50.33 24.18 162.97
C GLY F 890 50.27 23.04 163.95
N TRP F 891 50.51 21.80 163.50
CA TRP F 891 50.43 20.65 164.38
C TRP F 891 51.50 20.71 165.47
N THR F 892 51.13 20.27 166.67
CA THR F 892 52.06 20.11 167.77
C THR F 892 52.14 18.64 168.14
N TYR F 893 53.13 18.29 168.97
CA TYR F 893 53.28 16.91 169.39
C TYR F 893 52.20 16.54 170.40
N GLY F 894 51.73 15.30 170.31
CA GLY F 894 50.80 14.76 171.28
C GLY F 894 50.81 13.24 171.26
N PRO F 895 50.62 12.63 172.43
CA PRO F 895 50.55 11.15 172.47
C PRO F 895 49.44 10.59 171.63
N VAL F 896 48.31 11.31 171.52
CA VAL F 896 47.22 10.86 170.67
C VAL F 896 47.31 11.56 169.32
N ARG F 897 46.78 10.91 168.29
CA ARG F 897 46.79 11.44 166.93
C ARG F 897 45.37 11.73 166.49
N ASP F 898 45.04 13.02 166.35
CA ASP F 898 43.75 13.44 165.82
C ASP F 898 43.97 14.66 164.93
N ASP F 899 43.24 14.70 163.81
CA ASP F 899 43.36 15.85 162.91
C ASP F 899 42.87 17.12 163.58
N ASN F 900 41.76 17.05 164.31
CA ASN F 900 41.25 18.22 165.03
C ASN F 900 42.17 18.60 166.17
N LYS F 901 42.72 17.61 166.88
CA LYS F 901 43.57 17.90 168.04
C LYS F 901 44.91 18.48 167.60
N ARG F 902 45.30 18.27 166.34
CA ARG F 902 46.56 18.76 165.81
C ARG F 902 47.74 18.21 166.61
N LEU F 903 47.58 16.99 167.14
CA LEU F 903 48.58 16.34 167.96
C LEU F 903 49.07 15.10 167.23
N HIS F 904 50.39 14.93 167.17
CA HIS F 904 50.98 13.81 166.44
C HIS F 904 52.18 13.25 167.20
N PRO F 905 52.14 11.97 167.59
CA PRO F 905 53.35 11.35 168.16
C PRO F 905 54.52 11.31 167.19
N CYS F 906 54.23 11.18 165.90
CA CYS F 906 55.29 11.14 164.90
C CYS F 906 55.99 12.49 164.77
N LEU F 907 55.28 13.58 165.08
CA LEU F 907 55.85 14.92 164.97
C LEU F 907 56.64 15.25 166.24
N VAL F 908 57.73 14.49 166.41
CA VAL F 908 58.72 14.82 167.44
C VAL F 908 60.13 14.82 166.84
N ASN F 909 60.53 13.70 166.24
CA ASN F 909 61.85 13.54 165.63
C ASN F 909 61.90 12.20 164.94
N PHE F 910 62.79 12.08 163.96
CA PHE F 910 62.78 10.90 163.08
C PHE F 910 63.09 9.62 163.86
N HIS F 911 64.00 9.68 164.82
CA HIS F 911 64.34 8.48 165.57
C HIS F 911 63.42 8.30 166.76
N SER F 912 62.84 9.40 167.26
CA SER F 912 62.01 9.31 168.46
C SER F 912 60.53 9.14 168.10
N LEU F 913 60.19 9.17 166.81
CA LEU F 913 58.85 8.78 166.41
C LEU F 913 58.76 7.26 166.42
N PRO F 914 57.57 6.69 166.65
CA PRO F 914 57.50 5.24 166.89
C PRO F 914 58.03 4.42 165.72
N GLU F 915 58.76 3.36 166.06
CA GLU F 915 59.17 2.38 165.06
C GLU F 915 58.00 1.72 164.35
N PRO F 916 56.92 1.30 165.03
CA PRO F 916 55.75 0.79 164.27
C PRO F 916 55.17 1.82 163.32
N GLU F 917 55.17 3.11 163.71
CA GLU F 917 54.72 4.15 162.79
C GLU F 917 55.66 4.26 161.60
N ARG F 918 56.95 4.08 161.83
CA ARG F 918 57.90 4.04 160.72
C ARG F 918 57.63 2.86 159.80
N ASN F 919 57.23 1.73 160.38
CA ASN F 919 57.07 0.50 159.61
C ASN F 919 56.00 0.65 158.53
N TYR F 920 54.96 1.44 158.82
CA TYR F 920 53.96 1.70 157.79
C TYR F 920 54.56 2.46 156.61
N ASN F 921 55.56 3.31 156.89
CA ASN F 921 56.19 4.05 155.80
C ASN F 921 57.45 3.35 155.31
N LEU F 922 58.01 2.43 156.10
CA LEU F 922 58.99 1.51 155.54
C LEU F 922 58.37 0.69 154.42
N GLN F 923 57.15 0.19 154.66
CA GLN F 923 56.49 -0.64 153.65
C GLN F 923 56.20 0.15 152.38
N MET F 924 55.60 1.33 152.51
CA MET F 924 55.26 2.10 151.30
C MET F 924 56.51 2.69 150.66
N SER F 925 57.57 2.90 151.43
CA SER F 925 58.85 3.29 150.83
C SER F 925 59.39 2.16 149.97
N GLY F 926 59.39 0.94 150.50
CA GLY F 926 59.77 -0.21 149.70
C GLY F 926 58.91 -0.33 148.46
N GLU F 927 57.62 -0.03 148.59
CA GLU F 927 56.74 0.03 147.43
C GLU F 927 57.21 1.07 146.42
N THR F 928 57.65 2.24 146.90
CA THR F 928 58.10 3.29 145.99
C THR F 928 59.31 2.83 145.18
N LEU F 929 60.35 2.33 145.85
CA LEU F 929 61.50 1.83 145.11
C LEU F 929 61.14 0.67 144.20
N LYS F 930 60.32 -0.27 144.68
CA LYS F 930 59.97 -1.43 143.86
C LYS F 930 59.15 -1.00 142.64
N THR F 931 58.34 0.04 142.78
CA THR F 931 57.57 0.53 141.64
C THR F 931 58.46 1.30 140.67
N LEU F 932 59.50 1.96 141.18
CA LEU F 932 60.51 2.50 140.27
C LEU F 932 61.14 1.39 139.46
N LEU F 933 61.46 0.26 140.10
CA LEU F 933 61.98 -0.89 139.37
C LEU F 933 60.96 -1.43 138.37
N ALA F 934 59.70 -1.51 138.78
CA ALA F 934 58.69 -2.14 137.93
C ALA F 934 58.34 -1.30 136.72
N LEU F 935 58.35 0.02 136.88
CA LEU F 935 58.01 0.90 135.76
C LEU F 935 59.08 0.86 134.68
N GLY F 936 60.23 0.26 134.98
CA GLY F 936 61.38 0.28 134.09
C GLY F 936 62.43 1.30 134.49
N CYS F 937 62.20 2.06 135.55
CA CYS F 937 63.18 3.05 136.00
C CYS F 937 64.31 2.36 136.74
N HIS F 938 65.54 2.66 136.32
CA HIS F 938 66.74 2.09 136.92
C HIS F 938 67.27 3.04 137.99
N VAL F 939 67.27 2.57 139.24
CA VAL F 939 67.80 3.32 140.37
C VAL F 939 68.98 2.57 140.95
N GLY F 940 69.98 3.30 141.42
CA GLY F 940 71.15 2.70 142.02
C GLY F 940 72.05 3.77 142.60
N MET F 941 72.98 3.32 143.44
CA MET F 941 73.90 4.23 144.13
C MET F 941 74.87 4.81 143.11
N ALA F 942 75.26 6.07 143.33
CA ALA F 942 76.34 6.65 142.55
C ALA F 942 77.52 7.01 143.44
N ASP F 943 77.25 7.58 144.61
CA ASP F 943 78.27 7.90 145.60
C ASP F 943 77.83 7.38 146.95
N GLU F 944 78.73 6.66 147.63
CA GLU F 944 78.43 6.20 148.99
C GLU F 944 78.60 7.32 150.00
N LYS F 945 79.58 8.20 149.78
CA LYS F 945 79.81 9.28 150.74
C LYS F 945 78.68 10.30 150.71
N ALA F 946 78.04 10.47 149.55
CA ALA F 946 76.85 11.32 149.48
C ALA F 946 75.74 10.77 150.36
N GLU F 947 75.57 9.45 150.36
CA GLU F 947 74.63 8.81 151.28
C GLU F 947 75.06 9.04 152.73
N ASP F 948 76.35 8.86 153.01
CA ASP F 948 76.83 8.93 154.39
C ASP F 948 76.65 10.32 154.99
N ASN F 949 76.98 11.36 154.23
CA ASN F 949 76.87 12.74 154.72
C ASN F 949 75.95 13.53 153.80
N LEU F 950 74.88 14.07 154.37
CA LEU F 950 73.91 14.86 153.63
C LEU F 950 73.42 16.01 154.49
N LYS F 951 73.24 17.17 153.85
CA LYS F 951 72.75 18.34 154.56
C LYS F 951 71.27 18.16 154.89
N LYS F 952 70.94 18.40 156.16
CA LYS F 952 69.60 18.15 156.69
C LYS F 952 68.89 19.48 156.91
N THR F 953 67.66 19.59 156.40
CA THR F 953 66.82 20.73 156.74
C THR F 953 66.56 20.74 158.25
N LYS F 954 66.52 21.93 158.84
CA LYS F 954 66.31 22.06 160.27
C LYS F 954 64.97 22.75 160.51
N LEU F 955 64.18 22.21 161.42
CA LEU F 955 62.87 22.76 161.69
C LEU F 955 63.00 24.19 162.22
N PRO F 956 62.20 25.12 161.71
CA PRO F 956 62.33 26.51 162.15
C PRO F 956 62.06 26.68 163.64
N LYS F 957 62.78 27.60 164.26
CA LYS F 957 62.58 27.87 165.68
C LYS F 957 61.25 28.56 165.93
N THR F 958 60.82 29.40 164.99
CA THR F 958 59.56 30.13 165.17
C THR F 958 58.37 29.17 165.22
N TYR F 959 58.34 28.17 164.34
CA TYR F 959 57.27 27.20 164.30
C TYR F 959 57.72 25.94 165.03
N MET F 960 57.17 25.72 166.23
CA MET F 960 57.60 24.65 167.11
C MET F 960 56.40 23.80 167.50
N MET F 961 56.67 22.52 167.74
CA MET F 961 55.66 21.66 168.35
C MET F 961 55.95 21.45 169.83
N SER F 962 55.10 20.65 170.48
CA SER F 962 55.07 20.61 171.94
C SER F 962 56.41 20.17 172.54
N ASN F 963 57.05 19.15 171.96
CA ASN F 963 58.32 18.67 172.51
C ASN F 963 59.41 19.72 172.41
N GLY F 964 59.48 20.44 171.30
CA GLY F 964 60.58 21.35 171.05
C GLY F 964 61.74 20.74 170.32
N TYR F 965 61.70 19.44 170.04
CA TYR F 965 62.72 18.79 169.22
C TYR F 965 62.63 19.33 167.80
N LYS F 966 63.73 19.21 167.06
CA LYS F 966 63.75 19.64 165.68
C LYS F 966 63.98 18.45 164.76
N PRO F 967 62.94 17.96 164.07
CA PRO F 967 63.16 16.95 163.03
C PRO F 967 64.04 17.51 161.92
N ALA F 968 64.85 16.62 161.34
CA ALA F 968 65.85 17.02 160.34
C ALA F 968 65.63 16.25 159.05
N PRO F 969 64.74 16.75 158.19
CA PRO F 969 64.64 16.18 156.84
C PRO F 969 65.83 16.55 155.98
N LEU F 970 66.11 15.70 155.00
CA LEU F 970 67.15 16.00 154.03
C LEU F 970 66.79 17.26 153.26
N ASP F 971 67.75 18.15 153.11
CA ASP F 971 67.49 19.39 152.37
C ASP F 971 67.32 19.07 150.89
N LEU F 972 66.32 19.68 150.27
CA LEU F 972 66.02 19.46 148.87
C LEU F 972 66.39 20.65 148.00
N SER F 973 67.11 21.62 148.55
CA SER F 973 67.48 22.81 147.79
C SER F 973 68.51 22.48 146.71
N HIS F 974 69.53 21.67 147.06
CA HIS F 974 70.58 21.37 146.10
C HIS F 974 70.09 20.44 145.00
N VAL F 975 69.07 19.64 145.30
CA VAL F 975 68.61 18.64 144.35
C VAL F 975 67.79 19.30 143.24
N ARG F 976 68.05 18.89 142.00
CA ARG F 976 67.29 19.33 140.85
C ARG F 976 66.76 18.12 140.10
N LEU F 977 65.63 18.28 139.43
CA LEU F 977 64.94 17.19 138.76
C LEU F 977 64.77 17.50 137.27
N THR F 978 65.04 16.50 136.43
CA THR F 978 64.82 16.64 135.00
C THR F 978 63.32 16.56 134.69
N PRO F 979 62.88 17.15 133.58
CA PRO F 979 61.45 17.06 133.23
C PRO F 979 60.97 15.62 133.04
N ALA F 980 61.81 14.76 132.46
CA ALA F 980 61.46 13.36 132.36
C ALA F 980 61.33 12.72 133.74
N GLN F 981 62.20 13.13 134.68
CA GLN F 981 62.08 12.64 136.04
C GLN F 981 60.81 13.15 136.71
N THR F 982 60.37 14.35 136.36
CA THR F 982 59.09 14.85 136.88
C THR F 982 57.92 14.05 136.32
N THR F 983 57.98 13.69 135.04
CA THR F 983 56.95 12.82 134.47
C THR F 983 56.95 11.46 135.17
N LEU F 984 58.14 10.94 135.44
CA LEU F 984 58.27 9.73 136.26
C LEU F 984 57.62 9.93 137.63
N VAL F 985 57.83 11.10 138.23
CA VAL F 985 57.25 11.37 139.54
C VAL F 985 55.73 11.35 139.46
N ASP F 986 55.17 11.92 138.39
CA ASP F 986 53.73 11.87 138.18
C ASP F 986 53.25 10.42 138.08
N ARG F 987 53.98 9.58 137.35
CA ARG F 987 53.57 8.20 137.21
C ARG F 987 53.62 7.44 138.53
N LEU F 988 54.67 7.66 139.33
CA LEU F 988 54.70 7.02 140.65
C LEU F 988 53.62 7.55 141.57
N ALA F 989 53.30 8.84 141.51
CA ALA F 989 52.19 9.35 142.31
C ALA F 989 50.89 8.68 141.91
N GLU F 990 50.68 8.55 140.60
CA GLU F 990 49.53 7.80 140.09
C GLU F 990 49.48 6.39 140.66
N ASN F 991 50.60 5.66 140.58
CA ASN F 991 50.57 4.26 140.95
C ASN F 991 50.43 4.09 142.45
N GLY F 992 51.01 4.99 143.24
CA GLY F 992 50.82 4.95 144.67
C GLY F 992 49.37 5.21 145.06
N HIS F 993 48.74 6.19 144.42
CA HIS F 993 47.33 6.42 144.71
C HIS F 993 46.49 5.23 144.27
N ASN F 994 46.85 4.58 143.16
CA ASN F 994 46.11 3.40 142.73
C ASN F 994 46.26 2.26 143.72
N VAL F 995 47.47 2.06 144.25
CA VAL F 995 47.69 1.03 145.25
C VAL F 995 46.86 1.31 146.51
N TRP F 996 46.85 2.57 146.94
CA TRP F 996 46.04 2.95 148.09
C TRP F 996 44.57 2.71 147.81
N ALA F 997 44.11 3.02 146.61
CA ALA F 997 42.71 2.78 146.25
C ALA F 997 42.38 1.30 146.29
N ARG F 998 43.29 0.46 145.78
CA ARG F 998 43.05 -0.97 145.81
C ARG F 998 42.97 -1.49 147.24
N ASP F 999 43.86 -1.02 148.11
CA ASP F 999 43.82 -1.48 149.49
C ASP F 999 42.56 -1.00 150.20
N ARG F 1000 42.11 0.21 149.88
CA ARG F 1000 40.86 0.71 150.44
C ARG F 1000 39.68 -0.13 149.97
N VAL F 1001 39.66 -0.50 148.69
CA VAL F 1001 38.61 -1.34 148.17
C VAL F 1001 38.60 -2.70 148.87
N ALA F 1002 39.79 -3.26 149.09
CA ALA F 1002 39.88 -4.49 149.88
C ALA F 1002 39.33 -4.28 151.28
N GLN F 1003 39.59 -3.11 151.87
CA GLN F 1003 38.98 -2.79 153.15
C GLN F 1003 37.47 -2.63 153.03
N GLY F 1004 36.99 -2.33 151.83
CA GLY F 1004 35.58 -2.07 151.61
C GLY F 1004 35.22 -0.60 151.45
N TRP F 1005 36.21 0.29 151.35
CA TRP F 1005 35.93 1.70 151.23
C TRP F 1005 35.35 2.02 149.85
N SER F 1006 34.48 3.01 149.79
CA SER F 1006 33.83 3.42 148.56
C SER F 1006 33.89 4.93 148.42
N TYR F 1007 33.68 5.40 147.19
CA TYR F 1007 33.74 6.83 146.92
C TYR F 1007 32.44 7.52 147.30
N SER F 1008 32.55 8.76 147.77
CA SER F 1008 31.40 9.59 148.05
C SER F 1008 31.83 11.06 148.01
N ALA F 1009 30.91 11.91 147.57
CA ALA F 1009 31.21 13.34 147.53
C ALA F 1009 31.46 13.89 148.94
N VAL F 1010 30.68 13.44 149.91
CA VAL F 1010 30.89 13.77 151.31
C VAL F 1010 31.66 12.62 151.95
N GLN F 1011 32.28 12.88 153.09
CA GLN F 1011 33.15 11.91 153.74
C GLN F 1011 32.54 11.52 155.09
N ASP F 1012 32.72 10.25 155.46
CA ASP F 1012 32.26 9.74 156.75
C ASP F 1012 32.99 8.44 157.07
N ILE F 1013 33.79 8.46 158.13
CA ILE F 1013 34.49 7.23 158.55
C ILE F 1013 33.53 6.11 158.89
N PRO F 1014 32.49 6.30 159.71
CA PRO F 1014 31.57 5.18 159.98
C PRO F 1014 30.92 4.63 158.72
N ALA F 1015 30.57 5.49 157.77
CA ALA F 1015 29.99 5.01 156.52
C ALA F 1015 31.07 4.39 155.64
N ARG F 1016 32.34 4.62 155.97
CA ARG F 1016 33.47 4.09 155.20
C ARG F 1016 33.40 4.60 153.76
N ARG F 1017 33.42 5.91 153.60
CA ARG F 1017 33.28 6.56 152.30
C ARG F 1017 34.29 7.71 152.24
N ASN F 1018 34.97 7.86 151.10
CA ASN F 1018 36.04 8.82 150.98
C ASN F 1018 35.99 9.53 149.63
N PRO F 1019 35.98 10.86 149.60
CA PRO F 1019 36.16 11.56 148.32
C PRO F 1019 37.51 11.29 147.68
N ARG F 1020 38.54 11.10 148.50
CA ARG F 1020 39.86 10.77 147.98
C ARG F 1020 39.87 9.41 147.31
N LEU F 1021 39.01 8.50 147.73
CA LEU F 1021 39.03 7.12 147.22
C LEU F 1021 38.45 7.13 145.81
N VAL F 1022 39.32 7.39 144.85
CA VAL F 1022 38.96 7.52 143.45
C VAL F 1022 40.23 7.45 142.61
N PRO F 1023 40.20 6.68 141.52
CA PRO F 1023 41.42 6.50 140.71
C PRO F 1023 42.02 7.82 140.25
N TYR F 1024 43.28 7.75 139.82
CA TYR F 1024 44.12 8.95 139.78
C TYR F 1024 43.67 9.94 138.71
N ARG F 1025 43.36 9.47 137.50
CA ARG F 1025 42.92 10.43 136.48
C ARG F 1025 41.64 11.12 136.90
N LEU F 1026 40.74 10.38 137.54
CA LEU F 1026 39.48 10.97 137.98
C LEU F 1026 39.69 11.89 139.18
N LEU F 1027 40.79 11.70 139.91
CA LEU F 1027 41.05 12.52 141.09
C LEU F 1027 41.34 13.96 140.69
N ASP F 1028 41.01 14.90 141.59
CA ASP F 1028 41.09 16.31 141.28
C ASP F 1028 42.53 16.78 141.16
N GLU F 1029 42.71 17.91 140.47
CA GLU F 1029 44.04 18.41 140.16
C GLU F 1029 44.80 18.80 141.42
N ALA F 1030 44.12 19.45 142.37
CA ALA F 1030 44.82 19.88 143.58
C ALA F 1030 45.34 18.70 144.39
N THR F 1031 44.49 17.67 144.59
CA THR F 1031 44.92 16.51 145.35
C THR F 1031 46.01 15.73 144.62
N LYS F 1032 45.87 15.57 143.31
CA LYS F 1032 46.91 14.85 142.57
C LYS F 1032 48.20 15.64 142.55
N ARG F 1033 48.11 16.97 142.60
CA ARG F 1033 49.31 17.80 142.70
C ARG F 1033 49.98 17.62 144.06
N SER F 1034 49.18 17.51 145.12
CA SER F 1034 49.75 17.26 146.44
C SER F 1034 50.48 15.91 146.48
N ASN F 1035 49.84 14.87 145.93
CA ASN F 1035 50.49 13.56 145.88
C ASN F 1035 51.75 13.60 145.03
N ARG F 1036 51.69 14.32 143.90
CA ARG F 1036 52.86 14.47 143.04
C ARG F 1036 53.98 15.19 143.77
N ASP F 1037 53.65 16.20 144.57
CA ASP F 1037 54.65 16.88 145.36
C ASP F 1037 55.27 15.95 146.39
N SER F 1038 54.46 15.11 147.02
CA SER F 1038 55.01 14.14 147.97
C SER F 1038 56.00 13.19 147.29
N LEU F 1039 55.61 12.64 146.14
CA LEU F 1039 56.50 11.73 145.41
C LEU F 1039 57.74 12.48 144.91
N CYS F 1040 57.58 13.74 144.51
CA CYS F 1040 58.72 14.54 144.07
C CYS F 1040 59.68 14.81 145.21
N GLN F 1041 59.16 15.00 146.43
CA GLN F 1041 60.03 15.16 147.59
C GLN F 1041 60.76 13.85 147.89
N ALA F 1042 60.08 12.72 147.73
CA ALA F 1042 60.76 11.43 147.89
C ALA F 1042 61.90 11.29 146.89
N VAL F 1043 61.65 11.65 145.62
CA VAL F 1043 62.70 11.56 144.61
C VAL F 1043 63.81 12.57 144.90
N ARG F 1044 63.44 13.74 145.40
CA ARG F 1044 64.41 14.74 145.81
C ARG F 1044 65.33 14.19 146.89
N THR F 1045 64.76 13.50 147.88
CA THR F 1045 65.55 12.85 148.90
C THR F 1045 66.43 11.75 148.31
N LEU F 1046 65.93 11.04 147.28
CA LEU F 1046 66.73 10.02 146.64
C LEU F 1046 67.98 10.62 145.98
N LEU F 1047 67.83 11.73 145.27
CA LEU F 1047 69.01 12.42 144.74
C LEU F 1047 69.89 12.97 145.85
N GLY F 1048 69.28 13.46 146.94
CA GLY F 1048 70.08 13.90 148.07
C GLY F 1048 70.92 12.79 148.66
N TYR F 1049 70.44 11.55 148.55
CA TYR F 1049 71.24 10.39 148.92
C TYR F 1049 72.40 10.19 147.95
N GLY F 1050 72.35 10.86 146.79
CA GLY F 1050 73.37 10.72 145.79
C GLY F 1050 73.15 9.60 144.79
N TYR F 1051 72.08 8.82 144.95
CA TYR F 1051 71.80 7.73 144.03
C TYR F 1051 71.40 8.27 142.66
N ASN F 1052 71.64 7.45 141.63
CA ASN F 1052 71.27 7.84 140.28
C ASN F 1052 69.93 7.22 139.90
N ILE F 1053 68.98 8.06 139.51
CA ILE F 1053 67.65 7.63 139.10
C ILE F 1053 67.42 8.09 137.67
N GLU F 1054 67.06 7.14 136.80
CA GLU F 1054 66.88 7.42 135.38
C GLU F 1054 65.44 7.13 134.98
N PRO F 1055 64.81 8.00 134.20
CA PRO F 1055 63.39 7.81 133.87
C PRO F 1055 63.22 6.78 132.76
N PRO F 1056 62.29 5.84 132.92
CA PRO F 1056 62.08 4.84 131.88
C PRO F 1056 61.46 5.47 130.63
N ASP F 1057 61.75 4.86 129.49
CA ASP F 1057 61.21 5.33 128.23
C ASP F 1057 59.70 5.21 128.21
N GLN F 1058 59.03 6.27 127.76
CA GLN F 1058 57.58 6.27 127.69
C GLN F 1058 57.10 5.40 126.54
N GLU F 1059 55.96 4.73 126.75
CA GLU F 1059 55.35 3.89 125.74
C GLU F 1059 53.97 4.43 125.39
N PRO F 1060 53.71 4.73 124.12
CA PRO F 1060 52.41 5.32 123.76
C PRO F 1060 51.26 4.34 123.98
N SER F 1061 50.10 4.89 124.31
CA SER F 1061 48.89 4.11 124.49
C SER F 1061 47.69 4.96 124.14
N GLN F 1062 46.62 4.30 123.71
CA GLN F 1062 45.37 4.96 123.32
C GLN F 1062 44.22 4.31 124.08
N VAL F 1063 43.38 5.14 124.70
CA VAL F 1063 42.28 4.62 125.51
C VAL F 1063 41.22 3.96 124.63
N GLU F 1064 40.89 4.58 123.51
CA GLU F 1064 39.85 4.09 122.60
C GLU F 1064 38.52 3.93 123.34
N ASN F 1065 38.23 4.88 124.23
CA ASN F 1065 36.96 4.84 124.95
C ASN F 1065 35.77 4.99 124.00
N GLN F 1066 35.88 5.89 123.03
CA GLN F 1066 34.86 6.01 122.00
C GLN F 1066 35.05 4.90 120.97
N SER F 1067 33.93 4.30 120.55
CA SER F 1067 34.00 3.21 119.59
C SER F 1067 34.49 3.72 118.23
N ARG F 1068 35.19 2.85 117.51
CA ARG F 1068 35.89 3.28 116.30
C ARG F 1068 34.93 3.82 115.25
N TRP F 1069 33.71 3.27 115.18
CA TRP F 1069 32.75 3.75 114.18
C TRP F 1069 32.19 5.11 114.56
N ASP F 1070 31.91 5.33 115.85
CA ASP F 1070 31.42 6.61 116.32
C ASP F 1070 32.54 7.52 116.80
N ARG F 1071 33.77 7.36 116.28
CA ARG F 1071 34.81 8.33 116.54
C ARG F 1071 34.47 9.69 115.94
N VAL F 1072 33.96 9.69 114.73
CA VAL F 1072 33.78 10.91 113.94
C VAL F 1072 32.34 11.01 113.49
N ARG F 1073 31.74 12.18 113.69
CA ARG F 1073 30.40 12.48 113.22
C ARG F 1073 30.49 13.42 112.02
N ILE F 1074 29.89 13.02 110.90
CA ILE F 1074 29.98 13.75 109.64
C ILE F 1074 28.66 14.44 109.39
N PHE F 1075 28.72 15.76 109.16
CA PHE F 1075 27.55 16.55 108.80
C PHE F 1075 27.71 17.06 107.38
N ARG F 1076 26.67 16.90 106.57
CA ARG F 1076 26.69 17.34 105.19
C ARG F 1076 25.31 17.87 104.80
N ALA F 1077 25.28 18.68 103.75
CA ALA F 1077 24.03 19.20 103.24
C ALA F 1077 23.27 18.13 102.48
N GLU F 1078 21.98 18.37 102.27
CA GLU F 1078 21.14 17.44 101.55
C GLU F 1078 21.59 17.33 100.09
N LYS F 1079 21.40 16.15 99.51
CA LYS F 1079 21.84 15.92 98.13
C LYS F 1079 21.15 16.87 97.16
N SER F 1080 19.95 17.34 97.51
CA SER F 1080 19.23 18.24 96.61
C SER F 1080 19.96 19.57 96.46
N TYR F 1081 20.85 19.89 97.40
CA TYR F 1081 21.53 21.17 97.35
C TYR F 1081 22.84 21.10 96.59
N THR F 1082 23.16 19.96 95.99
CA THR F 1082 24.43 19.81 95.30
C THR F 1082 24.52 20.77 94.13
N VAL F 1083 25.73 21.22 93.83
CA VAL F 1083 25.98 22.22 92.80
C VAL F 1083 27.00 21.66 91.82
N GLN F 1084 26.76 21.89 90.53
CA GLN F 1084 27.67 21.45 89.49
C GLN F 1084 28.28 22.60 88.70
N SER F 1085 28.01 23.85 89.09
CA SER F 1085 28.53 25.01 88.38
C SER F 1085 28.59 26.21 89.31
N GLY F 1086 29.35 27.21 88.89
CA GLY F 1086 29.47 28.44 89.64
C GLY F 1086 30.54 28.39 90.71
N ARG F 1087 30.66 29.49 91.42
CA ARG F 1087 31.61 29.65 92.51
C ARG F 1087 30.85 29.81 93.81
N TRP F 1088 31.19 29.01 94.81
CA TRP F 1088 30.44 28.96 96.06
C TRP F 1088 31.38 29.10 97.25
N TYR F 1089 30.87 29.70 98.32
CA TYR F 1089 31.65 30.02 99.51
C TYR F 1089 30.81 29.73 100.74
N PHE F 1090 31.42 29.07 101.73
CA PHE F 1090 30.80 28.90 103.04
C PHE F 1090 31.89 28.87 104.10
N GLU F 1091 31.50 29.15 105.33
CA GLU F 1091 32.44 29.38 106.42
C GLU F 1091 32.22 28.36 107.53
N PHE F 1092 33.30 27.82 108.06
CA PHE F 1092 33.26 26.89 109.18
C PHE F 1092 34.16 27.43 110.29
N GLU F 1093 33.62 27.53 111.50
CA GLU F 1093 34.33 28.11 112.63
C GLU F 1093 34.61 27.02 113.66
N ALA F 1094 35.87 26.91 114.08
CA ALA F 1094 36.30 25.86 115.00
C ALA F 1094 36.26 26.41 116.42
N VAL F 1095 35.22 26.03 117.17
CA VAL F 1095 35.13 26.44 118.56
C VAL F 1095 36.22 25.78 119.39
N THR F 1096 36.56 24.54 119.06
CA THR F 1096 37.58 23.78 119.76
C THR F 1096 38.80 23.61 118.86
N THR F 1097 39.95 23.34 119.48
CA THR F 1097 41.17 23.16 118.71
C THR F 1097 41.34 21.72 118.24
N GLY F 1098 40.40 20.85 118.60
CA GLY F 1098 40.52 19.45 118.22
C GLY F 1098 40.40 19.26 116.73
N GLU F 1099 40.55 18.00 116.30
CA GLU F 1099 40.56 17.73 114.87
C GLU F 1099 39.15 17.71 114.31
N MET F 1100 38.95 18.48 113.24
CA MET F 1100 37.75 18.42 112.42
C MET F 1100 38.17 18.59 110.96
N ARG F 1101 37.38 18.01 110.07
CA ARG F 1101 37.61 18.10 108.64
C ARG F 1101 36.44 18.81 108.00
N VAL F 1102 36.72 19.90 107.28
CA VAL F 1102 35.70 20.67 106.59
C VAL F 1102 36.13 20.84 105.14
N GLY F 1103 35.21 20.63 104.21
CA GLY F 1103 35.53 20.71 102.81
C GLY F 1103 34.34 20.37 101.94
N TRP F 1104 34.63 20.09 100.67
CA TRP F 1104 33.58 19.77 99.72
C TRP F 1104 33.60 18.29 99.39
N ALA F 1105 32.42 17.68 99.36
CA ALA F 1105 32.31 16.24 99.20
C ALA F 1105 31.21 15.90 98.20
N ARG F 1106 31.34 14.72 97.58
CA ARG F 1106 30.34 14.25 96.65
C ARG F 1106 29.15 13.65 97.41
N PRO F 1107 27.97 13.62 96.80
CA PRO F 1107 26.79 13.10 97.51
C PRO F 1107 26.92 11.65 97.92
N GLU F 1108 27.60 10.82 97.12
CA GLU F 1108 27.59 9.39 97.37
C GLU F 1108 28.61 8.96 98.43
N LEU F 1109 29.18 9.91 99.17
CA LEU F 1109 30.16 9.56 100.18
C LEU F 1109 29.50 8.72 101.27
N ARG F 1110 30.22 7.68 101.71
CA ARG F 1110 29.71 6.82 102.75
C ARG F 1110 29.94 7.44 104.13
N PRO F 1111 29.06 7.17 105.09
CA PRO F 1111 29.23 7.79 106.42
C PRO F 1111 30.34 7.16 107.23
N ASP F 1112 30.65 5.88 107.02
CA ASP F 1112 31.63 5.21 107.86
C ASP F 1112 33.05 5.60 107.47
N VAL F 1113 33.29 5.84 106.18
CA VAL F 1113 34.64 6.15 105.72
C VAL F 1113 35.06 7.52 106.23
N GLU F 1114 36.32 7.63 106.65
CA GLU F 1114 36.86 8.90 107.09
C GLU F 1114 36.90 9.88 105.94
N LEU F 1115 36.67 11.16 106.25
CA LEU F 1115 36.68 12.19 105.21
C LEU F 1115 38.07 12.33 104.62
N GLY F 1116 38.14 12.32 103.28
CA GLY F 1116 39.39 12.47 102.58
C GLY F 1116 40.17 11.20 102.37
N ALA F 1117 39.84 10.12 103.08
CA ALA F 1117 40.52 8.86 102.86
C ALA F 1117 40.13 8.25 101.52
N ASP F 1118 38.98 8.66 100.98
CA ASP F 1118 38.50 8.22 99.68
C ASP F 1118 38.36 9.44 98.77
N GLU F 1119 38.06 9.17 97.50
CA GLU F 1119 38.04 10.23 96.50
C GLU F 1119 36.77 11.05 96.58
N LEU F 1120 35.80 10.61 97.39
CA LEU F 1120 34.48 11.24 97.36
C LEU F 1120 34.47 12.56 98.11
N ALA F 1121 35.55 12.88 98.83
CA ALA F 1121 35.60 14.09 99.65
C ALA F 1121 36.92 14.82 99.44
N TYR F 1122 36.87 16.14 99.45
CA TYR F 1122 38.04 17.01 99.48
C TYR F 1122 37.94 17.89 100.71
N VAL F 1123 38.79 17.63 101.70
CA VAL F 1123 38.65 18.29 103.00
C VAL F 1123 40.00 18.83 103.45
N PHE F 1124 39.93 19.74 104.43
CA PHE F 1124 41.10 20.30 105.09
C PHE F 1124 40.92 20.15 106.59
N ASN F 1125 41.91 19.59 107.27
CA ASN F 1125 41.85 19.36 108.71
C ASN F 1125 42.85 20.27 109.39
N GLY F 1126 42.34 21.23 110.16
CA GLY F 1126 43.20 22.25 110.74
C GLY F 1126 44.16 21.70 111.78
N HIS F 1127 43.69 20.74 112.58
CA HIS F 1127 44.52 20.23 113.68
C HIS F 1127 45.82 19.63 113.14
N ARG F 1128 45.72 18.75 112.15
CA ARG F 1128 46.92 18.21 111.53
C ARG F 1128 47.71 19.29 110.80
N GLY F 1129 47.01 20.20 110.13
CA GLY F 1129 47.67 21.04 109.16
C GLY F 1129 47.84 20.37 107.82
N GLN F 1130 46.94 19.46 107.47
CA GLN F 1130 47.01 18.71 106.22
C GLN F 1130 45.71 18.83 105.46
N ARG F 1131 45.77 18.59 104.16
CA ARG F 1131 44.60 18.48 103.31
C ARG F 1131 44.45 17.04 102.86
N TRP F 1132 43.22 16.55 102.78
CA TRP F 1132 42.94 15.16 102.48
C TRP F 1132 42.14 15.04 101.20
N HIS F 1133 42.63 14.22 100.28
CA HIS F 1133 41.86 13.68 99.18
C HIS F 1133 42.53 12.40 98.72
N LEU F 1134 41.89 11.26 99.00
CA LEU F 1134 42.46 9.95 98.67
C LEU F 1134 43.82 9.79 99.33
N GLY F 1135 43.97 10.36 100.52
CA GLY F 1135 45.23 10.35 101.23
C GLY F 1135 45.42 11.58 102.08
N SER F 1136 46.66 11.82 102.53
CA SER F 1136 46.99 12.99 103.34
C SER F 1136 48.19 13.69 102.73
N GLU F 1137 48.22 15.02 102.84
CA GLU F 1137 49.29 15.82 102.27
C GLU F 1137 49.31 17.15 103.01
N PRO F 1138 50.43 17.53 103.62
CA PRO F 1138 50.46 18.72 104.48
C PRO F 1138 50.10 19.99 103.71
N PHE F 1139 49.31 20.84 104.36
CA PHE F 1139 48.84 22.05 103.71
C PHE F 1139 48.28 22.99 104.77
N GLY F 1140 48.68 24.26 104.69
CA GLY F 1140 48.14 25.24 105.60
C GLY F 1140 48.76 25.21 106.98
N ARG F 1141 48.17 26.00 107.87
CA ARG F 1141 48.66 26.22 109.22
C ARG F 1141 47.63 25.68 110.21
N PRO F 1142 48.10 25.08 111.31
CA PRO F 1142 47.15 24.61 112.33
C PRO F 1142 46.32 25.76 112.89
N TRP F 1143 45.06 25.45 113.18
CA TRP F 1143 44.12 26.47 113.62
C TRP F 1143 44.10 26.58 115.14
N GLN F 1144 43.51 27.66 115.62
CA GLN F 1144 43.35 27.92 117.05
C GLN F 1144 41.88 28.06 117.38
N SER F 1145 41.59 28.15 118.67
CA SER F 1145 40.20 28.29 119.10
C SER F 1145 39.61 29.59 118.56
N GLY F 1146 38.41 29.48 118.00
CA GLY F 1146 37.74 30.63 117.43
C GLY F 1146 38.11 30.94 116.00
N ASP F 1147 39.04 30.21 115.41
CA ASP F 1147 39.42 30.45 114.02
C ASP F 1147 38.29 30.07 113.09
N VAL F 1148 38.20 30.78 111.96
CA VAL F 1148 37.16 30.55 110.97
C VAL F 1148 37.83 30.16 109.66
N VAL F 1149 37.39 29.05 109.07
CA VAL F 1149 37.94 28.54 107.83
C VAL F 1149 36.90 28.74 106.73
N GLY F 1150 37.30 29.40 105.66
CA GLY F 1150 36.43 29.63 104.52
C GLY F 1150 36.78 28.69 103.38
N CYS F 1151 35.78 27.92 102.96
CA CYS F 1151 35.96 26.94 101.89
C CYS F 1151 35.38 27.51 100.60
N MET F 1152 36.14 27.43 99.53
CA MET F 1152 35.81 28.04 98.25
C MET F 1152 35.99 27.01 97.14
N ILE F 1153 35.01 26.90 96.26
CA ILE F 1153 35.10 26.03 95.09
C ILE F 1153 34.58 26.79 93.88
N ASP F 1154 35.33 26.74 92.79
CA ASP F 1154 34.88 27.26 91.50
C ASP F 1154 34.84 26.10 90.51
N LEU F 1155 33.65 25.58 90.26
CA LEU F 1155 33.52 24.42 89.38
C LEU F 1155 33.96 24.76 87.96
N THR F 1156 33.85 26.03 87.57
CA THR F 1156 34.39 26.45 86.28
C THR F 1156 35.91 26.40 86.28
N GLU F 1157 36.54 26.95 87.32
CA GLU F 1157 38.00 26.91 87.42
C GLU F 1157 38.48 25.52 87.83
N ASN F 1158 37.58 24.70 88.38
CA ASN F 1158 37.88 23.36 88.87
C ASN F 1158 38.97 23.37 89.95
N THR F 1159 38.91 24.31 90.89
CA THR F 1159 39.87 24.41 91.98
C THR F 1159 39.14 24.64 93.29
N ILE F 1160 39.74 24.19 94.39
CA ILE F 1160 39.21 24.40 95.73
C ILE F 1160 40.20 25.22 96.52
N ILE F 1161 39.72 26.28 97.18
CA ILE F 1161 40.56 27.22 97.90
C ILE F 1161 40.11 27.24 99.35
N PHE F 1162 41.06 27.14 100.28
CA PHE F 1162 40.80 27.24 101.70
C PHE F 1162 41.52 28.47 102.25
N THR F 1163 40.80 29.29 103.01
CA THR F 1163 41.37 30.47 103.65
C THR F 1163 41.05 30.43 105.14
N LEU F 1164 42.04 30.73 105.97
CA LEU F 1164 41.91 30.72 107.42
C LEU F 1164 41.94 32.16 107.93
N ASN F 1165 40.88 32.56 108.63
CA ASN F 1165 40.75 33.92 109.16
C ASN F 1165 40.90 34.96 108.05
N GLY F 1166 40.39 34.65 106.87
CA GLY F 1166 40.45 35.55 105.74
C GLY F 1166 41.74 35.52 104.97
N GLU F 1167 42.73 34.75 105.40
CA GLU F 1167 44.01 34.64 104.72
C GLU F 1167 44.06 33.30 104.00
N VAL F 1168 44.39 33.34 102.71
CA VAL F 1168 44.41 32.11 101.92
C VAL F 1168 45.48 31.19 102.44
N LEU F 1169 45.09 29.96 102.78
CA LEU F 1169 46.05 28.97 103.24
C LEU F 1169 46.95 28.55 102.09
N MET F 1170 48.25 28.54 102.36
CA MET F 1170 49.27 28.32 101.34
C MET F 1170 49.83 26.92 101.46
N SER F 1171 49.78 26.18 100.36
CA SER F 1171 50.42 24.87 100.32
C SER F 1171 51.94 25.04 100.26
N ASP F 1172 52.64 23.98 100.68
CA ASP F 1172 54.11 23.95 100.60
C ASP F 1172 54.51 23.61 99.16
N SER F 1173 54.05 24.44 98.23
CA SER F 1173 54.29 24.24 96.81
C SER F 1173 53.91 25.53 96.09
N GLY F 1174 53.96 25.47 94.75
CA GLY F 1174 53.67 26.64 93.96
C GLY F 1174 52.22 27.10 94.05
N SER F 1175 51.29 26.16 93.98
CA SER F 1175 49.89 26.52 93.86
C SER F 1175 49.34 27.07 95.17
N GLU F 1176 48.46 28.08 95.04
CA GLU F 1176 47.72 28.62 96.17
C GLU F 1176 46.40 27.90 96.40
N THR F 1177 46.00 27.03 95.48
CA THR F 1177 44.76 26.26 95.60
C THR F 1177 45.08 24.89 96.18
N ALA F 1178 44.27 24.45 97.15
CA ALA F 1178 44.51 23.17 97.78
C ALA F 1178 44.37 22.01 96.78
N PHE F 1179 43.34 22.08 95.93
CA PHE F 1179 43.06 21.03 94.97
C PHE F 1179 42.91 21.66 93.59
N ARG F 1180 43.33 20.94 92.55
CA ARG F 1180 43.37 21.46 91.20
C ARG F 1180 42.68 20.49 90.26
N GLU F 1181 42.19 21.02 89.13
CA GLU F 1181 41.65 20.24 88.02
C GLU F 1181 40.62 19.20 88.47
N ILE F 1182 39.98 19.45 89.61
CA ILE F 1182 38.99 18.52 90.13
C ILE F 1182 37.82 18.44 89.17
N GLU F 1183 37.47 17.20 88.78
CA GLU F 1183 36.38 16.99 87.83
C GLU F 1183 35.05 17.33 88.48
N ILE F 1184 34.13 17.89 87.68
CA ILE F 1184 32.83 18.30 88.21
C ILE F 1184 32.00 17.07 88.54
N GLY F 1185 31.80 16.20 87.55
CA GLY F 1185 31.05 14.96 87.79
C GLY F 1185 29.64 15.21 88.28
N ASP F 1186 29.29 14.51 89.35
CA ASP F 1186 27.93 14.56 89.87
C ASP F 1186 27.63 15.90 90.55
N GLY F 1187 28.58 16.45 91.27
CA GLY F 1187 28.36 17.68 91.99
C GLY F 1187 29.25 17.74 93.22
N PHE F 1188 28.92 18.69 94.09
CA PHE F 1188 29.69 18.91 95.31
C PHE F 1188 28.76 19.38 96.43
N LEU F 1189 29.07 18.98 97.65
CA LEU F 1189 28.27 19.28 98.82
C LEU F 1189 29.15 19.71 99.96
N PRO F 1190 28.85 20.80 100.65
CA PRO F 1190 29.62 21.15 101.85
C PRO F 1190 29.51 20.06 102.91
N VAL F 1191 30.62 19.78 103.56
CA VAL F 1191 30.71 18.70 104.53
C VAL F 1191 31.63 19.10 105.67
N CYS F 1192 31.35 18.58 106.86
CA CYS F 1192 32.18 18.80 108.04
C CYS F 1192 32.11 17.57 108.92
N SER F 1193 33.28 17.06 109.32
CA SER F 1193 33.38 15.93 110.22
C SER F 1193 33.96 16.40 111.54
N LEU F 1194 33.30 16.08 112.64
CA LEU F 1194 33.69 16.52 113.96
C LEU F 1194 34.17 15.33 114.78
N GLY F 1195 35.35 15.45 115.36
CA GLY F 1195 35.92 14.41 116.18
C GLY F 1195 35.29 14.36 117.55
N PRO F 1196 35.75 13.43 118.39
CA PRO F 1196 35.17 13.30 119.72
C PRO F 1196 35.45 14.53 120.58
N GLY F 1197 34.42 14.99 121.27
CA GLY F 1197 34.57 16.16 122.13
C GLY F 1197 34.93 17.43 121.40
N GLN F 1198 34.43 17.60 120.18
CA GLN F 1198 34.75 18.75 119.35
C GLN F 1198 33.47 19.50 119.00
N VAL F 1199 33.53 20.82 119.07
CA VAL F 1199 32.40 21.69 118.76
C VAL F 1199 32.81 22.61 117.62
N GLY F 1200 31.95 22.71 116.61
CA GLY F 1200 32.19 23.59 115.49
C GLY F 1200 30.91 24.19 114.99
N HIS F 1201 31.02 25.40 114.45
CA HIS F 1201 29.88 26.13 113.91
C HIS F 1201 30.05 26.26 112.40
N LEU F 1202 29.02 25.86 111.66
CA LEU F 1202 29.05 25.84 110.21
C LEU F 1202 28.06 26.85 109.66
N ASN F 1203 28.57 27.82 108.90
CA ASN F 1203 27.76 28.88 108.31
C ASN F 1203 27.72 28.69 106.80
N LEU F 1204 26.51 28.61 106.24
CA LEU F 1204 26.32 28.40 104.82
C LEU F 1204 25.98 29.69 104.08
N GLY F 1205 26.13 30.84 104.74
CA GLY F 1205 25.79 32.11 104.11
C GLY F 1205 24.32 32.32 103.86
N GLN F 1206 23.47 31.86 104.79
CA GLN F 1206 22.05 32.21 104.71
C GLN F 1206 21.86 33.72 104.84
N ASP F 1207 22.58 34.34 105.76
CA ASP F 1207 22.68 35.78 105.86
C ASP F 1207 24.08 36.19 105.42
N VAL F 1208 24.17 37.03 104.40
CA VAL F 1208 25.47 37.41 103.86
C VAL F 1208 26.26 38.21 104.90
N SER F 1209 25.55 38.87 105.82
CA SER F 1209 26.24 39.64 106.86
C SER F 1209 26.81 38.72 107.95
N SER F 1210 26.28 37.51 108.06
CA SER F 1210 26.72 36.61 109.12
C SER F 1210 28.17 36.21 108.95
N LEU F 1211 28.60 35.94 107.72
CA LEU F 1211 29.96 35.49 107.49
C LEU F 1211 30.96 36.60 107.84
N ARG F 1212 32.05 36.20 108.49
CA ARG F 1212 33.01 37.19 109.00
C ARG F 1212 33.99 37.62 107.93
N PHE F 1213 34.52 36.68 107.15
CA PHE F 1213 35.61 36.93 106.23
C PHE F 1213 35.20 36.86 104.77
N PHE F 1214 33.89 36.86 104.49
CA PHE F 1214 33.44 36.81 103.10
C PHE F 1214 33.85 38.07 102.35
N ALA F 1215 33.74 39.23 103.00
CA ALA F 1215 34.18 40.47 102.37
C ALA F 1215 35.70 40.46 102.14
N ILE F 1216 36.46 39.93 103.09
CA ILE F 1216 37.91 39.92 102.96
C ILE F 1216 38.34 39.01 101.81
N CYS F 1217 37.75 37.83 101.72
CA CYS F 1217 38.07 36.88 100.66
C CYS F 1217 36.79 36.26 100.12
N GLY F 1218 36.65 36.25 98.79
CA GLY F 1218 35.51 35.66 98.14
C GLY F 1218 34.51 36.65 97.56
N LEU F 1219 34.36 37.83 98.15
CA LEU F 1219 33.41 38.81 97.62
C LEU F 1219 33.89 39.36 96.28
N GLN F 1220 35.17 39.75 96.21
CA GLN F 1220 35.68 40.34 94.97
C GLN F 1220 35.94 39.28 93.91
N GLU F 1221 36.18 38.04 94.32
CA GLU F 1221 36.43 36.98 93.36
C GLU F 1221 35.13 36.52 92.71
N GLY F 1222 34.00 37.05 93.15
CA GLY F 1222 32.73 36.65 92.63
C GLY F 1222 32.14 35.41 93.26
N PHE F 1223 32.76 34.88 94.32
CA PHE F 1223 32.23 33.70 94.97
C PHE F 1223 30.92 34.04 95.67
N GLU F 1224 29.96 33.15 95.57
CA GLU F 1224 28.64 33.36 96.14
C GLU F 1224 28.48 32.51 97.38
N PRO F 1225 27.82 33.00 98.43
CA PRO F 1225 27.52 32.13 99.57
C PRO F 1225 26.65 30.96 99.12
N PHE F 1226 26.89 29.80 99.75
CA PHE F 1226 26.21 28.58 99.31
C PHE F 1226 24.70 28.69 99.47
N ALA F 1227 24.26 29.31 100.57
CA ALA F 1227 22.84 29.53 100.81
C ALA F 1227 22.47 31.01 100.72
N ILE F 1228 23.02 31.72 99.73
CA ILE F 1228 22.87 33.18 99.69
C ILE F 1228 21.42 33.59 99.52
N ASN F 1229 20.71 32.96 98.59
CA ASN F 1229 19.31 33.30 98.29
C ASN F 1229 18.46 32.05 98.49
N MET F 1230 18.09 31.80 99.74
CA MET F 1230 17.32 30.62 100.12
C MET F 1230 16.28 31.02 101.15
N GLN F 1231 15.03 30.62 100.93
CA GLN F 1231 13.96 30.99 101.85
CA GLN F 1231 13.97 31.00 101.85
C GLN F 1231 14.14 30.34 103.21
N ARG F 1232 14.60 29.09 103.23
CA ARG F 1232 14.74 28.32 104.45
C ARG F 1232 16.17 27.83 104.61
N PRO F 1233 16.60 27.58 105.85
CA PRO F 1233 17.97 27.12 106.07
C PRO F 1233 18.22 25.77 105.43
N VAL F 1234 19.49 25.52 105.08
CA VAL F 1234 19.85 24.30 104.39
C VAL F 1234 19.61 23.10 105.31
N THR F 1235 18.93 22.09 104.78
CA THR F 1235 18.76 20.84 105.50
C THR F 1235 20.08 20.08 105.56
N THR F 1236 20.46 19.66 106.76
CA THR F 1236 21.73 19.00 107.00
C THR F 1236 21.48 17.55 107.37
N TRP F 1237 22.33 16.67 106.86
CA TRP F 1237 22.28 15.24 107.16
C TRP F 1237 23.54 14.86 107.91
N PHE F 1238 23.40 14.05 108.96
CA PHE F 1238 24.52 13.67 109.80
C PHE F 1238 24.63 12.15 109.85
N SER F 1239 25.85 11.66 110.00
CA SER F 1239 26.07 10.22 110.11
C SER F 1239 25.66 9.74 111.49
N LYS F 1240 24.64 8.89 111.53
CA LYS F 1240 24.08 8.37 112.76
C LYS F 1240 24.74 7.04 113.08
N SER F 1241 25.37 6.95 114.25
CA SER F 1241 26.12 5.76 114.65
C SER F 1241 25.19 4.78 115.36
N LEU F 1242 24.09 4.47 114.69
CA LEU F 1242 23.14 3.46 115.13
C LEU F 1242 23.11 2.34 114.11
N PRO F 1243 23.64 1.16 114.44
CA PRO F 1243 23.71 0.09 113.43
C PRO F 1243 22.32 -0.36 113.01
N GLN F 1244 22.08 -0.32 111.70
CA GLN F 1244 20.80 -0.72 111.12
C GLN F 1244 21.06 -1.84 110.13
N PHE F 1245 20.18 -2.85 110.12
CA PHE F 1245 20.33 -3.94 109.17
C PHE F 1245 20.01 -3.47 107.76
N GLU F 1246 20.92 -3.76 106.84
CA GLU F 1246 20.80 -3.32 105.46
C GLU F 1246 21.08 -4.48 104.53
N PRO F 1247 20.54 -4.46 103.31
CA PRO F 1247 20.83 -5.53 102.36
C PRO F 1247 22.32 -5.61 102.05
N VAL F 1248 22.79 -6.84 101.85
CA VAL F 1248 24.20 -7.01 101.46
C VAL F 1248 24.40 -6.45 100.06
N PRO F 1249 25.29 -5.49 99.86
CA PRO F 1249 25.46 -4.90 98.53
C PRO F 1249 25.91 -5.95 97.52
N PRO F 1250 25.37 -5.90 96.30
CA PRO F 1250 25.80 -6.86 95.28
C PRO F 1250 27.27 -6.76 94.94
N GLU F 1251 27.84 -5.57 95.01
CA GLU F 1251 29.23 -5.34 94.66
C GLU F 1251 30.16 -5.34 95.87
N HIS F 1252 29.65 -5.67 97.05
CA HIS F 1252 30.46 -5.61 98.26
C HIS F 1252 31.62 -6.60 98.12
N PRO F 1253 32.87 -6.15 98.29
CA PRO F 1253 34.00 -7.01 97.88
C PRO F 1253 34.21 -8.22 98.77
N HIS F 1254 34.15 -8.05 100.09
CA HIS F 1254 34.56 -9.13 100.98
C HIS F 1254 33.51 -10.23 101.09
N TYR F 1255 32.23 -9.86 101.01
CA TYR F 1255 31.15 -10.80 101.27
C TYR F 1255 30.26 -10.91 100.05
N GLU F 1256 29.85 -12.13 99.72
CA GLU F 1256 28.96 -12.43 98.61
C GLU F 1256 27.86 -13.35 99.07
N VAL F 1257 26.64 -13.11 98.58
CA VAL F 1257 25.48 -13.93 98.90
C VAL F 1257 24.95 -14.52 97.60
N ALA F 1258 24.84 -15.84 97.55
CA ALA F 1258 24.37 -16.55 96.37
C ALA F 1258 23.08 -17.27 96.70
N ARG F 1259 22.05 -17.03 95.90
CA ARG F 1259 20.74 -17.66 96.09
C ARG F 1259 20.64 -18.87 95.18
N MET F 1260 20.54 -20.05 95.79
CA MET F 1260 20.44 -21.30 95.04
C MET F 1260 19.05 -21.88 95.21
N ASP F 1261 18.38 -22.13 94.08
CA ASP F 1261 17.04 -22.70 94.12
C ASP F 1261 17.09 -24.13 94.66
N GLY F 1262 16.02 -24.51 95.37
CA GLY F 1262 16.00 -25.81 96.00
C GLY F 1262 15.86 -26.94 94.99
N THR F 1263 16.71 -27.95 95.17
CA THR F 1263 16.61 -29.17 94.39
C THR F 1263 15.61 -30.14 95.03
N VAL F 1264 15.56 -31.36 94.49
CA VAL F 1264 14.66 -32.37 95.04
C VAL F 1264 15.15 -32.84 96.40
N ASP F 1265 16.47 -32.82 96.62
CA ASP F 1265 17.00 -33.32 97.87
C ASP F 1265 17.26 -32.20 98.88
N THR F 1266 17.60 -31.02 98.38
CA THR F 1266 17.95 -29.90 99.23
C THR F 1266 16.93 -28.77 99.08
N PRO F 1267 16.53 -28.12 100.16
CA PRO F 1267 15.58 -27.01 100.05
C PRO F 1267 16.25 -25.80 99.45
N PRO F 1268 15.49 -24.73 99.15
CA PRO F 1268 16.13 -23.47 98.75
C PRO F 1268 17.01 -22.95 99.87
N CYS F 1269 18.17 -22.40 99.50
CA CYS F 1269 19.14 -21.96 100.48
C CYS F 1269 19.72 -20.62 100.09
N LEU F 1270 20.16 -19.87 101.10
CA LEU F 1270 20.89 -18.63 100.93
C LEU F 1270 22.30 -18.83 101.48
N ARG F 1271 23.29 -18.76 100.61
CA ARG F 1271 24.67 -19.10 100.97
C ARG F 1271 25.53 -17.86 100.96
N LEU F 1272 26.33 -17.69 102.01
CA LEU F 1272 27.27 -16.58 102.13
C LEU F 1272 28.68 -17.10 101.88
N ALA F 1273 29.39 -16.44 100.97
CA ALA F 1273 30.76 -16.81 100.63
C ALA F 1273 31.65 -15.58 100.76
N HIS F 1274 32.86 -15.79 101.26
CA HIS F 1274 33.84 -14.73 101.45
C HIS F 1274 34.77 -14.73 100.24
N ARG F 1275 34.63 -13.72 99.37
CA ARG F 1275 35.40 -13.70 98.13
C ARG F 1275 36.89 -13.58 98.41
N THR F 1276 37.28 -12.64 99.28
CA THR F 1276 38.67 -12.29 99.42
C THR F 1276 39.42 -13.19 100.40
N TRP F 1277 38.69 -14.04 101.13
CA TRP F 1277 39.32 -14.93 102.11
C TRP F 1277 40.44 -15.74 101.48
N GLY F 1278 41.45 -16.03 102.29
CA GLY F 1278 42.60 -16.79 101.82
C GLY F 1278 43.61 -15.99 101.02
N SER F 1279 43.46 -14.67 100.98
CA SER F 1279 44.37 -13.82 100.24
C SER F 1279 44.71 -12.59 101.06
N GLN F 1280 45.58 -11.76 100.50
CA GLN F 1280 45.97 -10.51 101.14
C GLN F 1280 44.78 -9.56 101.11
N ASN F 1281 44.82 -8.52 101.95
CA ASN F 1281 43.79 -7.50 102.14
C ASN F 1281 42.44 -8.10 102.48
N SER F 1282 42.40 -9.35 102.94
CA SER F 1282 41.16 -9.92 103.41
C SER F 1282 40.72 -9.24 104.70
N LEU F 1283 39.43 -8.99 104.82
CA LEU F 1283 38.86 -8.37 106.00
C LEU F 1283 38.13 -9.43 106.80
N VAL F 1284 38.57 -9.64 108.03
CA VAL F 1284 37.96 -10.60 108.93
C VAL F 1284 37.40 -9.85 110.14
N GLU F 1285 36.12 -10.01 110.38
CA GLU F 1285 35.46 -9.35 111.50
C GLU F 1285 34.18 -10.11 111.81
N MET F 1286 33.58 -9.79 112.95
CA MET F 1286 32.29 -10.39 113.27
C MET F 1286 31.23 -9.86 112.30
N LEU F 1287 30.57 -10.78 111.62
CA LEU F 1287 29.58 -10.45 110.61
C LEU F 1287 28.19 -10.78 111.14
N PHE F 1288 27.31 -9.78 111.15
CA PHE F 1288 25.95 -9.95 111.67
C PHE F 1288 25.02 -10.07 110.48
N LEU F 1289 24.32 -11.20 110.39
CA LEU F 1289 23.41 -11.47 109.28
C LEU F 1289 22.01 -11.70 109.83
N ARG F 1290 21.01 -11.21 109.12
CA ARG F 1290 19.62 -11.47 109.46
C ARG F 1290 18.81 -11.56 108.17
N LEU F 1291 17.67 -12.25 108.26
CA LEU F 1291 16.79 -12.35 107.10
C LEU F 1291 15.87 -11.15 107.03
N SER F 1292 15.46 -10.78 105.81
CA SER F 1292 14.70 -9.55 105.61
C SER F 1292 13.35 -9.62 106.30
N LEU F 1293 12.68 -10.76 106.23
CA LEU F 1293 11.31 -10.80 106.72
C LEU F 1293 11.23 -11.47 108.07
N PRO F 1294 10.36 -11.00 108.96
CA PRO F 1294 10.23 -11.62 110.27
C PRO F 1294 9.11 -12.64 110.32
N VAL F 1295 9.02 -13.31 111.46
CA VAL F 1295 7.90 -14.19 111.78
C VAL F 1295 7.20 -13.63 113.01
N GLN F 1296 5.89 -13.43 112.91
CA GLN F 1296 5.11 -12.84 113.99
C GLN F 1296 4.41 -13.94 114.77
N PHE F 1297 4.62 -13.97 116.08
CA PHE F 1297 3.94 -14.94 116.91
C PHE F 1297 2.45 -14.63 116.95
N HIS F 1298 1.65 -15.68 117.13
CA HIS F 1298 0.19 -15.53 117.15
C HIS F 1298 -0.20 -14.52 118.22
N GLN F 1299 -1.38 -13.91 118.02
CA GLN F 1299 -1.79 -12.82 118.91
C GLN F 1299 -2.15 -13.33 120.30
N HIS F 1300 -2.99 -14.35 120.38
CA HIS F 1300 -3.38 -14.97 121.65
C HIS F 1300 -2.79 -16.36 121.72
N PHE F 1301 -1.95 -16.59 122.73
CA PHE F 1301 -1.27 -17.87 122.85
C PHE F 1301 -2.26 -18.97 123.17
N ARG F 1302 -2.01 -20.15 122.61
CA ARG F 1302 -2.87 -21.29 122.89
C ARG F 1302 -2.86 -21.60 124.38
N CYS F 1303 -4.04 -21.83 124.94
CA CYS F 1303 -4.15 -22.07 126.37
C CYS F 1303 -3.35 -23.30 126.77
N THR F 1304 -2.60 -23.17 127.87
CA THR F 1304 -1.74 -24.24 128.38
C THR F 1304 -0.77 -24.74 127.33
N ASP F 1419 9.51 -42.75 103.16
CA ASP F 1419 9.19 -42.46 104.56
C ASP F 1419 9.37 -40.96 104.85
N ASN F 1420 9.01 -40.56 106.07
CA ASN F 1420 9.14 -39.17 106.52
C ASN F 1420 8.26 -38.23 105.72
N ARG F 1421 6.98 -38.59 105.57
CA ARG F 1421 5.99 -37.71 104.94
C ARG F 1421 5.22 -37.00 106.04
N ASP F 1422 4.85 -35.75 105.78
CA ASP F 1422 4.02 -35.02 106.72
C ASP F 1422 2.57 -35.51 106.64
N ASP F 1423 1.95 -35.68 107.79
CA ASP F 1423 0.54 -36.06 107.81
C ASP F 1423 -0.30 -34.91 107.29
N PRO F 1424 -1.24 -35.16 106.37
CA PRO F 1424 -1.96 -34.05 105.72
C PRO F 1424 -2.72 -33.15 106.67
N GLU F 1425 -3.32 -33.71 107.73
CA GLU F 1425 -4.11 -32.88 108.63
C GLU F 1425 -3.24 -32.24 109.70
N ILE F 1426 -2.20 -32.94 110.15
CA ILE F 1426 -1.29 -32.38 111.14
C ILE F 1426 -0.53 -31.19 110.54
N ILE F 1427 -0.05 -31.34 109.31
CA ILE F 1427 0.81 -30.32 108.71
C ILE F 1427 0.05 -29.01 108.55
N LEU F 1428 -1.28 -29.07 108.42
CA LEU F 1428 -2.06 -27.85 108.36
C LEU F 1428 -2.42 -27.36 109.76
N ASN F 1429 -2.58 -28.28 110.71
CA ASN F 1429 -2.91 -27.88 112.07
C ASN F 1429 -1.69 -27.33 112.79
N THR F 1430 -0.50 -27.83 112.47
CA THR F 1430 0.70 -27.47 113.21
C THR F 1430 1.02 -25.99 113.05
N THR F 1431 1.46 -25.37 114.14
CA THR F 1431 1.91 -24.00 114.14
C THR F 1431 3.42 -23.89 114.31
N THR F 1432 4.13 -25.01 114.37
CA THR F 1432 5.57 -24.97 114.50
C THR F 1432 6.22 -24.75 113.15
N TYR F 1433 7.21 -23.86 113.11
CA TYR F 1433 7.89 -23.50 111.88
C TYR F 1433 9.38 -23.78 112.05
N TYR F 1434 10.01 -24.25 110.97
CA TYR F 1434 11.37 -24.74 111.02
C TYR F 1434 12.27 -23.85 110.18
N TYR F 1435 13.51 -23.67 110.64
CA TYR F 1435 14.52 -22.88 109.94
C TYR F 1435 15.88 -23.39 110.37
N SER F 1436 16.70 -23.77 109.39
CA SER F 1436 17.97 -24.44 109.66
C SER F 1436 19.11 -23.67 109.02
N VAL F 1437 20.27 -23.71 109.66
CA VAL F 1437 21.48 -23.07 109.15
C VAL F 1437 22.61 -24.09 109.18
N ARG F 1438 23.32 -24.22 108.06
CA ARG F 1438 24.38 -25.19 107.91
C ARG F 1438 25.73 -24.49 107.95
N VAL F 1439 26.61 -24.94 108.84
CA VAL F 1439 27.96 -24.43 108.95
C VAL F 1439 28.86 -25.35 108.13
N PHE F 1440 29.47 -24.81 107.09
CA PHE F 1440 30.29 -25.61 106.19
C PHE F 1440 31.54 -26.11 106.89
N ALA F 1441 32.12 -27.17 106.35
CA ALA F 1441 33.37 -27.69 106.87
C ALA F 1441 34.48 -26.67 106.68
N GLY F 1442 35.36 -26.57 107.67
CA GLY F 1442 36.41 -25.58 107.66
C GLY F 1442 36.04 -24.27 108.29
N GLN F 1443 34.77 -24.07 108.66
CA GLN F 1443 34.33 -22.89 109.39
C GLN F 1443 34.14 -23.26 110.84
N GLU F 1444 34.83 -22.57 111.73
CA GLU F 1444 34.82 -22.93 113.14
C GLU F 1444 33.41 -22.77 113.70
N PRO F 1445 32.83 -23.84 114.26
CA PRO F 1445 31.50 -23.69 114.87
C PRO F 1445 31.49 -22.74 116.04
N SER F 1446 32.64 -22.55 116.70
CA SER F 1446 32.71 -21.63 117.83
C SER F 1446 32.44 -20.19 117.39
N CYS F 1447 32.78 -19.85 116.15
CA CYS F 1447 32.62 -18.49 115.68
C CYS F 1447 31.20 -18.25 115.17
N VAL F 1448 30.41 -19.31 115.01
CA VAL F 1448 29.08 -19.16 114.45
C VAL F 1448 28.05 -19.04 115.57
N TRP F 1449 27.05 -18.20 115.36
CA TRP F 1449 25.93 -18.03 116.28
C TRP F 1449 24.65 -18.07 115.48
N VAL F 1450 23.73 -18.95 115.85
CA VAL F 1450 22.48 -19.16 115.12
C VAL F 1450 21.31 -18.91 116.06
N GLY F 1451 20.31 -18.18 115.59
CA GLY F 1451 19.14 -17.89 116.40
C GLY F 1451 18.22 -16.89 115.72
N TRP F 1452 17.54 -16.12 116.56
CA TRP F 1452 16.60 -15.09 116.12
C TRP F 1452 16.96 -13.77 116.78
N VAL F 1453 16.57 -12.66 116.13
CA VAL F 1453 16.73 -11.33 116.69
C VAL F 1453 15.42 -10.57 116.54
N THR F 1454 15.05 -9.83 117.57
CA THR F 1454 13.93 -8.92 117.48
C THR F 1454 14.33 -7.67 116.68
N PRO F 1455 13.36 -6.94 116.13
CA PRO F 1455 13.73 -5.76 115.33
C PRO F 1455 14.45 -4.69 116.13
N ASP F 1456 14.39 -4.73 117.46
CA ASP F 1456 15.05 -3.71 118.27
C ASP F 1456 16.55 -3.94 118.36
N TYR F 1457 17.03 -5.05 117.81
CA TYR F 1457 18.44 -5.39 117.97
C TYR F 1457 19.31 -4.47 117.12
N HIS F 1458 20.18 -3.72 117.78
CA HIS F 1458 21.06 -2.78 117.11
C HIS F 1458 22.52 -2.91 117.50
N GLN F 1459 22.82 -3.59 118.62
CA GLN F 1459 24.19 -3.72 119.06
C GLN F 1459 24.99 -4.60 118.12
N HIS F 1460 26.18 -4.14 117.74
CA HIS F 1460 27.14 -4.98 117.04
C HIS F 1460 28.50 -4.81 117.71
N ASP F 1461 29.14 -5.93 117.98
CA ASP F 1461 30.38 -5.96 118.75
C ASP F 1461 31.37 -6.89 118.08
N MET F 1462 32.63 -6.45 117.99
CA MET F 1462 33.64 -7.27 117.35
C MET F 1462 34.04 -8.44 118.26
N ASN F 1463 33.76 -8.32 119.55
CA ASN F 1463 33.96 -9.39 120.52
C ASN F 1463 32.65 -9.92 121.07
N PHE F 1464 31.64 -10.06 120.22
CA PHE F 1464 30.29 -10.40 120.67
C PHE F 1464 30.24 -11.80 121.25
N ASP F 1465 29.34 -11.99 122.21
CA ASP F 1465 29.05 -13.31 122.75
C ASP F 1465 27.69 -13.33 123.44
N LEU F 1466 27.27 -14.55 123.80
CA LEU F 1466 25.96 -14.73 124.40
C LEU F 1466 25.86 -13.99 125.73
N SER F 1467 26.99 -13.80 126.41
CA SER F 1467 27.01 -12.95 127.60
C SER F 1467 26.84 -11.49 127.23
N LYS F 1468 27.36 -11.09 126.06
CA LYS F 1468 27.23 -9.71 125.62
C LYS F 1468 25.80 -9.39 125.21
N VAL F 1469 25.02 -10.42 124.85
CA VAL F 1469 23.62 -10.21 124.51
C VAL F 1469 22.88 -9.54 125.67
N ARG F 1470 22.05 -8.56 125.33
CA ARG F 1470 21.26 -7.85 126.32
C ARG F 1470 20.13 -8.73 126.84
N ALA F 1471 19.83 -8.58 128.13
CA ALA F 1471 18.73 -9.31 128.76
C ALA F 1471 18.28 -8.54 130.00
N VAL F 1472 16.98 -8.60 130.29
CA VAL F 1472 16.41 -7.93 131.44
C VAL F 1472 15.18 -8.72 131.88
N THR F 1473 15.00 -8.87 133.19
CA THR F 1473 13.87 -9.60 133.76
C THR F 1473 12.96 -8.62 134.49
N VAL F 1474 11.67 -8.68 134.20
CA VAL F 1474 10.67 -7.84 134.84
C VAL F 1474 9.77 -8.73 135.69
N THR F 1475 9.63 -8.38 136.96
CA THR F 1475 8.85 -9.16 137.90
C THR F 1475 7.70 -8.33 138.44
N MET F 1476 6.48 -8.86 138.33
CA MET F 1476 5.28 -8.25 138.88
C MET F 1476 4.82 -9.08 140.06
N GLY F 1477 4.57 -8.43 141.19
CA GLY F 1477 4.27 -9.16 142.40
C GLY F 1477 3.14 -8.52 143.20
N ASP F 1478 2.61 -9.32 144.12
CA ASP F 1478 1.67 -8.81 145.11
C ASP F 1478 2.44 -8.00 146.16
N GLU F 1479 1.71 -7.16 146.89
CA GLU F 1479 2.36 -6.26 147.84
C GLU F 1479 3.15 -7.02 148.90
N GLN F 1480 2.71 -8.22 149.27
CA GLN F 1480 3.45 -9.07 150.19
C GLN F 1480 3.85 -10.35 149.45
N GLY F 1481 5.01 -10.31 148.80
CA GLY F 1481 5.47 -11.46 148.04
C GLY F 1481 4.49 -11.83 146.94
N ASN F 1482 4.35 -13.13 146.71
CA ASN F 1482 3.37 -13.66 145.75
C ASN F 1482 3.52 -13.00 144.38
N VAL F 1483 4.66 -13.22 143.73
CA VAL F 1483 4.90 -12.61 142.44
C VAL F 1483 3.91 -13.17 141.42
N HIS F 1484 3.28 -12.26 140.66
CA HIS F 1484 2.30 -12.68 139.67
C HIS F 1484 2.98 -13.37 138.49
N SER F 1485 4.04 -12.76 137.96
CA SER F 1485 4.73 -13.31 136.81
C SER F 1485 6.11 -12.68 136.71
N SER F 1486 7.05 -13.45 136.16
CA SER F 1486 8.40 -12.99 135.88
C SER F 1486 8.68 -13.19 134.39
N LEU F 1487 8.98 -12.09 133.70
CA LEU F 1487 9.16 -12.10 132.26
C LEU F 1487 10.58 -11.66 131.93
N LYS F 1488 11.22 -12.39 131.01
CA LYS F 1488 12.56 -12.08 130.55
C LYS F 1488 12.50 -11.59 129.11
N CYS F 1489 13.08 -10.43 128.85
CA CYS F 1489 13.08 -9.81 127.53
C CYS F 1489 14.51 -9.65 127.06
N SER F 1490 14.78 -10.12 125.84
CA SER F 1490 16.09 -10.01 125.22
C SER F 1490 15.91 -9.60 123.76
N ASN F 1491 16.87 -8.83 123.24
CA ASN F 1491 16.78 -8.39 121.86
C ASN F 1491 17.22 -9.49 120.90
N CYS F 1492 17.96 -10.47 121.40
CA CYS F 1492 18.55 -11.51 120.56
C CYS F 1492 18.49 -12.85 121.26
N TYR F 1493 17.88 -13.83 120.60
CA TYR F 1493 17.79 -15.20 121.09
C TYR F 1493 18.60 -16.10 120.17
N MET F 1494 19.75 -16.57 120.65
CA MET F 1494 20.63 -17.41 119.86
C MET F 1494 21.17 -18.54 120.71
N VAL F 1495 21.77 -19.51 120.03
CA VAL F 1495 22.51 -20.60 120.66
C VAL F 1495 23.91 -20.63 120.05
N TRP F 1496 24.91 -20.75 120.90
CA TRP F 1496 26.29 -20.77 120.41
C TRP F 1496 26.57 -22.04 119.64
N GLY F 1497 27.29 -21.91 118.53
CA GLY F 1497 27.66 -23.08 117.76
C GLY F 1497 28.76 -23.89 118.42
N GLY F 1498 29.46 -23.28 119.38
CA GLY F 1498 30.56 -23.97 120.04
C GLY F 1498 30.10 -25.13 120.89
N ASP F 1499 28.98 -24.99 121.59
CA ASP F 1499 28.57 -26.02 122.53
C ASP F 1499 28.11 -27.29 121.81
N PHE F 1500 27.66 -27.17 120.56
CA PHE F 1500 27.27 -28.36 119.80
C PHE F 1500 28.47 -29.26 119.52
N VAL F 1501 29.60 -28.67 119.12
CA VAL F 1501 30.75 -29.49 118.76
C VAL F 1501 31.33 -30.13 120.00
N SER F 1502 31.77 -31.37 119.87
CA SER F 1502 32.39 -32.07 120.98
C SER F 1502 33.72 -31.41 121.34
N PRO F 1503 34.05 -31.31 122.63
CA PRO F 1503 35.32 -30.67 123.01
C PRO F 1503 36.52 -31.57 122.75
N GLY F 1504 36.76 -31.85 121.47
CA GLY F 1504 37.88 -32.69 121.10
C GLY F 1504 39.20 -31.94 121.20
N GLN F 1505 40.21 -32.61 121.74
CA GLN F 1505 41.52 -32.00 121.87
C GLN F 1505 42.15 -31.73 120.51
N GLN F 1506 41.97 -32.65 119.56
CA GLN F 1506 42.47 -32.50 118.20
C GLN F 1506 41.35 -32.80 117.22
N GLY F 1507 41.45 -32.19 116.04
CA GLY F 1507 40.40 -32.34 115.04
C GLY F 1507 39.07 -31.76 115.48
N ARG F 1508 39.10 -30.61 116.13
CA ARG F 1508 37.85 -29.95 116.52
C ARG F 1508 37.03 -29.57 115.29
N ILE F 1509 37.69 -29.11 114.24
CA ILE F 1509 37.00 -28.91 112.97
C ILE F 1509 36.51 -30.26 112.47
N SER F 1510 35.31 -30.27 111.89
CA SER F 1510 34.70 -31.50 111.42
C SER F 1510 34.57 -31.44 109.90
N HIS F 1511 35.06 -32.50 109.24
CA HIS F 1511 34.83 -32.63 107.80
C HIS F 1511 33.34 -32.66 107.50
N THR F 1512 32.55 -33.22 108.40
CA THR F 1512 31.10 -33.16 108.27
C THR F 1512 30.59 -31.77 108.64
N ASP F 1513 29.68 -31.25 107.82
CA ASP F 1513 29.08 -29.95 108.10
C ASP F 1513 28.19 -30.05 109.33
N LEU F 1514 28.14 -28.96 110.09
CA LEU F 1514 27.28 -28.86 111.26
C LEU F 1514 26.03 -28.06 110.89
N VAL F 1515 24.87 -28.68 111.07
CA VAL F 1515 23.60 -28.09 110.67
C VAL F 1515 22.76 -27.86 111.92
N ILE F 1516 22.53 -26.60 112.26
CA ILE F 1516 21.73 -26.21 113.42
C ILE F 1516 20.34 -25.82 112.93
N GLY F 1517 19.32 -26.40 113.53
CA GLY F 1517 17.94 -26.11 113.17
C GLY F 1517 17.22 -25.41 114.31
N CYS F 1518 16.38 -24.45 113.95
CA CYS F 1518 15.61 -23.67 114.90
C CYS F 1518 14.13 -23.86 114.65
N LEU F 1519 13.39 -24.21 115.69
CA LEU F 1519 11.96 -24.41 115.62
C LEU F 1519 11.26 -23.40 116.52
N VAL F 1520 10.24 -22.74 115.98
CA VAL F 1520 9.44 -21.77 116.73
C VAL F 1520 7.98 -22.11 116.54
N ASP F 1521 7.24 -22.17 117.65
CA ASP F 1521 5.80 -22.39 117.63
C ASP F 1521 5.12 -21.07 117.98
N LEU F 1522 4.40 -20.50 117.00
CA LEU F 1522 3.79 -19.20 117.21
C LEU F 1522 2.70 -19.26 118.27
N ALA F 1523 1.94 -20.35 118.31
CA ALA F 1523 0.84 -20.44 119.27
C ALA F 1523 1.35 -20.58 120.70
N THR F 1524 2.32 -21.47 120.92
CA THR F 1524 2.84 -21.64 122.27
C THR F 1524 3.80 -20.53 122.65
N GLY F 1525 4.56 -20.03 121.68
CA GLY F 1525 5.60 -19.06 121.97
C GLY F 1525 6.88 -19.64 122.50
N LEU F 1526 7.15 -20.91 122.22
CA LEU F 1526 8.34 -21.60 122.72
C LEU F 1526 9.32 -21.81 121.58
N MET F 1527 10.61 -21.65 121.89
CA MET F 1527 11.68 -21.77 120.91
C MET F 1527 12.60 -22.91 121.30
N THR F 1528 12.89 -23.79 120.34
CA THR F 1528 13.77 -24.93 120.56
C THR F 1528 14.77 -25.02 119.42
N PHE F 1529 15.94 -25.59 119.71
CA PHE F 1529 17.02 -25.71 118.74
C PHE F 1529 17.51 -27.15 118.72
N THR F 1530 17.85 -27.64 117.53
CA THR F 1530 18.39 -28.97 117.34
C THR F 1530 19.86 -28.86 116.93
N ALA F 1531 20.73 -29.55 117.65
CA ALA F 1531 22.16 -29.47 117.37
C ALA F 1531 22.50 -30.08 116.03
N ASN F 1532 22.30 -31.39 115.88
CA ASN F 1532 22.53 -32.12 114.64
C ASN F 1532 21.41 -33.10 114.40
N GLY F 1533 20.18 -32.66 114.61
CA GLY F 1533 19.03 -33.55 114.68
C GLY F 1533 18.68 -33.98 116.08
N LYS F 1534 19.42 -33.53 117.09
CA LYS F 1534 19.16 -33.85 118.49
C LYS F 1534 18.83 -32.56 119.23
N GLU F 1535 17.73 -32.57 119.97
CA GLU F 1535 17.26 -31.35 120.62
C GLU F 1535 18.24 -30.87 121.67
N SER F 1536 18.62 -29.60 121.59
CA SER F 1536 19.49 -29.00 122.58
C SER F 1536 18.71 -28.67 123.84
N ASN F 1537 19.43 -28.56 124.95
CA ASN F 1537 18.79 -28.26 126.24
C ASN F 1537 18.25 -26.84 126.27
N THR F 1538 18.91 -25.93 125.56
CA THR F 1538 18.53 -24.52 125.61
C THR F 1538 17.19 -24.30 124.93
N PHE F 1539 16.37 -23.43 125.54
CA PHE F 1539 15.08 -23.05 124.99
C PHE F 1539 14.73 -21.65 125.46
N PHE F 1540 13.81 -21.02 124.75
CA PHE F 1540 13.40 -19.64 125.03
C PHE F 1540 11.88 -19.53 124.99
N GLN F 1541 11.35 -18.60 125.76
CA GLN F 1541 9.91 -18.32 125.79
C GLN F 1541 9.71 -16.83 125.57
N VAL F 1542 8.79 -16.49 124.65
CA VAL F 1542 8.56 -15.11 124.27
C VAL F 1542 7.09 -14.78 124.44
N GLU F 1543 6.80 -13.49 124.64
CA GLU F 1543 5.44 -13.03 124.80
C GLU F 1543 4.71 -13.01 123.46
N PRO F 1544 3.38 -12.99 123.47
CA PRO F 1544 2.64 -12.92 122.20
C PRO F 1544 2.90 -11.62 121.48
N ASN F 1545 2.71 -11.66 120.16
CA ASN F 1545 2.96 -10.58 119.20
C ASN F 1545 4.45 -10.28 119.04
N THR F 1546 5.32 -11.09 119.63
CA THR F 1546 6.75 -10.90 119.44
C THR F 1546 7.12 -11.13 117.98
N LYS F 1547 7.97 -10.27 117.46
CA LYS F 1547 8.39 -10.32 116.07
C LYS F 1547 9.87 -10.69 116.01
N LEU F 1548 10.18 -11.73 115.26
CA LEU F 1548 11.52 -12.31 115.26
C LEU F 1548 12.03 -12.49 113.85
N PHE F 1549 13.31 -12.17 113.64
CA PHE F 1549 13.98 -12.35 112.36
C PHE F 1549 14.98 -13.49 112.47
N PRO F 1550 15.02 -14.40 111.50
CA PRO F 1550 16.12 -15.36 111.46
C PRO F 1550 17.45 -14.64 111.28
N ALA F 1551 18.44 -15.03 112.07
CA ALA F 1551 19.70 -14.32 112.08
C ALA F 1551 20.84 -15.26 112.41
N VAL F 1552 22.02 -14.95 111.87
CA VAL F 1552 23.24 -15.70 112.11
C VAL F 1552 24.37 -14.72 112.32
N PHE F 1553 25.12 -14.89 113.41
CA PHE F 1553 26.30 -14.10 113.73
C PHE F 1553 27.52 -14.99 113.58
N VAL F 1554 28.46 -14.59 112.73
CA VAL F 1554 29.59 -15.45 112.41
C VAL F 1554 30.85 -14.63 112.18
N LEU F 1555 31.98 -15.18 112.60
CA LEU F 1555 33.30 -14.69 112.27
C LEU F 1555 33.91 -15.61 111.22
N PRO F 1556 34.05 -15.17 109.98
CA PRO F 1556 34.41 -16.11 108.91
C PRO F 1556 35.84 -16.61 109.00
N THR F 1557 36.00 -17.93 108.96
CA THR F 1557 37.31 -18.56 108.91
C THR F 1557 37.47 -19.47 107.71
N HIS F 1558 36.66 -19.28 106.66
CA HIS F 1558 36.68 -20.14 105.50
C HIS F 1558 36.09 -19.37 104.31
N GLN F 1559 36.35 -19.88 103.10
CA GLN F 1559 35.86 -19.19 101.91
C GLN F 1559 34.33 -19.15 101.88
N ASN F 1560 33.68 -20.26 102.20
CA ASN F 1560 32.23 -20.32 102.33
C ASN F 1560 31.90 -20.48 103.80
N VAL F 1561 31.13 -19.53 104.35
CA VAL F 1561 31.01 -19.43 105.80
C VAL F 1561 29.81 -20.22 106.30
N ILE F 1562 28.60 -19.81 105.91
CA ILE F 1562 27.38 -20.40 106.43
C ILE F 1562 26.37 -20.52 105.30
N GLN F 1563 25.21 -21.08 105.59
CA GLN F 1563 24.14 -21.27 104.62
C GLN F 1563 22.80 -21.25 105.32
N PHE F 1564 21.87 -20.47 104.77
CA PHE F 1564 20.51 -20.36 105.30
C PHE F 1564 19.63 -21.34 104.53
N GLU F 1565 19.19 -22.42 105.19
CA GLU F 1565 18.31 -23.39 104.57
C GLU F 1565 16.88 -23.17 105.07
N LEU F 1566 15.98 -22.85 104.14
CA LEU F 1566 14.58 -22.67 104.47
C LEU F 1566 13.82 -23.97 104.21
N GLY F 1567 14.32 -25.04 104.82
CA GLY F 1567 13.69 -26.33 104.69
C GLY F 1567 12.58 -26.53 105.69
N LYS F 1568 11.96 -27.70 105.63
CA LYS F 1568 10.90 -28.08 106.54
C LYS F 1568 11.19 -29.45 107.12
N GLN F 1569 11.03 -29.57 108.43
CA GLN F 1569 11.12 -30.88 109.06
C GLN F 1569 9.83 -31.66 108.84
N LYS F 1570 9.88 -32.96 109.11
CA LYS F 1570 8.68 -33.76 108.95
C LYS F 1570 7.62 -33.31 109.94
N ASN F 1571 6.41 -33.09 109.45
CA ASN F 1571 5.27 -32.58 110.20
C ASN F 1571 5.49 -31.16 110.71
N ILE F 1572 6.46 -30.42 110.16
CA ILE F 1572 6.76 -29.07 110.59
C ILE F 1572 6.67 -28.15 109.38
N MET F 1573 5.94 -27.05 109.53
CA MET F 1573 5.70 -26.15 108.43
C MET F 1573 6.99 -25.42 108.06
N PRO F 1574 7.17 -25.08 106.79
CA PRO F 1574 8.35 -24.31 106.40
C PRO F 1574 8.23 -22.84 106.81
N LEU F 1575 9.38 -22.16 106.80
CA LEU F 1575 9.46 -20.82 107.37
C LEU F 1575 8.80 -19.78 106.45
N SER F 1576 8.84 -20.02 105.14
CA SER F 1576 8.18 -19.10 104.22
C SER F 1576 6.68 -19.08 104.47
N ALA F 1577 6.11 -20.21 104.89
CA ALA F 1577 4.71 -20.23 105.26
C ALA F 1577 4.43 -19.28 106.42
N ALA F 1578 5.34 -19.25 107.40
CA ALA F 1578 5.18 -18.31 108.51
C ALA F 1578 5.28 -16.87 108.04
N MET F 1579 6.25 -16.57 107.17
CA MET F 1579 6.42 -15.19 106.73
C MET F 1579 5.23 -14.70 105.91
N PHE F 1580 4.77 -15.48 104.94
CA PHE F 1580 3.85 -15.00 103.94
C PHE F 1580 2.44 -15.53 104.19
N LEU F 1581 1.46 -14.64 104.05
CA LEU F 1581 0.07 -14.99 104.34
C LEU F 1581 -0.46 -16.05 103.39
N SER F 1582 -0.11 -15.95 102.11
CA SER F 1582 -0.66 -16.89 101.13
C SER F 1582 -0.01 -18.27 101.26
N GLU F 1583 1.17 -18.34 101.86
CA GLU F 1583 1.93 -19.59 101.84
C GLU F 1583 1.70 -20.42 103.08
N ARG F 1584 0.96 -19.89 104.07
CA ARG F 1584 0.83 -20.60 105.33
C ARG F 1584 -0.03 -21.85 105.18
N LYS F 1585 -0.68 -22.01 104.03
CA LYS F 1585 -1.36 -23.27 103.75
C LYS F 1585 -0.50 -24.18 102.90
N ASN F 1586 0.51 -23.64 102.26
CA ASN F 1586 1.34 -24.41 101.34
C ASN F 1586 2.55 -25.00 102.07
N PRO F 1587 2.69 -26.32 102.13
CA PRO F 1587 3.84 -26.89 102.84
C PRO F 1587 5.13 -26.86 102.04
N ALA F 1588 5.07 -26.46 100.78
CA ALA F 1588 6.27 -26.46 99.96
C ALA F 1588 7.19 -25.31 100.37
N PRO F 1589 8.45 -25.59 100.68
CA PRO F 1589 9.38 -24.51 101.02
C PRO F 1589 9.60 -23.59 99.83
N GLN F 1590 9.77 -22.31 100.13
CA GLN F 1590 9.89 -21.27 99.11
C GLN F 1590 10.82 -20.17 99.59
N CYS F 1591 11.43 -19.47 98.64
CA CYS F 1591 12.30 -18.33 98.90
C CYS F 1591 11.94 -17.20 97.95
N PRO F 1592 10.89 -16.44 98.27
CA PRO F 1592 10.49 -15.34 97.39
C PRO F 1592 11.55 -14.25 97.36
N PRO F 1593 11.55 -13.41 96.33
CA PRO F 1593 12.64 -12.43 96.18
C PRO F 1593 12.78 -11.45 97.35
N ARG F 1594 11.67 -11.08 98.00
CA ARG F 1594 11.76 -10.12 99.09
C ARG F 1594 12.61 -10.66 100.23
N LEU F 1595 12.54 -11.96 100.48
CA LEU F 1595 13.36 -12.56 101.51
C LEU F 1595 14.81 -12.65 101.05
N GLU F 1596 15.69 -11.93 101.74
CA GLU F 1596 17.07 -11.80 101.31
C GLU F 1596 17.92 -11.43 102.50
N VAL F 1597 19.23 -11.70 102.40
CA VAL F 1597 20.12 -11.62 103.56
C VAL F 1597 20.53 -10.18 103.82
N GLN F 1598 20.29 -9.72 105.05
CA GLN F 1598 20.63 -8.37 105.47
C GLN F 1598 21.81 -8.41 106.43
N MET F 1599 22.69 -7.44 106.32
CA MET F 1599 23.91 -7.37 107.11
C MET F 1599 23.94 -6.05 107.87
N LEU F 1600 24.60 -6.05 109.03
CA LEU F 1600 24.54 -4.90 109.92
C LEU F 1600 25.58 -3.86 109.56
N MET F 1601 25.12 -2.64 109.25
CA MET F 1601 25.96 -1.50 108.94
C MET F 1601 26.03 -0.57 110.14
N PRO F 1602 27.22 -0.32 110.70
CA PRO F 1602 27.29 0.46 111.94
C PRO F 1602 26.79 1.89 111.82
N VAL F 1603 27.02 2.55 110.69
CA VAL F 1603 26.72 3.97 110.53
C VAL F 1603 25.81 4.15 109.32
N SER F 1604 24.80 4.99 109.46
CA SER F 1604 23.86 5.29 108.40
C SER F 1604 23.59 6.79 108.36
N TRP F 1605 23.20 7.30 107.20
CA TRP F 1605 22.88 8.70 107.07
C TRP F 1605 21.51 9.00 107.65
N SER F 1606 21.43 10.09 108.42
CA SER F 1606 20.18 10.51 109.02
C SER F 1606 20.01 12.02 108.82
N ARG F 1607 18.76 12.46 108.81
CA ARG F 1607 18.41 13.84 108.51
C ARG F 1607 18.19 14.62 109.80
N MET F 1608 18.92 15.71 109.97
CA MET F 1608 18.75 16.54 111.15
C MET F 1608 17.41 17.26 111.08
N PRO F 1609 16.66 17.30 112.20
CA PRO F 1609 15.40 18.05 112.21
C PRO F 1609 15.65 19.54 112.01
N ASN F 1610 14.68 20.20 111.39
CA ASN F 1610 14.81 21.64 111.15
C ASN F 1610 14.66 22.42 112.45
N HIS F 1611 13.80 21.95 113.34
CA HIS F 1611 13.54 22.62 114.61
C HIS F 1611 13.72 21.61 115.73
N PHE F 1612 14.27 22.07 116.85
CA PHE F 1612 14.64 21.20 117.96
C PHE F 1612 13.86 21.60 119.20
N LEU F 1613 13.52 20.61 120.02
CA LEU F 1613 12.79 20.88 121.25
C LEU F 1613 13.61 21.75 122.18
N GLN F 1614 12.97 22.77 122.74
CA GLN F 1614 13.65 23.76 123.58
C GLN F 1614 13.43 23.41 125.04
N VAL F 1615 14.50 23.05 125.74
CA VAL F 1615 14.46 22.66 127.14
C VAL F 1615 15.31 23.63 127.94
N GLU F 1616 14.76 24.15 129.03
CA GLU F 1616 15.46 25.06 129.91
C GLU F 1616 15.79 24.36 131.22
N THR F 1617 17.06 24.38 131.60
CA THR F 1617 17.55 23.70 132.78
C THR F 1617 18.06 24.72 133.78
N ARG F 1618 17.64 24.58 135.04
CA ARG F 1618 18.02 25.52 136.07
C ARG F 1618 17.70 24.91 137.43
N ARG F 1619 18.55 25.18 138.41
CA ARG F 1619 18.30 24.79 139.78
C ARG F 1619 17.40 25.84 140.44
N ALA F 1620 16.15 25.46 140.71
CA ALA F 1620 15.20 26.42 141.28
C ALA F 1620 15.65 26.88 142.66
N GLY F 1621 16.17 25.95 143.46
CA GLY F 1621 16.66 26.30 144.79
C GLY F 1621 17.44 25.14 145.35
N GLU F 1622 18.14 25.42 146.46
CA GLU F 1622 18.90 24.37 147.13
C GLU F 1622 17.99 23.28 147.66
N ARG F 1623 16.85 23.66 148.22
CA ARG F 1623 15.89 22.67 148.70
C ARG F 1623 14.98 22.18 147.57
N LEU F 1624 14.73 23.04 146.58
CA LEU F 1624 13.81 22.67 145.51
C LEU F 1624 14.48 21.74 144.50
N GLY F 1625 15.77 21.93 144.24
CA GLY F 1625 16.49 21.08 143.32
C GLY F 1625 16.45 21.57 141.89
N TRP F 1626 17.15 20.83 141.04
CA TRP F 1626 17.24 21.18 139.63
C TRP F 1626 15.94 20.91 138.90
N ALA F 1627 15.57 21.82 138.00
CA ALA F 1627 14.29 21.76 137.30
C ALA F 1627 14.51 21.80 135.79
N VAL F 1628 13.75 20.99 135.07
CA VAL F 1628 13.69 21.02 133.62
C VAL F 1628 12.25 21.32 133.21
N GLN F 1629 12.07 21.91 132.05
CA GLN F 1629 10.74 22.21 131.52
C GLN F 1629 10.81 22.43 130.03
N CYS F 1630 9.73 22.11 129.33
CA CYS F 1630 9.61 22.30 127.89
C CYS F 1630 8.16 22.61 127.58
N GLN F 1631 7.88 23.83 127.14
CA GLN F 1631 6.51 24.31 126.99
C GLN F 1631 6.07 24.45 125.54
N ASP F 1632 6.98 24.31 124.57
CA ASP F 1632 6.66 24.55 123.18
C ASP F 1632 6.54 23.24 122.42
N PRO F 1633 5.36 22.92 121.88
CA PRO F 1633 5.18 21.63 121.20
C PRO F 1633 5.97 21.54 119.90
N LEU F 1634 6.33 20.32 119.54
CA LEU F 1634 6.98 20.02 118.27
C LEU F 1634 6.55 18.65 117.80
N THR F 1635 5.95 18.59 116.61
CA THR F 1635 5.47 17.34 116.03
C THR F 1635 6.13 17.14 114.68
N MET F 1636 6.25 15.89 114.24
CA MET F 1636 6.81 15.56 112.95
C MET F 1636 6.00 14.45 112.31
N MET F 1637 5.94 14.46 110.98
CA MET F 1637 5.34 13.35 110.26
C MET F 1637 6.30 12.16 110.23
N ALA F 1638 5.80 10.99 110.60
CA ALA F 1638 6.61 9.80 110.74
C ALA F 1638 6.13 8.74 109.77
N LEU F 1639 7.06 8.19 108.99
CA LEU F 1639 6.79 7.09 108.08
C LEU F 1639 7.26 5.79 108.71
N HIS F 1640 6.35 4.83 108.85
CA HIS F 1640 6.59 3.62 109.61
C HIS F 1640 6.64 2.42 108.67
N ILE F 1641 7.71 1.64 108.77
CA ILE F 1641 7.85 0.38 108.06
C ILE F 1641 7.36 -0.73 108.99
N PRO F 1642 6.28 -1.44 108.65
CA PRO F 1642 5.74 -2.43 109.60
C PRO F 1642 6.68 -3.59 109.87
N GLU F 1643 7.28 -4.17 108.84
CA GLU F 1643 8.18 -5.31 109.05
C GLU F 1643 9.39 -4.91 109.88
N GLU F 1644 9.98 -3.76 109.58
CA GLU F 1644 11.15 -3.32 110.32
C GLU F 1644 10.78 -2.85 111.73
N ASN F 1645 9.51 -2.50 111.93
CA ASN F 1645 9.04 -1.97 113.21
C ASN F 1645 9.82 -0.74 113.65
N ARG F 1646 10.15 0.12 112.69
CA ARG F 1646 10.80 1.39 112.97
C ARG F 1646 10.18 2.46 112.10
N CYS F 1647 10.38 3.71 112.48
CA CYS F 1647 9.82 4.84 111.76
C CYS F 1647 10.93 5.86 111.46
N MET F 1648 10.76 6.59 110.37
CA MET F 1648 11.65 7.69 110.01
C MET F 1648 10.81 8.89 109.64
N ASP F 1649 11.45 10.06 109.63
CA ASP F 1649 10.77 11.28 109.22
C ASP F 1649 10.34 11.19 107.76
N ILE F 1650 9.18 11.79 107.47
CA ILE F 1650 8.71 11.84 106.08
C ILE F 1650 9.65 12.67 105.23
N LEU F 1651 10.39 13.59 105.85
CA LEU F 1651 11.32 14.41 105.10
C LEU F 1651 12.57 13.64 104.72
N GLU F 1652 12.84 12.54 105.43
CA GLU F 1652 13.93 11.65 105.03
C GLU F 1652 13.66 11.03 103.68
N LEU F 1653 12.39 11.01 103.26
CA LEU F 1653 12.03 10.32 102.02
C LEU F 1653 12.54 11.10 100.81
N SER F 1654 12.93 12.35 101.01
CA SER F 1654 13.45 13.16 99.90
C SER F 1654 14.77 12.60 99.40
N GLU F 1655 15.49 11.87 100.25
CA GLU F 1655 16.80 11.35 99.85
C GLU F 1655 16.72 9.87 99.49
N ARG F 1656 15.69 9.18 99.97
CA ARG F 1656 15.46 7.77 99.63
C ARG F 1656 14.43 7.70 98.50
N LEU F 1657 14.93 7.67 97.26
CA LEU F 1657 14.06 7.86 96.11
C LEU F 1657 13.13 6.67 95.90
N ASP F 1658 13.60 5.46 96.17
CA ASP F 1658 12.73 4.29 96.00
C ASP F 1658 11.54 4.35 96.94
N LEU F 1659 11.79 4.66 98.21
CA LEU F 1659 10.69 4.79 99.16
C LEU F 1659 9.79 5.96 98.81
N GLN F 1660 10.37 7.07 98.34
CA GLN F 1660 9.55 8.20 97.94
C GLN F 1660 8.63 7.84 96.78
N ARG F 1661 9.16 7.12 95.79
CA ARG F 1661 8.33 6.68 94.66
C ARG F 1661 7.23 5.74 95.12
N PHE F 1662 7.57 4.78 95.98
CA PHE F 1662 6.55 3.85 96.45
C PHE F 1662 5.45 4.57 97.21
N HIS F 1663 5.81 5.55 98.05
CA HIS F 1663 4.80 6.26 98.81
C HIS F 1663 3.95 7.17 97.92
N SER F 1664 4.56 7.79 96.90
CA SER F 1664 3.79 8.59 95.97
C SER F 1664 2.78 7.73 95.23
N HIS F 1665 3.20 6.54 94.78
CA HIS F 1665 2.27 5.65 94.11
C HIS F 1665 1.23 5.09 95.08
N THR F 1666 1.57 4.98 96.36
CA THR F 1666 0.59 4.60 97.35
C THR F 1666 -0.49 5.67 97.50
N LEU F 1667 -0.09 6.94 97.51
CA LEU F 1667 -1.07 8.03 97.54
C LEU F 1667 -1.93 8.00 96.29
N ARG F 1668 -1.31 7.73 95.14
CA ARG F 1668 -2.07 7.61 93.90
C ARG F 1668 -3.07 6.46 93.98
N LEU F 1669 -2.69 5.36 94.61
CA LEU F 1669 -3.62 4.24 94.80
C LEU F 1669 -4.77 4.63 95.71
N TYR F 1670 -4.48 5.38 96.78
CA TYR F 1670 -5.55 5.91 97.62
C TYR F 1670 -6.53 6.73 96.79
N ARG F 1671 -6.01 7.63 95.96
CA ARG F 1671 -6.88 8.43 95.11
C ARG F 1671 -7.71 7.54 94.18
N ALA F 1672 -7.09 6.54 93.58
CA ALA F 1672 -7.79 5.68 92.64
C ALA F 1672 -8.91 4.90 93.32
N VAL F 1673 -8.66 4.35 94.50
CA VAL F 1673 -9.68 3.56 95.18
C VAL F 1673 -10.79 4.46 95.70
N CYS F 1674 -10.48 5.69 96.05
CA CYS F 1674 -11.50 6.63 96.50
C CYS F 1674 -12.07 7.49 95.38
N ALA F 1675 -11.70 7.20 94.14
CA ALA F 1675 -12.06 8.07 93.02
C ALA F 1675 -13.53 7.91 92.64
N LEU F 1676 -14.05 8.97 92.01
CA LEU F 1676 -15.36 8.95 91.36
C LEU F 1676 -16.50 8.63 92.33
N GLY F 1677 -16.41 9.18 93.54
CA GLY F 1677 -17.55 9.15 94.45
C GLY F 1677 -17.69 7.91 95.29
N ASN F 1678 -16.59 7.21 95.58
CA ASN F 1678 -16.63 6.06 96.50
C ASN F 1678 -16.46 6.60 97.92
N ASN F 1679 -17.58 7.00 98.51
CA ASN F 1679 -17.53 7.69 99.80
C ASN F 1679 -17.21 6.73 100.93
N ARG F 1680 -17.62 5.47 100.83
CA ARG F 1680 -17.22 4.48 101.81
C ARG F 1680 -15.71 4.33 101.86
N VAL F 1681 -15.09 4.23 100.68
CA VAL F 1681 -13.64 4.13 100.62
C VAL F 1681 -13.00 5.44 101.07
N ALA F 1682 -13.69 6.56 100.84
CA ALA F 1682 -13.18 7.84 101.34
C ALA F 1682 -13.11 7.85 102.86
N HIS F 1683 -14.16 7.35 103.52
CA HIS F 1683 -14.13 7.25 104.98
C HIS F 1683 -13.03 6.29 105.44
N ALA F 1684 -12.90 5.15 104.75
CA ALA F 1684 -11.84 4.20 105.08
C ALA F 1684 -10.47 4.86 104.98
N LEU F 1685 -10.27 5.69 103.96
CA LEU F 1685 -9.02 6.43 103.82
C LEU F 1685 -8.86 7.44 104.95
N CYS F 1686 -9.95 8.09 105.35
CA CYS F 1686 -9.90 9.01 106.48
C CYS F 1686 -9.42 8.31 107.73
N SER F 1687 -9.69 7.00 107.84
CA SER F 1687 -9.11 6.24 108.95
C SER F 1687 -7.60 6.14 108.83
N HIS F 1688 -7.08 6.02 107.59
CA HIS F 1688 -5.66 5.80 107.41
C HIS F 1688 -4.87 7.10 107.40
N VAL F 1689 -5.41 8.14 106.77
CA VAL F 1689 -4.79 9.45 106.73
C VAL F 1689 -5.67 10.42 107.49
N ASP F 1690 -5.17 10.90 108.64
CA ASP F 1690 -5.95 11.79 109.48
C ASP F 1690 -6.07 13.17 108.85
N GLN F 1691 -7.11 13.90 109.25
CA GLN F 1691 -7.29 15.25 108.75
C GLN F 1691 -6.17 16.17 109.24
N ALA F 1692 -5.73 15.99 110.50
CA ALA F 1692 -4.60 16.76 110.98
C ALA F 1692 -3.34 16.41 110.22
N GLN F 1693 -3.18 15.14 109.88
CA GLN F 1693 -2.07 14.70 109.04
C GLN F 1693 -2.09 15.41 107.69
N LEU F 1694 -3.26 15.46 107.05
CA LEU F 1694 -3.37 16.11 105.75
C LEU F 1694 -3.05 17.60 105.86
N LEU F 1695 -3.59 18.27 106.88
CA LEU F 1695 -3.32 19.70 107.02
C LEU F 1695 -1.84 19.98 107.26
N HIS F 1696 -1.21 19.19 108.13
CA HIS F 1696 0.22 19.39 108.39
C HIS F 1696 1.04 19.12 107.14
N ALA F 1697 0.65 18.10 106.36
CA ALA F 1697 1.34 17.85 105.10
C ALA F 1697 1.17 19.01 104.14
N LEU F 1698 0.00 19.64 104.15
CA LEU F 1698 -0.19 20.83 103.32
C LEU F 1698 0.75 21.96 103.75
N GLU F 1699 0.83 22.21 105.05
CA GLU F 1699 1.64 23.34 105.55
C GLU F 1699 3.13 23.10 105.49
N ASP F 1700 3.58 21.84 105.49
CA ASP F 1700 4.99 21.51 105.58
C ASP F 1700 5.69 21.92 104.29
N ALA F 1701 6.82 22.64 104.42
CA ALA F 1701 7.48 23.21 103.26
C ALA F 1701 8.61 22.30 102.77
N HIS F 1702 9.25 21.58 103.68
CA HIS F 1702 10.40 20.75 103.29
C HIS F 1702 9.93 19.45 102.64
N LEU F 1703 8.63 19.23 102.60
CA LEU F 1703 8.09 17.99 102.03
C LEU F 1703 8.43 17.91 100.55
N PRO F 1704 8.98 16.80 100.07
CA PRO F 1704 9.35 16.70 98.66
C PRO F 1704 8.13 16.84 97.76
N GLY F 1705 8.37 17.39 96.56
CA GLY F 1705 7.31 17.82 95.67
C GLY F 1705 6.32 16.77 95.23
N PRO F 1706 6.76 15.59 94.77
CA PRO F 1706 5.77 14.56 94.40
C PRO F 1706 4.87 14.17 95.55
N LEU F 1707 5.42 14.03 96.76
CA LEU F 1707 4.59 13.64 97.89
C LEU F 1707 3.68 14.78 98.33
N ARG F 1708 4.16 16.02 98.22
CA ARG F 1708 3.33 17.17 98.56
C ARG F 1708 2.13 17.28 97.61
N ALA F 1709 2.38 17.12 96.31
CA ALA F 1709 1.29 17.13 95.34
C ALA F 1709 0.35 15.95 95.60
N GLY F 1710 0.91 14.78 95.93
CA GLY F 1710 0.08 13.64 96.23
C GLY F 1710 -0.82 13.88 97.43
N TYR F 1711 -0.31 14.56 98.45
CA TYR F 1711 -1.12 14.80 99.64
C TYR F 1711 -2.20 15.84 99.37
N TYR F 1712 -1.88 16.89 98.60
CA TYR F 1712 -2.91 17.84 98.21
C TYR F 1712 -4.02 17.14 97.43
N ASP F 1713 -3.64 16.34 96.43
CA ASP F 1713 -4.63 15.64 95.63
C ASP F 1713 -5.39 14.62 96.47
N LEU F 1714 -4.75 14.06 97.49
CA LEU F 1714 -5.43 13.12 98.38
C LEU F 1714 -6.49 13.81 99.20
N LEU F 1715 -6.19 14.99 99.74
CA LEU F 1715 -7.20 15.74 100.47
C LEU F 1715 -8.37 16.07 99.56
N ILE F 1716 -8.07 16.52 98.33
CA ILE F 1716 -9.14 16.85 97.39
C ILE F 1716 -9.97 15.62 97.05
N SER F 1717 -9.32 14.47 96.83
CA SER F 1717 -10.02 13.28 96.39
C SER F 1717 -10.69 12.57 97.55
N ILE F 1718 -10.43 13.00 98.77
CA ILE F 1718 -11.16 12.45 99.91
C ILE F 1718 -12.37 13.30 100.23
N HIS F 1719 -12.20 14.62 100.30
CA HIS F 1719 -13.29 15.46 100.81
C HIS F 1719 -14.00 16.28 99.75
N LEU F 1720 -13.31 16.76 98.71
CA LEU F 1720 -13.87 17.84 97.91
C LEU F 1720 -14.34 17.36 96.53
N GLU F 1721 -13.98 16.14 96.15
CA GLU F 1721 -14.15 15.75 94.75
C GLU F 1721 -15.62 15.63 94.35
N SER F 1722 -16.44 15.03 95.21
CA SER F 1722 -17.83 14.78 94.86
C SER F 1722 -18.64 16.07 94.90
N ALA F 1723 -18.42 16.89 95.92
CA ALA F 1723 -19.06 18.19 95.97
C ALA F 1723 -18.67 19.04 94.77
N CYS F 1724 -17.39 19.03 94.40
CA CYS F 1724 -16.95 19.79 93.24
C CYS F 1724 -17.61 19.31 91.97
N ARG F 1725 -17.70 17.98 91.78
CA ARG F 1725 -18.31 17.46 90.56
C ARG F 1725 -19.79 17.82 90.48
N SER F 1726 -20.51 17.65 91.60
CA SER F 1726 -21.94 17.99 91.59
C SER F 1726 -22.14 19.48 91.34
N ARG F 1727 -21.33 20.32 91.98
CA ARG F 1727 -21.45 21.75 91.78
C ARG F 1727 -21.14 22.14 90.34
N ARG F 1728 -20.11 21.53 89.74
CA ARG F 1728 -19.79 21.81 88.34
C ARG F 1728 -20.94 21.41 87.44
N SER F 1729 -21.56 20.26 87.70
CA SER F 1729 -22.71 19.84 86.92
C SER F 1729 -23.85 20.86 87.04
N MET F 1730 -24.04 21.41 88.25
CA MET F 1730 -25.13 22.36 88.45
C MET F 1730 -24.81 23.72 87.85
N LEU F 1731 -23.53 24.06 87.70
CA LEU F 1731 -23.14 25.44 87.43
C LEU F 1731 -23.59 25.90 86.05
N SER F 1732 -23.65 24.98 85.08
CA SER F 1732 -23.99 25.38 83.71
C SER F 1732 -25.41 25.95 83.64
N GLU F 1733 -26.32 25.41 84.43
CA GLU F 1733 -27.72 25.85 84.36
C GLU F 1733 -27.99 26.95 85.39
N TYR F 1734 -28.81 27.91 84.99
CA TYR F 1734 -29.21 29.02 85.85
C TYR F 1734 -30.72 28.99 86.04
N ILE F 1735 -31.16 28.80 87.28
CA ILE F 1735 -32.54 28.99 87.65
C ILE F 1735 -32.59 30.09 88.70
N VAL F 1736 -33.41 31.11 88.43
CA VAL F 1736 -33.40 32.36 89.19
C VAL F 1736 -34.75 32.50 89.87
N PRO F 1737 -34.85 32.31 91.18
CA PRO F 1737 -36.10 32.62 91.88
C PRO F 1737 -36.42 34.10 91.82
N LEU F 1738 -37.71 34.41 91.75
CA LEU F 1738 -38.17 35.79 91.67
C LEU F 1738 -38.31 36.38 93.07
N THR F 1739 -37.19 36.46 93.76
CA THR F 1739 -37.12 36.93 95.12
C THR F 1739 -36.65 38.39 95.15
N PRO F 1740 -36.94 39.13 96.24
CA PRO F 1740 -36.45 40.51 96.33
C PRO F 1740 -34.94 40.62 96.22
N GLU F 1741 -34.20 39.62 96.67
CA GLU F 1741 -32.76 39.61 96.46
C GLU F 1741 -32.43 39.59 94.97
N THR F 1742 -33.19 38.82 94.19
CA THR F 1742 -33.03 38.84 92.74
C THR F 1742 -33.38 40.22 92.19
N ARG F 1743 -34.46 40.83 92.68
CA ARG F 1743 -34.84 42.15 92.20
CA ARG F 1743 -34.84 42.15 92.20
C ARG F 1743 -33.74 43.18 92.47
N ALA F 1744 -33.02 43.03 93.57
CA ALA F 1744 -31.98 43.99 93.92
C ALA F 1744 -30.80 43.91 92.97
N ILE F 1745 -30.63 42.78 92.29
CA ILE F 1745 -29.45 42.58 91.44
C ILE F 1745 -29.50 43.52 90.25
N THR F 1746 -28.38 44.19 89.99
CA THR F 1746 -28.22 45.08 88.85
C THR F 1746 -26.95 44.72 88.10
N LEU F 1747 -26.94 45.02 86.80
CA LEU F 1747 -25.79 44.67 85.97
C LEU F 1747 -24.52 45.39 86.44
N PHE F 1748 -24.63 46.66 86.78
CA PHE F 1748 -23.48 47.44 87.18
C PHE F 1748 -23.66 47.93 88.61
N PRO F 1749 -22.63 47.89 89.45
CA PRO F 1749 -22.65 48.60 90.72
C PRO F 1749 -22.79 50.09 90.46
N PRO F 1750 -23.40 50.84 91.38
CA PRO F 1750 -23.65 52.26 91.13
C PRO F 1750 -22.37 53.02 90.83
N GLY F 1751 -22.45 53.92 89.85
CA GLY F 1751 -21.32 54.72 89.43
C GLY F 1751 -21.66 56.19 89.24
N ARG F 1752 -20.81 57.07 89.77
CA ARG F 1752 -21.09 58.51 89.72
C ARG F 1752 -20.93 59.06 88.32
N LYS F 1753 -19.83 58.70 87.64
CA LYS F 1753 -19.45 59.36 86.39
C LYS F 1753 -20.46 59.10 85.27
N GLY F 1754 -20.98 57.88 85.19
CA GLY F 1754 -21.88 57.54 84.10
C GLY F 1754 -22.99 56.60 84.47
N GLY F 1755 -24.24 56.99 84.19
CA GLY F 1755 -25.36 56.10 84.49
C GLY F 1755 -25.36 54.84 83.65
N ASN F 1756 -25.11 54.97 82.35
CA ASN F 1756 -25.10 53.80 81.48
C ASN F 1756 -23.86 52.93 81.71
N ALA F 1757 -22.69 53.55 81.80
CA ALA F 1757 -21.43 52.83 81.97
C ALA F 1757 -20.84 53.15 83.33
N ARG F 1758 -20.73 52.12 84.17
CA ARG F 1758 -20.11 52.22 85.47
C ARG F 1758 -18.96 51.23 85.55
N ARG F 1759 -18.11 51.40 86.55
CA ARG F 1759 -16.98 50.50 86.71
C ARG F 1759 -17.47 49.09 87.01
N HIS F 1760 -16.88 48.12 86.33
CA HIS F 1760 -17.24 46.72 86.55
C HIS F 1760 -16.97 46.32 87.99
N GLY F 1761 -17.94 45.67 88.60
CA GLY F 1761 -17.70 45.06 89.90
C GLY F 1761 -16.72 43.92 89.80
N LEU F 1762 -16.03 43.66 90.91
CA LEU F 1762 -15.05 42.58 90.91
C LEU F 1762 -15.76 41.26 90.65
N PRO F 1763 -15.28 40.46 89.69
CA PRO F 1763 -15.94 39.20 89.39
C PRO F 1763 -15.96 38.27 90.59
N GLY F 1764 -17.08 37.59 90.77
CA GLY F 1764 -17.26 36.71 91.91
C GLY F 1764 -17.62 37.41 93.21
N VAL F 1765 -17.77 38.72 93.19
CA VAL F 1765 -18.13 39.50 94.37
C VAL F 1765 -19.53 40.07 94.15
N GLY F 1766 -20.43 39.77 95.06
CA GLY F 1766 -21.79 40.26 94.96
C GLY F 1766 -22.77 39.22 95.45
N VAL F 1767 -24.02 39.39 95.03
CA VAL F 1767 -25.12 38.50 95.42
C VAL F 1767 -25.57 37.73 94.19
N THR F 1768 -25.54 36.40 94.29
CA THR F 1768 -26.03 35.52 93.25
C THR F 1768 -27.19 34.71 93.79
N THR F 1769 -28.31 34.72 93.07
CA THR F 1769 -29.52 34.03 93.52
C THR F 1769 -29.76 32.72 92.79
N SER F 1770 -28.91 32.34 91.85
CA SER F 1770 -29.07 31.08 91.16
C SER F 1770 -28.98 29.92 92.15
N LEU F 1771 -29.88 28.96 92.00
CA LEU F 1771 -30.03 27.88 92.96
C LEU F 1771 -28.98 26.81 92.70
N ARG F 1772 -28.19 26.48 93.72
CA ARG F 1772 -27.24 25.39 93.70
C ARG F 1772 -27.44 24.54 94.95
N PRO F 1773 -27.53 23.23 94.83
CA PRO F 1773 -27.79 22.39 96.00
C PRO F 1773 -26.69 22.51 97.04
N PRO F 1774 -27.05 22.50 98.32
CA PRO F 1774 -26.03 22.61 99.37
C PRO F 1774 -25.16 21.37 99.41
N HIS F 1775 -23.90 21.56 99.82
CA HIS F 1775 -23.00 20.45 99.99
C HIS F 1775 -23.38 19.66 101.23
N HIS F 1776 -23.34 18.33 101.10
CA HIS F 1776 -23.70 17.42 102.19
C HIS F 1776 -22.47 16.63 102.61
N PHE F 1777 -22.15 16.67 103.90
CA PHE F 1777 -20.98 16.01 104.43
C PHE F 1777 -21.36 15.23 105.68
N SER F 1778 -20.65 14.13 105.90
CA SER F 1778 -20.87 13.29 107.08
C SER F 1778 -19.60 13.24 107.90
N PRO F 1779 -19.68 13.44 109.22
CA PRO F 1779 -18.48 13.40 110.05
C PRO F 1779 -17.92 11.99 110.10
N PRO F 1780 -16.60 11.83 109.97
CA PRO F 1780 -16.02 10.49 110.06
C PRO F 1780 -15.77 10.06 111.50
N CYS F 1781 -16.54 9.07 111.95
CA CYS F 1781 -16.34 8.45 113.25
C CYS F 1781 -16.37 6.94 113.07
N PHE F 1782 -15.36 6.26 113.59
CA PHE F 1782 -15.22 4.83 113.38
C PHE F 1782 -15.57 4.01 114.62
N VAL F 1783 -16.17 4.64 115.64
CA VAL F 1783 -16.71 3.89 116.76
C VAL F 1783 -18.22 3.71 116.66
N ALA F 1784 -18.86 4.30 115.64
CA ALA F 1784 -20.30 4.20 115.51
C ALA F 1784 -20.70 2.76 115.19
N ALA F 1785 -21.90 2.38 115.64
CA ALA F 1785 -22.40 1.04 115.40
C ALA F 1785 -22.62 0.81 113.91
N LEU F 1786 -22.36 -0.43 113.47
CA LEU F 1786 -22.56 -0.77 112.08
C LEU F 1786 -24.05 -0.64 111.74
N PRO F 1787 -24.38 -0.14 110.55
CA PRO F 1787 -25.80 0.08 110.23
C PRO F 1787 -26.59 -1.22 110.21
N ALA F 1788 -27.82 -1.15 110.70
CA ALA F 1788 -28.67 -2.34 110.72
C ALA F 1788 -29.17 -2.67 109.32
N ALA F 1789 -29.24 -1.67 108.44
CA ALA F 1789 -29.68 -1.91 107.07
C ALA F 1789 -28.69 -2.81 106.33
N GLY F 1790 -29.22 -3.68 105.49
CA GLY F 1790 -28.37 -4.58 104.75
C GLY F 1790 -27.55 -3.86 103.70
N VAL F 1791 -26.46 -4.50 103.26
CA VAL F 1791 -25.60 -3.91 102.26
C VAL F 1791 -26.36 -3.80 100.94
N ALA F 1792 -25.94 -2.86 100.09
CA ALA F 1792 -26.53 -2.50 98.81
C ALA F 1792 -27.91 -1.87 98.97
N GLU F 1793 -28.42 -1.72 100.19
CA GLU F 1793 -29.71 -1.10 100.45
C GLU F 1793 -29.59 0.22 101.19
N ALA F 1794 -28.56 0.38 102.02
CA ALA F 1794 -28.39 1.61 102.78
C ALA F 1794 -28.13 2.78 101.84
N PRO F 1795 -28.52 4.00 102.23
CA PRO F 1795 -28.29 5.16 101.37
C PRO F 1795 -26.82 5.41 101.15
N ALA F 1796 -26.50 6.00 100.00
CA ALA F 1796 -25.12 6.27 99.64
C ALA F 1796 -24.46 7.16 100.69
N ARG F 1797 -23.25 6.79 101.09
CA ARG F 1797 -22.53 7.52 102.11
C ARG F 1797 -22.19 8.92 101.63
N LEU F 1798 -22.24 9.88 102.56
CA LEU F 1798 -21.80 11.23 102.25
C LEU F 1798 -20.28 11.33 102.34
N SER F 1799 -19.73 12.33 101.67
CA SER F 1799 -18.29 12.53 101.70
C SER F 1799 -17.85 12.91 103.11
N PRO F 1800 -16.65 12.51 103.53
CA PRO F 1800 -16.20 12.82 104.89
C PRO F 1800 -16.11 14.32 105.13
N ALA F 1801 -16.42 14.73 106.35
CA ALA F 1801 -16.46 16.14 106.69
C ALA F 1801 -15.06 16.70 106.92
N ILE F 1802 -14.93 18.00 106.70
CA ILE F 1802 -13.67 18.72 106.90
C ILE F 1802 -14.01 20.18 107.18
N PRO F 1803 -13.30 20.82 108.12
CA PRO F 1803 -13.62 22.21 108.45
C PRO F 1803 -13.28 23.14 107.30
N LEU F 1804 -14.32 23.60 106.60
CA LEU F 1804 -14.11 24.27 105.33
C LEU F 1804 -13.60 25.69 105.51
N GLU F 1805 -14.08 26.40 106.53
CA GLU F 1805 -13.59 27.76 106.78
C GLU F 1805 -12.12 27.74 107.16
N ALA F 1806 -11.71 26.81 108.03
CA ALA F 1806 -10.31 26.69 108.39
C ALA F 1806 -9.47 26.31 107.17
N LEU F 1807 -9.97 25.37 106.37
CA LEU F 1807 -9.22 24.95 105.19
C LEU F 1807 -9.06 26.10 104.19
N ARG F 1808 -10.11 26.91 104.03
CA ARG F 1808 -10.05 28.02 103.07
C ARG F 1808 -9.12 29.12 103.56
N ASP F 1809 -9.14 29.42 104.85
CA ASP F 1809 -8.17 30.39 105.38
C ASP F 1809 -6.75 29.86 105.21
N LYS F 1810 -6.55 28.57 105.46
CA LYS F 1810 -5.23 27.98 105.25
C LYS F 1810 -4.81 28.12 103.79
N ALA F 1811 -5.72 27.83 102.85
CA ALA F 1811 -5.37 27.89 101.44
C ALA F 1811 -5.03 29.31 101.01
N LEU F 1812 -5.78 30.30 101.52
CA LEU F 1812 -5.43 31.69 101.24
C LEU F 1812 -4.04 32.02 101.77
N ARG F 1813 -3.71 31.54 102.96
CA ARG F 1813 -2.37 31.78 103.50
C ARG F 1813 -1.30 31.13 102.62
N MET F 1814 -1.55 29.90 102.16
CA MET F 1814 -0.58 29.23 101.30
C MET F 1814 -0.38 30.00 99.99
N LEU F 1815 -1.48 30.47 99.40
CA LEU F 1815 -1.35 31.23 98.16
C LEU F 1815 -0.57 32.52 98.37
N GLY F 1816 -0.84 33.22 99.47
CA GLY F 1816 -0.07 34.42 99.76
C GLY F 1816 1.40 34.14 99.97
N GLU F 1817 1.71 33.08 100.72
CA GLU F 1817 3.11 32.73 100.96
C GLU F 1817 3.81 32.32 99.66
N ALA F 1818 3.11 31.59 98.79
CA ALA F 1818 3.69 31.19 97.52
C ALA F 1818 3.95 32.39 96.63
N VAL F 1819 3.02 33.36 96.63
CA VAL F 1819 3.23 34.59 95.87
C VAL F 1819 4.45 35.35 96.41
N ARG F 1820 4.57 35.42 97.72
CA ARG F 1820 5.73 36.09 98.33
C ARG F 1820 7.03 35.38 97.95
N ASP F 1821 7.03 34.04 97.97
CA ASP F 1821 8.22 33.29 97.60
C ASP F 1821 8.57 33.51 96.14
N GLY F 1822 7.58 33.50 95.25
CA GLY F 1822 7.84 33.77 93.84
C GLY F 1822 8.43 35.15 93.63
N GLY F 1823 7.94 36.14 94.37
CA GLY F 1823 8.57 37.45 94.34
C GLY F 1823 9.99 37.42 94.85
N GLN F 1824 10.24 36.60 95.87
CA GLN F 1824 11.58 36.50 96.45
C GLN F 1824 12.57 35.88 95.48
N HIS F 1825 12.09 34.99 94.61
CA HIS F 1825 12.95 34.28 93.67
C HIS F 1825 14.03 33.48 94.39
N ALA F 1826 13.62 32.74 95.42
CA ALA F 1826 14.57 31.92 96.17
C ALA F 1826 15.05 30.76 95.33
N ARG F 1827 16.26 30.27 95.63
CA ARG F 1827 16.83 29.17 94.87
C ARG F 1827 16.13 27.85 95.19
N ASP F 1828 15.43 27.78 96.33
CA ASP F 1828 14.77 26.56 96.74
C ASP F 1828 13.27 26.77 96.85
N PRO F 1829 12.51 26.57 95.79
CA PRO F 1829 11.05 26.64 95.89
C PRO F 1829 10.51 25.48 96.69
N VAL F 1830 9.34 25.70 97.29
CA VAL F 1830 8.68 24.64 98.05
C VAL F 1830 8.36 23.47 97.14
N GLY F 1831 8.74 22.27 97.56
CA GLY F 1831 8.59 21.10 96.74
C GLY F 1831 9.68 20.90 95.71
N GLY F 1832 10.69 21.76 95.68
CA GLY F 1832 11.80 21.62 94.76
C GLY F 1832 11.60 22.25 93.40
N SER F 1833 10.43 22.81 93.13
CA SER F 1833 10.16 23.45 91.84
C SER F 1833 9.05 24.47 92.00
N VAL F 1834 9.06 25.46 91.10
CA VAL F 1834 8.01 26.48 91.12
C VAL F 1834 6.66 25.86 90.83
N GLU F 1835 6.61 24.94 89.86
CA GLU F 1835 5.35 24.28 89.56
C GLU F 1835 4.89 23.41 90.73
N PHE F 1836 5.82 22.74 91.40
CA PHE F 1836 5.44 21.92 92.55
C PHE F 1836 4.96 22.79 93.70
N GLN F 1837 5.46 24.03 93.78
CA GLN F 1837 5.02 24.93 94.84
C GLN F 1837 3.64 25.51 94.53
N PHE F 1838 3.36 25.79 93.26
CA PHE F 1838 2.16 26.57 92.94
C PHE F 1838 0.98 25.68 92.57
N VAL F 1839 1.21 24.61 91.80
CA VAL F 1839 0.10 23.85 91.22
C VAL F 1839 -0.83 23.27 92.28
N PRO F 1840 -0.34 22.61 93.34
CA PRO F 1840 -1.28 22.06 94.33
C PRO F 1840 -2.13 23.12 95.03
N VAL F 1841 -1.51 24.22 95.45
CA VAL F 1841 -2.27 25.28 96.11
C VAL F 1841 -3.29 25.87 95.15
N LEU F 1842 -2.91 26.05 93.89
CA LEU F 1842 -3.83 26.58 92.90
C LEU F 1842 -5.00 25.65 92.67
N LYS F 1843 -4.74 24.33 92.60
CA LYS F 1843 -5.84 23.38 92.46
C LYS F 1843 -6.78 23.44 93.65
N LEU F 1844 -6.23 23.51 94.87
CA LEU F 1844 -7.08 23.57 96.05
C LEU F 1844 -7.93 24.83 96.06
N VAL F 1845 -7.33 25.97 95.70
CA VAL F 1845 -8.06 27.23 95.69
C VAL F 1845 -9.15 27.20 94.62
N SER F 1846 -8.84 26.65 93.44
CA SER F 1846 -9.83 26.56 92.38
C SER F 1846 -10.99 25.66 92.79
N THR F 1847 -10.68 24.53 93.43
CA THR F 1847 -11.74 23.63 93.88
C THR F 1847 -12.63 24.30 94.92
N LEU F 1848 -12.03 25.02 95.86
CA LEU F 1848 -12.82 25.72 96.86
C LEU F 1848 -13.67 26.82 96.23
N LEU F 1849 -13.12 27.54 95.27
CA LEU F 1849 -13.90 28.56 94.56
C LEU F 1849 -15.09 27.96 93.84
N VAL F 1850 -14.88 26.84 93.15
CA VAL F 1850 -15.98 26.19 92.45
C VAL F 1850 -17.03 25.71 93.45
N MET F 1851 -16.60 25.15 94.57
CA MET F 1851 -17.54 24.69 95.59
C MET F 1851 -18.27 25.87 96.22
N GLY F 1852 -17.71 27.07 96.11
CA GLY F 1852 -18.34 28.25 96.65
C GLY F 1852 -18.06 28.52 98.12
N ILE F 1853 -17.00 27.93 98.67
CA ILE F 1853 -16.69 28.13 100.09
C ILE F 1853 -16.24 29.57 100.33
N PHE F 1854 -15.50 30.14 99.38
CA PHE F 1854 -14.86 31.43 99.60
C PHE F 1854 -15.89 32.54 99.71
N GLY F 1855 -15.67 33.43 100.68
CA GLY F 1855 -16.51 34.60 100.81
C GLY F 1855 -16.08 35.73 99.88
N ASP F 1856 -16.78 36.86 100.00
CA ASP F 1856 -16.49 37.99 99.13
C ASP F 1856 -15.12 38.60 99.42
N GLU F 1857 -14.78 38.74 100.71
CA GLU F 1857 -13.47 39.27 101.06
C GLU F 1857 -12.36 38.33 100.62
N ASP F 1858 -12.57 37.03 100.77
CA ASP F 1858 -11.59 36.05 100.31
C ASP F 1858 -11.44 36.11 98.79
N VAL F 1859 -12.54 36.31 98.07
CA VAL F 1859 -12.46 36.46 96.61
C VAL F 1859 -11.68 37.71 96.26
N LYS F 1860 -11.88 38.80 97.02
CA LYS F 1860 -11.09 40.00 96.78
C LYS F 1860 -9.60 39.74 97.00
N GLN F 1861 -9.26 38.99 98.06
CA GLN F 1861 -7.85 38.68 98.31
C GLN F 1861 -7.28 37.83 97.17
N ILE F 1862 -8.04 36.85 96.69
CA ILE F 1862 -7.57 36.02 95.59
C ILE F 1862 -7.35 36.86 94.34
N LEU F 1863 -8.28 37.78 94.05
CA LEU F 1863 -8.13 38.64 92.90
C LEU F 1863 -6.91 39.53 93.04
N LYS F 1864 -6.65 40.04 94.24
CA LYS F 1864 -5.46 40.85 94.47
C LYS F 1864 -4.19 40.04 94.25
N MET F 1865 -4.19 38.78 94.70
CA MET F 1865 -3.04 37.92 94.45
C MET F 1865 -2.83 37.68 92.96
N ILE F 1866 -3.94 37.51 92.22
CA ILE F 1866 -3.82 37.30 90.78
C ILE F 1866 -3.24 38.54 90.10
N GLU F 1867 -3.81 39.71 90.40
CA GLU F 1867 -3.33 40.95 89.81
C GLU F 1867 -3.68 42.13 90.72
N PRO F 1868 -2.74 42.58 91.55
CA PRO F 1868 -3.05 43.62 92.54
C PRO F 1868 -3.51 44.94 91.92
N GLU F 1869 -2.92 45.31 90.78
CA GLU F 1869 -3.23 46.62 90.20
C GLU F 1869 -4.62 46.65 89.58
N VAL F 1870 -4.99 45.61 88.83
CA VAL F 1870 -6.25 45.63 88.10
C VAL F 1870 -7.43 45.53 89.04
N PHE F 1871 -7.38 44.60 89.99
CA PHE F 1871 -8.55 44.28 90.82
C PHE F 1871 -8.60 45.06 92.12
N THR F 1872 -7.71 46.02 92.34
CA THR F 1872 -7.85 46.88 93.50
C THR F 1872 -9.10 47.73 93.37
N GLU F 1873 -9.72 48.06 94.49
CA GLU F 1873 -10.99 48.75 94.52
C GLU F 1873 -10.83 50.11 95.20
N GLU F 1874 -11.48 51.13 94.63
CA GLU F 1874 -11.41 52.47 95.18
C GLU F 1874 -12.80 53.09 95.26
N LEU F 1922 7.70 39.93 98.18
CA LEU F 1922 7.07 40.82 97.22
C LEU F 1922 5.71 40.25 96.81
N GLU F 1923 4.69 41.12 96.80
CA GLU F 1923 3.33 40.73 96.42
C GLU F 1923 3.17 40.80 94.90
N GLU F 1924 4.12 40.16 94.21
CA GLU F 1924 4.10 40.11 92.75
C GLU F 1924 2.83 39.45 92.24
N GLY F 1925 2.30 39.97 91.14
CA GLY F 1925 1.16 39.36 90.51
C GLY F 1925 1.49 37.99 89.93
N LEU F 1926 0.56 37.06 90.08
CA LEU F 1926 0.75 35.74 89.51
C LEU F 1926 0.92 35.81 88.00
N LEU F 1927 0.15 36.69 87.34
CA LEU F 1927 0.30 36.86 85.91
C LEU F 1927 1.67 37.43 85.57
N GLN F 1928 2.24 38.25 86.47
CA GLN F 1928 3.55 38.83 86.22
C GLN F 1928 4.67 37.85 86.54
N MET F 1929 4.34 36.75 87.24
CA MET F 1929 5.38 35.88 87.78
C MET F 1929 6.08 35.04 86.71
N LYS F 1930 5.58 35.05 85.47
CA LYS F 1930 6.19 34.31 84.35
C LYS F 1930 6.25 32.81 84.66
N LEU F 1931 5.33 32.38 85.50
CA LEU F 1931 5.25 31.00 85.99
C LEU F 1931 5.13 29.99 84.84
N PRO F 1932 5.49 28.73 85.08
CA PRO F 1932 5.53 27.74 83.99
C PRO F 1932 4.13 27.30 83.55
N GLU F 1933 4.12 26.29 82.68
CA GLU F 1933 2.91 25.98 81.90
C GLU F 1933 1.82 25.33 82.74
N SER F 1934 2.18 24.45 83.67
CA SER F 1934 1.15 23.85 84.53
C SER F 1934 0.50 24.90 85.41
N VAL F 1935 1.31 25.81 85.96
CA VAL F 1935 0.76 26.90 86.74
C VAL F 1935 -0.07 27.81 85.85
N LYS F 1936 0.31 27.92 84.57
CA LYS F 1936 -0.49 28.66 83.61
C LYS F 1936 -1.86 28.02 83.43
N LEU F 1937 -1.90 26.69 83.36
CA LEU F 1937 -3.17 25.98 83.22
C LEU F 1937 -4.06 26.22 84.44
N GLN F 1938 -3.46 26.18 85.64
CA GLN F 1938 -4.24 26.47 86.84
C GLN F 1938 -4.75 27.91 86.85
N MET F 1939 -3.90 28.84 86.41
CA MET F 1939 -4.32 30.22 86.25
C MET F 1939 -5.52 30.32 85.31
N CYS F 1940 -5.48 29.57 84.22
CA CYS F 1940 -6.59 29.55 83.28
C CYS F 1940 -7.85 29.01 83.94
N ASN F 1941 -7.72 27.98 84.78
CA ASN F 1941 -8.91 27.46 85.48
C ASN F 1941 -9.52 28.53 86.38
N LEU F 1942 -8.69 29.23 87.15
CA LEU F 1942 -9.22 30.27 88.02
C LEU F 1942 -9.88 31.40 87.22
N LEU F 1943 -9.23 31.82 86.13
CA LEU F 1943 -9.81 32.88 85.30
C LEU F 1943 -11.11 32.42 84.66
N GLU F 1944 -11.19 31.14 84.29
CA GLU F 1944 -12.42 30.59 83.74
C GLU F 1944 -13.53 30.62 84.77
N TYR F 1945 -13.22 30.30 86.03
CA TYR F 1945 -14.23 30.41 87.07
C TYR F 1945 -14.74 31.84 87.20
N PHE F 1946 -13.82 32.81 87.15
CA PHE F 1946 -14.24 34.20 87.28
C PHE F 1946 -15.09 34.65 86.10
N CYS F 1947 -14.75 34.19 84.90
CA CYS F 1947 -15.56 34.52 83.73
C CYS F 1947 -16.95 33.89 83.84
N ASP F 1948 -17.03 32.67 84.38
CA ASP F 1948 -18.34 32.06 84.62
C ASP F 1948 -19.14 32.88 85.62
N GLN F 1949 -18.48 33.40 86.65
CA GLN F 1949 -19.17 34.28 87.60
C GLN F 1949 -19.70 35.52 86.90
N GLU F 1950 -18.92 36.10 86.00
CA GLU F 1950 -19.40 37.26 85.25
C GLU F 1950 -20.62 36.92 84.40
N LEU F 1951 -20.59 35.78 83.73
CA LEU F 1951 -21.74 35.35 82.92
C LEU F 1951 -22.97 35.13 83.80
N GLN F 1952 -22.77 34.51 84.96
CA GLN F 1952 -23.88 34.31 85.89
C GLN F 1952 -24.46 35.64 86.34
N HIS F 1953 -23.60 36.61 86.61
CA HIS F 1953 -24.09 37.93 87.02
C HIS F 1953 -24.89 38.59 85.90
N ARG F 1954 -24.41 38.46 84.65
CA ARG F 1954 -25.18 39.00 83.53
C ARG F 1954 -26.55 38.35 83.44
N VAL F 1955 -26.61 37.03 83.57
CA VAL F 1955 -27.89 36.33 83.47
C VAL F 1955 -28.84 36.75 84.58
N GLU F 1956 -28.31 36.86 85.82
CA GLU F 1956 -29.15 37.24 86.94
C GLU F 1956 -29.68 38.66 86.79
N SER F 1957 -28.84 39.58 86.30
CA SER F 1957 -29.31 40.93 86.05
C SER F 1957 -30.37 40.95 84.96
N LEU F 1958 -30.19 40.13 83.93
CA LEU F 1958 -31.22 39.99 82.91
C LEU F 1958 -32.53 39.52 83.52
N ALA F 1959 -32.48 38.55 84.42
CA ALA F 1959 -33.70 38.05 85.06
C ALA F 1959 -34.37 39.13 85.91
N ALA F 1960 -33.57 39.91 86.64
CA ALA F 1960 -34.14 40.98 87.47
C ALA F 1960 -34.83 42.03 86.60
N PHE F 1961 -34.14 42.49 85.55
CA PHE F 1961 -34.78 43.44 84.65
C PHE F 1961 -36.02 42.84 84.00
N ALA F 1962 -35.98 41.54 83.72
CA ALA F 1962 -37.15 40.86 83.18
C ALA F 1962 -38.32 40.98 84.13
N GLU F 1963 -38.07 40.75 85.42
CA GLU F 1963 -39.15 40.87 86.41
C GLU F 1963 -39.75 42.26 86.41
N ARG F 1964 -38.91 43.30 86.55
CA ARG F 1964 -39.46 44.65 86.60
C ARG F 1964 -40.20 45.00 85.31
N TYR F 1965 -39.62 44.62 84.16
CA TYR F 1965 -40.21 44.99 82.89
C TYR F 1965 -41.54 44.28 82.66
N VAL F 1966 -41.64 43.01 83.05
CA VAL F 1966 -42.90 42.31 82.84
C VAL F 1966 -43.97 42.87 83.76
N ASP F 1967 -43.58 43.28 84.98
CA ASP F 1967 -44.56 43.94 85.84
C ASP F 1967 -45.10 45.20 85.18
N LYS F 1968 -44.20 46.06 84.69
CA LYS F 1968 -44.64 47.29 84.04
C LYS F 1968 -45.47 47.01 82.79
N LEU F 1969 -45.06 46.02 82.00
CA LEU F 1969 -45.79 45.69 80.78
C LEU F 1969 -47.18 45.16 81.07
N GLN F 1970 -47.31 44.33 82.11
CA GLN F 1970 -48.63 43.83 82.48
C GLN F 1970 -49.54 44.95 82.95
N ALA F 1971 -48.99 45.89 83.75
CA ALA F 1971 -49.80 47.04 84.15
C ALA F 1971 -50.23 47.85 82.92
N ASN F 1972 -49.31 48.06 81.98
CA ASN F 1972 -49.63 48.80 80.77
C ASN F 1972 -50.71 48.09 79.96
N GLN F 1973 -50.63 46.77 79.84
CA GLN F 1973 -51.63 46.04 79.06
C GLN F 1973 -53.00 46.10 79.72
N ARG F 1974 -53.04 46.04 81.06
CA ARG F 1974 -54.30 46.24 81.76
C ARG F 1974 -54.87 47.62 81.45
N SER F 1975 -54.02 48.64 81.47
CA SER F 1975 -54.49 49.99 81.12
C SER F 1975 -55.00 50.04 79.68
N ARG F 1976 -54.29 49.40 78.75
CA ARG F 1976 -54.71 49.40 77.36
C ARG F 1976 -56.09 48.76 77.20
N TYR F 1977 -56.33 47.64 77.89
CA TYR F 1977 -57.66 47.05 77.87
C TYR F 1977 -58.69 48.02 78.45
N ALA F 1978 -58.33 48.69 79.54
CA ALA F 1978 -59.25 49.63 80.18
C ALA F 1978 -59.70 50.72 79.22
N LEU F 1979 -58.76 51.37 78.53
CA LEU F 1979 -59.16 52.38 77.56
C LEU F 1979 -59.75 51.75 76.29
N LEU F 1980 -59.49 50.47 76.05
CA LEU F 1980 -60.07 49.81 74.89
C LEU F 1980 -61.56 49.62 75.07
N MET F 1981 -62.02 49.37 76.30
CA MET F 1981 -63.45 49.26 76.54
C MET F 1981 -64.19 50.53 76.15
N ARG F 1982 -63.68 51.70 76.54
CA ARG F 1982 -64.30 52.94 76.12
C ARG F 1982 -64.11 53.19 74.64
N ALA F 1983 -62.92 52.84 74.11
CA ALA F 1983 -62.63 53.10 72.70
C ALA F 1983 -63.55 52.31 71.78
N PHE F 1984 -64.07 51.17 72.25
CA PHE F 1984 -65.01 50.40 71.45
C PHE F 1984 -66.27 51.22 71.18
N THR F 1985 -66.79 51.89 72.21
CA THR F 1985 -67.88 52.84 72.01
C THR F 1985 -67.41 54.02 71.17
N MET F 1986 -66.16 54.44 71.34
CA MET F 1986 -65.63 55.53 70.51
C MET F 1986 -65.62 55.16 69.04
N SER F 1987 -65.14 53.96 68.72
CA SER F 1987 -65.08 53.48 67.34
C SER F 1987 -64.75 52.00 67.38
N ALA F 1988 -65.48 51.22 66.57
CA ALA F 1988 -65.23 49.78 66.51
C ALA F 1988 -64.00 49.47 65.67
N ALA F 1989 -63.73 50.30 64.65
CA ALA F 1989 -62.67 49.99 63.69
C ALA F 1989 -61.29 49.98 64.35
N GLU F 1990 -61.02 50.95 65.23
CA GLU F 1990 -59.73 50.98 65.93
C GLU F 1990 -59.61 49.82 66.92
N THR F 1991 -60.66 49.59 67.70
CA THR F 1991 -60.65 48.46 68.63
C THR F 1991 -60.73 47.14 67.90
N ALA F 1992 -61.05 47.16 66.60
CA ALA F 1992 -60.96 45.94 65.82
C ALA F 1992 -59.51 45.45 65.76
N ARG F 1993 -58.56 46.38 65.59
CA ARG F 1993 -57.16 45.98 65.58
C ARG F 1993 -56.60 45.89 67.00
N ARG F 1994 -56.90 46.90 67.85
CA ARG F 1994 -56.40 46.86 69.21
C ARG F 1994 -56.93 45.67 69.99
N THR F 1995 -58.03 45.07 69.53
CA THR F 1995 -58.51 43.86 70.17
C THR F 1995 -57.77 42.64 69.63
N ARG F 1996 -57.41 42.67 68.35
CA ARG F 1996 -56.68 41.55 67.76
C ARG F 1996 -55.39 41.26 68.53
N GLU F 1997 -54.71 42.31 68.99
CA GLU F 1997 -53.46 42.10 69.71
C GLU F 1997 -53.72 41.45 71.07
N PHE F 1998 -54.84 41.78 71.72
CA PHE F 1998 -55.21 41.08 72.94
C PHE F 1998 -55.62 39.64 72.65
N ARG F 1999 -56.20 39.38 71.49
CA ARG F 1999 -56.59 38.01 71.15
C ARG F 1999 -55.38 37.17 70.78
N SER F 2000 -54.29 37.83 70.40
CA SER F 2000 -53.08 37.12 70.03
C SER F 2000 -52.50 36.39 71.25
N PRO F 2001 -51.82 35.26 71.04
CA PRO F 2001 -51.28 34.52 72.18
C PRO F 2001 -50.27 35.35 72.94
N PRO F 2002 -50.12 35.10 74.25
CA PRO F 2002 -49.29 35.99 75.07
C PRO F 2002 -47.85 36.07 74.61
N GLN F 2003 -47.31 34.96 74.08
CA GLN F 2003 -45.95 35.00 73.57
C GLN F 2003 -45.83 35.99 72.41
N GLU F 2004 -46.77 35.93 71.46
CA GLU F 2004 -46.75 36.88 70.35
C GLU F 2004 -47.02 38.30 70.84
N GLN F 2005 -47.83 38.43 71.89
CA GLN F 2005 -48.07 39.74 72.48
C GLN F 2005 -46.78 40.36 72.98
N ILE F 2006 -46.03 39.61 73.78
CA ILE F 2006 -44.81 40.16 74.34
C ILE F 2006 -43.75 40.29 73.26
N ASN F 2007 -43.88 39.52 72.17
CA ASN F 2007 -43.05 39.76 71.01
C ASN F 2007 -43.29 41.14 70.42
N MET F 2008 -44.56 41.49 70.15
CA MET F 2008 -44.81 42.76 69.49
C MET F 2008 -44.51 43.92 70.43
N LEU F 2009 -44.79 43.75 71.72
CA LEU F 2009 -44.45 44.79 72.69
C LEU F 2009 -42.94 44.98 72.78
N LEU F 2010 -42.18 43.89 72.75
CA LEU F 2010 -40.73 44.01 72.86
C LEU F 2010 -40.13 44.57 71.58
N HIS F 2011 -40.74 44.28 70.43
CA HIS F 2011 -40.14 44.56 69.13
C HIS F 2011 -40.38 46.01 68.75
N PHE F 2012 -39.46 46.87 69.19
CA PHE F 2012 -39.36 48.26 68.74
C PHE F 2012 -37.92 48.70 68.59
N LYS F 2013 -37.00 47.75 68.39
CA LYS F 2013 -35.57 48.09 68.39
C LYS F 2013 -35.19 48.94 67.18
N ASP F 2014 -35.75 48.63 66.01
CA ASP F 2014 -35.31 49.29 64.78
C ASP F 2014 -35.75 50.75 64.75
N GLU F 2015 -36.66 51.14 65.63
CA GLU F 2015 -37.21 52.49 65.83
C GLU F 2015 -38.08 52.94 64.66
N ALA F 2016 -38.19 52.15 63.59
CA ALA F 2016 -39.18 52.38 62.55
C ALA F 2016 -40.50 51.69 62.84
N ASP F 2017 -40.55 50.89 63.90
CA ASP F 2017 -41.73 50.12 64.28
C ASP F 2017 -42.42 50.68 65.52
N GLU F 2018 -42.20 51.96 65.84
CA GLU F 2018 -42.82 52.55 67.02
C GLU F 2018 -44.34 52.62 66.88
N GLU F 2019 -44.83 52.88 65.67
CA GLU F 2019 -46.28 53.06 65.49
C GLU F 2019 -47.04 51.79 65.77
N ASP F 2020 -46.50 50.63 65.37
CA ASP F 2020 -47.19 49.37 65.63
C ASP F 2020 -47.02 48.94 67.09
N CYS F 2021 -45.91 49.33 67.71
CA CYS F 2021 -45.71 49.00 69.11
C CYS F 2021 -46.59 49.89 69.98
N PRO F 2022 -47.48 49.30 70.79
CA PRO F 2022 -48.33 50.11 71.68
C PRO F 2022 -47.68 50.49 73.00
N LEU F 2023 -46.43 50.12 73.22
CA LEU F 2023 -45.80 50.39 74.51
C LEU F 2023 -45.60 51.88 74.71
N PRO F 2024 -45.68 52.38 75.94
CA PRO F 2024 -45.37 53.79 76.18
C PRO F 2024 -43.89 54.08 75.95
N GLU F 2025 -43.62 55.33 75.56
CA GLU F 2025 -42.27 55.71 75.17
C GLU F 2025 -41.32 55.65 76.37
N ASP F 2026 -41.80 55.94 77.57
CA ASP F 2026 -40.94 55.84 78.74
C ASP F 2026 -40.52 54.39 79.02
N ILE F 2027 -41.45 53.45 78.86
CA ILE F 2027 -41.12 52.04 79.02
C ILE F 2027 -40.13 51.60 77.96
N ARG F 2028 -40.36 52.02 76.72
CA ARG F 2028 -39.39 51.74 75.66
C ARG F 2028 -38.02 52.32 76.00
N GLN F 2029 -37.99 53.53 76.54
CA GLN F 2029 -36.73 54.17 76.88
C GLN F 2029 -36.00 53.41 77.99
N ASP F 2030 -36.74 52.92 78.99
CA ASP F 2030 -36.08 52.17 80.05
C ASP F 2030 -35.50 50.86 79.51
N LEU F 2031 -36.22 50.21 78.59
CA LEU F 2031 -35.66 49.02 77.96
C LEU F 2031 -34.40 49.36 77.17
N GLN F 2032 -34.42 50.48 76.43
CA GLN F 2032 -33.24 50.88 75.67
C GLN F 2032 -32.06 51.18 76.59
N ASP F 2033 -32.32 51.83 77.73
CA ASP F 2033 -31.26 52.10 78.68
C ASP F 2033 -30.67 50.82 79.23
N PHE F 2034 -31.52 49.84 79.57
CA PHE F 2034 -30.99 48.57 80.05
C PHE F 2034 -30.19 47.86 78.97
N HIS F 2035 -30.64 47.96 77.71
CA HIS F 2035 -29.88 47.34 76.63
C HIS F 2035 -28.51 47.98 76.49
N GLN F 2036 -28.44 49.31 76.61
CA GLN F 2036 -27.15 49.99 76.58
C GLN F 2036 -26.27 49.56 77.74
N ASP F 2037 -26.85 49.41 78.93
CA ASP F 2037 -26.07 48.93 80.08
C ASP F 2037 -25.53 47.53 79.83
N LEU F 2038 -26.36 46.65 79.24
CA LEU F 2038 -25.91 45.29 78.95
C LEU F 2038 -24.77 45.30 77.94
N LEU F 2039 -24.90 46.12 76.89
CA LEU F 2039 -23.83 46.22 75.90
C LEU F 2039 -22.55 46.75 76.52
N ALA F 2040 -22.66 47.75 77.40
CA ALA F 2040 -21.48 48.26 78.09
C ALA F 2040 -20.83 47.19 78.96
N HIS F 2041 -21.66 46.42 79.67
CA HIS F 2041 -21.13 45.38 80.54
C HIS F 2041 -20.40 44.30 79.75
N CYS F 2042 -20.95 43.91 78.60
CA CYS F 2042 -20.32 42.86 77.82
C CYS F 2042 -19.06 43.38 77.13
N GLY F 2043 -18.88 44.69 77.07
CA GLY F 2043 -17.80 45.27 76.32
C GLY F 2043 -18.01 45.31 74.82
N ILE F 2044 -19.18 44.85 74.35
CA ILE F 2044 -19.46 44.83 72.92
C ILE F 2044 -19.47 46.25 72.34
N GLN F 2045 -20.12 47.18 73.03
CA GLN F 2045 -20.17 48.57 72.61
C GLN F 2045 -19.44 49.44 73.62
N LEU F 2046 -18.57 50.32 73.14
CA LEU F 2046 -17.83 51.21 74.02
C LEU F 2046 -18.75 52.21 74.71
N GLU F 2088 -3.32 53.80 79.58
CA GLU F 2088 -4.20 52.64 79.53
C GLU F 2088 -3.34 51.37 79.46
N LYS F 2089 -2.16 51.46 80.08
CA LYS F 2089 -1.30 50.28 80.18
C LYS F 2089 -1.97 49.19 80.99
N LYS F 2090 -2.62 49.56 82.09
CA LYS F 2090 -3.39 48.60 82.86
C LYS F 2090 -4.64 48.21 82.08
N PRO F 2091 -4.97 46.93 81.98
CA PRO F 2091 -6.20 46.53 81.26
C PRO F 2091 -7.47 47.12 81.86
N GLN F 2092 -7.48 47.36 83.16
CA GLN F 2092 -8.56 47.98 83.93
C GLN F 2092 -9.83 47.14 83.97
N SER F 2093 -9.83 45.93 83.40
CA SER F 2093 -10.99 45.06 83.45
C SER F 2093 -10.55 43.62 83.29
N LEU F 2094 -11.39 42.71 83.79
CA LEU F 2094 -11.05 41.29 83.75
C LEU F 2094 -10.93 40.79 82.32
N GLN F 2095 -11.85 41.21 81.45
CA GLN F 2095 -11.83 40.75 80.06
C GLN F 2095 -10.57 41.19 79.34
N GLU F 2096 -10.22 42.47 79.46
CA GLU F 2096 -9.00 42.98 78.83
C GLU F 2096 -7.78 42.32 79.44
N LEU F 2097 -7.77 42.10 80.75
CA LEU F 2097 -6.64 41.45 81.39
C LEU F 2097 -6.44 40.04 80.84
N VAL F 2098 -7.52 39.26 80.73
CA VAL F 2098 -7.39 37.90 80.22
C VAL F 2098 -6.94 37.92 78.76
N SER F 2099 -7.50 38.82 77.96
CA SER F 2099 -7.12 38.88 76.54
C SER F 2099 -5.63 39.20 76.39
N HIS F 2100 -5.17 40.26 77.05
CA HIS F 2100 -3.76 40.64 76.95
CA HIS F 2100 -3.76 40.64 76.95
C HIS F 2100 -2.87 39.54 77.51
N MET F 2101 -3.28 38.91 78.60
CA MET F 2101 -2.51 37.83 79.20
C MET F 2101 -2.35 36.65 78.26
N VAL F 2102 -3.44 36.23 77.61
CA VAL F 2102 -3.35 35.10 76.68
C VAL F 2102 -2.47 35.46 75.49
N VAL F 2103 -2.68 36.64 74.91
CA VAL F 2103 -1.88 37.04 73.76
C VAL F 2103 -0.40 37.13 74.15
N ARG F 2104 -0.11 37.62 75.36
CA ARG F 2104 1.28 37.79 75.76
C ARG F 2104 1.95 36.45 76.01
N TRP F 2105 1.23 35.50 76.61
CA TRP F 2105 1.82 34.17 76.78
C TRP F 2105 2.13 33.55 75.43
N ALA F 2106 1.18 33.62 74.49
CA ALA F 2106 1.38 33.02 73.18
C ALA F 2106 2.51 33.70 72.42
N GLN F 2107 2.65 35.02 72.60
CA GLN F 2107 3.75 35.74 71.97
C GLN F 2107 5.08 35.39 72.60
N GLU F 2108 5.07 35.13 73.92
CA GLU F 2108 6.32 34.85 74.62
C GLU F 2108 6.87 33.48 74.26
N ASP F 2109 6.02 32.46 74.20
CA ASP F 2109 6.55 31.14 73.93
C ASP F 2109 5.53 30.28 73.19
N TYR F 2110 6.05 29.36 72.39
CA TYR F 2110 5.22 28.34 71.76
C TYR F 2110 4.73 27.37 72.83
N VAL F 2111 3.42 27.30 73.01
CA VAL F 2111 2.81 26.48 74.05
C VAL F 2111 2.87 25.02 73.61
N GLN F 2112 3.45 24.18 74.45
CA GLN F 2112 3.56 22.76 74.12
C GLN F 2112 2.32 21.98 74.54
N SER F 2113 1.69 22.39 75.62
CA SER F 2113 0.58 21.60 76.16
C SER F 2113 -0.69 21.85 75.36
N PRO F 2114 -1.25 20.84 74.71
CA PRO F 2114 -2.53 21.03 74.01
C PRO F 2114 -3.65 21.47 74.92
N GLU F 2115 -3.69 20.93 76.14
CA GLU F 2115 -4.71 21.36 77.09
C GLU F 2115 -4.55 22.83 77.43
N LEU F 2116 -3.31 23.28 77.64
CA LEU F 2116 -3.07 24.68 77.98
C LEU F 2116 -3.48 25.60 76.83
N VAL F 2117 -3.09 25.26 75.60
CA VAL F 2117 -3.40 26.15 74.49
C VAL F 2117 -4.91 26.18 74.24
N ARG F 2118 -5.56 25.02 74.35
CA ARG F 2118 -7.02 24.98 74.21
C ARG F 2118 -7.69 25.84 75.27
N ALA F 2119 -7.23 25.74 76.53
CA ALA F 2119 -7.84 26.51 77.60
C ALA F 2119 -7.66 28.01 77.38
N MET F 2120 -6.45 28.45 77.01
CA MET F 2120 -6.22 29.88 76.87
C MET F 2120 -6.99 30.44 75.69
N PHE F 2121 -7.09 29.70 74.59
CA PHE F 2121 -7.85 30.20 73.45
C PHE F 2121 -9.35 30.19 73.74
N SER F 2122 -9.83 29.21 74.50
CA SER F 2122 -11.23 29.25 74.93
C SER F 2122 -11.50 30.49 75.78
N LEU F 2123 -10.59 30.80 76.71
CA LEU F 2123 -10.75 32.00 77.52
C LEU F 2123 -10.76 33.26 76.66
N LEU F 2124 -9.84 33.33 75.70
CA LEU F 2124 -9.77 34.50 74.83
C LEU F 2124 -11.05 34.67 74.03
N HIS F 2125 -11.59 33.56 73.50
CA HIS F 2125 -12.85 33.63 72.76
C HIS F 2125 -13.98 34.09 73.66
N ARG F 2126 -14.03 33.60 74.90
CA ARG F 2126 -15.07 34.04 75.82
C ARG F 2126 -14.97 35.53 76.09
N GLN F 2127 -13.75 36.05 76.26
CA GLN F 2127 -13.59 37.48 76.49
C GLN F 2127 -14.01 38.29 75.27
N TYR F 2128 -13.73 37.77 74.07
CA TYR F 2128 -14.00 38.58 72.87
C TYR F 2128 -15.49 38.62 72.53
N ASP F 2129 -16.25 37.57 72.87
CA ASP F 2129 -17.68 37.54 72.55
C ASP F 2129 -18.49 37.31 73.83
N GLY F 2130 -18.69 38.40 74.58
CA GLY F 2130 -19.54 38.32 75.75
C GLY F 2130 -21.01 38.20 75.37
N LEU F 2131 -21.43 38.91 74.32
CA LEU F 2131 -22.80 38.80 73.86
C LEU F 2131 -23.09 37.39 73.35
N GLY F 2132 -22.14 36.80 72.63
CA GLY F 2132 -22.32 35.42 72.20
C GLY F 2132 -22.37 34.45 73.36
N GLU F 2133 -21.52 34.66 74.37
CA GLU F 2133 -21.58 33.82 75.56
C GLU F 2133 -22.94 33.92 76.24
N LEU F 2134 -23.46 35.14 76.38
CA LEU F 2134 -24.77 35.33 77.00
C LEU F 2134 -25.87 34.71 76.15
N LEU F 2135 -25.76 34.82 74.83
CA LEU F 2135 -26.74 34.20 73.94
C LEU F 2135 -26.77 32.69 74.11
N ARG F 2136 -25.61 32.06 74.21
CA ARG F 2136 -25.60 30.61 74.39
C ARG F 2136 -26.05 30.21 75.79
N ALA F 2137 -25.82 31.08 76.78
CA ALA F 2137 -26.19 30.73 78.15
C ALA F 2137 -27.68 30.92 78.39
N LEU F 2138 -28.31 31.87 77.70
CA LEU F 2138 -29.70 32.20 77.99
C LEU F 2138 -30.66 31.02 77.86
N PRO F 2139 -30.56 30.14 76.87
CA PRO F 2139 -31.49 29.00 76.84
C PRO F 2139 -31.46 28.15 78.10
N ARG F 2140 -30.32 28.14 78.80
CA ARG F 2140 -30.24 27.41 80.05
C ARG F 2140 -30.92 28.16 81.18
N ALA F 2141 -31.14 29.46 81.01
CA ALA F 2141 -31.69 30.28 82.08
C ALA F 2141 -33.19 30.03 82.23
N TYR F 2142 -33.66 30.11 83.46
CA TYR F 2142 -35.07 29.92 83.78
C TYR F 2142 -35.40 30.68 85.06
N THR F 2143 -36.64 31.15 85.14
CA THR F 2143 -37.12 31.90 86.30
C THR F 2143 -38.32 31.18 86.89
N ILE F 2144 -38.32 31.02 88.21
CA ILE F 2144 -39.38 30.32 88.93
C ILE F 2144 -39.86 31.20 90.07
N SER F 2145 -41.08 30.93 90.52
CA SER F 2145 -41.64 31.63 91.65
C SER F 2145 -40.94 31.21 92.93
N PRO F 2146 -40.85 32.10 93.93
CA PRO F 2146 -40.19 31.72 95.18
C PRO F 2146 -40.87 30.57 95.91
N SER F 2147 -42.15 30.33 95.63
CA SER F 2147 -42.86 29.22 96.29
C SER F 2147 -42.29 27.88 95.86
N SER F 2148 -41.93 27.74 94.59
CA SER F 2148 -41.48 26.45 94.08
C SER F 2148 -39.99 26.24 94.31
N VAL F 2149 -39.37 27.11 95.11
CA VAL F 2149 -37.92 27.05 95.30
C VAL F 2149 -37.51 25.74 95.95
N GLU F 2150 -38.17 25.37 97.04
CA GLU F 2150 -37.77 24.18 97.79
C GLU F 2150 -37.98 22.91 96.98
N ASP F 2151 -39.14 22.79 96.33
CA ASP F 2151 -39.42 21.60 95.54
C ASP F 2151 -38.47 21.50 94.34
N THR F 2152 -38.23 22.62 93.67
CA THR F 2152 -37.24 22.63 92.59
C THR F 2152 -35.87 22.26 93.11
N MET F 2153 -35.57 22.64 94.35
CA MET F 2153 -34.25 22.38 94.90
C MET F 2153 -34.07 20.89 95.16
N SER F 2154 -35.13 20.24 95.68
CA SER F 2154 -35.11 18.79 95.85
C SER F 2154 -34.99 18.09 94.50
N LEU F 2155 -35.69 18.60 93.49
CA LEU F 2155 -35.56 18.05 92.14
C LEU F 2155 -34.12 18.14 91.65
N LEU F 2156 -33.46 19.28 91.90
CA LEU F 2156 -32.07 19.43 91.53
C LEU F 2156 -31.18 18.44 92.28
N GLU F 2157 -31.48 18.20 93.56
CA GLU F 2157 -30.73 17.20 94.31
C GLU F 2157 -30.84 15.82 93.68
N CYS F 2158 -32.07 15.41 93.32
CA CYS F 2158 -32.25 14.10 92.70
C CYS F 2158 -31.55 14.04 91.34
N LEU F 2159 -31.60 15.12 90.57
CA LEU F 2159 -30.91 15.14 89.28
C LEU F 2159 -29.39 15.03 89.48
N GLY F 2160 -28.87 15.65 90.53
CA GLY F 2160 -27.46 15.50 90.84
C GLY F 2160 -27.10 14.07 91.22
N GLN F 2161 -27.96 13.42 92.00
CA GLN F 2161 -27.74 12.01 92.31
C GLN F 2161 -27.71 11.17 91.03
N ILE F 2162 -28.61 11.46 90.09
CA ILE F 2162 -28.62 10.72 88.84
C ILE F 2162 -27.33 10.95 88.06
N ARG F 2163 -26.91 12.21 87.93
CA ARG F 2163 -25.71 12.51 87.15
C ARG F 2163 -24.46 11.95 87.82
N SER F 2164 -24.51 11.73 89.14
CA SER F 2164 -23.33 11.22 89.84
C SER F 2164 -23.04 9.78 89.47
N LEU F 2165 -24.05 9.03 89.03
CA LEU F 2165 -23.86 7.59 88.82
C LEU F 2165 -23.45 7.28 87.39
N LEU F 2166 -23.57 8.25 86.48
CA LEU F 2166 -23.17 8.00 85.10
C LEU F 2166 -21.67 7.70 85.01
N ILE F 2167 -20.86 8.41 85.80
CA ILE F 2167 -19.43 8.13 85.83
C ILE F 2167 -19.15 6.83 86.58
N VAL F 2168 -20.13 6.34 87.33
CA VAL F 2168 -19.94 5.11 88.09
C VAL F 2168 -20.39 3.92 87.25
N GLN F 2169 -19.60 2.85 87.30
CA GLN F 2169 -19.97 1.63 86.59
C GLN F 2169 -21.27 1.08 87.15
N MET F 2170 -22.17 0.67 86.26
CA MET F 2170 -23.53 0.40 86.66
C MET F 2170 -23.63 -0.92 87.41
N GLY F 2171 -24.32 -0.90 88.55
CA GLY F 2171 -24.45 -2.07 89.39
C GLY F 2171 -25.80 -2.13 90.08
N PRO F 2172 -26.00 -3.14 90.94
CA PRO F 2172 -27.32 -3.31 91.57
C PRO F 2172 -27.70 -2.20 92.54
N GLN F 2173 -26.82 -1.86 93.48
CA GLN F 2173 -27.16 -0.80 94.43
C GLN F 2173 -27.29 0.54 93.72
N GLU F 2174 -26.42 0.80 92.74
CA GLU F 2174 -26.55 1.99 91.93
C GLU F 2174 -27.88 2.02 91.21
N GLU F 2175 -28.34 0.86 90.74
CA GLU F 2175 -29.64 0.78 90.08
C GLU F 2175 -30.77 1.09 91.05
N ASN F 2176 -30.69 0.58 92.27
CA ASN F 2176 -31.71 0.91 93.26
C ASN F 2176 -31.74 2.41 93.53
N LEU F 2177 -30.55 3.02 93.65
CA LEU F 2177 -30.50 4.46 93.91
C LEU F 2177 -31.06 5.26 92.74
N MET F 2178 -30.75 4.83 91.51
CA MET F 2178 -31.33 5.49 90.33
C MET F 2178 -32.84 5.36 90.29
N ILE F 2179 -33.36 4.17 90.61
CA ILE F 2179 -34.81 4.00 90.63
C ILE F 2179 -35.44 4.94 91.65
N GLN F 2180 -34.83 5.04 92.84
CA GLN F 2180 -35.35 5.94 93.85
C GLN F 2180 -35.32 7.39 93.38
N SER F 2181 -34.20 7.80 92.77
CA SER F 2181 -34.08 9.18 92.32
C SER F 2181 -35.10 9.51 91.23
N ILE F 2182 -35.26 8.60 90.27
CA ILE F 2182 -36.24 8.81 89.20
C ILE F 2182 -37.64 8.91 89.78
N GLY F 2183 -37.97 8.02 90.72
CA GLY F 2183 -39.28 8.07 91.34
C GLY F 2183 -39.52 9.37 92.07
N ASN F 2184 -38.49 9.87 92.78
CA ASN F 2184 -38.62 11.16 93.44
C ASN F 2184 -38.86 12.28 92.44
N ILE F 2185 -38.17 12.22 91.29
CA ILE F 2185 -38.38 13.26 90.27
C ILE F 2185 -39.81 13.23 89.75
N MET F 2186 -40.34 12.03 89.46
CA MET F 2186 -41.72 11.96 89.00
C MET F 2186 -42.67 12.46 90.07
N ASN F 2187 -42.41 12.14 91.33
CA ASN F 2187 -43.29 12.58 92.41
C ASN F 2187 -43.26 14.10 92.59
N ASN F 2188 -42.21 14.74 92.08
CA ASN F 2188 -42.07 16.19 92.24
C ASN F 2188 -43.05 16.93 91.34
N LYS F 2189 -43.71 17.94 91.92
CA LYS F 2189 -44.70 18.70 91.16
C LYS F 2189 -44.03 19.69 90.21
N VAL F 2190 -42.81 20.12 90.53
CA VAL F 2190 -42.08 21.01 89.63
C VAL F 2190 -41.77 20.30 88.32
N PHE F 2191 -41.61 18.97 88.38
CA PHE F 2191 -41.41 18.19 87.16
C PHE F 2191 -42.66 18.23 86.28
N TYR F 2192 -43.80 18.60 86.87
CA TYR F 2192 -45.03 18.71 86.09
C TYR F 2192 -45.24 20.13 85.60
N GLN F 2193 -45.00 21.11 86.47
CA GLN F 2193 -45.40 22.48 86.19
C GLN F 2193 -44.45 23.17 85.22
N HIS F 2194 -43.21 22.70 85.12
CA HIS F 2194 -42.19 23.35 84.29
C HIS F 2194 -41.51 22.32 83.39
N PRO F 2195 -42.25 21.78 82.41
CA PRO F 2195 -41.60 20.89 81.43
C PRO F 2195 -40.50 21.59 80.65
N ASN F 2196 -40.62 22.91 80.44
CA ASN F 2196 -39.54 23.64 79.79
C ASN F 2196 -38.28 23.66 80.64
N LEU F 2197 -38.43 23.82 81.96
CA LEU F 2197 -37.27 23.74 82.84
C LEU F 2197 -36.67 22.34 82.82
N MET F 2198 -37.52 21.31 82.80
CA MET F 2198 -37.00 19.95 82.67
C MET F 2198 -36.23 19.76 81.37
N ARG F 2199 -36.74 20.31 80.27
CA ARG F 2199 -36.04 20.21 78.99
C ARG F 2199 -34.70 20.93 79.04
N ALA F 2200 -34.68 22.13 79.64
CA ALA F 2200 -33.44 22.89 79.72
C ALA F 2200 -32.41 22.17 80.57
N LEU F 2201 -32.85 21.51 81.65
CA LEU F 2201 -31.92 20.75 82.48
C LEU F 2201 -31.36 19.56 81.73
N GLY F 2202 -32.06 19.10 80.69
CA GLY F 2202 -31.60 17.94 79.95
C GLY F 2202 -31.80 16.63 80.68
N MET F 2203 -32.71 16.58 81.65
CA MET F 2203 -32.88 15.36 82.44
C MET F 2203 -33.40 14.21 81.59
N HIS F 2204 -34.20 14.51 80.57
CA HIS F 2204 -34.63 13.45 79.67
C HIS F 2204 -33.43 12.87 78.92
N GLU F 2205 -32.52 13.72 78.48
CA GLU F 2205 -31.29 13.22 77.88
C GLU F 2205 -30.50 12.37 78.86
N THR F 2206 -30.41 12.82 80.12
CA THR F 2206 -29.64 12.09 81.12
C THR F 2206 -30.21 10.69 81.35
N VAL F 2207 -31.52 10.60 81.54
CA VAL F 2207 -32.16 9.30 81.69
C VAL F 2207 -31.97 8.49 80.42
N MET F 2208 -31.88 9.16 79.27
CA MET F 2208 -31.63 8.42 78.05
C MET F 2208 -30.22 7.81 78.03
N GLU F 2209 -29.21 8.55 78.49
CA GLU F 2209 -27.89 7.92 78.46
C GLU F 2209 -27.77 6.80 79.49
N VAL F 2210 -28.46 6.89 80.62
CA VAL F 2210 -28.42 5.75 81.52
C VAL F 2210 -29.12 4.55 80.87
N MET F 2211 -30.26 4.80 80.20
CA MET F 2211 -30.88 3.79 79.35
C MET F 2211 -29.87 3.15 78.40
N VAL F 2212 -29.17 3.97 77.63
CA VAL F 2212 -28.40 3.43 76.51
C VAL F 2212 -27.14 2.74 77.01
N ASN F 2213 -26.58 3.20 78.12
CA ASN F 2213 -25.48 2.44 78.73
C ASN F 2213 -25.97 1.07 79.17
N VAL F 2214 -27.07 1.02 79.92
CA VAL F 2214 -27.58 -0.25 80.40
C VAL F 2214 -27.88 -1.18 79.23
N LEU F 2215 -28.47 -0.65 78.16
CA LEU F 2215 -28.82 -1.49 77.02
C LEU F 2215 -27.59 -1.92 76.24
N GLY F 2216 -26.81 -0.95 75.74
CA GLY F 2216 -25.70 -1.28 74.86
C GLY F 2216 -24.58 -2.02 75.58
N GLY F 2217 -24.69 -2.19 76.89
CA GLY F 2217 -23.81 -3.08 77.62
C GLY F 2217 -24.34 -4.50 77.51
N GLY F 2218 -23.77 -5.26 76.58
CA GLY F 2218 -24.13 -6.65 76.40
C GLY F 2218 -25.61 -6.93 76.19
N GLU F 2219 -26.22 -6.30 75.19
CA GLU F 2219 -27.67 -6.41 75.00
C GLU F 2219 -28.11 -7.84 74.73
N THR F 2220 -27.51 -8.48 73.72
CA THR F 2220 -28.05 -9.75 73.23
C THR F 2220 -27.76 -10.90 74.18
N LYS F 2221 -26.55 -10.92 74.75
CA LYS F 2221 -26.16 -12.02 75.63
C LYS F 2221 -27.04 -12.08 76.88
N GLU F 2222 -27.36 -10.93 77.46
CA GLU F 2222 -28.17 -10.89 78.66
C GLU F 2222 -28.82 -9.53 78.79
N ILE F 2223 -29.98 -9.50 79.45
CA ILE F 2223 -30.66 -8.27 79.79
C ILE F 2223 -30.49 -8.04 81.29
N ARG F 2224 -29.83 -6.95 81.64
CA ARG F 2224 -29.51 -6.66 83.03
C ARG F 2224 -30.07 -5.29 83.39
N PHE F 2225 -30.48 -5.16 84.66
CA PHE F 2225 -31.19 -3.99 85.17
C PHE F 2225 -32.49 -3.75 84.39
N PRO F 2226 -33.34 -4.78 84.26
CA PRO F 2226 -34.62 -4.58 83.60
C PRO F 2226 -35.51 -3.59 84.33
N LYS F 2227 -35.42 -3.55 85.66
CA LYS F 2227 -36.16 -2.54 86.41
C LYS F 2227 -35.62 -1.14 86.13
N MET F 2228 -34.32 -1.03 85.85
CA MET F 2228 -33.80 0.21 85.29
C MET F 2228 -34.48 0.58 83.99
N VAL F 2229 -34.67 -0.39 83.10
CA VAL F 2229 -35.32 -0.09 81.82
C VAL F 2229 -36.76 0.37 82.05
N THR F 2230 -37.48 -0.30 82.95
CA THR F 2230 -38.87 0.08 83.23
C THR F 2230 -38.95 1.47 83.82
N SER F 2231 -38.08 1.81 84.77
CA SER F 2231 -38.08 3.15 85.31
C SER F 2231 -37.68 4.17 84.24
N CYS F 2232 -36.82 3.75 83.31
CA CYS F 2232 -36.42 4.63 82.21
C CYS F 2232 -37.61 5.00 81.33
N CYS F 2233 -38.50 4.04 81.02
CA CYS F 2233 -39.82 4.51 80.61
C CYS F 2233 -40.44 5.41 81.64
N ARG F 2234 -40.82 4.90 82.80
CA ARG F 2234 -41.67 5.68 83.69
C ARG F 2234 -41.35 7.16 83.53
N PHE F 2235 -40.06 7.50 83.67
CA PHE F 2235 -39.62 8.87 83.45
C PHE F 2235 -39.84 9.32 82.00
N LEU F 2236 -39.17 8.69 81.02
CA LEU F 2236 -39.16 9.22 79.65
C LEU F 2236 -40.50 9.03 78.95
N CYS F 2237 -41.06 7.83 79.06
CA CYS F 2237 -42.41 7.56 78.59
C CYS F 2237 -43.41 8.59 79.14
N TYR F 2238 -43.37 8.91 80.43
CA TYR F 2238 -44.35 9.88 80.91
C TYR F 2238 -43.94 11.29 80.45
N PHE F 2239 -42.64 11.54 80.37
CA PHE F 2239 -42.13 12.80 79.83
C PHE F 2239 -42.72 13.09 78.47
N CYS F 2240 -42.78 12.08 77.61
CA CYS F 2240 -43.55 12.19 76.39
C CYS F 2240 -44.99 12.57 76.70
N ARG F 2241 -45.59 11.92 77.69
CA ARG F 2241 -47.00 12.19 77.98
C ARG F 2241 -47.23 13.65 78.43
N ILE F 2242 -46.22 14.31 78.99
CA ILE F 2242 -46.47 15.62 79.62
C ILE F 2242 -46.71 16.69 78.56
N SER F 2243 -45.72 16.95 77.72
CA SER F 2243 -45.77 18.08 76.81
C SER F 2243 -45.33 17.65 75.41
N ARG F 2244 -45.80 18.39 74.40
CA ARG F 2244 -45.50 18.04 73.02
C ARG F 2244 -44.11 18.51 72.59
N GLN F 2245 -43.59 19.57 73.22
CA GLN F 2245 -42.18 19.86 73.00
C GLN F 2245 -41.31 18.73 73.53
N ASN F 2246 -41.70 18.17 74.68
CA ASN F 2246 -41.06 16.96 75.18
C ASN F 2246 -41.24 15.82 74.19
N GLN F 2247 -42.43 15.70 73.61
CA GLN F 2247 -42.67 14.66 72.60
C GLN F 2247 -41.75 14.82 71.41
N ARG F 2248 -41.55 16.06 70.95
CA ARG F 2248 -40.65 16.30 69.83
C ARG F 2248 -39.21 15.94 70.19
N SER F 2249 -38.77 16.36 71.38
CA SER F 2249 -37.42 16.04 71.82
C SER F 2249 -37.21 14.53 71.88
N MET F 2250 -38.22 13.79 72.31
CA MET F 2250 -38.12 12.33 72.31
C MET F 2250 -38.22 11.78 70.89
N PHE F 2251 -38.94 12.48 70.01
CA PHE F 2251 -39.05 12.06 68.62
C PHE F 2251 -37.69 12.10 67.94
N ASP F 2252 -36.86 13.06 68.30
CA ASP F 2252 -35.51 13.10 67.75
C ASP F 2252 -34.75 11.83 68.10
N HIS F 2253 -35.08 11.20 69.23
CA HIS F 2253 -34.40 9.98 69.64
C HIS F 2253 -35.18 8.74 69.21
N LEU F 2254 -36.32 8.93 68.56
CA LEU F 2254 -37.21 7.80 68.28
C LEU F 2254 -36.57 6.80 67.34
N SER F 2255 -35.73 7.26 66.41
CA SER F 2255 -35.09 6.35 65.48
C SER F 2255 -34.22 5.33 66.21
N TYR F 2256 -33.48 5.77 67.21
CA TYR F 2256 -32.63 4.86 67.97
C TYR F 2256 -33.49 4.04 68.93
N LEU F 2257 -34.50 4.67 69.52
CA LEU F 2257 -35.41 3.96 70.42
C LEU F 2257 -36.06 2.78 69.70
N LEU F 2258 -36.30 2.91 68.39
CA LEU F 2258 -36.87 1.80 67.64
C LEU F 2258 -35.90 0.61 67.59
N GLU F 2259 -34.61 0.87 67.39
CA GLU F 2259 -33.65 -0.22 67.40
C GLU F 2259 -33.51 -0.81 68.80
N ASN F 2260 -33.75 0.00 69.83
CA ASN F 2260 -33.80 -0.56 71.18
C ASN F 2260 -35.04 -1.42 71.39
N SER F 2261 -36.09 -1.17 70.59
CA SER F 2261 -37.38 -1.81 70.85
C SER F 2261 -37.33 -3.31 70.59
N GLY F 2262 -36.31 -3.78 69.86
CA GLY F 2262 -36.28 -5.18 69.49
C GLY F 2262 -36.15 -6.12 70.67
N ILE F 2263 -35.18 -5.87 71.55
CA ILE F 2263 -34.90 -6.80 72.64
C ILE F 2263 -35.69 -6.43 73.88
N GLY F 2264 -35.96 -5.13 74.07
CA GLY F 2264 -36.76 -4.72 75.21
C GLY F 2264 -38.18 -5.25 75.15
N LEU F 2265 -38.63 -5.63 73.94
CA LEU F 2265 -39.96 -6.20 73.81
C LEU F 2265 -40.07 -7.52 74.56
N GLY F 2266 -39.03 -8.36 74.47
CA GLY F 2266 -39.02 -9.59 75.25
C GLY F 2266 -39.01 -9.31 76.75
N MET F 2267 -38.38 -8.22 77.15
CA MET F 2267 -38.40 -7.82 78.55
C MET F 2267 -39.80 -7.33 78.93
N GLN F 2268 -40.19 -7.59 80.17
CA GLN F 2268 -41.55 -7.37 80.62
CA GLN F 2268 -41.54 -7.36 80.64
C GLN F 2268 -41.84 -5.88 80.85
N GLY F 2269 -43.12 -5.55 80.87
CA GLY F 2269 -43.53 -4.20 81.21
C GLY F 2269 -43.14 -3.17 80.14
N SER F 2270 -42.74 -1.99 80.60
CA SER F 2270 -42.48 -0.87 79.70
C SER F 2270 -41.20 -1.09 78.92
N THR F 2271 -41.21 -0.65 77.66
CA THR F 2271 -40.12 -0.88 76.72
C THR F 2271 -39.80 0.39 75.94
N PRO F 2272 -38.63 0.44 75.31
CA PRO F 2272 -38.35 1.55 74.38
C PRO F 2272 -39.35 1.63 73.25
N LEU F 2273 -40.00 0.52 72.90
CA LEU F 2273 -41.11 0.60 71.95
C LEU F 2273 -42.23 1.43 72.54
N ASP F 2274 -42.50 1.28 73.84
CA ASP F 2274 -43.47 2.18 74.48
C ASP F 2274 -42.97 3.62 74.49
N VAL F 2275 -41.66 3.83 74.63
CA VAL F 2275 -41.14 5.19 74.54
C VAL F 2275 -41.50 5.79 73.18
N ALA F 2276 -41.19 5.06 72.11
CA ALA F 2276 -41.44 5.57 70.76
C ALA F 2276 -42.93 5.76 70.51
N ALA F 2277 -43.76 4.83 71.01
CA ALA F 2277 -45.20 4.96 70.84
C ALA F 2277 -45.73 6.20 71.55
N ALA F 2278 -45.24 6.46 72.77
CA ALA F 2278 -45.66 7.65 73.48
C ALA F 2278 -45.16 8.91 72.78
N SER F 2279 -44.05 8.80 72.04
CA SER F 2279 -43.54 9.96 71.32
C SER F 2279 -44.49 10.39 70.20
N VAL F 2280 -45.00 9.44 69.41
CA VAL F 2280 -45.74 9.79 68.21
C VAL F 2280 -47.21 10.07 68.51
N ILE F 2281 -47.74 9.44 69.55
CA ILE F 2281 -49.19 9.43 69.75
C ILE F 2281 -49.69 10.85 69.99
N ASP F 2282 -50.89 11.13 69.44
CA ASP F 2282 -51.64 12.39 69.56
C ASP F 2282 -51.04 13.51 68.72
N ASN F 2283 -49.96 13.28 67.98
CA ASN F 2283 -49.33 14.31 67.17
C ASN F 2283 -49.39 13.91 65.70
N ASN F 2284 -50.33 14.52 64.97
CA ASN F 2284 -50.39 14.29 63.53
C ASN F 2284 -49.11 14.76 62.85
N GLU F 2285 -48.55 15.87 63.32
CA GLU F 2285 -47.32 16.40 62.75
C GLU F 2285 -46.14 15.46 62.99
N LEU F 2286 -46.04 14.91 64.20
CA LEU F 2286 -45.00 13.92 64.45
C LEU F 2286 -45.22 12.66 63.64
N ALA F 2287 -46.47 12.29 63.41
CA ALA F 2287 -46.76 11.16 62.53
C ALA F 2287 -46.30 11.45 61.11
N LEU F 2288 -46.53 12.67 60.62
CA LEU F 2288 -46.08 13.03 59.29
C LEU F 2288 -44.57 13.04 59.19
N ALA F 2289 -43.89 13.56 60.22
CA ALA F 2289 -42.43 13.61 60.20
C ALA F 2289 -41.83 12.23 60.37
N LEU F 2290 -42.65 11.24 60.73
CA LEU F 2290 -42.15 9.90 60.96
C LEU F 2290 -41.63 9.31 59.65
N GLN F 2291 -40.48 8.65 59.72
CA GLN F 2291 -39.78 8.25 58.50
C GLN F 2291 -40.31 6.92 57.97
N GLU F 2292 -40.38 6.84 56.63
CA GLU F 2292 -40.72 5.58 55.99
C GLU F 2292 -39.67 4.52 56.28
N GLN F 2293 -38.41 4.95 56.47
CA GLN F 2293 -37.37 4.00 56.87
C GLN F 2293 -37.66 3.47 58.27
N ASP F 2294 -38.14 4.33 59.17
CA ASP F 2294 -38.54 3.88 60.49
C ASP F 2294 -39.68 2.87 60.40
N LEU F 2295 -40.68 3.16 59.57
CA LEU F 2295 -41.77 2.21 59.36
C LEU F 2295 -41.24 0.90 58.81
N GLU F 2296 -40.28 0.96 57.89
CA GLU F 2296 -39.70 -0.24 57.32
C GLU F 2296 -39.00 -1.06 58.40
N LYS F 2297 -38.28 -0.40 59.30
CA LYS F 2297 -37.59 -1.13 60.37
C LYS F 2297 -38.59 -1.80 61.31
N VAL F 2298 -39.68 -1.10 61.64
CA VAL F 2298 -40.70 -1.71 62.48
C VAL F 2298 -41.33 -2.91 61.78
N VAL F 2299 -41.61 -2.78 60.48
CA VAL F 2299 -42.21 -3.88 59.74
C VAL F 2299 -41.24 -5.06 59.65
N SER F 2300 -39.95 -4.77 59.54
CA SER F 2300 -38.96 -5.84 59.53
C SER F 2300 -38.93 -6.57 60.86
N TYR F 2301 -39.03 -5.82 61.97
CA TYR F 2301 -39.13 -6.45 63.28
C TYR F 2301 -40.36 -7.35 63.37
N LEU F 2302 -41.49 -6.85 62.89
CA LEU F 2302 -42.72 -7.64 62.92
C LEU F 2302 -42.59 -8.90 62.07
N ALA F 2303 -41.96 -8.78 60.91
CA ALA F 2303 -41.73 -9.94 60.05
C ALA F 2303 -40.84 -10.95 60.73
N GLY F 2304 -39.80 -10.49 61.42
CA GLY F 2304 -38.98 -11.39 62.21
C GLY F 2304 -39.77 -12.12 63.27
N CYS F 2305 -40.70 -11.42 63.92
CA CYS F 2305 -41.59 -12.08 64.87
C CYS F 2305 -42.46 -13.12 64.17
N GLY F 2306 -42.84 -12.86 62.93
CA GLY F 2306 -43.64 -13.82 62.19
C GLY F 2306 -42.89 -15.10 61.87
N LEU F 2307 -41.58 -15.00 61.65
CA LEU F 2307 -40.81 -16.18 61.23
C LEU F 2307 -40.47 -17.08 62.41
N GLN F 2308 -40.01 -16.50 63.51
CA GLN F 2308 -39.41 -17.28 64.60
C GLN F 2308 -40.16 -17.05 65.91
N SER F 2309 -40.24 -18.10 66.71
CA SER F 2309 -40.78 -18.00 68.05
C SER F 2309 -39.78 -17.27 68.96
N CYS F 2310 -40.31 -16.60 69.98
CA CYS F 2310 -39.45 -15.86 70.89
C CYS F 2310 -38.66 -16.85 71.76
N PRO F 2311 -37.42 -16.49 72.14
CA PRO F 2311 -36.60 -17.46 72.88
C PRO F 2311 -37.10 -17.75 74.29
N MET F 2312 -37.67 -16.75 74.97
CA MET F 2312 -38.05 -16.96 76.36
C MET F 2312 -39.19 -17.96 76.49
N LEU F 2313 -40.08 -17.99 75.49
CA LEU F 2313 -41.13 -19.01 75.50
C LEU F 2313 -40.54 -20.41 75.47
N LEU F 2314 -39.52 -20.62 74.64
CA LEU F 2314 -38.82 -21.90 74.62
C LEU F 2314 -38.14 -22.15 75.97
N ALA F 2315 -37.53 -21.12 76.53
CA ALA F 2315 -36.84 -21.27 77.81
C ALA F 2315 -37.81 -21.63 78.92
N LYS F 2316 -38.98 -20.99 78.94
CA LYS F 2316 -39.97 -21.29 79.97
C LYS F 2316 -40.47 -22.73 79.87
N GLY F 2317 -40.30 -23.35 78.70
CA GLY F 2317 -40.86 -24.65 78.45
C GLY F 2317 -42.19 -24.63 77.73
N TYR F 2318 -42.59 -23.49 77.19
CA TYR F 2318 -43.86 -23.39 76.50
C TYR F 2318 -43.86 -24.26 75.25
N PRO F 2319 -44.97 -24.91 74.92
CA PRO F 2319 -45.05 -25.60 73.63
C PRO F 2319 -45.03 -24.59 72.50
N ASP F 2320 -43.93 -24.55 71.77
CA ASP F 2320 -43.64 -23.44 70.87
C ASP F 2320 -44.49 -23.54 69.60
N ILE F 2321 -44.80 -22.37 69.02
CA ILE F 2321 -45.35 -22.32 67.69
C ILE F 2321 -44.27 -21.78 66.75
N GLY F 2322 -44.54 -21.84 65.45
CA GLY F 2322 -43.59 -21.33 64.48
C GLY F 2322 -43.34 -19.84 64.63
N TRP F 2323 -44.27 -19.13 65.25
CA TRP F 2323 -44.24 -17.68 65.32
C TRP F 2323 -44.48 -17.20 66.74
N ASN F 2324 -43.97 -16.00 67.05
CA ASN F 2324 -44.15 -15.39 68.36
C ASN F 2324 -45.20 -14.29 68.27
N PRO F 2325 -46.37 -14.44 68.91
CA PRO F 2325 -47.43 -13.44 68.73
C PRO F 2325 -47.25 -12.19 69.58
N CYS F 2326 -46.55 -12.27 70.72
CA CYS F 2326 -46.50 -11.13 71.63
C CYS F 2326 -45.75 -9.94 71.03
N GLY F 2327 -44.54 -10.18 70.52
CA GLY F 2327 -43.82 -9.10 69.87
C GLY F 2327 -44.54 -8.58 68.66
N GLY F 2328 -45.22 -9.48 67.93
CA GLY F 2328 -46.07 -9.03 66.85
C GLY F 2328 -47.15 -8.08 67.31
N GLU F 2329 -47.80 -8.39 68.44
CA GLU F 2329 -48.82 -7.50 68.96
C GLU F 2329 -48.23 -6.14 69.30
N ARG F 2330 -47.05 -6.14 69.92
CA ARG F 2330 -46.45 -4.86 70.32
C ARG F 2330 -46.11 -4.01 69.11
N TYR F 2331 -45.48 -4.61 68.10
CA TYR F 2331 -45.16 -3.86 66.89
C TYR F 2331 -46.42 -3.40 66.17
N LEU F 2332 -47.45 -4.23 66.17
CA LEU F 2332 -48.70 -3.87 65.52
C LEU F 2332 -49.36 -2.68 66.19
N ASP F 2333 -49.32 -2.63 67.53
CA ASP F 2333 -49.92 -1.49 68.21
C ASP F 2333 -49.08 -0.23 67.98
N PHE F 2334 -47.76 -0.38 67.89
CA PHE F 2334 -46.95 0.78 67.52
C PHE F 2334 -47.32 1.31 66.14
N LEU F 2335 -47.46 0.41 65.17
CA LEU F 2335 -47.85 0.84 63.83
C LEU F 2335 -49.25 1.44 63.84
N ARG F 2336 -50.12 0.92 64.69
CA ARG F 2336 -51.47 1.47 64.81
C ARG F 2336 -51.43 2.91 65.31
N PHE F 2337 -50.58 3.19 66.29
CA PHE F 2337 -50.36 4.57 66.71
C PHE F 2337 -49.79 5.39 65.56
N ALA F 2338 -48.92 4.79 64.76
CA ALA F 2338 -48.31 5.53 63.65
C ALA F 2338 -49.34 5.94 62.61
N VAL F 2339 -50.31 5.06 62.32
CA VAL F 2339 -51.20 5.31 61.19
C VAL F 2339 -52.43 6.11 61.61
N PHE F 2340 -52.87 5.96 62.86
CA PHE F 2340 -54.06 6.61 63.35
C PHE F 2340 -53.68 7.67 64.38
N VAL F 2341 -54.10 8.91 64.15
CA VAL F 2341 -53.85 10.00 65.07
C VAL F 2341 -55.14 10.79 65.26
N ASN F 2342 -55.53 10.98 66.53
CA ASN F 2342 -56.67 11.82 66.88
C ASN F 2342 -57.95 11.37 66.18
N GLY F 2343 -58.13 10.06 66.06
CA GLY F 2343 -59.32 9.53 65.44
C GLY F 2343 -59.39 9.70 63.93
N GLU F 2344 -58.30 10.10 63.30
CA GLU F 2344 -58.25 10.29 61.85
C GLU F 2344 -57.02 9.59 61.30
N SER F 2345 -57.20 8.90 60.18
CA SER F 2345 -56.08 8.21 59.55
C SER F 2345 -55.20 9.19 58.80
N VAL F 2346 -53.89 8.92 58.81
CA VAL F 2346 -52.93 9.68 58.02
C VAL F 2346 -52.57 8.85 56.80
N GLU F 2347 -52.87 9.40 55.61
CA GLU F 2347 -52.81 8.60 54.40
C GLU F 2347 -51.40 8.15 54.06
N GLU F 2348 -50.41 9.03 54.26
CA GLU F 2348 -49.04 8.68 53.87
C GLU F 2348 -48.52 7.51 54.68
N ASN F 2349 -48.59 7.60 56.01
CA ASN F 2349 -48.10 6.53 56.86
C ASN F 2349 -48.95 5.27 56.67
N ALA F 2350 -50.26 5.42 56.49
CA ALA F 2350 -51.10 4.26 56.26
C ALA F 2350 -50.68 3.52 55.00
N ASN F 2351 -50.43 4.26 53.92
CA ASN F 2351 -50.04 3.63 52.67
C ASN F 2351 -48.68 2.96 52.80
N VAL F 2352 -47.71 3.62 53.43
CA VAL F 2352 -46.39 3.00 53.58
C VAL F 2352 -46.49 1.73 54.40
N VAL F 2353 -47.25 1.76 55.50
CA VAL F 2353 -47.40 0.58 56.34
C VAL F 2353 -48.06 -0.55 55.56
N VAL F 2354 -49.11 -0.23 54.80
CA VAL F 2354 -49.83 -1.29 54.09
C VAL F 2354 -48.96 -1.88 52.99
N ARG F 2355 -48.16 -1.05 52.31
CA ARG F 2355 -47.28 -1.58 51.27
C ARG F 2355 -46.21 -2.49 51.86
N LEU F 2356 -45.59 -2.08 52.97
CA LEU F 2356 -44.60 -2.93 53.59
C LEU F 2356 -45.22 -4.24 54.08
N LEU F 2357 -46.41 -4.16 54.68
CA LEU F 2357 -47.07 -5.34 55.20
C LEU F 2357 -47.40 -6.33 54.08
N ILE F 2358 -47.94 -5.82 52.97
CA ILE F 2358 -48.29 -6.71 51.86
C ILE F 2358 -47.04 -7.22 51.17
N ARG F 2359 -45.93 -6.49 51.29
CA ARG F 2359 -44.67 -6.99 50.76
C ARG F 2359 -44.17 -8.18 51.58
N LYS F 2360 -44.38 -8.15 52.89
CA LYS F 2360 -43.97 -9.29 53.72
C LYS F 2360 -45.18 -9.94 54.39
N PRO F 2361 -45.72 -11.03 53.82
CA PRO F 2361 -46.90 -11.66 54.43
C PRO F 2361 -46.64 -12.30 55.79
N GLU F 2362 -45.37 -12.56 56.10
CA GLU F 2362 -45.05 -13.11 57.41
C GLU F 2362 -45.49 -12.17 58.52
N CYS F 2363 -45.58 -10.88 58.22
CA CYS F 2363 -46.18 -9.95 59.16
C CYS F 2363 -47.64 -10.29 59.42
N PHE F 2364 -48.38 -10.66 58.37
CA PHE F 2364 -49.74 -11.12 58.57
C PHE F 2364 -49.77 -12.39 59.40
N GLY F 2365 -48.84 -13.30 59.16
CA GLY F 2365 -48.70 -14.47 60.01
C GLY F 2365 -49.21 -15.74 59.37
N PRO F 2366 -49.21 -16.83 60.14
CA PRO F 2366 -49.61 -18.13 59.57
C PRO F 2366 -51.02 -18.14 58.98
N ALA F 2367 -51.97 -17.48 59.65
CA ALA F 2367 -53.25 -17.22 59.00
C ALA F 2367 -53.11 -16.01 58.11
N LEU F 2368 -53.91 -15.97 57.04
CA LEU F 2368 -53.79 -14.95 56.00
C LEU F 2368 -52.41 -14.99 55.37
N ARG F 2369 -51.76 -16.16 55.44
CA ARG F 2369 -50.45 -16.30 54.83
CA ARG F 2369 -50.45 -16.33 54.83
C ARG F 2369 -50.52 -16.15 53.32
N GLY F 2370 -51.57 -16.67 52.71
CA GLY F 2370 -51.65 -16.72 51.26
C GLY F 2370 -51.47 -18.17 50.82
N GLU F 2371 -50.28 -18.50 50.33
CA GLU F 2371 -50.01 -19.87 49.91
C GLU F 2371 -50.03 -20.79 51.12
N GLY F 2372 -50.95 -21.74 51.11
CA GLY F 2372 -51.01 -22.74 52.18
C GLY F 2372 -51.29 -22.17 53.55
N GLY F 2373 -52.22 -21.21 53.63
CA GLY F 2373 -52.57 -20.57 54.90
C GLY F 2373 -54.04 -20.80 55.22
N SER F 2374 -54.30 -21.13 56.47
CA SER F 2374 -55.66 -21.30 56.94
C SER F 2374 -56.38 -19.95 57.01
N GLY F 2375 -57.71 -20.00 57.01
CA GLY F 2375 -58.48 -18.77 57.11
C GLY F 2375 -58.31 -18.15 58.48
N LEU F 2376 -58.58 -16.84 58.55
CA LEU F 2376 -58.44 -16.14 59.81
C LEU F 2376 -59.46 -16.62 60.84
N LEU F 2377 -60.70 -16.88 60.39
CA LEU F 2377 -61.70 -17.43 61.30
C LEU F 2377 -61.30 -18.80 61.80
N ALA F 2378 -60.76 -19.64 60.91
CA ALA F 2378 -60.31 -20.97 61.32
C ALA F 2378 -59.17 -20.86 62.33
N ALA F 2379 -58.25 -19.92 62.12
CA ALA F 2379 -57.16 -19.73 63.06
C ALA F 2379 -57.66 -19.27 64.42
N ILE F 2380 -58.65 -18.37 64.42
CA ILE F 2380 -59.21 -17.91 65.68
C ILE F 2380 -59.90 -19.06 66.42
N GLU F 2381 -60.64 -19.89 65.69
CA GLU F 2381 -61.28 -21.06 66.30
C GLU F 2381 -60.23 -22.01 66.85
N GLU F 2382 -59.13 -22.20 66.11
CA GLU F 2382 -58.04 -23.04 66.60
C GLU F 2382 -57.43 -22.47 67.87
N ALA F 2383 -57.28 -21.15 67.94
CA ALA F 2383 -56.76 -20.52 69.14
C ALA F 2383 -57.70 -20.73 70.32
N ILE F 2384 -59.01 -20.65 70.08
CA ILE F 2384 -59.98 -20.93 71.15
C ILE F 2384 -59.86 -22.37 71.61
N ARG F 2385 -59.72 -23.30 70.67
CA ARG F 2385 -59.53 -24.71 71.04
C ARG F 2385 -58.25 -24.90 71.84
N ILE F 2386 -57.19 -24.17 71.47
CA ILE F 2386 -55.93 -24.23 72.21
C ILE F 2386 -56.14 -23.74 73.64
N SER F 2387 -56.86 -22.63 73.79
CA SER F 2387 -57.15 -22.13 75.13
C SER F 2387 -57.94 -23.14 75.94
N GLU F 2388 -58.90 -23.81 75.31
CA GLU F 2388 -59.62 -24.89 75.99
C GLU F 2388 -58.68 -26.02 76.40
N ASP F 2389 -57.70 -26.32 75.54
CA ASP F 2389 -56.84 -27.48 75.76
C ASP F 2389 -55.83 -27.18 76.86
N PRO F 2390 -55.83 -27.95 77.95
CA PRO F 2390 -54.81 -27.75 79.00
C PRO F 2390 -53.43 -28.07 78.47
N ALA F 2391 -52.43 -27.34 78.97
CA ALA F 2391 -51.01 -27.48 78.65
C ALA F 2391 -50.69 -27.05 77.22
N ARG F 2392 -51.68 -26.63 76.44
CA ARG F 2392 -51.38 -26.02 75.15
C ARG F 2392 -51.07 -24.54 75.31
N ASP F 2393 -51.87 -23.83 76.10
CA ASP F 2393 -51.59 -22.42 76.36
C ASP F 2393 -50.29 -22.24 77.13
N GLY F 2394 -50.03 -23.10 78.12
CA GLY F 2394 -48.91 -22.93 79.00
C GLY F 2394 -47.99 -24.13 79.05
N PRO F 2395 -46.82 -23.96 79.67
CA PRO F 2395 -45.86 -25.07 79.73
C PRO F 2395 -46.30 -26.20 80.65
N GLY F 2396 -46.81 -25.87 81.83
CA GLY F 2396 -47.15 -26.90 82.80
C GLY F 2396 -45.95 -27.70 83.27
N VAL F 2397 -44.83 -27.04 83.51
CA VAL F 2397 -43.60 -27.71 83.92
C VAL F 2397 -43.79 -28.37 85.28
N PRO F 2410 -52.24 -17.48 86.50
CA PRO F 2410 -51.05 -16.66 86.45
C PRO F 2410 -50.61 -16.13 87.81
N PRO F 2411 -50.08 -17.01 88.67
CA PRO F 2411 -49.63 -16.56 89.99
C PRO F 2411 -48.54 -15.50 89.92
N GLU F 2412 -47.64 -15.59 88.94
CA GLU F 2412 -46.60 -14.58 88.80
C GLU F 2412 -47.11 -13.37 88.02
N GLU F 2413 -48.27 -13.50 87.38
CA GLU F 2413 -48.98 -12.51 86.57
C GLU F 2413 -48.26 -12.26 85.25
N ASN F 2414 -47.07 -12.80 85.05
CA ASN F 2414 -46.40 -12.76 83.76
C ASN F 2414 -46.74 -13.95 82.88
N ARG F 2415 -47.59 -14.86 83.38
CA ARG F 2415 -48.00 -16.01 82.61
C ARG F 2415 -48.72 -15.59 81.34
N VAL F 2416 -48.32 -16.18 80.22
CA VAL F 2416 -48.86 -15.85 78.91
C VAL F 2416 -49.60 -17.07 78.38
N HIS F 2417 -50.84 -16.85 77.93
CA HIS F 2417 -51.65 -17.92 77.35
C HIS F 2417 -51.52 -17.84 75.84
N LEU F 2418 -51.11 -18.95 75.21
CA LEU F 2418 -50.79 -18.93 73.79
C LEU F 2418 -52.03 -18.65 72.94
N GLY F 2419 -53.17 -19.24 73.31
CA GLY F 2419 -54.39 -18.97 72.56
C GLY F 2419 -54.77 -17.50 72.60
N HIS F 2420 -54.74 -16.91 73.78
CA HIS F 2420 -55.04 -15.48 73.90
C HIS F 2420 -54.02 -14.65 73.14
N ALA F 2421 -52.75 -15.08 73.13
CA ALA F 2421 -51.73 -14.34 72.41
C ALA F 2421 -52.01 -14.35 70.91
N ILE F 2422 -52.35 -15.51 70.36
CA ILE F 2422 -52.67 -15.61 68.93
C ILE F 2422 -53.88 -14.75 68.61
N MET F 2423 -54.92 -14.85 69.43
CA MET F 2423 -56.14 -14.08 69.21
C MET F 2423 -55.87 -12.59 69.28
N SER F 2424 -55.06 -12.16 70.24
CA SER F 2424 -54.74 -10.74 70.35
C SER F 2424 -53.90 -10.28 69.17
N PHE F 2425 -52.99 -11.13 68.69
CA PHE F 2425 -52.22 -10.77 67.51
C PHE F 2425 -53.13 -10.53 66.32
N TYR F 2426 -54.05 -11.45 66.07
CA TYR F 2426 -54.93 -11.28 64.91
C TYR F 2426 -55.85 -10.09 65.08
N ALA F 2427 -56.36 -9.87 66.29
CA ALA F 2427 -57.20 -8.70 66.54
C ALA F 2427 -56.42 -7.41 66.30
N ALA F 2428 -55.17 -7.34 66.79
CA ALA F 2428 -54.37 -6.13 66.61
C ALA F 2428 -54.02 -5.91 65.15
N LEU F 2429 -53.68 -6.98 64.44
CA LEU F 2429 -53.37 -6.84 63.02
C LEU F 2429 -54.57 -6.34 62.23
N ILE F 2430 -55.75 -6.89 62.52
CA ILE F 2430 -56.95 -6.47 61.82
C ILE F 2430 -57.31 -5.03 62.19
N ASP F 2431 -57.10 -4.66 63.45
CA ASP F 2431 -57.31 -3.28 63.85
C ASP F 2431 -56.38 -2.33 63.09
N LEU F 2432 -55.10 -2.70 62.96
CA LEU F 2432 -54.17 -1.86 62.21
C LEU F 2432 -54.59 -1.74 60.76
N LEU F 2433 -55.00 -2.86 60.15
CA LEU F 2433 -55.43 -2.83 58.75
C LEU F 2433 -56.66 -1.95 58.58
N GLY F 2434 -57.61 -2.04 59.51
CA GLY F 2434 -58.80 -1.20 59.42
C GLY F 2434 -58.48 0.27 59.59
N ARG F 2435 -57.55 0.60 60.50
CA ARG F 2435 -57.16 1.99 60.67
C ARG F 2435 -56.38 2.49 59.46
N CYS F 2436 -55.72 1.58 58.73
CA CYS F 2436 -54.97 1.99 57.54
C CYS F 2436 -55.90 2.23 56.37
N ALA F 2437 -57.17 1.87 56.50
CA ALA F 2437 -58.10 1.98 55.37
C ALA F 2437 -58.30 3.44 55.00
N PRO F 2438 -58.45 3.75 53.71
CA PRO F 2438 -58.70 5.13 53.31
C PRO F 2438 -60.06 5.61 53.79
N GLU F 2439 -60.17 6.92 53.99
CA GLU F 2439 -61.40 7.50 54.51
C GLU F 2439 -62.45 7.63 53.41
N MET F 2440 -63.69 7.76 53.85
CA MET F 2440 -64.81 7.75 52.91
C MET F 2440 -64.84 9.00 52.05
N HIS F 2441 -64.22 10.10 52.50
CA HIS F 2441 -64.11 11.26 51.63
C HIS F 2441 -63.17 10.99 50.47
N LEU F 2442 -62.04 10.31 50.73
CA LEU F 2442 -61.16 9.90 49.65
C LEU F 2442 -61.85 8.91 48.72
N ILE F 2443 -62.63 7.99 49.29
CA ILE F 2443 -63.33 7.02 48.46
C ILE F 2443 -64.36 7.71 47.57
N GLN F 2444 -65.10 8.68 48.13
CA GLN F 2444 -66.06 9.44 47.33
C GLN F 2444 -65.36 10.24 46.24
N ALA F 2445 -64.18 10.77 46.55
CA ALA F 2445 -63.38 11.44 45.53
C ALA F 2445 -62.94 10.47 44.45
N GLY F 2446 -63.02 9.17 44.73
CA GLY F 2446 -62.64 8.17 43.76
C GLY F 2446 -61.16 8.11 43.46
N LYS F 2447 -60.32 8.48 44.43
CA LYS F 2447 -58.89 8.53 44.16
C LYS F 2447 -58.31 7.13 44.04
N GLY F 2448 -57.49 6.94 43.00
CA GLY F 2448 -57.09 5.59 42.62
C GLY F 2448 -56.30 4.87 43.70
N GLU F 2449 -55.41 5.58 44.38
CA GLU F 2449 -54.65 4.94 45.45
C GLU F 2449 -55.55 4.48 46.58
N ALA F 2450 -56.55 5.29 46.94
CA ALA F 2450 -57.49 4.90 47.99
C ALA F 2450 -58.28 3.67 47.58
N LEU F 2451 -58.79 3.65 46.35
CA LEU F 2451 -59.54 2.49 45.89
C LEU F 2451 -58.66 1.24 45.86
N ARG F 2452 -57.42 1.40 45.41
CA ARG F 2452 -56.50 0.26 45.36
C ARG F 2452 -56.20 -0.28 46.75
N ILE F 2453 -55.97 0.61 47.72
CA ILE F 2453 -55.69 0.16 49.08
C ILE F 2453 -56.90 -0.57 49.66
N ARG F 2454 -58.09 -0.02 49.46
CA ARG F 2454 -59.28 -0.69 49.99
C ARG F 2454 -59.47 -2.05 49.34
N ALA F 2455 -59.20 -2.15 48.03
CA ALA F 2455 -59.29 -3.43 47.35
C ALA F 2455 -58.29 -4.43 47.92
N ILE F 2456 -57.07 -3.97 48.20
CA ILE F 2456 -56.05 -4.86 48.77
C ILE F 2456 -56.51 -5.38 50.12
N LEU F 2457 -57.04 -4.48 50.97
CA LEU F 2457 -57.49 -4.91 52.28
C LEU F 2457 -58.65 -5.90 52.18
N ARG F 2458 -59.60 -5.64 51.28
CA ARG F 2458 -60.73 -6.56 51.10
C ARG F 2458 -60.25 -7.92 50.62
N SER F 2459 -59.28 -7.94 49.71
CA SER F 2459 -58.72 -9.21 49.25
C SER F 2459 -58.02 -9.92 50.40
N LEU F 2460 -57.35 -9.17 51.27
CA LEU F 2460 -56.65 -9.79 52.39
C LEU F 2460 -57.60 -10.45 53.37
N VAL F 2461 -58.64 -9.74 53.81
CA VAL F 2461 -59.50 -10.19 54.89
C VAL F 2461 -60.88 -10.47 54.31
N PRO F 2462 -61.40 -11.69 54.41
CA PRO F 2462 -62.76 -11.97 53.93
C PRO F 2462 -63.83 -11.43 54.86
N LEU F 2463 -64.86 -10.83 54.25
CA LEU F 2463 -66.01 -10.37 55.01
C LEU F 2463 -66.71 -11.54 55.70
N ASP F 2464 -66.73 -12.70 55.06
CA ASP F 2464 -67.28 -13.89 55.70
C ASP F 2464 -66.46 -14.27 56.93
N ASP F 2465 -65.14 -14.13 56.86
CA ASP F 2465 -64.31 -14.40 58.03
C ASP F 2465 -64.63 -13.42 59.16
N LEU F 2466 -64.79 -12.13 58.83
CA LEU F 2466 -65.16 -11.17 59.87
C LEU F 2466 -66.49 -11.53 60.51
N VAL F 2467 -67.49 -11.85 59.69
CA VAL F 2467 -68.82 -12.17 60.22
C VAL F 2467 -68.74 -13.43 61.08
N GLY F 2468 -67.93 -14.41 60.67
CA GLY F 2468 -67.79 -15.61 61.47
C GLY F 2468 -67.15 -15.33 62.81
N ILE F 2469 -66.13 -14.47 62.85
CA ILE F 2469 -65.50 -14.16 64.13
C ILE F 2469 -66.47 -13.40 65.03
N ILE F 2470 -67.24 -12.48 64.46
CA ILE F 2470 -68.23 -11.76 65.25
C ILE F 2470 -69.29 -12.73 65.77
N SER F 2471 -69.62 -13.75 64.98
CA SER F 2471 -70.68 -14.68 65.37
C SER F 2471 -70.16 -15.71 66.36
N LEU F 2472 -68.87 -15.71 66.64
CA LEU F 2472 -68.31 -16.67 67.58
C LEU F 2472 -68.88 -16.43 68.98
N PRO F 2473 -69.29 -17.48 69.69
CA PRO F 2473 -69.86 -17.29 71.02
C PRO F 2473 -68.80 -16.79 72.00
N LEU F 2474 -69.27 -15.99 72.96
CA LEU F 2474 -68.43 -15.45 74.02
C LEU F 2474 -68.81 -16.10 75.34
N GLN F 2475 -67.81 -16.57 76.09
CA GLN F 2475 -68.08 -17.13 77.40
C GLN F 2475 -68.71 -16.07 78.31
N ILE F 2476 -69.81 -16.44 78.94
CA ILE F 2476 -70.59 -15.53 79.77
C ILE F 2476 -70.48 -16.02 81.21
N PRO F 2477 -70.26 -15.14 82.18
CA PRO F 2477 -70.24 -15.57 83.58
C PRO F 2477 -71.55 -16.23 83.94
N THR F 2478 -71.46 -17.33 84.70
CA THR F 2478 -72.62 -18.16 84.97
C THR F 2478 -72.73 -18.40 86.47
N LEU F 2479 -73.96 -18.68 86.90
CA LEU F 2479 -74.26 -18.92 88.31
C LEU F 2479 -74.34 -20.42 88.55
N GLY F 2480 -73.50 -20.93 89.43
CA GLY F 2480 -73.48 -22.36 89.69
C GLY F 2480 -72.59 -22.70 90.86
N LYS F 2481 -72.57 -23.99 91.18
CA LYS F 2481 -71.78 -24.53 92.29
C LYS F 2481 -72.15 -23.83 93.60
N ASP F 2482 -73.41 -24.01 94.00
CA ASP F 2482 -74.07 -23.48 95.20
C ASP F 2482 -74.30 -21.97 95.07
N GLY F 2483 -73.98 -21.41 93.90
CA GLY F 2483 -74.11 -19.98 93.70
C GLY F 2483 -72.80 -19.23 93.59
N ALA F 2484 -71.67 -19.94 93.52
CA ALA F 2484 -70.40 -19.27 93.33
C ALA F 2484 -70.28 -18.74 91.90
N LEU F 2485 -69.78 -17.51 91.78
CA LEU F 2485 -69.61 -16.91 90.47
C LEU F 2485 -68.52 -17.63 89.69
N VAL F 2486 -68.86 -18.04 88.47
CA VAL F 2486 -67.92 -18.68 87.55
C VAL F 2486 -67.61 -17.68 86.46
N GLN F 2487 -66.37 -17.17 86.43
CA GLN F 2487 -65.98 -16.14 85.50
C GLN F 2487 -64.80 -16.61 84.66
N PRO F 2488 -64.85 -16.43 83.34
CA PRO F 2488 -63.68 -16.75 82.51
C PRO F 2488 -62.54 -15.80 82.80
N LYS F 2489 -61.31 -16.31 82.65
CA LYS F 2489 -60.15 -15.48 82.88
C LYS F 2489 -59.85 -14.63 81.65
N MET F 2490 -59.56 -13.35 81.88
CA MET F 2490 -59.33 -12.43 80.77
C MET F 2490 -58.12 -12.84 79.95
N SER F 2491 -57.06 -13.28 80.61
CA SER F 2491 -55.81 -13.54 79.92
C SER F 2491 -55.85 -14.86 79.16
N ALA F 2492 -56.95 -15.61 79.29
CA ALA F 2492 -57.02 -16.94 78.70
C ALA F 2492 -58.32 -17.23 77.95
N SER F 2493 -59.07 -16.21 77.56
CA SER F 2493 -60.37 -16.42 76.94
C SER F 2493 -60.61 -15.42 75.81
N PHE F 2494 -61.57 -15.77 74.96
CA PHE F 2494 -61.97 -14.88 73.88
C PHE F 2494 -62.65 -13.64 74.46
N VAL F 2495 -62.38 -12.48 73.88
CA VAL F 2495 -62.68 -11.23 74.59
C VAL F 2495 -63.37 -10.26 73.64
N PRO F 2496 -64.30 -9.47 74.18
CA PRO F 2496 -65.04 -8.52 73.34
C PRO F 2496 -64.19 -7.47 72.65
N ASP F 2497 -62.99 -7.14 73.14
CA ASP F 2497 -62.17 -6.21 72.36
C ASP F 2497 -61.63 -6.91 71.12
N HIS F 2498 -61.33 -8.20 71.25
CA HIS F 2498 -60.99 -9.01 70.09
C HIS F 2498 -62.11 -8.97 69.07
N LYS F 2499 -63.36 -9.06 69.54
CA LYS F 2499 -64.48 -8.93 68.60
C LYS F 2499 -64.61 -7.51 68.06
N ALA F 2500 -64.28 -6.52 68.89
CA ALA F 2500 -64.44 -5.12 68.50
C ALA F 2500 -63.47 -4.74 67.39
N SER F 2501 -62.29 -5.32 67.38
CA SER F 2501 -61.37 -5.09 66.27
C SER F 2501 -61.98 -5.58 64.96
N MET F 2502 -62.59 -6.76 64.98
CA MET F 2502 -63.29 -7.28 63.80
C MET F 2502 -64.36 -6.31 63.35
N VAL F 2503 -65.17 -5.82 64.30
CA VAL F 2503 -66.27 -4.93 63.95
C VAL F 2503 -65.74 -3.63 63.36
N LEU F 2504 -64.68 -3.09 63.94
CA LEU F 2504 -64.11 -1.84 63.44
C LEU F 2504 -63.59 -2.00 62.02
N PHE F 2505 -62.90 -3.12 61.74
CA PHE F 2505 -62.44 -3.37 60.38
C PHE F 2505 -63.61 -3.50 59.42
N LEU F 2506 -64.66 -4.21 59.83
CA LEU F 2506 -65.83 -4.38 58.98
C LEU F 2506 -66.46 -3.03 58.64
N ASP F 2507 -66.58 -2.15 59.62
CA ASP F 2507 -67.12 -0.82 59.36
C ASP F 2507 -66.19 -0.01 58.47
N ARG F 2508 -64.87 -0.15 58.66
CA ARG F 2508 -63.93 0.73 57.98
C ARG F 2508 -63.80 0.38 56.50
N VAL F 2509 -63.64 -0.90 56.17
CA VAL F 2509 -63.25 -1.30 54.82
C VAL F 2509 -64.44 -1.82 54.01
N TYR F 2510 -65.36 -2.55 54.66
CA TYR F 2510 -66.47 -3.11 53.92
C TYR F 2510 -67.71 -2.23 54.02
N GLY F 2511 -67.94 -1.64 55.19
CA GLY F 2511 -69.17 -0.91 55.39
C GLY F 2511 -70.35 -1.85 55.41
N ILE F 2512 -71.54 -1.26 55.32
CA ILE F 2512 -72.79 -1.99 55.25
C ILE F 2512 -73.44 -1.68 53.91
N GLU F 2513 -73.32 -2.62 52.96
CA GLU F 2513 -73.81 -2.38 51.61
C GLU F 2513 -75.32 -2.28 51.58
N ASN F 2514 -76.02 -3.10 52.35
CA ASN F 2514 -77.46 -3.19 52.21
C ASN F 2514 -78.10 -3.63 53.52
N GLN F 2515 -79.40 -3.38 53.61
CA GLN F 2515 -80.15 -3.61 54.84
C GLN F 2515 -80.29 -5.10 55.15
N ASP F 2516 -80.39 -5.94 54.12
CA ASP F 2516 -80.51 -7.37 54.38
C ASP F 2516 -79.21 -7.94 54.94
N PHE F 2517 -78.07 -7.48 54.42
CA PHE F 2517 -76.79 -7.88 55.01
C PHE F 2517 -76.66 -7.35 56.42
N LEU F 2518 -77.13 -6.11 56.65
CA LEU F 2518 -77.12 -5.58 58.01
C LEU F 2518 -77.89 -6.49 58.96
N LEU F 2519 -79.11 -6.86 58.58
CA LEU F 2519 -79.91 -7.73 59.43
C LEU F 2519 -79.25 -9.10 59.63
N HIS F 2520 -78.63 -9.63 58.58
CA HIS F 2520 -77.92 -10.89 58.70
C HIS F 2520 -76.82 -10.80 59.74
N VAL F 2521 -76.00 -9.74 59.67
CA VAL F 2521 -74.88 -9.62 60.60
C VAL F 2521 -75.40 -9.43 62.03
N LEU F 2522 -76.53 -8.73 62.18
CA LEU F 2522 -77.09 -8.59 63.52
C LEU F 2522 -77.57 -9.91 64.07
N ASP F 2523 -78.30 -10.69 63.27
CA ASP F 2523 -78.87 -11.93 63.80
C ASP F 2523 -77.80 -12.98 64.03
N VAL F 2524 -76.66 -12.87 63.34
CA VAL F 2524 -75.60 -13.86 63.58
C VAL F 2524 -74.72 -13.42 64.75
N GLY F 2525 -74.27 -12.17 64.77
CA GLY F 2525 -73.27 -11.78 65.75
C GLY F 2525 -73.67 -10.74 66.78
N PHE F 2526 -74.51 -9.78 66.39
CA PHE F 2526 -74.76 -8.64 67.27
C PHE F 2526 -75.85 -8.96 68.29
N LEU F 2527 -77.02 -9.40 67.82
CA LEU F 2527 -78.13 -9.66 68.72
C LEU F 2527 -77.77 -10.62 69.86
N PRO F 2528 -77.05 -11.72 69.64
CA PRO F 2528 -76.60 -12.51 70.78
C PRO F 2528 -75.76 -11.72 71.76
N ASP F 2529 -74.93 -10.78 71.28
CA ASP F 2529 -74.10 -10.00 72.18
C ASP F 2529 -74.93 -9.04 73.02
N MET F 2530 -75.88 -8.34 72.41
CA MET F 2530 -76.72 -7.45 73.22
C MET F 2530 -77.59 -8.25 74.18
N ARG F 2531 -78.08 -9.42 73.75
CA ARG F 2531 -78.85 -10.25 74.67
C ARG F 2531 -78.02 -10.72 75.85
N ALA F 2532 -76.78 -11.15 75.59
CA ALA F 2532 -75.90 -11.57 76.67
C ALA F 2532 -75.59 -10.42 77.61
N ALA F 2533 -75.37 -9.22 77.07
CA ALA F 2533 -75.11 -8.07 77.93
C ALA F 2533 -76.33 -7.72 78.78
N ALA F 2534 -77.52 -7.79 78.19
CA ALA F 2534 -78.75 -7.53 78.95
C ALA F 2534 -78.92 -8.54 80.06
N SER F 2535 -78.62 -9.81 79.79
CA SER F 2535 -78.67 -10.82 80.84
C SER F 2535 -77.64 -10.51 81.92
N LEU F 2536 -76.45 -10.08 81.53
CA LEU F 2536 -75.41 -9.79 82.51
C LEU F 2536 -75.73 -8.53 83.31
N ASP F 2537 -76.72 -7.77 82.86
CA ASP F 2537 -77.08 -6.50 83.51
C ASP F 2537 -77.97 -6.79 84.72
N THR F 2538 -77.42 -7.59 85.63
CA THR F 2538 -78.06 -7.89 86.91
C THR F 2538 -77.06 -7.66 88.02
N ALA F 2539 -77.57 -7.43 89.23
CA ALA F 2539 -76.72 -7.01 90.34
C ALA F 2539 -75.62 -8.02 90.63
N THR F 2540 -75.90 -9.31 90.41
CA THR F 2540 -74.92 -10.33 90.75
C THR F 2540 -73.90 -10.55 89.63
N PHE F 2541 -74.25 -10.15 88.40
CA PHE F 2541 -73.34 -10.29 87.27
C PHE F 2541 -72.78 -8.97 86.75
N SER F 2542 -73.31 -7.83 87.18
CA SER F 2542 -72.89 -6.55 86.61
C SER F 2542 -71.44 -6.23 86.94
N THR F 2543 -70.94 -6.73 88.08
CA THR F 2543 -69.59 -6.40 88.50
C THR F 2543 -68.55 -7.13 87.67
N THR F 2544 -68.95 -8.20 86.98
CA THR F 2544 -67.98 -9.08 86.33
C THR F 2544 -67.27 -8.36 85.18
N GLU F 2545 -66.00 -8.74 84.98
CA GLU F 2545 -65.20 -8.08 83.95
C GLU F 2545 -65.68 -8.44 82.55
N MET F 2546 -66.25 -9.64 82.37
CA MET F 2546 -66.94 -9.91 81.11
C MET F 2546 -68.10 -8.95 80.88
N ALA F 2547 -68.90 -8.68 81.92
CA ALA F 2547 -69.99 -7.73 81.74
C ALA F 2547 -69.47 -6.35 81.37
N LEU F 2548 -68.44 -5.88 82.07
CA LEU F 2548 -67.90 -4.57 81.78
C LEU F 2548 -67.30 -4.50 80.37
N ALA F 2549 -66.54 -5.54 79.98
CA ALA F 2549 -65.94 -5.55 78.65
C ALA F 2549 -66.99 -5.64 77.56
N LEU F 2550 -68.05 -6.43 77.79
CA LEU F 2550 -69.14 -6.51 76.83
C LEU F 2550 -69.81 -5.15 76.66
N ASN F 2551 -70.05 -4.45 77.77
CA ASN F 2551 -70.65 -3.12 77.67
C ASN F 2551 -69.75 -2.16 76.92
N ARG F 2552 -68.44 -2.19 77.21
CA ARG F 2552 -67.51 -1.31 76.51
C ARG F 2552 -67.50 -1.61 75.01
N TYR F 2553 -67.43 -2.90 74.66
CA TYR F 2553 -67.37 -3.29 73.26
C TYR F 2553 -68.64 -2.89 72.51
N LEU F 2554 -69.80 -3.06 73.15
CA LEU F 2554 -71.04 -2.64 72.51
C LEU F 2554 -71.09 -1.14 72.32
N CYS F 2555 -70.69 -0.38 73.34
CA CYS F 2555 -70.82 1.08 73.25
C CYS F 2555 -69.75 1.69 72.37
N LEU F 2556 -68.68 0.95 72.09
CA LEU F 2556 -67.61 1.51 71.27
C LEU F 2556 -67.84 1.28 69.78
N ALA F 2557 -68.21 0.05 69.40
CA ALA F 2557 -68.33 -0.30 67.99
C ALA F 2557 -69.73 -0.66 67.56
N VAL F 2558 -70.36 -1.63 68.23
CA VAL F 2558 -71.61 -2.20 67.73
C VAL F 2558 -72.72 -1.16 67.71
N LEU F 2559 -72.90 -0.44 68.81
CA LEU F 2559 -73.96 0.56 68.87
C LEU F 2559 -73.73 1.73 67.92
N PRO F 2560 -72.54 2.32 67.80
CA PRO F 2560 -72.35 3.34 66.75
C PRO F 2560 -72.60 2.82 65.35
N LEU F 2561 -72.19 1.57 65.07
CA LEU F 2561 -72.49 1.00 63.75
C LEU F 2561 -73.98 0.91 63.52
N ILE F 2562 -74.72 0.40 64.51
CA ILE F 2562 -76.17 0.28 64.39
C ILE F 2562 -76.81 1.66 64.20
N THR F 2563 -76.30 2.65 64.93
CA THR F 2563 -76.83 4.01 64.79
C THR F 2563 -76.61 4.55 63.39
N LYS F 2564 -75.45 4.28 62.81
CA LYS F 2564 -75.21 4.68 61.42
C LYS F 2564 -76.15 3.97 60.46
N CYS F 2565 -76.44 2.70 60.73
CA CYS F 2565 -77.22 1.89 59.80
C CYS F 2565 -78.73 1.92 60.06
N ALA F 2566 -79.20 2.83 60.91
CA ALA F 2566 -80.64 2.93 61.16
C ALA F 2566 -81.47 3.26 59.93
N PRO F 2567 -81.07 4.16 59.02
CA PRO F 2567 -81.88 4.36 57.81
C PRO F 2567 -82.07 3.08 57.02
N LEU F 2568 -81.07 2.20 57.01
CA LEU F 2568 -81.26 0.88 56.43
C LEU F 2568 -82.27 0.08 57.25
N PHE F 2569 -82.26 0.25 58.57
CA PHE F 2569 -83.24 -0.42 59.42
C PHE F 2569 -84.66 -0.02 59.07
N ALA F 2570 -84.82 1.18 58.51
CA ALA F 2570 -86.15 1.73 58.26
C ALA F 2570 -86.98 0.85 57.33
N GLY F 2571 -86.32 0.03 56.50
CA GLY F 2571 -87.03 -0.58 55.37
C GLY F 2571 -87.89 -1.76 55.76
N THR F 2572 -87.27 -2.84 56.26
CA THR F 2572 -87.86 -4.17 56.26
C THR F 2572 -89.13 -4.24 57.10
N GLU F 2573 -90.15 -4.92 56.55
CA GLU F 2573 -91.34 -5.28 57.32
C GLU F 2573 -91.30 -6.75 57.70
N HIS F 2574 -90.42 -7.53 57.08
CA HIS F 2574 -90.41 -8.97 57.30
C HIS F 2574 -89.52 -9.37 58.48
N ARG F 2575 -88.37 -8.72 58.62
CA ARG F 2575 -87.52 -8.90 59.79
C ARG F 2575 -88.03 -8.15 61.01
N ALA F 2576 -89.30 -7.72 61.00
CA ALA F 2576 -89.80 -6.82 62.03
C ALA F 2576 -89.81 -7.46 63.41
N ILE F 2577 -90.02 -8.77 63.49
CA ILE F 2577 -90.00 -9.43 64.79
C ILE F 2577 -88.61 -9.35 65.42
N MET F 2578 -87.58 -9.68 64.64
CA MET F 2578 -86.21 -9.58 65.15
C MET F 2578 -85.83 -8.13 65.41
N VAL F 2579 -86.36 -7.21 64.61
CA VAL F 2579 -86.14 -5.78 64.86
C VAL F 2579 -86.71 -5.38 66.21
N ASP F 2580 -87.94 -5.82 66.50
CA ASP F 2580 -88.54 -5.52 67.80
C ASP F 2580 -87.74 -6.13 68.93
N SER F 2581 -87.24 -7.35 68.72
CA SER F 2581 -86.40 -7.97 69.75
C SER F 2581 -85.15 -7.14 70.01
N MET F 2582 -84.51 -6.64 68.94
CA MET F 2582 -83.34 -5.80 69.13
C MET F 2582 -83.72 -4.51 69.87
N LEU F 2583 -84.89 -3.96 69.55
CA LEU F 2583 -85.36 -2.77 70.24
C LEU F 2583 -85.50 -3.01 71.74
N HIS F 2584 -86.10 -4.14 72.11
CA HIS F 2584 -86.23 -4.45 73.54
CA HIS F 2584 -86.23 -4.45 73.54
C HIS F 2584 -84.87 -4.63 74.19
N THR F 2585 -83.94 -5.31 73.51
CA THR F 2585 -82.62 -5.52 74.09
C THR F 2585 -81.89 -4.21 74.30
N VAL F 2586 -81.95 -3.30 73.30
CA VAL F 2586 -81.24 -2.04 73.44
C VAL F 2586 -81.92 -1.16 74.50
N TYR F 2587 -83.24 -1.30 74.64
CA TYR F 2587 -83.91 -0.57 75.72
C TYR F 2587 -83.45 -1.06 77.09
N ARG F 2588 -83.38 -2.39 77.27
CA ARG F 2588 -82.90 -2.92 78.54
C ARG F 2588 -81.46 -2.50 78.80
N LEU F 2589 -80.64 -2.44 77.75
CA LEU F 2589 -79.29 -1.92 77.91
C LEU F 2589 -79.31 -0.46 78.33
N SER F 2590 -80.22 0.33 77.78
CA SER F 2590 -80.33 1.73 78.16
C SER F 2590 -80.66 1.87 79.64
N ARG F 2591 -81.60 1.07 80.14
CA ARG F 2591 -81.87 1.05 81.57
C ARG F 2591 -80.97 0.02 82.24
N GLY F 2592 -79.69 0.36 82.28
CA GLY F 2592 -78.69 -0.55 82.80
C GLY F 2592 -78.05 -0.10 84.10
N ARG F 2593 -77.76 -1.05 84.98
CA ARG F 2593 -77.13 -0.74 86.25
C ARG F 2593 -75.61 -0.86 86.13
N SER F 2594 -74.91 0.03 86.85
CA SER F 2594 -73.44 0.08 86.83
C SER F 2594 -72.94 0.32 85.40
N LEU F 2595 -73.40 1.40 84.79
CA LEU F 2595 -73.04 1.77 83.44
C LEU F 2595 -72.69 3.26 83.41
N THR F 2596 -71.54 3.60 82.83
CA THR F 2596 -71.09 4.98 82.83
C THR F 2596 -71.96 5.84 81.94
N LYS F 2597 -71.82 7.17 82.12
CA LYS F 2597 -72.73 8.11 81.47
C LYS F 2597 -72.55 8.11 79.96
N ALA F 2598 -71.30 8.10 79.49
CA ALA F 2598 -71.05 8.09 78.05
C ALA F 2598 -71.59 6.81 77.43
N GLN F 2599 -71.37 5.67 78.07
CA GLN F 2599 -71.95 4.43 77.58
C GLN F 2599 -73.46 4.54 77.49
N ARG F 2600 -74.09 5.02 78.57
CA ARG F 2600 -75.54 5.09 78.63
C ARG F 2600 -76.10 5.98 77.54
N ASP F 2601 -75.51 7.15 77.32
CA ASP F 2601 -76.09 8.04 76.32
C ASP F 2601 -75.78 7.55 74.91
N VAL F 2602 -74.72 6.75 74.74
CA VAL F 2602 -74.54 6.06 73.47
C VAL F 2602 -75.70 5.11 73.21
N ILE F 2603 -76.08 4.30 74.20
CA ILE F 2603 -77.24 3.43 74.00
C ILE F 2603 -78.48 4.27 73.71
N GLU F 2604 -78.66 5.38 74.44
CA GLU F 2604 -79.86 6.18 74.25
C GLU F 2604 -79.93 6.76 72.84
N ASP F 2605 -78.81 7.27 72.32
CA ASP F 2605 -78.81 7.81 70.96
C ASP F 2605 -79.09 6.72 69.93
N CYS F 2606 -78.48 5.54 70.11
CA CYS F 2606 -78.73 4.45 69.17
C CYS F 2606 -80.20 4.06 69.16
N LEU F 2607 -80.80 3.93 70.35
CA LEU F 2607 -82.21 3.57 70.44
C LEU F 2607 -83.08 4.65 69.81
N MET F 2608 -82.74 5.93 70.03
CA MET F 2608 -83.50 7.01 69.43
C MET F 2608 -83.48 6.92 67.91
N ALA F 2609 -82.29 6.72 67.32
CA ALA F 2609 -82.20 6.63 65.87
C ALA F 2609 -82.99 5.45 65.34
N LEU F 2610 -82.85 4.29 65.98
CA LEU F 2610 -83.63 3.11 65.59
C LEU F 2610 -85.11 3.42 65.59
N CYS F 2611 -85.60 4.05 66.67
CA CYS F 2611 -87.03 4.28 66.79
C CYS F 2611 -87.52 5.27 65.75
N ARG F 2612 -86.74 6.32 65.46
CA ARG F 2612 -87.17 7.28 64.46
CA ARG F 2612 -87.18 7.28 64.45
C ARG F 2612 -87.29 6.63 63.09
N TYR F 2613 -86.29 5.84 62.70
CA TYR F 2613 -86.33 5.28 61.35
C TYR F 2613 -87.31 4.11 61.24
N ILE F 2614 -87.59 3.40 62.34
CA ILE F 2614 -88.44 2.22 62.26
C ILE F 2614 -89.89 2.64 62.08
N ARG F 2615 -90.63 1.86 61.29
CA ARG F 2615 -92.03 2.14 61.02
C ARG F 2615 -92.87 2.04 62.30
N PRO F 2616 -93.99 2.78 62.37
CA PRO F 2616 -94.76 2.83 63.62
C PRO F 2616 -95.30 1.50 64.09
N SER F 2617 -95.62 0.58 63.18
CA SER F 2617 -96.27 -0.65 63.57
C SER F 2617 -95.40 -1.49 64.48
N MET F 2618 -94.09 -1.53 64.22
CA MET F 2618 -93.19 -2.33 65.04
C MET F 2618 -93.02 -1.70 66.42
N LEU F 2619 -93.19 -0.39 66.52
CA LEU F 2619 -92.90 0.31 67.76
C LEU F 2619 -93.94 0.01 68.83
N GLN F 2620 -94.93 -0.82 68.50
CA GLN F 2620 -96.01 -1.10 69.45
C GLN F 2620 -95.50 -1.89 70.65
N HIS F 2621 -94.70 -2.93 70.42
CA HIS F 2621 -94.26 -3.79 71.51
C HIS F 2621 -93.33 -3.03 72.46
N LEU F 2622 -92.40 -2.26 71.91
CA LEU F 2622 -91.56 -1.40 72.75
C LEU F 2622 -92.41 -0.32 73.44
N LEU F 2623 -93.41 0.19 72.73
CA LEU F 2623 -94.25 1.25 73.28
C LEU F 2623 -95.03 0.77 74.48
N ARG F 2624 -95.40 -0.52 74.49
CA ARG F 2624 -96.13 -1.05 75.64
C ARG F 2624 -95.24 -1.12 76.88
N ARG F 2625 -93.99 -1.56 76.72
CA ARG F 2625 -93.07 -1.58 77.84
C ARG F 2625 -92.76 -0.16 78.31
N LEU F 2626 -92.64 0.78 77.37
CA LEU F 2626 -92.48 2.19 77.75
C LEU F 2626 -93.71 2.70 78.49
N VAL F 2627 -94.90 2.26 78.07
CA VAL F 2627 -96.13 2.64 78.74
C VAL F 2627 -96.10 2.18 80.20
N PHE F 2628 -95.55 0.99 80.44
CA PHE F 2628 -95.40 0.54 81.82
C PHE F 2628 -94.35 1.36 82.56
N ASP F 2629 -93.23 1.67 81.92
CA ASP F 2629 -92.10 2.26 82.63
C ASP F 2629 -92.33 3.74 82.96
N VAL F 2630 -92.88 4.51 82.02
CA VAL F 2630 -92.85 5.97 82.14
C VAL F 2630 -93.58 6.51 83.37
N PRO F 2631 -94.80 6.05 83.70
CA PRO F 2631 -95.57 6.78 84.73
C PRO F 2631 -94.89 6.89 86.08
N ILE F 2632 -93.95 6.00 86.39
CA ILE F 2632 -93.20 6.15 87.64
C ILE F 2632 -92.41 7.46 87.64
N LEU F 2633 -92.03 7.93 86.46
CA LEU F 2633 -91.29 9.18 86.30
C LEU F 2633 -89.97 9.16 87.07
N ASN F 2634 -89.33 8.00 87.11
CA ASN F 2634 -87.99 7.90 87.64
C ASN F 2634 -86.99 8.50 86.64
N GLU F 2635 -85.74 8.65 87.10
CA GLU F 2635 -84.71 9.23 86.25
C GLU F 2635 -84.46 8.38 85.02
N PHE F 2636 -84.77 7.08 85.09
CA PHE F 2636 -84.55 6.21 83.94
C PHE F 2636 -85.71 6.32 82.95
N ALA F 2637 -86.79 7.02 83.32
CA ALA F 2637 -87.94 7.11 82.42
C ALA F 2637 -87.88 8.37 81.57
N LYS F 2638 -86.90 9.24 81.84
CA LYS F 2638 -86.83 10.52 81.14
C LYS F 2638 -86.55 10.35 79.65
N MET F 2639 -85.45 9.70 79.29
CA MET F 2639 -85.17 9.54 77.87
C MET F 2639 -86.20 8.65 77.19
N PRO F 2640 -86.83 7.68 77.87
CA PRO F 2640 -88.03 7.06 77.27
C PRO F 2640 -89.11 8.06 76.94
N LEU F 2641 -89.37 9.04 77.80
CA LEU F 2641 -90.45 9.98 77.51
C LEU F 2641 -90.05 10.95 76.40
N LYS F 2642 -88.78 11.32 76.33
CA LYS F 2642 -88.30 12.13 75.22
C LYS F 2642 -88.44 11.36 73.90
N LEU F 2643 -88.08 10.09 73.91
CA LEU F 2643 -88.25 9.25 72.74
C LEU F 2643 -89.70 9.15 72.33
N LEU F 2644 -90.60 9.02 73.31
CA LEU F 2644 -92.03 9.00 73.01
C LEU F 2644 -92.48 10.31 72.39
N THR F 2645 -91.96 11.43 72.89
CA THR F 2645 -92.28 12.73 72.30
C THR F 2645 -91.91 12.75 70.82
N ASN F 2646 -90.67 12.38 70.49
CA ASN F 2646 -90.25 12.40 69.09
C ASN F 2646 -91.08 11.44 68.25
N HIS F 2647 -91.32 10.23 68.77
CA HIS F 2647 -92.05 9.24 68.00
C HIS F 2647 -93.48 9.67 67.71
N TYR F 2648 -94.15 10.25 68.70
CA TYR F 2648 -95.52 10.69 68.50
C TYR F 2648 -95.58 11.93 67.62
N GLU F 2649 -94.54 12.76 67.64
CA GLU F 2649 -94.47 13.85 66.69
C GLU F 2649 -94.32 13.32 65.27
N ARG F 2650 -93.57 12.23 65.09
CA ARG F 2650 -93.39 11.68 63.75
C ARG F 2650 -94.66 11.03 63.23
N CYS F 2651 -95.32 10.22 64.05
CA CYS F 2651 -96.45 9.40 63.61
C CYS F 2651 -97.80 9.95 64.05
N TRP F 2652 -97.88 11.25 64.32
CA TRP F 2652 -99.15 11.84 64.76
C TRP F 2652 -100.22 11.65 63.71
N LYS F 2653 -99.86 11.82 62.44
CA LYS F 2653 -100.82 11.61 61.35
C LYS F 2653 -101.29 10.17 61.33
N TYR F 2654 -100.37 9.22 61.51
CA TYR F 2654 -100.72 7.81 61.51
C TYR F 2654 -101.71 7.48 62.62
N TYR F 2655 -101.49 8.04 63.81
CA TYR F 2655 -102.40 7.75 64.91
C TYR F 2655 -103.73 8.48 64.77
N CYS F 2656 -103.71 9.69 64.21
CA CYS F 2656 -104.90 10.53 64.25
C CYS F 2656 -105.82 10.29 63.06
N LEU F 2657 -105.31 10.44 61.84
CA LEU F 2657 -106.19 10.44 60.68
C LEU F 2657 -106.83 9.06 60.48
N PRO F 2658 -108.11 9.02 60.12
CA PRO F 2658 -108.74 7.71 59.86
C PRO F 2658 -108.09 6.95 58.73
N THR F 2659 -107.61 7.65 57.71
CA THR F 2659 -106.87 6.99 56.64
C THR F 2659 -105.51 6.51 57.12
N GLY F 2660 -104.89 7.26 58.03
CA GLY F 2660 -103.59 6.91 58.53
C GLY F 2660 -102.47 7.49 57.69
N TRP F 2661 -101.25 7.19 58.10
CA TRP F 2661 -100.07 7.66 57.38
C TRP F 2661 -100.01 7.03 56.01
N ALA F 2662 -99.47 7.80 55.05
CA ALA F 2662 -99.36 7.31 53.67
C ALA F 2662 -98.37 6.17 53.63
N ASN F 2663 -98.84 4.99 53.20
CA ASN F 2663 -98.09 3.75 52.99
C ASN F 2663 -97.58 3.14 54.30
N PHE F 2664 -97.78 3.79 55.44
CA PHE F 2664 -97.38 3.23 56.72
C PHE F 2664 -98.52 2.52 57.44
N GLY F 2665 -99.65 2.31 56.78
CA GLY F 2665 -100.77 1.65 57.41
C GLY F 2665 -101.55 2.59 58.31
N VAL F 2666 -102.41 1.98 59.12
CA VAL F 2666 -103.28 2.72 60.04
C VAL F 2666 -103.18 2.08 61.41
N THR F 2667 -103.62 2.84 62.42
CA THR F 2667 -103.53 2.39 63.80
C THR F 2667 -104.45 1.20 64.03
N SER F 2668 -103.98 0.23 64.83
CA SER F 2668 -104.76 -0.96 65.10
C SER F 2668 -105.68 -0.77 66.30
N GLU F 2669 -105.72 0.44 66.83
CA GLU F 2669 -106.63 0.92 67.89
C GLU F 2669 -106.29 0.27 69.23
N GLU F 2670 -105.43 -0.76 69.21
CA GLU F 2670 -104.86 -1.24 70.45
C GLU F 2670 -103.72 -0.33 70.91
N GLU F 2671 -102.87 0.07 69.97
CA GLU F 2671 -101.86 1.07 70.29
C GLU F 2671 -102.49 2.40 70.62
N LEU F 2672 -103.71 2.66 70.13
CA LEU F 2672 -104.43 3.84 70.56
C LEU F 2672 -104.81 3.75 72.04
N HIS F 2673 -105.27 2.57 72.47
CA HIS F 2673 -105.55 2.37 73.89
C HIS F 2673 -104.28 2.54 74.72
N LEU F 2674 -103.17 2.01 74.22
CA LEU F 2674 -101.89 2.17 74.92
C LEU F 2674 -101.50 3.65 75.00
N THR F 2675 -101.71 4.40 73.92
CA THR F 2675 -101.39 5.82 73.91
C THR F 2675 -102.25 6.58 74.90
N ARG F 2676 -103.55 6.26 74.96
CA ARG F 2676 -104.42 6.92 75.92
C ARG F 2676 -104.01 6.61 77.35
N LYS F 2677 -103.68 5.35 77.63
CA LYS F 2677 -103.26 4.99 78.98
C LYS F 2677 -101.96 5.70 79.34
N LEU F 2678 -101.04 5.79 78.38
CA LEU F 2678 -99.78 6.50 78.62
C LEU F 2678 -100.03 7.97 78.93
N PHE F 2679 -100.90 8.62 78.15
CA PHE F 2679 -101.22 10.02 78.40
C PHE F 2679 -101.77 10.21 79.80
N TRP F 2680 -102.75 9.40 80.18
CA TRP F 2680 -103.37 9.57 81.48
C TRP F 2680 -102.40 9.27 82.61
N GLY F 2681 -101.56 8.25 82.44
CA GLY F 2681 -100.57 7.94 83.47
C GLY F 2681 -99.58 9.07 83.66
N ILE F 2682 -99.04 9.60 82.56
CA ILE F 2682 -98.09 10.71 82.68
C ILE F 2682 -98.78 11.92 83.30
N PHE F 2683 -100.02 12.20 82.90
CA PHE F 2683 -100.73 13.37 83.41
C PHE F 2683 -100.94 13.25 84.91
N ASP F 2684 -101.43 12.11 85.40
CA ASP F 2684 -101.65 11.95 86.82
C ASP F 2684 -100.35 11.97 87.60
N SER F 2685 -99.30 11.32 87.07
CA SER F 2685 -98.02 11.31 87.77
C SER F 2685 -97.46 12.72 87.88
N LEU F 2686 -97.54 13.50 86.81
CA LEU F 2686 -97.06 14.88 86.86
C LEU F 2686 -97.89 15.72 87.82
N ALA F 2687 -99.20 15.47 87.88
CA ALA F 2687 -100.04 16.19 88.82
C ALA F 2687 -99.64 15.89 90.25
N HIS F 2688 -99.33 14.63 90.55
CA HIS F 2688 -99.00 14.26 91.93
C HIS F 2688 -97.59 14.72 92.30
N LYS F 2689 -96.66 14.70 91.34
CA LYS F 2689 -95.26 14.98 91.65
C LYS F 2689 -95.07 16.42 92.12
N LYS F 2690 -94.13 16.60 93.05
CA LYS F 2690 -93.70 17.94 93.44
C LYS F 2690 -92.96 18.58 92.27
N TYR F 2691 -93.13 19.89 92.12
CA TYR F 2691 -92.64 20.58 90.93
C TYR F 2691 -91.13 20.48 90.81
N ASP F 2692 -90.68 19.89 89.71
CA ASP F 2692 -89.26 19.92 89.32
C ASP F 2692 -89.17 20.53 87.94
N GLN F 2693 -88.29 21.53 87.81
CA GLN F 2693 -88.26 22.32 86.57
C GLN F 2693 -87.91 21.46 85.36
N GLU F 2694 -86.85 20.66 85.47
CA GLU F 2694 -86.42 19.84 84.34
C GLU F 2694 -87.48 18.81 83.97
N LEU F 2695 -88.05 18.13 84.98
CA LEU F 2695 -89.05 17.12 84.70
C LEU F 2695 -90.26 17.72 84.01
N TYR F 2696 -90.77 18.84 84.53
CA TYR F 2696 -91.91 19.49 83.90
C TYR F 2696 -91.59 19.95 82.48
N ARG F 2697 -90.43 20.60 82.31
CA ARG F 2697 -90.04 21.14 81.02
C ARG F 2697 -89.97 20.04 79.97
N MET F 2698 -89.44 18.88 80.34
CA MET F 2698 -89.18 17.85 79.33
C MET F 2698 -90.37 16.93 79.17
N ALA F 2699 -91.24 16.86 80.19
CA ALA F 2699 -92.43 16.03 80.10
C ALA F 2699 -93.54 16.71 79.32
N MET F 2700 -93.67 18.04 79.45
CA MET F 2700 -94.79 18.71 78.79
C MET F 2700 -94.82 18.50 77.27
N PRO F 2701 -93.69 18.51 76.55
CA PRO F 2701 -93.77 18.19 75.11
C PRO F 2701 -94.30 16.79 74.86
N CYS F 2702 -93.96 15.84 75.72
CA CYS F 2702 -94.48 14.49 75.56
C CYS F 2702 -96.00 14.47 75.67
N LEU F 2703 -96.54 15.16 76.68
CA LEU F 2703 -97.98 15.20 76.85
C LEU F 2703 -98.64 15.86 75.65
N CYS F 2704 -98.07 16.97 75.16
CA CYS F 2704 -98.66 17.63 73.99
C CYS F 2704 -98.63 16.73 72.76
N ALA F 2705 -97.51 16.03 72.54
CA ALA F 2705 -97.41 15.15 71.38
C ALA F 2705 -98.40 14.00 71.47
N ILE F 2706 -98.54 13.39 72.65
CA ILE F 2706 -99.48 12.30 72.81
C ILE F 2706 -100.91 12.80 72.58
N ALA F 2707 -101.24 13.97 73.13
CA ALA F 2707 -102.58 14.52 72.94
C ALA F 2707 -102.86 14.80 71.47
N GLY F 2708 -101.86 15.32 70.75
CA GLY F 2708 -102.05 15.53 69.33
C GLY F 2708 -102.22 14.24 68.55
N ALA F 2709 -101.49 13.20 68.96
CA ALA F 2709 -101.59 11.91 68.28
C ALA F 2709 -102.97 11.29 68.49
N LEU F 2710 -103.49 11.35 69.70
CA LEU F 2710 -104.77 10.70 70.00
C LEU F 2710 -105.90 11.41 69.27
N PRO F 2711 -106.73 10.69 68.52
CA PRO F 2711 -107.91 11.31 67.90
C PRO F 2711 -108.92 11.72 68.96
N PRO F 2712 -109.48 12.92 68.86
CA PRO F 2712 -110.50 13.32 69.85
C PRO F 2712 -111.73 12.44 69.84
N ASP F 2713 -112.10 11.91 68.68
CA ASP F 2713 -113.30 11.07 68.60
C ASP F 2713 -113.07 9.71 69.23
N TYR F 2714 -111.80 9.34 69.43
CA TYR F 2714 -111.46 7.97 69.79
C TYR F 2714 -112.06 7.58 71.14
N VAL F 2715 -112.62 6.38 71.19
CA VAL F 2715 -113.15 5.79 72.41
C VAL F 2715 -112.39 4.50 72.67
N ASP F 2716 -111.82 4.37 73.87
CA ASP F 2716 -111.15 3.14 74.23
C ASP F 2716 -112.16 1.99 74.24
N ALA F 2717 -111.69 0.81 73.82
CA ALA F 2717 -112.59 -0.33 73.67
C ALA F 2717 -113.30 -0.66 74.98
N SER F 2718 -112.62 -0.46 76.10
CA SER F 2718 -113.20 -0.69 77.43
C SER F 2718 -112.85 0.49 78.34
N TYR F 2719 -113.86 1.02 79.01
CA TYR F 2719 -113.65 2.04 80.04
C TYR F 2719 -113.38 1.30 81.36
N SER F 2720 -112.23 0.63 81.40
CA SER F 2720 -111.83 -0.18 82.54
C SER F 2720 -110.49 0.32 83.05
N SER F 2721 -110.41 0.54 84.37
CA SER F 2721 -109.19 0.98 85.02
C SER F 2721 -108.71 -0.13 85.95
N LYS F 2722 -107.45 -0.54 85.77
CA LYS F 2722 -106.89 -1.58 86.63
C LYS F 2722 -106.77 -1.09 88.08
N ALA F 2723 -106.56 0.21 88.26
CA ALA F 2723 -106.39 0.86 89.56
C ALA F 2723 -105.19 0.32 90.34
N GLU F 2724 -104.27 -0.36 89.68
CA GLU F 2724 -103.09 -0.88 90.35
C GLU F 2724 -102.14 0.25 90.71
N LYS F 2725 -101.41 0.06 91.80
CA LYS F 2725 -100.45 1.04 92.31
C LYS F 2725 -101.11 2.41 92.53
N ASN F 2734 -88.01 -8.17 85.36
CA ASN F 2734 -88.65 -9.24 84.61
C ASN F 2734 -90.09 -9.45 85.06
N PHE F 2735 -90.71 -10.53 84.59
CA PHE F 2735 -92.07 -10.90 84.95
C PHE F 2735 -92.05 -12.22 85.68
N ASP F 2736 -92.56 -12.22 86.91
CA ASP F 2736 -92.55 -13.39 87.76
C ASP F 2736 -93.96 -13.92 87.96
N PRO F 2737 -94.33 -15.03 87.32
CA PRO F 2737 -95.67 -15.59 87.53
C PRO F 2737 -95.68 -16.67 88.61
N ARG F 2738 -96.70 -16.65 89.47
CA ARG F 2738 -96.79 -17.63 90.54
C ARG F 2738 -97.90 -18.61 90.25
N PRO F 2739 -97.70 -19.90 90.51
CA PRO F 2739 -98.73 -20.90 90.17
C PRO F 2739 -99.84 -20.92 91.19
N VAL F 2740 -101.02 -21.34 90.75
CA VAL F 2740 -102.16 -21.48 91.65
C VAL F 2740 -102.37 -22.95 91.97
N GLU F 2741 -102.48 -23.25 93.27
CA GLU F 2741 -102.56 -24.62 93.76
C GLU F 2741 -103.96 -24.88 94.30
N THR F 2742 -104.40 -26.13 94.18
CA THR F 2742 -105.69 -26.56 94.70
C THR F 2742 -105.59 -27.81 95.57
N LEU F 2743 -104.36 -28.25 95.87
CA LEU F 2743 -104.20 -29.45 96.70
C LEU F 2743 -104.82 -29.26 98.08
N ASN F 2744 -104.70 -28.04 98.63
CA ASN F 2744 -105.32 -27.74 99.92
C ASN F 2744 -106.83 -27.60 99.79
N VAL F 2745 -107.31 -27.03 98.69
CA VAL F 2745 -108.74 -26.82 98.51
C VAL F 2745 -109.43 -28.15 98.26
N ILE F 2746 -110.59 -28.35 98.89
CA ILE F 2746 -111.33 -29.59 98.75
C ILE F 2746 -111.88 -29.71 97.33
N ILE F 2747 -112.06 -30.95 96.88
CA ILE F 2747 -112.52 -31.24 95.53
C ILE F 2747 -113.73 -32.16 95.63
N PRO F 2748 -114.86 -31.81 95.04
CA PRO F 2748 -116.04 -32.69 95.12
C PRO F 2748 -115.79 -34.02 94.45
N GLU F 2749 -116.31 -35.09 95.08
CA GLU F 2749 -116.19 -36.42 94.49
C GLU F 2749 -117.19 -36.61 93.35
N LYS F 2750 -118.31 -35.89 93.40
CA LYS F 2750 -119.28 -35.97 92.31
C LYS F 2750 -118.69 -35.45 91.01
N LEU F 2751 -117.95 -34.34 91.08
CA LEU F 2751 -117.26 -33.85 89.90
C LEU F 2751 -116.09 -34.74 89.52
N ASP F 2752 -115.41 -35.31 90.51
CA ASP F 2752 -114.19 -36.07 90.25
C ASP F 2752 -114.44 -37.26 89.32
N SER F 2753 -115.61 -37.89 89.44
CA SER F 2753 -115.97 -38.93 88.48
C SER F 2753 -116.08 -38.36 87.07
N PHE F 2754 -116.67 -37.17 86.94
CA PHE F 2754 -116.73 -36.51 85.64
C PHE F 2754 -115.34 -36.19 85.12
N ILE F 2755 -114.41 -35.83 86.02
CA ILE F 2755 -113.05 -35.50 85.60
C ILE F 2755 -112.33 -36.75 85.13
N ASN F 2756 -112.57 -37.87 85.81
CA ASN F 2756 -112.02 -39.14 85.33
C ASN F 2756 -112.58 -39.52 83.97
N LYS F 2757 -113.88 -39.29 83.77
CA LYS F 2757 -114.48 -39.52 82.46
C LYS F 2757 -113.86 -38.60 81.41
N PHE F 2758 -113.55 -37.36 81.81
CA PHE F 2758 -112.86 -36.43 80.91
C PHE F 2758 -111.45 -36.93 80.59
N ALA F 2759 -110.77 -37.52 81.56
CA ALA F 2759 -109.45 -38.09 81.29
C ALA F 2759 -109.55 -39.22 80.28
N GLU F 2760 -110.53 -40.11 80.45
CA GLU F 2760 -110.75 -41.15 79.45
C GLU F 2760 -111.07 -40.55 78.10
N TYR F 2761 -111.87 -39.48 78.07
CA TYR F 2761 -112.20 -38.82 76.82
C TYR F 2761 -110.96 -38.18 76.19
N THR F 2762 -110.01 -37.72 77.00
CA THR F 2762 -108.81 -37.11 76.45
C THR F 2762 -107.88 -38.18 75.86
N HIS F 2763 -107.81 -39.35 76.51
CA HIS F 2763 -107.11 -40.47 75.88
C HIS F 2763 -107.79 -40.88 74.58
N GLU F 2764 -109.13 -40.91 74.59
CA GLU F 2764 -109.87 -41.19 73.36
C GLU F 2764 -109.61 -40.13 72.30
N LYS F 2765 -109.41 -38.88 72.72
CA LYS F 2765 -109.14 -37.80 71.77
C LYS F 2765 -107.72 -37.89 71.23
N TRP F 2766 -106.77 -38.39 72.01
CA TRP F 2766 -105.46 -38.70 71.47
C TRP F 2766 -105.56 -39.81 70.43
N ALA F 2767 -106.38 -40.81 70.70
CA ALA F 2767 -106.64 -41.84 69.68
C ALA F 2767 -107.29 -41.23 68.45
N PHE F 2768 -108.19 -40.27 68.64
CA PHE F 2768 -108.82 -39.58 67.52
C PHE F 2768 -107.81 -38.78 66.71
N ASP F 2769 -106.86 -38.14 67.40
CA ASP F 2769 -105.79 -37.42 66.71
C ASP F 2769 -104.91 -38.39 65.92
N LYS F 2770 -104.70 -39.58 66.47
CA LYS F 2770 -103.96 -40.61 65.72
C LYS F 2770 -104.75 -41.05 64.49
N ILE F 2771 -106.08 -41.12 64.62
CA ILE F 2771 -106.93 -41.43 63.46
C ILE F 2771 -106.80 -40.35 62.41
N GLN F 2772 -106.82 -39.09 62.83
CA GLN F 2772 -106.58 -37.98 61.90
C GLN F 2772 -105.18 -38.07 61.29
N ASN F 2773 -104.23 -38.62 62.04
CA ASN F 2773 -102.90 -38.85 61.50
C ASN F 2773 -102.90 -39.97 60.47
N ASN F 2774 -103.99 -40.74 60.42
CA ASN F 2774 -104.19 -41.89 59.54
C ASN F 2774 -103.19 -43.02 59.83
N TRP F 2775 -102.56 -43.01 60.99
CA TRP F 2775 -101.64 -44.05 61.41
C TRP F 2775 -102.20 -44.75 62.63
N SER F 2776 -102.33 -46.08 62.57
CA SER F 2776 -102.94 -46.82 63.65
C SER F 2776 -102.09 -46.75 64.91
N TYR F 2777 -102.76 -46.59 66.05
CA TYR F 2777 -102.06 -46.55 67.32
C TYR F 2777 -101.44 -47.91 67.63
N GLY F 2778 -100.24 -47.89 68.18
CA GLY F 2778 -99.54 -49.12 68.48
C GLY F 2778 -99.21 -49.31 69.94
N GLU F 2779 -99.36 -50.56 70.42
CA GLU F 2779 -98.98 -50.87 71.80
C GLU F 2779 -97.49 -50.65 72.02
N ASN F 2780 -96.66 -51.09 71.08
CA ASN F 2780 -95.23 -50.90 71.18
C ASN F 2780 -94.82 -49.51 70.72
N VAL F 2781 -93.64 -49.08 71.16
CA VAL F 2781 -93.08 -47.78 70.80
C VAL F 2781 -92.21 -47.95 69.57
N ASP F 2782 -92.45 -47.09 68.57
CA ASP F 2782 -91.75 -47.15 67.30
C ASP F 2782 -91.83 -45.79 66.62
N GLU F 2783 -90.74 -45.39 65.95
CA GLU F 2783 -90.64 -44.03 65.41
C GLU F 2783 -91.45 -43.87 64.13
N GLU F 2784 -91.45 -44.88 63.26
CA GLU F 2784 -92.06 -44.71 61.94
C GLU F 2784 -93.56 -44.54 62.03
N LEU F 2785 -94.20 -45.18 63.02
CA LEU F 2785 -95.63 -45.03 63.19
C LEU F 2785 -95.99 -43.63 63.66
N LYS F 2786 -95.10 -42.99 64.42
CA LYS F 2786 -95.35 -41.67 65.01
C LYS F 2786 -96.59 -41.69 65.89
N THR F 2787 -96.80 -42.79 66.60
CA THR F 2787 -97.93 -42.97 67.49
C THR F 2787 -97.44 -43.13 68.92
N HIS F 2788 -98.22 -42.61 69.87
CA HIS F 2788 -97.85 -42.77 71.27
C HIS F 2788 -97.98 -44.24 71.67
N PRO F 2789 -96.94 -44.82 72.26
CA PRO F 2789 -96.98 -46.26 72.59
C PRO F 2789 -98.11 -46.64 73.55
N MET F 2790 -98.45 -45.74 74.49
CA MET F 2790 -99.40 -46.13 75.52
C MET F 2790 -100.84 -46.06 75.01
N LEU F 2791 -101.04 -45.59 73.78
CA LEU F 2791 -102.33 -45.76 73.12
C LEU F 2791 -102.61 -47.24 72.91
N ARG F 2792 -103.60 -47.76 73.63
CA ARG F 2792 -103.90 -49.18 73.61
C ARG F 2792 -105.40 -49.36 73.62
N PRO F 2793 -105.91 -50.50 73.15
CA PRO F 2793 -107.32 -50.82 73.36
C PRO F 2793 -107.62 -50.95 74.85
N TYR F 2794 -108.85 -50.59 75.23
CA TYR F 2794 -109.18 -50.50 76.65
C TYR F 2794 -109.06 -51.86 77.34
N LYS F 2795 -109.33 -52.95 76.62
CA LYS F 2795 -109.14 -54.28 77.19
C LYS F 2795 -107.67 -54.52 77.51
N THR F 2796 -106.77 -54.16 76.59
CA THR F 2796 -105.35 -54.30 76.85
C THR F 2796 -104.81 -53.13 77.65
N PHE F 2797 -105.61 -52.07 77.79
CA PHE F 2797 -105.20 -50.90 78.55
C PHE F 2797 -105.06 -51.23 80.03
N SER F 2798 -103.95 -50.78 80.62
CA SER F 2798 -103.80 -50.87 82.06
C SER F 2798 -104.48 -49.69 82.73
N GLU F 2799 -105.05 -49.92 83.91
CA GLU F 2799 -105.75 -48.84 84.60
C GLU F 2799 -104.77 -47.82 85.18
N LYS F 2800 -103.58 -48.28 85.58
CA LYS F 2800 -102.63 -47.37 86.22
C LYS F 2800 -102.18 -46.27 85.27
N ASP F 2801 -101.90 -46.61 84.01
CA ASP F 2801 -101.52 -45.59 83.04
C ASP F 2801 -102.70 -44.65 82.77
N LYS F 2802 -103.92 -45.17 82.86
CA LYS F 2802 -105.09 -44.30 82.81
C LYS F 2802 -105.09 -43.31 83.96
N GLU F 2803 -104.58 -43.73 85.11
CA GLU F 2803 -104.58 -42.87 86.30
C GLU F 2803 -103.52 -41.77 86.20
N ILE F 2804 -102.34 -42.08 85.65
CA ILE F 2804 -101.25 -41.11 85.67
C ILE F 2804 -101.56 -39.93 84.75
N TYR F 2805 -102.20 -40.18 83.60
CA TYR F 2805 -102.55 -39.10 82.70
C TYR F 2805 -103.85 -38.45 83.16
N ARG F 2806 -104.57 -39.11 84.06
CA ARG F 2806 -105.76 -38.51 84.66
C ARG F 2806 -105.39 -37.27 85.47
N TRP F 2807 -104.19 -37.26 86.06
CA TRP F 2807 -103.81 -36.21 87.00
C TRP F 2807 -103.72 -34.83 86.37
N PRO F 2808 -103.18 -34.64 85.16
CA PRO F 2808 -103.25 -33.28 84.56
C PRO F 2808 -104.66 -32.75 84.37
N ILE F 2809 -105.61 -33.60 84.00
CA ILE F 2809 -107.00 -33.14 83.87
C ILE F 2809 -107.58 -32.84 85.24
N LYS F 2810 -107.24 -33.67 86.24
CA LYS F 2810 -107.51 -33.33 87.63
C LYS F 2810 -106.98 -31.94 87.98
N GLU F 2811 -105.76 -31.62 87.54
CA GLU F 2811 -105.16 -30.33 87.88
C GLU F 2811 -105.86 -29.18 87.18
N SER F 2812 -106.29 -29.38 85.94
CA SER F 2812 -107.05 -28.35 85.24
C SER F 2812 -108.36 -28.05 85.96
N LEU F 2813 -109.12 -29.10 86.28
CA LEU F 2813 -110.35 -28.90 87.05
C LEU F 2813 -110.04 -28.32 88.43
N LYS F 2814 -108.85 -28.64 88.96
CA LYS F 2814 -108.46 -28.12 90.27
C LYS F 2814 -108.24 -26.62 90.21
N ALA F 2815 -107.57 -26.13 89.18
CA ALA F 2815 -107.43 -24.68 89.01
C ALA F 2815 -108.80 -24.04 88.85
N MET F 2816 -109.67 -24.69 88.05
CA MET F 2816 -111.04 -24.20 87.90
C MET F 2816 -111.71 -24.03 89.26
N ILE F 2817 -111.65 -25.05 90.11
CA ILE F 2817 -112.27 -24.97 91.43
C ILE F 2817 -111.58 -23.91 92.29
N ALA F 2818 -110.26 -23.83 92.20
CA ALA F 2818 -109.50 -22.96 93.09
C ALA F 2818 -109.84 -21.50 92.86
N TRP F 2819 -109.99 -21.09 91.60
CA TRP F 2819 -110.29 -19.69 91.32
C TRP F 2819 -111.75 -19.35 91.60
N GLU F 2820 -112.10 -19.50 92.88
CA GLU F 2820 -113.43 -19.18 93.44
C GLU F 2820 -114.56 -19.55 92.49
N TRP F 2821 -114.53 -20.77 91.98
CA TRP F 2821 -115.54 -21.29 91.07
C TRP F 2821 -116.05 -22.63 91.59
N THR F 2822 -117.38 -22.78 91.64
CA THR F 2822 -118.01 -24.00 92.12
C THR F 2822 -118.85 -24.61 91.01
N ILE F 2823 -118.74 -25.92 90.82
CA ILE F 2823 -119.39 -26.64 89.74
C ILE F 2823 -120.67 -27.27 90.27
N GLU F 2824 -121.71 -27.29 89.43
CA GLU F 2824 -122.97 -27.94 89.74
C GLU F 2824 -123.81 -28.04 88.48
N LYS F 2825 -124.42 -29.21 88.27
CA LYS F 2825 -125.26 -29.46 87.11
C LYS F 2825 -126.68 -29.78 87.56
N ALA F 2826 -127.65 -29.09 86.98
CA ALA F 2826 -129.04 -29.37 87.28
C ALA F 2826 -129.44 -30.76 86.79
N ARG F 2827 -129.01 -31.12 85.58
CA ARG F 2827 -129.30 -32.45 85.05
C ARG F 2827 -128.40 -33.49 85.69
N GLU F 2828 -128.88 -34.73 85.74
CA GLU F 2828 -128.14 -35.85 86.28
C GLU F 2828 -127.74 -36.80 85.16
N GLY F 2829 -126.44 -37.10 85.08
CA GLY F 2829 -125.94 -37.99 84.07
C GLY F 2829 -125.28 -39.23 84.64
N GLU F 2830 -125.75 -40.40 84.22
CA GLU F 2830 -125.23 -41.68 84.69
C GLU F 2830 -125.25 -41.79 86.21
N TYR F 2855 -111.51 -48.10 70.25
CA TYR F 2855 -110.67 -47.20 71.02
C TYR F 2855 -110.83 -45.78 70.48
N ASN F 2856 -111.99 -45.51 69.86
CA ASN F 2856 -112.31 -44.20 69.36
C ASN F 2856 -113.55 -43.66 70.08
N PRO F 2857 -113.52 -42.40 70.53
CA PRO F 2857 -114.70 -41.85 71.22
C PRO F 2857 -115.88 -41.71 70.28
N GLN F 2858 -117.08 -41.84 70.83
CA GLN F 2858 -118.27 -41.60 70.02
C GLN F 2858 -118.45 -40.11 69.71
N PRO F 2859 -118.50 -39.20 70.67
CA PRO F 2859 -118.46 -37.77 70.33
C PRO F 2859 -117.05 -37.22 70.42
N PRO F 2860 -116.64 -36.39 69.47
CA PRO F 2860 -115.38 -35.67 69.62
C PRO F 2860 -115.60 -34.34 70.32
N ASP F 2861 -114.66 -33.99 71.20
CA ASP F 2861 -114.73 -32.74 71.95
C ASP F 2861 -113.90 -31.68 71.21
N LEU F 2862 -114.57 -30.64 70.74
CA LEU F 2862 -113.95 -29.58 69.96
C LEU F 2862 -114.12 -28.25 70.67
N SER F 2863 -113.02 -27.49 70.77
CA SER F 2863 -113.09 -26.17 71.41
C SER F 2863 -113.79 -25.16 70.51
N GLY F 2864 -114.00 -25.49 69.24
CA GLY F 2864 -114.59 -24.54 68.31
C GLY F 2864 -116.07 -24.33 68.54
N VAL F 2865 -116.73 -25.29 69.20
CA VAL F 2865 -118.17 -25.18 69.41
C VAL F 2865 -118.48 -24.02 70.34
N THR F 2866 -119.69 -23.50 70.24
CA THR F 2866 -120.06 -22.31 70.99
C THR F 2866 -120.14 -22.59 72.49
N LEU F 2867 -120.08 -21.52 73.28
CA LEU F 2867 -120.08 -21.62 74.74
C LEU F 2867 -120.57 -20.30 75.32
N SER F 2868 -121.00 -20.35 76.58
CA SER F 2868 -121.47 -19.16 77.26
C SER F 2868 -120.36 -18.12 77.39
N ARG F 2869 -120.73 -16.84 77.38
CA ARG F 2869 -119.73 -15.79 77.47
C ARG F 2869 -119.06 -15.77 78.84
N GLU F 2870 -119.84 -15.98 79.90
CA GLU F 2870 -119.25 -16.07 81.23
CA GLU F 2870 -119.26 -16.07 81.24
C GLU F 2870 -118.33 -17.28 81.34
N LEU F 2871 -118.72 -18.40 80.75
CA LEU F 2871 -117.88 -19.58 80.74
C LEU F 2871 -116.57 -19.32 79.99
N GLN F 2872 -116.66 -18.58 78.89
CA GLN F 2872 -115.46 -18.22 78.14
C GLN F 2872 -114.57 -17.28 78.93
N ALA F 2873 -115.17 -16.36 79.70
CA ALA F 2873 -114.37 -15.49 80.55
C ALA F 2873 -113.65 -16.28 81.63
N MET F 2874 -114.34 -17.26 82.24
CA MET F 2874 -113.68 -18.14 83.20
C MET F 2874 -112.56 -18.93 82.52
N ALA F 2875 -112.78 -19.35 81.28
CA ALA F 2875 -111.75 -20.10 80.55
C ALA F 2875 -110.54 -19.22 80.25
N GLU F 2876 -110.77 -17.94 79.95
CA GLU F 2876 -109.64 -17.04 79.72
C GLU F 2876 -108.88 -16.78 81.01
N GLN F 2877 -109.60 -16.69 82.13
CA GLN F 2877 -108.91 -16.59 83.42
C GLN F 2877 -108.08 -17.85 83.68
N LEU F 2878 -108.65 -19.02 83.38
CA LEU F 2878 -107.89 -20.26 83.48
C LEU F 2878 -106.68 -20.24 82.54
N ALA F 2879 -106.80 -19.60 81.39
CA ALA F 2879 -105.68 -19.48 80.47
C ALA F 2879 -104.55 -18.67 81.11
N GLU F 2880 -104.90 -17.57 81.77
CA GLU F 2880 -103.89 -16.82 82.50
C GLU F 2880 -103.27 -17.66 83.61
N ASN F 2881 -104.10 -18.46 84.30
CA ASN F 2881 -103.58 -19.33 85.35
C ASN F 2881 -102.61 -20.37 84.80
N TYR F 2882 -102.96 -21.01 83.69
CA TYR F 2882 -102.07 -22.00 83.07
C TYR F 2882 -100.79 -21.34 82.59
N HIS F 2883 -100.90 -20.14 82.02
CA HIS F 2883 -99.71 -19.42 81.58
C HIS F 2883 -98.81 -19.09 82.76
N ASN F 2884 -99.38 -18.72 83.90
CA ASN F 2884 -98.55 -18.40 85.05
C ASN F 2884 -97.92 -19.66 85.65
N THR F 2885 -98.65 -20.78 85.62
CA THR F 2885 -98.06 -22.04 86.09
C THR F 2885 -96.86 -22.44 85.24
N TRP F 2886 -97.00 -22.36 83.92
CA TRP F 2886 -95.87 -22.67 83.03
C TRP F 2886 -94.75 -21.65 83.19
N GLY F 2887 -95.11 -20.38 83.34
CA GLY F 2887 -94.10 -19.36 83.56
C GLY F 2887 -93.41 -19.50 84.90
N ARG F 2888 -94.02 -20.25 85.83
CA ARG F 2888 -93.34 -20.52 87.09
C ARG F 2888 -92.09 -21.37 86.87
N LYS F 2889 -92.21 -22.49 86.15
CA LYS F 2889 -91.02 -23.28 85.87
C LYS F 2889 -90.07 -22.54 84.93
N LYS F 2890 -90.62 -21.76 84.00
CA LYS F 2890 -89.75 -20.95 83.14
C LYS F 2890 -88.95 -19.94 83.96
N LYS F 2891 -89.58 -19.33 84.96
CA LYS F 2891 -88.91 -18.35 85.80
C LYS F 2891 -87.95 -19.02 86.77
N GLN F 2892 -88.23 -20.26 87.15
CA GLN F 2892 -87.26 -21.03 87.93
C GLN F 2892 -86.01 -21.30 87.11
N GLU F 2893 -86.19 -21.62 85.82
CA GLU F 2893 -85.03 -21.76 84.94
C GLU F 2893 -84.29 -20.44 84.79
N LEU F 2894 -85.02 -19.34 84.62
CA LEU F 2894 -84.39 -18.04 84.40
C LEU F 2894 -83.64 -17.56 85.64
N GLU F 2895 -84.19 -17.80 86.83
CA GLU F 2895 -83.64 -17.21 88.05
C GLU F 2895 -82.34 -17.90 88.45
N ALA F 2896 -82.16 -19.15 88.02
CA ALA F 2896 -80.88 -19.82 88.28
C ALA F 2896 -79.74 -19.09 87.60
N LYS F 2897 -79.93 -18.68 86.35
CA LYS F 2897 -78.97 -17.79 85.71
C LYS F 2897 -78.95 -16.42 86.38
N GLY F 2898 -80.12 -15.92 86.76
CA GLY F 2898 -80.22 -14.66 87.47
C GLY F 2898 -80.17 -13.42 86.61
N GLY F 2899 -80.18 -13.57 85.29
CA GLY F 2899 -80.07 -12.40 84.42
C GLY F 2899 -81.00 -12.43 83.22
N GLY F 2900 -81.44 -11.25 82.79
CA GLY F 2900 -82.32 -11.15 81.64
C GLY F 2900 -83.72 -11.62 81.94
N THR F 2901 -84.52 -11.70 80.88
CA THR F 2901 -85.89 -12.19 80.97
C THR F 2901 -86.09 -13.28 79.93
N HIS F 2902 -86.87 -14.30 80.30
CA HIS F 2902 -87.22 -15.34 79.33
C HIS F 2902 -88.13 -14.73 78.27
N PRO F 2903 -87.91 -15.03 76.99
CA PRO F 2903 -88.65 -14.32 75.94
C PRO F 2903 -90.15 -14.54 75.98
N LEU F 2904 -90.63 -15.60 76.62
CA LEU F 2904 -92.02 -15.99 76.51
C LEU F 2904 -92.84 -15.74 77.77
N LEU F 2905 -92.25 -15.19 78.84
CA LEU F 2905 -93.01 -14.90 80.04
C LEU F 2905 -93.19 -13.39 80.18
N VAL F 2906 -94.40 -12.91 79.85
CA VAL F 2906 -94.78 -11.51 80.02
C VAL F 2906 -96.21 -11.50 80.54
N PRO F 2907 -96.69 -10.42 81.15
CA PRO F 2907 -98.05 -10.41 81.69
C PRO F 2907 -99.10 -10.66 80.62
N TYR F 2908 -100.24 -11.22 81.05
CA TYR F 2908 -101.24 -11.72 80.12
C TYR F 2908 -101.78 -10.61 79.23
N ASP F 2909 -102.06 -9.44 79.80
CA ASP F 2909 -102.54 -8.32 79.00
C ASP F 2909 -101.46 -7.86 78.02
N THR F 2910 -100.19 -8.00 78.40
CA THR F 2910 -99.10 -7.53 77.55
C THR F 2910 -98.86 -8.47 76.38
N LEU F 2911 -98.99 -9.78 76.60
CA LEU F 2911 -98.71 -10.75 75.54
C LEU F 2911 -99.82 -10.74 74.50
N THR F 2912 -99.45 -11.13 73.27
CA THR F 2912 -100.39 -11.14 72.16
C THR F 2912 -101.44 -12.22 72.34
N ALA F 2913 -102.54 -12.08 71.59
CA ALA F 2913 -103.67 -12.99 71.74
C ALA F 2913 -103.28 -14.42 71.37
N LYS F 2914 -102.45 -14.60 70.35
CA LYS F 2914 -102.14 -15.93 69.85
C LYS F 2914 -101.42 -16.79 70.90
N GLU F 2915 -100.49 -16.20 71.64
CA GLU F 2915 -99.87 -16.94 72.74
C GLU F 2915 -100.87 -17.21 73.84
N LYS F 2916 -101.73 -16.23 74.15
CA LYS F 2916 -102.86 -16.47 75.04
C LYS F 2916 -103.82 -17.48 74.45
N ALA F 2917 -103.82 -17.61 73.12
CA ALA F 2917 -104.82 -18.43 72.45
C ALA F 2917 -104.62 -19.91 72.72
N ARG F 2918 -103.38 -20.35 72.97
CA ARG F 2918 -103.15 -21.77 73.23
C ARG F 2918 -103.73 -22.20 74.58
N ASP F 2919 -103.39 -21.45 75.65
CA ASP F 2919 -103.96 -21.74 76.95
C ASP F 2919 -105.47 -21.54 76.94
N ARG F 2920 -105.93 -20.49 76.24
CA ARG F 2920 -107.37 -20.28 76.09
C ARG F 2920 -108.01 -21.45 75.37
N GLU F 2921 -107.33 -22.02 74.38
CA GLU F 2921 -107.91 -23.12 73.61
C GLU F 2921 -108.03 -24.38 74.46
N LYS F 2922 -107.01 -24.69 75.27
CA LYS F 2922 -107.12 -25.88 76.11
C LYS F 2922 -108.15 -25.66 77.23
N ALA F 2923 -108.24 -24.44 77.76
CA ALA F 2923 -109.30 -24.13 78.70
C ALA F 2923 -110.67 -24.22 78.04
N GLN F 2924 -110.79 -23.79 76.78
CA GLN F 2924 -112.04 -23.92 76.05
C GLN F 2924 -112.39 -25.37 75.81
N GLU F 2925 -111.39 -26.22 75.56
CA GLU F 2925 -111.65 -27.65 75.41
C GLU F 2925 -112.23 -28.23 76.70
N LEU F 2926 -111.65 -27.86 77.84
CA LEU F 2926 -112.20 -28.28 79.12
C LEU F 2926 -113.64 -27.76 79.30
N LEU F 2927 -113.87 -26.48 78.97
CA LEU F 2927 -115.19 -25.90 79.14
C LEU F 2927 -116.20 -26.52 78.19
N LYS F 2928 -115.78 -26.91 76.99
CA LYS F 2928 -116.66 -27.59 76.07
C LYS F 2928 -117.05 -28.97 76.61
N PHE F 2929 -116.09 -29.67 77.22
CA PHE F 2929 -116.44 -30.95 77.82
C PHE F 2929 -117.45 -30.77 78.96
N LEU F 2930 -117.25 -29.73 79.78
CA LEU F 2930 -118.24 -29.45 80.83
C LEU F 2930 -119.59 -29.11 80.22
N GLN F 2931 -119.60 -28.36 79.12
CA GLN F 2931 -120.84 -28.01 78.45
C GLN F 2931 -121.57 -29.25 77.93
N MET F 2932 -120.82 -30.18 77.32
CA MET F 2932 -121.44 -31.41 76.81
C MET F 2932 -121.97 -32.25 77.96
N ASN F 2933 -121.23 -32.35 79.06
CA ASN F 2933 -121.71 -33.12 80.20
C ASN F 2933 -122.86 -32.41 80.91
N GLY F 2934 -123.04 -31.11 80.64
CA GLY F 2934 -124.06 -30.34 81.29
C GLY F 2934 -123.64 -29.66 82.58
N TYR F 2935 -122.41 -29.86 83.01
CA TYR F 2935 -121.93 -29.25 84.25
C TYR F 2935 -121.82 -27.74 84.08
N ALA F 2936 -122.31 -27.00 85.07
CA ALA F 2936 -122.30 -25.55 85.08
C ALA F 2936 -121.52 -25.06 86.29
N VAL F 2937 -120.71 -24.03 86.08
CA VAL F 2937 -119.89 -23.45 87.14
C VAL F 2937 -120.17 -21.95 87.21
N THR F 2938 -120.40 -21.46 88.43
CA THR F 2938 -120.69 -20.06 88.68
C THR F 2938 -119.65 -19.49 89.64
N ARG F 2939 -119.30 -18.22 89.44
CA ARG F 2939 -118.32 -17.55 90.30
C ARG F 2939 -118.78 -17.54 91.76
N LEU F 2946 -119.47 2.59 84.42
CA LEU F 2946 -120.68 1.79 84.39
C LEU F 2946 -121.74 2.43 83.49
N ASP F 2947 -122.06 1.76 82.37
CA ASP F 2947 -123.02 2.25 81.40
C ASP F 2947 -122.64 3.64 80.91
N THR F 2948 -121.34 3.87 80.71
CA THR F 2948 -120.88 5.16 80.23
C THR F 2948 -121.31 5.39 78.79
N SER F 2949 -121.85 6.57 78.52
CA SER F 2949 -122.27 6.91 77.17
C SER F 2949 -121.05 7.03 76.25
N SER F 2950 -121.28 6.80 74.96
CA SER F 2950 -120.19 6.89 73.99
C SER F 2950 -119.60 8.30 73.97
N ILE F 2951 -120.43 9.31 74.20
CA ILE F 2951 -119.91 10.69 74.25
C ILE F 2951 -118.97 10.85 75.44
N GLU F 2952 -119.35 10.34 76.60
CA GLU F 2952 -118.51 10.48 77.78
C GLU F 2952 -117.24 9.66 77.66
N LYS F 2953 -117.29 8.57 76.89
CA LYS F 2953 -116.11 7.71 76.75
C LYS F 2953 -115.02 8.37 75.94
N ARG F 2954 -115.35 9.43 75.21
CA ARG F 2954 -114.40 10.02 74.28
C ARG F 2954 -113.24 10.68 75.01
N PHE F 2955 -112.05 10.56 74.41
CA PHE F 2955 -110.84 11.09 75.04
C PHE F 2955 -110.91 12.59 75.22
N ALA F 2956 -111.44 13.30 74.22
CA ALA F 2956 -111.60 14.74 74.36
C ALA F 2956 -112.55 15.07 75.49
N PHE F 2957 -113.61 14.29 75.66
CA PHE F 2957 -114.55 14.51 76.76
C PHE F 2957 -113.86 14.36 78.11
N GLY F 2958 -113.11 13.27 78.29
CA GLY F 2958 -112.42 13.08 79.56
C GLY F 2958 -111.37 14.15 79.81
N PHE F 2959 -110.62 14.52 78.77
CA PHE F 2959 -109.60 15.55 78.91
C PHE F 2959 -110.21 16.88 79.31
N LEU F 2960 -111.33 17.25 78.69
CA LEU F 2960 -111.99 18.51 79.04
C LEU F 2960 -112.57 18.46 80.44
N GLN F 2961 -113.09 17.31 80.87
CA GLN F 2961 -113.55 17.20 82.25
C GLN F 2961 -112.41 17.43 83.23
N GLN F 2962 -111.26 16.83 82.95
CA GLN F 2962 -110.09 17.05 83.80
C GLN F 2962 -109.68 18.52 83.81
N LEU F 2963 -109.75 19.16 82.64
CA LEU F 2963 -109.40 20.57 82.56
C LEU F 2963 -110.36 21.42 83.38
N LEU F 2964 -111.65 21.11 83.36
CA LEU F 2964 -112.60 21.89 84.17
C LEU F 2964 -112.38 21.67 85.66
N ARG F 2965 -112.05 20.44 86.06
CA ARG F 2965 -111.77 20.21 87.48
C ARG F 2965 -110.53 20.99 87.92
N TRP F 2966 -109.46 20.93 87.12
CA TRP F 2966 -108.30 21.76 87.40
C TRP F 2966 -108.65 23.23 87.31
N MET F 2967 -109.69 23.58 86.56
CA MET F 2967 -110.07 24.97 86.39
C MET F 2967 -110.71 25.51 87.66
N ASP F 2968 -111.56 24.71 88.30
CA ASP F 2968 -112.11 25.13 89.60
C ASP F 2968 -111.01 25.16 90.65
N ILE F 2969 -110.07 24.22 90.60
CA ILE F 2969 -108.91 24.31 91.50
C ILE F 2969 -108.13 25.60 91.24
N SER F 2970 -108.05 26.02 89.97
CA SER F 2970 -107.38 27.26 89.62
C SER F 2970 -108.08 28.46 90.22
N GLN F 2971 -109.41 28.48 90.12
CA GLN F 2971 -110.16 29.56 90.76
C GLN F 2971 -109.88 29.58 92.26
N GLU F 2972 -109.81 28.40 92.88
CA GLU F 2972 -109.56 28.35 94.31
C GLU F 2972 -108.19 28.95 94.65
N PHE F 2973 -107.14 28.55 93.94
CA PHE F 2973 -105.83 29.02 94.39
C PHE F 2973 -105.60 30.49 93.98
N ILE F 2974 -106.26 30.95 92.92
CA ILE F 2974 -106.14 32.39 92.62
C ILE F 2974 -106.85 33.20 93.68
N ALA F 2975 -107.99 32.71 94.18
CA ALA F 2975 -108.64 33.39 95.29
C ALA F 2975 -107.75 33.43 96.51
N HIS F 2976 -107.09 32.30 96.81
CA HIS F 2976 -106.20 32.25 97.96
C HIS F 2976 -105.03 33.22 97.78
N LEU F 2977 -104.48 33.30 96.57
CA LEU F 2977 -103.35 34.19 96.32
C LEU F 2977 -103.78 35.65 96.40
N GLU F 2978 -104.99 35.97 95.93
CA GLU F 2978 -105.52 37.32 96.09
C GLU F 2978 -105.66 37.67 97.56
N ALA F 2979 -106.15 36.72 98.37
CA ALA F 2979 -106.26 36.96 99.80
C ALA F 2979 -104.89 37.26 100.42
N VAL F 2980 -103.88 36.47 100.06
CA VAL F 2980 -102.58 36.65 100.70
C VAL F 2980 -101.92 37.95 100.24
N VAL F 2981 -102.07 38.31 98.96
CA VAL F 2981 -101.46 39.56 98.50
C VAL F 2981 -102.20 40.76 99.09
N SER F 2982 -103.51 40.62 99.35
CA SER F 2982 -104.23 41.67 100.05
C SER F 2982 -103.72 41.81 101.48
N SER F 2983 -103.53 40.69 102.18
CA SER F 2983 -103.00 40.73 103.54
C SER F 2983 -102.54 39.34 103.93
N GLY F 2984 -101.53 39.31 104.82
CA GLY F 2984 -101.04 38.07 105.37
C GLY F 2984 -100.47 37.10 104.35
N ARG F 2985 -99.54 37.57 103.52
CA ARG F 2985 -98.95 36.70 102.51
C ARG F 2985 -98.18 35.56 103.19
N VAL F 2986 -98.24 34.38 102.58
CA VAL F 2986 -97.76 33.14 103.19
C VAL F 2986 -96.45 32.74 102.53
N GLU F 2987 -95.45 32.42 103.36
CA GLU F 2987 -94.18 31.92 102.85
C GLU F 2987 -94.35 30.56 102.17
N LYS F 2988 -95.11 29.66 102.80
CA LYS F 2988 -95.26 28.31 102.26
C LYS F 2988 -95.99 28.34 100.92
N SER F 2989 -97.15 28.98 100.87
CA SER F 2989 -98.04 28.94 99.72
C SER F 2989 -98.31 27.49 99.31
N PRO F 2990 -99.12 26.76 100.07
CA PRO F 2990 -99.35 25.34 99.74
C PRO F 2990 -99.94 25.14 98.35
N HIS F 2991 -100.68 26.14 97.87
CA HIS F 2991 -101.32 26.01 96.56
C HIS F 2991 -100.32 26.29 95.44
N GLU F 2992 -99.12 26.77 95.79
CA GLU F 2992 -98.16 27.20 94.77
C GLU F 2992 -97.72 26.02 93.90
N GLN F 2993 -97.70 24.81 94.46
CA GLN F 2993 -97.39 23.64 93.64
C GLN F 2993 -98.45 23.44 92.55
N GLU F 2994 -99.72 23.58 92.93
CA GLU F 2994 -100.80 23.50 91.94
C GLU F 2994 -100.69 24.62 90.92
N ILE F 2995 -100.32 25.83 91.37
CA ILE F 2995 -100.15 26.94 90.44
C ILE F 2995 -99.05 26.62 89.44
N LYS F 2996 -97.94 26.07 89.91
CA LYS F 2996 -96.83 25.75 89.03
C LYS F 2996 -97.21 24.68 88.02
N PHE F 2997 -97.93 23.64 88.47
CA PHE F 2997 -98.36 22.61 87.53
C PHE F 2997 -99.34 23.18 86.52
N PHE F 2998 -100.23 24.07 86.97
CA PHE F 2998 -101.20 24.69 86.08
C PHE F 2998 -100.50 25.55 85.03
N ALA F 2999 -99.43 26.23 85.44
CA ALA F 2999 -98.76 27.16 84.53
C ALA F 2999 -97.85 26.44 83.54
N LYS F 3000 -97.01 25.53 84.04
CA LYS F 3000 -95.99 24.94 83.16
C LYS F 3000 -96.60 23.94 82.19
N ILE F 3001 -97.59 23.17 82.62
CA ILE F 3001 -98.11 22.05 81.85
C ILE F 3001 -99.48 22.36 81.26
N LEU F 3002 -100.44 22.76 82.10
CA LEU F 3002 -101.82 22.84 81.67
C LEU F 3002 -102.03 23.86 80.56
N LEU F 3003 -101.44 25.05 80.70
CA LEU F 3003 -101.63 26.07 79.68
C LEU F 3003 -101.04 25.67 78.32
N PRO F 3004 -99.78 25.24 78.22
CA PRO F 3004 -99.29 24.78 76.90
C PRO F 3004 -100.04 23.58 76.38
N LEU F 3005 -100.44 22.66 77.25
CA LEU F 3005 -101.19 21.49 76.79
C LEU F 3005 -102.52 21.91 76.20
N ILE F 3006 -103.25 22.80 76.86
CA ILE F 3006 -104.52 23.29 76.35
C ILE F 3006 -104.30 24.01 75.02
N ASN F 3007 -103.28 24.87 74.96
CA ASN F 3007 -102.99 25.61 73.73
C ASN F 3007 -102.77 24.65 72.56
N GLN F 3008 -101.87 23.68 72.73
CA GLN F 3008 -101.57 22.77 71.64
C GLN F 3008 -102.77 21.92 71.27
N TYR F 3009 -103.46 21.36 72.26
CA TYR F 3009 -104.57 20.47 71.97
C TYR F 3009 -105.69 21.18 71.22
N PHE F 3010 -106.02 22.40 71.61
CA PHE F 3010 -107.12 23.10 70.94
C PHE F 3010 -106.64 23.84 69.71
N THR F 3011 -105.32 23.91 69.50
CA THR F 3011 -104.82 24.35 68.21
C THR F 3011 -104.93 23.25 67.16
N ASN F 3012 -104.69 22.00 67.57
CA ASN F 3012 -104.72 20.91 66.59
C ASN F 3012 -106.15 20.54 66.20
N HIS F 3013 -107.07 20.50 67.16
CA HIS F 3013 -108.41 19.97 66.93
C HIS F 3013 -109.48 21.05 66.89
N CYS F 3014 -109.12 22.29 66.58
CA CYS F 3014 -110.11 23.35 66.48
C CYS F 3014 -111.13 23.04 65.40
N LEU F 3015 -110.69 22.47 64.28
CA LEU F 3015 -111.61 22.11 63.21
C LEU F 3015 -112.60 21.06 63.68
N TYR F 3016 -112.13 20.05 64.41
CA TYR F 3016 -113.03 19.02 64.91
C TYR F 3016 -114.05 19.61 65.89
N PHE F 3017 -113.60 20.52 66.76
CA PHE F 3017 -114.53 21.13 67.70
C PHE F 3017 -115.54 22.03 67.00
N LEU F 3018 -115.12 22.69 65.92
CA LEU F 3018 -116.02 23.58 65.20
C LEU F 3018 -116.98 22.80 64.31
N SER F 3019 -116.62 21.56 63.96
CA SER F 3019 -117.45 20.78 63.05
C SER F 3019 -118.81 20.48 63.65
N THR F 3020 -119.80 20.37 62.78
CA THR F 3020 -121.18 20.06 63.14
C THR F 3020 -121.61 18.82 62.38
N PRO F 3021 -122.61 18.08 62.89
CA PRO F 3021 -123.08 16.91 62.14
C PRO F 3021 -123.57 17.24 60.75
N ALA F 3022 -124.20 18.40 60.58
CA ALA F 3022 -124.66 18.80 59.25
C ALA F 3022 -123.50 19.20 58.36
N LYS F 3023 -122.56 19.99 58.89
CA LYS F 3023 -121.44 20.51 58.11
C LYS F 3023 -120.16 20.26 58.90
N VAL F 3024 -119.19 19.60 58.27
CA VAL F 3024 -117.96 19.20 58.93
C VAL F 3024 -116.79 19.91 58.27
N LEU F 3025 -116.15 20.82 59.01
CA LEU F 3025 -114.90 21.40 58.53
C LEU F 3025 -113.73 20.44 58.70
N GLY F 3026 -113.72 19.68 59.79
CA GLY F 3026 -112.60 18.81 60.06
C GLY F 3026 -112.53 17.64 59.09
N SER F 3027 -111.34 17.04 59.02
CA SER F 3027 -111.14 15.90 58.13
C SER F 3027 -112.01 14.71 58.54
N GLY F 3028 -112.07 14.40 59.83
CA GLY F 3028 -112.83 13.28 60.30
C GLY F 3028 -113.53 13.51 61.63
N GLY F 3029 -114.81 13.21 61.69
CA GLY F 3029 -115.56 13.30 62.92
C GLY F 3029 -115.95 14.72 63.27
N HIS F 3030 -116.86 14.83 64.24
CA HIS F 3030 -117.34 16.11 64.72
C HIS F 3030 -117.56 16.05 66.21
N ALA F 3031 -117.33 17.17 66.88
CA ALA F 3031 -117.44 17.22 68.33
C ALA F 3031 -118.90 17.13 68.75
N SER F 3032 -119.12 16.52 69.91
CA SER F 3032 -120.46 16.47 70.48
C SER F 3032 -120.87 17.83 70.98
N ASN F 3033 -122.19 18.05 71.05
CA ASN F 3033 -122.70 19.31 71.58
C ASN F 3033 -122.27 19.49 73.03
N LYS F 3034 -122.24 18.40 73.80
CA LYS F 3034 -121.79 18.49 75.18
C LYS F 3034 -120.32 18.91 75.25
N GLU F 3035 -119.50 18.38 74.34
CA GLU F 3035 -118.09 18.78 74.27
C GLU F 3035 -117.96 20.27 73.93
N LYS F 3036 -118.79 20.75 73.00
CA LYS F 3036 -118.76 22.17 72.65
C LYS F 3036 -119.16 23.03 73.86
N GLU F 3037 -120.18 22.60 74.59
CA GLU F 3037 -120.57 23.31 75.80
C GLU F 3037 -119.44 23.31 76.82
N MET F 3038 -118.74 22.19 76.93
CA MET F 3038 -117.65 22.08 77.91
C MET F 3038 -116.47 22.99 77.54
N ILE F 3039 -116.14 23.07 76.24
CA ILE F 3039 -115.05 23.97 75.84
C ILE F 3039 -115.47 25.43 76.01
N THR F 3040 -116.74 25.74 75.75
CA THR F 3040 -117.23 27.10 76.00
C THR F 3040 -117.14 27.45 77.48
N SER F 3041 -117.52 26.50 78.35
CA SER F 3041 -117.41 26.73 79.79
C SER F 3041 -115.97 26.93 80.20
N LEU F 3042 -115.05 26.15 79.60
CA LEU F 3042 -113.63 26.34 79.91
C LEU F 3042 -113.16 27.74 79.50
N PHE F 3043 -113.61 28.22 78.33
CA PHE F 3043 -113.23 29.56 77.90
C PHE F 3043 -113.75 30.62 78.86
N CYS F 3044 -115.02 30.50 79.27
CA CYS F 3044 -115.58 31.47 80.21
C CYS F 3044 -114.85 31.44 81.54
N LYS F 3045 -114.53 30.24 82.04
CA LYS F 3045 -113.82 30.13 83.30
C LYS F 3045 -112.43 30.74 83.22
N LEU F 3046 -111.72 30.50 82.11
CA LEU F 3046 -110.39 31.10 81.95
C LEU F 3046 -110.48 32.62 81.90
N ALA F 3047 -111.50 33.15 81.19
CA ALA F 3047 -111.68 34.59 81.15
C ALA F 3047 -111.93 35.17 82.54
N ALA F 3048 -112.80 34.51 83.31
CA ALA F 3048 -113.07 34.97 84.67
C ALA F 3048 -111.82 34.88 85.55
N LEU F 3049 -111.03 33.83 85.36
CA LEU F 3049 -109.78 33.67 86.10
C LEU F 3049 -108.82 34.82 85.81
N VAL F 3050 -108.67 35.17 84.53
CA VAL F 3050 -107.72 36.22 84.15
C VAL F 3050 -108.26 37.62 84.37
N ARG F 3051 -109.56 37.77 84.61
CA ARG F 3051 -110.16 39.10 84.78
C ARG F 3051 -109.54 39.78 86.00
N HIS F 3052 -108.79 40.85 85.77
CA HIS F 3052 -108.11 41.68 86.77
C HIS F 3052 -107.03 40.94 87.53
N ARG F 3053 -106.58 39.77 87.05
CA ARG F 3053 -105.54 39.01 87.72
C ARG F 3053 -104.23 38.99 86.94
N VAL F 3054 -104.04 39.93 86.00
CA VAL F 3054 -102.85 39.92 85.16
C VAL F 3054 -101.60 40.17 85.99
N SER F 3055 -101.67 41.14 86.91
CA SER F 3055 -100.51 41.41 87.76
C SER F 3055 -100.18 40.22 88.64
N LEU F 3056 -101.19 39.58 89.22
CA LEU F 3056 -100.96 38.39 90.03
C LEU F 3056 -100.39 37.26 89.18
N PHE F 3057 -100.91 37.09 87.96
CA PHE F 3057 -100.40 36.03 87.09
C PHE F 3057 -98.94 36.26 86.74
N GLY F 3058 -98.56 37.50 86.47
CA GLY F 3058 -97.17 37.80 86.15
C GLY F 3058 -96.79 37.22 84.81
N THR F 3059 -95.79 36.33 84.82
CA THR F 3059 -95.31 35.74 83.57
C THR F 3059 -96.33 34.77 82.98
N ASP F 3060 -97.31 34.35 83.79
CA ASP F 3060 -98.33 33.44 83.30
C ASP F 3060 -99.31 34.13 82.36
N ALA F 3061 -99.41 35.45 82.46
CA ALA F 3061 -100.42 36.18 81.69
C ALA F 3061 -100.29 36.02 80.18
N PRO F 3062 -99.10 36.12 79.56
CA PRO F 3062 -99.05 35.89 78.11
C PRO F 3062 -99.53 34.51 77.70
N ALA F 3063 -99.14 33.47 78.43
CA ALA F 3063 -99.62 32.13 78.12
C ALA F 3063 -101.13 32.04 78.28
N VAL F 3064 -101.67 32.69 79.32
CA VAL F 3064 -103.10 32.65 79.56
C VAL F 3064 -103.85 33.31 78.41
N VAL F 3065 -103.37 34.45 77.94
CA VAL F 3065 -104.08 35.15 76.87
C VAL F 3065 -103.93 34.39 75.55
N ASN F 3066 -102.80 33.74 75.33
CA ASN F 3066 -102.67 32.89 74.14
C ASN F 3066 -103.67 31.73 74.19
N CYS F 3067 -103.80 31.09 75.35
CA CYS F 3067 -104.78 30.03 75.51
C CYS F 3067 -106.20 30.58 75.30
N LEU F 3068 -106.45 31.81 75.76
CA LEU F 3068 -107.77 32.40 75.57
C LEU F 3068 -108.08 32.62 74.10
N HIS F 3069 -107.11 33.11 73.33
CA HIS F 3069 -107.31 33.27 71.90
C HIS F 3069 -107.54 31.92 71.23
N ILE F 3070 -106.77 30.91 71.61
CA ILE F 3070 -106.94 29.59 71.01
C ILE F 3070 -108.32 29.04 71.32
N LEU F 3071 -108.78 29.21 72.57
CA LEU F 3071 -110.12 28.75 72.93
C LEU F 3071 -111.19 29.53 72.17
N ALA F 3072 -110.99 30.85 72.01
CA ALA F 3072 -111.96 31.65 71.28
C ALA F 3072 -112.11 31.17 69.85
N ARG F 3073 -110.99 30.84 69.18
CA ARG F 3073 -111.09 30.26 67.85
C ARG F 3073 -111.71 28.87 67.91
N SER F 3074 -111.51 28.15 69.00
CA SER F 3074 -111.94 26.76 69.07
C SER F 3074 -113.45 26.62 69.26
N LEU F 3075 -114.05 27.51 70.05
CA LEU F 3075 -115.43 27.28 70.49
C LEU F 3075 -116.42 27.51 69.36
N ASP F 3076 -117.44 26.66 69.31
CA ASP F 3076 -118.56 26.79 68.38
C ASP F 3076 -119.72 27.38 69.17
N ALA F 3077 -119.92 28.70 69.04
CA ALA F 3077 -120.88 29.38 69.90
C ALA F 3077 -122.32 29.12 69.47
N ARG F 3078 -122.54 28.93 68.17
CA ARG F 3078 -123.91 28.76 67.68
C ARG F 3078 -124.58 27.54 68.27
N THR F 3079 -123.90 26.38 68.21
CA THR F 3079 -124.48 25.15 68.72
C THR F 3079 -124.72 25.24 70.22
N VAL F 3080 -123.77 25.84 70.95
CA VAL F 3080 -123.91 25.97 72.40
C VAL F 3080 -125.12 26.84 72.73
N MET F 3081 -125.28 27.96 72.02
CA MET F 3081 -126.41 28.84 72.30
C MET F 3081 -127.74 28.19 71.94
N LYS F 3082 -127.79 27.48 70.81
CA LYS F 3082 -129.05 26.87 70.40
C LYS F 3082 -129.44 25.72 71.31
N SER F 3083 -128.52 24.80 71.58
CA SER F 3083 -128.78 23.62 72.41
C SER F 3083 -127.63 23.47 73.40
N GLY F 3084 -127.79 24.09 74.57
CA GLY F 3084 -126.80 24.01 75.61
C GLY F 3084 -127.40 24.22 76.98
N PRO F 3085 -126.70 23.79 78.02
CA PRO F 3085 -127.20 24.00 79.39
C PRO F 3085 -127.28 25.48 79.72
N GLU F 3086 -128.29 25.83 80.49
CA GLU F 3086 -128.56 27.23 80.79
C GLU F 3086 -127.39 27.87 81.51
N ILE F 3087 -126.69 27.12 82.36
CA ILE F 3087 -125.59 27.70 83.10
C ILE F 3087 -124.40 28.04 82.18
N VAL F 3088 -124.14 27.19 81.17
CA VAL F 3088 -123.07 27.49 80.23
C VAL F 3088 -123.45 28.68 79.35
N LYS F 3089 -124.68 28.69 78.85
CA LYS F 3089 -125.11 29.84 78.05
C LYS F 3089 -125.02 31.12 78.86
N ALA F 3090 -125.52 31.10 80.10
CA ALA F 3090 -125.47 32.29 80.95
C ALA F 3090 -124.04 32.68 81.28
N GLY F 3091 -123.13 31.70 81.37
CA GLY F 3091 -121.73 32.04 81.55
C GLY F 3091 -121.18 32.82 80.37
N LEU F 3092 -121.51 32.40 79.15
CA LEU F 3092 -121.08 33.16 77.98
C LEU F 3092 -121.67 34.58 77.99
N ARG F 3093 -122.96 34.68 78.30
CA ARG F 3093 -123.61 36.00 78.35
C ARG F 3093 -122.95 36.89 79.41
N SER F 3094 -122.66 36.32 80.58
CA SER F 3094 -122.03 37.09 81.64
C SER F 3094 -120.62 37.51 81.26
N PHE F 3095 -119.91 36.67 80.50
CA PHE F 3095 -118.60 37.07 80.01
C PHE F 3095 -118.71 38.28 79.11
N PHE F 3096 -119.70 38.28 78.21
CA PHE F 3096 -119.90 39.45 77.35
C PHE F 3096 -120.24 40.70 78.17
N GLU F 3097 -121.12 40.55 79.17
CA GLU F 3097 -121.48 41.70 80.00
C GLU F 3097 -120.26 42.24 80.76
N SER F 3098 -119.44 41.34 81.30
CA SER F 3098 -118.26 41.77 82.03
C SER F 3098 -117.26 42.46 81.11
N ALA F 3099 -117.11 41.96 79.89
CA ALA F 3099 -116.24 42.63 78.93
C ALA F 3099 -116.74 44.04 78.62
N SER F 3100 -118.04 44.19 78.44
CA SER F 3100 -118.60 45.52 78.20
C SER F 3100 -118.37 46.44 79.38
N GLU F 3101 -118.56 45.93 80.61
CA GLU F 3101 -118.34 46.75 81.79
C GLU F 3101 -116.87 47.19 81.91
N ASP F 3102 -115.94 46.28 81.59
CA ASP F 3102 -114.54 46.64 81.61
C ASP F 3102 -114.23 47.72 80.58
N ILE F 3103 -114.84 47.60 79.39
CA ILE F 3103 -114.62 48.61 78.36
C ILE F 3103 -115.19 49.96 78.80
N GLU F 3104 -116.29 49.94 79.54
CA GLU F 3104 -116.83 51.19 80.07
C GLU F 3104 -115.92 51.79 81.14
N LYS F 3105 -115.36 50.96 82.01
CA LYS F 3105 -114.36 51.47 82.93
C LYS F 3105 -113.22 52.12 82.16
N MET F 3106 -112.83 51.52 81.04
CA MET F 3106 -111.82 52.11 80.17
C MET F 3106 -112.24 53.44 79.56
N VAL F 3107 -113.51 53.58 79.16
CA VAL F 3107 -113.90 54.86 78.58
C VAL F 3107 -113.83 55.95 79.65
N GLU F 3108 -114.17 55.61 80.89
CA GLU F 3108 -113.91 56.52 82.00
C GLU F 3108 -112.42 56.83 82.16
N ASN F 3109 -111.57 55.80 82.11
CA ASN F 3109 -110.15 56.03 82.35
C ASN F 3109 -109.53 56.96 81.31
N LEU F 3110 -109.71 56.68 80.03
CA LEU F 3110 -109.10 57.53 79.03
C LEU F 3110 -109.93 58.79 78.78
N ARG F 3111 -111.08 58.91 79.43
CA ARG F 3111 -111.71 60.22 79.53
C ARG F 3111 -110.86 61.16 80.37
N LEU F 3112 -109.96 60.60 81.18
CA LEU F 3112 -109.04 61.29 82.08
C LEU F 3112 -109.79 62.06 83.16
N GLY F 3113 -111.09 61.84 83.30
CA GLY F 3113 -111.78 62.35 84.48
C GLY F 3113 -111.20 61.76 85.76
N LYS F 3114 -110.76 60.51 85.67
CA LYS F 3114 -109.96 59.87 86.71
C LYS F 3114 -108.68 59.33 86.08
N VAL F 3115 -107.55 59.50 86.77
CA VAL F 3115 -106.24 59.35 86.13
C VAL F 3115 -106.04 57.92 85.63
N SER F 3116 -106.34 56.93 86.48
CA SER F 3116 -106.09 55.53 86.17
C SER F 3116 -104.63 55.28 85.78
N LYS F 3123 -104.04 52.19 90.72
CA LYS F 3123 -104.87 51.47 91.68
C LYS F 3123 -105.63 50.32 91.01
N GLY F 3124 -106.70 49.86 91.67
CA GLY F 3124 -107.46 48.74 91.13
C GLY F 3124 -108.02 49.02 89.75
N VAL F 3125 -108.49 50.26 89.52
CA VAL F 3125 -108.99 50.62 88.20
C VAL F 3125 -107.85 50.66 87.19
N GLY F 3126 -106.68 51.13 87.61
CA GLY F 3126 -105.52 51.05 86.74
C GLY F 3126 -105.16 49.60 86.41
N GLN F 3127 -105.31 48.72 87.40
CA GLN F 3127 -105.10 47.29 87.14
C GLN F 3127 -106.11 46.76 86.13
N ASN F 3128 -107.36 47.21 86.23
CA ASN F 3128 -108.36 46.81 85.24
C ASN F 3128 -108.00 47.30 83.86
N LEU F 3129 -107.52 48.54 83.76
CA LEU F 3129 -107.10 49.08 82.47
C LEU F 3129 -105.97 48.26 81.88
N THR F 3130 -104.96 47.93 82.70
CA THR F 3130 -103.85 47.12 82.24
C THR F 3130 -104.32 45.74 81.80
N TYR F 3131 -105.22 45.13 82.58
CA TYR F 3131 -105.74 43.82 82.23
C TYR F 3131 -106.45 43.83 80.89
N THR F 3132 -107.29 44.84 80.66
CA THR F 3132 -108.06 44.84 79.41
C THR F 3132 -107.19 45.19 78.21
N THR F 3133 -106.25 46.13 78.36
CA THR F 3133 -105.38 46.44 77.22
C THR F 3133 -104.44 45.29 76.95
N VAL F 3134 -104.20 44.42 77.94
CA VAL F 3134 -103.35 43.27 77.72
C VAL F 3134 -104.17 42.07 77.26
N ALA F 3135 -105.32 41.82 77.88
CA ALA F 3135 -106.06 40.58 77.67
C ALA F 3135 -107.41 40.78 76.98
N LEU F 3136 -108.29 41.59 77.58
CA LEU F 3136 -109.69 41.58 77.14
C LEU F 3136 -109.84 42.11 75.71
N LEU F 3137 -109.11 43.17 75.37
CA LEU F 3137 -109.22 43.68 74.00
C LEU F 3137 -108.79 42.66 72.94
N PRO F 3138 -107.60 42.04 73.01
CA PRO F 3138 -107.28 41.01 72.01
C PRO F 3138 -108.20 39.80 72.08
N VAL F 3139 -108.63 39.41 73.28
CA VAL F 3139 -109.51 38.24 73.39
C VAL F 3139 -110.85 38.51 72.72
N LEU F 3140 -111.43 39.68 72.98
CA LEU F 3140 -112.69 40.04 72.35
C LEU F 3140 -112.53 40.21 70.85
N THR F 3141 -111.38 40.75 70.42
CA THR F 3141 -111.13 40.87 68.99
C THR F 3141 -111.09 39.50 68.32
N THR F 3142 -110.41 38.54 68.93
CA THR F 3142 -110.36 37.19 68.37
C THR F 3142 -111.73 36.54 68.37
N LEU F 3143 -112.50 36.71 69.46
CA LEU F 3143 -113.83 36.13 69.51
C LEU F 3143 -114.73 36.71 68.42
N PHE F 3144 -114.71 38.03 68.24
CA PHE F 3144 -115.52 38.64 67.19
C PHE F 3144 -115.07 38.21 65.81
N GLN F 3145 -113.75 38.12 65.60
CA GLN F 3145 -113.25 37.67 64.31
C GLN F 3145 -113.73 36.26 63.99
N HIS F 3146 -113.66 35.36 64.97
CA HIS F 3146 -114.11 33.99 64.74
C HIS F 3146 -115.62 33.94 64.49
N ILE F 3147 -116.39 34.65 65.31
CA ILE F 3147 -117.84 34.61 65.18
C ILE F 3147 -118.29 35.28 63.90
N ALA F 3148 -117.44 36.12 63.31
CA ALA F 3148 -117.77 36.75 62.04
C ALA F 3148 -117.36 35.87 60.87
N GLN F 3149 -116.20 35.21 60.97
CA GLN F 3149 -115.79 34.30 59.90
C GLN F 3149 -116.77 33.15 59.75
N HIS F 3150 -117.21 32.56 60.86
CA HIS F 3150 -118.09 31.40 60.77
C HIS F 3150 -119.56 31.76 60.80
N GLN F 3151 -119.92 33.03 60.65
CA GLN F 3151 -121.29 33.51 60.62
C GLN F 3151 -122.06 33.18 61.89
N PHE F 3152 -121.38 32.76 62.94
CA PHE F 3152 -122.07 32.38 64.17
C PHE F 3152 -122.70 33.60 64.85
N GLY F 3153 -122.22 34.80 64.51
CA GLY F 3153 -122.66 35.99 65.22
C GLY F 3153 -124.14 36.29 65.05
N ASP F 3154 -124.64 36.14 63.83
CA ASP F 3154 -126.02 36.53 63.53
C ASP F 3154 -127.01 35.70 64.33
N ASP F 3155 -126.61 34.51 64.77
CA ASP F 3155 -127.51 33.68 65.54
C ASP F 3155 -127.18 33.76 67.03
N VAL F 3156 -125.90 33.91 67.36
CA VAL F 3156 -125.47 33.92 68.75
C VAL F 3156 -125.89 35.22 69.44
N ILE F 3157 -125.65 36.36 68.80
CA ILE F 3157 -125.89 37.64 69.42
C ILE F 3157 -127.35 38.04 69.24
N LEU F 3158 -128.23 37.54 70.10
CA LEU F 3158 -129.66 37.74 69.87
C LEU F 3158 -130.22 38.90 70.69
N ASP F 3159 -130.20 38.80 72.02
CA ASP F 3159 -130.89 39.80 72.81
C ASP F 3159 -129.99 40.54 73.81
N ASP F 3160 -129.28 39.81 74.65
CA ASP F 3160 -128.48 40.46 75.69
C ASP F 3160 -127.03 40.59 75.26
N VAL F 3161 -126.53 39.63 74.49
CA VAL F 3161 -125.26 39.81 73.81
C VAL F 3161 -125.35 41.01 72.88
N GLN F 3162 -126.53 41.23 72.30
CA GLN F 3162 -126.76 42.44 71.51
C GLN F 3162 -126.61 43.69 72.36
N VAL F 3163 -127.15 43.68 73.59
CA VAL F 3163 -127.03 44.84 74.45
C VAL F 3163 -125.58 45.08 74.83
N SER F 3164 -124.86 44.03 75.19
CA SER F 3164 -123.46 44.20 75.58
C SER F 3164 -122.61 44.69 74.41
N CYS F 3165 -122.82 44.13 73.22
CA CYS F 3165 -122.08 44.58 72.05
C CYS F 3165 -122.46 46.01 71.69
N TYR F 3166 -123.73 46.37 71.86
CA TYR F 3166 -124.15 47.74 71.65
C TYR F 3166 -123.41 48.69 72.57
N ARG F 3167 -123.35 48.34 73.87
CA ARG F 3167 -122.66 49.19 74.82
C ARG F 3167 -121.19 49.31 74.49
N THR F 3168 -120.55 48.20 74.10
CA THR F 3168 -119.14 48.25 73.75
C THR F 3168 -118.91 49.14 72.52
N LEU F 3169 -119.73 48.96 71.48
CA LEU F 3169 -119.60 49.79 70.28
C LEU F 3169 -119.77 51.27 70.60
N CYS F 3170 -120.80 51.61 71.37
CA CYS F 3170 -121.07 53.01 71.67
C CYS F 3170 -119.94 53.60 72.50
N SER F 3171 -119.45 52.84 73.49
CA SER F 3171 -118.39 53.33 74.35
C SER F 3171 -117.09 53.52 73.57
N ILE F 3172 -116.75 52.59 72.68
CA ILE F 3172 -115.54 52.73 71.88
C ILE F 3172 -115.65 53.92 70.95
N TYR F 3173 -116.82 54.11 70.33
CA TYR F 3173 -116.99 55.28 69.47
C TYR F 3173 -116.91 56.58 70.27
N SER F 3174 -117.23 56.52 71.57
CA SER F 3174 -117.10 57.71 72.40
C SER F 3174 -115.66 58.15 72.55
N LEU F 3175 -114.70 57.21 72.42
CA LEU F 3175 -113.30 57.54 72.62
C LEU F 3175 -112.79 58.55 71.59
N GLY F 3176 -113.21 58.40 70.33
CA GLY F 3176 -112.59 59.15 69.26
C GLY F 3176 -112.69 60.65 69.43
N THR F 3177 -113.78 61.11 70.03
CA THR F 3177 -113.92 62.55 70.28
C THR F 3177 -112.87 63.03 71.29
N THR F 3178 -112.62 62.26 72.33
CA THR F 3178 -111.65 62.65 73.36
C THR F 3178 -110.23 62.53 72.83
N LYS F 3179 -109.38 63.48 73.20
CA LYS F 3179 -107.99 63.53 72.75
C LYS F 3179 -107.09 63.38 73.96
N ASN F 3180 -106.22 62.37 73.93
CA ASN F 3180 -105.26 62.09 74.99
C ASN F 3180 -104.11 61.29 74.40
N THR F 3181 -102.97 61.32 75.10
CA THR F 3181 -101.85 60.48 74.70
C THR F 3181 -102.18 59.00 74.85
N TYR F 3182 -102.83 58.64 75.95
CA TYR F 3182 -103.24 57.25 76.14
C TYR F 3182 -104.30 56.85 75.12
N VAL F 3183 -105.22 57.77 74.79
CA VAL F 3183 -106.18 57.49 73.73
C VAL F 3183 -105.45 57.26 72.42
N GLU F 3184 -104.38 58.02 72.16
CA GLU F 3184 -103.62 57.86 70.93
C GLU F 3184 -102.94 56.50 70.90
N LYS F 3185 -102.42 56.04 72.02
CA LYS F 3185 -101.75 54.74 72.02
C LYS F 3185 -102.78 53.61 71.97
N LEU F 3186 -104.01 53.86 72.40
CA LEU F 3186 -105.00 52.79 72.47
C LEU F 3186 -105.83 52.68 71.20
N ARG F 3187 -105.92 53.76 70.42
CA ARG F 3187 -106.87 53.77 69.31
C ARG F 3187 -106.64 52.71 68.24
N PRO F 3188 -105.42 52.19 68.00
CA PRO F 3188 -105.32 51.08 67.02
C PRO F 3188 -106.07 49.82 67.46
N ALA F 3189 -105.81 49.35 68.68
CA ALA F 3189 -106.50 48.16 69.16
C ALA F 3189 -108.00 48.40 69.28
N LEU F 3190 -108.39 49.61 69.72
CA LEU F 3190 -109.80 49.94 69.80
C LEU F 3190 -110.46 49.91 68.43
N GLY F 3191 -109.78 50.45 67.41
CA GLY F 3191 -110.33 50.42 66.07
C GLY F 3191 -110.45 49.01 65.53
N GLU F 3192 -109.44 48.17 65.77
CA GLU F 3192 -109.51 46.79 65.33
C GLU F 3192 -110.67 46.05 66.00
N CYS F 3193 -110.83 46.26 67.31
CA CYS F 3193 -111.93 45.62 68.03
C CYS F 3193 -113.28 46.11 67.51
N LEU F 3194 -113.39 47.41 67.21
CA LEU F 3194 -114.65 47.94 66.72
C LEU F 3194 -114.95 47.42 65.33
N ALA F 3195 -113.93 47.27 64.48
CA ALA F 3195 -114.16 46.68 63.16
C ALA F 3195 -114.65 45.25 63.28
N ARG F 3196 -114.03 44.47 64.17
CA ARG F 3196 -114.49 43.09 64.35
C ARG F 3196 -115.91 43.05 64.92
N LEU F 3197 -116.23 43.98 65.83
CA LEU F 3197 -117.59 44.04 66.35
C LEU F 3197 -118.59 44.40 65.26
N ALA F 3198 -118.21 45.31 64.36
CA ALA F 3198 -119.09 45.65 63.25
C ALA F 3198 -119.31 44.45 62.34
N ALA F 3199 -118.26 43.67 62.10
CA ALA F 3199 -118.41 42.46 61.31
C ALA F 3199 -119.30 41.44 62.02
N ALA F 3200 -119.26 41.42 63.36
CA ALA F 3200 -119.97 40.39 64.11
C ALA F 3200 -121.43 40.75 64.34
N MET F 3201 -121.73 42.05 64.40
CA MET F 3201 -123.04 42.48 64.88
C MET F 3201 -124.15 42.01 63.94
N PRO F 3202 -125.24 41.45 64.47
CA PRO F 3202 -126.35 41.00 63.63
C PRO F 3202 -127.37 42.08 63.27
N VAL F 3203 -127.28 43.26 63.87
CA VAL F 3203 -128.19 44.36 63.59
C VAL F 3203 -127.40 45.53 63.05
N ALA F 3204 -127.97 46.23 62.07
CA ALA F 3204 -127.32 47.36 61.44
C ALA F 3204 -127.47 48.57 62.36
N PHE F 3205 -126.39 48.92 63.06
CA PHE F 3205 -126.44 50.07 63.96
C PHE F 3205 -126.36 51.38 63.19
N LEU F 3206 -125.62 51.39 62.08
CA LEU F 3206 -125.44 52.64 61.32
C LEU F 3206 -126.78 53.14 60.77
N GLU F 3207 -127.60 52.26 60.21
CA GLU F 3207 -128.92 52.66 59.76
C GLU F 3207 -129.93 52.32 60.85
N PRO F 3208 -130.67 53.31 61.36
CA PRO F 3208 -131.62 52.99 62.44
C PRO F 3208 -132.99 52.55 61.94
N GLN F 3209 -133.41 53.00 60.76
CA GLN F 3209 -134.80 52.83 60.36
C GLN F 3209 -135.17 51.36 60.21
N LEU F 3210 -134.29 50.55 59.62
CA LEU F 3210 -134.64 49.20 59.26
C LEU F 3210 -134.17 48.16 60.26
N ASN F 3211 -133.72 48.57 61.46
CA ASN F 3211 -133.43 47.58 62.48
C ASN F 3211 -134.70 46.85 62.91
N GLU F 3212 -135.82 47.58 62.94
CA GLU F 3212 -137.11 46.92 63.17
C GLU F 3212 -137.41 45.92 62.06
N TYR F 3213 -136.88 46.18 60.87
CA TYR F 3213 -137.11 45.29 59.76
C TYR F 3213 -136.19 44.08 59.85
N ASN F 3214 -135.06 44.23 60.51
CA ASN F 3214 -134.19 43.08 60.78
C ASN F 3214 -134.89 42.11 61.73
N ALA F 3215 -134.74 40.81 61.46
CA ALA F 3215 -135.27 39.79 62.35
C ALA F 3215 -134.42 39.68 63.62
N CYS F 3216 -133.10 39.69 63.48
CA CYS F 3216 -132.20 39.50 64.63
C CYS F 3216 -131.94 40.84 65.32
N SER F 3217 -133.02 41.50 65.70
CA SER F 3217 -132.97 42.75 66.42
C SER F 3217 -133.62 42.56 67.79
N VAL F 3218 -133.08 43.25 68.79
CA VAL F 3218 -133.61 43.11 70.14
C VAL F 3218 -135.06 43.60 70.19
N TYR F 3219 -135.40 44.57 69.36
CA TYR F 3219 -136.77 45.11 69.39
C TYR F 3219 -137.76 44.15 68.74
N THR F 3220 -137.32 43.41 67.71
CA THR F 3220 -138.21 42.43 67.09
C THR F 3220 -138.32 41.18 67.95
N THR F 3221 -137.21 40.76 68.57
CA THR F 3221 -137.25 39.55 69.38
C THR F 3221 -137.97 39.77 70.70
N LYS F 3222 -137.83 40.97 71.29
CA LYS F 3222 -138.41 41.27 72.59
C LYS F 3222 -139.60 42.20 72.40
N SER F 3223 -140.72 41.84 73.02
CA SER F 3223 -141.95 42.61 72.89
C SER F 3223 -141.80 43.96 73.58
N PRO F 3224 -142.65 44.94 73.21
CA PRO F 3224 -142.64 46.20 73.97
C PRO F 3224 -142.95 46.00 75.44
N ARG F 3225 -143.81 45.05 75.77
CA ARG F 3225 -144.07 44.73 77.18
C ARG F 3225 -142.84 44.02 77.77
N GLU F 3226 -142.10 43.31 76.93
CA GLU F 3226 -140.80 42.81 77.33
C GLU F 3226 -139.82 43.97 77.47
N ARG F 3227 -138.68 43.69 78.09
CA ARG F 3227 -137.70 44.68 78.54
C ARG F 3227 -138.32 45.60 79.58
N ALA F 3228 -139.39 45.17 80.25
CA ALA F 3228 -139.89 45.93 81.39
C ALA F 3228 -139.02 45.69 82.61
N ILE F 3229 -138.53 44.46 82.79
CA ILE F 3229 -137.67 44.15 83.92
C ILE F 3229 -136.31 44.83 83.77
N LEU F 3230 -135.75 44.81 82.56
CA LEU F 3230 -134.47 45.46 82.27
C LEU F 3230 -134.72 46.67 81.40
N GLY F 3231 -134.39 47.85 81.92
CA GLY F 3231 -134.68 49.08 81.21
C GLY F 3231 -133.92 49.17 79.90
N LEU F 3232 -134.67 49.33 78.80
CA LEU F 3232 -134.09 49.47 77.48
C LEU F 3232 -134.53 50.80 76.88
N PRO F 3233 -133.67 51.43 76.07
CA PRO F 3233 -134.01 52.74 75.51
C PRO F 3233 -135.21 52.71 74.59
N ASN F 3234 -135.60 51.53 74.10
CA ASN F 3234 -136.74 51.24 73.23
C ASN F 3234 -136.60 51.87 71.84
N SER F 3235 -135.51 52.60 71.56
CA SER F 3235 -135.28 53.18 70.25
C SER F 3235 -133.88 52.85 69.79
N VAL F 3236 -133.74 52.45 68.54
CA VAL F 3236 -132.44 52.13 67.98
C VAL F 3236 -131.54 53.36 68.00
N GLU F 3237 -132.11 54.54 67.72
CA GLU F 3237 -131.34 55.77 67.84
C GLU F 3237 -130.98 56.03 69.30
N GLU F 3238 -131.86 55.64 70.22
CA GLU F 3238 -131.60 55.86 71.64
C GLU F 3238 -130.57 54.88 72.18
N MET F 3239 -130.26 53.83 71.41
CA MET F 3239 -129.20 52.91 71.83
C MET F 3239 -127.90 53.67 72.08
N CYS F 3240 -127.49 54.51 71.14
CA CYS F 3240 -126.56 55.60 71.40
C CYS F 3240 -126.69 56.61 70.26
N PRO F 3241 -126.97 57.87 70.59
CA PRO F 3241 -127.09 58.88 69.52
C PRO F 3241 -125.76 59.35 68.97
N ASP F 3242 -124.65 59.11 69.69
CA ASP F 3242 -123.38 59.67 69.27
C ASP F 3242 -122.91 59.07 67.94
N ILE F 3243 -123.21 57.79 67.69
CA ILE F 3243 -122.83 57.23 66.40
C ILE F 3243 -123.68 57.84 65.31
N PRO F 3244 -123.11 58.39 64.26
CA PRO F 3244 -123.92 59.02 63.21
C PRO F 3244 -124.58 57.99 62.31
N VAL F 3245 -125.57 58.46 61.54
CA VAL F 3245 -126.21 57.61 60.55
C VAL F 3245 -125.19 57.33 59.43
N LEU F 3246 -125.39 56.21 58.73
CA LEU F 3246 -124.43 55.78 57.71
C LEU F 3246 -124.19 56.86 56.67
N ASP F 3247 -125.26 57.46 56.15
CA ASP F 3247 -125.09 58.47 55.09
C ASP F 3247 -124.35 59.69 55.62
N ARG F 3248 -124.67 60.13 56.84
CA ARG F 3248 -123.98 61.29 57.41
C ARG F 3248 -122.50 60.99 57.62
N LEU F 3249 -122.19 59.78 58.10
CA LEU F 3249 -120.79 59.40 58.28
C LEU F 3249 -120.05 59.37 56.95
N MET F 3250 -120.70 58.84 55.91
CA MET F 3250 -120.07 58.84 54.60
C MET F 3250 -119.85 60.25 54.08
N ALA F 3251 -120.79 61.14 54.34
CA ALA F 3251 -120.61 62.54 53.96
C ALA F 3251 -119.42 63.15 54.68
N ASP F 3252 -119.27 62.85 55.97
CA ASP F 3252 -118.11 63.35 56.70
C ASP F 3252 -116.80 62.82 56.12
N ILE F 3253 -116.76 61.52 55.81
CA ILE F 3253 -115.53 60.95 55.25
C ILE F 3253 -115.21 61.59 53.91
N GLY F 3254 -116.23 61.78 53.06
CA GLY F 3254 -116.00 62.44 51.79
C GLY F 3254 -115.54 63.87 51.96
N GLY F 3255 -116.11 64.58 52.94
CA GLY F 3255 -115.68 65.95 53.19
C GLY F 3255 -114.23 66.03 53.62
N LEU F 3256 -113.80 65.13 54.51
CA LEU F 3256 -112.40 65.11 54.90
C LEU F 3256 -111.50 64.76 53.72
N ALA F 3257 -111.93 63.80 52.90
CA ALA F 3257 -111.14 63.40 51.74
C ALA F 3257 -110.96 64.55 50.75
N GLU F 3258 -112.04 65.31 50.50
CA GLU F 3258 -111.93 66.42 49.57
C GLU F 3258 -111.16 67.59 50.19
N SER F 3259 -111.28 67.77 51.50
CA SER F 3259 -110.53 68.83 52.17
C SER F 3259 -109.04 68.57 52.11
N GLY F 3260 -108.63 67.33 52.33
CA GLY F 3260 -107.22 67.00 52.29
C GLY F 3260 -106.46 67.27 53.57
N ALA F 3261 -107.15 67.40 54.70
CA ALA F 3261 -106.47 67.64 55.96
C ALA F 3261 -105.62 66.44 56.34
N ARG F 3262 -104.51 66.70 57.02
CA ARG F 3262 -103.58 65.64 57.39
C ARG F 3262 -104.22 64.70 58.42
N TYR F 3263 -103.57 63.56 58.62
CA TYR F 3263 -104.11 62.54 59.52
C TYR F 3263 -104.16 63.06 60.96
N THR F 3264 -103.16 63.87 61.36
CA THR F 3264 -103.10 64.34 62.73
C THR F 3264 -104.29 65.23 63.07
N GLU F 3265 -104.92 65.83 62.06
CA GLU F 3265 -106.03 66.74 62.33
C GLU F 3265 -107.24 66.00 62.87
N MET F 3266 -107.62 64.89 62.24
CA MET F 3266 -108.74 64.07 62.68
C MET F 3266 -108.35 62.58 62.68
N PRO F 3267 -107.44 62.20 63.58
CA PRO F 3267 -106.95 60.82 63.56
C PRO F 3267 -108.01 59.78 63.87
N HIS F 3268 -109.08 60.18 64.56
CA HIS F 3268 -110.06 59.20 65.03
C HIS F 3268 -110.75 58.49 63.86
N VAL F 3269 -111.12 59.23 62.83
CA VAL F 3269 -111.87 58.64 61.73
C VAL F 3269 -111.01 57.65 60.97
N ILE F 3270 -109.71 57.92 60.84
CA ILE F 3270 -108.81 56.96 60.22
C ILE F 3270 -108.63 55.75 61.11
N GLU F 3271 -108.45 55.96 62.41
CA GLU F 3271 -108.07 54.86 63.29
C GLU F 3271 -109.26 53.98 63.63
N ILE F 3272 -110.46 54.55 63.72
CA ILE F 3272 -111.63 53.84 64.22
C ILE F 3272 -112.76 53.84 63.20
N THR F 3273 -113.24 55.01 62.80
CA THR F 3273 -114.42 55.08 61.96
C THR F 3273 -114.20 54.43 60.60
N LEU F 3274 -113.05 54.67 59.97
CA LEU F 3274 -112.79 54.06 58.68
C LEU F 3274 -112.70 52.53 58.75
N PRO F 3275 -111.95 51.93 59.69
CA PRO F 3275 -112.02 50.46 59.80
C PRO F 3275 -113.41 49.94 60.13
N MET F 3276 -114.16 50.65 60.97
CA MET F 3276 -115.50 50.20 61.29
C MET F 3276 -116.38 50.18 60.05
N LEU F 3277 -116.28 51.23 59.22
CA LEU F 3277 -117.05 51.26 57.98
C LEU F 3277 -116.58 50.20 57.00
N CYS F 3278 -115.26 49.97 56.94
CA CYS F 3278 -114.73 48.96 56.02
C CYS F 3278 -115.23 47.57 56.39
N SER F 3279 -115.33 47.27 57.69
CA SER F 3279 -115.86 45.99 58.10
C SER F 3279 -117.38 45.95 57.98
N TYR F 3280 -118.04 47.11 58.09
CA TYR F 3280 -119.50 47.14 58.12
C TYR F 3280 -120.08 46.99 56.72
N LEU F 3281 -119.47 47.63 55.72
CA LEU F 3281 -120.12 47.74 54.42
C LEU F 3281 -120.33 46.41 53.70
N PRO F 3282 -119.34 45.53 53.54
CA PRO F 3282 -119.60 44.30 52.75
C PRO F 3282 -120.62 43.39 53.38
N ARG F 3283 -120.58 43.25 54.71
CA ARG F 3283 -121.47 42.33 55.40
C ARG F 3283 -122.93 42.71 55.20
N TRP F 3284 -123.23 44.00 55.26
CA TRP F 3284 -124.60 44.43 55.03
C TRP F 3284 -124.90 44.57 53.55
N TRP F 3285 -123.86 44.67 52.73
CA TRP F 3285 -124.06 44.65 51.28
C TRP F 3285 -124.61 43.30 50.85
N GLU F 3286 -124.10 42.21 51.42
CA GLU F 3286 -124.57 40.89 51.04
C GLU F 3286 -126.05 40.72 51.36
N ARG F 3287 -126.48 41.21 52.53
CA ARG F 3287 -127.89 41.05 52.92
C ARG F 3287 -128.74 42.19 52.38
N GLY F 3288 -128.11 43.24 51.84
CA GLY F 3288 -128.83 44.34 51.26
C GLY F 3288 -129.24 44.05 49.82
N PRO F 3289 -129.90 45.02 49.19
CA PRO F 3289 -130.26 44.84 47.78
C PRO F 3289 -129.03 44.96 46.90
N GLU F 3290 -129.18 44.55 45.64
CA GLU F 3290 -128.17 44.55 44.59
C GLU F 3290 -127.14 43.45 44.82
N ALA F 3291 -127.17 42.77 45.96
CA ALA F 3291 -126.40 41.56 46.14
C ALA F 3291 -127.08 40.41 45.43
N PRO F 3292 -126.35 39.36 45.07
CA PRO F 3292 -126.97 38.23 44.36
C PRO F 3292 -128.04 37.59 45.22
N PRO F 3293 -129.31 37.76 44.86
CA PRO F 3293 -130.39 37.41 45.77
C PRO F 3293 -130.94 36.03 45.47
N PRO F 3294 -131.28 35.27 46.51
CA PRO F 3294 -132.30 34.22 46.35
C PRO F 3294 -133.67 34.87 46.39
N ALA F 3295 -134.37 34.88 45.25
CA ALA F 3295 -135.54 35.74 45.10
C ALA F 3295 -136.62 35.43 46.13
N LEU F 3296 -137.00 34.15 46.25
CA LEU F 3296 -138.06 33.80 47.18
C LEU F 3296 -137.69 34.05 48.64
N PRO F 3297 -136.55 33.60 49.16
CA PRO F 3297 -136.24 33.91 50.56
C PRO F 3297 -136.09 35.40 50.83
N ALA F 3298 -135.55 36.15 49.89
CA ALA F 3298 -135.39 37.59 50.09
C ALA F 3298 -136.65 38.34 49.72
N GLY F 3299 -137.62 37.65 49.11
CA GLY F 3299 -138.85 38.31 48.73
C GLY F 3299 -139.70 38.71 49.93
N ALA F 3300 -139.95 37.77 50.84
CA ALA F 3300 -140.85 38.05 51.95
C ALA F 3300 -140.32 39.13 52.89
N PRO F 3301 -139.10 39.05 53.43
CA PRO F 3301 -138.50 40.23 54.06
C PRO F 3301 -137.66 41.01 53.06
N PRO F 3302 -137.99 42.27 52.80
CA PRO F 3302 -137.08 43.15 52.05
C PRO F 3302 -135.88 43.55 52.89
N PRO F 3303 -134.80 44.03 52.28
CA PRO F 3303 -133.50 44.04 52.96
C PRO F 3303 -133.48 44.86 54.25
N CYS F 3304 -132.53 44.52 55.11
CA CYS F 3304 -132.31 45.29 56.34
C CYS F 3304 -131.53 46.57 56.07
N THR F 3305 -130.70 46.58 55.03
CA THR F 3305 -129.72 47.64 54.84
C THR F 3305 -129.84 48.19 53.42
N ALA F 3306 -129.41 49.44 53.24
CA ALA F 3306 -129.37 50.07 51.93
C ALA F 3306 -127.96 50.14 51.36
N VAL F 3307 -126.98 49.46 51.99
CA VAL F 3307 -125.61 49.52 51.51
C VAL F 3307 -125.51 48.86 50.13
N THR F 3308 -124.84 49.54 49.22
CA THR F 3308 -124.69 49.06 47.85
C THR F 3308 -123.25 49.19 47.39
N SER F 3309 -122.99 48.59 46.22
CA SER F 3309 -121.65 48.61 45.64
C SER F 3309 -121.16 50.03 45.42
N ASP F 3310 -122.08 50.96 45.12
CA ASP F 3310 -121.67 52.35 44.99
C ASP F 3310 -121.21 52.92 46.32
N HIS F 3311 -121.87 52.53 47.41
CA HIS F 3311 -121.39 52.92 48.74
C HIS F 3311 -119.98 52.40 49.00
N LEU F 3312 -119.74 51.11 48.72
CA LEU F 3312 -118.41 50.57 48.95
C LEU F 3312 -117.36 51.27 48.09
N ASN F 3313 -117.69 51.51 46.82
CA ASN F 3313 -116.76 52.17 45.92
C ASN F 3313 -116.45 53.60 46.38
N SER F 3314 -117.48 54.33 46.82
CA SER F 3314 -117.26 55.68 47.33
C SER F 3314 -116.36 55.66 48.56
N LEU F 3315 -116.57 54.70 49.46
CA LEU F 3315 -115.71 54.62 50.63
C LEU F 3315 -114.26 54.35 50.24
N LEU F 3316 -114.05 53.45 49.26
CA LEU F 3316 -112.69 53.18 48.81
C LEU F 3316 -112.07 54.43 48.19
N GLY F 3317 -112.85 55.19 47.43
CA GLY F 3317 -112.34 56.43 46.86
C GLY F 3317 -111.93 57.43 47.92
N ASN F 3318 -112.75 57.59 48.96
CA ASN F 3318 -112.37 58.48 50.05
C ASN F 3318 -111.11 57.99 50.76
N ILE F 3319 -110.97 56.68 50.91
CA ILE F 3319 -109.77 56.13 51.54
C ILE F 3319 -108.54 56.48 50.72
N LEU F 3320 -108.62 56.31 49.40
CA LEU F 3320 -107.50 56.65 48.54
C LEU F 3320 -107.18 58.14 48.62
N ARG F 3321 -108.20 58.99 48.60
CA ARG F 3321 -107.95 60.42 48.69
C ARG F 3321 -107.28 60.77 50.01
N ILE F 3322 -107.70 60.14 51.10
CA ILE F 3322 -107.06 60.38 52.39
C ILE F 3322 -105.59 59.98 52.32
N ILE F 3323 -105.30 58.82 51.73
CA ILE F 3323 -103.92 58.36 51.64
C ILE F 3323 -103.07 59.34 50.86
N VAL F 3324 -103.58 59.83 49.73
CA VAL F 3324 -102.78 60.74 48.91
C VAL F 3324 -102.64 62.10 49.60
N ASN F 3325 -103.63 62.51 50.39
CA ASN F 3325 -103.47 63.74 51.16
C ASN F 3325 -102.37 63.60 52.19
N ASN F 3326 -102.27 62.45 52.84
CA ASN F 3326 -101.19 62.20 53.78
C ASN F 3326 -99.98 61.54 53.12
N LEU F 3327 -99.76 61.77 51.83
CA LEU F 3327 -98.65 61.12 51.14
C LEU F 3327 -97.31 61.74 51.51
N GLY F 3328 -97.30 63.04 51.81
CA GLY F 3328 -96.04 63.75 51.97
C GLY F 3328 -95.34 63.42 53.28
N ILE F 3329 -96.09 63.24 54.35
CA ILE F 3329 -95.48 63.09 55.67
C ILE F 3329 -94.58 61.86 55.70
N ASP F 3330 -93.49 61.95 56.46
CA ASP F 3330 -92.45 60.94 56.40
C ASP F 3330 -92.94 59.58 56.90
N GLU F 3331 -93.62 59.55 58.04
CA GLU F 3331 -94.02 58.30 58.65
C GLU F 3331 -95.48 58.40 59.09
N ALA F 3332 -96.26 57.37 58.79
CA ALA F 3332 -97.64 57.26 59.22
C ALA F 3332 -97.94 55.80 59.53
N THR F 3333 -98.10 55.48 60.81
CA THR F 3333 -98.39 54.12 61.20
C THR F 3333 -99.79 53.70 60.76
N TRP F 3334 -100.65 54.67 60.45
CA TRP F 3334 -102.04 54.37 60.14
C TRP F 3334 -102.19 53.79 58.74
N MET F 3335 -101.19 54.00 57.87
CA MET F 3335 -101.37 53.68 56.46
C MET F 3335 -101.47 52.17 56.23
N LYS F 3336 -100.60 51.39 56.89
CA LYS F 3336 -100.65 49.94 56.71
C LYS F 3336 -101.97 49.37 57.23
N ARG F 3337 -102.43 49.84 58.39
CA ARG F 3337 -103.69 49.36 58.92
C ARG F 3337 -104.86 49.75 58.03
N LEU F 3338 -104.86 50.98 57.51
CA LEU F 3338 -105.94 51.37 56.60
C LEU F 3338 -105.91 50.52 55.35
N ALA F 3339 -104.73 50.19 54.84
CA ALA F 3339 -104.64 49.33 53.67
C ALA F 3339 -105.23 47.96 53.95
N VAL F 3340 -104.84 47.35 55.08
CA VAL F 3340 -105.29 45.99 55.36
C VAL F 3340 -106.79 45.97 55.64
N PHE F 3341 -107.33 47.06 56.17
CA PHE F 3341 -108.79 47.11 56.35
C PHE F 3341 -109.50 47.38 55.03
N ALA F 3342 -108.86 48.10 54.11
CA ALA F 3342 -109.55 48.50 52.89
C ALA F 3342 -109.41 47.45 51.80
N GLN F 3343 -108.57 46.45 52.02
CA GLN F 3343 -108.42 45.40 51.00
C GLN F 3343 -109.73 44.71 50.62
N PRO F 3344 -110.61 44.32 51.54
CA PRO F 3344 -111.85 43.64 51.10
C PRO F 3344 -112.74 44.48 50.18
N ILE F 3345 -112.79 45.80 50.37
CA ILE F 3345 -113.71 46.63 49.60
C ILE F 3345 -113.23 46.76 48.17
N VAL F 3346 -111.94 46.49 47.93
CA VAL F 3346 -111.35 46.68 46.62
C VAL F 3346 -112.04 45.80 45.58
N SER F 3347 -112.31 44.54 45.94
CA SER F 3347 -112.97 43.63 45.00
C SER F 3347 -114.35 44.14 44.61
N ARG F 3348 -115.04 44.81 45.54
CA ARG F 3348 -116.39 45.30 45.25
C ARG F 3348 -116.35 46.58 44.45
N ALA F 3349 -115.24 47.31 44.51
CA ALA F 3349 -115.15 48.62 43.86
C ALA F 3349 -115.43 48.55 42.36
N ARG F 3350 -115.79 49.69 41.78
CA ARG F 3350 -116.14 49.77 40.36
C ARG F 3350 -114.99 50.37 39.54
N PRO F 3351 -114.91 50.04 38.24
CA PRO F 3351 -113.71 50.43 37.46
C PRO F 3351 -113.57 51.92 37.19
N GLU F 3352 -114.69 52.64 37.05
CA GLU F 3352 -114.60 54.07 36.77
C GLU F 3352 -113.79 54.77 37.85
N LEU F 3353 -113.81 54.23 39.07
CA LEU F 3353 -112.98 54.81 40.12
C LEU F 3353 -111.50 54.49 39.92
N LEU F 3354 -111.18 53.31 39.38
CA LEU F 3354 -109.76 53.04 39.12
C LEU F 3354 -109.24 53.99 38.07
N HIS F 3355 -110.06 54.34 37.09
CA HIS F 3355 -109.65 55.39 36.15
C HIS F 3355 -109.55 56.73 36.86
N SER F 3356 -110.49 57.02 37.76
CA SER F 3356 -110.52 58.33 38.40
C SER F 3356 -109.46 58.46 39.49
N HIS F 3357 -109.24 57.41 40.27
CA HIS F 3357 -108.40 57.50 41.45
C HIS F 3357 -107.03 56.83 41.30
N PHE F 3358 -107.01 55.56 40.91
CA PHE F 3358 -105.76 54.80 40.93
C PHE F 3358 -104.72 55.42 40.00
N ILE F 3359 -105.14 55.88 38.82
CA ILE F 3359 -104.20 56.47 37.88
C ILE F 3359 -103.55 57.72 38.46
N PRO F 3360 -104.28 58.70 38.99
CA PRO F 3360 -103.60 59.83 39.66
C PRO F 3360 -102.75 59.43 40.84
N THR F 3361 -103.18 58.46 41.65
CA THR F 3361 -102.38 58.06 42.80
C THR F 3361 -101.04 57.49 42.35
N ILE F 3362 -101.06 56.56 41.40
CA ILE F 3362 -99.83 55.96 40.92
C ILE F 3362 -99.00 56.99 40.17
N GLY F 3363 -99.65 57.98 39.55
CA GLY F 3363 -98.91 59.04 38.91
C GLY F 3363 -98.11 59.87 39.91
N ARG F 3364 -98.74 60.24 41.03
CA ARG F 3364 -98.01 60.95 42.07
C ARG F 3364 -96.89 60.10 42.64
N LEU F 3365 -97.15 58.81 42.84
CA LEU F 3365 -96.10 57.92 43.34
C LEU F 3365 -94.93 57.86 42.37
N ARG F 3366 -95.21 57.77 41.08
CA ARG F 3366 -94.15 57.70 40.08
C ARG F 3366 -93.37 59.01 40.03
N LYS F 3367 -94.06 60.15 40.15
CA LYS F 3367 -93.36 61.43 40.16
C LYS F 3367 -92.44 61.56 41.36
N ARG F 3368 -92.93 61.15 42.54
CA ARG F 3368 -92.06 61.16 43.72
C ARG F 3368 -90.87 60.24 43.54
N ALA F 3369 -91.09 59.05 42.98
CA ALA F 3369 -89.98 58.14 42.73
C ALA F 3369 -88.97 58.76 41.79
N GLY F 3370 -89.45 59.45 40.76
CA GLY F 3370 -88.54 60.12 39.84
C GLY F 3370 -87.71 61.18 40.53
N LYS F 3371 -88.33 61.98 41.40
CA LYS F 3371 -87.56 62.98 42.13
C LYS F 3371 -86.51 62.34 43.02
N VAL F 3372 -86.87 61.26 43.73
CA VAL F 3372 -85.92 60.62 44.63
C VAL F 3372 -84.76 60.01 43.86
N VAL F 3373 -85.05 59.34 42.74
CA VAL F 3373 -83.96 58.73 41.97
C VAL F 3373 -83.11 59.80 41.31
N ALA F 3374 -83.70 60.93 40.95
CA ALA F 3374 -82.91 62.04 40.44
C ALA F 3374 -81.95 62.57 41.49
N GLU F 3375 -82.43 62.72 42.73
CA GLU F 3375 -81.53 63.14 43.81
C GLU F 3375 -80.44 62.11 44.05
N GLU F 3376 -80.80 60.82 43.99
CA GLU F 3376 -79.81 59.77 44.22
C GLU F 3376 -78.74 59.78 43.14
N GLU F 3377 -79.13 59.96 41.87
CA GLU F 3377 -78.14 60.02 40.80
C GLU F 3377 -77.31 61.30 40.91
N GLN F 3378 -77.91 62.38 41.41
CA GLN F 3378 -77.15 63.59 41.66
C GLN F 3378 -76.06 63.34 42.71
N LEU F 3379 -76.41 62.63 43.77
CA LEU F 3379 -75.41 62.28 44.77
C LEU F 3379 -74.39 61.29 44.21
N ARG F 3380 -74.81 60.46 43.26
CA ARG F 3380 -73.91 59.45 42.72
C ARG F 3380 -72.85 60.04 41.79
N LEU F 3381 -73.24 61.03 40.99
CA LEU F 3381 -72.36 61.44 39.88
C LEU F 3381 -71.02 61.98 40.40
N GLU F 3382 -71.01 62.62 41.57
CA GLU F 3382 -69.76 63.03 42.20
C GLU F 3382 -69.63 62.32 43.55
N ALA F 3383 -68.40 61.93 43.88
CA ALA F 3383 -68.11 61.24 45.14
C ALA F 3383 -67.21 62.15 45.99
N LYS F 3384 -67.76 62.62 47.11
CA LYS F 3384 -67.04 63.53 47.97
C LYS F 3384 -67.70 63.48 49.34
N ALA F 3385 -66.96 63.92 50.38
CA ALA F 3385 -67.41 63.72 51.75
C ALA F 3385 -68.77 64.38 52.00
N GLU F 3386 -68.94 65.62 51.57
CA GLU F 3386 -70.23 66.27 51.71
C GLU F 3386 -71.29 65.60 50.83
N ALA F 3387 -70.87 65.04 49.69
CA ALA F 3387 -71.79 64.26 48.88
C ALA F 3387 -72.24 63.00 49.61
N GLU F 3388 -71.32 62.38 50.36
CA GLU F 3388 -71.71 61.26 51.22
C GLU F 3388 -72.73 61.71 52.26
N GLU F 3389 -72.55 62.92 52.80
CA GLU F 3389 -73.60 63.53 53.61
C GLU F 3389 -74.83 63.78 52.74
N GLY F 3390 -76.00 63.50 53.29
CA GLY F 3390 -77.20 63.54 52.50
C GLY F 3390 -77.57 62.22 51.85
N GLU F 3391 -76.67 61.24 51.84
CA GLU F 3391 -77.06 59.90 51.47
C GLU F 3391 -78.14 59.38 52.42
N LEU F 3392 -78.01 59.70 53.70
CA LEU F 3392 -79.03 59.30 54.67
C LEU F 3392 -80.36 60.01 54.39
N LEU F 3393 -80.32 61.27 53.95
CA LEU F 3393 -81.57 61.98 53.68
C LEU F 3393 -82.24 61.44 52.42
N VAL F 3394 -81.45 61.09 51.40
CA VAL F 3394 -82.03 60.47 50.21
C VAL F 3394 -82.58 59.09 50.56
N ARG F 3395 -81.96 58.40 51.52
CA ARG F 3395 -82.51 57.14 51.98
C ARG F 3395 -83.80 57.36 52.76
N ASP F 3396 -83.91 58.47 53.48
CA ASP F 3396 -85.15 58.79 54.17
C ASP F 3396 -86.27 59.09 53.18
N GLU F 3397 -85.94 59.80 52.10
CA GLU F 3397 -86.93 60.02 51.04
C GLU F 3397 -87.33 58.70 50.40
N PHE F 3398 -86.36 57.81 50.17
CA PHE F 3398 -86.69 56.47 49.68
C PHE F 3398 -87.59 55.74 50.66
N SER F 3399 -87.36 55.93 51.96
CA SER F 3399 -88.15 55.25 52.98
C SER F 3399 -89.60 55.73 52.96
N VAL F 3400 -89.81 57.05 52.92
CA VAL F 3400 -91.17 57.57 52.88
C VAL F 3400 -91.86 57.14 51.60
N LEU F 3401 -91.14 57.16 50.47
CA LEU F 3401 -91.71 56.72 49.21
C LEU F 3401 -92.10 55.24 49.26
N CYS F 3402 -91.23 54.40 49.84
CA CYS F 3402 -91.53 52.97 49.91
C CYS F 3402 -92.69 52.70 50.85
N ARG F 3403 -92.80 53.46 51.95
CA ARG F 3403 -93.93 53.29 52.85
C ARG F 3403 -95.24 53.65 52.16
N ASP F 3404 -95.27 54.79 51.47
CA ASP F 3404 -96.47 55.16 50.73
C ASP F 3404 -96.80 54.14 49.66
N LEU F 3405 -95.78 53.63 48.97
CA LEU F 3405 -96.00 52.68 47.89
C LEU F 3405 -96.51 51.35 48.43
N TYR F 3406 -95.98 50.89 49.56
CA TYR F 3406 -96.46 49.64 50.15
C TYR F 3406 -97.85 49.81 50.75
N ALA F 3407 -98.23 51.04 51.07
CA ALA F 3407 -99.62 51.26 51.46
C ALA F 3407 -100.55 51.21 50.26
N LEU F 3408 -100.14 51.81 49.14
CA LEU F 3408 -101.05 51.99 48.02
C LEU F 3408 -101.09 50.76 47.10
N TYR F 3409 -100.03 49.95 47.11
CA TYR F 3409 -99.88 48.92 46.09
C TYR F 3409 -100.72 47.66 46.29
N PRO F 3410 -100.92 47.13 47.51
CA PRO F 3410 -101.75 45.93 47.62
C PRO F 3410 -103.16 46.10 47.10
N LEU F 3411 -103.76 47.27 47.32
CA LEU F 3411 -105.07 47.55 46.74
C LEU F 3411 -105.01 47.51 45.21
N LEU F 3412 -103.95 48.10 44.64
CA LEU F 3412 -103.79 48.08 43.19
C LEU F 3412 -103.61 46.65 42.68
N ILE F 3413 -102.89 45.82 43.43
CA ILE F 3413 -102.70 44.43 43.03
C ILE F 3413 -104.03 43.70 43.01
N ARG F 3414 -104.80 43.82 44.10
CA ARG F 3414 -106.12 43.19 44.16
C ARG F 3414 -107.00 43.66 43.01
N TYR F 3415 -106.98 44.96 42.75
CA TYR F 3415 -107.94 45.55 41.83
C TYR F 3415 -107.56 45.24 40.39
N VAL F 3416 -106.27 45.21 40.10
CA VAL F 3416 -105.78 44.77 38.80
C VAL F 3416 -106.12 43.30 38.58
N ASP F 3417 -105.98 42.47 39.62
CA ASP F 3417 -106.37 41.07 39.47
C ASP F 3417 -107.85 40.94 39.17
N ASN F 3418 -108.67 41.80 39.76
CA ASN F 3418 -110.10 41.75 39.46
C ASN F 3418 -110.40 42.19 38.03
N ASN F 3419 -109.76 43.26 37.56
CA ASN F 3419 -110.15 43.86 36.29
C ASN F 3419 -109.28 43.46 35.11
N ARG F 3420 -108.30 42.58 35.32
CA ARG F 3420 -107.42 42.18 34.22
C ARG F 3420 -108.18 41.43 33.14
N ALA F 3421 -109.20 40.67 33.53
CA ALA F 3421 -110.00 39.96 32.53
C ALA F 3421 -110.64 40.92 31.56
N HIS F 3422 -111.31 41.96 32.07
CA HIS F 3422 -111.95 42.94 31.21
CA HIS F 3422 -111.95 42.94 31.21
C HIS F 3422 -110.91 43.71 30.39
N TRP F 3423 -109.78 44.08 31.02
CA TRP F 3423 -108.76 44.81 30.28
C TRP F 3423 -108.22 44.00 29.10
N LEU F 3424 -107.97 42.71 29.32
CA LEU F 3424 -107.44 41.87 28.25
C LEU F 3424 -108.50 41.58 27.20
N THR F 3425 -109.75 41.42 27.61
CA THR F 3425 -110.82 41.19 26.65
C THR F 3425 -111.01 42.40 25.74
N GLU F 3426 -110.99 43.60 26.32
CA GLU F 3426 -111.17 44.83 25.57
C GLU F 3426 -110.05 45.78 25.97
N PRO F 3427 -109.11 46.09 25.07
CA PRO F 3427 -107.96 46.92 25.44
C PRO F 3427 -108.39 48.28 25.95
N ASN F 3428 -107.70 48.76 26.98
CA ASN F 3428 -108.06 49.99 27.68
C ASN F 3428 -106.88 50.93 27.74
N ALA F 3429 -107.09 52.17 27.27
CA ALA F 3429 -106.03 53.17 27.31
C ALA F 3429 -105.62 53.49 28.74
N ASN F 3430 -106.60 53.56 29.65
CA ASN F 3430 -106.27 53.80 31.05
C ASN F 3430 -105.44 52.67 31.63
N ALA F 3431 -105.76 51.43 31.28
CA ALA F 3431 -104.96 50.29 31.74
C ALA F 3431 -103.55 50.36 31.19
N GLU F 3432 -103.39 50.74 29.92
CA GLU F 3432 -102.06 50.87 29.35
C GLU F 3432 -101.27 51.99 30.02
N GLU F 3433 -101.93 53.11 30.33
CA GLU F 3433 -101.25 54.19 31.03
C GLU F 3433 -100.81 53.77 32.42
N LEU F 3434 -101.67 53.04 33.12
CA LEU F 3434 -101.31 52.51 34.44
C LEU F 3434 -100.12 51.57 34.32
N PHE F 3435 -100.09 50.76 33.26
CA PHE F 3435 -98.96 49.87 33.03
C PHE F 3435 -97.68 50.67 32.82
N ARG F 3436 -97.76 51.74 32.04
CA ARG F 3436 -96.59 52.59 31.86
C ARG F 3436 -96.10 53.14 33.19
N MET F 3437 -97.03 53.58 34.04
CA MET F 3437 -96.66 54.13 35.33
C MET F 3437 -95.97 53.10 36.21
N VAL F 3438 -96.58 51.91 36.35
CA VAL F 3438 -96.00 50.90 37.23
C VAL F 3438 -94.67 50.42 36.66
N GLY F 3439 -94.57 50.34 35.33
CA GLY F 3439 -93.31 49.96 34.73
C GLY F 3439 -92.20 50.96 34.97
N GLU F 3440 -92.53 52.25 34.91
CA GLU F 3440 -91.53 53.27 35.22
C GLU F 3440 -91.10 53.19 36.68
N ILE F 3441 -92.04 52.95 37.58
CA ILE F 3441 -91.68 52.81 38.99
C ILE F 3441 -90.77 51.59 39.18
N PHE F 3442 -91.10 50.49 38.53
CA PHE F 3442 -90.26 49.29 38.64
C PHE F 3442 -88.88 49.53 38.03
N ILE F 3443 -88.81 50.32 36.96
CA ILE F 3443 -87.53 50.64 36.35
C ILE F 3443 -86.67 51.45 37.31
N TYR F 3444 -87.27 52.45 37.96
CA TYR F 3444 -86.53 53.20 38.98
C TYR F 3444 -86.05 52.26 40.09
N TRP F 3445 -86.91 51.35 40.53
CA TRP F 3445 -86.52 50.43 41.60
C TRP F 3445 -85.35 49.56 41.18
N SER F 3446 -85.38 49.05 39.95
CA SER F 3446 -84.31 48.20 39.47
C SER F 3446 -83.00 48.97 39.32
N LYS F 3447 -83.08 50.20 38.80
CA LYS F 3447 -81.88 51.00 38.63
C LYS F 3447 -81.26 51.38 39.97
N SER F 3448 -82.10 51.72 40.95
CA SER F 3448 -81.65 52.30 42.21
C SER F 3448 -81.46 51.22 43.25
N HIS F 3449 -80.19 50.88 43.52
CA HIS F 3449 -79.89 49.96 44.61
C HIS F 3449 -80.34 50.55 45.95
N ASN F 3450 -80.30 51.88 46.07
CA ASN F 3450 -80.85 52.52 47.27
C ASN F 3450 -82.34 52.26 47.39
N PHE F 3451 -83.08 52.36 46.27
CA PHE F 3451 -84.49 52.02 46.29
C PHE F 3451 -84.70 50.58 46.73
N LYS F 3452 -83.91 49.66 46.19
CA LYS F 3452 -84.09 48.25 46.53
C LYS F 3452 -83.83 48.01 48.01
N ARG F 3453 -82.71 48.51 48.53
CA ARG F 3453 -82.37 48.28 49.93
C ARG F 3453 -83.38 48.94 50.85
N GLU F 3454 -83.86 50.13 50.49
CA GLU F 3454 -84.79 50.83 51.36
C GLU F 3454 -86.15 50.14 51.37
N GLU F 3455 -86.59 49.62 50.22
CA GLU F 3455 -87.83 48.85 50.20
C GLU F 3455 -87.69 47.60 51.05
N GLN F 3456 -86.56 46.91 50.95
CA GLN F 3456 -86.33 45.73 51.79
C GLN F 3456 -86.33 46.11 53.27
N ASN F 3457 -85.74 47.25 53.60
CA ASN F 3457 -85.71 47.72 54.98
C ASN F 3457 -87.13 47.99 55.48
N PHE F 3458 -87.95 48.65 54.68
CA PHE F 3458 -89.32 48.91 55.11
C PHE F 3458 -90.07 47.60 55.28
N VAL F 3459 -89.79 46.62 54.42
CA VAL F 3459 -90.40 45.30 54.59
C VAL F 3459 -90.04 44.70 55.93
N VAL F 3460 -88.75 44.71 56.30
CA VAL F 3460 -88.36 44.03 57.53
C VAL F 3460 -88.87 44.78 58.76
N GLN F 3461 -88.86 46.11 58.73
CA GLN F 3461 -89.45 46.84 59.86
C GLN F 3461 -90.94 46.58 59.99
N ASN F 3462 -91.66 46.47 58.87
CA ASN F 3462 -93.06 46.08 58.95
C ASN F 3462 -93.21 44.66 59.48
N GLU F 3463 -92.22 43.80 59.20
CA GLU F 3463 -92.24 42.37 59.49
C GLU F 3463 -93.36 41.68 58.73
N ILE F 3464 -93.85 42.29 57.65
CA ILE F 3464 -94.94 41.70 56.88
C ILE F 3464 -94.40 40.59 56.00
N ASN F 3465 -95.20 39.54 55.82
CA ASN F 3465 -94.79 38.43 54.97
C ASN F 3465 -94.74 38.85 53.51
N ASN F 3466 -95.47 39.91 53.16
CA ASN F 3466 -95.59 40.50 51.82
C ASN F 3466 -96.32 39.56 50.86
N MET F 3467 -96.65 38.35 51.28
CA MET F 3467 -97.56 37.48 50.54
C MET F 3467 -98.97 37.60 51.07
N SER F 3468 -99.20 38.44 52.09
CA SER F 3468 -100.51 38.53 52.72
C SER F 3468 -101.55 39.02 51.72
N PHE F 3469 -101.15 39.87 50.78
CA PHE F 3469 -102.12 40.39 49.81
C PHE F 3469 -102.50 39.36 48.76
N LEU F 3470 -101.53 38.56 48.31
CA LEU F 3470 -101.85 37.46 47.41
C LEU F 3470 -102.73 36.42 48.11
N THR F 3471 -102.41 36.10 49.36
CA THR F 3471 -103.26 35.19 50.13
C THR F 3471 -104.63 35.82 50.39
N ALA F 3472 -104.70 37.15 50.45
CA ALA F 3472 -105.98 37.83 50.62
C ALA F 3472 -106.82 37.70 49.36
N ASP F 3473 -106.19 37.78 48.18
CA ASP F 3473 -106.90 37.48 46.94
C ASP F 3473 -107.41 36.04 46.93
N SER F 3474 -106.54 35.10 47.34
CA SER F 3474 -106.93 33.69 47.39
C SER F 3474 -108.11 33.47 48.34
N LYS F 3475 -108.10 34.13 49.50
CA LYS F 3475 -109.24 34.09 50.41
C LYS F 3475 -110.47 34.75 49.79
N SER F 3476 -110.25 35.81 49.02
CA SER F 3476 -111.34 36.56 48.40
C SER F 3476 -112.10 35.68 47.42
N LYS F 3477 -111.41 34.82 46.67
CA LYS F 3477 -112.18 33.88 45.87
C LYS F 3477 -112.69 32.75 46.77
N MET F 3478 -111.87 32.35 47.76
CA MET F 3478 -112.08 31.16 48.58
C MET F 3478 -111.92 29.88 47.77
N ALA F 3479 -110.68 29.55 47.42
CA ALA F 3479 -110.38 28.25 46.85
C ALA F 3479 -110.69 27.16 47.86
N ARG F 3498 -90.73 28.52 53.60
CA ARG F 3498 -89.91 28.76 54.78
C ARG F 3498 -89.22 30.12 54.69
N ARG F 3499 -87.91 30.10 54.44
CA ARG F 3499 -87.17 31.35 54.29
C ARG F 3499 -87.67 32.12 53.08
N GLY F 3500 -87.89 31.44 51.95
CA GLY F 3500 -88.47 32.11 50.80
C GLY F 3500 -89.88 32.58 51.04
N ASP F 3501 -90.62 31.85 51.88
CA ASP F 3501 -91.99 32.24 52.20
C ASP F 3501 -92.05 33.58 52.93
N ARG F 3502 -91.10 33.80 53.86
CA ARG F 3502 -91.12 35.01 54.66
C ARG F 3502 -90.98 36.25 53.79
N TYR F 3503 -89.99 36.27 52.90
CA TYR F 3503 -89.78 37.40 52.02
C TYR F 3503 -88.98 36.94 50.80
N SER F 3504 -89.37 37.42 49.63
CA SER F 3504 -88.71 37.04 48.39
C SER F 3504 -88.97 38.10 47.34
N VAL F 3505 -88.54 37.80 46.10
CA VAL F 3505 -88.69 38.76 45.01
C VAL F 3505 -90.15 38.92 44.64
N GLN F 3506 -90.83 37.83 44.27
CA GLN F 3506 -92.22 37.92 43.85
C GLN F 3506 -93.11 38.42 44.99
N THR F 3507 -92.63 38.30 46.23
CA THR F 3507 -93.36 38.87 47.35
C THR F 3507 -93.27 40.39 47.36
N SER F 3508 -92.18 40.94 46.82
CA SER F 3508 -92.01 42.38 46.81
C SER F 3508 -93.05 43.04 45.92
N LEU F 3509 -93.65 44.12 46.43
CA LEU F 3509 -94.85 44.68 45.80
C LEU F 3509 -94.57 45.24 44.42
N ILE F 3510 -93.44 45.93 44.25
CA ILE F 3510 -93.19 46.59 42.96
C ILE F 3510 -93.06 45.56 41.84
N VAL F 3511 -92.28 44.50 42.07
CA VAL F 3511 -92.10 43.49 41.04
C VAL F 3511 -93.38 42.67 40.88
N ALA F 3512 -94.07 42.37 41.97
CA ALA F 3512 -95.31 41.61 41.86
C ALA F 3512 -96.35 42.36 41.03
N THR F 3513 -96.51 43.64 41.28
CA THR F 3513 -97.46 44.44 40.53
C THR F 3513 -97.02 44.59 39.08
N LEU F 3514 -95.72 44.72 38.85
CA LEU F 3514 -95.23 44.80 37.48
C LEU F 3514 -95.56 43.53 36.71
N LYS F 3515 -95.36 42.37 37.34
CA LYS F 3515 -95.74 41.11 36.69
C LYS F 3515 -97.23 41.03 36.45
N LYS F 3516 -98.04 41.44 37.42
CA LYS F 3516 -99.49 41.35 37.26
C LYS F 3516 -99.97 42.22 36.11
N MET F 3517 -99.43 43.43 35.99
CA MET F 3517 -99.91 44.34 34.95
C MET F 3517 -99.12 44.21 33.66
N LEU F 3518 -98.11 43.34 33.63
CA LEU F 3518 -97.39 43.07 32.39
C LEU F 3518 -98.27 42.58 31.24
N PRO F 3519 -99.25 41.68 31.45
CA PRO F 3519 -100.02 41.19 30.29
C PRO F 3519 -100.67 42.29 29.48
N ILE F 3520 -101.07 43.40 30.11
CA ILE F 3520 -101.62 44.52 29.35
C ILE F 3520 -100.55 45.11 28.42
N GLY F 3521 -99.32 45.25 28.94
CA GLY F 3521 -98.25 45.77 28.11
C GLY F 3521 -97.88 44.83 26.98
N LEU F 3522 -97.95 43.52 27.22
CA LEU F 3522 -97.72 42.58 26.12
C LEU F 3522 -98.86 42.62 25.11
N ASN F 3523 -100.08 42.82 25.59
CA ASN F 3523 -101.25 42.83 24.72
C ASN F 3523 -101.23 44.04 23.79
N MET F 3524 -100.84 45.20 24.32
CA MET F 3524 -100.84 46.40 23.49
C MET F 3524 -99.86 46.29 22.34
N CYS F 3525 -98.71 45.65 22.58
CA CYS F 3525 -97.74 45.43 21.51
C CYS F 3525 -98.27 44.38 20.54
N ALA F 3526 -98.04 44.63 19.25
CA ALA F 3526 -98.48 43.70 18.23
C ALA F 3526 -97.58 42.47 18.21
N PRO F 3527 -98.09 41.33 17.73
CA PRO F 3527 -97.22 40.15 17.58
C PRO F 3527 -96.05 40.40 16.65
N THR F 3528 -96.26 41.15 15.55
CA THR F 3528 -95.16 41.51 14.66
C THR F 3528 -94.13 42.36 15.39
N ASP F 3529 -94.55 43.02 16.46
CA ASP F 3529 -93.65 43.90 17.21
C ASP F 3529 -92.63 43.10 18.01
N GLN F 3530 -92.75 41.78 18.03
CA GLN F 3530 -91.97 40.99 18.99
C GLN F 3530 -90.50 40.96 18.62
N ASP F 3531 -90.17 40.93 17.33
CA ASP F 3531 -88.77 40.98 16.93
C ASP F 3531 -88.15 42.33 17.26
N LEU F 3532 -88.91 43.41 17.03
CA LEU F 3532 -88.47 44.72 17.48
C LEU F 3532 -88.25 44.75 18.98
N ILE F 3533 -89.13 44.08 19.73
CA ILE F 3533 -88.98 44.00 21.18
C ILE F 3533 -87.69 43.28 21.53
N MET F 3534 -87.39 42.18 20.84
CA MET F 3534 -86.18 41.42 21.13
C MET F 3534 -84.93 42.25 20.85
N LEU F 3535 -84.90 42.96 19.72
CA LEU F 3535 -83.70 43.72 19.39
C LEU F 3535 -83.57 44.95 20.28
N ALA F 3536 -84.68 45.51 20.74
CA ALA F 3536 -84.62 46.59 21.73
C ALA F 3536 -84.15 46.06 23.08
N LYS F 3537 -84.49 44.82 23.40
CA LYS F 3537 -83.93 44.17 24.59
C LYS F 3537 -82.42 44.04 24.47
N THR F 3538 -81.94 43.67 23.28
CA THR F 3538 -80.50 43.65 23.06
C THR F 3538 -79.88 45.03 23.26
N ARG F 3539 -80.55 46.08 22.75
CA ARG F 3539 -80.07 47.44 22.97
C ARG F 3539 -80.01 47.80 24.44
N TYR F 3540 -81.05 47.44 25.21
CA TYR F 3540 -81.04 47.73 26.64
C TYR F 3540 -79.96 46.94 27.36
N ALA F 3541 -79.64 45.74 26.86
CA ALA F 3541 -78.46 45.04 27.35
C ALA F 3541 -77.20 45.80 27.01
N LEU F 3542 -77.22 46.55 25.90
CA LEU F 3542 -76.08 47.39 25.55
C LEU F 3542 -76.05 48.65 26.41
N LYS F 3543 -77.07 48.86 27.23
CA LYS F 3543 -77.13 49.94 28.21
C LYS F 3543 -77.19 51.32 27.56
N ASP F 3544 -77.61 51.38 26.30
CA ASP F 3544 -77.89 52.68 25.68
C ASP F 3544 -79.21 53.24 26.21
N THR F 3545 -79.34 54.56 26.13
CA THR F 3545 -80.47 55.23 26.76
C THR F 3545 -81.76 54.99 25.99
N ASP F 3546 -82.89 55.35 26.63
CA ASP F 3546 -84.19 55.08 26.06
C ASP F 3546 -84.41 55.83 24.75
N GLU F 3547 -83.95 57.08 24.67
CA GLU F 3547 -84.10 57.82 23.43
C GLU F 3547 -83.24 57.22 22.32
N GLU F 3548 -82.03 56.78 22.67
CA GLU F 3548 -81.17 56.14 21.67
C GLU F 3548 -81.80 54.86 21.14
N VAL F 3549 -82.36 54.03 22.02
CA VAL F 3549 -82.98 52.80 21.54
C VAL F 3549 -84.26 53.12 20.78
N ARG F 3550 -84.91 54.24 21.12
CA ARG F 3550 -86.05 54.67 20.32
C ARG F 3550 -85.64 55.00 18.89
N GLU F 3551 -84.55 55.75 18.72
CA GLU F 3551 -84.08 56.07 17.38
C GLU F 3551 -83.61 54.82 16.65
N PHE F 3552 -82.97 53.91 17.36
CA PHE F 3552 -82.53 52.65 16.76
C PHE F 3552 -83.73 51.83 16.32
N LEU F 3553 -84.82 51.86 17.09
CA LEU F 3553 -86.07 51.22 16.67
C LEU F 3553 -86.63 51.89 15.43
N GLN F 3554 -86.58 53.23 15.37
CA GLN F 3554 -87.01 53.93 14.15
C GLN F 3554 -86.23 53.45 12.94
N ASN F 3555 -84.93 53.20 13.11
CA ASN F 3555 -84.15 52.64 12.00
C ASN F 3555 -84.47 51.17 11.77
N ASN F 3556 -84.97 50.49 12.80
CA ASN F 3556 -85.07 49.03 12.77
C ASN F 3556 -86.46 48.52 12.44
N LEU F 3557 -87.38 49.39 12.01
CA LEU F 3557 -88.77 48.95 11.82
C LEU F 3557 -88.87 47.83 10.79
N HIS F 3558 -88.12 47.93 9.69
CA HIS F 3558 -88.23 46.93 8.63
C HIS F 3558 -87.47 45.65 8.97
N LEU F 3559 -86.71 45.64 10.07
CA LEU F 3559 -86.18 44.37 10.56
C LEU F 3559 -87.22 43.57 11.32
N GLN F 3560 -88.37 44.18 11.64
CA GLN F 3560 -89.39 43.48 12.39
C GLN F 3560 -89.98 42.34 11.56
N GLY F 3561 -90.41 41.28 12.23
CA GLY F 3561 -90.91 40.12 11.53
C GLY F 3561 -92.19 40.45 10.77
N LYS F 3562 -92.29 39.92 9.54
CA LYS F 3562 -93.46 40.14 8.73
C LYS F 3562 -94.49 39.02 8.95
N VAL F 3563 -95.76 39.34 8.72
CA VAL F 3563 -96.83 38.39 9.00
C VAL F 3563 -96.76 37.19 8.07
N GLU F 3564 -96.35 37.40 6.82
CA GLU F 3564 -96.34 36.31 5.86
C GLU F 3564 -95.15 35.37 6.10
N GLY F 3565 -94.16 35.83 6.85
CA GLY F 3565 -92.99 35.01 7.08
C GLY F 3565 -93.26 33.79 7.95
N SER F 3566 -93.99 33.96 9.04
CA SER F 3566 -94.13 32.90 10.03
C SER F 3566 -95.58 32.52 10.25
N PRO F 3567 -95.90 31.23 10.23
CA PRO F 3567 -97.30 30.82 10.47
C PRO F 3567 -97.76 31.05 11.90
N SER F 3568 -96.93 30.71 12.88
CA SER F 3568 -97.30 30.95 14.28
C SER F 3568 -97.54 32.43 14.53
N LEU F 3569 -96.63 33.26 14.06
CA LEU F 3569 -96.82 34.70 14.16
C LEU F 3569 -98.04 35.13 13.36
N ARG F 3570 -98.37 34.38 12.30
CA ARG F 3570 -99.55 34.72 11.51
C ARG F 3570 -100.83 34.53 12.31
N TRP F 3571 -100.97 33.39 13.00
CA TRP F 3571 -102.18 33.20 13.82
C TRP F 3571 -102.18 34.14 15.02
N GLN F 3572 -101.00 34.44 15.56
CA GLN F 3572 -100.94 35.44 16.62
C GLN F 3572 -101.46 36.79 16.15
N MET F 3573 -101.05 37.21 14.95
CA MET F 3573 -101.50 38.51 14.45
C MET F 3573 -102.98 38.45 14.10
N ALA F 3574 -103.46 37.30 13.64
CA ALA F 3574 -104.89 37.14 13.40
C ALA F 3574 -105.69 37.36 14.68
N LEU F 3575 -105.24 36.75 15.78
CA LEU F 3575 -105.86 37.03 17.07
C LEU F 3575 -105.77 38.51 17.41
N TYR F 3576 -104.60 39.12 17.17
CA TYR F 3576 -104.43 40.54 17.46
C TYR F 3576 -105.44 41.38 16.71
N ARG F 3577 -105.71 41.04 15.45
CA ARG F 3577 -106.78 41.71 14.71
C ARG F 3577 -108.13 41.42 15.34
N GLY F 3578 -108.27 40.26 15.98
CA GLY F 3578 -109.54 39.91 16.59
C GLY F 3578 -109.98 40.89 17.67
N LEU F 3579 -109.04 41.33 18.50
CA LEU F 3579 -109.40 42.24 19.58
C LEU F 3579 -109.89 43.58 19.02
N PRO F 3580 -110.98 44.12 19.56
CA PRO F 3580 -111.52 45.38 19.02
C PRO F 3580 -110.61 46.58 19.23
N GLY F 3581 -109.82 46.59 20.31
CA GLY F 3581 -109.07 47.79 20.66
C GLY F 3581 -108.00 48.15 19.65
N ARG F 3582 -107.28 47.16 19.14
CA ARG F 3582 -106.14 47.42 18.27
C ARG F 3582 -106.60 47.92 16.90
N GLU F 3583 -105.95 48.98 16.42
CA GLU F 3583 -106.25 49.56 15.11
C GLU F 3583 -104.98 49.68 14.29
N GLU F 3584 -105.16 49.64 12.96
CA GLU F 3584 -104.04 49.92 12.07
C GLU F 3584 -103.53 51.34 12.25
N ASP F 3585 -104.44 52.29 12.47
CA ASP F 3585 -104.02 53.64 12.84
C ASP F 3585 -103.40 53.64 14.23
N ALA F 3586 -103.82 52.71 15.08
CA ALA F 3586 -103.24 52.62 16.42
C ALA F 3586 -101.80 52.13 16.36
N ASP F 3587 -101.44 51.37 15.33
CA ASP F 3587 -100.03 51.03 15.13
C ASP F 3587 -99.43 51.92 14.05
N ASP F 3588 -99.26 53.19 14.39
CA ASP F 3588 -98.46 54.10 13.58
C ASP F 3588 -96.99 53.77 13.82
N PRO F 3589 -96.10 54.10 12.87
CA PRO F 3589 -94.70 53.69 13.04
C PRO F 3589 -94.06 54.20 14.32
N GLU F 3590 -94.18 55.49 14.58
CA GLU F 3590 -93.60 56.07 15.79
C GLU F 3590 -94.24 55.51 17.05
N LYS F 3591 -95.55 55.26 17.02
CA LYS F 3591 -96.19 54.76 18.22
C LYS F 3591 -95.82 53.30 18.46
N ILE F 3592 -95.57 52.55 17.38
CA ILE F 3592 -94.99 51.22 17.51
C ILE F 3592 -93.62 51.29 18.16
N VAL F 3593 -92.76 52.19 17.68
CA VAL F 3593 -91.41 52.22 18.27
C VAL F 3593 -91.49 52.64 19.74
N ARG F 3594 -92.44 53.52 20.08
CA ARG F 3594 -92.60 53.94 21.47
C ARG F 3594 -93.05 52.78 22.36
N ARG F 3595 -94.10 52.07 21.95
CA ARG F 3595 -94.60 50.97 22.79
C ARG F 3595 -93.58 49.84 22.86
N VAL F 3596 -92.86 49.58 21.77
CA VAL F 3596 -91.80 48.58 21.81
C VAL F 3596 -90.70 49.00 22.77
N GLN F 3597 -90.32 50.28 22.75
CA GLN F 3597 -89.33 50.77 23.70
C GLN F 3597 -89.77 50.55 25.13
N GLU F 3598 -91.01 50.94 25.46
CA GLU F 3598 -91.50 50.75 26.81
C GLU F 3598 -91.49 49.28 27.22
N VAL F 3599 -92.10 48.43 26.39
CA VAL F 3599 -92.22 47.01 26.73
C VAL F 3599 -90.85 46.37 26.85
N SER F 3600 -89.90 46.79 25.99
CA SER F 3600 -88.57 46.22 26.04
C SER F 3600 -87.82 46.61 27.30
N ALA F 3601 -87.94 47.89 27.71
CA ALA F 3601 -87.31 48.29 28.96
C ALA F 3601 -87.89 47.52 30.13
N VAL F 3602 -89.21 47.39 30.18
CA VAL F 3602 -89.84 46.63 31.25
C VAL F 3602 -89.37 45.19 31.24
N LEU F 3603 -89.31 44.56 30.06
CA LEU F 3603 -88.91 43.17 29.97
C LEU F 3603 -87.46 42.98 30.40
N TYR F 3604 -86.57 43.89 29.99
CA TYR F 3604 -85.17 43.77 30.37
C TYR F 3604 -85.00 43.86 31.87
N HIS F 3605 -85.54 44.93 32.48
CA HIS F 3605 -85.38 45.04 33.92
C HIS F 3605 -86.14 43.93 34.64
N LEU F 3606 -87.20 43.40 34.02
CA LEU F 3606 -87.95 42.31 34.63
C LEU F 3606 -87.12 41.03 34.68
N GLU F 3607 -86.42 40.70 33.59
CA GLU F 3607 -85.58 39.51 33.63
C GLU F 3607 -84.41 39.69 34.59
N GLN F 3608 -83.82 40.89 34.62
CA GLN F 3608 -82.76 41.15 35.59
C GLN F 3608 -83.25 40.94 37.02
N THR F 3609 -84.46 41.43 37.33
CA THR F 3609 -85.02 41.23 38.66
C THR F 3609 -85.36 39.76 38.89
N GLU F 3610 -85.89 39.09 37.87
CA GLU F 3610 -86.34 37.71 38.01
C GLU F 3610 -85.20 36.78 38.35
N HIS F 3611 -84.09 36.89 37.64
CA HIS F 3611 -82.92 36.08 37.97
C HIS F 3611 -81.88 36.98 38.62
N PRO F 3612 -81.69 36.90 39.94
CA PRO F 3612 -80.68 37.76 40.58
C PRO F 3612 -79.25 37.31 40.30
N TYR F 3613 -79.07 36.07 39.85
CA TYR F 3613 -77.78 35.41 39.64
C TYR F 3613 -76.80 35.66 40.79
N LYS F 3614 -77.28 35.78 42.03
CA LYS F 3614 -76.38 35.99 43.15
C LYS F 3614 -75.57 34.73 43.45
N SER F 3615 -76.18 33.56 43.28
CA SER F 3615 -75.50 32.31 43.58
C SER F 3615 -74.36 32.05 42.60
N LYS F 3616 -73.34 31.33 43.07
CA LYS F 3616 -72.13 30.92 42.35
C LYS F 3616 -71.27 32.11 41.93
N LYS F 3617 -71.62 33.35 42.31
CA LYS F 3617 -70.77 34.49 41.99
C LYS F 3617 -69.44 34.40 42.73
N ALA F 3618 -69.48 34.04 44.02
CA ALA F 3618 -68.28 33.92 44.85
C ALA F 3618 -68.31 32.57 45.56
N VAL F 3619 -67.77 31.54 44.91
CA VAL F 3619 -67.68 30.24 45.54
C VAL F 3619 -66.42 30.16 46.38
N TRP F 3620 -66.57 29.77 47.64
CA TRP F 3620 -65.48 29.74 48.59
C TRP F 3620 -65.06 28.29 48.85
N HIS F 3621 -63.76 28.02 48.71
CA HIS F 3621 -63.26 26.66 48.87
C HIS F 3621 -63.23 26.25 50.33
N LYS F 3622 -62.97 27.21 51.24
CA LYS F 3622 -62.95 27.01 52.69
C LYS F 3622 -62.17 25.75 53.09
N LEU F 3623 -61.03 25.51 52.44
CA LEU F 3623 -60.21 24.37 52.78
C LEU F 3623 -59.69 24.46 54.21
N LEU F 3624 -59.24 25.63 54.63
CA LEU F 3624 -58.68 25.84 55.96
C LEU F 3624 -59.69 26.44 56.93
N SER F 3625 -60.96 26.56 56.54
CA SER F 3625 -61.92 27.33 57.33
C SER F 3625 -62.17 26.70 58.69
N LYS F 3626 -62.13 25.37 58.78
CA LYS F 3626 -62.37 24.71 60.06
C LYS F 3626 -61.26 25.03 61.05
N GLN F 3627 -60.01 24.91 60.63
CA GLN F 3627 -58.89 25.26 61.50
C GLN F 3627 -58.92 26.74 61.82
N ARG F 3628 -59.30 27.58 60.85
CA ARG F 3628 -59.36 29.02 61.10
C ARG F 3628 -60.43 29.37 62.12
N ARG F 3629 -61.61 28.72 62.05
CA ARG F 3629 -62.65 28.98 63.02
C ARG F 3629 -62.25 28.51 64.41
N ARG F 3630 -61.59 27.34 64.51
CA ARG F 3630 -61.09 26.90 65.80
C ARG F 3630 -60.07 27.89 66.36
N ALA F 3631 -59.17 28.37 65.49
CA ALA F 3631 -58.13 29.30 65.94
C ALA F 3631 -58.73 30.63 66.38
N VAL F 3632 -59.71 31.16 65.65
CA VAL F 3632 -60.27 32.45 66.02
C VAL F 3632 -61.08 32.33 67.30
N VAL F 3633 -61.78 31.19 67.49
CA VAL F 3633 -62.48 30.97 68.75
C VAL F 3633 -61.48 30.95 69.91
N ALA F 3634 -60.39 30.19 69.75
CA ALA F 3634 -59.37 30.13 70.79
C ALA F 3634 -58.79 31.51 71.08
N CYS F 3635 -58.51 32.29 70.04
CA CYS F 3635 -57.96 33.63 70.23
C CYS F 3635 -58.95 34.54 70.93
N PHE F 3636 -60.25 34.41 70.60
CA PHE F 3636 -61.26 35.22 71.25
C PHE F 3636 -61.33 34.91 72.75
N ARG F 3637 -61.19 33.64 73.12
CA ARG F 3637 -61.13 33.31 74.55
C ARG F 3637 -59.70 33.15 75.06
N MET F 3638 -58.71 33.69 74.36
CA MET F 3638 -57.32 33.52 74.77
C MET F 3638 -56.96 34.49 75.88
N THR F 3639 -56.11 34.04 76.81
CA THR F 3639 -55.92 34.73 78.08
C THR F 3639 -54.80 35.76 77.97
N PRO F 3640 -55.01 36.98 78.47
CA PRO F 3640 -54.04 38.05 78.22
C PRO F 3640 -52.75 37.90 79.00
N LEU F 3641 -51.72 38.59 78.51
CA LEU F 3641 -50.39 38.52 79.13
C LEU F 3641 -50.40 39.06 80.55
N TYR F 3642 -51.19 40.10 80.80
CA TYR F 3642 -51.25 40.65 82.15
C TYR F 3642 -51.92 39.66 83.10
N ASN F 3643 -52.78 38.80 82.58
CA ASN F 3643 -53.33 37.72 83.40
C ASN F 3643 -52.32 36.61 83.60
N LEU F 3644 -51.46 36.38 82.62
CA LEU F 3644 -50.52 35.27 82.68
C LEU F 3644 -49.52 35.49 83.83
N PRO F 3645 -49.07 34.43 84.50
CA PRO F 3645 -48.28 34.60 85.73
C PRO F 3645 -46.92 35.26 85.49
N THR F 3646 -46.36 35.77 86.59
CA THR F 3646 -45.20 36.66 86.50
C THR F 3646 -43.95 35.91 86.04
N HIS F 3647 -43.66 34.76 86.63
CA HIS F 3647 -42.45 34.03 86.26
C HIS F 3647 -42.52 33.51 84.84
N ARG F 3648 -43.70 33.03 84.43
CA ARG F 3648 -43.86 32.59 83.05
C ARG F 3648 -43.67 33.77 82.09
N ALA F 3649 -44.23 34.93 82.43
CA ALA F 3649 -44.04 36.11 81.62
C ALA F 3649 -42.57 36.50 81.54
N CYS F 3650 -41.83 36.32 82.64
CA CYS F 3650 -40.40 36.58 82.63
C CYS F 3650 -39.69 35.66 81.66
N ASN F 3651 -40.07 34.38 81.64
CA ASN F 3651 -39.43 33.44 80.72
C ASN F 3651 -39.71 33.83 79.26
N MET F 3652 -40.97 34.16 78.94
CA MET F 3652 -41.28 34.60 77.59
C MET F 3652 -40.54 35.88 77.24
N PHE F 3653 -40.38 36.79 78.20
CA PHE F 3653 -39.62 38.00 77.95
C PHE F 3653 -38.17 37.69 77.64
N LEU F 3654 -37.58 36.74 78.38
CA LEU F 3654 -36.20 36.37 78.10
C LEU F 3654 -36.07 35.83 76.69
N GLU F 3655 -36.99 34.94 76.28
CA GLU F 3655 -36.93 34.41 74.93
C GLU F 3655 -37.11 35.49 73.88
N SER F 3656 -38.12 36.34 74.05
CA SER F 3656 -38.39 37.39 73.07
C SER F 3656 -37.24 38.38 72.99
N TYR F 3657 -36.65 38.71 74.14
CA TYR F 3657 -35.57 39.69 74.17
C TYR F 3657 -34.32 39.13 73.48
N LYS F 3658 -34.00 37.86 73.74
CA LYS F 3658 -32.85 37.27 73.05
C LYS F 3658 -33.12 37.18 71.55
N ALA F 3659 -34.39 37.01 71.16
CA ALA F 3659 -34.71 36.88 69.74
C ALA F 3659 -34.68 38.22 69.04
N ALA F 3660 -35.11 39.28 69.70
CA ALA F 3660 -35.36 40.53 69.00
C ALA F 3660 -34.24 41.55 69.19
N TRP F 3661 -33.50 41.45 70.30
CA TRP F 3661 -32.48 42.46 70.59
C TRP F 3661 -31.07 41.90 70.55
N ILE F 3662 -30.79 40.85 71.32
CA ILE F 3662 -29.43 40.31 71.38
C ILE F 3662 -29.05 39.70 70.04
N LEU F 3663 -29.97 38.94 69.43
CA LEU F 3663 -29.69 38.34 68.13
C LEU F 3663 -29.50 39.41 67.06
N THR F 3664 -30.40 40.40 67.01
CA THR F 3664 -30.32 41.42 65.97
C THR F 3664 -29.07 42.27 66.13
N GLU F 3665 -28.69 42.58 67.37
CA GLU F 3665 -27.47 43.34 67.60
C GLU F 3665 -26.26 42.56 67.11
N ASP F 3666 -25.38 43.24 66.38
CA ASP F 3666 -24.18 42.65 65.82
C ASP F 3666 -22.97 43.49 66.18
N HIS F 3667 -21.79 42.87 66.13
CA HIS F 3667 -20.53 43.57 66.39
C HIS F 3667 -19.40 42.75 65.80
N SER F 3668 -18.52 43.42 65.06
CA SER F 3668 -17.45 42.78 64.31
C SER F 3668 -16.17 42.80 65.14
N PHE F 3669 -15.95 41.74 65.90
CA PHE F 3669 -14.71 41.54 66.63
C PHE F 3669 -13.74 40.63 65.89
N GLU F 3670 -14.18 40.04 64.78
CA GLU F 3670 -13.38 39.02 64.11
C GLU F 3670 -12.08 39.61 63.57
N ASP F 3671 -12.18 40.74 62.86
CA ASP F 3671 -10.98 41.34 62.29
C ASP F 3671 -10.03 41.80 63.39
N ARG F 3672 -10.55 42.39 64.47
CA ARG F 3672 -9.70 42.85 65.55
C ARG F 3672 -8.98 41.67 66.21
N MET F 3673 -9.70 40.57 66.47
CA MET F 3673 -9.06 39.42 67.07
C MET F 3673 -8.01 38.83 66.16
N ILE F 3674 -8.28 38.81 64.84
CA ILE F 3674 -7.29 38.26 63.91
C ILE F 3674 -6.04 39.14 63.88
N ASP F 3675 -6.22 40.46 63.92
CA ASP F 3675 -5.05 41.34 64.00
C ASP F 3675 -4.27 41.10 65.28
N ASP F 3676 -4.96 40.97 66.41
CA ASP F 3676 -4.26 40.77 67.68
C ASP F 3676 -3.51 39.45 67.71
N LEU F 3677 -4.12 38.38 67.22
CA LEU F 3677 -3.46 37.08 67.23
C LEU F 3677 -2.34 37.04 66.19
N SER F 3678 -2.47 37.80 65.11
CA SER F 3678 -1.44 37.80 64.07
C SER F 3678 -0.22 38.59 64.52
N LYS F 3679 -0.42 39.66 65.27
CA LYS F 3679 0.70 40.49 65.69
C LYS F 3679 1.63 39.70 66.62
N ALA F 3680 2.93 39.78 66.33
CA ALA F 3680 3.95 39.20 67.17
C ALA F 3680 4.67 40.35 67.88
N GLY F 3681 4.64 40.34 69.20
CA GLY F 3681 5.19 41.44 69.97
C GLY F 3681 6.41 41.08 70.81
N GLU F 3682 7.35 42.01 70.89
CA GLU F 3682 8.57 41.96 71.71
C GLU F 3682 9.64 41.04 71.15
N GLN F 3683 9.41 40.33 70.04
CA GLN F 3683 10.47 39.48 69.50
C GLN F 3683 11.58 40.31 68.88
N GLU F 3684 11.27 41.53 68.45
CA GLU F 3684 12.30 42.38 67.87
C GLU F 3684 13.37 42.75 68.90
N GLU F 3685 12.94 43.07 70.13
CA GLU F 3685 13.92 43.30 71.19
C GLU F 3685 14.48 41.97 71.71
N GLU F 3686 13.65 40.91 71.70
CA GLU F 3686 14.12 39.60 72.13
C GLU F 3686 15.19 39.08 71.17
N GLU F 3687 15.01 39.31 69.88
CA GLU F 3687 16.00 38.96 68.86
C GLU F 3687 16.28 37.45 68.88
N GLU F 3688 15.28 36.67 68.45
CA GLU F 3688 15.49 35.26 68.23
C GLU F 3688 15.93 35.01 66.79
N GLU F 3689 16.67 33.91 66.60
CA GLU F 3689 17.13 33.56 65.26
C GLU F 3689 15.95 33.23 64.36
N VAL F 3690 16.00 33.72 63.11
CA VAL F 3690 14.92 33.47 62.17
C VAL F 3690 14.83 31.98 61.86
N GLU F 3691 15.92 31.24 62.09
CA GLU F 3691 15.88 29.79 61.96
C GLU F 3691 14.97 29.16 63.00
N GLU F 3692 14.93 29.72 64.21
CA GLU F 3692 14.05 29.20 65.24
C GLU F 3692 12.59 29.29 64.82
N LYS F 3693 12.15 30.48 64.41
CA LYS F 3693 10.83 30.68 63.80
C LYS F 3693 9.73 30.12 64.73
N LYS F 3694 9.57 30.77 65.87
CA LYS F 3694 8.50 30.40 66.76
C LYS F 3694 7.18 30.97 66.24
N PRO F 3695 6.11 30.18 66.24
CA PRO F 3695 4.84 30.66 65.67
C PRO F 3695 4.23 31.79 66.49
N ASP F 3696 3.55 32.70 65.79
CA ASP F 3696 2.74 33.71 66.43
C ASP F 3696 1.44 33.07 66.94
N PRO F 3697 0.69 33.77 67.80
CA PRO F 3697 -0.50 33.13 68.39
C PRO F 3697 -1.48 32.56 67.37
N LEU F 3698 -1.71 33.27 66.26
CA LEU F 3698 -2.61 32.74 65.24
C LEU F 3698 -2.06 31.46 64.63
N HIS F 3699 -0.75 31.42 64.38
CA HIS F 3699 -0.14 30.22 63.83
C HIS F 3699 -0.22 29.06 64.82
N GLN F 3700 -0.05 29.35 66.10
CA GLN F 3700 -0.19 28.30 67.11
C GLN F 3700 -1.61 27.76 67.16
N LEU F 3701 -2.60 28.65 67.06
CA LEU F 3701 -4.00 28.21 67.05
C LEU F 3701 -4.28 27.33 65.84
N VAL F 3702 -3.81 27.75 64.66
CA VAL F 3702 -4.03 26.97 63.44
C VAL F 3702 -3.33 25.63 63.56
N LEU F 3703 -2.11 25.61 64.09
CA LEU F 3703 -1.39 24.35 64.28
C LEU F 3703 -2.12 23.43 65.26
N HIS F 3704 -2.70 24.00 66.32
CA HIS F 3704 -3.43 23.17 67.27
C HIS F 3704 -4.64 22.54 66.62
N PHE F 3705 -5.40 23.31 65.84
CA PHE F 3705 -6.55 22.73 65.14
C PHE F 3705 -6.12 21.70 64.11
N SER F 3706 -5.01 21.95 63.41
CA SER F 3706 -4.49 20.99 62.46
C SER F 3706 -4.10 19.69 63.15
N ARG F 3707 -3.46 19.79 64.31
CA ARG F 3707 -3.10 18.60 65.06
C ARG F 3707 -4.35 17.86 65.55
N THR F 3708 -5.39 18.61 65.92
CA THR F 3708 -6.64 17.97 66.31
C THR F 3708 -7.23 17.19 65.15
N ALA F 3709 -7.16 17.75 63.94
CA ALA F 3709 -7.63 17.04 62.75
C ALA F 3709 -6.75 15.82 62.46
N LEU F 3710 -5.45 15.92 62.73
CA LEU F 3710 -4.52 14.88 62.30
C LEU F 3710 -4.68 13.60 63.09
N THR F 3711 -4.99 13.70 64.38
CA THR F 3711 -5.13 12.50 65.20
C THR F 3711 -6.22 11.59 64.65
N GLU F 3712 -5.90 10.30 64.59
CA GLU F 3712 -6.84 9.33 64.05
C GLU F 3712 -8.04 9.18 64.96
N LYS F 3713 -9.23 9.19 64.37
CA LYS F 3713 -10.49 9.07 65.10
C LYS F 3713 -11.45 8.22 64.30
N SER F 3714 -12.28 7.46 65.02
CA SER F 3714 -13.35 6.72 64.35
C SER F 3714 -14.32 7.67 63.68
N LYS F 3715 -14.71 8.74 64.37
CA LYS F 3715 -15.47 9.82 63.79
C LYS F 3715 -14.92 11.12 64.32
N LEU F 3716 -15.07 12.18 63.55
CA LEU F 3716 -14.51 13.47 63.93
C LEU F 3716 -15.37 14.14 64.99
N ASP F 3717 -14.76 14.44 66.14
CA ASP F 3717 -15.51 14.97 67.27
C ASP F 3717 -15.92 16.41 67.03
N GLU F 3718 -17.09 16.78 67.56
CA GLU F 3718 -17.59 18.13 67.39
C GLU F 3718 -16.92 19.07 68.39
N ASP F 3719 -16.28 20.12 67.88
CA ASP F 3719 -15.55 21.07 68.72
C ASP F 3719 -16.11 22.48 68.51
N TYR F 3720 -16.82 22.97 69.54
CA TYR F 3720 -17.36 24.32 69.48
C TYR F 3720 -16.25 25.36 69.31
N LEU F 3721 -15.08 25.10 69.90
CA LEU F 3721 -13.96 26.02 69.74
C LEU F 3721 -13.52 26.11 68.29
N TYR F 3722 -13.37 24.96 67.63
CA TYR F 3722 -13.00 24.97 66.23
C TYR F 3722 -14.07 25.67 65.39
N MET F 3723 -15.34 25.40 65.67
CA MET F 3723 -16.40 26.04 64.89
C MET F 3723 -16.34 27.57 65.04
N ALA F 3724 -16.23 28.04 66.28
CA ALA F 3724 -16.21 29.48 66.52
C ALA F 3724 -15.01 30.13 65.86
N TYR F 3725 -13.83 29.52 65.98
CA TYR F 3725 -12.63 30.13 65.43
C TYR F 3725 -12.63 30.08 63.90
N ALA F 3726 -13.18 29.00 63.33
CA ALA F 3726 -13.32 28.95 61.87
C ALA F 3726 -14.25 30.04 61.37
N ASP F 3727 -15.37 30.26 62.07
CA ASP F 3727 -16.25 31.36 61.70
C ASP F 3727 -15.54 32.70 61.80
N ILE F 3728 -14.77 32.90 62.86
CA ILE F 3728 -14.05 34.16 63.04
C ILE F 3728 -13.06 34.39 61.90
N MET F 3729 -12.30 33.36 61.55
CA MET F 3729 -11.33 33.49 60.46
C MET F 3729 -12.02 33.75 59.13
N ALA F 3730 -13.13 33.07 58.86
CA ALA F 3730 -13.87 33.30 57.62
C ALA F 3730 -14.38 34.73 57.54
N LYS F 3731 -14.93 35.24 58.64
CA LYS F 3731 -15.39 36.62 58.66
C LYS F 3731 -14.24 37.59 58.44
N SER F 3732 -13.09 37.32 59.05
CA SER F 3732 -11.94 38.19 58.88
C SER F 3732 -11.51 38.23 57.42
N CYS F 3733 -11.47 37.07 56.76
CA CYS F 3733 -11.10 37.06 55.34
C CYS F 3733 -12.11 37.82 54.49
N HIS F 3734 -13.41 37.54 54.65
CA HIS F 3734 -14.36 38.16 53.75
C HIS F 3734 -14.44 39.67 53.98
N LEU F 3735 -14.37 40.12 55.23
CA LEU F 3735 -14.20 41.54 55.57
C LEU F 3735 -15.24 42.42 54.86
N GLU F 3736 -16.42 41.85 54.62
CA GLU F 3736 -17.50 42.58 53.96
C GLU F 3736 -18.86 42.21 54.54
N VAL F 3749 -23.13 53.22 42.96
CA VAL F 3749 -23.15 51.94 42.24
C VAL F 3749 -21.95 51.84 41.31
N GLU F 3750 -21.15 52.91 41.26
CA GLU F 3750 -19.94 52.95 40.45
C GLU F 3750 -18.74 52.64 41.34
N VAL F 3751 -17.71 52.05 40.76
CA VAL F 3751 -16.50 51.68 41.48
C VAL F 3751 -15.29 52.19 40.72
N SER F 3752 -14.42 52.92 41.42
CA SER F 3752 -13.16 53.34 40.82
C SER F 3752 -12.24 52.14 40.63
N PHE F 3753 -11.42 52.19 39.58
CA PHE F 3753 -10.49 51.10 39.31
C PHE F 3753 -9.49 50.96 40.46
N GLU F 3754 -8.98 52.08 40.97
CA GLU F 3754 -8.01 52.04 42.05
C GLU F 3754 -8.62 51.41 43.30
N GLU F 3755 -9.85 51.79 43.64
CA GLU F 3755 -10.46 51.23 44.85
C GLU F 3755 -10.85 49.78 44.66
N LYS F 3756 -11.21 49.39 43.43
CA LYS F 3756 -11.45 47.98 43.15
C LYS F 3756 -10.19 47.15 43.35
N GLU F 3757 -9.07 47.63 42.84
CA GLU F 3757 -7.80 46.94 43.05
C GLU F 3757 -7.43 46.95 44.52
N MET F 3758 -7.81 48.01 45.24
CA MET F 3758 -7.57 48.05 46.68
C MET F 3758 -8.37 46.98 47.41
N GLU F 3759 -9.64 46.79 47.04
CA GLU F 3759 -10.40 45.71 47.66
C GLU F 3759 -9.80 44.36 47.34
N LYS F 3760 -9.35 44.15 46.10
CA LYS F 3760 -8.71 42.88 45.77
C LYS F 3760 -7.45 42.67 46.60
N GLN F 3761 -6.62 43.71 46.74
CA GLN F 3761 -5.38 43.57 47.49
C GLN F 3761 -5.64 43.37 48.98
N ARG F 3762 -6.68 44.02 49.51
CA ARG F 3762 -7.05 43.84 50.90
C ARG F 3762 -7.51 42.41 51.16
N LEU F 3763 -8.35 41.88 50.28
CA LEU F 3763 -8.78 40.49 50.40
C LEU F 3763 -7.59 39.55 50.30
N LEU F 3764 -6.67 39.83 49.38
CA LEU F 3764 -5.47 39.02 49.25
C LEU F 3764 -4.64 39.06 50.52
N TYR F 3765 -4.54 40.21 51.16
CA TYR F 3765 -3.72 40.31 52.36
C TYR F 3765 -4.36 39.56 53.53
N GLN F 3766 -5.70 39.64 53.65
CA GLN F 3766 -6.37 38.85 54.70
C GLN F 3766 -6.19 37.36 54.46
N GLN F 3767 -6.42 36.91 53.23
CA GLN F 3767 -6.20 35.51 52.91
C GLN F 3767 -4.75 35.13 53.12
N SER F 3768 -3.84 36.08 52.97
CA SER F 3768 -2.42 35.81 53.25
C SER F 3768 -2.20 35.59 54.73
N ARG F 3769 -2.79 36.44 55.58
CA ARG F 3769 -2.68 36.21 57.02
C ARG F 3769 -3.14 34.80 57.37
N LEU F 3770 -4.24 34.37 56.77
CA LEU F 3770 -4.75 33.04 57.13
C LEU F 3770 -3.90 31.92 56.56
N HIS F 3771 -3.52 32.00 55.28
CA HIS F 3771 -2.95 30.82 54.63
C HIS F 3771 -1.44 30.75 54.82
N THR F 3772 -0.83 31.82 55.34
CA THR F 3772 0.57 31.72 55.76
C THR F 3772 0.68 30.93 57.06
N ARG F 3773 -0.45 30.75 57.75
CA ARG F 3773 -0.45 29.98 58.99
C ARG F 3773 -0.68 28.50 58.73
N GLY F 3774 -1.11 28.15 57.52
CA GLY F 3774 -1.48 26.79 57.21
C GLY F 3774 -2.97 26.51 57.22
N ALA F 3775 -3.81 27.54 57.07
CA ALA F 3775 -5.25 27.34 57.13
C ALA F 3775 -5.73 26.44 56.01
N ALA F 3776 -5.08 26.49 54.85
CA ALA F 3776 -5.48 25.62 53.74
C ALA F 3776 -5.27 24.16 54.11
N GLU F 3777 -4.09 23.82 54.64
CA GLU F 3777 -3.83 22.45 55.07
C GLU F 3777 -4.79 22.05 56.17
N MET F 3778 -5.07 22.97 57.10
CA MET F 3778 -6.01 22.64 58.17
C MET F 3778 -7.39 22.35 57.62
N VAL F 3779 -7.83 23.10 56.61
CA VAL F 3779 -9.15 22.88 56.01
C VAL F 3779 -9.19 21.52 55.34
N LEU F 3780 -8.16 21.18 54.57
CA LEU F 3780 -8.16 19.87 53.90
C LEU F 3780 -8.15 18.73 54.92
N GLN F 3781 -7.36 18.86 55.98
CA GLN F 3781 -7.35 17.85 57.02
C GLN F 3781 -8.70 17.77 57.71
N MET F 3782 -9.37 18.90 57.91
CA MET F 3782 -10.66 18.89 58.56
C MET F 3782 -11.68 18.12 57.73
N ILE F 3783 -11.67 18.34 56.41
CA ILE F 3783 -12.58 17.58 55.54
C ILE F 3783 -12.26 16.09 55.59
N SER F 3784 -10.98 15.75 55.45
CA SER F 3784 -10.58 14.35 55.50
C SER F 3784 -11.00 13.72 56.83
N ALA F 3785 -11.05 14.51 57.90
CA ALA F 3785 -11.48 14.00 59.18
C ALA F 3785 -12.99 13.83 59.24
N CYS F 3786 -13.75 14.75 58.63
CA CYS F 3786 -15.19 14.56 58.55
C CYS F 3786 -15.54 13.27 57.84
N LYS F 3787 -14.74 12.89 56.84
CA LYS F 3787 -14.91 11.59 56.16
C LYS F 3787 -16.28 11.47 55.52
N GLY F 3788 -16.79 12.57 54.99
CA GLY F 3788 -18.07 12.53 54.31
C GLY F 3788 -19.28 12.44 55.19
N GLU F 3789 -19.20 12.93 56.43
CA GLU F 3789 -20.35 13.00 57.31
C GLU F 3789 -20.76 14.45 57.46
N THR F 3790 -22.00 14.75 57.10
CA THR F 3790 -22.49 16.12 57.15
C THR F 3790 -22.57 16.60 58.60
N GLY F 3791 -22.31 17.88 58.79
CA GLY F 3791 -22.34 18.45 60.13
C GLY F 3791 -21.96 19.91 60.15
N ALA F 3792 -22.16 20.53 61.31
CA ALA F 3792 -21.82 21.93 61.46
C ALA F 3792 -20.33 22.17 61.31
N MET F 3793 -19.52 21.19 61.72
CA MET F 3793 -18.07 21.39 61.62
C MET F 3793 -17.59 21.32 60.18
N VAL F 3794 -18.13 20.40 59.38
CA VAL F 3794 -17.79 20.37 57.96
C VAL F 3794 -18.32 21.62 57.27
N SER F 3795 -19.48 22.13 57.71
CA SER F 3795 -19.98 23.38 57.15
C SER F 3795 -19.01 24.52 57.43
N SER F 3796 -18.53 24.62 58.68
CA SER F 3796 -17.59 25.67 59.03
C SER F 3796 -16.28 25.53 58.25
N THR F 3797 -15.80 24.30 58.08
CA THR F 3797 -14.59 24.08 57.32
C THR F 3797 -14.76 24.53 55.87
N LEU F 3798 -15.90 24.19 55.26
CA LEU F 3798 -16.14 24.60 53.88
C LEU F 3798 -16.23 26.12 53.77
N LYS F 3799 -16.88 26.77 54.75
CA LYS F 3799 -16.96 28.22 54.71
C LYS F 3799 -15.58 28.86 54.84
N LEU F 3800 -14.73 28.32 55.71
CA LEU F 3800 -13.38 28.84 55.83
C LEU F 3800 -12.58 28.64 54.55
N GLY F 3801 -12.72 27.47 53.93
CA GLY F 3801 -12.06 27.26 52.64
C GLY F 3801 -12.53 28.23 51.58
N ILE F 3802 -13.84 28.48 51.53
CA ILE F 3802 -14.37 29.45 50.58
C ILE F 3802 -13.80 30.84 50.87
N SER F 3803 -13.70 31.20 52.15
CA SER F 3803 -13.18 32.51 52.50
C SER F 3803 -11.74 32.68 52.07
N ILE F 3804 -10.92 31.63 52.24
CA ILE F 3804 -9.51 31.77 51.87
C ILE F 3804 -9.32 31.55 50.37
N LEU F 3805 -10.35 31.07 49.68
CA LEU F 3805 -10.21 30.82 48.25
C LEU F 3805 -10.92 31.87 47.41
N ASN F 3806 -11.65 32.78 48.04
CA ASN F 3806 -12.48 33.73 47.30
C ASN F 3806 -11.65 34.56 46.35
N GLY F 3807 -12.18 34.80 45.16
CA GLY F 3807 -11.46 35.47 44.11
C GLY F 3807 -10.51 34.59 43.34
N GLY F 3808 -10.48 33.29 43.63
CA GLY F 3808 -9.54 32.40 42.96
C GLY F 3808 -8.11 32.66 43.36
N ASN F 3809 -7.77 32.44 44.62
CA ASN F 3809 -6.43 32.77 45.10
C ASN F 3809 -5.45 31.68 44.69
N ALA F 3810 -4.56 32.02 43.76
CA ALA F 3810 -3.65 31.04 43.18
C ALA F 3810 -2.69 30.50 44.22
N GLU F 3811 -2.28 31.33 45.18
CA GLU F 3811 -1.38 30.87 46.23
C GLU F 3811 -2.03 29.78 47.07
N VAL F 3812 -3.27 30.00 47.49
CA VAL F 3812 -3.98 28.99 48.27
C VAL F 3812 -4.21 27.74 47.43
N GLN F 3813 -4.57 27.92 46.15
CA GLN F 3813 -4.76 26.76 45.29
C GLN F 3813 -3.49 25.93 45.18
N GLN F 3814 -2.34 26.59 45.00
CA GLN F 3814 -1.07 25.88 44.92
C GLN F 3814 -0.78 25.15 46.22
N LYS F 3815 -1.03 25.79 47.35
CA LYS F 3815 -0.75 25.14 48.64
C LYS F 3815 -1.62 23.91 48.83
N MET F 3816 -2.92 24.00 48.52
CA MET F 3816 -3.79 22.84 48.64
C MET F 3816 -3.36 21.72 47.71
N LEU F 3817 -3.01 22.05 46.47
CA LEU F 3817 -2.60 21.03 45.52
C LEU F 3817 -1.32 20.34 45.97
N ASP F 3818 -0.35 21.12 46.45
CA ASP F 3818 0.89 20.52 46.94
C ASP F 3818 0.63 19.63 48.14
N TYR F 3819 -0.22 20.08 49.08
CA TYR F 3819 -0.52 19.26 50.24
C TYR F 3819 -1.16 17.94 49.84
N LEU F 3820 -2.15 18.00 48.95
CA LEU F 3820 -2.80 16.77 48.50
C LEU F 3820 -1.82 15.85 47.81
N LYS F 3821 -0.96 16.41 46.94
CA LYS F 3821 -0.02 15.58 46.19
C LYS F 3821 0.99 14.92 47.11
N ASP F 3822 1.49 15.64 48.12
CA ASP F 3822 2.47 15.03 49.01
C ASP F 3822 1.84 14.03 49.95
N LYS F 3823 0.61 14.31 50.42
CA LYS F 3823 -0.06 13.36 51.31
C LYS F 3823 -0.42 12.07 50.59
N LYS F 3824 -0.92 12.17 49.35
CA LYS F 3824 -1.36 11.02 48.58
C LYS F 3824 -2.40 10.20 49.36
N GLU F 3825 -3.35 10.90 49.97
CA GLU F 3825 -4.43 10.25 50.72
C GLU F 3825 -5.68 10.23 49.87
N VAL F 3826 -6.46 9.15 50.00
CA VAL F 3826 -7.73 9.05 49.27
C VAL F 3826 -8.87 9.55 50.13
N GLY F 3827 -8.58 9.83 51.41
CA GLY F 3827 -9.64 10.20 52.33
C GLY F 3827 -10.33 11.49 51.97
N PHE F 3828 -9.58 12.47 51.48
CA PHE F 3828 -10.17 13.76 51.14
C PHE F 3828 -11.20 13.62 50.03
N PHE F 3829 -10.83 12.97 48.93
CA PHE F 3829 -11.75 12.84 47.81
C PHE F 3829 -12.88 11.89 48.16
N GLN F 3830 -12.62 10.87 48.97
CA GLN F 3830 -13.69 9.99 49.43
C GLN F 3830 -14.71 10.76 50.25
N SER F 3831 -14.23 11.64 51.14
CA SER F 3831 -15.13 12.46 51.93
C SER F 3831 -15.93 13.40 51.04
N ILE F 3832 -15.29 14.02 50.05
CA ILE F 3832 -16.01 14.92 49.15
C ILE F 3832 -17.09 14.17 48.40
N GLN F 3833 -16.77 12.97 47.89
CA GLN F 3833 -17.75 12.19 47.15
C GLN F 3833 -18.91 11.76 48.04
N ALA F 3834 -18.62 11.34 49.27
CA ALA F 3834 -19.68 10.97 50.20
C ALA F 3834 -20.58 12.16 50.51
N LEU F 3835 -19.98 13.32 50.75
CA LEU F 3835 -20.77 14.52 51.00
C LEU F 3835 -21.64 14.85 49.80
N MET F 3836 -21.11 14.67 48.59
CA MET F 3836 -21.91 14.89 47.39
C MET F 3836 -23.12 13.97 47.36
N GLN F 3837 -22.91 12.68 47.68
CA GLN F 3837 -24.04 11.75 47.67
C GLN F 3837 -25.05 12.08 48.76
N THR F 3838 -24.60 12.69 49.86
CA THR F 3838 -25.53 13.02 50.93
C THR F 3838 -26.35 14.27 50.61
N CYS F 3839 -25.94 15.04 49.61
CA CYS F 3839 -26.67 16.25 49.25
C CYS F 3839 -28.08 15.90 48.79
N SER F 3840 -29.05 16.67 49.26
CA SER F 3840 -30.45 16.37 49.00
C SER F 3840 -30.96 17.12 47.77
N VAL F 3841 -32.08 16.65 47.24
CA VAL F 3841 -32.74 17.26 46.09
C VAL F 3841 -34.20 17.50 46.46
N LEU F 3842 -34.92 18.16 45.56
CA LEU F 3842 -36.32 18.44 45.78
C LEU F 3842 -37.11 17.15 45.89
N ASP F 3843 -37.95 17.06 46.93
CA ASP F 3843 -38.75 15.86 47.18
C ASP F 3843 -40.22 16.23 47.28
N LEU F 3844 -41.01 15.72 46.34
CA LEU F 3844 -42.44 16.00 46.33
C LEU F 3844 -43.12 15.44 47.58
N ASN F 3845 -42.67 14.27 48.04
CA ASN F 3845 -43.28 13.65 49.22
C ASN F 3845 -43.09 14.53 50.45
N ALA F 3846 -41.85 15.00 50.68
CA ALA F 3846 -41.60 15.89 51.81
C ALA F 3846 -42.33 17.21 51.62
N PHE F 3847 -42.43 17.69 50.38
CA PHE F 3847 -43.16 18.94 50.14
C PHE F 3847 -44.62 18.80 50.54
N GLU F 3848 -45.26 17.69 50.16
CA GLU F 3848 -46.66 17.51 50.49
C GLU F 3848 -46.84 17.27 51.99
N ARG F 3849 -45.86 16.61 52.63
CA ARG F 3849 -45.87 16.54 54.09
C ARG F 3849 -45.84 17.92 54.73
N GLN F 3850 -44.98 18.80 54.20
CA GLN F 3850 -44.93 20.17 54.70
C GLN F 3850 -46.25 20.90 54.46
N ASN F 3851 -46.89 20.62 53.33
CA ASN F 3851 -48.21 21.22 53.07
C ASN F 3851 -49.23 20.78 54.11
N LYS F 3852 -49.26 19.48 54.42
CA LYS F 3852 -50.15 19.01 55.47
C LYS F 3852 -49.83 19.65 56.82
N ALA F 3853 -48.54 19.77 57.14
CA ALA F 3853 -48.16 20.37 58.41
C ALA F 3853 -48.58 21.83 58.51
N GLU F 3854 -48.37 22.60 57.43
CA GLU F 3854 -48.72 24.02 57.48
C GLU F 3854 -50.22 24.21 57.50
N GLY F 3855 -50.97 23.33 56.83
CA GLY F 3855 -52.41 23.34 56.99
C GLY F 3855 -52.83 22.97 58.40
N LEU F 3856 -52.04 22.12 59.06
CA LEU F 3856 -52.38 21.68 60.41
C LEU F 3856 -52.17 22.79 61.43
N GLY F 3857 -51.06 23.50 61.36
CA GLY F 3857 -50.88 24.67 62.22
C GLY F 3857 -50.66 24.37 63.69
N MET F 3858 -49.47 23.84 64.03
CA MET F 3858 -49.14 23.51 65.42
C MET F 3858 -49.46 24.66 66.38
N VAL F 3859 -49.90 24.27 67.58
CA VAL F 3859 -50.22 25.18 68.67
C VAL F 3859 -49.47 24.71 69.92
N ASN F 3860 -48.79 25.63 70.59
CA ASN F 3860 -47.94 25.23 71.72
C ASN F 3860 -48.67 25.36 73.05
N GLU F 3861 -48.30 24.48 73.99
CA GLU F 3861 -48.91 24.47 75.31
C GLU F 3861 -48.57 25.75 76.07
N ASP F 3862 -47.29 26.11 76.12
CA ASP F 3862 -46.88 27.33 76.79
C ASP F 3862 -47.45 28.53 76.06
N GLY F 3863 -48.47 29.15 76.66
CA GLY F 3863 -49.23 30.15 75.92
C GLY F 3863 -49.93 29.52 74.73
N THR F 3864 -49.65 30.05 73.55
CA THR F 3864 -50.24 29.56 72.31
C THR F 3864 -49.33 30.00 71.16
N VAL F 3865 -49.32 29.20 70.09
CA VAL F 3865 -48.53 29.49 68.90
C VAL F 3865 -49.43 29.39 67.67
N ILE F 3866 -49.41 30.43 66.84
CA ILE F 3866 -50.24 30.52 65.64
C ILE F 3866 -49.32 30.56 64.43
N ASN F 3867 -49.67 29.79 63.39
CA ASN F 3867 -48.91 29.73 62.15
C ASN F 3867 -47.45 29.33 62.39
N ARG F 3868 -47.25 28.25 63.13
CA ARG F 3868 -45.90 27.72 63.31
C ARG F 3868 -45.42 27.09 62.02
N GLN F 3869 -44.22 27.46 61.58
CA GLN F 3869 -43.61 26.92 60.38
C GLN F 3869 -42.29 26.25 60.72
N ASN F 3870 -42.26 24.94 60.64
CA ASN F 3870 -41.03 24.20 60.91
C ASN F 3870 -40.03 24.40 59.79
N GLY F 3871 -38.77 24.08 60.08
CA GLY F 3871 -37.77 24.08 59.03
C GLY F 3871 -38.15 23.10 57.92
N GLU F 3872 -38.25 23.63 56.71
CA GLU F 3872 -38.78 22.84 55.61
C GLU F 3872 -37.89 21.64 55.33
N LYS F 3873 -38.54 20.50 55.04
CA LYS F 3873 -37.79 19.27 54.82
C LYS F 3873 -37.13 19.28 53.44
N VAL F 3874 -37.77 19.93 52.47
CA VAL F 3874 -37.21 19.97 51.12
C VAL F 3874 -36.03 20.91 51.07
N MET F 3875 -34.93 20.45 50.47
CA MET F 3875 -33.71 21.25 50.33
C MET F 3875 -33.22 21.76 51.68
N ALA F 3876 -33.21 20.86 52.68
CA ALA F 3876 -32.78 21.26 54.01
C ALA F 3876 -31.31 21.67 54.02
N ASP F 3877 -30.47 20.95 53.29
CA ASP F 3877 -29.04 21.24 53.22
C ASP F 3877 -28.67 22.04 51.99
N ASP F 3878 -29.55 22.91 51.52
CA ASP F 3878 -29.29 23.62 50.26
C ASP F 3878 -28.08 24.54 50.39
N GLU F 3879 -27.96 25.27 51.51
CA GLU F 3879 -26.82 26.17 51.68
C GLU F 3879 -25.53 25.39 51.76
N PHE F 3880 -25.56 24.22 52.41
CA PHE F 3880 -24.38 23.38 52.48
C PHE F 3880 -23.98 22.87 51.09
N THR F 3881 -24.98 22.51 50.28
CA THR F 3881 -24.70 22.09 48.91
C THR F 3881 -24.05 23.22 48.11
N GLN F 3882 -24.60 24.43 48.23
CA GLN F 3882 -24.01 25.58 47.54
C GLN F 3882 -22.58 25.81 47.99
N ASP F 3883 -22.31 25.71 49.29
CA ASP F 3883 -20.96 26.01 49.74
C ASP F 3883 -19.97 24.92 49.32
N LEU F 3884 -20.41 23.66 49.29
CA LEU F 3884 -19.52 22.60 48.81
C LEU F 3884 -19.18 22.78 47.34
N PHE F 3885 -20.19 23.02 46.50
CA PHE F 3885 -19.91 23.18 45.09
C PHE F 3885 -19.16 24.48 44.81
N ARG F 3886 -19.40 25.51 45.62
CA ARG F 3886 -18.61 26.73 45.55
C ARG F 3886 -17.15 26.46 45.90
N PHE F 3887 -16.91 25.60 46.89
CA PHE F 3887 -15.55 25.24 47.24
C PHE F 3887 -14.84 24.56 46.09
N LEU F 3888 -15.51 23.64 45.41
CA LEU F 3888 -14.89 23.01 44.24
C LEU F 3888 -14.65 24.01 43.11
N GLN F 3889 -15.63 24.87 42.85
CA GLN F 3889 -15.46 25.89 41.82
C GLN F 3889 -14.28 26.80 42.15
N LEU F 3890 -14.08 27.11 43.44
CA LEU F 3890 -12.99 27.98 43.83
C LEU F 3890 -11.65 27.26 43.74
N LEU F 3891 -11.66 25.94 43.94
CA LEU F 3891 -10.46 25.16 43.66
C LEU F 3891 -10.06 25.28 42.20
N CYS F 3892 -11.04 25.19 41.30
CA CYS F 3892 -10.73 25.26 39.87
C CYS F 3892 -10.74 26.68 39.30
N GLU F 3893 -10.97 27.70 40.12
CA GLU F 3893 -11.12 29.06 39.62
C GLU F 3893 -9.82 29.57 39.02
N GLY F 3894 -9.94 30.47 38.06
CA GLY F 3894 -8.79 31.00 37.37
C GLY F 3894 -8.22 30.10 36.30
N HIS F 3895 -8.95 29.06 35.92
CA HIS F 3895 -8.50 28.08 34.94
C HIS F 3895 -7.22 27.40 35.41
N ASN F 3896 -7.26 26.83 36.61
CA ASN F 3896 -6.10 26.16 37.18
C ASN F 3896 -6.08 24.73 36.65
N ASN F 3897 -5.31 24.52 35.57
CA ASN F 3897 -5.35 23.25 34.85
C ASN F 3897 -4.91 22.09 35.73
N ASP F 3898 -3.91 22.31 36.58
CA ASP F 3898 -3.44 21.24 37.44
C ASP F 3898 -4.54 20.76 38.38
N PHE F 3899 -5.30 21.68 38.96
CA PHE F 3899 -6.36 21.27 39.87
C PHE F 3899 -7.54 20.68 39.11
N GLN F 3900 -7.80 21.16 37.90
CA GLN F 3900 -8.84 20.54 37.09
C GLN F 3900 -8.50 19.08 36.79
N ASN F 3901 -7.27 18.83 36.35
CA ASN F 3901 -6.85 17.45 36.08
C ASN F 3901 -6.83 16.62 37.35
N TYR F 3902 -6.42 17.21 38.48
CA TYR F 3902 -6.43 16.46 39.74
C TYR F 3902 -7.84 16.09 40.15
N LEU F 3903 -8.79 17.01 39.99
CA LEU F 3903 -10.18 16.70 40.29
C LEU F 3903 -10.69 15.58 39.42
N ARG F 3904 -10.29 15.56 38.15
CA ARG F 3904 -10.71 14.44 37.29
C ARG F 3904 -10.08 13.14 37.75
N THR F 3905 -8.75 13.05 37.72
CA THR F 3905 -8.04 11.86 38.15
C THR F 3905 -6.90 12.27 39.09
N GLN F 3906 -6.67 11.44 40.11
CA GLN F 3906 -5.54 11.61 41.02
C GLN F 3906 -4.56 10.47 40.77
N THR F 3907 -3.37 10.81 40.27
CA THR F 3907 -2.42 9.78 39.86
C THR F 3907 -1.75 9.13 41.05
N GLY F 3908 -1.23 9.93 41.98
CA GLY F 3908 -0.49 9.37 43.10
C GLY F 3908 -1.33 8.48 43.99
N ASN F 3909 -2.60 8.83 44.17
CA ASN F 3909 -3.48 8.05 45.02
C ASN F 3909 -3.69 6.66 44.44
N THR F 3910 -3.85 5.68 45.33
CA THR F 3910 -4.09 4.31 44.89
C THR F 3910 -5.42 4.20 44.15
N THR F 3911 -6.45 4.87 44.65
CA THR F 3911 -7.76 4.90 44.02
C THR F 3911 -8.09 6.32 43.60
N THR F 3912 -8.74 6.47 42.45
CA THR F 3912 -9.08 7.76 41.88
C THR F 3912 -10.59 7.95 41.88
N ILE F 3913 -11.05 9.13 42.28
CA ILE F 3913 -12.46 9.49 42.27
C ILE F 3913 -12.64 10.66 41.29
N ASN F 3914 -13.64 10.55 40.42
CA ASN F 3914 -13.89 11.55 39.41
C ASN F 3914 -14.93 12.54 39.94
N ILE F 3915 -14.45 13.65 40.50
CA ILE F 3915 -15.34 14.66 41.05
C ILE F 3915 -16.21 15.28 39.97
N ILE F 3916 -15.69 15.36 38.75
CA ILE F 3916 -16.47 15.88 37.63
C ILE F 3916 -17.70 15.00 37.39
N ILE F 3917 -17.50 13.68 37.36
CA ILE F 3917 -18.60 12.76 37.14
C ILE F 3917 -19.55 12.79 38.34
N CYS F 3918 -19.02 12.93 39.55
CA CYS F 3918 -19.89 13.04 40.71
C CYS F 3918 -20.78 14.26 40.63
N THR F 3919 -20.21 15.39 40.19
CA THR F 3919 -21.01 16.61 39.98
C THR F 3919 -22.08 16.39 38.94
N VAL F 3920 -21.75 15.68 37.86
CA VAL F 3920 -22.74 15.39 36.83
C VAL F 3920 -23.88 14.55 37.40
N ASP F 3921 -23.55 13.56 38.22
CA ASP F 3921 -24.59 12.72 38.82
C ASP F 3921 -25.50 13.53 39.73
N TYR F 3922 -24.92 14.41 40.55
CA TYR F 3922 -25.77 15.24 41.41
C TYR F 3922 -26.65 16.15 40.57
N LEU F 3923 -26.11 16.71 39.48
CA LEU F 3923 -26.90 17.57 38.62
C LEU F 3923 -28.05 16.80 38.00
N LEU F 3924 -27.82 15.54 37.61
CA LEU F 3924 -28.89 14.70 37.09
C LEU F 3924 -29.98 14.48 38.14
N ARG F 3925 -29.58 14.19 39.37
CA ARG F 3925 -30.57 14.01 40.43
C ARG F 3925 -31.40 15.27 40.62
N LEU F 3926 -30.74 16.43 40.65
CA LEU F 3926 -31.45 17.69 40.80
C LEU F 3926 -32.38 17.95 39.64
N GLN F 3927 -31.94 17.62 38.42
CA GLN F 3927 -32.78 17.82 37.24
C GLN F 3927 -34.04 16.95 37.31
N GLU F 3928 -33.88 15.69 37.72
CA GLU F 3928 -35.05 14.83 37.86
C GLU F 3928 -35.99 15.35 38.94
N SER F 3929 -35.44 15.84 40.05
CA SER F 3929 -36.28 16.42 41.09
C SER F 3929 -37.07 17.62 40.58
N ILE F 3930 -36.41 18.52 39.83
CA ILE F 3930 -37.07 19.70 39.30
C ILE F 3930 -38.14 19.30 38.29
N SER F 3931 -37.85 18.29 37.48
CA SER F 3931 -38.84 17.81 36.52
C SER F 3931 -40.07 17.24 37.22
N ASP F 3932 -39.87 16.48 38.31
CA ASP F 3932 -40.99 15.96 39.06
C ASP F 3932 -41.81 17.09 39.68
N PHE F 3933 -41.13 18.11 40.21
CA PHE F 3933 -41.85 19.26 40.77
C PHE F 3933 -42.68 19.96 39.70
N TYR F 3934 -42.10 20.15 38.52
CA TYR F 3934 -42.84 20.76 37.42
C TYR F 3934 -44.04 19.90 37.02
N TRP F 3935 -43.85 18.59 36.97
CA TRP F 3935 -44.96 17.70 36.62
C TRP F 3935 -46.09 17.83 37.63
N TYR F 3936 -45.75 17.88 38.92
CA TYR F 3936 -46.77 18.05 39.94
C TYR F 3936 -47.50 19.38 39.78
N TYR F 3937 -46.77 20.43 39.41
CA TYR F 3937 -47.39 21.75 39.35
C TYR F 3937 -48.07 22.01 38.01
N SER F 3938 -47.85 21.14 37.03
CA SER F 3938 -48.43 21.36 35.71
C SER F 3938 -49.95 21.29 35.76
N GLY F 3939 -50.49 20.36 36.53
CA GLY F 3939 -51.94 20.29 36.67
C GLY F 3939 -52.53 21.52 37.30
N LYS F 3940 -51.85 22.09 38.29
CA LYS F 3940 -52.31 23.30 38.94
C LYS F 3940 -52.22 24.48 37.98
N ASP F 3941 -53.14 25.44 38.15
CA ASP F 3941 -53.14 26.61 37.28
C ASP F 3941 -51.96 27.53 37.58
N VAL F 3942 -51.63 27.70 38.85
CA VAL F 3942 -50.55 28.59 39.26
C VAL F 3942 -49.75 27.94 40.38
N ILE F 3943 -48.43 28.08 40.31
CA ILE F 3943 -47.58 27.61 41.39
C ILE F 3943 -47.73 28.52 42.60
N GLU F 3944 -48.01 27.94 43.76
CA GLU F 3944 -48.21 28.73 44.96
C GLU F 3944 -46.87 29.11 45.60
N GLU F 3945 -46.95 29.88 46.68
CA GLU F 3945 -45.79 30.62 47.19
C GLU F 3945 -44.71 29.68 47.74
N GLN F 3946 -45.11 28.66 48.50
CA GLN F 3946 -44.12 27.71 49.02
C GLN F 3946 -43.43 26.96 47.88
N GLY F 3947 -44.19 26.55 46.87
CA GLY F 3947 -43.58 25.94 45.70
C GLY F 3947 -42.63 26.88 45.00
N LYS F 3948 -42.96 28.18 44.95
CA LYS F 3948 -42.07 29.16 44.36
C LYS F 3948 -40.76 29.24 45.13
N ARG F 3949 -40.82 29.25 46.46
CA ARG F 3949 -39.59 29.27 47.25
C ARG F 3949 -38.77 28.01 47.01
N ASN F 3950 -39.43 26.86 46.93
CA ASN F 3950 -38.70 25.61 46.69
C ASN F 3950 -38.01 25.64 45.34
N PHE F 3951 -38.72 26.11 44.31
CA PHE F 3951 -38.11 26.24 42.99
C PHE F 3951 -36.94 27.21 43.01
N SER F 3952 -37.07 28.31 43.76
CA SER F 3952 -35.97 29.27 43.85
C SER F 3952 -34.73 28.63 44.46
N LYS F 3953 -34.91 27.89 45.55
CA LYS F 3953 -33.76 27.21 46.18
C LYS F 3953 -33.14 26.19 45.23
N ALA F 3954 -33.98 25.39 44.58
CA ALA F 3954 -33.45 24.38 43.66
C ALA F 3954 -32.68 25.03 42.51
N MET F 3955 -33.19 26.15 42.01
CA MET F 3955 -32.53 26.79 40.87
C MET F 3955 -31.26 27.51 41.31
N SER F 3956 -31.20 28.00 42.54
CA SER F 3956 -29.93 28.54 43.04
C SER F 3956 -28.88 27.43 43.13
N VAL F 3957 -29.27 26.27 43.66
CA VAL F 3957 -28.34 25.15 43.71
C VAL F 3957 -27.90 24.75 42.30
N ALA F 3958 -28.85 24.75 41.35
CA ALA F 3958 -28.53 24.41 39.98
C ALA F 3958 -27.57 25.42 39.35
N LYS F 3959 -27.75 26.70 39.64
CA LYS F 3959 -26.79 27.71 39.18
C LYS F 3959 -25.41 27.42 39.73
N GLN F 3960 -25.31 27.07 41.01
CA GLN F 3960 -24.01 26.77 41.58
C GLN F 3960 -23.37 25.58 40.91
N VAL F 3961 -24.15 24.53 40.65
CA VAL F 3961 -23.59 23.33 40.02
C VAL F 3961 -23.15 23.62 38.60
N PHE F 3962 -23.95 24.40 37.85
CA PHE F 3962 -23.57 24.77 36.50
C PHE F 3962 -22.29 25.59 36.49
N ASN F 3963 -22.15 26.51 37.45
CA ASN F 3963 -20.93 27.29 37.55
C ASN F 3963 -19.74 26.40 37.87
N SER F 3964 -19.93 25.40 38.72
CA SER F 3964 -18.85 24.48 39.04
C SER F 3964 -18.41 23.67 37.81
N LEU F 3965 -19.37 23.16 37.04
CA LEU F 3965 -19.03 22.42 35.84
C LEU F 3965 -18.33 23.32 34.82
N THR F 3966 -18.81 24.54 34.66
CA THR F 3966 -18.16 25.52 33.81
C THR F 3966 -16.73 25.77 34.25
N GLU F 3967 -16.52 25.85 35.56
CA GLU F 3967 -15.17 26.08 36.07
C GLU F 3967 -14.27 24.89 35.80
N TYR F 3968 -14.82 23.68 35.91
CA TYR F 3968 -14.02 22.49 35.58
C TYR F 3968 -13.57 22.50 34.13
N ILE F 3969 -14.49 22.82 33.21
CA ILE F 3969 -14.17 22.61 31.80
C ILE F 3969 -13.47 23.82 31.20
N GLN F 3970 -13.63 24.99 31.80
CA GLN F 3970 -13.12 26.21 31.19
C GLN F 3970 -11.60 26.27 31.26
N GLY F 3971 -11.01 26.92 30.27
CA GLY F 3971 -9.58 27.11 30.22
C GLY F 3971 -8.90 26.92 28.87
N PRO F 3972 -9.33 25.92 28.07
CA PRO F 3972 -10.17 24.76 28.36
C PRO F 3972 -9.36 23.63 28.96
N CYS F 3973 -9.99 22.72 29.71
CA CYS F 3973 -9.33 21.49 30.14
C CYS F 3973 -9.88 20.36 29.28
N THR F 3974 -9.04 19.87 28.36
CA THR F 3974 -9.50 18.91 27.36
C THR F 3974 -9.96 17.60 28.00
N GLY F 3975 -9.24 17.15 29.03
CA GLY F 3975 -9.66 15.92 29.70
C GLY F 3975 -11.03 16.04 30.32
N ASN F 3976 -11.28 17.14 31.02
CA ASN F 3976 -12.60 17.37 31.62
C ASN F 3976 -13.66 17.53 30.54
N GLN F 3977 -13.31 18.16 29.42
CA GLN F 3977 -14.26 18.28 28.32
C GLN F 3977 -14.67 16.92 27.79
N GLN F 3978 -13.69 16.03 27.59
CA GLN F 3978 -14.01 14.68 27.11
C GLN F 3978 -14.83 13.91 28.14
N SER F 3979 -14.47 14.05 29.43
CA SER F 3979 -15.22 13.37 30.48
C SER F 3979 -16.67 13.81 30.49
N LEU F 3980 -16.92 15.11 30.32
CA LEU F 3980 -18.30 15.59 30.21
C LEU F 3980 -18.96 15.10 28.93
N ALA F 3981 -18.18 15.00 27.85
CA ALA F 3981 -18.74 14.55 26.58
C ALA F 3981 -19.28 13.14 26.68
N HIS F 3982 -18.55 12.24 27.33
CA HIS F 3982 -18.98 10.86 27.43
C HIS F 3982 -19.84 10.60 28.67
N SER F 3983 -20.24 11.62 29.40
CA SER F 3983 -21.04 11.44 30.59
C SER F 3983 -22.54 11.54 30.27
N ARG F 3984 -23.34 11.61 31.33
CA ARG F 3984 -24.79 11.75 31.25
C ARG F 3984 -25.22 13.22 31.23
N LEU F 3985 -24.26 14.13 31.09
CA LEU F 3985 -24.57 15.55 31.07
C LEU F 3985 -25.56 15.90 29.98
N TRP F 3986 -25.49 15.19 28.84
CA TRP F 3986 -26.42 15.50 27.76
C TRP F 3986 -27.85 15.15 28.13
N ASP F 3987 -28.05 14.01 28.79
CA ASP F 3987 -29.39 13.67 29.27
C ASP F 3987 -29.88 14.68 30.29
N ALA F 3988 -28.99 15.09 31.20
CA ALA F 3988 -29.36 16.12 32.17
C ALA F 3988 -29.77 17.41 31.48
N VAL F 3989 -29.01 17.82 30.47
CA VAL F 3989 -29.32 19.07 29.76
C VAL F 3989 -30.62 18.94 28.99
N VAL F 3990 -30.90 17.77 28.43
CA VAL F 3990 -32.15 17.55 27.71
C VAL F 3990 -33.34 17.71 28.67
N GLY F 3991 -33.25 17.07 29.83
CA GLY F 3991 -34.31 17.24 30.81
C GLY F 3991 -34.46 18.68 31.25
N PHE F 3992 -33.34 19.37 31.45
CA PHE F 3992 -33.40 20.78 31.85
C PHE F 3992 -34.06 21.62 30.77
N LEU F 3993 -33.76 21.36 29.51
CA LEU F 3993 -34.38 22.11 28.43
C LEU F 3993 -35.88 21.88 28.37
N HIS F 3994 -36.32 20.63 28.55
CA HIS F 3994 -37.75 20.36 28.57
C HIS F 3994 -38.43 21.12 29.70
N VAL F 3995 -37.86 21.04 30.91
CA VAL F 3995 -38.42 21.75 32.05
C VAL F 3995 -38.44 23.24 31.79
N PHE F 3996 -37.35 23.78 31.22
CA PHE F 3996 -37.27 25.21 30.98
C PHE F 3996 -38.33 25.68 30.00
N ALA F 3997 -38.49 24.95 28.88
CA ALA F 3997 -39.47 25.36 27.89
C ALA F 3997 -40.87 25.38 28.48
N HIS F 3998 -41.29 24.25 29.08
CA HIS F 3998 -42.64 24.20 29.63
C HIS F 3998 -42.81 25.17 30.79
N MET F 3999 -41.74 25.37 31.56
CA MET F 3999 -41.83 26.18 32.77
C MET F 3999 -41.99 27.65 32.40
N MET F 4000 -41.22 28.11 31.40
CA MET F 4000 -41.43 29.45 30.87
C MET F 4000 -42.82 29.61 30.29
N MET F 4001 -43.27 28.61 29.52
CA MET F 4001 -44.61 28.69 28.92
C MET F 4001 -45.67 28.86 30.00
N LYS F 4002 -45.49 28.20 31.15
CA LYS F 4002 -46.43 28.35 32.24
C LYS F 4002 -46.28 29.69 32.96
N LEU F 4003 -45.04 30.13 33.17
CA LEU F 4003 -44.81 31.34 33.96
C LEU F 4003 -45.22 32.60 33.21
N ALA F 4004 -45.26 32.53 31.88
CA ALA F 4004 -45.51 33.73 31.09
C ALA F 4004 -46.91 34.28 31.34
N GLN F 4005 -47.84 33.43 31.78
CA GLN F 4005 -49.24 33.84 31.85
C GLN F 4005 -49.52 34.70 33.08
N ASP F 4006 -48.92 34.38 34.23
CA ASP F 4006 -49.26 35.04 35.49
C ASP F 4006 -48.18 36.06 35.82
N SER F 4007 -48.62 37.19 36.40
CA SER F 4007 -47.69 38.27 36.72
C SER F 4007 -46.85 37.94 37.96
N SER F 4008 -47.43 37.21 38.92
CA SER F 4008 -46.67 36.86 40.12
C SER F 4008 -45.57 35.87 39.81
N GLN F 4009 -45.65 35.22 38.65
CA GLN F 4009 -44.67 34.17 38.31
C GLN F 4009 -43.46 34.74 37.60
N ILE F 4010 -43.45 36.05 37.34
CA ILE F 4010 -42.44 36.62 36.45
C ILE F 4010 -41.09 36.77 37.16
N GLU F 4011 -41.10 36.90 38.48
CA GLU F 4011 -39.82 36.95 39.20
C GLU F 4011 -39.10 35.61 39.15
N LEU F 4012 -39.84 34.53 39.46
CA LEU F 4012 -39.30 33.20 39.27
C LEU F 4012 -38.96 32.96 37.81
N LEU F 4013 -39.67 33.63 36.89
CA LEU F 4013 -39.33 33.50 35.48
C LEU F 4013 -37.98 34.13 35.17
N LYS F 4014 -37.69 35.30 35.76
CA LYS F 4014 -36.36 35.90 35.59
C LYS F 4014 -35.28 34.98 36.14
N GLU F 4015 -35.52 34.41 37.32
CA GLU F 4015 -34.53 33.53 37.92
C GLU F 4015 -34.31 32.29 37.05
N LEU F 4016 -35.39 31.73 36.51
CA LEU F 4016 -35.27 30.59 35.60
C LEU F 4016 -34.51 30.97 34.34
N LEU F 4017 -34.75 32.17 33.82
CA LEU F 4017 -34.06 32.63 32.62
C LEU F 4017 -32.56 32.75 32.86
N ASP F 4018 -32.16 33.29 34.01
CA ASP F 4018 -30.73 33.38 34.29
C ASP F 4018 -30.13 31.99 34.49
N LEU F 4019 -30.90 31.06 35.04
CA LEU F 4019 -30.40 29.68 35.14
C LEU F 4019 -30.17 29.08 33.75
N GLN F 4020 -31.09 29.33 32.81
CA GLN F 4020 -30.87 28.89 31.44
C GLN F 4020 -29.62 29.54 30.85
N LYS F 4021 -29.40 30.81 31.16
CA LYS F 4021 -28.18 31.47 30.70
C LYS F 4021 -26.94 30.77 31.22
N ASP F 4022 -26.96 30.36 32.50
CA ASP F 4022 -25.84 29.63 33.06
C ASP F 4022 -25.62 28.30 32.35
N MET F 4023 -26.70 27.59 32.04
CA MET F 4023 -26.55 26.33 31.31
C MET F 4023 -25.93 26.57 29.94
N VAL F 4024 -26.39 27.60 29.24
CA VAL F 4024 -25.85 27.89 27.91
C VAL F 4024 -24.39 28.29 28.01
N VAL F 4025 -24.02 29.01 29.08
CA VAL F 4025 -22.62 29.33 29.30
C VAL F 4025 -21.79 28.07 29.49
N MET F 4026 -22.34 27.10 30.22
CA MET F 4026 -21.65 25.83 30.37
C MET F 4026 -21.46 25.13 29.03
N LEU F 4027 -22.50 25.15 28.18
CA LEU F 4027 -22.38 24.53 26.86
C LEU F 4027 -21.33 25.24 26.01
N LEU F 4028 -21.33 26.57 26.03
CA LEU F 4028 -20.32 27.33 25.28
C LEU F 4028 -18.92 27.02 25.79
N SER F 4029 -18.79 26.82 27.11
CA SER F 4029 -17.50 26.42 27.66
C SER F 4029 -17.10 25.04 27.14
N LEU F 4030 -18.07 24.14 27.01
CA LEU F 4030 -17.79 22.85 26.38
C LEU F 4030 -17.32 23.04 24.95
N LEU F 4031 -17.77 24.11 24.30
CA LEU F 4031 -17.41 24.30 22.89
C LEU F 4031 -16.08 25.02 22.73
N GLU F 4032 -15.42 25.37 23.84
CA GLU F 4032 -14.15 26.08 23.74
C GLU F 4032 -13.07 25.20 23.15
N GLY F 4033 -12.28 25.77 22.24
CA GLY F 4033 -11.23 25.02 21.58
C GLY F 4033 -11.71 23.89 20.71
N ASN F 4034 -12.82 24.10 20.00
CA ASN F 4034 -13.45 23.07 19.19
C ASN F 4034 -13.12 23.28 17.72
N VAL F 4035 -12.69 22.22 17.05
CA VAL F 4035 -12.39 22.30 15.63
C VAL F 4035 -13.67 22.17 14.82
N VAL F 4036 -13.55 22.47 13.52
CA VAL F 4036 -14.69 22.31 12.63
C VAL F 4036 -15.05 20.83 12.51
N ASN F 4037 -16.35 20.55 12.57
CA ASN F 4037 -16.86 19.18 12.63
C ASN F 4037 -16.28 18.42 13.83
N GLY F 4038 -16.19 19.09 14.97
CA GLY F 4038 -15.68 18.44 16.16
C GLY F 4038 -16.70 17.50 16.75
N MET F 4039 -16.19 16.50 17.48
CA MET F 4039 -17.07 15.49 18.07
C MET F 4039 -17.90 16.06 19.20
N ILE F 4040 -17.35 17.02 19.96
CA ILE F 4040 -18.13 17.73 20.96
C ILE F 4040 -19.28 18.48 20.31
N ALA F 4041 -19.00 19.21 19.23
CA ALA F 4041 -20.04 19.98 18.56
C ALA F 4041 -21.10 19.05 17.96
N ARG F 4042 -20.67 17.93 17.39
CA ARG F 4042 -21.63 16.99 16.83
C ARG F 4042 -22.52 16.40 17.91
N GLN F 4043 -21.97 16.09 19.08
CA GLN F 4043 -22.82 15.64 20.18
C GLN F 4043 -23.79 16.73 20.60
N MET F 4044 -23.35 17.98 20.60
CA MET F 4044 -24.25 19.08 20.94
C MET F 4044 -25.40 19.16 19.95
N VAL F 4045 -25.11 19.00 18.66
CA VAL F 4045 -26.17 19.04 17.66
C VAL F 4045 -27.13 17.86 17.84
N ASP F 4046 -26.59 16.67 18.13
CA ASP F 4046 -27.46 15.52 18.36
C ASP F 4046 -28.36 15.74 19.57
N MET F 4047 -27.80 16.33 20.62
CA MET F 4047 -28.57 16.60 21.83
C MET F 4047 -29.63 17.67 21.60
N LEU F 4048 -29.33 18.67 20.77
CA LEU F 4048 -30.36 19.62 20.38
C LEU F 4048 -31.46 18.93 19.58
N VAL F 4049 -31.08 17.99 18.72
CA VAL F 4049 -32.06 17.29 17.89
C VAL F 4049 -32.96 16.42 18.75
N GLU F 4050 -32.40 15.78 19.78
CA GLU F 4050 -33.19 14.94 20.67
C GLU F 4050 -34.25 15.77 21.40
N SER F 4051 -33.89 16.97 21.81
CA SER F 4051 -34.81 17.90 22.47
C SER F 4051 -35.37 18.93 21.51
N SER F 4052 -35.61 18.54 20.25
CA SER F 4052 -35.98 19.51 19.22
C SER F 4052 -37.27 20.24 19.56
N SER F 4053 -38.26 19.52 20.11
CA SER F 4053 -39.53 20.17 20.43
C SER F 4053 -39.34 21.25 21.49
N ASN F 4054 -38.58 20.96 22.53
CA ASN F 4054 -38.36 21.94 23.59
C ASN F 4054 -37.52 23.11 23.10
N VAL F 4055 -36.51 22.83 22.28
CA VAL F 4055 -35.71 23.91 21.70
C VAL F 4055 -36.58 24.81 20.85
N GLU F 4056 -37.47 24.22 20.05
CA GLU F 4056 -38.37 25.01 19.23
C GLU F 4056 -39.34 25.81 20.08
N MET F 4057 -39.78 25.25 21.20
CA MET F 4057 -40.65 26.00 22.12
C MET F 4057 -39.93 27.22 22.67
N ILE F 4058 -38.67 27.05 23.07
CA ILE F 4058 -37.89 28.18 23.60
C ILE F 4058 -37.71 29.25 22.52
N LEU F 4059 -37.33 28.82 21.32
CA LEU F 4059 -37.12 29.76 20.22
C LEU F 4059 -38.42 30.47 19.88
N LYS F 4060 -39.54 29.74 19.91
CA LYS F 4060 -40.84 30.36 19.65
C LYS F 4060 -41.17 31.40 20.70
N PHE F 4061 -40.91 31.10 21.97
CA PHE F 4061 -41.10 32.09 23.03
C PHE F 4061 -40.35 33.38 22.71
N PHE F 4062 -39.06 33.24 22.42
CA PHE F 4062 -38.24 34.44 22.18
C PHE F 4062 -38.71 35.20 20.94
N ASP F 4063 -38.96 34.49 19.84
CA ASP F 4063 -39.31 35.18 18.60
C ASP F 4063 -40.70 35.81 18.69
N MET F 4064 -41.65 35.14 19.35
CA MET F 4064 -42.97 35.71 19.54
C MET F 4064 -42.90 37.00 20.34
N PHE F 4065 -42.09 37.03 21.40
CA PHE F 4065 -42.05 38.26 22.19
C PHE F 4065 -41.31 39.38 21.46
N LEU F 4066 -40.26 39.05 20.69
CA LEU F 4066 -39.62 40.07 19.88
C LEU F 4066 -40.60 40.63 18.83
N LYS F 4067 -41.34 39.75 18.16
CA LYS F 4067 -42.32 40.21 17.17
C LYS F 4067 -43.42 41.03 17.82
N LEU F 4068 -43.82 40.65 19.04
CA LEU F 4068 -44.84 41.41 19.75
C LEU F 4068 -44.34 42.83 20.04
N LYS F 4069 -43.08 42.96 20.45
CA LYS F 4069 -42.54 44.30 20.66
C LYS F 4069 -42.53 45.10 19.37
N ASP F 4070 -42.06 44.50 18.27
CA ASP F 4070 -42.05 45.26 17.02
C ASP F 4070 -43.46 45.60 16.56
N ILE F 4071 -44.45 44.77 16.93
CA ILE F 4071 -45.82 45.01 16.51
C ILE F 4071 -46.45 46.15 17.32
N VAL F 4072 -46.21 46.17 18.64
CA VAL F 4072 -46.67 47.32 19.41
C VAL F 4072 -45.92 48.57 18.97
N GLY F 4073 -44.79 48.38 18.27
CA GLY F 4073 -44.17 49.53 17.61
C GLY F 4073 -44.76 49.81 16.24
N SER F 4074 -45.68 48.97 15.77
CA SER F 4074 -46.09 49.03 14.38
C SER F 4074 -47.29 49.95 14.16
N GLU F 4075 -47.27 50.64 13.02
CA GLU F 4075 -48.31 51.61 12.70
C GLU F 4075 -49.66 50.95 12.50
N ALA F 4076 -49.69 49.77 11.90
CA ALA F 4076 -50.97 49.08 11.71
C ALA F 4076 -51.61 48.76 13.06
N PHE F 4077 -50.82 48.30 14.03
CA PHE F 4077 -51.36 48.05 15.36
C PHE F 4077 -51.81 49.34 16.02
N GLN F 4078 -51.03 50.42 15.85
CA GLN F 4078 -51.43 51.70 16.44
C GLN F 4078 -52.75 52.19 15.84
N ASP F 4079 -52.98 51.92 14.56
CA ASP F 4079 -54.27 52.26 13.95
C ASP F 4079 -55.38 51.37 14.49
N TYR F 4080 -55.06 50.09 14.73
CA TYR F 4080 -56.06 49.19 15.30
C TYR F 4080 -56.51 49.64 16.68
N VAL F 4081 -55.58 50.08 17.52
CA VAL F 4081 -55.92 50.57 18.85
C VAL F 4081 -56.49 51.98 18.71
N THR F 4082 -57.63 52.21 19.35
CA THR F 4082 -58.31 53.50 19.26
C THR F 4082 -58.48 54.18 20.62
N ASP F 4083 -58.11 53.50 21.70
CA ASP F 4083 -58.28 54.08 23.03
C ASP F 4083 -57.35 55.27 23.22
N PRO F 4084 -57.82 56.37 23.80
CA PRO F 4084 -56.90 57.45 24.18
C PRO F 4084 -55.86 56.99 25.19
N ARG F 4085 -56.21 56.04 26.05
CA ARG F 4085 -55.25 55.49 26.99
C ARG F 4085 -54.30 54.51 26.31
N GLY F 4086 -54.64 54.10 25.09
CA GLY F 4086 -53.87 53.11 24.37
C GLY F 4086 -54.19 51.68 24.73
N LEU F 4087 -55.14 51.46 25.64
CA LEU F 4087 -55.50 50.10 26.03
C LEU F 4087 -56.33 49.43 24.93
N ILE F 4088 -56.00 48.18 24.64
CA ILE F 4088 -56.61 47.46 23.52
C ILE F 4088 -57.39 46.26 24.05
N SER F 4089 -58.56 46.03 23.48
CA SER F 4089 -59.37 44.87 23.87
C SER F 4089 -58.76 43.59 23.31
N LYS F 4090 -59.07 42.47 23.97
CA LYS F 4090 -58.54 41.19 23.53
C LYS F 4090 -59.02 40.85 22.12
N LYS F 4091 -60.27 41.18 21.79
CA LYS F 4091 -60.74 40.97 20.43
C LYS F 4091 -60.01 41.89 19.45
N ASP F 4092 -59.87 43.17 19.80
CA ASP F 4092 -59.14 44.11 18.96
C ASP F 4092 -57.68 43.71 18.83
N PHE F 4093 -57.09 43.27 19.95
CA PHE F 4093 -55.71 42.80 19.94
C PHE F 4093 -55.55 41.60 19.01
N GLN F 4094 -56.51 40.67 19.07
CA GLN F 4094 -56.51 39.51 18.19
C GLN F 4094 -56.57 39.92 16.72
N LYS F 4095 -57.54 40.77 16.36
CA LYS F 4095 -57.66 41.13 14.95
C LYS F 4095 -56.47 41.94 14.49
N ALA F 4096 -55.86 42.71 15.40
CA ALA F 4096 -54.66 43.44 15.05
C ALA F 4096 -53.52 42.50 14.66
N MET F 4097 -53.23 41.50 15.50
CA MET F 4097 -52.15 40.60 15.12
C MET F 4097 -52.49 39.80 13.86
N ASP F 4098 -53.75 39.36 13.72
CA ASP F 4098 -54.05 38.59 12.51
C ASP F 4098 -53.98 39.49 11.28
N SER F 4099 -54.13 40.80 11.47
CA SER F 4099 -53.82 41.74 10.39
C SER F 4099 -52.32 41.76 10.11
N GLN F 4100 -51.50 41.70 11.16
CA GLN F 4100 -50.06 41.64 10.94
C GLN F 4100 -49.63 40.31 10.35
N LYS F 4101 -50.35 39.23 10.67
CA LYS F 4101 -50.14 37.86 10.19
C LYS F 4101 -48.83 37.23 10.63
N GLN F 4102 -48.03 37.89 11.48
CA GLN F 4102 -46.79 37.26 11.94
C GLN F 4102 -47.07 36.14 12.92
N PHE F 4103 -48.15 36.25 13.68
CA PHE F 4103 -48.52 35.26 14.68
C PHE F 4103 -49.73 34.47 14.20
N THR F 4104 -49.71 33.16 14.45
CA THR F 4104 -50.86 32.32 14.16
C THR F 4104 -51.89 32.44 15.28
N GLY F 4105 -53.03 31.75 15.10
CA GLY F 4105 -54.11 31.78 16.06
C GLY F 4105 -53.77 31.25 17.43
N PRO F 4106 -53.15 30.06 17.56
CA PRO F 4106 -52.69 29.64 18.89
C PRO F 4106 -51.69 30.59 19.50
N GLU F 4107 -50.84 31.21 18.68
CA GLU F 4107 -49.90 32.20 19.20
C GLU F 4107 -50.65 33.41 19.75
N ILE F 4108 -51.70 33.85 19.06
CA ILE F 4108 -52.51 34.96 19.55
C ILE F 4108 -53.18 34.60 20.86
N GLN F 4109 -53.70 33.38 20.96
CA GLN F 4109 -54.34 32.94 22.20
C GLN F 4109 -53.34 32.90 23.34
N PHE F 4110 -52.13 32.40 23.08
CA PHE F 4110 -51.11 32.37 24.11
C PHE F 4110 -50.70 33.78 24.54
N LEU F 4111 -50.59 34.70 23.58
CA LEU F 4111 -50.26 36.08 23.93
C LEU F 4111 -51.37 36.71 24.76
N LEU F 4112 -52.63 36.41 24.44
CA LEU F 4112 -53.74 36.88 25.26
C LEU F 4112 -53.63 36.34 26.67
N SER F 4113 -53.29 35.05 26.81
CA SER F 4113 -53.11 34.47 28.14
C SER F 4113 -51.98 35.15 28.89
N CYS F 4114 -50.87 35.42 28.21
CA CYS F 4114 -49.73 36.07 28.85
C CYS F 4114 -50.08 37.48 29.32
N SER F 4115 -50.83 38.22 28.50
CA SER F 4115 -51.21 39.57 28.87
C SER F 4115 -52.17 39.55 30.06
N GLU F 4116 -51.87 40.36 31.07
CA GLU F 4116 -52.71 40.46 32.25
C GLU F 4116 -53.94 41.30 31.92
N ALA F 4117 -55.01 40.65 31.49
CA ALA F 4117 -56.22 41.36 31.15
C ALA F 4117 -56.90 41.90 32.39
N ASP F 4118 -57.27 43.17 32.34
CA ASP F 4118 -58.00 43.80 33.42
C ASP F 4118 -59.48 43.43 33.37
N GLU F 4119 -60.28 44.07 34.24
CA GLU F 4119 -61.70 43.76 34.32
C GLU F 4119 -62.43 44.14 33.04
N ASN F 4120 -61.95 45.16 32.34
CA ASN F 4120 -62.55 45.52 31.06
C ASN F 4120 -62.00 44.67 29.93
N GLU F 4121 -61.06 43.76 30.26
CA GLU F 4121 -60.26 42.96 29.35
C GLU F 4121 -59.38 43.88 28.51
N MET F 4122 -59.06 45.07 29.02
CA MET F 4122 -58.20 46.01 28.31
C MET F 4122 -56.76 45.52 28.41
N ILE F 4123 -55.95 45.82 27.40
CA ILE F 4123 -54.54 45.41 27.39
C ILE F 4123 -53.65 46.63 27.15
N ASN F 4124 -52.64 46.79 27.99
CA ASN F 4124 -51.64 47.84 27.82
C ASN F 4124 -50.43 47.26 27.09
N PHE F 4125 -50.33 47.55 25.79
CA PHE F 4125 -49.34 46.85 24.97
C PHE F 4125 -47.92 47.27 25.31
N GLU F 4126 -47.74 48.48 25.85
CA GLU F 4126 -46.39 48.92 26.20
C GLU F 4126 -45.79 48.04 27.29
N GLU F 4127 -46.51 47.88 28.40
CA GLU F 4127 -46.01 47.01 29.47
C GLU F 4127 -46.03 45.55 29.05
N PHE F 4128 -47.02 45.16 28.25
CA PHE F 4128 -47.05 43.79 27.76
C PHE F 4128 -45.82 43.48 26.91
N ALA F 4129 -45.28 44.50 26.24
CA ALA F 4129 -44.10 44.29 25.41
C ALA F 4129 -42.82 44.33 26.25
N ASN F 4130 -42.65 45.36 27.06
CA ASN F 4130 -41.39 45.50 27.78
C ASN F 4130 -41.32 44.66 29.04
N ARG F 4131 -42.38 43.91 29.36
CA ARG F 4131 -42.37 43.11 30.59
C ARG F 4131 -41.32 42.00 30.51
N PHE F 4132 -41.17 41.38 29.34
CA PHE F 4132 -40.33 40.20 29.20
C PHE F 4132 -39.04 40.45 28.43
N GLN F 4133 -38.85 41.63 27.84
CA GLN F 4133 -37.66 41.85 27.02
C GLN F 4133 -36.40 41.94 27.87
N GLU F 4134 -36.46 42.67 28.98
CA GLU F 4134 -35.28 42.80 29.83
C GLU F 4134 -34.81 41.46 30.40
N PRO F 4135 -35.64 40.63 31.03
CA PRO F 4135 -35.13 39.35 31.55
C PRO F 4135 -34.60 38.42 30.46
N ALA F 4136 -35.16 38.48 29.26
CA ALA F 4136 -34.85 37.48 28.25
C ALA F 4136 -33.66 37.88 27.39
N ARG F 4137 -33.12 39.08 27.61
CA ARG F 4137 -32.03 39.56 26.76
C ARG F 4137 -30.80 38.69 26.86
N ASP F 4138 -30.36 38.40 28.08
CA ASP F 4138 -29.12 37.66 28.28
C ASP F 4138 -29.22 36.23 27.72
N ILE F 4139 -30.32 35.54 28.03
CA ILE F 4139 -30.48 34.17 27.55
C ILE F 4139 -30.66 34.15 26.04
N GLY F 4140 -31.38 35.13 25.48
CA GLY F 4140 -31.51 35.20 24.04
C GLY F 4140 -30.19 35.42 23.35
N PHE F 4141 -29.37 36.32 23.89
CA PHE F 4141 -28.05 36.55 23.31
C PHE F 4141 -27.19 35.30 23.40
N ASN F 4142 -27.22 34.62 24.53
CA ASN F 4142 -26.43 33.40 24.68
C ASN F 4142 -26.89 32.31 23.71
N VAL F 4143 -28.21 32.20 23.52
CA VAL F 4143 -28.75 31.23 22.57
C VAL F 4143 -28.30 31.56 21.15
N ALA F 4144 -28.34 32.85 20.80
CA ALA F 4144 -27.87 33.26 19.49
C ALA F 4144 -26.39 32.94 19.30
N VAL F 4145 -25.59 33.20 20.33
CA VAL F 4145 -24.16 32.89 20.28
C VAL F 4145 -23.94 31.39 20.08
N LEU F 4146 -24.67 30.57 20.84
CA LEU F 4146 -24.51 29.13 20.74
C LEU F 4146 -24.90 28.62 19.36
N LEU F 4147 -26.02 29.11 18.83
CA LEU F 4147 -26.45 28.69 17.50
C LEU F 4147 -25.47 29.11 16.42
N THR F 4148 -24.96 30.35 16.52
CA THR F 4148 -23.98 30.81 15.54
C THR F 4148 -22.70 29.98 15.61
N ASN F 4149 -22.22 29.71 16.83
CA ASN F 4149 -21.00 28.92 16.98
C ASN F 4149 -21.18 27.52 16.42
N LEU F 4150 -22.30 26.88 16.73
CA LEU F 4150 -22.55 25.54 16.22
C LEU F 4150 -22.69 25.54 14.70
N SER F 4151 -23.36 26.55 14.14
CA SER F 4151 -23.51 26.62 12.69
C SER F 4151 -22.18 26.77 12.00
N GLU F 4152 -21.29 27.61 12.55
CA GLU F 4152 -20.01 27.84 11.90
C GLU F 4152 -19.05 26.68 12.10
N HIS F 4153 -19.23 25.91 13.17
CA HIS F 4153 -18.30 24.81 13.42
C HIS F 4153 -18.80 23.50 12.81
N VAL F 4154 -20.10 23.40 12.55
CA VAL F 4154 -20.68 22.24 11.89
C VAL F 4154 -21.54 22.74 10.73
N PRO F 4155 -20.92 23.16 9.63
CA PRO F 4155 -21.70 23.89 8.59
C PRO F 4155 -22.64 23.00 7.78
N HIS F 4156 -22.39 21.69 7.74
CA HIS F 4156 -23.07 20.86 6.75
C HIS F 4156 -24.39 20.29 7.26
N ASP F 4157 -24.58 20.27 8.57
CA ASP F 4157 -25.72 19.56 9.12
C ASP F 4157 -27.03 20.28 8.80
N PRO F 4158 -28.04 19.59 8.27
CA PRO F 4158 -29.30 20.27 7.93
C PRO F 4158 -30.19 20.54 9.12
N ARG F 4159 -30.11 19.71 10.17
CA ARG F 4159 -30.89 19.97 11.38
C ARG F 4159 -30.45 21.27 12.04
N LEU F 4160 -29.15 21.55 12.04
CA LEU F 4160 -28.67 22.83 12.55
C LEU F 4160 -29.22 23.99 11.72
N ARG F 4161 -29.28 23.83 10.39
CA ARG F 4161 -29.85 24.87 9.56
C ARG F 4161 -31.32 25.09 9.88
N ASN F 4162 -32.05 24.00 10.15
CA ASN F 4162 -33.44 24.15 10.56
C ASN F 4162 -33.56 24.96 11.84
N PHE F 4163 -32.77 24.61 12.87
CA PHE F 4163 -32.77 25.39 14.10
C PHE F 4163 -32.45 26.85 13.84
N LEU F 4164 -31.50 27.11 12.93
CA LEU F 4164 -31.17 28.49 12.60
C LEU F 4164 -32.34 29.21 11.95
N GLU F 4165 -33.06 28.51 11.08
CA GLU F 4165 -34.23 29.12 10.44
C GLU F 4165 -35.28 29.50 11.47
N LEU F 4166 -35.51 28.63 12.45
CA LEU F 4166 -36.48 28.98 13.50
C LEU F 4166 -36.00 30.16 14.35
N ALA F 4167 -34.71 30.25 14.59
CA ALA F 4167 -34.15 31.35 15.39
C ALA F 4167 -33.74 32.55 14.54
N GLU F 4168 -34.32 32.70 13.34
CA GLU F 4168 -33.88 33.75 12.43
C GLU F 4168 -34.11 35.14 13.02
N SER F 4169 -35.28 35.36 13.64
CA SER F 4169 -35.57 36.66 14.20
C SER F 4169 -34.67 37.00 15.38
N ILE F 4170 -34.39 36.00 16.23
CA ILE F 4170 -33.47 36.22 17.35
C ILE F 4170 -32.08 36.58 16.84
N LEU F 4171 -31.59 35.84 15.85
CA LEU F 4171 -30.28 36.12 15.29
C LEU F 4171 -30.25 37.50 14.65
N GLU F 4172 -31.32 37.89 13.97
CA GLU F 4172 -31.39 39.22 13.38
C GLU F 4172 -31.37 40.29 14.44
N TYR F 4173 -32.12 40.09 15.54
CA TYR F 4173 -32.15 41.11 16.59
C TYR F 4173 -30.79 41.27 17.24
N PHE F 4174 -30.09 40.16 17.48
CA PHE F 4174 -28.82 40.22 18.20
C PHE F 4174 -27.61 40.32 17.28
N ARG F 4175 -27.82 40.44 15.97
CA ARG F 4175 -26.69 40.60 15.06
C ARG F 4175 -25.85 41.85 15.33
N PRO F 4176 -26.42 43.05 15.52
CA PRO F 4176 -25.56 44.21 15.82
C PRO F 4176 -24.79 44.10 17.12
N TYR F 4177 -25.24 43.26 18.05
CA TYR F 4177 -24.54 43.15 19.33
C TYR F 4177 -23.58 41.97 19.34
N LEU F 4178 -23.82 40.97 18.49
CA LEU F 4178 -22.94 39.81 18.44
C LEU F 4178 -21.62 40.19 17.78
N GLY F 4179 -20.56 40.19 18.57
CA GLY F 4179 -19.24 40.49 18.06
C GLY F 4179 -18.40 39.25 17.92
N ARG F 4180 -17.75 39.07 16.78
CA ARG F 4180 -16.92 37.92 16.53
C ARG F 4180 -15.53 38.39 16.12
N ILE F 4181 -14.51 37.74 16.67
CA ILE F 4181 -13.13 37.95 16.28
C ILE F 4181 -12.46 36.58 16.20
N GLU F 4182 -11.36 36.52 15.45
CA GLU F 4182 -10.51 35.34 15.42
C GLU F 4182 -9.19 35.68 16.09
N ILE F 4183 -8.71 34.76 16.92
CA ILE F 4183 -7.46 34.97 17.65
C ILE F 4183 -6.54 33.81 17.35
N MET F 4184 -5.24 34.04 17.53
CA MET F 4184 -4.26 32.99 17.29
C MET F 4184 -4.22 32.09 18.52
N GLY F 4185 -4.99 31.01 18.47
CA GLY F 4185 -5.40 30.33 19.67
C GLY F 4185 -4.26 29.72 20.47
N ALA F 4186 -4.62 29.25 21.66
CA ALA F 4186 -3.63 28.67 22.57
C ALA F 4186 -3.01 27.41 21.97
N SER F 4187 -3.80 26.61 21.26
CA SER F 4187 -3.33 25.34 20.74
C SER F 4187 -2.54 25.49 19.44
N ARG F 4188 -2.05 26.70 19.13
CA ARG F 4188 -1.43 26.97 17.84
C ARG F 4188 -2.40 26.65 16.73
N ARG F 4189 -3.66 27.04 16.92
CA ARG F 4189 -4.72 26.84 15.94
C ARG F 4189 -5.65 28.05 16.00
N ILE F 4190 -6.11 28.51 14.83
CA ILE F 4190 -6.96 29.70 14.81
C ILE F 4190 -8.32 29.37 15.37
N GLU F 4191 -8.79 30.21 16.30
CA GLU F 4191 -10.09 30.06 16.93
C GLU F 4191 -10.91 31.31 16.73
N ARG F 4192 -12.23 31.14 16.66
CA ARG F 4192 -13.17 32.24 16.56
C ARG F 4192 -13.82 32.47 17.93
N ILE F 4193 -13.95 33.74 18.30
CA ILE F 4193 -14.42 34.14 19.62
C ILE F 4193 -15.68 34.99 19.45
N TYR F 4194 -16.71 34.67 20.22
CA TYR F 4194 -17.96 35.40 20.21
C TYR F 4194 -18.16 36.11 21.53
N PHE F 4195 -18.55 37.38 21.48
CA PHE F 4195 -18.68 38.21 22.66
C PHE F 4195 -19.76 39.26 22.43
N GLU F 4196 -20.19 39.89 23.53
CA GLU F 4196 -21.21 40.91 23.45
C GLU F 4196 -20.62 42.28 23.19
N ILE F 4197 -21.31 43.07 22.37
CA ILE F 4197 -20.95 44.47 22.12
C ILE F 4197 -22.05 45.34 22.69
N SER F 4198 -21.69 46.24 23.59
CA SER F 4198 -22.68 47.11 24.22
C SER F 4198 -23.19 48.14 23.24
N GLU F 4199 -24.48 48.48 23.38
CA GLU F 4199 -25.07 49.53 22.56
C GLU F 4199 -24.36 50.86 22.79
N THR F 4200 -24.03 51.17 24.05
CA THR F 4200 -23.29 52.40 24.33
C THR F 4200 -21.91 52.36 23.68
N ASN F 4201 -21.25 51.20 23.71
CA ASN F 4201 -19.94 51.08 23.06
C ASN F 4201 -20.04 51.35 21.57
N ARG F 4202 -21.02 50.74 20.91
CA ARG F 4202 -21.18 50.99 19.47
C ARG F 4202 -21.52 52.44 19.20
N ALA F 4203 -22.38 53.03 20.02
CA ALA F 4203 -22.76 54.43 19.82
C ALA F 4203 -21.56 55.35 19.95
N GLN F 4204 -20.71 55.12 20.94
CA GLN F 4204 -19.51 55.94 21.07
C GLN F 4204 -18.55 55.70 19.92
N TRP F 4205 -18.49 54.47 19.40
CA TRP F 4205 -17.64 54.20 18.24
C TRP F 4205 -18.15 54.93 17.00
N GLU F 4206 -19.45 55.10 16.88
CA GLU F 4206 -20.01 55.72 15.68
C GLU F 4206 -19.83 57.25 15.70
N MET F 4207 -19.29 57.78 16.78
CA MET F 4207 -19.18 59.23 16.90
C MET F 4207 -18.21 59.78 15.86
N PRO F 4208 -18.51 60.94 15.26
CA PRO F 4208 -17.66 61.46 14.18
C PRO F 4208 -16.23 61.74 14.59
N GLN F 4209 -15.99 62.25 15.80
CA GLN F 4209 -14.61 62.55 16.19
C GLN F 4209 -13.82 61.26 16.42
N VAL F 4210 -14.48 60.24 16.94
CA VAL F 4210 -13.85 58.93 17.07
C VAL F 4210 -13.51 58.37 15.70
N LYS F 4211 -14.42 58.52 14.74
CA LYS F 4211 -14.14 58.05 13.39
C LYS F 4211 -12.98 58.82 12.76
N GLU F 4212 -12.91 60.12 13.03
CA GLU F 4212 -11.79 60.93 12.51
C GLU F 4212 -10.46 60.47 13.10
N SER F 4213 -10.44 60.20 14.41
CA SER F 4213 -9.22 59.70 15.03
C SER F 4213 -8.83 58.35 14.45
N LYS F 4214 -9.82 57.49 14.18
CA LYS F 4214 -9.54 56.21 13.57
C LYS F 4214 -8.94 56.37 12.18
N ARG F 4215 -9.47 57.31 11.38
CA ARG F 4215 -8.92 57.56 10.06
C ARG F 4215 -7.49 58.04 10.14
N GLN F 4216 -7.22 58.98 11.06
CA GLN F 4216 -5.87 59.48 11.22
C GLN F 4216 -4.90 58.36 11.62
N PHE F 4217 -5.32 57.52 12.57
CA PHE F 4217 -4.47 56.42 13.01
C PHE F 4217 -4.20 55.44 11.88
N ILE F 4218 -5.23 55.11 11.11
CA ILE F 4218 -5.07 54.17 10.00
C ILE F 4218 -4.08 54.72 9.00
N PHE F 4219 -4.22 56.00 8.66
CA PHE F 4219 -3.27 56.61 7.73
C PHE F 4219 -1.85 56.53 8.27
N ASP F 4220 -1.66 56.89 9.54
CA ASP F 4220 -0.31 56.90 10.09
C ASP F 4220 0.32 55.51 10.07
N VAL F 4221 -0.42 54.48 10.51
CA VAL F 4221 0.20 53.16 10.58
C VAL F 4221 0.44 52.60 9.19
N VAL F 4222 -0.53 52.74 8.28
CA VAL F 4222 -0.36 52.18 6.95
C VAL F 4222 0.77 52.88 6.20
N ASN F 4223 1.00 54.17 6.49
CA ASN F 4223 2.07 54.88 5.82
C ASN F 4223 3.44 54.55 6.42
N GLU F 4224 3.60 54.72 7.74
CA GLU F 4224 4.91 54.54 8.36
C GLU F 4224 4.90 53.57 9.53
N GLY F 4225 4.37 52.36 9.35
CA GLY F 4225 4.38 51.35 10.39
C GLY F 4225 4.74 49.98 9.83
N GLY F 4226 5.57 49.25 10.58
CA GLY F 4226 5.83 47.87 10.25
C GLY F 4226 4.77 46.95 10.82
N GLU F 4227 4.64 45.77 10.22
CA GLU F 4227 3.55 44.87 10.58
C GLU F 4227 3.63 44.44 12.04
N ALA F 4228 4.83 44.10 12.51
CA ALA F 4228 4.98 43.70 13.91
C ALA F 4228 4.68 44.86 14.85
N GLU F 4229 5.18 46.05 14.54
CA GLU F 4229 4.92 47.22 15.37
C GLU F 4229 3.46 47.67 15.24
N LYS F 4230 2.79 47.25 14.18
CA LYS F 4230 1.46 47.78 13.91
C LYS F 4230 0.43 47.24 14.90
N MET F 4231 0.59 46.01 15.38
CA MET F 4231 -0.29 45.52 16.45
C MET F 4231 -0.14 46.35 17.71
N GLU F 4232 1.08 46.68 18.10
CA GLU F 4232 1.27 47.49 19.30
C GLU F 4232 0.69 48.88 19.13
N LEU F 4233 0.91 49.49 17.95
CA LEU F 4233 0.31 50.79 17.68
C LEU F 4233 -1.21 50.70 17.72
N PHE F 4234 -1.78 49.61 17.21
CA PHE F 4234 -3.22 49.46 17.19
C PHE F 4234 -3.79 49.32 18.59
N VAL F 4235 -3.11 48.55 19.45
CA VAL F 4235 -3.57 48.42 20.83
C VAL F 4235 -3.48 49.75 21.56
N SER F 4236 -2.40 50.49 21.36
CA SER F 4236 -2.28 51.81 21.97
C SER F 4236 -3.40 52.74 21.48
N PHE F 4237 -3.72 52.67 20.19
CA PHE F 4237 -4.82 53.47 19.67
C PHE F 4237 -6.14 53.06 20.29
N CYS F 4238 -6.34 51.77 20.53
CA CYS F 4238 -7.55 51.30 21.19
C CYS F 4238 -7.66 51.88 22.58
N GLU F 4239 -6.57 51.89 23.33
CA GLU F 4239 -6.60 52.45 24.68
C GLU F 4239 -6.89 53.95 24.65
N ASP F 4240 -6.26 54.67 23.72
CA ASP F 4240 -6.53 56.10 23.59
C ASP F 4240 -7.98 56.34 23.21
N THR F 4241 -8.54 55.50 22.35
CA THR F 4241 -9.94 55.64 21.96
C THR F 4241 -10.86 55.39 23.14
N ILE F 4242 -10.54 54.41 23.98
CA ILE F 4242 -11.35 54.17 25.17
C ILE F 4242 -11.35 55.39 26.08
N PHE F 4243 -10.17 55.99 26.28
CA PHE F 4243 -10.10 57.18 27.11
C PHE F 4243 -10.88 58.34 26.48
N GLU F 4244 -10.80 58.48 25.16
CA GLU F 4244 -11.55 59.52 24.47
C GLU F 4244 -13.04 59.30 24.62
N MET F 4245 -13.48 58.04 24.58
CA MET F 4245 -14.89 57.74 24.81
C MET F 4245 -15.32 58.14 26.21
N GLN F 4246 -14.48 57.88 27.21
CA GLN F 4246 -14.81 58.33 28.56
C GLN F 4246 -14.91 59.85 28.63
N ILE F 4247 -13.99 60.56 27.97
CA ILE F 4247 -14.07 62.02 27.96
C ILE F 4247 -15.36 62.49 27.32
N ALA F 4248 -15.73 61.88 26.19
CA ALA F 4248 -16.97 62.28 25.51
C ALA F 4248 -18.19 62.00 26.39
N ALA F 4249 -18.20 60.86 27.07
CA ALA F 4249 -19.30 60.54 27.96
C ALA F 4249 -19.41 61.57 29.09
N GLN F 4250 -18.28 61.96 29.68
CA GLN F 4250 -18.31 62.95 30.75
C GLN F 4250 -18.79 64.30 30.24
N ILE F 4251 -18.29 64.75 29.09
CA ILE F 4251 -18.65 66.09 28.61
C ILE F 4251 -20.10 66.11 28.13
N SER F 4252 -20.64 64.96 27.73
CA SER F 4252 -22.04 64.91 27.33
C SER F 4252 -22.92 65.14 28.54
N GLU F 4253 -23.90 66.03 28.39
CA GLU F 4253 -24.83 66.36 29.46
C GLU F 4253 -26.22 65.88 29.10
N PRO F 4254 -26.92 65.18 30.00
CA PRO F 4254 -28.27 64.65 29.75
C PRO F 4254 -29.31 65.75 29.60
N PHE F 4540 -22.48 79.10 48.56
CA PHE F 4540 -23.07 78.95 47.23
C PHE F 4540 -22.00 78.49 46.24
N TRP F 4541 -20.87 78.03 46.79
CA TRP F 4541 -19.81 77.47 45.96
C TRP F 4541 -20.30 76.30 45.13
N GLY F 4542 -21.22 75.51 45.66
CA GLY F 4542 -21.67 74.31 44.95
C GLY F 4542 -22.44 74.63 43.68
N GLU F 4543 -23.37 75.58 43.74
CA GLU F 4543 -24.13 75.94 42.55
C GLU F 4543 -23.24 76.63 41.52
N LEU F 4544 -22.32 77.47 41.99
CA LEU F 4544 -21.34 78.07 41.08
C LEU F 4544 -20.51 76.98 40.40
N GLU F 4545 -20.14 75.94 41.16
CA GLU F 4545 -19.33 74.87 40.59
C GLU F 4545 -20.10 74.08 39.55
N VAL F 4546 -21.38 73.78 39.81
CA VAL F 4546 -22.14 73.00 38.82
C VAL F 4546 -22.39 73.83 37.57
N GLN F 4547 -22.65 75.14 37.73
CA GLN F 4547 -22.75 75.99 36.56
C GLN F 4547 -21.44 76.06 35.80
N ARG F 4548 -20.31 76.09 36.51
CA ARG F 4548 -19.01 76.16 35.86
C ARG F 4548 -18.72 74.89 35.07
N VAL F 4549 -19.04 73.72 35.64
CA VAL F 4549 -18.81 72.48 34.90
C VAL F 4549 -19.76 72.37 33.72
N LYS F 4550 -20.99 72.89 33.87
CA LYS F 4550 -21.89 72.92 32.71
C LYS F 4550 -21.31 73.79 31.61
N PHE F 4551 -20.76 74.95 31.98
CA PHE F 4551 -20.17 75.86 31.00
C PHE F 4551 -18.97 75.20 30.30
N LEU F 4552 -18.10 74.55 31.08
CA LEU F 4552 -16.95 73.87 30.47
C LEU F 4552 -17.39 72.75 29.55
N ASN F 4553 -18.41 71.97 29.96
CA ASN F 4553 -18.92 70.90 29.11
C ASN F 4553 -19.50 71.45 27.82
N TYR F 4554 -20.23 72.56 27.92
CA TYR F 4554 -20.81 73.16 26.73
C TYR F 4554 -19.73 73.66 25.79
N LEU F 4555 -18.66 74.24 26.34
CA LEU F 4555 -17.53 74.65 25.50
C LEU F 4555 -16.87 73.45 24.84
N SER F 4556 -16.71 72.36 25.58
CA SER F 4556 -16.05 71.17 25.02
C SER F 4556 -16.88 70.53 23.92
N ARG F 4557 -18.20 70.46 24.11
CA ARG F 4557 -19.06 69.88 23.08
C ARG F 4557 -19.06 70.72 21.82
N ASN F 4558 -19.03 72.03 21.95
CA ASN F 4558 -19.14 72.95 20.83
C ASN F 4558 -17.79 73.51 20.40
N PHE F 4559 -16.71 72.76 20.58
CA PHE F 4559 -15.37 73.28 20.27
C PHE F 4559 -15.20 73.53 18.77
N TYR F 4560 -15.61 72.56 17.95
CA TYR F 4560 -15.46 72.73 16.51
C TYR F 4560 -16.39 73.80 15.98
N THR F 4561 -17.59 73.91 16.56
CA THR F 4561 -18.49 74.99 16.21
C THR F 4561 -17.87 76.34 16.54
N LEU F 4562 -17.21 76.44 17.70
CA LEU F 4562 -16.52 77.67 18.06
C LEU F 4562 -15.39 77.99 17.08
N ARG F 4563 -14.65 76.96 16.67
CA ARG F 4563 -13.57 77.17 15.70
C ARG F 4563 -14.13 77.70 14.38
N PHE F 4564 -15.21 77.10 13.89
CA PHE F 4564 -15.83 77.56 12.65
C PHE F 4564 -16.37 78.98 12.80
N LEU F 4565 -16.95 79.29 13.96
CA LEU F 4565 -17.45 80.64 14.20
C LEU F 4565 -16.31 81.65 14.19
N ALA F 4566 -15.17 81.28 14.76
CA ALA F 4566 -14.00 82.16 14.73
C ALA F 4566 -13.53 82.40 13.30
N LEU F 4567 -13.52 81.34 12.48
CA LEU F 4567 -13.14 81.52 11.08
C LEU F 4567 -14.11 82.45 10.35
N PHE F 4568 -15.41 82.26 10.59
CA PHE F 4568 -16.42 83.11 9.96
C PHE F 4568 -16.26 84.57 10.40
N LEU F 4569 -15.97 84.78 11.68
CA LEU F 4569 -15.78 86.13 12.19
C LEU F 4569 -14.56 86.77 11.55
N ALA F 4570 -13.48 86.01 11.40
CA ALA F 4570 -12.29 86.56 10.74
C ALA F 4570 -12.61 86.94 9.29
N PHE F 4571 -13.37 86.10 8.59
CA PHE F 4571 -13.77 86.42 7.23
C PHE F 4571 -14.58 87.70 7.17
N ALA F 4572 -15.54 87.85 8.08
CA ALA F 4572 -16.37 89.04 8.09
C ALA F 4572 -15.55 90.30 8.40
N ILE F 4573 -14.63 90.19 9.36
CA ILE F 4573 -13.77 91.33 9.69
C ILE F 4573 -12.93 91.74 8.50
N ASN F 4574 -12.36 90.77 7.79
CA ASN F 4574 -11.54 91.10 6.63
C ASN F 4574 -12.37 91.69 5.51
N PHE F 4575 -13.58 91.16 5.29
CA PHE F 4575 -14.47 91.75 4.31
C PHE F 4575 -14.78 93.20 4.63
N ILE F 4576 -15.01 93.51 5.90
CA ILE F 4576 -15.17 94.90 6.31
C ILE F 4576 -13.90 95.68 6.02
N LEU F 4577 -12.74 95.07 6.28
CA LEU F 4577 -11.46 95.76 6.10
C LEU F 4577 -11.21 96.10 4.64
N LEU F 4578 -11.84 95.37 3.72
CA LEU F 4578 -11.62 95.65 2.29
C LEU F 4578 -12.05 97.07 1.92
N PHE F 4579 -12.92 97.68 2.71
CA PHE F 4579 -13.41 99.02 2.38
C PHE F 4579 -12.49 100.09 2.93
N TYR F 4580 -11.42 99.70 3.61
CA TYR F 4580 -10.53 100.66 4.25
C TYR F 4580 -9.82 101.50 3.20
N LYS F 4581 -9.62 102.77 3.50
CA LYS F 4581 -8.93 103.69 2.58
C LYS F 4581 -8.15 104.72 3.39
N VAL F 4582 -7.17 105.32 2.74
CA VAL F 4582 -6.26 106.26 3.38
C VAL F 4582 -6.29 107.57 2.62
N SER F 4583 -6.36 108.68 3.35
CA SER F 4583 -6.32 110.02 2.77
C SER F 4583 -5.56 110.95 3.69
N ASP F 4584 -4.86 111.92 3.09
CA ASP F 4584 -4.09 112.88 3.88
C ASP F 4584 -5.01 113.75 4.73
N SER F 4585 -6.14 114.17 4.18
CA SER F 4585 -7.07 114.98 4.94
C SER F 4585 -7.72 114.12 6.02
N PRO F 4586 -8.06 114.70 7.17
CA PRO F 4586 -8.74 113.94 8.22
C PRO F 4586 -10.13 113.54 7.77
N PRO F 4587 -10.70 112.45 8.33
CA PRO F 4587 -12.04 111.97 7.99
C PRO F 4587 -13.12 113.04 8.18
N ASN F 4626 0.45 116.73 7.82
CA ASN F 4626 1.05 116.02 6.71
C ASN F 4626 1.12 114.52 6.99
N MET F 4627 0.17 114.03 7.79
CA MET F 4627 0.10 112.63 8.18
C MET F 4627 -1.16 112.02 7.57
N VAL F 4628 -1.01 110.80 7.03
CA VAL F 4628 -2.12 110.16 6.33
C VAL F 4628 -3.07 109.53 7.34
N TYR F 4629 -4.37 109.58 7.02
CA TYR F 4629 -5.42 109.12 7.92
C TYR F 4629 -6.04 107.85 7.37
N TYR F 4630 -6.20 106.86 8.23
CA TYR F 4630 -6.82 105.58 7.87
C TYR F 4630 -8.26 105.59 8.39
N PHE F 4631 -9.21 105.37 7.48
CA PHE F 4631 -10.61 105.33 7.87
C PHE F 4631 -11.40 104.44 6.93
N LEU F 4632 -12.43 103.79 7.46
CA LEU F 4632 -13.36 103.07 6.62
C LEU F 4632 -14.20 104.04 5.81
N GLU F 4633 -14.49 103.68 4.56
CA GLU F 4633 -15.28 104.50 3.66
C GLU F 4633 -16.55 103.75 3.30
N GLU F 4634 -17.65 104.10 3.98
CA GLU F 4634 -18.94 103.46 3.71
C GLU F 4634 -20.03 104.51 3.86
N SER F 4635 -21.05 104.41 2.99
CA SER F 4635 -22.15 105.35 3.03
C SER F 4635 -23.01 105.15 4.28
N THR F 4636 -23.26 103.89 4.65
CA THR F 4636 -24.16 103.62 5.76
C THR F 4636 -23.58 104.06 7.10
N GLY F 4637 -22.29 103.78 7.32
CA GLY F 4637 -21.66 104.09 8.58
C GLY F 4637 -21.84 103.04 9.65
N TYR F 4638 -22.52 101.94 9.36
CA TYR F 4638 -22.68 100.87 10.35
C TYR F 4638 -21.39 100.07 10.49
N MET F 4639 -20.51 100.14 9.50
CA MET F 4639 -19.42 99.18 9.39
C MET F 4639 -18.36 99.38 10.48
N GLU F 4640 -18.13 100.62 10.89
CA GLU F 4640 -17.17 100.83 11.97
C GLU F 4640 -17.61 100.21 13.29
N PRO F 4641 -18.82 100.49 13.81
CA PRO F 4641 -19.26 99.75 15.02
C PRO F 4641 -19.36 98.26 14.79
N ALA F 4642 -19.78 97.85 13.59
CA ALA F 4642 -19.87 96.42 13.30
C ALA F 4642 -18.49 95.76 13.43
N LEU F 4643 -17.46 96.41 12.88
CA LEU F 4643 -16.11 95.89 12.98
C LEU F 4643 -15.63 95.84 14.42
N TRP F 4644 -15.95 96.88 15.20
CA TRP F 4644 -15.51 96.88 16.60
C TRP F 4644 -16.14 95.73 17.38
N CYS F 4645 -17.47 95.56 17.26
CA CYS F 4645 -18.14 94.46 17.94
C CYS F 4645 -17.64 93.11 17.43
N LEU F 4646 -17.40 93.00 16.12
CA LEU F 4646 -16.93 91.75 15.56
C LEU F 4646 -15.55 91.38 16.09
N SER F 4647 -14.67 92.37 16.22
CA SER F 4647 -13.35 92.12 16.78
C SER F 4647 -13.45 91.65 18.24
N LEU F 4648 -14.29 92.32 19.03
CA LEU F 4648 -14.46 91.90 20.42
C LEU F 4648 -14.98 90.47 20.49
N LEU F 4649 -16.00 90.16 19.69
CA LEU F 4649 -16.59 88.82 19.72
C LEU F 4649 -15.59 87.78 19.23
N HIS F 4650 -14.76 88.14 18.24
CA HIS F 4650 -13.74 87.21 17.76
C HIS F 4650 -12.73 86.88 18.84
N THR F 4651 -12.28 87.89 19.58
CA THR F 4651 -11.33 87.62 20.66
C THR F 4651 -11.97 86.75 21.73
N LEU F 4652 -13.23 87.02 22.07
CA LEU F 4652 -13.93 86.19 23.05
C LEU F 4652 -14.05 84.75 22.57
N VAL F 4653 -14.35 84.56 21.28
CA VAL F 4653 -14.50 83.22 20.74
C VAL F 4653 -13.15 82.50 20.74
N ALA F 4654 -12.07 83.22 20.46
CA ALA F 4654 -10.75 82.60 20.51
C ALA F 4654 -10.42 82.13 21.93
N PHE F 4655 -10.74 82.95 22.93
CA PHE F 4655 -10.53 82.54 24.31
C PHE F 4655 -11.36 81.31 24.65
N LEU F 4656 -12.61 81.29 24.20
CA LEU F 4656 -13.47 80.13 24.44
C LEU F 4656 -12.92 78.88 23.76
N CYS F 4657 -12.35 79.04 22.56
CA CYS F 4657 -11.74 77.90 21.88
C CYS F 4657 -10.56 77.36 22.68
N ILE F 4658 -9.74 78.26 23.24
CA ILE F 4658 -8.61 77.79 24.05
C ILE F 4658 -9.12 76.99 25.25
N ILE F 4659 -10.13 77.51 25.93
CA ILE F 4659 -10.66 76.79 27.10
C ILE F 4659 -11.24 75.44 26.69
N GLY F 4660 -12.00 75.42 25.59
CA GLY F 4660 -12.57 74.16 25.14
C GLY F 4660 -11.51 73.14 24.75
N TYR F 4661 -10.44 73.59 24.12
CA TYR F 4661 -9.35 72.69 23.79
C TYR F 4661 -8.68 72.15 25.04
N ASN F 4662 -8.51 72.99 26.05
CA ASN F 4662 -7.95 72.51 27.31
C ASN F 4662 -8.86 71.48 27.97
N CYS F 4663 -10.18 71.64 27.79
CA CYS F 4663 -11.11 70.72 28.43
C CYS F 4663 -11.35 69.47 27.60
N LEU F 4664 -10.90 69.47 26.34
CA LEU F 4664 -11.24 68.38 25.42
C LEU F 4664 -10.04 67.53 25.02
N LYS F 4665 -8.94 68.15 24.59
CA LYS F 4665 -7.85 67.39 23.98
C LYS F 4665 -6.66 67.25 24.93
N VAL F 4666 -6.48 68.22 25.83
CA VAL F 4666 -5.40 68.15 26.80
C VAL F 4666 -5.48 66.88 27.64
N PRO F 4667 -6.64 66.43 28.12
CA PRO F 4667 -6.66 65.14 28.81
C PRO F 4667 -6.11 63.99 27.98
N LEU F 4668 -6.39 63.96 26.69
CA LEU F 4668 -5.85 62.89 25.84
C LEU F 4668 -4.33 63.01 25.73
N VAL F 4669 -3.82 64.23 25.58
CA VAL F 4669 -2.37 64.41 25.49
C VAL F 4669 -1.69 63.92 26.77
N ILE F 4670 -2.23 64.33 27.92
CA ILE F 4670 -1.64 63.92 29.20
C ILE F 4670 -1.77 62.40 29.37
N PHE F 4671 -2.89 61.82 28.96
CA PHE F 4671 -3.07 60.38 29.06
C PHE F 4671 -2.00 59.64 28.26
N LYS F 4672 -1.80 60.06 27.01
CA LYS F 4672 -0.79 59.39 26.19
C LYS F 4672 0.59 59.53 26.80
N ARG F 4673 0.94 60.73 27.26
CA ARG F 4673 2.29 60.93 27.80
C ARG F 4673 2.51 60.11 29.07
N GLU F 4674 1.51 60.11 29.97
CA GLU F 4674 1.63 59.33 31.19
C GLU F 4674 1.70 57.84 30.90
N LYS F 4675 0.91 57.37 29.93
CA LYS F 4675 0.94 55.95 29.59
C LYS F 4675 2.29 55.53 29.06
N GLU F 4676 2.84 56.29 28.10
CA GLU F 4676 4.13 55.93 27.54
C GLU F 4676 5.24 56.04 28.59
N LEU F 4677 5.16 57.03 29.47
CA LEU F 4677 6.14 57.16 30.54
C LEU F 4677 6.08 55.97 31.48
N ALA F 4678 4.87 55.55 31.86
CA ALA F 4678 4.73 54.41 32.76
C ALA F 4678 5.26 53.14 32.13
N ARG F 4679 4.96 52.92 30.85
CA ARG F 4679 5.41 51.71 30.19
C ARG F 4679 6.93 51.69 30.05
N LYS F 4680 7.54 52.84 29.72
CA LYS F 4680 9.00 52.91 29.69
C LYS F 4680 9.59 52.68 31.06
N LEU F 4681 8.95 53.23 32.11
CA LEU F 4681 9.46 53.04 33.47
C LEU F 4681 9.44 51.58 33.87
N GLU F 4682 8.36 50.86 33.55
CA GLU F 4682 8.18 49.51 34.06
C GLU F 4682 8.79 48.44 33.17
N PHE F 4683 8.44 48.42 31.89
CA PHE F 4683 8.91 47.33 31.03
C PHE F 4683 10.38 47.47 30.67
N ASP F 4684 10.86 48.71 30.50
CA ASP F 4684 12.24 48.94 30.11
C ASP F 4684 13.12 49.47 31.24
N GLY F 4685 12.53 49.94 32.33
CA GLY F 4685 13.34 50.53 33.39
C GLY F 4685 14.12 51.73 32.93
N LEU F 4686 13.45 52.67 32.25
CA LEU F 4686 14.17 53.74 31.56
C LEU F 4686 14.95 54.60 32.53
N TYR F 4687 14.31 55.09 33.59
CA TYR F 4687 15.01 55.98 34.51
C TYR F 4687 15.79 55.18 35.55
N ILE F 4688 15.57 53.87 35.61
CA ILE F 4688 16.33 53.04 36.53
C ILE F 4688 17.56 52.47 35.83
N THR F 4689 17.35 51.66 34.80
CA THR F 4689 18.44 51.02 34.08
C THR F 4689 19.04 51.90 32.99
N GLU F 4690 18.22 52.39 32.07
CA GLU F 4690 18.75 53.16 30.94
C GLU F 4690 19.36 54.47 31.39
N GLN F 4691 18.62 55.25 32.18
CA GLN F 4691 19.09 56.53 32.71
C GLN F 4691 19.64 57.46 31.62
N PRO F 4692 18.78 58.04 30.80
CA PRO F 4692 19.26 58.90 29.71
C PRO F 4692 19.88 60.18 30.24
N GLY F 4693 21.16 60.37 29.93
CA GLY F 4693 21.87 61.59 30.31
C GLY F 4693 21.62 62.72 29.35
N ASP F 4694 20.43 63.33 29.43
CA ASP F 4694 19.98 64.34 28.46
C ASP F 4694 19.98 63.80 27.05
N ASP F 4695 19.61 62.52 26.89
CA ASP F 4695 19.49 61.94 25.56
C ASP F 4695 18.27 62.48 24.82
N ASP F 4696 17.13 62.54 25.51
CA ASP F 4696 15.88 62.99 24.93
C ASP F 4696 15.31 64.13 25.77
N VAL F 4697 14.85 65.19 25.10
CA VAL F 4697 14.32 66.34 25.81
C VAL F 4697 13.03 65.99 26.54
N LYS F 4698 12.16 65.21 25.90
CA LYS F 4698 10.94 64.75 26.57
C LYS F 4698 11.28 63.88 27.77
N GLY F 4699 12.28 63.01 27.63
CA GLY F 4699 12.70 62.19 28.75
C GLY F 4699 13.23 63.01 29.90
N GLN F 4700 13.99 64.07 29.59
CA GLN F 4700 14.48 64.96 30.65
C GLN F 4700 13.33 65.68 31.33
N TRP F 4701 12.35 66.15 30.56
CA TRP F 4701 11.21 66.83 31.16
C TRP F 4701 10.39 65.90 32.02
N ASP F 4702 10.33 64.62 31.67
CA ASP F 4702 9.48 63.69 32.41
C ASP F 4702 10.05 63.38 33.78
N ARG F 4703 11.27 63.84 34.06
CA ARG F 4703 11.89 63.54 35.35
C ARG F 4703 11.15 64.21 36.50
N LEU F 4704 10.54 65.36 36.25
CA LEU F 4704 9.89 66.09 37.34
C LEU F 4704 8.68 65.33 37.88
N VAL F 4705 7.98 64.60 37.01
CA VAL F 4705 6.67 64.08 37.38
C VAL F 4705 6.80 62.79 38.19
N LEU F 4706 7.95 62.11 38.09
CA LEU F 4706 8.10 60.83 38.78
C LEU F 4706 7.99 61.00 40.29
N ASN F 4707 8.58 62.06 40.83
CA ASN F 4707 8.54 62.29 42.27
C ASN F 4707 7.12 62.63 42.72
N THR F 4708 6.34 63.24 41.85
CA THR F 4708 5.05 63.81 42.25
C THR F 4708 4.07 62.71 42.65
N PRO F 4709 3.21 62.96 43.64
CA PRO F 4709 2.20 61.97 44.00
C PRO F 4709 1.15 61.75 42.93
N SER F 4710 0.89 62.77 42.11
CA SER F 4710 -0.24 62.73 41.19
C SER F 4710 0.14 62.25 39.80
N PHE F 4711 1.32 61.65 39.64
CA PHE F 4711 1.78 61.29 38.30
C PHE F 4711 0.84 60.32 37.59
N PRO F 4712 0.38 59.22 38.19
CA PRO F 4712 -0.49 58.30 37.43
C PRO F 4712 -1.94 58.76 37.38
N SER F 4713 -2.21 60.05 37.57
CA SER F 4713 -3.58 60.52 37.68
C SER F 4713 -4.37 60.27 36.41
N ASN F 4714 -3.98 60.92 35.31
CA ASN F 4714 -4.78 60.86 34.08
C ASN F 4714 -4.82 59.46 33.51
N TYR F 4715 -3.69 58.76 33.52
CA TYR F 4715 -3.62 57.38 33.05
C TYR F 4715 -4.24 56.45 34.09
N TRP F 4716 -4.76 55.30 33.62
CA TRP F 4716 -5.68 54.55 34.47
C TRP F 4716 -4.95 53.82 35.60
N ASP F 4717 -3.75 53.32 35.34
CA ASP F 4717 -3.03 52.50 36.32
C ASP F 4717 -2.41 53.40 37.38
N LYS F 4718 -2.99 53.37 38.58
CA LYS F 4718 -2.45 54.13 39.71
C LYS F 4718 -1.41 53.34 40.49
N PHE F 4719 -1.13 52.10 40.10
CA PHE F 4719 -0.18 51.25 40.80
C PHE F 4719 1.09 51.01 40.00
N VAL F 4720 1.35 51.83 38.98
CA VAL F 4720 2.53 51.63 38.15
C VAL F 4720 3.79 51.91 38.95
N LYS F 4721 3.73 52.84 39.89
CA LYS F 4721 4.86 53.08 40.77
C LYS F 4721 5.19 51.84 41.59
N ARG F 4722 4.17 51.22 42.18
CA ARG F 4722 4.40 50.02 42.98
C ARG F 4722 4.90 48.88 42.11
N LYS F 4723 4.37 48.74 40.90
CA LYS F 4723 4.85 47.67 40.02
C LYS F 4723 6.30 47.89 39.62
N VAL F 4724 6.67 49.14 39.33
CA VAL F 4724 8.06 49.46 39.01
C VAL F 4724 8.96 49.13 40.19
N LEU F 4725 8.50 49.45 41.41
CA LEU F 4725 9.28 49.13 42.58
C LEU F 4725 9.47 47.62 42.72
N ASP F 4726 8.40 46.86 42.63
CA ASP F 4726 8.51 45.41 42.77
C ASP F 4726 9.37 44.81 41.67
N LYS F 4727 9.42 45.46 40.50
CA LYS F 4727 10.20 44.91 39.40
C LYS F 4727 11.69 45.20 39.56
N HIS F 4728 12.05 46.46 39.76
CA HIS F 4728 13.45 46.86 39.76
C HIS F 4728 13.97 47.32 41.12
N GLY F 4729 13.37 46.87 42.22
CA GLY F 4729 13.88 47.25 43.51
C GLY F 4729 15.19 46.57 43.87
N ASP F 4730 15.26 45.26 43.65
CA ASP F 4730 16.32 44.46 44.26
C ASP F 4730 17.72 44.91 43.82
N ILE F 4731 17.89 45.25 42.54
CA ILE F 4731 19.24 45.50 42.05
C ILE F 4731 19.56 46.99 41.99
N PHE F 4732 18.64 47.84 42.47
CA PHE F 4732 19.00 49.15 42.99
C PHE F 4732 18.64 49.36 44.46
N GLY F 4733 17.89 48.46 45.06
CA GLY F 4733 17.49 48.73 46.43
C GLY F 4733 16.12 49.37 46.51
N ARG F 4734 15.39 49.01 47.57
CA ARG F 4734 14.04 49.53 47.74
C ARG F 4734 14.04 51.04 47.90
N GLU F 4735 14.98 51.57 48.68
CA GLU F 4735 14.95 52.99 49.03
C GLU F 4735 15.26 53.86 47.82
N ARG F 4736 16.12 53.40 46.91
CA ARG F 4736 16.44 54.21 45.74
C ARG F 4736 15.22 54.35 44.82
N ILE F 4737 14.53 53.25 44.57
CA ILE F 4737 13.31 53.32 43.75
C ILE F 4737 12.24 54.13 44.48
N ALA F 4738 12.19 54.00 45.81
CA ALA F 4738 11.21 54.76 46.58
C ALA F 4738 11.44 56.26 46.47
N GLU F 4739 12.70 56.70 46.55
CA GLU F 4739 12.97 58.13 46.43
C GLU F 4739 12.83 58.59 44.99
N LEU F 4740 13.10 57.70 44.03
CA LEU F 4740 12.90 58.06 42.62
C LEU F 4740 11.43 58.31 42.33
N LEU F 4741 10.56 57.42 42.77
CA LEU F 4741 9.13 57.53 42.48
C LEU F 4741 8.36 58.31 43.55
N GLY F 4742 9.04 58.79 44.57
CA GLY F 4742 8.37 59.56 45.61
C GLY F 4742 7.36 58.79 46.43
N MET F 4743 7.67 57.54 46.77
CA MET F 4743 6.83 56.75 47.66
C MET F 4743 7.46 56.66 49.04
N ASP F 4744 6.62 56.63 50.07
CA ASP F 4744 7.03 56.09 51.35
C ASP F 4744 6.82 54.58 51.33
N LEU F 4745 7.81 53.84 51.85
CA LEU F 4745 7.74 52.39 51.81
C LEU F 4745 6.69 51.86 52.77
N ALA F 4746 6.49 52.53 53.89
CA ALA F 4746 5.51 52.06 54.88
C ALA F 4746 4.09 52.34 54.41
N SER F 4747 3.91 53.36 53.58
CA SER F 4747 2.57 53.73 53.13
C SER F 4747 1.92 52.62 52.32
N LEU F 4748 2.66 52.01 51.40
CA LEU F 4748 2.08 50.94 50.59
C LEU F 4748 1.71 49.74 51.45
N GLU F 4749 2.55 49.44 52.46
CA GLU F 4749 2.24 48.32 53.35
C GLU F 4749 0.97 48.60 54.16
N ILE F 4750 0.83 49.81 54.71
CA ILE F 4750 -0.36 50.07 55.53
C ILE F 4750 -1.61 50.11 54.65
N THR F 4751 -1.50 50.64 53.43
CA THR F 4751 -2.64 50.61 52.52
C THR F 4751 -3.03 49.19 52.16
N ALA F 4752 -2.04 48.31 51.93
CA ALA F 4752 -2.33 46.90 51.68
C ALA F 4752 -2.99 46.26 52.90
N HIS F 4753 -2.58 46.67 54.10
CA HIS F 4753 -3.10 46.04 55.31
C HIS F 4753 -4.55 46.44 55.57
N ASN F 4754 -4.87 47.73 55.39
CA ASN F 4754 -6.25 48.19 55.59
C ASN F 4754 -6.49 49.47 54.82
N GLU F 4755 -7.77 49.85 54.75
CA GLU F 4755 -8.22 51.04 54.05
C GLU F 4755 -8.64 52.10 55.07
N ARG F 4756 -8.15 53.32 54.88
CA ARG F 4756 -8.50 54.46 55.71
C ARG F 4756 -9.00 55.59 54.83
N LYS F 4757 -10.15 56.16 55.18
CA LYS F 4757 -10.76 57.23 54.40
C LYS F 4757 -10.71 58.53 55.18
N PRO F 4758 -10.01 59.56 54.67
CA PRO F 4758 -10.07 60.88 55.31
C PRO F 4758 -11.12 61.77 54.69
N ASP F 4759 -11.79 62.57 55.50
CA ASP F 4759 -12.80 63.47 54.97
C ASP F 4759 -12.14 64.72 54.38
N PRO F 4760 -12.56 65.17 53.20
CA PRO F 4760 -12.00 66.39 52.63
C PRO F 4760 -12.83 67.61 53.05
N PRO F 4761 -12.18 68.62 53.60
CA PRO F 4761 -12.89 69.88 53.90
C PRO F 4761 -13.23 70.61 52.62
N PRO F 4762 -14.44 71.17 52.52
CA PRO F 4762 -14.84 71.90 51.29
C PRO F 4762 -14.42 73.36 51.32
N GLY F 4763 -13.11 73.58 51.36
CA GLY F 4763 -12.56 74.92 51.42
C GLY F 4763 -11.65 75.27 50.27
N LEU F 4764 -11.62 76.55 49.89
CA LEU F 4764 -10.75 76.97 48.80
C LEU F 4764 -9.28 76.75 49.14
N LEU F 4765 -8.89 77.04 50.38
CA LEU F 4765 -7.53 76.71 50.80
C LEU F 4765 -7.30 75.20 50.81
N THR F 4766 -8.26 74.44 51.35
CA THR F 4766 -8.11 72.99 51.36
C THR F 4766 -7.84 72.46 49.97
N TRP F 4767 -8.44 73.10 48.95
CA TRP F 4767 -8.07 72.79 47.58
C TRP F 4767 -6.72 73.41 47.22
N LEU F 4768 -6.32 74.47 47.92
CA LEU F 4768 -5.07 75.16 47.57
C LEU F 4768 -3.86 74.28 47.85
N MET F 4769 -3.71 73.75 49.08
CA MET F 4769 -2.57 72.84 49.24
C MET F 4769 -2.88 71.44 48.69
N SER F 4770 -4.10 71.24 48.17
CA SER F 4770 -4.38 70.00 47.45
C SER F 4770 -3.63 69.95 46.12
N ILE F 4771 -3.28 71.11 45.57
CA ILE F 4771 -2.55 71.16 44.31
C ILE F 4771 -1.12 70.69 44.50
N ASP F 4772 -0.56 70.06 43.48
CA ASP F 4772 0.83 69.66 43.47
C ASP F 4772 1.56 70.46 42.39
N VAL F 4773 2.41 71.38 42.82
CA VAL F 4773 2.96 72.37 41.90
C VAL F 4773 3.91 71.72 40.91
N LYS F 4774 4.61 70.66 41.32
CA LYS F 4774 5.53 70.00 40.40
C LYS F 4774 4.77 69.32 39.26
N TYR F 4775 3.71 68.61 39.59
CA TYR F 4775 2.87 68.01 38.55
C TYR F 4775 2.26 69.09 37.67
N GLN F 4776 1.80 70.20 38.27
CA GLN F 4776 1.21 71.26 37.47
C GLN F 4776 2.22 71.86 36.51
N ILE F 4777 3.46 72.06 36.96
CA ILE F 4777 4.50 72.62 36.10
C ILE F 4777 4.83 71.66 34.96
N TRP F 4778 4.95 70.37 35.26
CA TRP F 4778 5.21 69.40 34.21
C TRP F 4778 4.07 69.35 33.21
N LYS F 4779 2.83 69.40 33.70
CA LYS F 4779 1.67 69.39 32.82
C LYS F 4779 1.65 70.62 31.93
N PHE F 4780 1.98 71.79 32.49
CA PHE F 4780 2.01 73.01 31.70
C PHE F 4780 3.09 72.95 30.64
N GLY F 4781 4.24 72.37 30.97
CA GLY F 4781 5.26 72.17 29.96
C GLY F 4781 4.80 71.26 28.83
N VAL F 4782 4.13 70.17 29.18
CA VAL F 4782 3.60 69.26 28.17
C VAL F 4782 2.60 69.98 27.28
N ILE F 4783 1.72 70.79 27.88
CA ILE F 4783 0.71 71.51 27.10
C ILE F 4783 1.36 72.53 26.18
N PHE F 4784 2.36 73.26 26.70
CA PHE F 4784 2.98 74.31 25.91
C PHE F 4784 3.86 73.73 24.81
N THR F 4785 4.25 72.46 24.93
CA THR F 4785 4.99 71.82 23.86
C THR F 4785 4.05 71.29 22.78
N ASP F 4786 2.74 71.43 22.98
CA ASP F 4786 1.77 70.87 22.04
C ASP F 4786 1.49 71.83 20.90
N ASN F 4787 1.53 71.31 19.68
CA ASN F 4787 1.39 72.17 18.50
C ASN F 4787 0.00 72.77 18.41
N SER F 4788 -1.04 72.00 18.69
CA SER F 4788 -2.40 72.53 18.60
C SER F 4788 -2.63 73.64 19.62
N PHE F 4789 -2.16 73.43 20.84
CA PHE F 4789 -2.30 74.47 21.86
C PHE F 4789 -1.50 75.71 21.49
N LEU F 4790 -0.30 75.52 20.93
CA LEU F 4790 0.49 76.66 20.49
C LEU F 4790 -0.22 77.42 19.36
N TYR F 4791 -0.85 76.69 18.46
CA TYR F 4791 -1.62 77.33 17.39
C TYR F 4791 -2.77 78.15 17.96
N LEU F 4792 -3.51 77.59 18.91
CA LEU F 4792 -4.62 78.33 19.50
C LEU F 4792 -4.13 79.55 20.27
N GLY F 4793 -3.00 79.42 20.96
CA GLY F 4793 -2.42 80.56 21.64
C GLY F 4793 -2.00 81.65 20.67
N TRP F 4794 -1.40 81.26 19.55
CA TRP F 4794 -1.01 82.24 18.54
C TRP F 4794 -2.25 82.91 17.96
N TYR F 4795 -3.33 82.15 17.78
CA TYR F 4795 -4.59 82.72 17.34
C TYR F 4795 -5.09 83.79 18.30
N MET F 4796 -5.07 83.49 19.60
CA MET F 4796 -5.53 84.47 20.59
C MET F 4796 -4.63 85.70 20.61
N VAL F 4797 -3.31 85.49 20.53
CA VAL F 4797 -2.37 86.60 20.54
C VAL F 4797 -2.60 87.48 19.32
N MET F 4798 -2.83 86.88 18.16
CA MET F 4798 -3.11 87.65 16.96
C MET F 4798 -4.44 88.39 17.08
N SER F 4799 -5.40 87.81 17.79
CA SER F 4799 -6.67 88.52 18.01
C SER F 4799 -6.45 89.77 18.86
N LEU F 4800 -5.66 89.66 19.92
CA LEU F 4800 -5.35 90.83 20.74
C LEU F 4800 -4.59 91.88 19.92
N LEU F 4801 -3.64 91.43 19.10
CA LEU F 4801 -2.92 92.36 18.24
C LEU F 4801 -3.85 92.99 17.22
N GLY F 4802 -4.90 92.27 16.82
CA GLY F 4802 -5.91 92.85 15.96
C GLY F 4802 -6.71 93.93 16.65
N HIS F 4803 -6.98 93.73 17.94
CA HIS F 4803 -7.56 94.82 18.72
C HIS F 4803 -6.63 96.02 18.74
N TYR F 4804 -5.33 95.78 18.84
CA TYR F 4804 -4.37 96.89 18.77
C TYR F 4804 -4.45 97.60 17.42
N ASN F 4805 -4.39 96.85 16.33
CA ASN F 4805 -4.53 97.36 14.97
C ASN F 4805 -5.33 96.38 14.15
N ASN F 4806 -6.39 96.86 13.51
CA ASN F 4806 -7.40 95.97 12.94
C ASN F 4806 -6.82 95.06 11.86
N PHE F 4807 -5.78 95.51 11.15
CA PHE F 4807 -5.23 94.71 10.07
C PHE F 4807 -4.53 93.45 10.56
N PHE F 4808 -4.25 93.34 11.87
CA PHE F 4808 -3.67 92.12 12.38
C PHE F 4808 -4.66 90.97 12.36
N PHE F 4809 -5.94 91.27 12.13
CA PHE F 4809 -6.94 90.21 12.00
C PHE F 4809 -6.81 89.47 10.67
N ALA F 4810 -5.99 89.98 9.75
CA ALA F 4810 -5.81 89.30 8.47
C ALA F 4810 -5.07 87.98 8.65
N ALA F 4811 -4.26 87.86 9.68
CA ALA F 4811 -3.50 86.63 9.89
C ALA F 4811 -4.41 85.46 10.20
N HIS F 4812 -5.60 85.74 10.75
CA HIS F 4812 -6.53 84.67 11.08
C HIS F 4812 -7.12 84.02 9.85
N LEU F 4813 -6.98 84.66 8.69
CA LEU F 4813 -7.45 84.05 7.46
C LEU F 4813 -6.61 82.85 7.07
N LEU F 4814 -5.43 82.68 7.68
CA LEU F 4814 -4.59 81.53 7.38
C LEU F 4814 -5.18 80.27 8.01
N ASP F 4815 -6.14 80.42 8.91
CA ASP F 4815 -6.68 79.27 9.62
C ASP F 4815 -7.46 78.37 8.68
N ILE F 4816 -8.14 78.95 7.69
CA ILE F 4816 -8.91 78.14 6.75
C ILE F 4816 -7.99 77.25 5.93
N ALA F 4817 -6.73 77.66 5.76
CA ALA F 4817 -5.76 76.83 5.06
C ALA F 4817 -5.52 75.53 5.81
N MET F 4818 -5.19 75.62 7.10
CA MET F 4818 -4.95 74.42 7.87
C MET F 4818 -6.24 73.66 8.14
N GLY F 4819 -7.38 74.34 8.02
CA GLY F 4819 -8.66 73.66 8.19
C GLY F 4819 -8.95 72.67 7.08
N VAL F 4820 -8.58 73.01 5.84
CA VAL F 4820 -8.89 72.15 4.70
C VAL F 4820 -7.71 71.24 4.42
N LYS F 4821 -8.00 69.97 4.12
CA LYS F 4821 -6.94 68.97 3.96
C LYS F 4821 -6.05 69.29 2.75
N THR F 4822 -6.64 69.72 1.64
CA THR F 4822 -5.84 70.02 0.45
C THR F 4822 -4.88 71.16 0.73
N LEU F 4823 -5.35 72.23 1.37
CA LEU F 4823 -4.48 73.36 1.67
C LEU F 4823 -3.43 72.97 2.71
N ARG F 4824 -3.79 72.10 3.65
CA ARG F 4824 -2.81 71.62 4.60
C ARG F 4824 -1.71 70.83 3.91
N THR F 4825 -2.08 70.00 2.93
CA THR F 4825 -1.07 69.30 2.15
C THR F 4825 -0.21 70.27 1.35
N ILE F 4826 -0.82 71.33 0.83
CA ILE F 4826 -0.04 72.34 0.10
C ILE F 4826 0.99 72.97 1.03
N LEU F 4827 0.59 73.33 2.24
CA LEU F 4827 1.54 73.90 3.20
C LEU F 4827 2.62 72.90 3.58
N SER F 4828 2.24 71.64 3.79
CA SER F 4828 3.20 70.63 4.23
C SER F 4828 4.17 70.28 3.10
N SER F 4829 3.79 70.58 1.86
CA SER F 4829 4.67 70.26 0.73
C SER F 4829 5.95 71.08 0.79
N VAL F 4830 5.89 72.33 1.23
CA VAL F 4830 7.07 73.18 1.24
C VAL F 4830 8.07 72.71 2.30
N THR F 4831 7.59 71.97 3.29
CA THR F 4831 8.50 71.47 4.33
C THR F 4831 8.84 70.00 4.10
N HIS F 4832 8.11 69.33 3.20
CA HIS F 4832 8.35 67.92 2.97
C HIS F 4832 9.76 67.69 2.42
N ASN F 4833 10.21 68.57 1.55
CA ASN F 4833 11.57 68.55 1.01
C ASN F 4833 12.36 69.77 1.45
N GLY F 4834 12.23 70.19 2.70
CA GLY F 4834 12.79 71.47 3.12
C GLY F 4834 14.30 71.52 3.06
N LYS F 4835 14.95 70.42 3.42
CA LYS F 4835 16.41 70.40 3.39
C LYS F 4835 16.93 70.54 1.96
N GLN F 4836 16.34 69.79 1.03
CA GLN F 4836 16.72 69.92 -0.37
C GLN F 4836 16.44 71.34 -0.88
N LEU F 4837 15.29 71.91 -0.50
CA LEU F 4837 14.97 73.26 -0.92
C LEU F 4837 16.01 74.27 -0.43
N VAL F 4838 16.40 74.17 0.84
CA VAL F 4838 17.37 75.10 1.38
C VAL F 4838 18.71 74.94 0.67
N MET F 4839 19.14 73.70 0.44
CA MET F 4839 20.41 73.48 -0.22
C MET F 4839 20.41 74.00 -1.65
N THR F 4840 19.31 73.78 -2.39
CA THR F 4840 19.31 74.24 -3.78
C THR F 4840 19.19 75.75 -3.86
N VAL F 4841 18.49 76.37 -2.91
CA VAL F 4841 18.47 77.83 -2.85
C VAL F 4841 19.86 78.37 -2.55
N GLY F 4842 20.59 77.70 -1.66
CA GLY F 4842 21.98 78.09 -1.41
C GLY F 4842 22.85 77.96 -2.64
N LEU F 4843 22.66 76.88 -3.41
CA LEU F 4843 23.43 76.71 -4.64
C LEU F 4843 23.10 77.80 -5.65
N LEU F 4844 21.81 78.15 -5.76
CA LEU F 4844 21.42 79.26 -6.63
C LEU F 4844 22.09 80.55 -6.20
N ALA F 4845 22.11 80.81 -4.89
CA ALA F 4845 22.79 82.00 -4.38
C ALA F 4845 24.27 81.98 -4.74
N VAL F 4846 24.90 80.81 -4.63
CA VAL F 4846 26.32 80.71 -4.93
C VAL F 4846 26.61 80.98 -6.40
N VAL F 4847 25.81 80.40 -7.29
CA VAL F 4847 26.06 80.61 -8.72
C VAL F 4847 25.77 82.06 -9.11
N VAL F 4848 24.74 82.66 -8.50
CA VAL F 4848 24.47 84.07 -8.78
C VAL F 4848 25.60 84.94 -8.25
N TYR F 4849 26.20 84.54 -7.12
CA TYR F 4849 27.34 85.29 -6.60
C TYR F 4849 28.54 85.21 -7.54
N LEU F 4850 28.78 84.03 -8.12
CA LEU F 4850 29.87 83.91 -9.09
C LEU F 4850 29.61 84.79 -10.31
N TYR F 4851 28.37 84.78 -10.81
CA TYR F 4851 28.04 85.64 -11.94
C TYR F 4851 28.21 87.11 -11.57
N THR F 4852 27.85 87.47 -10.34
CA THR F 4852 28.03 88.84 -9.87
C THR F 4852 29.50 89.21 -9.82
N VAL F 4853 30.35 88.29 -9.36
CA VAL F 4853 31.79 88.55 -9.33
C VAL F 4853 32.31 88.81 -10.74
N VAL F 4854 31.89 87.98 -11.70
CA VAL F 4854 32.34 88.17 -13.07
C VAL F 4854 31.88 89.52 -13.61
N ALA F 4855 30.61 89.87 -13.37
CA ALA F 4855 30.09 91.14 -13.84
C ALA F 4855 30.81 92.32 -13.21
N PHE F 4856 31.09 92.23 -11.90
CA PHE F 4856 31.79 93.30 -11.21
C PHE F 4856 33.20 93.48 -11.76
N ASN F 4857 33.88 92.38 -12.08
CA ASN F 4857 35.23 92.51 -12.60
C ASN F 4857 35.24 93.07 -14.02
N PHE F 4858 34.34 92.61 -14.90
CA PHE F 4858 34.46 92.95 -16.30
C PHE F 4858 33.31 93.77 -16.90
N PHE F 4859 32.05 93.42 -16.61
CA PHE F 4859 30.92 93.98 -17.32
C PHE F 4859 30.24 95.12 -16.58
N ARG F 4860 31.02 95.97 -15.90
CA ARG F 4860 30.44 97.01 -15.06
C ARG F 4860 29.65 98.02 -15.88
N LYS F 4861 30.13 98.36 -17.08
CA LYS F 4861 29.54 99.45 -17.84
C LYS F 4861 28.10 99.17 -18.22
N PHE F 4862 27.78 97.91 -18.52
CA PHE F 4862 26.44 97.59 -19.02
C PHE F 4862 25.39 97.71 -17.92
N TYR F 4863 25.82 97.82 -16.66
CA TYR F 4863 24.89 97.66 -15.56
C TYR F 4863 24.27 98.99 -15.14
N ASN F 4864 24.49 100.04 -15.92
CA ASN F 4864 23.86 101.33 -15.63
C ASN F 4864 22.38 101.21 -15.92
N LYS F 4865 21.56 101.62 -14.95
CA LYS F 4865 20.11 101.53 -15.06
C LYS F 4865 19.43 102.89 -15.17
N SER F 4866 20.19 103.94 -15.45
CA SER F 4866 19.65 105.29 -15.59
C SER F 4866 19.79 105.72 -17.05
N GLU F 4867 18.67 106.12 -17.65
CA GLU F 4867 18.69 106.54 -19.04
C GLU F 4867 19.29 107.93 -19.20
N ASP F 4868 19.16 108.77 -18.17
CA ASP F 4868 19.65 110.15 -18.27
C ASP F 4868 21.18 110.17 -18.20
N GLU F 4869 21.79 110.96 -19.08
CA GLU F 4869 23.24 111.06 -19.10
C GLU F 4869 23.77 111.77 -17.87
N ASP F 4870 23.06 112.81 -17.41
CA ASP F 4870 23.57 113.62 -16.30
C ASP F 4870 23.65 112.81 -15.01
N GLU F 4871 22.62 112.03 -14.69
CA GLU F 4871 22.59 111.26 -13.46
C GLU F 4871 22.65 109.77 -13.76
N PRO F 4872 23.81 109.13 -13.60
CA PRO F 4872 23.86 107.68 -13.75
C PRO F 4872 23.72 106.95 -12.42
N ASP F 4873 23.13 105.77 -12.43
CA ASP F 4873 23.13 104.87 -11.28
C ASP F 4873 23.74 103.54 -11.69
N MET F 4874 24.62 103.02 -10.85
CA MET F 4874 25.42 101.84 -11.19
C MET F 4874 25.05 100.72 -10.24
N LYS F 4875 24.89 99.51 -10.79
CA LYS F 4875 24.58 98.36 -9.94
C LYS F 4875 25.85 97.61 -9.54
N CYS F 4876 26.78 97.45 -10.47
CA CYS F 4876 28.04 96.77 -10.18
C CYS F 4876 29.19 97.68 -9.79
N ASP F 4877 28.91 98.93 -9.41
CA ASP F 4877 29.98 99.73 -8.83
C ASP F 4877 30.35 99.23 -7.43
N ASP F 4878 29.42 98.54 -6.78
CA ASP F 4878 29.66 97.91 -5.49
C ASP F 4878 29.24 96.45 -5.56
N MET F 4879 30.06 95.57 -4.98
CA MET F 4879 29.79 94.14 -5.09
C MET F 4879 28.48 93.76 -4.42
N MET F 4880 28.22 94.32 -3.23
CA MET F 4880 26.97 94.01 -2.54
C MET F 4880 25.77 94.51 -3.34
N THR F 4881 25.87 95.71 -3.89
CA THR F 4881 24.79 96.25 -4.71
C THR F 4881 24.54 95.38 -5.93
N CYS F 4882 25.59 94.91 -6.58
CA CYS F 4882 25.40 94.11 -7.78
C CYS F 4882 24.86 92.72 -7.44
N TYR F 4883 25.29 92.17 -6.31
CA TYR F 4883 24.75 90.89 -5.87
C TYR F 4883 23.25 91.01 -5.58
N LEU F 4884 22.85 92.07 -4.88
CA LEU F 4884 21.43 92.27 -4.63
C LEU F 4884 20.66 92.49 -5.92
N PHE F 4885 21.25 93.26 -6.84
CA PHE F 4885 20.60 93.51 -8.13
C PHE F 4885 20.38 92.20 -8.88
N HIS F 4886 21.41 91.34 -8.92
CA HIS F 4886 21.26 90.05 -9.57
C HIS F 4886 20.15 89.24 -8.92
N MET F 4887 20.28 88.96 -7.62
CA MET F 4887 19.30 88.09 -6.96
C MET F 4887 17.90 88.68 -7.01
N TYR F 4888 17.78 89.99 -7.22
CA TYR F 4888 16.47 90.62 -7.22
C TYR F 4888 15.82 90.61 -8.60
N VAL F 4889 16.56 90.98 -9.65
CA VAL F 4889 15.96 91.17 -10.96
C VAL F 4889 16.30 90.03 -11.91
N GLY F 4890 17.53 89.50 -11.87
CA GLY F 4890 17.90 88.47 -12.82
C GLY F 4890 17.13 87.18 -12.64
N VAL F 4891 16.93 86.78 -11.38
CA VAL F 4891 16.20 85.54 -11.11
C VAL F 4891 14.75 85.68 -11.51
N ARG F 4892 14.15 86.85 -11.26
CA ARG F 4892 12.75 87.05 -11.60
C ARG F 4892 12.55 87.18 -13.11
N ALA F 4893 13.53 87.76 -13.81
CA ALA F 4893 13.40 87.98 -15.24
C ALA F 4893 13.37 86.66 -16.00
N GLY F 4894 12.49 86.59 -17.00
CA GLY F 4894 12.39 85.38 -17.80
C GLY F 4894 13.62 85.12 -18.65
N GLY F 4895 14.19 86.18 -19.22
CA GLY F 4895 15.36 86.01 -20.06
C GLY F 4895 16.66 86.00 -19.27
N GLY F 4896 16.58 86.28 -17.98
CA GLY F 4896 17.76 86.37 -17.16
C GLY F 4896 18.22 87.80 -16.98
N ILE F 4897 19.47 87.93 -16.54
CA ILE F 4897 20.03 89.25 -16.29
C ILE F 4897 20.21 90.03 -17.59
N GLY F 4898 20.47 89.31 -18.70
CA GLY F 4898 20.72 89.98 -19.95
C GLY F 4898 19.54 90.79 -20.45
N ASP F 4899 18.33 90.39 -20.05
CA ASP F 4899 17.16 91.20 -20.36
C ASP F 4899 17.26 92.56 -19.68
N GLU F 4900 17.69 92.58 -18.42
CA GLU F 4900 17.74 93.84 -17.67
C GLU F 4900 18.90 94.72 -18.12
N ILE F 4901 20.09 94.15 -18.29
CA ILE F 4901 21.25 95.00 -18.55
C ILE F 4901 21.32 95.38 -20.03
N GLU F 4902 22.21 96.33 -20.31
CA GLU F 4902 22.24 97.00 -21.61
C GLU F 4902 22.80 96.08 -22.71
N ASP F 4903 22.32 96.30 -23.93
CA ASP F 4903 22.67 95.46 -25.07
C ASP F 4903 24.16 95.61 -25.37
N PRO F 4904 24.90 94.51 -25.50
CA PRO F 4904 26.35 94.57 -25.75
C PRO F 4904 26.76 94.67 -27.21
N ALA F 4905 25.85 94.98 -28.13
CA ALA F 4905 26.19 94.99 -29.54
C ALA F 4905 27.29 96.00 -29.83
N GLY F 4906 28.23 95.60 -30.69
CA GLY F 4906 29.33 96.48 -31.05
C GLY F 4906 30.28 96.81 -29.91
N ASP F 4907 30.63 95.80 -29.12
CA ASP F 4907 31.56 95.97 -28.00
C ASP F 4907 32.60 94.87 -28.05
N GLU F 4908 33.79 95.16 -27.54
CA GLU F 4908 34.88 94.19 -27.60
C GLU F 4908 34.61 92.98 -26.72
N TYR F 4909 33.74 93.13 -25.72
CA TYR F 4909 33.37 92.05 -24.84
C TYR F 4909 32.06 91.39 -25.22
N GLU F 4910 31.59 91.60 -26.46
CA GLU F 4910 30.24 91.18 -26.82
C GLU F 4910 30.08 89.67 -26.74
N LEU F 4911 31.06 88.91 -27.23
CA LEU F 4911 30.91 87.46 -27.24
C LEU F 4911 30.94 86.89 -25.84
N TYR F 4912 31.89 87.34 -25.01
CA TYR F 4912 31.89 86.90 -23.61
C TYR F 4912 30.60 87.28 -22.92
N ARG F 4913 30.04 88.44 -23.26
CA ARG F 4913 28.83 88.88 -22.59
C ARG F 4913 27.61 88.07 -23.02
N VAL F 4914 27.51 87.72 -24.30
CA VAL F 4914 26.39 86.88 -24.72
C VAL F 4914 26.52 85.47 -24.14
N VAL F 4915 27.75 84.97 -24.02
CA VAL F 4915 27.95 83.70 -23.33
C VAL F 4915 27.52 83.81 -21.88
N PHE F 4916 27.88 84.91 -21.22
CA PHE F 4916 27.51 85.14 -19.84
C PHE F 4916 26.00 85.16 -19.66
N ASP F 4917 25.29 85.91 -20.50
CA ASP F 4917 23.84 85.99 -20.41
C ASP F 4917 23.18 84.65 -20.69
N ILE F 4918 23.62 83.94 -21.73
CA ILE F 4918 23.00 82.67 -22.08
C ILE F 4918 23.23 81.64 -20.99
N THR F 4919 24.44 81.56 -20.44
CA THR F 4919 24.71 80.62 -19.37
C THR F 4919 23.95 80.96 -18.12
N PHE F 4920 23.81 82.26 -17.80
CA PHE F 4920 22.98 82.65 -16.67
C PHE F 4920 21.55 82.19 -16.86
N PHE F 4921 20.98 82.46 -18.03
CA PHE F 4921 19.58 82.10 -18.27
C PHE F 4921 19.39 80.59 -18.24
N PHE F 4922 20.40 79.84 -18.69
CA PHE F 4922 20.29 78.39 -18.68
C PHE F 4922 20.38 77.83 -17.27
N PHE F 4923 21.40 78.24 -16.52
CA PHE F 4923 21.66 77.62 -15.22
C PHE F 4923 20.67 78.09 -14.16
N VAL F 4924 20.37 79.37 -14.11
CA VAL F 4924 19.57 79.94 -13.04
C VAL F 4924 18.09 79.97 -13.38
N ILE F 4925 17.72 80.62 -14.49
CA ILE F 4925 16.31 80.77 -14.83
C ILE F 4925 15.67 79.42 -15.12
N VAL F 4926 16.37 78.57 -15.86
CA VAL F 4926 15.82 77.29 -16.31
C VAL F 4926 16.05 76.20 -15.29
N ILE F 4927 17.32 75.84 -15.07
CA ILE F 4927 17.62 74.60 -14.34
C ILE F 4927 17.27 74.73 -12.88
N LEU F 4928 17.80 75.76 -12.21
CA LEU F 4928 17.68 75.83 -10.75
C LEU F 4928 16.27 76.21 -10.32
N LEU F 4929 15.65 77.18 -10.99
CA LEU F 4929 14.26 77.52 -10.70
C LEU F 4929 13.35 76.34 -11.00
N ALA F 4930 13.60 75.64 -12.11
CA ALA F 4930 12.81 74.45 -12.42
C ALA F 4930 12.98 73.39 -11.34
N ILE F 4931 14.18 73.25 -10.79
CA ILE F 4931 14.43 72.24 -9.77
C ILE F 4931 13.70 72.59 -8.47
N ILE F 4932 13.71 73.87 -8.09
CA ILE F 4932 13.00 74.27 -6.88
C ILE F 4932 11.49 74.06 -7.04
N GLN F 4933 10.95 74.50 -8.17
CA GLN F 4933 9.54 74.24 -8.47
C GLN F 4933 9.25 72.75 -8.44
N GLY F 4934 10.14 71.94 -9.01
CA GLY F 4934 9.93 70.50 -9.00
C GLY F 4934 9.92 69.93 -7.61
N LEU F 4935 10.82 70.41 -6.75
CA LEU F 4935 10.82 69.94 -5.37
C LEU F 4935 9.46 70.19 -4.72
N ILE F 4936 8.94 71.41 -4.83
CA ILE F 4936 7.65 71.71 -4.20
C ILE F 4936 6.53 70.87 -4.81
N ILE F 4937 6.45 70.82 -6.14
CA ILE F 4937 5.33 70.17 -6.80
C ILE F 4937 5.37 68.67 -6.59
N ASP F 4938 6.57 68.07 -6.66
CA ASP F 4938 6.70 66.64 -6.42
C ASP F 4938 6.41 66.31 -4.96
N ALA F 4939 6.75 67.19 -4.03
CA ALA F 4939 6.33 66.95 -2.65
C ALA F 4939 4.82 66.90 -2.54
N PHE F 4940 4.14 67.86 -3.17
CA PHE F 4940 2.67 67.87 -3.16
C PHE F 4940 2.12 66.57 -3.75
N GLY F 4941 2.58 66.21 -4.95
CA GLY F 4941 2.08 65.02 -5.60
C GLY F 4941 2.38 63.76 -4.83
N GLU F 4942 3.57 63.70 -4.23
CA GLU F 4942 3.96 62.52 -3.45
C GLU F 4942 3.08 62.36 -2.23
N LEU F 4943 2.74 63.46 -1.56
CA LEU F 4943 1.83 63.36 -0.42
C LEU F 4943 0.45 62.88 -0.86
N ARG F 4944 -0.07 63.41 -1.96
CA ARG F 4944 -1.38 62.95 -2.44
C ARG F 4944 -1.34 61.47 -2.83
N ASP F 4945 -0.25 61.04 -3.47
CA ASP F 4945 -0.09 59.62 -3.80
C ASP F 4945 -0.01 58.78 -2.54
N GLN F 4946 0.57 59.31 -1.46
CA GLN F 4946 0.56 58.57 -0.20
C GLN F 4946 -0.86 58.37 0.31
N GLN F 4947 -1.69 59.42 0.23
CA GLN F 4947 -3.08 59.25 0.63
C GLN F 4947 -3.75 58.15 -0.19
N GLU F 4948 -3.61 58.22 -1.52
CA GLU F 4948 -4.25 57.23 -2.38
C GLU F 4948 -3.70 55.83 -2.12
N GLN F 4949 -2.41 55.71 -1.86
CA GLN F 4949 -1.80 54.42 -1.62
C GLN F 4949 -2.29 53.82 -0.30
N VAL F 4950 -2.47 54.65 0.72
CA VAL F 4950 -3.03 54.16 1.98
C VAL F 4950 -4.43 53.63 1.77
N LYS F 4951 -5.25 54.39 1.02
CA LYS F 4951 -6.60 53.91 0.74
C LYS F 4951 -6.57 52.59 -0.03
N GLU F 4952 -5.70 52.50 -1.04
CA GLU F 4952 -5.62 51.28 -1.84
C GLU F 4952 -5.17 50.09 -1.01
N ASP F 4953 -4.19 50.30 -0.13
CA ASP F 4953 -3.72 49.21 0.72
C ASP F 4953 -4.82 48.73 1.66
N MET F 4954 -5.59 49.67 2.21
CA MET F 4954 -6.73 49.26 3.02
C MET F 4954 -7.74 48.45 2.22
N GLU F 4955 -7.97 48.83 0.96
CA GLU F 4955 -8.92 48.09 0.14
C GLU F 4955 -8.36 46.73 -0.27
N THR F 4956 -7.04 46.58 -0.32
CA THR F 4956 -6.47 45.36 -0.88
C THR F 4956 -6.17 44.31 0.20
N LYS F 4957 -5.71 44.73 1.37
CA LYS F 4957 -5.34 43.75 2.38
C LYS F 4957 -6.16 43.95 3.64
N CYS F 4958 -6.36 42.84 4.36
CA CYS F 4958 -6.96 42.92 5.68
C CYS F 4958 -5.96 43.56 6.64
N PHE F 4959 -6.46 44.47 7.47
CA PHE F 4959 -5.57 45.25 8.33
C PHE F 4959 -5.02 44.40 9.46
N ILE F 4960 -5.70 43.31 9.80
CA ILE F 4960 -5.29 42.50 10.96
C ILE F 4960 -4.37 41.38 10.52
N CYS F 4961 -4.81 40.54 9.58
CA CYS F 4961 -4.08 39.34 9.21
C CYS F 4961 -3.14 39.53 8.03
N GLY F 4962 -3.29 40.58 7.23
CA GLY F 4962 -2.36 40.86 6.16
C GLY F 4962 -2.56 40.07 4.90
N ILE F 4963 -3.60 39.24 4.83
CA ILE F 4963 -3.87 38.48 3.62
C ILE F 4963 -4.55 39.37 2.59
N GLY F 4964 -4.14 39.24 1.34
CA GLY F 4964 -4.69 40.10 0.31
C GLY F 4964 -6.15 39.80 0.01
N SER F 4965 -6.79 40.74 -0.69
CA SER F 4965 -8.21 40.60 -0.99
C SER F 4965 -8.46 39.44 -1.96
N ASP F 4966 -7.47 39.12 -2.79
CA ASP F 4966 -7.69 38.16 -3.86
C ASP F 4966 -8.05 36.78 -3.32
N TYR F 4967 -7.42 36.37 -2.21
CA TYR F 4967 -7.70 35.05 -1.67
C TYR F 4967 -9.15 34.96 -1.19
N PHE F 4968 -9.65 36.01 -0.55
CA PHE F 4968 -11.02 36.01 -0.08
C PHE F 4968 -12.01 36.20 -1.21
N ASP F 4969 -11.60 36.86 -2.28
CA ASP F 4969 -12.54 37.28 -3.32
C ASP F 4969 -13.01 36.11 -4.17
N THR F 4970 -12.37 34.95 -4.03
CA THR F 4970 -12.85 33.76 -4.75
C THR F 4970 -14.31 33.49 -4.39
N THR F 4971 -14.62 33.49 -3.10
CA THR F 4971 -16.02 33.57 -2.68
C THR F 4971 -16.53 34.99 -2.92
N PRO F 4972 -17.70 35.15 -3.51
CA PRO F 4972 -18.22 36.49 -3.77
C PRO F 4972 -18.38 37.29 -2.48
N HIS F 4973 -18.02 38.57 -2.54
CA HIS F 4973 -17.98 39.47 -1.38
C HIS F 4973 -17.14 38.88 -0.25
N GLY F 4974 -16.16 38.05 -0.59
CA GLY F 4974 -15.38 37.38 0.42
C GLY F 4974 -14.56 38.34 1.27
N PHE F 4975 -13.87 39.27 0.62
CA PHE F 4975 -13.09 40.25 1.38
C PHE F 4975 -13.99 41.15 2.20
N GLU F 4976 -15.13 41.55 1.63
CA GLU F 4976 -16.05 42.40 2.38
C GLU F 4976 -16.54 41.70 3.65
N THR F 4977 -16.93 40.44 3.55
CA THR F 4977 -17.34 39.69 4.73
C THR F 4977 -16.18 39.51 5.71
N HIS F 4978 -14.99 39.22 5.19
CA HIS F 4978 -13.84 39.02 6.07
C HIS F 4978 -13.54 40.25 6.88
N THR F 4979 -13.60 41.42 6.26
CA THR F 4979 -13.32 42.67 6.98
C THR F 4979 -14.50 43.06 7.86
N LEU F 4980 -15.73 42.70 7.48
CA LEU F 4980 -16.88 43.18 8.21
C LEU F 4980 -17.12 42.37 9.48
N GLU F 4981 -17.13 41.03 9.39
CA GLU F 4981 -17.35 40.22 10.59
C GLU F 4981 -16.07 39.57 11.09
N GLU F 4982 -15.35 38.81 10.25
CA GLU F 4982 -14.31 37.93 10.76
C GLU F 4982 -13.15 38.69 11.39
N HIS F 4983 -12.65 39.73 10.72
CA HIS F 4983 -11.46 40.44 11.20
C HIS F 4983 -11.68 41.95 11.31
N ASN F 4984 -12.77 42.37 11.92
CA ASN F 4984 -13.04 43.79 12.05
C ASN F 4984 -12.24 44.39 13.20
N LEU F 4985 -11.42 45.41 12.88
CA LEU F 4985 -10.63 46.05 13.93
C LEU F 4985 -11.53 46.74 14.94
N ALA F 4986 -12.70 47.20 14.50
CA ALA F 4986 -13.68 47.70 15.45
C ALA F 4986 -14.09 46.61 16.42
N ASN F 4987 -14.27 45.39 15.91
CA ASN F 4987 -14.59 44.27 16.78
C ASN F 4987 -13.46 43.96 17.75
N TYR F 4988 -12.21 44.12 17.29
CA TYR F 4988 -11.09 43.90 18.21
C TYR F 4988 -11.08 44.93 19.33
N MET F 4989 -11.33 46.20 18.99
CA MET F 4989 -11.42 47.22 20.04
C MET F 4989 -12.56 46.92 20.99
N PHE F 4990 -13.71 46.51 20.44
CA PHE F 4990 -14.86 46.19 21.28
C PHE F 4990 -14.53 45.03 22.20
N PHE F 4991 -13.79 44.04 21.71
CA PHE F 4991 -13.37 42.94 22.55
C PHE F 4991 -12.48 43.42 23.68
N LEU F 4992 -11.57 44.35 23.38
CA LEU F 4992 -10.71 44.87 24.43
C LEU F 4992 -11.52 45.59 25.50
N MET F 4993 -12.48 46.43 25.10
CA MET F 4993 -13.32 47.11 26.08
C MET F 4993 -14.15 46.12 26.88
N TYR F 4994 -14.68 45.10 26.22
CA TYR F 4994 -15.49 44.09 26.89
C TYR F 4994 -14.67 43.32 27.91
N LEU F 4995 -13.41 43.02 27.57
CA LEU F 4995 -12.51 42.37 28.51
C LEU F 4995 -12.24 43.27 29.71
N ILE F 4996 -12.04 44.56 29.47
CA ILE F 4996 -11.77 45.48 30.57
C ILE F 4996 -12.96 45.55 31.52
N ASN F 4997 -14.17 45.66 30.97
CA ASN F 4997 -15.34 45.79 31.84
C ASN F 4997 -15.69 44.48 32.52
N LYS F 4998 -15.48 43.36 31.86
CA LYS F 4998 -15.86 42.07 32.43
C LYS F 4998 -14.99 41.71 33.62
N ASP F 4999 -15.54 40.91 34.53
CA ASP F 4999 -14.80 40.47 35.70
C ASP F 4999 -13.82 39.36 35.33
N GLU F 5000 -12.65 39.40 35.99
CA GLU F 5000 -11.63 38.39 35.73
C GLU F 5000 -12.12 37.01 36.10
N THR F 5001 -12.86 36.89 37.20
CA THR F 5001 -13.43 35.61 37.58
C THR F 5001 -14.48 35.16 36.58
N GLU F 5002 -15.06 36.10 35.83
CA GLU F 5002 -16.08 35.75 34.85
C GLU F 5002 -15.48 35.46 33.49
N HIS F 5003 -14.21 35.81 33.29
CA HIS F 5003 -13.55 35.54 32.02
C HIS F 5003 -13.58 34.06 31.69
N THR F 5004 -13.85 33.75 30.42
CA THR F 5004 -13.73 32.38 29.94
C THR F 5004 -12.27 32.03 29.70
N GLY F 5005 -12.04 30.83 29.16
CA GLY F 5005 -10.68 30.41 28.91
C GLY F 5005 -9.98 31.25 27.87
N GLN F 5006 -10.62 31.43 26.71
CA GLN F 5006 -10.03 32.24 25.65
C GLN F 5006 -9.91 33.71 26.07
N GLU F 5007 -10.93 34.21 26.77
CA GLU F 5007 -10.87 35.59 27.25
C GLU F 5007 -9.73 35.79 28.23
N SER F 5008 -9.53 34.84 29.15
CA SER F 5008 -8.43 34.94 30.10
C SER F 5008 -7.09 34.85 29.38
N TYR F 5009 -6.99 33.99 28.37
CA TYR F 5009 -5.75 33.87 27.62
C TYR F 5009 -5.40 35.18 26.93
N VAL F 5010 -6.38 35.79 26.26
CA VAL F 5010 -6.13 37.05 25.57
C VAL F 5010 -5.83 38.16 26.57
N TRP F 5011 -6.51 38.15 27.72
CA TRP F 5011 -6.26 39.14 28.75
C TRP F 5011 -4.84 39.05 29.29
N LYS F 5012 -4.36 37.82 29.51
CA LYS F 5012 -2.99 37.63 29.97
C LYS F 5012 -1.99 38.10 28.93
N MET F 5013 -2.21 37.77 27.65
CA MET F 5013 -1.32 38.26 26.61
C MET F 5013 -1.33 39.79 26.57
N TYR F 5014 -2.51 40.40 26.74
CA TYR F 5014 -2.63 41.85 26.69
C TYR F 5014 -1.86 42.51 27.83
N GLN F 5015 -2.02 42.01 29.05
CA GLN F 5015 -1.29 42.60 30.17
C GLN F 5015 0.19 42.33 30.06
N GLU F 5016 0.57 41.25 29.39
CA GLU F 5016 2.00 40.99 29.14
C GLU F 5016 2.51 41.78 27.95
N ARG F 5017 1.64 42.51 27.26
CA ARG F 5017 1.99 43.28 26.06
C ARG F 5017 2.58 42.37 24.98
N CYS F 5018 2.05 41.16 24.87
CA CYS F 5018 2.44 40.24 23.83
C CYS F 5018 1.29 40.07 22.85
N TRP F 5019 1.55 40.32 21.57
CA TRP F 5019 0.51 40.39 20.56
C TRP F 5019 0.43 39.15 19.69
N ASP F 5020 0.82 37.99 20.24
CA ASP F 5020 0.81 36.78 19.43
C ASP F 5020 -0.61 36.27 19.20
N PHE F 5021 -1.58 36.75 19.96
CA PHE F 5021 -2.94 36.26 19.80
C PHE F 5021 -3.59 36.83 18.54
N PHE F 5022 -3.07 37.94 18.03
CA PHE F 5022 -3.58 38.47 16.77
C PHE F 5022 -3.26 37.51 15.64
N PRO F 5023 -4.24 37.17 14.80
CA PRO F 5023 -3.93 36.33 13.63
C PRO F 5023 -2.98 37.04 12.69
N ALA F 5024 -1.95 36.31 12.26
CA ALA F 5024 -0.89 36.86 11.43
C ALA F 5024 -0.70 35.96 10.23
N GLY F 5025 -1.17 36.39 9.07
CA GLY F 5025 -1.07 35.59 7.87
C GLY F 5025 -1.89 34.33 7.89
N ASP F 5026 -2.87 34.23 8.78
CA ASP F 5026 -3.72 33.05 8.88
C ASP F 5026 -5.14 33.47 9.19
N CYS F 5027 -6.09 32.66 8.73
CA CYS F 5027 -7.50 32.95 8.88
C CYS F 5027 -8.24 31.66 9.23
N PHE F 5028 -9.43 31.81 9.82
CA PHE F 5028 -10.27 30.66 10.12
C PHE F 5028 -10.64 29.92 8.84
N ARG F 5029 -11.01 30.66 7.80
CA ARG F 5029 -11.43 30.01 6.55
C ARG F 5029 -10.23 29.46 5.79
N LYS F 5030 -9.04 29.99 6.05
CA LYS F 5030 -7.84 29.44 5.42
C LYS F 5030 -7.40 28.16 6.11
N GLN F 5031 -7.50 28.12 7.43
CA GLN F 5031 -7.03 26.95 8.18
C GLN F 5031 -7.98 25.77 8.00
N TYR F 5032 -9.28 26.03 7.98
CA TYR F 5032 -10.28 24.98 7.88
C TYR F 5032 -10.88 24.86 6.49
N GLU F 5033 -10.12 25.23 5.45
CA GLU F 5033 -10.68 25.30 4.11
C GLU F 5033 -11.15 23.94 3.61
N ASP F 5034 -10.37 22.89 3.88
CA ASP F 5034 -10.75 21.56 3.41
C ASP F 5034 -12.00 21.06 4.11
N GLN F 5035 -12.06 21.23 5.43
CA GLN F 5035 -13.24 20.77 6.18
C GLN F 5035 -14.48 21.57 5.79
N LEU F 5036 -14.32 22.88 5.56
CA LEU F 5036 -15.45 23.68 5.11
C LEU F 5036 -15.92 23.25 3.72
N SER F 5037 -14.98 22.93 2.84
CA SER F 5037 -15.31 22.47 1.50
C SER F 5037 -15.64 20.99 1.50
N GLU G 10 -24.22 -9.97 -17.13
CA GLU G 10 -24.31 -9.74 -18.57
C GLU G 10 -24.63 -11.05 -19.28
N VAL G 11 -25.60 -11.00 -20.19
CA VAL G 11 -26.02 -12.16 -20.98
C VAL G 11 -25.36 -12.06 -22.35
N GLN G 12 -24.53 -13.05 -22.68
CA GLN G 12 -23.87 -13.06 -23.97
C GLN G 12 -24.89 -13.15 -25.09
N PHE G 13 -24.70 -12.33 -26.13
CA PHE G 13 -25.63 -12.22 -27.24
C PHE G 13 -24.94 -12.70 -28.51
N LEU G 14 -25.63 -13.51 -29.29
CA LEU G 14 -25.05 -14.03 -30.52
C LEU G 14 -24.81 -12.90 -31.51
N ARG G 15 -23.74 -13.04 -32.29
CA ARG G 15 -23.32 -12.01 -33.22
C ARG G 15 -23.13 -12.64 -34.60
N THR G 16 -23.29 -11.82 -35.63
CA THR G 16 -23.06 -12.30 -36.99
C THR G 16 -21.58 -12.60 -37.19
N ASP G 17 -21.30 -13.52 -38.12
CA ASP G 17 -19.96 -13.99 -38.44
C ASP G 17 -19.30 -14.73 -37.29
N ASP G 18 -20.08 -15.27 -36.36
CA ASP G 18 -19.58 -16.08 -35.26
C ASP G 18 -19.94 -17.54 -35.51
N GLU G 19 -18.97 -18.42 -35.34
CA GLU G 19 -19.21 -19.85 -35.56
C GLU G 19 -20.02 -20.42 -34.41
N VAL G 20 -21.09 -21.14 -34.75
CA VAL G 20 -22.00 -21.74 -33.77
C VAL G 20 -22.32 -23.16 -34.19
N VAL G 21 -22.87 -23.92 -33.24
CA VAL G 21 -23.34 -25.28 -33.49
C VAL G 21 -24.81 -25.36 -33.11
N LEU G 22 -25.58 -26.11 -33.88
CA LEU G 22 -26.99 -26.29 -33.60
C LEU G 22 -27.21 -27.53 -32.75
N GLN G 23 -27.80 -27.33 -31.56
CA GLN G 23 -27.92 -28.39 -30.57
C GLN G 23 -29.39 -28.69 -30.31
N CYS G 24 -29.74 -29.97 -30.42
CA CYS G 24 -31.08 -30.46 -30.13
C CYS G 24 -30.99 -31.51 -29.04
N SER G 25 -31.90 -31.43 -28.07
CA SER G 25 -31.90 -32.33 -26.91
C SER G 25 -33.10 -33.26 -26.99
N ALA G 26 -32.84 -34.56 -26.92
CA ALA G 26 -33.88 -35.57 -26.90
C ALA G 26 -33.54 -36.62 -25.86
N THR G 27 -34.57 -37.26 -25.32
CA THR G 27 -34.41 -38.28 -24.28
C THR G 27 -34.85 -39.63 -24.81
N VAL G 28 -33.95 -40.60 -24.75
CA VAL G 28 -34.22 -41.98 -25.16
C VAL G 28 -33.92 -42.89 -23.99
N LEU G 29 -34.84 -43.83 -23.73
CA LEU G 29 -34.75 -44.78 -22.62
C LEU G 29 -34.37 -44.09 -21.31
N LYS G 30 -34.95 -42.91 -21.09
CA LYS G 30 -34.76 -42.12 -19.86
C LYS G 30 -33.29 -41.73 -19.65
N GLU G 31 -32.71 -41.06 -20.64
CA GLU G 31 -31.42 -40.39 -20.50
C GLU G 31 -31.39 -39.23 -21.47
N GLN G 32 -30.80 -38.11 -21.04
CA GLN G 32 -30.79 -36.92 -21.87
C GLN G 32 -29.66 -36.98 -22.88
N LEU G 33 -30.02 -36.98 -24.16
CA LEU G 33 -29.07 -37.04 -25.26
C LEU G 33 -29.06 -35.71 -25.98
N LYS G 34 -27.89 -35.09 -26.05
CA LYS G 34 -27.70 -33.83 -26.77
C LYS G 34 -27.02 -34.12 -28.10
N LEU G 35 -27.67 -33.71 -29.19
CA LEU G 35 -27.20 -34.00 -30.54
C LEU G 35 -26.93 -32.69 -31.26
N CYS G 36 -25.81 -32.65 -31.99
CA CYS G 36 -25.41 -31.48 -32.76
C CYS G 36 -25.62 -31.77 -34.24
N LEU G 37 -26.28 -30.85 -34.94
CA LEU G 37 -26.53 -31.03 -36.36
C LEU G 37 -25.22 -30.98 -37.14
N ALA G 38 -25.01 -31.97 -38.00
CA ALA G 38 -23.78 -32.10 -38.76
C ALA G 38 -24.10 -32.47 -40.20
N ALA G 39 -23.26 -32.01 -41.13
CA ALA G 39 -23.39 -32.35 -42.53
C ALA G 39 -21.99 -32.59 -43.10
N GLU G 40 -21.85 -33.64 -43.92
CA GLU G 40 -20.55 -33.93 -44.51
C GLU G 40 -20.23 -32.95 -45.63
N GLY G 41 -21.23 -32.56 -46.41
CA GLY G 41 -21.01 -31.61 -47.48
C GLY G 41 -20.66 -32.25 -48.80
N PHE G 42 -19.46 -32.81 -48.89
CA PHE G 42 -18.98 -33.45 -50.11
C PHE G 42 -19.39 -34.92 -50.10
N GLY G 43 -20.18 -35.31 -51.08
CA GLY G 43 -20.63 -36.69 -51.19
C GLY G 43 -21.93 -37.00 -50.49
N ASN G 44 -22.38 -36.13 -49.57
CA ASN G 44 -23.63 -36.35 -48.84
C ASN G 44 -24.20 -34.99 -48.47
N ARG G 45 -25.21 -34.54 -49.21
CA ARG G 45 -25.83 -33.25 -48.93
C ARG G 45 -26.59 -33.28 -47.61
N LEU G 46 -27.21 -34.42 -47.29
CA LEU G 46 -28.13 -34.49 -46.16
C LEU G 46 -27.41 -34.28 -44.84
N CYS G 47 -28.14 -33.76 -43.86
CA CYS G 47 -27.57 -33.52 -42.55
C CYS G 47 -27.99 -34.61 -41.58
N PHE G 48 -27.08 -34.99 -40.69
CA PHE G 48 -27.31 -36.02 -39.69
C PHE G 48 -26.95 -35.46 -38.32
N LEU G 49 -27.67 -35.91 -37.30
CA LEU G 49 -27.37 -35.47 -35.95
C LEU G 49 -26.28 -36.33 -35.32
N GLU G 50 -25.28 -35.67 -34.74
CA GLU G 50 -24.15 -36.33 -34.13
C GLU G 50 -24.24 -36.20 -32.61
N PRO G 51 -24.30 -37.30 -31.87
CA PRO G 51 -24.54 -37.21 -30.43
C PRO G 51 -23.33 -36.64 -29.69
N THR G 52 -23.60 -35.82 -28.68
CA THR G 52 -22.56 -35.21 -27.87
C THR G 52 -22.64 -35.60 -26.40
N SER G 53 -23.64 -36.40 -26.01
CA SER G 53 -23.71 -36.86 -24.62
C SER G 53 -22.52 -37.74 -24.27
N ASN G 54 -22.16 -38.65 -25.17
CA ASN G 54 -21.02 -39.53 -24.98
C ASN G 54 -19.70 -38.89 -25.39
N ALA G 55 -19.65 -37.56 -25.47
CA ALA G 55 -18.42 -36.88 -25.87
C ALA G 55 -17.29 -37.17 -24.90
N GLN G 56 -17.60 -37.26 -23.61
CA GLN G 56 -16.57 -37.58 -22.63
C GLN G 56 -16.00 -38.97 -22.86
N ASN G 57 -16.86 -39.94 -23.16
CA ASN G 57 -16.37 -41.31 -23.39
C ASN G 57 -15.78 -41.45 -24.79
N VAL G 58 -16.46 -40.91 -25.80
CA VAL G 58 -16.01 -41.05 -27.19
C VAL G 58 -15.95 -39.68 -27.84
N PRO G 59 -14.82 -39.28 -28.41
CA PRO G 59 -14.69 -37.94 -28.99
C PRO G 59 -15.61 -37.77 -30.18
N PRO G 60 -16.43 -36.72 -30.19
CA PRO G 60 -17.20 -36.39 -31.38
C PRO G 60 -16.39 -35.52 -32.34
N ASP G 61 -16.87 -35.46 -33.58
CA ASP G 61 -16.23 -34.67 -34.62
C ASP G 61 -17.03 -33.40 -34.83
N LEU G 62 -16.49 -32.27 -34.37
CA LEU G 62 -17.18 -30.99 -34.47
C LEU G 62 -16.91 -30.24 -35.76
N ALA G 63 -15.99 -30.74 -36.59
CA ALA G 63 -15.70 -30.05 -37.85
C ALA G 63 -16.92 -29.99 -38.74
N ILE G 64 -17.68 -31.09 -38.81
CA ILE G 64 -18.90 -31.10 -39.61
C ILE G 64 -19.99 -30.30 -38.92
N CYS G 65 -19.99 -30.30 -37.58
CA CYS G 65 -21.11 -29.70 -36.84
C CYS G 65 -21.05 -28.17 -36.88
N CYS G 66 -19.86 -27.60 -37.00
CA CYS G 66 -19.70 -26.16 -36.88
C CYS G 66 -20.37 -25.44 -38.06
N PHE G 67 -21.06 -24.35 -37.75
CA PHE G 67 -21.70 -23.51 -38.75
C PHE G 67 -21.41 -22.05 -38.43
N THR G 68 -21.33 -21.23 -39.48
CA THR G 68 -21.13 -19.80 -39.34
C THR G 68 -22.30 -19.08 -40.02
N LEU G 69 -22.77 -18.01 -39.41
CA LEU G 69 -23.87 -17.22 -39.95
C LEU G 69 -23.31 -15.96 -40.58
N GLU G 70 -23.46 -15.84 -41.90
CA GLU G 70 -22.87 -14.71 -42.62
C GLU G 70 -23.58 -13.41 -42.30
N GLN G 71 -24.92 -13.42 -42.33
CA GLN G 71 -25.67 -12.18 -42.21
C GLN G 71 -26.99 -12.45 -41.48
N SER G 72 -27.51 -11.40 -40.86
CA SER G 72 -28.83 -11.42 -40.25
C SER G 72 -29.67 -10.33 -40.91
N LEU G 73 -30.92 -10.67 -41.25
CA LEU G 73 -31.79 -9.77 -41.98
C LEU G 73 -33.20 -9.88 -41.45
N SER G 74 -33.87 -8.74 -41.31
CA SER G 74 -35.28 -8.76 -40.95
C SER G 74 -36.09 -9.44 -42.05
N VAL G 75 -37.35 -9.76 -41.75
CA VAL G 75 -38.20 -10.44 -42.72
C VAL G 75 -38.41 -9.56 -43.94
N ARG G 76 -38.65 -8.26 -43.72
CA ARG G 76 -38.95 -7.38 -44.84
C ARG G 76 -37.71 -7.16 -45.72
N ALA G 77 -36.55 -6.98 -45.08
CA ALA G 77 -35.31 -6.87 -45.84
C ALA G 77 -35.00 -8.18 -46.57
N LEU G 78 -35.39 -9.31 -45.97
CA LEU G 78 -35.30 -10.59 -46.66
C LEU G 78 -36.13 -10.57 -47.93
N GLN G 79 -37.37 -10.07 -47.83
CA GLN G 79 -38.22 -9.99 -49.00
C GLN G 79 -37.58 -9.12 -50.07
N GLU G 80 -37.00 -7.99 -49.66
CA GLU G 80 -36.34 -7.12 -50.63
C GLU G 80 -35.16 -7.82 -51.29
N MET G 81 -34.38 -8.60 -50.53
CA MET G 81 -33.19 -9.21 -51.11
C MET G 81 -33.56 -10.38 -52.02
N LEU G 82 -34.69 -11.04 -51.76
CA LEU G 82 -35.25 -11.95 -52.76
C LEU G 82 -35.70 -11.19 -54.00
N ALA G 83 -36.29 -10.01 -53.81
CA ALA G 83 -36.73 -9.23 -54.96
C ALA G 83 -35.56 -8.84 -55.84
N ASN G 84 -34.44 -8.48 -55.24
CA ASN G 84 -33.23 -8.14 -55.98
C ASN G 84 -32.37 -9.38 -56.21
N HIS G 98 -20.35 -6.70 -37.39
CA HIS G 98 -20.89 -7.79 -36.59
C HIS G 98 -22.25 -7.42 -36.00
N ARG G 99 -23.31 -7.61 -36.78
CA ARG G 99 -24.65 -7.25 -36.33
C ARG G 99 -25.19 -8.24 -35.32
N THR G 100 -25.99 -7.75 -34.38
CA THR G 100 -26.55 -8.60 -33.35
C THR G 100 -27.72 -9.42 -33.89
N LEU G 101 -27.77 -10.69 -33.49
CA LEU G 101 -28.90 -11.53 -33.84
C LEU G 101 -30.12 -11.12 -33.04
N LEU G 102 -31.21 -10.83 -33.74
CA LEU G 102 -32.45 -10.37 -33.13
C LEU G 102 -33.58 -11.31 -33.54
N TYR G 103 -34.46 -11.61 -32.59
CA TYR G 103 -35.55 -12.54 -32.86
C TYR G 103 -36.42 -12.03 -34.00
N GLY G 104 -36.85 -12.95 -34.86
CA GLY G 104 -37.60 -12.60 -36.05
C GLY G 104 -36.77 -12.31 -37.27
N HIS G 105 -35.45 -12.25 -37.13
CA HIS G 105 -34.57 -12.00 -38.25
C HIS G 105 -34.36 -13.26 -39.08
N ALA G 106 -33.80 -13.07 -40.27
CA ALA G 106 -33.41 -14.16 -41.15
C ALA G 106 -31.90 -14.21 -41.25
N ILE G 107 -31.33 -15.40 -41.11
CA ILE G 107 -29.89 -15.60 -41.14
C ILE G 107 -29.57 -16.65 -42.18
N LEU G 108 -28.33 -16.63 -42.66
CA LEU G 108 -27.82 -17.60 -43.61
C LEU G 108 -26.66 -18.35 -42.97
N LEU G 109 -26.86 -19.65 -42.72
CA LEU G 109 -25.86 -20.47 -42.05
C LEU G 109 -25.09 -21.24 -43.10
N ARG G 110 -23.76 -21.11 -43.08
CA ARG G 110 -22.89 -21.82 -44.00
C ARG G 110 -22.07 -22.84 -43.23
N HIS G 111 -21.80 -23.97 -43.86
CA HIS G 111 -21.01 -25.02 -43.21
C HIS G 111 -19.54 -24.66 -43.31
N ALA G 112 -18.84 -24.74 -42.17
CA ALA G 112 -17.47 -24.23 -42.11
C ALA G 112 -16.54 -25.01 -43.03
N HIS G 113 -16.60 -26.34 -42.98
CA HIS G 113 -15.66 -27.15 -43.76
C HIS G 113 -15.99 -27.11 -45.25
N SER G 114 -17.25 -27.28 -45.61
CA SER G 114 -17.59 -27.48 -47.01
C SER G 114 -17.93 -26.17 -47.71
N ARG G 115 -18.01 -25.08 -46.95
CA ARG G 115 -18.36 -23.73 -47.40
C ARG G 115 -19.79 -23.68 -47.93
N MET G 116 -20.53 -24.79 -47.88
CA MET G 116 -21.90 -24.82 -48.35
C MET G 116 -22.84 -24.18 -47.34
N TYR G 117 -24.02 -23.78 -47.81
CA TYR G 117 -25.00 -23.09 -46.99
C TYR G 117 -26.14 -24.05 -46.67
N LEU G 118 -26.52 -24.10 -45.39
CA LEU G 118 -27.60 -24.99 -44.97
C LEU G 118 -28.92 -24.53 -45.57
N SER G 119 -29.72 -25.48 -46.03
CA SER G 119 -30.98 -25.18 -46.69
C SER G 119 -31.92 -26.38 -46.54
N CYS G 120 -33.18 -26.16 -46.88
CA CYS G 120 -34.19 -27.20 -46.86
C CYS G 120 -34.38 -27.73 -48.28
N LEU G 121 -34.33 -29.05 -48.42
CA LEU G 121 -34.46 -29.66 -49.73
C LEU G 121 -35.90 -30.09 -49.98
N THR G 122 -36.33 -30.01 -51.25
CA THR G 122 -37.69 -30.37 -51.60
C THR G 122 -37.96 -31.85 -51.36
N THR G 123 -36.97 -32.70 -51.66
CA THR G 123 -37.16 -34.14 -51.49
C THR G 123 -37.26 -34.49 -50.02
N SER G 124 -37.91 -35.63 -49.74
CA SER G 124 -38.09 -36.12 -48.38
C SER G 124 -37.70 -37.59 -48.32
N ARG G 125 -36.73 -37.91 -47.47
CA ARG G 125 -36.36 -39.31 -47.24
C ARG G 125 -37.19 -39.96 -46.14
N SER G 126 -37.92 -39.18 -45.36
CA SER G 126 -38.76 -39.70 -44.28
C SER G 126 -40.16 -39.98 -44.83
N MET G 127 -40.54 -41.25 -44.85
CA MET G 127 -41.85 -41.62 -45.37
C MET G 127 -42.92 -41.49 -44.29
N THR G 128 -42.51 -41.22 -43.05
CA THR G 128 -43.47 -41.12 -41.96
C THR G 128 -44.32 -39.86 -42.08
N ASP G 129 -43.71 -38.75 -42.48
CA ASP G 129 -44.35 -37.44 -42.46
C ASP G 129 -44.31 -36.83 -43.85
N LYS G 130 -45.48 -36.73 -44.48
CA LYS G 130 -45.55 -36.19 -45.85
C LYS G 130 -45.07 -34.75 -45.90
N LEU G 131 -45.50 -33.93 -44.94
CA LEU G 131 -45.12 -32.53 -44.91
C LEU G 131 -43.61 -32.35 -44.74
N ALA G 132 -42.94 -33.34 -44.15
CA ALA G 132 -41.53 -33.18 -43.81
C ALA G 132 -40.67 -33.03 -45.06
N PHE G 133 -39.67 -32.16 -44.96
CA PHE G 133 -38.69 -31.94 -46.03
C PHE G 133 -37.29 -32.21 -45.50
N ASP G 134 -36.43 -32.76 -46.36
CA ASP G 134 -35.06 -33.02 -45.97
C ASP G 134 -34.27 -31.72 -45.84
N VAL G 135 -33.38 -31.68 -44.85
CA VAL G 135 -32.51 -30.54 -44.63
C VAL G 135 -31.11 -30.95 -45.07
N GLY G 136 -30.54 -30.19 -46.02
CA GLY G 136 -29.26 -30.53 -46.57
C GLY G 136 -28.47 -29.30 -46.96
N LEU G 137 -27.18 -29.50 -47.17
CA LEU G 137 -26.30 -28.41 -47.57
C LEU G 137 -26.56 -28.01 -49.02
N GLN G 138 -26.40 -26.72 -49.31
CA GLN G 138 -26.64 -26.18 -50.64
C GLN G 138 -25.40 -25.43 -51.10
N GLU G 139 -25.05 -25.60 -52.39
CA GLU G 139 -23.83 -24.98 -52.91
C GLU G 139 -23.92 -23.46 -52.91
N ASP G 140 -25.03 -22.93 -53.39
CA ASP G 140 -25.18 -21.48 -53.58
C ASP G 140 -26.01 -20.89 -52.45
N ALA G 141 -25.66 -19.66 -52.05
CA ALA G 141 -26.41 -18.99 -51.00
C ALA G 141 -27.68 -18.36 -51.56
N THR G 142 -27.79 -18.26 -52.88
CA THR G 142 -28.96 -17.64 -53.50
C THR G 142 -30.18 -18.54 -53.33
N GLY G 143 -31.33 -17.90 -53.17
CA GLY G 143 -32.57 -18.63 -53.01
C GLY G 143 -33.11 -18.51 -51.59
N GLU G 144 -34.42 -18.72 -51.46
CA GLU G 144 -35.06 -18.63 -50.15
C GLU G 144 -34.79 -19.87 -49.31
N ALA G 145 -34.35 -20.95 -49.95
CA ALA G 145 -34.08 -22.19 -49.22
C ALA G 145 -32.93 -22.01 -48.24
N CYS G 146 -31.90 -21.27 -48.64
CA CYS G 146 -30.72 -21.11 -47.79
C CYS G 146 -31.04 -20.27 -46.56
N TRP G 147 -32.07 -19.45 -46.63
CA TRP G 147 -32.36 -18.51 -45.56
C TRP G 147 -33.25 -19.15 -44.50
N TRP G 148 -32.98 -18.80 -43.24
CA TRP G 148 -33.72 -19.34 -42.11
C TRP G 148 -34.07 -18.23 -41.15
N THR G 149 -35.28 -18.29 -40.60
CA THR G 149 -35.77 -17.29 -39.66
C THR G 149 -35.93 -17.93 -38.29
N MET G 150 -35.38 -17.28 -37.26
CA MET G 150 -35.56 -17.72 -35.87
C MET G 150 -36.67 -16.94 -35.21
N HIS G 151 -37.51 -17.66 -34.45
CA HIS G 151 -38.53 -17.11 -33.58
C HIS G 151 -38.27 -17.60 -32.16
N PRO G 152 -38.52 -16.80 -31.14
CA PRO G 152 -38.20 -17.24 -29.77
C PRO G 152 -39.11 -18.37 -29.33
N ALA G 153 -38.50 -19.49 -28.95
CA ALA G 153 -39.29 -20.64 -28.49
C ALA G 153 -39.89 -20.38 -27.12
N SER G 154 -39.14 -19.75 -26.23
CA SER G 154 -39.65 -19.46 -24.90
C SER G 154 -40.69 -18.34 -24.98
N LYS G 155 -41.71 -18.44 -24.11
CA LYS G 155 -42.75 -17.43 -24.10
C LYS G 155 -42.20 -16.09 -23.63
N GLN G 156 -41.36 -16.10 -22.60
CA GLN G 156 -40.86 -14.85 -22.03
C GLN G 156 -40.05 -14.06 -23.05
N ARG G 157 -39.32 -14.75 -23.93
CA ARG G 157 -38.65 -14.08 -25.02
C ARG G 157 -39.67 -13.61 -26.05
N SER G 158 -39.43 -12.44 -26.64
CA SER G 158 -40.38 -11.82 -27.56
C SER G 158 -39.68 -11.44 -28.86
N GLU G 159 -40.47 -11.35 -29.93
CA GLU G 159 -39.93 -10.96 -31.22
C GLU G 159 -39.39 -9.54 -31.15
N GLY G 160 -38.31 -9.29 -31.89
CA GLY G 160 -37.62 -8.03 -31.80
C GLY G 160 -36.58 -7.96 -30.71
N GLU G 161 -36.47 -9.00 -29.88
CA GLU G 161 -35.42 -9.05 -28.87
C GLU G 161 -34.15 -9.66 -29.44
N LYS G 162 -33.01 -9.20 -28.93
CA LYS G 162 -31.74 -9.77 -29.35
C LYS G 162 -31.59 -11.20 -28.85
N VAL G 163 -30.93 -12.03 -29.67
CA VAL G 163 -30.80 -13.44 -29.35
C VAL G 163 -29.72 -13.64 -28.30
N ARG G 164 -30.02 -14.46 -27.30
CA ARG G 164 -29.15 -14.67 -26.14
C ARG G 164 -28.52 -16.06 -26.22
N VAL G 165 -27.29 -16.17 -25.75
CA VAL G 165 -26.57 -17.44 -25.80
C VAL G 165 -27.21 -18.43 -24.83
N GLY G 166 -27.48 -19.63 -25.34
CA GLY G 166 -28.07 -20.69 -24.54
C GLY G 166 -29.58 -20.69 -24.50
N ASP G 167 -30.23 -19.68 -25.07
CA ASP G 167 -31.69 -19.64 -25.10
C ASP G 167 -32.21 -20.69 -26.07
N ASP G 168 -33.37 -21.27 -25.73
CA ASP G 168 -34.04 -22.15 -26.68
C ASP G 168 -34.50 -21.33 -27.88
N LEU G 169 -34.61 -21.99 -29.03
CA LEU G 169 -34.83 -21.29 -30.28
C LEU G 169 -35.55 -22.19 -31.26
N ILE G 170 -36.45 -21.59 -32.03
CA ILE G 170 -37.15 -22.28 -33.12
C ILE G 170 -36.83 -21.55 -34.42
N LEU G 171 -36.52 -22.31 -35.46
CA LEU G 171 -36.07 -21.77 -36.73
C LEU G 171 -37.03 -22.20 -37.84
N VAL G 172 -37.32 -21.29 -38.76
CA VAL G 172 -38.24 -21.53 -39.85
C VAL G 172 -37.47 -21.45 -41.16
N SER G 173 -37.58 -22.48 -42.00
CA SER G 173 -37.02 -22.40 -43.34
C SER G 173 -37.83 -21.42 -44.16
N VAL G 174 -37.13 -20.44 -44.76
CA VAL G 174 -37.82 -19.36 -45.45
C VAL G 174 -38.60 -19.90 -46.66
N SER G 175 -37.96 -20.77 -47.44
CA SER G 175 -38.62 -21.29 -48.64
C SER G 175 -39.84 -22.14 -48.29
N SER G 176 -39.66 -23.10 -47.39
CA SER G 176 -40.71 -24.06 -47.09
C SER G 176 -41.59 -23.65 -45.92
N GLU G 177 -41.28 -22.54 -45.24
CA GLU G 177 -42.01 -22.12 -44.05
C GLU G 177 -42.10 -23.27 -43.04
N ARG G 178 -40.97 -23.95 -42.83
CA ARG G 178 -40.93 -25.19 -42.07
C ARG G 178 -39.91 -25.06 -40.95
N TYR G 179 -40.22 -25.67 -39.81
CA TYR G 179 -39.29 -25.66 -38.70
C TYR G 179 -38.26 -26.79 -38.85
N LEU G 180 -37.03 -26.49 -38.41
CA LEU G 180 -36.04 -27.54 -38.25
C LEU G 180 -36.48 -28.51 -37.17
N HIS G 181 -36.77 -29.75 -37.56
CA HIS G 181 -37.45 -30.68 -36.68
C HIS G 181 -36.66 -31.97 -36.55
N LEU G 182 -36.59 -32.47 -35.32
CA LEU G 182 -36.04 -33.78 -35.01
C LEU G 182 -37.18 -34.78 -34.94
N SER G 183 -37.09 -35.83 -35.75
CA SER G 183 -38.14 -36.84 -35.86
C SER G 183 -37.68 -38.14 -35.24
N THR G 184 -38.39 -38.58 -34.20
CA THR G 184 -38.14 -39.87 -33.59
C THR G 184 -38.94 -41.00 -34.23
N ALA G 185 -39.75 -40.68 -35.26
CA ALA G 185 -40.55 -41.72 -35.91
C ALA G 185 -39.68 -42.82 -36.47
N SER G 186 -38.63 -42.45 -37.21
CA SER G 186 -37.65 -43.43 -37.64
C SER G 186 -36.86 -43.94 -36.44
N GLY G 187 -36.35 -45.17 -36.56
CA GLY G 187 -35.58 -45.74 -35.47
C GLY G 187 -34.38 -44.89 -35.10
N GLU G 188 -33.63 -44.44 -36.10
CA GLU G 188 -32.54 -43.50 -35.85
C GLU G 188 -33.09 -42.09 -35.72
N LEU G 189 -32.37 -41.25 -34.97
CA LEU G 189 -32.78 -39.86 -34.84
C LEU G 189 -32.46 -39.11 -36.13
N GLN G 190 -33.48 -38.48 -36.70
CA GLN G 190 -33.36 -37.81 -37.99
C GLN G 190 -33.79 -36.36 -37.87
N VAL G 191 -33.05 -35.48 -38.54
CA VAL G 191 -33.33 -34.05 -38.55
C VAL G 191 -33.87 -33.70 -39.93
N ASP G 192 -34.99 -33.00 -39.95
CA ASP G 192 -35.63 -32.59 -41.20
C ASP G 192 -36.43 -31.32 -41.00
N ALA G 193 -36.68 -30.61 -42.10
CA ALA G 193 -37.54 -29.44 -42.05
C ALA G 193 -38.99 -29.88 -42.01
N SER G 194 -39.73 -29.38 -41.01
CA SER G 194 -41.09 -29.85 -40.82
C SER G 194 -41.96 -28.73 -40.28
N PHE G 195 -43.26 -28.95 -40.37
CA PHE G 195 -44.26 -27.97 -39.95
C PHE G 195 -44.37 -27.95 -38.44
N MET G 196 -44.13 -29.08 -37.79
CA MET G 196 -44.03 -29.12 -36.34
C MET G 196 -42.77 -28.42 -35.89
N GLN G 197 -42.77 -27.92 -34.65
CA GLN G 197 -41.59 -27.26 -34.13
C GLN G 197 -40.79 -28.21 -33.23
N THR G 198 -39.49 -27.94 -33.12
CA THR G 198 -38.58 -28.73 -32.29
C THR G 198 -37.52 -27.80 -31.72
N LEU G 199 -37.40 -27.78 -30.40
CA LEU G 199 -36.53 -26.81 -29.75
C LEU G 199 -35.08 -27.01 -30.15
N TRP G 200 -34.41 -25.91 -30.45
CA TRP G 200 -33.00 -25.90 -30.82
C TRP G 200 -32.25 -24.86 -30.00
N ASN G 201 -30.99 -25.14 -29.70
CA ASN G 201 -30.13 -24.22 -28.97
C ASN G 201 -28.86 -24.01 -29.76
N MET G 202 -28.46 -22.75 -29.92
CA MET G 202 -27.26 -22.39 -30.67
C MET G 202 -26.18 -21.95 -29.70
N ASN G 203 -25.11 -22.73 -29.61
CA ASN G 203 -24.00 -22.45 -28.73
C ASN G 203 -22.84 -21.89 -29.54
N PRO G 204 -22.18 -20.84 -29.08
CA PRO G 204 -21.12 -20.23 -29.88
C PRO G 204 -19.79 -20.96 -29.76
N ILE G 205 -19.17 -21.24 -30.89
CA ILE G 205 -17.85 -21.86 -30.88
C ILE G 205 -16.76 -20.80 -30.71
N CYS G 206 -16.74 -19.83 -31.62
CA CYS G 206 -15.78 -18.75 -31.56
C CYS G 206 -16.44 -17.47 -32.04
N SER G 207 -16.30 -16.40 -31.26
CA SER G 207 -16.90 -15.12 -31.65
C SER G 207 -16.01 -14.35 -32.61
N CYS G 208 -14.74 -14.18 -32.28
CA CYS G 208 -13.81 -13.48 -33.14
C CYS G 208 -12.43 -14.08 -32.97
N CYS G 209 -11.78 -14.34 -34.11
CA CYS G 209 -10.48 -15.00 -34.13
C CYS G 209 -9.39 -13.94 -34.14
N GLU G 210 -8.54 -13.98 -33.12
CA GLU G 210 -7.43 -13.03 -33.02
C GLU G 210 -6.26 -13.48 -33.88
N GLU G 211 -5.46 -12.51 -34.31
CA GLU G 211 -4.29 -12.83 -35.11
C GLU G 211 -3.27 -13.60 -34.28
N GLY G 212 -2.63 -14.59 -34.91
CA GLY G 212 -1.86 -15.55 -34.15
C GLY G 212 -2.81 -16.20 -33.16
N TYR G 213 -2.43 -16.17 -31.88
CA TYR G 213 -3.38 -16.31 -30.78
C TYR G 213 -4.23 -17.57 -30.95
N VAL G 214 -3.57 -18.73 -30.85
CA VAL G 214 -4.19 -19.99 -31.22
C VAL G 214 -5.51 -20.19 -30.51
N THR G 215 -6.48 -20.74 -31.25
CA THR G 215 -7.79 -21.05 -30.72
C THR G 215 -8.08 -22.53 -30.93
N GLY G 216 -8.99 -23.06 -30.12
CA GLY G 216 -9.39 -24.44 -30.28
C GLY G 216 -10.12 -24.68 -31.59
N GLY G 217 -10.01 -25.89 -32.09
CA GLY G 217 -10.60 -26.25 -33.37
C GLY G 217 -9.74 -25.93 -34.57
N HIS G 218 -8.60 -25.29 -34.38
CA HIS G 218 -7.70 -25.01 -35.49
C HIS G 218 -7.00 -26.28 -35.95
N VAL G 219 -6.62 -26.29 -37.23
CA VAL G 219 -5.86 -27.38 -37.82
C VAL G 219 -4.45 -26.87 -38.05
N LEU G 220 -3.46 -27.56 -37.48
CA LEU G 220 -2.09 -27.06 -37.50
C LEU G 220 -1.11 -28.22 -37.41
N ARG G 221 0.12 -27.96 -37.85
CA ARG G 221 1.22 -28.92 -37.73
C ARG G 221 2.23 -28.36 -36.75
N LEU G 222 2.54 -29.14 -35.71
CA LEU G 222 3.50 -28.71 -34.70
C LEU G 222 4.89 -29.24 -35.05
N PHE G 223 5.90 -28.38 -34.92
CA PHE G 223 7.26 -28.67 -35.36
C PHE G 223 8.14 -28.87 -34.13
N HIS G 224 8.79 -30.03 -34.04
CA HIS G 224 9.67 -30.29 -32.91
C HIS G 224 10.87 -29.35 -32.92
N GLY G 225 11.56 -29.27 -34.04
CA GLY G 225 12.67 -28.34 -34.18
C GLY G 225 12.23 -27.01 -34.75
N HIS G 226 13.22 -26.13 -34.92
CA HIS G 226 12.99 -24.84 -35.58
C HIS G 226 12.86 -25.12 -37.08
N MET G 227 11.62 -25.44 -37.45
CA MET G 227 11.06 -25.84 -38.75
C MET G 227 11.89 -26.96 -39.39
N ASP G 228 12.79 -27.61 -38.64
CA ASP G 228 13.49 -28.77 -39.17
C ASP G 228 12.53 -29.95 -39.38
N GLU G 229 11.72 -30.27 -38.37
CA GLU G 229 10.94 -31.50 -38.40
C GLU G 229 9.60 -31.26 -37.73
N CYS G 230 8.58 -31.99 -38.18
CA CYS G 230 7.23 -31.87 -37.67
C CYS G 230 6.70 -33.24 -37.31
N LEU G 231 5.93 -33.32 -36.22
CA LEU G 231 5.35 -34.58 -35.80
C LEU G 231 4.28 -35.03 -36.79
N THR G 232 4.37 -36.30 -37.21
CA THR G 232 3.45 -36.83 -38.20
C THR G 232 3.36 -38.34 -38.04
N ILE G 233 2.24 -38.90 -38.52
CA ILE G 233 2.12 -40.35 -38.58
C ILE G 233 2.81 -40.86 -39.84
N SER G 234 3.01 -42.18 -39.88
CA SER G 234 3.68 -42.80 -41.00
C SER G 234 2.85 -42.66 -42.27
N ALA G 235 3.55 -42.68 -43.41
CA ALA G 235 2.89 -42.50 -44.70
C ALA G 235 1.94 -43.65 -45.00
N ALA G 236 1.18 -43.50 -46.08
CA ALA G 236 0.18 -44.50 -46.45
C ALA G 236 0.85 -45.82 -46.84
N ASP G 237 0.11 -46.90 -46.66
CA ASP G 237 0.49 -48.28 -46.95
C ASP G 237 1.66 -48.76 -46.09
N SER G 238 2.00 -48.08 -45.00
CA SER G 238 3.07 -48.52 -44.14
C SER G 238 2.63 -49.71 -43.29
N ASP G 239 3.60 -50.50 -42.86
CA ASP G 239 3.30 -51.69 -42.06
C ASP G 239 2.78 -51.30 -40.68
N ASP G 240 3.21 -50.15 -40.17
CA ASP G 240 2.83 -49.75 -38.82
C ASP G 240 1.35 -49.39 -38.74
N GLN G 241 0.68 -49.30 -39.88
CA GLN G 241 -0.73 -48.91 -40.03
C GLN G 241 -0.95 -47.47 -39.57
N ARG G 242 0.08 -46.63 -39.59
CA ARG G 242 0.07 -45.23 -39.20
C ARG G 242 -0.37 -45.02 -37.76
N ARG G 243 -0.42 -46.08 -36.94
CA ARG G 243 -0.76 -45.90 -35.54
C ARG G 243 0.38 -45.24 -34.77
N LEU G 244 1.61 -45.42 -35.24
CA LEU G 244 2.76 -44.84 -34.57
C LEU G 244 3.04 -43.44 -35.10
N VAL G 245 3.57 -42.59 -34.22
CA VAL G 245 3.85 -41.18 -34.55
C VAL G 245 5.36 -40.97 -34.55
N TYR G 246 5.82 -40.06 -35.41
CA TYR G 246 7.24 -39.78 -35.59
C TYR G 246 7.44 -38.32 -35.97
N TYR G 247 8.64 -37.80 -35.69
CA TYR G 247 9.03 -36.52 -36.26
C TYR G 247 9.71 -36.74 -37.61
N GLU G 248 9.29 -35.98 -38.61
CA GLU G 248 9.81 -36.13 -39.96
C GLU G 248 10.07 -34.76 -40.56
N GLY G 249 11.01 -34.72 -41.50
CA GLY G 249 11.35 -33.50 -42.19
C GLY G 249 11.38 -33.71 -43.69
N GLY G 250 11.11 -32.64 -44.41
CA GLY G 250 11.09 -32.67 -45.87
C GLY G 250 9.71 -32.35 -46.42
N ALA G 251 9.27 -33.13 -47.41
CA ALA G 251 7.99 -32.87 -48.05
C ALA G 251 6.83 -33.20 -47.12
N VAL G 252 7.11 -33.91 -46.02
CA VAL G 252 6.05 -34.24 -45.07
C VAL G 252 5.47 -32.99 -44.45
N CYS G 253 6.28 -31.92 -44.36
CA CYS G 253 5.78 -30.66 -43.82
C CYS G 253 4.71 -30.06 -44.72
N THR G 254 4.78 -30.34 -46.03
CA THR G 254 3.75 -29.85 -46.94
C THR G 254 2.61 -30.85 -47.09
N HIS G 255 2.90 -32.13 -46.85
CA HIS G 255 1.87 -33.15 -47.02
C HIS G 255 0.81 -33.06 -45.92
N ALA G 256 -0.34 -33.66 -46.20
CA ALA G 256 -1.47 -33.56 -45.28
C ALA G 256 -1.30 -34.49 -44.08
N ARG G 257 -0.42 -35.49 -44.19
CA ARG G 257 -0.25 -36.44 -43.10
C ARG G 257 0.31 -35.75 -41.85
N SER G 258 1.00 -34.63 -42.03
CA SER G 258 1.55 -33.90 -40.89
C SER G 258 0.51 -32.98 -40.27
N LEU G 259 -0.64 -32.82 -40.94
CA LEU G 259 -1.65 -31.91 -40.43
C LEU G 259 -2.37 -32.52 -39.23
N TRP G 260 -2.48 -31.72 -38.17
CA TRP G 260 -3.10 -32.16 -36.93
C TRP G 260 -4.19 -31.18 -36.55
N ARG G 261 -5.21 -31.66 -35.84
CA ARG G 261 -6.28 -30.83 -35.33
C ARG G 261 -6.37 -31.01 -33.83
N LEU G 262 -6.40 -29.90 -33.10
CA LEU G 262 -6.53 -29.91 -31.65
C LEU G 262 -7.90 -29.34 -31.28
N GLU G 263 -8.66 -30.10 -30.49
CA GLU G 263 -9.96 -29.67 -30.05
C GLU G 263 -10.05 -29.79 -28.53
N PRO G 264 -10.36 -28.72 -27.81
CA PRO G 264 -10.59 -28.84 -26.37
C PRO G 264 -11.81 -29.69 -26.09
N LEU G 265 -11.79 -30.36 -24.93
CA LEU G 265 -12.89 -31.24 -24.54
C LEU G 265 -14.04 -30.42 -23.92
N ARG G 266 -14.46 -29.41 -24.67
CA ARG G 266 -15.63 -28.60 -24.33
C ARG G 266 -16.45 -28.44 -25.60
N ILE G 267 -17.71 -28.89 -25.55
CA ILE G 267 -18.59 -28.71 -26.71
C ILE G 267 -18.92 -27.25 -26.91
N SER G 268 -19.04 -26.50 -25.83
CA SER G 268 -19.34 -25.08 -25.92
C SER G 268 -18.06 -24.25 -25.85
N TRP G 269 -18.00 -23.23 -26.70
CA TRP G 269 -16.84 -22.34 -26.78
C TRP G 269 -15.56 -23.12 -27.06
N SER G 270 -15.68 -24.14 -27.91
CA SER G 270 -14.51 -24.92 -28.30
C SER G 270 -13.52 -24.08 -29.08
N GLY G 271 -14.01 -23.03 -29.75
CA GLY G 271 -13.14 -22.17 -30.52
C GLY G 271 -12.48 -21.08 -29.70
N SER G 272 -12.57 -21.16 -28.37
CA SER G 272 -11.92 -20.19 -27.52
C SER G 272 -10.39 -20.33 -27.64
N HIS G 273 -9.69 -19.26 -27.27
CA HIS G 273 -8.24 -19.29 -27.26
C HIS G 273 -7.74 -20.39 -26.33
N LEU G 274 -6.70 -21.10 -26.75
CA LEU G 274 -6.09 -22.08 -25.88
C LEU G 274 -5.32 -21.40 -24.75
N ARG G 275 -5.33 -22.06 -23.60
CA ARG G 275 -4.62 -21.59 -22.43
C ARG G 275 -3.49 -22.56 -22.10
N TRP G 276 -2.44 -22.05 -21.46
CA TRP G 276 -1.39 -22.92 -20.98
C TRP G 276 -1.94 -23.86 -19.92
N GLY G 277 -1.58 -25.14 -20.04
CA GLY G 277 -2.06 -26.14 -19.10
C GLY G 277 -3.56 -26.35 -19.14
N GLN G 278 -4.17 -26.19 -20.30
CA GLN G 278 -5.58 -26.49 -20.49
C GLN G 278 -5.72 -27.80 -21.24
N PRO G 279 -6.51 -28.74 -20.74
CA PRO G 279 -6.62 -30.04 -21.41
C PRO G 279 -7.21 -29.89 -22.81
N LEU G 280 -6.68 -30.68 -23.75
CA LEU G 280 -7.13 -30.65 -25.12
C LEU G 280 -6.95 -32.02 -25.74
N ARG G 281 -7.65 -32.24 -26.85
CA ARG G 281 -7.65 -33.51 -27.57
C ARG G 281 -7.10 -33.29 -28.96
N ILE G 282 -6.08 -34.07 -29.32
CA ILE G 282 -5.38 -33.91 -30.59
C ILE G 282 -5.79 -35.05 -31.51
N ARG G 283 -6.30 -34.70 -32.69
CA ARG G 283 -6.78 -35.66 -33.67
C ARG G 283 -6.02 -35.46 -34.98
N HIS G 284 -5.65 -36.57 -35.62
CA HIS G 284 -5.05 -36.50 -36.95
C HIS G 284 -6.15 -36.39 -37.99
N VAL G 285 -6.03 -35.40 -38.88
CA VAL G 285 -7.17 -35.01 -39.70
C VAL G 285 -7.47 -36.07 -40.76
N THR G 286 -6.46 -36.57 -41.46
CA THR G 286 -6.72 -37.47 -42.58
C THR G 286 -7.11 -38.85 -42.10
N THR G 287 -6.41 -39.38 -41.09
CA THR G 287 -6.74 -40.71 -40.59
C THR G 287 -7.99 -40.66 -39.71
N GLY G 288 -8.25 -39.53 -39.06
CA GLY G 288 -9.35 -39.44 -38.13
C GLY G 288 -9.07 -40.05 -36.78
N ARG G 289 -7.84 -40.50 -36.52
CA ARG G 289 -7.51 -41.16 -35.28
C ARG G 289 -6.92 -40.17 -34.27
N TYR G 290 -7.17 -40.44 -33.00
CA TYR G 290 -6.87 -39.50 -31.92
C TYR G 290 -5.58 -39.92 -31.22
N LEU G 291 -4.70 -38.94 -30.98
CA LEU G 291 -3.43 -39.22 -30.34
C LEU G 291 -3.62 -39.53 -28.86
N ALA G 292 -3.21 -40.73 -28.44
CA ALA G 292 -3.40 -41.19 -27.08
C ALA G 292 -2.18 -41.95 -26.63
N LEU G 293 -2.07 -42.14 -25.31
CA LEU G 293 -0.97 -42.89 -24.70
C LEU G 293 -1.50 -44.21 -24.17
N THR G 294 -1.09 -45.31 -24.81
CA THR G 294 -1.38 -46.64 -24.32
C THR G 294 -0.05 -47.27 -23.89
N GLU G 295 -0.01 -47.77 -22.64
CA GLU G 295 1.25 -48.21 -22.06
C GLU G 295 1.88 -49.35 -22.87
N ASP G 296 1.05 -50.18 -23.49
CA ASP G 296 1.56 -51.27 -24.32
C ASP G 296 2.28 -50.72 -25.55
N GLN G 297 1.73 -49.68 -26.16
CA GLN G 297 2.28 -49.12 -27.39
C GLN G 297 2.85 -47.72 -27.22
N GLY G 298 2.92 -47.20 -25.99
CA GLY G 298 3.45 -45.87 -25.78
C GLY G 298 2.56 -44.82 -26.43
N LEU G 299 3.19 -43.90 -27.16
CA LEU G 299 2.45 -42.85 -27.83
C LEU G 299 1.98 -43.32 -29.20
N VAL G 300 0.66 -43.39 -29.37
CA VAL G 300 0.05 -43.85 -30.61
C VAL G 300 -1.16 -42.99 -30.90
N VAL G 301 -1.80 -43.26 -32.03
CA VAL G 301 -3.07 -42.66 -32.41
C VAL G 301 -4.10 -43.77 -32.54
N VAL G 302 -5.26 -43.57 -31.93
CA VAL G 302 -6.28 -44.61 -31.82
C VAL G 302 -7.60 -44.10 -32.33
N ASP G 303 -8.50 -45.04 -32.64
CA ASP G 303 -9.82 -44.69 -33.12
C ASP G 303 -10.63 -43.99 -32.04
N ALA G 304 -11.51 -43.09 -32.47
CA ALA G 304 -12.31 -42.32 -31.52
C ALA G 304 -13.23 -43.23 -30.72
N CYS G 305 -13.84 -44.23 -31.38
CA CYS G 305 -14.76 -45.13 -30.68
C CYS G 305 -14.03 -45.92 -29.60
N LYS G 306 -12.83 -46.41 -29.90
CA LYS G 306 -12.09 -47.19 -28.92
C LYS G 306 -11.55 -46.30 -27.81
N ALA G 307 -11.15 -45.08 -28.14
CA ALA G 307 -10.50 -44.20 -27.18
C ALA G 307 -11.45 -43.83 -26.04
N HIS G 308 -11.03 -44.12 -24.81
CA HIS G 308 -11.75 -43.64 -23.64
C HIS G 308 -11.40 -42.18 -23.34
N THR G 309 -10.43 -41.65 -24.08
CA THR G 309 -10.01 -40.25 -24.21
C THR G 309 -9.28 -39.74 -22.96
N LYS G 310 -9.21 -40.51 -21.89
CA LYS G 310 -8.41 -40.08 -20.75
C LYS G 310 -6.93 -40.19 -21.06
N ALA G 311 -6.55 -41.17 -21.88
CA ALA G 311 -5.20 -41.21 -22.43
C ALA G 311 -5.04 -40.21 -23.56
N THR G 312 -6.14 -39.91 -24.27
CA THR G 312 -6.06 -39.03 -25.43
C THR G 312 -5.88 -37.58 -24.99
N SER G 313 -6.28 -37.24 -23.76
CA SER G 313 -6.21 -35.87 -23.31
C SER G 313 -4.77 -35.41 -23.16
N PHE G 314 -4.49 -34.19 -23.61
CA PHE G 314 -3.17 -33.59 -23.49
C PHE G 314 -3.33 -32.14 -23.10
N CYS G 315 -2.29 -31.59 -22.49
CA CYS G 315 -2.28 -30.19 -22.06
C CYS G 315 -0.99 -29.54 -22.52
N PHE G 316 -1.10 -28.33 -23.07
CA PHE G 316 0.06 -27.61 -23.54
C PHE G 316 0.70 -26.85 -22.37
N ARG G 317 2.02 -26.78 -22.35
CA ARG G 317 2.73 -26.16 -21.22
C ARG G 317 3.82 -25.25 -21.73
N VAL G 318 3.96 -24.08 -21.08
CA VAL G 318 4.96 -23.10 -21.49
C VAL G 318 6.35 -23.58 -21.13
N SER G 319 6.51 -24.21 -19.97
CA SER G 319 7.81 -24.65 -19.49
C SER G 319 7.73 -26.11 -19.06
N LYS G 320 8.87 -26.78 -19.06
CA LYS G 320 8.91 -28.20 -18.71
C LYS G 320 8.49 -28.41 -17.25
N GLU G 321 8.95 -27.55 -16.35
CA GLU G 321 8.52 -27.63 -14.97
C GLU G 321 7.09 -27.13 -14.86
N LYS G 322 6.26 -27.88 -14.13
CA LYS G 322 4.83 -27.61 -14.03
C LYS G 322 4.50 -27.08 -12.65
N LEU G 323 3.96 -25.87 -12.58
CA LEU G 323 3.55 -25.31 -11.29
C LEU G 323 2.35 -26.06 -10.73
N ASP G 324 1.35 -26.33 -11.57
CA ASP G 324 0.10 -26.97 -11.13
C ASP G 324 -0.55 -26.21 -9.98
N THR G 325 -0.50 -24.88 -10.05
CA THR G 325 -1.07 -24.06 -8.99
C THR G 325 -2.59 -24.22 -8.92
N ALA G 326 -3.25 -24.20 -10.07
CA ALA G 326 -4.70 -24.35 -10.14
C ALA G 326 -5.09 -24.92 -11.49
N PRO G 327 -6.07 -25.81 -11.52
CA PRO G 327 -6.52 -26.36 -12.81
C PRO G 327 -7.11 -25.28 -13.69
N LYS G 328 -6.88 -25.41 -14.99
CA LYS G 328 -7.44 -24.46 -15.95
C LYS G 328 -8.96 -24.55 -15.95
N ARG G 329 -9.61 -23.40 -15.85
CA ARG G 329 -11.07 -23.32 -15.72
C ARG G 329 -11.68 -22.88 -17.04
N ASP G 330 -12.71 -23.58 -17.47
CA ASP G 330 -13.41 -23.23 -18.70
C ASP G 330 -14.29 -22.01 -18.47
N VAL G 331 -14.21 -21.04 -19.39
CA VAL G 331 -15.02 -19.83 -19.33
C VAL G 331 -15.82 -19.74 -20.62
N GLU G 332 -16.93 -19.00 -20.54
CA GLU G 332 -17.86 -18.87 -21.67
C GLU G 332 -17.51 -17.63 -22.50
N GLY G 333 -16.23 -17.57 -22.89
CA GLY G 333 -15.76 -16.49 -23.72
C GLY G 333 -14.49 -16.87 -24.42
N MET G 334 -14.08 -16.02 -25.37
CA MET G 334 -12.80 -16.24 -26.04
C MET G 334 -11.64 -16.16 -25.07
N GLY G 335 -11.69 -15.21 -24.13
CA GLY G 335 -10.73 -15.16 -23.06
C GLY G 335 -9.37 -14.65 -23.49
N PRO G 336 -8.47 -14.49 -22.52
CA PRO G 336 -7.11 -14.06 -22.84
C PRO G 336 -6.32 -15.19 -23.46
N PRO G 337 -5.67 -14.95 -24.59
CA PRO G 337 -4.83 -15.97 -25.22
C PRO G 337 -3.36 -15.89 -24.80
N GLU G 338 -2.73 -17.03 -24.55
CA GLU G 338 -1.33 -17.04 -24.16
C GLU G 338 -0.41 -17.69 -25.20
N ILE G 339 -0.97 -18.34 -26.22
CA ILE G 339 -0.18 -19.15 -27.16
C ILE G 339 -0.24 -18.49 -28.53
N LYS G 340 0.93 -18.38 -29.18
CA LYS G 340 1.06 -17.66 -30.43
C LYS G 340 1.32 -18.62 -31.58
N TYR G 341 1.11 -18.12 -32.80
CA TYR G 341 1.40 -18.85 -34.03
C TYR G 341 2.85 -18.59 -34.44
N GLY G 342 3.71 -19.58 -34.22
CA GLY G 342 5.09 -19.48 -34.63
C GLY G 342 6.02 -18.81 -33.64
N GLU G 343 5.51 -18.35 -32.50
CA GLU G 343 6.33 -17.69 -31.50
C GLU G 343 6.38 -18.44 -30.18
N SER G 344 5.23 -18.82 -29.63
CA SER G 344 5.22 -19.49 -28.34
C SER G 344 5.89 -20.86 -28.43
N LEU G 345 6.59 -21.21 -27.36
CA LEU G 345 7.25 -22.51 -27.25
C LEU G 345 6.39 -23.41 -26.38
N CYS G 346 6.05 -24.59 -26.89
CA CYS G 346 4.97 -25.39 -26.36
C CYS G 346 5.47 -26.77 -25.92
N PHE G 347 5.22 -27.11 -24.66
CA PHE G 347 5.53 -28.42 -24.11
C PHE G 347 4.24 -29.22 -23.97
N VAL G 348 4.26 -30.46 -24.44
CA VAL G 348 3.08 -31.33 -24.47
C VAL G 348 3.26 -32.44 -23.44
N GLN G 349 2.29 -32.58 -22.54
CA GLN G 349 2.27 -33.68 -21.58
C GLN G 349 0.86 -34.25 -21.50
N HIS G 350 0.77 -35.57 -21.41
CA HIS G 350 -0.51 -36.22 -21.21
C HIS G 350 -0.98 -35.95 -19.78
N VAL G 351 -2.22 -35.47 -19.65
CA VAL G 351 -2.68 -34.92 -18.37
C VAL G 351 -2.67 -35.98 -17.29
N ALA G 352 -3.22 -37.17 -17.58
CA ALA G 352 -3.35 -38.20 -16.56
C ALA G 352 -2.00 -38.75 -16.15
N SER G 353 -1.17 -39.13 -17.12
CA SER G 353 0.12 -39.74 -16.80
C SER G 353 1.14 -38.69 -16.36
N GLY G 354 1.09 -37.50 -16.95
CA GLY G 354 2.12 -36.51 -16.71
C GLY G 354 3.37 -36.70 -17.54
N LEU G 355 3.43 -37.74 -18.37
CA LEU G 355 4.59 -37.98 -19.21
C LEU G 355 4.77 -36.85 -20.22
N TRP G 356 6.03 -36.51 -20.49
CA TRP G 356 6.38 -35.41 -21.37
C TRP G 356 6.79 -35.95 -22.74
N LEU G 357 6.29 -35.32 -23.80
CA LEU G 357 6.61 -35.77 -25.15
C LEU G 357 8.03 -35.36 -25.51
N THR G 358 8.85 -36.36 -25.84
CA THR G 358 10.26 -36.15 -26.15
C THR G 358 10.60 -36.82 -27.48
N TYR G 359 11.80 -36.52 -27.98
CA TYR G 359 12.24 -37.11 -29.22
C TYR G 359 12.66 -38.56 -29.02
N ALA G 360 12.89 -39.24 -30.15
CA ALA G 360 13.23 -40.66 -30.10
C ALA G 360 14.58 -40.88 -29.43
N ALA G 361 15.54 -40.00 -29.70
CA ALA G 361 16.96 -40.23 -29.37
C ALA G 361 17.37 -41.58 -29.96
N PRO G 362 17.41 -41.70 -31.29
CA PRO G 362 17.63 -43.01 -31.90
C PRO G 362 19.03 -43.54 -31.64
N ASP G 363 19.14 -44.86 -31.62
CA ASP G 363 20.44 -45.50 -31.48
C ASP G 363 21.30 -45.23 -32.72
N PRO G 364 22.63 -45.30 -32.58
CA PRO G 364 23.49 -45.04 -33.73
C PRO G 364 23.27 -46.06 -34.84
N LYS G 365 23.83 -45.76 -36.02
CA LYS G 365 23.67 -46.45 -37.29
C LYS G 365 22.32 -46.10 -37.91
N ALA G 366 21.45 -45.38 -37.20
CA ALA G 366 20.19 -44.93 -37.78
C ALA G 366 20.42 -44.05 -38.99
N LEU G 367 21.54 -43.30 -39.00
CA LEU G 367 21.86 -42.47 -40.15
C LEU G 367 22.20 -43.33 -41.37
N ARG G 368 22.64 -44.57 -41.14
CA ARG G 368 22.90 -45.46 -42.28
C ARG G 368 21.62 -45.78 -43.02
N LEU G 369 20.54 -46.10 -42.30
CA LEU G 369 19.23 -46.14 -42.94
C LEU G 369 18.84 -44.77 -43.46
N GLY G 370 19.31 -43.71 -42.80
CA GLY G 370 19.10 -42.36 -43.26
C GLY G 370 17.68 -41.87 -43.20
N VAL G 371 16.79 -42.62 -42.53
CA VAL G 371 15.38 -42.30 -42.55
C VAL G 371 15.08 -41.18 -41.58
N LEU G 372 14.29 -40.20 -42.03
CA LEU G 372 14.07 -38.99 -41.26
C LEU G 372 13.24 -39.26 -40.01
N LYS G 373 12.39 -40.29 -40.04
CA LYS G 373 11.40 -40.50 -38.99
C LYS G 373 12.05 -40.94 -37.69
N LYS G 374 11.58 -40.36 -36.58
CA LYS G 374 12.07 -40.65 -35.24
C LYS G 374 10.87 -40.88 -34.32
N LYS G 375 10.79 -42.07 -33.75
CA LYS G 375 9.62 -42.46 -32.99
C LYS G 375 9.43 -41.56 -31.78
N ALA G 376 8.37 -40.75 -31.81
CA ALA G 376 8.07 -39.88 -30.69
C ALA G 376 7.64 -40.70 -29.48
N ILE G 377 8.24 -40.38 -28.33
CA ILE G 377 8.01 -41.13 -27.10
C ILE G 377 7.73 -40.15 -25.97
N LEU G 378 7.13 -40.66 -24.90
CA LEU G 378 6.82 -39.87 -23.71
C LEU G 378 7.75 -40.29 -22.58
N HIS G 379 8.69 -39.41 -22.23
CA HIS G 379 9.66 -39.64 -21.18
C HIS G 379 9.37 -38.67 -20.03
N GLN G 380 9.42 -39.19 -18.81
CA GLN G 380 9.04 -38.39 -17.64
C GLN G 380 9.96 -37.19 -17.46
N GLU G 381 11.27 -37.40 -17.63
CA GLU G 381 12.22 -36.32 -17.42
C GLU G 381 12.09 -35.24 -18.50
N GLY G 382 11.82 -35.65 -19.73
CA GLY G 382 11.74 -34.71 -20.82
C GLY G 382 13.10 -34.26 -21.30
N HIS G 383 13.08 -33.31 -22.23
CA HIS G 383 14.30 -32.81 -22.86
C HIS G 383 14.14 -31.32 -23.14
N MET G 384 15.28 -30.68 -23.42
CA MET G 384 15.27 -29.23 -23.60
C MET G 384 14.54 -28.83 -24.86
N ASP G 385 14.83 -29.47 -25.99
CA ASP G 385 14.24 -29.10 -27.27
C ASP G 385 12.92 -29.82 -27.54
N ASP G 386 12.24 -30.29 -26.50
CA ASP G 386 10.96 -30.95 -26.71
C ASP G 386 9.89 -29.95 -27.12
N ALA G 387 10.10 -28.67 -26.84
CA ALA G 387 9.08 -27.66 -27.10
C ALA G 387 8.87 -27.46 -28.59
N LEU G 388 7.65 -27.10 -28.96
CA LEU G 388 7.23 -27.00 -30.36
C LEU G 388 6.58 -25.64 -30.61
N PHE G 389 6.58 -25.24 -31.87
CA PHE G 389 5.78 -24.11 -32.34
C PHE G 389 4.55 -24.63 -33.08
N LEU G 390 3.43 -23.93 -32.91
CA LEU G 390 2.25 -24.22 -33.71
C LEU G 390 2.25 -23.36 -34.97
N THR G 391 2.07 -23.99 -36.12
CA THR G 391 2.15 -23.33 -37.40
C THR G 391 0.78 -23.32 -38.06
N ARG G 392 0.37 -22.17 -38.58
CA ARG G 392 -0.91 -22.05 -39.25
C ARG G 392 -0.97 -22.91 -40.49
N CYS G 393 -2.10 -23.58 -40.69
CA CYS G 393 -2.38 -24.34 -41.90
C CYS G 393 -3.45 -23.61 -42.70
N GLN G 394 -3.30 -23.62 -44.01
CA GLN G 394 -4.20 -22.84 -44.86
C GLN G 394 -5.55 -23.54 -45.01
N GLN G 395 -6.56 -22.73 -45.32
CA GLN G 395 -7.93 -23.23 -45.37
C GLN G 395 -8.09 -24.31 -46.42
N GLU G 396 -7.51 -24.12 -47.61
CA GLU G 396 -7.71 -25.08 -48.68
C GLU G 396 -7.05 -26.40 -48.34
N GLU G 397 -5.91 -26.38 -47.64
CA GLU G 397 -5.23 -27.63 -47.30
C GLU G 397 -5.96 -28.34 -46.17
N SER G 398 -6.50 -27.60 -45.20
CA SER G 398 -7.31 -28.24 -44.17
C SER G 398 -8.56 -28.89 -44.78
N GLN G 399 -9.23 -28.16 -45.68
CA GLN G 399 -10.40 -28.72 -46.34
C GLN G 399 -10.03 -29.93 -47.17
N ALA G 400 -8.90 -29.88 -47.87
CA ALA G 400 -8.46 -31.01 -48.67
C ALA G 400 -8.20 -32.23 -47.80
N ALA G 401 -7.59 -32.04 -46.64
CA ALA G 401 -7.36 -33.15 -45.73
C ALA G 401 -8.67 -33.76 -45.25
N ARG G 402 -9.65 -32.91 -44.91
CA ARG G 402 -10.93 -33.44 -44.45
C ARG G 402 -11.65 -34.23 -45.55
N MET G 403 -11.66 -33.69 -46.77
CA MET G 403 -12.26 -34.44 -47.88
C MET G 403 -11.50 -35.72 -48.16
N ILE G 404 -10.18 -35.71 -47.99
CA ILE G 404 -9.40 -36.93 -48.16
C ILE G 404 -9.86 -37.98 -47.17
N HIS G 405 -10.03 -37.59 -45.91
CA HIS G 405 -10.51 -38.53 -44.90
C HIS G 405 -11.87 -39.11 -45.28
N SER G 406 -12.83 -38.23 -45.60
CA SER G 406 -14.18 -38.71 -45.89
C SER G 406 -14.21 -39.59 -47.13
N THR G 407 -13.53 -39.16 -48.20
CA THR G 407 -13.51 -39.93 -49.43
C THR G 407 -12.84 -41.27 -49.25
N ALA G 408 -11.74 -41.30 -48.49
CA ALA G 408 -11.06 -42.57 -48.22
C ALA G 408 -11.98 -43.52 -47.48
N GLY G 409 -12.69 -43.02 -46.47
CA GLY G 409 -13.62 -43.89 -45.76
C GLY G 409 -14.72 -44.44 -46.66
N LEU G 410 -15.34 -43.56 -47.46
CA LEU G 410 -16.43 -44.00 -48.32
C LEU G 410 -15.95 -45.01 -49.36
N TYR G 411 -14.81 -44.74 -49.99
CA TYR G 411 -14.31 -45.63 -51.03
C TYR G 411 -13.84 -46.96 -50.44
N ASN G 412 -13.28 -46.93 -49.23
CA ASN G 412 -12.92 -48.18 -48.57
C ASN G 412 -14.16 -49.02 -48.27
N GLN G 413 -15.25 -48.38 -47.83
CA GLN G 413 -16.48 -49.12 -47.60
C GLN G 413 -17.03 -49.71 -48.90
N PHE G 414 -16.97 -48.93 -49.98
CA PHE G 414 -17.42 -49.42 -51.28
C PHE G 414 -16.61 -50.63 -51.74
N ILE G 415 -15.28 -50.54 -51.60
CA ILE G 415 -14.40 -51.66 -51.98
C ILE G 415 -14.70 -52.87 -51.12
N LYS G 416 -14.94 -52.66 -49.82
CA LYS G 416 -15.25 -53.77 -48.94
C LYS G 416 -16.53 -54.46 -49.37
N GLY G 417 -17.56 -53.69 -49.74
CA GLY G 417 -18.78 -54.32 -50.24
C GLY G 417 -18.55 -55.10 -51.52
N LEU G 418 -17.80 -54.53 -52.46
CA LEU G 418 -17.54 -55.22 -53.71
C LEU G 418 -16.79 -56.53 -53.47
N ASP G 419 -15.79 -56.52 -52.58
CA ASP G 419 -15.09 -57.74 -52.26
C ASP G 419 -16.00 -58.72 -51.54
N SER G 420 -16.95 -58.21 -50.75
CA SER G 420 -17.87 -59.09 -50.03
C SER G 420 -18.73 -59.87 -50.99
N PHE G 421 -19.26 -59.22 -52.03
CA PHE G 421 -20.13 -59.93 -52.97
C PHE G 421 -19.37 -60.55 -54.14
N SER G 422 -18.05 -60.36 -54.22
CA SER G 422 -17.32 -60.76 -55.42
C SER G 422 -17.27 -62.28 -55.57
N GLY G 423 -17.04 -62.99 -54.46
CA GLY G 423 -16.71 -64.40 -54.57
C GLY G 423 -17.82 -65.25 -55.14
N LYS G 424 -19.05 -65.05 -54.67
CA LYS G 424 -20.16 -65.94 -54.99
C LYS G 424 -21.25 -65.17 -55.73
N PRO G 425 -21.77 -65.71 -56.82
CA PRO G 425 -22.88 -65.04 -57.51
C PRO G 425 -24.11 -64.99 -56.64
N ARG G 426 -24.78 -63.83 -56.66
CA ARG G 426 -26.02 -63.69 -55.89
C ARG G 426 -27.10 -64.60 -56.41
N GLY G 427 -27.24 -64.70 -57.74
CA GLY G 427 -28.25 -65.56 -58.32
C GLY G 427 -29.64 -65.02 -58.13
N SER G 428 -30.62 -65.90 -58.37
CA SER G 428 -32.04 -65.55 -58.24
C SER G 428 -32.41 -65.56 -56.75
N GLY G 429 -31.84 -64.58 -56.03
CA GLY G 429 -32.08 -64.46 -54.61
C GLY G 429 -31.57 -63.14 -54.08
N PRO G 430 -31.74 -62.91 -52.79
CA PRO G 430 -31.24 -61.66 -52.18
C PRO G 430 -29.72 -61.59 -52.24
N PRO G 431 -29.16 -60.39 -52.42
CA PRO G 431 -27.70 -60.26 -52.36
C PRO G 431 -27.11 -60.68 -51.03
N ALA G 432 -27.88 -60.57 -49.95
CA ALA G 432 -27.48 -61.04 -48.62
C ALA G 432 -26.18 -60.38 -48.16
N GLY G 433 -26.04 -59.09 -48.43
CA GLY G 433 -24.89 -58.33 -48.00
C GLY G 433 -25.23 -56.88 -47.74
N PRO G 434 -24.32 -56.15 -47.10
CA PRO G 434 -24.53 -54.72 -46.90
C PRO G 434 -24.68 -54.00 -48.24
N ALA G 435 -25.61 -53.05 -48.27
CA ALA G 435 -25.90 -52.35 -49.52
C ALA G 435 -24.74 -51.48 -49.94
N LEU G 436 -24.42 -51.52 -51.22
CA LEU G 436 -23.38 -50.65 -51.76
C LEU G 436 -23.84 -49.20 -51.74
N PRO G 437 -23.01 -48.28 -51.24
CA PRO G 437 -23.38 -46.86 -51.24
C PRO G 437 -23.18 -46.22 -52.60
N ILE G 438 -23.99 -46.66 -53.58
CA ILE G 438 -23.78 -46.25 -54.96
C ILE G 438 -24.10 -44.77 -55.15
N GLU G 439 -25.16 -44.27 -54.51
CA GLU G 439 -25.52 -42.87 -54.67
C GLU G 439 -24.48 -41.96 -54.01
N ALA G 440 -24.00 -42.35 -52.83
CA ALA G 440 -22.97 -41.58 -52.16
C ALA G 440 -21.68 -41.59 -52.96
N VAL G 441 -21.34 -42.74 -53.55
CA VAL G 441 -20.13 -42.84 -54.36
C VAL G 441 -20.24 -41.96 -55.60
N ILE G 442 -21.39 -41.96 -56.26
CA ILE G 442 -21.59 -41.13 -57.43
C ILE G 442 -21.49 -39.66 -57.07
N LEU G 443 -22.14 -39.25 -55.99
CA LEU G 443 -22.10 -37.85 -55.57
C LEU G 443 -20.68 -37.44 -55.20
N SER G 444 -19.96 -38.30 -54.48
CA SER G 444 -18.58 -37.99 -54.10
C SER G 444 -17.69 -37.87 -55.33
N LEU G 445 -17.86 -38.77 -56.30
CA LEU G 445 -17.08 -38.69 -57.52
C LEU G 445 -17.34 -37.40 -58.26
N GLN G 446 -18.61 -37.02 -58.40
CA GLN G 446 -18.92 -35.76 -59.08
C GLN G 446 -18.34 -34.57 -58.34
N ASP G 447 -18.45 -34.55 -57.01
CA ASP G 447 -17.89 -33.46 -56.24
C ASP G 447 -16.37 -33.40 -56.39
N LEU G 448 -15.70 -34.54 -56.42
CA LEU G 448 -14.25 -34.56 -56.57
C LEU G 448 -13.85 -34.06 -57.96
N ILE G 449 -14.60 -34.44 -58.99
CA ILE G 449 -14.31 -33.95 -60.34
C ILE G 449 -14.48 -32.45 -60.39
N GLY G 450 -15.54 -31.92 -59.78
CA GLY G 450 -15.69 -30.48 -59.69
C GLY G 450 -14.57 -29.83 -58.90
N TYR G 451 -14.06 -30.55 -57.90
CA TYR G 451 -12.94 -30.06 -57.10
C TYR G 451 -11.68 -29.92 -57.94
N PHE G 452 -11.41 -30.89 -58.81
CA PHE G 452 -10.18 -30.94 -59.55
C PHE G 452 -10.30 -30.38 -60.97
N GLU G 453 -11.35 -29.61 -61.26
CA GLU G 453 -11.51 -29.08 -62.61
C GLU G 453 -10.41 -28.05 -62.88
N PRO G 454 -9.92 -27.96 -64.11
CA PRO G 454 -8.93 -26.94 -64.42
C PRO G 454 -9.56 -25.55 -64.39
N PRO G 455 -8.77 -24.52 -64.07
CA PRO G 455 -9.31 -23.15 -64.11
C PRO G 455 -9.72 -22.76 -65.52
N SER G 456 -10.77 -21.95 -65.62
CA SER G 456 -11.26 -21.54 -66.92
C SER G 456 -10.27 -20.61 -67.61
N GLU G 457 -10.30 -20.62 -68.94
CA GLU G 457 -9.29 -19.90 -69.71
C GLU G 457 -9.53 -18.39 -69.66
N GLU G 458 -10.80 -17.98 -69.66
CA GLU G 458 -11.11 -16.56 -69.84
C GLU G 458 -10.61 -15.71 -68.69
N LEU G 459 -10.41 -16.30 -67.51
CA LEU G 459 -9.95 -15.52 -66.38
C LEU G 459 -8.46 -15.20 -66.54
N GLN G 460 -8.05 -14.09 -65.90
CA GLN G 460 -6.77 -13.47 -66.20
C GLN G 460 -5.60 -14.39 -65.88
N HIS G 461 -4.43 -14.03 -66.41
CA HIS G 461 -3.29 -14.95 -66.42
C HIS G 461 -2.73 -15.16 -65.02
N GLU G 462 -2.63 -14.09 -64.21
CA GLU G 462 -2.03 -14.24 -62.89
C GLU G 462 -2.90 -15.08 -61.96
N GLU G 463 -4.21 -14.80 -61.95
CA GLU G 463 -5.12 -15.63 -61.17
C GLU G 463 -5.20 -17.03 -61.73
N LYS G 464 -5.01 -17.19 -63.05
CA LYS G 464 -4.91 -18.52 -63.63
C LYS G 464 -3.71 -19.28 -63.08
N GLN G 465 -2.57 -18.59 -62.96
CA GLN G 465 -1.39 -19.21 -62.37
C GLN G 465 -1.65 -19.60 -60.92
N SER G 466 -2.31 -18.71 -60.17
CA SER G 466 -2.59 -19.00 -58.77
C SER G 466 -3.50 -20.23 -58.62
N LYS G 467 -4.59 -20.26 -59.39
CA LYS G 467 -5.51 -21.41 -59.33
C LYS G 467 -4.82 -22.68 -59.83
N LEU G 468 -3.95 -22.55 -60.83
CA LEU G 468 -3.21 -23.71 -61.32
C LEU G 468 -2.31 -24.28 -60.24
N ARG G 469 -1.58 -23.42 -59.53
CA ARG G 469 -0.70 -23.91 -58.48
C ARG G 469 -1.49 -24.51 -57.32
N SER G 470 -2.66 -23.92 -57.02
CA SER G 470 -3.53 -24.52 -56.01
C SER G 470 -3.99 -25.91 -56.45
N LEU G 471 -4.36 -26.05 -57.72
CA LEU G 471 -4.80 -27.35 -58.23
C LEU G 471 -3.69 -28.37 -58.17
N ARG G 472 -2.47 -27.98 -58.54
CA ARG G 472 -1.33 -28.89 -58.43
C ARG G 472 -1.09 -29.31 -56.99
N ASN G 473 -1.20 -28.37 -56.06
CA ASN G 473 -0.98 -28.69 -54.66
C ASN G 473 -2.04 -29.68 -54.16
N ARG G 474 -3.30 -29.47 -54.54
CA ARG G 474 -4.36 -30.38 -54.13
C ARG G 474 -4.18 -31.77 -54.74
N GLN G 475 -3.80 -31.82 -56.02
CA GLN G 475 -3.54 -33.11 -56.66
C GLN G 475 -2.40 -33.83 -55.96
N SER G 476 -1.33 -33.10 -55.62
CA SER G 476 -0.21 -33.71 -54.92
C SER G 476 -0.63 -34.23 -53.55
N LEU G 477 -1.45 -33.47 -52.83
CA LEU G 477 -1.91 -33.92 -51.52
C LEU G 477 -2.72 -35.21 -51.63
N PHE G 478 -3.67 -35.25 -52.57
CA PHE G 478 -4.48 -36.45 -52.75
C PHE G 478 -3.62 -37.63 -53.17
N GLN G 479 -2.60 -37.39 -54.01
CA GLN G 479 -1.70 -38.47 -54.39
C GLN G 479 -0.94 -38.99 -53.19
N GLU G 480 -0.40 -38.09 -52.36
CA GLU G 480 0.36 -38.50 -51.18
C GLU G 480 -0.49 -39.34 -50.24
N GLU G 481 -1.76 -38.96 -50.06
CA GLU G 481 -2.60 -39.71 -49.13
C GLU G 481 -3.08 -41.02 -49.72
N GLY G 482 -2.90 -41.21 -51.03
CA GLY G 482 -3.21 -42.48 -51.66
C GLY G 482 -4.59 -42.60 -52.26
N MET G 483 -5.32 -41.50 -52.41
CA MET G 483 -6.64 -41.56 -53.03
C MET G 483 -6.54 -42.04 -54.47
N LEU G 484 -5.43 -41.75 -55.14
CA LEU G 484 -5.24 -42.25 -56.50
C LEU G 484 -5.17 -43.78 -56.50
N SER G 485 -4.42 -44.35 -55.58
CA SER G 485 -4.35 -45.81 -55.48
C SER G 485 -5.71 -46.39 -55.11
N LEU G 486 -6.46 -45.69 -54.25
CA LEU G 486 -7.80 -46.14 -53.92
C LEU G 486 -8.70 -46.16 -55.14
N VAL G 487 -8.61 -45.12 -55.98
CA VAL G 487 -9.39 -45.07 -57.21
C VAL G 487 -9.01 -46.22 -58.13
N LEU G 488 -7.71 -46.51 -58.24
CA LEU G 488 -7.28 -47.64 -59.04
C LEU G 488 -7.85 -48.95 -58.53
N ASN G 489 -7.87 -49.13 -57.20
CA ASN G 489 -8.44 -50.36 -56.63
C ASN G 489 -9.93 -50.47 -56.94
N CYS G 490 -10.67 -49.37 -56.83
CA CYS G 490 -12.09 -49.40 -57.18
C CYS G 490 -12.27 -49.74 -58.66
N ILE G 491 -11.44 -49.16 -59.52
CA ILE G 491 -11.53 -49.42 -60.95
C ILE G 491 -11.29 -50.90 -61.24
N ASP G 492 -10.27 -51.49 -60.60
CA ASP G 492 -10.01 -52.91 -60.80
C ASP G 492 -11.18 -53.77 -60.31
N ARG G 493 -11.70 -53.47 -59.11
CA ARG G 493 -12.83 -54.21 -58.57
C ARG G 493 -14.01 -54.19 -59.54
N LEU G 494 -14.28 -53.04 -60.14
CA LEU G 494 -15.38 -52.96 -61.09
C LEU G 494 -15.01 -53.60 -62.42
N ASN G 495 -13.71 -53.66 -62.73
CA ASN G 495 -13.28 -54.17 -64.03
C ASN G 495 -13.26 -55.69 -64.06
N VAL G 496 -13.33 -56.32 -62.89
CA VAL G 496 -13.43 -57.78 -62.89
C VAL G 496 -14.73 -58.24 -63.55
N TYR G 497 -15.69 -57.33 -63.68
CA TYR G 497 -16.96 -57.65 -64.33
C TYR G 497 -16.98 -57.04 -65.74
N THR G 498 -17.33 -57.86 -66.73
CA THR G 498 -17.24 -57.43 -68.12
C THR G 498 -18.35 -56.47 -68.50
N THR G 499 -19.58 -56.75 -68.06
CA THR G 499 -20.73 -55.97 -68.48
C THR G 499 -21.68 -55.73 -67.33
N ALA G 500 -22.71 -54.93 -67.60
CA ALA G 500 -23.66 -54.53 -66.56
C ALA G 500 -24.42 -55.73 -66.01
N ALA G 501 -24.87 -56.63 -66.89
CA ALA G 501 -25.62 -57.80 -66.42
C ALA G 501 -24.72 -58.75 -65.65
N HIS G 502 -23.46 -58.90 -66.10
CA HIS G 502 -22.52 -59.73 -65.37
C HIS G 502 -22.26 -59.19 -63.97
N PHE G 503 -22.13 -57.87 -63.85
CA PHE G 503 -22.01 -57.25 -62.55
C PHE G 503 -23.29 -57.44 -61.74
N ALA G 504 -24.45 -57.35 -62.39
CA ALA G 504 -25.73 -57.42 -61.69
C ALA G 504 -25.94 -58.78 -61.06
N GLU G 505 -25.58 -59.85 -61.77
CA GLU G 505 -25.85 -61.19 -61.25
C GLU G 505 -25.08 -61.45 -59.96
N TYR G 506 -24.05 -60.64 -59.67
CA TYR G 506 -23.38 -60.72 -58.39
C TYR G 506 -23.90 -59.67 -57.41
N ALA G 507 -24.16 -58.46 -57.88
CA ALA G 507 -24.48 -57.33 -57.02
C ALA G 507 -25.95 -56.97 -57.00
N GLY G 508 -26.80 -57.70 -57.72
CA GLY G 508 -28.20 -57.37 -57.77
C GLY G 508 -28.54 -56.43 -58.91
N GLU G 509 -29.81 -56.43 -59.29
CA GLU G 509 -30.25 -55.64 -60.44
C GLU G 509 -30.21 -54.15 -60.15
N GLU G 510 -30.49 -53.76 -58.90
CA GLU G 510 -30.61 -52.34 -58.60
C GLU G 510 -29.25 -51.65 -58.58
N ALA G 511 -28.16 -52.41 -58.49
CA ALA G 511 -26.83 -51.81 -58.51
C ALA G 511 -26.28 -51.76 -59.93
N ALA G 512 -26.93 -52.44 -60.87
CA ALA G 512 -26.40 -52.54 -62.23
C ALA G 512 -26.46 -51.19 -62.96
N GLU G 513 -27.58 -50.47 -62.82
CA GLU G 513 -27.77 -49.27 -63.62
C GLU G 513 -26.76 -48.19 -63.26
N SER G 514 -26.15 -48.28 -62.08
CA SER G 514 -25.18 -47.27 -61.68
C SER G 514 -23.76 -47.70 -62.01
N TRP G 515 -23.58 -48.94 -62.47
CA TRP G 515 -22.23 -49.48 -62.64
C TRP G 515 -21.46 -48.76 -63.74
N LYS G 516 -22.09 -48.59 -64.90
CA LYS G 516 -21.42 -47.91 -66.01
C LYS G 516 -21.09 -46.46 -65.65
N GLU G 517 -22.04 -45.78 -65.02
CA GLU G 517 -21.80 -44.40 -64.60
C GLU G 517 -20.66 -44.33 -63.60
N ILE G 518 -20.58 -45.28 -62.67
CA ILE G 518 -19.53 -45.25 -61.68
C ILE G 518 -18.16 -45.48 -62.32
N VAL G 519 -18.08 -46.42 -63.26
CA VAL G 519 -16.77 -46.65 -63.90
C VAL G 519 -16.36 -45.43 -64.73
N ASN G 520 -17.32 -44.80 -65.43
CA ASN G 520 -16.99 -43.61 -66.20
C ASN G 520 -16.54 -42.48 -65.29
N LEU G 521 -17.23 -42.30 -64.16
CA LEU G 521 -16.86 -41.25 -63.22
C LEU G 521 -15.48 -41.54 -62.61
N LEU G 522 -15.17 -42.80 -62.32
CA LEU G 522 -13.87 -43.14 -61.77
C LEU G 522 -12.76 -42.84 -62.76
N TYR G 523 -12.96 -43.18 -64.04
CA TYR G 523 -11.94 -42.86 -65.03
C TYR G 523 -11.78 -41.35 -65.20
N GLU G 524 -12.89 -40.62 -65.19
CA GLU G 524 -12.79 -39.16 -65.31
C GLU G 524 -12.09 -38.55 -64.10
N LEU G 525 -12.34 -39.09 -62.91
CA LEU G 525 -11.63 -38.62 -61.72
C LEU G 525 -10.14 -38.92 -61.81
N LEU G 526 -9.79 -40.10 -62.33
CA LEU G 526 -8.37 -40.41 -62.53
C LEU G 526 -7.74 -39.40 -63.47
N ALA G 527 -8.40 -39.11 -64.59
CA ALA G 527 -7.86 -38.14 -65.54
C ALA G 527 -7.70 -36.77 -64.90
N SER G 528 -8.69 -36.34 -64.12
CA SER G 528 -8.60 -35.03 -63.46
C SER G 528 -7.48 -35.01 -62.44
N LEU G 529 -7.26 -36.12 -61.74
CA LEU G 529 -6.20 -36.18 -60.75
C LEU G 529 -4.82 -36.09 -61.39
N ILE G 530 -4.59 -36.85 -62.46
CA ILE G 530 -3.23 -36.92 -62.99
C ILE G 530 -2.98 -35.85 -64.04
N ARG G 531 -4.03 -35.11 -64.44
CA ARG G 531 -3.87 -34.09 -65.46
C ARG G 531 -2.97 -32.96 -64.98
N GLY G 532 -1.93 -32.66 -65.75
CA GLY G 532 -1.06 -31.55 -65.48
C GLY G 532 -0.07 -31.75 -64.36
N ASN G 533 0.07 -32.97 -63.83
CA ASN G 533 0.96 -33.24 -62.71
C ASN G 533 1.97 -34.30 -63.12
N ARG G 534 3.24 -33.89 -63.24
CA ARG G 534 4.29 -34.83 -63.61
C ARG G 534 4.46 -35.91 -62.57
N ALA G 535 4.40 -35.55 -61.29
CA ALA G 535 4.56 -36.54 -60.24
C ALA G 535 3.45 -37.59 -60.29
N ASN G 536 2.21 -37.14 -60.50
CA ASN G 536 1.09 -38.08 -60.59
C ASN G 536 1.21 -38.95 -61.84
N CYS G 537 1.64 -38.37 -62.97
CA CYS G 537 1.76 -39.14 -64.20
C CYS G 537 2.89 -40.14 -64.13
N ALA G 538 3.91 -39.86 -63.33
CA ALA G 538 5.07 -40.74 -63.24
C ALA G 538 4.68 -42.08 -62.62
N LEU G 539 3.63 -42.10 -61.81
CA LEU G 539 3.18 -43.35 -61.21
C LEU G 539 2.68 -44.31 -62.27
N PHE G 540 1.91 -43.80 -63.24
CA PHE G 540 1.37 -44.68 -64.28
C PHE G 540 2.46 -45.13 -65.24
N SER G 541 3.65 -44.54 -65.15
CA SER G 541 4.78 -45.04 -65.91
C SER G 541 5.19 -46.42 -65.42
N THR G 542 5.04 -46.67 -64.12
CA THR G 542 5.35 -48.00 -63.59
C THR G 542 4.42 -49.06 -64.16
N ASN G 543 3.13 -48.74 -64.30
CA ASN G 543 2.13 -49.65 -64.83
C ASN G 543 1.41 -48.98 -65.99
N LEU G 544 1.99 -49.08 -67.19
CA LEU G 544 1.32 -48.55 -68.37
C LEU G 544 0.48 -49.63 -69.06
N ASP G 545 0.85 -50.89 -68.87
CA ASP G 545 0.06 -51.99 -69.42
C ASP G 545 -1.31 -52.04 -68.77
N TRP G 546 -1.42 -51.57 -67.52
CA TRP G 546 -2.71 -51.52 -66.86
C TRP G 546 -3.67 -50.59 -67.60
N VAL G 547 -3.18 -49.43 -68.03
CA VAL G 547 -4.01 -48.51 -68.80
C VAL G 547 -4.23 -49.06 -70.22
N VAL G 548 -3.19 -49.62 -70.82
CA VAL G 548 -3.28 -50.07 -72.20
C VAL G 548 -4.30 -51.19 -72.35
N SER G 549 -4.29 -52.15 -71.43
CA SER G 549 -5.23 -53.26 -71.50
C SER G 549 -6.67 -52.80 -71.33
N LYS G 550 -6.86 -51.64 -70.68
CA LYS G 550 -8.22 -51.15 -70.44
C LYS G 550 -8.82 -50.56 -71.70
N LEU G 551 -7.99 -50.26 -72.71
CA LEU G 551 -8.47 -49.52 -73.88
C LEU G 551 -9.55 -50.27 -74.63
N ASP G 552 -9.40 -51.60 -74.78
CA ASP G 552 -10.34 -52.36 -75.58
C ASP G 552 -11.71 -52.45 -74.92
N ARG G 553 -11.79 -52.13 -73.63
CA ARG G 553 -13.07 -52.22 -72.93
C ARG G 553 -14.06 -51.21 -73.49
N LEU G 554 -15.33 -51.61 -73.52
CA LEU G 554 -16.33 -50.83 -74.24
C LEU G 554 -17.05 -49.84 -73.35
N GLU G 555 -16.99 -50.04 -72.03
CA GLU G 555 -17.86 -49.27 -71.14
C GLU G 555 -17.38 -47.83 -70.98
N ALA G 556 -16.06 -47.61 -70.91
CA ALA G 556 -15.50 -46.29 -70.64
C ALA G 556 -14.30 -46.04 -71.54
N SER G 557 -14.45 -46.36 -72.83
CA SER G 557 -13.34 -46.25 -73.76
C SER G 557 -12.83 -44.81 -73.84
N SER G 558 -13.74 -43.84 -73.91
CA SER G 558 -13.33 -42.44 -73.98
C SER G 558 -12.56 -42.03 -72.72
N GLY G 559 -13.04 -42.44 -71.55
CA GLY G 559 -12.35 -42.10 -70.32
C GLY G 559 -10.96 -42.70 -70.24
N ILE G 560 -10.84 -43.98 -70.61
CA ILE G 560 -9.52 -44.62 -70.59
C ILE G 560 -8.57 -43.95 -71.56
N LEU G 561 -9.06 -43.61 -72.76
CA LEU G 561 -8.22 -42.94 -73.74
C LEU G 561 -7.78 -41.57 -73.24
N GLU G 562 -8.68 -40.84 -72.59
CA GLU G 562 -8.32 -39.54 -72.03
C GLU G 562 -7.27 -39.68 -70.95
N VAL G 563 -7.41 -40.70 -70.09
CA VAL G 563 -6.43 -40.93 -69.05
C VAL G 563 -5.06 -41.21 -69.66
N LEU G 564 -5.03 -42.08 -70.68
CA LEU G 564 -3.76 -42.40 -71.33
C LEU G 564 -3.15 -41.17 -71.98
N TYR G 565 -3.98 -40.34 -72.63
CA TYR G 565 -3.48 -39.13 -73.25
C TYR G 565 -2.84 -38.21 -72.22
N CYS G 566 -3.54 -37.94 -71.12
CA CYS G 566 -3.01 -37.03 -70.10
C CYS G 566 -1.74 -37.61 -69.48
N VAL G 567 -1.65 -38.93 -69.35
CA VAL G 567 -0.42 -39.53 -68.87
C VAL G 567 0.72 -39.29 -69.85
N LEU G 568 0.45 -39.46 -71.14
CA LEU G 568 1.52 -39.39 -72.13
C LEU G 568 2.05 -37.96 -72.30
N ILE G 569 1.16 -36.97 -72.34
CA ILE G 569 1.61 -35.62 -72.67
C ILE G 569 2.44 -35.02 -71.54
N GLU G 570 2.43 -35.64 -70.36
CA GLU G 570 3.08 -35.01 -69.21
C GLU G 570 4.44 -35.62 -68.91
N SER G 571 4.62 -36.91 -69.21
CA SER G 571 5.82 -37.61 -68.79
C SER G 571 6.61 -38.11 -70.00
N PRO G 572 7.94 -37.94 -70.02
CA PRO G 572 8.74 -38.66 -71.02
C PRO G 572 9.05 -40.09 -70.60
N GLU G 573 8.91 -40.38 -69.30
CA GLU G 573 9.19 -41.72 -68.82
C GLU G 573 8.25 -42.75 -69.44
N VAL G 574 6.97 -42.40 -69.58
CA VAL G 574 6.01 -43.31 -70.19
C VAL G 574 6.40 -43.58 -71.63
N LEU G 575 6.88 -42.55 -72.35
CA LEU G 575 7.31 -42.75 -73.73
C LEU G 575 8.52 -43.67 -73.79
N ASN G 576 9.46 -43.51 -72.85
CA ASN G 576 10.60 -44.43 -72.80
C ASN G 576 10.14 -45.85 -72.48
N ILE G 577 9.03 -45.99 -71.76
CA ILE G 577 8.53 -47.32 -71.41
C ILE G 577 7.74 -47.93 -72.56
N ILE G 578 7.18 -47.08 -73.43
CA ILE G 578 6.29 -47.54 -74.50
C ILE G 578 6.98 -48.59 -75.36
N GLN G 579 6.21 -49.63 -75.72
CA GLN G 579 6.72 -50.73 -76.51
C GLN G 579 5.83 -50.97 -77.73
N GLU G 580 6.31 -51.88 -78.59
CA GLU G 580 5.61 -52.17 -79.84
C GLU G 580 4.25 -52.79 -79.56
N ASN G 581 4.13 -53.59 -78.50
CA ASN G 581 2.83 -54.14 -78.15
C ASN G 581 1.85 -53.04 -77.77
N HIS G 582 2.31 -52.04 -77.02
CA HIS G 582 1.43 -50.92 -76.67
C HIS G 582 1.02 -50.15 -77.91
N ILE G 583 1.96 -49.89 -78.82
CA ILE G 583 1.63 -49.16 -80.04
C ILE G 583 0.62 -49.95 -80.87
N LYS G 584 0.82 -51.27 -80.98
CA LYS G 584 -0.12 -52.11 -81.71
C LYS G 584 -1.49 -52.09 -81.04
N SER G 585 -1.52 -52.07 -79.70
CA SER G 585 -2.80 -52.01 -79.00
C SER G 585 -3.53 -50.72 -79.32
N ILE G 586 -2.82 -49.59 -79.34
CA ILE G 586 -3.47 -48.32 -79.66
C ILE G 586 -3.98 -48.31 -81.09
N ILE G 587 -3.18 -48.81 -82.03
CA ILE G 587 -3.60 -48.85 -83.43
C ILE G 587 -4.80 -49.76 -83.59
N SER G 588 -4.80 -50.91 -82.91
CA SER G 588 -5.95 -51.80 -82.95
C SER G 588 -7.17 -51.15 -82.35
N LEU G 589 -6.99 -50.33 -81.30
CA LEU G 589 -8.11 -49.60 -80.74
C LEU G 589 -8.71 -48.65 -81.77
N LEU G 590 -7.84 -47.96 -82.52
CA LEU G 590 -8.33 -47.14 -83.63
C LEU G 590 -9.14 -47.97 -84.61
N ASP G 591 -8.61 -49.15 -84.97
CA ASP G 591 -9.29 -50.00 -85.95
C ASP G 591 -10.65 -50.47 -85.45
N LYS G 592 -10.72 -50.86 -84.17
CA LYS G 592 -11.97 -51.41 -83.63
C LYS G 592 -13.02 -50.33 -83.39
N HIS G 593 -12.60 -49.17 -82.90
CA HIS G 593 -13.56 -48.13 -82.53
C HIS G 593 -13.77 -47.10 -83.62
N GLY G 594 -13.14 -47.25 -84.78
CA GLY G 594 -13.36 -46.33 -85.87
C GLY G 594 -12.41 -45.15 -85.85
N ARG G 595 -12.64 -44.24 -86.78
CA ARG G 595 -11.74 -43.12 -86.96
C ARG G 595 -12.01 -42.04 -85.92
N ASN G 596 -11.14 -41.98 -84.91
CA ASN G 596 -11.22 -40.98 -83.85
C ASN G 596 -9.91 -40.23 -83.81
N HIS G 597 -9.99 -38.90 -83.78
CA HIS G 597 -8.78 -38.09 -83.85
C HIS G 597 -8.00 -38.13 -82.55
N LYS G 598 -8.65 -38.53 -81.44
CA LYS G 598 -7.95 -38.59 -80.17
C LYS G 598 -6.88 -39.67 -80.18
N VAL G 599 -7.13 -40.79 -80.86
CA VAL G 599 -6.10 -41.82 -80.98
C VAL G 599 -4.91 -41.30 -81.76
N LEU G 600 -5.18 -40.52 -82.82
CA LEU G 600 -4.09 -39.90 -83.57
C LEU G 600 -3.30 -38.94 -82.70
N ASP G 601 -4.00 -38.16 -81.85
CA ASP G 601 -3.30 -37.27 -80.93
C ASP G 601 -2.43 -38.05 -79.97
N VAL G 602 -2.92 -39.20 -79.48
CA VAL G 602 -2.14 -40.04 -78.59
C VAL G 602 -0.88 -40.52 -79.30
N LEU G 603 -1.01 -40.96 -80.55
CA LEU G 603 0.16 -41.42 -81.29
C LEU G 603 1.17 -40.29 -81.49
N CYS G 604 0.68 -39.09 -81.83
CA CYS G 604 1.58 -37.95 -81.98
C CYS G 604 2.31 -37.65 -80.67
N SER G 605 1.59 -37.72 -79.55
CA SER G 605 2.24 -37.56 -78.26
C SER G 605 3.32 -38.61 -78.05
N LEU G 606 3.07 -39.83 -78.53
CA LEU G 606 4.10 -40.87 -78.44
C LEU G 606 5.33 -40.51 -79.24
N CYS G 607 5.15 -39.85 -80.40
CA CYS G 607 6.30 -39.60 -81.27
C CYS G 607 7.35 -38.72 -80.60
N VAL G 608 6.95 -37.56 -80.07
CA VAL G 608 7.90 -36.56 -79.59
C VAL G 608 7.52 -36.18 -78.16
N CYS G 609 8.53 -36.01 -77.31
CA CYS G 609 8.35 -35.57 -75.93
C CYS G 609 9.22 -34.36 -75.66
N ASN G 610 8.61 -33.31 -75.08
CA ASN G 610 9.27 -32.08 -74.63
C ASN G 610 10.43 -31.66 -75.55
N GLY G 611 10.17 -31.65 -76.86
CA GLY G 611 11.18 -31.24 -77.81
C GLY G 611 12.20 -32.29 -78.16
N VAL G 612 12.07 -33.51 -77.66
CA VAL G 612 12.96 -34.61 -77.99
C VAL G 612 12.14 -35.74 -78.60
N ALA G 613 12.57 -36.24 -79.75
CA ALA G 613 11.81 -37.20 -80.53
C ALA G 613 12.34 -38.60 -80.29
N VAL G 614 11.43 -39.56 -80.17
CA VAL G 614 11.81 -40.96 -79.95
C VAL G 614 11.84 -41.69 -81.29
N ARG G 615 13.04 -41.99 -81.76
CA ARG G 615 13.20 -42.66 -83.04
C ARG G 615 12.48 -44.00 -83.06
N SER G 616 12.60 -44.76 -81.98
CA SER G 616 11.96 -46.07 -81.92
C SER G 616 10.44 -45.95 -82.00
N ASN G 617 9.87 -45.01 -81.25
CA ASN G 617 8.42 -44.83 -81.28
C ASN G 617 7.96 -44.42 -82.68
N GLN G 618 8.66 -43.49 -83.31
CA GLN G 618 8.26 -43.08 -84.66
C GLN G 618 8.35 -44.24 -85.64
N ASP G 619 9.44 -45.01 -85.58
CA ASP G 619 9.61 -46.11 -86.52
C ASP G 619 8.54 -47.17 -86.31
N LEU G 620 8.24 -47.52 -85.06
CA LEU G 620 7.19 -48.50 -84.81
C LEU G 620 5.83 -48.02 -85.29
N ILE G 621 5.53 -46.74 -85.04
CA ILE G 621 4.24 -46.21 -85.47
C ILE G 621 4.10 -46.29 -86.98
N THR G 622 5.12 -45.83 -87.72
CA THR G 622 5.04 -45.87 -89.18
C THR G 622 4.96 -47.31 -89.68
N GLU G 623 5.77 -48.20 -89.12
CA GLU G 623 5.77 -49.59 -89.60
C GLU G 623 4.44 -50.26 -89.35
N ASN G 624 3.80 -50.00 -88.22
CA ASN G 624 2.57 -50.70 -87.89
C ASN G 624 1.35 -50.06 -88.53
N LEU G 625 1.40 -48.76 -88.81
CA LEU G 625 0.21 -48.05 -89.28
C LEU G 625 0.22 -47.76 -90.78
N LEU G 626 1.36 -47.34 -91.34
CA LEU G 626 1.35 -46.79 -92.69
C LEU G 626 1.21 -47.84 -93.80
N PRO G 627 2.04 -48.88 -93.87
CA PRO G 627 2.05 -49.71 -95.09
C PRO G 627 0.73 -50.38 -95.41
N GLY G 628 -0.10 -50.63 -94.40
CA GLY G 628 -1.37 -51.29 -94.66
C GLY G 628 -2.29 -50.46 -95.54
N ARG G 629 -2.34 -49.16 -95.31
CA ARG G 629 -3.15 -48.17 -96.01
C ARG G 629 -4.65 -48.45 -95.86
N GLU G 630 -5.08 -49.17 -94.82
CA GLU G 630 -6.51 -49.39 -94.63
C GLU G 630 -7.07 -48.43 -93.58
N LEU G 631 -6.31 -48.17 -92.51
CA LEU G 631 -6.83 -47.37 -91.41
C LEU G 631 -6.94 -45.89 -91.79
N LEU G 632 -5.90 -45.35 -92.42
CA LEU G 632 -5.88 -43.93 -92.74
C LEU G 632 -6.45 -43.68 -94.13
N LEU G 633 -7.09 -42.52 -94.28
CA LEU G 633 -7.63 -42.14 -95.57
C LEU G 633 -6.49 -41.87 -96.55
N GLN G 634 -6.65 -42.37 -97.77
CA GLN G 634 -5.61 -42.29 -98.79
C GLN G 634 -5.96 -41.19 -99.78
N THR G 635 -4.95 -40.44 -100.20
CA THR G 635 -5.13 -39.33 -101.13
C THR G 635 -4.21 -39.52 -102.33
N ASN G 636 -4.69 -39.09 -103.50
CA ASN G 636 -3.92 -39.17 -104.73
C ASN G 636 -4.59 -38.30 -105.78
N LEU G 637 -3.85 -38.00 -106.85
CA LEU G 637 -4.36 -37.20 -107.96
C LEU G 637 -4.81 -38.12 -109.09
N ILE G 638 -6.00 -37.86 -109.62
CA ILE G 638 -6.57 -38.64 -110.71
C ILE G 638 -7.09 -37.68 -111.76
N ASN G 639 -7.11 -38.13 -113.01
CA ASN G 639 -7.66 -37.32 -114.09
C ASN G 639 -9.17 -37.48 -114.17
N TYR G 640 -9.85 -36.41 -114.58
CA TYR G 640 -11.27 -36.49 -114.84
C TYR G 640 -11.53 -37.37 -116.07
N VAL G 641 -12.62 -38.13 -116.03
CA VAL G 641 -13.00 -39.01 -117.12
C VAL G 641 -14.43 -38.68 -117.52
N THR G 642 -14.63 -38.50 -118.83
CA THR G 642 -15.94 -38.16 -119.38
C THR G 642 -16.29 -39.16 -120.46
N SER G 643 -17.58 -39.46 -120.61
CA SER G 643 -18.06 -40.44 -121.56
C SER G 643 -19.12 -39.82 -122.47
N ILE G 644 -19.01 -40.07 -123.76
CA ILE G 644 -19.90 -39.50 -124.78
C ILE G 644 -20.56 -40.66 -125.53
N ARG G 645 -21.86 -40.54 -125.78
CA ARG G 645 -22.61 -41.59 -126.44
C ARG G 645 -23.48 -41.01 -127.55
N PRO G 646 -23.70 -41.75 -128.63
CA PRO G 646 -24.74 -41.35 -129.59
C PRO G 646 -26.12 -41.67 -129.04
N ASN G 647 -27.13 -41.00 -129.60
CA ASN G 647 -28.51 -41.18 -129.17
C ASN G 647 -29.09 -42.43 -129.86
N ILE G 648 -28.38 -43.54 -129.69
CA ILE G 648 -28.78 -44.83 -130.24
C ILE G 648 -29.07 -45.77 -129.08
N PHE G 649 -30.33 -46.15 -128.93
CA PHE G 649 -30.76 -47.01 -127.83
C PHE G 649 -31.36 -48.28 -128.39
N VAL G 650 -30.80 -49.42 -127.97
CA VAL G 650 -31.27 -50.73 -128.41
C VAL G 650 -31.48 -51.61 -127.19
N GLY G 651 -32.52 -52.43 -127.23
CA GLY G 651 -32.84 -53.31 -126.12
C GLY G 651 -33.74 -54.44 -126.56
N ARG G 652 -33.95 -55.39 -125.66
CA ARG G 652 -34.77 -56.56 -125.91
C ARG G 652 -35.93 -56.60 -124.93
N ALA G 653 -37.13 -56.89 -125.44
CA ALA G 653 -38.30 -57.13 -124.62
C ALA G 653 -39.29 -57.95 -125.42
N GLU G 654 -40.25 -58.56 -124.73
CA GLU G 654 -41.24 -59.36 -125.42
C GLU G 654 -42.11 -58.49 -126.31
N GLY G 655 -42.21 -58.85 -127.58
CA GLY G 655 -42.97 -58.06 -128.53
C GLY G 655 -42.32 -56.76 -128.94
N SER G 656 -41.05 -56.55 -128.58
CA SER G 656 -40.40 -55.28 -128.88
C SER G 656 -40.19 -55.12 -130.39
N THR G 657 -40.21 -53.87 -130.84
CA THR G 657 -40.08 -53.59 -132.27
C THR G 657 -38.63 -53.58 -132.70
N GLN G 658 -37.69 -53.54 -131.74
CA GLN G 658 -36.29 -53.36 -132.09
C GLN G 658 -35.68 -54.64 -132.65
N TYR G 659 -34.61 -54.48 -133.42
CA TYR G 659 -33.88 -55.62 -133.95
C TYR G 659 -32.86 -56.11 -132.94
N GLY G 660 -32.54 -57.41 -133.02
CA GLY G 660 -31.75 -58.04 -131.98
C GLY G 660 -30.28 -57.63 -131.98
N LYS G 661 -29.65 -57.66 -133.14
CA LYS G 661 -28.20 -57.53 -133.25
C LYS G 661 -27.82 -56.17 -133.81
N TRP G 662 -26.80 -55.55 -133.22
CA TRP G 662 -26.34 -54.23 -133.63
C TRP G 662 -24.83 -54.20 -133.65
N TYR G 663 -24.27 -53.39 -134.54
CA TYR G 663 -22.83 -53.30 -134.75
C TYR G 663 -22.44 -51.84 -134.96
N PHE G 664 -21.37 -51.42 -134.29
CA PHE G 664 -20.81 -50.08 -134.46
C PHE G 664 -19.30 -50.15 -134.34
N GLU G 665 -18.63 -49.16 -134.93
CA GLU G 665 -17.19 -49.15 -135.06
C GLU G 665 -16.64 -47.84 -134.54
N VAL G 666 -15.52 -47.91 -133.84
CA VAL G 666 -14.82 -46.75 -133.32
C VAL G 666 -13.35 -46.87 -133.69
N MET G 667 -12.81 -45.86 -134.35
CA MET G 667 -11.41 -45.86 -134.76
C MET G 667 -10.71 -44.64 -134.17
N VAL G 668 -9.50 -44.86 -133.69
CA VAL G 668 -8.77 -43.88 -132.88
C VAL G 668 -7.96 -42.98 -133.80
N ASP G 669 -8.10 -41.67 -133.62
CA ASP G 669 -7.32 -40.72 -134.41
C ASP G 669 -6.04 -40.31 -133.70
N GLU G 670 -6.11 -39.96 -132.41
CA GLU G 670 -4.97 -39.47 -131.68
C GLU G 670 -5.11 -39.83 -130.21
N VAL G 671 -4.03 -40.35 -129.63
CA VAL G 671 -3.94 -40.61 -128.20
C VAL G 671 -2.61 -40.09 -127.70
N VAL G 672 -2.64 -39.35 -126.60
CA VAL G 672 -1.44 -38.94 -125.88
C VAL G 672 -1.30 -39.87 -124.67
N PRO G 673 -0.32 -40.78 -124.67
CA PRO G 673 -0.28 -41.79 -123.61
C PRO G 673 -0.18 -41.21 -122.20
N PHE G 674 0.58 -40.14 -122.02
CA PHE G 674 0.72 -39.49 -120.73
C PHE G 674 0.63 -37.98 -120.91
N LEU G 675 -0.60 -37.45 -120.89
CA LEU G 675 -0.77 -36.01 -120.85
C LEU G 675 -0.53 -35.47 -119.45
N THR G 676 -0.87 -36.26 -118.44
CA THR G 676 -0.55 -35.97 -117.06
C THR G 676 0.27 -37.12 -116.50
N ALA G 677 0.49 -37.08 -115.18
CA ALA G 677 1.23 -38.17 -114.53
C ALA G 677 0.49 -39.49 -114.67
N GLN G 678 -0.83 -39.49 -114.50
CA GLN G 678 -1.60 -40.71 -114.64
C GLN G 678 -1.93 -40.97 -116.11
N ALA G 679 -1.87 -42.25 -116.50
CA ALA G 679 -2.01 -42.61 -117.89
C ALA G 679 -3.39 -42.24 -118.43
N THR G 680 -3.44 -41.84 -119.69
CA THR G 680 -4.69 -41.50 -120.33
C THR G 680 -5.58 -42.73 -120.44
N HIS G 681 -6.89 -42.53 -120.24
CA HIS G 681 -7.85 -43.62 -120.20
C HIS G 681 -8.74 -43.54 -121.43
N LEU G 682 -8.78 -44.63 -122.20
CA LEU G 682 -9.64 -44.75 -123.37
C LEU G 682 -10.30 -46.11 -123.35
N ARG G 683 -11.62 -46.14 -123.49
CA ARG G 683 -12.38 -47.37 -123.42
C ARG G 683 -13.62 -47.26 -124.29
N VAL G 684 -13.93 -48.34 -125.02
CA VAL G 684 -15.07 -48.40 -125.91
C VAL G 684 -15.92 -49.59 -125.52
N GLY G 685 -17.24 -49.41 -125.52
CA GLY G 685 -18.13 -50.51 -125.17
C GLY G 685 -19.58 -50.10 -125.22
N TRP G 686 -20.39 -50.88 -124.51
CA TRP G 686 -21.84 -50.70 -124.44
C TRP G 686 -22.22 -50.40 -122.99
N ALA G 687 -23.34 -49.70 -122.80
CA ALA G 687 -23.79 -49.35 -121.47
C ALA G 687 -25.31 -49.33 -121.43
N LEU G 688 -25.87 -49.71 -120.28
CA LEU G 688 -27.31 -49.66 -120.07
C LEU G 688 -27.74 -48.24 -119.71
N THR G 689 -28.87 -47.81 -120.27
CA THR G 689 -29.37 -46.47 -119.96
C THR G 689 -29.70 -46.32 -118.49
N GLU G 690 -30.37 -47.32 -117.92
CA GLU G 690 -30.71 -47.32 -116.50
C GLU G 690 -29.52 -47.83 -115.70
N GLY G 691 -29.03 -47.00 -114.78
CA GLY G 691 -27.99 -47.41 -113.86
C GLY G 691 -26.59 -46.96 -114.20
N TYR G 692 -26.31 -46.60 -115.45
CA TYR G 692 -24.99 -46.11 -115.84
C TYR G 692 -24.98 -44.60 -115.70
N SER G 693 -24.43 -44.11 -114.60
CA SER G 693 -24.36 -42.68 -114.31
C SER G 693 -22.93 -42.31 -113.95
N PRO G 694 -22.05 -42.20 -114.95
CA PRO G 694 -20.69 -41.72 -114.67
C PRO G 694 -20.72 -40.27 -114.26
N TYR G 695 -20.28 -40.01 -113.03
CA TYR G 695 -20.34 -38.67 -112.47
C TYR G 695 -18.93 -38.10 -112.43
N PRO G 696 -18.74 -36.85 -112.85
CA PRO G 696 -17.38 -36.28 -112.87
C PRO G 696 -16.78 -36.22 -111.48
N GLY G 697 -15.48 -36.45 -111.43
CA GLY G 697 -14.75 -36.35 -110.18
C GLY G 697 -14.79 -37.63 -109.37
N GLY G 698 -15.19 -37.47 -108.11
CA GLY G 698 -15.19 -38.61 -107.20
C GLY G 698 -16.15 -39.69 -107.65
N GLY G 699 -15.73 -40.94 -107.45
CA GLY G 699 -16.56 -42.07 -107.78
C GLY G 699 -16.09 -43.32 -107.05
N GLU G 700 -16.64 -44.44 -107.46
CA GLU G 700 -16.26 -45.72 -106.87
C GLU G 700 -14.86 -46.11 -107.31
N GLY G 701 -14.19 -46.88 -106.45
CA GLY G 701 -12.82 -47.26 -106.73
C GLY G 701 -11.88 -46.11 -106.41
N TRP G 702 -10.98 -45.82 -107.33
CA TRP G 702 -10.08 -44.69 -107.21
C TRP G 702 -10.47 -43.53 -108.12
N GLY G 703 -11.73 -43.44 -108.52
CA GLY G 703 -12.17 -42.37 -109.39
C GLY G 703 -11.93 -42.66 -110.85
N GLY G 704 -12.24 -41.66 -111.66
CA GLY G 704 -12.11 -41.82 -113.10
C GLY G 704 -13.00 -42.91 -113.65
N ASN G 705 -14.24 -42.97 -113.20
CA ASN G 705 -15.13 -44.04 -113.61
C ASN G 705 -15.58 -43.85 -115.05
N GLY G 706 -15.39 -44.90 -115.85
CA GLY G 706 -15.77 -44.86 -117.25
C GLY G 706 -16.53 -46.12 -117.61
N VAL G 707 -16.42 -46.48 -118.89
CA VAL G 707 -17.05 -47.71 -119.36
C VAL G 707 -16.37 -48.91 -118.73
N GLY G 708 -17.16 -49.80 -118.15
CA GLY G 708 -16.64 -50.98 -117.51
C GLY G 708 -16.30 -50.81 -116.04
N ASP G 709 -16.46 -49.62 -115.49
CA ASP G 709 -16.21 -49.40 -114.07
C ASP G 709 -17.42 -49.74 -113.21
N ASP G 710 -18.55 -50.09 -113.82
CA ASP G 710 -19.75 -50.49 -113.10
C ASP G 710 -20.36 -51.71 -113.79
N LEU G 711 -21.35 -52.30 -113.13
CA LEU G 711 -21.97 -53.50 -113.66
C LEU G 711 -22.95 -53.19 -114.78
N TYR G 712 -23.19 -51.91 -115.04
CA TYR G 712 -24.14 -51.53 -116.08
C TYR G 712 -23.43 -51.31 -117.41
N SER G 713 -22.12 -51.18 -117.40
CA SER G 713 -21.34 -50.88 -118.59
C SER G 713 -20.26 -51.94 -118.80
N TYR G 714 -19.98 -52.25 -120.05
CA TYR G 714 -18.97 -53.24 -120.44
C TYR G 714 -18.08 -52.63 -121.50
N GLY G 715 -16.77 -52.64 -121.25
CA GLY G 715 -15.85 -51.88 -122.09
C GLY G 715 -14.63 -52.70 -122.48
N PHE G 716 -13.79 -52.07 -123.31
CA PHE G 716 -12.60 -52.68 -123.87
C PHE G 716 -11.58 -51.60 -124.16
N ASP G 717 -10.38 -51.73 -123.60
CA ASP G 717 -9.35 -50.72 -123.75
C ASP G 717 -8.22 -51.13 -124.68
N GLY G 718 -8.39 -52.22 -125.44
CA GLY G 718 -7.32 -52.74 -126.26
C GLY G 718 -6.49 -53.80 -125.60
N LEU G 719 -6.54 -53.92 -124.27
CA LEU G 719 -5.77 -54.90 -123.53
C LEU G 719 -6.59 -55.68 -122.51
N HIS G 720 -7.72 -55.14 -122.06
CA HIS G 720 -8.52 -55.77 -121.02
C HIS G 720 -9.99 -55.63 -121.34
N LEU G 721 -10.78 -56.53 -120.76
CA LEU G 721 -12.23 -56.41 -120.76
C LEU G 721 -12.66 -55.86 -119.40
N TRP G 722 -13.39 -54.76 -119.40
CA TRP G 722 -13.71 -54.03 -118.18
C TRP G 722 -15.18 -54.22 -117.85
N THR G 723 -15.45 -54.71 -116.65
CA THR G 723 -16.80 -54.77 -116.10
C THR G 723 -16.71 -54.87 -114.60
N GLY G 724 -17.61 -54.17 -113.92
CA GLY G 724 -17.61 -54.18 -112.46
C GLY G 724 -16.33 -53.67 -111.84
N HIS G 725 -15.68 -52.71 -112.50
CA HIS G 725 -14.43 -52.12 -112.02
C HIS G 725 -13.33 -53.16 -111.87
N VAL G 726 -13.37 -54.22 -112.67
CA VAL G 726 -12.37 -55.27 -112.66
C VAL G 726 -11.81 -55.42 -114.07
N ALA G 727 -10.49 -55.34 -114.20
CA ALA G 727 -9.81 -55.47 -115.48
C ALA G 727 -9.37 -56.91 -115.67
N ARG G 728 -9.90 -57.56 -116.70
CA ARG G 728 -9.55 -58.93 -117.01
C ARG G 728 -8.75 -58.96 -118.31
N PRO G 729 -7.49 -59.40 -118.27
CA PRO G 729 -6.68 -59.39 -119.49
C PRO G 729 -7.29 -60.25 -120.59
N VAL G 730 -7.18 -59.78 -121.82
CA VAL G 730 -7.74 -60.45 -122.97
C VAL G 730 -6.63 -60.62 -124.01
N THR G 731 -6.76 -61.67 -124.82
CA THR G 731 -5.74 -62.04 -125.79
C THR G 731 -6.18 -61.59 -127.18
N SER G 732 -5.31 -60.86 -127.86
CA SER G 732 -5.54 -60.45 -129.24
C SER G 732 -4.23 -60.55 -130.01
N PRO G 733 -4.30 -60.85 -131.31
CA PRO G 733 -3.07 -60.87 -132.12
C PRO G 733 -2.43 -59.50 -132.17
N GLY G 734 -1.17 -59.45 -131.74
CA GLY G 734 -0.48 -58.17 -131.65
C GLY G 734 -1.15 -57.19 -130.70
N GLN G 735 -1.57 -57.68 -129.55
CA GLN G 735 -2.35 -56.85 -128.63
C GLN G 735 -1.52 -55.70 -128.08
N HIS G 736 -2.19 -54.56 -127.87
CA HIS G 736 -1.56 -53.38 -127.31
C HIS G 736 -2.65 -52.45 -126.79
N LEU G 737 -2.23 -51.48 -126.00
CA LEU G 737 -3.16 -50.45 -125.55
C LEU G 737 -3.64 -49.64 -126.75
N LEU G 738 -4.87 -49.11 -126.63
CA LEU G 738 -5.47 -48.39 -127.74
C LEU G 738 -4.56 -47.29 -128.25
N ALA G 739 -4.19 -47.38 -129.51
CA ALA G 739 -3.19 -46.53 -130.14
C ALA G 739 -3.84 -45.82 -131.32
N PRO G 740 -3.27 -44.71 -131.77
CA PRO G 740 -3.83 -44.02 -132.94
C PRO G 740 -3.83 -44.92 -134.15
N GLU G 741 -4.84 -44.74 -135.00
CA GLU G 741 -5.09 -45.49 -136.24
C GLU G 741 -5.53 -46.92 -135.96
N ASP G 742 -6.04 -47.22 -134.77
CA ASP G 742 -6.61 -48.53 -134.46
C ASP G 742 -8.12 -48.44 -134.52
N VAL G 743 -8.75 -49.46 -135.09
CA VAL G 743 -10.20 -49.50 -135.27
C VAL G 743 -10.77 -50.57 -134.35
N VAL G 744 -11.69 -50.16 -133.48
CA VAL G 744 -12.36 -51.07 -132.55
C VAL G 744 -13.77 -51.28 -133.03
N SER G 745 -14.13 -52.54 -133.29
CA SER G 745 -15.46 -52.90 -133.74
C SER G 745 -16.16 -53.68 -132.63
N CYS G 746 -17.30 -53.16 -132.18
CA CYS G 746 -18.06 -53.75 -131.09
C CYS G 746 -19.37 -54.29 -131.63
N CYS G 747 -19.66 -55.54 -131.32
CA CYS G 747 -20.89 -56.21 -131.77
C CYS G 747 -21.69 -56.62 -130.55
N LEU G 748 -23.00 -56.32 -130.58
CA LEU G 748 -23.90 -56.66 -129.49
C LEU G 748 -25.06 -57.47 -130.04
N ASP G 749 -25.26 -58.66 -129.47
CA ASP G 749 -26.40 -59.51 -129.79
C ASP G 749 -27.25 -59.64 -128.53
N LEU G 750 -28.51 -59.22 -128.61
CA LEU G 750 -29.38 -59.23 -127.44
C LEU G 750 -29.98 -60.61 -127.23
N SER G 751 -29.85 -61.50 -128.22
CA SER G 751 -30.48 -62.82 -128.11
C SER G 751 -29.76 -63.70 -127.11
N VAL G 752 -28.43 -63.74 -127.16
CA VAL G 752 -27.69 -64.66 -126.30
C VAL G 752 -27.89 -64.36 -124.82
N PRO G 753 -27.70 -63.12 -124.32
CA PRO G 753 -27.13 -61.92 -124.95
C PRO G 753 -25.61 -61.97 -124.92
N SER G 754 -24.92 -61.33 -125.87
CA SER G 754 -23.46 -61.37 -125.90
C SER G 754 -22.91 -60.07 -126.46
N ILE G 755 -21.70 -59.73 -126.04
CA ILE G 755 -20.96 -58.59 -126.56
C ILE G 755 -19.58 -59.08 -126.99
N SER G 756 -19.21 -58.78 -128.22
CA SER G 756 -17.94 -59.22 -128.79
C SER G 756 -17.21 -58.02 -129.36
N PHE G 757 -15.89 -58.07 -129.36
CA PHE G 757 -15.04 -56.99 -129.86
C PHE G 757 -14.08 -57.55 -130.90
N ARG G 758 -13.75 -56.72 -131.89
CA ARG G 758 -12.68 -57.01 -132.83
C ARG G 758 -11.84 -55.76 -133.00
N ILE G 759 -10.52 -55.91 -132.85
CA ILE G 759 -9.58 -54.80 -132.92
C ILE G 759 -8.81 -54.91 -134.24
N ASN G 760 -8.81 -53.83 -135.01
CA ASN G 760 -8.12 -53.78 -136.30
C ASN G 760 -8.59 -54.91 -137.23
N GLY G 761 -9.85 -55.30 -137.07
CA GLY G 761 -10.41 -56.36 -137.89
C GLY G 761 -10.10 -57.76 -137.42
N CYS G 762 -9.30 -57.92 -136.36
CA CYS G 762 -8.97 -59.23 -135.84
C CYS G 762 -9.81 -59.53 -134.61
N PRO G 763 -10.26 -60.76 -134.41
CA PRO G 763 -11.12 -61.05 -133.26
C PRO G 763 -10.39 -60.89 -131.93
N VAL G 764 -11.14 -60.54 -130.90
CA VAL G 764 -10.63 -60.47 -129.53
C VAL G 764 -11.29 -61.59 -128.73
N GLN G 765 -10.47 -62.45 -128.14
CA GLN G 765 -10.95 -63.66 -127.46
C GLN G 765 -11.52 -63.28 -126.09
N GLY G 766 -12.65 -62.58 -126.13
CA GLY G 766 -13.36 -62.20 -124.92
C GLY G 766 -14.82 -61.90 -125.18
N VAL G 767 -15.71 -62.50 -124.38
CA VAL G 767 -17.15 -62.37 -124.58
C VAL G 767 -17.78 -61.98 -123.24
N PHE G 768 -18.78 -61.10 -123.31
CA PHE G 768 -19.63 -60.76 -122.19
C PHE G 768 -20.98 -61.43 -122.42
N GLU G 769 -21.39 -62.31 -121.51
CA GLU G 769 -22.66 -63.00 -121.65
C GLU G 769 -23.44 -62.94 -120.35
N ALA G 770 -24.72 -63.28 -120.45
CA ALA G 770 -25.63 -63.44 -119.31
C ALA G 770 -25.82 -62.16 -118.52
N PHE G 771 -25.67 -60.99 -119.14
CA PHE G 771 -25.93 -59.75 -118.44
C PHE G 771 -27.42 -59.42 -118.45
N ASN G 772 -27.82 -58.53 -117.56
CA ASN G 772 -29.22 -58.15 -117.46
C ASN G 772 -29.67 -57.38 -118.70
N LEU G 773 -30.97 -57.48 -119.01
CA LEU G 773 -31.53 -56.87 -120.19
C LEU G 773 -32.68 -55.92 -119.88
N ASP G 774 -32.80 -55.46 -118.63
CA ASP G 774 -33.88 -54.57 -118.22
C ASP G 774 -33.48 -53.11 -118.48
N GLY G 775 -33.34 -52.79 -119.76
CA GLY G 775 -32.99 -51.45 -120.16
C GLY G 775 -32.64 -51.40 -121.63
N LEU G 776 -32.06 -50.28 -122.04
CA LEU G 776 -31.63 -50.07 -123.41
C LEU G 776 -30.11 -49.91 -123.44
N PHE G 777 -29.50 -50.33 -124.52
CA PHE G 777 -28.04 -50.30 -124.66
C PHE G 777 -27.66 -49.23 -125.67
N PHE G 778 -26.64 -48.44 -125.33
CA PHE G 778 -26.13 -47.43 -126.23
C PHE G 778 -24.62 -47.55 -126.37
N PRO G 779 -24.07 -47.31 -127.56
CA PRO G 779 -22.61 -47.24 -127.68
C PRO G 779 -22.06 -46.11 -126.83
N VAL G 780 -20.91 -46.34 -126.24
CA VAL G 780 -20.32 -45.37 -125.31
C VAL G 780 -18.81 -45.49 -125.34
N VAL G 781 -18.14 -44.35 -125.30
CA VAL G 781 -16.69 -44.27 -125.19
C VAL G 781 -16.35 -43.34 -124.03
N SER G 782 -15.54 -43.83 -123.11
CA SER G 782 -15.10 -43.05 -121.96
C SER G 782 -13.64 -42.67 -122.17
N PHE G 783 -13.32 -41.40 -122.01
CA PHE G 783 -12.00 -40.89 -122.33
C PHE G 783 -11.56 -39.90 -121.26
N SER G 784 -10.28 -39.95 -120.91
CA SER G 784 -9.68 -38.82 -120.20
C SER G 784 -9.22 -37.79 -121.21
N ALA G 785 -8.68 -36.69 -120.71
CA ALA G 785 -8.19 -35.64 -121.60
C ALA G 785 -6.96 -36.11 -122.36
N GLY G 786 -6.86 -35.68 -123.61
CA GLY G 786 -5.70 -35.98 -124.41
C GLY G 786 -5.89 -37.01 -125.50
N VAL G 787 -7.12 -37.34 -125.86
CA VAL G 787 -7.41 -38.34 -126.89
C VAL G 787 -8.46 -37.77 -127.84
N LYS G 788 -8.24 -37.99 -129.13
CA LYS G 788 -9.23 -37.69 -130.16
C LYS G 788 -9.61 -38.99 -130.85
N VAL G 789 -10.91 -39.28 -130.86
CA VAL G 789 -11.41 -40.53 -131.45
C VAL G 789 -12.63 -40.19 -132.30
N ARG G 790 -12.93 -41.07 -133.26
CA ARG G 790 -14.03 -40.87 -134.19
C ARG G 790 -15.00 -42.03 -134.10
N PHE G 791 -16.27 -41.75 -134.38
CA PHE G 791 -17.37 -42.67 -134.16
C PHE G 791 -17.98 -43.05 -135.50
N LEU G 792 -17.97 -44.33 -135.82
CA LEU G 792 -18.52 -44.85 -137.07
C LEU G 792 -19.76 -45.65 -136.76
N LEU G 793 -20.88 -45.28 -137.39
CA LEU G 793 -22.16 -45.92 -137.14
C LEU G 793 -22.83 -46.44 -138.41
N GLY G 794 -22.15 -46.38 -139.54
CA GLY G 794 -22.72 -46.84 -140.79
C GLY G 794 -23.56 -45.77 -141.47
N GLY G 795 -24.02 -46.14 -142.66
CA GLY G 795 -24.81 -45.20 -143.46
C GLY G 795 -23.99 -43.98 -143.82
N ARG G 796 -24.58 -42.81 -143.64
CA ARG G 796 -23.89 -41.55 -143.89
C ARG G 796 -23.20 -40.99 -142.65
N HIS G 797 -23.18 -41.74 -141.55
CA HIS G 797 -22.53 -41.30 -140.33
C HIS G 797 -21.19 -41.99 -140.08
N GLY G 798 -20.57 -42.53 -141.13
CA GLY G 798 -19.27 -43.14 -141.00
C GLY G 798 -19.20 -44.49 -141.67
N GLU G 799 -18.26 -44.66 -142.59
CA GLU G 799 -18.13 -45.94 -143.28
C GLU G 799 -17.34 -46.92 -142.42
N PHE G 800 -17.88 -48.12 -142.26
CA PHE G 800 -17.19 -49.15 -141.49
C PHE G 800 -15.91 -49.57 -142.21
N LYS G 801 -14.79 -49.53 -141.48
CA LYS G 801 -13.53 -49.99 -142.04
C LYS G 801 -13.58 -51.49 -142.31
N PHE G 802 -14.29 -52.23 -141.47
CA PHE G 802 -14.46 -53.66 -141.63
C PHE G 802 -15.96 -53.96 -141.69
N LEU G 803 -16.35 -54.87 -142.56
CA LEU G 803 -17.76 -55.16 -142.74
C LEU G 803 -18.32 -55.81 -141.48
N PRO G 804 -19.58 -55.53 -141.12
CA PRO G 804 -20.14 -56.13 -139.92
C PRO G 804 -20.33 -57.62 -140.12
N PRO G 805 -20.32 -58.38 -139.02
CA PRO G 805 -20.60 -59.81 -139.14
C PRO G 805 -22.02 -60.02 -139.63
N PRO G 806 -22.28 -61.15 -140.30
CA PRO G 806 -23.61 -61.35 -140.91
C PRO G 806 -24.71 -61.35 -139.87
N GLY G 807 -25.85 -60.77 -140.24
CA GLY G 807 -26.99 -60.66 -139.36
C GLY G 807 -26.93 -59.54 -138.36
N TYR G 808 -25.91 -58.68 -138.43
CA TYR G 808 -25.71 -57.59 -137.50
C TYR G 808 -26.07 -56.28 -138.19
N ALA G 809 -26.90 -55.47 -137.53
CA ALA G 809 -27.29 -54.27 -138.25
C ALA G 809 -26.44 -53.08 -137.82
N PRO G 810 -26.17 -52.14 -138.73
CA PRO G 810 -25.45 -50.93 -138.35
C PRO G 810 -26.26 -50.12 -137.36
N CYS G 811 -25.54 -49.38 -136.49
CA CYS G 811 -26.20 -48.68 -135.40
C CYS G 811 -26.99 -47.48 -135.89
N HIS G 812 -26.69 -46.98 -137.09
CA HIS G 812 -27.40 -45.81 -137.59
C HIS G 812 -28.85 -46.15 -137.92
N GLU G 813 -29.15 -47.44 -138.10
CA GLU G 813 -30.52 -47.84 -138.37
C GLU G 813 -31.40 -47.73 -137.14
N ALA G 814 -30.78 -47.68 -135.95
CA ALA G 814 -31.55 -47.72 -134.72
C ALA G 814 -31.99 -46.33 -134.29
N VAL G 815 -31.63 -45.29 -135.05
CA VAL G 815 -32.03 -43.94 -134.70
C VAL G 815 -33.54 -43.79 -134.85
N LEU G 816 -34.16 -43.12 -133.89
CA LEU G 816 -35.60 -43.00 -133.89
C LEU G 816 -36.06 -41.97 -134.92
N PRO G 817 -37.29 -42.11 -135.44
CA PRO G 817 -37.76 -41.16 -136.47
C PRO G 817 -37.79 -39.72 -135.99
N ARG G 818 -38.18 -39.48 -134.74
CA ARG G 818 -38.18 -38.12 -134.22
C ARG G 818 -36.76 -37.64 -133.92
N GLU G 819 -35.95 -38.50 -133.31
CA GLU G 819 -34.61 -38.11 -132.91
C GLU G 819 -33.72 -37.89 -134.13
N ARG G 820 -32.78 -36.97 -134.00
CA ARG G 820 -31.72 -36.76 -134.98
C ARG G 820 -30.42 -37.19 -134.34
N LEU G 821 -29.61 -37.93 -135.09
CA LEU G 821 -28.39 -38.50 -134.53
C LEU G 821 -27.47 -37.40 -134.05
N ARG G 822 -26.98 -37.55 -132.82
CA ARG G 822 -26.17 -36.53 -132.17
C ARG G 822 -25.32 -37.20 -131.10
N LEU G 823 -24.30 -36.48 -130.66
CA LEU G 823 -23.39 -36.95 -129.62
C LEU G 823 -23.63 -36.15 -128.35
N GLU G 824 -23.91 -36.85 -127.25
CA GLU G 824 -24.35 -36.20 -126.03
C GLU G 824 -23.65 -36.80 -124.82
N PRO G 825 -23.51 -36.04 -123.75
CA PRO G 825 -23.06 -36.61 -122.48
C PRO G 825 -24.18 -37.39 -121.81
N ILE G 826 -23.83 -38.09 -120.73
CA ILE G 826 -24.76 -38.96 -120.02
C ILE G 826 -24.96 -38.40 -118.61
N LYS G 827 -26.22 -38.13 -118.27
CA LYS G 827 -26.60 -37.68 -116.93
C LYS G 827 -25.75 -36.50 -116.45
N GLU G 828 -25.63 -35.48 -117.28
CA GLU G 828 -24.92 -34.25 -116.91
C GLU G 828 -25.88 -33.36 -116.15
N TYR G 829 -25.37 -32.74 -115.09
CA TYR G 829 -26.22 -31.86 -114.28
C TYR G 829 -26.05 -30.41 -114.70
N ARG G 830 -24.92 -30.07 -115.33
CA ARG G 830 -24.65 -28.72 -115.80
C ARG G 830 -24.20 -28.79 -117.25
N ARG G 831 -24.50 -27.73 -118.00
CA ARG G 831 -24.11 -27.63 -119.39
C ARG G 831 -23.72 -26.19 -119.69
N GLU G 832 -22.65 -26.01 -120.47
CA GLU G 832 -22.19 -24.66 -120.78
C GLU G 832 -23.23 -23.92 -121.60
N GLY G 833 -23.47 -22.66 -121.24
CA GLY G 833 -24.41 -21.83 -121.93
C GLY G 833 -23.82 -20.49 -122.31
N PRO G 834 -24.48 -19.78 -123.22
CA PRO G 834 -23.91 -18.50 -123.69
C PRO G 834 -23.81 -17.46 -122.60
N ARG G 835 -24.92 -17.15 -121.92
CA ARG G 835 -24.88 -16.16 -120.85
C ARG G 835 -24.11 -16.68 -119.65
N GLY G 836 -24.17 -17.98 -119.40
CA GLY G 836 -23.45 -18.60 -118.31
C GLY G 836 -23.73 -20.08 -118.23
N PRO G 837 -23.09 -20.77 -117.29
CA PRO G 837 -23.34 -22.21 -117.14
C PRO G 837 -24.80 -22.48 -116.81
N HIS G 838 -25.34 -23.52 -117.42
CA HIS G 838 -26.74 -23.89 -117.27
C HIS G 838 -26.86 -25.15 -116.42
N LEU G 839 -27.59 -25.04 -115.32
CA LEU G 839 -27.95 -26.24 -114.56
C LEU G 839 -29.01 -27.03 -115.32
N VAL G 840 -28.88 -28.35 -115.31
CA VAL G 840 -29.76 -29.24 -116.06
C VAL G 840 -30.36 -30.24 -115.10
N GLY G 841 -31.68 -30.44 -115.20
CA GLY G 841 -32.37 -31.40 -114.39
C GLY G 841 -32.21 -32.81 -114.94
N PRO G 842 -32.81 -33.78 -114.25
CA PRO G 842 -32.73 -35.16 -114.73
C PRO G 842 -33.33 -35.33 -116.11
N SER G 843 -32.73 -36.20 -116.90
CA SER G 843 -33.19 -36.41 -118.27
C SER G 843 -34.18 -37.57 -118.34
N ARG G 844 -35.25 -37.37 -119.10
CA ARG G 844 -36.21 -38.45 -119.32
C ARG G 844 -35.58 -39.57 -120.11
N CYS G 845 -35.86 -40.81 -119.71
CA CYS G 845 -35.23 -41.99 -120.28
C CYS G 845 -36.29 -42.90 -120.90
N LEU G 846 -36.00 -43.39 -122.09
CA LEU G 846 -36.88 -44.35 -122.74
C LEU G 846 -36.67 -45.74 -122.15
N SER G 847 -37.49 -46.69 -122.58
CA SER G 847 -37.40 -48.06 -122.09
C SER G 847 -37.86 -49.05 -123.14
N HIS G 848 -37.39 -50.29 -122.99
CA HIS G 848 -37.80 -51.37 -123.89
C HIS G 848 -39.31 -51.59 -123.81
N THR G 849 -39.88 -51.46 -122.60
CA THR G 849 -41.33 -51.57 -122.47
C THR G 849 -42.03 -50.47 -123.26
N ASP G 850 -41.48 -49.26 -123.24
CA ASP G 850 -42.02 -48.20 -124.09
C ASP G 850 -41.91 -48.56 -125.56
N PHE G 851 -40.86 -49.29 -125.94
CA PHE G 851 -40.76 -49.74 -127.33
C PHE G 851 -41.77 -50.83 -127.64
N VAL G 852 -42.22 -51.55 -126.63
CA VAL G 852 -43.22 -52.61 -126.88
C VAL G 852 -44.58 -51.98 -127.11
N PRO G 853 -45.26 -52.25 -128.23
CA PRO G 853 -46.62 -51.74 -128.40
C PRO G 853 -47.59 -52.43 -127.44
N CYS G 854 -48.59 -51.67 -127.01
CA CYS G 854 -49.61 -52.15 -126.06
C CYS G 854 -50.98 -51.66 -126.50
N PRO G 855 -51.56 -52.28 -127.52
CA PRO G 855 -52.90 -51.88 -127.95
C PRO G 855 -53.97 -52.37 -126.99
N VAL G 856 -55.19 -51.84 -127.17
CA VAL G 856 -56.31 -52.35 -126.39
C VAL G 856 -56.61 -53.78 -126.82
N ASP G 857 -57.25 -54.54 -125.94
CA ASP G 857 -57.49 -55.95 -126.21
C ASP G 857 -58.32 -56.15 -127.46
N THR G 858 -57.82 -57.00 -128.36
CA THR G 858 -58.50 -57.32 -129.61
C THR G 858 -59.20 -58.67 -129.55
N VAL G 859 -59.22 -59.32 -128.38
CA VAL G 859 -59.78 -60.66 -128.27
C VAL G 859 -61.30 -60.63 -128.31
N GLN G 860 -61.91 -59.72 -127.54
CA GLN G 860 -63.35 -59.77 -127.26
C GLN G 860 -64.05 -58.78 -128.18
N ILE G 861 -65.05 -59.25 -128.92
CA ILE G 861 -65.73 -58.47 -129.94
C ILE G 861 -67.21 -58.40 -129.61
N VAL G 862 -67.76 -57.19 -129.58
CA VAL G 862 -69.21 -56.95 -129.52
C VAL G 862 -69.56 -55.93 -130.58
N LEU G 863 -70.46 -56.29 -131.48
CA LEU G 863 -70.89 -55.40 -132.56
C LEU G 863 -72.40 -55.42 -132.67
N PRO G 864 -73.08 -54.27 -132.61
CA PRO G 864 -74.50 -54.23 -132.92
C PRO G 864 -74.73 -54.59 -134.38
N PRO G 865 -75.95 -55.04 -134.73
CA PRO G 865 -76.19 -55.41 -136.14
C PRO G 865 -76.16 -54.23 -137.10
N HIS G 866 -76.75 -53.10 -136.70
CA HIS G 866 -76.66 -51.90 -137.53
C HIS G 866 -75.21 -51.45 -137.64
N LEU G 867 -74.46 -51.53 -136.55
CA LEU G 867 -73.04 -51.23 -136.62
C LEU G 867 -72.30 -52.22 -137.51
N GLU G 868 -72.80 -53.46 -137.63
CA GLU G 868 -72.12 -54.44 -138.47
C GLU G 868 -72.33 -54.13 -139.95
N ARG G 869 -73.57 -53.85 -140.34
CA ARG G 869 -73.81 -53.47 -141.74
C ARG G 869 -73.08 -52.16 -142.05
N ILE G 870 -73.00 -51.27 -141.06
CA ILE G 870 -72.28 -50.02 -141.25
C ILE G 870 -70.77 -50.27 -141.27
N ARG G 871 -70.33 -51.35 -140.62
CA ARG G 871 -68.93 -51.75 -140.71
C ARG G 871 -68.58 -52.16 -142.13
N GLU G 872 -69.44 -52.97 -142.75
CA GLU G 872 -69.22 -53.33 -144.15
C GLU G 872 -69.22 -52.08 -145.04
N LYS G 873 -70.23 -51.22 -144.87
CA LYS G 873 -70.31 -50.00 -145.67
C LYS G 873 -69.12 -49.10 -145.43
N LEU G 874 -68.62 -49.06 -144.19
CA LEU G 874 -67.51 -48.17 -143.85
C LEU G 874 -66.19 -48.71 -144.36
N ALA G 875 -66.04 -50.03 -144.42
CA ALA G 875 -64.87 -50.59 -145.07
C ALA G 875 -64.87 -50.24 -146.55
N GLU G 876 -66.01 -50.38 -147.23
CA GLU G 876 -66.07 -49.93 -148.62
C GLU G 876 -65.79 -48.44 -148.72
N ASN G 877 -66.30 -47.66 -147.76
CA ASN G 877 -66.11 -46.22 -147.82
C ASN G 877 -64.65 -45.83 -147.65
N ILE G 878 -63.94 -46.46 -146.71
CA ILE G 878 -62.53 -46.14 -146.53
C ILE G 878 -61.72 -46.63 -147.73
N HIS G 879 -62.18 -47.71 -148.39
CA HIS G 879 -61.63 -48.01 -149.71
C HIS G 879 -61.79 -46.83 -150.65
N GLU G 880 -62.97 -46.21 -150.68
CA GLU G 880 -63.18 -45.10 -151.60
C GLU G 880 -62.32 -43.88 -151.24
N LEU G 881 -62.21 -43.56 -149.94
CA LEU G 881 -61.33 -42.46 -149.54
C LEU G 881 -59.87 -42.74 -149.86
N TRP G 882 -59.42 -43.98 -149.62
CA TRP G 882 -58.03 -44.31 -149.94
C TRP G 882 -57.80 -44.29 -151.44
N ALA G 883 -58.83 -44.65 -152.22
CA ALA G 883 -58.77 -44.50 -153.67
C ALA G 883 -58.64 -43.04 -154.06
N LEU G 884 -59.38 -42.16 -153.38
CA LEU G 884 -59.25 -40.73 -153.64
C LEU G 884 -57.84 -40.23 -153.32
N THR G 885 -57.27 -40.70 -152.21
CA THR G 885 -55.89 -40.35 -151.91
C THR G 885 -54.94 -40.85 -152.99
N ARG G 886 -55.19 -42.05 -153.51
CA ARG G 886 -54.35 -42.57 -154.59
C ARG G 886 -54.46 -41.71 -155.85
N ILE G 887 -55.67 -41.24 -156.17
CA ILE G 887 -55.82 -40.41 -157.36
C ILE G 887 -55.17 -39.04 -157.15
N GLU G 888 -55.16 -38.54 -155.92
CA GLU G 888 -54.34 -37.37 -155.63
C GLU G 888 -52.87 -37.67 -155.87
N GLN G 889 -52.40 -38.85 -155.45
CA GLN G 889 -51.04 -39.27 -155.74
C GLN G 889 -50.80 -39.44 -157.24
N GLY G 890 -51.85 -39.64 -158.02
CA GLY G 890 -51.73 -39.91 -159.44
C GLY G 890 -51.90 -41.36 -159.83
N TRP G 891 -52.33 -42.22 -158.90
CA TRP G 891 -52.48 -43.64 -159.20
C TRP G 891 -53.56 -43.87 -160.24
N THR G 892 -53.31 -44.83 -161.12
CA THR G 892 -54.31 -45.29 -162.09
C THR G 892 -54.65 -46.74 -161.80
N TYR G 893 -55.70 -47.23 -162.43
CA TYR G 893 -56.11 -48.62 -162.22
C TYR G 893 -55.15 -49.57 -162.93
N GLY G 894 -54.89 -50.70 -162.30
CA GLY G 894 -54.11 -51.76 -162.91
C GLY G 894 -54.38 -53.09 -162.24
N PRO G 895 -54.35 -54.17 -163.04
CA PRO G 895 -54.54 -55.51 -162.43
C PRO G 895 -53.49 -55.84 -161.38
N VAL G 896 -52.26 -55.35 -161.55
CA VAL G 896 -51.23 -55.57 -160.55
C VAL G 896 -51.15 -54.35 -159.64
N ARG G 897 -50.69 -54.57 -158.41
CA ARG G 897 -50.56 -53.52 -157.40
C ARG G 897 -49.09 -53.32 -157.09
N ASP G 898 -48.55 -52.17 -157.49
CA ASP G 898 -47.19 -51.78 -157.14
C ASP G 898 -47.16 -50.28 -156.88
N ASP G 899 -46.40 -49.89 -155.85
CA ASP G 899 -46.27 -48.47 -155.54
C ASP G 899 -45.60 -47.71 -156.67
N ASN G 900 -44.55 -48.28 -157.25
CA ASN G 900 -43.88 -47.64 -158.38
C ASN G 900 -44.77 -47.63 -159.61
N LYS G 901 -45.50 -48.72 -159.85
CA LYS G 901 -46.32 -48.81 -161.05
C LYS G 901 -47.53 -47.88 -160.97
N ARG G 902 -47.89 -47.46 -159.75
CA ARG G 902 -49.05 -46.59 -159.52
C ARG G 902 -50.33 -47.22 -160.06
N LEU G 903 -50.40 -48.55 -160.01
CA LEU G 903 -51.53 -49.31 -160.50
C LEU G 903 -52.19 -50.02 -159.33
N HIS G 904 -53.52 -49.92 -159.25
CA HIS G 904 -54.27 -50.49 -158.16
C HIS G 904 -55.57 -51.12 -158.64
N PRO G 905 -55.76 -52.42 -158.43
CA PRO G 905 -57.08 -53.01 -158.74
C PRO G 905 -58.20 -52.43 -157.89
N CYS G 906 -57.89 -52.03 -156.66
CA CYS G 906 -58.91 -51.47 -155.78
C CYS G 906 -59.37 -50.09 -156.27
N LEU G 907 -58.50 -49.39 -156.99
CA LEU G 907 -58.81 -48.04 -157.48
C LEU G 907 -59.59 -48.16 -158.80
N VAL G 908 -60.79 -48.72 -158.68
CA VAL G 908 -61.76 -48.70 -159.78
C VAL G 908 -63.12 -48.21 -159.30
N ASN G 909 -63.68 -48.88 -158.29
CA ASN G 909 -64.98 -48.52 -157.74
C ASN G 909 -65.23 -49.42 -156.53
N PHE G 910 -66.10 -48.95 -155.63
CA PHE G 910 -66.26 -49.62 -154.33
C PHE G 910 -66.80 -51.04 -154.49
N HIS G 911 -67.73 -51.25 -155.41
CA HIS G 911 -68.29 -52.57 -155.59
C HIS G 911 -67.46 -53.40 -156.56
N SER G 912 -66.72 -52.74 -157.46
CA SER G 912 -65.96 -53.47 -158.47
C SER G 912 -64.53 -53.72 -158.01
N LEU G 913 -64.14 -53.19 -156.85
CA LEU G 913 -62.87 -53.60 -156.27
C LEU G 913 -63.04 -54.97 -155.62
N PRO G 914 -61.98 -55.77 -155.53
CA PRO G 914 -62.16 -57.17 -155.12
C PRO G 914 -62.78 -57.31 -153.74
N GLU G 915 -63.70 -58.27 -153.62
CA GLU G 915 -64.23 -58.64 -152.32
C GLU G 915 -63.15 -59.12 -151.34
N PRO G 916 -62.19 -59.97 -151.73
CA PRO G 916 -61.11 -60.29 -150.79
C PRO G 916 -60.31 -59.07 -150.35
N GLU G 917 -60.11 -58.10 -151.25
CA GLU G 917 -59.46 -56.85 -150.86
C GLU G 917 -60.31 -56.09 -149.86
N ARG G 918 -61.63 -56.12 -150.04
CA ARG G 918 -62.53 -55.51 -149.07
C ARG G 918 -62.43 -56.22 -147.72
N ASN G 919 -62.25 -57.54 -147.73
CA ASN G 919 -62.27 -58.33 -146.51
C ASN G 919 -61.15 -57.92 -145.56
N TYR G 920 -60.00 -57.52 -146.11
CA TYR G 920 -58.93 -57.00 -145.27
C TYR G 920 -59.36 -55.73 -144.55
N ASN G 921 -60.19 -54.91 -145.19
CA ASN G 921 -60.65 -53.69 -144.56
C ASN G 921 -61.99 -53.88 -143.86
N LEU G 922 -62.73 -54.95 -144.21
CA LEU G 922 -63.84 -55.35 -143.35
C LEU G 922 -63.32 -55.72 -141.96
N GLN G 923 -62.22 -56.46 -141.90
CA GLN G 923 -61.66 -56.88 -140.62
C GLN G 923 -61.20 -55.69 -139.79
N MET G 924 -60.42 -54.78 -140.39
CA MET G 924 -59.90 -53.65 -139.63
C MET G 924 -61.00 -52.64 -139.34
N SER G 925 -62.04 -52.60 -140.18
CA SER G 925 -63.20 -51.78 -139.86
C SER G 925 -63.91 -52.32 -138.62
N GLY G 926 -64.14 -53.64 -138.57
CA GLY G 926 -64.67 -54.23 -137.36
C GLY G 926 -63.79 -53.96 -136.16
N GLU G 927 -62.47 -53.97 -136.36
CA GLU G 927 -61.56 -53.57 -135.29
C GLU G 927 -61.81 -52.13 -134.86
N THR G 928 -62.06 -51.23 -135.81
CA THR G 928 -62.28 -49.83 -135.45
C THR G 928 -63.52 -49.68 -134.58
N LEU G 929 -64.65 -50.24 -135.01
CA LEU G 929 -65.85 -50.17 -134.17
C LEU G 929 -65.66 -50.87 -132.83
N LYS G 930 -65.04 -52.05 -132.83
CA LYS G 930 -64.85 -52.78 -131.58
C LYS G 930 -63.93 -52.02 -130.63
N THR G 931 -62.96 -51.29 -131.16
CA THR G 931 -62.07 -50.50 -130.32
C THR G 931 -62.78 -49.25 -129.81
N LEU G 932 -63.71 -48.71 -130.60
CA LEU G 932 -64.58 -47.66 -130.05
C LEU G 932 -65.36 -48.19 -128.86
N LEU G 933 -65.89 -49.41 -128.98
CA LEU G 933 -66.57 -50.04 -127.84
C LEU G 933 -65.63 -50.25 -126.66
N ALA G 934 -64.40 -50.72 -126.95
CA ALA G 934 -63.48 -51.09 -125.88
C ALA G 934 -62.95 -49.88 -125.13
N LEU G 935 -62.74 -48.76 -125.84
CA LEU G 935 -62.21 -47.56 -125.20
C LEU G 935 -63.23 -46.96 -124.25
N GLY G 936 -64.49 -47.43 -124.30
CA GLY G 936 -65.57 -46.83 -123.57
C GLY G 936 -66.45 -45.92 -124.39
N CYS G 937 -66.13 -45.73 -125.67
CA CYS G 937 -66.94 -44.89 -126.53
C CYS G 937 -68.21 -45.62 -126.95
N HIS G 938 -69.35 -44.97 -126.76
CA HIS G 938 -70.65 -45.53 -127.11
C HIS G 938 -71.05 -45.05 -128.49
N VAL G 939 -71.18 -46.01 -129.42
CA VAL G 939 -71.62 -45.73 -130.78
C VAL G 939 -72.93 -46.45 -131.02
N GLY G 940 -73.81 -45.83 -131.80
CA GLY G 940 -75.09 -46.42 -132.12
C GLY G 940 -75.81 -45.57 -133.15
N MET G 941 -76.83 -46.17 -133.76
CA MET G 941 -77.61 -45.51 -134.80
C MET G 941 -78.42 -44.38 -134.17
N ALA G 942 -78.60 -43.29 -134.93
CA ALA G 942 -79.54 -42.26 -134.51
C ALA G 942 -80.68 -42.12 -135.52
N ASP G 943 -80.36 -42.16 -136.80
CA ASP G 943 -81.35 -42.13 -137.87
C ASP G 943 -81.05 -43.26 -138.85
N GLU G 944 -82.09 -44.03 -139.20
CA GLU G 944 -81.93 -45.07 -140.21
C GLU G 944 -81.93 -44.48 -141.61
N LYS G 945 -82.74 -43.44 -141.84
CA LYS G 945 -82.82 -42.85 -143.17
C LYS G 945 -81.53 -42.12 -143.53
N ALA G 946 -80.82 -41.59 -142.54
CA ALA G 946 -79.52 -41.01 -142.79
C ALA G 946 -78.54 -42.06 -143.31
N GLU G 947 -78.60 -43.27 -142.73
CA GLU G 947 -77.83 -44.38 -143.26
C GLU G 947 -78.27 -44.73 -144.67
N ASP G 948 -79.58 -44.78 -144.90
CA ASP G 948 -80.09 -45.24 -146.20
C ASP G 948 -79.70 -44.29 -147.32
N ASN G 949 -79.81 -42.99 -147.10
CA ASN G 949 -79.49 -41.99 -148.12
C ASN G 949 -78.41 -41.06 -147.60
N LEU G 950 -77.28 -41.00 -148.31
CA LEU G 950 -76.17 -40.15 -147.93
C LEU G 950 -75.52 -39.58 -149.18
N LYS G 951 -75.13 -38.31 -149.10
CA LYS G 951 -74.47 -37.66 -150.23
C LYS G 951 -73.06 -38.22 -150.39
N LYS G 952 -72.74 -38.61 -151.62
CA LYS G 952 -71.48 -39.28 -151.94
C LYS G 952 -70.56 -38.31 -152.67
N THR G 953 -69.32 -38.21 -152.23
CA THR G 953 -68.31 -37.50 -152.99
C THR G 953 -68.11 -38.18 -154.34
N LYS G 954 -67.89 -37.38 -155.38
CA LYS G 954 -67.72 -37.91 -156.73
C LYS G 954 -66.29 -37.62 -157.18
N LEU G 955 -65.64 -38.64 -157.74
CA LEU G 955 -64.26 -38.49 -158.16
C LEU G 955 -64.16 -37.43 -159.27
N PRO G 956 -63.20 -36.51 -159.18
CA PRO G 956 -63.12 -35.44 -160.18
C PRO G 956 -62.87 -35.98 -161.57
N LYS G 957 -63.45 -35.31 -162.57
CA LYS G 957 -63.26 -35.72 -163.95
C LYS G 957 -61.84 -35.44 -164.42
N THR G 958 -61.23 -34.37 -163.92
CA THR G 958 -59.88 -34.01 -164.33
C THR G 958 -58.87 -35.08 -163.93
N TYR G 959 -58.98 -35.59 -162.71
CA TYR G 959 -58.09 -36.63 -162.20
C TYR G 959 -58.77 -37.98 -162.34
N MET G 960 -58.32 -38.78 -163.31
CA MET G 960 -58.96 -40.03 -163.66
C MET G 960 -57.94 -41.16 -163.60
N MET G 961 -58.42 -42.36 -163.28
CA MET G 961 -57.61 -43.56 -163.42
C MET G 961 -57.99 -44.33 -164.68
N SER G 962 -57.31 -45.46 -164.89
CA SER G 962 -57.35 -46.13 -166.19
C SER G 962 -58.76 -46.54 -166.59
N ASN G 963 -59.54 -47.09 -165.66
CA ASN G 963 -60.89 -47.54 -165.99
C ASN G 963 -61.79 -46.38 -166.40
N GLY G 964 -61.68 -45.25 -165.71
CA GLY G 964 -62.60 -44.15 -165.92
C GLY G 964 -63.83 -44.18 -165.04
N TYR G 965 -63.99 -45.23 -164.23
CA TYR G 965 -65.08 -45.27 -163.25
C TYR G 965 -64.85 -44.19 -162.20
N LYS G 966 -65.92 -43.80 -161.52
CA LYS G 966 -65.82 -42.82 -160.46
C LYS G 966 -66.21 -43.45 -159.13
N PRO G 967 -65.25 -43.76 -158.25
CA PRO G 967 -65.60 -44.17 -156.90
C PRO G 967 -66.32 -43.05 -156.16
N ALA G 968 -67.25 -43.44 -155.30
CA ALA G 968 -68.13 -42.49 -154.61
C ALA G 968 -67.99 -42.66 -153.10
N PRO G 969 -67.00 -41.99 -152.50
CA PRO G 969 -66.94 -41.93 -151.04
C PRO G 969 -68.02 -41.04 -150.47
N LEU G 970 -68.40 -41.33 -149.23
CA LEU G 970 -69.34 -40.47 -148.53
C LEU G 970 -68.73 -39.08 -148.34
N ASP G 971 -69.53 -38.06 -148.64
CA ASP G 971 -69.03 -36.70 -148.49
C ASP G 971 -68.86 -36.37 -147.02
N LEU G 972 -67.75 -35.73 -146.68
CA LEU G 972 -67.43 -35.38 -145.30
C LEU G 972 -67.56 -33.88 -145.04
N SER G 973 -68.13 -33.13 -145.99
CA SER G 973 -68.26 -31.69 -145.82
C SER G 973 -69.29 -31.35 -144.75
N HIS G 974 -70.43 -32.04 -144.76
CA HIS G 974 -71.50 -31.72 -143.82
C HIS G 974 -71.13 -32.16 -142.40
N VAL G 975 -70.27 -33.17 -142.28
CA VAL G 975 -69.95 -33.72 -140.98
C VAL G 975 -68.99 -32.81 -140.23
N ARG G 976 -69.27 -32.59 -138.94
CA ARG G 976 -68.39 -31.83 -138.06
C ARG G 976 -68.07 -32.68 -136.85
N LEU G 977 -66.89 -32.43 -136.27
CA LEU G 977 -66.38 -33.23 -135.16
C LEU G 977 -66.10 -32.34 -133.96
N THR G 978 -66.49 -32.82 -132.77
CA THR G 978 -66.20 -32.12 -131.54
C THR G 978 -64.73 -32.31 -131.17
N PRO G 979 -64.15 -31.39 -130.40
CA PRO G 979 -62.74 -31.58 -129.98
C PRO G 979 -62.51 -32.84 -129.17
N ALA G 980 -63.46 -33.21 -128.33
CA ALA G 980 -63.35 -34.48 -127.61
C ALA G 980 -63.39 -35.65 -128.58
N GLN G 981 -64.21 -35.54 -129.63
CA GLN G 981 -64.23 -36.58 -130.65
C GLN G 981 -62.92 -36.64 -131.41
N THR G 982 -62.26 -35.50 -131.60
CA THR G 982 -60.94 -35.50 -132.23
C THR G 982 -59.90 -36.16 -131.34
N THR G 983 -59.97 -35.92 -130.03
CA THR G 983 -59.08 -36.63 -129.11
C THR G 983 -59.35 -38.14 -129.15
N LEU G 984 -60.62 -38.51 -129.22
CA LEU G 984 -60.98 -39.91 -129.45
C LEU G 984 -60.36 -40.43 -130.74
N VAL G 985 -60.39 -39.62 -131.80
CA VAL G 985 -59.82 -40.04 -133.08
C VAL G 985 -58.33 -40.28 -132.93
N ASP G 986 -57.64 -39.41 -132.19
CA ASP G 986 -56.22 -39.61 -131.92
C ASP G 986 -55.99 -40.93 -131.19
N ARG G 987 -56.83 -41.24 -130.20
CA ARG G 987 -56.65 -42.47 -129.45
C ARG G 987 -56.88 -43.71 -130.33
N LEU G 988 -57.91 -43.68 -131.19
CA LEU G 988 -58.11 -44.81 -132.11
C LEU G 988 -56.98 -44.92 -133.13
N ALA G 989 -56.44 -43.80 -133.61
CA ALA G 989 -55.29 -43.89 -134.50
C ALA G 989 -54.12 -44.53 -133.81
N GLU G 990 -53.87 -44.12 -132.56
CA GLU G 990 -52.85 -44.75 -131.74
C GLU G 990 -53.07 -46.26 -131.63
N ASN G 991 -54.28 -46.68 -131.29
CA ASN G 991 -54.52 -48.09 -131.03
C ASN G 991 -54.46 -48.91 -132.31
N GLY G 992 -54.91 -48.34 -133.42
CA GLY G 992 -54.78 -49.03 -134.70
C GLY G 992 -53.33 -49.22 -135.10
N HIS G 993 -52.51 -48.19 -134.92
CA HIS G 993 -51.09 -48.33 -135.22
C HIS G 993 -50.45 -49.35 -134.28
N ASN G 994 -50.88 -49.38 -133.02
CA ASN G 994 -50.34 -50.37 -132.09
C ASN G 994 -50.72 -51.79 -132.50
N VAL G 995 -51.97 -51.98 -132.94
CA VAL G 995 -52.38 -53.30 -133.41
C VAL G 995 -51.58 -53.72 -134.63
N TRP G 996 -51.37 -52.79 -135.56
CA TRP G 996 -50.56 -53.08 -136.73
C TRP G 996 -49.13 -53.43 -136.33
N ALA G 997 -48.57 -52.71 -135.35
CA ALA G 997 -47.24 -53.01 -134.87
C ALA G 997 -47.16 -54.40 -134.25
N ARG G 998 -48.18 -54.77 -133.47
CA ARG G 998 -48.19 -56.10 -132.87
C ARG G 998 -48.25 -57.19 -133.94
N ASP G 999 -49.09 -56.99 -134.96
CA ASP G 999 -49.18 -58.00 -136.01
C ASP G 999 -47.88 -58.09 -136.80
N ARG G 1000 -47.22 -56.95 -137.02
CA ARG G 1000 -45.92 -56.97 -137.69
C ARG G 1000 -44.88 -57.71 -136.86
N VAL G 1001 -44.89 -57.49 -135.54
CA VAL G 1001 -43.97 -58.20 -134.66
C VAL G 1001 -44.22 -59.70 -134.73
N ALA G 1002 -45.50 -60.10 -134.72
CA ALA G 1002 -45.84 -61.50 -134.90
C ALA G 1002 -45.31 -62.01 -136.24
N GLN G 1003 -45.38 -61.19 -137.28
CA GLN G 1003 -44.77 -61.56 -138.56
C GLN G 1003 -43.25 -61.62 -138.45
N GLY G 1004 -42.68 -60.92 -137.47
CA GLY G 1004 -41.25 -60.83 -137.34
C GLY G 1004 -40.64 -59.53 -137.81
N TRP G 1005 -41.45 -58.53 -138.15
CA TRP G 1005 -40.93 -57.26 -138.62
C TRP G 1005 -40.26 -56.49 -137.50
N SER G 1006 -39.22 -55.74 -137.84
CA SER G 1006 -38.46 -54.96 -136.88
C SER G 1006 -38.27 -53.54 -137.39
N TYR G 1007 -37.93 -52.63 -136.48
CA TYR G 1007 -37.74 -51.24 -136.85
C TYR G 1007 -36.34 -51.02 -137.44
N SER G 1008 -36.26 -50.10 -138.41
CA SER G 1008 -35.00 -49.67 -138.98
C SER G 1008 -35.18 -48.29 -139.58
N ALA G 1009 -34.11 -47.49 -139.52
CA ALA G 1009 -34.16 -46.16 -140.11
C ALA G 1009 -34.36 -46.23 -141.61
N VAL G 1010 -33.70 -47.18 -142.27
CA VAL G 1010 -33.92 -47.47 -143.69
C VAL G 1010 -34.89 -48.62 -143.79
N GLN G 1011 -35.50 -48.78 -144.96
CA GLN G 1011 -36.55 -49.76 -145.18
C GLN G 1011 -36.07 -50.80 -146.20
N ASP G 1012 -36.47 -52.04 -146.00
CA ASP G 1012 -36.16 -53.14 -146.92
C ASP G 1012 -37.11 -54.29 -146.67
N ILE G 1013 -37.94 -54.61 -147.68
CA ILE G 1013 -38.85 -55.75 -147.56
C ILE G 1013 -38.11 -57.06 -147.34
N PRO G 1014 -37.08 -57.41 -148.13
CA PRO G 1014 -36.39 -58.68 -147.84
C PRO G 1014 -35.78 -58.75 -146.45
N ALA G 1015 -35.26 -57.63 -145.95
CA ALA G 1015 -34.73 -57.61 -144.59
C ALA G 1015 -35.85 -57.61 -143.56
N ARG G 1016 -37.07 -57.32 -144.01
CA ARG G 1016 -38.25 -57.27 -143.15
C ARG G 1016 -38.03 -56.23 -142.05
N ARG G 1017 -37.82 -54.98 -142.47
CA ARG G 1017 -37.54 -53.87 -141.58
C ARG G 1017 -38.32 -52.65 -142.05
N ASN G 1018 -38.93 -51.92 -141.11
CA ASN G 1018 -39.81 -50.83 -141.47
C ASN G 1018 -39.60 -49.63 -140.55
N PRO G 1019 -39.35 -48.44 -141.09
CA PRO G 1019 -39.36 -47.24 -140.25
C PRO G 1019 -40.71 -46.98 -139.61
N ARG G 1020 -41.79 -47.32 -140.31
CA ARG G 1020 -43.12 -47.15 -139.75
C ARG G 1020 -43.35 -48.07 -138.56
N LEU G 1021 -42.67 -49.22 -138.51
CA LEU G 1021 -42.91 -50.21 -137.46
C LEU G 1021 -42.27 -49.70 -136.17
N VAL G 1022 -43.06 -48.91 -135.45
CA VAL G 1022 -42.63 -48.26 -134.22
C VAL G 1022 -43.85 -47.74 -133.48
N PRO G 1023 -43.92 -47.95 -132.17
CA PRO G 1023 -45.11 -47.56 -131.41
C PRO G 1023 -45.46 -46.09 -131.59
N TYR G 1024 -46.70 -45.75 -131.22
CA TYR G 1024 -47.32 -44.53 -131.73
C TYR G 1024 -46.66 -43.27 -131.18
N ARG G 1025 -46.40 -43.21 -129.87
CA ARG G 1025 -45.76 -42.00 -129.34
C ARG G 1025 -44.40 -41.79 -129.98
N LEU G 1026 -43.65 -42.88 -130.20
CA LEU G 1026 -42.33 -42.75 -130.79
C LEU G 1026 -42.43 -42.41 -132.28
N LEU G 1027 -43.57 -42.70 -132.90
CA LEU G 1027 -43.74 -42.45 -134.32
C LEU G 1027 -43.76 -40.94 -134.60
N ASP G 1028 -43.31 -40.56 -135.79
CA ASP G 1028 -43.13 -39.15 -136.12
C ASP G 1028 -44.47 -38.44 -136.28
N GLU G 1029 -44.42 -37.11 -136.14
CA GLU G 1029 -45.65 -36.31 -136.13
C GLU G 1029 -46.37 -36.38 -137.47
N ALA G 1030 -45.63 -36.33 -138.58
CA ALA G 1030 -46.29 -36.35 -139.89
C ALA G 1030 -47.04 -37.66 -140.12
N THR G 1031 -46.39 -38.79 -139.83
CA THR G 1031 -47.03 -40.08 -140.04
C THR G 1031 -48.21 -40.27 -139.10
N LYS G 1032 -48.05 -39.87 -137.82
CA LYS G 1032 -49.17 -40.02 -136.90
C LYS G 1032 -50.30 -39.09 -137.27
N ARG G 1033 -49.99 -37.94 -137.88
CA ARG G 1033 -51.03 -37.05 -138.38
C ARG G 1033 -51.76 -37.68 -139.55
N SER G 1034 -51.05 -38.37 -140.43
CA SER G 1034 -51.71 -39.06 -141.54
C SER G 1034 -52.64 -40.15 -141.02
N ASN G 1035 -52.18 -40.94 -140.05
CA ASN G 1035 -53.04 -41.98 -139.47
C ASN G 1035 -54.24 -41.35 -138.75
N ARG G 1036 -54.02 -40.25 -138.04
CA ARG G 1036 -55.11 -39.55 -137.39
C ARG G 1036 -56.12 -39.03 -138.40
N ASP G 1037 -55.64 -38.53 -139.55
CA ASP G 1037 -56.55 -38.08 -140.59
C ASP G 1037 -57.36 -39.25 -141.15
N SER G 1038 -56.73 -40.41 -141.31
CA SER G 1038 -57.47 -41.59 -141.78
C SER G 1038 -58.57 -41.97 -140.79
N LEU G 1039 -58.24 -42.03 -139.50
CA LEU G 1039 -59.25 -42.36 -138.49
C LEU G 1039 -60.33 -41.27 -138.41
N CYS G 1040 -59.94 -40.01 -138.59
CA CYS G 1040 -60.91 -38.92 -138.57
C CYS G 1040 -61.85 -39.00 -139.76
N GLN G 1041 -61.35 -39.45 -140.92
CA GLN G 1041 -62.23 -39.66 -142.06
C GLN G 1041 -63.17 -40.82 -141.81
N ALA G 1042 -62.69 -41.88 -141.15
CA ALA G 1042 -63.59 -42.97 -140.77
C ALA G 1042 -64.70 -42.47 -139.85
N VAL G 1043 -64.34 -41.65 -138.85
CA VAL G 1043 -65.35 -41.12 -137.94
C VAL G 1043 -66.28 -40.16 -138.67
N ARG G 1044 -65.73 -39.39 -139.61
CA ARG G 1044 -66.54 -38.52 -140.47
C ARG G 1044 -67.58 -39.32 -141.23
N THR G 1045 -67.17 -40.45 -141.80
CA THR G 1045 -68.11 -41.33 -142.48
C THR G 1045 -69.14 -41.89 -141.50
N LEU G 1046 -68.72 -42.17 -140.27
CA LEU G 1046 -69.66 -42.67 -139.26
C LEU G 1046 -70.77 -41.65 -138.98
N LEU G 1047 -70.39 -40.37 -138.82
CA LEU G 1047 -71.43 -39.33 -138.67
C LEU G 1047 -72.24 -39.18 -139.95
N GLY G 1048 -71.60 -39.32 -141.11
CA GLY G 1048 -72.34 -39.27 -142.36
C GLY G 1048 -73.40 -40.37 -142.45
N TYR G 1049 -73.12 -41.50 -141.80
CA TYR G 1049 -74.13 -42.55 -141.66
C TYR G 1049 -75.27 -42.11 -140.75
N GLY G 1050 -75.06 -41.04 -139.99
CA GLY G 1050 -76.05 -40.56 -139.05
C GLY G 1050 -75.97 -41.16 -137.68
N TYR G 1051 -75.06 -42.09 -137.44
CA TYR G 1051 -74.94 -42.71 -136.13
C TYR G 1051 -74.40 -41.73 -135.11
N ASN G 1052 -74.74 -41.95 -133.84
CA ASN G 1052 -74.25 -41.10 -132.77
C ASN G 1052 -73.04 -41.71 -132.11
N ILE G 1053 -71.94 -40.96 -132.09
CA ILE G 1053 -70.68 -41.39 -131.48
C ILE G 1053 -70.33 -40.41 -130.37
N GLU G 1054 -70.10 -40.94 -129.17
CA GLU G 1054 -69.82 -40.11 -128.01
C GLU G 1054 -68.44 -40.44 -127.47
N PRO G 1055 -67.63 -39.45 -127.11
CA PRO G 1055 -66.25 -39.71 -126.67
C PRO G 1055 -66.22 -40.18 -125.23
N PRO G 1056 -65.48 -41.24 -124.93
CA PRO G 1056 -65.40 -41.71 -123.54
C PRO G 1056 -64.64 -40.74 -122.67
N ASP G 1057 -64.99 -40.74 -121.38
CA ASP G 1057 -64.32 -39.86 -120.43
C ASP G 1057 -62.85 -40.22 -120.30
N GLN G 1058 -62.00 -39.19 -120.32
CA GLN G 1058 -60.57 -39.41 -120.20
C GLN G 1058 -60.20 -39.78 -118.77
N GLU G 1059 -59.20 -40.65 -118.63
CA GLU G 1059 -58.71 -41.08 -117.33
C GLU G 1059 -57.24 -40.68 -117.20
N PRO G 1060 -56.87 -39.91 -116.17
CA PRO G 1060 -55.49 -39.46 -116.05
C PRO G 1060 -54.54 -40.60 -115.77
N SER G 1061 -53.31 -40.47 -116.27
CA SER G 1061 -52.26 -41.45 -116.05
C SER G 1061 -50.91 -40.74 -116.04
N GLN G 1062 -49.95 -41.33 -115.33
CA GLN G 1062 -48.60 -40.79 -115.23
C GLN G 1062 -47.61 -41.88 -115.58
N VAL G 1063 -46.67 -41.56 -116.47
CA VAL G 1063 -45.70 -42.56 -116.93
C VAL G 1063 -44.75 -42.95 -115.82
N GLU G 1064 -44.27 -41.96 -115.05
CA GLU G 1064 -43.29 -42.19 -113.97
C GLU G 1064 -42.03 -42.87 -114.51
N ASN G 1065 -41.61 -42.47 -115.72
CA ASN G 1065 -40.39 -43.03 -116.31
C ASN G 1065 -39.17 -42.69 -115.47
N GLN G 1066 -39.09 -41.45 -114.98
CA GLN G 1066 -38.03 -41.08 -114.06
C GLN G 1066 -38.35 -41.59 -112.66
N SER G 1067 -37.35 -42.14 -111.99
CA SER G 1067 -37.56 -42.68 -110.65
C SER G 1067 -37.89 -41.56 -109.67
N ARG G 1068 -38.70 -41.90 -108.67
CA ARG G 1068 -39.28 -40.87 -107.79
C ARG G 1068 -38.20 -40.11 -107.04
N TRP G 1069 -37.09 -40.77 -106.69
CA TRP G 1069 -36.03 -40.09 -105.95
C TRP G 1069 -35.27 -39.13 -106.86
N ASP G 1070 -35.00 -39.55 -108.10
CA ASP G 1070 -34.32 -38.69 -109.06
C ASP G 1070 -35.28 -37.89 -109.93
N ARG G 1071 -36.49 -37.62 -109.44
CA ARG G 1071 -37.37 -36.69 -110.14
C ARG G 1071 -36.77 -35.29 -110.17
N VAL G 1072 -36.22 -34.85 -109.04
CA VAL G 1072 -35.81 -33.46 -108.85
C VAL G 1072 -34.35 -33.42 -108.44
N ARG G 1073 -33.58 -32.57 -109.10
CA ARG G 1073 -32.19 -32.33 -108.74
C ARG G 1073 -32.08 -30.97 -108.07
N ILE G 1074 -31.51 -30.94 -106.87
CA ILE G 1074 -31.42 -29.75 -106.04
C ILE G 1074 -29.99 -29.24 -106.06
N PHE G 1075 -29.82 -27.97 -106.42
CA PHE G 1075 -28.52 -27.31 -106.39
C PHE G 1075 -28.53 -26.22 -105.33
N ARG G 1076 -27.51 -26.20 -104.50
CA ARG G 1076 -27.39 -25.20 -103.44
C ARG G 1076 -25.94 -24.80 -103.26
N ALA G 1077 -25.74 -23.63 -102.66
CA ALA G 1077 -24.38 -23.17 -102.38
C ALA G 1077 -23.80 -23.93 -101.19
N GLU G 1078 -22.48 -23.84 -101.06
CA GLU G 1078 -21.78 -24.50 -99.97
C GLU G 1078 -22.19 -23.89 -98.63
N LYS G 1079 -22.17 -24.73 -97.59
CA LYS G 1079 -22.60 -24.26 -96.27
C LYS G 1079 -21.72 -23.12 -95.78
N SER G 1080 -20.48 -23.05 -96.24
CA SER G 1080 -19.58 -22.00 -95.79
C SER G 1080 -20.06 -20.63 -96.25
N TYR G 1081 -20.91 -20.60 -97.28
CA TYR G 1081 -21.36 -19.32 -97.81
C TYR G 1081 -22.64 -18.84 -97.15
N THR G 1082 -23.13 -19.54 -96.12
CA THR G 1082 -24.37 -19.16 -95.48
C THR G 1082 -24.25 -17.78 -94.84
N VAL G 1083 -25.36 -17.05 -94.83
CA VAL G 1083 -25.40 -15.67 -94.32
C VAL G 1083 -26.45 -15.59 -93.24
N GLN G 1084 -26.14 -14.86 -92.16
CA GLN G 1084 -27.06 -14.65 -91.07
C GLN G 1084 -27.43 -13.19 -90.89
N SER G 1085 -26.97 -12.29 -91.76
CA SER G 1085 -27.25 -10.87 -91.62
C SER G 1085 -27.15 -10.21 -92.99
N GLY G 1086 -27.71 -9.00 -93.07
CA GLY G 1086 -27.64 -8.22 -94.28
C GLY G 1086 -28.75 -8.53 -95.26
N ARG G 1087 -28.71 -7.83 -96.38
CA ARG G 1087 -29.67 -8.01 -97.47
C ARG G 1087 -28.93 -8.55 -98.69
N TRP G 1088 -29.44 -9.63 -99.26
CA TRP G 1088 -28.76 -10.33 -100.34
C TRP G 1088 -29.70 -10.58 -101.50
N TYR G 1089 -29.15 -10.57 -102.71
CA TYR G 1089 -29.90 -10.68 -103.94
C TYR G 1089 -29.17 -11.61 -104.90
N PHE G 1090 -29.92 -12.51 -105.53
CA PHE G 1090 -29.40 -13.32 -106.63
C PHE G 1090 -30.51 -13.62 -107.60
N GLU G 1091 -30.13 -13.97 -108.83
CA GLU G 1091 -31.06 -14.08 -109.94
C GLU G 1091 -31.05 -15.50 -110.50
N PHE G 1092 -32.24 -16.02 -110.79
CA PHE G 1092 -32.39 -17.33 -111.40
C PHE G 1092 -33.24 -17.17 -112.66
N GLU G 1093 -32.73 -17.70 -113.78
CA GLU G 1093 -33.37 -17.55 -115.07
C GLU G 1093 -33.87 -18.91 -115.54
N ALA G 1094 -35.14 -18.98 -115.93
CA ALA G 1094 -35.78 -20.21 -116.32
C ALA G 1094 -35.70 -20.35 -117.84
N VAL G 1095 -34.77 -21.19 -118.31
CA VAL G 1095 -34.67 -21.44 -119.74
C VAL G 1095 -35.88 -22.20 -120.25
N THR G 1096 -36.42 -23.10 -119.43
CA THR G 1096 -37.59 -23.89 -119.78
C THR G 1096 -38.78 -23.45 -118.95
N THR G 1097 -39.98 -23.76 -119.43
CA THR G 1097 -41.18 -23.39 -118.71
C THR G 1097 -41.58 -24.43 -117.67
N GLY G 1098 -40.81 -25.51 -117.58
CA GLY G 1098 -41.15 -26.58 -116.65
C GLY G 1098 -41.02 -26.13 -115.21
N GLU G 1099 -41.36 -27.02 -114.29
CA GLU G 1099 -41.37 -26.66 -112.89
C GLU G 1099 -39.95 -26.67 -112.31
N MET G 1100 -39.59 -25.56 -111.67
CA MET G 1100 -38.39 -25.46 -110.86
C MET G 1100 -38.70 -24.62 -109.64
N ARG G 1101 -38.00 -24.89 -108.55
CA ARG G 1101 -38.16 -24.15 -107.31
C ARG G 1101 -36.84 -23.44 -106.98
N VAL G 1102 -36.91 -22.13 -106.82
CA VAL G 1102 -35.76 -21.31 -106.47
C VAL G 1102 -36.10 -20.47 -105.26
N GLY G 1103 -35.18 -20.42 -104.30
CA GLY G 1103 -35.43 -19.68 -103.07
C GLY G 1103 -34.29 -19.82 -102.10
N TRP G 1104 -34.58 -19.48 -100.85
CA TRP G 1104 -33.56 -19.52 -99.81
C TRP G 1104 -33.82 -20.70 -98.89
N ALA G 1105 -32.76 -21.43 -98.55
CA ALA G 1105 -32.89 -22.65 -97.79
C ALA G 1105 -31.84 -22.70 -96.69
N ARG G 1106 -32.14 -23.47 -95.64
CA ARG G 1106 -31.19 -23.66 -94.55
C ARG G 1106 -30.16 -24.72 -94.93
N PRO G 1107 -28.98 -24.68 -94.32
CA PRO G 1107 -27.93 -25.65 -94.69
C PRO G 1107 -28.32 -27.09 -94.45
N GLU G 1108 -29.10 -27.37 -93.39
CA GLU G 1108 -29.34 -28.75 -93.00
C GLU G 1108 -30.46 -29.40 -93.82
N LEU G 1109 -30.89 -28.78 -94.91
CA LEU G 1109 -31.95 -29.37 -95.72
C LEU G 1109 -31.49 -30.69 -96.31
N ARG G 1110 -32.39 -31.67 -96.29
CA ARG G 1110 -32.07 -32.98 -96.84
C ARG G 1110 -32.25 -32.97 -98.36
N PRO G 1111 -31.46 -33.77 -99.08
CA PRO G 1111 -31.57 -33.77 -100.54
C PRO G 1111 -32.81 -34.48 -101.06
N ASP G 1112 -33.32 -35.47 -100.33
CA ASP G 1112 -34.44 -36.26 -100.84
C ASP G 1112 -35.76 -35.51 -100.70
N VAL G 1113 -35.90 -34.71 -99.66
CA VAL G 1113 -37.16 -34.01 -99.43
C VAL G 1113 -37.36 -32.93 -100.50
N GLU G 1114 -38.59 -32.82 -100.97
CA GLU G 1114 -38.93 -31.77 -101.94
C GLU G 1114 -38.75 -30.40 -101.31
N LEU G 1115 -38.32 -29.44 -102.13
CA LEU G 1115 -38.11 -28.08 -101.64
C LEU G 1115 -39.43 -27.46 -101.21
N GLY G 1116 -39.45 -26.89 -100.02
CA GLY G 1116 -40.63 -26.24 -99.50
C GLY G 1116 -41.62 -27.15 -98.79
N ALA G 1117 -41.50 -28.46 -98.95
CA ALA G 1117 -42.38 -29.37 -98.24
C ALA G 1117 -42.03 -29.40 -96.75
N ASP G 1118 -40.83 -29.00 -96.40
CA ASP G 1118 -40.38 -28.91 -95.03
C ASP G 1118 -39.99 -27.47 -94.72
N GLU G 1119 -39.70 -27.22 -93.44
CA GLU G 1119 -39.46 -25.84 -93.00
C GLU G 1119 -38.06 -25.36 -93.38
N LEU G 1120 -37.22 -26.27 -93.86
CA LEU G 1120 -35.81 -25.92 -94.07
C LEU G 1120 -35.61 -25.08 -95.30
N ALA G 1121 -36.63 -24.91 -96.13
CA ALA G 1121 -36.52 -24.19 -97.38
C ALA G 1121 -37.69 -23.23 -97.56
N TYR G 1122 -37.41 -22.06 -98.15
CA TYR G 1122 -38.42 -21.11 -98.58
C TYR G 1122 -38.21 -20.88 -100.07
N VAL G 1123 -39.12 -21.39 -100.90
CA VAL G 1123 -38.93 -21.38 -102.34
C VAL G 1123 -40.18 -20.86 -103.04
N PHE G 1124 -40.00 -20.50 -104.30
CA PHE G 1124 -41.08 -20.09 -105.19
C PHE G 1124 -40.99 -20.89 -106.47
N ASN G 1125 -42.09 -21.51 -106.88
CA ASN G 1125 -42.11 -22.34 -108.08
C ASN G 1125 -42.97 -21.65 -109.12
N GLY G 1126 -42.33 -21.22 -110.21
CA GLY G 1126 -43.02 -20.42 -111.20
C GLY G 1126 -44.10 -21.20 -111.94
N HIS G 1127 -43.84 -22.47 -112.24
CA HIS G 1127 -44.79 -23.24 -113.04
C HIS G 1127 -46.15 -23.33 -112.36
N ARG G 1128 -46.17 -23.69 -111.07
CA ARG G 1128 -47.42 -23.71 -110.33
C ARG G 1128 -47.97 -22.31 -110.16
N GLY G 1129 -47.10 -21.32 -109.93
CA GLY G 1129 -47.57 -20.04 -109.43
C GLY G 1129 -47.81 -20.03 -107.94
N GLN G 1130 -47.07 -20.85 -107.20
CA GLN G 1130 -47.21 -20.97 -105.75
C GLN G 1130 -45.88 -20.75 -105.08
N ARG G 1131 -45.94 -20.40 -103.79
CA ARG G 1131 -44.76 -20.32 -102.93
C ARG G 1131 -44.85 -21.44 -101.91
N TRP G 1132 -43.71 -22.05 -101.58
CA TRP G 1132 -43.67 -23.20 -100.69
C TRP G 1132 -42.84 -22.90 -99.46
N HIS G 1133 -43.44 -23.15 -98.29
CA HIS G 1133 -42.72 -23.28 -97.03
C HIS G 1133 -43.59 -24.12 -96.10
N LEU G 1134 -43.17 -25.35 -95.84
CA LEU G 1134 -43.93 -26.28 -95.01
C LEU G 1134 -45.33 -26.48 -95.58
N GLY G 1135 -45.43 -26.44 -96.91
CA GLY G 1135 -46.70 -26.55 -97.59
C GLY G 1135 -46.71 -25.79 -98.90
N SER G 1136 -47.89 -25.55 -99.45
CA SER G 1136 -48.05 -24.81 -100.70
C SER G 1136 -49.09 -23.73 -100.51
N GLU G 1137 -48.90 -22.59 -101.17
CA GLU G 1137 -49.80 -21.45 -101.05
C GLU G 1137 -49.62 -20.58 -102.28
N PRO G 1138 -50.69 -20.32 -103.04
CA PRO G 1138 -50.53 -19.63 -104.33
C PRO G 1138 -49.94 -18.24 -104.17
N PHE G 1139 -49.05 -17.88 -105.08
CA PHE G 1139 -48.34 -16.61 -105.00
C PHE G 1139 -47.67 -16.32 -106.33
N GLY G 1140 -47.85 -15.10 -106.82
CA GLY G 1140 -47.18 -14.71 -108.04
C GLY G 1140 -47.85 -15.22 -109.30
N ARG G 1141 -47.17 -15.01 -110.42
CA ARG G 1141 -47.67 -15.31 -111.74
C ARG G 1141 -46.79 -16.40 -112.38
N PRO G 1142 -47.39 -17.32 -113.13
CA PRO G 1142 -46.58 -18.33 -113.81
C PRO G 1142 -45.58 -17.70 -114.78
N TRP G 1143 -44.40 -18.31 -114.85
CA TRP G 1143 -43.33 -17.75 -115.65
C TRP G 1143 -43.35 -18.31 -117.07
N GLN G 1144 -42.59 -17.66 -117.95
CA GLN G 1144 -42.46 -18.08 -119.33
C GLN G 1144 -40.99 -18.33 -119.64
N SER G 1145 -40.74 -18.87 -120.83
CA SER G 1145 -39.37 -19.16 -121.22
C SER G 1145 -38.54 -17.89 -121.27
N GLY G 1146 -37.36 -17.94 -120.67
CA GLY G 1146 -36.48 -16.79 -120.63
C GLY G 1146 -36.73 -15.84 -119.48
N ASP G 1147 -37.76 -16.08 -118.67
CA ASP G 1147 -38.03 -15.20 -117.54
C ASP G 1147 -36.94 -15.33 -116.49
N VAL G 1148 -36.70 -14.24 -115.77
CA VAL G 1148 -35.67 -14.19 -114.73
C VAL G 1148 -36.35 -13.85 -113.42
N VAL G 1149 -36.08 -14.66 -112.39
CA VAL G 1149 -36.66 -14.48 -111.07
C VAL G 1149 -35.57 -14.03 -110.12
N GLY G 1150 -35.80 -12.89 -109.45
CA GLY G 1150 -34.87 -12.35 -108.49
C GLY G 1150 -35.33 -12.64 -107.07
N CYS G 1151 -34.47 -13.31 -106.32
CA CYS G 1151 -34.76 -13.69 -104.95
C CYS G 1151 -34.04 -12.73 -104.01
N MET G 1152 -34.77 -12.22 -103.03
CA MET G 1152 -34.28 -11.18 -102.13
C MET G 1152 -34.60 -11.59 -100.69
N ILE G 1153 -33.61 -11.48 -99.81
CA ILE G 1153 -33.80 -11.73 -98.39
C ILE G 1153 -33.12 -10.63 -97.60
N ASP G 1154 -33.83 -10.07 -96.62
CA ASP G 1154 -33.25 -9.14 -95.67
C ASP G 1154 -33.37 -9.74 -94.28
N LEU G 1155 -32.27 -10.30 -93.77
CA LEU G 1155 -32.30 -10.97 -92.48
C LEU G 1155 -32.63 -10.00 -91.37
N THR G 1156 -32.29 -8.72 -91.55
CA THR G 1156 -32.70 -7.70 -90.59
C THR G 1156 -34.21 -7.47 -90.63
N GLU G 1157 -34.77 -7.32 -91.83
CA GLU G 1157 -36.21 -7.16 -91.95
C GLU G 1157 -36.94 -8.48 -91.75
N ASN G 1158 -36.22 -9.60 -91.86
CA ASN G 1158 -36.77 -10.95 -91.75
C ASN G 1158 -37.88 -11.23 -92.76
N THR G 1159 -37.69 -10.80 -94.01
CA THR G 1159 -38.67 -11.01 -95.07
C THR G 1159 -37.95 -11.51 -96.32
N ILE G 1160 -38.66 -12.26 -97.15
CA ILE G 1160 -38.16 -12.75 -98.42
C ILE G 1160 -39.03 -12.18 -99.53
N ILE G 1161 -38.40 -11.61 -100.56
CA ILE G 1161 -39.09 -10.95 -101.65
C ILE G 1161 -38.69 -11.63 -102.95
N PHE G 1162 -39.69 -11.95 -103.78
CA PHE G 1162 -39.47 -12.52 -105.09
C PHE G 1162 -39.99 -11.55 -106.15
N THR G 1163 -39.16 -11.27 -107.15
CA THR G 1163 -39.55 -10.40 -108.26
C THR G 1163 -39.29 -11.13 -109.58
N LEU G 1164 -40.26 -11.05 -110.49
CA LEU G 1164 -40.18 -11.70 -111.79
C LEU G 1164 -40.00 -10.65 -112.87
N ASN G 1165 -38.91 -10.77 -113.64
CA ASN G 1165 -38.56 -9.81 -114.69
C ASN G 1165 -38.49 -8.39 -114.15
N GLY G 1166 -37.99 -8.25 -112.92
CA GLY G 1166 -37.86 -6.95 -112.30
C GLY G 1166 -39.11 -6.42 -111.64
N GLU G 1167 -40.23 -7.13 -111.74
CA GLU G 1167 -41.48 -6.71 -111.12
C GLU G 1167 -41.73 -7.57 -109.90
N VAL G 1168 -42.00 -6.93 -108.75
CA VAL G 1168 -42.19 -7.67 -107.52
C VAL G 1168 -43.44 -8.54 -107.64
N LEU G 1169 -43.26 -9.84 -107.40
CA LEU G 1169 -44.40 -10.75 -107.44
C LEU G 1169 -45.32 -10.48 -106.25
N MET G 1170 -46.61 -10.37 -106.54
CA MET G 1170 -47.62 -9.96 -105.57
C MET G 1170 -48.40 -11.16 -105.09
N SER G 1171 -48.44 -11.36 -103.79
CA SER G 1171 -49.30 -12.39 -103.21
C SER G 1171 -50.75 -11.96 -103.28
N ASP G 1172 -51.65 -12.95 -103.23
CA ASP G 1172 -53.08 -12.70 -103.20
C ASP G 1172 -53.50 -12.32 -101.78
N SER G 1173 -52.87 -11.26 -101.28
CA SER G 1173 -53.08 -10.78 -99.93
C SER G 1173 -52.45 -9.40 -99.81
N GLY G 1174 -52.47 -8.87 -98.58
CA GLY G 1174 -51.95 -7.53 -98.36
C GLY G 1174 -50.45 -7.42 -98.58
N SER G 1175 -49.68 -8.38 -98.08
CA SER G 1175 -48.23 -8.25 -98.07
C SER G 1175 -47.65 -8.40 -99.46
N GLU G 1176 -46.62 -7.62 -99.75
CA GLU G 1176 -45.83 -7.75 -100.97
C GLU G 1176 -44.67 -8.71 -100.81
N THR G 1177 -44.38 -9.16 -99.60
CA THR G 1177 -43.31 -10.09 -99.33
C THR G 1177 -43.87 -11.50 -99.26
N ALA G 1178 -43.19 -12.44 -99.93
CA ALA G 1178 -43.67 -13.82 -99.95
C ALA G 1178 -43.69 -14.43 -98.56
N PHE G 1179 -42.63 -14.20 -97.78
CA PHE G 1179 -42.49 -14.75 -96.44
C PHE G 1179 -42.17 -13.63 -95.47
N ARG G 1180 -42.68 -13.75 -94.24
CA ARG G 1180 -42.58 -12.70 -93.24
C ARG G 1180 -42.03 -13.27 -91.94
N GLU G 1181 -41.41 -12.41 -91.14
CA GLU G 1181 -40.98 -12.71 -89.77
C GLU G 1181 -40.17 -14.00 -89.69
N ILE G 1182 -39.53 -14.38 -90.81
CA ILE G 1182 -38.73 -15.60 -90.84
C ILE G 1182 -37.55 -15.46 -89.88
N GLU G 1183 -37.41 -16.44 -89.00
CA GLU G 1183 -36.34 -16.40 -88.01
C GLU G 1183 -34.99 -16.61 -88.69
N ILE G 1184 -33.97 -15.93 -88.17
CA ILE G 1184 -32.64 -16.02 -88.77
C ILE G 1184 -32.03 -17.39 -88.51
N GLY G 1185 -31.94 -17.78 -87.23
CA GLY G 1185 -31.44 -19.09 -86.88
C GLY G 1185 -30.02 -19.33 -87.38
N ASP G 1186 -29.83 -20.47 -88.04
CA ASP G 1186 -28.51 -20.88 -88.47
C ASP G 1186 -28.01 -20.04 -89.64
N GLY G 1187 -28.88 -19.69 -90.57
CA GLY G 1187 -28.49 -18.95 -91.75
C GLY G 1187 -29.39 -19.27 -92.90
N PHE G 1188 -28.95 -18.87 -94.10
CA PHE G 1188 -29.71 -19.06 -95.32
C PHE G 1188 -28.76 -19.28 -96.48
N LEU G 1189 -29.17 -20.12 -97.44
CA LEU G 1189 -28.37 -20.47 -98.58
C LEU G 1189 -29.22 -20.44 -99.83
N PRO G 1190 -28.76 -19.82 -100.92
CA PRO G 1190 -29.51 -19.89 -102.18
C PRO G 1190 -29.62 -21.33 -102.65
N VAL G 1191 -30.79 -21.67 -103.18
CA VAL G 1191 -31.10 -23.04 -103.58
C VAL G 1191 -31.97 -23.00 -104.82
N CYS G 1192 -31.84 -24.02 -105.66
CA CYS G 1192 -32.66 -24.20 -106.85
C CYS G 1192 -32.84 -25.68 -107.11
N SER G 1193 -34.09 -26.10 -107.30
CA SER G 1193 -34.42 -27.47 -107.63
C SER G 1193 -34.96 -27.52 -109.05
N LEU G 1194 -34.40 -28.40 -109.88
CA LEU G 1194 -34.77 -28.51 -111.28
C LEU G 1194 -35.48 -29.83 -111.52
N GLY G 1195 -36.64 -29.77 -112.14
CA GLY G 1195 -37.41 -30.95 -112.45
C GLY G 1195 -36.85 -31.69 -113.65
N PRO G 1196 -37.50 -32.79 -114.02
CA PRO G 1196 -37.00 -33.58 -115.16
C PRO G 1196 -37.10 -32.81 -116.47
N GLY G 1197 -36.03 -32.87 -117.24
CA GLY G 1197 -36.00 -32.18 -118.53
C GLY G 1197 -36.12 -30.69 -118.43
N GLN G 1198 -35.54 -30.09 -117.39
CA GLN G 1198 -35.64 -28.66 -117.14
C GLN G 1198 -34.23 -28.06 -117.09
N VAL G 1199 -34.07 -26.91 -117.73
CA VAL G 1199 -32.80 -26.20 -117.78
C VAL G 1199 -33.00 -24.82 -117.16
N GLY G 1200 -32.10 -24.45 -116.26
CA GLY G 1200 -32.14 -23.15 -115.63
C GLY G 1200 -30.76 -22.61 -115.38
N HIS G 1201 -30.64 -21.29 -115.42
CA HIS G 1201 -29.38 -20.61 -115.20
C HIS G 1201 -29.46 -19.82 -113.90
N LEU G 1202 -28.49 -20.03 -113.03
CA LEU G 1202 -28.47 -19.42 -111.71
C LEU G 1202 -27.30 -18.45 -111.60
N ASN G 1203 -27.60 -17.18 -111.36
CA ASN G 1203 -26.60 -16.13 -111.25
C ASN G 1203 -26.54 -15.65 -109.80
N LEU G 1204 -25.34 -15.69 -109.23
CA LEU G 1204 -25.14 -15.30 -107.84
C LEU G 1204 -24.55 -13.89 -107.71
N GLY G 1205 -24.52 -13.14 -108.81
CA GLY G 1205 -23.95 -11.80 -108.77
C GLY G 1205 -22.45 -11.76 -108.57
N GLN G 1206 -21.73 -12.70 -109.18
CA GLN G 1206 -20.27 -12.60 -109.20
C GLN G 1206 -19.83 -11.36 -109.96
N ASP G 1207 -20.47 -11.08 -111.10
CA ASP G 1207 -20.33 -9.82 -111.80
C ASP G 1207 -21.63 -9.04 -111.64
N VAL G 1208 -21.53 -7.83 -111.07
CA VAL G 1208 -22.72 -7.04 -110.81
C VAL G 1208 -23.40 -6.64 -112.11
N SER G 1209 -22.64 -6.58 -113.20
CA SER G 1209 -23.22 -6.23 -114.49
C SER G 1209 -23.97 -7.40 -115.10
N SER G 1210 -23.66 -8.62 -114.67
CA SER G 1210 -24.28 -9.79 -115.26
C SER G 1210 -25.78 -9.83 -114.99
N LEU G 1211 -26.20 -9.47 -113.78
CA LEU G 1211 -27.61 -9.53 -113.43
C LEU G 1211 -28.41 -8.54 -114.26
N ARG G 1212 -29.59 -8.98 -114.73
CA ARG G 1212 -30.37 -8.16 -115.64
C ARG G 1212 -31.23 -7.14 -114.90
N PHE G 1213 -31.88 -7.57 -113.81
CA PHE G 1213 -32.87 -6.75 -113.15
C PHE G 1213 -32.42 -6.26 -111.77
N PHE G 1214 -31.13 -6.37 -111.47
CA PHE G 1214 -30.65 -5.89 -110.17
C PHE G 1214 -30.80 -4.38 -110.05
N ALA G 1215 -30.53 -3.65 -111.14
CA ALA G 1215 -30.73 -2.20 -111.12
C ALA G 1215 -32.20 -1.86 -110.96
N ILE G 1216 -33.08 -2.61 -111.62
CA ILE G 1216 -34.50 -2.31 -111.56
C ILE G 1216 -35.04 -2.55 -110.15
N CYS G 1217 -34.66 -3.66 -109.53
CA CYS G 1217 -35.09 -3.99 -108.18
C CYS G 1217 -33.92 -4.52 -107.38
N GLY G 1218 -33.73 -3.99 -106.18
CA GLY G 1218 -32.68 -4.43 -105.29
C GLY G 1218 -31.51 -3.47 -105.14
N LEU G 1219 -31.19 -2.71 -106.19
CA LEU G 1219 -30.07 -1.77 -106.09
C LEU G 1219 -30.39 -0.62 -105.14
N GLN G 1220 -31.57 -0.03 -105.28
CA GLN G 1220 -31.93 1.11 -104.45
C GLN G 1220 -32.32 0.67 -103.05
N GLU G 1221 -32.80 -0.57 -102.89
CA GLU G 1221 -33.19 -1.04 -101.57
C GLU G 1221 -31.96 -1.40 -100.74
N GLY G 1222 -30.78 -1.31 -101.32
CA GLY G 1222 -29.57 -1.66 -100.63
C GLY G 1222 -29.23 -3.12 -100.64
N PHE G 1223 -29.97 -3.94 -101.40
CA PHE G 1223 -29.67 -5.36 -101.46
C PHE G 1223 -28.35 -5.58 -102.19
N GLU G 1224 -27.55 -6.50 -101.67
CA GLU G 1224 -26.24 -6.78 -102.22
C GLU G 1224 -26.27 -8.10 -102.97
N PRO G 1225 -25.58 -8.22 -104.11
CA PRO G 1225 -25.47 -9.53 -104.75
C PRO G 1225 -24.81 -10.53 -103.81
N PHE G 1226 -25.26 -11.79 -103.89
CA PHE G 1226 -24.79 -12.79 -102.94
C PHE G 1226 -23.29 -13.01 -103.08
N ALA G 1227 -22.79 -13.02 -104.30
CA ALA G 1227 -21.36 -13.17 -104.57
C ALA G 1227 -20.74 -11.88 -105.10
N ILE G 1228 -21.12 -10.73 -104.54
CA ILE G 1228 -20.73 -9.45 -105.13
C ILE G 1228 -19.22 -9.26 -105.10
N ASN G 1229 -18.59 -9.54 -103.95
CA ASN G 1229 -17.15 -9.34 -103.78
C ASN G 1229 -16.54 -10.69 -103.38
N MET G 1230 -16.26 -11.52 -104.39
CA MET G 1230 -15.71 -12.85 -104.19
C MET G 1230 -14.67 -13.11 -105.26
N GLN G 1231 -13.50 -13.58 -104.84
CA GLN G 1231 -12.41 -13.83 -105.77
CA GLN G 1231 -12.42 -13.83 -105.79
C GLN G 1231 -12.76 -14.97 -106.73
N ARG G 1232 -13.42 -16.00 -106.23
CA ARG G 1232 -13.73 -17.19 -107.01
C ARG G 1232 -15.23 -17.44 -107.01
N PRO G 1233 -15.75 -18.12 -108.03
CA PRO G 1233 -17.19 -18.39 -108.09
C PRO G 1233 -17.64 -19.27 -106.94
N VAL G 1234 -18.91 -19.12 -106.57
CA VAL G 1234 -19.45 -19.87 -105.43
C VAL G 1234 -19.45 -21.36 -105.74
N THR G 1235 -18.93 -22.14 -104.80
CA THR G 1235 -19.01 -23.59 -104.91
C THR G 1235 -20.43 -24.06 -104.70
N THR G 1236 -20.93 -24.88 -105.61
CA THR G 1236 -22.30 -25.36 -105.58
C THR G 1236 -22.32 -26.84 -105.30
N TRP G 1237 -23.29 -27.26 -104.49
CA TRP G 1237 -23.49 -28.67 -104.14
C TRP G 1237 -24.83 -29.11 -104.71
N PHE G 1238 -24.86 -30.30 -105.30
CA PHE G 1238 -26.06 -30.81 -105.93
C PHE G 1238 -26.44 -32.15 -105.33
N SER G 1239 -27.73 -32.45 -105.31
CA SER G 1239 -28.19 -33.74 -104.80
C SER G 1239 -27.93 -34.83 -105.82
N LYS G 1240 -27.07 -35.77 -105.45
CA LYS G 1240 -26.65 -36.86 -106.32
C LYS G 1240 -27.55 -38.06 -106.07
N SER G 1241 -28.23 -38.53 -107.11
CA SER G 1241 -29.18 -39.63 -106.98
C SER G 1241 -28.46 -40.97 -107.17
N LEU G 1242 -27.40 -41.14 -106.38
CA LEU G 1242 -26.65 -42.39 -106.32
C LEU G 1242 -26.78 -42.95 -104.92
N PRO G 1243 -27.51 -44.04 -104.71
CA PRO G 1243 -27.73 -44.55 -103.35
C PRO G 1243 -26.42 -45.02 -102.72
N GLN G 1244 -26.12 -44.46 -101.55
CA GLN G 1244 -24.92 -44.77 -100.80
C GLN G 1244 -25.32 -45.30 -99.43
N PHE G 1245 -24.63 -46.33 -98.96
CA PHE G 1245 -24.91 -46.87 -97.65
C PHE G 1245 -24.48 -45.90 -96.56
N GLU G 1246 -25.39 -45.61 -95.64
CA GLU G 1246 -25.13 -44.64 -94.58
C GLU G 1246 -25.58 -45.24 -93.25
N PRO G 1247 -24.99 -44.78 -92.15
CA PRO G 1247 -25.43 -45.27 -90.83
C PRO G 1247 -26.89 -44.96 -90.58
N VAL G 1248 -27.57 -45.88 -89.89
CA VAL G 1248 -28.96 -45.62 -89.53
C VAL G 1248 -29.00 -44.49 -88.51
N PRO G 1249 -29.72 -43.40 -88.77
CA PRO G 1249 -29.73 -42.28 -87.83
C PRO G 1249 -30.30 -42.70 -86.49
N PRO G 1250 -29.72 -42.22 -85.40
CA PRO G 1250 -30.27 -42.56 -84.07
C PRO G 1250 -31.70 -42.08 -83.87
N GLU G 1251 -32.05 -40.95 -84.46
CA GLU G 1251 -33.38 -40.37 -84.30
C GLU G 1251 -34.33 -40.73 -85.44
N HIS G 1252 -33.93 -41.62 -86.33
CA HIS G 1252 -34.77 -41.93 -87.47
C HIS G 1252 -36.07 -42.56 -86.98
N PRO G 1253 -37.23 -42.02 -87.37
CA PRO G 1253 -38.47 -42.41 -86.68
C PRO G 1253 -38.92 -43.83 -86.97
N HIS G 1254 -38.88 -44.27 -88.23
CA HIS G 1254 -39.51 -45.53 -88.59
C HIS G 1254 -38.66 -46.73 -88.18
N TYR G 1255 -37.34 -46.59 -88.21
CA TYR G 1255 -36.43 -47.72 -88.00
C TYR G 1255 -35.53 -47.45 -86.81
N GLU G 1256 -35.33 -48.46 -85.98
CA GLU G 1256 -34.47 -48.40 -84.81
C GLU G 1256 -33.55 -49.60 -84.80
N VAL G 1257 -32.30 -49.39 -84.41
CA VAL G 1257 -31.31 -50.45 -84.29
C VAL G 1257 -30.84 -50.50 -82.85
N ALA G 1258 -30.96 -51.67 -82.22
CA ALA G 1258 -30.56 -51.87 -80.84
C ALA G 1258 -29.43 -52.88 -80.78
N ARG G 1259 -28.34 -52.50 -80.12
CA ARG G 1259 -27.16 -53.35 -79.97
C ARG G 1259 -27.23 -54.06 -78.63
N MET G 1260 -27.37 -55.38 -78.66
CA MET G 1260 -27.45 -56.18 -77.45
C MET G 1260 -26.19 -57.01 -77.29
N ASP G 1261 -25.53 -56.86 -76.15
CA ASP G 1261 -24.31 -57.61 -75.87
C ASP G 1261 -24.62 -59.09 -75.75
N GLY G 1262 -23.66 -59.92 -76.19
CA GLY G 1262 -23.88 -61.35 -76.21
C GLY G 1262 -23.92 -61.95 -74.81
N THR G 1263 -24.92 -62.78 -74.56
CA THR G 1263 -24.99 -63.53 -73.33
C THR G 1263 -24.21 -64.83 -73.45
N VAL G 1264 -24.35 -65.70 -72.44
CA VAL G 1264 -23.66 -66.98 -72.46
C VAL G 1264 -24.27 -67.90 -73.51
N ASP G 1265 -25.56 -67.75 -73.78
CA ASP G 1265 -26.23 -68.66 -74.71
C ASP G 1265 -26.33 -68.04 -76.10
N THR G 1266 -26.43 -66.72 -76.18
CA THR G 1266 -26.62 -66.03 -77.44
C THR G 1266 -25.42 -65.15 -77.75
N PRO G 1267 -24.96 -65.09 -79.00
CA PRO G 1267 -23.83 -64.23 -79.32
C PRO G 1267 -24.27 -62.77 -79.33
N PRO G 1268 -23.33 -61.84 -79.48
CA PRO G 1268 -23.72 -60.44 -79.69
C PRO G 1268 -24.53 -60.31 -80.96
N CYS G 1269 -25.58 -59.47 -80.90
CA CYS G 1269 -26.50 -59.33 -82.02
C CYS G 1269 -26.82 -57.86 -82.26
N LEU G 1270 -27.16 -57.57 -83.51
CA LEU G 1270 -27.67 -56.27 -83.93
C LEU G 1270 -29.10 -56.43 -84.40
N ARG G 1271 -30.04 -55.84 -83.68
CA ARG G 1271 -31.46 -56.06 -83.91
C ARG G 1271 -32.10 -54.80 -84.47
N LEU G 1272 -32.90 -54.97 -85.52
CA LEU G 1272 -33.65 -53.88 -86.14
C LEU G 1272 -35.11 -53.99 -85.74
N ALA G 1273 -35.66 -52.89 -85.23
CA ALA G 1273 -37.06 -52.84 -84.83
C ALA G 1273 -37.73 -51.65 -85.50
N HIS G 1274 -38.98 -51.85 -85.91
CA HIS G 1274 -39.77 -50.82 -86.57
C HIS G 1274 -40.64 -50.14 -85.52
N ARG G 1275 -40.30 -48.91 -85.17
CA ARG G 1275 -41.00 -48.22 -84.09
C ARG G 1275 -42.47 -47.97 -84.45
N THR G 1276 -42.72 -47.45 -85.64
CA THR G 1276 -44.04 -46.96 -85.99
C THR G 1276 -44.95 -48.07 -86.51
N TRP G 1277 -44.41 -49.25 -86.78
CA TRP G 1277 -45.22 -50.35 -87.30
C TRP G 1277 -46.44 -50.62 -86.43
N GLY G 1278 -47.52 -51.04 -87.06
CA GLY G 1278 -48.76 -51.31 -86.37
C GLY G 1278 -49.58 -50.09 -86.04
N SER G 1279 -49.22 -48.93 -86.56
CA SER G 1279 -49.94 -47.70 -86.28
C SER G 1279 -50.10 -46.91 -87.57
N GLN G 1280 -50.79 -45.77 -87.45
CA GLN G 1280 -50.97 -44.87 -88.58
C GLN G 1280 -49.64 -44.23 -88.92
N ASN G 1281 -49.55 -43.65 -90.12
CA ASN G 1281 -48.36 -43.01 -90.70
C ASN G 1281 -47.15 -43.92 -90.69
N SER G 1282 -47.33 -45.23 -90.57
CA SER G 1282 -46.23 -46.15 -90.70
C SER G 1282 -45.73 -46.17 -92.13
N LEU G 1283 -44.42 -46.22 -92.30
CA LEU G 1283 -43.79 -46.27 -93.62
C LEU G 1283 -43.29 -47.69 -93.86
N VAL G 1284 -43.82 -48.33 -94.89
CA VAL G 1284 -43.41 -49.68 -95.27
C VAL G 1284 -42.79 -49.62 -96.65
N GLU G 1285 -41.55 -50.08 -96.75
CA GLU G 1285 -40.83 -50.09 -98.01
C GLU G 1285 -39.71 -51.12 -97.92
N MET G 1286 -39.11 -51.42 -99.06
CA MET G 1286 -37.95 -52.31 -99.05
C MET G 1286 -36.79 -51.61 -98.36
N LEU G 1287 -36.26 -52.24 -97.32
CA LEU G 1287 -35.19 -51.68 -96.51
C LEU G 1287 -33.91 -52.44 -96.80
N PHE G 1288 -32.87 -51.72 -97.21
CA PHE G 1288 -31.58 -52.31 -97.55
C PHE G 1288 -30.63 -52.07 -96.37
N LEU G 1289 -30.13 -53.15 -95.79
CA LEU G 1289 -29.24 -53.08 -94.64
C LEU G 1289 -27.93 -53.76 -94.98
N ARG G 1290 -26.83 -53.18 -94.51
CA ARG G 1290 -25.52 -53.79 -94.65
C ARG G 1290 -24.69 -53.46 -93.41
N LEU G 1291 -23.68 -54.30 -93.14
CA LEU G 1291 -22.80 -54.04 -92.03
C LEU G 1291 -21.68 -53.11 -92.45
N SER G 1292 -21.18 -52.32 -91.48
CA SER G 1292 -20.20 -51.28 -91.81
C SER G 1292 -18.90 -51.86 -92.34
N LEU G 1293 -18.44 -52.96 -91.76
CA LEU G 1293 -17.12 -53.44 -92.14
C LEU G 1293 -17.20 -54.64 -93.06
N PRO G 1294 -16.31 -54.74 -94.04
CA PRO G 1294 -16.34 -55.87 -94.95
C PRO G 1294 -15.41 -57.00 -94.50
N VAL G 1295 -15.48 -58.10 -95.24
CA VAL G 1295 -14.54 -59.20 -95.11
C VAL G 1295 -13.80 -59.35 -96.44
N GLN G 1296 -12.47 -59.36 -96.38
CA GLN G 1296 -11.65 -59.43 -97.58
C GLN G 1296 -11.17 -60.85 -97.78
N PHE G 1297 -11.44 -61.40 -98.95
CA PHE G 1297 -10.96 -62.74 -99.26
C PHE G 1297 -9.45 -62.75 -99.37
N HIS G 1298 -8.83 -63.90 -99.06
CA HIS G 1298 -7.38 -64.01 -99.07
C HIS G 1298 -6.85 -63.64 -100.45
N GLN G 1299 -5.58 -63.22 -100.50
CA GLN G 1299 -5.04 -62.70 -101.74
C GLN G 1299 -4.81 -63.81 -102.78
N HIS G 1300 -4.18 -64.90 -102.37
CA HIS G 1300 -3.93 -66.05 -103.24
C HIS G 1300 -4.76 -67.22 -102.73
N PHE G 1301 -5.67 -67.71 -103.57
CA PHE G 1301 -6.56 -68.78 -103.16
C PHE G 1301 -5.78 -70.07 -102.93
N ARG G 1302 -6.21 -70.83 -101.94
CA ARG G 1302 -5.56 -72.11 -101.66
C ARG G 1302 -5.70 -73.01 -102.87
N CYS G 1303 -4.59 -73.66 -103.24
CA CYS G 1303 -4.57 -74.51 -104.42
C CYS G 1303 -5.59 -75.64 -104.29
N THR G 1304 -6.34 -75.86 -105.36
CA THR G 1304 -7.39 -76.88 -105.40
C THR G 1304 -8.40 -76.70 -104.27
N ASP G 1419 -20.67 -80.56 -75.14
CA ASP G 1419 -20.36 -80.95 -76.51
C ASP G 1419 -20.28 -79.72 -77.41
N ASN G 1420 -19.91 -79.95 -78.68
CA ASN G 1420 -19.82 -78.90 -79.69
C ASN G 1420 -18.76 -77.86 -79.33
N ARG G 1421 -17.56 -78.33 -78.99
CA ARG G 1421 -16.41 -77.46 -78.77
C ARG G 1421 -15.57 -77.43 -80.04
N ASP G 1422 -14.98 -76.28 -80.33
CA ASP G 1422 -14.07 -76.18 -81.46
C ASP G 1422 -12.73 -76.80 -81.12
N ASP G 1423 -12.19 -77.57 -82.06
CA ASP G 1423 -10.87 -78.15 -81.86
C ASP G 1423 -9.83 -77.04 -81.84
N PRO G 1424 -8.91 -77.04 -80.87
CA PRO G 1424 -7.99 -75.90 -80.73
C PRO G 1424 -7.12 -75.63 -81.94
N GLU G 1425 -6.67 -76.69 -82.63
CA GLU G 1425 -5.78 -76.47 -83.77
C GLU G 1425 -6.57 -76.21 -85.04
N ILE G 1426 -7.73 -76.86 -85.20
CA ILE G 1426 -8.57 -76.62 -86.36
C ILE G 1426 -9.10 -75.19 -86.36
N ILE G 1427 -9.55 -74.71 -85.20
CA ILE G 1427 -10.19 -73.40 -85.14
C ILE G 1427 -9.21 -72.30 -85.53
N LEU G 1428 -7.91 -72.52 -85.33
CA LEU G 1428 -6.92 -71.55 -85.76
C LEU G 1428 -6.54 -71.77 -87.22
N ASN G 1429 -6.58 -73.02 -87.68
CA ASN G 1429 -6.24 -73.32 -89.07
C ASN G 1429 -7.38 -72.94 -90.01
N THR G 1430 -8.62 -73.04 -89.54
CA THR G 1430 -9.76 -72.83 -90.43
C THR G 1430 -9.82 -71.39 -90.92
N THR G 1431 -10.19 -71.23 -92.19
CA THR G 1431 -10.41 -69.93 -92.80
C THR G 1431 -11.88 -69.65 -93.05
N THR G 1432 -12.77 -70.55 -92.66
CA THR G 1432 -14.19 -70.33 -92.85
C THR G 1432 -14.73 -69.44 -91.74
N TYR G 1433 -15.55 -68.47 -92.13
CA TYR G 1433 -16.12 -67.50 -91.21
C TYR G 1433 -17.63 -67.58 -91.28
N TYR G 1434 -18.29 -67.42 -90.15
CA TYR G 1434 -19.73 -67.64 -90.04
C TYR G 1434 -20.43 -66.34 -89.69
N TYR G 1435 -21.62 -66.16 -90.23
CA TYR G 1435 -22.46 -65.00 -89.98
C TYR G 1435 -23.91 -65.40 -90.20
N SER G 1436 -24.75 -65.17 -89.19
CA SER G 1436 -26.12 -65.67 -89.19
C SER G 1436 -27.08 -64.51 -88.98
N VAL G 1437 -28.26 -64.62 -89.59
CA VAL G 1437 -29.32 -63.63 -89.46
C VAL G 1437 -30.60 -64.35 -89.08
N ARG G 1438 -31.29 -63.86 -88.06
CA ARG G 1438 -32.50 -64.49 -87.54
C ARG G 1438 -33.70 -63.65 -87.93
N VAL G 1439 -34.67 -64.29 -88.58
CA VAL G 1439 -35.93 -63.65 -88.95
C VAL G 1439 -36.94 -63.96 -87.85
N PHE G 1440 -37.41 -62.93 -87.17
CA PHE G 1440 -38.30 -63.11 -86.05
C PHE G 1440 -39.66 -63.63 -86.51
N ALA G 1441 -40.39 -64.25 -85.59
CA ALA G 1441 -41.73 -64.73 -85.89
C ALA G 1441 -42.63 -63.55 -86.20
N GLY G 1442 -43.53 -63.74 -87.17
CA GLY G 1442 -44.39 -62.68 -87.62
C GLY G 1442 -43.82 -61.84 -88.75
N GLN G 1443 -42.57 -62.05 -89.11
CA GLN G 1443 -41.95 -61.38 -90.25
C GLN G 1443 -41.88 -62.37 -91.40
N GLU G 1444 -42.48 -62.02 -92.52
CA GLU G 1444 -42.58 -62.94 -93.64
C GLU G 1444 -41.19 -63.29 -94.16
N PRO G 1445 -40.82 -64.57 -94.18
CA PRO G 1445 -39.51 -64.94 -94.75
C PRO G 1445 -39.38 -64.60 -96.22
N SER G 1446 -40.51 -64.50 -96.93
CA SER G 1446 -40.46 -64.16 -98.35
C SER G 1446 -39.94 -62.75 -98.56
N CYS G 1447 -40.17 -61.87 -97.60
CA CYS G 1447 -39.76 -60.48 -97.75
C CYS G 1447 -38.30 -60.29 -97.34
N VAL G 1448 -37.69 -61.29 -96.71
CA VAL G 1448 -36.34 -61.16 -96.22
C VAL G 1448 -35.34 -61.70 -97.24
N TRP G 1449 -34.20 -61.03 -97.37
CA TRP G 1449 -33.12 -61.46 -98.23
C TRP G 1449 -31.83 -61.38 -97.44
N VAL G 1450 -31.09 -62.48 -97.37
CA VAL G 1450 -29.87 -62.56 -96.57
C VAL G 1450 -28.70 -62.94 -97.48
N GLY G 1451 -27.58 -62.26 -97.32
CA GLY G 1451 -26.41 -62.56 -98.12
C GLY G 1451 -25.31 -61.54 -97.91
N TRP G 1452 -24.54 -61.32 -98.97
CA TRP G 1452 -23.43 -60.38 -98.98
C TRP G 1452 -23.57 -59.43 -100.15
N VAL G 1453 -22.98 -58.25 -100.04
CA VAL G 1453 -22.93 -57.27 -101.12
C VAL G 1453 -21.50 -56.76 -101.25
N THR G 1454 -21.05 -56.60 -102.50
CA THR G 1454 -19.79 -55.94 -102.76
C THR G 1454 -19.94 -54.43 -102.57
N PRO G 1455 -18.84 -53.71 -102.36
CA PRO G 1455 -18.97 -52.25 -102.16
C PRO G 1455 -19.53 -51.52 -103.37
N ASP G 1456 -19.53 -52.15 -104.54
CA ASP G 1456 -20.02 -51.48 -105.74
C ASP G 1456 -21.55 -51.47 -105.79
N TYR G 1457 -22.20 -52.13 -104.84
CA TYR G 1457 -23.65 -52.26 -104.89
C TYR G 1457 -24.31 -50.93 -104.55
N HIS G 1458 -25.07 -50.39 -105.50
CA HIS G 1458 -25.75 -49.12 -105.32
C HIS G 1458 -27.23 -49.17 -105.69
N GLN G 1459 -27.67 -50.19 -106.41
CA GLN G 1459 -29.07 -50.26 -106.82
C GLN G 1459 -29.96 -50.50 -105.62
N HIS G 1460 -31.04 -49.73 -105.52
CA HIS G 1460 -32.11 -50.00 -104.57
C HIS G 1460 -33.43 -49.92 -105.30
N ASP G 1461 -34.28 -50.92 -105.08
CA ASP G 1461 -35.52 -51.07 -105.83
C ASP G 1461 -36.63 -51.44 -104.85
N MET G 1462 -37.79 -50.79 -105.01
CA MET G 1462 -38.91 -51.08 -104.12
C MET G 1462 -39.54 -52.43 -104.46
N ASN G 1463 -39.28 -52.93 -105.66
CA ASN G 1463 -39.71 -54.25 -106.08
C ASN G 1463 -38.53 -55.19 -106.30
N PHE G 1464 -37.53 -55.12 -105.43
CA PHE G 1464 -36.27 -55.83 -105.65
C PHE G 1464 -36.49 -57.34 -105.57
N ASP G 1465 -35.67 -58.07 -106.31
CA ASP G 1465 -35.64 -59.53 -106.22
C ASP G 1465 -34.32 -60.07 -106.78
N LEU G 1466 -34.13 -61.38 -106.57
CA LEU G 1466 -32.89 -62.02 -106.98
C LEU G 1466 -32.72 -61.95 -108.49
N SER G 1467 -33.82 -61.88 -109.23
CA SER G 1467 -33.74 -61.64 -110.67
C SER G 1467 -33.32 -60.21 -110.96
N LYS G 1468 -33.72 -59.27 -110.09
CA LYS G 1468 -33.34 -57.88 -110.29
C LYS G 1468 -31.86 -57.67 -109.99
N VAL G 1469 -31.25 -58.56 -109.20
CA VAL G 1469 -29.82 -58.46 -108.93
C VAL G 1469 -29.02 -58.48 -110.23
N ARG G 1470 -28.02 -57.60 -110.31
CA ARG G 1470 -27.16 -57.55 -111.48
C ARG G 1470 -26.22 -58.74 -111.52
N ALA G 1471 -25.94 -59.22 -112.74
CA ALA G 1471 -25.01 -60.32 -112.96
C ALA G 1471 -24.50 -60.25 -114.38
N VAL G 1472 -23.23 -60.64 -114.57
CA VAL G 1472 -22.60 -60.65 -115.88
C VAL G 1472 -21.54 -61.75 -115.88
N THR G 1473 -21.44 -62.47 -116.98
CA THR G 1473 -20.47 -63.54 -117.15
C THR G 1473 -19.44 -63.15 -118.20
N VAL G 1474 -18.16 -63.30 -117.85
CA VAL G 1474 -17.05 -63.00 -118.75
C VAL G 1474 -16.36 -64.31 -119.10
N THR G 1475 -16.21 -64.56 -120.39
CA THR G 1475 -15.61 -65.80 -120.88
C THR G 1475 -14.35 -65.48 -121.68
N MET G 1476 -13.25 -66.12 -121.30
CA MET G 1476 -11.99 -66.01 -122.02
C MET G 1476 -11.71 -67.33 -122.70
N GLY G 1477 -11.40 -67.29 -123.99
CA GLY G 1477 -11.28 -68.50 -124.77
C GLY G 1477 -10.08 -68.47 -125.70
N ASP G 1478 -9.73 -69.66 -126.18
CA ASP G 1478 -8.77 -69.81 -127.25
C ASP G 1478 -9.42 -69.41 -128.57
N GLU G 1479 -8.58 -69.10 -129.57
CA GLU G 1479 -9.10 -68.60 -130.84
C GLU G 1479 -10.06 -69.58 -131.49
N GLN G 1480 -9.84 -70.89 -131.30
CA GLN G 1480 -10.75 -71.92 -131.79
C GLN G 1480 -11.33 -72.66 -130.59
N GLY G 1481 -12.45 -72.14 -130.06
CA GLY G 1481 -13.06 -72.77 -128.90
C GLY G 1481 -12.12 -72.78 -127.72
N ASN G 1482 -12.20 -73.86 -126.94
CA ASN G 1482 -11.29 -74.09 -125.81
C ASN G 1482 -11.26 -72.90 -124.86
N VAL G 1483 -12.41 -72.62 -124.22
CA VAL G 1483 -12.48 -71.47 -123.33
C VAL G 1483 -11.56 -71.70 -122.13
N HIS G 1484 -10.75 -70.68 -121.82
CA HIS G 1484 -9.84 -70.79 -120.70
C HIS G 1484 -10.58 -70.78 -119.37
N SER G 1485 -11.49 -69.83 -119.20
CA SER G 1485 -12.23 -69.71 -117.94
C SER G 1485 -13.47 -68.87 -118.18
N SER G 1486 -14.51 -69.16 -117.39
CA SER G 1486 -15.75 -68.40 -117.39
C SER G 1486 -16.00 -67.89 -115.98
N LEU G 1487 -16.08 -66.57 -115.83
CA LEU G 1487 -16.20 -65.93 -114.53
C LEU G 1487 -17.52 -65.16 -114.48
N LYS G 1488 -18.23 -65.30 -113.36
CA LYS G 1488 -19.48 -64.59 -113.14
C LYS G 1488 -19.28 -63.55 -112.05
N CYS G 1489 -19.65 -62.31 -112.34
CA CYS G 1489 -19.48 -61.20 -111.41
C CYS G 1489 -20.85 -60.61 -111.10
N SER G 1490 -21.15 -60.45 -109.81
CA SER G 1490 -22.40 -59.87 -109.35
C SER G 1490 -22.10 -58.92 -108.21
N ASN G 1491 -22.89 -57.84 -108.11
CA ASN G 1491 -22.68 -56.87 -107.05
C ASN G 1491 -23.26 -57.36 -105.72
N CYS G 1492 -24.17 -58.32 -105.78
CA CYS G 1492 -24.90 -58.77 -104.60
C CYS G 1492 -25.09 -60.28 -104.66
N TYR G 1493 -24.64 -60.97 -103.61
CA TYR G 1493 -24.81 -62.40 -103.47
C TYR G 1493 -25.72 -62.67 -102.28
N MET G 1494 -26.95 -63.10 -102.56
CA MET G 1494 -27.93 -63.35 -101.52
C MET G 1494 -28.69 -64.63 -101.83
N VAL G 1495 -29.41 -65.10 -100.81
CA VAL G 1495 -30.36 -66.21 -100.94
C VAL G 1495 -31.71 -65.73 -100.44
N TRP G 1496 -32.76 -66.03 -101.18
CA TRP G 1496 -34.10 -65.61 -100.80
C TRP G 1496 -34.56 -66.36 -99.56
N GLY G 1497 -35.20 -65.64 -98.64
CA GLY G 1497 -35.74 -66.29 -97.46
C GLY G 1497 -36.98 -67.10 -97.76
N GLY G 1498 -37.60 -66.85 -98.91
CA GLY G 1498 -38.83 -67.55 -99.25
C GLY G 1498 -38.61 -69.04 -99.50
N ASP G 1499 -37.50 -69.40 -100.15
CA ASP G 1499 -37.31 -70.78 -100.54
C ASP G 1499 -37.06 -71.68 -99.33
N PHE G 1500 -36.54 -71.11 -98.24
CA PHE G 1500 -36.33 -71.91 -97.04
C PHE G 1500 -37.65 -72.38 -96.44
N VAL G 1501 -38.64 -71.50 -96.37
CA VAL G 1501 -39.91 -71.87 -95.73
C VAL G 1501 -40.64 -72.88 -96.61
N SER G 1502 -41.28 -73.84 -95.96
CA SER G 1502 -42.05 -74.83 -96.70
C SER G 1502 -43.26 -74.18 -97.36
N PRO G 1503 -43.62 -74.58 -98.58
CA PRO G 1503 -44.78 -73.96 -99.25
C PRO G 1503 -46.10 -74.44 -98.67
N GLY G 1504 -46.34 -74.10 -97.40
CA GLY G 1504 -47.57 -74.50 -96.76
C GLY G 1504 -48.73 -73.65 -97.22
N GLN G 1505 -49.87 -74.31 -97.45
CA GLN G 1505 -51.07 -73.60 -97.89
C GLN G 1505 -51.59 -72.67 -96.80
N GLN G 1506 -51.53 -73.11 -95.54
CA GLN G 1506 -51.94 -72.30 -94.41
C GLN G 1506 -50.86 -72.34 -93.34
N GLY G 1507 -50.80 -71.27 -92.55
CA GLY G 1507 -49.76 -71.17 -91.54
C GLY G 1507 -48.37 -71.06 -92.13
N ARG G 1508 -48.22 -70.31 -93.22
CA ARG G 1508 -46.90 -70.11 -93.80
C ARG G 1508 -45.98 -69.39 -92.82
N ILE G 1509 -46.50 -68.40 -92.09
CA ILE G 1509 -45.74 -67.80 -91.01
C ILE G 1509 -45.48 -68.86 -89.96
N SER G 1510 -44.28 -68.84 -89.39
CA SER G 1510 -43.85 -69.82 -88.41
C SER G 1510 -43.67 -69.15 -87.05
N HIS G 1511 -44.30 -69.72 -86.03
CA HIS G 1511 -44.05 -69.26 -84.67
C HIS G 1511 -42.57 -69.41 -84.32
N THR G 1512 -41.92 -70.43 -84.87
CA THR G 1512 -40.48 -70.56 -84.72
C THR G 1512 -39.76 -69.57 -85.63
N ASP G 1513 -38.75 -68.91 -85.07
CA ASP G 1513 -37.93 -67.99 -85.85
C ASP G 1513 -37.13 -68.76 -86.89
N LEU G 1514 -36.92 -68.12 -88.05
CA LEU G 1514 -36.10 -68.68 -89.11
C LEU G 1514 -34.72 -68.03 -89.06
N VAL G 1515 -33.69 -68.85 -88.92
CA VAL G 1515 -32.32 -68.38 -88.77
C VAL G 1515 -31.50 -68.85 -89.95
N ILE G 1516 -31.08 -67.92 -90.79
CA ILE G 1516 -30.26 -68.21 -91.97
C ILE G 1516 -28.82 -67.88 -91.65
N GLY G 1517 -27.93 -68.84 -91.89
CA GLY G 1517 -26.51 -68.66 -91.64
C GLY G 1517 -25.73 -68.65 -92.94
N CYS G 1518 -24.72 -67.78 -92.99
CA CYS G 1518 -23.87 -67.63 -94.16
C CYS G 1518 -22.42 -67.94 -93.80
N LEU G 1519 -21.80 -68.83 -94.56
CA LEU G 1519 -20.42 -69.23 -94.35
C LEU G 1519 -19.59 -68.83 -95.57
N VAL G 1520 -18.46 -68.18 -95.33
CA VAL G 1520 -17.54 -67.79 -96.38
C VAL G 1520 -16.14 -68.26 -96.01
N ASP G 1521 -15.47 -68.91 -96.96
CA ASP G 1521 -14.09 -69.34 -96.79
C ASP G 1521 -13.21 -68.44 -97.63
N LEU G 1522 -12.37 -67.63 -96.97
CA LEU G 1522 -11.55 -66.68 -97.70
C LEU G 1522 -10.53 -67.36 -98.59
N ALA G 1523 -9.97 -68.48 -98.13
CA ALA G 1523 -8.94 -69.16 -98.90
C ALA G 1523 -9.51 -69.81 -100.16
N THR G 1524 -10.63 -70.54 -100.02
CA THR G 1524 -11.22 -71.18 -101.18
C THR G 1524 -12.00 -70.19 -102.04
N GLY G 1525 -12.62 -69.20 -101.40
CA GLY G 1525 -13.48 -68.28 -102.13
C GLY G 1525 -14.87 -68.81 -102.40
N LEU G 1526 -15.34 -69.77 -101.61
CA LEU G 1526 -16.65 -70.40 -101.82
C LEU G 1526 -17.61 -69.92 -100.74
N MET G 1527 -18.86 -69.69 -101.14
CA MET G 1527 -19.90 -69.20 -100.24
C MET G 1527 -21.01 -70.22 -100.14
N THR G 1528 -21.42 -70.54 -98.91
CA THR G 1528 -22.48 -71.50 -98.66
C THR G 1528 -23.44 -70.91 -97.62
N PHE G 1529 -24.70 -71.35 -97.69
CA PHE G 1529 -25.74 -70.85 -96.80
C PHE G 1529 -26.48 -72.03 -96.19
N THR G 1530 -26.84 -71.90 -94.92
CA THR G 1530 -27.60 -72.91 -94.19
C THR G 1530 -29.00 -72.39 -93.94
N ALA G 1531 -30.02 -73.16 -94.32
CA ALA G 1531 -31.40 -72.73 -94.16
C ALA G 1531 -31.78 -72.63 -92.69
N ASN G 1532 -31.81 -73.76 -92.00
CA ASN G 1532 -32.11 -73.84 -90.57
C ASN G 1532 -31.16 -74.80 -89.89
N GLY G 1533 -29.88 -74.70 -90.22
CA GLY G 1533 -28.91 -75.72 -89.85
C GLY G 1533 -28.69 -76.76 -90.92
N LYS G 1534 -29.38 -76.67 -92.05
CA LYS G 1534 -29.23 -77.59 -93.17
C LYS G 1534 -28.71 -76.82 -94.38
N GLU G 1535 -27.66 -77.34 -95.00
CA GLU G 1535 -27.02 -76.62 -96.09
C GLU G 1535 -27.95 -76.48 -97.28
N SER G 1536 -28.09 -75.25 -97.76
CA SER G 1536 -28.88 -75.00 -98.95
C SER G 1536 -28.11 -75.37 -100.20
N ASN G 1537 -28.85 -75.64 -101.28
CA ASN G 1537 -28.21 -76.04 -102.54
C ASN G 1537 -27.45 -74.87 -103.16
N THR G 1538 -27.92 -73.64 -102.94
CA THR G 1538 -27.29 -72.49 -103.57
C THR G 1538 -25.91 -72.22 -103.01
N PHE G 1539 -24.98 -71.86 -103.89
CA PHE G 1539 -23.62 -71.51 -103.51
C PHE G 1539 -23.06 -70.53 -104.52
N PHE G 1540 -22.01 -69.82 -104.11
CA PHE G 1540 -21.39 -68.79 -104.94
C PHE G 1540 -19.88 -68.94 -104.89
N GLN G 1541 -19.22 -68.53 -105.97
CA GLN G 1541 -17.76 -68.53 -106.05
C GLN G 1541 -17.29 -67.16 -106.49
N VAL G 1542 -16.30 -66.61 -105.77
CA VAL G 1542 -15.82 -65.26 -106.02
C VAL G 1542 -14.31 -65.29 -106.25
N GLU G 1543 -13.83 -64.29 -106.98
CA GLU G 1543 -12.41 -64.18 -107.26
C GLU G 1543 -11.65 -63.70 -106.03
N PRO G 1544 -10.33 -63.93 -106.00
CA PRO G 1544 -9.54 -63.45 -104.86
C PRO G 1544 -9.54 -61.93 -104.76
N ASN G 1545 -9.31 -61.44 -103.55
CA ASN G 1545 -9.34 -60.03 -103.16
C ASN G 1545 -10.74 -59.45 -103.21
N THR G 1546 -11.76 -60.27 -103.42
CA THR G 1546 -13.13 -59.77 -103.39
C THR G 1546 -13.49 -59.29 -101.99
N LYS G 1547 -14.15 -58.15 -101.92
CA LYS G 1547 -14.51 -57.52 -100.66
C LYS G 1547 -16.03 -57.58 -100.50
N LEU G 1548 -16.50 -58.13 -99.39
CA LEU G 1548 -17.91 -58.42 -99.20
C LEU G 1548 -18.40 -57.88 -97.87
N PHE G 1549 -19.59 -57.28 -97.87
CA PHE G 1549 -20.23 -56.78 -96.67
C PHE G 1549 -21.41 -57.66 -96.31
N PRO G 1550 -21.57 -58.05 -95.05
CA PRO G 1550 -22.81 -58.70 -94.64
C PRO G 1550 -23.98 -57.76 -94.84
N ALA G 1551 -25.06 -58.27 -95.42
CA ALA G 1551 -26.18 -57.43 -95.80
C ALA G 1551 -27.49 -58.22 -95.73
N VAL G 1552 -28.57 -57.50 -95.42
CA VAL G 1552 -29.91 -58.06 -95.36
C VAL G 1552 -30.87 -57.09 -96.02
N PHE G 1553 -31.67 -57.60 -96.96
CA PHE G 1553 -32.70 -56.82 -97.63
C PHE G 1553 -34.05 -57.34 -97.16
N VAL G 1554 -34.89 -56.47 -96.62
CA VAL G 1554 -36.13 -56.90 -95.99
C VAL G 1554 -37.21 -55.85 -96.18
N LEU G 1555 -38.44 -56.33 -96.37
CA LEU G 1555 -39.64 -55.52 -96.34
C LEU G 1555 -40.37 -55.79 -95.02
N PRO G 1556 -40.37 -54.84 -94.09
CA PRO G 1556 -40.85 -55.15 -92.73
C PRO G 1556 -42.35 -55.38 -92.66
N THR G 1557 -42.73 -56.52 -92.07
CA THR G 1557 -44.13 -56.84 -91.81
C THR G 1557 -44.40 -57.09 -90.33
N HIS G 1558 -43.53 -56.61 -89.43
CA HIS G 1558 -43.64 -56.87 -88.01
C HIS G 1558 -42.89 -55.79 -87.26
N GLN G 1559 -43.18 -55.67 -85.96
CA GLN G 1559 -42.53 -54.64 -85.16
C GLN G 1559 -41.02 -54.84 -85.09
N ASN G 1560 -40.58 -56.07 -84.87
CA ASN G 1560 -39.17 -56.43 -84.90
C ASN G 1560 -38.93 -57.26 -86.16
N VAL G 1561 -38.04 -56.78 -87.02
CA VAL G 1561 -37.95 -57.34 -88.37
C VAL G 1561 -36.92 -58.46 -88.44
N ILE G 1562 -35.64 -58.13 -88.22
CA ILE G 1562 -34.56 -59.10 -88.38
C ILE G 1562 -33.55 -58.88 -87.27
N GLN G 1563 -32.51 -59.70 -87.25
CA GLN G 1563 -31.46 -59.65 -86.24
C GLN G 1563 -30.15 -60.15 -86.83
N PHE G 1564 -29.09 -59.39 -86.64
CA PHE G 1564 -27.75 -59.74 -87.10
C PHE G 1564 -27.02 -60.44 -85.97
N GLU G 1565 -26.81 -61.74 -86.08
CA GLU G 1565 -26.08 -62.49 -85.07
C GLU G 1565 -24.66 -62.75 -85.56
N LEU G 1566 -23.68 -62.23 -84.82
CA LEU G 1566 -22.27 -62.45 -85.13
C LEU G 1566 -21.74 -63.61 -84.32
N GLY G 1567 -22.45 -64.74 -84.43
CA GLY G 1567 -22.04 -65.93 -83.72
C GLY G 1567 -21.02 -66.73 -84.50
N LYS G 1568 -20.60 -67.85 -83.92
CA LYS G 1568 -19.65 -68.75 -84.54
C LYS G 1568 -20.20 -70.18 -84.49
N GLN G 1569 -20.12 -70.88 -85.61
CA GLN G 1569 -20.45 -72.30 -85.62
C GLN G 1569 -19.31 -73.10 -85.03
N LYS G 1570 -19.58 -74.36 -84.73
CA LYS G 1570 -18.53 -75.22 -84.18
C LYS G 1570 -17.46 -75.42 -85.24
N ASN G 1571 -16.20 -75.22 -84.83
CA ASN G 1571 -15.02 -75.27 -85.68
C ASN G 1571 -15.01 -74.20 -86.77
N ILE G 1572 -15.83 -73.16 -86.63
CA ILE G 1572 -15.91 -72.07 -87.61
C ILE G 1572 -15.61 -70.77 -86.90
N MET G 1573 -14.71 -69.98 -87.48
CA MET G 1573 -14.28 -68.74 -86.88
C MET G 1573 -15.42 -67.72 -86.90
N PRO G 1574 -15.49 -66.84 -85.91
CA PRO G 1574 -16.50 -65.78 -85.94
C PRO G 1574 -16.15 -64.68 -86.93
N LEU G 1575 -17.17 -63.88 -87.26
CA LEU G 1575 -17.03 -62.92 -88.35
C LEU G 1575 -16.16 -61.73 -87.94
N SER G 1576 -16.20 -61.36 -86.65
CA SER G 1576 -15.35 -60.27 -86.19
C SER G 1576 -13.88 -60.60 -86.37
N ALA G 1577 -13.54 -61.88 -86.25
CA ALA G 1577 -12.17 -62.31 -86.52
C ALA G 1577 -11.78 -62.01 -87.96
N ALA G 1578 -12.70 -62.24 -88.89
CA ALA G 1578 -12.43 -61.92 -90.29
C ALA G 1578 -12.27 -60.42 -90.49
N MET G 1579 -13.14 -59.62 -89.86
CA MET G 1579 -13.05 -58.18 -90.06
C MET G 1579 -11.78 -57.59 -89.49
N PHE G 1580 -11.41 -57.95 -88.26
CA PHE G 1580 -10.38 -57.23 -87.52
C PHE G 1580 -9.10 -58.06 -87.47
N LEU G 1581 -7.97 -57.38 -87.69
CA LEU G 1581 -6.67 -58.05 -87.74
C LEU G 1581 -6.30 -58.68 -86.42
N SER G 1582 -6.58 -57.98 -85.31
CA SER G 1582 -6.15 -58.48 -84.01
C SER G 1582 -7.03 -59.65 -83.55
N GLU G 1583 -8.24 -59.76 -84.11
CA GLU G 1583 -9.20 -60.73 -83.58
C GLU G 1583 -9.17 -62.05 -84.35
N ARG G 1584 -8.38 -62.13 -85.43
CA ARG G 1584 -8.42 -63.32 -86.26
C ARG G 1584 -7.78 -64.52 -85.55
N LYS G 1585 -7.13 -64.27 -84.42
CA LYS G 1585 -6.65 -65.39 -83.61
C LYS G 1585 -7.63 -65.69 -82.48
N ASN G 1586 -8.52 -64.74 -82.17
CA ASN G 1586 -9.42 -64.91 -81.04
C ASN G 1586 -10.73 -65.52 -81.50
N PRO G 1587 -11.10 -66.71 -80.99
CA PRO G 1587 -12.37 -67.32 -81.44
C PRO G 1587 -13.59 -66.74 -80.78
N ALA G 1588 -13.42 -65.84 -79.81
CA ALA G 1588 -14.57 -65.28 -79.12
C ALA G 1588 -15.29 -64.29 -80.02
N PRO G 1589 -16.60 -64.46 -80.23
CA PRO G 1589 -17.34 -63.48 -81.03
C PRO G 1589 -17.36 -62.11 -80.36
N GLN G 1590 -17.31 -61.08 -81.19
CA GLN G 1590 -17.22 -59.71 -80.72
C GLN G 1590 -17.97 -58.77 -81.67
N CYS G 1591 -18.40 -57.64 -81.12
CA CYS G 1591 -19.08 -56.59 -81.88
C CYS G 1591 -18.49 -55.25 -81.50
N PRO G 1592 -17.34 -54.89 -82.08
CA PRO G 1592 -16.73 -53.60 -81.74
C PRO G 1592 -17.59 -52.45 -82.22
N PRO G 1593 -17.40 -51.24 -81.65
CA PRO G 1593 -18.31 -50.14 -81.98
C PRO G 1593 -18.31 -49.75 -83.45
N ARG G 1594 -17.18 -49.88 -84.15
CA ARG G 1594 -17.15 -49.48 -85.55
C ARG G 1594 -18.12 -50.31 -86.39
N LEU G 1595 -18.29 -51.58 -86.05
CA LEU G 1595 -19.24 -52.41 -86.77
C LEU G 1595 -20.67 -52.05 -86.36
N GLU G 1596 -21.43 -51.56 -87.33
CA GLU G 1596 -22.75 -51.02 -87.04
C GLU G 1596 -23.58 -51.06 -88.32
N VAL G 1597 -24.90 -51.03 -88.16
CA VAL G 1597 -25.80 -51.30 -89.28
C VAL G 1597 -25.97 -50.08 -90.15
N GLN G 1598 -25.72 -50.24 -91.44
CA GLN G 1598 -25.83 -49.16 -92.42
C GLN G 1598 -27.03 -49.41 -93.31
N MET G 1599 -27.74 -48.35 -93.66
CA MET G 1599 -28.95 -48.42 -94.46
C MET G 1599 -28.79 -47.58 -95.72
N LEU G 1600 -29.48 -47.96 -96.78
CA LEU G 1600 -29.26 -47.33 -98.08
C LEU G 1600 -30.10 -46.06 -98.23
N MET G 1601 -29.42 -44.94 -98.47
CA MET G 1601 -30.04 -43.65 -98.70
C MET G 1601 -29.99 -43.33 -100.19
N PRO G 1602 -31.15 -43.15 -100.84
CA PRO G 1602 -31.14 -42.96 -102.30
C PRO G 1602 -30.39 -41.74 -102.79
N VAL G 1603 -30.46 -40.63 -102.05
CA VAL G 1603 -29.92 -39.35 -102.51
C VAL G 1603 -28.94 -38.82 -101.47
N SER G 1604 -27.81 -38.32 -101.92
CA SER G 1604 -26.79 -37.75 -101.05
C SER G 1604 -26.27 -36.45 -101.66
N TRP G 1605 -25.75 -35.57 -100.80
CA TRP G 1605 -25.19 -34.32 -101.27
C TRP G 1605 -23.82 -34.54 -101.88
N SER G 1606 -23.58 -33.92 -103.03
CA SER G 1606 -22.29 -34.01 -103.71
C SER G 1606 -21.87 -32.62 -104.16
N ARG G 1607 -20.57 -32.44 -104.30
CA ARG G 1607 -19.98 -31.14 -104.61
C ARG G 1607 -19.67 -31.05 -106.09
N MET G 1608 -20.21 -30.03 -106.75
CA MET G 1608 -19.94 -29.83 -108.15
C MET G 1608 -18.50 -29.39 -108.36
N PRO G 1609 -17.80 -29.95 -109.35
CA PRO G 1609 -16.43 -29.51 -109.63
C PRO G 1609 -16.42 -28.07 -110.10
N ASN G 1610 -15.33 -27.36 -109.79
CA ASN G 1610 -15.19 -25.98 -110.19
C ASN G 1610 -14.96 -25.86 -111.70
N HIS G 1611 -14.22 -26.81 -112.27
CA HIS G 1611 -13.91 -26.81 -113.69
C HIS G 1611 -14.31 -28.16 -114.28
N PHE G 1612 -14.82 -28.13 -115.50
CA PHE G 1612 -15.35 -29.32 -116.14
C PHE G 1612 -14.57 -29.63 -117.40
N LEU G 1613 -14.43 -30.91 -117.71
CA LEU G 1613 -13.72 -31.34 -118.90
C LEU G 1613 -14.42 -30.82 -120.15
N GLN G 1614 -13.65 -30.25 -121.07
CA GLN G 1614 -14.17 -29.63 -122.27
C GLN G 1614 -14.07 -30.61 -123.43
N VAL G 1615 -15.22 -31.04 -123.95
CA VAL G 1615 -15.29 -32.00 -125.05
C VAL G 1615 -16.00 -31.33 -126.22
N GLU G 1616 -15.41 -31.44 -127.40
CA GLU G 1616 -15.97 -30.89 -128.62
C GLU G 1616 -16.46 -32.01 -129.52
N THR G 1617 -17.73 -31.94 -129.90
CA THR G 1617 -18.38 -32.97 -130.70
C THR G 1617 -18.73 -32.41 -132.06
N ARG G 1618 -18.39 -33.13 -133.12
CA ARG G 1618 -18.64 -32.69 -134.48
C ARG G 1618 -18.48 -33.87 -135.42
N ARG G 1619 -19.32 -33.90 -136.46
CA ARG G 1619 -19.19 -34.89 -137.52
C ARG G 1619 -18.15 -34.38 -138.52
N ALA G 1620 -17.00 -35.05 -138.56
CA ALA G 1620 -15.92 -34.61 -139.45
C ALA G 1620 -16.33 -34.73 -140.91
N GLY G 1621 -17.04 -35.79 -141.26
CA GLY G 1621 -17.51 -35.98 -142.62
C GLY G 1621 -18.50 -37.11 -142.67
N GLU G 1622 -19.18 -37.22 -143.81
CA GLU G 1622 -20.14 -38.30 -143.99
C GLU G 1622 -19.45 -39.65 -143.97
N ARG G 1623 -18.28 -39.75 -144.59
CA ARG G 1623 -17.52 -41.01 -144.55
C ARG G 1623 -16.67 -41.10 -143.30
N LEU G 1624 -16.24 -39.95 -142.76
CA LEU G 1624 -15.36 -39.97 -141.60
C LEU G 1624 -16.14 -40.27 -140.32
N GLY G 1625 -17.37 -39.76 -140.22
CA GLY G 1625 -18.18 -40.01 -139.06
C GLY G 1625 -18.00 -38.95 -137.98
N TRP G 1626 -18.78 -39.12 -136.91
CA TRP G 1626 -18.76 -38.18 -135.79
C TRP G 1626 -17.49 -38.35 -134.96
N ALA G 1627 -16.94 -37.22 -134.52
CA ALA G 1627 -15.66 -37.18 -133.82
C ALA G 1627 -15.82 -36.47 -132.48
N VAL G 1628 -15.18 -37.01 -131.46
CA VAL G 1628 -15.06 -36.36 -130.16
C VAL G 1628 -13.58 -36.17 -129.86
N GLN G 1629 -13.26 -35.17 -129.06
CA GLN G 1629 -11.88 -34.92 -128.66
C GLN G 1629 -11.85 -34.06 -127.42
N CYS G 1630 -10.81 -34.24 -126.60
CA CYS G 1630 -10.60 -33.46 -125.38
C CYS G 1630 -9.11 -33.30 -125.17
N GLN G 1631 -8.61 -32.08 -125.29
CA GLN G 1631 -7.19 -31.82 -125.31
C GLN G 1631 -6.68 -31.15 -124.04
N ASP G 1632 -7.55 -30.71 -123.14
CA ASP G 1632 -7.15 -29.94 -121.98
C ASP G 1632 -7.21 -30.81 -120.72
N PRO G 1633 -6.09 -31.05 -120.05
CA PRO G 1633 -6.11 -31.94 -118.88
C PRO G 1633 -6.84 -31.33 -117.70
N LEU G 1634 -7.40 -32.20 -116.86
CA LEU G 1634 -8.04 -31.79 -115.62
C LEU G 1634 -7.83 -32.90 -114.59
N THR G 1635 -7.21 -32.53 -113.47
CA THR G 1635 -6.92 -33.48 -112.39
C THR G 1635 -7.55 -32.95 -111.11
N MET G 1636 -7.86 -33.86 -110.18
CA MET G 1636 -8.44 -33.50 -108.89
C MET G 1636 -7.80 -34.35 -107.81
N MET G 1637 -7.69 -33.79 -106.60
CA MET G 1637 -7.26 -34.56 -105.46
C MET G 1637 -8.40 -35.44 -104.97
N ALA G 1638 -8.11 -36.72 -104.77
CA ALA G 1638 -9.13 -37.71 -104.42
C ALA G 1638 -8.80 -38.30 -103.06
N LEU G 1639 -9.78 -38.30 -102.16
CA LEU G 1639 -9.67 -38.93 -100.85
C LEU G 1639 -10.38 -40.27 -100.90
N HIS G 1640 -9.65 -41.33 -100.57
CA HIS G 1640 -10.12 -42.70 -100.74
C HIS G 1640 -10.34 -43.35 -99.39
N ILE G 1641 -11.53 -43.90 -99.19
CA ILE G 1641 -11.84 -44.69 -98.00
C ILE G 1641 -11.60 -46.16 -98.35
N PRO G 1642 -10.64 -46.83 -97.70
CA PRO G 1642 -10.32 -48.20 -98.11
C PRO G 1642 -11.45 -49.19 -97.90
N GLU G 1643 -12.10 -49.17 -96.73
CA GLU G 1643 -13.18 -50.11 -96.48
C GLU G 1643 -14.35 -49.91 -97.44
N GLU G 1644 -14.72 -48.65 -97.69
CA GLU G 1644 -15.82 -48.38 -98.59
C GLU G 1644 -15.44 -48.63 -100.04
N ASN G 1645 -14.13 -48.63 -100.33
CA ASN G 1645 -13.61 -48.79 -101.69
C ASN G 1645 -14.21 -47.75 -102.65
N ARG G 1646 -14.34 -46.51 -102.17
CA ARG G 1646 -14.78 -45.40 -102.98
C ARG G 1646 -13.96 -44.18 -102.62
N CYS G 1647 -13.95 -43.20 -103.53
CA CYS G 1647 -13.18 -41.98 -103.34
C CYS G 1647 -14.08 -40.77 -103.55
N MET G 1648 -13.75 -39.68 -102.87
CA MET G 1648 -14.42 -38.40 -103.06
C MET G 1648 -13.37 -37.30 -103.20
N ASP G 1649 -13.80 -36.17 -103.72
CA ASP G 1649 -12.92 -35.02 -103.85
C ASP G 1649 -12.45 -34.55 -102.48
N ILE G 1650 -11.20 -34.09 -102.42
CA ILE G 1650 -10.67 -33.54 -101.18
C ILE G 1650 -11.42 -32.27 -100.79
N LEU G 1651 -12.01 -31.60 -101.78
CA LEU G 1651 -12.76 -30.37 -101.49
C LEU G 1651 -14.11 -30.69 -100.87
N GLU G 1652 -14.59 -31.93 -101.05
CA GLU G 1652 -15.81 -32.35 -100.35
C GLU G 1652 -15.59 -32.37 -98.85
N LEU G 1653 -14.33 -32.43 -98.41
CA LEU G 1653 -14.05 -32.57 -97.00
C LEU G 1653 -14.37 -31.28 -96.25
N SER G 1654 -14.55 -30.18 -96.99
CA SER G 1654 -14.88 -28.91 -96.35
C SER G 1654 -16.26 -28.95 -95.72
N GLU G 1655 -17.12 -29.85 -96.19
CA GLU G 1655 -18.48 -29.91 -95.66
C GLU G 1655 -18.64 -31.09 -94.70
N ARG G 1656 -17.76 -32.07 -94.79
CA ARG G 1656 -17.76 -33.21 -93.87
C ARG G 1656 -16.73 -32.97 -92.79
N LEU G 1657 -17.17 -32.39 -91.68
CA LEU G 1657 -16.24 -31.86 -90.68
C LEU G 1657 -15.52 -32.98 -89.94
N ASP G 1658 -16.20 -34.10 -89.69
CA ASP G 1658 -15.53 -35.21 -88.99
C ASP G 1658 -14.38 -35.77 -89.82
N LEU G 1659 -14.62 -36.00 -91.12
CA LEU G 1659 -13.55 -36.48 -91.99
C LEU G 1659 -12.45 -35.44 -92.13
N GLN G 1660 -12.82 -34.16 -92.21
CA GLN G 1660 -11.80 -33.11 -92.30
C GLN G 1660 -10.92 -33.10 -91.06
N ARG G 1661 -11.52 -33.22 -89.88
CA ARG G 1661 -10.74 -33.26 -88.64
C ARG G 1661 -9.83 -34.48 -88.61
N PHE G 1662 -10.36 -35.64 -88.99
CA PHE G 1662 -9.54 -36.85 -88.97
C PHE G 1662 -8.36 -36.72 -89.93
N HIS G 1663 -8.59 -36.15 -91.11
CA HIS G 1663 -7.49 -36.02 -92.06
C HIS G 1663 -6.47 -34.98 -91.61
N SER G 1664 -6.93 -33.89 -90.99
CA SER G 1664 -5.99 -32.91 -90.46
C SER G 1664 -5.11 -33.53 -89.38
N HIS G 1665 -5.71 -34.32 -88.49
CA HIS G 1665 -4.93 -34.97 -87.46
C HIS G 1665 -4.03 -36.07 -88.05
N THR G 1666 -4.44 -36.65 -89.17
CA THR G 1666 -3.56 -37.59 -89.88
C THR G 1666 -2.33 -36.89 -90.42
N LEU G 1667 -2.51 -35.70 -90.99
CA LEU G 1667 -1.36 -34.91 -91.45
C LEU G 1667 -0.47 -34.54 -90.27
N ARG G 1668 -1.09 -34.18 -89.14
CA ARG G 1668 -0.31 -33.89 -87.93
C ARG G 1668 0.49 -35.11 -87.48
N LEU G 1669 -0.11 -36.30 -87.59
CA LEU G 1669 0.60 -37.53 -87.26
C LEU G 1669 1.77 -37.77 -88.19
N TYR G 1670 1.57 -37.51 -89.49
CA TYR G 1670 2.69 -37.60 -90.43
C TYR G 1670 3.83 -36.68 -90.00
N ARG G 1671 3.49 -35.43 -89.65
CA ARG G 1671 4.51 -34.51 -89.19
C ARG G 1671 5.22 -35.03 -87.95
N ALA G 1672 4.46 -35.57 -87.00
CA ALA G 1672 5.04 -36.04 -85.75
C ALA G 1672 5.99 -37.20 -85.99
N VAL G 1673 5.59 -38.16 -86.83
CA VAL G 1673 6.44 -39.33 -87.06
C VAL G 1673 7.67 -38.95 -87.87
N CYS G 1674 7.56 -37.94 -88.74
CA CYS G 1674 8.71 -37.49 -89.50
C CYS G 1674 9.46 -36.34 -88.83
N ALA G 1675 9.09 -35.99 -87.59
CA ALA G 1675 9.64 -34.81 -86.96
C ALA G 1675 11.07 -35.04 -86.48
N LEU G 1676 11.79 -33.92 -86.35
CA LEU G 1676 13.10 -33.88 -85.70
C LEU G 1676 14.13 -34.77 -86.40
N GLY G 1677 14.10 -34.79 -87.72
CA GLY G 1677 15.17 -35.40 -88.48
C GLY G 1677 15.06 -36.89 -88.71
N ASN G 1678 13.85 -37.45 -88.72
CA ASN G 1678 13.66 -38.86 -89.05
C ASN G 1678 13.53 -38.98 -90.57
N ASN G 1679 14.68 -39.06 -91.24
CA ASN G 1679 14.71 -38.99 -92.69
C ASN G 1679 14.17 -40.27 -93.32
N ARG G 1680 14.38 -41.41 -92.67
CA ARG G 1680 13.77 -42.65 -93.15
C ARG G 1680 12.25 -42.53 -93.18
N VAL G 1681 11.67 -42.02 -92.10
CA VAL G 1681 10.22 -41.84 -92.05
C VAL G 1681 9.80 -40.76 -93.06
N ALA G 1682 10.68 -39.78 -93.30
CA ALA G 1682 10.38 -38.77 -94.32
C ALA G 1682 10.25 -39.41 -95.70
N HIS G 1683 11.17 -40.31 -96.04
CA HIS G 1683 11.07 -41.03 -97.31
C HIS G 1683 9.80 -41.88 -97.36
N ALA G 1684 9.51 -42.57 -96.26
CA ALA G 1684 8.29 -43.38 -96.19
C ALA G 1684 7.06 -42.52 -96.43
N LEU G 1685 7.05 -41.31 -95.88
CA LEU G 1685 5.96 -40.38 -96.11
C LEU G 1685 5.92 -39.94 -97.57
N CYS G 1686 7.10 -39.73 -98.16
CA CYS G 1686 7.15 -39.38 -99.59
C CYS G 1686 6.52 -40.47 -100.44
N SER G 1687 6.56 -41.72 -99.97
CA SER G 1687 5.81 -42.77 -100.66
C SER G 1687 4.31 -42.55 -100.56
N HIS G 1688 3.83 -42.03 -99.42
CA HIS G 1688 2.39 -41.90 -99.21
C HIS G 1688 1.84 -40.61 -99.80
N VAL G 1689 2.58 -39.52 -99.65
CA VAL G 1689 2.19 -38.22 -100.20
C VAL G 1689 3.19 -37.84 -101.28
N ASP G 1690 2.74 -37.83 -102.53
CA ASP G 1690 3.62 -37.54 -103.65
C ASP G 1690 4.00 -36.06 -103.66
N GLN G 1691 5.13 -35.76 -104.31
CA GLN G 1691 5.56 -34.38 -104.42
C GLN G 1691 4.60 -33.58 -105.30
N ALA G 1692 4.09 -34.20 -106.37
CA ALA G 1692 3.08 -33.54 -107.20
C ALA G 1692 1.82 -33.30 -106.39
N GLN G 1693 1.46 -34.26 -105.54
CA GLN G 1693 0.31 -34.10 -104.65
C GLN G 1693 0.51 -32.90 -103.73
N LEU G 1694 1.69 -32.78 -103.13
CA LEU G 1694 1.96 -31.66 -102.24
C LEU G 1694 1.90 -30.33 -102.98
N LEU G 1695 2.50 -30.27 -104.18
CA LEU G 1695 2.48 -29.02 -104.93
C LEU G 1695 1.06 -28.62 -105.33
N HIS G 1696 0.27 -29.59 -105.78
CA HIS G 1696 -1.10 -29.27 -106.17
C HIS G 1696 -1.92 -28.84 -104.96
N ALA G 1697 -1.67 -29.47 -103.80
CA ALA G 1697 -2.35 -29.05 -102.58
C ALA G 1697 -1.96 -27.62 -102.21
N LEU G 1698 -0.70 -27.26 -102.44
CA LEU G 1698 -0.27 -25.88 -102.20
C LEU G 1698 -1.01 -24.92 -103.10
N GLU G 1699 -1.11 -25.23 -104.39
CA GLU G 1699 -1.72 -24.32 -105.35
C GLU G 1699 -3.24 -24.25 -105.25
N ASP G 1700 -3.88 -25.28 -104.74
CA ASP G 1700 -5.34 -25.37 -104.72
C ASP G 1700 -5.91 -24.33 -103.77
N ALA G 1701 -6.90 -23.57 -104.24
CA ALA G 1701 -7.41 -22.45 -103.46
C ALA G 1701 -8.66 -22.85 -102.67
N HIS G 1702 -9.45 -23.77 -103.21
CA HIS G 1702 -10.70 -24.15 -102.54
C HIS G 1702 -10.44 -25.10 -101.38
N LEU G 1703 -9.19 -25.50 -101.20
CA LEU G 1703 -8.85 -26.44 -100.15
C LEU G 1703 -9.15 -25.82 -98.78
N PRO G 1704 -9.87 -26.51 -97.90
CA PRO G 1704 -10.18 -25.93 -96.59
C PRO G 1704 -8.92 -25.62 -95.78
N GLY G 1705 -9.02 -24.58 -94.95
CA GLY G 1705 -7.88 -24.00 -94.29
C GLY G 1705 -7.05 -24.91 -93.40
N PRO G 1706 -7.68 -25.68 -92.51
CA PRO G 1706 -6.87 -26.61 -91.69
C PRO G 1706 -6.09 -27.60 -92.52
N LEU G 1707 -6.70 -28.15 -93.57
CA LEU G 1707 -6.00 -29.12 -94.39
C LEU G 1707 -4.92 -28.45 -95.25
N ARG G 1708 -5.17 -27.23 -95.70
CA ARG G 1708 -4.16 -26.49 -96.46
C ARG G 1708 -2.95 -26.20 -95.60
N ALA G 1709 -3.16 -25.73 -94.38
CA ALA G 1709 -2.05 -25.51 -93.46
C ALA G 1709 -1.34 -26.81 -93.14
N GLY G 1710 -2.10 -27.89 -92.96
CA GLY G 1710 -1.49 -29.18 -92.72
C GLY G 1710 -0.60 -29.63 -93.86
N TYR G 1711 -1.03 -29.39 -95.10
CA TYR G 1711 -0.24 -29.81 -96.24
C TYR G 1711 1.01 -28.97 -96.41
N TYR G 1712 0.90 -27.66 -96.18
CA TYR G 1712 2.10 -26.81 -96.19
C TYR G 1712 3.10 -27.28 -95.15
N ASP G 1713 2.63 -27.49 -93.92
CA ASP G 1713 3.52 -27.95 -92.86
C ASP G 1713 4.06 -29.34 -93.14
N LEU G 1714 3.29 -30.17 -93.85
CA LEU G 1714 3.76 -31.50 -94.21
C LEU G 1714 4.90 -31.42 -95.21
N LEU G 1715 4.78 -30.56 -96.22
CA LEU G 1715 5.88 -30.37 -97.15
C LEU G 1715 7.11 -29.89 -96.43
N ILE G 1716 6.95 -28.92 -95.53
CA ILE G 1716 8.09 -28.40 -94.78
C ILE G 1716 8.71 -29.49 -93.92
N SER G 1717 7.88 -30.30 -93.25
CA SER G 1717 8.39 -31.28 -92.31
C SER G 1717 8.89 -32.53 -93.03
N ILE G 1718 8.64 -32.63 -94.33
CA ILE G 1718 9.22 -33.73 -95.09
C ILE G 1718 10.56 -33.33 -95.70
N HIS G 1719 10.61 -32.15 -96.33
CA HIS G 1719 11.80 -31.80 -97.10
C HIS G 1719 12.69 -30.74 -96.47
N LEU G 1720 12.13 -29.76 -95.77
CA LEU G 1720 12.90 -28.56 -95.49
C LEU G 1720 13.33 -28.46 -94.03
N GLU G 1721 12.78 -29.32 -93.17
CA GLU G 1721 12.93 -29.10 -91.73
C GLU G 1721 14.38 -29.28 -91.27
N SER G 1722 15.05 -30.32 -91.75
CA SER G 1722 16.39 -30.63 -91.26
C SER G 1722 17.41 -29.64 -91.81
N ALA G 1723 17.29 -29.31 -93.11
CA ALA G 1723 18.15 -28.29 -93.69
C ALA G 1723 17.96 -26.95 -92.99
N CYS G 1724 16.70 -26.60 -92.69
CA CYS G 1724 16.44 -25.34 -92.00
C CYS G 1724 17.06 -25.33 -90.61
N ARG G 1725 16.93 -26.44 -89.87
CA ARG G 1725 17.49 -26.48 -88.52
C ARG G 1725 19.01 -26.39 -88.55
N SER G 1726 19.65 -27.14 -89.44
CA SER G 1726 21.10 -27.08 -89.53
C SER G 1726 21.57 -25.69 -89.94
N ARG G 1727 20.89 -25.08 -90.91
CA ARG G 1727 21.26 -23.74 -91.34
C ARG G 1727 21.09 -22.73 -90.21
N ARG G 1728 19.99 -22.84 -89.46
CA ARG G 1728 19.78 -21.94 -88.33
C ARG G 1728 20.87 -22.09 -87.28
N SER G 1729 21.27 -23.33 -87.01
CA SER G 1729 22.37 -23.56 -86.09
C SER G 1729 23.65 -22.90 -86.59
N MET G 1730 23.90 -22.97 -87.89
CA MET G 1730 25.12 -22.40 -88.45
C MET G 1730 25.06 -20.87 -88.50
N LEU G 1731 23.86 -20.30 -88.57
CA LEU G 1731 23.72 -18.89 -88.92
C LEU G 1731 24.30 -17.97 -87.86
N SER G 1732 24.25 -18.38 -86.59
CA SER G 1732 24.69 -17.49 -85.52
C SER G 1732 26.19 -17.19 -85.64
N GLU G 1733 26.97 -18.18 -86.08
CA GLU G 1733 28.42 -18.00 -86.16
C GLU G 1733 28.83 -17.50 -87.55
N TYR G 1734 29.82 -16.62 -87.57
CA TYR G 1734 30.37 -16.07 -88.79
C TYR G 1734 31.84 -16.43 -88.90
N ILE G 1735 32.19 -17.21 -89.92
CA ILE G 1735 33.58 -17.45 -90.29
C ILE G 1735 33.78 -16.92 -91.70
N VAL G 1736 34.76 -16.04 -91.87
CA VAL G 1736 34.94 -15.27 -93.09
C VAL G 1736 36.27 -15.66 -93.70
N PRO G 1737 36.28 -16.41 -94.81
CA PRO G 1737 37.54 -16.65 -95.52
C PRO G 1737 38.11 -15.36 -96.08
N LEU G 1738 39.43 -15.28 -96.11
CA LEU G 1738 40.13 -14.09 -96.60
C LEU G 1738 40.31 -14.20 -98.13
N THR G 1739 39.19 -14.22 -98.82
CA THR G 1739 39.16 -14.38 -100.25
C THR G 1739 38.95 -13.03 -100.93
N PRO G 1740 39.31 -12.89 -102.21
CA PRO G 1740 39.06 -11.62 -102.90
C PRO G 1740 37.59 -11.21 -102.91
N GLU G 1741 36.68 -12.17 -102.92
CA GLU G 1741 35.26 -11.84 -102.78
C GLU G 1741 35.00 -11.16 -101.45
N THR G 1742 35.65 -11.64 -100.38
CA THR G 1742 35.55 -10.97 -99.09
C THR G 1742 36.14 -9.57 -99.16
N ARG G 1743 37.29 -9.42 -99.83
CA ARG G 1743 37.91 -8.12 -99.95
CA ARG G 1743 37.91 -8.11 -99.96
C ARG G 1743 37.00 -7.13 -100.67
N ALA G 1744 36.22 -7.62 -101.64
CA ALA G 1744 35.35 -6.73 -102.41
C ALA G 1744 34.20 -6.19 -101.56
N ILE G 1745 33.87 -6.88 -100.46
CA ILE G 1745 32.71 -6.48 -99.66
C ILE G 1745 32.96 -5.16 -98.98
N THR G 1746 31.98 -4.26 -99.08
CA THR G 1746 32.03 -2.95 -98.44
C THR G 1746 30.75 -2.73 -97.66
N LEU G 1747 30.83 -1.90 -96.61
CA LEU G 1747 29.68 -1.66 -95.76
C LEU G 1747 28.53 -1.01 -96.54
N PHE G 1748 28.84 -0.05 -97.40
CA PHE G 1748 27.83 0.67 -98.14
C PHE G 1748 28.03 0.45 -99.64
N PRO G 1749 26.97 0.24 -100.40
CA PRO G 1749 27.08 0.32 -101.85
C PRO G 1749 27.47 1.73 -102.26
N PRO G 1750 28.17 1.89 -103.40
CA PRO G 1750 28.67 3.22 -103.77
C PRO G 1750 27.55 4.25 -103.86
N GLY G 1751 27.82 5.45 -103.36
CA GLY G 1751 26.86 6.53 -103.38
C GLY G 1751 27.45 7.85 -103.82
N ARG G 1752 26.75 8.55 -104.72
CA ARG G 1752 27.27 9.80 -105.28
C ARG G 1752 27.25 10.92 -104.25
N LYS G 1753 26.13 11.08 -103.53
CA LYS G 1753 25.92 12.27 -102.70
C LYS G 1753 26.91 12.34 -101.54
N GLY G 1754 27.22 11.21 -100.92
CA GLY G 1754 28.08 11.23 -99.76
C GLY G 1754 29.01 10.04 -99.66
N GLY G 1755 30.32 10.29 -99.50
CA GLY G 1755 31.26 9.19 -99.35
C GLY G 1755 31.08 8.43 -98.06
N ASN G 1756 30.89 9.14 -96.95
CA ASN G 1756 30.72 8.48 -95.66
C ASN G 1756 29.36 7.83 -95.55
N ALA G 1757 28.30 8.54 -95.94
CA ALA G 1757 26.94 8.04 -95.83
C ALA G 1757 26.35 7.83 -97.22
N ARG G 1758 26.04 6.58 -97.54
CA ARG G 1758 25.38 6.22 -98.78
C ARG G 1758 24.09 5.50 -98.47
N ARG G 1759 23.24 5.38 -99.48
CA ARG G 1759 21.97 4.69 -99.28
C ARG G 1759 22.19 3.23 -98.93
N HIS G 1760 21.47 2.76 -97.92
CA HIS G 1760 21.58 1.37 -97.51
C HIS G 1760 21.19 0.45 -98.65
N GLY G 1761 22.01 -0.57 -98.88
CA GLY G 1761 21.64 -1.61 -99.80
C GLY G 1761 20.47 -2.42 -99.26
N LEU G 1762 19.70 -3.01 -100.17
CA LEU G 1762 18.55 -3.80 -99.75
C LEU G 1762 19.03 -4.99 -98.92
N PRO G 1763 18.46 -5.20 -97.73
CA PRO G 1763 18.92 -6.31 -96.88
C PRO G 1763 18.72 -7.64 -97.57
N GLY G 1764 19.71 -8.52 -97.40
CA GLY G 1764 19.68 -9.81 -98.04
C GLY G 1764 20.11 -9.82 -99.49
N VAL G 1765 20.49 -8.66 -100.04
CA VAL G 1765 20.93 -8.55 -101.42
C VAL G 1765 22.41 -8.19 -101.41
N GLY G 1766 23.21 -9.00 -102.08
CA GLY G 1766 24.64 -8.75 -102.14
C GLY G 1766 25.40 -10.05 -102.09
N VAL G 1767 26.68 -9.94 -101.74
CA VAL G 1767 27.59 -11.07 -101.67
C VAL G 1767 27.95 -11.32 -100.21
N THR G 1768 27.70 -12.52 -99.74
CA THR G 1768 28.06 -12.94 -98.39
C THR G 1768 29.05 -14.10 -98.49
N THR G 1769 30.18 -13.96 -97.80
CA THR G 1769 31.23 -14.97 -97.87
C THR G 1769 31.28 -15.87 -96.63
N SER G 1770 30.40 -15.65 -95.66
CA SER G 1770 30.38 -16.50 -94.48
C SER G 1770 30.06 -17.93 -94.89
N LEU G 1771 30.79 -18.89 -94.31
CA LEU G 1771 30.70 -20.29 -94.70
C LEU G 1771 29.51 -20.95 -94.04
N ARG G 1772 28.64 -21.52 -94.85
CA ARG G 1772 27.52 -22.33 -94.41
C ARG G 1772 27.51 -23.65 -95.16
N PRO G 1773 27.38 -24.78 -94.48
CA PRO G 1773 27.45 -26.08 -95.17
C PRO G 1773 26.35 -26.22 -96.20
N PRO G 1774 26.66 -26.83 -97.34
CA PRO G 1774 25.64 -27.03 -98.37
C PRO G 1774 24.55 -27.99 -97.90
N HIS G 1775 23.34 -27.78 -98.41
CA HIS G 1775 22.25 -28.68 -98.12
C HIS G 1775 22.44 -29.99 -98.88
N HIS G 1776 22.18 -31.10 -98.21
CA HIS G 1776 22.34 -32.43 -98.79
C HIS G 1776 20.98 -33.11 -98.86
N PHE G 1777 20.62 -33.57 -100.06
CA PHE G 1777 19.34 -34.18 -100.30
C PHE G 1777 19.53 -35.47 -101.08
N SER G 1778 18.64 -36.43 -100.85
CA SER G 1778 18.66 -37.71 -101.53
C SER G 1778 17.37 -37.89 -102.32
N PRO G 1779 17.44 -38.30 -103.58
CA PRO G 1779 16.22 -38.49 -104.35
C PRO G 1779 15.42 -39.67 -103.82
N PRO G 1780 14.10 -39.53 -103.69
CA PRO G 1780 13.29 -40.64 -103.21
C PRO G 1780 12.93 -41.61 -104.33
N CYS G 1781 13.49 -42.81 -104.28
CA CYS G 1781 13.13 -43.88 -105.20
C CYS G 1781 12.92 -45.15 -104.39
N PHE G 1782 11.79 -45.80 -104.60
CA PHE G 1782 11.42 -46.96 -103.81
C PHE G 1782 11.57 -48.27 -104.56
N VAL G 1783 12.24 -48.26 -105.72
CA VAL G 1783 12.60 -49.50 -106.40
C VAL G 1783 14.05 -49.87 -106.17
N ALA G 1784 14.82 -49.02 -105.48
CA ALA G 1784 16.23 -49.31 -105.26
C ALA G 1784 16.40 -50.51 -104.34
N ALA G 1785 17.49 -51.24 -104.53
CA ALA G 1785 17.76 -52.41 -103.72
C ALA G 1785 17.99 -52.02 -102.27
N LEU G 1786 17.54 -52.88 -101.36
CA LEU G 1786 17.74 -52.61 -99.94
C LEU G 1786 19.24 -52.61 -99.63
N PRO G 1787 19.71 -51.71 -98.77
CA PRO G 1787 21.15 -51.62 -98.51
C PRO G 1787 21.69 -52.90 -97.91
N ALA G 1788 22.90 -53.26 -98.34
CA ALA G 1788 23.54 -54.46 -97.80
C ALA G 1788 24.02 -54.24 -96.37
N ALA G 1789 24.30 -53.00 -96.01
CA ALA G 1789 24.75 -52.69 -94.65
C ALA G 1789 23.65 -53.00 -93.65
N GLY G 1790 24.05 -53.51 -92.49
CA GLY G 1790 23.08 -53.84 -91.46
C GLY G 1790 22.44 -52.61 -90.86
N VAL G 1791 21.27 -52.81 -90.24
CA VAL G 1791 20.57 -51.70 -89.61
C VAL G 1791 21.39 -51.17 -88.44
N ALA G 1792 21.16 -49.90 -88.10
CA ALA G 1792 21.85 -49.13 -87.08
C ALA G 1792 23.32 -48.88 -87.43
N GLU G 1793 23.79 -49.35 -88.58
CA GLU G 1793 25.16 -49.13 -89.02
C GLU G 1793 25.25 -48.26 -90.27
N ALA G 1794 24.23 -48.30 -91.13
CA ALA G 1794 24.24 -47.51 -92.34
C ALA G 1794 24.22 -46.02 -92.01
N PRO G 1795 24.79 -45.18 -92.87
CA PRO G 1795 24.80 -43.74 -92.60
C PRO G 1795 23.40 -43.17 -92.57
N ALA G 1796 23.23 -42.10 -91.79
CA ALA G 1796 21.93 -41.47 -91.64
C ALA G 1796 21.40 -41.02 -93.00
N ARG G 1797 20.12 -41.32 -93.24
CA ARG G 1797 19.50 -40.99 -94.52
C ARG G 1797 19.43 -39.48 -94.69
N LEU G 1798 19.59 -39.03 -95.94
CA LEU G 1798 19.42 -37.63 -96.26
C LEU G 1798 17.94 -37.32 -96.45
N SER G 1799 17.59 -36.05 -96.29
CA SER G 1799 16.20 -35.64 -96.46
C SER G 1799 15.78 -35.83 -97.91
N PRO G 1800 14.51 -36.17 -98.16
CA PRO G 1800 14.07 -36.40 -99.54
C PRO G 1800 14.23 -35.15 -100.40
N ALA G 1801 14.55 -35.37 -101.67
CA ALA G 1801 14.82 -34.27 -102.58
C ALA G 1801 13.54 -33.64 -103.08
N ILE G 1802 13.64 -32.36 -103.44
CA ILE G 1802 12.52 -31.59 -103.99
C ILE G 1802 13.08 -30.48 -104.85
N PRO G 1803 12.45 -30.20 -106.00
CA PRO G 1803 12.99 -29.16 -106.89
C PRO G 1803 12.85 -27.78 -106.26
N LEU G 1804 13.99 -27.25 -105.79
CA LEU G 1804 13.95 -26.07 -104.93
C LEU G 1804 13.68 -24.80 -105.73
N GLU G 1805 14.23 -24.70 -106.94
CA GLU G 1805 13.98 -23.52 -107.75
C GLU G 1805 12.51 -23.44 -108.16
N ALA G 1806 11.92 -24.56 -108.55
CA ALA G 1806 10.50 -24.58 -108.88
C ALA G 1806 9.66 -24.26 -107.67
N LEU G 1807 10.02 -24.83 -106.51
CA LEU G 1807 9.25 -24.57 -105.29
C LEU G 1807 9.34 -23.11 -104.89
N ARG G 1808 10.51 -22.49 -105.06
CA ARG G 1808 10.68 -21.10 -104.66
C ARG G 1808 9.94 -20.15 -105.61
N ASP G 1809 9.95 -20.45 -106.92
CA ASP G 1809 9.14 -19.66 -107.84
C ASP G 1809 7.66 -19.81 -107.52
N LYS G 1810 7.23 -21.02 -107.20
CA LYS G 1810 5.85 -21.24 -106.80
C LYS G 1810 5.51 -20.42 -105.57
N ALA G 1811 6.38 -20.42 -104.56
CA ALA G 1811 6.11 -19.70 -103.32
C ALA G 1811 6.04 -18.20 -103.56
N LEU G 1812 6.92 -17.68 -104.42
CA LEU G 1812 6.83 -16.26 -104.78
C LEU G 1812 5.49 -15.96 -105.44
N ARG G 1813 5.04 -16.84 -106.33
CA ARG G 1813 3.74 -16.63 -106.97
C ARG G 1813 2.62 -16.65 -105.94
N MET G 1814 2.67 -17.58 -104.98
CA MET G 1814 1.63 -17.63 -103.96
C MET G 1814 1.62 -16.37 -103.12
N LEU G 1815 2.80 -15.87 -102.74
CA LEU G 1815 2.86 -14.65 -101.95
C LEU G 1815 2.29 -13.47 -102.72
N GLY G 1816 2.63 -13.36 -104.01
CA GLY G 1816 2.08 -12.29 -104.82
C GLY G 1816 0.57 -12.38 -104.95
N GLU G 1817 0.05 -13.58 -105.18
CA GLU G 1817 -1.39 -13.76 -105.29
C GLU G 1817 -2.10 -13.44 -103.98
N ALA G 1818 -1.50 -13.84 -102.85
CA ALA G 1818 -2.10 -13.55 -101.56
C ALA G 1818 -2.10 -12.05 -101.28
N VAL G 1819 -1.03 -11.35 -101.67
CA VAL G 1819 -1.00 -9.90 -101.51
C VAL G 1819 -2.09 -9.26 -102.36
N ARG G 1820 -2.25 -9.74 -103.60
CA ARG G 1820 -3.30 -9.21 -104.46
C ARG G 1820 -4.68 -9.44 -103.87
N ASP G 1821 -4.91 -10.65 -103.32
CA ASP G 1821 -6.20 -10.95 -102.71
C ASP G 1821 -6.46 -10.06 -101.50
N GLY G 1822 -5.45 -9.86 -100.66
CA GLY G 1822 -5.60 -8.98 -99.51
C GLY G 1822 -5.94 -7.56 -99.93
N GLY G 1823 -5.31 -7.08 -101.01
CA GLY G 1823 -5.71 -5.80 -101.56
C GLY G 1823 -7.13 -5.81 -102.07
N GLN G 1824 -7.56 -6.93 -102.65
CA GLN G 1824 -8.91 -7.03 -103.19
C GLN G 1824 -9.95 -7.00 -102.08
N HIS G 1825 -9.60 -7.50 -100.89
CA HIS G 1825 -10.53 -7.58 -99.77
C HIS G 1825 -11.76 -8.42 -100.12
N ALA G 1826 -11.53 -9.57 -100.72
CA ALA G 1826 -12.62 -10.46 -101.09
C ALA G 1826 -13.27 -11.05 -99.84
N ARG G 1827 -14.55 -11.41 -99.96
CA ARG G 1827 -15.27 -11.96 -98.81
C ARG G 1827 -14.82 -13.39 -98.52
N ASP G 1828 -14.19 -14.06 -99.49
CA ASP G 1828 -13.76 -15.43 -99.31
C ASP G 1828 -12.26 -15.54 -99.43
N PRO G 1829 -11.50 -15.40 -98.35
CA PRO G 1829 -10.06 -15.63 -98.43
C PRO G 1829 -9.75 -17.10 -98.63
N VAL G 1830 -8.58 -17.36 -99.21
CA VAL G 1830 -8.15 -18.74 -99.43
C VAL G 1830 -8.01 -19.43 -98.08
N GLY G 1831 -8.59 -20.61 -97.97
CA GLY G 1831 -8.61 -21.32 -96.71
C GLY G 1831 -9.68 -20.88 -95.74
N GLY G 1832 -10.53 -19.92 -96.12
CA GLY G 1832 -11.60 -19.47 -95.27
C GLY G 1832 -11.25 -18.36 -94.31
N SER G 1833 -9.99 -17.94 -94.26
CA SER G 1833 -9.58 -16.87 -93.36
C SER G 1833 -8.31 -16.22 -93.90
N VAL G 1834 -8.11 -14.96 -93.52
CA VAL G 1834 -6.91 -14.23 -93.93
C VAL G 1834 -5.67 -14.90 -93.36
N GLU G 1835 -5.74 -15.30 -92.08
CA GLU G 1835 -4.60 -15.98 -91.47
C GLU G 1835 -4.34 -17.32 -92.14
N PHE G 1836 -5.40 -18.06 -92.49
CA PHE G 1836 -5.21 -19.34 -93.16
C PHE G 1836 -4.63 -19.14 -94.56
N GLN G 1837 -4.92 -17.99 -95.18
CA GLN G 1837 -4.37 -17.72 -96.50
C GLN G 1837 -2.90 -17.31 -96.42
N PHE G 1838 -2.53 -16.56 -95.38
CA PHE G 1838 -1.21 -15.94 -95.38
C PHE G 1838 -0.17 -16.78 -94.62
N VAL G 1839 -0.56 -17.35 -93.47
CA VAL G 1839 0.43 -17.96 -92.58
C VAL G 1839 1.19 -19.10 -93.25
N PRO G 1840 0.56 -20.06 -93.95
CA PRO G 1840 1.36 -21.12 -94.57
C PRO G 1840 2.35 -20.64 -95.61
N VAL G 1841 1.92 -19.73 -96.49
CA VAL G 1841 2.82 -19.20 -97.51
C VAL G 1841 3.96 -18.44 -96.87
N LEU G 1842 3.66 -17.67 -95.82
CA LEU G 1842 4.70 -16.93 -95.12
C LEU G 1842 5.70 -17.87 -94.46
N LYS G 1843 5.23 -18.95 -93.85
CA LYS G 1843 6.15 -19.92 -93.27
C LYS G 1843 7.04 -20.54 -94.33
N LEU G 1844 6.46 -20.91 -95.47
CA LEU G 1844 7.27 -21.51 -96.53
C LEU G 1844 8.32 -20.54 -97.04
N VAL G 1845 7.92 -19.28 -97.25
CA VAL G 1845 8.87 -18.28 -97.73
C VAL G 1845 9.97 -18.03 -96.72
N SER G 1846 9.62 -17.96 -95.43
CA SER G 1846 10.63 -17.75 -94.40
C SER G 1846 11.59 -18.93 -94.34
N THR G 1847 11.08 -20.15 -94.45
CA THR G 1847 11.94 -21.32 -94.42
C THR G 1847 12.90 -21.32 -95.61
N LEU G 1848 12.39 -20.99 -96.79
CA LEU G 1848 13.26 -20.94 -97.97
C LEU G 1848 14.30 -19.84 -97.84
N LEU G 1849 13.92 -18.68 -97.29
CA LEU G 1849 14.89 -17.61 -97.08
C LEU G 1849 15.99 -18.05 -96.12
N VAL G 1850 15.62 -18.70 -95.01
CA VAL G 1850 16.62 -19.17 -94.06
C VAL G 1850 17.53 -20.18 -94.72
N MET G 1851 16.96 -21.10 -95.50
CA MET G 1851 17.77 -22.09 -96.19
C MET G 1851 18.67 -21.46 -97.24
N GLY G 1852 18.33 -20.25 -97.68
CA GLY G 1852 19.12 -19.53 -98.65
C GLY G 1852 18.84 -19.88 -100.10
N ILE G 1853 17.67 -20.47 -100.38
CA ILE G 1853 17.35 -20.84 -101.76
C ILE G 1853 17.14 -19.60 -102.62
N PHE G 1854 16.54 -18.56 -102.04
CA PHE G 1854 16.12 -17.40 -102.82
C PHE G 1854 17.32 -16.63 -103.34
N GLY G 1855 17.22 -16.22 -104.61
CA GLY G 1855 18.25 -15.38 -105.20
C GLY G 1855 18.05 -13.91 -104.87
N ASP G 1856 18.93 -13.08 -105.43
CA ASP G 1856 18.88 -11.65 -105.14
C ASP G 1856 17.62 -11.01 -105.72
N GLU G 1857 17.26 -11.37 -106.95
CA GLU G 1857 16.05 -10.83 -107.55
C GLU G 1857 14.81 -11.28 -106.79
N ASP G 1858 14.79 -12.53 -106.35
CA ASP G 1858 13.68 -13.04 -105.56
C ASP G 1858 13.59 -12.30 -104.23
N VAL G 1859 14.74 -12.01 -103.62
CA VAL G 1859 14.74 -11.24 -102.37
C VAL G 1859 14.20 -9.84 -102.62
N LYS G 1860 14.55 -9.25 -103.75
CA LYS G 1860 13.99 -7.94 -104.10
C LYS G 1860 12.47 -8.02 -104.24
N GLN G 1861 11.96 -9.06 -104.89
CA GLN G 1861 10.52 -9.21 -105.03
C GLN G 1861 9.85 -9.38 -103.66
N ILE G 1862 10.46 -10.17 -102.78
CA ILE G 1862 9.89 -10.36 -101.45
C ILE G 1862 9.87 -9.03 -100.69
N LEU G 1863 10.95 -8.26 -100.78
CA LEU G 1863 11.00 -6.96 -100.12
C LEU G 1863 9.92 -6.03 -100.68
N LYS G 1864 9.72 -6.05 -102.00
CA LYS G 1864 8.68 -5.23 -102.60
C LYS G 1864 7.30 -5.64 -102.10
N MET G 1865 7.07 -6.95 -101.97
CA MET G 1865 5.79 -7.41 -101.42
C MET G 1865 5.61 -6.95 -99.97
N ILE G 1866 6.69 -6.97 -99.20
CA ILE G 1866 6.60 -6.52 -97.81
C ILE G 1866 6.27 -5.03 -97.75
N GLU G 1867 7.01 -4.22 -98.49
CA GLU G 1867 6.77 -2.79 -98.52
C GLU G 1867 7.28 -2.19 -99.84
N PRO G 1868 6.40 -1.97 -100.81
CA PRO G 1868 6.85 -1.53 -102.13
C PRO G 1868 7.55 -0.18 -102.13
N GLU G 1869 7.09 0.75 -101.28
CA GLU G 1869 7.64 2.09 -101.30
C GLU G 1869 9.04 2.14 -100.71
N VAL G 1870 9.24 1.49 -99.56
CA VAL G 1870 10.51 1.61 -98.86
C VAL G 1870 11.63 0.91 -99.63
N PHE G 1871 11.39 -0.32 -100.09
CA PHE G 1871 12.45 -1.14 -100.65
C PHE G 1871 12.59 -1.03 -102.16
N THR G 1872 11.86 -0.12 -102.80
CA THR G 1872 12.10 0.12 -104.22
C THR G 1872 13.48 0.73 -104.41
N GLU G 1873 14.10 0.41 -105.55
CA GLU G 1873 15.48 0.81 -105.82
C GLU G 1873 15.52 1.76 -107.01
N GLU G 1874 16.35 2.78 -106.92
CA GLU G 1874 16.50 3.76 -107.99
C GLU G 1874 17.97 4.04 -108.28
N LEU G 1922 -4.58 -5.39 -106.07
CA LEU G 1922 -3.76 -4.30 -105.55
C LEU G 1922 -2.52 -4.86 -104.89
N GLU G 1923 -1.36 -4.26 -105.21
CA GLU G 1923 -0.08 -4.68 -104.64
C GLU G 1923 0.15 -3.99 -103.30
N GLU G 1924 -0.86 -4.10 -102.43
CA GLU G 1924 -0.79 -3.51 -101.10
C GLU G 1924 0.36 -4.11 -100.30
N GLY G 1925 1.02 -3.26 -99.52
CA GLY G 1925 2.06 -3.74 -98.64
C GLY G 1925 1.51 -4.63 -97.55
N LEU G 1926 2.27 -5.68 -97.25
CA LEU G 1926 1.88 -6.58 -96.16
C LEU G 1926 1.79 -5.83 -94.84
N LEU G 1927 2.72 -4.91 -94.59
CA LEU G 1927 2.65 -4.11 -93.38
C LEU G 1927 1.42 -3.22 -93.38
N GLN G 1928 0.97 -2.79 -94.56
CA GLN G 1928 -0.22 -1.94 -94.63
C GLN G 1928 -1.50 -2.77 -94.55
N MET G 1929 -1.39 -4.08 -94.69
CA MET G 1929 -2.59 -4.92 -94.85
C MET G 1929 -3.37 -5.08 -93.56
N LYS G 1930 -2.83 -4.62 -92.42
CA LYS G 1930 -3.52 -4.70 -91.12
C LYS G 1930 -3.85 -6.15 -90.75
N LEU G 1931 -3.05 -7.06 -91.28
CA LEU G 1931 -3.22 -8.50 -91.12
C LEU G 1931 -3.23 -8.92 -89.65
N PRO G 1932 -3.81 -10.08 -89.34
CA PRO G 1932 -3.98 -10.49 -87.94
C PRO G 1932 -2.66 -10.92 -87.30
N GLU G 1933 -2.78 -11.45 -86.08
CA GLU G 1933 -1.63 -11.59 -85.20
C GLU G 1933 -0.68 -12.71 -85.64
N SER G 1934 -1.23 -13.84 -86.10
CA SER G 1934 -0.36 -14.91 -86.58
C SER G 1934 0.43 -14.47 -87.81
N VAL G 1935 -0.22 -13.76 -88.72
CA VAL G 1935 0.47 -13.22 -89.87
C VAL G 1935 1.47 -12.17 -89.43
N LYS G 1936 1.16 -11.47 -88.34
CA LYS G 1936 2.13 -10.53 -87.75
C LYS G 1936 3.38 -11.25 -87.26
N LEU G 1937 3.19 -12.41 -86.63
CA LEU G 1937 4.33 -13.20 -86.15
C LEU G 1937 5.18 -13.66 -87.32
N GLN G 1938 4.55 -14.11 -88.41
CA GLN G 1938 5.31 -14.51 -89.59
C GLN G 1938 6.05 -13.31 -90.19
N MET G 1939 5.40 -12.15 -90.23
CA MET G 1939 6.06 -10.93 -90.67
C MET G 1939 7.29 -10.64 -89.81
N CYS G 1940 7.16 -10.85 -88.50
CA CYS G 1940 8.28 -10.65 -87.60
C CYS G 1940 9.42 -11.62 -87.91
N ASN G 1941 9.08 -12.88 -88.24
CA ASN G 1941 10.12 -13.83 -88.60
C ASN G 1941 10.88 -13.38 -89.85
N LEU G 1942 10.16 -12.93 -90.87
CA LEU G 1942 10.83 -12.48 -92.09
C LEU G 1942 11.70 -11.26 -91.82
N LEU G 1943 11.17 -10.30 -91.04
CA LEU G 1943 11.95 -9.11 -90.73
C LEU G 1943 13.18 -9.46 -89.90
N GLU G 1944 13.05 -10.46 -89.01
CA GLU G 1944 14.19 -10.91 -88.23
C GLU G 1944 15.26 -11.52 -89.14
N TYR G 1945 14.85 -12.28 -90.15
CA TYR G 1945 15.82 -12.81 -91.09
C TYR G 1945 16.55 -11.68 -91.80
N PHE G 1946 15.82 -10.65 -92.22
CA PHE G 1946 16.46 -9.54 -92.92
C PHE G 1946 17.42 -8.78 -92.00
N CYS G 1947 17.05 -8.61 -90.73
CA CYS G 1947 17.96 -7.96 -89.79
C CYS G 1947 19.21 -8.80 -89.56
N ASP G 1948 19.06 -10.12 -89.52
CA ASP G 1948 20.23 -10.99 -89.43
C ASP G 1948 21.13 -10.84 -90.66
N GLN G 1949 20.52 -10.70 -91.83
CA GLN G 1949 21.31 -10.44 -93.03
C GLN G 1949 22.08 -9.14 -92.92
N GLU G 1950 21.45 -8.10 -92.38
CA GLU G 1950 22.15 -6.83 -92.19
C GLU G 1950 23.32 -6.97 -91.22
N LEU G 1951 23.12 -7.70 -90.12
CA LEU G 1951 24.21 -7.92 -89.18
C LEU G 1951 25.35 -8.71 -89.82
N GLN G 1952 25.01 -9.72 -90.61
CA GLN G 1952 26.03 -10.49 -91.32
C GLN G 1952 26.81 -9.60 -92.27
N HIS G 1953 26.13 -8.70 -92.97
CA HIS G 1953 26.81 -7.80 -93.88
C HIS G 1953 27.75 -6.88 -93.12
N ARG G 1954 27.31 -6.37 -91.96
CA ARG G 1954 28.19 -5.54 -91.15
C ARG G 1954 29.44 -6.31 -90.74
N VAL G 1955 29.28 -7.55 -90.30
CA VAL G 1955 30.41 -8.35 -89.84
C VAL G 1955 31.37 -8.61 -90.99
N GLU G 1956 30.83 -8.95 -92.17
CA GLU G 1956 31.67 -9.24 -93.32
C GLU G 1956 32.45 -8.00 -93.77
N SER G 1957 31.80 -6.84 -93.76
CA SER G 1957 32.50 -5.61 -94.10
C SER G 1957 33.58 -5.30 -93.08
N LEU G 1958 33.31 -5.56 -91.80
CA LEU G 1958 34.33 -5.43 -90.77
C LEU G 1958 35.52 -6.32 -91.08
N ALA G 1959 35.28 -7.56 -91.48
CA ALA G 1959 36.37 -8.48 -91.78
C ALA G 1959 37.17 -8.00 -93.00
N ALA G 1960 36.49 -7.51 -94.02
CA ALA G 1960 37.20 -7.00 -95.19
C ALA G 1960 38.09 -5.82 -94.85
N PHE G 1961 37.55 -4.84 -94.12
CA PHE G 1961 38.37 -3.72 -93.70
C PHE G 1961 39.50 -4.18 -92.80
N ALA G 1962 39.25 -5.21 -91.99
CA ALA G 1962 40.31 -5.78 -91.16
C ALA G 1962 41.45 -6.28 -92.02
N GLU G 1963 41.12 -7.00 -93.11
CA GLU G 1963 42.15 -7.50 -94.01
C GLU G 1963 42.99 -6.37 -94.58
N ARG G 1964 42.33 -5.36 -95.17
CA ARG G 1964 43.11 -4.28 -95.78
C ARG G 1964 43.94 -3.54 -94.73
N TYR G 1965 43.36 -3.29 -93.57
CA TYR G 1965 44.04 -2.51 -92.55
C TYR G 1965 45.23 -3.27 -91.99
N VAL G 1966 45.10 -4.58 -91.78
CA VAL G 1966 46.25 -5.32 -91.25
C VAL G 1966 47.35 -5.40 -92.29
N ASP G 1967 47.00 -5.51 -93.58
CA ASP G 1967 48.04 -5.46 -94.60
C ASP G 1967 48.81 -4.14 -94.53
N LYS G 1968 48.08 -3.01 -94.48
CA LYS G 1968 48.76 -1.72 -94.41
C LYS G 1968 49.58 -1.57 -93.12
N LEU G 1969 49.03 -2.04 -92.00
CA LEU G 1969 49.74 -1.93 -90.73
C LEU G 1969 51.00 -2.77 -90.71
N GLN G 1970 50.95 -3.97 -91.29
CA GLN G 1970 52.15 -4.80 -91.36
C GLN G 1970 53.22 -4.16 -92.24
N ALA G 1971 52.81 -3.59 -93.37
CA ALA G 1971 53.79 -2.86 -94.19
C ALA G 1971 54.40 -1.70 -93.42
N ASN G 1972 53.56 -0.96 -92.69
CA ASN G 1972 54.06 0.17 -91.91
C ASN G 1972 55.03 -0.29 -90.83
N GLN G 1973 54.73 -1.40 -90.16
CA GLN G 1973 55.60 -1.89 -89.10
C GLN G 1973 56.94 -2.35 -89.67
N ARG G 1974 56.92 -2.98 -90.85
CA ARG G 1974 58.18 -3.32 -91.52
C ARG G 1974 58.98 -2.06 -91.81
N SER G 1975 58.32 -1.01 -92.30
CA SER G 1975 59.02 0.24 -92.54
C SER G 1975 59.59 0.82 -91.26
N ARG G 1976 58.81 0.77 -90.16
CA ARG G 1976 59.29 1.29 -88.89
C ARG G 1976 60.54 0.57 -88.42
N TYR G 1977 60.56 -0.76 -88.55
CA TYR G 1977 61.77 -1.51 -88.22
C TYR G 1977 62.93 -1.08 -89.13
N ALA G 1978 62.65 -0.88 -90.41
CA ALA G 1978 63.69 -0.49 -91.36
C ALA G 1978 64.35 0.83 -90.94
N LEU G 1979 63.56 1.85 -90.63
CA LEU G 1979 64.17 3.11 -90.17
C LEU G 1979 64.69 2.98 -88.74
N LEU G 1980 64.22 1.99 -87.98
CA LEU G 1980 64.72 1.80 -86.63
C LEU G 1980 66.16 1.31 -86.64
N MET G 1981 66.51 0.49 -87.63
CA MET G 1981 67.90 0.03 -87.74
C MET G 1981 68.87 1.20 -87.90
N ARG G 1982 68.55 2.15 -88.78
CA ARG G 1982 69.38 3.34 -88.92
C ARG G 1982 69.28 4.23 -87.69
N ALA G 1983 68.08 4.35 -87.11
CA ALA G 1983 67.89 5.23 -85.97
C ALA G 1983 68.69 4.76 -84.76
N PHE G 1984 68.99 3.47 -84.68
CA PHE G 1984 69.82 2.97 -83.58
C PHE G 1984 71.22 3.59 -83.65
N THR G 1985 71.80 3.66 -84.84
CA THR G 1985 73.04 4.40 -85.02
C THR G 1985 72.82 5.90 -84.78
N MET G 1986 71.65 6.41 -85.17
CA MET G 1986 71.35 7.82 -84.92
C MET G 1986 71.32 8.12 -83.42
N SER G 1987 70.66 7.28 -82.64
CA SER G 1987 70.57 7.45 -81.20
C SER G 1987 70.00 6.18 -80.59
N ALA G 1988 70.61 5.71 -79.52
CA ALA G 1988 70.12 4.50 -78.86
C ALA G 1988 68.89 4.80 -78.01
N ALA G 1989 68.81 6.01 -77.46
CA ALA G 1989 67.74 6.33 -76.50
C ALA G 1989 66.36 6.28 -77.15
N GLU G 1990 66.23 6.80 -78.36
CA GLU G 1990 64.94 6.75 -79.05
C GLU G 1990 64.59 5.33 -79.46
N THR G 1991 65.56 4.60 -80.02
CA THR G 1991 65.32 3.20 -80.38
C THR G 1991 65.18 2.33 -79.14
N ALA G 1992 65.56 2.85 -77.97
CA ALA G 1992 65.29 2.12 -76.74
C ALA G 1992 63.78 1.97 -76.54
N ARG G 1993 63.01 3.01 -76.82
CA ARG G 1993 61.57 2.90 -76.71
C ARG G 1993 60.94 2.32 -77.97
N ARG G 1994 61.38 2.79 -79.14
CA ARG G 1994 60.81 2.27 -80.38
C ARG G 1994 61.11 0.78 -80.55
N THR G 1995 62.12 0.27 -79.84
CA THR G 1995 62.36 -1.18 -79.88
C THR G 1995 61.44 -1.90 -78.90
N ARG G 1996 61.14 -1.26 -77.76
CA ARG G 1996 60.24 -1.87 -76.78
C ARG G 1996 58.91 -2.24 -77.40
N GLU G 1997 58.40 -1.40 -78.30
CA GLU G 1997 57.11 -1.68 -78.90
C GLU G 1997 57.19 -2.88 -79.84
N PHE G 1998 58.33 -3.05 -80.53
CA PHE G 1998 58.52 -4.27 -81.31
C PHE G 1998 58.69 -5.49 -80.41
N ARG G 1999 59.28 -5.31 -79.24
CA ARG G 1999 59.44 -6.45 -78.33
C ARG G 1999 58.11 -6.83 -77.68
N SER G 2000 57.16 -5.90 -77.66
CA SER G 2000 55.86 -6.17 -77.06
C SER G 2000 55.12 -7.23 -77.88
N PRO G 2001 54.27 -8.03 -77.24
CA PRO G 2001 53.57 -9.09 -77.96
C PRO G 2001 52.69 -8.50 -79.04
N PRO G 2002 52.45 -9.26 -80.13
CA PRO G 2002 51.75 -8.68 -81.28
C PRO G 2002 50.36 -8.17 -80.95
N GLN G 2003 49.66 -8.84 -80.02
CA GLN G 2003 48.35 -8.35 -79.63
C GLN G 2003 48.45 -6.95 -79.02
N GLU G 2004 49.39 -6.76 -78.09
CA GLU G 2004 49.57 -5.43 -77.50
C GLU G 2004 50.07 -4.43 -78.55
N GLN G 2005 50.85 -4.91 -79.51
CA GLN G 2005 51.29 -4.04 -80.60
C GLN G 2005 50.10 -3.49 -81.38
N ILE G 2006 49.20 -4.37 -81.80
CA ILE G 2006 48.08 -3.91 -82.60
C ILE G 2006 47.10 -3.14 -81.72
N ASN G 2007 47.14 -3.38 -80.40
CA ASN G 2007 46.40 -2.53 -79.48
C ASN G 2007 46.90 -1.09 -79.53
N MET G 2008 48.21 -0.89 -79.39
CA MET G 2008 48.70 0.49 -79.33
C MET G 2008 48.57 1.16 -80.68
N LEU G 2009 48.77 0.40 -81.77
CA LEU G 2009 48.57 0.96 -83.10
C LEU G 2009 47.13 1.35 -83.32
N LEU G 2010 46.19 0.53 -82.85
CA LEU G 2010 44.77 0.83 -83.05
C LEU G 2010 44.32 1.99 -82.18
N HIS G 2011 44.92 2.12 -80.99
CA HIS G 2011 44.43 3.03 -79.95
C HIS G 2011 44.94 4.44 -80.23
N PHE G 2012 44.15 5.16 -81.03
CA PHE G 2012 44.31 6.60 -81.23
C PHE G 2012 42.97 7.31 -81.33
N LYS G 2013 41.90 6.71 -80.79
CA LYS G 2013 40.56 7.25 -80.98
C LYS G 2013 40.38 8.59 -80.27
N ASP G 2014 40.92 8.72 -79.06
CA ASP G 2014 40.65 9.91 -78.25
C ASP G 2014 41.34 11.15 -78.83
N GLU G 2015 42.26 10.95 -79.77
CA GLU G 2015 43.02 11.98 -80.49
C GLU G 2015 44.01 12.73 -79.60
N ALA G 2016 44.01 12.47 -78.30
CA ALA G 2016 45.07 12.95 -77.42
C ALA G 2016 46.24 11.99 -77.33
N ASP G 2017 46.12 10.82 -77.94
CA ASP G 2017 47.14 9.77 -77.91
C ASP G 2017 47.85 9.62 -79.24
N GLU G 2018 47.85 10.66 -80.08
CA GLU G 2018 48.51 10.57 -81.38
C GLU G 2018 50.02 10.42 -81.22
N GLU G 2019 50.61 11.09 -80.22
CA GLU G 2019 52.06 11.09 -80.08
C GLU G 2019 52.59 9.70 -79.76
N ASP G 2020 51.87 8.94 -78.92
CA ASP G 2020 52.32 7.59 -78.58
C ASP G 2020 52.03 6.62 -79.72
N CYS G 2021 50.99 6.87 -80.49
CA CYS G 2021 50.67 6.02 -81.63
C CYS G 2021 51.66 6.29 -82.77
N PRO G 2022 52.39 5.26 -83.21
CA PRO G 2022 53.34 5.46 -84.32
C PRO G 2022 52.72 5.34 -85.70
N LEU G 2023 51.42 5.13 -85.79
CA LEU G 2023 50.79 4.92 -87.08
C LEU G 2023 50.85 6.20 -87.91
N PRO G 2024 50.96 6.09 -89.24
CA PRO G 2024 50.88 7.30 -90.08
C PRO G 2024 49.48 7.91 -90.04
N GLU G 2025 49.45 9.22 -90.25
CA GLU G 2025 48.19 9.96 -90.11
C GLU G 2025 47.20 9.56 -91.20
N ASP G 2026 47.69 9.21 -92.39
CA ASP G 2026 46.78 8.77 -93.44
C ASP G 2026 46.10 7.44 -93.08
N ILE G 2027 46.86 6.51 -92.50
CA ILE G 2027 46.29 5.24 -92.06
C ILE G 2027 45.27 5.49 -90.94
N ARG G 2028 45.62 6.36 -90.00
CA ARG G 2028 44.66 6.72 -88.96
C ARG G 2028 43.40 7.32 -89.57
N GLN G 2029 43.56 8.16 -90.58
CA GLN G 2029 42.41 8.80 -91.21
C GLN G 2029 41.52 7.79 -91.91
N ASP G 2030 42.13 6.80 -92.58
CA ASP G 2030 41.31 5.78 -93.23
C ASP G 2030 40.54 4.96 -92.21
N LEU G 2031 41.17 4.63 -91.07
CA LEU G 2031 40.44 3.95 -90.01
C LEU G 2031 39.28 4.81 -89.49
N GLN G 2032 39.53 6.11 -89.31
CA GLN G 2032 38.46 6.99 -88.84
C GLN G 2032 37.32 7.07 -89.85
N ASP G 2033 37.64 7.12 -91.14
CA ASP G 2033 36.60 7.13 -92.16
C ASP G 2033 35.79 5.85 -92.12
N PHE G 2034 36.44 4.70 -91.98
CA PHE G 2034 35.68 3.46 -91.89
C PHE G 2034 34.81 3.43 -90.65
N HIS G 2035 35.31 3.97 -89.54
CA HIS G 2035 34.52 4.02 -88.32
C HIS G 2035 33.28 4.88 -88.52
N GLN G 2036 33.43 6.02 -89.21
CA GLN G 2036 32.28 6.86 -89.53
C GLN G 2036 31.29 6.12 -90.42
N ASP G 2037 31.79 5.38 -91.40
CA ASP G 2037 30.90 4.60 -92.26
C ASP G 2037 30.15 3.55 -91.46
N LEU G 2038 30.83 2.89 -90.52
CA LEU G 2038 30.16 1.89 -89.70
C LEU G 2038 29.08 2.53 -88.83
N LEU G 2039 29.39 3.67 -88.24
CA LEU G 2039 28.40 4.37 -87.42
C LEU G 2039 27.20 4.79 -88.25
N ALA G 2040 27.45 5.27 -89.48
CA ALA G 2040 26.34 5.65 -90.35
C ALA G 2040 25.49 4.44 -90.71
N HIS G 2041 26.14 3.30 -91.00
CA HIS G 2041 25.40 2.10 -91.36
C HIS G 2041 24.55 1.60 -90.21
N CYS G 2042 25.07 1.65 -88.98
CA CYS G 2042 24.30 1.17 -87.84
C CYS G 2042 23.16 2.14 -87.50
N GLY G 2043 23.22 3.35 -88.01
CA GLY G 2043 22.27 4.39 -87.63
C GLY G 2043 22.55 5.02 -86.29
N ILE G 2044 23.64 4.62 -85.62
CA ILE G 2044 23.97 5.17 -84.31
C ILE G 2044 24.25 6.67 -84.40
N GLN G 2045 25.01 7.09 -85.39
CA GLN G 2045 25.31 8.50 -85.60
C GLN G 2045 24.71 8.94 -86.92
N LEU G 2046 24.02 10.09 -86.90
CA LEU G 2046 23.41 10.63 -88.10
C LEU G 2046 24.46 11.06 -89.11
N GLU G 2088 9.36 13.01 -94.81
CA GLU G 2088 10.02 11.86 -94.23
C GLU G 2088 8.96 10.91 -93.65
N LYS G 2089 7.79 10.91 -94.29
CA LYS G 2089 6.74 9.98 -93.91
C LYS G 2089 7.18 8.54 -94.15
N LYS G 2090 7.84 8.29 -95.28
CA LYS G 2090 8.42 6.98 -95.52
C LYS G 2090 9.61 6.76 -94.61
N PRO G 2091 9.71 5.61 -93.95
CA PRO G 2091 10.88 5.36 -93.09
C PRO G 2091 12.21 5.40 -93.83
N GLN G 2092 12.21 5.05 -95.11
CA GLN G 2092 13.35 5.09 -96.02
C GLN G 2092 14.45 4.11 -95.64
N SER G 2093 14.27 3.29 -94.61
CA SER G 2093 15.27 2.29 -94.24
C SER G 2093 14.58 1.15 -93.49
N LEU G 2094 15.24 -0.01 -93.52
CA LEU G 2094 14.67 -1.20 -92.88
C LEU G 2094 14.52 -1.00 -91.38
N GLN G 2095 15.53 -0.42 -90.75
CA GLN G 2095 15.49 -0.23 -89.30
C GLN G 2095 14.34 0.70 -88.89
N GLU G 2096 14.23 1.84 -89.56
CA GLU G 2096 13.13 2.76 -89.27
C GLU G 2096 11.78 2.13 -89.56
N LEU G 2097 11.70 1.37 -90.67
CA LEU G 2097 10.45 0.70 -91.00
C LEU G 2097 10.02 -0.27 -89.91
N VAL G 2098 10.96 -1.10 -89.43
CA VAL G 2098 10.63 -2.06 -88.39
C VAL G 2098 10.24 -1.35 -87.10
N SER G 2099 10.98 -0.29 -86.74
CA SER G 2099 10.66 0.43 -85.51
C SER G 2099 9.27 1.04 -85.57
N HIS G 2100 8.96 1.78 -86.64
CA HIS G 2100 7.64 2.39 -86.77
CA HIS G 2100 7.65 2.39 -86.76
C HIS G 2100 6.55 1.33 -86.83
N MET G 2101 6.81 0.22 -87.53
CA MET G 2101 5.84 -0.86 -87.64
C MET G 2101 5.52 -1.47 -86.28
N VAL G 2102 6.55 -1.74 -85.47
CA VAL G 2102 6.31 -2.33 -84.16
C VAL G 2102 5.54 -1.36 -83.28
N VAL G 2103 5.97 -0.10 -83.25
CA VAL G 2103 5.29 0.89 -82.41
C VAL G 2103 3.84 1.06 -82.85
N ARG G 2104 3.60 1.02 -84.16
CA ARG G 2104 2.24 1.25 -84.67
C ARG G 2104 1.34 0.06 -84.34
N TRP G 2105 1.86 -1.17 -84.45
CA TRP G 2105 1.05 -2.33 -84.05
C TRP G 2105 0.68 -2.23 -82.57
N ALA G 2106 1.67 -1.94 -81.72
CA ALA G 2106 1.42 -1.88 -80.29
C ALA G 2106 0.46 -0.74 -79.95
N GLN G 2107 0.54 0.37 -80.67
CA GLN G 2107 -0.40 1.47 -80.46
C GLN G 2107 -1.79 1.10 -80.93
N GLU G 2108 -1.88 0.32 -82.01
CA GLU G 2108 -3.19 -0.02 -82.57
C GLU G 2108 -3.95 -0.99 -81.68
N ASP G 2109 -3.27 -2.01 -81.16
CA ASP G 2109 -4.01 -2.98 -80.35
C ASP G 2109 -3.13 -3.60 -79.29
N TYR G 2110 -3.77 -3.98 -78.19
CA TYR G 2110 -3.10 -4.76 -77.15
C TYR G 2110 -2.83 -6.16 -77.68
N VAL G 2111 -1.56 -6.52 -77.75
CA VAL G 2111 -1.14 -7.80 -78.32
C VAL G 2111 -1.42 -8.89 -77.30
N GLN G 2112 -2.18 -9.90 -77.72
CA GLN G 2112 -2.51 -11.00 -76.81
C GLN G 2112 -1.44 -12.08 -76.81
N SER G 2113 -0.79 -12.30 -77.95
CA SER G 2113 0.15 -13.41 -78.05
C SER G 2113 1.48 -13.06 -77.39
N PRO G 2114 1.87 -13.78 -76.33
CA PRO G 2114 3.19 -13.53 -75.73
C PRO G 2114 4.33 -13.72 -76.71
N GLU G 2115 4.24 -14.72 -77.57
CA GLU G 2115 5.29 -14.92 -78.58
C GLU G 2115 5.36 -13.73 -79.52
N LEU G 2116 4.21 -13.23 -79.95
CA LEU G 2116 4.20 -12.09 -80.87
C LEU G 2116 4.80 -10.85 -80.21
N VAL G 2117 4.41 -10.55 -78.97
CA VAL G 2117 4.91 -9.34 -78.33
C VAL G 2117 6.40 -9.47 -78.06
N ARG G 2118 6.86 -10.65 -77.64
CA ARG G 2118 8.28 -10.87 -77.44
C ARG G 2118 9.05 -10.68 -78.74
N ALA G 2119 8.53 -11.23 -79.85
CA ALA G 2119 9.22 -11.11 -81.12
C ALA G 2119 9.31 -9.65 -81.58
N MET G 2120 8.21 -8.90 -81.48
CA MET G 2120 8.22 -7.53 -81.97
C MET G 2120 9.13 -6.66 -81.12
N PHE G 2121 9.13 -6.87 -79.80
CA PHE G 2121 10.02 -6.07 -78.96
C PHE G 2121 11.49 -6.45 -79.16
N SER G 2122 11.76 -7.72 -79.41
CA SER G 2122 13.12 -8.11 -79.76
C SER G 2122 13.57 -7.42 -81.05
N LEU G 2123 12.70 -7.40 -82.05
CA LEU G 2123 13.03 -6.70 -83.29
C LEU G 2123 13.28 -5.23 -83.05
N LEU G 2124 12.43 -4.59 -82.25
CA LEU G 2124 12.59 -3.16 -81.97
C LEU G 2124 13.91 -2.90 -81.28
N HIS G 2125 14.27 -3.74 -80.30
CA HIS G 2125 15.55 -3.57 -79.62
C HIS G 2125 16.72 -3.74 -80.58
N ARG G 2126 16.62 -4.72 -81.49
CA ARG G 2126 17.70 -4.91 -82.47
C ARG G 2126 17.84 -3.68 -83.36
N GLN G 2127 16.72 -3.09 -83.78
CA GLN G 2127 16.81 -1.89 -84.61
C GLN G 2127 17.40 -0.72 -83.83
N TYR G 2128 17.08 -0.61 -82.54
CA TYR G 2128 17.53 0.56 -81.79
C TYR G 2128 19.01 0.50 -81.45
N ASP G 2129 19.57 -0.70 -81.28
CA ASP G 2129 20.98 -0.84 -80.91
C ASP G 2129 21.69 -1.73 -81.94
N GLY G 2130 22.05 -1.12 -83.07
CA GLY G 2130 22.83 -1.84 -84.06
C GLY G 2130 24.27 -2.03 -83.62
N LEU G 2131 24.84 -1.02 -82.96
CA LEU G 2131 26.19 -1.17 -82.43
C LEU G 2131 26.25 -2.24 -81.36
N GLY G 2132 25.24 -2.30 -80.49
CA GLY G 2132 25.20 -3.35 -79.50
C GLY G 2132 25.05 -4.73 -80.13
N GLU G 2133 24.21 -4.83 -81.16
CA GLU G 2133 24.08 -6.10 -81.87
C GLU G 2133 25.41 -6.53 -82.48
N LEU G 2134 26.12 -5.60 -83.11
CA LEU G 2134 27.41 -5.92 -83.70
C LEU G 2134 28.44 -6.29 -82.63
N LEU G 2135 28.39 -5.61 -81.48
CA LEU G 2135 29.28 -5.94 -80.38
C LEU G 2135 29.06 -7.36 -79.89
N ARG G 2136 27.79 -7.76 -79.75
CA ARG G 2136 27.52 -9.13 -79.29
C ARG G 2136 27.85 -10.15 -80.36
N ALA G 2137 27.73 -9.78 -81.63
CA ALA G 2137 27.98 -10.73 -82.72
C ALA G 2137 29.48 -10.93 -82.95
N LEU G 2138 30.28 -9.88 -82.71
CA LEU G 2138 31.70 -9.96 -83.06
C LEU G 2138 32.45 -11.11 -82.40
N PRO G 2139 32.24 -11.46 -81.12
CA PRO G 2139 32.96 -12.61 -80.56
C PRO G 2139 32.73 -13.89 -81.35
N ARG G 2140 31.59 -14.01 -82.02
CA ARG G 2140 31.33 -15.19 -82.84
C ARG G 2140 32.09 -15.12 -84.16
N ALA G 2141 32.53 -13.93 -84.54
CA ALA G 2141 33.18 -13.76 -85.84
C ALA G 2141 34.60 -14.29 -85.81
N TYR G 2142 35.03 -14.84 -86.95
CA TYR G 2142 36.37 -15.39 -87.10
C TYR G 2142 36.78 -15.32 -88.55
N THR G 2143 38.07 -15.14 -88.79
CA THR G 2143 38.63 -15.06 -90.13
C THR G 2143 39.67 -16.15 -90.31
N ILE G 2144 39.58 -16.87 -91.44
CA ILE G 2144 40.48 -17.97 -91.75
C ILE G 2144 41.08 -17.77 -93.13
N SER G 2145 42.22 -18.40 -93.37
CA SER G 2145 42.84 -18.37 -94.67
C SER G 2145 42.03 -19.17 -95.67
N PRO G 2146 42.06 -18.79 -96.95
CA PRO G 2146 41.28 -19.56 -97.96
C PRO G 2146 41.74 -21.01 -98.08
N SER G 2147 42.96 -21.32 -97.68
CA SER G 2147 43.44 -22.70 -97.78
C SER G 2147 42.67 -23.62 -96.83
N SER G 2148 42.33 -23.12 -95.64
CA SER G 2148 41.70 -23.97 -94.65
C SER G 2148 40.19 -24.01 -94.83
N VAL G 2149 39.69 -23.48 -95.94
CA VAL G 2149 38.25 -23.36 -96.14
C VAL G 2149 37.59 -24.73 -96.19
N GLU G 2150 38.15 -25.65 -96.98
CA GLU G 2150 37.51 -26.95 -97.16
C GLU G 2150 37.53 -27.77 -95.87
N ASP G 2151 38.68 -27.79 -95.19
CA ASP G 2151 38.78 -28.56 -93.96
C ASP G 2151 37.88 -27.97 -92.87
N THR G 2152 37.86 -26.64 -92.75
CA THR G 2152 36.93 -26.00 -91.82
C THR G 2152 35.50 -26.32 -92.19
N MET G 2153 35.21 -26.47 -93.48
CA MET G 2153 33.85 -26.71 -93.92
C MET G 2153 33.42 -28.12 -93.52
N SER G 2154 34.33 -29.09 -93.67
CA SER G 2154 34.06 -30.44 -93.20
C SER G 2154 33.87 -30.47 -91.69
N LEU G 2155 34.68 -29.69 -90.97
CA LEU G 2155 34.51 -29.59 -89.52
C LEU G 2155 33.13 -29.05 -89.18
N LEU G 2156 32.67 -28.04 -89.92
CA LEU G 2156 31.33 -27.50 -89.69
C LEU G 2156 30.27 -28.55 -89.99
N GLU G 2157 30.47 -29.37 -91.02
CA GLU G 2157 29.52 -30.44 -91.30
C GLU G 2157 29.42 -31.43 -90.14
N CYS G 2158 30.57 -31.84 -89.59
CA CYS G 2158 30.55 -32.76 -88.46
C CYS G 2158 29.90 -32.13 -87.23
N LEU G 2159 30.17 -30.84 -87.00
CA LEU G 2159 29.54 -30.15 -85.88
C LEU G 2159 28.03 -30.08 -86.07
N GLY G 2160 27.58 -29.88 -87.30
CA GLY G 2160 26.14 -29.91 -87.57
C GLY G 2160 25.54 -31.28 -87.31
N GLN G 2161 26.24 -32.33 -87.70
CA GLN G 2161 25.77 -33.68 -87.38
C GLN G 2161 25.65 -33.88 -85.88
N ILE G 2162 26.63 -33.37 -85.12
CA ILE G 2162 26.56 -33.48 -83.67
C ILE G 2162 25.35 -32.73 -83.12
N ARG G 2163 25.16 -31.48 -83.56
CA ARG G 2163 24.05 -30.68 -83.03
C ARG G 2163 22.70 -31.25 -83.44
N SER G 2164 22.67 -32.02 -84.53
CA SER G 2164 21.40 -32.57 -84.99
C SER G 2164 20.87 -33.65 -84.05
N LEU G 2165 21.76 -34.30 -83.29
CA LEU G 2165 21.34 -35.44 -82.50
C LEU G 2165 20.93 -35.03 -81.08
N LEU G 2166 21.25 -33.80 -80.68
CA LEU G 2166 20.87 -33.36 -79.34
C LEU G 2166 19.35 -33.33 -79.19
N ILE G 2167 18.63 -32.91 -80.24
CA ILE G 2167 17.18 -32.92 -80.21
C ILE G 2167 16.66 -34.35 -80.33
N VAL G 2168 17.51 -35.27 -80.76
CA VAL G 2168 17.09 -36.66 -80.92
C VAL G 2168 17.35 -37.43 -79.64
N GLN G 2169 16.38 -38.27 -79.25
CA GLN G 2169 16.56 -39.11 -78.08
C GLN G 2169 17.74 -40.06 -78.30
N MET G 2170 18.58 -40.19 -77.28
CA MET G 2170 19.87 -40.84 -77.48
C MET G 2170 19.71 -42.34 -77.58
N GLY G 2171 20.35 -42.94 -78.59
CA GLY G 2171 20.25 -44.36 -78.84
C GLY G 2171 21.53 -44.94 -79.38
N PRO G 2172 21.53 -46.23 -79.72
CA PRO G 2172 22.78 -46.88 -80.16
C PRO G 2172 23.31 -46.38 -81.49
N GLN G 2173 22.46 -46.32 -82.52
CA GLN G 2173 22.93 -45.86 -83.83
C GLN G 2173 23.31 -44.38 -83.76
N GLU G 2174 22.55 -43.59 -83.01
CA GLU G 2174 22.90 -42.20 -82.79
C GLU G 2174 24.26 -42.09 -82.10
N GLU G 2175 24.52 -43.01 -81.16
CA GLU G 2175 25.81 -43.01 -80.48
C GLU G 2175 26.94 -43.34 -81.45
N ASN G 2176 26.73 -44.30 -82.33
CA ASN G 2176 27.75 -44.61 -83.33
C ASN G 2176 28.02 -43.40 -84.21
N LEU G 2177 26.96 -42.71 -84.64
CA LEU G 2177 27.14 -41.54 -85.49
C LEU G 2177 27.88 -40.43 -84.74
N MET G 2178 27.55 -40.22 -83.46
CA MET G 2178 28.27 -39.23 -82.66
C MET G 2178 29.74 -39.58 -82.50
N ILE G 2179 30.04 -40.86 -82.27
CA ILE G 2179 31.43 -41.28 -82.16
C ILE G 2179 32.17 -40.98 -83.46
N GLN G 2180 31.54 -41.30 -84.59
CA GLN G 2180 32.18 -41.03 -85.88
C GLN G 2180 32.40 -39.53 -86.08
N SER G 2181 31.40 -38.72 -85.74
CA SER G 2181 31.53 -37.27 -85.94
C SER G 2181 32.63 -36.69 -85.05
N ILE G 2182 32.68 -37.11 -83.78
CA ILE G 2182 33.71 -36.63 -82.88
C ILE G 2182 35.09 -37.03 -83.39
N GLY G 2183 35.23 -38.29 -83.83
CA GLY G 2183 36.51 -38.73 -84.37
C GLY G 2183 36.93 -37.93 -85.59
N ASN G 2184 35.98 -37.62 -86.47
CA ASN G 2184 36.30 -36.77 -87.61
C ASN G 2184 36.76 -35.40 -87.17
N ILE G 2185 36.12 -34.83 -86.15
CA ILE G 2185 36.54 -33.51 -85.67
C ILE G 2185 37.96 -33.56 -85.12
N MET G 2186 38.29 -34.58 -84.32
CA MET G 2186 39.66 -34.69 -83.84
C MET G 2186 40.64 -34.87 -84.98
N ASN G 2187 40.28 -35.65 -85.99
CA ASN G 2187 41.19 -35.87 -87.12
C ASN G 2187 41.39 -34.60 -87.92
N ASN G 2188 40.50 -33.63 -87.78
CA ASN G 2188 40.59 -32.39 -88.55
C ASN G 2188 41.72 -31.51 -88.03
N LYS G 2189 42.53 -30.98 -88.96
CA LYS G 2189 43.65 -30.14 -88.55
C LYS G 2189 43.21 -28.75 -88.15
N VAL G 2190 42.07 -28.30 -88.67
CA VAL G 2190 41.54 -27.00 -88.27
C VAL G 2190 41.16 -27.01 -86.79
N PHE G 2191 40.77 -28.18 -86.29
CA PHE G 2191 40.49 -28.32 -84.86
C PHE G 2191 41.75 -28.12 -84.04
N TYR G 2192 42.92 -28.23 -84.67
CA TYR G 2192 44.18 -28.02 -83.97
C TYR G 2192 44.65 -26.58 -84.14
N GLN G 2193 44.55 -26.05 -85.35
CA GLN G 2193 45.18 -24.78 -85.67
C GLN G 2193 44.40 -23.58 -85.13
N HIS G 2194 43.10 -23.75 -84.88
CA HIS G 2194 42.24 -22.65 -84.45
C HIS G 2194 41.44 -23.06 -83.22
N PRO G 2195 42.11 -23.23 -82.08
CA PRO G 2195 41.36 -23.49 -80.84
C PRO G 2195 40.42 -22.35 -80.48
N ASN G 2196 40.76 -21.12 -80.85
CA ASN G 2196 39.86 -20.00 -80.62
C ASN G 2196 38.59 -20.14 -81.44
N LEU G 2197 38.71 -20.59 -82.69
CA LEU G 2197 37.53 -20.84 -83.50
C LEU G 2197 36.70 -21.97 -82.91
N MET G 2198 37.36 -23.02 -82.41
CA MET G 2198 36.62 -24.09 -81.74
C MET G 2198 35.88 -23.56 -80.51
N ARG G 2199 36.52 -22.69 -79.73
CA ARG G 2199 35.86 -22.11 -78.56
C ARG G 2199 34.66 -21.26 -78.98
N ALA G 2200 34.82 -20.45 -80.02
CA ALA G 2200 33.73 -19.60 -80.49
C ALA G 2200 32.56 -20.43 -80.98
N LEU G 2201 32.83 -21.55 -81.66
CA LEU G 2201 31.76 -22.42 -82.11
C LEU G 2201 31.03 -23.06 -80.94
N GLY G 2202 31.68 -23.14 -79.78
CA GLY G 2202 31.07 -23.78 -78.64
C GLY G 2202 31.00 -25.29 -78.72
N MET G 2203 31.85 -25.90 -79.53
CA MET G 2203 31.79 -27.34 -79.72
C MET G 2203 32.14 -28.09 -78.43
N HIS G 2204 33.01 -27.52 -77.61
CA HIS G 2204 33.29 -28.15 -76.33
C HIS G 2204 32.04 -28.15 -75.45
N GLU G 2205 31.30 -27.04 -75.46
CA GLU G 2205 30.03 -27.02 -74.74
C GLU G 2205 29.06 -28.05 -75.31
N THR G 2206 29.01 -28.18 -76.63
CA THR G 2206 28.08 -29.14 -77.25
C THR G 2206 28.39 -30.56 -76.84
N VAL G 2207 29.66 -30.94 -76.92
CA VAL G 2207 30.07 -32.28 -76.47
C VAL G 2207 29.80 -32.42 -74.99
N MET G 2208 29.87 -31.32 -74.24
CA MET G 2208 29.53 -31.41 -72.82
C MET G 2208 28.06 -31.69 -72.60
N GLU G 2209 27.16 -31.08 -73.38
CA GLU G 2209 25.75 -31.39 -73.13
C GLU G 2209 25.40 -32.80 -73.58
N VAL G 2210 26.05 -33.32 -74.63
CA VAL G 2210 25.79 -34.73 -74.94
C VAL G 2210 26.31 -35.63 -73.81
N MET G 2211 27.50 -35.31 -73.27
CA MET G 2211 27.96 -35.94 -72.04
C MET G 2211 26.90 -35.93 -70.95
N VAL G 2212 26.37 -34.76 -70.63
CA VAL G 2212 25.56 -34.62 -69.42
C VAL G 2212 24.19 -35.23 -69.63
N ASN G 2213 23.67 -35.21 -70.85
CA ASN G 2213 22.44 -35.95 -71.11
C ASN G 2213 22.67 -37.44 -70.90
N VAL G 2214 23.72 -37.99 -71.52
CA VAL G 2214 23.98 -39.42 -71.39
C VAL G 2214 24.17 -39.80 -69.91
N LEU G 2215 24.88 -38.96 -69.15
CA LEU G 2215 25.12 -39.27 -67.75
C LEU G 2215 23.86 -39.11 -66.91
N GLY G 2216 23.29 -37.91 -66.91
CA GLY G 2216 22.16 -37.63 -66.02
C GLY G 2216 20.91 -38.41 -66.39
N GLY G 2217 20.94 -39.14 -67.50
CA GLY G 2217 19.90 -40.08 -67.81
C GLY G 2217 20.18 -41.39 -67.09
N GLY G 2218 19.52 -41.57 -65.94
CA GLY G 2218 19.64 -42.79 -65.16
C GLY G 2218 21.06 -43.19 -64.79
N GLU G 2219 21.81 -42.30 -64.14
CA GLU G 2219 23.22 -42.57 -63.87
C GLU G 2219 23.42 -43.80 -62.99
N THR G 2220 22.76 -43.84 -61.82
CA THR G 2220 23.10 -44.84 -60.82
C THR G 2220 22.57 -46.21 -61.20
N LYS G 2221 21.36 -46.27 -61.75
CA LYS G 2221 20.76 -47.56 -62.08
C LYS G 2221 21.57 -48.30 -63.14
N GLU G 2222 22.05 -47.58 -64.15
CA GLU G 2222 22.81 -48.21 -65.23
C GLU G 2222 23.69 -47.16 -65.89
N ILE G 2223 24.80 -47.63 -66.46
CA ILE G 2223 25.68 -46.79 -67.27
C ILE G 2223 25.48 -47.20 -68.72
N ARG G 2224 25.00 -46.28 -69.54
CA ARG G 2224 24.68 -46.55 -70.93
C ARG G 2224 25.45 -45.60 -71.82
N PHE G 2225 25.83 -46.09 -73.00
CA PHE G 2225 26.71 -45.40 -73.94
C PHE G 2225 28.06 -45.08 -73.29
N PRO G 2226 28.72 -46.07 -72.71
CA PRO G 2226 30.05 -45.82 -72.14
C PRO G 2226 31.07 -45.42 -73.19
N LYS G 2227 30.94 -45.93 -74.41
CA LYS G 2227 31.80 -45.49 -75.49
C LYS G 2227 31.52 -44.04 -75.86
N MET G 2228 30.27 -43.59 -75.70
CA MET G 2228 29.99 -42.16 -75.76
C MET G 2228 30.78 -41.39 -74.71
N VAL G 2229 30.83 -41.91 -73.48
CA VAL G 2229 31.58 -41.20 -72.44
C VAL G 2229 33.07 -41.14 -72.78
N THR G 2230 33.62 -42.24 -73.28
CA THR G 2230 35.04 -42.26 -73.63
C THR G 2230 35.34 -41.29 -74.76
N SER G 2231 34.50 -41.25 -75.79
CA SER G 2231 34.71 -40.29 -76.86
C SER G 2231 34.53 -38.87 -76.35
N CYS G 2232 33.66 -38.69 -75.36
CA CYS G 2232 33.45 -37.37 -74.77
C CYS G 2232 34.71 -36.87 -74.09
N CYS G 2233 35.44 -37.74 -73.35
CA CYS G 2233 36.83 -37.37 -73.14
C CYS G 2233 37.56 -37.11 -74.42
N ARG G 2234 37.81 -38.13 -75.24
CA ARG G 2234 38.75 -37.96 -76.35
C ARG G 2234 38.69 -36.54 -76.86
N PHE G 2235 37.47 -36.08 -77.17
CA PHE G 2235 37.27 -34.69 -77.57
C PHE G 2235 37.62 -33.71 -76.45
N LEU G 2236 36.89 -33.72 -75.32
CA LEU G 2236 37.03 -32.66 -74.32
C LEU G 2236 38.34 -32.76 -73.55
N CYS G 2237 38.68 -33.97 -73.11
CA CYS G 2237 39.98 -34.24 -72.52
C CYS G 2237 41.13 -33.72 -73.42
N TYR G 2238 41.09 -34.00 -74.73
CA TYR G 2238 42.20 -33.51 -75.53
C TYR G 2238 42.06 -32.00 -75.75
N PHE G 2239 40.82 -31.50 -75.83
CA PHE G 2239 40.55 -30.08 -75.91
C PHE G 2239 41.24 -29.33 -74.78
N CYS G 2240 41.16 -29.88 -73.57
CA CYS G 2240 41.99 -29.38 -72.47
C CYS G 2240 43.45 -29.42 -72.86
N ARG G 2241 43.90 -30.53 -73.46
CA ARG G 2241 45.32 -30.64 -73.79
C ARG G 2241 45.78 -29.60 -74.79
N ILE G 2242 44.88 -29.08 -75.64
CA ILE G 2242 45.32 -28.23 -76.74
C ILE G 2242 45.78 -26.86 -76.25
N SER G 2243 44.88 -26.09 -75.64
CA SER G 2243 45.17 -24.71 -75.29
C SER G 2243 44.70 -24.43 -73.87
N ARG G 2244 45.33 -23.42 -73.26
CA ARG G 2244 45.03 -23.09 -71.87
C ARG G 2244 43.76 -22.24 -71.75
N GLN G 2245 43.40 -21.48 -72.79
CA GLN G 2245 42.07 -20.89 -72.77
C GLN G 2245 41.01 -21.97 -72.80
N ASN G 2246 41.25 -23.03 -73.58
CA ASN G 2246 40.39 -24.20 -73.53
C ASN G 2246 40.41 -24.82 -72.14
N GLN G 2247 41.58 -24.88 -71.51
CA GLN G 2247 41.69 -25.42 -70.16
C GLN G 2247 40.85 -24.60 -69.18
N ARG G 2248 40.88 -23.28 -69.31
CA ARG G 2248 40.07 -22.43 -68.44
C ARG G 2248 38.59 -22.65 -68.67
N SER G 2249 38.18 -22.72 -69.94
CA SER G 2249 36.78 -22.97 -70.25
C SER G 2249 36.30 -24.28 -69.67
N MET G 2250 37.17 -25.30 -69.70
CA MET G 2250 36.82 -26.57 -69.07
C MET G 2250 36.87 -26.48 -67.55
N PHE G 2251 37.74 -25.60 -67.03
CA PHE G 2251 37.83 -25.40 -65.59
C PHE G 2251 36.53 -24.84 -65.04
N ASP G 2252 35.85 -23.98 -65.81
CA ASP G 2252 34.54 -23.49 -65.39
C ASP G 2252 33.56 -24.64 -65.19
N HIS G 2253 33.75 -25.74 -65.93
CA HIS G 2253 32.85 -26.88 -65.79
C HIS G 2253 33.42 -27.93 -64.85
N LEU G 2254 34.60 -27.69 -64.29
CA LEU G 2254 35.30 -28.71 -63.53
C LEU G 2254 34.53 -29.09 -62.27
N SER G 2255 33.83 -28.13 -61.67
CA SER G 2255 33.08 -28.44 -60.45
C SER G 2255 32.02 -29.51 -60.71
N TYR G 2256 31.32 -29.42 -61.84
CA TYR G 2256 30.30 -30.41 -62.16
C TYR G 2256 30.97 -31.70 -62.64
N LEU G 2257 32.05 -31.56 -63.41
CA LEU G 2257 32.79 -32.73 -63.87
C LEU G 2257 33.26 -33.58 -62.70
N LEU G 2258 33.56 -32.94 -61.57
CA LEU G 2258 33.96 -33.71 -60.38
C LEU G 2258 32.82 -34.57 -59.87
N GLU G 2259 31.60 -34.03 -59.86
CA GLU G 2259 30.45 -34.84 -59.43
C GLU G 2259 30.17 -35.94 -60.43
N ASN G 2260 30.51 -35.72 -61.71
CA ASN G 2260 30.41 -36.79 -62.69
C ASN G 2260 31.48 -37.85 -62.46
N SER G 2261 32.58 -37.47 -61.81
CA SER G 2261 33.73 -38.36 -61.71
C SER G 2261 33.44 -39.58 -60.84
N GLY G 2262 32.38 -39.52 -60.02
CA GLY G 2262 32.12 -40.59 -59.08
C GLY G 2262 31.78 -41.91 -59.75
N ILE G 2263 30.84 -41.89 -60.69
CA ILE G 2263 30.36 -43.14 -61.28
C ILE G 2263 31.16 -43.48 -62.53
N GLY G 2264 31.64 -42.46 -63.25
CA GLY G 2264 32.46 -42.71 -64.42
C GLY G 2264 33.76 -43.40 -64.08
N LEU G 2265 34.19 -43.29 -62.82
CA LEU G 2265 35.41 -43.97 -62.39
C LEU G 2265 35.26 -45.49 -62.50
N GLY G 2266 34.10 -46.01 -62.11
CA GLY G 2266 33.85 -47.43 -62.28
C GLY G 2266 33.82 -47.83 -63.75
N MET G 2267 33.39 -46.93 -64.61
CA MET G 2267 33.41 -47.18 -66.04
C MET G 2267 34.86 -47.15 -66.53
N GLN G 2268 35.15 -47.98 -67.53
CA GLN G 2268 36.51 -48.20 -67.98
CA GLN G 2268 36.50 -48.21 -68.00
C GLN G 2268 37.04 -47.03 -68.81
N GLY G 2269 38.36 -46.97 -68.93
CA GLY G 2269 38.97 -45.97 -69.79
C GLY G 2269 38.81 -44.56 -69.29
N SER G 2270 38.60 -43.63 -70.22
CA SER G 2270 38.58 -42.21 -69.91
C SER G 2270 37.30 -41.84 -69.15
N THR G 2271 37.43 -40.91 -68.21
CA THR G 2271 36.37 -40.53 -67.29
C THR G 2271 36.29 -39.02 -67.15
N PRO G 2272 35.16 -38.49 -66.65
CA PRO G 2272 35.12 -37.07 -66.30
C PRO G 2272 36.17 -36.68 -65.27
N LEU G 2273 36.62 -37.63 -64.45
CA LEU G 2273 37.76 -37.34 -63.60
C LEU G 2273 39.00 -37.04 -64.43
N ASP G 2274 39.19 -37.78 -65.53
CA ASP G 2274 40.26 -37.43 -66.46
C ASP G 2274 40.02 -36.07 -67.11
N VAL G 2275 38.76 -35.72 -67.38
CA VAL G 2275 38.48 -34.38 -67.89
C VAL G 2275 38.99 -33.33 -66.92
N ALA G 2276 38.61 -33.46 -65.65
CA ALA G 2276 38.99 -32.48 -64.65
C ALA G 2276 40.49 -32.46 -64.44
N ALA G 2277 41.13 -33.63 -64.45
CA ALA G 2277 42.58 -33.69 -64.31
C ALA G 2277 43.29 -32.98 -65.45
N ALA G 2278 42.81 -33.20 -66.69
CA ALA G 2278 43.39 -32.51 -67.83
C ALA G 2278 43.15 -31.01 -67.75
N SER G 2279 42.06 -30.61 -67.08
CA SER G 2279 41.79 -29.18 -66.95
C SER G 2279 42.83 -28.48 -66.08
N VAL G 2280 43.20 -29.07 -64.95
CA VAL G 2280 44.04 -28.37 -63.98
C VAL G 2280 45.52 -28.50 -64.32
N ILE G 2281 45.90 -29.61 -64.97
CA ILE G 2281 47.32 -29.94 -65.07
C ILE G 2281 48.05 -28.88 -65.88
N ASP G 2282 49.29 -28.59 -65.47
CA ASP G 2282 50.24 -27.66 -66.08
C ASP G 2282 49.88 -26.20 -65.83
N ASN G 2283 48.80 -25.90 -65.10
CA ASN G 2283 48.39 -24.53 -64.84
C ASN G 2283 48.45 -24.26 -63.35
N ASN G 2284 49.50 -23.56 -62.91
CA ASN G 2284 49.57 -23.16 -61.51
C ASN G 2284 48.41 -22.24 -61.15
N GLU G 2285 48.04 -21.36 -62.07
CA GLU G 2285 46.93 -20.43 -61.82
C GLU G 2285 45.61 -21.17 -61.70
N LEU G 2286 45.37 -22.16 -62.54
CA LEU G 2286 44.15 -22.97 -62.40
C LEU G 2286 44.19 -23.78 -61.11
N ALA G 2287 45.37 -24.21 -60.70
CA ALA G 2287 45.49 -24.89 -59.40
C ALA G 2287 45.15 -23.95 -58.26
N LEU G 2288 45.60 -22.70 -58.33
CA LEU G 2288 45.28 -21.72 -57.31
C LEU G 2288 43.79 -21.41 -57.29
N ALA G 2289 43.17 -21.28 -58.46
CA ALA G 2289 41.75 -20.98 -58.53
C ALA G 2289 40.91 -22.18 -58.11
N LEU G 2290 41.53 -23.34 -57.98
CA LEU G 2290 40.79 -24.56 -57.63
C LEU G 2290 40.25 -24.43 -56.21
N GLN G 2291 39.00 -24.83 -56.03
CA GLN G 2291 38.29 -24.55 -54.80
C GLN G 2291 38.59 -25.59 -53.71
N GLU G 2292 38.71 -25.10 -52.48
CA GLU G 2292 38.86 -26.00 -51.34
C GLU G 2292 37.62 -26.88 -51.19
N GLN G 2293 36.45 -26.38 -51.59
CA GLN G 2293 35.26 -27.22 -51.60
C GLN G 2293 35.39 -28.33 -52.62
N ASP G 2294 35.97 -28.03 -53.77
CA ASP G 2294 36.24 -29.07 -54.77
C ASP G 2294 37.19 -30.12 -54.20
N LEU G 2295 38.26 -29.68 -53.53
CA LEU G 2295 39.18 -30.61 -52.90
C LEU G 2295 38.46 -31.47 -51.86
N GLU G 2296 37.56 -30.84 -51.10
CA GLU G 2296 36.80 -31.56 -50.09
C GLU G 2296 35.93 -32.63 -50.74
N LYS G 2297 35.30 -32.32 -51.87
CA LYS G 2297 34.45 -33.30 -52.53
C LYS G 2297 35.28 -34.47 -53.05
N VAL G 2298 36.46 -34.18 -53.62
CA VAL G 2298 37.34 -35.26 -54.08
C VAL G 2298 37.78 -36.12 -52.90
N VAL G 2299 38.13 -35.50 -51.78
CA VAL G 2299 38.57 -36.26 -50.61
C VAL G 2299 37.41 -37.10 -50.07
N SER G 2300 36.19 -36.57 -50.13
CA SER G 2300 35.03 -37.35 -49.71
C SER G 2300 34.83 -38.56 -50.60
N TYR G 2301 35.01 -38.39 -51.91
CA TYR G 2301 34.95 -39.53 -52.82
C TYR G 2301 36.00 -40.57 -52.46
N LEU G 2302 37.23 -40.12 -52.21
CA LEU G 2302 38.30 -41.04 -51.85
C LEU G 2302 37.98 -41.78 -50.55
N ALA G 2303 37.43 -41.05 -49.57
CA ALA G 2303 37.05 -41.68 -48.31
C ALA G 2303 35.96 -42.73 -48.53
N GLY G 2304 34.99 -42.43 -49.39
CA GLY G 2304 33.99 -43.43 -49.74
C GLY G 2304 34.62 -44.66 -50.35
N CYS G 2305 35.62 -44.48 -51.21
CA CYS G 2305 36.35 -45.62 -51.75
C CYS G 2305 37.05 -46.40 -50.63
N GLY G 2306 37.52 -45.69 -49.61
CA GLY G 2306 38.17 -46.36 -48.50
C GLY G 2306 37.23 -47.25 -47.69
N LEU G 2307 35.97 -46.83 -47.58
CA LEU G 2307 35.03 -47.56 -46.73
C LEU G 2307 34.50 -48.81 -47.42
N GLN G 2308 34.09 -48.70 -48.68
CA GLN G 2308 33.33 -49.75 -49.35
C GLN G 2308 34.06 -50.23 -50.60
N SER G 2309 33.92 -51.53 -50.86
CA SER G 2309 34.42 -52.10 -52.11
C SER G 2309 33.52 -51.67 -53.28
N CYS G 2310 34.12 -51.61 -54.47
CA CYS G 2310 33.37 -51.21 -55.63
C CYS G 2310 32.38 -52.31 -56.03
N PRO G 2311 31.21 -51.96 -56.57
CA PRO G 2311 30.21 -52.98 -56.86
C PRO G 2311 30.60 -53.93 -57.98
N MET G 2312 31.30 -53.43 -59.00
CA MET G 2312 31.59 -54.28 -60.15
C MET G 2312 32.54 -55.41 -59.79
N LEU G 2313 33.45 -55.18 -58.85
CA LEU G 2313 34.31 -56.25 -58.38
C LEU G 2313 33.48 -57.39 -57.77
N LEU G 2314 32.48 -57.04 -56.96
CA LEU G 2314 31.58 -58.06 -56.44
C LEU G 2314 30.81 -58.74 -57.57
N ALA G 2315 30.35 -57.95 -58.55
CA ALA G 2315 29.60 -58.53 -59.66
C ALA G 2315 30.46 -59.48 -60.48
N LYS G 2316 31.72 -59.13 -60.72
CA LYS G 2316 32.61 -60.00 -61.48
C LYS G 2316 32.86 -61.31 -60.74
N GLY G 2317 32.63 -61.34 -59.43
CA GLY G 2317 32.97 -62.49 -58.63
C GLY G 2317 34.30 -62.39 -57.94
N TYR G 2318 34.91 -61.20 -57.92
CA TYR G 2318 36.22 -61.03 -57.29
C TYR G 2318 36.10 -61.27 -55.79
N PRO G 2319 37.10 -61.90 -55.17
CA PRO G 2319 37.11 -61.97 -53.70
C PRO G 2319 37.31 -60.58 -53.13
N ASP G 2320 36.26 -60.04 -52.53
CA ASP G 2320 36.19 -58.63 -52.19
C ASP G 2320 37.07 -58.31 -50.98
N ILE G 2321 37.59 -57.08 -50.95
CA ILE G 2321 38.19 -56.55 -49.74
C ILE G 2321 37.27 -55.48 -49.17
N GLY G 2322 37.57 -55.04 -47.95
CA GLY G 2322 36.75 -54.00 -47.34
C GLY G 2322 36.75 -52.71 -48.12
N TRP G 2323 37.76 -52.51 -48.95
CA TRP G 2323 37.99 -51.24 -49.64
C TRP G 2323 38.25 -51.47 -51.12
N ASN G 2324 37.95 -50.45 -51.94
CA ASN G 2324 38.18 -50.50 -53.37
C ASN G 2324 39.40 -49.67 -53.71
N PRO G 2325 40.50 -50.27 -54.18
CA PRO G 2325 41.71 -49.49 -54.42
C PRO G 2325 41.72 -48.72 -55.73
N CYS G 2326 40.98 -49.15 -56.74
CA CYS G 2326 41.09 -48.52 -58.06
C CYS G 2326 40.58 -47.09 -58.05
N GLY G 2327 39.37 -46.87 -57.54
CA GLY G 2327 38.85 -45.51 -57.44
C GLY G 2327 39.71 -44.66 -56.55
N GLY G 2328 40.26 -45.25 -55.49
CA GLY G 2328 41.20 -44.54 -54.66
C GLY G 2328 42.41 -44.07 -55.45
N GLU G 2329 42.96 -44.94 -56.29
CA GLU G 2329 44.10 -44.56 -57.12
C GLU G 2329 43.73 -43.39 -58.03
N ARG G 2330 42.55 -43.45 -58.64
CA ARG G 2330 42.16 -42.39 -59.57
C ARG G 2330 42.02 -41.05 -58.85
N TYR G 2331 41.33 -41.04 -57.71
CA TYR G 2331 41.19 -39.81 -56.95
C TYR G 2331 42.53 -39.31 -56.45
N LEU G 2332 43.41 -40.22 -56.05
CA LEU G 2332 44.73 -39.83 -55.57
C LEU G 2332 45.55 -39.18 -56.67
N ASP G 2333 45.48 -39.71 -57.90
CA ASP G 2333 46.23 -39.08 -58.98
C ASP G 2333 45.64 -37.72 -59.33
N PHE G 2334 44.31 -37.59 -59.25
CA PHE G 2334 43.72 -36.27 -59.45
C PHE G 2334 44.23 -35.28 -58.41
N LEU G 2335 44.25 -35.68 -57.15
CA LEU G 2335 44.76 -34.79 -56.10
C LEU G 2335 46.23 -34.50 -56.31
N ARG G 2336 46.98 -35.47 -56.83
CA ARG G 2336 48.39 -35.26 -57.12
C ARG G 2336 48.58 -34.20 -58.19
N PHE G 2337 47.75 -34.23 -59.22
CA PHE G 2337 47.76 -33.14 -60.20
C PHE G 2337 47.38 -31.83 -59.55
N ALA G 2338 46.45 -31.86 -58.60
CA ALA G 2338 46.01 -30.63 -57.94
C ALA G 2338 47.14 -30.00 -57.13
N VAL G 2339 47.96 -30.81 -56.46
CA VAL G 2339 48.92 -30.27 -55.50
C VAL G 2339 50.25 -29.94 -56.18
N PHE G 2340 50.61 -30.68 -57.23
CA PHE G 2340 51.88 -30.52 -57.90
C PHE G 2340 51.65 -29.97 -59.30
N VAL G 2341 52.28 -28.84 -59.61
CA VAL G 2341 52.18 -28.21 -60.92
C VAL G 2341 53.58 -27.83 -61.38
N ASN G 2342 53.95 -28.26 -62.59
CA ASN G 2342 55.20 -27.87 -63.23
C ASN G 2342 56.41 -28.18 -62.35
N GLY G 2343 56.37 -29.32 -61.68
CA GLY G 2343 57.48 -29.73 -60.84
C GLY G 2343 57.63 -28.95 -59.55
N GLU G 2344 56.65 -28.12 -59.20
CA GLU G 2344 56.69 -27.33 -57.97
C GLU G 2344 55.38 -27.51 -57.22
N SER G 2345 55.48 -27.67 -55.91
CA SER G 2345 54.29 -27.82 -55.08
C SER G 2345 53.61 -26.48 -54.86
N VAL G 2346 52.28 -26.50 -54.80
CA VAL G 2346 51.50 -25.32 -54.46
C VAL G 2346 51.05 -25.47 -53.01
N GLU G 2347 51.47 -24.52 -52.17
CA GLU G 2347 51.34 -24.69 -50.73
C GLU G 2347 49.87 -24.72 -50.30
N GLU G 2348 49.04 -23.86 -50.88
CA GLU G 2348 47.65 -23.77 -50.44
C GLU G 2348 46.90 -25.06 -50.69
N ASN G 2349 46.95 -25.55 -51.93
CA ASN G 2349 46.25 -26.80 -52.24
C ASN G 2349 46.87 -27.97 -51.51
N ALA G 2350 48.19 -27.99 -51.37
CA ALA G 2350 48.84 -29.06 -50.61
C ALA G 2350 48.34 -29.10 -49.18
N ASN G 2351 48.26 -27.95 -48.53
CA ASN G 2351 47.81 -27.90 -47.14
C ASN G 2351 46.36 -28.32 -47.02
N VAL G 2352 45.49 -27.84 -47.93
CA VAL G 2352 44.08 -28.22 -47.84
C VAL G 2352 43.93 -29.73 -48.03
N VAL G 2353 44.65 -30.29 -49.00
CA VAL G 2353 44.56 -31.72 -49.25
C VAL G 2353 45.05 -32.50 -48.04
N VAL G 2354 46.17 -32.08 -47.45
CA VAL G 2354 46.72 -32.83 -46.32
C VAL G 2354 45.80 -32.74 -45.11
N ARG G 2355 45.19 -31.58 -44.89
CA ARG G 2355 44.27 -31.46 -43.76
C ARG G 2355 43.04 -32.32 -43.94
N LEU G 2356 42.46 -32.33 -45.14
CA LEU G 2356 41.30 -33.18 -45.37
C LEU G 2356 41.68 -34.65 -45.23
N LEU G 2357 42.83 -35.04 -45.76
CA LEU G 2357 43.27 -36.43 -45.70
C LEU G 2357 43.46 -36.88 -44.26
N ILE G 2358 44.13 -36.04 -43.44
CA ILE G 2358 44.36 -36.42 -42.06
C ILE G 2358 43.07 -36.37 -41.25
N ARG G 2359 42.11 -35.57 -41.72
CA ARG G 2359 40.79 -35.59 -41.07
C ARG G 2359 40.06 -36.90 -41.33
N LYS G 2360 40.23 -37.48 -42.51
CA LYS G 2360 39.60 -38.77 -42.78
C LYS G 2360 40.65 -39.83 -43.06
N PRO G 2361 41.02 -40.65 -42.07
CA PRO G 2361 42.05 -41.67 -42.30
C PRO G 2361 41.63 -42.78 -43.26
N GLU G 2362 40.32 -42.93 -43.48
CA GLU G 2362 39.86 -43.92 -44.43
C GLU G 2362 40.42 -43.65 -45.82
N CYS G 2363 40.74 -42.39 -46.10
CA CYS G 2363 41.45 -42.06 -47.33
C CYS G 2363 42.82 -42.72 -47.36
N PHE G 2364 43.52 -42.74 -46.23
CA PHE G 2364 44.78 -43.46 -46.15
C PHE G 2364 44.57 -44.95 -46.36
N GLY G 2365 43.50 -45.50 -45.78
CA GLY G 2365 43.13 -46.86 -46.05
C GLY G 2365 43.43 -47.81 -44.91
N PRO G 2366 43.23 -49.11 -45.14
CA PRO G 2366 43.42 -50.09 -44.05
C PRO G 2366 44.82 -50.07 -43.47
N ALA G 2367 45.84 -49.94 -44.30
CA ALA G 2367 47.17 -49.65 -43.78
C ALA G 2367 47.28 -48.17 -43.50
N LEU G 2368 48.12 -47.82 -42.53
CA LEU G 2368 48.22 -46.45 -42.04
C LEU G 2368 46.87 -45.97 -41.49
N ARG G 2369 46.03 -46.93 -41.08
CA ARG G 2369 44.73 -46.56 -40.53
CA ARG G 2369 44.73 -46.59 -40.51
C ARG G 2369 44.88 -45.80 -39.22
N GLY G 2370 45.86 -46.17 -38.40
CA GLY G 2370 45.98 -45.62 -37.07
C GLY G 2370 45.58 -46.68 -36.06
N GLU G 2371 44.37 -46.56 -35.53
CA GLU G 2371 43.89 -47.54 -34.58
C GLU G 2371 43.70 -48.89 -35.26
N GLY G 2372 44.45 -49.88 -34.82
CA GLY G 2372 44.30 -51.23 -35.34
C GLY G 2372 44.61 -51.36 -36.82
N GLY G 2373 45.68 -50.71 -37.27
CA GLY G 2373 46.09 -50.75 -38.66
C GLY G 2373 47.49 -51.33 -38.80
N SER G 2374 47.64 -52.22 -39.78
CA SER G 2374 48.94 -52.80 -40.07
C SER G 2374 49.86 -51.76 -40.69
N GLY G 2375 51.17 -52.02 -40.61
CA GLY G 2375 52.13 -51.11 -41.21
C GLY G 2375 52.02 -51.12 -42.72
N LEU G 2376 52.50 -50.03 -43.33
CA LEU G 2376 52.44 -49.93 -44.79
C LEU G 2376 53.32 -50.98 -45.45
N LEU G 2377 54.51 -51.22 -44.89
CA LEU G 2377 55.38 -52.26 -45.43
C LEU G 2377 54.73 -53.63 -45.31
N ALA G 2378 54.10 -53.90 -44.17
CA ALA G 2378 53.39 -55.17 -43.99
C ALA G 2378 52.26 -55.32 -44.99
N ALA G 2379 51.52 -54.24 -45.24
CA ALA G 2379 50.44 -54.29 -46.22
C ALA G 2379 50.96 -54.54 -47.62
N ILE G 2380 52.09 -53.92 -47.97
CA ILE G 2380 52.68 -54.15 -49.28
C ILE G 2380 53.12 -55.61 -49.42
N GLU G 2381 53.74 -56.15 -48.37
CA GLU G 2381 54.14 -57.55 -48.41
C GLU G 2381 52.93 -58.47 -48.53
N GLU G 2382 51.84 -58.13 -47.83
CA GLU G 2382 50.61 -58.90 -47.95
C GLU G 2382 50.06 -58.83 -49.36
N ALA G 2383 50.14 -57.66 -50.01
CA ALA G 2383 49.69 -57.54 -51.38
C ALA G 2383 50.53 -58.39 -52.32
N ILE G 2384 51.85 -58.44 -52.08
CA ILE G 2384 52.70 -59.29 -52.89
C ILE G 2384 52.32 -60.76 -52.69
N ARG G 2385 52.06 -61.16 -51.45
CA ARG G 2385 51.63 -62.53 -51.19
C ARG G 2385 50.29 -62.82 -51.88
N ILE G 2386 49.39 -61.84 -51.90
CA ILE G 2386 48.11 -62.00 -52.58
C ILE G 2386 48.35 -62.22 -54.07
N SER G 2387 49.25 -61.43 -54.67
CA SER G 2387 49.57 -61.59 -56.07
C SER G 2387 50.13 -62.98 -56.34
N GLU G 2388 50.99 -63.47 -55.44
CA GLU G 2388 51.49 -64.84 -55.57
C GLU G 2388 50.35 -65.84 -55.48
N ASP G 2389 49.37 -65.58 -54.62
CA ASP G 2389 48.33 -66.55 -54.36
C ASP G 2389 47.33 -66.58 -55.52
N PRO G 2390 47.16 -67.74 -56.18
CA PRO G 2390 46.15 -67.85 -57.25
C PRO G 2390 44.75 -67.66 -56.69
N ALA G 2391 43.87 -67.06 -57.49
CA ALA G 2391 42.46 -66.81 -57.20
C ALA G 2391 42.28 -65.76 -56.11
N ARG G 2392 43.36 -65.21 -55.54
CA ARG G 2392 43.22 -64.07 -54.65
C ARG G 2392 43.16 -62.77 -55.44
N ASP G 2393 44.04 -62.62 -56.43
CA ASP G 2393 44.00 -61.44 -57.28
C ASP G 2393 42.71 -61.39 -58.10
N GLY G 2394 42.28 -62.52 -58.64
CA GLY G 2394 41.15 -62.56 -59.55
C GLY G 2394 40.05 -63.49 -59.11
N PRO G 2395 38.91 -63.41 -59.80
CA PRO G 2395 37.77 -64.26 -59.41
C PRO G 2395 37.97 -65.72 -59.73
N GLY G 2396 38.48 -66.03 -60.92
CA GLY G 2396 38.60 -67.41 -61.34
C GLY G 2396 37.28 -68.12 -61.47
N VAL G 2397 36.27 -67.45 -62.02
CA VAL G 2397 34.93 -68.01 -62.14
C VAL G 2397 34.96 -69.22 -63.09
N PRO G 2410 45.09 -61.52 -68.52
CA PRO G 2410 44.05 -60.56 -68.87
C PRO G 2410 43.66 -60.61 -70.35
N PRO G 2411 42.95 -61.67 -70.77
CA PRO G 2411 42.53 -61.75 -72.17
C PRO G 2411 41.66 -60.60 -72.60
N GLU G 2412 40.79 -60.10 -71.72
CA GLU G 2412 39.94 -58.97 -72.06
C GLU G 2412 40.68 -57.65 -71.86
N GLU G 2413 41.82 -57.70 -71.18
CA GLU G 2413 42.71 -56.59 -70.86
C GLU G 2413 42.11 -55.68 -69.79
N ASN G 2414 40.85 -55.87 -69.42
CA ASN G 2414 40.24 -55.16 -68.30
C ASN G 2414 40.42 -55.91 -66.99
N ARG G 2415 41.08 -57.05 -67.01
CA ARG G 2415 41.31 -57.83 -65.80
C ARG G 2415 42.14 -57.03 -64.81
N VAL G 2416 41.69 -56.99 -63.57
CA VAL G 2416 42.32 -56.23 -62.50
C VAL G 2416 42.87 -57.21 -61.48
N HIS G 2417 44.14 -57.05 -61.11
CA HIS G 2417 44.77 -57.87 -60.10
C HIS G 2417 44.73 -57.13 -58.77
N LEU G 2418 44.15 -57.78 -57.75
CA LEU G 2418 43.90 -57.10 -56.49
C LEU G 2418 45.20 -56.70 -55.79
N GLY G 2419 46.21 -57.57 -55.83
CA GLY G 2419 47.48 -57.22 -55.22
C GLY G 2419 48.11 -56.01 -55.87
N HIS G 2420 48.14 -55.97 -57.20
CA HIS G 2420 48.66 -54.82 -57.90
C HIS G 2420 47.83 -53.58 -57.61
N ALA G 2421 46.51 -53.74 -57.48
CA ALA G 2421 45.66 -52.59 -57.17
C ALA G 2421 45.99 -52.00 -55.80
N ILE G 2422 46.15 -52.87 -54.80
CA ILE G 2422 46.50 -52.39 -53.46
C ILE G 2422 47.86 -51.70 -53.48
N MET G 2423 48.82 -52.32 -54.14
CA MET G 2423 50.16 -51.75 -54.22
C MET G 2423 50.15 -50.41 -54.93
N SER G 2424 49.39 -50.30 -56.03
CA SER G 2424 49.31 -49.04 -56.75
C SER G 2424 48.62 -47.97 -55.92
N PHE G 2425 47.60 -48.36 -55.15
CA PHE G 2425 46.95 -47.41 -54.28
C PHE G 2425 47.92 -46.84 -53.26
N TYR G 2426 48.68 -47.71 -52.60
CA TYR G 2426 49.61 -47.21 -51.59
C TYR G 2426 50.72 -46.38 -52.23
N ALA G 2427 51.21 -46.79 -53.40
CA ALA G 2427 52.23 -46.00 -54.09
C ALA G 2427 51.69 -44.62 -54.47
N ALA G 2428 50.46 -44.56 -54.98
CA ALA G 2428 49.89 -43.28 -55.37
C ALA G 2428 49.63 -42.39 -54.16
N LEU G 2429 49.15 -42.98 -53.06
CA LEU G 2429 48.91 -42.19 -51.85
C LEU G 2429 50.21 -41.62 -51.32
N ILE G 2430 51.27 -42.43 -51.31
CA ILE G 2430 52.55 -41.95 -50.79
C ILE G 2430 53.14 -40.91 -51.73
N ASP G 2431 52.93 -41.08 -53.04
CA ASP G 2431 53.36 -40.05 -53.99
C ASP G 2431 52.65 -38.74 -53.73
N LEU G 2432 51.33 -38.79 -53.52
CA LEU G 2432 50.59 -37.56 -53.23
C LEU G 2432 51.08 -36.92 -51.95
N LEU G 2433 51.30 -37.71 -50.91
CA LEU G 2433 51.79 -37.16 -49.65
C LEU G 2433 53.16 -36.52 -49.83
N GLY G 2434 54.05 -37.15 -50.59
CA GLY G 2434 55.35 -36.57 -50.82
C GLY G 2434 55.29 -35.28 -51.62
N ARG G 2435 54.40 -35.23 -52.60
CA ARG G 2435 54.24 -34.00 -53.38
C ARG G 2435 53.61 -32.90 -52.54
N CYS G 2436 52.83 -33.29 -51.51
CA CYS G 2436 52.21 -32.29 -50.64
C CYS G 2436 53.21 -31.72 -49.64
N ALA G 2437 54.39 -32.32 -49.57
CA ALA G 2437 55.36 -31.90 -48.56
C ALA G 2437 55.84 -30.47 -48.84
N PRO G 2438 56.08 -29.67 -47.81
CA PRO G 2438 56.58 -28.31 -48.03
C PRO G 2438 57.98 -28.33 -48.62
N GLU G 2439 58.30 -27.27 -49.35
CA GLU G 2439 59.59 -27.18 -50.02
C GLU G 2439 60.69 -26.77 -49.05
N MET G 2440 61.93 -27.06 -49.45
CA MET G 2440 63.05 -26.86 -48.55
C MET G 2440 63.33 -25.38 -48.31
N HIS G 2441 62.89 -24.51 -49.21
CA HIS G 2441 63.01 -23.08 -48.94
C HIS G 2441 62.09 -22.66 -47.80
N LEU G 2442 60.86 -23.18 -47.80
CA LEU G 2442 59.96 -22.93 -46.68
C LEU G 2442 60.50 -23.53 -45.39
N ILE G 2443 61.08 -24.73 -45.47
CA ILE G 2443 61.65 -25.36 -44.28
C ILE G 2443 62.81 -24.52 -43.73
N GLN G 2444 63.68 -24.04 -44.62
CA GLN G 2444 64.79 -23.19 -44.19
C GLN G 2444 64.28 -21.89 -43.59
N ALA G 2445 63.19 -21.34 -44.14
CA ALA G 2445 62.57 -20.17 -43.53
C ALA G 2445 62.00 -20.50 -42.16
N GLY G 2446 61.85 -21.78 -41.85
CA GLY G 2446 61.34 -22.19 -40.56
C GLY G 2446 59.88 -21.87 -40.33
N LYS G 2447 59.08 -21.81 -41.38
CA LYS G 2447 57.70 -21.40 -41.22
C LYS G 2447 56.89 -22.50 -40.54
N GLY G 2448 56.08 -22.08 -39.55
CA GLY G 2448 55.47 -23.03 -38.64
C GLY G 2448 54.54 -24.01 -39.34
N GLU G 2449 53.76 -23.53 -40.30
CA GLU G 2449 52.85 -24.42 -41.01
C GLU G 2449 53.63 -25.47 -41.79
N ALA G 2450 54.73 -25.07 -42.44
CA ALA G 2450 55.54 -26.03 -43.17
C ALA G 2450 56.13 -27.08 -42.24
N LEU G 2451 56.68 -26.65 -41.11
CA LEU G 2451 57.24 -27.62 -40.16
C LEU G 2451 56.16 -28.55 -39.64
N ARG G 2452 54.97 -28.02 -39.35
CA ARG G 2452 53.89 -28.85 -38.85
C ARG G 2452 53.45 -29.88 -39.88
N ILE G 2453 53.34 -29.47 -41.15
CA ILE G 2453 52.93 -30.40 -42.20
C ILE G 2453 53.97 -31.50 -42.37
N ARG G 2454 55.25 -31.13 -42.37
CA ARG G 2454 56.28 -32.15 -42.51
C ARG G 2454 56.26 -33.10 -41.33
N ALA G 2455 56.02 -32.59 -40.12
CA ALA G 2455 55.93 -33.45 -38.96
C ALA G 2455 54.75 -34.40 -39.08
N ILE G 2456 53.61 -33.92 -39.57
CA ILE G 2456 52.45 -34.78 -39.74
C ILE G 2456 52.75 -35.90 -40.73
N LEU G 2457 53.39 -35.55 -41.85
CA LEU G 2457 53.72 -36.58 -42.84
C LEU G 2457 54.69 -37.60 -42.27
N ARG G 2458 55.70 -37.15 -41.53
CA ARG G 2458 56.66 -38.08 -40.94
C ARG G 2458 55.98 -39.00 -39.94
N SER G 2459 55.06 -38.46 -39.14
CA SER G 2459 54.30 -39.29 -38.22
C SER G 2459 53.45 -40.30 -38.97
N LEU G 2460 52.89 -39.89 -40.11
CA LEU G 2460 52.04 -40.80 -40.87
C LEU G 2460 52.83 -41.97 -41.43
N VAL G 2461 53.96 -41.71 -42.09
CA VAL G 2461 54.69 -42.72 -42.84
C VAL G 2461 56.03 -42.96 -42.15
N PRO G 2462 56.32 -44.17 -41.70
CA PRO G 2462 57.62 -44.43 -41.08
C PRO G 2462 58.74 -44.54 -42.11
N LEU G 2463 59.88 -43.93 -41.78
CA LEU G 2463 61.07 -44.04 -42.62
C LEU G 2463 61.52 -45.49 -42.72
N ASP G 2464 61.37 -46.25 -41.63
CA ASP G 2464 61.68 -47.67 -41.69
C ASP G 2464 60.77 -48.40 -42.67
N ASP G 2465 59.49 -48.03 -42.71
CA ASP G 2465 58.59 -48.61 -43.69
C ASP G 2465 59.03 -48.30 -45.11
N LEU G 2466 59.42 -47.04 -45.35
CA LEU G 2466 59.90 -46.69 -46.69
C LEU G 2466 61.13 -47.50 -47.07
N VAL G 2467 62.09 -47.61 -46.14
CA VAL G 2467 63.31 -48.35 -46.43
C VAL G 2467 63.00 -49.82 -46.67
N GLY G 2468 62.06 -50.38 -45.92
CA GLY G 2468 61.67 -51.75 -46.13
C GLY G 2468 61.04 -51.98 -47.49
N ILE G 2469 60.17 -51.07 -47.93
CA ILE G 2469 59.56 -51.23 -49.25
C ILE G 2469 60.61 -51.11 -50.34
N ILE G 2470 61.55 -50.17 -50.19
CA ILE G 2470 62.62 -50.05 -51.17
C ILE G 2470 63.48 -51.31 -51.19
N SER G 2471 63.66 -51.93 -50.03
CA SER G 2471 64.52 -53.11 -49.94
C SER G 2471 63.81 -54.36 -50.41
N LEU G 2472 62.52 -54.26 -50.71
CA LEU G 2472 61.78 -55.42 -51.17
C LEU G 2472 62.32 -55.89 -52.51
N PRO G 2473 62.51 -57.20 -52.68
CA PRO G 2473 63.05 -57.70 -53.95
C PRO G 2473 62.07 -57.51 -55.10
N LEU G 2474 62.62 -57.29 -56.28
CA LEU G 2474 61.85 -57.12 -57.50
C LEU G 2474 62.06 -58.33 -58.39
N GLN G 2475 60.97 -58.89 -58.91
CA GLN G 2475 61.09 -60.00 -59.84
C GLN G 2475 61.85 -59.56 -61.09
N ILE G 2476 62.85 -60.34 -61.46
CA ILE G 2476 63.74 -60.03 -62.56
C ILE G 2476 63.50 -61.06 -63.66
N PRO G 2477 63.39 -60.66 -64.93
CA PRO G 2477 63.24 -61.64 -66.00
C PRO G 2477 64.42 -62.61 -65.99
N THR G 2478 64.10 -63.88 -66.21
CA THR G 2478 65.09 -64.94 -66.06
C THR G 2478 65.10 -65.82 -67.30
N LEU G 2479 66.25 -66.45 -67.52
CA LEU G 2479 66.45 -67.33 -68.66
C LEU G 2479 66.27 -68.77 -68.23
N GLY G 2480 65.31 -69.46 -68.85
CA GLY G 2480 65.05 -70.83 -68.46
C GLY G 2480 64.07 -71.49 -69.42
N LYS G 2481 63.80 -72.77 -69.15
CA LYS G 2481 62.90 -73.58 -69.96
C LYS G 2481 63.33 -73.58 -71.42
N ASP G 2482 64.52 -74.15 -71.66
CA ASP G 2482 65.22 -74.29 -72.94
C ASP G 2482 65.71 -72.94 -73.46
N GLY G 2483 65.54 -71.89 -72.66
CA GLY G 2483 65.92 -70.56 -73.09
C GLY G 2483 64.75 -69.62 -73.36
N ALA G 2484 63.53 -70.03 -73.03
CA ALA G 2484 62.40 -69.13 -73.21
C ALA G 2484 62.42 -68.03 -72.15
N LEU G 2485 62.14 -66.80 -72.59
CA LEU G 2485 62.13 -65.68 -71.67
C LEU G 2485 60.97 -65.79 -70.70
N VAL G 2486 61.27 -65.69 -69.41
CA VAL G 2486 60.27 -65.70 -68.34
C VAL G 2486 60.18 -64.29 -67.79
N GLN G 2487 59.05 -63.63 -68.04
CA GLN G 2487 58.88 -62.24 -67.66
C GLN G 2487 57.67 -62.10 -66.74
N PRO G 2488 57.80 -61.38 -65.62
CA PRO G 2488 56.64 -61.12 -64.78
C PRO G 2488 55.65 -60.20 -65.50
N LYS G 2489 54.37 -60.37 -65.20
CA LYS G 2489 53.35 -59.53 -65.81
C LYS G 2489 53.25 -58.20 -65.07
N MET G 2490 53.17 -57.11 -65.84
CA MET G 2490 53.15 -55.79 -65.24
C MET G 2490 51.92 -55.60 -64.37
N SER G 2491 50.77 -56.09 -64.83
CA SER G 2491 49.52 -55.81 -64.13
C SER G 2491 49.38 -56.67 -62.88
N ALA G 2492 50.32 -57.57 -62.63
CA ALA G 2492 50.18 -58.51 -61.53
C ALA G 2492 51.44 -58.66 -60.68
N SER G 2493 52.37 -57.71 -60.72
CA SER G 2493 53.63 -57.86 -60.03
C SER G 2493 54.08 -56.54 -59.43
N PHE G 2494 55.00 -56.63 -58.48
CA PHE G 2494 55.59 -55.45 -57.88
C PHE G 2494 56.45 -54.72 -58.90
N VAL G 2495 56.40 -53.39 -58.88
CA VAL G 2495 56.89 -52.64 -60.04
C VAL G 2495 57.77 -51.49 -59.58
N PRO G 2496 58.80 -51.18 -60.37
CA PRO G 2496 59.71 -50.10 -59.99
C PRO G 2496 59.08 -48.73 -59.86
N ASP G 2497 57.94 -48.44 -60.48
CA ASP G 2497 57.33 -47.14 -60.21
C ASP G 2497 56.72 -47.14 -58.82
N HIS G 2498 56.20 -48.29 -58.39
CA HIS G 2498 55.77 -48.45 -57.01
C HIS G 2498 56.92 -48.17 -56.07
N LYS G 2499 58.11 -48.66 -56.40
CA LYS G 2499 59.28 -48.35 -55.56
C LYS G 2499 59.68 -46.87 -55.69
N ALA G 2500 59.48 -46.28 -56.87
CA ALA G 2500 59.90 -44.90 -57.11
C ALA G 2500 59.06 -43.93 -56.31
N SER G 2501 57.78 -44.24 -56.10
CA SER G 2501 56.97 -43.40 -55.23
C SER G 2501 57.52 -43.37 -53.81
N MET G 2502 57.94 -44.54 -53.30
CA MET G 2502 58.57 -44.61 -52.00
C MET G 2502 59.82 -43.74 -51.96
N VAL G 2503 60.65 -43.85 -52.98
CA VAL G 2503 61.91 -43.09 -53.01
C VAL G 2503 61.64 -41.60 -53.06
N LEU G 2504 60.65 -41.19 -53.86
CA LEU G 2504 60.32 -39.77 -53.96
C LEU G 2504 59.84 -39.22 -52.63
N PHE G 2505 58.99 -39.97 -51.93
CA PHE G 2505 58.54 -39.53 -50.62
C PHE G 2505 59.70 -39.43 -49.64
N LEU G 2506 60.60 -40.42 -49.67
CA LEU G 2506 61.75 -40.40 -48.79
C LEU G 2506 62.62 -39.16 -49.02
N ASP G 2507 62.86 -38.82 -50.29
CA ASP G 2507 63.62 -37.62 -50.60
C ASP G 2507 62.88 -36.36 -50.18
N ARG G 2508 61.55 -36.35 -50.35
CA ARG G 2508 60.80 -35.11 -50.14
C ARG G 2508 60.66 -34.76 -48.67
N VAL G 2509 60.31 -35.73 -47.83
CA VAL G 2509 59.90 -35.45 -46.45
C VAL G 2509 61.01 -35.77 -45.45
N TYR G 2510 61.77 -36.84 -45.68
CA TYR G 2510 62.81 -37.22 -44.73
C TYR G 2510 64.17 -36.68 -45.15
N GLY G 2511 64.45 -36.70 -46.45
CA GLY G 2511 65.77 -36.35 -46.90
C GLY G 2511 66.77 -37.39 -46.47
N ILE G 2512 68.05 -37.03 -46.59
CA ILE G 2512 69.16 -37.87 -46.16
C ILE G 2512 69.90 -37.13 -45.07
N GLU G 2513 69.66 -37.53 -43.81
CA GLU G 2513 70.23 -36.82 -42.68
C GLU G 2513 71.75 -36.98 -42.62
N ASN G 2514 72.26 -38.17 -42.95
CA ASN G 2514 73.67 -38.43 -42.73
C ASN G 2514 74.17 -39.49 -43.70
N GLN G 2515 75.50 -39.52 -43.83
CA GLN G 2515 76.14 -40.38 -44.81
C GLN G 2515 76.02 -41.85 -44.45
N ASP G 2516 76.01 -42.18 -43.15
CA ASP G 2516 75.87 -43.58 -42.77
C ASP G 2516 74.48 -44.10 -43.08
N PHE G 2517 73.44 -43.28 -42.85
CA PHE G 2517 72.11 -43.67 -43.26
C PHE G 2517 72.01 -43.78 -44.78
N LEU G 2518 72.67 -42.87 -45.50
CA LEU G 2518 72.70 -42.98 -46.95
C LEU G 2518 73.27 -44.32 -47.39
N LEU G 2519 74.42 -44.70 -46.83
CA LEU G 2519 75.03 -45.97 -47.20
C LEU G 2519 74.14 -47.14 -46.81
N HIS G 2520 73.48 -47.06 -45.66
CA HIS G 2520 72.56 -48.12 -45.26
C HIS G 2520 71.44 -48.29 -46.28
N VAL G 2521 70.83 -47.19 -46.70
CA VAL G 2521 69.71 -47.29 -47.64
C VAL G 2521 70.19 -47.81 -48.98
N LEU G 2522 71.43 -47.46 -49.38
CA LEU G 2522 71.95 -48.00 -50.63
C LEU G 2522 72.18 -49.50 -50.54
N ASP G 2523 72.80 -49.97 -49.45
CA ASP G 2523 73.13 -51.39 -49.39
C ASP G 2523 71.88 -52.23 -49.18
N VAL G 2524 70.81 -51.64 -48.65
CA VAL G 2524 69.59 -52.44 -48.48
C VAL G 2524 68.75 -52.42 -49.76
N GLY G 2525 68.51 -51.24 -50.33
CA GLY G 2525 67.56 -51.15 -51.42
C GLY G 2525 68.09 -50.73 -52.78
N PHE G 2526 69.10 -49.85 -52.81
CA PHE G 2526 69.50 -49.26 -54.08
C PHE G 2526 70.48 -50.17 -54.82
N LEU G 2527 71.57 -50.56 -54.16
CA LEU G 2527 72.59 -51.36 -54.82
C LEU G 2527 72.03 -52.64 -55.45
N PRO G 2528 71.14 -53.40 -54.80
CA PRO G 2528 70.52 -54.52 -55.52
C PRO G 2528 69.79 -54.09 -56.78
N ASP G 2529 69.16 -52.91 -56.77
CA ASP G 2529 68.43 -52.46 -57.95
C ASP G 2529 69.39 -52.12 -59.10
N MET G 2530 70.46 -51.39 -58.81
CA MET G 2530 71.41 -51.10 -59.89
C MET G 2530 72.10 -52.37 -60.38
N ARG G 2531 72.39 -53.30 -59.47
CA ARG G 2531 72.98 -54.56 -59.91
C ARG G 2531 72.03 -55.34 -60.81
N ALA G 2532 70.74 -55.40 -60.43
CA ALA G 2532 69.77 -56.08 -61.27
C ALA G 2532 69.63 -55.42 -62.63
N ALA G 2533 69.62 -54.08 -62.66
CA ALA G 2533 69.55 -53.39 -63.93
C ALA G 2533 70.77 -53.65 -64.80
N ALA G 2534 71.96 -53.67 -64.19
CA ALA G 2534 73.17 -53.96 -64.94
C ALA G 2534 73.12 -55.37 -65.51
N SER G 2535 72.63 -56.34 -64.72
CA SER G 2535 72.46 -57.68 -65.24
C SER G 2535 71.45 -57.71 -66.38
N LEU G 2536 70.37 -56.95 -66.26
CA LEU G 2536 69.36 -56.93 -67.32
C LEU G 2536 69.87 -56.22 -68.56
N ASP G 2537 70.99 -55.51 -68.45
CA ASP G 2537 71.54 -54.73 -69.56
C ASP G 2537 72.31 -55.67 -70.51
N THR G 2538 71.60 -56.67 -71.00
CA THR G 2538 72.13 -57.59 -71.99
C THR G 2538 71.13 -57.69 -73.14
N ALA G 2539 71.64 -58.10 -74.31
CA ALA G 2539 70.83 -58.05 -75.52
C ALA G 2539 69.56 -58.89 -75.39
N THR G 2540 69.62 -59.99 -74.63
CA THR G 2540 68.46 -60.87 -74.54
C THR G 2540 67.48 -60.40 -73.47
N PHE G 2541 67.92 -59.59 -72.51
CA PHE G 2541 67.05 -59.07 -71.47
C PHE G 2541 66.75 -57.58 -71.59
N SER G 2542 67.45 -56.85 -72.46
CA SER G 2542 67.27 -55.40 -72.50
C SER G 2542 65.89 -55.01 -73.00
N THR G 2543 65.28 -55.85 -73.83
CA THR G 2543 63.98 -55.51 -74.40
C THR G 2543 62.87 -55.62 -73.37
N THR G 2544 63.09 -56.34 -72.29
CA THR G 2544 62.03 -56.67 -71.36
C THR G 2544 61.49 -55.42 -70.65
N GLU G 2545 60.19 -55.46 -70.36
CA GLU G 2545 59.55 -54.30 -69.74
C GLU G 2545 60.01 -54.10 -68.31
N MET G 2546 60.38 -55.18 -67.61
CA MET G 2546 61.06 -55.00 -66.33
C MET G 2546 62.38 -54.25 -66.48
N ALA G 2547 63.17 -54.58 -67.51
CA ALA G 2547 64.42 -53.86 -67.71
C ALA G 2547 64.15 -52.38 -68.00
N LEU G 2548 63.19 -52.09 -68.87
CA LEU G 2548 62.89 -50.71 -69.19
C LEU G 2548 62.36 -49.94 -67.98
N ALA G 2549 61.46 -50.56 -67.21
CA ALA G 2549 60.91 -49.90 -66.03
C ALA G 2549 61.97 -49.70 -64.97
N LEU G 2550 62.87 -50.67 -64.79
CA LEU G 2550 63.97 -50.51 -63.85
C LEU G 2550 64.86 -49.35 -64.25
N ASN G 2551 65.18 -49.25 -65.54
CA ASN G 2551 66.00 -48.13 -66.00
C ASN G 2551 65.31 -46.80 -65.76
N ARG G 2552 64.01 -46.73 -66.07
CA ARG G 2552 63.26 -45.49 -65.85
C ARG G 2552 63.25 -45.12 -64.37
N TYR G 2553 62.99 -46.09 -63.50
CA TYR G 2553 62.91 -45.82 -62.07
C TYR G 2553 64.26 -45.37 -61.52
N LEU G 2554 65.35 -45.99 -61.99
CA LEU G 2554 66.67 -45.56 -61.53
C LEU G 2554 66.98 -44.15 -62.00
N CYS G 2555 66.67 -43.84 -63.26
CA CYS G 2555 67.06 -42.54 -63.80
C CYS G 2555 66.14 -41.43 -63.31
N LEU G 2556 64.97 -41.78 -62.79
CA LEU G 2556 64.04 -40.75 -62.33
C LEU G 2556 64.29 -40.37 -60.88
N ALA G 2557 64.46 -41.35 -60.00
CA ALA G 2557 64.56 -41.07 -58.56
C ALA G 2557 65.91 -41.45 -57.97
N VAL G 2558 66.34 -42.71 -58.13
CA VAL G 2558 67.49 -43.21 -57.38
C VAL G 2558 68.76 -42.46 -57.76
N LEU G 2559 69.02 -42.34 -59.06
CA LEU G 2559 70.22 -41.65 -59.51
C LEU G 2559 70.23 -40.16 -59.15
N PRO G 2560 69.17 -39.39 -59.35
CA PRO G 2560 69.20 -38.01 -58.85
C PRO G 2560 69.41 -37.91 -57.35
N LEU G 2561 68.80 -38.81 -56.58
CA LEU G 2561 69.05 -38.80 -55.14
C LEU G 2561 70.52 -39.05 -54.82
N ILE G 2562 71.12 -40.05 -55.47
CA ILE G 2562 72.53 -40.35 -55.26
C ILE G 2562 73.39 -39.16 -55.65
N THR G 2563 73.04 -38.50 -56.76
CA THR G 2563 73.79 -37.33 -57.20
C THR G 2563 73.73 -36.22 -56.16
N LYS G 2564 72.55 -36.01 -55.57
CA LYS G 2564 72.45 -35.01 -54.51
C LYS G 2564 73.29 -35.39 -53.30
N CYS G 2565 73.35 -36.68 -52.98
CA CYS G 2565 74.01 -37.14 -51.77
C CYS G 2565 75.48 -37.48 -51.95
N ALA G 2566 76.08 -37.11 -53.08
CA ALA G 2566 77.50 -37.38 -53.30
C ALA G 2566 78.43 -36.70 -52.30
N PRO G 2567 78.22 -35.43 -51.89
CA PRO G 2567 79.10 -34.88 -50.84
C PRO G 2567 79.09 -35.71 -49.57
N LEU G 2568 77.96 -36.32 -49.23
CA LEU G 2568 77.95 -37.27 -48.14
C LEU G 2568 78.77 -38.51 -48.48
N PHE G 2569 78.74 -38.92 -49.75
CA PHE G 2569 79.55 -40.05 -50.19
C PHE G 2569 81.04 -39.77 -49.99
N ALA G 2570 81.42 -38.50 -49.99
CA ALA G 2570 82.84 -38.15 -49.96
C ALA G 2570 83.54 -38.66 -48.70
N GLY G 2571 82.79 -38.91 -47.63
CA GLY G 2571 83.41 -39.10 -46.33
C GLY G 2571 84.04 -40.46 -46.13
N THR G 2572 83.24 -41.52 -46.15
CA THR G 2572 83.58 -42.80 -45.55
C THR G 2572 84.79 -43.44 -46.23
N GLU G 2573 85.70 -43.98 -45.40
CA GLU G 2573 86.78 -44.83 -45.90
C GLU G 2573 86.48 -46.30 -45.61
N HIS G 2574 85.49 -46.57 -44.75
CA HIS G 2574 85.23 -47.94 -44.32
C HIS G 2574 84.25 -48.64 -45.26
N ARG G 2575 83.22 -47.93 -45.71
CA ARG G 2575 82.30 -48.46 -46.72
C ARG G 2575 82.89 -48.40 -48.12
N ALA G 2576 84.21 -48.24 -48.25
CA ALA G 2576 84.81 -47.95 -49.55
C ALA G 2576 84.67 -49.11 -50.51
N ILE G 2577 84.65 -50.36 -50.00
CA ILE G 2577 84.47 -51.49 -50.90
C ILE G 2577 83.09 -51.45 -51.56
N MET G 2578 82.05 -51.24 -50.75
CA MET G 2578 80.70 -51.13 -51.31
C MET G 2578 80.57 -49.90 -52.18
N VAL G 2579 81.28 -48.82 -51.84
CA VAL G 2579 81.29 -47.64 -52.69
C VAL G 2579 81.87 -47.96 -54.05
N ASP G 2580 82.98 -48.68 -54.08
CA ASP G 2580 83.59 -49.06 -55.35
C ASP G 2580 82.66 -49.97 -56.15
N SER G 2581 81.96 -50.87 -55.46
CA SER G 2581 80.98 -51.72 -56.15
C SER G 2581 79.89 -50.87 -56.78
N MET G 2582 79.38 -49.87 -56.06
CA MET G 2582 78.36 -49.00 -56.64
C MET G 2582 78.93 -48.24 -57.84
N LEU G 2583 80.19 -47.82 -57.75
CA LEU G 2583 80.82 -47.13 -58.87
C LEU G 2583 80.86 -48.02 -60.11
N HIS G 2584 81.25 -49.28 -59.94
CA HIS G 2584 81.27 -50.19 -61.09
CA HIS G 2584 81.27 -50.19 -61.09
C HIS G 2584 79.87 -50.40 -61.64
N THR G 2585 78.87 -50.55 -60.78
CA THR G 2585 77.51 -50.76 -61.27
C THR G 2585 77.02 -49.55 -62.05
N VAL G 2586 77.26 -48.35 -61.54
CA VAL G 2586 76.78 -47.16 -62.23
C VAL G 2586 77.55 -46.95 -63.53
N TYR G 2587 78.82 -47.36 -63.57
CA TYR G 2587 79.57 -47.29 -64.81
C TYR G 2587 78.98 -48.24 -65.86
N ARG G 2588 78.67 -49.48 -65.45
CA ARG G 2588 78.06 -50.42 -66.39
C ARG G 2588 76.71 -49.91 -66.86
N LEU G 2589 75.95 -49.27 -65.97
CA LEU G 2589 74.69 -48.64 -66.39
C LEU G 2589 74.95 -47.54 -67.40
N SER G 2590 76.02 -46.75 -67.20
CA SER G 2590 76.34 -45.69 -68.14
C SER G 2590 76.63 -46.26 -69.52
N ARG G 2591 77.41 -47.34 -69.59
CA ARG G 2591 77.62 -48.02 -70.87
C ARG G 2591 76.52 -49.07 -71.07
N GLY G 2592 75.31 -48.57 -71.29
CA GLY G 2592 74.16 -49.43 -71.41
C GLY G 2592 73.55 -49.47 -72.80
N ARG G 2593 73.08 -50.64 -73.20
CA ARG G 2593 72.46 -50.81 -74.50
C ARG G 2593 70.95 -50.60 -74.40
N SER G 2594 70.38 -50.01 -75.46
CA SER G 2594 68.95 -49.69 -75.52
C SER G 2594 68.54 -48.78 -74.37
N LEU G 2595 69.22 -47.64 -74.26
CA LEU G 2595 68.96 -46.67 -73.20
C LEU G 2595 68.87 -45.29 -73.84
N THR G 2596 67.83 -44.54 -73.49
CA THR G 2596 67.62 -43.25 -74.12
C THR G 2596 68.66 -42.24 -73.65
N LYS G 2597 68.74 -41.12 -74.38
CA LYS G 2597 69.82 -40.16 -74.17
C LYS G 2597 69.70 -39.48 -72.80
N ALA G 2598 68.48 -39.07 -72.44
CA ALA G 2598 68.29 -38.43 -71.14
C ALA G 2598 68.64 -39.38 -70.01
N GLN G 2599 68.19 -40.63 -70.11
CA GLN G 2599 68.56 -41.62 -69.10
C GLN G 2599 70.09 -41.73 -69.02
N ARG G 2600 70.74 -41.88 -70.17
CA ARG G 2600 72.18 -42.10 -70.20
C ARG G 2600 72.93 -40.93 -69.57
N ASP G 2601 72.55 -39.70 -69.90
CA ASP G 2601 73.32 -38.58 -69.36
C ASP G 2601 72.98 -38.35 -67.88
N VAL G 2602 71.81 -38.82 -67.43
CA VAL G 2602 71.56 -38.84 -66.00
C VAL G 2602 72.56 -39.77 -65.30
N ILE G 2603 72.74 -40.99 -65.84
CA ILE G 2603 73.75 -41.88 -65.25
C ILE G 2603 75.13 -41.21 -65.28
N GLU G 2604 75.45 -40.57 -66.41
CA GLU G 2604 76.78 -39.98 -66.54
C GLU G 2604 77.02 -38.87 -65.51
N ASP G 2605 76.02 -38.02 -65.31
CA ASP G 2605 76.17 -36.95 -64.32
C ASP G 2605 76.28 -37.52 -62.91
N CYS G 2606 75.48 -38.54 -62.59
CA CYS G 2606 75.57 -39.14 -61.26
C CYS G 2606 76.95 -39.74 -61.03
N LEU G 2607 77.48 -40.46 -62.02
CA LEU G 2607 78.80 -41.05 -61.89
C LEU G 2607 79.88 -39.99 -61.75
N MET G 2608 79.74 -38.89 -62.51
CA MET G 2608 80.70 -37.80 -62.40
C MET G 2608 80.73 -37.22 -60.99
N ALA G 2609 79.55 -36.95 -60.42
CA ALA G 2609 79.50 -36.38 -59.08
C ALA G 2609 80.09 -37.34 -58.06
N LEU G 2610 79.72 -38.63 -58.15
CA LEU G 2610 80.30 -39.62 -57.26
C LEU G 2610 81.82 -39.60 -57.33
N CYS G 2611 82.36 -39.60 -58.56
CA CYS G 2611 83.80 -39.69 -58.71
C CYS G 2611 84.50 -38.45 -58.19
N ARG G 2612 83.93 -37.26 -58.40
CA ARG G 2612 84.55 -36.05 -57.89
CA ARG G 2612 84.56 -36.05 -57.89
C ARG G 2612 84.60 -36.05 -56.37
N TYR G 2613 83.50 -36.43 -55.71
CA TYR G 2613 83.50 -36.35 -54.25
C TYR G 2613 84.27 -37.50 -53.62
N ILE G 2614 84.37 -38.65 -54.30
CA ILE G 2614 85.02 -39.81 -53.69
C ILE G 2614 86.53 -39.61 -53.65
N ARG G 2615 87.16 -40.09 -52.57
CA ARG G 2615 88.60 -39.96 -52.39
C ARG G 2615 89.34 -40.74 -53.47
N PRO G 2616 90.57 -40.31 -53.81
CA PRO G 2616 91.29 -40.92 -54.92
C PRO G 2616 91.57 -42.41 -54.75
N SER G 2617 91.77 -42.88 -53.52
CA SER G 2617 92.20 -44.27 -53.32
C SER G 2617 91.15 -45.25 -53.83
N MET G 2618 89.87 -44.94 -53.62
CA MET G 2618 88.81 -45.85 -54.06
C MET G 2618 88.71 -45.86 -55.57
N LEU G 2619 89.08 -44.76 -56.23
CA LEU G 2619 88.86 -44.62 -57.66
C LEU G 2619 89.81 -45.52 -58.45
N GLN G 2620 90.65 -46.29 -57.76
CA GLN G 2620 91.63 -47.14 -58.44
C GLN G 2620 90.95 -48.27 -59.21
N HIS G 2621 89.99 -48.94 -58.59
CA HIS G 2621 89.37 -50.10 -59.23
C HIS G 2621 88.55 -49.68 -60.43
N LEU G 2622 87.77 -48.60 -60.32
CA LEU G 2622 87.08 -48.05 -61.47
C LEU G 2622 88.06 -47.55 -62.52
N LEU G 2623 89.16 -46.96 -62.07
CA LEU G 2623 90.15 -46.39 -62.98
C LEU G 2623 90.79 -47.47 -63.82
N ARG G 2624 90.94 -48.68 -63.27
CA ARG G 2624 91.52 -49.76 -64.05
C ARG G 2624 90.59 -50.20 -65.19
N ARG G 2625 89.29 -50.32 -64.89
CA ARG G 2625 88.33 -50.66 -65.93
C ARG G 2625 88.25 -49.56 -66.98
N LEU G 2626 88.33 -48.29 -66.54
CA LEU G 2626 88.40 -47.18 -67.48
C LEU G 2626 89.66 -47.25 -68.32
N VAL G 2627 90.78 -47.67 -67.71
CA VAL G 2627 92.03 -47.83 -68.44
C VAL G 2627 91.86 -48.85 -69.55
N PHE G 2628 91.11 -49.91 -69.28
CA PHE G 2628 90.84 -50.88 -70.33
C PHE G 2628 89.91 -50.30 -71.41
N ASP G 2629 88.88 -49.55 -70.99
CA ASP G 2629 87.85 -49.14 -71.94
C ASP G 2629 88.31 -48.02 -72.86
N VAL G 2630 89.03 -47.02 -72.32
CA VAL G 2630 89.25 -45.77 -73.06
C VAL G 2630 90.01 -45.95 -74.36
N PRO G 2631 91.12 -46.70 -74.43
CA PRO G 2631 91.96 -46.63 -75.64
C PRO G 2631 91.26 -46.99 -76.93
N ILE G 2632 90.17 -47.76 -76.87
CA ILE G 2632 89.40 -48.05 -78.09
C ILE G 2632 88.85 -46.75 -78.68
N LEU G 2633 88.60 -45.75 -77.83
CA LEU G 2633 88.09 -44.45 -78.25
C LEU G 2633 86.76 -44.57 -78.99
N ASN G 2634 85.93 -45.50 -78.55
CA ASN G 2634 84.57 -45.58 -79.04
C ASN G 2634 83.72 -44.46 -78.44
N GLU G 2635 82.51 -44.32 -78.96
CA GLU G 2635 81.63 -43.26 -78.50
C GLU G 2635 81.28 -43.44 -77.02
N PHE G 2636 81.36 -44.67 -76.52
CA PHE G 2636 81.05 -44.91 -75.11
C PHE G 2636 82.24 -44.60 -74.22
N ALA G 2637 83.40 -44.32 -74.82
CA ALA G 2637 84.59 -44.04 -74.00
C ALA G 2637 84.77 -42.54 -73.77
N LYS G 2638 83.95 -41.72 -74.42
CA LYS G 2638 84.13 -40.28 -74.35
C LYS G 2638 83.88 -39.74 -72.95
N MET G 2639 82.70 -39.99 -72.38
CA MET G 2639 82.46 -39.46 -71.04
C MET G 2639 83.34 -40.14 -70.01
N PRO G 2640 83.77 -41.40 -70.18
CA PRO G 2640 84.86 -41.89 -69.33
C PRO G 2640 86.12 -41.04 -69.41
N LEU G 2641 86.50 -40.59 -70.60
CA LEU G 2641 87.74 -39.82 -70.70
C LEU G 2641 87.56 -38.42 -70.13
N LYS G 2642 86.36 -37.84 -70.27
CA LYS G 2642 86.08 -36.56 -69.64
C LYS G 2642 86.14 -36.69 -68.11
N LEU G 2643 85.56 -37.77 -67.59
CA LEU G 2643 85.62 -38.04 -66.16
C LEU G 2643 87.06 -38.21 -65.70
N LEU G 2644 87.88 -38.89 -66.49
CA LEU G 2644 89.29 -39.03 -66.16
C LEU G 2644 89.99 -37.67 -66.14
N THR G 2645 89.65 -36.81 -67.09
CA THR G 2645 90.21 -35.46 -67.10
C THR G 2645 89.91 -34.74 -65.79
N ASN G 2646 88.64 -34.72 -65.39
CA ASN G 2646 88.28 -34.02 -64.15
C ASN G 2646 88.96 -34.65 -62.94
N HIS G 2647 88.97 -35.99 -62.88
CA HIS G 2647 89.55 -36.67 -61.73
C HIS G 2647 91.04 -36.40 -61.60
N TYR G 2648 91.77 -36.43 -62.72
CA TYR G 2648 93.21 -36.18 -62.66
C TYR G 2648 93.51 -34.71 -62.41
N GLU G 2649 92.62 -33.81 -62.83
CA GLU G 2649 92.77 -32.42 -62.44
C GLU G 2649 92.59 -32.26 -60.93
N ARG G 2650 91.66 -33.03 -60.34
CA ARG G 2650 91.44 -32.90 -58.89
C ARG G 2650 92.61 -33.48 -58.10
N CYS G 2651 93.09 -34.65 -58.47
CA CYS G 2651 94.07 -35.40 -57.67
C CYS G 2651 95.48 -35.32 -58.25
N TRP G 2652 95.77 -34.30 -59.06
CA TRP G 2652 97.10 -34.18 -59.65
C TRP G 2652 98.18 -34.08 -58.57
N LYS G 2653 97.89 -33.31 -57.51
CA LYS G 2653 98.84 -33.20 -56.41
C LYS G 2653 99.08 -34.55 -55.75
N TYR G 2654 98.00 -35.31 -55.54
CA TYR G 2654 98.10 -36.63 -54.92
C TYR G 2654 98.97 -37.56 -55.74
N TYR G 2655 98.81 -37.54 -57.07
CA TYR G 2655 99.60 -38.43 -57.91
C TYR G 2655 101.04 -37.94 -58.03
N CYS G 2656 101.26 -36.62 -58.05
CA CYS G 2656 102.57 -36.10 -58.40
C CYS G 2656 103.48 -35.96 -57.18
N LEU G 2657 103.05 -35.21 -56.17
CA LEU G 2657 103.96 -34.86 -55.09
C LEU G 2657 104.36 -36.11 -54.30
N PRO G 2658 105.63 -36.22 -53.90
CA PRO G 2658 106.04 -37.37 -53.08
C PRO G 2658 105.30 -37.45 -51.75
N THR G 2659 104.99 -36.31 -51.15
CA THR G 2659 104.20 -36.31 -49.93
C THR G 2659 102.76 -36.71 -50.22
N GLY G 2660 102.24 -36.33 -51.38
CA GLY G 2660 100.87 -36.63 -51.74
C GLY G 2660 99.90 -35.57 -51.27
N TRP G 2661 98.64 -35.81 -51.57
CA TRP G 2661 97.59 -34.87 -51.17
C TRP G 2661 97.47 -34.82 -49.65
N ALA G 2662 97.11 -33.66 -49.14
CA ALA G 2662 96.97 -33.47 -47.70
C ALA G 2662 95.79 -34.29 -47.19
N ASN G 2663 96.07 -35.23 -46.29
CA ASN G 2663 95.14 -36.12 -45.60
C ASN G 2663 94.48 -37.13 -46.53
N PHE G 2664 94.75 -37.08 -47.83
CA PHE G 2664 94.21 -38.06 -48.77
C PHE G 2664 95.18 -39.19 -49.08
N GLY G 2665 96.28 -39.29 -48.33
CA GLY G 2665 97.25 -40.34 -48.57
C GLY G 2665 98.14 -40.03 -49.76
N VAL G 2666 98.86 -41.06 -50.20
CA VAL G 2666 99.79 -40.94 -51.31
C VAL G 2666 99.54 -42.08 -52.29
N THR G 2667 100.06 -41.91 -53.50
CA THR G 2667 99.84 -42.90 -54.55
C THR G 2667 100.55 -44.21 -54.22
N SER G 2668 99.88 -45.33 -54.54
CA SER G 2668 100.44 -46.64 -54.24
C SER G 2668 101.32 -47.14 -55.37
N GLU G 2669 101.56 -46.30 -56.38
CA GLU G 2669 102.48 -46.48 -57.50
C GLU G 2669 101.99 -47.58 -58.44
N GLU G 2670 100.98 -48.34 -58.01
CA GLU G 2670 100.28 -49.19 -58.95
C GLU G 2670 99.30 -48.39 -59.80
N GLU G 2671 98.56 -47.49 -59.15
CA GLU G 2671 97.72 -46.57 -59.91
C GLU G 2671 98.57 -45.63 -60.76
N LEU G 2672 99.81 -45.41 -60.37
CA LEU G 2672 100.72 -44.66 -61.24
C LEU G 2672 101.03 -45.44 -62.52
N HIS G 2673 101.26 -46.75 -62.39
CA HIS G 2673 101.44 -47.58 -63.57
C HIS G 2673 100.20 -47.57 -64.44
N LEU G 2674 99.03 -47.64 -63.81
CA LEU G 2674 97.77 -47.58 -64.56
C LEU G 2674 97.65 -46.24 -65.28
N THR G 2675 98.00 -45.15 -64.62
CA THR G 2675 97.93 -43.82 -65.23
C THR G 2675 98.88 -43.73 -66.42
N ARG G 2676 100.10 -44.25 -66.28
CA ARG G 2676 101.04 -44.24 -67.40
C ARG G 2676 100.51 -45.04 -68.57
N LYS G 2677 99.97 -46.23 -68.30
CA LYS G 2677 99.44 -47.06 -69.37
C LYS G 2677 98.27 -46.36 -70.05
N LEU G 2678 97.41 -45.71 -69.27
CA LEU G 2678 96.29 -44.97 -69.84
C LEU G 2678 96.77 -43.85 -70.74
N PHE G 2679 97.78 -43.08 -70.28
CA PHE G 2679 98.30 -42.00 -71.09
C PHE G 2679 98.83 -42.53 -72.41
N TRP G 2680 99.65 -43.58 -72.37
CA TRP G 2680 100.24 -44.09 -73.60
C TRP G 2680 99.19 -44.67 -74.53
N GLY G 2681 98.19 -45.37 -73.97
CA GLY G 2681 97.13 -45.91 -74.80
C GLY G 2681 96.33 -44.83 -75.51
N ILE G 2682 95.93 -43.79 -74.76
CA ILE G 2682 95.19 -42.69 -75.39
C ILE G 2682 96.04 -42.00 -76.43
N PHE G 2683 97.33 -41.80 -76.13
CA PHE G 2683 98.21 -41.10 -77.07
C PHE G 2683 98.34 -41.88 -78.38
N ASP G 2684 98.61 -43.19 -78.29
CA ASP G 2684 98.76 -43.98 -79.51
C ASP G 2684 97.44 -44.08 -80.26
N SER G 2685 96.33 -44.25 -79.56
CA SER G 2685 95.04 -44.34 -80.23
C SER G 2685 94.71 -43.04 -80.96
N LEU G 2686 94.97 -41.89 -80.32
CA LEU G 2686 94.73 -40.62 -80.97
C LEU G 2686 95.64 -40.43 -82.18
N ALA G 2687 96.89 -40.88 -82.06
CA ALA G 2687 97.80 -40.80 -83.19
C ALA G 2687 97.30 -41.61 -84.38
N HIS G 2688 96.78 -42.81 -84.12
CA HIS G 2688 96.33 -43.67 -85.20
C HIS G 2688 95.01 -43.18 -85.80
N LYS G 2689 94.13 -42.62 -84.97
CA LYS G 2689 92.79 -42.28 -85.42
C LYS G 2689 92.83 -41.16 -86.47
N LYS G 2690 91.89 -41.24 -87.42
CA LYS G 2690 91.68 -40.16 -88.36
C LYS G 2690 91.11 -38.96 -87.61
N TYR G 2691 91.51 -37.76 -88.03
CA TYR G 2691 91.19 -36.55 -87.27
C TYR G 2691 89.69 -36.33 -87.18
N ASP G 2692 89.18 -36.30 -85.95
CA ASP G 2692 87.81 -35.87 -85.67
C ASP G 2692 87.88 -34.72 -84.69
N GLN G 2693 87.19 -33.62 -85.03
CA GLN G 2693 87.34 -32.39 -84.26
C GLN G 2693 86.89 -32.58 -82.82
N GLU G 2694 85.71 -33.16 -82.61
CA GLU G 2694 85.20 -33.31 -81.25
C GLU G 2694 86.08 -34.26 -80.44
N LEU G 2695 86.47 -35.39 -81.03
CA LEU G 2695 87.30 -36.34 -80.30
C LEU G 2695 88.63 -35.72 -79.90
N TYR G 2696 89.29 -35.03 -80.82
CA TYR G 2696 90.56 -34.38 -80.49
C TYR G 2696 90.36 -33.30 -79.42
N ARG G 2697 89.34 -32.46 -79.60
CA ARG G 2697 89.10 -31.36 -78.66
C ARG G 2697 88.89 -31.88 -77.26
N MET G 2698 88.15 -32.97 -77.11
CA MET G 2698 87.75 -33.40 -75.77
C MET G 2698 88.78 -34.36 -75.18
N ALA G 2699 89.58 -35.01 -76.04
CA ALA G 2699 90.62 -35.91 -75.56
C ALA G 2699 91.87 -35.15 -75.10
N MET G 2700 92.21 -34.05 -75.77
CA MET G 2700 93.45 -33.36 -75.43
C MET G 2700 93.50 -32.90 -73.97
N PRO G 2701 92.43 -32.39 -73.36
CA PRO G 2701 92.51 -32.07 -71.93
C PRO G 2701 92.80 -33.28 -71.08
N CYS G 2702 92.26 -34.45 -71.45
CA CYS G 2702 92.55 -35.67 -70.71
C CYS G 2702 94.04 -36.00 -70.75
N LEU G 2703 94.65 -35.91 -71.92
CA LEU G 2703 96.07 -36.18 -72.04
C LEU G 2703 96.89 -35.20 -71.22
N CYS G 2704 96.52 -33.91 -71.28
CA CYS G 2704 97.26 -32.92 -70.49
C CYS G 2704 97.12 -33.19 -68.99
N ALA G 2705 95.91 -33.53 -68.53
CA ALA G 2705 95.71 -33.79 -67.11
C ALA G 2705 96.49 -35.02 -66.65
N ILE G 2706 96.47 -36.08 -67.45
CA ILE G 2706 97.21 -37.28 -67.10
C ILE G 2706 98.70 -36.99 -67.05
N ALA G 2707 99.21 -36.25 -68.03
CA ALA G 2707 100.63 -35.90 -68.05
C ALA G 2707 101.00 -35.07 -66.83
N GLY G 2708 100.14 -34.13 -66.45
CA GLY G 2708 100.41 -33.35 -65.24
C GLY G 2708 100.39 -34.20 -63.99
N ALA G 2709 99.47 -35.17 -63.93
CA ALA G 2709 99.40 -36.04 -62.76
C ALA G 2709 100.63 -36.92 -62.63
N LEU G 2710 101.11 -37.48 -63.73
CA LEU G 2710 102.24 -38.40 -63.67
C LEU G 2710 103.52 -37.65 -63.27
N PRO G 2711 104.24 -38.10 -62.25
CA PRO G 2711 105.53 -37.49 -61.92
C PRO G 2711 106.55 -37.76 -63.00
N PRO G 2712 107.31 -36.75 -63.40
CA PRO G 2712 108.34 -36.98 -64.44
C PRO G 2712 109.40 -37.98 -64.00
N ASP G 2713 109.73 -38.01 -62.70
CA ASP G 2713 110.77 -38.91 -62.22
C ASP G 2713 110.28 -40.36 -62.21
N TYR G 2714 108.97 -40.56 -62.30
CA TYR G 2714 108.39 -41.87 -62.05
C TYR G 2714 108.85 -42.89 -63.06
N VAL G 2715 109.19 -44.08 -62.58
CA VAL G 2715 109.57 -45.22 -63.41
C VAL G 2715 108.59 -46.34 -63.11
N ASP G 2716 107.96 -46.87 -64.16
CA ASP G 2716 107.08 -48.01 -63.99
C ASP G 2716 107.86 -49.19 -63.46
N ALA G 2717 107.23 -49.99 -62.59
CA ALA G 2717 107.92 -51.09 -61.94
C ALA G 2717 108.51 -52.06 -62.95
N SER G 2718 107.83 -52.26 -64.08
CA SER G 2718 108.32 -53.12 -65.15
C SER G 2718 108.14 -52.41 -66.48
N TYR G 2719 109.20 -52.40 -67.29
CA TYR G 2719 109.11 -51.90 -68.67
C TYR G 2719 108.68 -53.08 -69.55
N SER G 2720 107.45 -53.50 -69.34
CA SER G 2720 106.86 -54.63 -70.03
C SER G 2720 105.61 -54.18 -70.77
N SER G 2721 105.52 -54.54 -72.05
CA SER G 2721 104.36 -54.22 -72.87
C SER G 2721 103.66 -55.52 -73.26
N LYS G 2722 102.37 -55.60 -72.97
CA LYS G 2722 101.60 -56.79 -73.32
C LYS G 2722 101.52 -56.96 -74.83
N ALA G 2723 101.52 -55.84 -75.57
CA ALA G 2723 101.41 -55.79 -77.03
C ALA G 2723 100.12 -56.40 -77.54
N GLU G 2724 99.12 -56.57 -76.68
CA GLU G 2724 97.84 -57.12 -77.12
C GLU G 2724 97.08 -56.11 -77.97
N LYS G 2725 96.29 -56.62 -78.90
CA LYS G 2725 95.49 -55.79 -79.82
C LYS G 2725 96.37 -54.80 -80.58
N ASN G 2734 81.94 -58.88 -70.09
CA ASN G 2734 82.42 -59.60 -68.92
C ASN G 2734 83.77 -60.24 -69.19
N PHE G 2735 84.21 -61.09 -68.27
CA PHE G 2735 85.49 -61.79 -68.38
C PHE G 2735 85.21 -63.28 -68.48
N ASP G 2736 85.66 -63.90 -69.57
CA ASP G 2736 85.42 -65.31 -69.83
C ASP G 2736 86.71 -66.10 -69.73
N PRO G 2737 86.91 -66.88 -68.66
CA PRO G 2737 88.13 -67.69 -68.56
C PRO G 2737 87.92 -69.11 -69.07
N ARG G 2738 88.89 -69.63 -69.82
CA ARG G 2738 88.76 -70.98 -70.36
C ARG G 2738 89.71 -71.92 -69.62
N PRO G 2739 89.27 -73.14 -69.32
CA PRO G 2739 90.12 -74.04 -68.53
C PRO G 2739 91.18 -74.70 -69.42
N VAL G 2740 92.30 -75.08 -68.78
CA VAL G 2740 93.35 -75.79 -69.49
C VAL G 2740 93.30 -77.27 -69.15
N GLU G 2741 93.30 -78.10 -70.18
CA GLU G 2741 93.13 -79.54 -70.03
C GLU G 2741 94.44 -80.25 -70.35
N THR G 2742 94.67 -81.39 -69.69
CA THR G 2742 95.85 -82.21 -69.93
C THR G 2742 95.50 -83.66 -70.18
N LEU G 2743 94.20 -83.99 -70.31
CA LEU G 2743 93.81 -85.37 -70.54
C LEU G 2743 94.40 -85.89 -71.86
N ASN G 2744 94.46 -85.04 -72.88
CA ASN G 2744 95.07 -85.43 -74.14
C ASN G 2744 96.59 -85.51 -74.03
N VAL G 2745 97.20 -84.61 -73.26
CA VAL G 2745 98.65 -84.59 -73.13
C VAL G 2745 99.12 -85.79 -72.30
N ILE G 2746 100.20 -86.42 -72.75
CA ILE G 2746 100.73 -87.60 -72.05
C ILE G 2746 101.30 -87.19 -70.71
N ILE G 2747 101.29 -88.11 -69.76
CA ILE G 2747 101.74 -87.89 -68.40
C ILE G 2747 102.77 -88.94 -68.05
N PRO G 2748 103.97 -88.57 -67.61
CA PRO G 2748 104.98 -89.58 -67.27
C PRO G 2748 104.53 -90.45 -66.10
N GLU G 2749 104.84 -91.74 -66.19
CA GLU G 2749 104.51 -92.64 -65.09
C GLU G 2749 105.51 -92.49 -63.94
N LYS G 2750 106.74 -92.08 -64.24
CA LYS G 2750 107.71 -91.84 -63.20
C LYS G 2750 107.26 -90.72 -62.27
N LEU G 2751 106.72 -89.64 -62.83
CA LEU G 2751 106.19 -88.57 -62.01
C LEU G 2751 104.89 -89.00 -61.33
N ASP G 2752 104.08 -89.84 -62.00
CA ASP G 2752 102.76 -90.18 -61.49
C ASP G 2752 102.84 -90.87 -60.14
N SER G 2753 103.89 -91.68 -59.92
CA SER G 2753 104.09 -92.25 -58.60
C SER G 2753 104.36 -91.16 -57.56
N PHE G 2754 105.14 -90.15 -57.93
CA PHE G 2754 105.37 -89.02 -57.04
C PHE G 2754 104.06 -88.27 -56.77
N ILE G 2755 103.19 -88.17 -57.77
CA ILE G 2755 101.92 -87.47 -57.58
C ILE G 2755 101.01 -88.27 -56.66
N ASN G 2756 101.03 -89.60 -56.77
CA ASN G 2756 100.28 -90.42 -55.82
C ASN G 2756 100.83 -90.27 -54.41
N LYS G 2757 102.16 -90.20 -54.27
CA LYS G 2757 102.76 -89.95 -52.97
C LYS G 2757 102.35 -88.57 -52.44
N PHE G 2758 102.24 -87.59 -53.34
CA PHE G 2758 101.74 -86.26 -52.97
C PHE G 2758 100.30 -86.32 -52.52
N ALA G 2759 99.48 -87.15 -53.16
CA ALA G 2759 98.10 -87.31 -52.73
C ALA G 2759 98.04 -87.89 -51.32
N GLU G 2760 98.84 -88.92 -51.05
CA GLU G 2760 98.92 -89.47 -49.70
C GLU G 2760 99.40 -88.40 -48.72
N TYR G 2761 100.35 -87.57 -49.13
CA TYR G 2761 100.84 -86.50 -48.27
C TYR G 2761 99.77 -85.46 -48.02
N THR G 2762 98.88 -85.24 -48.99
CA THR G 2762 97.82 -84.26 -48.81
C THR G 2762 96.75 -84.80 -47.86
N HIS G 2763 96.45 -86.09 -47.93
CA HIS G 2763 95.59 -86.69 -46.92
C HIS G 2763 96.24 -86.62 -45.54
N GLU G 2764 97.55 -86.88 -45.48
CA GLU G 2764 98.29 -86.73 -44.23
C GLU G 2764 98.25 -85.29 -43.73
N LYS G 2765 98.24 -84.33 -44.66
CA LYS G 2765 98.20 -82.92 -44.28
C LYS G 2765 96.81 -82.52 -43.80
N TRP G 2766 95.77 -83.15 -44.34
CA TRP G 2766 94.44 -82.96 -43.76
C TRP G 2766 94.38 -83.52 -42.35
N ALA G 2767 95.02 -84.66 -42.11
CA ALA G 2767 95.13 -85.18 -40.76
C ALA G 2767 95.92 -84.21 -39.87
N PHE G 2768 96.97 -83.60 -40.43
CA PHE G 2768 97.75 -82.62 -39.68
C PHE G 2768 96.92 -81.38 -39.35
N ASP G 2769 96.07 -80.95 -40.27
CA ASP G 2769 95.16 -79.84 -40.00
C ASP G 2769 94.16 -80.20 -38.91
N LYS G 2770 93.73 -81.47 -38.90
CA LYS G 2770 92.86 -81.92 -37.81
C LYS G 2770 93.61 -81.94 -36.48
N ILE G 2771 94.90 -82.28 -36.51
CA ILE G 2771 95.72 -82.19 -35.31
C ILE G 2771 95.81 -80.75 -34.81
N GLN G 2772 96.05 -79.82 -35.75
CA GLN G 2772 96.03 -78.40 -35.39
C GLN G 2772 94.67 -77.98 -34.85
N ASN G 2773 93.60 -78.64 -35.33
CA ASN G 2773 92.27 -78.38 -34.80
C ASN G 2773 92.12 -78.93 -33.39
N ASN G 2774 93.07 -79.77 -32.97
CA ASN G 2774 93.10 -80.45 -31.67
C ASN G 2774 91.92 -81.39 -31.49
N TRP G 2775 91.25 -81.78 -32.57
CA TRP G 2775 90.15 -82.74 -32.53
C TRP G 2775 90.54 -83.98 -33.32
N SER G 2776 90.44 -85.14 -32.68
CA SER G 2776 90.87 -86.38 -33.32
C SER G 2776 90.01 -86.71 -34.52
N TYR G 2777 90.64 -87.17 -35.59
CA TYR G 2777 89.91 -87.56 -36.79
C TYR G 2777 89.06 -88.79 -36.50
N GLY G 2778 87.85 -88.81 -37.06
CA GLY G 2778 86.94 -89.90 -36.82
C GLY G 2778 86.54 -90.65 -38.07
N GLU G 2779 86.44 -91.99 -37.96
CA GLU G 2779 85.97 -92.79 -39.09
C GLU G 2779 84.53 -92.44 -39.44
N ASN G 2780 83.68 -92.28 -38.43
CA ASN G 2780 82.28 -91.92 -38.67
C ASN G 2780 82.14 -90.41 -38.86
N VAL G 2781 81.03 -90.02 -39.48
CA VAL G 2781 80.73 -88.62 -39.75
C VAL G 2781 79.89 -88.08 -38.60
N ASP G 2782 80.30 -86.95 -38.06
CA ASP G 2782 79.65 -86.32 -36.91
C ASP G 2782 80.00 -84.84 -36.87
N GLU G 2783 79.02 -84.01 -36.49
CA GLU G 2783 79.17 -82.57 -36.59
C GLU G 2783 80.05 -82.00 -35.47
N GLU G 2784 79.90 -82.52 -34.25
CA GLU G 2784 80.57 -81.91 -33.10
C GLU G 2784 82.09 -82.05 -33.21
N LEU G 2785 82.56 -83.15 -33.79
CA LEU G 2785 84.00 -83.35 -33.96
C LEU G 2785 84.58 -82.36 -34.96
N LYS G 2786 83.78 -81.96 -35.96
CA LYS G 2786 84.22 -81.09 -37.05
C LYS G 2786 85.40 -81.71 -37.80
N THR G 2787 85.39 -83.02 -37.95
CA THR G 2787 86.45 -83.75 -38.63
C THR G 2787 85.88 -84.42 -39.87
N HIS G 2788 86.70 -84.51 -40.92
CA HIS G 2788 86.27 -85.19 -42.13
C HIS G 2788 86.12 -86.68 -41.85
N PRO G 2789 84.97 -87.27 -42.18
CA PRO G 2789 84.76 -88.69 -41.86
C PRO G 2789 85.76 -89.64 -42.52
N MET G 2790 86.22 -89.31 -43.74
CA MET G 2790 87.05 -90.26 -44.46
C MET G 2790 88.50 -90.21 -43.98
N LEU G 2791 88.82 -89.30 -43.07
CA LEU G 2791 90.09 -89.39 -42.35
C LEU G 2791 90.12 -90.66 -41.50
N ARG G 2792 90.97 -91.60 -41.88
CA ARG G 2792 91.03 -92.90 -41.25
C ARG G 2792 92.48 -93.33 -41.14
N PRO G 2793 92.80 -94.22 -40.19
CA PRO G 2793 94.13 -94.84 -40.19
C PRO G 2793 94.34 -95.63 -41.46
N TYR G 2794 95.61 -95.70 -41.91
CA TYR G 2794 95.89 -96.29 -43.22
C TYR G 2794 95.52 -97.77 -43.27
N LYS G 2795 95.62 -98.47 -42.14
CA LYS G 2795 95.18 -99.86 -42.09
C LYS G 2795 93.68 -99.96 -42.33
N THR G 2796 92.89 -99.10 -41.69
CA THR G 2796 91.45 -99.09 -41.93
C THR G 2796 91.10 -98.30 -43.18
N PHE G 2797 92.07 -97.56 -43.73
CA PHE G 2797 91.83 -96.77 -44.92
C PHE G 2797 91.58 -97.68 -46.12
N SER G 2798 90.54 -97.35 -46.89
CA SER G 2798 90.31 -98.02 -48.15
C SER G 2798 91.17 -97.36 -49.24
N GLU G 2799 91.64 -98.18 -50.19
CA GLU G 2799 92.49 -97.64 -51.25
C GLU G 2799 91.68 -96.81 -52.24
N LYS G 2800 90.41 -97.19 -52.45
CA LYS G 2800 89.60 -96.50 -53.46
C LYS G 2800 89.38 -95.04 -53.09
N ASP G 2801 89.10 -94.76 -51.82
CA ASP G 2801 88.95 -93.37 -51.39
C ASP G 2801 90.27 -92.62 -51.51
N LYS G 2802 91.39 -93.33 -51.32
CA LYS G 2802 92.69 -92.73 -51.59
C LYS G 2802 92.80 -92.35 -53.06
N GLU G 2803 92.18 -93.13 -53.95
CA GLU G 2803 92.29 -92.87 -55.38
C GLU G 2803 91.44 -91.67 -55.80
N ILE G 2804 90.25 -91.52 -55.22
CA ILE G 2804 89.34 -90.47 -55.70
C ILE G 2804 89.88 -89.09 -55.37
N TYR G 2805 90.51 -88.93 -54.20
CA TYR G 2805 91.07 -87.64 -53.83
C TYR G 2805 92.44 -87.48 -54.48
N ARG G 2806 93.01 -88.58 -54.98
CA ARG G 2806 94.26 -88.50 -55.73
C ARG G 2806 94.07 -87.70 -57.01
N TRP G 2807 92.87 -87.73 -57.58
CA TRP G 2807 92.66 -87.13 -58.90
C TRP G 2807 92.82 -85.62 -58.93
N PRO G 2808 92.36 -84.84 -57.94
CA PRO G 2808 92.68 -83.39 -57.97
C PRO G 2808 94.17 -83.08 -57.98
N ILE G 2809 94.99 -83.85 -57.25
CA ILE G 2809 96.43 -83.61 -57.28
C ILE G 2809 97.00 -84.03 -58.63
N LYS G 2810 96.48 -85.14 -59.17
CA LYS G 2810 96.74 -85.49 -60.57
C LYS G 2810 96.46 -84.32 -61.50
N GLU G 2811 95.34 -83.63 -61.28
CA GLU G 2811 94.94 -82.53 -62.17
C GLU G 2811 95.86 -81.32 -62.01
N SER G 2812 96.29 -81.05 -60.77
CA SER G 2812 97.24 -79.96 -60.57
C SER G 2812 98.55 -80.23 -61.30
N LEU G 2813 99.11 -81.43 -61.11
CA LEU G 2813 100.32 -81.79 -61.83
C LEU G 2813 100.07 -81.82 -63.33
N LYS G 2814 98.83 -82.12 -63.72
CA LYS G 2814 98.47 -82.16 -65.14
C LYS G 2814 98.52 -80.77 -65.75
N ALA G 2815 97.98 -79.77 -65.06
CA ALA G 2815 98.10 -78.39 -65.53
C ALA G 2815 99.56 -77.98 -65.59
N MET G 2816 100.34 -78.36 -64.58
CA MET G 2816 101.78 -78.11 -64.59
C MET G 2816 102.42 -78.65 -65.86
N ILE G 2817 102.15 -79.92 -66.19
CA ILE G 2817 102.72 -80.51 -67.39
C ILE G 2817 102.20 -79.83 -68.65
N ALA G 2818 100.90 -79.49 -68.67
CA ALA G 2818 100.27 -78.97 -69.87
C ALA G 2818 100.87 -77.63 -70.27
N TRP G 2819 101.14 -76.76 -69.31
CA TRP G 2819 101.67 -75.44 -69.64
C TRP G 2819 103.16 -75.51 -69.99
N GLU G 2820 103.44 -76.26 -71.07
CA GLU G 2820 104.78 -76.44 -71.65
C GLU G 2820 105.87 -76.56 -70.59
N TRP G 2821 105.64 -77.41 -69.60
CA TRP G 2821 106.59 -77.65 -68.52
C TRP G 2821 106.84 -79.14 -68.39
N THR G 2822 108.11 -79.53 -68.33
CA THR G 2822 108.51 -80.93 -68.21
C THR G 2822 109.28 -81.13 -66.92
N ILE G 2823 108.95 -82.19 -66.19
CA ILE G 2823 109.51 -82.47 -64.88
C ILE G 2823 110.65 -83.49 -65.03
N GLU G 2824 111.70 -83.32 -64.23
CA GLU G 2824 112.81 -84.25 -64.17
C GLU G 2824 113.68 -83.94 -62.96
N LYS G 2825 114.09 -84.99 -62.25
CA LYS G 2825 114.90 -84.85 -61.06
C LYS G 2825 116.23 -85.57 -61.27
N ALA G 2826 117.33 -84.87 -61.01
CA ALA G 2826 118.65 -85.50 -61.10
C ALA G 2826 118.81 -86.58 -60.05
N ARG G 2827 118.38 -86.31 -58.83
CA ARG G 2827 118.46 -87.31 -57.77
C ARG G 2827 117.36 -88.36 -57.93
N GLU G 2828 117.63 -89.56 -57.42
CA GLU G 2828 116.69 -90.66 -57.47
C GLU G 2828 116.17 -90.94 -56.07
N GLY G 2829 114.85 -90.95 -55.91
CA GLY G 2829 114.24 -91.23 -54.62
C GLY G 2829 113.35 -92.46 -54.64
N GLU G 2830 113.63 -93.40 -53.73
CA GLU G 2830 112.88 -94.65 -53.63
C GLU G 2830 112.84 -95.41 -54.96
N TYR G 2855 98.83 -91.81 -38.38
CA TYR G 2855 98.13 -91.18 -39.50
C TYR G 2855 98.56 -89.73 -39.62
N ASN G 2856 99.77 -89.43 -39.14
CA ASN G 2856 100.33 -88.10 -39.23
C ASN G 2856 101.60 -88.13 -40.06
N PRO G 2857 101.78 -87.21 -41.01
CA PRO G 2857 103.01 -87.23 -41.82
C PRO G 2857 104.23 -86.89 -40.99
N GLN G 2858 105.37 -87.45 -41.38
CA GLN G 2858 106.61 -87.08 -40.70
C GLN G 2858 107.06 -85.67 -41.05
N PRO G 2859 107.23 -85.27 -42.31
CA PRO G 2859 107.44 -83.86 -42.62
C PRO G 2859 106.15 -83.17 -42.99
N PRO G 2860 105.92 -81.95 -42.50
CA PRO G 2860 104.79 -81.17 -43.01
C PRO G 2860 105.22 -80.32 -44.20
N ASP G 2861 104.31 -80.22 -45.17
CA ASP G 2861 104.57 -79.45 -46.38
C ASP G 2861 103.96 -78.06 -46.22
N LEU G 2862 104.81 -77.04 -46.20
CA LEU G 2862 104.41 -75.67 -45.98
C LEU G 2862 104.77 -74.83 -47.19
N SER G 2863 103.83 -74.00 -47.64
CA SER G 2863 104.09 -73.12 -48.78
C SER G 2863 104.99 -71.96 -48.38
N GLY G 2864 105.18 -71.75 -47.08
CA GLY G 2864 105.96 -70.60 -46.63
C GLY G 2864 107.46 -70.76 -46.86
N VAL G 2865 107.92 -72.01 -47.02
CA VAL G 2865 109.34 -72.25 -47.20
C VAL G 2865 109.80 -71.67 -48.53
N THR G 2866 111.10 -71.38 -48.62
CA THR G 2866 111.63 -70.70 -49.79
C THR G 2866 111.61 -71.61 -51.02
N LEU G 2867 111.70 -71.00 -52.19
CA LEU G 2867 111.63 -71.70 -53.46
C LEU G 2867 112.31 -70.86 -54.54
N SER G 2868 112.67 -71.53 -55.64
CA SER G 2868 113.33 -70.84 -56.75
C SER G 2868 112.39 -69.80 -57.36
N ARG G 2869 112.98 -68.72 -57.87
CA ARG G 2869 112.18 -67.64 -58.45
C ARG G 2869 111.47 -68.10 -59.71
N GLU G 2870 112.16 -68.87 -60.56
CA GLU G 2870 111.51 -69.43 -61.75
CA GLU G 2870 111.51 -69.43 -61.75
C GLU G 2870 110.38 -70.39 -61.36
N LEU G 2871 110.60 -71.20 -60.32
CA LEU G 2871 109.57 -72.10 -59.85
C LEU G 2871 108.37 -71.33 -59.34
N GLN G 2872 108.61 -70.21 -58.65
CA GLN G 2872 107.52 -69.36 -58.18
C GLN G 2872 106.77 -68.72 -59.33
N ALA G 2873 107.49 -68.33 -60.39
CA ALA G 2873 106.83 -67.79 -61.57
C ALA G 2873 105.93 -68.84 -62.23
N MET G 2874 106.43 -70.08 -62.34
CA MET G 2874 105.59 -71.16 -62.84
C MET G 2874 104.38 -71.38 -61.94
N ALA G 2875 104.57 -71.26 -60.62
CA ALA G 2875 103.46 -71.43 -59.70
C ALA G 2875 102.43 -70.32 -59.84
N GLU G 2876 102.88 -69.09 -60.11
CA GLU G 2876 101.94 -68.01 -60.34
C GLU G 2876 101.18 -68.19 -61.64
N GLN G 2877 101.86 -68.72 -62.67
CA GLN G 2877 101.15 -69.07 -63.89
C GLN G 2877 100.12 -70.16 -63.64
N LEU G 2878 100.48 -71.16 -62.82
CA LEU G 2878 99.51 -72.17 -62.42
C LEU G 2878 98.37 -71.56 -61.63
N ALA G 2879 98.65 -70.50 -60.86
CA ALA G 2879 97.58 -69.82 -60.13
C ALA G 2879 96.60 -69.18 -61.09
N GLU G 2880 97.11 -68.54 -62.15
CA GLU G 2880 96.20 -68.02 -63.17
C GLU G 2880 95.41 -69.15 -63.83
N ASN G 2881 96.06 -70.28 -64.07
CA ASN G 2881 95.35 -71.42 -64.68
C ASN G 2881 94.24 -71.94 -63.77
N TYR G 2882 94.52 -72.09 -62.48
CA TYR G 2882 93.51 -72.55 -61.54
C TYR G 2882 92.37 -71.54 -61.44
N HIS G 2883 92.71 -70.25 -61.42
CA HIS G 2883 91.69 -69.22 -61.38
C HIS G 2883 90.80 -69.28 -62.62
N ASN G 2884 91.39 -69.54 -63.79
CA ASN G 2884 90.57 -69.61 -65.00
C ASN G 2884 89.73 -70.87 -65.02
N THR G 2885 90.24 -71.98 -64.49
CA THR G 2885 89.44 -73.20 -64.40
C THR G 2885 88.22 -72.99 -63.50
N TRP G 2886 88.42 -72.36 -62.33
CA TRP G 2886 87.28 -72.08 -61.45
C TRP G 2886 86.35 -71.04 -62.08
N GLY G 2887 86.91 -70.04 -62.74
CA GLY G 2887 86.09 -69.06 -63.42
C GLY G 2887 85.33 -69.65 -64.58
N ARG G 2888 85.77 -70.81 -65.08
CA ARG G 2888 85.02 -71.47 -66.13
C ARG G 2888 83.64 -71.91 -65.63
N LYS G 2889 83.59 -72.62 -64.49
CA LYS G 2889 82.30 -73.01 -63.94
C LYS G 2889 81.53 -71.79 -63.45
N LYS G 2890 82.24 -70.78 -62.92
CA LYS G 2890 81.55 -69.55 -62.53
C LYS G 2890 80.90 -68.86 -63.73
N LYS G 2891 81.60 -68.86 -64.88
CA LYS G 2891 81.07 -68.23 -66.08
C LYS G 2891 79.96 -69.09 -66.70
N GLN G 2892 80.02 -70.41 -66.50
CA GLN G 2892 78.90 -71.25 -66.92
C GLN G 2892 77.66 -70.93 -66.10
N GLU G 2893 77.82 -70.69 -64.80
CA GLU G 2893 76.70 -70.24 -63.98
C GLU G 2893 76.20 -68.87 -64.45
N LEU G 2894 77.12 -67.94 -64.74
CA LEU G 2894 76.72 -66.60 -65.12
C LEU G 2894 76.02 -66.57 -66.48
N GLU G 2895 76.48 -67.39 -67.43
CA GLU G 2895 75.98 -67.29 -68.80
C GLU G 2895 74.58 -67.86 -68.92
N ALA G 2896 74.19 -68.75 -68.01
CA ALA G 2896 72.82 -69.24 -67.99
C ALA G 2896 71.84 -68.11 -67.75
N LYS G 2897 72.15 -67.23 -66.79
CA LYS G 2897 71.38 -66.01 -66.62
C LYS G 2897 71.57 -65.09 -67.82
N GLY G 2898 72.79 -65.01 -68.34
CA GLY G 2898 73.08 -64.21 -69.51
C GLY G 2898 73.27 -62.73 -69.27
N GLY G 2899 73.31 -62.29 -68.01
CA GLY G 2899 73.43 -60.87 -67.73
C GLY G 2899 74.39 -60.54 -66.60
N GLY G 2900 75.04 -59.38 -66.71
CA GLY G 2900 75.96 -58.94 -65.68
C GLY G 2900 77.26 -59.73 -65.69
N THR G 2901 78.07 -59.48 -64.67
CA THR G 2901 79.32 -60.19 -64.49
C THR G 2901 79.38 -60.75 -63.07
N HIS G 2902 79.96 -61.94 -62.93
CA HIS G 2902 80.16 -62.50 -61.61
C HIS G 2902 81.21 -61.67 -60.86
N PRO G 2903 80.99 -61.35 -59.59
CA PRO G 2903 81.88 -60.39 -58.91
C PRO G 2903 83.32 -60.85 -58.80
N LEU G 2904 83.57 -62.15 -58.90
CA LEU G 2904 84.90 -62.70 -58.59
C LEU G 2904 85.69 -63.15 -59.81
N LEU G 2905 85.17 -63.02 -61.02
CA LEU G 2905 85.92 -63.40 -62.20
C LEU G 2905 86.35 -62.16 -62.97
N VAL G 2906 87.63 -61.81 -62.83
CA VAL G 2906 88.23 -60.70 -63.57
C VAL G 2906 89.63 -61.16 -63.99
N PRO G 2907 90.26 -60.53 -64.98
CA PRO G 2907 91.59 -61.00 -65.42
C PRO G 2907 92.61 -60.93 -64.31
N TYR G 2908 93.62 -61.81 -64.41
CA TYR G 2908 94.56 -62.02 -63.31
C TYR G 2908 95.31 -60.75 -62.96
N ASP G 2909 95.77 -60.01 -63.97
CA ASP G 2909 96.46 -58.74 -63.70
C ASP G 2909 95.52 -57.73 -63.07
N THR G 2910 94.23 -57.81 -63.41
CA THR G 2910 93.26 -56.84 -62.88
C THR G 2910 92.91 -57.13 -61.42
N LEU G 2911 92.81 -58.41 -61.06
CA LEU G 2911 92.41 -58.76 -59.70
C LEU G 2911 93.54 -58.50 -58.71
N THR G 2912 93.16 -58.26 -57.46
CA THR G 2912 94.12 -57.94 -56.42
C THR G 2912 94.97 -59.16 -56.07
N ALA G 2913 96.09 -58.90 -55.41
CA ALA G 2913 97.05 -59.96 -55.11
C ALA G 2913 96.44 -61.02 -54.18
N LYS G 2914 95.63 -60.58 -53.21
CA LYS G 2914 95.11 -61.51 -52.20
C LYS G 2914 94.24 -62.58 -52.81
N GLU G 2915 93.37 -62.22 -53.78
CA GLU G 2915 92.60 -63.24 -54.46
C GLU G 2915 93.50 -64.14 -55.31
N LYS G 2916 94.50 -63.54 -55.97
CA LYS G 2916 95.53 -64.33 -56.63
C LYS G 2916 96.33 -65.14 -55.62
N ALA G 2917 96.36 -64.67 -54.36
CA ALA G 2917 97.24 -65.29 -53.37
C ALA G 2917 96.77 -66.69 -52.98
N ARG G 2918 95.47 -66.97 -53.08
CA ARG G 2918 94.99 -68.30 -52.71
C ARG G 2918 95.43 -69.36 -53.72
N ASP G 2919 95.18 -69.10 -55.01
CA ASP G 2919 95.65 -70.01 -56.04
C ASP G 2919 97.16 -70.08 -56.06
N ARG G 2920 97.83 -68.93 -55.86
CA ARG G 2920 99.28 -68.93 -55.76
C ARG G 2920 99.75 -69.76 -54.59
N GLU G 2921 99.01 -69.73 -53.47
CA GLU G 2921 99.42 -70.48 -52.29
C GLU G 2921 99.30 -71.98 -52.51
N LYS G 2922 98.21 -72.43 -53.15
CA LYS G 2922 98.09 -73.86 -53.39
C LYS G 2922 99.10 -74.33 -54.45
N ALA G 2923 99.37 -73.48 -55.45
CA ALA G 2923 100.44 -73.79 -56.39
C ALA G 2923 101.79 -73.83 -55.69
N GLN G 2924 102.02 -72.92 -54.74
CA GLN G 2924 103.26 -72.93 -53.98
C GLN G 2924 103.37 -74.18 -53.12
N GLU G 2925 102.25 -74.66 -52.58
CA GLU G 2925 102.27 -75.91 -51.82
C GLU G 2925 102.69 -77.07 -52.71
N LEU G 2926 102.13 -77.14 -53.92
CA LEU G 2926 102.57 -78.15 -54.88
C LEU G 2926 104.05 -78.01 -55.19
N LEU G 2927 104.51 -76.78 -55.43
CA LEU G 2927 105.91 -76.55 -55.80
C LEU G 2927 106.84 -76.88 -54.63
N LYS G 2928 106.39 -76.63 -53.40
CA LYS G 2928 107.19 -76.99 -52.23
C LYS G 2928 107.31 -78.50 -52.11
N PHE G 2929 106.23 -79.23 -52.40
CA PHE G 2929 106.34 -80.69 -52.39
C PHE G 2929 107.31 -81.17 -53.45
N LEU G 2930 107.25 -80.59 -54.65
CA LEU G 2930 108.23 -80.95 -55.67
C LEU G 2930 109.65 -80.62 -55.22
N GLN G 2931 109.83 -79.49 -54.55
CA GLN G 2931 111.15 -79.10 -54.04
C GLN G 2931 111.66 -80.10 -53.01
N MET G 2932 110.79 -80.53 -52.09
CA MET G 2932 111.21 -81.51 -51.08
C MET G 2932 111.55 -82.84 -51.73
N ASN G 2933 110.76 -83.27 -52.72
CA ASN G 2933 111.06 -84.53 -53.40
C ASN G 2933 112.28 -84.39 -54.30
N GLY G 2934 112.69 -83.16 -54.60
CA GLY G 2934 113.81 -82.93 -55.48
C GLY G 2934 113.46 -82.82 -56.95
N TYR G 2935 112.19 -82.96 -57.31
CA TYR G 2935 111.78 -82.87 -58.70
C TYR G 2935 111.93 -81.44 -59.20
N ALA G 2936 112.51 -81.30 -60.39
CA ALA G 2936 112.74 -80.00 -61.02
C ALA G 2936 112.01 -79.95 -62.36
N VAL G 2937 111.39 -78.81 -62.65
CA VAL G 2937 110.65 -78.61 -63.88
C VAL G 2937 111.17 -77.37 -64.59
N THR G 2938 111.44 -77.49 -65.88
CA THR G 2938 111.97 -76.41 -66.70
C THR G 2938 111.00 -76.14 -67.84
N ARG G 2939 110.87 -74.88 -68.23
CA ARG G 2939 110.00 -74.48 -69.32
C ARG G 2939 110.39 -75.17 -70.63
N LEU G 2946 114.78 -54.28 -72.62
CA LEU G 2946 115.84 -55.19 -72.20
C LEU G 2946 117.03 -54.42 -71.62
N ASP G 2947 117.27 -54.59 -70.32
CA ASP G 2947 118.33 -53.89 -69.61
C ASP G 2947 118.22 -52.38 -69.78
N THR G 2948 116.99 -51.88 -69.75
CA THR G 2948 116.77 -50.45 -69.88
C THR G 2948 117.29 -49.70 -68.67
N SER G 2949 118.03 -48.63 -68.91
CA SER G 2949 118.55 -47.82 -67.82
C SER G 2949 117.42 -47.10 -67.09
N SER G 2950 117.65 -46.80 -65.81
CA SER G 2950 116.63 -46.12 -65.02
C SER G 2950 116.29 -44.76 -65.63
N ILE G 2951 117.26 -44.10 -66.25
CA ILE G 2951 117.00 -42.82 -66.90
C ILE G 2951 116.05 -43.01 -68.08
N GLU G 2952 116.29 -44.04 -68.89
CA GLU G 2952 115.45 -44.28 -70.06
C GLU G 2952 114.05 -44.73 -69.64
N LYS G 2953 113.94 -45.37 -68.47
CA LYS G 2953 112.64 -45.89 -68.03
C LYS G 2953 111.71 -44.75 -67.62
N ARG G 2954 112.26 -43.56 -67.41
CA ARG G 2954 111.45 -42.48 -66.86
C ARG G 2954 110.39 -42.01 -67.85
N PHE G 2955 109.22 -41.66 -67.30
CA PHE G 2955 108.10 -41.25 -68.14
C PHE G 2955 108.42 -40.01 -68.94
N ALA G 2956 109.10 -39.04 -68.33
CA ALA G 2956 109.50 -37.85 -69.07
C ALA G 2956 110.44 -38.20 -70.20
N PHE G 2957 111.35 -39.15 -69.97
CA PHE G 2957 112.26 -39.58 -71.02
C PHE G 2957 111.51 -40.18 -72.20
N GLY G 2958 110.59 -41.10 -71.93
CA GLY G 2958 109.82 -41.69 -73.00
C GLY G 2958 108.96 -40.67 -73.74
N PHE G 2959 108.33 -39.77 -72.99
CA PHE G 2959 107.49 -38.74 -73.60
C PHE G 2959 108.30 -37.84 -74.51
N LEU G 2960 109.50 -37.43 -74.06
CA LEU G 2960 110.34 -36.58 -74.88
C LEU G 2960 110.85 -37.32 -76.12
N GLN G 2961 111.15 -38.61 -75.98
CA GLN G 2961 111.54 -39.39 -77.16
C GLN G 2961 110.42 -39.41 -78.20
N GLN G 2962 109.18 -39.63 -77.73
CA GLN G 2962 108.05 -39.60 -78.65
C GLN G 2962 107.90 -38.23 -79.29
N LEU G 2963 108.10 -37.17 -78.50
CA LEU G 2963 108.02 -35.82 -79.05
C LEU G 2963 109.07 -35.59 -80.14
N LEU G 2964 110.29 -36.08 -79.93
CA LEU G 2964 111.32 -35.89 -80.94
C LEU G 2964 111.02 -36.69 -82.21
N ARG G 2965 110.46 -37.89 -82.05
CA ARG G 2965 110.10 -38.67 -83.24
C ARG G 2965 108.99 -37.95 -84.03
N TRP G 2966 107.96 -37.47 -83.32
CA TRP G 2966 106.95 -36.67 -83.98
C TRP G 2966 107.54 -35.37 -84.52
N MET G 2967 108.65 -34.93 -83.94
CA MET G 2967 109.28 -33.68 -84.38
C MET G 2967 109.94 -33.86 -85.74
N ASP G 2968 110.63 -34.99 -85.93
CA ASP G 2968 111.18 -35.26 -87.26
C ASP G 2968 110.07 -35.50 -88.27
N ILE G 2969 108.98 -36.15 -87.85
CA ILE G 2969 107.83 -36.25 -88.74
C ILE G 2969 107.30 -34.86 -89.09
N SER G 2970 107.33 -33.95 -88.13
CA SER G 2970 106.89 -32.58 -88.37
C SER G 2970 107.76 -31.90 -89.40
N GLN G 2971 109.08 -32.06 -89.28
CA GLN G 2971 109.99 -31.51 -90.28
C GLN G 2971 109.66 -32.08 -91.65
N GLU G 2972 109.35 -33.37 -91.71
CA GLU G 2972 109.04 -33.99 -92.99
C GLU G 2972 107.79 -33.38 -93.62
N PHE G 2973 106.71 -33.24 -92.84
CA PHE G 2973 105.48 -32.79 -93.49
C PHE G 2973 105.53 -31.29 -93.76
N ILE G 2974 106.29 -30.52 -92.98
CA ILE G 2974 106.43 -29.11 -93.33
C ILE G 2974 107.23 -28.97 -94.62
N ALA G 2975 108.25 -29.80 -94.81
CA ALA G 2975 108.97 -29.79 -96.07
C ALA G 2975 108.05 -30.13 -97.24
N HIS G 2976 107.19 -31.14 -97.04
CA HIS G 2976 106.26 -31.53 -98.08
C HIS G 2976 105.29 -30.39 -98.40
N LEU G 2977 104.80 -29.71 -97.35
CA LEU G 2977 103.85 -28.62 -97.56
C LEU G 2977 104.53 -27.43 -98.25
N GLU G 2978 105.79 -27.15 -97.89
CA GLU G 2978 106.52 -26.12 -98.61
C GLU G 2978 106.66 -26.46 -100.08
N ALA G 2979 106.96 -27.73 -100.37
CA ALA G 2979 107.06 -28.15 -101.77
C ALA G 2979 105.74 -27.92 -102.50
N VAL G 2980 104.61 -28.30 -101.89
CA VAL G 2980 103.33 -28.19 -102.59
C VAL G 2980 102.94 -26.73 -102.76
N VAL G 2981 103.20 -25.88 -101.76
CA VAL G 2981 102.83 -24.47 -101.90
C VAL G 2981 103.74 -23.79 -102.93
N SER G 2982 104.99 -24.25 -103.04
CA SER G 2982 105.85 -23.74 -104.10
C SER G 2982 105.32 -24.15 -105.47
N SER G 2983 104.91 -25.40 -105.62
CA SER G 2983 104.35 -25.86 -106.89
C SER G 2983 103.64 -27.19 -106.67
N GLY G 2984 102.61 -27.42 -107.49
CA GLY G 2984 101.89 -28.67 -107.48
C GLY G 2984 101.21 -29.00 -106.17
N ARG G 2985 100.40 -28.07 -105.65
CA ARG G 2985 99.71 -28.30 -104.40
C ARG G 2985 98.73 -29.47 -104.55
N VAL G 2986 98.61 -30.27 -103.49
CA VAL G 2986 97.90 -31.54 -103.53
C VAL G 2986 96.57 -31.41 -102.81
N GLU G 2987 95.51 -31.88 -103.46
CA GLU G 2987 94.18 -31.88 -102.84
C GLU G 2987 94.15 -32.81 -101.63
N LYS G 2988 94.71 -34.02 -101.78
CA LYS G 2988 94.65 -35.01 -100.71
C LYS G 2988 95.42 -34.54 -99.48
N SER G 2989 96.68 -34.14 -99.67
CA SER G 2989 97.59 -33.83 -98.58
C SER G 2989 97.63 -34.99 -97.58
N PRO G 2990 98.27 -36.11 -97.92
CA PRO G 2990 98.26 -37.26 -97.00
C PRO G 2990 98.87 -36.93 -95.65
N HIS G 2991 99.79 -35.98 -95.60
CA HIS G 2991 100.44 -35.63 -94.35
C HIS G 2991 99.55 -34.74 -93.50
N GLU G 2992 98.44 -34.26 -94.05
CA GLU G 2992 97.61 -33.28 -93.36
C GLU G 2992 97.01 -33.87 -92.09
N GLN G 2993 96.75 -35.18 -92.07
CA GLN G 2993 96.29 -35.81 -90.84
C GLN G 2993 97.33 -35.70 -89.74
N GLU G 2994 98.60 -35.95 -90.09
CA GLU G 2994 99.68 -35.79 -89.12
C GLU G 2994 99.80 -34.33 -88.69
N ILE G 2995 99.64 -33.40 -89.62
CA ILE G 2995 99.69 -31.98 -89.26
C ILE G 2995 98.59 -31.65 -88.27
N LYS G 2996 97.38 -32.15 -88.50
CA LYS G 2996 96.26 -31.86 -87.62
C LYS G 2996 96.50 -32.45 -86.23
N PHE G 2997 97.01 -33.68 -86.16
CA PHE G 2997 97.29 -34.27 -84.85
C PHE G 2997 98.41 -33.50 -84.15
N PHE G 2998 99.42 -33.06 -84.90
CA PHE G 2998 100.50 -32.28 -84.31
C PHE G 2998 100.01 -30.95 -83.78
N ALA G 2999 99.05 -30.33 -84.47
CA ALA G 2999 98.59 -29.01 -84.09
C ALA G 2999 97.61 -29.08 -82.91
N LYS G 3000 96.59 -29.94 -83.00
CA LYS G 3000 95.53 -29.93 -82.00
C LYS G 3000 95.99 -30.50 -80.67
N ILE G 3001 96.82 -31.53 -80.69
CA ILE G 3001 97.18 -32.29 -79.50
C ILE G 3001 98.60 -31.99 -79.04
N LEU G 3002 99.58 -32.15 -79.94
CA LEU G 3002 100.97 -32.14 -79.52
C LEU G 3002 101.39 -30.79 -78.95
N LEU G 3003 101.01 -29.69 -79.62
CA LEU G 3003 101.40 -28.38 -79.12
C LEU G 3003 100.81 -28.06 -77.75
N PRO G 3004 99.50 -28.18 -77.51
CA PRO G 3004 98.99 -27.93 -76.16
C PRO G 3004 99.55 -28.90 -75.13
N LEU G 3005 99.75 -30.16 -75.52
CA LEU G 3005 100.31 -31.13 -74.57
C LEU G 3005 101.71 -30.74 -74.15
N ILE G 3006 102.55 -30.36 -75.12
CA ILE G 3006 103.91 -29.90 -74.80
C ILE G 3006 103.86 -28.67 -73.92
N ASN G 3007 103.01 -27.71 -74.28
CA ASN G 3007 102.90 -26.48 -73.51
C ASN G 3007 102.57 -26.78 -72.05
N GLN G 3008 101.51 -27.56 -71.83
CA GLN G 3008 101.09 -27.85 -70.45
C GLN G 3008 102.14 -28.64 -69.70
N TYR G 3009 102.70 -29.68 -70.34
CA TYR G 3009 103.65 -30.55 -69.65
C TYR G 3009 104.89 -29.78 -69.22
N PHE G 3010 105.41 -28.92 -70.10
CA PHE G 3010 106.63 -28.21 -69.75
C PHE G 3010 106.34 -26.94 -68.97
N THR G 3011 105.06 -26.57 -68.87
CA THR G 3011 104.70 -25.52 -67.90
C THR G 3011 104.66 -26.08 -66.49
N ASN G 3012 104.19 -27.32 -66.32
CA ASN G 3012 104.07 -27.87 -64.98
C ASN G 3012 105.43 -28.27 -64.41
N HIS G 3013 106.29 -28.87 -65.22
CA HIS G 3013 107.53 -29.47 -64.73
C HIS G 3013 108.78 -28.69 -65.12
N CYS G 3014 108.64 -27.39 -65.38
CA CYS G 3014 109.80 -26.57 -65.71
C CYS G 3014 110.80 -26.56 -64.57
N LEU G 3015 110.30 -26.50 -63.33
CA LEU G 3015 111.19 -26.52 -62.17
C LEU G 3015 111.98 -27.83 -62.11
N TYR G 3016 111.30 -28.96 -62.35
CA TYR G 3016 112.00 -30.24 -62.32
C TYR G 3016 113.06 -30.31 -63.41
N PHE G 3017 112.75 -29.80 -64.61
CA PHE G 3017 113.73 -29.82 -65.68
C PHE G 3017 114.91 -28.90 -65.40
N LEU G 3018 114.64 -27.78 -64.73
CA LEU G 3018 115.72 -26.84 -64.43
C LEU G 3018 116.55 -27.30 -63.24
N SER G 3019 116.01 -28.20 -62.42
CA SER G 3019 116.72 -28.64 -61.22
C SER G 3019 117.98 -29.39 -61.58
N THR G 3020 118.98 -29.29 -60.72
CA THR G 3020 120.26 -29.95 -60.85
C THR G 3020 120.50 -30.80 -59.62
N PRO G 3021 121.34 -31.84 -59.72
CA PRO G 3021 121.64 -32.65 -58.52
C PRO G 3021 122.23 -31.82 -57.39
N ALA G 3022 123.05 -30.83 -57.71
CA ALA G 3022 123.63 -29.99 -56.67
C ALA G 3022 122.58 -29.05 -56.08
N LYS G 3023 121.77 -28.41 -56.93
CA LYS G 3023 120.79 -27.45 -56.49
C LYS G 3023 119.45 -27.77 -57.16
N VAL G 3024 118.41 -27.93 -56.34
CA VAL G 3024 117.10 -28.36 -56.82
C VAL G 3024 116.09 -27.23 -56.57
N LEU G 3025 115.60 -26.64 -57.64
CA LEU G 3025 114.48 -25.70 -57.53
C LEU G 3025 113.17 -26.44 -57.30
N GLY G 3026 112.99 -27.58 -57.96
CA GLY G 3026 111.72 -28.28 -57.88
C GLY G 3026 111.49 -28.88 -56.50
N SER G 3027 110.23 -29.19 -56.23
CA SER G 3027 109.86 -29.77 -54.94
C SER G 3027 110.50 -31.15 -54.76
N GLY G 3028 110.45 -31.99 -55.80
CA GLY G 3028 111.01 -33.32 -55.70
C GLY G 3028 111.67 -33.80 -56.98
N GLY G 3029 112.89 -34.32 -56.85
CA GLY G 3029 113.58 -34.89 -57.97
C GLY G 3029 114.20 -33.85 -58.88
N HIS G 3030 115.07 -34.32 -59.76
CA HIS G 3030 115.75 -33.47 -60.73
C HIS G 3030 115.90 -34.21 -62.04
N ALA G 3031 115.83 -33.46 -63.13
CA ALA G 3031 115.90 -34.06 -64.46
C ALA G 3031 117.31 -34.57 -64.75
N SER G 3032 117.37 -35.64 -65.52
CA SER G 3032 118.66 -36.17 -65.95
C SER G 3032 119.28 -35.24 -66.99
N ASN G 3033 120.61 -35.29 -67.08
CA ASN G 3033 121.30 -34.50 -68.09
C ASN G 3033 120.86 -34.88 -69.48
N LYS G 3034 120.61 -36.18 -69.72
CA LYS G 3034 120.14 -36.61 -71.02
C LYS G 3034 118.76 -36.02 -71.31
N GLU G 3035 117.89 -35.95 -70.30
CA GLU G 3035 116.58 -35.33 -70.47
C GLU G 3035 116.72 -33.85 -70.80
N LYS G 3036 117.65 -33.17 -70.13
CA LYS G 3036 117.88 -31.75 -70.44
C LYS G 3036 118.37 -31.58 -71.86
N GLU G 3037 119.27 -32.45 -72.31
CA GLU G 3037 119.74 -32.39 -73.69
C GLU G 3037 118.59 -32.64 -74.66
N MET G 3038 117.69 -33.56 -74.31
CA MET G 3038 116.57 -33.89 -75.18
C MET G 3038 115.59 -32.73 -75.28
N ILE G 3039 115.31 -32.04 -74.16
CA ILE G 3039 114.41 -30.89 -74.23
C ILE G 3039 115.06 -29.74 -74.99
N THR G 3040 116.38 -29.57 -74.84
CA THR G 3040 117.07 -28.56 -75.63
C THR G 3040 117.00 -28.87 -77.13
N SER G 3041 117.18 -30.14 -77.48
CA SER G 3041 117.06 -30.54 -78.87
C SER G 3041 115.65 -30.29 -79.39
N LEU G 3042 114.64 -30.56 -78.57
CA LEU G 3042 113.27 -30.28 -78.97
C LEU G 3042 113.05 -28.80 -79.23
N PHE G 3043 113.62 -27.95 -78.37
CA PHE G 3043 113.50 -26.50 -78.56
C PHE G 3043 114.15 -26.07 -79.87
N CYS G 3044 115.36 -26.56 -80.12
CA CYS G 3044 116.05 -26.20 -81.37
C CYS G 3044 115.27 -26.68 -82.58
N LYS G 3045 114.72 -27.90 -82.53
CA LYS G 3045 113.97 -28.42 -83.65
C LYS G 3045 112.70 -27.60 -83.89
N LEU G 3046 112.00 -27.22 -82.82
CA LEU G 3046 110.81 -26.39 -82.99
C LEU G 3046 111.16 -25.03 -83.58
N ALA G 3047 112.27 -24.44 -83.14
CA ALA G 3047 112.70 -23.17 -83.72
C ALA G 3047 113.00 -23.30 -85.20
N ALA G 3048 113.71 -24.37 -85.59
CA ALA G 3048 114.00 -24.59 -87.00
C ALA G 3048 112.73 -24.82 -87.80
N LEU G 3049 111.77 -25.54 -87.21
CA LEU G 3049 110.49 -25.79 -87.86
C LEU G 3049 109.75 -24.49 -88.12
N VAL G 3050 109.71 -23.59 -87.13
CA VAL G 3050 108.97 -22.34 -87.27
C VAL G 3050 109.73 -21.29 -88.05
N ARG G 3051 111.03 -21.47 -88.28
CA ARG G 3051 111.83 -20.48 -88.99
C ARG G 3051 111.30 -20.30 -90.40
N HIS G 3052 110.74 -19.12 -90.68
CA HIS G 3052 110.19 -18.69 -91.96
C HIS G 3052 108.96 -19.49 -92.37
N ARG G 3053 108.34 -20.25 -91.46
CA ARG G 3053 107.15 -21.03 -91.78
C ARG G 3053 105.89 -20.48 -91.12
N VAL G 3054 105.92 -19.22 -90.68
CA VAL G 3054 104.77 -18.66 -89.96
C VAL G 3054 103.55 -18.58 -90.87
N SER G 3055 103.73 -18.14 -92.11
CA SER G 3055 102.62 -18.06 -93.05
C SER G 3055 102.04 -19.43 -93.34
N LEU G 3056 102.92 -20.42 -93.55
CA LEU G 3056 102.45 -21.79 -93.77
C LEU G 3056 101.73 -22.33 -92.55
N PHE G 3057 102.26 -22.05 -91.36
CA PHE G 3057 101.62 -22.52 -90.13
C PHE G 3057 100.23 -21.92 -89.97
N GLY G 3058 100.08 -20.64 -90.27
CA GLY G 3058 98.78 -20.00 -90.17
C GLY G 3058 98.35 -19.87 -88.72
N THR G 3059 97.21 -20.50 -88.39
CA THR G 3059 96.69 -20.41 -87.03
C THR G 3059 97.55 -21.19 -86.05
N ASP G 3060 98.42 -22.06 -86.56
CA ASP G 3060 99.28 -22.85 -85.68
C ASP G 3060 100.40 -21.99 -85.09
N ALA G 3061 100.72 -20.87 -85.75
CA ALA G 3061 101.86 -20.07 -85.33
C ALA G 3061 101.77 -19.55 -83.90
N PRO G 3062 100.64 -18.99 -83.43
CA PRO G 3062 100.61 -18.56 -82.02
C PRO G 3062 100.86 -19.69 -81.04
N ALA G 3063 100.27 -20.86 -81.27
CA ALA G 3063 100.52 -22.00 -80.40
C ALA G 3063 101.99 -22.40 -80.45
N VAL G 3064 102.58 -22.37 -81.64
CA VAL G 3064 103.98 -22.75 -81.78
C VAL G 3064 104.88 -21.80 -81.00
N VAL G 3065 104.61 -20.50 -81.09
CA VAL G 3065 105.48 -19.55 -80.39
C VAL G 3065 105.26 -19.63 -78.88
N ASN G 3066 104.03 -19.92 -78.44
CA ASN G 3066 103.82 -20.13 -77.01
C ASN G 3066 104.59 -21.36 -76.52
N CYS G 3067 104.56 -22.44 -77.29
CA CYS G 3067 105.36 -23.62 -76.93
C CYS G 3067 106.84 -23.29 -76.93
N LEU G 3068 107.28 -22.44 -77.86
CA LEU G 3068 108.69 -22.06 -77.90
C LEU G 3068 109.08 -21.28 -76.65
N HIS G 3069 108.24 -20.35 -76.20
CA HIS G 3069 108.53 -19.63 -74.96
C HIS G 3069 108.56 -20.57 -73.77
N ILE G 3070 107.60 -21.51 -73.72
CA ILE G 3070 107.57 -22.45 -72.61
C ILE G 3070 108.83 -23.31 -72.60
N LEU G 3071 109.26 -23.76 -73.76
CA LEU G 3071 110.48 -24.55 -73.86
C LEU G 3071 111.70 -23.72 -73.46
N ALA G 3072 111.73 -22.46 -73.87
CA ALA G 3072 112.85 -21.58 -73.53
C ALA G 3072 112.98 -21.43 -72.02
N ARG G 3073 111.84 -21.24 -71.34
CA ARG G 3073 111.90 -21.20 -69.88
C ARG G 3073 112.26 -22.57 -69.30
N SER G 3074 111.90 -23.64 -70.00
CA SER G 3074 112.08 -24.98 -69.43
C SER G 3074 113.54 -25.43 -69.49
N LEU G 3075 114.25 -25.10 -70.57
CA LEU G 3075 115.54 -25.72 -70.81
C LEU G 3075 116.61 -25.20 -69.84
N ASP G 3076 117.48 -26.12 -69.39
CA ASP G 3076 118.64 -25.78 -68.58
C ASP G 3076 119.85 -25.79 -69.49
N ALA G 3077 120.27 -24.61 -69.94
CA ALA G 3077 121.29 -24.52 -70.96
C ALA G 3077 122.69 -24.83 -70.41
N ARG G 3078 122.93 -24.48 -69.14
CA ARG G 3078 124.27 -24.64 -68.58
C ARG G 3078 124.69 -26.10 -68.55
N THR G 3079 123.83 -26.97 -68.02
CA THR G 3079 124.18 -28.39 -67.94
C THR G 3079 124.36 -29.00 -69.33
N VAL G 3080 123.50 -28.62 -70.27
CA VAL G 3080 123.61 -29.14 -71.63
C VAL G 3080 124.93 -28.72 -72.26
N MET G 3081 125.31 -27.45 -72.09
CA MET G 3081 126.55 -26.98 -72.68
C MET G 3081 127.77 -27.63 -72.02
N LYS G 3082 127.75 -27.79 -70.69
CA LYS G 3082 128.90 -28.36 -70.01
C LYS G 3082 129.06 -29.85 -70.32
N SER G 3083 127.97 -30.61 -70.21
CA SER G 3083 128.00 -32.06 -70.44
C SER G 3083 126.80 -32.44 -71.32
N GLY G 3084 127.02 -32.42 -72.63
CA GLY G 3084 125.99 -32.76 -73.58
C GLY G 3084 126.57 -33.26 -74.89
N PRO G 3085 125.76 -33.98 -75.66
CA PRO G 3085 126.25 -34.45 -76.96
C PRO G 3085 126.55 -33.30 -77.90
N GLU G 3086 127.59 -33.50 -78.71
CA GLU G 3086 128.08 -32.43 -79.56
C GLU G 3086 127.01 -31.95 -80.53
N ILE G 3087 126.16 -32.88 -81.00
CA ILE G 3087 125.14 -32.48 -81.97
C ILE G 3087 124.07 -31.60 -81.32
N VAL G 3088 123.71 -31.87 -80.06
CA VAL G 3088 122.74 -31.01 -79.39
C VAL G 3088 123.34 -29.65 -79.09
N LYS G 3089 124.59 -29.63 -78.60
CA LYS G 3089 125.23 -28.34 -78.34
C LYS G 3089 125.33 -27.54 -79.63
N ALA G 3090 125.77 -28.17 -80.72
CA ALA G 3090 125.89 -27.48 -82.00
C ALA G 3090 124.54 -27.03 -82.52
N GLY G 3091 123.48 -27.78 -82.22
CA GLY G 3091 122.14 -27.32 -82.58
C GLY G 3091 121.78 -26.03 -81.88
N LEU G 3092 122.09 -25.93 -80.58
CA LEU G 3092 121.84 -24.68 -79.87
C LEU G 3092 122.66 -23.53 -80.46
N ARG G 3093 123.94 -23.79 -80.74
CA ARG G 3093 124.79 -22.75 -81.32
C ARG G 3093 124.26 -22.31 -82.68
N SER G 3094 123.83 -23.27 -83.51
CA SER G 3094 123.30 -22.93 -84.82
C SER G 3094 122.00 -22.16 -84.71
N PHE G 3095 121.19 -22.45 -83.69
CA PHE G 3095 119.98 -21.67 -83.48
C PHE G 3095 120.33 -20.22 -83.17
N PHE G 3096 121.34 -20.00 -82.32
CA PHE G 3096 121.76 -18.63 -82.05
C PHE G 3096 122.29 -17.93 -83.31
N GLU G 3097 123.09 -18.64 -84.12
CA GLU G 3097 123.60 -18.04 -85.34
C GLU G 3097 122.48 -17.68 -86.30
N SER G 3098 121.49 -18.57 -86.44
CA SER G 3098 120.37 -18.31 -87.33
C SER G 3098 119.55 -17.13 -86.84
N ALA G 3099 119.35 -17.02 -85.52
CA ALA G 3099 118.65 -15.86 -84.97
C ALA G 3099 119.39 -14.57 -85.29
N SER G 3100 120.71 -14.59 -85.14
CA SER G 3100 121.49 -13.40 -85.46
C SER G 3100 121.38 -13.05 -86.94
N GLU G 3101 121.42 -14.05 -87.81
CA GLU G 3101 121.30 -13.79 -89.25
C GLU G 3101 119.94 -13.22 -89.60
N ASP G 3102 118.88 -13.73 -88.96
CA ASP G 3102 117.55 -13.17 -89.19
C ASP G 3102 117.48 -11.72 -88.73
N ILE G 3103 118.09 -11.42 -87.59
CA ILE G 3103 118.09 -10.05 -87.09
C ILE G 3103 118.87 -9.13 -88.05
N GLU G 3104 119.92 -9.66 -88.67
CA GLU G 3104 120.64 -8.86 -89.67
C GLU G 3104 119.81 -8.63 -90.92
N LYS G 3105 119.08 -9.66 -91.37
CA LYS G 3105 118.15 -9.42 -92.47
C LYS G 3105 117.17 -8.32 -92.09
N MET G 3106 116.73 -8.30 -90.84
CA MET G 3106 115.86 -7.24 -90.35
C MET G 3106 116.53 -5.87 -90.36
N VAL G 3107 117.82 -5.78 -90.00
CA VAL G 3107 118.45 -4.47 -90.01
C VAL G 3107 118.51 -3.95 -91.44
N GLU G 3108 118.74 -4.85 -92.40
CA GLU G 3108 118.61 -4.47 -93.81
C GLU G 3108 117.19 -4.01 -94.14
N ASN G 3109 116.17 -4.75 -93.69
CA ASN G 3109 114.80 -4.42 -94.06
C ASN G 3109 114.40 -3.04 -93.55
N LEU G 3110 114.57 -2.77 -92.25
CA LEU G 3110 114.16 -1.46 -91.74
C LEU G 3110 115.20 -0.40 -92.03
N ARG G 3111 116.33 -0.77 -92.63
CA ARG G 3111 117.16 0.25 -93.24
C ARG G 3111 116.47 0.86 -94.45
N LEU G 3112 115.45 0.18 -94.97
CA LEU G 3112 114.62 0.56 -96.11
C LEU G 3112 115.45 0.65 -97.40
N GLY G 3113 116.69 0.17 -97.38
CA GLY G 3113 117.41 -0.01 -98.63
C GLY G 3113 116.69 -0.97 -99.55
N LYS G 3114 116.04 -1.98 -98.96
CA LYS G 3114 115.11 -2.84 -99.66
C LYS G 3114 113.79 -2.84 -98.89
N VAL G 3115 112.67 -2.78 -99.63
CA VAL G 3115 111.38 -2.42 -99.04
C VAL G 3115 110.96 -3.44 -98.00
N SER G 3116 111.05 -4.73 -98.32
CA SER G 3116 110.57 -5.80 -97.45
C SER G 3116 109.11 -5.60 -97.06
N LYS G 3123 107.81 -10.37 -100.20
CA LYS G 3123 108.46 -11.57 -100.73
C LYS G 3123 109.04 -12.43 -99.61
N GLY G 3124 109.99 -13.30 -99.96
CA GLY G 3124 110.58 -14.19 -98.96
C GLY G 3124 111.23 -13.44 -97.81
N VAL G 3125 111.91 -12.33 -98.11
CA VAL G 3125 112.53 -11.52 -97.07
C VAL G 3125 111.45 -10.86 -96.21
N GLY G 3126 110.36 -10.42 -96.83
CA GLY G 3126 109.22 -9.93 -96.07
C GLY G 3126 108.64 -11.00 -95.17
N GLN G 3127 108.60 -12.24 -95.66
CA GLN G 3127 108.16 -13.36 -94.83
C GLN G 3127 109.10 -13.57 -93.65
N ASN G 3128 110.41 -13.43 -93.88
CA ASN G 3128 111.36 -13.53 -92.78
C ASN G 3128 111.14 -12.44 -91.75
N LEU G 3129 110.89 -11.21 -92.22
CA LEU G 3129 110.62 -10.11 -91.30
C LEU G 3129 109.38 -10.40 -90.47
N THR G 3130 108.31 -10.86 -91.11
CA THR G 3130 107.09 -11.19 -90.38
C THR G 3130 107.33 -12.31 -89.37
N TYR G 3131 108.09 -13.34 -89.78
CA TYR G 3131 108.40 -14.44 -88.89
C TYR G 3131 109.14 -13.97 -87.66
N THR G 3132 110.15 -13.12 -87.84
CA THR G 3132 110.95 -12.71 -86.69
C THR G 3132 110.20 -11.75 -85.78
N THR G 3133 109.43 -10.81 -86.37
CA THR G 3133 108.68 -9.91 -85.50
C THR G 3133 107.56 -10.65 -84.79
N VAL G 3134 107.15 -11.80 -85.34
CA VAL G 3134 106.11 -12.59 -84.68
C VAL G 3134 106.74 -13.59 -83.71
N ALA G 3135 107.80 -14.27 -84.12
CA ALA G 3135 108.32 -15.40 -83.36
C ALA G 3135 109.71 -15.17 -82.79
N LEU G 3136 110.69 -14.86 -83.62
CA LEU G 3136 112.08 -14.91 -83.17
C LEU G 3136 112.38 -13.86 -82.11
N LEU G 3137 111.85 -12.64 -82.28
CA LEU G 3137 112.10 -11.62 -81.26
C LEU G 3137 111.55 -12.00 -79.88
N PRO G 3138 110.27 -12.37 -79.73
CA PRO G 3138 109.81 -12.80 -78.41
C PRO G 3138 110.51 -14.06 -77.90
N VAL G 3139 110.82 -15.00 -78.80
CA VAL G 3139 111.48 -16.24 -78.36
C VAL G 3139 112.87 -15.93 -77.81
N LEU G 3140 113.64 -15.11 -78.54
CA LEU G 3140 114.97 -14.74 -78.07
C LEU G 3140 114.89 -13.91 -76.80
N THR G 3141 113.88 -13.05 -76.69
CA THR G 3141 113.69 -12.29 -75.46
C THR G 3141 113.46 -13.21 -74.27
N THR G 3142 112.59 -14.21 -74.43
CA THR G 3142 112.34 -15.16 -73.35
C THR G 3142 113.58 -15.96 -73.02
N LEU G 3143 114.31 -16.41 -74.03
CA LEU G 3143 115.54 -17.17 -73.79
C LEU G 3143 116.55 -16.35 -73.01
N PHE G 3144 116.76 -15.10 -73.42
CA PHE G 3144 117.71 -14.24 -72.71
C PHE G 3144 117.24 -13.96 -71.29
N GLN G 3145 115.94 -13.72 -71.11
CA GLN G 3145 115.41 -13.48 -69.77
C GLN G 3145 115.66 -14.67 -68.86
N HIS G 3146 115.40 -15.88 -69.36
CA HIS G 3146 115.62 -17.08 -68.56
C HIS G 3146 117.11 -17.27 -68.24
N ILE G 3147 117.96 -17.12 -69.25
CA ILE G 3147 119.39 -17.35 -69.08
C ILE G 3147 119.99 -16.28 -68.18
N ALA G 3148 119.31 -15.14 -68.06
CA ALA G 3148 119.79 -14.09 -67.15
C ALA G 3148 119.29 -14.30 -65.74
N GLN G 3149 118.03 -14.73 -65.60
CA GLN G 3149 117.52 -15.01 -64.26
C GLN G 3149 118.28 -16.13 -63.58
N HIS G 3150 118.58 -17.21 -64.31
CA HIS G 3150 119.24 -18.34 -63.70
C HIS G 3150 120.76 -18.30 -63.82
N GLN G 3151 121.33 -17.15 -64.22
CA GLN G 3151 122.77 -16.95 -64.34
C GLN G 3151 123.42 -17.92 -65.32
N PHE G 3152 122.64 -18.64 -66.12
CA PHE G 3152 123.21 -19.61 -67.05
C PHE G 3152 124.01 -18.93 -68.15
N GLY G 3153 123.75 -17.64 -68.37
CA GLY G 3153 124.35 -16.97 -69.52
C GLY G 3153 125.87 -16.88 -69.42
N ASP G 3154 126.39 -16.57 -68.24
CA ASP G 3154 127.82 -16.33 -68.08
C ASP G 3154 128.63 -17.57 -68.42
N ASP G 3155 128.01 -18.76 -68.31
CA ASP G 3155 128.74 -19.98 -68.62
C ASP G 3155 128.36 -20.49 -70.01
N VAL G 3156 127.11 -20.28 -70.42
CA VAL G 3156 126.64 -20.79 -71.70
C VAL G 3156 127.25 -20.01 -72.86
N ILE G 3157 127.24 -18.68 -72.78
CA ILE G 3157 127.66 -17.85 -73.88
C ILE G 3157 129.17 -17.68 -73.83
N LEU G 3158 129.92 -18.64 -74.36
CA LEU G 3158 131.37 -18.60 -74.17
C LEU G 3158 132.09 -18.02 -75.40
N ASP G 3159 132.00 -18.67 -76.55
CA ASP G 3159 132.83 -18.25 -77.67
C ASP G 3159 132.03 -17.87 -78.92
N ASP G 3160 131.17 -18.75 -79.40
CA ASP G 3160 130.45 -18.49 -80.65
C ASP G 3160 129.06 -17.94 -80.37
N VAL G 3161 128.44 -18.39 -79.28
CA VAL G 3161 127.24 -17.71 -78.80
C VAL G 3161 127.58 -16.26 -78.47
N GLN G 3162 128.80 -16.02 -77.99
CA GLN G 3162 129.26 -14.65 -77.79
C GLN G 3162 129.29 -13.88 -79.10
N VAL G 3163 129.77 -14.51 -80.18
CA VAL G 3163 129.83 -13.83 -81.47
C VAL G 3163 128.42 -13.52 -81.98
N SER G 3164 127.51 -14.50 -81.87
CA SER G 3164 126.15 -14.27 -82.34
C SER G 3164 125.45 -13.19 -81.55
N CYS G 3165 125.60 -13.22 -80.22
CA CYS G 3165 124.99 -12.18 -79.39
C CYS G 3165 125.62 -10.82 -79.66
N TYR G 3166 126.94 -10.80 -79.91
CA TYR G 3166 127.59 -9.55 -80.30
C TYR G 3166 126.98 -8.99 -81.57
N ARG G 3167 126.81 -9.84 -82.58
CA ARG G 3167 126.25 -9.38 -83.85
C ARG G 3167 124.83 -8.87 -83.65
N THR G 3168 124.03 -9.59 -82.85
CA THR G 3168 122.66 -9.15 -82.60
C THR G 3168 122.63 -7.80 -81.88
N LEU G 3169 123.45 -7.65 -80.84
CA LEU G 3169 123.52 -6.38 -80.12
C LEU G 3169 123.91 -5.23 -81.04
N CYS G 3170 124.96 -5.44 -81.84
CA CYS G 3170 125.46 -4.38 -82.69
C CYS G 3170 124.41 -4.01 -83.74
N SER G 3171 123.77 -5.02 -84.32
CA SER G 3171 122.76 -4.77 -85.36
C SER G 3171 121.55 -4.05 -84.79
N ILE G 3172 121.09 -4.44 -83.60
CA ILE G 3172 119.94 -3.76 -82.99
C ILE G 3172 120.30 -2.32 -82.65
N TYR G 3173 121.51 -2.09 -82.13
CA TYR G 3173 121.91 -0.72 -81.86
C TYR G 3173 122.02 0.10 -83.13
N SER G 3174 122.27 -0.56 -84.26
CA SER G 3174 122.33 0.16 -85.53
C SER G 3174 120.96 0.73 -85.91
N LEU G 3175 119.88 0.13 -85.43
CA LEU G 3175 118.54 0.57 -85.80
C LEU G 3175 118.25 1.98 -85.32
N GLY G 3176 118.70 2.32 -84.12
CA GLY G 3176 118.24 3.56 -83.49
C GLY G 3176 118.59 4.79 -84.28
N THR G 3177 119.73 4.77 -84.99
CA THR G 3177 120.10 5.90 -85.83
C THR G 3177 119.11 6.09 -86.97
N THR G 3178 118.69 4.99 -87.59
CA THR G 3178 117.77 5.07 -88.72
C THR G 3178 116.37 5.42 -88.25
N LYS G 3179 115.68 6.26 -89.03
CA LYS G 3179 114.34 6.73 -88.71
C LYS G 3179 113.37 6.22 -89.77
N ASN G 3180 112.35 5.48 -89.34
CA ASN G 3180 111.31 4.96 -90.21
C ASN G 3180 110.07 4.69 -89.38
N THR G 3181 108.92 4.61 -90.07
CA THR G 3181 107.68 4.23 -89.40
C THR G 3181 107.76 2.80 -88.88
N TYR G 3182 108.30 1.90 -89.70
CA TYR G 3182 108.45 0.51 -89.25
C TYR G 3182 109.47 0.42 -88.12
N VAL G 3183 110.53 1.22 -88.18
CA VAL G 3183 111.48 1.26 -87.07
C VAL G 3183 110.77 1.74 -85.81
N GLU G 3184 109.87 2.71 -85.95
CA GLU G 3184 109.14 3.22 -84.80
C GLU G 3184 108.24 2.15 -84.20
N LYS G 3185 107.59 1.35 -85.05
CA LYS G 3185 106.72 0.30 -84.51
C LYS G 3185 107.53 -0.84 -83.93
N LEU G 3186 108.77 -1.02 -84.40
CA LEU G 3186 109.57 -2.17 -83.97
C LEU G 3186 110.41 -1.87 -82.73
N ARG G 3187 110.72 -0.58 -82.49
CA ARG G 3187 111.69 -0.26 -81.45
C ARG G 3187 111.33 -0.70 -80.04
N PRO G 3188 110.04 -0.85 -79.64
CA PRO G 3188 109.80 -1.40 -78.30
C PRO G 3188 110.29 -2.83 -78.12
N ALA G 3189 109.92 -3.73 -79.02
CA ALA G 3189 110.38 -5.11 -78.93
C ALA G 3189 111.90 -5.20 -79.07
N LEU G 3190 112.45 -4.39 -79.97
CA LEU G 3190 113.91 -4.36 -80.13
C LEU G 3190 114.60 -3.92 -78.86
N GLY G 3191 114.06 -2.89 -78.21
CA GLY G 3191 114.65 -2.43 -76.95
C GLY G 3191 114.55 -3.47 -75.85
N GLU G 3192 113.41 -4.15 -75.76
CA GLU G 3192 113.27 -5.19 -74.76
C GLU G 3192 114.25 -6.32 -75.00
N CYS G 3193 114.39 -6.75 -76.27
CA CYS G 3193 115.34 -7.80 -76.60
C CYS G 3193 116.77 -7.37 -76.29
N LEU G 3194 117.10 -6.10 -76.57
CA LEU G 3194 118.45 -5.64 -76.31
C LEU G 3194 118.73 -5.55 -74.82
N ALA G 3195 117.72 -5.16 -74.03
CA ALA G 3195 117.89 -5.14 -72.58
C ALA G 3195 118.13 -6.55 -72.05
N ARG G 3196 117.36 -7.53 -72.54
CA ARG G 3196 117.57 -8.90 -72.10
C ARG G 3196 118.92 -9.42 -72.53
N LEU G 3197 119.37 -9.05 -73.73
CA LEU G 3197 120.70 -9.44 -74.19
C LEU G 3197 121.79 -8.82 -73.31
N ALA G 3198 121.60 -7.57 -72.91
CA ALA G 3198 122.57 -6.94 -72.01
C ALA G 3198 122.62 -7.65 -70.67
N ALA G 3199 121.46 -8.06 -70.17
CA ALA G 3199 121.43 -8.83 -68.91
C ALA G 3199 122.10 -10.19 -69.09
N ALA G 3200 122.01 -10.76 -70.29
CA ALA G 3200 122.50 -12.12 -70.50
C ALA G 3200 123.99 -12.15 -70.81
N MET G 3201 124.52 -11.08 -71.40
CA MET G 3201 125.86 -11.13 -71.97
C MET G 3201 126.91 -11.33 -70.87
N PRO G 3202 127.87 -12.23 -71.08
CA PRO G 3202 128.92 -12.47 -70.08
C PRO G 3202 130.11 -11.53 -70.18
N VAL G 3203 130.21 -10.72 -71.23
CA VAL G 3203 131.31 -9.78 -71.41
C VAL G 3203 130.74 -8.38 -71.46
N ALA G 3204 131.46 -7.44 -70.85
CA ALA G 3204 131.04 -6.05 -70.80
C ALA G 3204 131.35 -5.39 -72.13
N PHE G 3205 130.32 -5.20 -72.96
CA PHE G 3205 130.53 -4.58 -74.26
C PHE G 3205 130.71 -3.07 -74.13
N LEU G 3206 130.04 -2.46 -73.16
CA LEU G 3206 130.10 -1.00 -73.03
C LEU G 3206 131.51 -0.54 -72.70
N GLU G 3207 132.19 -1.23 -71.79
CA GLU G 3207 133.58 -0.91 -71.49
C GLU G 3207 134.48 -1.84 -72.29
N PRO G 3208 135.36 -1.32 -73.14
CA PRO G 3208 136.19 -2.21 -73.95
C PRO G 3208 137.48 -2.64 -73.26
N GLN G 3209 138.02 -1.80 -72.36
CA GLN G 3209 139.37 -2.02 -71.87
C GLN G 3209 139.49 -3.31 -71.09
N LEU G 3210 138.51 -3.62 -70.25
CA LEU G 3210 138.64 -4.74 -69.33
C LEU G 3210 137.96 -6.01 -69.80
N ASN G 3211 137.55 -6.08 -71.08
CA ASN G 3211 137.05 -7.35 -71.59
C ASN G 3211 138.17 -8.39 -71.61
N GLU G 3212 139.39 -7.96 -71.91
CA GLU G 3212 140.53 -8.86 -71.78
C GLU G 3212 140.69 -9.30 -70.33
N TYR G 3213 140.26 -8.47 -69.40
CA TYR G 3213 140.39 -8.84 -68.00
C TYR G 3213 139.28 -9.80 -67.59
N ASN G 3214 138.15 -9.76 -68.31
CA ASN G 3214 137.10 -10.73 -68.09
C ASN G 3214 137.58 -12.12 -68.50
N ALA G 3215 137.22 -13.13 -67.71
CA ALA G 3215 137.53 -14.51 -68.06
C ALA G 3215 136.64 -15.02 -69.18
N CYS G 3216 135.34 -14.72 -69.12
CA CYS G 3216 134.38 -15.23 -70.11
C CYS G 3216 134.32 -14.28 -71.31
N SER G 3217 135.49 -14.06 -71.89
CA SER G 3217 135.63 -13.24 -73.09
C SER G 3217 136.17 -14.11 -74.20
N VAL G 3218 135.73 -13.83 -75.43
CA VAL G 3218 136.17 -14.63 -76.57
C VAL G 3218 137.68 -14.47 -76.77
N TYR G 3219 138.22 -13.30 -76.42
CA TYR G 3219 139.65 -13.07 -76.62
C TYR G 3219 140.48 -13.82 -75.59
N THR G 3220 139.97 -13.95 -74.37
CA THR G 3220 140.70 -14.71 -73.36
C THR G 3220 140.56 -16.21 -73.58
N THR G 3221 139.38 -16.66 -74.01
CA THR G 3221 139.17 -18.08 -74.22
C THR G 3221 139.87 -18.57 -75.48
N LYS G 3222 139.91 -17.74 -76.52
CA LYS G 3222 140.48 -18.13 -77.80
C LYS G 3222 141.83 -17.42 -77.99
N SER G 3223 142.85 -18.20 -78.34
CA SER G 3223 144.19 -17.67 -78.51
C SER G 3223 144.25 -16.75 -79.72
N PRO G 3224 145.27 -15.86 -79.77
CA PRO G 3224 145.45 -15.07 -81.00
C PRO G 3224 145.66 -15.93 -82.23
N ARG G 3225 146.33 -17.07 -82.08
CA ARG G 3225 146.46 -17.99 -83.21
C ARG G 3225 145.13 -18.66 -83.49
N GLU G 3226 144.30 -18.81 -82.45
CA GLU G 3226 142.91 -19.21 -82.66
C GLU G 3226 142.15 -18.06 -83.31
N ARG G 3227 140.95 -18.39 -83.79
CA ARG G 3227 140.14 -17.54 -84.67
C ARG G 3227 140.87 -17.28 -85.98
N ALA G 3228 141.83 -18.13 -86.35
CA ALA G 3228 142.41 -18.03 -87.68
C ALA G 3228 141.47 -18.62 -88.73
N ILE G 3229 140.75 -19.70 -88.37
CA ILE G 3229 139.82 -20.31 -89.30
C ILE G 3229 138.59 -19.41 -89.51
N LEU G 3230 138.09 -18.82 -88.43
CA LEU G 3230 136.96 -17.90 -88.50
C LEU G 3230 137.45 -16.49 -88.22
N GLY G 3231 137.30 -15.61 -89.21
CA GLY G 3231 137.83 -14.27 -89.07
C GLY G 3231 137.13 -13.50 -87.96
N LEU G 3232 137.93 -13.02 -87.02
CA LEU G 3232 137.46 -12.22 -85.91
C LEU G 3232 138.12 -10.85 -85.92
N PRO G 3233 137.41 -9.81 -85.50
CA PRO G 3233 138.00 -8.46 -85.54
C PRO G 3233 139.22 -8.30 -84.65
N ASN G 3234 139.42 -9.20 -83.69
CA ASN G 3234 140.52 -9.27 -82.73
C ASN G 3234 140.55 -8.10 -81.75
N SER G 3235 139.61 -7.16 -81.85
CA SER G 3235 139.53 -6.03 -80.93
C SER G 3235 138.10 -5.89 -80.43
N VAL G 3236 137.96 -5.68 -79.13
CA VAL G 3236 136.63 -5.50 -78.54
C VAL G 3236 135.97 -4.26 -79.12
N GLU G 3237 136.74 -3.20 -79.35
CA GLU G 3237 136.19 -2.03 -80.03
C GLU G 3237 135.82 -2.36 -81.46
N GLU G 3238 136.59 -3.25 -82.10
CA GLU G 3238 136.31 -3.62 -83.48
C GLU G 3238 135.11 -4.54 -83.58
N MET G 3239 134.66 -5.09 -82.46
CA MET G 3239 133.44 -5.90 -82.48
C MET G 3239 132.28 -5.13 -83.08
N CYS G 3240 132.05 -3.90 -82.61
CA CYS G 3240 131.31 -2.88 -83.36
C CYS G 3240 131.65 -1.53 -82.75
N PRO G 3241 132.13 -0.60 -83.58
CA PRO G 3241 132.46 0.73 -83.04
C PRO G 3241 131.25 1.61 -82.80
N ASP G 3242 130.11 1.28 -83.39
CA ASP G 3242 128.95 2.18 -83.29
C ASP G 3242 128.44 2.29 -81.86
N ILE G 3243 128.53 1.22 -81.08
CA ILE G 3243 128.11 1.34 -79.69
C ILE G 3243 129.10 2.20 -78.93
N PRO G 3244 128.67 3.25 -78.23
CA PRO G 3244 129.61 4.11 -77.53
C PRO G 3244 130.11 3.48 -76.24
N VAL G 3245 131.20 4.04 -75.72
CA VAL G 3245 131.73 3.62 -74.44
C VAL G 3245 130.72 4.02 -73.34
N LEU G 3246 130.75 3.29 -72.22
CA LEU G 3246 129.78 3.51 -71.16
C LEU G 3246 129.76 4.95 -70.69
N ASP G 3247 130.94 5.53 -70.44
CA ASP G 3247 130.98 6.90 -69.92
C ASP G 3247 130.44 7.90 -70.95
N ARG G 3248 130.78 7.71 -72.23
CA ARG G 3248 130.28 8.60 -73.27
C ARG G 3248 128.77 8.50 -73.39
N LEU G 3249 128.22 7.28 -73.32
CA LEU G 3249 126.78 7.10 -73.37
C LEU G 3249 126.10 7.77 -72.19
N MET G 3250 126.69 7.64 -71.00
CA MET G 3250 126.12 8.30 -69.83
C MET G 3250 126.16 9.80 -69.98
N ALA G 3251 127.24 10.34 -70.56
CA ALA G 3251 127.31 11.76 -70.82
C ALA G 3251 126.23 12.21 -71.78
N ASP G 3252 125.96 11.40 -72.82
CA ASP G 3252 124.88 11.73 -73.75
C ASP G 3252 123.52 11.74 -73.04
N ILE G 3253 123.27 10.73 -72.22
CA ILE G 3253 121.98 10.67 -71.51
C ILE G 3253 121.83 11.87 -70.59
N GLY G 3254 122.90 12.22 -69.85
CA GLY G 3254 122.84 13.39 -69.00
C GLY G 3254 122.62 14.67 -69.79
N GLY G 3255 123.26 14.78 -70.96
CA GLY G 3255 123.07 15.95 -71.79
C GLY G 3255 121.63 16.10 -72.26
N LEU G 3256 121.03 14.99 -72.71
CA LEU G 3256 119.62 15.05 -73.10
C LEU G 3256 118.73 15.39 -71.92
N ALA G 3257 119.03 14.82 -70.74
CA ALA G 3257 118.21 15.09 -69.57
C ALA G 3257 118.27 16.57 -69.17
N GLU G 3258 119.47 17.16 -69.23
CA GLU G 3258 119.59 18.57 -68.87
C GLU G 3258 119.01 19.47 -69.96
N SER G 3259 119.11 19.05 -71.22
CA SER G 3259 118.53 19.83 -72.31
C SER G 3259 117.02 19.88 -72.20
N GLY G 3260 116.39 18.76 -71.88
CA GLY G 3260 114.95 18.72 -71.76
C GLY G 3260 114.19 18.54 -73.06
N ALA G 3261 114.86 18.06 -74.11
CA ALA G 3261 114.18 17.84 -75.38
C ALA G 3261 113.11 16.75 -75.23
N ARG G 3262 112.05 16.88 -76.00
CA ARG G 3262 110.95 15.94 -75.91
C ARG G 3262 111.37 14.56 -76.42
N TYR G 3263 110.52 13.57 -76.13
CA TYR G 3263 110.84 12.19 -76.50
C TYR G 3263 110.93 12.03 -78.01
N THR G 3264 110.08 12.74 -78.75
CA THR G 3264 110.04 12.58 -80.20
C THR G 3264 111.35 13.02 -80.84
N GLU G 3265 112.11 13.88 -80.16
CA GLU G 3265 113.35 14.39 -80.75
C GLU G 3265 114.40 13.29 -80.88
N MET G 3266 114.60 12.51 -79.82
CA MET G 3266 115.56 11.41 -79.81
C MET G 3266 114.91 10.16 -79.18
N PRO G 3267 113.92 9.58 -79.88
CA PRO G 3267 113.19 8.44 -79.28
C PRO G 3267 114.05 7.21 -79.08
N HIS G 3268 115.15 7.07 -79.83
CA HIS G 3268 115.93 5.85 -79.79
C HIS G 3268 116.53 5.60 -78.42
N VAL G 3269 117.07 6.65 -77.78
CA VAL G 3269 117.75 6.46 -76.50
C VAL G 3269 116.75 6.06 -75.42
N ILE G 3270 115.53 6.58 -75.49
CA ILE G 3270 114.50 6.14 -74.54
C ILE G 3270 114.08 4.71 -74.83
N GLU G 3271 113.89 4.38 -76.11
CA GLU G 3271 113.29 3.09 -76.45
C GLU G 3271 114.30 1.96 -76.32
N ILE G 3272 115.58 2.22 -76.61
CA ILE G 3272 116.59 1.18 -76.70
C ILE G 3272 117.73 1.41 -75.73
N THR G 3273 118.43 2.56 -75.85
CA THR G 3273 119.64 2.78 -75.08
C THR G 3273 119.35 2.81 -73.58
N LEU G 3274 118.29 3.50 -73.18
CA LEU G 3274 117.98 3.55 -71.75
C LEU G 3274 117.63 2.19 -71.18
N PRO G 3275 116.76 1.37 -71.78
CA PRO G 3275 116.56 0.01 -71.24
C PRO G 3275 117.83 -0.83 -71.27
N MET G 3276 118.66 -0.68 -72.30
CA MET G 3276 119.90 -1.45 -72.34
C MET G 3276 120.80 -1.08 -71.18
N LEU G 3277 120.91 0.21 -70.88
CA LEU G 3277 121.73 0.65 -69.75
C LEU G 3277 121.11 0.20 -68.43
N CYS G 3278 119.78 0.25 -68.33
CA CYS G 3278 119.12 -0.17 -67.10
C CYS G 3278 119.36 -1.64 -66.81
N SER G 3279 119.36 -2.47 -67.84
CA SER G 3279 119.65 -3.88 -67.64
C SER G 3279 121.14 -4.12 -67.46
N TYR G 3280 121.98 -3.27 -68.03
CA TYR G 3280 123.42 -3.48 -68.02
C TYR G 3280 124.02 -3.12 -66.66
N LEU G 3281 123.57 -2.01 -66.06
CA LEU G 3281 124.28 -1.47 -64.91
C LEU G 3281 124.30 -2.38 -63.68
N PRO G 3282 123.17 -2.92 -63.19
CA PRO G 3282 123.24 -3.71 -61.95
C PRO G 3282 124.08 -4.97 -62.09
N ARG G 3283 123.95 -5.66 -63.23
CA ARG G 3283 124.64 -6.92 -63.42
C ARG G 3283 126.15 -6.75 -63.33
N TRP G 3284 126.67 -5.68 -63.94
CA TRP G 3284 128.11 -5.43 -63.87
C TRP G 3284 128.49 -4.72 -62.57
N TRP G 3285 127.50 -4.10 -61.92
CA TRP G 3285 127.75 -3.55 -60.60
C TRP G 3285 128.09 -4.64 -59.60
N GLU G 3286 127.37 -5.76 -59.68
CA GLU G 3286 127.62 -6.85 -58.74
C GLU G 3286 129.04 -7.40 -58.90
N ARG G 3287 129.50 -7.53 -60.14
CA ARG G 3287 130.84 -8.09 -60.37
C ARG G 3287 131.90 -6.98 -60.36
N GLY G 3288 131.48 -5.73 -60.34
CA GLY G 3288 132.40 -4.62 -60.25
C GLY G 3288 132.81 -4.32 -58.83
N PRO G 3289 133.65 -3.30 -58.64
CA PRO G 3289 134.02 -2.91 -57.27
C PRO G 3289 132.86 -2.24 -56.57
N GLU G 3290 133.00 -2.08 -55.27
CA GLU G 3290 132.04 -1.45 -54.35
C GLU G 3290 130.83 -2.35 -54.12
N ALA G 3291 130.70 -3.45 -54.87
CA ALA G 3291 129.72 -4.47 -54.54
C ALA G 3291 130.23 -5.30 -53.37
N PRO G 3292 129.34 -5.95 -52.62
CA PRO G 3292 129.79 -6.75 -51.47
C PRO G 3292 130.70 -7.87 -51.93
N PRO G 3293 131.99 -7.78 -51.64
CA PRO G 3293 132.96 -8.67 -52.26
C PRO G 3293 133.29 -9.87 -51.38
N PRO G 3294 133.44 -11.05 -51.98
CA PRO G 3294 134.27 -12.08 -51.34
C PRO G 3294 135.74 -11.74 -51.60
N ALA G 3295 136.46 -11.38 -50.56
CA ALA G 3295 137.77 -10.74 -50.74
C ALA G 3295 138.74 -11.65 -51.48
N LEU G 3296 138.90 -12.90 -51.04
CA LEU G 3296 139.85 -13.79 -51.68
C LEU G 3296 139.48 -14.12 -53.12
N PRO G 3297 138.24 -14.56 -53.44
CA PRO G 3297 137.93 -14.83 -54.86
C PRO G 3297 138.04 -13.60 -55.75
N ALA G 3298 137.67 -12.43 -55.23
CA ALA G 3298 137.75 -11.21 -56.04
C ALA G 3298 139.14 -10.60 -55.97
N GLY G 3299 139.99 -11.12 -55.09
CA GLY G 3299 141.34 -10.59 -54.99
C GLY G 3299 142.20 -10.89 -56.21
N ALA G 3300 142.24 -12.16 -56.62
CA ALA G 3300 143.14 -12.54 -57.71
C ALA G 3300 142.76 -11.89 -59.04
N PRO G 3301 141.53 -11.99 -59.54
CA PRO G 3301 141.11 -11.11 -60.64
C PRO G 3301 140.46 -9.85 -60.11
N PRO G 3302 141.00 -8.68 -60.40
CA PRO G 3302 140.28 -7.41 -60.13
C PRO G 3302 139.14 -7.23 -61.10
N PRO G 3303 138.18 -6.34 -60.81
CA PRO G 3303 136.88 -6.41 -61.48
C PRO G 3303 136.95 -6.23 -62.99
N CYS G 3304 135.93 -6.75 -63.66
CA CYS G 3304 135.79 -6.55 -65.11
C CYS G 3304 135.25 -5.17 -65.44
N THR G 3305 134.48 -4.57 -64.55
CA THR G 3305 133.70 -3.37 -64.86
C THR G 3305 133.97 -2.30 -63.81
N ALA G 3306 133.77 -1.05 -64.21
CA ALA G 3306 133.88 0.09 -63.29
C ALA G 3306 132.52 0.63 -62.87
N VAL G 3307 131.43 -0.07 -63.18
CA VAL G 3307 130.10 0.42 -62.82
C VAL G 3307 129.95 0.44 -61.31
N THR G 3308 129.43 1.56 -60.79
CA THR G 3308 129.25 1.75 -59.37
C THR G 3308 127.87 2.30 -59.05
N SER G 3309 127.56 2.31 -57.76
CA SER G 3309 126.28 2.80 -57.30
C SER G 3309 126.04 4.25 -57.73
N ASP G 3310 127.11 5.04 -57.82
CA ASP G 3310 126.96 6.40 -58.31
C ASP G 3310 126.55 6.41 -59.78
N HIS G 3311 127.09 5.48 -60.57
CA HIS G 3311 126.63 5.34 -61.95
C HIS G 3311 125.15 5.01 -62.02
N LEU G 3312 124.70 4.03 -61.22
CA LEU G 3312 123.28 3.68 -61.25
C LEU G 3312 122.41 4.84 -60.81
N ASN G 3313 122.83 5.56 -59.76
CA ASN G 3313 122.05 6.69 -59.27
C ASN G 3313 121.98 7.80 -60.31
N SER G 3314 123.09 8.08 -60.98
CA SER G 3314 123.09 9.10 -62.03
C SER G 3314 122.15 8.71 -63.16
N LEU G 3315 122.16 7.43 -63.56
CA LEU G 3315 121.25 7.01 -64.61
C LEU G 3315 119.80 7.18 -64.19
N LEU G 3316 119.48 6.85 -62.95
CA LEU G 3316 118.11 7.03 -62.47
C LEU G 3316 117.73 8.50 -62.47
N GLY G 3317 118.66 9.37 -62.09
CA GLY G 3317 118.39 10.79 -62.13
C GLY G 3317 118.11 11.31 -63.52
N ASN G 3318 118.92 10.86 -64.50
CA ASN G 3318 118.65 11.25 -65.88
C ASN G 3318 117.31 10.73 -66.36
N ILE G 3319 116.94 9.52 -65.94
CA ILE G 3319 115.64 8.97 -66.32
C ILE G 3319 114.52 9.84 -65.77
N LEU G 3320 114.62 10.23 -64.50
CA LEU G 3320 113.60 11.11 -63.92
C LEU G 3320 113.53 12.44 -64.64
N ARG G 3321 114.69 13.03 -64.95
CA ARG G 3321 114.68 14.31 -65.66
C ARG G 3321 114.03 14.17 -67.02
N ILE G 3322 114.30 13.07 -67.73
CA ILE G 3322 113.65 12.83 -69.02
C ILE G 3322 112.15 12.77 -68.84
N ILE G 3323 111.69 12.04 -67.82
CA ILE G 3323 110.25 11.89 -67.61
C ILE G 3323 109.61 13.25 -67.35
N VAL G 3324 110.24 14.08 -66.51
CA VAL G 3324 109.63 15.38 -66.20
C VAL G 3324 109.70 16.32 -67.40
N ASN G 3325 110.73 16.17 -68.26
CA ASN G 3325 110.75 16.96 -69.48
C ASN G 3325 109.59 16.57 -70.39
N ASN G 3326 109.29 15.29 -70.50
CA ASN G 3326 108.13 14.86 -71.29
C ASN G 3326 106.85 14.76 -70.46
N LEU G 3327 106.72 15.56 -69.40
CA LEU G 3327 105.55 15.46 -68.54
C LEU G 3327 104.33 16.09 -69.19
N GLY G 3328 104.53 17.12 -70.02
CA GLY G 3328 103.41 17.88 -70.52
C GLY G 3328 102.60 17.15 -71.58
N ILE G 3329 103.27 16.40 -72.45
CA ILE G 3329 102.59 15.80 -73.60
C ILE G 3329 101.49 14.86 -73.13
N ASP G 3330 100.41 14.79 -73.90
CA ASP G 3330 99.21 14.10 -73.45
C ASP G 3330 99.44 12.60 -73.29
N GLU G 3331 100.06 11.97 -74.29
CA GLU G 3331 100.23 10.52 -74.28
C GLU G 3331 101.65 10.17 -74.67
N ALA G 3332 102.26 9.26 -73.92
CA ALA G 3332 103.59 8.74 -74.20
C ALA G 3332 103.62 7.26 -73.84
N THR G 3333 103.68 6.40 -74.86
CA THR G 3333 103.71 4.97 -74.62
C THR G 3333 105.04 4.56 -73.99
N TRP G 3334 106.06 5.41 -74.09
CA TRP G 3334 107.39 5.02 -73.62
C TRP G 3334 107.49 5.09 -72.11
N MET G 3335 106.59 5.83 -71.45
CA MET G 3335 106.76 6.10 -70.03
C MET G 3335 106.60 4.86 -69.18
N LYS G 3336 105.59 4.03 -69.47
CA LYS G 3336 105.39 2.81 -68.69
C LYS G 3336 106.58 1.86 -68.85
N ARG G 3337 107.07 1.71 -70.08
CA ARG G 3337 108.21 0.82 -70.31
C ARG G 3337 109.47 1.36 -69.62
N LEU G 3338 109.69 2.67 -69.69
CA LEU G 3338 110.85 3.22 -68.99
C LEU G 3338 110.74 3.02 -67.49
N ALA G 3339 109.53 3.15 -66.94
CA ALA G 3339 109.34 2.90 -65.51
C ALA G 3339 109.67 1.46 -65.16
N VAL G 3340 109.14 0.51 -65.94
CA VAL G 3340 109.34 -0.90 -65.58
C VAL G 3340 110.81 -1.30 -65.77
N PHE G 3341 111.51 -0.65 -66.69
CA PHE G 3341 112.94 -0.92 -66.83
C PHE G 3341 113.74 -0.25 -65.72
N ALA G 3342 113.27 0.91 -65.23
CA ALA G 3342 114.07 1.66 -64.27
C ALA G 3342 113.79 1.22 -62.83
N GLN G 3343 112.78 0.38 -62.63
CA GLN G 3343 112.48 -0.08 -61.28
C GLN G 3343 113.67 -0.75 -60.58
N PRO G 3344 114.45 -1.65 -61.21
CA PRO G 3344 115.57 -2.27 -60.47
C PRO G 3344 116.62 -1.29 -59.97
N ILE G 3345 116.89 -0.22 -60.72
CA ILE G 3345 117.96 0.71 -60.34
C ILE G 3345 117.58 1.53 -59.11
N VAL G 3346 116.27 1.60 -58.85
CA VAL G 3346 115.77 2.43 -57.75
C VAL G 3346 116.33 1.97 -56.42
N SER G 3347 116.37 0.66 -56.19
CA SER G 3347 116.90 0.15 -54.93
C SER G 3347 118.37 0.53 -54.74
N ARG G 3348 119.12 0.61 -55.84
CA ARG G 3348 120.54 0.93 -55.73
C ARG G 3348 120.75 2.43 -55.56
N ALA G 3349 119.77 3.24 -55.97
CA ALA G 3349 119.95 4.69 -55.96
C ALA G 3349 120.26 5.22 -54.55
N ARG G 3350 120.84 6.43 -54.50
CA ARG G 3350 121.24 7.04 -53.24
C ARG G 3350 120.25 8.12 -52.81
N PRO G 3351 120.17 8.41 -51.50
CA PRO G 3351 119.09 9.29 -51.00
C PRO G 3351 119.21 10.75 -51.41
N GLU G 3352 120.44 11.26 -51.54
CA GLU G 3352 120.61 12.66 -51.92
C GLU G 3352 119.89 12.96 -53.23
N LEU G 3353 119.76 11.95 -54.09
CA LEU G 3353 119.01 12.15 -55.32
C LEU G 3353 117.50 12.21 -55.06
N LEU G 3354 117.00 11.45 -54.07
CA LEU G 3354 115.57 11.57 -53.78
C LEU G 3354 115.25 12.95 -53.27
N HIS G 3355 116.17 13.54 -52.50
CA HIS G 3355 115.98 14.93 -52.12
C HIS G 3355 116.08 15.84 -53.33
N SER G 3356 117.02 15.55 -54.23
CA SER G 3356 117.25 16.44 -55.38
C SER G 3356 116.18 16.27 -56.45
N HIS G 3357 115.76 15.03 -56.71
CA HIS G 3357 114.90 14.75 -57.86
C HIS G 3357 113.45 14.46 -57.48
N PHE G 3358 113.22 13.50 -56.59
CA PHE G 3358 111.86 13.03 -56.33
C PHE G 3358 110.98 14.16 -55.80
N ILE G 3359 111.52 15.00 -54.91
CA ILE G 3359 110.73 16.08 -54.35
C ILE G 3359 110.29 17.06 -55.44
N PRO G 3360 111.16 17.57 -56.32
CA PRO G 3360 110.65 18.40 -57.42
C PRO G 3360 109.69 17.69 -58.35
N THR G 3361 109.93 16.40 -58.65
CA THR G 3361 109.01 15.69 -59.55
C THR G 3361 107.62 15.61 -58.95
N ILE G 3362 107.53 15.18 -57.69
CA ILE G 3362 106.22 15.06 -57.05
C ILE G 3362 105.61 16.44 -56.85
N GLY G 3363 106.45 17.47 -56.69
CA GLY G 3363 105.91 18.83 -56.61
C GLY G 3363 105.24 19.26 -57.89
N ARG G 3364 105.88 19.01 -59.03
CA ARG G 3364 105.24 19.32 -60.31
C ARG G 3364 103.97 18.51 -60.49
N LEU G 3365 104.01 17.23 -60.12
CA LEU G 3365 102.80 16.41 -60.23
C LEU G 3365 101.66 16.97 -59.38
N ARG G 3366 101.98 17.40 -58.15
CA ARG G 3366 100.96 17.95 -57.27
C ARG G 3366 100.41 19.26 -57.81
N LYS G 3367 101.28 20.11 -58.38
CA LYS G 3367 100.81 21.35 -58.96
C LYS G 3367 99.89 21.11 -60.15
N ARG G 3368 100.25 20.15 -61.02
CA ARG G 3368 99.36 19.81 -62.12
C ARG G 3368 98.03 19.27 -61.61
N ALA G 3369 98.07 18.42 -60.58
CA ALA G 3369 96.83 17.90 -60.01
C ALA G 3369 95.97 19.03 -59.46
N GLY G 3370 96.61 20.01 -58.81
CA GLY G 3370 95.87 21.15 -58.31
C GLY G 3370 95.20 21.93 -59.42
N LYS G 3371 95.92 22.17 -60.52
CA LYS G 3371 95.30 22.87 -61.64
C LYS G 3371 94.12 22.09 -62.21
N VAL G 3372 94.27 20.78 -62.37
CA VAL G 3372 93.18 19.98 -62.95
C VAL G 3372 91.96 19.97 -62.03
N VAL G 3373 92.18 19.81 -60.72
CA VAL G 3373 91.04 19.78 -59.80
C VAL G 3373 90.40 21.15 -59.70
N ALA G 3374 91.20 22.22 -59.85
CA ALA G 3374 90.62 23.56 -59.89
C ALA G 3374 89.73 23.73 -61.11
N GLU G 3375 90.18 23.26 -62.26
CA GLU G 3375 89.33 23.32 -63.45
C GLU G 3375 88.07 22.48 -63.28
N GLU G 3376 88.20 21.31 -62.66
CA GLU G 3376 87.03 20.45 -62.46
C GLU G 3376 86.02 21.11 -61.52
N GLU G 3377 86.49 21.74 -60.45
CA GLU G 3377 85.57 22.42 -59.54
C GLU G 3377 84.96 23.65 -60.22
N GLN G 3378 85.73 24.29 -61.10
CA GLN G 3378 85.17 25.39 -61.89
C GLN G 3378 84.03 24.91 -62.77
N LEU G 3379 84.20 23.75 -63.41
CA LEU G 3379 83.11 23.19 -64.20
C LEU G 3379 81.96 22.72 -63.31
N ARG G 3380 82.27 22.34 -62.08
CA ARG G 3380 81.23 21.81 -61.18
C ARG G 3380 80.33 22.91 -60.65
N LEU G 3381 80.90 24.08 -60.33
CA LEU G 3381 80.15 25.07 -59.55
C LEU G 3381 78.91 25.55 -60.30
N GLU G 3382 78.96 25.61 -61.62
CA GLU G 3382 77.78 25.91 -62.42
C GLU G 3382 77.48 24.74 -63.34
N ALA G 3383 76.19 24.46 -63.52
CA ALA G 3383 75.73 23.36 -64.37
C ALA G 3383 74.98 23.94 -65.56
N LYS G 3384 75.55 23.79 -66.75
CA LYS G 3384 74.95 24.35 -67.95
C LYS G 3384 75.55 23.60 -69.14
N ALA G 3385 74.86 23.67 -70.29
CA ALA G 3385 75.21 22.83 -71.43
C ALA G 3385 76.65 23.07 -71.88
N GLU G 3386 77.05 24.33 -72.02
CA GLU G 3386 78.43 24.64 -72.38
C GLU G 3386 79.38 24.24 -71.26
N ALA G 3387 78.92 24.29 -70.00
CA ALA G 3387 79.73 23.79 -68.90
C ALA G 3387 79.92 22.29 -69.00
N GLU G 3388 78.89 21.57 -69.45
CA GLU G 3388 79.05 20.15 -69.73
C GLU G 3388 80.09 19.93 -70.83
N GLU G 3389 80.10 20.80 -71.83
CA GLU G 3389 81.20 20.81 -72.78
C GLU G 3389 82.49 21.20 -72.06
N GLY G 3390 83.57 20.50 -72.38
CA GLY G 3390 84.80 20.68 -71.63
C GLY G 3390 84.97 19.73 -70.47
N GLU G 3391 83.91 19.02 -70.08
CA GLU G 3391 84.08 17.91 -69.15
C GLU G 3391 85.02 16.88 -69.75
N LEU G 3392 84.89 16.61 -71.04
CA LEU G 3392 85.80 15.68 -71.70
C LEU G 3392 87.23 16.20 -71.71
N LEU G 3393 87.42 17.52 -71.86
CA LEU G 3393 88.78 18.04 -71.87
C LEU G 3393 89.39 18.00 -70.47
N VAL G 3394 88.59 18.25 -69.44
CA VAL G 3394 89.12 18.12 -68.07
C VAL G 3394 89.41 16.65 -67.77
N ARG G 3395 88.64 15.74 -68.36
CA ARG G 3395 88.95 14.32 -68.22
C ARG G 3395 90.23 13.96 -68.97
N ASP G 3396 90.50 14.62 -70.09
CA ASP G 3396 91.76 14.38 -70.80
C ASP G 3396 92.94 14.89 -69.99
N GLU G 3397 92.78 16.04 -69.34
CA GLU G 3397 93.83 16.53 -68.43
C GLU G 3397 94.02 15.57 -67.27
N PHE G 3398 92.92 15.04 -66.72
CA PHE G 3398 93.04 14.02 -65.69
C PHE G 3398 93.76 12.78 -66.22
N SER G 3399 93.52 12.43 -67.49
CA SER G 3399 94.15 11.26 -68.07
C SER G 3399 95.65 11.45 -68.23
N VAL G 3400 96.08 12.60 -68.74
CA VAL G 3400 97.51 12.84 -68.88
C VAL G 3400 98.17 12.89 -67.50
N LEU G 3401 97.50 13.52 -66.53
CA LEU G 3401 98.05 13.56 -65.17
C LEU G 3401 98.17 12.17 -64.58
N CYS G 3402 97.15 11.33 -64.76
CA CYS G 3402 97.20 9.97 -64.21
C CYS G 3402 98.26 9.14 -64.90
N ARG G 3403 98.45 9.33 -66.20
CA ARG G 3403 99.50 8.59 -66.90
C ARG G 3403 100.88 8.98 -66.38
N ASP G 3404 101.13 10.28 -66.24
CA ASP G 3404 102.41 10.72 -65.70
C ASP G 3404 102.60 10.22 -64.27
N LEU G 3405 101.53 10.24 -63.48
CA LEU G 3405 101.63 9.82 -62.09
C LEU G 3405 101.87 8.32 -61.97
N TYR G 3406 101.25 7.52 -62.84
CA TYR G 3406 101.47 6.08 -62.80
C TYR G 3406 102.84 5.73 -63.36
N ALA G 3407 103.42 6.62 -64.16
CA ALA G 3407 104.82 6.41 -64.55
C ALA G 3407 105.77 6.73 -63.41
N LEU G 3408 105.50 7.81 -62.67
CA LEU G 3408 106.48 8.29 -61.70
C LEU G 3408 106.34 7.59 -60.35
N TYR G 3409 105.16 7.06 -60.05
CA TYR G 3409 104.87 6.61 -58.69
C TYR G 3409 105.48 5.25 -58.30
N PRO G 3410 105.54 4.24 -59.16
CA PRO G 3410 106.14 2.97 -58.71
C PRO G 3410 107.59 3.11 -58.26
N LEU G 3411 108.37 3.95 -58.94
CA LEU G 3411 109.73 4.22 -58.49
C LEU G 3411 109.72 4.85 -57.10
N LEU G 3412 108.80 5.80 -56.87
CA LEU G 3412 108.70 6.43 -55.56
C LEU G 3412 108.29 5.42 -54.50
N ILE G 3413 107.41 4.48 -54.85
CA ILE G 3413 107.00 3.45 -53.90
C ILE G 3413 108.19 2.58 -53.51
N ARG G 3414 108.93 2.09 -54.52
CA ARG G 3414 110.11 1.29 -54.24
C ARG G 3414 111.10 2.05 -53.37
N TYR G 3415 111.31 3.32 -53.69
CA TYR G 3415 112.39 4.07 -53.08
C TYR G 3415 112.03 4.47 -51.66
N VAL G 3416 110.76 4.80 -51.44
CA VAL G 3416 110.25 5.04 -50.10
C VAL G 3416 110.35 3.78 -49.26
N ASP G 3417 110.03 2.62 -49.85
CA ASP G 3417 110.18 1.38 -49.10
C ASP G 3417 111.62 1.13 -48.70
N ASN G 3418 112.56 1.50 -49.59
CA ASN G 3418 113.97 1.34 -49.23
C ASN G 3418 114.40 2.29 -48.12
N ASN G 3419 113.97 3.55 -48.18
CA ASN G 3419 114.50 4.57 -47.27
C ASN G 3419 113.62 4.87 -46.07
N ARG G 3420 112.50 4.16 -45.91
CA ARG G 3420 111.60 4.42 -44.80
C ARG G 3420 112.26 4.11 -43.47
N ALA G 3421 113.12 3.08 -43.44
CA ALA G 3421 113.82 2.75 -42.21
C ALA G 3421 114.67 3.92 -41.73
N HIS G 3422 115.47 4.50 -42.61
CA HIS G 3422 116.30 5.64 -42.22
CA HIS G 3422 116.30 5.64 -42.22
C HIS G 3422 115.45 6.83 -41.86
N TRP G 3423 114.38 7.09 -42.62
CA TRP G 3423 113.53 8.23 -42.31
C TRP G 3423 112.90 8.10 -40.93
N LEU G 3424 112.42 6.90 -40.58
CA LEU G 3424 111.79 6.72 -39.28
C LEU G 3424 112.82 6.74 -38.16
N THR G 3425 114.02 6.20 -38.42
CA THR G 3425 115.07 6.23 -37.40
C THR G 3425 115.51 7.65 -37.10
N GLU G 3426 115.67 8.47 -38.14
CA GLU G 3426 116.08 9.86 -37.98
C GLU G 3426 115.12 10.72 -38.79
N PRO G 3427 114.28 11.53 -38.14
CA PRO G 3427 113.28 12.31 -38.88
C PRO G 3427 113.92 13.23 -39.91
N ASN G 3428 113.28 13.33 -41.07
CA ASN G 3428 113.82 14.05 -42.21
C ASN G 3428 112.81 15.07 -42.72
N ALA G 3429 113.24 16.34 -42.82
CA ALA G 3429 112.37 17.38 -43.33
C ALA G 3429 111.98 17.13 -44.78
N ASN G 3430 112.91 16.63 -45.59
CA ASN G 3430 112.58 16.30 -46.97
C ASN G 3430 111.53 15.18 -47.03
N ALA G 3431 111.66 14.18 -46.17
CA ALA G 3431 110.67 13.12 -46.13
C ALA G 3431 109.30 13.65 -45.73
N GLU G 3432 109.27 14.56 -44.75
CA GLU G 3432 108.00 15.15 -44.34
C GLU G 3432 107.39 15.99 -45.46
N GLU G 3433 108.22 16.72 -46.19
CA GLU G 3433 107.70 17.51 -47.31
C GLU G 3433 107.14 16.62 -48.40
N LEU G 3434 107.84 15.52 -48.70
CA LEU G 3434 107.33 14.55 -49.66
C LEU G 3434 106.02 13.95 -49.20
N PHE G 3435 105.89 13.70 -47.89
CA PHE G 3435 104.62 13.21 -47.36
C PHE G 3435 103.51 14.22 -47.55
N ARG G 3436 103.80 15.50 -47.31
CA ARG G 3436 102.79 16.53 -47.56
C ARG G 3436 102.37 16.52 -49.02
N MET G 3437 103.33 16.40 -49.93
CA MET G 3437 103.01 16.39 -51.36
C MET G 3437 102.12 15.21 -51.72
N VAL G 3438 102.51 13.99 -51.31
CA VAL G 3438 101.73 12.82 -51.70
C VAL G 3438 100.36 12.86 -51.03
N GLY G 3439 100.29 13.38 -49.80
CA GLY G 3439 99.01 13.52 -49.14
C GLY G 3439 98.09 14.49 -49.84
N GLU G 3440 98.63 15.62 -50.33
CA GLU G 3440 97.81 16.55 -51.08
C GLU G 3440 97.31 15.92 -52.37
N ILE G 3441 98.17 15.16 -53.06
CA ILE G 3441 97.74 14.49 -54.28
C ILE G 3441 96.62 13.50 -53.97
N PHE G 3442 96.78 12.73 -52.89
CA PHE G 3442 95.75 11.77 -52.51
C PHE G 3442 94.45 12.48 -52.12
N ILE G 3443 94.57 13.65 -51.49
CA ILE G 3443 93.38 14.42 -51.12
C ILE G 3443 92.64 14.87 -52.37
N TYR G 3444 93.37 15.38 -53.37
CA TYR G 3444 92.73 15.71 -54.64
C TYR G 3444 92.06 14.50 -55.26
N TRP G 3445 92.73 13.35 -55.23
CA TRP G 3445 92.15 12.15 -55.82
C TRP G 3445 90.87 11.76 -55.11
N SER G 3446 90.86 11.82 -53.77
CA SER G 3446 89.66 11.45 -53.02
C SER G 3446 88.52 12.43 -53.27
N LYS G 3447 88.83 13.73 -53.32
CA LYS G 3447 87.79 14.72 -53.56
C LYS G 3447 87.21 14.58 -54.96
N SER G 3448 88.04 14.32 -55.95
CA SER G 3448 87.65 14.37 -57.35
C SER G 3448 87.23 13.00 -57.84
N HIS G 3449 85.92 12.80 -57.99
CA HIS G 3449 85.43 11.57 -58.60
C HIS G 3449 85.91 11.44 -60.03
N ASN G 3450 86.10 12.57 -60.71
CA ASN G 3450 86.70 12.53 -62.05
C ASN G 3450 88.12 11.99 -61.99
N PHE G 3451 88.90 12.43 -60.99
CA PHE G 3451 90.25 11.89 -60.81
C PHE G 3451 90.19 10.38 -60.58
N LYS G 3452 89.27 9.93 -59.71
CA LYS G 3452 89.19 8.51 -59.42
C LYS G 3452 88.84 7.70 -60.66
N ARG G 3453 87.81 8.13 -61.39
CA ARG G 3453 87.37 7.36 -62.56
C ARG G 3453 88.44 7.39 -63.65
N GLU G 3454 89.13 8.52 -63.81
CA GLU G 3454 90.14 8.60 -64.86
C GLU G 3454 91.36 7.75 -64.53
N GLU G 3455 91.76 7.72 -63.25
CA GLU G 3455 92.84 6.84 -62.85
C GLU G 3455 92.46 5.38 -63.07
N GLN G 3456 91.23 5.00 -62.74
CA GLN G 3456 90.78 3.63 -63.00
C GLN G 3456 90.78 3.33 -64.50
N ASN G 3457 90.37 4.32 -65.31
CA ASN G 3457 90.38 4.13 -66.76
C ASN G 3457 91.80 3.92 -67.27
N PHE G 3458 92.75 4.71 -66.80
CA PHE G 3458 94.13 4.52 -67.23
C PHE G 3458 94.64 3.15 -66.81
N VAL G 3459 94.23 2.70 -65.61
CA VAL G 3459 94.59 1.35 -65.17
C VAL G 3459 94.09 0.30 -66.15
N VAL G 3460 92.81 0.38 -66.53
CA VAL G 3460 92.25 -0.68 -67.36
C VAL G 3460 92.84 -0.64 -68.77
N GLN G 3461 93.06 0.56 -69.33
CA GLN G 3461 93.72 0.62 -70.64
C GLN G 3461 95.14 0.09 -70.58
N ASN G 3462 95.87 0.35 -69.49
CA ASN G 3462 97.18 -0.28 -69.35
C ASN G 3462 97.06 -1.79 -69.20
N GLU G 3463 95.95 -2.26 -68.64
CA GLU G 3463 95.72 -3.66 -68.27
C GLU G 3463 96.74 -4.13 -67.25
N ILE G 3464 97.37 -3.21 -66.51
CA ILE G 3464 98.36 -3.58 -65.52
C ILE G 3464 97.67 -4.11 -64.27
N ASN G 3465 98.30 -5.10 -63.63
CA ASN G 3465 97.74 -5.65 -62.40
C ASN G 3465 97.81 -4.64 -61.27
N ASN G 3466 98.73 -3.68 -61.36
CA ASN G 3466 99.00 -2.59 -60.41
C ASN G 3466 99.59 -3.14 -59.12
N MET G 3467 99.68 -4.46 -58.96
CA MET G 3467 100.47 -5.07 -57.89
C MET G 3467 101.87 -5.43 -58.37
N SER G 3468 102.18 -5.16 -59.64
CA SER G 3468 103.46 -5.57 -60.18
C SER G 3468 104.62 -4.89 -59.46
N PHE G 3469 104.41 -3.66 -58.99
CA PHE G 3469 105.48 -2.93 -58.31
C PHE G 3469 105.72 -3.48 -56.90
N LEU G 3470 104.65 -3.82 -56.18
CA LEU G 3470 104.81 -4.47 -54.88
C LEU G 3470 105.47 -5.84 -55.04
N THR G 3471 105.04 -6.61 -56.05
CA THR G 3471 105.70 -7.89 -56.31
C THR G 3471 107.15 -7.68 -56.76
N ALA G 3472 107.44 -6.53 -57.40
CA ALA G 3472 108.81 -6.22 -57.77
C ALA G 3472 109.67 -5.94 -56.55
N ASP G 3473 109.10 -5.26 -55.55
CA ASP G 3473 109.80 -5.12 -54.28
C ASP G 3473 110.05 -6.47 -53.62
N SER G 3474 109.02 -7.33 -53.62
CA SER G 3474 109.17 -8.67 -53.05
C SER G 3474 110.26 -9.47 -53.77
N LYS G 3475 110.31 -9.38 -55.10
CA LYS G 3475 111.39 -10.01 -55.86
C LYS G 3475 112.74 -9.36 -55.53
N SER G 3476 112.74 -8.05 -55.30
CA SER G 3476 113.95 -7.32 -55.02
C SER G 3476 114.60 -7.79 -53.73
N LYS G 3477 113.79 -8.13 -52.71
CA LYS G 3477 114.42 -8.75 -51.55
C LYS G 3477 114.70 -10.22 -51.87
N MET G 3478 113.78 -10.85 -52.62
CA MET G 3478 113.76 -12.30 -52.84
C MET G 3478 113.41 -13.06 -51.57
N ALA G 3479 112.14 -12.99 -51.15
CA ALA G 3479 111.66 -13.84 -50.09
C ALA G 3479 111.73 -15.30 -50.53
N ARG G 3498 92.10 -13.15 -57.07
CA ARG G 3498 91.29 -13.31 -58.27
C ARG G 3498 90.84 -11.95 -58.80
N ARG G 3499 89.56 -11.63 -58.62
CA ARG G 3499 89.04 -10.33 -59.04
C ARG G 3499 89.70 -9.21 -58.26
N GLY G 3500 89.86 -9.37 -56.95
CA GLY G 3500 90.59 -8.39 -56.17
C GLY G 3500 92.06 -8.31 -56.54
N ASP G 3501 92.63 -9.45 -56.95
CA ASP G 3501 94.03 -9.47 -57.35
C ASP G 3501 94.28 -8.61 -58.59
N ARG G 3502 93.35 -8.65 -59.56
CA ARG G 3502 93.54 -7.92 -60.80
C ARG G 3502 93.66 -6.43 -60.55
N TYR G 3503 92.71 -5.86 -59.80
CA TYR G 3503 92.73 -4.44 -59.49
C TYR G 3503 91.92 -4.20 -58.23
N SER G 3504 92.42 -3.32 -57.37
CA SER G 3504 91.76 -3.02 -56.10
C SER G 3504 92.24 -1.66 -55.60
N VAL G 3505 91.81 -1.34 -54.38
CA VAL G 3505 92.16 -0.04 -53.80
C VAL G 3505 93.65 0.02 -53.48
N GLN G 3506 94.13 -0.91 -52.64
CA GLN G 3506 95.54 -0.89 -52.25
C GLN G 3506 96.45 -1.08 -53.46
N THR G 3507 95.92 -1.64 -54.55
CA THR G 3507 96.70 -1.74 -55.77
C THR G 3507 96.86 -0.39 -56.44
N SER G 3508 95.91 0.52 -56.23
CA SER G 3508 95.98 1.84 -56.84
C SER G 3508 97.16 2.62 -56.28
N LEU G 3509 97.91 3.26 -57.18
CA LEU G 3509 99.20 3.82 -56.81
C LEU G 3509 99.07 4.96 -55.81
N ILE G 3510 98.09 5.84 -56.00
CA ILE G 3510 98.02 7.01 -55.13
C ILE G 3510 97.74 6.61 -53.68
N VAL G 3511 96.79 5.70 -53.47
CA VAL G 3511 96.49 5.27 -52.11
C VAL G 3511 97.61 4.41 -51.56
N ALA G 3512 98.19 3.54 -52.39
CA ALA G 3512 99.29 2.71 -51.92
C ALA G 3512 100.46 3.55 -51.44
N THR G 3513 100.84 4.56 -52.23
CA THR G 3513 101.94 5.43 -51.84
C THR G 3513 101.59 6.26 -50.62
N LEU G 3514 100.33 6.69 -50.52
CA LEU G 3514 99.92 7.44 -49.33
C LEU G 3514 100.06 6.58 -48.09
N LYS G 3515 99.64 5.31 -48.16
CA LYS G 3515 99.82 4.41 -47.02
C LYS G 3515 101.29 4.20 -46.71
N LYS G 3516 102.12 4.00 -47.73
CA LYS G 3516 103.54 3.74 -47.49
C LYS G 3516 104.20 4.93 -46.81
N MET G 3517 103.88 6.15 -47.24
CA MET G 3517 104.56 7.32 -46.68
C MET G 3517 103.80 7.89 -45.48
N LEU G 3518 102.65 7.31 -45.12
CA LEU G 3518 101.95 7.73 -43.91
C LEU G 3518 102.78 7.62 -42.63
N PRO G 3519 103.58 6.58 -42.40
CA PRO G 3519 104.30 6.50 -41.11
C PRO G 3519 105.16 7.72 -40.83
N ILE G 3520 105.72 8.37 -41.86
CA ILE G 3520 106.48 9.59 -41.63
C ILE G 3520 105.56 10.69 -41.09
N GLY G 3521 104.36 10.80 -41.66
CA GLY G 3521 103.42 11.80 -41.18
C GLY G 3521 102.94 11.52 -39.77
N LEU G 3522 102.78 10.25 -39.42
CA LEU G 3522 102.43 9.92 -38.04
C LEU G 3522 103.60 10.20 -37.11
N ASN G 3523 104.82 9.95 -37.56
CA ASN G 3523 106.00 10.14 -36.74
C ASN G 3523 106.23 11.62 -36.43
N MET G 3524 106.02 12.49 -37.41
CA MET G 3524 106.26 13.91 -37.18
C MET G 3524 105.30 14.46 -36.13
N CYS G 3525 104.07 13.99 -36.12
CA CYS G 3525 103.11 14.42 -35.11
C CYS G 3525 103.48 13.82 -33.75
N ALA G 3526 103.36 14.64 -32.70
CA ALA G 3526 103.66 14.17 -31.36
C ALA G 3526 102.57 13.24 -30.85
N PRO G 3527 102.90 12.35 -29.91
CA PRO G 3527 101.85 11.52 -29.31
C PRO G 3527 100.77 12.34 -28.61
N THR G 3528 101.15 13.43 -27.95
CA THR G 3528 100.16 14.32 -27.34
C THR G 3528 99.27 14.94 -28.39
N ASP G 3529 99.75 15.00 -29.64
CA ASP G 3529 98.99 15.60 -30.72
C ASP G 3529 97.82 14.74 -31.14
N GLN G 3530 97.70 13.53 -30.59
CA GLN G 3530 96.77 12.56 -31.15
C GLN G 3530 95.32 12.94 -30.86
N ASP G 3531 95.06 13.52 -29.70
CA ASP G 3531 93.69 13.97 -29.40
C ASP G 3531 93.31 15.14 -30.31
N LEU G 3532 94.24 16.06 -30.54
CA LEU G 3532 94.02 17.11 -31.52
C LEU G 3532 93.75 16.52 -32.90
N ILE G 3533 94.47 15.47 -33.25
CA ILE G 3533 94.25 14.78 -34.53
C ILE G 3533 92.84 14.23 -34.59
N MET G 3534 92.39 13.59 -33.51
CA MET G 3534 91.06 13.00 -33.49
C MET G 3534 89.97 14.06 -33.64
N LEU G 3535 90.12 15.18 -32.93
CA LEU G 3535 89.08 16.21 -33.00
C LEU G 3535 89.12 16.94 -34.34
N ALA G 3536 90.30 17.04 -34.95
CA ALA G 3536 90.38 17.59 -36.30
C ALA G 3536 89.78 16.63 -37.32
N LYS G 3537 89.89 15.32 -37.06
CA LYS G 3537 89.19 14.34 -37.89
C LYS G 3537 87.68 14.53 -37.78
N THR G 3538 87.19 14.80 -36.57
CA THR G 3538 85.78 15.12 -36.41
C THR G 3538 85.40 16.36 -37.20
N ARG G 3539 86.26 17.38 -37.17
CA ARG G 3539 86.00 18.59 -37.96
C ARG G 3539 85.96 18.29 -39.46
N TYR G 3540 86.88 17.47 -39.95
CA TYR G 3540 86.86 17.12 -41.37
C TYR G 3540 85.63 16.28 -41.72
N ALA G 3541 85.14 15.49 -40.78
CA ALA G 3541 83.85 14.86 -40.96
C ALA G 3541 82.74 15.90 -41.02
N LEU G 3542 82.93 17.03 -40.35
CA LEU G 3542 81.96 18.12 -40.43
C LEU G 3542 82.11 18.88 -41.75
N LYS G 3543 83.14 18.53 -42.54
CA LYS G 3543 83.34 19.07 -43.89
C LYS G 3543 83.66 20.56 -43.90
N ASP G 3544 84.13 21.08 -42.77
CA ASP G 3544 84.65 22.44 -42.75
C ASP G 3544 86.02 22.49 -43.42
N THR G 3545 86.38 23.67 -43.91
CA THR G 3545 87.59 23.80 -44.73
C THR G 3545 88.84 23.70 -43.88
N ASP G 3546 89.98 23.55 -44.56
CA ASP G 3546 91.25 23.34 -43.88
C ASP G 3546 91.64 24.53 -43.01
N GLU G 3547 91.41 25.75 -43.49
CA GLU G 3547 91.73 26.92 -42.68
C GLU G 3547 90.81 27.01 -41.46
N GLU G 3548 89.54 26.67 -41.64
CA GLU G 3548 88.62 26.68 -40.50
C GLU G 3548 89.04 25.67 -39.44
N VAL G 3549 89.42 24.46 -39.86
CA VAL G 3549 89.83 23.46 -38.87
C VAL G 3549 91.18 23.86 -38.27
N ARG G 3550 92.00 24.59 -39.02
CA ARG G 3550 93.23 25.12 -38.46
C ARG G 3550 92.94 26.11 -37.32
N GLU G 3551 92.00 27.03 -37.54
CA GLU G 3551 91.64 27.97 -36.48
C GLU G 3551 91.00 27.25 -35.29
N PHE G 3552 90.17 26.25 -35.58
CA PHE G 3552 89.55 25.46 -34.52
C PHE G 3552 90.62 24.72 -33.71
N LEU G 3553 91.66 24.23 -34.38
CA LEU G 3553 92.79 23.63 -33.68
C LEU G 3553 93.51 24.66 -32.81
N GLN G 3554 93.68 25.87 -33.34
CA GLN G 3554 94.27 26.94 -32.54
C GLN G 3554 93.48 27.18 -31.26
N ASN G 3555 92.15 27.11 -31.36
CA ASN G 3555 91.32 27.22 -30.16
C ASN G 3555 91.40 25.96 -29.30
N ASN G 3556 91.74 24.83 -29.92
CA ASN G 3556 91.58 23.53 -29.27
C ASN G 3556 92.88 22.98 -28.69
N LEU G 3557 93.96 23.78 -28.63
CA LEU G 3557 95.25 23.24 -28.22
C LEU G 3557 95.19 22.66 -26.81
N HIS G 3558 94.52 23.35 -25.89
CA HIS G 3558 94.50 22.91 -24.50
C HIS G 3558 93.53 21.75 -24.28
N LEU G 3559 92.73 21.40 -25.30
CA LEU G 3559 91.97 20.15 -25.21
C LEU G 3559 92.84 18.95 -25.52
N GLN G 3560 94.06 19.15 -26.02
CA GLN G 3560 94.91 18.02 -26.36
C GLN G 3560 95.32 17.28 -25.09
N GLY G 3561 95.54 15.98 -25.24
CA GLY G 3561 95.87 15.16 -24.07
C GLY G 3561 97.21 15.56 -23.49
N LYS G 3562 97.26 15.61 -22.15
CA LYS G 3562 98.50 15.94 -21.46
C LYS G 3562 99.30 14.68 -21.15
N VAL G 3563 100.61 14.86 -21.02
CA VAL G 3563 101.49 13.71 -20.83
C VAL G 3563 101.25 13.05 -19.48
N GLU G 3564 100.94 13.84 -18.45
CA GLU G 3564 100.78 13.29 -17.11
C GLU G 3564 99.44 12.56 -16.98
N GLY G 3565 98.51 12.82 -17.90
CA GLY G 3565 97.20 12.19 -17.80
C GLY G 3565 97.23 10.69 -18.04
N SER G 3566 97.94 10.24 -19.08
CA SER G 3566 97.85 8.86 -19.51
C SER G 3566 99.22 8.18 -19.48
N PRO G 3567 99.32 6.98 -18.90
CA PRO G 3567 100.62 6.29 -18.89
C PRO G 3567 101.06 5.79 -20.26
N SER G 3568 100.14 5.21 -21.03
CA SER G 3568 100.48 4.76 -22.37
C SER G 3568 100.96 5.92 -23.23
N LEU G 3569 100.23 7.02 -23.19
CA LEU G 3569 100.66 8.22 -23.91
C LEU G 3569 101.97 8.74 -23.31
N ARG G 3570 102.20 8.48 -22.03
CA ARG G 3570 103.46 8.91 -21.41
C ARG G 3570 104.65 8.18 -22.00
N TRP G 3571 104.57 6.85 -22.13
CA TRP G 3571 105.68 6.12 -22.73
C TRP G 3571 105.81 6.43 -24.22
N GLN G 3572 104.68 6.68 -24.89
CA GLN G 3572 104.75 7.12 -26.28
C GLN G 3572 105.50 8.43 -26.41
N MET G 3573 105.22 9.39 -25.52
CA MET G 3573 105.90 10.68 -25.61
C MET G 3573 107.36 10.52 -25.21
N ALA G 3574 107.66 9.60 -24.28
CA ALA G 3574 109.05 9.34 -23.94
C ALA G 3574 109.82 8.84 -25.16
N LEU G 3575 109.23 7.90 -25.91
CA LEU G 3575 109.84 7.49 -27.17
C LEU G 3575 109.99 8.68 -28.12
N TYR G 3576 108.96 9.51 -28.20
CA TYR G 3576 109.01 10.68 -29.08
C TYR G 3576 110.19 11.59 -28.72
N ARG G 3577 110.44 11.78 -27.43
CA ARG G 3577 111.63 12.51 -27.01
C ARG G 3577 112.90 11.75 -27.40
N GLY G 3578 112.81 10.42 -27.48
CA GLY G 3578 113.98 9.63 -27.82
C GLY G 3578 114.53 9.96 -29.19
N LEU G 3579 113.66 10.16 -30.17
CA LEU G 3579 114.12 10.44 -31.54
C LEU G 3579 114.85 11.78 -31.57
N PRO G 3580 116.00 11.84 -32.25
CA PRO G 3580 116.76 13.10 -32.29
C PRO G 3580 116.07 14.23 -33.04
N GLY G 3581 115.25 13.91 -34.03
CA GLY G 3581 114.71 14.95 -34.90
C GLY G 3581 113.75 15.89 -34.18
N ARG G 3582 112.89 15.35 -33.32
CA ARG G 3582 111.85 16.15 -32.70
C ARG G 3582 112.43 17.10 -31.66
N GLU G 3583 112.00 18.36 -31.70
CA GLU G 3583 112.44 19.37 -30.77
C GLU G 3583 111.25 20.06 -30.13
N GLU G 3584 111.46 20.56 -28.91
CA GLU G 3584 110.45 21.38 -28.25
C GLU G 3584 110.18 22.65 -29.06
N ASP G 3585 111.23 23.25 -29.62
CA ASP G 3585 111.03 24.36 -30.55
C ASP G 3585 110.38 23.87 -31.83
N ALA G 3586 110.58 22.60 -32.19
CA ALA G 3586 109.95 22.05 -33.39
C ALA G 3586 108.45 21.88 -33.18
N ASP G 3587 108.01 21.71 -31.93
CA ASP G 3587 106.56 21.73 -31.66
C ASP G 3587 106.17 23.10 -31.08
N ASP G 3588 106.21 24.10 -31.95
CA ASP G 3588 105.61 25.39 -31.64
C ASP G 3588 104.09 25.26 -31.77
N PRO G 3589 103.31 26.10 -31.09
CA PRO G 3589 101.85 25.90 -31.12
C PRO G 3589 101.26 25.91 -32.52
N GLU G 3590 101.59 26.93 -33.31
CA GLU G 3590 101.06 27.03 -34.68
C GLU G 3590 101.57 25.88 -35.54
N LYS G 3591 102.81 25.45 -35.35
CA LYS G 3591 103.32 24.38 -36.20
C LYS G 3591 102.68 23.04 -35.81
N ILE G 3592 102.35 22.88 -34.52
CA ILE G 3592 101.55 21.74 -34.09
C ILE G 3592 100.18 21.77 -34.75
N VAL G 3593 99.50 22.91 -34.74
CA VAL G 3593 98.17 22.92 -35.35
C VAL G 3593 98.27 22.65 -36.84
N ARG G 3594 99.34 23.11 -37.49
CA ARG G 3594 99.50 22.87 -38.92
C ARG G 3594 99.72 21.38 -39.21
N ARG G 3595 100.64 20.74 -38.48
CA ARG G 3595 100.91 19.33 -38.75
C ARG G 3595 99.72 18.46 -38.38
N VAL G 3596 99.01 18.82 -37.31
CA VAL G 3596 97.79 18.10 -36.96
C VAL G 3596 96.74 18.25 -38.04
N GLN G 3597 96.60 19.45 -38.60
CA GLN G 3597 95.65 19.66 -39.70
C GLN G 3597 95.99 18.76 -40.88
N GLU G 3598 97.27 18.76 -41.29
CA GLU G 3598 97.67 17.92 -42.41
C GLU G 3598 97.40 16.45 -42.15
N VAL G 3599 97.88 15.95 -41.01
CA VAL G 3599 97.75 14.53 -40.71
C VAL G 3599 96.28 14.14 -40.58
N SER G 3600 95.45 15.04 -40.04
CA SER G 3600 94.04 14.75 -39.88
C SER G 3600 93.34 14.68 -41.23
N ALA G 3601 93.65 15.61 -42.13
CA ALA G 3601 93.04 15.54 -43.46
C ALA G 3601 93.44 14.25 -44.17
N VAL G 3602 94.72 13.90 -44.09
CA VAL G 3602 95.18 12.65 -44.71
C VAL G 3602 94.46 11.46 -44.10
N LEU G 3603 94.35 11.42 -42.78
CA LEU G 3603 93.71 10.29 -42.11
C LEU G 3603 92.24 10.18 -42.48
N TYR G 3604 91.54 11.32 -42.53
CA TYR G 3604 90.12 11.29 -42.87
C TYR G 3604 89.90 10.77 -44.28
N HIS G 3605 90.60 11.35 -45.26
CA HIS G 3605 90.41 10.86 -46.62
C HIS G 3605 90.92 9.43 -46.76
N LEU G 3606 91.90 9.05 -45.93
CA LEU G 3606 92.43 7.69 -45.98
C LEU G 3606 91.40 6.68 -45.51
N GLU G 3607 90.69 6.97 -44.42
CA GLU G 3607 89.66 6.04 -43.97
C GLU G 3607 88.51 5.99 -44.96
N GLN G 3608 88.13 7.15 -45.53
CA GLN G 3608 87.09 7.14 -46.55
C GLN G 3608 87.49 6.26 -47.74
N THR G 3609 88.74 6.35 -48.18
CA THR G 3609 89.21 5.50 -49.27
C THR G 3609 89.29 4.04 -48.84
N GLU G 3610 89.74 3.80 -47.60
CA GLU G 3610 89.94 2.44 -47.13
C GLU G 3610 88.65 1.66 -47.07
N HIS G 3611 87.59 2.25 -46.51
CA HIS G 3611 86.29 1.59 -46.52
C HIS G 3611 85.40 2.29 -47.53
N PRO G 3612 85.15 1.69 -48.70
CA PRO G 3612 84.27 2.34 -49.69
C PRO G 3612 82.80 2.31 -49.29
N TYR G 3613 82.43 1.43 -48.37
CA TYR G 3613 81.05 1.15 -47.94
C TYR G 3613 80.09 1.05 -49.11
N LYS G 3614 80.54 0.54 -50.27
CA LYS G 3614 79.64 0.39 -51.41
C LYS G 3614 78.62 -0.71 -51.17
N SER G 3615 79.02 -1.77 -50.49
CA SER G 3615 78.13 -2.90 -50.25
C SER G 3615 77.00 -2.51 -49.31
N LYS G 3616 75.86 -3.18 -49.46
CA LYS G 3616 74.63 -3.02 -48.68
C LYS G 3616 74.00 -1.65 -48.85
N LYS G 3617 74.54 -0.78 -49.70
CA LYS G 3617 73.90 0.52 -49.95
C LYS G 3617 72.56 0.36 -50.62
N ALA G 3618 72.48 -0.53 -51.63
CA ALA G 3618 71.25 -0.78 -52.37
C ALA G 3618 71.02 -2.29 -52.44
N VAL G 3619 70.34 -2.83 -51.43
CA VAL G 3619 70.01 -4.24 -51.44
C VAL G 3619 68.72 -4.46 -52.21
N TRP G 3620 68.75 -5.37 -53.18
CA TRP G 3620 67.64 -5.63 -54.08
C TRP G 3620 66.97 -6.94 -53.69
N HIS G 3621 65.65 -6.90 -53.50
CA HIS G 3621 64.92 -8.09 -53.08
C HIS G 3621 64.76 -9.08 -54.23
N LYS G 3622 64.63 -8.57 -55.47
CA LYS G 3622 64.52 -9.37 -56.69
C LYS G 3622 63.53 -10.52 -56.55
N LEU G 3623 62.39 -10.25 -55.90
CA LEU G 3623 61.37 -11.29 -55.75
C LEU G 3623 60.81 -11.73 -57.10
N LEU G 3624 60.55 -10.78 -57.99
CA LEU G 3624 59.99 -11.08 -59.30
C LEU G 3624 61.04 -11.14 -60.41
N SER G 3625 62.34 -11.08 -60.05
CA SER G 3625 63.38 -10.90 -61.05
C SER G 3625 63.47 -12.09 -62.00
N LYS G 3626 63.20 -13.30 -61.51
CA LYS G 3626 63.28 -14.47 -62.38
C LYS G 3626 62.20 -14.42 -63.45
N GLN G 3627 60.95 -14.14 -63.06
CA GLN G 3627 59.89 -14.01 -64.04
C GLN G 3627 60.15 -12.84 -64.98
N ARG G 3628 60.71 -11.75 -64.45
CA ARG G 3628 61.01 -10.58 -65.28
C ARG G 3628 62.09 -10.90 -66.32
N ARG G 3629 63.13 -11.64 -65.92
CA ARG G 3629 64.17 -12.01 -66.87
C ARG G 3629 63.63 -12.96 -67.94
N ARG G 3630 62.79 -13.92 -67.55
CA ARG G 3630 62.17 -14.78 -68.55
C ARG G 3630 61.31 -13.96 -69.51
N ALA G 3631 60.53 -13.02 -68.98
CA ALA G 3631 59.66 -12.20 -69.82
C ALA G 3631 60.46 -11.32 -70.78
N VAL G 3632 61.53 -10.70 -70.29
CA VAL G 3632 62.31 -9.81 -71.16
C VAL G 3632 63.03 -10.62 -72.23
N VAL G 3633 63.52 -11.82 -71.88
CA VAL G 3633 64.11 -12.68 -72.90
C VAL G 3633 63.09 -13.03 -73.98
N ALA G 3634 61.88 -13.43 -73.55
CA ALA G 3634 60.83 -13.77 -74.51
C ALA G 3634 60.48 -12.57 -75.39
N CYS G 3635 60.38 -11.38 -74.79
CA CYS G 3635 60.07 -10.18 -75.56
C CYS G 3635 61.18 -9.84 -76.54
N PHE G 3636 62.43 -10.03 -76.14
CA PHE G 3636 63.55 -9.77 -77.04
C PHE G 3636 63.51 -10.70 -78.25
N ARG G 3637 63.13 -11.96 -78.05
CA ARG G 3637 62.96 -12.85 -79.19
C ARG G 3637 61.51 -12.98 -79.65
N MET G 3638 60.65 -12.03 -79.28
CA MET G 3638 59.24 -12.11 -79.63
C MET G 3638 59.02 -11.67 -81.08
N THR G 3639 58.07 -12.33 -81.74
CA THR G 3639 57.94 -12.22 -83.19
C THR G 3639 57.01 -11.07 -83.59
N PRO G 3640 57.42 -10.24 -84.54
CA PRO G 3640 56.66 -9.01 -84.82
C PRO G 3640 55.33 -9.27 -85.51
N LEU G 3641 54.45 -8.27 -85.41
CA LEU G 3641 53.11 -8.37 -85.97
C LEU G 3641 53.16 -8.51 -87.49
N TYR G 3642 54.10 -7.82 -88.14
CA TYR G 3642 54.20 -7.93 -89.59
C TYR G 3642 54.65 -9.32 -90.01
N ASN G 3643 55.37 -10.02 -89.13
CA ASN G 3643 55.70 -11.41 -89.38
C ASN G 3643 54.50 -12.32 -89.12
N LEU G 3644 53.67 -11.95 -88.16
CA LEU G 3644 52.54 -12.80 -87.79
C LEU G 3644 51.56 -12.92 -88.96
N PRO G 3645 50.90 -14.08 -89.13
CA PRO G 3645 50.11 -14.32 -90.34
C PRO G 3645 48.89 -13.40 -90.46
N THR G 3646 48.39 -13.32 -91.70
CA THR G 3646 47.40 -12.31 -92.04
C THR G 3646 46.06 -12.56 -91.35
N HIS G 3647 45.55 -13.78 -91.41
CA HIS G 3647 44.25 -14.06 -90.81
C HIS G 3647 44.29 -13.93 -89.29
N ARG G 3648 45.37 -14.38 -88.67
CA ARG G 3648 45.51 -14.20 -87.23
C ARG G 3648 45.56 -12.71 -86.88
N ALA G 3649 46.30 -11.93 -87.66
CA ALA G 3649 46.34 -10.49 -87.44
C ALA G 3649 44.96 -9.87 -87.60
N CYS G 3650 44.17 -10.37 -88.55
CA CYS G 3650 42.81 -9.89 -88.71
C CYS G 3650 41.99 -10.17 -87.46
N ASN G 3651 42.14 -11.36 -86.88
CA ASN G 3651 41.39 -11.69 -85.66
C ASN G 3651 41.78 -10.77 -84.51
N MET G 3652 43.09 -10.56 -84.32
CA MET G 3652 43.52 -9.64 -83.27
C MET G 3652 43.02 -8.22 -83.53
N PHE G 3653 43.00 -7.81 -84.80
CA PHE G 3653 42.47 -6.48 -85.12
C PHE G 3653 40.99 -6.39 -84.76
N LEU G 3654 40.22 -7.44 -85.05
CA LEU G 3654 38.81 -7.43 -84.69
C LEU G 3654 38.64 -7.27 -83.19
N GLU G 3655 39.41 -8.03 -82.41
CA GLU G 3655 39.30 -7.93 -80.96
C GLU G 3655 39.71 -6.54 -80.46
N SER G 3656 40.85 -6.03 -80.94
CA SER G 3656 41.33 -4.72 -80.50
C SER G 3656 40.38 -3.62 -80.91
N TYR G 3657 39.79 -3.72 -82.10
CA TYR G 3657 38.90 -2.67 -82.58
C TYR G 3657 37.61 -2.66 -81.79
N LYS G 3658 37.06 -3.85 -81.48
CA LYS G 3658 35.86 -3.89 -80.65
C LYS G 3658 36.17 -3.37 -79.25
N ALA G 3659 37.40 -3.57 -78.77
CA ALA G 3659 37.74 -3.13 -77.43
C ALA G 3659 37.96 -1.62 -77.36
N ALA G 3660 38.55 -1.04 -78.41
CA ALA G 3660 39.04 0.33 -78.30
C ALA G 3660 38.10 1.33 -78.96
N TRP G 3661 37.32 0.90 -79.94
CA TRP G 3661 36.47 1.84 -80.68
C TRP G 3661 34.99 1.60 -80.46
N ILE G 3662 34.51 0.39 -80.72
CA ILE G 3662 33.07 0.12 -80.58
C ILE G 3662 32.65 0.21 -79.13
N LEU G 3663 33.44 -0.35 -78.22
CA LEU G 3663 33.11 -0.27 -76.79
C LEU G 3663 33.15 1.17 -76.29
N THR G 3664 34.21 1.90 -76.63
CA THR G 3664 34.35 3.28 -76.14
C THR G 3664 33.25 4.17 -76.70
N GLU G 3665 32.88 3.97 -77.96
CA GLU G 3665 31.80 4.76 -78.55
C GLU G 3665 30.50 4.49 -77.82
N ASP G 3666 29.78 5.56 -77.48
CA ASP G 3666 28.52 5.47 -76.77
C ASP G 3666 27.45 6.27 -77.51
N HIS G 3667 26.19 5.95 -77.25
CA HIS G 3667 25.06 6.66 -77.83
C HIS G 3667 23.83 6.39 -76.99
N SER G 3668 23.10 7.45 -76.65
CA SER G 3668 21.97 7.38 -75.73
C SER G 3668 20.68 7.26 -76.54
N PHE G 3669 20.26 6.03 -76.79
CA PHE G 3669 18.97 5.76 -77.41
C PHE G 3669 17.89 5.44 -76.38
N GLU G 3670 18.27 5.31 -75.11
CA GLU G 3670 17.33 4.83 -74.10
C GLU G 3670 16.17 5.81 -73.92
N ASP G 3671 16.48 7.09 -73.75
CA ASP G 3671 15.43 8.08 -73.56
C ASP G 3671 14.53 8.17 -74.78
N ARG G 3672 15.11 8.14 -75.98
CA ARG G 3672 14.30 8.23 -77.19
C ARG G 3672 13.37 7.03 -77.32
N MET G 3673 13.88 5.82 -77.05
CA MET G 3673 13.03 4.65 -77.11
C MET G 3673 11.93 4.70 -76.07
N ILE G 3674 12.23 5.20 -74.88
CA ILE G 3674 11.21 5.29 -73.85
C ILE G 3674 10.13 6.28 -74.24
N ASP G 3675 10.53 7.42 -74.83
CA ASP G 3675 9.53 8.36 -75.33
C ASP G 3675 8.66 7.72 -76.41
N ASP G 3676 9.28 7.00 -77.34
CA ASP G 3676 8.52 6.41 -78.44
C ASP G 3676 7.54 5.36 -77.93
N LEU G 3677 7.98 4.51 -76.99
CA LEU G 3677 7.11 3.47 -76.47
C LEU G 3677 6.04 4.06 -75.57
N SER G 3678 6.34 5.18 -74.91
CA SER G 3678 5.37 5.80 -74.02
C SER G 3678 4.28 6.51 -74.80
N LYS G 3679 4.63 7.11 -75.92
CA LYS G 3679 3.66 7.86 -76.72
C LYS G 3679 2.57 6.92 -77.25
N ALA G 3680 1.32 7.33 -77.07
CA ALA G 3680 0.17 6.63 -77.63
C ALA G 3680 -0.36 7.47 -78.78
N GLY G 3681 -0.39 6.88 -79.97
CA GLY G 3681 -0.77 7.63 -81.16
C GLY G 3681 -2.05 7.15 -81.80
N GLU G 3682 -2.84 8.10 -82.32
CA GLU G 3682 -4.07 7.92 -83.09
C GLU G 3682 -5.27 7.52 -82.23
N GLN G 3683 -5.11 7.34 -80.92
CA GLN G 3683 -6.28 6.98 -80.10
C GLN G 3683 -7.22 8.18 -79.93
N GLU G 3684 -6.69 9.39 -80.07
CA GLU G 3684 -7.53 10.58 -79.95
C GLU G 3684 -8.55 10.65 -81.08
N GLU G 3685 -8.14 10.32 -82.31
CA GLU G 3685 -9.10 10.23 -83.40
C GLU G 3685 -9.89 8.93 -83.32
N GLU G 3686 -9.25 7.86 -82.83
CA GLU G 3686 -9.95 6.60 -82.66
C GLU G 3686 -11.06 6.73 -81.63
N GLU G 3687 -10.79 7.45 -80.54
CA GLU G 3687 -11.79 7.74 -79.52
C GLU G 3687 -12.32 6.45 -78.89
N GLU G 3688 -11.46 5.77 -78.14
CA GLU G 3688 -11.90 4.65 -77.33
C GLU G 3688 -12.32 5.12 -75.94
N GLU G 3689 -13.22 4.36 -75.33
CA GLU G 3689 -13.68 4.69 -74.00
C GLU G 3689 -12.54 4.59 -72.99
N VAL G 3690 -12.48 5.56 -72.08
CA VAL G 3690 -11.41 5.56 -71.08
C VAL G 3690 -11.56 4.37 -70.15
N GLU G 3691 -12.77 3.79 -70.10
CA GLU G 3691 -12.97 2.56 -69.34
C GLU G 3691 -12.22 1.39 -69.99
N GLU G 3692 -12.15 1.36 -71.32
CA GLU G 3692 -11.40 0.31 -71.99
C GLU G 3692 -9.93 0.32 -71.58
N LYS G 3693 -9.27 1.47 -71.70
CA LYS G 3693 -7.92 1.69 -71.19
C LYS G 3693 -6.97 0.62 -71.75
N LYS G 3694 -6.75 0.68 -73.05
CA LYS G 3694 -5.78 -0.22 -73.66
C LYS G 3694 -4.36 0.28 -73.38
N PRO G 3695 -3.44 -0.60 -72.99
CA PRO G 3695 -2.10 -0.15 -72.64
C PRO G 3695 -1.34 0.40 -73.83
N ASP G 3696 -0.48 1.39 -73.57
CA ASP G 3696 0.46 1.87 -74.55
C ASP G 3696 1.60 0.86 -74.69
N PRO G 3697 2.43 0.98 -75.73
CA PRO G 3697 3.48 -0.03 -75.94
C PRO G 3697 4.38 -0.26 -74.74
N LEU G 3698 4.77 0.79 -74.03
CA LEU G 3698 5.61 0.61 -72.84
C LEU G 3698 4.87 -0.17 -71.77
N HIS G 3699 3.58 0.13 -71.57
CA HIS G 3699 2.81 -0.60 -70.58
C HIS G 3699 2.65 -2.06 -70.98
N GLN G 3700 2.47 -2.33 -72.28
CA GLN G 3700 2.39 -3.72 -72.72
C GLN G 3700 3.71 -4.46 -72.48
N LEU G 3701 4.83 -3.79 -72.74
CA LEU G 3701 6.13 -4.42 -72.48
C LEU G 3701 6.31 -4.72 -71.00
N VAL G 3702 5.97 -3.77 -70.14
CA VAL G 3702 6.09 -3.98 -68.70
C VAL G 3702 5.17 -5.10 -68.25
N LEU G 3703 3.94 -5.14 -68.77
CA LEU G 3703 3.02 -6.21 -68.42
C LEU G 3703 3.54 -7.57 -68.88
N HIS G 3704 4.15 -7.62 -70.06
CA HIS G 3704 4.70 -8.88 -70.55
C HIS G 3704 5.82 -9.37 -69.64
N PHE G 3705 6.72 -8.49 -69.23
CA PHE G 3705 7.78 -8.89 -68.31
C PHE G 3705 7.22 -9.29 -66.95
N SER G 3706 6.20 -8.58 -66.48
CA SER G 3706 5.57 -8.94 -65.22
C SER G 3706 4.93 -10.32 -65.31
N ARG G 3707 4.26 -10.62 -66.42
CA ARG G 3707 3.68 -11.94 -66.60
C ARG G 3707 4.77 -13.01 -66.67
N THR G 3708 5.91 -12.69 -67.29
CA THR G 3708 7.02 -13.63 -67.32
C THR G 3708 7.51 -13.93 -65.90
N ALA G 3709 7.58 -12.90 -65.06
CA ALA G 3709 7.96 -13.11 -63.67
C ALA G 3709 6.91 -13.90 -62.92
N LEU G 3710 5.63 -13.71 -63.26
CA LEU G 3710 4.55 -14.29 -62.45
C LEU G 3710 4.46 -15.80 -62.61
N THR G 3711 4.73 -16.31 -63.81
CA THR G 3711 4.63 -17.75 -64.03
C THR G 3711 5.56 -18.51 -63.10
N GLU G 3712 5.05 -19.57 -62.50
CA GLU G 3712 5.83 -20.35 -61.55
C GLU G 3712 6.95 -21.09 -62.27
N LYS G 3713 8.15 -21.03 -61.69
CA LYS G 3713 9.33 -21.66 -62.25
C LYS G 3713 10.16 -22.24 -61.13
N SER G 3714 10.82 -23.37 -61.42
CA SER G 3714 11.77 -23.92 -60.46
C SER G 3714 12.92 -22.94 -60.22
N LYS G 3715 13.46 -22.37 -61.28
CA LYS G 3715 14.42 -21.29 -61.19
C LYS G 3715 14.07 -20.27 -62.26
N LEU G 3716 14.44 -19.02 -62.01
CA LEU G 3716 14.08 -17.95 -62.92
C LEU G 3716 15.01 -17.96 -64.15
N ASP G 3717 14.41 -18.08 -65.33
CA ASP G 3717 15.20 -18.22 -66.55
C ASP G 3717 15.85 -16.91 -66.93
N GLU G 3718 17.05 -17.01 -67.52
CA GLU G 3718 17.78 -15.82 -67.93
C GLU G 3718 17.25 -15.30 -69.26
N ASP G 3719 16.82 -14.04 -69.28
CA ASP G 3719 16.23 -13.43 -70.47
C ASP G 3719 17.02 -12.21 -70.87
N TYR G 3720 17.76 -12.32 -71.98
CA TYR G 3720 18.52 -11.19 -72.49
C TYR G 3720 17.62 -10.02 -72.82
N LEU G 3721 16.40 -10.29 -73.29
CA LEU G 3721 15.46 -9.21 -73.59
C LEU G 3721 15.11 -8.43 -72.33
N TYR G 3722 14.79 -9.15 -71.25
CA TYR G 3722 14.48 -8.46 -69.99
C TYR G 3722 15.68 -7.68 -69.50
N MET G 3723 16.88 -8.26 -69.59
CA MET G 3723 18.06 -7.53 -69.12
C MET G 3723 18.26 -6.23 -69.91
N ALA G 3724 18.18 -6.32 -71.24
CA ALA G 3724 18.39 -5.14 -72.06
C ALA G 3724 17.34 -4.08 -71.79
N TYR G 3725 16.07 -4.49 -71.70
CA TYR G 3725 15.02 -3.49 -71.50
C TYR G 3725 15.08 -2.88 -70.11
N ALA G 3726 15.45 -3.68 -69.10
CA ALA G 3726 15.63 -3.13 -67.76
C ALA G 3726 16.76 -2.10 -67.74
N ASP G 3727 17.86 -2.40 -68.43
CA ASP G 3727 18.94 -1.42 -68.52
C ASP G 3727 18.47 -0.16 -69.22
N ILE G 3728 17.69 -0.30 -70.29
CA ILE G 3728 17.21 0.87 -71.02
C ILE G 3728 16.32 1.73 -70.13
N MET G 3729 15.40 1.09 -69.40
CA MET G 3729 14.51 1.84 -68.51
C MET G 3729 15.28 2.53 -67.40
N ALA G 3730 16.28 1.85 -66.83
CA ALA G 3730 17.08 2.46 -65.77
C ALA G 3730 17.83 3.68 -66.30
N LYS G 3731 18.42 3.57 -67.49
CA LYS G 3731 19.12 4.70 -68.08
C LYS G 3731 18.16 5.85 -68.34
N SER G 3732 16.95 5.54 -68.83
CA SER G 3732 15.97 6.59 -69.08
C SER G 3732 15.61 7.32 -67.79
N CYS G 3733 15.41 6.58 -66.70
CA CYS G 3733 15.09 7.25 -65.45
C CYS G 3733 16.23 8.11 -64.96
N HIS G 3734 17.46 7.58 -64.94
CA HIS G 3734 18.54 8.35 -64.34
C HIS G 3734 18.86 9.58 -65.20
N LEU G 3735 18.84 9.44 -66.52
CA LEU G 3735 18.90 10.59 -67.45
C LEU G 3735 20.10 11.49 -67.15
N GLU G 3736 21.17 10.90 -66.64
CA GLU G 3736 22.38 11.64 -66.31
C GLU G 3736 23.62 10.82 -66.62
N VAL G 3749 30.16 24.83 -60.72
CA VAL G 3749 29.99 24.02 -59.53
C VAL G 3749 28.83 24.53 -58.70
N GLU G 3750 28.23 25.63 -59.14
CA GLU G 3750 27.07 26.23 -58.48
C GLU G 3750 25.80 25.77 -59.19
N VAL G 3751 24.71 25.68 -58.45
CA VAL G 3751 23.43 25.24 -58.99
C VAL G 3751 22.36 26.23 -58.57
N SER G 3752 21.59 26.73 -59.54
CA SER G 3752 20.45 27.57 -59.24
C SER G 3752 19.35 26.74 -58.59
N PHE G 3753 18.59 27.38 -57.69
CA PHE G 3753 17.49 26.68 -57.02
C PHE G 3753 16.44 26.24 -58.04
N GLU G 3754 16.11 27.10 -59.00
CA GLU G 3754 15.12 26.76 -60.00
C GLU G 3754 15.55 25.57 -60.83
N GLU G 3755 16.82 25.54 -61.25
CA GLU G 3755 17.27 24.43 -62.07
C GLU G 3755 17.42 23.15 -61.26
N LYS G 3756 17.75 23.28 -59.98
CA LYS G 3756 17.77 22.10 -59.11
C LYS G 3756 16.38 21.50 -58.99
N GLU G 3757 15.37 22.34 -58.77
CA GLU G 3757 14.00 21.85 -58.72
C GLU G 3757 13.57 21.29 -60.07
N MET G 3758 14.10 21.86 -61.15
CA MET G 3758 13.82 21.31 -62.48
C MET G 3758 14.40 19.92 -62.65
N GLU G 3759 15.63 19.68 -62.19
CA GLU G 3759 16.17 18.34 -62.25
C GLU G 3759 15.35 17.37 -61.40
N LYS G 3760 14.93 17.80 -60.21
CA LYS G 3760 14.09 16.93 -59.39
C LYS G 3760 12.78 16.60 -60.09
N GLN G 3761 12.14 17.60 -60.70
CA GLN G 3761 10.87 17.36 -61.37
C GLN G 3761 11.03 16.50 -62.62
N ARG G 3762 12.15 16.68 -63.34
CA ARG G 3762 12.42 15.86 -64.50
C ARG G 3762 12.61 14.39 -64.11
N LEU G 3763 13.39 14.16 -63.05
CA LEU G 3763 13.57 12.81 -62.55
C LEU G 3763 12.24 12.22 -62.10
N LEU G 3764 11.42 13.02 -61.43
CA LEU G 3764 10.11 12.55 -61.00
C LEU G 3764 9.25 12.19 -62.20
N TYR G 3765 9.32 12.96 -63.28
CA TYR G 3765 8.49 12.66 -64.44
C TYR G 3765 8.95 11.39 -65.13
N GLN G 3766 10.26 11.18 -65.24
CA GLN G 3766 10.75 9.92 -65.81
C GLN G 3766 10.34 8.72 -64.97
N GLN G 3767 10.54 8.81 -63.66
CA GLN G 3767 10.10 7.75 -62.77
C GLN G 3767 8.58 7.57 -62.85
N SER G 3768 7.85 8.63 -63.17
CA SER G 3768 6.42 8.51 -63.36
C SER G 3768 6.09 7.72 -64.61
N ARG G 3769 6.79 8.01 -65.71
CA ARG G 3769 6.59 7.20 -66.92
C ARG G 3769 6.79 5.73 -66.61
N LEU G 3770 7.82 5.41 -65.84
CA LEU G 3770 8.08 4.00 -65.58
C LEU G 3770 7.07 3.39 -64.61
N HIS G 3771 6.76 4.07 -63.50
CA HIS G 3771 6.02 3.41 -62.43
C HIS G 3771 4.52 3.52 -62.65
N THR G 3772 4.08 4.36 -63.59
CA THR G 3772 2.67 4.31 -63.98
C THR G 3772 2.38 3.08 -64.81
N ARG G 3773 3.43 2.43 -65.32
CA ARG G 3773 3.25 1.21 -66.11
C ARG G 3773 3.23 -0.03 -65.22
N GLY G 3774 3.64 0.11 -63.97
CA GLY G 3774 3.79 -1.03 -63.10
C GLY G 3774 5.21 -1.54 -62.93
N ALA G 3775 6.21 -0.70 -63.20
CA ALA G 3775 7.59 -1.14 -63.12
C ALA G 3775 7.97 -1.55 -61.70
N ALA G 3776 7.38 -0.89 -60.70
CA ALA G 3776 7.65 -1.26 -59.31
C ALA G 3776 7.18 -2.67 -59.01
N GLU G 3777 5.95 -2.99 -59.40
CA GLU G 3777 5.44 -4.34 -59.21
C GLU G 3777 6.27 -5.35 -59.99
N MET G 3778 6.68 -4.98 -61.21
CA MET G 3778 7.50 -5.89 -62.00
C MET G 3778 8.83 -6.15 -61.32
N VAL G 3779 9.43 -5.12 -60.72
CA VAL G 3779 10.71 -5.28 -60.03
C VAL G 3779 10.56 -6.22 -58.84
N LEU G 3780 9.51 -6.01 -58.04
CA LEU G 3780 9.30 -6.88 -56.88
C LEU G 3780 9.07 -8.33 -57.31
N GLN G 3781 8.27 -8.53 -58.35
CA GLN G 3781 8.05 -9.87 -58.86
C GLN G 3781 9.34 -10.48 -59.39
N MET G 3782 10.18 -9.66 -60.03
CA MET G 3782 11.43 -10.17 -60.56
C MET G 3782 12.33 -10.68 -59.44
N ILE G 3783 12.41 -9.92 -58.34
CA ILE G 3783 13.21 -10.36 -57.21
C ILE G 3783 12.64 -11.65 -56.61
N SER G 3784 11.32 -11.67 -56.38
CA SER G 3784 10.69 -12.88 -55.86
C SER G 3784 10.95 -14.07 -56.76
N ALA G 3785 11.09 -13.84 -58.06
CA ALA G 3785 11.38 -14.92 -59.00
C ALA G 3785 12.84 -15.36 -58.90
N CYS G 3786 13.75 -14.41 -58.71
CA CYS G 3786 15.15 -14.79 -58.51
C CYS G 3786 15.30 -15.68 -57.30
N LYS G 3787 14.48 -15.46 -56.27
CA LYS G 3787 14.45 -16.34 -55.10
C LYS G 3787 15.81 -16.42 -54.41
N GLY G 3788 16.52 -15.29 -54.38
CA GLY G 3788 17.79 -15.25 -53.70
C GLY G 3788 18.94 -15.93 -54.41
N GLU G 3789 18.89 -16.01 -55.74
CA GLU G 3789 20.00 -16.52 -56.54
C GLU G 3789 20.66 -15.36 -57.27
N THR G 3790 21.95 -15.15 -57.02
CA THR G 3790 22.66 -14.04 -57.63
C THR G 3790 22.76 -14.25 -59.15
N GLY G 3791 22.70 -13.15 -59.88
CA GLY G 3791 22.80 -13.23 -61.33
C GLY G 3791 22.65 -11.88 -61.98
N ALA G 3792 22.92 -11.87 -63.29
CA ALA G 3792 22.83 -10.62 -64.04
C ALA G 3792 21.39 -10.11 -64.06
N MET G 3793 20.42 -11.00 -64.04
CA MET G 3793 19.03 -10.54 -64.10
C MET G 3793 18.60 -9.90 -62.80
N VAL G 3794 19.01 -10.47 -61.66
CA VAL G 3794 18.72 -9.82 -60.37
C VAL G 3794 19.49 -8.51 -60.27
N SER G 3795 20.69 -8.44 -60.83
CA SER G 3795 21.42 -7.18 -60.85
C SER G 3795 20.66 -6.12 -61.64
N SER G 3796 20.15 -6.49 -62.81
CA SER G 3796 19.38 -5.54 -63.63
C SER G 3796 18.10 -5.11 -62.91
N THR G 3797 17.44 -6.05 -62.25
CA THR G 3797 16.22 -5.71 -61.52
C THR G 3797 16.52 -4.72 -60.38
N LEU G 3798 17.61 -4.95 -59.65
CA LEU G 3798 17.97 -4.04 -58.58
C LEU G 3798 18.33 -2.66 -59.12
N LYS G 3799 19.04 -2.61 -60.25
CA LYS G 3799 19.37 -1.32 -60.85
C LYS G 3799 18.12 -0.58 -61.29
N LEU G 3800 17.16 -1.29 -61.87
CA LEU G 3800 15.90 -0.65 -62.27
C LEU G 3800 15.13 -0.13 -61.06
N GLY G 3801 15.10 -0.92 -59.98
CA GLY G 3801 14.46 -0.45 -58.76
C GLY G 3801 15.13 0.79 -58.20
N ILE G 3802 16.46 0.81 -58.21
CA ILE G 3802 17.18 1.99 -57.75
C ILE G 3802 16.85 3.18 -58.62
N SER G 3803 16.77 2.97 -59.94
CA SER G 3803 16.46 4.07 -60.85
C SER G 3803 15.09 4.65 -60.58
N ILE G 3804 14.10 3.80 -60.32
CA ILE G 3804 12.75 4.32 -60.10
C ILE G 3804 12.58 4.78 -58.65
N LEU G 3805 13.54 4.49 -57.79
CA LEU G 3805 13.41 4.91 -56.39
C LEU G 3805 14.33 6.08 -56.06
N ASN G 3806 15.18 6.48 -56.99
CA ASN G 3806 16.18 7.50 -56.69
C ASN G 3806 15.54 8.80 -56.23
N GLY G 3807 16.16 9.42 -55.23
CA GLY G 3807 15.60 10.60 -54.60
C GLY G 3807 14.54 10.32 -53.57
N GLY G 3808 14.28 9.04 -53.27
CA GLY G 3808 13.22 8.71 -52.33
C GLY G 3808 11.84 9.01 -52.85
N ASN G 3809 11.43 8.31 -53.91
CA ASN G 3809 10.15 8.63 -54.53
C ASN G 3809 9.00 8.00 -53.74
N ALA G 3810 8.24 8.87 -53.08
CA ALA G 3810 7.19 8.40 -52.18
C ALA G 3810 6.10 7.64 -52.92
N GLU G 3811 5.81 8.03 -54.15
CA GLU G 3811 4.80 7.32 -54.94
C GLU G 3811 5.23 5.88 -55.20
N VAL G 3812 6.47 5.68 -55.63
CA VAL G 3812 6.97 4.34 -55.88
C VAL G 3812 7.02 3.55 -54.57
N GLN G 3813 7.44 4.19 -53.48
CA GLN G 3813 7.47 3.50 -52.19
C GLN G 3813 6.08 3.03 -51.80
N GLN G 3814 5.08 3.89 -51.96
CA GLN G 3814 3.70 3.52 -51.63
C GLN G 3814 3.23 2.35 -52.50
N LYS G 3815 3.56 2.40 -53.79
CA LYS G 3815 3.13 1.32 -54.67
C LYS G 3815 3.77 -0.01 -54.29
N MET G 3816 5.07 -0.01 -53.99
CA MET G 3816 5.72 -1.23 -53.57
C MET G 3816 5.13 -1.76 -52.27
N LEU G 3817 4.90 -0.87 -51.30
CA LEU G 3817 4.36 -1.31 -50.03
C LEU G 3817 2.96 -1.90 -50.19
N ASP G 3818 2.12 -1.24 -51.00
CA ASP G 3818 0.78 -1.77 -51.24
C ASP G 3818 0.84 -3.12 -51.93
N TYR G 3819 1.71 -3.27 -52.92
CA TYR G 3819 1.82 -4.55 -53.62
C TYR G 3819 2.25 -5.66 -52.66
N LEU G 3820 3.27 -5.40 -51.84
CA LEU G 3820 3.71 -6.40 -50.88
C LEU G 3820 2.61 -6.75 -49.90
N LYS G 3821 1.90 -5.74 -49.39
CA LYS G 3821 0.86 -5.98 -48.40
C LYS G 3821 -0.29 -6.80 -48.99
N ASP G 3822 -0.69 -6.51 -50.23
CA ASP G 3822 -1.80 -7.26 -50.81
C ASP G 3822 -1.37 -8.66 -51.20
N LYS G 3823 -0.15 -8.83 -51.69
CA LYS G 3823 0.33 -10.16 -52.07
C LYS G 3823 0.49 -11.06 -50.84
N LYS G 3824 1.04 -10.52 -49.76
CA LYS G 3824 1.32 -11.29 -48.54
C LYS G 3824 2.16 -12.52 -48.85
N GLU G 3825 3.20 -12.34 -49.67
CA GLU G 3825 4.11 -13.42 -50.02
C GLU G 3825 5.38 -13.28 -49.19
N VAL G 3826 5.96 -14.42 -48.82
CA VAL G 3826 7.21 -14.41 -48.07
C VAL G 3826 8.40 -14.55 -49.02
N GLY G 3827 8.11 -14.78 -50.30
CA GLY G 3827 9.18 -15.04 -51.25
C GLY G 3827 10.09 -13.86 -51.45
N PHE G 3828 9.54 -12.65 -51.45
CA PHE G 3828 10.35 -11.46 -51.69
C PHE G 3828 11.39 -11.27 -50.59
N PHE G 3829 10.95 -11.32 -49.32
CA PHE G 3829 11.88 -11.12 -48.23
C PHE G 3829 12.82 -12.30 -48.08
N GLN G 3830 12.35 -13.51 -48.38
CA GLN G 3830 13.24 -14.66 -48.38
C GLN G 3830 14.34 -14.51 -49.42
N SER G 3831 13.99 -14.03 -50.61
CA SER G 3831 14.98 -13.79 -51.64
C SER G 3831 15.97 -12.71 -51.22
N ILE G 3832 15.48 -11.63 -50.61
CA ILE G 3832 16.37 -10.58 -50.15
C ILE G 3832 17.34 -11.11 -49.11
N GLN G 3833 16.84 -11.89 -48.16
CA GLN G 3833 17.70 -12.44 -47.11
C GLN G 3833 18.74 -13.40 -47.68
N ALA G 3834 18.33 -14.25 -48.62
CA ALA G 3834 19.28 -15.16 -49.26
C ALA G 3834 20.35 -14.39 -50.01
N LEU G 3835 19.95 -13.35 -50.75
CA LEU G 3835 20.92 -12.53 -51.46
C LEU G 3835 21.89 -11.86 -50.49
N MET G 3836 21.38 -11.42 -49.34
CA MET G 3836 22.25 -10.85 -48.32
C MET G 3836 23.28 -11.86 -47.85
N GLN G 3837 22.85 -13.09 -47.60
CA GLN G 3837 23.80 -14.12 -47.14
C GLN G 3837 24.80 -14.46 -48.23
N THR G 3838 24.42 -14.32 -49.50
CA THR G 3838 25.35 -14.63 -50.58
C THR G 3838 26.39 -13.54 -50.79
N CYS G 3839 26.15 -12.35 -50.23
CA CYS G 3839 27.10 -11.25 -50.40
C CYS G 3839 28.44 -11.61 -49.77
N SER G 3840 29.51 -11.28 -50.49
CA SER G 3840 30.85 -11.68 -50.07
C SER G 3840 31.52 -10.57 -49.27
N VAL G 3841 32.57 -10.95 -48.54
CA VAL G 3841 33.37 -10.03 -47.75
C VAL G 3841 34.82 -10.23 -48.12
N LEU G 3842 35.68 -9.37 -47.55
CA LEU G 3842 37.11 -9.46 -47.82
C LEU G 3842 37.67 -10.80 -47.34
N ASP G 3843 38.43 -11.46 -48.20
CA ASP G 3843 39.00 -12.77 -47.89
C ASP G 3843 40.51 -12.73 -48.07
N LEU G 3844 41.23 -12.92 -46.98
CA LEU G 3844 42.70 -12.91 -47.03
C LEU G 3844 43.22 -14.06 -47.89
N ASN G 3845 42.56 -15.22 -47.83
CA ASN G 3845 43.00 -16.37 -48.60
C ASN G 3845 42.91 -16.08 -50.09
N ALA G 3846 41.77 -15.56 -50.55
CA ALA G 3846 41.63 -15.21 -51.96
C ALA G 3846 42.58 -14.09 -52.34
N PHE G 3847 42.82 -13.15 -51.42
CA PHE G 3847 43.75 -12.06 -51.71
C PHE G 3847 45.16 -12.60 -51.95
N GLU G 3848 45.61 -13.53 -51.11
CA GLU G 3848 46.94 -14.08 -51.27
C GLU G 3848 47.02 -14.97 -52.51
N ARG G 3849 45.92 -15.64 -52.85
CA ARG G 3849 45.86 -16.35 -54.13
C ARG G 3849 46.04 -15.39 -55.30
N GLN G 3850 45.38 -14.23 -55.23
CA GLN G 3850 45.53 -13.23 -56.27
C GLN G 3850 46.97 -12.71 -56.32
N ASN G 3851 47.60 -12.57 -55.15
CA ASN G 3851 49.00 -12.15 -55.14
C ASN G 3851 49.89 -13.16 -55.84
N LYS G 3852 49.69 -14.46 -55.57
CA LYS G 3852 50.45 -15.48 -56.27
C LYS G 3852 50.19 -15.43 -57.78
N ALA G 3853 48.93 -15.24 -58.17
CA ALA G 3853 48.60 -15.19 -59.59
C ALA G 3853 49.26 -14.01 -60.29
N GLU G 3854 49.23 -12.84 -59.65
CA GLU G 3854 49.81 -11.65 -60.28
C GLU G 3854 51.33 -11.75 -60.33
N GLY G 3855 51.94 -12.37 -59.32
CA GLY G 3855 53.35 -12.67 -59.42
C GLY G 3855 53.65 -13.69 -60.51
N LEU G 3856 52.70 -14.57 -60.77
CA LEU G 3856 52.90 -15.61 -61.78
C LEU G 3856 52.85 -15.03 -63.20
N GLY G 3857 51.88 -14.17 -63.47
CA GLY G 3857 51.88 -13.48 -64.76
C GLY G 3857 51.54 -14.34 -65.97
N MET G 3858 50.28 -14.74 -66.10
CA MET G 3858 49.84 -15.58 -67.21
C MET G 3858 50.32 -15.04 -68.56
N VAL G 3859 50.63 -15.96 -69.47
CA VAL G 3859 51.06 -15.67 -70.83
C VAL G 3859 50.20 -16.50 -71.79
N ASN G 3860 49.66 -15.87 -72.82
CA ASN G 3860 48.72 -16.55 -73.69
C ASN G 3860 49.40 -17.14 -74.92
N GLU G 3861 48.84 -18.26 -75.40
CA GLU G 3861 49.40 -18.94 -76.57
C GLU G 3861 49.26 -18.08 -77.82
N ASP G 3862 48.05 -17.56 -78.06
CA ASP G 3862 47.83 -16.70 -79.21
C ASP G 3862 48.63 -15.42 -79.04
N GLY G 3863 49.71 -15.30 -79.81
CA GLY G 3863 50.65 -14.23 -79.54
C GLY G 3863 51.28 -14.39 -78.18
N THR G 3864 51.15 -13.37 -77.35
CA THR G 3864 51.68 -13.35 -76.00
C THR G 3864 50.92 -12.33 -75.18
N VAL G 3865 50.82 -12.56 -73.87
CA VAL G 3865 50.13 -11.67 -72.96
C VAL G 3865 51.04 -11.39 -71.77
N ILE G 3866 51.24 -10.10 -71.46
CA ILE G 3866 52.11 -9.66 -70.39
C ILE G 3866 51.26 -8.93 -69.35
N ASN G 3867 51.51 -9.24 -68.07
CA ASN G 3867 50.80 -8.62 -66.95
C ASN G 3867 49.29 -8.83 -67.05
N ARG G 3868 48.87 -10.08 -67.26
CA ARG G 3868 47.45 -10.39 -67.25
C ARG G 3868 46.92 -10.32 -65.83
N GLN G 3869 45.81 -9.60 -65.66
CA GLN G 3869 45.17 -9.45 -64.35
C GLN G 3869 43.75 -9.97 -64.44
N ASN G 3870 43.49 -11.10 -63.79
CA ASN G 3870 42.15 -11.66 -63.76
C ASN G 3870 41.23 -10.82 -62.88
N GLY G 3871 39.93 -11.01 -63.06
CA GLY G 3871 38.99 -10.39 -62.14
C GLY G 3871 39.24 -10.85 -60.72
N GLU G 3872 39.47 -9.88 -59.84
CA GLU G 3872 39.90 -10.20 -58.48
C GLU G 3872 38.83 -10.99 -57.75
N LYS G 3873 39.28 -11.99 -56.98
CA LYS G 3873 38.34 -12.86 -56.27
C LYS G 3873 37.75 -12.15 -55.07
N VAL G 3874 38.52 -11.26 -54.44
CA VAL G 3874 38.05 -10.55 -53.26
C VAL G 3874 37.03 -9.48 -53.68
N MET G 3875 35.90 -9.46 -52.97
CA MET G 3875 34.84 -8.48 -53.23
C MET G 3875 34.38 -8.53 -54.69
N ALA G 3876 34.19 -9.74 -55.22
CA ALA G 3876 33.78 -9.89 -56.61
C ALA G 3876 32.41 -9.27 -56.85
N ASP G 3877 31.48 -9.47 -55.91
CA ASP G 3877 30.13 -8.94 -56.03
C ASP G 3877 29.94 -7.63 -55.28
N ASP G 3878 30.98 -6.80 -55.18
CA ASP G 3878 30.89 -5.60 -54.37
C ASP G 3878 29.85 -4.62 -54.93
N GLU G 3879 29.82 -4.44 -56.25
CA GLU G 3879 28.85 -3.53 -56.84
C GLU G 3879 27.43 -4.04 -56.63
N PHE G 3880 27.24 -5.35 -56.71
CA PHE G 3880 25.93 -5.92 -56.46
C PHE G 3880 25.51 -5.71 -55.01
N THR G 3881 26.45 -5.85 -54.08
CA THR G 3881 26.16 -5.59 -52.67
C THR G 3881 25.75 -4.14 -52.47
N GLN G 3882 26.50 -3.21 -53.07
CA GLN G 3882 26.14 -1.79 -52.97
C GLN G 3882 24.75 -1.54 -53.51
N ASP G 3883 24.42 -2.14 -54.66
CA ASP G 3883 23.12 -1.84 -55.26
C ASP G 3883 21.98 -2.44 -54.44
N LEU G 3884 22.19 -3.63 -53.86
CA LEU G 3884 21.16 -4.22 -53.01
C LEU G 3884 20.90 -3.36 -51.76
N PHE G 3885 21.97 -2.96 -51.09
CA PHE G 3885 21.79 -2.16 -49.88
C PHE G 3885 21.27 -0.77 -50.22
N ARG G 3886 21.65 -0.25 -51.39
CA ARG G 3886 21.09 1.01 -51.88
C ARG G 3886 19.59 0.87 -52.13
N PHE G 3887 19.17 -0.27 -52.66
CA PHE G 3887 17.76 -0.52 -52.88
C PHE G 3887 16.99 -0.50 -51.57
N LEU G 3888 17.52 -1.14 -50.53
CA LEU G 3888 16.84 -1.11 -49.24
C LEU G 3888 16.82 0.31 -48.66
N GLN G 3889 17.94 1.02 -48.76
CA GLN G 3889 17.99 2.40 -48.28
C GLN G 3889 16.97 3.26 -49.02
N LEU G 3890 16.78 3.02 -50.31
CA LEU G 3890 15.83 3.81 -51.08
C LEU G 3890 14.39 3.43 -50.74
N LEU G 3891 14.17 2.18 -50.35
CA LEU G 3891 12.87 1.82 -49.82
C LEU G 3891 12.55 2.62 -48.56
N CYS G 3892 13.54 2.77 -47.68
CA CYS G 3892 13.30 3.48 -46.43
C CYS G 3892 13.57 4.98 -46.52
N GLU G 3893 13.95 5.50 -47.69
CA GLU G 3893 14.34 6.89 -47.82
C GLU G 3893 13.17 7.82 -47.54
N GLY G 3894 13.48 9.03 -47.07
CA GLY G 3894 12.47 9.99 -46.71
C GLY G 3894 11.79 9.73 -45.39
N HIS G 3895 12.36 8.85 -44.57
CA HIS G 3895 11.78 8.49 -43.27
C HIS G 3895 10.38 7.90 -43.46
N ASN G 3896 10.27 6.87 -44.31
CA ASN G 3896 9.00 6.23 -44.56
C ASN G 3896 8.75 5.19 -43.48
N ASN G 3897 8.00 5.60 -42.45
CA ASN G 3897 7.86 4.77 -41.25
C ASN G 3897 7.18 3.44 -41.56
N ASP G 3898 6.20 3.45 -42.46
CA ASP G 3898 5.53 2.21 -42.80
C ASP G 3898 6.49 1.19 -43.39
N PHE G 3899 7.37 1.63 -44.29
CA PHE G 3899 8.32 0.69 -44.90
C PHE G 3899 9.40 0.30 -43.91
N GLN G 3900 9.79 1.20 -43.00
CA GLN G 3900 10.74 0.82 -41.96
C GLN G 3900 10.17 -0.29 -41.09
N ASN G 3901 8.92 -0.13 -40.63
CA ASN G 3901 8.29 -1.15 -39.81
C ASN G 3901 8.08 -2.43 -40.60
N TYR G 3902 7.74 -2.32 -41.89
CA TYR G 3902 7.56 -3.53 -42.70
C TYR G 3902 8.88 -4.28 -42.86
N LEU G 3903 9.97 -3.55 -43.07
CA LEU G 3903 11.27 -4.20 -43.16
C LEU G 3903 11.63 -4.90 -41.86
N ARG G 3904 11.28 -4.30 -40.72
CA ARG G 3904 11.53 -5.00 -39.46
C ARG G 3904 10.67 -6.25 -39.33
N THR G 3905 9.34 -6.07 -39.32
CA THR G 3905 8.43 -7.20 -39.24
C THR G 3905 7.34 -7.04 -40.30
N GLN G 3906 6.94 -8.18 -40.87
CA GLN G 3906 5.82 -8.23 -41.81
C GLN G 3906 4.67 -8.97 -41.14
N THR G 3907 3.57 -8.24 -40.87
CA THR G 3907 2.48 -8.82 -40.10
C THR G 3907 1.66 -9.80 -40.93
N GLY G 3908 1.25 -9.40 -42.13
CA GLY G 3908 0.37 -10.25 -42.92
C GLY G 3908 1.02 -11.56 -43.31
N ASN G 3909 2.32 -11.54 -43.57
CA ASN G 3909 3.03 -12.75 -43.97
C ASN G 3909 3.02 -13.77 -42.84
N THR G 3910 2.96 -15.05 -43.22
CA THR G 3910 2.99 -16.12 -42.23
C THR G 3910 4.31 -16.12 -41.46
N THR G 3911 5.42 -15.92 -42.16
CA THR G 3911 6.74 -15.85 -41.54
C THR G 3911 7.33 -14.46 -41.77
N THR G 3912 8.04 -13.95 -40.77
CA THR G 3912 8.61 -12.61 -40.80
C THR G 3912 10.13 -12.71 -40.81
N ILE G 3913 10.77 -11.90 -41.67
CA ILE G 3913 12.22 -11.82 -41.75
C ILE G 3913 12.63 -10.41 -41.37
N ASN G 3914 13.63 -10.30 -40.50
CA ASN G 3914 14.10 -9.00 -40.00
C ASN G 3914 15.27 -8.53 -40.86
N ILE G 3915 14.95 -7.70 -41.87
CA ILE G 3915 15.98 -7.21 -42.77
C ILE G 3915 16.99 -6.35 -42.02
N ILE G 3916 16.53 -5.65 -40.97
CA ILE G 3916 17.44 -4.85 -40.16
C ILE G 3916 18.50 -5.74 -39.51
N ILE G 3917 18.08 -6.86 -38.93
CA ILE G 3917 19.02 -7.77 -38.29
C ILE G 3917 19.92 -8.42 -39.34
N CYS G 3918 19.37 -8.72 -40.52
CA CYS G 3918 20.20 -9.28 -41.59
C CYS G 3918 21.29 -8.30 -41.99
N THR G 3919 20.94 -7.02 -42.11
CA THR G 3919 21.93 -5.99 -42.41
C THR G 3919 23.00 -5.92 -41.33
N VAL G 3920 22.58 -6.03 -40.07
CA VAL G 3920 23.56 -6.01 -38.98
C VAL G 3920 24.51 -7.19 -39.09
N ASP G 3921 23.98 -8.37 -39.41
CA ASP G 3921 24.84 -9.55 -39.55
C ASP G 3921 25.85 -9.37 -40.69
N TYR G 3922 25.39 -8.85 -41.83
CA TYR G 3922 26.34 -8.63 -42.92
C TYR G 3922 27.39 -7.60 -42.53
N LEU G 3923 26.99 -6.56 -41.81
CA LEU G 3923 27.96 -5.56 -41.36
C LEU G 3923 28.98 -6.17 -40.43
N LEU G 3924 28.55 -7.08 -39.55
CA LEU G 3924 29.49 -7.77 -38.68
C LEU G 3924 30.48 -8.61 -39.47
N ARG G 3925 29.99 -9.33 -40.48
CA ARG G 3925 30.89 -10.12 -41.32
C ARG G 3925 31.91 -9.22 -42.01
N LEU G 3926 31.46 -8.09 -42.56
CA LEU G 3926 32.37 -7.16 -43.21
C LEU G 3926 33.38 -6.59 -42.22
N GLN G 3927 32.94 -6.29 -41.00
CA GLN G 3927 33.84 -5.75 -40.00
C GLN G 3927 34.93 -6.76 -39.64
N GLU G 3928 34.54 -8.03 -39.47
CA GLU G 3928 35.53 -9.05 -39.19
C GLU G 3928 36.52 -9.20 -40.34
N SER G 3929 36.02 -9.15 -41.57
CA SER G 3929 36.91 -9.24 -42.72
C SER G 3929 37.90 -8.08 -42.75
N ILE G 3930 37.43 -6.86 -42.49
CA ILE G 3930 38.31 -5.70 -42.50
C ILE G 3930 39.32 -5.80 -41.37
N SER G 3931 38.91 -6.30 -40.20
CA SER G 3931 39.83 -6.48 -39.09
C SER G 3931 40.92 -7.49 -39.44
N ASP G 3932 40.54 -8.59 -40.10
CA ASP G 3932 41.54 -9.56 -40.52
C ASP G 3932 42.51 -8.98 -41.54
N PHE G 3933 42.00 -8.18 -42.47
CA PHE G 3933 42.88 -7.53 -43.44
C PHE G 3933 43.85 -6.59 -42.75
N TYR G 3934 43.37 -5.82 -41.78
CA TYR G 3934 44.25 -4.93 -41.03
C TYR G 3934 45.29 -5.72 -40.25
N TRP G 3935 44.88 -6.83 -39.64
CA TRP G 3935 45.84 -7.66 -38.91
C TRP G 3935 46.92 -8.17 -39.83
N TYR G 3936 46.55 -8.62 -41.02
CA TYR G 3936 47.55 -9.08 -41.98
C TYR G 3936 48.50 -7.96 -42.37
N TYR G 3937 47.97 -6.74 -42.52
CA TYR G 3937 48.82 -5.65 -43.01
C TYR G 3937 49.58 -4.96 -41.89
N SER G 3938 49.25 -5.27 -40.64
CA SER G 3938 49.91 -4.61 -39.52
C SER G 3938 51.39 -4.95 -39.47
N GLY G 3939 51.74 -6.21 -39.74
CA GLY G 3939 53.14 -6.58 -39.77
C GLY G 3939 53.92 -5.85 -40.86
N LYS G 3940 53.30 -5.66 -42.02
CA LYS G 3940 53.94 -4.94 -43.11
C LYS G 3940 54.09 -3.46 -42.76
N ASP G 3941 55.15 -2.85 -43.29
CA ASP G 3941 55.39 -1.43 -43.01
C ASP G 3941 54.37 -0.55 -43.71
N VAL G 3942 54.01 -0.88 -44.94
CA VAL G 3942 53.10 -0.09 -45.74
C VAL G 3942 52.16 -1.01 -46.50
N ILE G 3943 50.88 -0.64 -46.55
CA ILE G 3943 49.92 -1.37 -47.36
C ILE G 3943 50.18 -1.09 -48.83
N GLU G 3944 50.31 -2.16 -49.62
CA GLU G 3944 50.60 -2.00 -51.04
C GLU G 3944 49.32 -1.73 -51.83
N GLU G 3945 49.49 -1.52 -53.14
CA GLU G 3945 48.46 -0.89 -53.95
C GLU G 3945 47.21 -1.76 -54.10
N GLN G 3946 47.40 -3.07 -54.32
CA GLN G 3946 46.25 -3.96 -54.42
C GLN G 3946 45.48 -4.02 -53.11
N GLY G 3947 46.20 -4.08 -51.99
CA GLY G 3947 45.53 -4.01 -50.70
C GLY G 3947 44.79 -2.71 -50.49
N LYS G 3948 45.34 -1.61 -51.00
CA LYS G 3948 44.65 -0.33 -50.92
C LYS G 3948 43.35 -0.36 -51.70
N ARG G 3949 43.36 -0.93 -52.91
CA ARG G 3949 42.12 -1.05 -53.67
C ARG G 3949 41.10 -1.92 -52.95
N ASN G 3950 41.56 -3.02 -52.36
CA ASN G 3950 40.64 -3.90 -51.64
C ASN G 3950 40.02 -3.18 -50.45
N PHE G 3951 40.83 -2.43 -49.70
CA PHE G 3951 40.31 -1.65 -48.59
C PHE G 3951 39.32 -0.60 -49.07
N SER G 3952 39.60 0.03 -50.21
CA SER G 3952 38.68 1.03 -50.74
C SER G 3952 37.33 0.42 -51.08
N LYS G 3953 37.33 -0.75 -51.73
CA LYS G 3953 36.07 -1.41 -52.05
C LYS G 3953 35.32 -1.80 -50.78
N ALA G 3954 36.02 -2.39 -49.82
CA ALA G 3954 35.37 -2.80 -48.58
C ALA G 3954 34.78 -1.59 -47.85
N MET G 3955 35.48 -0.46 -47.86
CA MET G 3955 34.99 0.70 -47.14
C MET G 3955 33.83 1.37 -47.88
N SER G 3956 33.81 1.28 -49.21
CA SER G 3956 32.64 1.76 -49.94
C SER G 3956 31.41 0.92 -49.60
N VAL G 3957 31.58 -0.41 -49.55
CA VAL G 3957 30.46 -1.26 -49.15
C VAL G 3957 30.03 -0.94 -47.72
N ALA G 3958 30.99 -0.69 -46.83
CA ALA G 3958 30.67 -0.35 -45.45
C ALA G 3958 29.92 0.97 -45.36
N LYS G 3959 30.31 1.96 -46.18
CA LYS G 3959 29.56 3.21 -46.23
C LYS G 3959 28.13 2.95 -46.64
N GLN G 3960 27.92 2.11 -47.66
CA GLN G 3960 26.56 1.84 -48.11
C GLN G 3960 25.75 1.16 -47.00
N VAL G 3961 26.36 0.21 -46.29
CA VAL G 3961 25.63 -0.49 -45.23
C VAL G 3961 25.29 0.46 -44.08
N PHE G 3962 26.25 1.33 -43.72
CA PHE G 3962 25.98 2.30 -42.67
C PHE G 3962 24.87 3.26 -43.07
N ASN G 3963 24.85 3.68 -44.32
CA ASN G 3963 23.78 4.55 -44.80
C ASN G 3963 22.44 3.82 -44.76
N SER G 3964 22.43 2.54 -45.09
CA SER G 3964 21.19 1.76 -45.03
C SER G 3964 20.67 1.65 -43.59
N LEU G 3965 21.56 1.37 -42.64
CA LEU G 3965 21.13 1.28 -41.24
C LEU G 3965 20.64 2.63 -40.74
N THR G 3966 21.34 3.70 -41.11
CA THR G 3966 20.90 5.05 -40.78
C THR G 3966 19.51 5.33 -41.34
N GLU G 3967 19.25 4.88 -42.57
CA GLU G 3967 17.96 5.09 -43.18
C GLU G 3967 16.88 4.30 -42.45
N TYR G 3968 17.20 3.09 -42.01
CA TYR G 3968 16.23 2.31 -41.24
C TYR G 3968 15.84 3.02 -39.95
N ILE G 3969 16.84 3.55 -39.23
CA ILE G 3969 16.54 4.01 -37.88
C ILE G 3969 16.08 5.47 -37.88
N GLN G 3970 16.41 6.22 -38.92
CA GLN G 3970 16.15 7.64 -38.92
C GLN G 3970 14.65 7.92 -39.05
N GLY G 3971 14.22 9.04 -38.47
CA GLY G 3971 12.85 9.47 -38.56
C GLY G 3971 12.21 9.99 -37.28
N PRO G 3972 12.48 9.38 -36.11
CA PRO G 3972 13.10 8.08 -35.85
C PRO G 3972 12.09 6.96 -35.93
N CYS G 3973 12.52 5.73 -36.19
CA CYS G 3973 11.65 4.56 -36.08
C CYS G 3973 12.03 3.84 -34.80
N THR G 3974 11.16 3.93 -33.80
CA THR G 3974 11.48 3.43 -32.47
C THR G 3974 11.69 1.92 -32.47
N GLY G 3975 10.87 1.20 -33.22
CA GLY G 3975 11.04 -0.25 -33.28
C GLY G 3975 12.39 -0.65 -33.85
N ASN G 3976 12.80 0.00 -34.94
CA ASN G 3976 14.11 -0.29 -35.52
C ASN G 3976 15.23 0.13 -34.57
N GLN G 3977 15.03 1.24 -33.85
CA GLN G 3977 16.03 1.66 -32.88
C GLN G 3977 16.21 0.61 -31.79
N GLN G 3978 15.12 0.06 -31.27
CA GLN G 3978 15.22 -0.98 -30.25
C GLN G 3978 15.85 -2.25 -30.81
N SER G 3979 15.47 -2.61 -32.04
CA SER G 3979 16.05 -3.79 -32.67
C SER G 3979 17.56 -3.66 -32.82
N LEU G 3980 18.03 -2.47 -33.21
CA LEU G 3980 19.46 -2.23 -33.27
C LEU G 3980 20.09 -2.23 -31.88
N ALA G 3981 19.35 -1.72 -30.89
CA ALA G 3981 19.87 -1.67 -29.52
C ALA G 3981 20.16 -3.05 -28.98
N HIS G 3982 19.26 -4.00 -29.21
CA HIS G 3982 19.44 -5.35 -28.70
C HIS G 3982 20.19 -6.27 -29.66
N SER G 3983 20.74 -5.73 -30.75
CA SER G 3983 21.45 -6.55 -31.72
C SER G 3983 22.95 -6.57 -31.41
N ARG G 3984 23.71 -7.10 -32.37
CA ARG G 3984 25.16 -7.19 -32.30
C ARG G 3984 25.85 -5.96 -32.89
N LEU G 3985 25.06 -4.92 -33.19
CA LEU G 3985 25.61 -3.71 -33.79
C LEU G 3985 26.68 -3.10 -32.90
N TRP G 3986 26.54 -3.23 -31.57
CA TRP G 3986 27.55 -2.64 -30.69
C TRP G 3986 28.88 -3.36 -30.82
N ASP G 3987 28.86 -4.69 -30.92
CA ASP G 3987 30.10 -5.42 -31.15
C ASP G 3987 30.71 -5.05 -32.49
N ALA G 3988 29.87 -4.92 -33.52
CA ALA G 3988 30.38 -4.50 -34.83
C ALA G 3988 31.03 -3.12 -34.74
N VAL G 3989 30.40 -2.19 -34.03
CA VAL G 3989 30.93 -0.84 -33.91
C VAL G 3989 32.22 -0.83 -33.11
N VAL G 3990 32.31 -1.69 -32.09
CA VAL G 3990 33.55 -1.79 -31.31
C VAL G 3990 34.69 -2.26 -32.19
N GLY G 3991 34.47 -3.31 -32.97
CA GLY G 3991 35.50 -3.77 -33.89
C GLY G 3991 35.87 -2.70 -34.89
N PHE G 3992 34.87 -1.98 -35.41
CA PHE G 3992 35.15 -0.91 -36.38
C PHE G 3992 36.00 0.19 -35.74
N LEU G 3993 35.70 0.55 -34.49
CA LEU G 3993 36.49 1.58 -33.81
C LEU G 3993 37.93 1.13 -33.61
N HIS G 3994 38.14 -0.13 -33.22
CA HIS G 3994 39.50 -0.62 -33.07
C HIS G 3994 40.25 -0.54 -34.39
N VAL G 3995 39.63 -1.04 -35.46
CA VAL G 3995 40.26 -1.00 -36.77
C VAL G 3995 40.54 0.44 -37.18
N PHE G 3996 39.59 1.35 -36.94
CA PHE G 3996 39.76 2.73 -37.35
C PHE G 3996 40.92 3.38 -36.61
N ALA G 3997 41.00 3.20 -35.29
CA ALA G 3997 42.07 3.83 -34.53
C ALA G 3997 43.43 3.34 -35.01
N HIS G 3998 43.63 2.02 -35.06
CA HIS G 3998 44.92 1.51 -35.48
C HIS G 3998 45.21 1.83 -36.94
N MET G 3999 44.16 1.86 -37.77
CA MET G 3999 44.36 2.04 -39.19
C MET G 3999 44.76 3.48 -39.49
N MET G 4000 44.14 4.45 -38.82
CA MET G 4000 44.59 5.84 -38.90
C MET G 4000 46.01 5.98 -38.39
N MET G 4001 46.31 5.36 -37.24
CA MET G 4001 47.65 5.45 -36.69
C MET G 4001 48.69 4.96 -37.70
N LYS G 4002 48.35 3.92 -38.46
CA LYS G 4002 49.28 3.41 -39.47
C LYS G 4002 49.32 4.32 -40.70
N LEU G 4003 48.16 4.84 -41.13
CA LEU G 4003 48.11 5.61 -42.37
C LEU G 4003 48.76 6.97 -42.21
N ALA G 4004 48.85 7.47 -40.98
CA ALA G 4004 49.32 8.83 -40.78
C ALA G 4004 50.79 8.98 -41.17
N GLN G 4005 51.54 7.88 -41.17
CA GLN G 4005 52.99 7.97 -41.37
C GLN G 4005 53.36 8.16 -42.83
N ASP G 4006 52.67 7.49 -43.75
CA ASP G 4006 53.07 7.47 -45.15
C ASP G 4006 52.17 8.42 -45.94
N SER G 4007 52.77 9.10 -46.93
CA SER G 4007 52.02 10.08 -47.72
C SER G 4007 51.10 9.40 -48.73
N SER G 4008 51.51 8.25 -49.25
CA SER G 4008 50.66 7.54 -50.22
C SER G 4008 49.41 6.98 -49.56
N GLN G 4009 49.42 6.88 -48.23
CA GLN G 4009 48.31 6.27 -47.52
C GLN G 4009 47.22 7.29 -47.16
N ILE G 4010 47.45 8.57 -47.50
CA ILE G 4010 46.58 9.62 -46.97
C ILE G 4010 45.26 9.68 -47.73
N GLU G 4011 45.23 9.22 -48.98
CA GLU G 4011 43.96 9.18 -49.70
C GLU G 4011 43.04 8.14 -49.10
N LEU G 4012 43.56 6.92 -48.89
CA LEU G 4012 42.81 5.91 -48.17
C LEU G 4012 42.48 6.39 -46.76
N LEU G 4013 43.33 7.25 -46.20
CA LEU G 4013 43.04 7.81 -44.88
C LEU G 4013 41.82 8.73 -44.92
N LYS G 4014 41.71 9.57 -45.97
CA LYS G 4014 40.52 10.39 -46.13
C LYS G 4014 39.28 9.53 -46.27
N GLU G 4015 39.38 8.47 -47.08
CA GLU G 4015 38.22 7.59 -47.28
C GLU G 4015 37.82 6.91 -45.97
N LEU G 4016 38.81 6.47 -45.20
CA LEU G 4016 38.54 5.86 -43.90
C LEU G 4016 37.90 6.88 -42.95
N LEU G 4017 38.36 8.12 -42.99
CA LEU G 4017 37.80 9.16 -42.14
C LEU G 4017 36.33 9.41 -42.47
N ASP G 4018 35.99 9.47 -43.75
CA ASP G 4018 34.59 9.68 -44.09
C ASP G 4018 33.75 8.46 -43.70
N LEU G 4019 34.33 7.26 -43.76
CA LEU G 4019 33.61 6.09 -43.29
C LEU G 4019 33.33 6.19 -41.78
N GLN G 4020 34.31 6.65 -41.01
CA GLN G 4020 34.07 6.89 -39.59
C GLN G 4020 32.98 7.92 -39.39
N LYS G 4021 32.95 8.96 -40.23
CA LYS G 4021 31.89 9.95 -40.13
C LYS G 4021 30.53 9.32 -40.36
N ASP G 4022 30.44 8.41 -41.33
CA ASP G 4022 29.17 7.72 -41.57
C ASP G 4022 28.77 6.87 -40.37
N MET G 4023 29.73 6.19 -39.74
CA MET G 4023 29.38 5.41 -38.54
C MET G 4023 28.86 6.31 -37.42
N VAL G 4024 29.52 7.46 -37.23
CA VAL G 4024 29.10 8.38 -36.17
C VAL G 4024 27.72 8.94 -36.48
N VAL G 4025 27.43 9.17 -37.77
CA VAL G 4025 26.11 9.61 -38.17
C VAL G 4025 25.07 8.55 -37.83
N MET G 4026 25.41 7.28 -38.05
CA MET G 4026 24.51 6.21 -37.66
C MET G 4026 24.26 6.20 -36.16
N LEU G 4027 25.31 6.40 -35.37
CA LEU G 4027 25.15 6.43 -33.92
C LEU G 4027 24.26 7.61 -33.50
N LEU G 4028 24.49 8.78 -34.09
CA LEU G 4028 23.66 9.95 -33.77
C LEU G 4028 22.21 9.69 -34.16
N SER G 4029 21.98 8.99 -35.27
CA SER G 4029 20.63 8.60 -35.64
C SER G 4029 20.02 7.67 -34.60
N LEU G 4030 20.83 6.76 -34.06
CA LEU G 4030 20.35 5.93 -32.95
C LEU G 4030 19.98 6.80 -31.75
N LEU G 4031 20.63 7.95 -31.60
CA LEU G 4031 20.36 8.79 -30.43
C LEU G 4031 19.18 9.72 -30.66
N GLU G 4032 18.54 9.67 -31.82
CA GLU G 4032 17.44 10.56 -32.09
C GLU G 4032 16.23 10.21 -31.23
N GLY G 4033 15.60 11.24 -30.67
CA GLY G 4033 14.45 11.04 -29.80
C GLY G 4033 14.78 10.34 -28.51
N ASN G 4034 15.92 10.64 -27.91
CA ASN G 4034 16.40 9.96 -26.72
C ASN G 4034 16.17 10.84 -25.50
N VAL G 4035 15.59 10.25 -24.46
CA VAL G 4035 15.35 10.98 -23.22
C VAL G 4035 16.62 11.00 -22.38
N VAL G 4036 16.61 11.84 -21.34
CA VAL G 4036 17.74 11.90 -20.42
C VAL G 4036 17.85 10.56 -19.68
N ASN G 4037 19.08 10.07 -19.55
CA ASN G 4037 19.34 8.74 -19.00
C ASN G 4037 18.60 7.65 -19.77
N GLY G 4038 18.57 7.79 -21.10
CA GLY G 4038 17.92 6.78 -21.91
C GLY G 4038 18.74 5.51 -22.00
N MET G 4039 18.04 4.40 -22.25
CA MET G 4039 18.70 3.10 -22.31
C MET G 4039 19.58 2.98 -23.55
N ILE G 4040 19.17 3.60 -24.66
CA ILE G 4040 20.03 3.67 -25.84
C ILE G 4040 21.32 4.41 -25.53
N ALA G 4041 21.20 5.57 -24.88
CA ALA G 4041 22.38 6.36 -24.57
C ALA G 4041 23.28 5.63 -23.58
N ARG G 4042 22.69 4.94 -22.61
CA ARG G 4042 23.50 4.19 -21.66
C ARG G 4042 24.25 3.05 -22.35
N GLN G 4043 23.59 2.37 -23.30
CA GLN G 4043 24.31 1.35 -24.06
C GLN G 4043 25.45 1.97 -24.87
N MET G 4044 25.21 3.16 -25.43
CA MET G 4044 26.29 3.82 -26.16
C MET G 4044 27.47 4.14 -25.26
N VAL G 4045 27.21 4.59 -24.03
CA VAL G 4045 28.30 4.87 -23.10
C VAL G 4045 29.03 3.58 -22.74
N ASP G 4046 28.28 2.50 -22.49
CA ASP G 4046 28.93 1.24 -22.18
C ASP G 4046 29.81 0.76 -23.33
N MET G 4047 29.32 0.92 -24.57
CA MET G 4047 30.08 0.51 -25.74
C MET G 4047 31.32 1.37 -25.94
N LEU G 4048 31.22 2.67 -25.64
CA LEU G 4048 32.41 3.51 -25.65
C LEU G 4048 33.41 3.05 -24.59
N VAL G 4049 32.90 2.66 -23.42
CA VAL G 4049 33.78 2.22 -22.33
C VAL G 4049 34.49 0.93 -22.70
N GLU G 4050 33.78 0.01 -23.38
CA GLU G 4050 34.40 -1.25 -23.79
C GLU G 4050 35.54 -1.01 -24.76
N SER G 4051 35.38 -0.06 -25.67
CA SER G 4051 36.42 0.32 -26.62
C SER G 4051 37.18 1.55 -26.17
N SER G 4052 37.41 1.71 -24.87
CA SER G 4052 37.97 2.94 -24.34
C SER G 4052 39.35 3.22 -24.90
N SER G 4053 40.18 2.20 -25.04
CA SER G 4053 41.53 2.41 -25.57
C SER G 4053 41.49 2.94 -26.99
N ASN G 4054 40.64 2.36 -27.84
CA ASN G 4054 40.55 2.82 -29.23
C ASN G 4054 39.95 4.21 -29.32
N VAL G 4055 38.94 4.49 -28.50
CA VAL G 4055 38.36 5.82 -28.47
C VAL G 4055 39.40 6.84 -28.05
N GLU G 4056 40.21 6.52 -27.05
CA GLU G 4056 41.26 7.42 -26.60
C GLU G 4056 42.31 7.59 -27.68
N MET G 4057 42.61 6.54 -28.44
CA MET G 4057 43.55 6.67 -29.55
C MET G 4057 43.04 7.63 -30.60
N ILE G 4058 41.75 7.52 -30.94
CA ILE G 4058 41.16 8.43 -31.93
C ILE G 4058 41.20 9.87 -31.43
N LEU G 4059 40.80 10.08 -30.17
CA LEU G 4059 40.80 11.41 -29.59
C LEU G 4059 42.22 11.98 -29.54
N LYS G 4060 43.20 11.13 -29.22
CA LYS G 4060 44.59 11.55 -29.19
C LYS G 4060 45.06 11.97 -30.57
N PHE G 4061 44.70 11.20 -31.60
CA PHE G 4061 45.02 11.59 -32.97
C PHE G 4061 44.51 12.99 -33.26
N PHE G 4062 43.21 13.23 -33.00
CA PHE G 4062 42.63 14.53 -33.32
C PHE G 4062 43.27 15.66 -32.52
N ASP G 4063 43.43 15.46 -31.20
CA ASP G 4063 43.95 16.54 -30.37
C ASP G 4063 45.42 16.82 -30.68
N MET G 4064 46.21 15.78 -30.94
CA MET G 4064 47.60 15.99 -31.30
C MET G 4064 47.73 16.80 -32.58
N PHE G 4065 46.89 16.51 -33.58
CA PHE G 4065 47.03 17.26 -34.82
C PHE G 4065 46.53 18.70 -34.68
N LEU G 4066 45.46 18.91 -33.89
CA LEU G 4066 45.05 20.28 -33.60
C LEU G 4066 46.14 21.06 -32.88
N LYS G 4067 46.74 20.44 -31.86
CA LYS G 4067 47.82 21.11 -31.12
C LYS G 4067 49.02 21.35 -32.01
N LEU G 4068 49.31 20.44 -32.93
CA LEU G 4068 50.41 20.64 -33.86
C LEU G 4068 50.15 21.84 -34.75
N LYS G 4069 48.91 22.00 -35.23
CA LYS G 4069 48.60 23.19 -36.02
C LYS G 4069 48.78 24.46 -35.19
N ASP G 4070 48.26 24.49 -33.97
CA ASP G 4070 48.42 25.69 -33.16
C ASP G 4070 49.88 25.96 -32.84
N ILE G 4071 50.70 24.90 -32.78
CA ILE G 4071 52.11 25.05 -32.46
C ILE G 4071 52.89 25.60 -33.65
N VAL G 4072 52.61 25.09 -34.85
CA VAL G 4072 53.23 25.70 -36.03
C VAL G 4072 52.72 27.13 -36.19
N GLY G 4073 51.61 27.46 -35.54
CA GLY G 4073 51.21 28.86 -35.45
C GLY G 4073 51.89 29.61 -34.31
N SER G 4074 52.67 28.90 -33.48
CA SER G 4074 53.15 29.48 -32.23
C SER G 4074 54.49 30.19 -32.40
N GLU G 4075 54.63 31.30 -31.65
CA GLU G 4075 55.84 32.12 -31.75
C GLU G 4075 57.07 31.39 -31.23
N ALA G 4076 56.92 30.58 -30.18
CA ALA G 4076 58.06 29.83 -29.66
C ALA G 4076 58.60 28.87 -30.71
N PHE G 4077 57.69 28.18 -31.42
CA PHE G 4077 58.12 27.29 -32.50
C PHE G 4077 58.76 28.09 -33.63
N GLN G 4078 58.19 29.24 -33.97
CA GLN G 4078 58.79 30.06 -35.03
C GLN G 4078 60.19 30.53 -34.66
N ASP G 4079 60.41 30.80 -33.37
CA ASP G 4079 61.76 31.14 -32.92
C ASP G 4079 62.68 29.92 -32.98
N TYR G 4080 62.15 28.74 -32.66
CA TYR G 4080 62.96 27.53 -32.75
C TYR G 4080 63.43 27.26 -34.17
N VAL G 4081 62.54 27.44 -35.15
CA VAL G 4081 62.91 27.26 -36.55
C VAL G 4081 63.72 28.47 -37.01
N THR G 4082 64.86 28.21 -37.64
CA THR G 4082 65.76 29.26 -38.09
C THR G 4082 65.98 29.25 -39.60
N ASP G 4083 65.46 28.25 -40.30
CA ASP G 4083 65.67 28.17 -41.74
C ASP G 4083 64.95 29.31 -42.45
N PRO G 4084 65.60 29.95 -43.42
CA PRO G 4084 64.85 30.89 -44.28
C PRO G 4084 63.70 30.23 -45.02
N ARG G 4085 63.87 28.96 -45.39
CA ARG G 4085 62.79 28.23 -46.04
C ARG G 4085 61.72 27.83 -45.04
N GLY G 4086 62.01 27.93 -43.74
CA GLY G 4086 61.12 27.49 -42.70
C GLY G 4086 61.18 26.01 -42.40
N LEU G 4087 62.04 25.26 -43.08
CA LEU G 4087 62.15 23.84 -42.84
C LEU G 4087 62.89 23.57 -41.54
N ILE G 4088 62.37 22.64 -40.74
CA ILE G 4088 62.88 22.38 -39.40
C ILE G 4088 63.42 20.96 -39.34
N SER G 4089 64.57 20.79 -38.68
CA SER G 4089 65.14 19.46 -38.49
C SER G 4089 64.36 18.67 -37.46
N LYS G 4090 64.44 17.34 -37.57
CA LYS G 4090 63.72 16.48 -36.64
C LYS G 4090 64.18 16.70 -35.21
N LYS G 4091 65.48 16.93 -35.01
CA LYS G 4091 65.96 17.24 -33.66
C LYS G 4091 65.44 18.60 -33.21
N ASP G 4092 65.52 19.61 -34.08
CA ASP G 4092 64.98 20.93 -33.74
C ASP G 4092 63.48 20.87 -33.52
N PHE G 4093 62.78 20.11 -34.36
CA PHE G 4093 61.34 19.93 -34.21
C PHE G 4093 61.01 19.30 -32.86
N GLN G 4094 61.80 18.28 -32.48
CA GLN G 4094 61.63 17.63 -31.18
C GLN G 4094 61.82 18.61 -30.03
N LYS G 4095 62.93 19.36 -30.03
CA LYS G 4095 63.17 20.26 -28.91
C LYS G 4095 62.15 21.38 -28.89
N ALA G 4096 61.65 21.77 -30.06
CA ALA G 4096 60.60 22.78 -30.11
C ALA G 4096 59.34 22.30 -29.40
N MET G 4097 58.85 21.12 -29.75
CA MET G 4097 57.65 20.65 -29.05
C MET G 4097 57.90 20.43 -27.57
N ASP G 4098 59.05 19.88 -27.20
CA ASP G 4098 59.28 19.67 -25.77
C ASP G 4098 59.40 21.01 -25.04
N SER G 4099 59.77 22.06 -25.77
CA SER G 4099 59.66 23.41 -25.21
C SER G 4099 58.21 23.81 -25.03
N GLN G 4100 57.35 23.45 -25.98
CA GLN G 4100 55.93 23.73 -25.81
C GLN G 4100 55.31 22.88 -24.71
N LYS G 4101 55.80 21.66 -24.52
CA LYS G 4101 55.39 20.69 -23.50
C LYS G 4101 53.97 20.16 -23.69
N GLN G 4102 53.26 20.51 -24.76
CA GLN G 4102 51.92 19.98 -24.95
C GLN G 4102 51.96 18.51 -25.36
N PHE G 4103 53.02 18.10 -26.04
CA PHE G 4103 53.19 16.72 -26.51
C PHE G 4103 54.25 16.02 -25.68
N THR G 4104 54.00 14.76 -25.35
CA THR G 4104 55.00 13.95 -24.68
C THR G 4104 55.99 13.39 -25.70
N GLY G 4105 57.00 12.66 -25.19
CA GLY G 4105 58.03 12.09 -26.04
C GLY G 4105 57.56 11.10 -27.06
N PRO G 4106 56.74 10.10 -26.70
CA PRO G 4106 56.17 9.22 -27.72
C PRO G 4106 55.32 9.98 -28.73
N GLU G 4107 54.62 11.02 -28.29
CA GLU G 4107 53.85 11.84 -29.21
C GLU G 4107 54.76 12.55 -30.21
N ILE G 4108 55.90 13.05 -29.72
CA ILE G 4108 56.86 13.70 -30.61
C ILE G 4108 57.41 12.69 -31.61
N GLN G 4109 57.73 11.48 -31.15
CA GLN G 4109 58.23 10.45 -32.06
C GLN G 4109 57.19 10.09 -33.12
N PHE G 4110 55.92 9.97 -32.71
CA PHE G 4110 54.87 9.67 -33.68
C PHE G 4110 54.70 10.81 -34.68
N LEU G 4111 54.78 12.06 -34.22
CA LEU G 4111 54.68 13.19 -35.13
C LEU G 4111 55.84 13.20 -36.12
N LEU G 4112 57.04 12.86 -35.64
CA LEU G 4112 58.18 12.74 -36.54
C LEU G 4112 57.94 11.66 -37.58
N SER G 4113 57.38 10.52 -37.18
CA SER G 4113 57.05 9.46 -38.12
C SER G 4113 56.02 9.93 -39.14
N CYS G 4114 55.00 10.66 -38.69
CA CYS G 4114 53.96 11.15 -39.60
C CYS G 4114 54.53 12.14 -40.60
N SER G 4115 55.42 13.03 -40.16
CA SER G 4115 56.02 14.00 -41.06
C SER G 4115 56.92 13.31 -42.08
N GLU G 4116 56.72 13.64 -43.36
CA GLU G 4116 57.52 13.07 -44.43
C GLU G 4116 58.88 13.76 -44.45
N ALA G 4117 59.84 13.18 -43.73
CA ALA G 4117 61.18 13.75 -43.68
C ALA G 4117 61.89 13.58 -45.01
N ASP G 4118 62.47 14.67 -45.49
CA ASP G 4118 63.26 14.64 -46.72
C ASP G 4118 64.66 14.08 -46.45
N GLU G 4119 65.50 14.14 -47.47
CA GLU G 4119 66.85 13.58 -47.36
C GLU G 4119 67.69 14.35 -46.34
N ASN G 4120 67.42 15.64 -46.16
CA ASN G 4120 68.12 16.40 -45.14
C ASN G 4120 67.46 16.22 -43.78
N GLU G 4121 66.38 15.44 -43.72
CA GLU G 4121 65.49 15.27 -42.58
C GLU G 4121 64.81 16.58 -42.26
N MET G 4122 64.68 17.47 -43.24
CA MET G 4122 64.03 18.75 -43.03
C MET G 4122 62.52 18.52 -42.97
N ILE G 4123 61.80 19.36 -42.22
CA ILE G 4123 60.35 19.25 -42.10
C ILE G 4123 59.70 20.58 -42.44
N ASN G 4124 58.69 20.53 -43.30
CA ASN G 4124 57.89 21.71 -43.64
C ASN G 4124 56.63 21.72 -42.79
N PHE G 4125 56.62 22.55 -41.74
CA PHE G 4125 55.57 22.45 -40.73
C PHE G 4125 54.23 22.92 -41.28
N GLU G 4126 54.24 23.79 -42.29
CA GLU G 4126 52.98 24.26 -42.85
C GLU G 4126 52.19 23.11 -43.48
N GLU G 4127 52.83 22.36 -44.38
CA GLU G 4127 52.14 21.23 -45.00
C GLU G 4127 51.93 20.11 -43.99
N PHE G 4128 52.87 19.94 -43.06
CA PHE G 4128 52.69 18.92 -42.03
C PHE G 4128 51.46 19.23 -41.17
N ALA G 4129 51.12 20.50 -41.03
CA ALA G 4129 49.96 20.88 -40.24
C ALA G 4129 48.67 20.78 -41.06
N ASN G 4130 48.65 21.38 -42.24
CA ASN G 4130 47.40 21.41 -43.01
C ASN G 4130 47.14 20.12 -43.78
N ARG G 4131 48.04 19.14 -43.72
CA ARG G 4131 47.85 17.92 -44.47
C ARG G 4131 46.64 17.14 -43.97
N PHE G 4132 46.42 17.12 -42.66
CA PHE G 4132 45.40 16.28 -42.05
C PHE G 4132 44.20 17.05 -41.51
N GLN G 4133 44.24 18.37 -41.49
CA GLN G 4133 43.14 19.12 -40.89
C GLN G 4133 41.88 19.05 -41.74
N GLU G 4134 42.03 19.21 -43.06
CA GLU G 4134 40.85 19.16 -43.93
C GLU G 4134 40.13 17.82 -43.90
N PRO G 4135 40.79 16.66 -44.06
CA PRO G 4135 40.04 15.40 -44.01
C PRO G 4135 39.40 15.13 -42.65
N ALA G 4136 40.02 15.61 -41.56
CA ALA G 4136 39.58 15.20 -40.24
C ALA G 4136 38.50 16.12 -39.69
N ARG G 4137 38.16 17.19 -40.42
CA ARG G 4137 37.22 18.17 -39.89
C ARG G 4137 35.84 17.57 -39.67
N ASP G 4138 35.31 16.85 -40.66
CA ASP G 4138 33.96 16.32 -40.57
C ASP G 4138 33.85 15.28 -39.46
N ILE G 4139 34.80 14.36 -39.38
CA ILE G 4139 34.73 13.31 -38.36
C ILE G 4139 34.97 13.91 -36.99
N GLY G 4140 35.86 14.90 -36.88
CA GLY G 4140 36.06 15.55 -35.60
C GLY G 4140 34.83 16.28 -35.11
N PHE G 4141 34.15 16.98 -36.02
CA PHE G 4141 32.91 17.66 -35.65
C PHE G 4141 31.85 16.66 -35.23
N ASN G 4142 31.72 15.55 -35.96
CA ASN G 4142 30.72 14.55 -35.60
C ASN G 4142 31.04 13.92 -34.24
N VAL G 4143 32.32 13.68 -33.97
CA VAL G 4143 32.71 13.13 -32.67
C VAL G 4143 32.39 14.11 -31.56
N ALA G 4144 32.67 15.40 -31.79
CA ALA G 4144 32.32 16.41 -30.79
C ALA G 4144 30.81 16.46 -30.55
N VAL G 4145 30.03 16.38 -31.62
CA VAL G 4145 28.58 16.37 -31.50
C VAL G 4145 28.12 15.18 -30.69
N LEU G 4146 28.65 13.99 -30.99
CA LEU G 4146 28.25 12.79 -30.28
C LEU G 4146 28.61 12.86 -28.81
N LEU G 4147 29.82 13.33 -28.49
CA LEU G 4147 30.22 13.45 -27.10
C LEU G 4147 29.37 14.46 -26.35
N THR G 4148 29.07 15.59 -26.98
CA THR G 4148 28.22 16.59 -26.34
C THR G 4148 26.82 16.04 -26.09
N ASN G 4149 26.25 15.37 -27.09
CA ASN G 4149 24.92 14.81 -26.94
C ASN G 4149 24.87 13.78 -25.83
N LEU G 4150 25.85 12.89 -25.79
CA LEU G 4150 25.89 11.87 -24.74
C LEU G 4150 26.09 12.50 -23.37
N SER G 4151 26.94 13.52 -23.27
CA SER G 4151 27.16 14.18 -21.99
C SER G 4151 25.89 14.85 -21.48
N GLU G 4152 25.14 15.50 -22.37
CA GLU G 4152 23.95 16.20 -21.93
C GLU G 4152 22.80 15.25 -21.65
N HIS G 4153 22.80 14.08 -22.28
CA HIS G 4153 21.69 13.16 -22.07
C HIS G 4153 21.98 12.17 -20.94
N VAL G 4154 23.24 11.97 -20.61
CA VAL G 4154 23.66 11.12 -19.49
C VAL G 4154 24.62 11.92 -18.63
N PRO G 4155 24.14 12.88 -17.84
CA PRO G 4155 25.07 13.82 -17.18
C PRO G 4155 25.86 13.24 -16.03
N HIS G 4156 25.41 12.12 -15.45
CA HIS G 4156 25.96 11.70 -14.17
C HIS G 4156 27.14 10.75 -14.33
N ASP G 4157 27.29 10.14 -15.49
CA ASP G 4157 28.26 9.07 -15.65
C ASP G 4157 29.69 9.64 -15.61
N PRO G 4158 30.58 9.08 -14.80
CA PRO G 4158 31.95 9.62 -14.73
C PRO G 4158 32.83 9.19 -15.90
N ARG G 4159 32.57 8.02 -16.48
CA ARG G 4159 33.33 7.59 -17.66
C ARG G 4159 33.10 8.54 -18.83
N LEU G 4160 31.86 9.00 -19.00
CA LEU G 4160 31.59 10.01 -20.02
C LEU G 4160 32.37 11.29 -19.75
N ARG G 4161 32.44 11.70 -18.49
CA ARG G 4161 33.22 12.89 -18.15
C ARG G 4161 34.69 12.70 -18.48
N ASN G 4162 35.21 11.50 -18.23
CA ASN G 4162 36.59 11.21 -18.61
C ASN G 4162 36.79 11.37 -20.11
N PHE G 4163 35.92 10.75 -20.91
CA PHE G 4163 36.01 10.91 -22.36
C PHE G 4163 35.96 12.37 -22.76
N LEU G 4164 35.10 13.15 -22.11
CA LEU G 4164 35.01 14.57 -22.41
C LEU G 4164 36.32 15.29 -22.09
N GLU G 4165 36.94 14.93 -20.96
CA GLU G 4165 38.22 15.53 -20.60
C GLU G 4165 39.28 15.26 -21.66
N LEU G 4166 39.32 14.03 -22.17
CA LEU G 4166 40.30 13.72 -23.21
C LEU G 4166 40.00 14.47 -24.50
N ALA G 4167 38.72 14.68 -24.82
CA ALA G 4167 38.35 15.41 -26.03
C ALA G 4167 38.17 16.90 -25.79
N GLU G 4168 38.81 17.46 -24.76
CA GLU G 4168 38.59 18.85 -24.41
C GLU G 4168 39.04 19.78 -25.52
N SER G 4169 40.19 19.51 -26.13
CA SER G 4169 40.69 20.39 -27.18
C SER G 4169 39.81 20.32 -28.42
N ILE G 4170 39.32 19.13 -28.78
CA ILE G 4170 38.42 18.99 -29.92
C ILE G 4170 37.14 19.78 -29.67
N LEU G 4171 36.57 19.61 -28.47
CA LEU G 4171 35.35 20.34 -28.14
C LEU G 4171 35.56 21.84 -28.16
N GLU G 4172 36.72 22.29 -27.67
CA GLU G 4172 37.04 23.72 -27.71
C GLU G 4172 37.16 24.22 -29.13
N TYR G 4173 37.82 23.45 -30.00
CA TYR G 4173 37.99 23.88 -31.38
C TYR G 4173 36.64 23.98 -32.10
N PHE G 4174 35.77 23.01 -31.86
CA PHE G 4174 34.50 22.97 -32.58
C PHE G 4174 33.36 23.67 -31.84
N ARG G 4175 33.63 24.30 -30.71
CA ARG G 4175 32.58 25.02 -30.00
C ARG G 4175 31.96 26.16 -30.81
N PRO G 4176 32.72 27.04 -31.49
CA PRO G 4176 32.06 28.09 -32.27
C PRO G 4176 31.22 27.57 -33.43
N TYR G 4177 31.49 26.34 -33.90
CA TYR G 4177 30.74 25.81 -35.03
C TYR G 4177 29.58 24.93 -34.56
N LEU G 4178 29.69 24.36 -33.37
CA LEU G 4178 28.63 23.51 -32.85
C LEU G 4178 27.42 24.36 -32.48
N GLY G 4179 26.34 24.19 -33.24
CA GLY G 4179 25.12 24.91 -32.95
C GLY G 4179 24.08 24.00 -32.33
N ARG G 4180 23.46 24.46 -31.24
CA ARG G 4180 22.45 23.69 -30.55
C ARG G 4180 21.17 24.50 -30.45
N ILE G 4181 20.03 23.87 -30.71
CA ILE G 4181 18.73 24.46 -30.49
C ILE G 4181 17.84 23.39 -29.86
N GLU G 4182 16.78 23.84 -29.21
CA GLU G 4182 15.74 22.96 -28.69
C GLU G 4182 14.47 23.19 -29.50
N ILE G 4183 13.81 22.12 -29.88
CA ILE G 4183 12.59 22.20 -30.68
C ILE G 4183 11.50 21.45 -29.94
N MET G 4184 10.25 21.80 -30.25
CA MET G 4184 9.12 21.14 -29.64
C MET G 4184 8.88 19.83 -30.35
N GLY G 4185 9.45 18.76 -29.81
CA GLY G 4185 9.69 17.56 -30.59
C GLY G 4185 8.44 16.87 -31.08
N ALA G 4186 8.65 15.88 -31.95
CA ALA G 4186 7.55 15.15 -32.56
C ALA G 4186 6.74 14.40 -31.50
N SER G 4187 7.42 13.85 -30.49
CA SER G 4187 6.76 13.03 -29.48
C SER G 4187 6.05 13.86 -28.42
N ARG G 4188 5.80 15.14 -28.68
CA ARG G 4188 5.27 16.05 -27.65
C ARG G 4188 6.23 16.07 -26.47
N ARG G 4189 7.52 16.12 -26.76
CA ARG G 4189 8.56 16.19 -25.76
C ARG G 4189 9.68 17.07 -26.28
N ILE G 4190 10.27 17.90 -25.42
CA ILE G 4190 11.30 18.83 -25.87
C ILE G 4190 12.57 18.06 -26.19
N GLU G 4191 13.13 18.33 -27.36
CA GLU G 4191 14.37 17.70 -27.81
C GLU G 4191 15.40 18.76 -28.14
N ARG G 4192 16.67 18.41 -27.95
CA ARG G 4192 17.79 19.27 -28.30
C ARG G 4192 18.41 18.78 -29.60
N ILE G 4193 18.74 19.72 -30.48
CA ILE G 4193 19.22 19.43 -31.82
C ILE G 4193 20.61 20.04 -31.98
N TYR G 4194 21.55 19.25 -32.50
CA TYR G 4194 22.91 19.70 -32.75
C TYR G 4194 23.17 19.72 -34.25
N PHE G 4195 23.77 20.81 -34.73
CA PHE G 4195 24.00 21.00 -36.15
C PHE G 4195 25.24 21.85 -36.36
N GLU G 4196 25.73 21.86 -37.59
CA GLU G 4196 26.93 22.63 -37.91
C GLU G 4196 26.57 24.06 -38.29
N ILE G 4197 27.43 24.99 -37.87
CA ILE G 4197 27.33 26.40 -38.25
C ILE G 4197 28.54 26.75 -39.09
N SER G 4198 28.30 27.21 -40.32
CA SER G 4198 29.39 27.54 -41.21
C SER G 4198 30.11 28.79 -40.75
N GLU G 4199 31.43 28.82 -40.98
CA GLU G 4199 32.22 30.00 -40.67
C GLU G 4199 31.74 31.20 -41.47
N THR G 4200 31.42 30.99 -42.74
CA THR G 4200 30.89 32.08 -43.55
C THR G 4200 29.55 32.57 -43.01
N ASN G 4201 28.70 31.63 -42.57
CA ASN G 4201 27.42 32.03 -41.99
C ASN G 4201 27.62 32.90 -40.76
N ARG G 4202 28.50 32.48 -39.85
CA ARG G 4202 28.76 33.28 -38.66
C ARG G 4202 29.36 34.63 -39.01
N ALA G 4203 30.28 34.65 -39.99
CA ALA G 4203 30.90 35.92 -40.39
C ALA G 4203 29.86 36.88 -40.94
N GLN G 4204 28.94 36.39 -41.78
CA GLN G 4204 27.89 37.27 -42.29
C GLN G 4204 26.96 37.73 -41.18
N TRP G 4205 26.70 36.86 -40.19
CA TRP G 4205 25.88 37.26 -39.07
C TRP G 4205 26.54 38.36 -38.24
N GLU G 4206 27.87 38.34 -38.15
CA GLU G 4206 28.55 39.32 -37.31
C GLU G 4206 28.65 40.68 -37.99
N MET G 4207 28.17 40.78 -39.22
CA MET G 4207 28.30 42.03 -39.95
C MET G 4207 27.48 43.14 -39.29
N PRO G 4208 27.99 44.36 -39.24
CA PRO G 4208 27.28 45.44 -38.51
C PRO G 4208 25.90 45.77 -39.07
N GLN G 4209 25.71 45.74 -40.39
CA GLN G 4209 24.39 46.07 -40.92
C GLN G 4209 23.39 44.97 -40.60
N VAL G 4210 23.84 43.71 -40.60
CA VAL G 4210 22.99 42.60 -40.19
C VAL G 4210 22.61 42.75 -38.72
N LYS G 4211 23.57 43.14 -37.88
CA LYS G 4211 23.28 43.36 -36.47
C LYS G 4211 22.28 44.51 -36.29
N GLU G 4212 22.42 45.56 -37.09
CA GLU G 4212 21.48 46.68 -37.02
C GLU G 4212 20.07 46.25 -37.40
N SER G 4213 19.95 45.46 -38.47
CA SER G 4213 18.63 44.96 -38.85
C SER G 4213 18.05 44.07 -37.76
N LYS G 4214 18.89 43.26 -37.12
CA LYS G 4214 18.42 42.43 -36.02
C LYS G 4214 17.91 43.28 -34.87
N ARG G 4215 18.62 44.35 -34.54
CA ARG G 4215 18.18 45.24 -33.46
C ARG G 4215 16.84 45.88 -33.81
N GLN G 4216 16.70 46.36 -35.03
CA GLN G 4216 15.45 46.97 -35.46
C GLN G 4216 14.29 45.97 -35.38
N PHE G 4217 14.52 44.75 -35.86
CA PHE G 4217 13.48 43.73 -35.82
C PHE G 4217 13.09 43.39 -34.39
N ILE G 4218 14.09 43.25 -33.51
CA ILE G 4218 13.80 42.91 -32.11
C ILE G 4218 12.97 44.00 -31.48
N PHE G 4219 13.33 45.26 -31.72
CA PHE G 4219 12.54 46.36 -31.18
C PHE G 4219 11.11 46.31 -31.68
N ASP G 4220 10.92 46.11 -32.99
CA ASP G 4220 9.57 46.10 -33.55
C ASP G 4220 8.73 44.99 -32.97
N VAL G 4221 9.26 43.77 -32.89
CA VAL G 4221 8.43 42.67 -32.41
C VAL G 4221 8.14 42.83 -30.92
N VAL G 4222 9.15 43.16 -30.12
CA VAL G 4222 8.94 43.26 -28.68
C VAL G 4222 7.98 44.41 -28.37
N ASN G 4223 7.97 45.46 -29.18
CA ASN G 4223 7.05 46.56 -28.92
C ASN G 4223 5.63 46.24 -29.38
N GLU G 4224 5.45 45.86 -30.64
CA GLU G 4224 4.11 45.65 -31.19
C GLU G 4224 3.90 44.28 -31.81
N GLY G 4225 4.23 43.20 -31.11
CA GLY G 4225 4.00 41.86 -31.62
C GLY G 4225 3.44 40.95 -30.54
N GLY G 4226 2.47 40.12 -30.93
CA GLY G 4226 1.99 39.08 -30.05
C GLY G 4226 2.85 37.84 -30.14
N GLU G 4227 2.79 37.02 -29.08
CA GLU G 4227 3.71 35.89 -28.97
C GLU G 4227 3.51 34.89 -30.11
N ALA G 4228 2.25 34.59 -30.44
CA ALA G 4228 1.98 33.67 -31.54
C ALA G 4228 2.44 34.24 -32.87
N GLU G 4229 2.15 35.51 -33.12
CA GLU G 4229 2.58 36.16 -34.37
C GLU G 4229 4.09 36.36 -34.39
N LYS G 4230 4.73 36.32 -33.22
CA LYS G 4230 6.14 36.67 -33.14
C LYS G 4230 7.02 35.61 -33.78
N MET G 4231 6.63 34.33 -33.68
CA MET G 4231 7.37 33.29 -34.40
C MET G 4231 7.32 33.50 -35.90
N GLU G 4232 6.16 33.85 -36.44
CA GLU G 4232 6.06 34.07 -37.88
C GLU G 4232 6.89 35.28 -38.30
N LEU G 4233 6.81 36.36 -37.51
CA LEU G 4233 7.64 37.53 -37.80
C LEU G 4233 9.12 37.18 -37.74
N PHE G 4234 9.51 36.34 -36.78
CA PHE G 4234 10.91 35.96 -36.63
C PHE G 4234 11.38 35.14 -37.82
N VAL G 4235 10.56 34.22 -38.31
CA VAL G 4235 10.93 33.41 -39.47
C VAL G 4235 11.05 34.31 -40.70
N SER G 4236 10.11 35.23 -40.88
CA SER G 4236 10.20 36.16 -42.00
C SER G 4236 11.47 37.00 -41.92
N PHE G 4237 11.83 37.44 -40.71
CA PHE G 4237 13.07 38.19 -40.54
C PHE G 4237 14.27 37.33 -40.88
N CYS G 4238 14.24 36.05 -40.52
CA CYS G 4238 15.34 35.15 -40.87
C CYS G 4238 15.49 35.04 -42.38
N GLU G 4239 14.37 34.91 -43.10
CA GLU G 4239 14.45 34.83 -44.56
C GLU G 4239 15.00 36.12 -45.16
N ASP G 4240 14.54 37.26 -44.66
CA ASP G 4240 15.05 38.54 -45.14
C ASP G 4240 16.54 38.68 -44.85
N THR G 4241 16.97 38.20 -43.68
CA THR G 4241 18.39 38.26 -43.34
C THR G 4241 19.22 37.37 -44.26
N ILE G 4242 18.70 36.20 -44.62
CA ILE G 4242 19.41 35.32 -45.56
C ILE G 4242 19.58 36.03 -46.90
N PHE G 4243 18.51 36.67 -47.38
CA PHE G 4243 18.62 37.39 -48.65
C PHE G 4243 19.60 38.55 -48.54
N GLU G 4244 19.60 39.25 -47.41
CA GLU G 4244 20.55 40.34 -47.20
C GLU G 4244 21.98 39.83 -47.19
N MET G 4245 22.19 38.65 -46.61
CA MET G 4245 23.51 38.05 -46.62
C MET G 4245 23.95 37.73 -48.04
N GLN G 4246 23.04 37.21 -48.86
CA GLN G 4246 23.40 36.97 -50.26
C GLN G 4246 23.75 38.27 -50.97
N ILE G 4247 23.00 39.35 -50.72
CA ILE G 4247 23.31 40.63 -51.33
C ILE G 4247 24.70 41.10 -50.90
N ALA G 4248 25.01 40.98 -49.61
CA ALA G 4248 26.30 41.41 -49.11
C ALA G 4248 27.43 40.59 -49.74
N ALA G 4249 27.22 39.28 -49.87
CA ALA G 4249 28.22 38.43 -50.50
C ALA G 4249 28.45 38.83 -51.95
N GLN G 4250 27.38 39.12 -52.69
CA GLN G 4250 27.55 39.54 -54.08
C GLN G 4250 28.27 40.87 -54.18
N ILE G 4251 27.90 41.85 -53.35
CA ILE G 4251 28.50 43.17 -53.48
C ILE G 4251 29.94 43.16 -53.00
N SER G 4252 30.29 42.22 -52.12
CA SER G 4252 31.67 42.11 -51.69
C SER G 4252 32.55 41.63 -52.85
N GLU G 4253 33.67 42.33 -53.05
CA GLU G 4253 34.60 42.01 -54.12
C GLU G 4253 35.90 41.50 -53.54
N PRO G 4254 36.44 40.37 -54.02
CA PRO G 4254 37.68 39.77 -53.51
C PRO G 4254 38.90 40.64 -53.82
N PHE G 4540 33.73 45.50 -76.92
CA PHE G 4540 34.34 45.84 -75.63
C PHE G 4540 33.24 46.03 -74.58
N TRP G 4541 32.02 45.59 -74.93
CA TRP G 4541 30.92 45.64 -73.98
C TRP G 4541 31.23 44.86 -72.70
N GLY G 4542 31.99 43.77 -72.81
CA GLY G 4542 32.26 42.95 -71.64
C GLY G 4542 33.11 43.64 -70.60
N GLU G 4543 34.19 44.30 -71.03
CA GLU G 4543 35.04 45.00 -70.08
C GLU G 4543 34.32 46.21 -69.49
N LEU G 4544 33.54 46.91 -70.30
CA LEU G 4544 32.72 47.98 -69.77
C LEU G 4544 31.74 47.46 -68.73
N GLU G 4545 31.16 46.28 -68.98
CA GLU G 4545 30.21 45.71 -68.04
C GLU G 4545 30.87 45.32 -66.72
N VAL G 4546 32.07 44.73 -66.78
CA VAL G 4546 32.72 44.34 -65.53
C VAL G 4546 33.15 45.57 -64.75
N GLN G 4547 33.63 46.61 -65.44
CA GLN G 4547 33.93 47.85 -64.75
C GLN G 4547 32.67 48.46 -64.14
N ARG G 4548 31.54 48.38 -64.85
CA ARG G 4548 30.30 48.95 -64.33
C ARG G 4548 29.82 48.20 -63.09
N VAL G 4549 29.92 46.86 -63.09
CA VAL G 4549 29.51 46.12 -61.91
C VAL G 4549 30.47 46.37 -60.75
N LYS G 4550 31.75 46.55 -61.05
CA LYS G 4550 32.70 46.93 -59.99
C LYS G 4550 32.32 48.27 -59.39
N PHE G 4551 31.96 49.23 -60.24
CA PHE G 4551 31.56 50.56 -59.77
C PHE G 4551 30.31 50.48 -58.91
N LEU G 4552 29.30 49.72 -59.36
CA LEU G 4552 28.09 49.57 -58.58
C LEU G 4552 28.35 48.89 -57.24
N ASN G 4553 29.21 47.87 -57.23
CA ASN G 4553 29.56 47.19 -55.99
C ASN G 4553 30.28 48.12 -55.04
N TYR G 4554 31.19 48.95 -55.57
CA TYR G 4554 31.91 49.90 -54.73
C TYR G 4554 30.96 50.93 -54.14
N LEU G 4555 29.98 51.39 -54.93
CA LEU G 4555 28.98 52.30 -54.40
C LEU G 4555 28.15 51.63 -53.31
N SER G 4556 27.77 50.37 -53.51
CA SER G 4556 26.94 49.68 -52.53
C SER G 4556 27.70 49.44 -51.23
N ARG G 4557 28.97 49.07 -51.32
CA ARG G 4557 29.76 48.84 -50.11
C ARG G 4557 29.95 50.13 -49.32
N ASN G 4558 30.14 51.24 -50.02
CA ASN G 4558 30.45 52.52 -49.39
C ASN G 4558 29.23 53.44 -49.30
N PHE G 4559 28.03 52.88 -49.18
CA PHE G 4559 26.82 53.70 -49.18
C PHE G 4559 26.75 54.59 -47.94
N TYR G 4560 27.02 54.02 -46.77
CA TYR G 4560 26.95 54.80 -45.54
C TYR G 4560 28.07 55.83 -45.48
N THR G 4561 29.25 55.47 -46.01
CA THR G 4561 30.33 56.43 -46.12
C THR G 4561 29.94 57.59 -47.02
N LEU G 4562 29.26 57.29 -48.13
CA LEU G 4562 28.78 58.35 -49.02
C LEU G 4562 27.77 59.24 -48.32
N ARG G 4563 26.86 58.63 -47.53
CA ARG G 4563 25.88 59.41 -46.79
C ARG G 4563 26.57 60.37 -45.81
N PHE G 4564 27.56 59.85 -45.06
CA PHE G 4564 28.29 60.69 -44.12
C PHE G 4564 29.06 61.79 -44.84
N LEU G 4565 29.64 61.47 -46.00
CA LEU G 4565 30.35 62.47 -46.78
C LEU G 4565 29.41 63.57 -47.25
N ALA G 4566 28.19 63.19 -47.65
CA ALA G 4566 27.20 64.19 -48.04
C ALA G 4566 26.83 65.09 -46.87
N LEU G 4567 26.66 64.51 -45.67
CA LEU G 4567 26.37 65.33 -44.50
C LEU G 4567 27.52 66.30 -44.21
N PHE G 4568 28.76 65.81 -44.29
CA PHE G 4568 29.91 66.66 -44.05
C PHE G 4568 29.99 67.79 -45.08
N LEU G 4569 29.70 67.48 -46.34
CA LEU G 4569 29.72 68.50 -47.38
C LEU G 4569 28.65 69.55 -47.14
N ALA G 4570 27.46 69.13 -46.71
CA ALA G 4570 26.41 70.09 -46.39
C ALA G 4570 26.85 70.99 -45.24
N PHE G 4571 27.48 70.42 -44.22
CA PHE G 4571 27.97 71.22 -43.10
C PHE G 4571 29.00 72.25 -43.57
N ALA G 4572 29.94 71.82 -44.43
CA ALA G 4572 30.96 72.75 -44.91
C ALA G 4572 30.35 73.85 -45.76
N ILE G 4573 29.39 73.51 -46.61
CA ILE G 4573 28.74 74.51 -47.44
C ILE G 4573 28.03 75.54 -46.57
N ASN G 4574 27.32 75.07 -45.54
CA ASN G 4574 26.61 76.01 -44.67
C ASN G 4574 27.57 76.88 -43.88
N PHE G 4575 28.68 76.30 -43.41
CA PHE G 4575 29.70 77.09 -42.73
C PHE G 4575 30.23 78.19 -43.63
N ILE G 4576 30.46 77.87 -44.91
CA ILE G 4576 30.85 78.90 -45.87
C ILE G 4576 29.73 79.94 -45.99
N LEU G 4577 28.48 79.48 -46.01
CA LEU G 4577 27.34 80.38 -46.18
C LEU G 4577 27.22 81.36 -45.03
N LEU G 4578 27.75 81.01 -43.85
CA LEU G 4578 27.63 81.90 -42.70
C LEU G 4578 28.31 83.24 -42.95
N PHE G 4579 29.25 83.30 -43.90
CA PHE G 4579 29.97 84.55 -44.16
C PHE G 4579 29.22 85.42 -45.15
N TYR G 4580 28.07 84.96 -45.63
CA TYR G 4580 27.34 85.69 -46.66
C TYR G 4580 26.82 87.00 -46.10
N LYS G 4581 26.83 88.04 -46.93
CA LYS G 4581 26.34 89.35 -46.53
C LYS G 4581 25.72 90.05 -47.72
N VAL G 4582 24.89 91.04 -47.43
CA VAL G 4582 24.12 91.76 -48.45
C VAL G 4582 24.40 93.24 -48.32
N SER G 4583 24.63 93.90 -49.46
CA SER G 4583 24.85 95.34 -49.51
C SER G 4583 24.21 95.90 -50.78
N ASP G 4584 23.72 97.13 -50.67
CA ASP G 4584 23.10 97.78 -51.83
C ASP G 4584 24.12 98.04 -52.94
N SER G 4585 25.32 98.45 -52.57
CA SER G 4585 26.35 98.68 -53.57
C SER G 4585 26.81 97.34 -54.16
N PRO G 4586 27.19 97.30 -55.42
CA PRO G 4586 27.69 96.06 -56.01
C PRO G 4586 29.02 95.67 -55.38
N PRO G 4587 29.36 94.37 -55.40
CA PRO G 4587 30.61 93.86 -54.83
C PRO G 4587 31.85 94.53 -55.42
N ASN G 4626 19.14 100.27 -57.21
CA ASN G 4626 18.46 100.22 -55.93
C ASN G 4626 18.13 98.78 -55.54
N MET G 4627 18.94 97.84 -56.02
CA MET G 4627 18.77 96.43 -55.75
C MET G 4627 19.92 95.93 -54.90
N VAL G 4628 19.60 95.11 -53.90
CA VAL G 4628 20.60 94.65 -52.95
C VAL G 4628 21.39 93.50 -53.55
N TYR G 4629 22.68 93.45 -53.24
CA TYR G 4629 23.61 92.49 -53.80
C TYR G 4629 24.03 91.49 -52.74
N TYR G 4630 23.98 90.20 -53.09
CA TYR G 4630 24.38 89.13 -52.20
C TYR G 4630 25.78 88.68 -52.60
N PHE G 4631 26.72 88.70 -51.66
CA PHE G 4631 28.08 88.26 -51.93
C PHE G 4631 28.73 87.75 -50.67
N LEU G 4632 29.62 86.77 -50.83
CA LEU G 4632 30.44 86.32 -49.72
C LEU G 4632 31.47 87.38 -49.37
N GLU G 4633 31.73 87.55 -48.08
CA GLU G 4633 32.69 88.53 -47.60
C GLU G 4633 33.83 87.81 -46.90
N GLU G 4634 34.94 87.64 -47.61
CA GLU G 4634 36.12 86.98 -47.05
C GLU G 4634 37.36 87.65 -47.58
N SER G 4635 38.38 87.76 -46.72
CA SER G 4635 39.62 88.39 -47.12
C SER G 4635 40.39 87.52 -48.12
N THR G 4636 40.42 86.21 -47.91
CA THR G 4636 41.22 85.34 -48.76
C THR G 4636 40.65 85.26 -50.18
N GLY G 4637 39.33 85.14 -50.31
CA GLY G 4637 38.71 84.97 -51.61
C GLY G 4637 38.67 83.55 -52.12
N TYR G 4638 39.17 82.58 -51.35
CA TYR G 4638 39.10 81.18 -51.77
C TYR G 4638 37.69 80.63 -51.62
N MET G 4639 36.87 81.28 -50.78
CA MET G 4639 35.65 80.65 -50.31
C MET G 4639 34.60 80.54 -51.42
N GLU G 4640 34.55 81.50 -52.34
CA GLU G 4640 33.60 81.39 -53.44
C GLU G 4640 33.89 80.20 -54.35
N PRO G 4641 35.10 80.01 -54.90
CA PRO G 4641 35.36 78.77 -55.65
C PRO G 4641 35.22 77.53 -54.80
N ALA G 4642 35.61 77.61 -53.52
CA ALA G 4642 35.45 76.45 -52.65
C ALA G 4642 33.99 76.04 -52.52
N LEU G 4643 33.11 77.03 -52.36
CA LEU G 4643 31.68 76.75 -52.27
C LEU G 4643 31.15 76.17 -53.58
N TRP G 4644 31.61 76.71 -54.72
CA TRP G 4644 31.13 76.18 -55.99
C TRP G 4644 31.52 74.72 -56.17
N CYS G 4645 32.80 74.40 -55.94
CA CYS G 4645 33.25 73.01 -56.05
C CYS G 4645 32.55 72.12 -55.03
N LEU G 4646 32.34 72.62 -53.82
CA LEU G 4646 31.69 71.84 -52.79
C LEU G 4646 30.25 71.52 -53.16
N SER G 4647 29.53 72.49 -53.74
CA SER G 4647 28.18 72.24 -54.20
C SER G 4647 28.14 71.19 -55.30
N LEU G 4648 29.05 71.30 -56.28
CA LEU G 4648 29.09 70.31 -57.33
C LEU G 4648 29.36 68.92 -56.78
N LEU G 4649 30.34 68.81 -55.87
CA LEU G 4649 30.68 67.52 -55.30
C LEU G 4649 29.54 66.97 -54.45
N HIS G 4650 28.83 67.85 -53.74
CA HIS G 4650 27.70 67.40 -52.95
C HIS G 4650 26.59 66.82 -53.82
N THR G 4651 26.29 67.48 -54.94
CA THR G 4651 25.28 66.93 -55.84
C THR G 4651 25.72 65.59 -56.41
N LEU G 4652 26.99 65.48 -56.77
CA LEU G 4652 27.49 64.20 -57.28
C LEU G 4652 27.38 63.12 -56.22
N VAL G 4653 27.70 63.44 -54.97
CA VAL G 4653 27.63 62.46 -53.90
C VAL G 4653 26.19 62.05 -53.64
N ALA G 4654 25.25 63.00 -53.74
CA ALA G 4654 23.84 62.64 -53.58
C ALA G 4654 23.39 61.68 -54.67
N PHE G 4655 23.81 61.92 -55.91
CA PHE G 4655 23.48 61.00 -56.99
C PHE G 4655 24.07 59.62 -56.73
N LEU G 4656 25.31 59.59 -56.26
CA LEU G 4656 25.96 58.31 -55.95
C LEU G 4656 25.23 57.59 -54.82
N CYS G 4657 24.74 58.34 -53.83
CA CYS G 4657 23.97 57.72 -52.76
C CYS G 4657 22.68 57.11 -53.29
N ILE G 4658 22.01 57.80 -54.21
CA ILE G 4658 20.78 57.22 -54.78
C ILE G 4658 21.09 55.93 -55.51
N ILE G 4659 22.17 55.91 -56.30
CA ILE G 4659 22.51 54.68 -57.03
C ILE G 4659 22.88 53.56 -56.06
N GLY G 4660 23.65 53.88 -55.02
CA GLY G 4660 24.02 52.87 -54.04
C GLY G 4660 22.82 52.31 -53.31
N TYR G 4661 21.86 53.16 -52.98
CA TYR G 4661 20.65 52.69 -52.33
C TYR G 4661 19.85 51.79 -53.25
N ASN G 4662 19.78 52.14 -54.54
CA ASN G 4662 19.11 51.26 -55.49
C ASN G 4662 19.80 49.91 -55.59
N CYS G 4663 21.13 49.90 -55.46
CA CYS G 4663 21.86 48.65 -55.61
C CYS G 4663 21.93 47.87 -54.31
N LEU G 4664 21.53 48.48 -53.19
CA LEU G 4664 21.71 47.84 -51.88
C LEU G 4664 20.40 47.47 -51.19
N LYS G 4665 19.44 48.40 -51.12
CA LYS G 4665 18.25 48.17 -50.29
C LYS G 4665 17.03 47.84 -51.14
N VAL G 4666 16.99 48.34 -52.37
CA VAL G 4666 15.87 48.05 -53.26
C VAL G 4666 15.70 46.54 -53.47
N PRO G 4667 16.76 45.75 -53.65
CA PRO G 4667 16.52 44.29 -53.73
C PRO G 4667 15.82 43.72 -52.51
N LEU G 4668 16.14 44.20 -51.31
CA LEU G 4668 15.46 43.72 -50.12
C LEU G 4668 13.98 44.12 -50.13
N VAL G 4669 13.69 45.36 -50.54
CA VAL G 4669 12.30 45.80 -50.59
C VAL G 4669 11.50 44.94 -51.56
N ILE G 4670 12.06 44.72 -52.75
CA ILE G 4670 11.36 43.90 -53.75
C ILE G 4670 11.22 42.46 -53.26
N PHE G 4671 12.25 41.94 -52.59
CA PHE G 4671 12.17 40.58 -52.06
C PHE G 4671 11.03 40.45 -51.06
N LYS G 4672 10.93 41.39 -50.11
CA LYS G 4672 9.86 41.32 -49.12
C LYS G 4672 8.50 41.42 -49.79
N ARG G 4673 8.34 42.35 -50.74
CA ARG G 4673 7.03 42.52 -51.36
C ARG G 4673 6.63 41.29 -52.17
N GLU G 4674 7.57 40.74 -52.93
CA GLU G 4674 7.27 39.54 -53.71
C GLU G 4674 6.96 38.36 -52.81
N LYS G 4675 7.70 38.21 -51.70
CA LYS G 4675 7.44 37.11 -50.78
C LYS G 4675 6.05 37.19 -50.18
N GLU G 4676 5.69 38.37 -49.66
CA GLU G 4676 4.37 38.52 -49.05
C GLU G 4676 3.27 38.34 -50.09
N LEU G 4677 3.48 38.85 -51.32
CA LEU G 4677 2.49 38.66 -52.36
C LEU G 4677 2.31 37.19 -52.70
N ALA G 4678 3.42 36.45 -52.82
CA ALA G 4678 3.33 35.03 -53.14
C ALA G 4678 2.61 34.26 -52.04
N ARG G 4679 2.92 34.57 -50.78
CA ARG G 4679 2.29 33.86 -49.68
C ARG G 4679 0.80 34.16 -49.61
N LYS G 4680 0.41 35.42 -49.83
CA LYS G 4680 -1.01 35.75 -49.88
C LYS G 4680 -1.69 35.06 -51.05
N LEU G 4681 -1.01 34.97 -52.20
CA LEU G 4681 -1.58 34.32 -53.37
C LEU G 4681 -1.84 32.84 -53.10
N GLU G 4682 -0.89 32.16 -52.46
CA GLU G 4682 -0.97 30.72 -52.34
C GLU G 4682 -1.72 30.25 -51.10
N PHE G 4683 -1.33 30.72 -49.92
CA PHE G 4683 -1.92 30.21 -48.70
C PHE G 4683 -3.34 30.73 -48.49
N ASP G 4684 -3.59 31.98 -48.89
CA ASP G 4684 -4.91 32.59 -48.69
C ASP G 4684 -5.72 32.73 -49.97
N GLY G 4685 -5.10 32.58 -51.14
CA GLY G 4685 -5.84 32.78 -52.37
C GLY G 4685 -6.38 34.18 -52.51
N LEU G 4686 -5.54 35.19 -52.26
CA LEU G 4686 -6.04 36.56 -52.14
C LEU G 4686 -6.70 37.04 -53.42
N TYR G 4687 -6.03 36.91 -54.55
CA TYR G 4687 -6.59 37.42 -55.80
C TYR G 4687 -7.54 36.40 -56.42
N ILE G 4688 -7.55 35.17 -55.90
CA ILE G 4688 -8.48 34.18 -56.40
C ILE G 4688 -9.76 34.18 -55.58
N THR G 4689 -9.65 33.87 -54.29
CA THR G 4689 -10.81 33.79 -53.40
C THR G 4689 -11.21 35.14 -52.83
N GLU G 4690 -10.28 35.84 -52.18
CA GLU G 4690 -10.63 37.09 -51.51
C GLU G 4690 -11.02 38.17 -52.51
N GLN G 4691 -10.18 38.40 -53.51
CA GLN G 4691 -10.45 39.37 -54.57
C GLN G 4691 -10.79 40.76 -54.00
N PRO G 4692 -9.81 41.49 -53.47
CA PRO G 4692 -10.11 42.79 -52.87
C PRO G 4692 -10.51 43.80 -53.93
N GLY G 4693 -11.72 44.34 -53.79
CA GLY G 4693 -12.23 45.36 -54.68
C GLY G 4693 -11.75 46.75 -54.28
N ASP G 4694 -10.49 47.04 -54.57
CA ASP G 4694 -9.83 48.27 -54.12
C ASP G 4694 -9.87 48.40 -52.60
N ASP G 4695 -9.71 47.28 -51.91
CA ASP G 4695 -9.65 47.31 -50.45
C ASP G 4695 -8.32 47.89 -49.97
N ASP G 4696 -7.22 47.47 -50.57
CA ASP G 4696 -5.89 47.91 -50.19
C ASP G 4696 -5.17 48.46 -51.41
N VAL G 4697 -4.51 49.61 -51.25
CA VAL G 4697 -3.81 50.22 -52.37
C VAL G 4697 -2.63 49.38 -52.82
N LYS G 4698 -1.89 48.81 -51.87
CA LYS G 4698 -0.79 47.92 -52.23
C LYS G 4698 -1.32 46.69 -52.95
N GLY G 4699 -2.45 46.14 -52.49
CA GLY G 4699 -3.05 45.00 -53.17
C GLY G 4699 -3.47 45.34 -54.58
N GLN G 4700 -4.02 46.54 -54.79
CA GLN G 4700 -4.39 46.95 -56.14
C GLN G 4700 -3.17 47.10 -57.02
N TRP G 4701 -2.09 47.68 -56.49
CA TRP G 4701 -0.87 47.84 -57.26
C TRP G 4701 -0.26 46.50 -57.63
N ASP G 4702 -0.41 45.50 -56.74
CA ASP G 4702 0.25 44.22 -56.98
C ASP G 4702 -0.42 43.46 -58.11
N ARG G 4703 -1.55 43.95 -58.62
CA ARG G 4703 -2.27 43.23 -59.66
C ARG G 4703 -1.47 43.20 -60.97
N LEU G 4704 -0.66 44.23 -61.22
CA LEU G 4704 0.06 44.29 -62.48
C LEU G 4704 1.11 43.19 -62.59
N VAL G 4705 1.70 42.79 -61.47
CA VAL G 4705 2.89 41.95 -61.53
C VAL G 4705 2.51 40.48 -61.71
N LEU G 4706 1.27 40.12 -61.37
CA LEU G 4706 0.87 38.71 -61.46
C LEU G 4706 0.96 38.19 -62.88
N ASN G 4707 0.53 39.00 -63.85
CA ASN G 4707 0.56 38.58 -65.24
C ASN G 4707 1.99 38.45 -65.75
N THR G 4708 2.90 39.23 -65.19
CA THR G 4708 4.24 39.35 -65.75
C THR G 4708 5.01 38.04 -65.60
N PRO G 4709 5.86 37.69 -66.56
CA PRO G 4709 6.69 36.47 -66.42
C PRO G 4709 7.71 36.57 -65.32
N SER G 4710 8.17 37.77 -65.01
CA SER G 4710 9.32 37.94 -64.12
C SER G 4710 8.91 38.17 -62.67
N PHE G 4711 7.65 37.91 -62.31
CA PHE G 4711 7.19 38.25 -60.97
C PHE G 4711 7.97 37.53 -59.87
N PRO G 4712 8.22 36.21 -59.93
CA PRO G 4712 8.96 35.59 -58.82
C PRO G 4712 10.45 35.76 -58.90
N SER G 4713 10.93 36.78 -59.63
CA SER G 4713 12.37 36.91 -59.87
C SER G 4713 13.15 37.11 -58.58
N ASN G 4714 12.92 38.22 -57.88
CA ASN G 4714 13.74 38.57 -56.73
C ASN G 4714 13.56 37.55 -55.60
N TYR G 4715 12.33 37.12 -55.36
CA TYR G 4715 12.05 36.12 -54.34
C TYR G 4715 12.45 34.73 -54.85
N TRP G 4716 12.78 33.83 -53.93
CA TRP G 4716 13.53 32.63 -54.33
C TRP G 4716 12.65 31.64 -55.07
N ASP G 4717 11.39 31.51 -54.66
CA ASP G 4717 10.50 30.49 -55.22
C ASP G 4717 10.01 30.93 -56.59
N LYS G 4718 10.52 30.30 -57.64
CA LYS G 4718 10.08 30.56 -59.00
C LYS G 4718 8.89 29.70 -59.41
N PHE G 4719 8.42 28.83 -58.54
CA PHE G 4719 7.32 27.94 -58.84
C PHE G 4719 6.05 28.29 -58.07
N VAL G 4720 5.98 29.49 -57.50
CA VAL G 4720 4.81 29.87 -56.72
C VAL G 4720 3.58 29.98 -57.61
N LYS G 4721 3.78 30.40 -58.86
CA LYS G 4721 2.66 30.43 -59.80
C LYS G 4721 2.10 29.03 -60.02
N ARG G 4722 2.97 28.06 -60.24
CA ARG G 4722 2.51 26.69 -60.46
C ARG G 4722 1.85 26.13 -59.21
N LYS G 4723 2.39 26.43 -58.03
CA LYS G 4723 1.78 25.96 -56.79
C LYS G 4723 0.41 26.58 -56.59
N VAL G 4724 0.26 27.88 -56.88
CA VAL G 4724 -1.04 28.53 -56.78
C VAL G 4724 -2.03 27.87 -57.74
N LEU G 4725 -1.56 27.57 -58.96
CA LEU G 4725 -2.44 26.90 -59.91
C LEU G 4725 -2.88 25.54 -59.40
N ASP G 4726 -1.95 24.71 -58.94
CA ASP G 4726 -2.32 23.38 -58.45
C ASP G 4726 -3.23 23.48 -57.23
N LYS G 4727 -3.12 24.57 -56.46
CA LYS G 4727 -3.93 24.68 -55.26
C LYS G 4727 -5.36 25.12 -55.59
N HIS G 4728 -5.51 26.22 -56.33
CA HIS G 4728 -6.82 26.82 -56.55
C HIS G 4728 -7.30 26.73 -57.99
N GLY G 4729 -6.83 25.75 -58.77
CA GLY G 4729 -7.32 25.62 -60.13
C GLY G 4729 -8.74 25.09 -60.21
N ASP G 4730 -9.02 24.03 -59.45
CA ASP G 4730 -10.23 23.24 -59.70
C ASP G 4730 -11.51 24.06 -59.55
N ILE G 4731 -11.57 24.95 -58.55
CA ILE G 4731 -12.83 25.61 -58.25
C ILE G 4731 -12.90 27.01 -58.86
N PHE G 4732 -11.87 27.40 -59.61
CA PHE G 4732 -12.02 28.41 -60.67
C PHE G 4732 -11.67 27.90 -62.06
N GLY G 4733 -11.12 26.71 -62.19
CA GLY G 4733 -10.73 26.30 -63.54
C GLY G 4733 -9.27 26.59 -63.82
N ARG G 4734 -8.66 25.70 -64.60
CA ARG G 4734 -7.25 25.85 -64.93
C ARG G 4734 -6.99 27.13 -65.71
N GLU G 4735 -7.86 27.42 -66.69
CA GLU G 4735 -7.60 28.52 -67.60
C GLU G 4735 -7.71 29.88 -66.90
N ARG G 4736 -8.61 30.01 -65.92
CA ARG G 4736 -8.73 31.28 -65.21
C ARG G 4736 -7.49 31.59 -64.41
N ILE G 4737 -6.97 30.60 -63.67
CA ILE G 4737 -5.73 30.81 -62.93
C ILE G 4737 -4.57 31.02 -63.89
N ALA G 4738 -4.58 30.33 -65.03
CA ALA G 4738 -3.53 30.51 -66.01
C ALA G 4738 -3.49 31.92 -66.56
N GLU G 4739 -4.66 32.49 -66.87
CA GLU G 4739 -4.68 33.86 -67.39
C GLU G 4739 -4.41 34.87 -66.28
N LEU G 4740 -4.78 34.53 -65.05
CA LEU G 4740 -4.47 35.42 -63.93
C LEU G 4740 -2.97 35.52 -63.70
N LEU G 4741 -2.28 34.39 -63.68
CA LEU G 4741 -0.85 34.38 -63.41
C LEU G 4741 0.00 34.47 -64.68
N GLY G 4742 -0.63 34.58 -65.84
CA GLY G 4742 0.12 34.70 -67.08
C GLY G 4742 0.95 33.49 -67.45
N MET G 4743 0.43 32.29 -67.24
CA MET G 4743 1.09 31.06 -67.66
C MET G 4743 0.40 30.50 -68.90
N ASP G 4744 1.18 29.88 -69.78
CA ASP G 4744 0.64 28.92 -70.72
C ASP G 4744 0.58 27.55 -70.04
N LEU G 4745 -0.54 26.86 -70.24
CA LEU G 4745 -0.72 25.57 -69.56
C LEU G 4745 0.20 24.50 -70.16
N ALA G 4746 0.46 24.58 -71.47
CA ALA G 4746 1.31 23.58 -72.11
C ALA G 4746 2.77 23.78 -71.76
N SER G 4747 3.15 25.02 -71.43
CA SER G 4747 4.56 25.31 -71.13
C SER G 4747 5.04 24.56 -69.91
N LEU G 4748 4.23 24.54 -68.84
CA LEU G 4748 4.67 23.85 -67.63
C LEU G 4748 4.78 22.34 -67.87
N GLU G 4749 3.88 21.79 -68.69
CA GLU G 4749 3.96 20.37 -69.00
C GLU G 4749 5.21 20.05 -69.80
N ILE G 4750 5.55 20.86 -70.81
CA ILE G 4750 6.73 20.54 -71.61
C ILE G 4750 8.00 20.73 -70.79
N THR G 4751 8.03 21.75 -69.92
CA THR G 4751 9.18 21.92 -69.04
C THR G 4751 9.33 20.74 -68.09
N ALA G 4752 8.21 20.23 -67.55
CA ALA G 4752 8.28 19.04 -66.71
C ALA G 4752 8.77 17.84 -67.51
N HIS G 4753 8.38 17.76 -68.78
CA HIS G 4753 8.75 16.59 -69.58
C HIS G 4753 10.23 16.59 -69.93
N ASN G 4754 10.78 17.74 -70.31
CA ASN G 4754 12.19 17.84 -70.63
C ASN G 4754 12.68 19.26 -70.47
N GLU G 4755 14.01 19.41 -70.52
CA GLU G 4755 14.68 20.70 -70.39
C GLU G 4755 15.23 21.12 -71.74
N ARG G 4756 14.97 22.38 -72.12
CA ARG G 4756 15.48 22.96 -73.35
C ARG G 4756 16.20 24.27 -73.02
N LYS G 4757 17.42 24.42 -73.53
CA LYS G 4757 18.23 25.59 -73.26
C LYS G 4757 18.37 26.42 -74.53
N PRO G 4758 17.88 27.67 -74.53
CA PRO G 4758 18.13 28.56 -75.67
C PRO G 4758 19.35 29.44 -75.46
N ASP G 4759 20.12 29.69 -76.51
CA ASP G 4759 21.29 30.54 -76.37
C ASP G 4759 20.87 32.01 -76.40
N PRO G 4760 21.41 32.84 -75.51
CA PRO G 4760 21.09 34.27 -75.55
C PRO G 4760 22.08 35.03 -76.41
N PRO G 4761 21.61 35.80 -77.38
CA PRO G 4761 22.51 36.66 -78.15
C PRO G 4761 23.01 37.81 -77.30
N PRO G 4762 24.30 38.14 -77.41
CA PRO G 4762 24.87 39.25 -76.59
C PRO G 4762 24.71 40.60 -77.25
N GLY G 4763 23.45 41.00 -77.45
CA GLY G 4763 23.14 42.26 -78.09
C GLY G 4763 22.34 43.22 -77.23
N LEU G 4764 22.54 44.52 -77.46
CA LEU G 4764 21.80 45.51 -76.69
C LEU G 4764 20.31 45.41 -76.95
N LEU G 4765 19.92 45.21 -78.22
CA LEU G 4765 18.51 44.96 -78.51
C LEU G 4765 18.03 43.67 -77.88
N THR G 4766 18.82 42.59 -78.00
CA THR G 4766 18.43 41.32 -77.39
C THR G 4766 18.13 41.50 -75.91
N TRP G 4767 18.86 42.40 -75.25
CA TRP G 4767 18.49 42.78 -73.89
C TRP G 4767 17.29 43.72 -73.88
N LEU G 4768 17.04 44.42 -74.99
CA LEU G 4768 15.96 45.39 -75.02
C LEU G 4768 14.59 44.70 -74.94
N MET G 4769 14.31 43.74 -75.83
CA MET G 4769 13.04 43.05 -75.63
C MET G 4769 13.13 42.00 -74.52
N SER G 4770 14.30 41.83 -73.91
CA SER G 4770 14.40 41.00 -72.72
C SER G 4770 13.68 41.65 -71.53
N ILE G 4771 13.57 42.97 -71.55
CA ILE G 4771 12.92 43.68 -70.45
C ILE G 4771 11.42 43.43 -70.49
N ASP G 4772 10.80 43.40 -69.32
CA ASP G 4772 9.35 43.28 -69.19
C ASP G 4772 8.82 44.58 -68.59
N VAL G 4773 8.12 45.37 -69.41
CA VAL G 4773 7.79 46.74 -69.02
C VAL G 4773 6.78 46.74 -67.88
N LYS G 4774 5.89 45.74 -67.83
CA LYS G 4774 4.91 45.70 -66.76
C LYS G 4774 5.57 45.47 -65.41
N TYR G 4775 6.50 44.52 -65.35
CA TYR G 4775 7.25 44.29 -64.12
C TYR G 4775 8.08 45.52 -63.77
N GLN G 4776 8.68 46.16 -64.76
CA GLN G 4776 9.48 47.35 -64.48
C GLN G 4776 8.62 48.47 -63.90
N ILE G 4777 7.42 48.66 -64.45
CA ILE G 4777 6.53 49.71 -63.96
C ILE G 4777 6.09 49.40 -62.53
N TRP G 4778 5.74 48.15 -62.26
CA TRP G 4778 5.35 47.78 -60.89
C TRP G 4778 6.51 47.97 -59.92
N LYS G 4779 7.72 47.59 -60.34
CA LYS G 4779 8.89 47.77 -59.50
C LYS G 4779 9.16 49.24 -59.23
N PHE G 4780 9.02 50.09 -60.25
CA PHE G 4780 9.23 51.52 -60.05
C PHE G 4780 8.19 52.10 -59.11
N GLY G 4781 6.95 51.63 -59.21
CA GLY G 4781 5.94 52.07 -58.26
C GLY G 4781 6.29 51.68 -56.83
N VAL G 4782 6.75 50.44 -56.64
CA VAL G 4782 7.15 49.98 -55.31
C VAL G 4782 8.30 50.83 -54.78
N ILE G 4783 9.28 51.14 -55.64
CA ILE G 4783 10.42 51.93 -55.21
C ILE G 4783 9.98 53.35 -54.85
N PHE G 4784 9.11 53.94 -55.67
CA PHE G 4784 8.70 55.32 -55.42
C PHE G 4784 7.79 55.43 -54.22
N THR G 4785 7.18 54.32 -53.80
CA THR G 4785 6.39 54.34 -52.58
C THR G 4785 7.26 54.18 -51.34
N ASP G 4786 8.56 53.98 -51.54
CA ASP G 4786 9.45 53.72 -50.42
C ASP G 4786 9.95 55.02 -49.79
N ASN G 4787 9.86 55.09 -48.46
CA ASN G 4787 10.19 56.32 -47.76
C ASN G 4787 11.67 56.67 -47.87
N SER G 4788 12.55 55.68 -47.77
CA SER G 4788 13.98 55.96 -47.86
C SER G 4788 14.35 56.47 -49.24
N PHE G 4789 13.81 55.84 -50.28
CA PHE G 4789 14.08 56.30 -51.63
C PHE G 4789 13.52 57.70 -51.85
N LEU G 4790 12.34 57.97 -51.33
CA LEU G 4790 11.77 59.31 -51.44
C LEU G 4790 12.63 60.34 -50.73
N TYR G 4791 13.17 59.98 -49.56
CA TYR G 4791 14.08 60.87 -48.86
C TYR G 4791 15.32 61.16 -49.68
N LEU G 4792 15.92 60.13 -50.27
CA LEU G 4792 17.13 60.34 -51.07
C LEU G 4792 16.82 61.18 -52.30
N GLY G 4793 15.66 60.96 -52.92
CA GLY G 4793 15.26 61.78 -54.04
C GLY G 4793 15.07 63.23 -53.66
N TRP G 4794 14.45 63.47 -52.50
CA TRP G 4794 14.27 64.84 -52.03
C TRP G 4794 15.63 65.47 -51.74
N TYR G 4795 16.57 64.68 -51.21
CA TYR G 4795 17.93 65.17 -51.00
C TYR G 4795 18.56 65.62 -52.31
N MET G 4796 18.46 64.80 -53.35
CA MET G 4796 19.03 65.16 -54.65
C MET G 4796 18.34 66.40 -55.24
N VAL G 4797 17.02 66.47 -55.13
CA VAL G 4797 16.28 67.61 -55.64
C VAL G 4797 16.71 68.88 -54.92
N MET G 4798 16.87 68.80 -53.60
CA MET G 4798 17.33 69.95 -52.84
C MET G 4798 18.75 70.33 -53.21
N SER G 4799 19.57 69.35 -53.57
CA SER G 4799 20.93 69.66 -54.02
C SER G 4799 20.91 70.45 -55.34
N LEU G 4800 20.06 70.02 -56.28
CA LEU G 4800 19.94 70.78 -57.52
C LEU G 4800 19.39 72.18 -57.26
N LEU G 4801 18.41 72.29 -56.37
CA LEU G 4801 17.89 73.61 -56.02
C LEU G 4801 18.95 74.45 -55.34
N GLY G 4802 19.88 73.80 -54.63
CA GLY G 4802 21.01 74.52 -54.05
C GLY G 4802 21.95 75.05 -55.11
N HIS G 4803 22.14 74.27 -56.18
CA HIS G 4803 22.86 74.79 -57.33
C HIS G 4803 22.15 76.02 -57.90
N TYR G 4804 20.82 75.98 -57.93
CA TYR G 4804 20.08 77.16 -58.39
C TYR G 4804 20.33 78.35 -57.47
N ASN G 4805 20.19 78.16 -56.16
CA ASN G 4805 20.45 79.19 -55.16
C ASN G 4805 21.11 78.51 -53.96
N ASN G 4806 22.26 79.05 -53.55
CA ASN G 4806 23.12 78.33 -52.61
C ASN G 4806 22.43 78.08 -51.27
N PHE G 4807 21.52 78.96 -50.87
CA PHE G 4807 20.88 78.80 -49.57
C PHE G 4807 19.97 77.60 -49.50
N PHE G 4808 19.61 76.99 -50.64
CA PHE G 4808 18.81 75.79 -50.60
C PHE G 4808 19.60 74.61 -50.05
N PHE G 4809 20.92 74.75 -49.92
CA PHE G 4809 21.72 73.70 -49.31
C PHE G 4809 21.53 73.64 -47.80
N ALA G 4810 20.83 74.63 -47.22
CA ALA G 4810 20.60 74.60 -45.78
C ALA G 4810 19.63 73.48 -45.39
N ALA G 4811 18.77 73.07 -46.32
CA ALA G 4811 17.80 72.02 -46.01
C ALA G 4811 18.49 70.69 -45.75
N HIS G 4812 19.69 70.51 -46.32
CA HIS G 4812 20.41 69.25 -46.13
C HIS G 4812 20.91 69.11 -44.70
N LEU G 4813 20.93 70.19 -43.94
CA LEU G 4813 21.34 70.11 -42.54
C LEU G 4813 20.32 69.34 -41.71
N LEU G 4814 19.12 69.15 -42.25
CA LEU G 4814 18.11 68.38 -41.52
C LEU G 4814 18.44 66.91 -41.50
N ASP G 4815 19.37 66.48 -42.36
CA ASP G 4815 19.70 65.07 -42.48
C ASP G 4815 20.34 64.54 -41.20
N ILE G 4816 21.14 65.36 -40.53
CA ILE G 4816 21.80 64.92 -39.31
C ILE G 4816 20.77 64.63 -38.24
N ALA G 4817 19.61 65.29 -38.30
CA ALA G 4817 18.54 65.01 -37.35
C ALA G 4817 18.06 63.58 -37.48
N MET G 4818 17.71 63.16 -38.70
CA MET G 4818 17.22 61.80 -38.89
C MET G 4818 18.36 60.80 -38.75
N GLY G 4819 19.60 61.26 -38.89
CA GLY G 4819 20.74 60.37 -38.70
C GLY G 4819 20.90 59.92 -37.26
N VAL G 4820 20.64 60.81 -36.31
CA VAL G 4820 20.83 60.48 -34.89
C VAL G 4820 19.52 59.99 -34.30
N LYS G 4821 19.61 58.95 -33.47
CA LYS G 4821 18.41 58.33 -32.94
C LYS G 4821 17.63 59.26 -32.02
N THR G 4822 18.33 60.03 -31.18
CA THR G 4822 17.64 60.93 -30.28
C THR G 4822 16.87 62.00 -31.04
N LEU G 4823 17.50 62.59 -32.06
CA LEU G 4823 16.82 63.60 -32.85
C LEU G 4823 15.68 63.00 -33.67
N ARG G 4824 15.85 61.76 -34.12
CA ARG G 4824 14.76 61.09 -34.82
C ARG G 4824 13.57 60.88 -33.90
N THR G 4825 13.84 60.50 -32.64
CA THR G 4825 12.74 60.39 -31.67
C THR G 4825 12.09 61.73 -31.41
N ILE G 4826 12.89 62.80 -31.37
CA ILE G 4826 12.33 64.14 -31.18
C ILE G 4826 11.38 64.47 -32.32
N LEU G 4827 11.80 64.20 -33.56
CA LEU G 4827 10.92 64.46 -34.70
C LEU G 4827 9.68 63.59 -34.66
N SER G 4828 9.83 62.32 -34.29
CA SER G 4828 8.69 61.41 -34.29
C SER G 4828 7.73 61.74 -33.16
N SER G 4829 8.19 62.47 -32.15
CA SER G 4829 7.32 62.83 -31.04
C SER G 4829 6.18 63.74 -31.49
N VAL G 4830 6.46 64.66 -32.42
CA VAL G 4830 5.43 65.61 -32.84
C VAL G 4830 4.34 64.91 -33.64
N THR G 4831 4.63 63.73 -34.20
CA THR G 4831 3.62 63.01 -34.95
C THR G 4831 3.05 61.86 -34.13
N HIS G 4832 3.68 61.53 -33.00
CA HIS G 4832 3.20 60.41 -32.20
C HIS G 4832 1.81 60.69 -31.65
N ASN G 4833 1.54 61.92 -31.26
CA ASN G 4833 0.23 62.37 -30.83
C ASN G 4833 -0.37 63.40 -31.77
N GLY G 4834 -0.21 63.21 -33.08
CA GLY G 4834 -0.56 64.26 -34.03
C GLY G 4834 -2.04 64.59 -34.05
N LYS G 4835 -2.89 63.57 -33.94
CA LYS G 4835 -4.33 63.81 -33.95
C LYS G 4835 -4.75 64.63 -32.75
N GLN G 4836 -4.27 64.27 -31.56
CA GLN G 4836 -4.56 65.06 -30.37
C GLN G 4836 -4.03 66.48 -30.50
N LEU G 4837 -2.82 66.63 -31.05
CA LEU G 4837 -2.25 67.95 -31.24
C LEU G 4837 -3.12 68.81 -32.14
N VAL G 4838 -3.57 68.25 -33.27
CA VAL G 4838 -4.39 69.00 -34.20
C VAL G 4838 -5.71 69.40 -33.54
N MET G 4839 -6.33 68.46 -32.82
CA MET G 4839 -7.59 68.78 -32.18
C MET G 4839 -7.45 69.85 -31.11
N THR G 4840 -6.38 69.79 -30.31
CA THR G 4840 -6.24 70.78 -29.24
C THR G 4840 -5.86 72.14 -29.82
N VAL G 4841 -5.11 72.17 -30.92
CA VAL G 4841 -4.84 73.44 -31.59
C VAL G 4841 -6.13 74.01 -32.15
N GLY G 4842 -7.00 73.17 -32.69
CA GLY G 4842 -8.30 73.64 -33.15
C GLY G 4842 -9.13 74.20 -32.01
N LEU G 4843 -9.10 73.55 -30.85
CA LEU G 4843 -9.85 74.05 -29.71
C LEU G 4843 -9.29 75.38 -29.23
N LEU G 4844 -7.97 75.54 -29.25
CA LEU G 4844 -7.35 76.83 -28.91
C LEU G 4844 -7.80 77.90 -29.89
N ALA G 4845 -7.84 77.57 -31.17
CA ALA G 4845 -8.32 78.53 -32.17
C ALA G 4845 -9.77 78.90 -31.91
N VAL G 4846 -10.60 77.93 -31.53
CA VAL G 4846 -12.01 78.21 -31.27
C VAL G 4846 -12.17 79.14 -30.07
N VAL G 4847 -11.45 78.87 -28.98
CA VAL G 4847 -11.60 79.71 -27.79
C VAL G 4847 -11.07 81.11 -28.06
N VAL G 4848 -9.98 81.21 -28.82
CA VAL G 4848 -9.45 82.53 -29.17
C VAL G 4848 -10.44 83.27 -30.05
N TYR G 4849 -11.14 82.53 -30.93
CA TYR G 4849 -12.16 83.17 -31.76
C TYR G 4849 -13.31 83.70 -30.93
N LEU G 4850 -13.73 82.95 -29.91
CA LEU G 4850 -14.78 83.45 -29.03
C LEU G 4850 -14.34 84.70 -28.29
N TYR G 4851 -13.10 84.70 -27.79
CA TYR G 4851 -12.58 85.89 -27.12
C TYR G 4851 -12.52 87.06 -28.10
N THR G 4852 -12.14 86.79 -29.35
CA THR G 4852 -12.10 87.84 -30.36
C THR G 4852 -13.49 88.40 -30.62
N VAL G 4853 -14.50 87.53 -30.67
CA VAL G 4853 -15.87 88.00 -30.88
C VAL G 4853 -16.29 88.91 -29.74
N VAL G 4854 -15.98 88.52 -28.49
CA VAL G 4854 -16.34 89.35 -27.35
C VAL G 4854 -15.63 90.70 -27.43
N ALA G 4855 -14.34 90.69 -27.75
CA ALA G 4855 -13.59 91.94 -27.84
C ALA G 4855 -14.13 92.83 -28.95
N PHE G 4856 -14.46 92.24 -30.10
CA PHE G 4856 -14.99 93.01 -31.21
C PHE G 4856 -16.32 93.64 -30.86
N ASN G 4857 -17.17 92.93 -30.13
CA ASN G 4857 -18.47 93.50 -29.75
C ASN G 4857 -18.32 94.61 -28.72
N PHE G 4858 -17.49 94.41 -27.70
CA PHE G 4858 -17.48 95.35 -26.57
C PHE G 4858 -16.19 96.12 -26.34
N PHE G 4859 -15.03 95.48 -26.41
CA PHE G 4859 -13.78 96.09 -25.96
C PHE G 4859 -12.96 96.66 -27.10
N ARG G 4860 -13.60 97.27 -28.10
CA ARG G 4860 -12.88 97.73 -29.28
C ARG G 4860 -11.90 98.85 -28.95
N LYS G 4861 -12.27 99.73 -28.02
CA LYS G 4861 -11.48 100.94 -27.78
C LYS G 4861 -10.09 100.60 -27.26
N PHE G 4862 -9.97 99.56 -26.44
CA PHE G 4862 -8.70 99.26 -25.81
C PHE G 4862 -7.68 98.72 -26.80
N TYR G 4863 -8.14 98.35 -28.00
CA TYR G 4863 -7.28 97.57 -28.89
C TYR G 4863 -6.46 98.47 -29.82
N ASN G 4864 -6.48 99.77 -29.57
CA ASN G 4864 -5.65 100.68 -30.36
C ASN G 4864 -4.19 100.44 -29.99
N LYS G 4865 -3.35 100.25 -31.01
CA LYS G 4865 -1.94 99.98 -30.81
C LYS G 4865 -1.04 101.10 -31.28
N SER G 4866 -1.60 102.29 -31.50
CA SER G 4866 -0.83 103.45 -31.93
C SER G 4866 -0.84 104.48 -30.81
N GLU G 4867 0.36 104.91 -30.39
CA GLU G 4867 0.47 105.88 -29.32
C GLU G 4867 0.11 107.29 -29.80
N ASP G 4868 0.34 107.57 -31.08
CA ASP G 4868 0.10 108.91 -31.60
C ASP G 4868 -1.39 109.17 -31.74
N GLU G 4869 -1.82 110.34 -31.30
CA GLU G 4869 -3.24 110.70 -31.38
C GLU G 4869 -3.69 110.89 -32.83
N ASP G 4870 -2.84 111.48 -33.66
CA ASP G 4870 -3.24 111.81 -35.02
C ASP G 4870 -3.51 110.56 -35.85
N GLU G 4871 -2.63 109.56 -35.75
CA GLU G 4871 -2.79 108.34 -36.54
C GLU G 4871 -3.09 107.16 -35.63
N PRO G 4872 -4.33 106.71 -35.54
CA PRO G 4872 -4.64 105.50 -34.78
C PRO G 4872 -4.66 104.26 -35.67
N ASP G 4873 -4.28 103.12 -35.13
CA ASP G 4873 -4.49 101.83 -35.79
C ASP G 4873 -5.30 100.93 -34.86
N MET G 4874 -6.29 100.25 -35.43
CA MET G 4874 -7.26 99.49 -34.66
C MET G 4874 -7.13 98.02 -35.01
N LYS G 4875 -7.15 97.16 -33.99
CA LYS G 4875 -7.08 95.72 -34.25
C LYS G 4875 -8.47 95.11 -34.35
N CYS G 4876 -9.39 95.52 -33.47
CA CYS G 4876 -10.75 95.01 -33.48
C CYS G 4876 -11.74 95.84 -34.27
N ASP G 4877 -11.28 96.74 -35.15
CA ASP G 4877 -12.21 97.39 -36.06
C ASP G 4877 -12.71 96.40 -37.11
N ASP G 4878 -11.93 95.35 -37.37
CA ASP G 4878 -12.32 94.28 -38.28
C ASP G 4878 -12.16 92.95 -37.56
N MET G 4879 -13.14 92.06 -37.74
CA MET G 4879 -13.12 90.79 -37.02
C MET G 4879 -11.92 89.93 -37.41
N MET G 4880 -11.61 89.87 -38.71
CA MET G 4880 -10.45 89.10 -39.15
C MET G 4880 -9.16 89.67 -38.60
N THR G 4881 -9.03 91.00 -38.62
CA THR G 4881 -7.85 91.65 -38.07
C THR G 4881 -7.70 91.35 -36.59
N CYS G 4882 -8.79 91.40 -35.84
CA CYS G 4882 -8.69 91.17 -34.41
C CYS G 4882 -8.42 89.70 -34.10
N TYR G 4883 -8.98 88.79 -34.90
CA TYR G 4883 -8.67 87.38 -34.72
C TYR G 4883 -7.20 87.10 -34.96
N LEU G 4884 -6.65 87.67 -36.04
CA LEU G 4884 -5.23 87.50 -36.31
C LEU G 4884 -4.38 88.12 -35.21
N PHE G 4885 -4.78 89.30 -34.72
CA PHE G 4885 -4.06 89.96 -33.65
C PHE G 4885 -4.04 89.10 -32.40
N HIS G 4886 -5.19 88.52 -32.03
CA HIS G 4886 -5.24 87.63 -30.89
C HIS G 4886 -4.31 86.44 -31.08
N MET G 4887 -4.54 85.65 -32.14
CA MET G 4887 -3.75 84.44 -32.34
C MET G 4887 -2.26 84.75 -32.49
N TYR G 4888 -1.92 85.99 -32.84
CA TYR G 4888 -0.52 86.30 -33.06
C TYR G 4888 0.17 86.78 -31.78
N VAL G 4889 -0.46 87.68 -31.04
CA VAL G 4889 0.22 88.31 -29.91
C VAL G 4889 -0.28 87.78 -28.56
N GLY G 4890 -1.57 87.48 -28.43
CA GLY G 4890 -2.08 87.05 -27.14
C GLY G 4890 -1.55 85.69 -26.73
N VAL G 4891 -1.47 84.76 -27.67
CA VAL G 4891 -0.97 83.43 -27.37
C VAL G 4891 0.50 83.47 -27.01
N ARG G 4892 1.28 84.31 -27.71
CA ARG G 4892 2.70 84.39 -27.43
C ARG G 4892 2.98 85.12 -26.12
N ALA G 4893 2.14 86.09 -25.77
CA ALA G 4893 2.37 86.88 -24.57
C ALA G 4893 2.19 86.04 -23.32
N GLY G 4894 3.08 86.25 -22.35
CA GLY G 4894 3.00 85.50 -21.10
C GLY G 4894 1.78 85.85 -20.28
N GLY G 4895 1.42 87.14 -20.24
CA GLY G 4895 0.27 87.53 -19.45
C GLY G 4895 -1.03 87.41 -20.21
N GLY G 4896 -0.95 87.10 -21.49
CA GLY G 4896 -2.14 87.03 -22.32
C GLY G 4896 -2.35 88.30 -23.12
N ILE G 4897 -3.58 88.44 -23.61
CA ILE G 4897 -3.92 89.60 -24.43
C ILE G 4897 -3.90 90.87 -23.59
N GLY G 4898 -4.24 90.76 -22.31
CA GLY G 4898 -4.34 91.94 -21.46
C GLY G 4898 -3.01 92.66 -21.33
N ASP G 4899 -1.91 91.94 -21.47
CA ASP G 4899 -0.60 92.58 -21.49
C ASP G 4899 -0.49 93.52 -22.68
N GLU G 4900 -0.95 93.07 -23.86
CA GLU G 4900 -0.82 93.87 -25.07
C GLU G 4900 -1.79 95.04 -25.08
N ILE G 4901 -3.06 94.81 -24.73
CA ILE G 4901 -4.05 95.88 -24.91
C ILE G 4901 -4.00 96.86 -23.74
N GLU G 4902 -4.70 97.97 -23.92
CA GLU G 4902 -4.56 99.13 -23.04
C GLU G 4902 -5.22 98.88 -21.68
N ASP G 4903 -4.67 99.52 -20.66
CA ASP G 4903 -5.11 99.33 -19.29
C ASP G 4903 -6.55 99.84 -19.13
N PRO G 4904 -7.45 99.04 -18.57
CA PRO G 4904 -8.86 99.46 -18.43
C PRO G 4904 -9.19 100.24 -17.16
N ALA G 4905 -8.20 100.76 -16.44
CA ALA G 4905 -8.48 101.43 -15.18
C ALA G 4905 -9.39 102.64 -15.39
N GLY G 4906 -10.35 102.80 -14.50
CA GLY G 4906 -11.27 103.94 -14.59
C GLY G 4906 -12.19 103.89 -15.78
N ASP G 4907 -12.74 102.72 -16.08
CA ASP G 4907 -13.66 102.55 -17.20
C ASP G 4907 -14.87 101.77 -16.72
N GLU G 4908 -16.02 102.02 -17.35
CA GLU G 4908 -17.25 101.37 -16.92
C GLU G 4908 -17.22 99.87 -17.19
N TYR G 4909 -16.38 99.43 -18.12
CA TYR G 4909 -16.24 98.02 -18.44
C TYR G 4909 -15.04 97.38 -17.77
N GLU G 4910 -14.50 98.02 -16.73
CA GLU G 4910 -13.23 97.58 -16.16
C GLU G 4910 -13.33 96.18 -15.57
N LEU G 4911 -14.41 95.87 -14.85
CA LEU G 4911 -14.51 94.58 -14.21
C LEU G 4911 -14.69 93.46 -15.23
N TYR G 4912 -15.57 93.66 -16.21
CA TYR G 4912 -15.71 92.68 -17.28
C TYR G 4912 -14.40 92.50 -18.02
N ARG G 4913 -13.64 93.57 -18.19
CA ARG G 4913 -12.39 93.48 -18.94
C ARG G 4913 -11.32 92.72 -18.15
N VAL G 4914 -11.23 92.95 -16.84
CA VAL G 4914 -10.26 92.20 -16.06
C VAL G 4914 -10.65 90.73 -15.99
N VAL G 4915 -11.95 90.44 -15.92
CA VAL G 4915 -12.39 89.04 -16.01
C VAL G 4915 -11.99 88.45 -17.35
N PHE G 4916 -12.18 89.21 -18.43
CA PHE G 4916 -11.84 88.74 -19.76
C PHE G 4916 -10.36 88.43 -19.87
N ASP G 4917 -9.50 89.34 -19.40
CA ASP G 4917 -8.06 89.12 -19.46
C ASP G 4917 -7.63 87.93 -18.62
N ILE G 4918 -8.15 87.83 -17.39
CA ILE G 4918 -7.74 86.76 -16.49
C ILE G 4918 -8.18 85.40 -17.05
N THR G 4919 -9.41 85.32 -17.56
CA THR G 4919 -9.88 84.06 -18.12
C THR G 4919 -9.10 83.69 -19.38
N PHE G 4920 -8.77 84.68 -20.22
CA PHE G 4920 -7.93 84.41 -21.37
C PHE G 4920 -6.59 83.84 -20.96
N PHE G 4921 -5.93 84.48 -19.99
CA PHE G 4921 -4.61 84.03 -19.56
C PHE G 4921 -4.69 82.64 -18.93
N PHE G 4922 -5.79 82.34 -18.24
CA PHE G 4922 -5.93 81.04 -17.62
C PHE G 4922 -6.17 79.94 -18.66
N PHE G 4923 -7.13 80.17 -19.56
CA PHE G 4923 -7.54 79.10 -20.47
C PHE G 4923 -6.53 78.89 -21.58
N VAL G 4924 -6.01 79.96 -22.17
CA VAL G 4924 -5.17 79.87 -23.35
C VAL G 4924 -3.70 79.79 -23.00
N ILE G 4925 -3.18 80.77 -22.27
CA ILE G 4925 -1.75 80.81 -21.96
C ILE G 4925 -1.34 79.63 -21.10
N VAL G 4926 -2.15 79.31 -20.09
CA VAL G 4926 -1.81 78.29 -19.11
C VAL G 4926 -2.27 76.91 -19.56
N ILE G 4927 -3.57 76.71 -19.67
CA ILE G 4927 -4.11 75.36 -19.81
C ILE G 4927 -3.81 74.79 -21.17
N LEU G 4928 -4.17 75.50 -22.24
CA LEU G 4928 -4.10 74.91 -23.58
C LEU G 4928 -2.66 74.82 -24.07
N LEU G 4929 -1.86 75.87 -23.86
CA LEU G 4929 -0.45 75.80 -24.21
C LEU G 4929 0.26 74.73 -23.40
N ALA G 4930 -0.06 74.63 -22.11
CA ALA G 4930 0.52 73.58 -21.29
C ALA G 4930 0.14 72.20 -21.81
N ILE G 4931 -1.10 72.05 -22.30
CA ILE G 4931 -1.55 70.76 -22.79
C ILE G 4931 -0.83 70.39 -24.09
N ILE G 4932 -0.63 71.35 -24.98
CA ILE G 4932 0.10 71.06 -26.22
C ILE G 4932 1.54 70.69 -25.92
N GLN G 4933 2.20 71.48 -25.06
CA GLN G 4933 3.55 71.14 -24.63
C GLN G 4933 3.59 69.75 -24.00
N GLY G 4934 2.60 69.43 -23.18
CA GLY G 4934 2.55 68.12 -22.57
C GLY G 4934 2.41 67.01 -23.58
N LEU G 4935 1.57 67.21 -24.60
CA LEU G 4935 1.45 66.20 -25.64
C LEU G 4935 2.80 65.92 -26.27
N ILE G 4936 3.52 66.97 -26.68
CA ILE G 4936 4.81 66.73 -27.32
C ILE G 4936 5.80 66.06 -26.37
N ILE G 4937 5.92 66.58 -25.15
CA ILE G 4937 6.94 66.09 -24.23
C ILE G 4937 6.64 64.67 -23.77
N ASP G 4938 5.37 64.38 -23.50
CA ASP G 4938 4.98 63.03 -23.11
C ASP G 4938 5.15 62.05 -24.27
N ALA G 4939 4.93 62.50 -25.50
CA ALA G 4939 5.25 61.63 -26.63
C ALA G 4939 6.72 61.28 -26.65
N PHE G 4940 7.59 62.28 -26.47
CA PHE G 4940 9.02 62.03 -26.41
C PHE G 4940 9.37 61.05 -25.31
N GLY G 4941 8.91 61.31 -24.09
CA GLY G 4941 9.22 60.45 -22.96
C GLY G 4941 8.67 59.05 -23.14
N GLU G 4942 7.47 58.94 -23.70
CA GLU G 4942 6.85 57.64 -23.91
C GLU G 4942 7.65 56.81 -24.91
N LEU G 4943 8.15 57.45 -25.98
CA LEU G 4943 8.98 56.71 -26.92
C LEU G 4943 10.28 56.24 -26.27
N ARG G 4944 10.92 57.10 -25.48
CA ARG G 4944 12.14 56.67 -24.80
C ARG G 4944 11.86 55.54 -23.81
N ASP G 4945 10.74 55.61 -23.09
CA ASP G 4945 10.37 54.53 -22.20
C ASP G 4945 10.08 53.25 -22.97
N GLN G 4946 9.56 53.36 -24.19
CA GLN G 4946 9.40 52.17 -25.02
C GLN G 4946 10.74 51.52 -25.34
N GLN G 4947 11.74 52.34 -25.69
CA GLN G 4947 13.08 51.78 -25.92
C GLN G 4947 13.58 51.04 -24.67
N GLU G 4948 13.50 51.71 -23.51
CA GLU G 4948 13.99 51.09 -22.28
C GLU G 4948 13.21 49.83 -21.93
N GLN G 4949 11.90 49.84 -22.17
CA GLN G 4949 11.07 48.67 -21.87
C GLN G 4949 11.41 47.50 -22.77
N VAL G 4950 11.68 47.77 -24.04
CA VAL G 4950 12.10 46.70 -24.94
C VAL G 4950 13.40 46.08 -24.47
N LYS G 4951 14.36 46.94 -24.09
CA LYS G 4951 15.62 46.40 -23.58
C LYS G 4951 15.40 45.57 -22.32
N GLU G 4952 14.56 46.07 -21.41
CA GLU G 4952 14.31 45.34 -20.16
C GLU G 4952 13.63 44.01 -20.42
N ASP G 4953 12.67 43.98 -21.34
CA ASP G 4953 11.98 42.73 -21.66
C ASP G 4953 12.94 41.72 -22.26
N MET G 4954 13.85 42.18 -23.13
CA MET G 4954 14.87 41.28 -23.65
C MET G 4954 15.75 40.73 -22.53
N GLU G 4955 16.10 41.57 -21.55
CA GLU G 4955 16.93 41.10 -20.46
C GLU G 4955 16.18 40.16 -19.52
N THR G 4956 14.84 40.28 -19.46
CA THR G 4956 14.10 39.53 -18.46
C THR G 4956 13.58 38.19 -18.98
N LYS G 4957 13.16 38.14 -20.24
CA LYS G 4957 12.58 36.90 -20.75
C LYS G 4957 13.38 36.39 -21.93
N CYS G 4958 13.36 35.07 -22.10
CA CYS G 4958 13.91 34.47 -23.30
C CYS G 4958 13.00 34.80 -24.48
N PHE G 4959 13.62 35.16 -25.61
CA PHE G 4959 12.84 35.64 -26.75
C PHE G 4959 12.10 34.49 -27.43
N ILE G 4960 12.59 33.25 -27.25
CA ILE G 4960 12.00 32.12 -27.95
C ILE G 4960 10.90 31.47 -27.11
N CYS G 4961 11.24 31.06 -25.89
CA CYS G 4961 10.33 30.28 -25.06
C CYS G 4961 9.48 31.10 -24.12
N GLY G 4962 9.85 32.36 -23.86
CA GLY G 4962 9.01 33.22 -23.05
C GLY G 4962 9.13 33.03 -21.55
N ILE G 4963 10.01 32.15 -21.09
CA ILE G 4963 10.19 31.94 -19.67
C ILE G 4963 11.05 33.05 -19.09
N GLY G 4964 10.68 33.56 -17.92
CA GLY G 4964 11.40 34.67 -17.33
C GLY G 4964 12.80 34.27 -16.88
N SER G 4965 13.62 35.29 -16.64
CA SER G 4965 15.00 35.06 -16.24
C SER G 4965 15.09 34.42 -14.86
N ASP G 4966 14.10 34.65 -14.01
CA ASP G 4966 14.19 34.22 -12.62
C ASP G 4966 14.29 32.70 -12.51
N TYR G 4967 13.55 31.98 -13.35
CA TYR G 4967 13.58 30.52 -13.28
C TYR G 4967 14.97 29.98 -13.60
N PHE G 4968 15.62 30.56 -14.61
CA PHE G 4968 16.96 30.11 -14.98
C PHE G 4968 18.01 30.61 -14.00
N ASP G 4969 17.75 31.73 -13.34
CA ASP G 4969 18.79 32.38 -12.54
C ASP G 4969 19.08 31.63 -11.25
N THR G 4970 18.26 30.65 -10.91
CA THR G 4970 18.56 29.82 -9.74
C THR G 4970 19.93 29.18 -9.89
N THR G 4971 20.19 28.56 -11.03
CA THR G 4971 21.56 28.22 -11.39
C THR G 4971 22.31 29.49 -11.77
N PRO G 4972 23.52 29.69 -11.25
CA PRO G 4972 24.27 30.90 -11.58
C PRO G 4972 24.51 31.02 -13.08
N HIS G 4973 24.38 32.26 -13.59
CA HIS G 4973 24.45 32.55 -15.02
C HIS G 4973 23.47 31.71 -15.82
N GLY G 4974 22.38 31.27 -15.19
CA GLY G 4974 21.45 30.38 -15.86
C GLY G 4974 20.79 31.00 -17.06
N PHE G 4975 20.28 32.23 -16.91
CA PHE G 4975 19.65 32.91 -18.04
C PHE G 4975 20.66 33.21 -19.13
N GLU G 4976 21.88 33.59 -18.76
CA GLU G 4976 22.90 33.87 -19.75
C GLU G 4976 23.21 32.64 -20.58
N THR G 4977 23.38 31.49 -19.92
CA THR G 4977 23.62 30.25 -20.66
C THR G 4977 22.41 29.86 -21.51
N HIS G 4978 21.21 30.03 -20.97
CA HIS G 4978 20.00 29.66 -21.71
C HIS G 4978 19.89 30.47 -22.99
N THR G 4979 20.17 31.77 -22.93
CA THR G 4979 20.08 32.60 -24.12
C THR G 4979 21.28 32.39 -25.04
N LEU G 4980 22.43 32.02 -24.49
CA LEU G 4980 23.63 31.93 -25.31
C LEU G 4980 23.68 30.62 -26.10
N GLU G 4981 23.46 29.47 -25.44
CA GLU G 4981 23.49 28.20 -26.16
C GLU G 4981 22.10 27.63 -26.39
N GLU G 4982 21.29 27.45 -25.34
CA GLU G 4982 20.10 26.61 -25.46
C GLU G 4982 19.07 27.22 -26.40
N HIS G 4983 18.77 28.50 -26.26
CA HIS G 4983 17.71 29.13 -27.04
C HIS G 4983 18.18 30.38 -27.78
N ASN G 4984 19.31 30.31 -28.47
CA ASN G 4984 19.81 31.48 -29.20
C ASN G 4984 19.07 31.66 -30.51
N LEU G 4985 18.45 32.83 -30.69
CA LEU G 4985 17.74 33.08 -31.95
C LEU G 4985 18.70 33.11 -33.12
N ALA G 4986 19.95 33.51 -32.89
CA ALA G 4986 20.97 33.37 -33.91
C ALA G 4986 21.15 31.92 -34.30
N ASN G 4987 21.13 31.02 -33.31
CA ASN G 4987 21.23 29.60 -33.60
C ASN G 4987 20.02 29.11 -34.39
N TYR G 4988 18.84 29.65 -34.09
CA TYR G 4988 17.67 29.26 -34.87
C TYR G 4988 17.78 29.69 -36.32
N MET G 4989 18.26 30.93 -36.55
CA MET G 4989 18.48 31.36 -37.93
C MET G 4989 19.52 30.50 -38.62
N PHE G 4990 20.61 30.17 -37.90
CA PHE G 4990 21.65 29.33 -38.47
C PHE G 4990 21.10 27.95 -38.82
N PHE G 4991 20.22 27.42 -37.98
CA PHE G 4991 19.58 26.14 -38.29
C PHE G 4991 18.74 26.24 -39.54
N LEU G 4992 18.02 27.35 -39.71
CA LEU G 4992 17.21 27.52 -40.91
C LEU G 4992 18.10 27.56 -42.16
N MET G 4993 19.20 28.31 -42.12
CA MET G 4993 20.10 28.35 -43.27
C MET G 4993 20.72 26.98 -43.53
N TYR G 4994 21.10 26.28 -42.47
CA TYR G 4994 21.70 24.96 -42.61
C TYR G 4994 20.71 23.98 -43.23
N LEU G 4995 19.44 24.06 -42.84
CA LEU G 4995 18.41 23.24 -43.45
C LEU G 4995 18.25 23.57 -44.93
N ILE G 4996 18.28 24.85 -45.28
CA ILE G 4996 18.13 25.24 -46.68
C ILE G 4996 19.28 24.69 -47.52
N ASN G 4997 20.51 24.81 -47.02
CA ASN G 4997 21.65 24.36 -47.81
C ASN G 4997 21.75 22.84 -47.86
N LYS G 4998 21.37 22.16 -46.78
CA LYS G 4998 21.52 20.71 -46.72
C LYS G 4998 20.54 20.04 -47.68
N ASP G 4999 20.92 18.84 -48.13
CA ASP G 4999 20.07 18.08 -49.03
C ASP G 4999 18.92 17.41 -48.27
N GLU G 5000 17.75 17.36 -48.92
CA GLU G 5000 16.58 16.77 -48.29
C GLU G 5000 16.82 15.28 -48.02
N THR G 5001 17.48 14.58 -48.93
CA THR G 5001 17.81 13.19 -48.69
C THR G 5001 18.82 13.04 -47.56
N GLU G 5002 19.57 14.10 -47.27
CA GLU G 5002 20.56 14.03 -46.20
C GLU G 5002 19.97 14.47 -44.86
N HIS G 5003 18.78 15.07 -44.89
CA HIS G 5003 18.14 15.50 -43.65
C HIS G 5003 17.92 14.32 -42.71
N THR G 5004 18.18 14.54 -41.43
CA THR G 5004 17.85 13.55 -40.41
C THR G 5004 16.36 13.58 -40.10
N GLY G 5005 15.95 12.79 -39.11
CA GLY G 5005 14.55 12.76 -38.74
C GLY G 5005 14.04 14.08 -38.21
N GLN G 5006 14.74 14.63 -37.22
CA GLN G 5006 14.35 15.90 -36.63
C GLN G 5006 14.46 17.04 -37.63
N GLU G 5007 15.52 17.02 -38.45
CA GLU G 5007 15.69 18.04 -39.47
C GLU G 5007 14.55 17.99 -40.49
N SER G 5008 14.16 16.79 -40.91
CA SER G 5008 13.05 16.65 -41.85
C SER G 5008 11.75 17.12 -41.22
N TYR G 5009 11.55 16.80 -39.94
CA TYR G 5009 10.34 17.23 -39.27
C TYR G 5009 10.24 18.75 -39.22
N VAL G 5010 11.33 19.41 -38.83
CA VAL G 5010 11.33 20.87 -38.77
C VAL G 5010 11.19 21.47 -40.16
N TRP G 5011 11.81 20.85 -41.16
CA TRP G 5011 11.69 21.34 -42.53
C TRP G 5011 10.25 21.26 -43.03
N LYS G 5012 9.56 20.16 -42.72
CA LYS G 5012 8.17 20.03 -43.11
C LYS G 5012 7.30 21.07 -42.41
N MET G 5013 7.52 21.28 -41.10
CA MET G 5013 6.76 22.32 -40.42
C MET G 5013 7.04 23.69 -41.03
N TYR G 5014 8.29 23.95 -41.39
CA TYR G 5014 8.66 25.24 -41.97
C TYR G 5014 7.98 25.47 -43.31
N GLN G 5015 8.00 24.47 -44.20
CA GLN G 5015 7.34 24.64 -45.49
C GLN G 5015 5.83 24.71 -45.34
N GLU G 5016 5.30 24.09 -44.28
CA GLU G 5016 3.87 24.22 -44.00
C GLU G 5016 3.54 25.51 -43.29
N ARG G 5017 4.55 26.31 -42.93
CA ARG G 5017 4.38 27.57 -42.20
C ARG G 5017 3.68 27.33 -40.86
N CYS G 5018 4.00 26.21 -40.23
CA CYS G 5018 3.49 25.90 -38.89
C CYS G 5018 4.65 25.97 -37.90
N TRP G 5019 4.48 26.79 -36.87
CA TRP G 5019 5.56 27.11 -35.94
C TRP G 5019 5.45 26.37 -34.63
N ASP G 5020 4.86 25.18 -34.63
CA ASP G 5020 4.68 24.44 -33.38
C ASP G 5020 6.00 23.85 -32.89
N PHE G 5021 7.01 23.79 -33.75
CA PHE G 5021 8.28 23.20 -33.35
C PHE G 5021 9.06 24.12 -32.43
N PHE G 5022 8.76 25.41 -32.46
CA PHE G 5022 9.40 26.33 -31.55
C PHE G 5022 8.96 26.03 -30.12
N PRO G 5023 9.90 25.92 -29.18
CA PRO G 5023 9.50 25.72 -27.78
C PRO G 5023 8.72 26.92 -27.27
N ALA G 5024 7.60 26.63 -26.60
CA ALA G 5024 6.68 27.67 -26.13
C ALA G 5024 6.38 27.42 -24.67
N GLY G 5025 6.97 28.21 -23.79
CA GLY G 5025 6.78 28.03 -22.37
C GLY G 5025 7.38 26.76 -21.81
N ASP G 5026 8.28 26.13 -22.53
CA ASP G 5026 8.91 24.89 -22.08
C ASP G 5026 10.38 24.90 -22.49
N CYS G 5027 11.19 24.21 -21.69
CA CYS G 5027 12.63 24.16 -21.90
C CYS G 5027 13.12 22.75 -21.63
N PHE G 5028 14.28 22.42 -22.18
CA PHE G 5028 14.90 21.13 -21.91
C PHE G 5028 15.19 20.96 -20.43
N ARG G 5029 15.73 21.99 -19.79
CA ARG G 5029 16.07 21.89 -18.38
C ARG G 5029 14.83 21.94 -17.50
N LYS G 5030 13.74 22.50 -18.00
CA LYS G 5030 12.48 22.48 -17.25
C LYS G 5030 11.81 21.12 -17.35
N GLN G 5031 11.85 20.50 -18.52
CA GLN G 5031 11.16 19.22 -18.70
C GLN G 5031 11.90 18.09 -18.00
N TYR G 5032 13.22 18.11 -18.04
CA TYR G 5032 14.04 17.05 -17.47
C TYR G 5032 14.66 17.44 -16.14
N GLU G 5033 14.01 18.34 -15.38
CA GLU G 5033 14.64 18.89 -14.18
C GLU G 5033 14.88 17.81 -13.13
N ASP G 5034 13.92 16.90 -12.94
CA ASP G 5034 14.08 15.86 -11.93
C ASP G 5034 15.20 14.89 -12.30
N GLN G 5035 15.25 14.47 -13.58
CA GLN G 5035 16.29 13.55 -14.00
C GLN G 5035 17.67 14.21 -13.96
N LEU G 5036 17.75 15.49 -14.31
CA LEU G 5036 19.01 16.20 -14.20
C LEU G 5036 19.44 16.34 -12.75
N SER G 5037 18.50 16.59 -11.85
CA SER G 5037 18.80 16.71 -10.43
C SER G 5037 18.88 15.34 -9.78
N GLU H 10 -19.53 -0.97 24.40
CA GLU H 10 -20.83 -0.31 24.39
C GLU H 10 -21.91 -1.29 24.84
N VAL H 11 -22.78 -0.83 25.75
CA VAL H 11 -23.88 -1.63 26.27
C VAL H 11 -25.15 -1.22 25.54
N GLN H 12 -25.76 -2.16 24.83
CA GLN H 12 -26.99 -1.86 24.11
C GLN H 12 -28.09 -1.47 25.08
N PHE H 13 -28.83 -0.41 24.73
CA PHE H 13 -29.86 0.14 25.59
C PHE H 13 -31.20 0.00 24.90
N LEU H 14 -32.21 -0.45 25.66
CA LEU H 14 -33.53 -0.65 25.09
C LEU H 14 -34.12 0.69 24.66
N ARG H 15 -34.90 0.65 23.57
CA ARG H 15 -35.47 1.85 22.98
C ARG H 15 -36.98 1.64 22.81
N THR H 16 -37.71 2.74 22.82
CA THR H 16 -39.15 2.67 22.58
C THR H 16 -39.41 2.25 21.14
N ASP H 17 -40.59 1.63 20.94
CA ASP H 17 -41.03 1.10 19.66
C ASP H 17 -40.15 -0.04 19.15
N ASP H 18 -39.43 -0.72 20.04
CA ASP H 18 -38.63 -1.89 19.69
C ASP H 18 -39.31 -3.14 20.23
N GLU H 19 -39.43 -4.16 19.38
CA GLU H 19 -40.06 -5.40 19.79
C GLU H 19 -39.15 -6.19 20.74
N VAL H 20 -39.71 -6.61 21.86
CA VAL H 20 -38.97 -7.34 22.88
C VAL H 20 -39.80 -8.52 23.36
N VAL H 21 -39.13 -9.45 24.05
CA VAL H 21 -39.79 -10.59 24.67
C VAL H 21 -39.45 -10.58 26.16
N LEU H 22 -40.43 -10.96 26.98
CA LEU H 22 -40.22 -11.01 28.42
C LEU H 22 -39.79 -12.41 28.83
N GLN H 23 -38.62 -12.51 29.45
CA GLN H 23 -37.99 -13.78 29.75
C GLN H 23 -37.86 -13.96 31.26
N CYS H 24 -38.35 -15.09 31.77
CA CYS H 24 -38.23 -15.45 33.17
C CYS H 24 -37.51 -16.78 33.26
N SER H 25 -36.57 -16.87 34.20
CA SER H 25 -35.74 -18.06 34.37
C SER H 25 -36.11 -18.75 35.68
N ALA H 26 -36.44 -20.04 35.58
CA ALA H 26 -36.75 -20.86 36.75
C ALA H 26 -36.06 -22.22 36.58
N THR H 27 -35.76 -22.85 37.72
CA THR H 27 -35.07 -24.13 37.74
C THR H 27 -36.01 -25.19 38.32
N VAL H 28 -36.23 -26.25 37.55
CA VAL H 28 -37.06 -27.38 37.97
C VAL H 28 -36.21 -28.65 37.86
N LEU H 29 -36.26 -29.48 38.90
CA LEU H 29 -35.49 -30.73 38.98
C LEU H 29 -34.02 -30.53 38.58
N LYS H 30 -33.46 -29.39 39.01
CA LYS H 30 -32.06 -29.06 38.78
C LYS H 30 -31.73 -28.95 37.30
N GLU H 31 -32.46 -28.10 36.58
CA GLU H 31 -32.10 -27.69 35.23
C GLU H 31 -32.67 -26.29 34.99
N GLN H 32 -31.92 -25.45 34.31
CA GLN H 32 -32.34 -24.07 34.10
C GLN H 32 -33.31 -23.98 32.93
N LEU H 33 -34.54 -23.55 33.23
CA LEU H 33 -35.59 -23.40 32.24
C LEU H 33 -35.87 -21.92 32.02
N LYS H 34 -35.75 -21.47 30.78
CA LYS H 34 -36.05 -20.10 30.41
C LYS H 34 -37.39 -20.06 29.71
N LEU H 35 -38.30 -19.26 30.24
CA LEU H 35 -39.67 -19.19 29.74
C LEU H 35 -39.97 -17.77 29.27
N CYS H 36 -40.63 -17.66 28.13
CA CYS H 36 -41.01 -16.38 27.55
C CYS H 36 -42.51 -16.18 27.72
N LEU H 37 -42.89 -15.01 28.22
CA LEU H 37 -44.30 -14.71 28.42
C LEU H 37 -45.01 -14.61 27.09
N ALA H 38 -46.15 -15.31 26.96
CA ALA H 38 -46.90 -15.37 25.72
C ALA H 38 -48.38 -15.24 26.01
N ALA H 39 -49.12 -14.65 25.08
CA ALA H 39 -50.57 -14.53 25.18
C ALA H 39 -51.16 -14.76 23.80
N GLU H 40 -52.25 -15.53 23.76
CA GLU H 40 -52.91 -15.80 22.47
C GLU H 40 -53.67 -14.58 21.97
N GLY H 41 -54.29 -13.85 22.88
CA GLY H 41 -55.03 -12.65 22.50
C GLY H 41 -56.48 -12.91 22.17
N PHE H 42 -56.73 -13.57 21.04
CA PHE H 42 -58.08 -13.86 20.59
C PHE H 42 -58.52 -15.20 21.17
N GLY H 43 -59.59 -15.17 21.97
CA GLY H 43 -60.11 -16.37 22.58
C GLY H 43 -59.54 -16.70 23.95
N ASN H 44 -58.41 -16.10 24.32
CA ASN H 44 -57.80 -16.35 25.62
C ASN H 44 -57.02 -15.11 26.03
N ARG H 45 -57.60 -14.33 26.94
CA ARG H 45 -56.94 -13.11 27.40
C ARG H 45 -55.70 -13.43 28.23
N LEU H 46 -55.75 -14.52 29.01
CA LEU H 46 -54.70 -14.80 29.97
C LEU H 46 -53.38 -15.10 29.29
N CYS H 47 -52.29 -14.81 30.00
CA CYS H 47 -50.96 -15.06 29.48
C CYS H 47 -50.37 -16.32 30.08
N PHE H 48 -49.64 -17.07 29.26
CA PHE H 48 -49.01 -18.31 29.67
C PHE H 48 -47.53 -18.25 29.31
N LEU H 49 -46.69 -18.89 30.13
CA LEU H 49 -45.27 -18.92 29.84
C LEU H 49 -44.94 -20.06 28.90
N GLU H 50 -44.18 -19.75 27.86
CA GLU H 50 -43.79 -20.72 26.85
C GLU H 50 -42.31 -21.03 26.99
N PRO H 51 -41.94 -22.29 27.23
CA PRO H 51 -40.53 -22.61 27.53
C PRO H 51 -39.65 -22.46 26.30
N THR H 52 -38.43 -21.97 26.50
CA THR H 52 -37.47 -21.76 25.44
C THR H 52 -36.19 -22.57 25.64
N SER H 53 -36.06 -23.31 26.74
CA SER H 53 -34.88 -24.14 26.95
C SER H 53 -34.82 -25.25 25.90
N ASN H 54 -35.95 -25.87 25.61
CA ASN H 54 -36.03 -26.93 24.60
C ASN H 54 -36.22 -26.38 23.19
N ALA H 55 -35.88 -25.10 22.97
CA ALA H 55 -36.05 -24.51 21.64
C ALA H 55 -35.21 -25.22 20.60
N GLN H 56 -34.01 -25.67 20.99
CA GLN H 56 -33.16 -26.40 20.06
C GLN H 56 -33.80 -27.72 19.65
N ASN H 57 -34.39 -28.43 20.62
CA ASN H 57 -35.02 -29.71 20.29
C ASN H 57 -36.40 -29.50 19.66
N VAL H 58 -37.20 -28.59 20.21
CA VAL H 58 -38.56 -28.37 19.72
C VAL H 58 -38.76 -26.88 19.46
N PRO H 59 -39.17 -26.49 18.25
CA PRO H 59 -39.31 -25.07 17.93
C PRO H 59 -40.40 -24.42 18.77
N PRO H 60 -40.09 -23.32 19.44
CA PRO H 60 -41.13 -22.54 20.11
C PRO H 60 -41.77 -21.56 19.15
N ASP H 61 -42.94 -21.05 19.55
CA ASP H 61 -43.68 -20.07 18.77
C ASP H 61 -43.50 -18.70 19.40
N LEU H 62 -42.71 -17.85 18.74
CA LEU H 62 -42.41 -16.52 19.25
C LEU H 62 -43.42 -15.46 18.82
N ALA H 63 -44.36 -15.80 17.94
CA ALA H 63 -45.34 -14.82 17.49
C ALA H 63 -46.19 -14.32 18.65
N ILE H 64 -46.60 -15.24 19.54
CA ILE H 64 -47.37 -14.84 20.71
C ILE H 64 -46.47 -14.14 21.73
N CYS H 65 -45.20 -14.54 21.80
CA CYS H 65 -44.32 -14.05 22.86
C CYS H 65 -43.88 -12.61 22.61
N CYS H 66 -43.81 -12.20 21.35
CA CYS H 66 -43.26 -10.89 21.03
C CYS H 66 -44.16 -9.77 21.52
N PHE H 67 -43.55 -8.74 22.09
CA PHE H 67 -44.25 -7.55 22.57
C PHE H 67 -43.50 -6.32 22.11
N THR H 68 -44.24 -5.24 21.87
CA THR H 68 -43.67 -3.94 21.51
C THR H 68 -44.10 -2.92 22.54
N LEU H 69 -43.19 -2.02 22.89
CA LEU H 69 -43.47 -0.97 23.86
C LEU H 69 -43.68 0.34 23.11
N GLU H 70 -44.91 0.87 23.19
CA GLU H 70 -45.24 2.07 22.43
C GLU H 70 -44.54 3.30 22.99
N GLN H 71 -44.59 3.48 24.30
CA GLN H 71 -44.10 4.72 24.90
C GLN H 71 -43.49 4.42 26.27
N SER H 72 -42.59 5.30 26.69
CA SER H 72 -42.02 5.27 28.03
C SER H 72 -42.32 6.60 28.69
N LEU H 73 -42.75 6.56 29.95
CA LEU H 73 -43.19 7.75 30.67
C LEU H 73 -42.73 7.68 32.11
N SER H 74 -42.25 8.80 32.64
CA SER H 74 -41.92 8.88 34.05
C SER H 74 -43.18 8.68 34.89
N VAL H 75 -43.00 8.44 36.18
CA VAL H 75 -44.14 8.22 37.06
C VAL H 75 -45.04 9.45 37.11
N ARG H 76 -44.43 10.64 37.19
CA ARG H 76 -45.23 11.85 37.32
C ARG H 76 -45.98 12.14 36.02
N ALA H 77 -45.32 11.97 34.87
CA ALA H 77 -46.01 12.13 33.59
C ALA H 77 -47.09 11.07 33.42
N LEU H 78 -46.87 9.88 33.97
CA LEU H 78 -47.91 8.86 34.02
C LEU H 78 -49.12 9.38 34.78
N GLN H 79 -48.89 9.99 35.94
CA GLN H 79 -49.99 10.54 36.73
C GLN H 79 -50.73 11.60 35.93
N GLU H 80 -50.00 12.47 35.23
CA GLU H 80 -50.64 13.49 34.41
C GLU H 80 -51.48 12.87 33.30
N MET H 81 -50.99 11.80 32.67
CA MET H 81 -51.72 11.24 31.54
C MET H 81 -52.94 10.46 32.01
N LEU H 82 -52.90 9.90 33.23
CA LEU H 82 -54.14 9.43 33.85
C LEU H 82 -55.09 10.58 34.13
N ALA H 83 -54.56 11.71 34.59
CA ALA H 83 -55.42 12.86 34.86
C ALA H 83 -56.12 13.33 33.61
N ASN H 84 -55.42 13.34 32.48
CA ASN H 84 -56.03 13.72 31.21
C ASN H 84 -56.61 12.50 30.50
N HIS H 98 -37.79 7.72 19.17
CA HIS H 98 -37.37 6.51 19.88
C HIS H 98 -36.70 6.87 21.21
N ARG H 99 -37.51 7.06 22.25
CA ARG H 99 -36.98 7.46 23.54
C ARG H 99 -36.33 6.28 24.25
N THR H 100 -35.29 6.58 25.03
CA THR H 100 -34.57 5.53 25.74
C THR H 100 -35.35 5.08 26.98
N LEU H 101 -35.36 3.78 27.21
CA LEU H 101 -35.96 3.24 28.42
C LEU H 101 -35.08 3.55 29.62
N LEU H 102 -35.66 4.19 30.63
CA LEU H 102 -34.96 4.60 31.82
C LEU H 102 -35.63 3.99 33.04
N TYR H 103 -34.83 3.54 33.99
CA TYR H 103 -35.39 2.89 35.18
C TYR H 103 -36.32 3.84 35.93
N GLY H 104 -37.42 3.29 36.43
CA GLY H 104 -38.45 4.07 37.08
C GLY H 104 -39.52 4.61 36.15
N HIS H 105 -39.35 4.44 34.84
CA HIS H 105 -40.34 4.90 33.89
C HIS H 105 -41.52 3.94 33.81
N ALA H 106 -42.58 4.40 33.16
CA ALA H 106 -43.75 3.58 32.88
C ALA H 106 -43.85 3.37 31.38
N ILE H 107 -44.08 2.11 30.98
CA ILE H 107 -44.16 1.74 29.57
C ILE H 107 -45.47 1.02 29.32
N LEU H 108 -45.90 1.02 28.07
CA LEU H 108 -47.10 0.31 27.66
C LEU H 108 -46.72 -0.74 26.63
N LEU H 109 -46.87 -2.01 27.00
CA LEU H 109 -46.48 -3.12 26.15
C LEU H 109 -47.72 -3.65 25.42
N ARG H 110 -47.64 -3.70 24.10
CA ARG H 110 -48.73 -4.21 23.28
C ARG H 110 -48.30 -5.52 22.63
N HIS H 111 -49.25 -6.43 22.48
CA HIS H 111 -48.96 -7.72 21.86
C HIS H 111 -48.91 -7.56 20.36
N ALA H 112 -47.86 -8.07 19.73
CA ALA H 112 -47.62 -7.80 18.31
C ALA H 112 -48.74 -8.38 17.44
N HIS H 113 -49.10 -9.64 17.68
CA HIS H 113 -50.08 -10.29 16.81
C HIS H 113 -51.48 -9.75 17.05
N SER H 114 -51.89 -9.64 18.32
CA SER H 114 -53.30 -9.36 18.61
C SER H 114 -53.55 -7.86 18.74
N ARG H 115 -52.50 -7.06 18.72
CA ARG H 115 -52.52 -5.60 18.87
C ARG H 115 -53.01 -5.20 20.25
N MET H 116 -53.31 -6.16 21.13
CA MET H 116 -53.79 -5.86 22.48
C MET H 116 -52.63 -5.43 23.37
N TYR H 117 -52.97 -4.75 24.46
CA TYR H 117 -51.98 -4.22 25.39
C TYR H 117 -51.98 -5.06 26.66
N LEU H 118 -50.79 -5.45 27.10
CA LEU H 118 -50.67 -6.27 28.30
C LEU H 118 -51.10 -5.47 29.52
N SER H 119 -51.83 -6.13 30.42
CA SER H 119 -52.37 -5.47 31.60
C SER H 119 -52.61 -6.52 32.68
N CYS H 120 -52.87 -6.04 33.89
CA CYS H 120 -53.18 -6.89 35.02
C CYS H 120 -54.70 -6.95 35.20
N LEU H 121 -55.24 -8.15 35.31
CA LEU H 121 -56.68 -8.30 35.46
C LEU H 121 -57.05 -8.44 36.93
N THR H 122 -58.23 -7.92 37.28
CA THR H 122 -58.69 -7.97 38.67
C THR H 122 -58.92 -9.41 39.12
N THR H 123 -59.45 -10.25 38.24
CA THR H 123 -59.74 -11.63 38.61
C THR H 123 -58.44 -12.40 38.83
N SER H 124 -58.53 -13.47 39.63
CA SER H 124 -57.40 -14.31 39.94
C SER H 124 -57.78 -15.77 39.75
N ARG H 125 -57.06 -16.47 38.86
CA ARG H 125 -57.26 -17.90 38.69
C ARG H 125 -56.43 -18.74 39.64
N SER H 126 -55.44 -18.14 40.32
CA SER H 126 -54.59 -18.85 41.26
C SER H 126 -55.20 -18.75 42.65
N MET H 127 -55.61 -19.90 43.19
CA MET H 127 -56.23 -19.90 44.51
C MET H 127 -55.17 -19.97 45.60
N THR H 128 -53.91 -20.14 45.23
CA THR H 128 -52.85 -20.24 46.23
C THR H 128 -52.58 -18.90 46.89
N ASP H 129 -52.62 -17.82 46.13
CA ASP H 129 -52.20 -16.50 46.59
C ASP H 129 -53.34 -15.51 46.42
N LYS H 130 -53.92 -15.06 47.53
CA LYS H 130 -55.06 -14.14 47.46
C LYS H 130 -54.67 -12.83 46.80
N LEU H 131 -53.50 -12.30 47.17
CA LEU H 131 -53.04 -11.03 46.62
C LEU H 131 -52.81 -11.11 45.11
N ALA H 132 -52.54 -12.31 44.60
CA ALA H 132 -52.16 -12.46 43.20
C ALA H 132 -53.30 -12.06 42.27
N PHE H 133 -52.94 -11.40 41.16
CA PHE H 133 -53.87 -11.01 40.12
C PHE H 133 -53.44 -11.61 38.80
N ASP H 134 -54.42 -11.98 37.97
CA ASP H 134 -54.13 -12.53 36.66
C ASP H 134 -53.60 -11.45 35.73
N VAL H 135 -52.65 -11.83 34.88
CA VAL H 135 -52.07 -10.95 33.88
C VAL H 135 -52.61 -11.38 32.53
N GLY H 136 -53.28 -10.46 31.83
CA GLY H 136 -53.89 -10.79 30.56
C GLY H 136 -53.87 -9.62 29.62
N LEU H 137 -54.14 -9.92 28.36
CA LEU H 137 -54.16 -8.89 27.32
C LEU H 137 -55.43 -8.04 27.46
N GLN H 138 -55.31 -6.76 27.11
CA GLN H 138 -56.41 -5.81 27.23
C GLN H 138 -56.61 -5.13 25.88
N GLU H 139 -57.88 -4.94 25.50
CA GLU H 139 -58.19 -4.38 24.19
C GLU H 139 -57.74 -2.93 24.08
N ASP H 140 -58.02 -2.12 25.09
CA ASP H 140 -57.77 -0.69 25.05
C ASP H 140 -56.52 -0.35 25.84
N ALA H 141 -55.75 0.63 25.36
CA ALA H 141 -54.56 1.06 26.07
C ALA H 141 -54.90 2.00 27.22
N THR H 142 -56.13 2.50 27.25
CA THR H 142 -56.54 3.42 28.31
C THR H 142 -56.66 2.69 29.63
N GLY H 143 -56.32 3.40 30.70
CA GLY H 143 -56.39 2.84 32.03
C GLY H 143 -55.02 2.60 32.62
N GLU H 144 -54.97 2.53 33.95
CA GLU H 144 -53.69 2.31 34.63
C GLU H 144 -53.28 0.84 34.57
N ALA H 145 -54.22 -0.04 34.23
CA ALA H 145 -53.90 -1.47 34.16
C ALA H 145 -52.90 -1.75 33.05
N CYS H 146 -53.04 -1.07 31.91
CA CYS H 146 -52.18 -1.33 30.76
C CYS H 146 -50.75 -0.87 31.02
N TRP H 147 -50.58 0.07 31.95
CA TRP H 147 -49.28 0.67 32.16
C TRP H 147 -48.46 -0.13 33.18
N TRP H 148 -47.16 -0.23 32.93
CA TRP H 148 -46.26 -0.98 33.79
C TRP H 148 -45.00 -0.17 34.04
N THR H 149 -44.50 -0.23 35.27
CA THR H 149 -43.31 0.49 35.68
C THR H 149 -42.20 -0.50 35.99
N MET H 150 -41.02 -0.27 35.41
CA MET H 150 -39.83 -1.08 35.71
C MET H 150 -38.97 -0.40 36.75
N HIS H 151 -38.48 -1.19 37.70
CA HIS H 151 -37.49 -0.80 38.68
C HIS H 151 -36.28 -1.72 38.57
N PRO H 152 -35.06 -1.23 38.75
CA PRO H 152 -33.90 -2.11 38.56
C PRO H 152 -33.84 -3.18 39.62
N ALA H 153 -33.81 -4.45 39.18
CA ALA H 153 -33.73 -5.56 40.13
C ALA H 153 -32.35 -5.65 40.76
N SER H 154 -31.30 -5.43 39.98
CA SER H 154 -29.94 -5.48 40.50
C SER H 154 -29.68 -4.27 41.39
N LYS H 155 -28.90 -4.48 42.46
CA LYS H 155 -28.58 -3.39 43.37
C LYS H 155 -27.72 -2.34 42.68
N GLN H 156 -26.73 -2.77 41.89
CA GLN H 156 -25.81 -1.84 41.26
C GLN H 156 -26.54 -0.90 40.31
N ARG H 157 -27.58 -1.38 39.64
CA ARG H 157 -28.42 -0.50 38.83
C ARG H 157 -29.25 0.39 39.74
N SER H 158 -29.45 1.63 39.32
CA SER H 158 -30.14 2.62 40.13
C SER H 158 -31.26 3.28 39.33
N GLU H 159 -32.26 3.79 40.06
CA GLU H 159 -33.36 4.48 39.40
C GLU H 159 -32.86 5.73 38.70
N GLY H 160 -33.48 6.04 37.56
CA GLY H 160 -33.01 7.11 36.71
C GLY H 160 -31.94 6.70 35.73
N GLU H 161 -31.47 5.46 35.79
CA GLU H 161 -30.52 4.97 34.81
C GLU H 161 -31.24 4.38 33.60
N LYS H 162 -30.60 4.51 32.45
CA LYS H 162 -31.17 3.93 31.23
C LYS H 162 -31.13 2.42 31.28
N VAL H 163 -32.15 1.78 30.70
CA VAL H 163 -32.28 0.33 30.76
C VAL H 163 -31.33 -0.32 29.77
N ARG H 164 -30.63 -1.35 30.22
CA ARG H 164 -29.59 -2.02 29.44
C ARG H 164 -30.08 -3.39 28.99
N VAL H 165 -29.66 -3.80 27.79
CA VAL H 165 -30.09 -5.08 27.26
C VAL H 165 -29.48 -6.22 28.06
N GLY H 166 -30.33 -7.17 28.45
CA GLY H 166 -29.90 -8.32 29.21
C GLY H 166 -29.87 -8.13 30.71
N ASP H 167 -30.11 -6.92 31.20
CA ASP H 167 -30.14 -6.68 32.64
C ASP H 167 -31.38 -7.31 33.24
N ASP H 168 -31.25 -7.80 34.48
CA ASP H 168 -32.42 -8.24 35.21
C ASP H 168 -33.33 -7.05 35.50
N LEU H 169 -34.62 -7.32 35.64
CA LEU H 169 -35.59 -6.23 35.71
C LEU H 169 -36.81 -6.69 36.50
N ILE H 170 -37.37 -5.77 37.28
CA ILE H 170 -38.62 -6.00 37.99
C ILE H 170 -39.63 -4.96 37.52
N LEU H 171 -40.86 -5.42 37.26
CA LEU H 171 -41.90 -4.58 36.68
C LEU H 171 -43.09 -4.51 37.63
N VAL H 172 -43.68 -3.34 37.76
CA VAL H 172 -44.81 -3.12 38.65
C VAL H 172 -46.02 -2.74 37.81
N SER H 173 -47.13 -3.44 38.01
CA SER H 173 -48.38 -3.04 37.39
C SER H 173 -48.88 -1.75 38.01
N VAL H 174 -49.14 -0.75 37.18
CA VAL H 174 -49.47 0.57 37.70
C VAL H 174 -50.79 0.53 38.46
N SER H 175 -51.80 -0.14 37.92
CA SER H 175 -53.10 -0.17 38.58
C SER H 175 -53.04 -0.92 39.90
N SER H 176 -52.47 -2.12 39.90
CA SER H 176 -52.49 -2.97 41.08
C SER H 176 -51.26 -2.83 41.96
N GLU H 177 -50.27 -2.02 41.53
CA GLU H 177 -49.01 -1.89 42.26
C GLU H 177 -48.40 -3.26 42.54
N ARG H 178 -48.40 -4.12 41.53
CA ARG H 178 -48.06 -5.53 41.67
C ARG H 178 -46.94 -5.88 40.70
N TYR H 179 -46.05 -6.75 41.14
CA TYR H 179 -44.97 -7.22 40.27
C TYR H 179 -45.46 -8.37 39.39
N LEU H 180 -44.95 -8.40 38.16
CA LEU H 180 -45.12 -9.57 37.31
C LEU H 180 -44.37 -10.74 37.94
N HIS H 181 -45.13 -11.75 38.36
CA HIS H 181 -44.58 -12.82 39.19
C HIS H 181 -44.85 -14.18 38.57
N LEU H 182 -43.82 -15.02 38.62
CA LEU H 182 -43.93 -16.43 38.26
C LEU H 182 -44.19 -17.23 39.52
N SER H 183 -45.26 -18.01 39.52
CA SER H 183 -45.69 -18.77 40.69
C SER H 183 -45.49 -20.26 40.43
N THR H 184 -44.65 -20.89 41.24
CA THR H 184 -44.45 -22.33 41.18
C THR H 184 -45.42 -23.08 42.09
N ALA H 185 -46.30 -22.36 42.79
CA ALA H 185 -47.24 -23.03 43.69
C ALA H 185 -48.11 -24.02 42.94
N SER H 186 -48.69 -23.59 41.82
CA SER H 186 -49.40 -24.52 40.95
C SER H 186 -48.41 -25.47 40.29
N GLY H 187 -48.89 -26.67 39.94
CA GLY H 187 -48.01 -27.64 39.30
C GLY H 187 -47.40 -27.11 38.02
N GLU H 188 -48.20 -26.49 37.17
CA GLU H 188 -47.68 -25.82 35.99
C GLU H 188 -47.14 -24.45 36.35
N LEU H 189 -46.16 -23.99 35.58
CA LEU H 189 -45.61 -22.65 35.81
C LEU H 189 -46.59 -21.60 35.34
N GLN H 190 -46.96 -20.69 36.24
CA GLN H 190 -47.98 -19.69 35.98
C GLN H 190 -47.43 -18.31 36.23
N VAL H 191 -47.78 -17.38 35.35
CA VAL H 191 -47.37 -15.98 35.44
C VAL H 191 -48.57 -15.16 35.86
N ASP H 192 -48.39 -14.33 36.89
CA ASP H 192 -49.46 -13.49 37.40
C ASP H 192 -48.88 -12.25 38.05
N ALA H 193 -49.71 -11.21 38.15
CA ALA H 193 -49.31 -10.01 38.85
C ALA H 193 -49.42 -10.23 40.36
N SER H 194 -48.33 -9.96 41.06
CA SER H 194 -48.29 -10.28 42.49
C SER H 194 -47.44 -9.26 43.22
N PHE H 195 -47.61 -9.28 44.55
CA PHE H 195 -46.92 -8.34 45.42
C PHE H 195 -45.47 -8.75 45.61
N MET H 196 -45.20 -10.06 45.55
CA MET H 196 -43.82 -10.55 45.53
C MET H 196 -43.17 -10.19 44.20
N GLN H 197 -41.85 -10.09 44.21
CA GLN H 197 -41.13 -9.80 42.97
C GLN H 197 -40.56 -11.06 42.34
N THR H 198 -40.37 -11.03 41.03
CA THR H 198 -39.81 -12.14 40.27
C THR H 198 -38.98 -11.58 39.13
N LEU H 199 -37.72 -11.98 39.07
CA LEU H 199 -36.78 -11.38 38.12
C LEU H 199 -37.22 -11.64 36.68
N TRP H 200 -37.17 -10.60 35.85
CA TRP H 200 -37.51 -10.67 34.45
C TRP H 200 -36.40 -10.03 33.62
N ASN H 201 -36.19 -10.56 32.42
CA ASN H 201 -35.21 -10.04 31.49
C ASN H 201 -35.89 -9.77 30.16
N MET H 202 -35.66 -8.58 29.60
CA MET H 202 -36.26 -8.19 28.33
C MET H 202 -35.18 -8.21 27.25
N ASN H 203 -35.34 -9.13 26.30
CA ASN H 203 -34.40 -9.26 25.20
C ASN H 203 -34.99 -8.66 23.94
N PRO H 204 -34.22 -7.90 23.18
CA PRO H 204 -34.78 -7.22 22.00
C PRO H 204 -34.88 -8.13 20.79
N ILE H 205 -36.06 -8.14 20.15
CA ILE H 205 -36.22 -8.91 18.92
C ILE H 205 -35.73 -8.10 17.73
N CYS H 206 -36.29 -6.91 17.54
CA CYS H 206 -35.90 -6.03 16.44
C CYS H 206 -35.96 -4.59 16.91
N SER H 207 -34.89 -3.84 16.68
CA SER H 207 -34.87 -2.44 17.10
C SER H 207 -35.56 -1.54 16.08
N CYS H 208 -35.17 -1.66 14.80
CA CYS H 208 -35.77 -0.85 13.75
C CYS H 208 -35.78 -1.66 12.46
N CYS H 209 -36.94 -1.65 11.80
CA CYS H 209 -37.17 -2.44 10.60
C CYS H 209 -36.83 -1.59 9.38
N GLU H 210 -35.86 -2.05 8.59
CA GLU H 210 -35.48 -1.34 7.38
C GLU H 210 -36.43 -1.66 6.24
N GLU H 211 -36.53 -0.72 5.29
CA GLU H 211 -37.38 -0.94 4.14
C GLU H 211 -36.83 -2.06 3.27
N GLY H 212 -37.72 -2.88 2.73
CA GLY H 212 -37.28 -4.13 2.14
C GLY H 212 -36.55 -4.91 3.19
N TYR H 213 -35.32 -5.32 2.88
CA TYR H 213 -34.32 -5.65 3.89
C TYR H 213 -34.86 -6.67 4.89
N VAL H 214 -35.13 -7.89 4.39
CA VAL H 214 -35.87 -8.88 5.14
C VAL H 214 -35.27 -9.11 6.51
N THR H 215 -36.14 -9.28 7.50
CA THR H 215 -35.75 -9.55 8.87
C THR H 215 -36.40 -10.84 9.33
N GLY H 216 -35.80 -11.46 10.34
CA GLY H 216 -36.37 -12.67 10.90
C GLY H 216 -37.70 -12.39 11.59
N GLY H 217 -38.55 -13.41 11.61
CA GLY H 217 -39.88 -13.27 12.18
C GLY H 217 -40.92 -12.73 11.23
N HIS H 218 -40.54 -12.34 10.03
CA HIS H 218 -41.50 -11.85 9.05
C HIS H 218 -42.32 -13.01 8.50
N VAL H 219 -43.54 -12.69 8.06
CA VAL H 219 -44.42 -13.64 7.41
C VAL H 219 -44.48 -13.28 5.94
N LEU H 220 -44.14 -14.24 5.08
CA LEU H 220 -44.00 -13.95 3.65
C LEU H 220 -44.27 -15.20 2.84
N ARG H 221 -44.58 -14.99 1.56
CA ARG H 221 -44.75 -16.07 0.61
C ARG H 221 -43.64 -15.99 -0.43
N LEU H 222 -42.89 -17.08 -0.58
CA LEU H 222 -41.80 -17.11 -1.54
C LEU H 222 -42.27 -17.69 -2.86
N PHE H 223 -41.88 -17.05 -3.97
CA PHE H 223 -42.37 -17.38 -5.30
C PHE H 223 -41.26 -18.05 -6.09
N HIS H 224 -41.54 -19.26 -6.58
CA HIS H 224 -40.53 -19.96 -7.37
C HIS H 224 -40.23 -19.25 -8.67
N GLY H 225 -41.28 -18.92 -9.43
CA GLY H 225 -41.12 -18.15 -10.64
C GLY H 225 -41.25 -16.67 -10.41
N HIS H 226 -41.13 -15.92 -11.51
CA HIS H 226 -41.39 -14.48 -11.48
C HIS H 226 -42.89 -14.27 -11.38
N MET H 227 -43.35 -14.28 -10.13
CA MET H 227 -44.72 -14.20 -9.59
C MET H 227 -45.66 -15.18 -10.30
N ASP H 228 -45.14 -16.13 -11.08
CA ASP H 228 -45.99 -17.17 -11.64
C ASP H 228 -46.55 -18.09 -10.56
N GLU H 229 -45.71 -18.58 -9.66
CA GLU H 229 -46.11 -19.63 -8.74
C GLU H 229 -45.41 -19.42 -7.40
N CYS H 230 -46.07 -19.84 -6.33
CA CYS H 230 -45.56 -19.70 -4.98
C CYS H 230 -45.63 -21.03 -4.26
N LEU H 231 -44.62 -21.33 -3.43
CA LEU H 231 -44.62 -22.57 -2.68
C LEU H 231 -45.72 -22.54 -1.61
N THR H 232 -46.50 -23.62 -1.56
CA THR H 232 -47.60 -23.70 -0.63
C THR H 232 -47.93 -25.16 -0.34
N ILE H 233 -48.55 -25.39 0.81
CA ILE H 233 -49.05 -26.73 1.11
C ILE H 233 -50.41 -26.93 0.43
N SER H 234 -50.84 -28.18 0.41
CA SER H 234 -52.11 -28.52 -0.23
C SER H 234 -53.28 -27.90 0.51
N ALA H 235 -54.35 -27.65 -0.23
CA ALA H 235 -55.53 -27.01 0.33
C ALA H 235 -56.18 -27.88 1.40
N ALA H 236 -57.17 -27.30 2.08
CA ALA H 236 -57.83 -28.00 3.18
C ALA H 236 -58.60 -29.21 2.67
N ASP H 237 -58.76 -30.20 3.55
CA ASP H 237 -59.47 -31.46 3.34
C ASP H 237 -58.79 -32.33 2.28
N SER H 238 -57.54 -32.05 1.92
CA SER H 238 -56.85 -32.88 0.94
C SER H 238 -56.41 -34.20 1.57
N ASP H 239 -56.23 -35.22 0.73
CA ASP H 239 -55.83 -36.54 1.21
C ASP H 239 -54.41 -36.52 1.75
N ASP H 240 -53.56 -35.64 1.21
CA ASP H 240 -52.15 -35.63 1.60
C ASP H 240 -51.98 -35.10 3.02
N GLN H 241 -53.05 -34.57 3.61
CA GLN H 241 -53.07 -33.98 4.95
C GLN H 241 -52.21 -32.73 5.02
N ARG H 242 -51.96 -32.08 3.89
CA ARG H 242 -51.16 -30.86 3.74
C ARG H 242 -49.73 -31.05 4.22
N ARG H 243 -49.27 -32.28 4.44
CA ARG H 243 -47.88 -32.50 4.82
C ARG H 243 -46.94 -32.25 3.65
N LEU H 244 -47.43 -32.44 2.43
CA LEU H 244 -46.61 -32.26 1.25
C LEU H 244 -46.68 -30.82 0.77
N VAL H 245 -45.58 -30.34 0.17
CA VAL H 245 -45.46 -28.97 -0.29
C VAL H 245 -45.39 -28.97 -1.82
N TYR H 246 -45.91 -27.91 -2.44
CA TYR H 246 -46.00 -27.79 -3.88
C TYR H 246 -45.92 -26.32 -4.28
N TYR H 247 -45.48 -26.08 -5.52
CA TYR H 247 -45.62 -24.75 -6.10
C TYR H 247 -46.96 -24.64 -6.82
N GLU H 248 -47.69 -23.56 -6.54
CA GLU H 248 -49.02 -23.37 -7.11
C GLU H 248 -49.17 -21.93 -7.57
N GLY H 249 -50.04 -21.74 -8.56
CA GLY H 249 -50.33 -20.41 -9.06
C GLY H 249 -51.82 -20.18 -9.15
N GLY H 250 -52.19 -18.90 -9.04
CA GLY H 250 -53.58 -18.50 -9.10
C GLY H 250 -54.02 -17.84 -7.80
N ALA H 251 -55.21 -18.22 -7.32
CA ALA H 251 -55.74 -17.61 -6.11
C ALA H 251 -54.96 -18.05 -4.87
N VAL H 252 -54.14 -19.08 -5.00
CA VAL H 252 -53.34 -19.54 -3.87
C VAL H 252 -52.36 -18.46 -3.43
N CYS H 253 -51.96 -17.59 -4.35
CA CYS H 253 -51.05 -16.50 -4.00
C CYS H 253 -51.73 -15.51 -3.06
N THR H 254 -53.06 -15.40 -3.15
CA THR H 254 -53.78 -14.51 -2.24
C THR H 254 -54.25 -15.25 -1.00
N HIS H 255 -54.41 -16.58 -1.09
CA HIS H 255 -54.89 -17.35 0.04
C HIS H 255 -53.82 -17.44 1.13
N ALA H 256 -54.28 -17.78 2.34
CA ALA H 256 -53.38 -17.81 3.49
C ALA H 256 -52.52 -19.07 3.49
N ARG H 257 -52.93 -20.10 2.75
CA ARG H 257 -52.17 -21.34 2.75
C ARG H 257 -50.78 -21.16 2.17
N SER H 258 -50.60 -20.13 1.32
CA SER H 258 -49.29 -19.87 0.75
C SER H 258 -48.43 -19.04 1.70
N LEU H 259 -49.02 -18.54 2.78
CA LEU H 259 -48.26 -17.69 3.70
C LEU H 259 -47.31 -18.52 4.53
N TRP H 260 -46.06 -18.09 4.60
CA TRP H 260 -45.01 -18.79 5.33
C TRP H 260 -44.36 -17.83 6.31
N ARG H 261 -43.84 -18.37 7.41
CA ARG H 261 -43.11 -17.58 8.38
C ARG H 261 -41.74 -18.20 8.58
N LEU H 262 -40.70 -17.37 8.50
CA LEU H 262 -39.33 -17.80 8.70
C LEU H 262 -38.81 -17.19 10.00
N GLU H 263 -38.30 -18.04 10.89
CA GLU H 263 -37.76 -17.60 12.15
C GLU H 263 -36.34 -18.15 12.32
N PRO H 264 -35.34 -17.32 12.53
CA PRO H 264 -34.00 -17.83 12.84
C PRO H 264 -34.01 -18.56 14.17
N LEU H 265 -33.11 -19.54 14.30
CA LEU H 265 -33.01 -20.34 15.52
C LEU H 265 -32.18 -19.60 16.57
N ARG H 266 -32.58 -18.36 16.83
CA ARG H 266 -32.03 -17.55 17.90
C ARG H 266 -33.19 -16.89 18.64
N ILE H 267 -33.30 -17.16 19.94
CA ILE H 267 -34.35 -16.53 20.73
C ILE H 267 -34.10 -15.03 20.86
N SER H 268 -32.83 -14.64 20.94
CA SER H 268 -32.49 -13.23 21.06
C SER H 268 -32.17 -12.64 19.69
N TRP H 269 -32.65 -11.43 19.45
CA TRP H 269 -32.44 -10.73 18.18
C TRP H 269 -32.94 -11.56 17.00
N SER H 270 -34.07 -12.24 17.21
CA SER H 270 -34.67 -13.02 16.14
C SER H 270 -35.15 -12.12 15.01
N GLY H 271 -35.48 -10.87 15.33
CA GLY H 271 -35.94 -9.93 14.31
C GLY H 271 -34.82 -9.25 13.57
N SER H 272 -33.58 -9.71 13.73
CA SER H 272 -32.46 -9.14 13.00
C SER H 272 -32.61 -9.44 11.50
N HIS H 273 -31.93 -8.64 10.69
CA HIS H 273 -31.91 -8.87 9.26
C HIS H 273 -31.35 -10.26 8.94
N LEU H 274 -31.97 -10.94 7.98
CA LEU H 274 -31.44 -12.21 7.55
C LEU H 274 -30.15 -12.03 6.76
N ARG H 275 -29.26 -12.98 6.91
CA ARG H 275 -27.98 -12.99 6.19
C ARG H 275 -27.96 -14.16 5.22
N TRP H 276 -27.19 -14.01 4.15
CA TRP H 276 -26.99 -15.12 3.23
C TRP H 276 -26.29 -16.26 3.96
N GLY H 277 -26.78 -17.48 3.75
CA GLY H 277 -26.19 -18.64 4.40
C GLY H 277 -26.31 -18.62 5.90
N GLN H 278 -27.38 -18.04 6.43
CA GLN H 278 -27.65 -18.06 7.86
C GLN H 278 -28.77 -19.07 8.12
N PRO H 279 -28.59 -19.99 9.05
CA PRO H 279 -29.63 -21.00 9.30
C PRO H 279 -30.91 -20.36 9.80
N LEU H 280 -32.04 -20.89 9.33
CA LEU H 280 -33.34 -20.39 9.71
C LEU H 280 -34.36 -21.52 9.66
N ARG H 281 -35.49 -21.30 10.33
CA ARG H 281 -36.55 -22.27 10.46
C ARG H 281 -37.81 -21.72 9.81
N ILE H 282 -38.38 -22.49 8.89
CA ILE H 282 -39.54 -22.04 8.12
C ILE H 282 -40.77 -22.78 8.63
N ARG H 283 -41.78 -22.03 9.03
CA ARG H 283 -43.02 -22.58 9.58
C ARG H 283 -44.19 -22.10 8.74
N HIS H 284 -45.15 -23.00 8.48
CA HIS H 284 -46.37 -22.62 7.81
C HIS H 284 -47.35 -22.05 8.84
N VAL H 285 -47.88 -20.86 8.55
CA VAL H 285 -48.56 -20.09 9.59
C VAL H 285 -49.89 -20.73 9.98
N THR H 286 -50.70 -21.12 8.99
CA THR H 286 -52.05 -21.59 9.31
C THR H 286 -52.02 -22.99 9.90
N THR H 287 -51.21 -23.89 9.32
CA THR H 287 -51.14 -25.25 9.84
C THR H 287 -50.31 -25.31 11.12
N GLY H 288 -49.34 -24.40 11.26
CA GLY H 288 -48.44 -24.45 12.38
C GLY H 288 -47.33 -25.47 12.25
N ARG H 289 -47.22 -26.13 11.10
CA ARG H 289 -46.23 -27.18 10.92
C ARG H 289 -44.98 -26.63 10.26
N TYR H 290 -43.84 -27.24 10.60
CA TYR H 290 -42.52 -26.72 10.24
C TYR H 290 -41.97 -27.50 9.05
N LEU H 291 -41.44 -26.77 8.07
CA LEU H 291 -40.92 -27.40 6.87
C LEU H 291 -39.59 -28.11 7.17
N ALA H 292 -39.57 -29.42 6.94
CA ALA H 292 -38.41 -30.25 7.25
C ALA H 292 -38.20 -31.28 6.15
N LEU H 293 -37.01 -31.86 6.14
CA LEU H 293 -36.65 -32.89 5.18
C LEU H 293 -36.55 -34.23 5.89
N THR H 294 -37.49 -35.13 5.60
CA THR H 294 -37.43 -36.50 6.07
C THR H 294 -37.21 -37.40 4.86
N GLU H 295 -36.17 -38.25 4.94
CA GLU H 295 -35.75 -39.02 3.77
C GLU H 295 -36.86 -39.93 3.27
N ASP H 296 -37.71 -40.42 4.17
CA ASP H 296 -38.82 -41.26 3.74
C ASP H 296 -39.83 -40.48 2.90
N GLN H 297 -40.10 -39.23 3.28
CA GLN H 297 -41.09 -38.40 2.61
C GLN H 297 -40.49 -37.21 1.88
N GLY H 298 -39.16 -37.11 1.80
CA GLY H 298 -38.56 -35.98 1.12
C GLY H 298 -38.86 -34.68 1.84
N LEU H 299 -39.25 -33.67 1.06
CA LEU H 299 -39.59 -32.37 1.63
C LEU H 299 -41.04 -32.35 2.09
N VAL H 300 -41.22 -32.19 3.40
CA VAL H 300 -42.56 -32.16 4.00
C VAL H 300 -42.59 -31.09 5.08
N VAL H 301 -43.75 -30.92 5.69
CA VAL H 301 -43.93 -30.07 6.85
C VAL H 301 -44.41 -30.92 8.01
N VAL H 302 -43.76 -30.77 9.16
CA VAL H 302 -43.98 -31.66 10.30
C VAL H 302 -44.32 -30.83 11.53
N ASP H 303 -44.91 -31.51 12.52
CA ASP H 303 -45.28 -30.85 13.76
C ASP H 303 -44.04 -30.41 14.53
N ALA H 304 -44.17 -29.31 15.26
CA ALA H 304 -43.04 -28.77 16.01
C ALA H 304 -42.57 -29.74 17.08
N CYS H 305 -43.51 -30.39 17.77
CA CYS H 305 -43.12 -31.33 18.83
C CYS H 305 -42.34 -32.51 18.27
N LYS H 306 -42.76 -33.04 17.11
CA LYS H 306 -42.06 -34.17 16.53
C LYS H 306 -40.72 -33.75 15.94
N ALA H 307 -40.66 -32.54 15.37
CA ALA H 307 -39.47 -32.10 14.67
C ALA H 307 -38.29 -31.96 15.62
N HIS H 308 -37.20 -32.66 15.28
CA HIS H 308 -35.94 -32.46 16.01
C HIS H 308 -35.21 -31.24 15.48
N THR H 309 -35.75 -30.63 14.42
CA THR H 309 -35.43 -29.33 13.82
C THR H 309 -34.10 -29.32 13.09
N LYS H 310 -33.30 -30.39 13.17
CA LYS H 310 -32.08 -30.43 12.38
C LYS H 310 -32.40 -30.63 10.91
N ALA H 311 -33.47 -31.38 10.63
CA ALA H 311 -34.00 -31.43 9.27
C ALA H 311 -34.77 -30.16 8.93
N THR H 312 -35.36 -29.52 9.94
CA THR H 312 -36.19 -28.35 9.69
C THR H 312 -35.34 -27.13 9.35
N SER H 313 -34.07 -27.13 9.76
CA SER H 313 -33.21 -25.98 9.54
C SER H 313 -32.92 -25.79 8.05
N PHE H 314 -32.98 -24.55 7.61
CA PHE H 314 -32.67 -24.20 6.24
C PHE H 314 -31.84 -22.92 6.23
N CYS H 315 -31.09 -22.72 5.16
CA CYS H 315 -30.26 -21.54 4.99
C CYS H 315 -30.48 -20.96 3.60
N PHE H 316 -30.63 -19.64 3.54
CA PHE H 316 -30.86 -18.97 2.27
C PHE H 316 -29.50 -18.69 1.60
N ARG H 317 -29.46 -18.82 0.27
CA ARG H 317 -28.19 -18.68 -0.44
C ARG H 317 -28.38 -17.80 -1.68
N VAL H 318 -27.40 -16.91 -1.92
CA VAL H 318 -27.48 -16.00 -3.05
C VAL H 318 -27.28 -16.75 -4.37
N SER H 319 -26.37 -17.72 -4.38
CA SER H 319 -26.03 -18.46 -5.58
C SER H 319 -26.07 -19.95 -5.29
N LYS H 320 -26.28 -20.74 -6.36
CA LYS H 320 -26.37 -22.19 -6.20
C LYS H 320 -25.06 -22.77 -5.68
N GLU H 321 -23.93 -22.30 -6.20
CA GLU H 321 -22.64 -22.73 -5.70
C GLU H 321 -22.40 -22.10 -4.33
N LYS H 322 -21.93 -22.92 -3.39
CA LYS H 322 -21.78 -22.49 -1.99
C LYS H 322 -20.29 -22.38 -1.67
N LEU H 323 -19.86 -21.17 -1.28
CA LEU H 323 -18.48 -20.97 -0.89
C LEU H 323 -18.17 -21.69 0.42
N ASP H 324 -19.05 -21.55 1.42
CA ASP H 324 -18.86 -22.13 2.75
C ASP H 324 -17.53 -21.67 3.35
N THR H 325 -17.18 -20.40 3.13
CA THR H 325 -15.93 -19.86 3.64
C THR H 325 -15.92 -19.84 5.17
N ALA H 326 -17.01 -19.38 5.77
CA ALA H 326 -17.13 -19.29 7.22
C ALA H 326 -18.60 -19.37 7.61
N PRO H 327 -18.91 -20.08 8.70
CA PRO H 327 -20.31 -20.14 9.16
C PRO H 327 -20.82 -18.77 9.55
N LYS H 328 -22.10 -18.54 9.28
CA LYS H 328 -22.72 -17.27 9.67
C LYS H 328 -22.77 -17.15 11.18
N ARG H 329 -22.31 -16.01 11.69
CA ARG H 329 -22.18 -15.79 13.12
C ARG H 329 -23.30 -14.88 13.61
N ASP H 330 -23.94 -15.28 14.70
CA ASP H 330 -25.01 -14.47 15.30
C ASP H 330 -24.42 -13.27 16.02
N VAL H 331 -25.00 -12.10 15.78
CA VAL H 331 -24.58 -10.86 16.43
C VAL H 331 -25.78 -10.26 17.15
N GLU H 332 -25.50 -9.45 18.16
CA GLU H 332 -26.53 -8.86 19.01
C GLU H 332 -26.94 -7.49 18.45
N GLY H 333 -27.28 -7.49 17.17
CA GLY H 333 -27.75 -6.28 16.52
C GLY H 333 -28.52 -6.60 15.28
N MET H 334 -29.16 -5.57 14.72
CA MET H 334 -29.86 -5.73 13.45
C MET H 334 -28.90 -6.12 12.33
N GLY H 335 -27.72 -5.51 12.32
CA GLY H 335 -26.66 -5.91 11.41
C GLY H 335 -26.90 -5.47 9.97
N PRO H 336 -25.93 -5.75 9.11
CA PRO H 336 -26.10 -5.43 7.69
C PRO H 336 -27.03 -6.42 7.02
N PRO H 337 -28.02 -5.93 6.29
CA PRO H 337 -28.93 -6.82 5.56
C PRO H 337 -28.50 -7.06 4.11
N GLU H 338 -28.60 -8.30 3.64
CA GLU H 338 -28.23 -8.62 2.26
C GLU H 338 -29.40 -9.05 1.40
N ILE H 339 -30.58 -9.27 1.98
CA ILE H 339 -31.70 -9.86 1.26
C ILE H 339 -32.82 -8.82 1.16
N LYS H 340 -33.39 -8.68 -0.03
CA LYS H 340 -34.36 -7.64 -0.32
C LYS H 340 -35.75 -8.23 -0.51
N TYR H 341 -36.76 -7.36 -0.42
CA TYR H 341 -38.15 -7.72 -0.68
C TYR H 341 -38.45 -7.54 -2.17
N GLY H 342 -38.54 -8.65 -2.88
CA GLY H 342 -38.89 -8.63 -4.29
C GLY H 342 -37.73 -8.43 -5.24
N GLU H 343 -36.51 -8.27 -4.74
CA GLU H 343 -35.35 -8.05 -5.59
C GLU H 343 -34.32 -9.17 -5.48
N SER H 344 -33.92 -9.54 -4.26
CA SER H 344 -32.90 -10.56 -4.10
C SER H 344 -33.40 -11.92 -4.60
N LEU H 345 -32.49 -12.67 -5.19
CA LEU H 345 -32.77 -14.01 -5.68
C LEU H 345 -32.23 -15.01 -4.67
N CYS H 346 -33.08 -15.93 -4.22
CA CYS H 346 -32.82 -16.70 -3.01
C CYS H 346 -32.83 -18.19 -3.31
N PHE H 347 -31.73 -18.86 -2.97
CA PHE H 347 -31.61 -20.31 -3.07
C PHE H 347 -31.73 -20.93 -1.69
N VAL H 348 -32.56 -21.97 -1.57
CA VAL H 348 -32.86 -22.61 -0.30
C VAL H 348 -32.22 -23.99 -0.28
N GLN H 349 -31.41 -24.27 0.73
CA GLN H 349 -30.84 -25.59 0.95
C GLN H 349 -30.95 -25.97 2.41
N HIS H 350 -31.27 -27.23 2.67
CA HIS H 350 -31.27 -27.73 4.05
C HIS H 350 -29.84 -27.84 4.54
N VAL H 351 -29.57 -27.26 5.71
CA VAL H 351 -28.19 -27.06 6.16
C VAL H 351 -27.48 -28.40 6.34
N ALA H 352 -28.14 -29.34 7.02
CA ALA H 352 -27.47 -30.61 7.33
C ALA H 352 -27.24 -31.44 6.08
N SER H 353 -28.28 -31.61 5.26
CA SER H 353 -28.15 -32.46 4.07
C SER H 353 -27.41 -31.75 2.95
N GLY H 354 -27.60 -30.44 2.82
CA GLY H 354 -27.06 -29.71 1.69
C GLY H 354 -27.89 -29.81 0.43
N LEU H 355 -29.01 -30.54 0.47
CA LEU H 355 -29.88 -30.68 -0.69
C LEU H 355 -30.49 -29.34 -1.06
N TRP H 356 -30.63 -29.10 -2.36
CA TRP H 356 -31.14 -27.84 -2.89
C TRP H 356 -32.59 -28.00 -3.30
N LEU H 357 -33.42 -27.01 -2.94
CA LEU H 357 -34.83 -27.07 -3.26
C LEU H 357 -35.05 -26.77 -4.74
N THR H 358 -35.66 -27.73 -5.44
CA THR H 358 -35.88 -27.62 -6.87
C THR H 358 -37.35 -27.90 -7.19
N TYR H 359 -37.71 -27.64 -8.44
CA TYR H 359 -39.08 -27.86 -8.86
C TYR H 359 -39.33 -29.35 -9.09
N ALA H 360 -40.61 -29.69 -9.28
CA ALA H 360 -41.00 -31.09 -9.45
C ALA H 360 -40.42 -31.69 -10.72
N ALA H 361 -40.40 -30.91 -11.80
CA ALA H 361 -40.14 -31.41 -13.15
C ALA H 361 -41.12 -32.55 -13.42
N PRO H 362 -42.42 -32.28 -13.51
CA PRO H 362 -43.39 -33.35 -13.59
C PRO H 362 -43.30 -34.12 -14.90
N ASP H 363 -43.69 -35.39 -14.84
CA ASP H 363 -43.74 -36.22 -16.03
C ASP H 363 -44.83 -35.71 -16.97
N PRO H 364 -44.71 -36.00 -18.28
CA PRO H 364 -45.72 -35.51 -19.23
C PRO H 364 -47.10 -36.10 -18.93
N LYS H 365 -48.11 -35.54 -19.58
CA LYS H 365 -49.54 -35.81 -19.40
C LYS H 365 -50.04 -35.09 -18.13
N ALA H 366 -49.14 -34.51 -17.33
CA ALA H 366 -49.56 -33.75 -16.16
C ALA H 366 -50.44 -32.57 -16.57
N LEU H 367 -50.21 -32.02 -17.77
CA LEU H 367 -51.06 -30.93 -18.25
C LEU H 367 -52.48 -31.41 -18.54
N ARG H 368 -52.65 -32.71 -18.79
CA ARG H 368 -53.99 -33.25 -19.00
C ARG H 368 -54.82 -33.16 -17.72
N LEU H 369 -54.22 -33.52 -16.58
CA LEU H 369 -54.86 -33.19 -15.31
C LEU H 369 -54.93 -31.68 -15.12
N GLY H 370 -53.98 -30.95 -15.69
CA GLY H 370 -54.01 -29.51 -15.69
C GLY H 370 -53.80 -28.87 -14.32
N VAL H 371 -53.42 -29.67 -13.32
CA VAL H 371 -53.35 -29.17 -11.96
C VAL H 371 -52.07 -28.36 -11.77
N LEU H 372 -52.21 -27.19 -11.13
CA LEU H 372 -51.09 -26.25 -11.03
C LEU H 372 -50.00 -26.77 -10.10
N LYS H 373 -50.36 -27.62 -9.14
CA LYS H 373 -49.42 -27.99 -8.08
C LYS H 373 -48.31 -28.89 -8.61
N LYS H 374 -47.09 -28.62 -8.16
CA LYS H 374 -45.89 -29.36 -8.54
C LYS H 374 -45.10 -29.71 -7.29
N LYS H 375 -44.93 -30.99 -7.03
CA LYS H 375 -44.33 -31.43 -5.77
C LYS H 375 -42.89 -30.92 -5.65
N ALA H 376 -42.69 -30.00 -4.70
CA ALA H 376 -41.35 -29.47 -4.46
C ALA H 376 -40.46 -30.55 -3.87
N ILE H 377 -39.26 -30.69 -4.44
CA ILE H 377 -38.32 -31.72 -4.06
C ILE H 377 -36.95 -31.10 -3.86
N LEU H 378 -36.09 -31.84 -3.15
CA LEU H 378 -34.72 -31.41 -2.89
C LEU H 378 -33.77 -32.27 -3.69
N HIS H 379 -33.16 -31.67 -4.71
CA HIS H 379 -32.21 -32.34 -5.60
C HIS H 379 -30.84 -31.73 -5.38
N GLN H 380 -29.82 -32.59 -5.30
CA GLN H 380 -28.48 -32.14 -4.96
C GLN H 380 -27.93 -31.19 -6.03
N GLU H 381 -28.15 -31.51 -7.30
CA GLU H 381 -27.60 -30.68 -8.37
C GLU H 381 -28.30 -29.33 -8.45
N GLY H 382 -29.60 -29.31 -8.18
CA GLY H 382 -30.35 -28.07 -8.26
C GLY H 382 -30.66 -27.69 -9.70
N HIS H 383 -31.26 -26.51 -9.85
CA HIS H 383 -31.70 -26.01 -11.14
C HIS H 383 -31.51 -24.51 -11.19
N MET H 384 -31.57 -23.97 -12.41
CA MET H 384 -31.30 -22.55 -12.61
C MET H 384 -32.38 -21.67 -11.98
N ASP H 385 -33.65 -21.98 -12.25
CA ASP H 385 -34.75 -21.18 -11.77
C ASP H 385 -35.25 -21.59 -10.39
N ASP H 386 -34.41 -22.26 -9.60
CA ASP H 386 -34.82 -22.65 -8.25
C ASP H 386 -34.92 -21.43 -7.34
N ALA H 387 -34.25 -20.34 -7.70
CA ALA H 387 -34.19 -19.18 -6.83
C ALA H 387 -35.56 -18.49 -6.72
N LEU H 388 -35.81 -17.88 -5.58
CA LEU H 388 -37.10 -17.31 -5.25
C LEU H 388 -36.94 -15.86 -4.79
N PHE H 389 -38.02 -15.10 -4.89
CA PHE H 389 -38.12 -13.78 -4.27
C PHE H 389 -38.99 -13.88 -3.02
N LEU H 390 -38.63 -13.13 -1.99
CA LEU H 390 -39.49 -13.00 -0.83
C LEU H 390 -40.42 -11.80 -0.99
N THR H 391 -41.71 -12.03 -0.79
CA THR H 391 -42.73 -11.02 -1.02
C THR H 391 -43.36 -10.64 0.31
N ARG H 392 -43.51 -9.33 0.54
CA ARG H 392 -44.11 -8.84 1.77
C ARG H 392 -45.57 -9.28 1.88
N CYS H 393 -45.96 -9.69 3.08
CA CYS H 393 -47.35 -10.01 3.39
C CYS H 393 -47.90 -8.94 4.31
N GLN H 394 -49.15 -8.56 4.10
CA GLN H 394 -49.72 -7.46 4.84
C GLN H 394 -50.09 -7.88 6.27
N GLN H 395 -50.15 -6.88 7.15
CA GLN H 395 -50.36 -7.16 8.58
C GLN H 395 -51.69 -7.84 8.82
N GLU H 396 -52.76 -7.37 8.16
CA GLU H 396 -54.08 -7.94 8.43
C GLU H 396 -54.16 -9.38 7.95
N GLU H 397 -53.47 -9.71 6.85
CA GLU H 397 -53.53 -11.09 6.37
C GLU H 397 -52.67 -12.01 7.23
N SER H 398 -51.53 -11.52 7.72
CA SER H 398 -50.75 -12.33 8.66
C SER H 398 -51.53 -12.59 9.95
N GLN H 399 -52.17 -11.55 10.48
CA GLN H 399 -52.98 -11.71 11.67
C GLN H 399 -54.14 -12.66 11.41
N ALA H 400 -54.78 -12.55 10.25
CA ALA H 400 -55.88 -13.44 9.93
C ALA H 400 -55.42 -14.88 9.87
N ALA H 401 -54.26 -15.13 9.28
CA ALA H 401 -53.74 -16.49 9.24
C ALA H 401 -53.47 -17.03 10.65
N ARG H 402 -52.89 -16.19 11.52
CA ARG H 402 -52.62 -16.66 12.89
C ARG H 402 -53.92 -16.97 13.64
N MET H 403 -54.92 -16.09 13.53
CA MET H 403 -56.21 -16.38 14.17
C MET H 403 -56.86 -17.62 13.56
N ILE H 404 -56.69 -17.83 12.25
CA ILE H 404 -57.22 -19.03 11.64
C ILE H 404 -56.60 -20.27 12.27
N HIS H 405 -55.28 -20.26 12.44
CA HIS H 405 -54.61 -21.39 13.09
C HIS H 405 -55.16 -21.63 14.49
N SER H 406 -55.20 -20.58 15.31
CA SER H 406 -55.63 -20.76 16.70
C SER H 406 -57.08 -21.21 16.79
N THR H 407 -57.96 -20.58 16.01
CA THR H 407 -59.37 -20.92 16.03
C THR H 407 -59.60 -22.34 15.53
N ALA H 408 -58.88 -22.75 14.48
CA ALA H 408 -59.01 -24.11 13.99
C ALA H 408 -58.61 -25.11 15.06
N GLY H 409 -57.50 -24.86 15.75
CA GLY H 409 -57.09 -25.76 16.82
C GLY H 409 -58.13 -25.86 17.93
N LEU H 410 -58.62 -24.70 18.38
CA LEU H 410 -59.59 -24.72 19.48
C LEU H 410 -60.88 -25.41 19.08
N TYR H 411 -61.38 -25.13 17.89
CA TYR H 411 -62.64 -25.72 17.47
C TYR H 411 -62.49 -27.22 17.20
N ASN H 412 -61.33 -27.63 16.70
CA ASN H 412 -61.08 -29.05 16.53
C ASN H 412 -61.06 -29.77 17.87
N GLN H 413 -60.45 -29.16 18.89
CA GLN H 413 -60.46 -29.76 20.22
C GLN H 413 -61.89 -29.85 20.77
N PHE H 414 -62.68 -28.78 20.56
CA PHE H 414 -64.07 -28.79 21.01
C PHE H 414 -64.87 -29.90 20.33
N ILE H 415 -64.70 -30.05 19.01
CA ILE H 415 -65.39 -31.10 18.27
C ILE H 415 -64.95 -32.47 18.75
N LYS H 416 -63.65 -32.63 19.03
CA LYS H 416 -63.16 -33.90 19.54
C LYS H 416 -63.79 -34.26 20.86
N GLY H 417 -63.91 -33.28 21.76
CA GLY H 417 -64.59 -33.54 23.03
C GLY H 417 -66.04 -33.93 22.84
N LEU H 418 -66.75 -33.20 21.98
CA LEU H 418 -68.17 -33.52 21.74
C LEU H 418 -68.33 -34.93 21.18
N ASP H 419 -67.46 -35.31 20.24
CA ASP H 419 -67.53 -36.67 19.71
C ASP H 419 -67.14 -37.69 20.77
N SER H 420 -66.24 -37.32 21.68
CA SER H 420 -65.84 -38.23 22.73
C SER H 420 -67.01 -38.57 23.65
N PHE H 421 -67.79 -37.57 24.05
CA PHE H 421 -68.91 -37.84 24.94
C PHE H 421 -70.21 -38.16 24.22
N SER H 422 -70.22 -38.14 22.89
CA SER H 422 -71.48 -38.25 22.15
C SER H 422 -72.08 -39.65 22.28
N GLY H 423 -71.25 -40.69 22.20
CA GLY H 423 -71.77 -42.04 22.05
C GLY H 423 -72.59 -42.52 23.24
N LYS H 424 -72.08 -42.30 24.45
CA LYS H 424 -72.67 -42.89 25.64
C LYS H 424 -73.15 -41.79 26.58
N PRO H 425 -74.37 -41.90 27.12
CA PRO H 425 -74.82 -40.90 28.10
C PRO H 425 -73.98 -40.95 29.36
N ARG H 426 -73.66 -39.77 29.88
CA ARG H 426 -72.88 -39.69 31.11
C ARG H 426 -73.68 -40.25 32.29
N GLY H 427 -74.96 -39.93 32.36
CA GLY H 427 -75.80 -40.43 33.44
C GLY H 427 -75.46 -39.79 34.77
N SER H 428 -75.97 -40.41 35.85
CA SER H 428 -75.73 -39.93 37.20
C SER H 428 -74.32 -40.34 37.64
N GLY H 429 -73.34 -39.71 37.00
CA GLY H 429 -71.95 -39.99 37.28
C GLY H 429 -71.04 -38.96 36.63
N PRO H 430 -69.73 -39.12 36.84
CA PRO H 430 -68.77 -38.20 36.21
C PRO H 430 -68.81 -38.32 34.71
N PRO H 431 -68.59 -37.21 33.99
CA PRO H 431 -68.49 -37.30 32.52
C PRO H 431 -67.35 -38.18 32.05
N ALA H 432 -66.29 -38.30 32.86
CA ALA H 432 -65.17 -39.20 32.58
C ALA H 432 -64.52 -38.90 31.23
N GLY H 433 -64.38 -37.61 30.92
CA GLY H 433 -63.73 -37.18 29.70
C GLY H 433 -63.04 -35.85 29.86
N PRO H 434 -62.20 -35.48 28.90
CA PRO H 434 -61.57 -34.15 28.94
C PRO H 434 -62.62 -33.05 28.93
N ALA H 435 -62.37 -32.02 29.73
CA ALA H 435 -63.34 -30.94 29.88
C ALA H 435 -63.47 -30.14 28.58
N LEU H 436 -64.71 -29.84 28.21
CA LEU H 436 -64.94 -29.01 27.04
C LEU H 436 -64.48 -27.58 27.31
N PRO H 437 -63.72 -26.98 26.40
CA PRO H 437 -63.29 -25.59 26.59
C PRO H 437 -64.39 -24.60 26.26
N ILE H 438 -65.46 -24.60 27.07
CA ILE H 438 -66.65 -23.83 26.74
C ILE H 438 -66.38 -22.33 26.84
N GLU H 439 -65.62 -21.92 27.87
CA GLU H 439 -65.35 -20.49 28.04
C GLU H 439 -64.43 -19.98 26.93
N ALA H 440 -63.43 -20.76 26.57
CA ALA H 440 -62.55 -20.37 25.47
C ALA H 440 -63.31 -20.32 24.16
N VAL H 441 -64.21 -21.28 23.94
CA VAL H 441 -65.00 -21.29 22.71
C VAL H 441 -65.91 -20.06 22.65
N ILE H 442 -66.55 -19.72 23.76
CA ILE H 442 -67.42 -18.54 23.79
C ILE H 442 -66.63 -17.27 23.52
N LEU H 443 -65.47 -17.14 24.18
CA LEU H 443 -64.64 -15.95 23.97
C LEU H 443 -64.16 -15.86 22.52
N SER H 444 -63.72 -16.99 21.95
CA SER H 444 -63.26 -16.99 20.58
C SER H 444 -64.39 -16.64 19.62
N LEU H 445 -65.59 -17.17 19.86
CA LEU H 445 -66.73 -16.84 19.00
C LEU H 445 -67.04 -15.35 19.06
N GLN H 446 -67.06 -14.78 20.26
CA GLN H 446 -67.33 -13.34 20.39
C GLN H 446 -66.25 -12.52 19.70
N ASP H 447 -64.99 -12.89 19.86
CA ASP H 447 -63.91 -12.17 19.21
C ASP H 447 -64.01 -12.27 17.69
N LEU H 448 -64.40 -13.44 17.18
CA LEU H 448 -64.54 -13.60 15.73
C LEU H 448 -65.70 -12.77 15.20
N ILE H 449 -66.80 -12.72 15.94
CA ILE H 449 -67.93 -11.89 15.53
C ILE H 449 -67.53 -10.42 15.50
N GLY H 450 -66.79 -9.98 16.52
CA GLY H 450 -66.27 -8.62 16.49
C GLY H 450 -65.31 -8.40 15.33
N TYR H 451 -64.56 -9.44 14.97
CA TYR H 451 -63.65 -9.37 13.83
C TYR H 451 -64.40 -9.15 12.53
N PHE H 452 -65.52 -9.86 12.34
CA PHE H 452 -66.24 -9.84 11.09
C PHE H 452 -67.41 -8.87 11.07
N GLU H 453 -67.47 -7.92 12.00
CA GLU H 453 -68.57 -6.98 12.02
C GLU H 453 -68.52 -6.07 10.79
N PRO H 454 -69.66 -5.68 10.24
CA PRO H 454 -69.64 -4.76 9.10
C PRO H 454 -69.19 -3.38 9.56
N PRO H 455 -68.56 -2.61 8.66
CA PRO H 455 -68.18 -1.23 9.03
C PRO H 455 -69.41 -0.38 9.30
N SER H 456 -69.26 0.55 10.24
CA SER H 456 -70.38 1.41 10.62
C SER H 456 -70.74 2.35 9.47
N GLU H 457 -72.01 2.75 9.44
CA GLU H 457 -72.52 3.53 8.31
C GLU H 457 -72.01 4.96 8.36
N GLU H 458 -71.90 5.53 9.57
CA GLU H 458 -71.64 6.96 9.69
C GLU H 458 -70.28 7.35 9.14
N LEU H 459 -69.34 6.41 9.07
CA LEU H 459 -68.02 6.74 8.57
C LEU H 459 -68.05 6.90 7.06
N GLN H 460 -67.11 7.68 6.54
CA GLN H 460 -67.20 8.19 5.17
C GLN H 460 -67.17 7.06 4.15
N HIS H 461 -67.54 7.41 2.91
CA HIS H 461 -67.82 6.39 1.90
C HIS H 461 -66.55 5.69 1.44
N GLU H 462 -65.46 6.43 1.25
CA GLU H 462 -64.23 5.81 0.73
C GLU H 462 -63.61 4.87 1.76
N GLU H 463 -63.53 5.30 3.01
CA GLU H 463 -63.05 4.41 4.06
C GLU H 463 -64.02 3.26 4.29
N LYS H 464 -65.32 3.50 4.05
CA LYS H 464 -66.28 2.40 4.10
C LYS H 464 -65.97 1.36 3.03
N GLN H 465 -65.65 1.81 1.82
CA GLN H 465 -65.26 0.89 0.76
C GLN H 465 -64.01 0.12 1.13
N SER H 466 -63.02 0.81 1.72
CA SER H 466 -61.77 0.15 2.10
C SER H 466 -62.02 -0.91 3.16
N LYS H 467 -62.77 -0.58 4.21
CA LYS H 467 -63.07 -1.55 5.26
C LYS H 467 -63.93 -2.69 4.72
N LEU H 468 -64.84 -2.38 3.79
CA LEU H 468 -65.65 -3.43 3.18
C LEU H 468 -64.79 -4.42 2.41
N ARG H 469 -63.85 -3.91 1.61
CA ARG H 469 -62.99 -4.82 0.86
C ARG H 469 -62.08 -5.62 1.78
N SER H 470 -61.62 -5.01 2.88
CA SER H 470 -60.85 -5.76 3.86
C SER H 470 -61.69 -6.87 4.47
N LEU H 471 -62.95 -6.57 4.80
CA LEU H 471 -63.84 -7.58 5.37
C LEU H 471 -64.08 -8.72 4.40
N ARG H 472 -64.30 -8.40 3.12
CA ARG H 472 -64.49 -9.45 2.13
C ARG H 472 -63.23 -10.31 2.01
N ASN H 473 -62.06 -9.68 2.03
CA ASN H 473 -60.82 -10.45 1.94
C ASN H 473 -60.66 -11.39 3.13
N ARG H 474 -60.97 -10.89 4.34
CA ARG H 474 -60.86 -11.75 5.52
C ARG H 474 -61.86 -12.89 5.48
N GLN H 475 -63.09 -12.61 5.05
CA GLN H 475 -64.09 -13.66 4.93
C GLN H 475 -63.64 -14.71 3.92
N SER H 476 -63.08 -14.28 2.79
CA SER H 476 -62.60 -15.22 1.79
C SER H 476 -61.46 -16.06 2.34
N LEU H 477 -60.55 -15.44 3.10
CA LEU H 477 -59.44 -16.20 3.67
C LEU H 477 -59.94 -17.27 4.63
N PHE H 478 -60.86 -16.90 5.52
CA PHE H 478 -61.40 -17.86 6.47
C PHE H 478 -62.16 -18.98 5.76
N GLN H 479 -62.87 -18.63 4.68
CA GLN H 479 -63.56 -19.65 3.90
C GLN H 479 -62.57 -20.61 3.26
N GLU H 480 -61.49 -20.08 2.66
CA GLU H 480 -60.51 -20.94 2.02
C GLU H 480 -59.87 -21.89 3.02
N GLU H 481 -59.59 -21.42 4.23
CA GLU H 481 -58.93 -22.28 5.21
C GLU H 481 -59.92 -23.28 5.81
N GLY H 482 -61.21 -23.09 5.59
CA GLY H 482 -62.20 -24.07 6.03
C GLY H 482 -62.83 -23.81 7.39
N MET H 483 -62.63 -22.61 7.96
CA MET H 483 -63.25 -22.31 9.24
C MET H 483 -64.76 -22.34 9.14
N LEU H 484 -65.31 -22.01 7.96
CA LEU H 484 -66.75 -22.11 7.79
C LEU H 484 -67.22 -23.55 7.91
N SER H 485 -66.51 -24.49 7.27
CA SER H 485 -66.87 -25.89 7.40
C SER H 485 -66.70 -26.36 8.85
N LEU H 486 -65.68 -25.86 9.53
CA LEU H 486 -65.50 -26.21 10.94
C LEU H 486 -66.69 -25.74 11.77
N VAL H 487 -67.16 -24.52 11.51
CA VAL H 487 -68.32 -23.98 12.22
C VAL H 487 -69.55 -24.84 11.93
N LEU H 488 -69.72 -25.26 10.69
CA LEU H 488 -70.84 -26.15 10.35
C LEU H 488 -70.75 -27.46 11.12
N ASN H 489 -69.55 -28.02 11.23
CA ASN H 489 -69.39 -29.28 11.98
C ASN H 489 -69.73 -29.10 13.44
N CYS H 490 -69.28 -27.99 14.06
CA CYS H 490 -69.65 -27.72 15.44
C CYS H 490 -71.15 -27.57 15.60
N ILE H 491 -71.79 -26.87 14.66
CA ILE H 491 -73.23 -26.67 14.71
C ILE H 491 -73.96 -28.01 14.63
N ASP H 492 -73.52 -28.90 13.74
CA ASP H 492 -74.14 -30.23 13.66
C ASP H 492 -73.95 -31.01 14.95
N ARG H 493 -72.71 -31.02 15.47
CA ARG H 493 -72.44 -31.73 16.72
C ARG H 493 -73.36 -31.26 17.84
N LEU H 494 -73.59 -29.95 17.93
CA LEU H 494 -74.48 -29.45 18.96
C LEU H 494 -75.94 -29.70 18.62
N ASN H 495 -76.24 -29.83 17.32
CA ASN H 495 -77.62 -29.98 16.89
C ASN H 495 -78.12 -31.41 17.07
N VAL H 496 -77.21 -32.36 17.27
CA VAL H 496 -77.66 -33.72 17.56
C VAL H 496 -78.42 -33.77 18.87
N TYR H 497 -78.29 -32.74 19.70
CA TYR H 497 -79.02 -32.68 20.96
C TYR H 497 -80.16 -31.67 20.84
N THR H 498 -81.36 -32.10 21.25
CA THR H 498 -82.56 -31.29 21.03
C THR H 498 -82.62 -30.12 21.99
N THR H 499 -82.30 -30.34 23.27
CA THR H 499 -82.47 -29.32 24.29
C THR H 499 -81.31 -29.32 25.26
N ALA H 500 -81.33 -28.34 26.16
CA ALA H 500 -80.23 -28.16 27.10
C ALA H 500 -80.08 -29.35 28.04
N ALA H 501 -81.19 -29.87 28.55
CA ALA H 501 -81.11 -31.01 29.46
C ALA H 501 -80.65 -32.27 28.72
N HIS H 502 -81.12 -32.45 27.49
CA HIS H 502 -80.68 -33.58 26.69
C HIS H 502 -79.19 -33.52 26.43
N PHE H 503 -78.67 -32.32 26.14
CA PHE H 503 -77.22 -32.15 26.01
C PHE H 503 -76.52 -32.40 27.34
N ALA H 504 -77.13 -31.96 28.44
CA ALA H 504 -76.48 -32.07 29.76
C ALA H 504 -76.30 -33.52 30.17
N GLU H 505 -77.30 -34.36 29.91
CA GLU H 505 -77.22 -35.74 30.37
C GLU H 505 -76.07 -36.48 29.70
N TYR H 506 -75.55 -35.94 28.60
CA TYR H 506 -74.33 -36.50 28.01
C TYR H 506 -73.08 -35.74 28.44
N ALA H 507 -73.18 -34.41 28.52
CA ALA H 507 -72.01 -33.57 28.73
C ALA H 507 -71.88 -33.03 30.15
N GLY H 508 -72.80 -33.39 31.04
CA GLY H 508 -72.76 -32.87 32.39
C GLY H 508 -73.56 -31.59 32.54
N GLU H 509 -73.93 -31.31 33.79
CA GLU H 509 -74.79 -30.16 34.07
C GLU H 509 -74.06 -28.85 33.85
N GLU H 510 -72.75 -28.81 34.14
CA GLU H 510 -72.03 -27.54 34.09
C GLU H 510 -71.79 -27.08 32.66
N ALA H 511 -71.93 -27.99 31.69
CA ALA H 511 -71.75 -27.59 30.29
C ALA H 511 -73.08 -27.18 29.66
N ALA H 512 -74.20 -27.45 30.35
CA ALA H 512 -75.51 -27.20 29.77
C ALA H 512 -75.79 -25.72 29.63
N GLU H 513 -75.45 -24.92 30.65
CA GLU H 513 -75.84 -23.51 30.65
C GLU H 513 -75.17 -22.74 29.52
N SER H 514 -74.07 -23.28 28.99
CA SER H 514 -73.36 -22.58 27.92
C SER H 514 -73.81 -23.07 26.54
N TRP H 515 -74.62 -24.12 26.51
CA TRP H 515 -74.93 -24.77 25.24
C TRP H 515 -75.76 -23.87 24.33
N LYS H 516 -76.81 -23.26 24.87
CA LYS H 516 -77.66 -22.37 24.07
C LYS H 516 -76.87 -21.17 23.58
N GLU H 517 -76.07 -20.58 24.46
CA GLU H 517 -75.25 -19.43 24.07
C GLU H 517 -74.27 -19.82 22.97
N ILE H 518 -73.67 -21.03 23.07
CA ILE H 518 -72.70 -21.43 22.07
C ILE H 518 -73.38 -21.64 20.71
N VAL H 519 -74.57 -22.26 20.69
CA VAL H 519 -75.23 -22.45 19.40
C VAL H 519 -75.64 -21.11 18.80
N ASN H 520 -76.13 -20.18 19.64
CA ASN H 520 -76.49 -18.87 19.12
C ASN H 520 -75.27 -18.13 18.58
N LEU H 521 -74.15 -18.21 19.29
CA LEU H 521 -72.93 -17.57 18.84
C LEU H 521 -72.43 -18.19 17.54
N LEU H 522 -72.54 -19.52 17.41
CA LEU H 522 -72.12 -20.19 16.20
C LEU H 522 -72.95 -19.74 15.01
N TYR H 523 -74.27 -19.66 15.18
CA TYR H 523 -75.11 -19.19 14.08
C TYR H 523 -74.81 -17.74 13.73
N GLU H 524 -74.58 -16.90 14.73
CA GLU H 524 -74.25 -15.50 14.45
C GLU H 524 -72.91 -15.39 13.73
N LEU H 525 -71.94 -16.22 14.10
CA LEU H 525 -70.66 -16.23 13.40
C LEU H 525 -70.83 -16.69 11.96
N LEU H 526 -71.68 -17.70 11.73
CA LEU H 526 -71.97 -18.12 10.36
C LEU H 526 -72.53 -16.97 9.55
N ALA H 527 -73.51 -16.26 10.12
CA ALA H 527 -74.12 -15.14 9.41
C ALA H 527 -73.09 -14.06 9.12
N SER H 528 -72.22 -13.75 10.08
CA SER H 528 -71.20 -12.73 9.86
C SER H 528 -70.21 -13.18 8.79
N LEU H 529 -69.88 -14.46 8.75
CA LEU H 529 -68.94 -14.96 7.75
C LEU H 529 -69.53 -14.87 6.34
N ILE H 530 -70.78 -15.30 6.17
CA ILE H 530 -71.28 -15.39 4.79
C ILE H 530 -71.96 -14.09 4.37
N ARG H 531 -72.11 -13.14 5.30
CA ARG H 531 -72.79 -11.88 4.95
C ARG H 531 -71.97 -11.09 3.95
N GLY H 532 -72.61 -10.71 2.84
CA GLY H 532 -71.99 -9.86 1.85
C GLY H 532 -70.98 -10.53 0.94
N ASN H 533 -70.85 -11.85 0.99
CA ASN H 533 -69.86 -12.58 0.20
C ASN H 533 -70.56 -13.58 -0.69
N ARG H 534 -70.54 -13.33 -2.01
CA ARG H 534 -71.18 -14.24 -2.95
C ARG H 534 -70.52 -15.62 -2.93
N ALA H 535 -69.19 -15.65 -2.85
CA ALA H 535 -68.49 -16.93 -2.83
C ALA H 535 -68.86 -17.74 -1.61
N ASN H 536 -68.95 -17.09 -0.44
CA ASN H 536 -69.34 -17.79 0.78
C ASN H 536 -70.79 -18.25 0.72
N CYS H 537 -71.67 -17.42 0.15
CA CYS H 537 -73.08 -17.79 0.08
C CYS H 537 -73.32 -18.91 -0.92
N ALA H 538 -72.45 -19.02 -1.92
CA ALA H 538 -72.64 -20.04 -2.95
C ALA H 538 -72.46 -21.44 -2.37
N LEU H 539 -71.69 -21.56 -1.29
CA LEU H 539 -71.52 -22.87 -0.66
C LEU H 539 -72.83 -23.38 -0.08
N PHE H 540 -73.59 -22.50 0.57
CA PHE H 540 -74.85 -22.94 1.16
C PHE H 540 -75.90 -23.23 0.10
N SER H 541 -75.62 -22.86 -1.15
CA SER H 541 -76.49 -23.25 -2.25
C SER H 541 -76.45 -24.75 -2.45
N THR H 542 -75.29 -25.37 -2.21
CA THR H 542 -75.18 -26.83 -2.32
C THR H 542 -76.06 -27.52 -1.29
N ASN H 543 -76.10 -27.00 -0.07
CA ASN H 543 -76.90 -27.57 1.01
C ASN H 543 -77.80 -26.48 1.59
N LEU H 544 -78.97 -26.30 0.97
CA LEU H 544 -79.94 -25.35 1.50
C LEU H 544 -80.92 -26.05 2.44
N ASP H 545 -81.13 -27.34 2.24
CA ASP H 545 -81.99 -28.10 3.14
C ASP H 545 -81.40 -28.17 4.53
N TRP H 546 -80.07 -28.09 4.64
CA TRP H 546 -79.44 -28.06 5.95
C TRP H 546 -79.86 -26.83 6.75
N VAL H 547 -79.91 -25.67 6.09
CA VAL H 547 -80.38 -24.46 6.76
C VAL H 547 -81.88 -24.52 6.99
N VAL H 548 -82.63 -25.01 5.99
CA VAL H 548 -84.09 -25.00 6.07
C VAL H 548 -84.57 -25.87 7.22
N SER H 549 -83.99 -27.06 7.37
CA SER H 549 -84.41 -27.96 8.44
C SER H 549 -84.11 -27.38 9.81
N LYS H 550 -83.14 -26.46 9.90
CA LYS H 550 -82.78 -25.88 11.18
C LYS H 550 -83.80 -24.86 11.64
N LEU H 551 -84.65 -24.39 10.74
CA LEU H 551 -85.54 -23.27 11.06
C LEU H 551 -86.50 -23.61 12.19
N ASP H 552 -87.04 -24.83 12.19
CA ASP H 552 -88.04 -25.19 13.19
C ASP H 552 -87.46 -25.27 14.59
N ARG H 553 -86.14 -25.36 14.69
CA ARG H 553 -85.50 -25.49 16.00
C ARG H 553 -85.73 -24.23 16.83
N LEU H 554 -85.89 -24.42 18.15
CA LEU H 554 -86.36 -23.33 18.99
C LEU H 554 -85.20 -22.57 19.63
N GLU H 555 -84.01 -23.17 19.66
CA GLU H 555 -82.93 -22.60 20.46
C GLU H 555 -82.34 -21.35 19.81
N ALA H 556 -82.19 -21.34 18.49
CA ALA H 556 -81.52 -20.25 17.78
C ALA H 556 -82.30 -19.91 16.51
N SER H 557 -83.63 -19.81 16.64
CA SER H 557 -84.47 -19.56 15.48
C SER H 557 -84.11 -18.25 14.78
N SER H 558 -83.87 -17.19 15.56
CA SER H 558 -83.51 -15.91 14.97
C SER H 558 -82.19 -16.00 14.22
N GLY H 559 -81.20 -16.68 14.80
CA GLY H 559 -79.92 -16.82 14.13
C GLY H 559 -80.01 -17.60 12.84
N ILE H 560 -80.77 -18.71 12.86
CA ILE H 560 -80.93 -19.51 11.64
C ILE H 560 -81.65 -18.70 10.57
N LEU H 561 -82.69 -17.95 10.96
CA LEU H 561 -83.40 -17.14 9.99
C LEU H 561 -82.50 -16.06 9.41
N GLU H 562 -81.67 -15.44 10.24
CA GLU H 562 -80.73 -14.43 9.74
C GLU H 562 -79.73 -15.04 8.77
N VAL H 563 -79.23 -16.24 9.09
CA VAL H 563 -78.30 -16.91 8.18
C VAL H 563 -78.97 -17.17 6.84
N LEU H 564 -80.20 -17.69 6.86
CA LEU H 564 -80.90 -17.97 5.62
C LEU H 564 -81.14 -16.69 4.82
N TYR H 565 -81.51 -15.60 5.51
CA TYR H 565 -81.73 -14.34 4.83
C TYR H 565 -80.47 -13.87 4.13
N CYS H 566 -79.33 -13.85 4.85
CA CYS H 566 -78.09 -13.38 4.25
C CYS H 566 -77.66 -14.27 3.09
N VAL H 567 -77.94 -15.58 3.18
CA VAL H 567 -77.65 -16.46 2.06
C VAL H 567 -78.52 -16.09 0.85
N LEU H 568 -79.80 -15.82 1.08
CA LEU H 568 -80.70 -15.59 -0.04
C LEU H 568 -80.42 -14.27 -0.75
N ILE H 569 -80.17 -13.21 0.00
CA ILE H 569 -80.06 -11.89 -0.63
C ILE H 569 -78.80 -11.78 -1.47
N GLU H 570 -77.87 -12.72 -1.33
CA GLU H 570 -76.58 -12.56 -1.99
C GLU H 570 -76.48 -13.41 -3.25
N SER H 571 -77.14 -14.57 -3.28
CA SER H 571 -76.96 -15.52 -4.36
C SER H 571 -78.25 -15.73 -5.13
N PRO H 572 -78.21 -15.74 -6.47
CA PRO H 572 -79.37 -16.22 -7.23
C PRO H 572 -79.41 -17.73 -7.34
N GLU H 573 -78.27 -18.39 -7.10
CA GLU H 573 -78.22 -19.84 -7.18
C GLU H 573 -79.13 -20.48 -6.15
N VAL H 574 -79.15 -19.95 -4.93
CA VAL H 574 -80.02 -20.50 -3.90
C VAL H 574 -81.48 -20.36 -4.32
N LEU H 575 -81.85 -19.25 -4.96
CA LEU H 575 -83.21 -19.08 -5.42
C LEU H 575 -83.55 -20.09 -6.51
N ASN H 576 -82.59 -20.35 -7.42
CA ASN H 576 -82.83 -21.39 -8.42
C ASN H 576 -82.96 -22.76 -7.77
N ILE H 577 -82.32 -22.96 -6.62
CA ILE H 577 -82.39 -24.25 -5.94
C ILE H 577 -83.69 -24.36 -5.14
N ILE H 578 -84.26 -23.22 -4.74
CA ILE H 578 -85.42 -23.22 -3.85
C ILE H 578 -86.56 -24.05 -4.43
N GLN H 579 -87.23 -24.81 -3.56
CA GLN H 579 -88.31 -25.69 -3.96
C GLN H 579 -89.56 -25.41 -3.12
N GLU H 580 -90.64 -26.08 -3.52
CA GLU H 580 -91.93 -25.89 -2.84
C GLU H 580 -91.86 -26.36 -1.40
N ASN H 581 -91.10 -27.43 -1.13
CA ASN H 581 -90.95 -27.88 0.25
C ASN H 581 -90.25 -26.82 1.10
N HIS H 582 -89.23 -26.16 0.55
CA HIS H 582 -88.57 -25.10 1.29
C HIS H 582 -89.51 -23.94 1.55
N ILE H 583 -90.29 -23.55 0.54
CA ILE H 583 -91.23 -22.44 0.72
C ILE H 583 -92.27 -22.80 1.77
N LYS H 584 -92.78 -24.03 1.74
CA LYS H 584 -93.73 -24.49 2.75
C LYS H 584 -93.10 -24.49 4.12
N SER H 585 -91.82 -24.86 4.22
CA SER H 585 -91.14 -24.84 5.51
C SER H 585 -91.06 -23.43 6.07
N ILE H 586 -90.73 -22.46 5.21
CA ILE H 586 -90.64 -21.06 5.68
C ILE H 586 -92.01 -20.55 6.11
N ILE H 587 -93.05 -20.86 5.33
CA ILE H 587 -94.40 -20.41 5.69
C ILE H 587 -94.85 -21.06 6.99
N SER H 588 -94.54 -22.35 7.17
CA SER H 588 -94.87 -23.02 8.42
C SER H 588 -94.09 -22.43 9.58
N LEU H 589 -92.85 -22.00 9.33
CA LEU H 589 -92.10 -21.32 10.38
C LEU H 589 -92.79 -20.03 10.80
N LEU H 590 -93.30 -19.27 9.82
CA LEU H 590 -94.10 -18.10 10.15
C LEU H 590 -95.30 -18.48 11.01
N ASP H 591 -96.00 -19.54 10.62
CA ASP H 591 -97.19 -19.96 11.35
C ASP H 591 -96.86 -20.37 12.78
N LYS H 592 -95.78 -21.11 12.97
CA LYS H 592 -95.43 -21.64 14.30
C LYS H 592 -94.89 -20.54 15.20
N HIS H 593 -94.05 -19.66 14.67
CA HIS H 593 -93.40 -18.66 15.51
C HIS H 593 -94.12 -17.32 15.53
N GLY H 594 -95.26 -17.20 14.86
CA GLY H 594 -96.02 -15.97 14.93
C GLY H 594 -95.63 -15.00 13.84
N ARG H 595 -96.24 -13.83 13.90
CA ARG H 595 -96.07 -12.83 12.85
C ARG H 595 -94.75 -12.10 13.04
N ASN H 596 -93.76 -12.46 12.22
CA ASN H 596 -92.45 -11.84 12.22
C ASN H 596 -92.17 -11.30 10.82
N HIS H 597 -91.73 -10.06 10.73
CA HIS H 597 -91.54 -9.43 9.43
C HIS H 597 -90.31 -9.97 8.73
N LYS H 598 -89.40 -10.59 9.47
CA LYS H 598 -88.19 -11.13 8.86
C LYS H 598 -88.51 -12.29 7.92
N VAL H 599 -89.51 -13.11 8.28
CA VAL H 599 -89.94 -14.18 7.40
C VAL H 599 -90.51 -13.61 6.11
N LEU H 600 -91.28 -12.52 6.22
CA LEU H 600 -91.79 -11.86 5.03
C LEU H 600 -90.66 -11.32 4.17
N ASP H 601 -89.63 -10.75 4.80
CA ASP H 601 -88.47 -10.28 4.05
C ASP H 601 -87.78 -11.44 3.33
N VAL H 602 -87.69 -12.59 3.99
CA VAL H 602 -87.09 -13.77 3.36
C VAL H 602 -87.90 -14.18 2.13
N LEU H 603 -89.22 -14.20 2.26
CA LEU H 603 -90.06 -14.56 1.12
C LEU H 603 -89.89 -13.57 -0.03
N CYS H 604 -89.85 -12.27 0.28
CA CYS H 604 -89.64 -11.27 -0.76
C CYS H 604 -88.31 -11.49 -1.45
N SER H 605 -87.26 -11.79 -0.67
CA SER H 605 -85.97 -12.11 -1.28
C SER H 605 -86.09 -13.32 -2.20
N LEU H 606 -86.93 -14.29 -1.83
CA LEU H 606 -87.14 -15.44 -2.70
C LEU H 606 -87.80 -15.03 -4.01
N CYS H 607 -88.69 -14.03 -3.97
CA CYS H 607 -89.44 -13.68 -5.18
C CYS H 607 -88.53 -13.19 -6.31
N VAL H 608 -87.67 -12.21 -6.04
CA VAL H 608 -86.89 -11.54 -7.07
C VAL H 608 -85.42 -11.56 -6.69
N CYS H 609 -84.55 -11.80 -7.67
CA CYS H 609 -83.10 -11.77 -7.47
C CYS H 609 -82.48 -10.82 -8.47
N ASN H 610 -81.61 -9.94 -7.97
CA ASN H 610 -80.79 -9.00 -8.76
C ASN H 610 -81.52 -8.48 -10.00
N GLY H 611 -82.77 -8.05 -9.82
CA GLY H 611 -83.55 -7.51 -10.91
C GLY H 611 -84.20 -8.53 -11.82
N VAL H 612 -84.10 -9.81 -11.49
CA VAL H 612 -84.73 -10.88 -12.27
C VAL H 612 -85.67 -11.63 -11.33
N ALA H 613 -86.92 -11.82 -11.75
CA ALA H 613 -87.97 -12.39 -10.92
C ALA H 613 -88.15 -13.86 -11.25
N VAL H 614 -88.34 -14.68 -10.22
CA VAL H 614 -88.56 -16.11 -10.40
C VAL H 614 -90.05 -16.39 -10.41
N ARG H 615 -90.59 -16.71 -11.59
CA ARG H 615 -92.01 -16.97 -11.72
C ARG H 615 -92.44 -18.13 -10.83
N SER H 616 -91.65 -19.20 -10.81
CA SER H 616 -92.00 -20.37 -10.00
C SER H 616 -92.05 -20.02 -8.52
N ASN H 617 -91.04 -19.27 -8.03
CA ASN H 617 -91.04 -18.89 -6.63
C ASN H 617 -92.25 -18.04 -6.29
N GLN H 618 -92.56 -17.05 -7.13
CA GLN H 618 -93.72 -16.21 -6.85
C GLN H 618 -95.00 -17.03 -6.83
N ASP H 619 -95.18 -17.90 -7.82
CA ASP H 619 -96.40 -18.69 -7.89
C ASP H 619 -96.54 -19.62 -6.69
N LEU H 620 -95.46 -20.27 -6.29
CA LEU H 620 -95.53 -21.14 -5.12
C LEU H 620 -95.84 -20.34 -3.86
N ILE H 621 -95.22 -19.17 -3.70
CA ILE H 621 -95.48 -18.36 -2.51
C ILE H 621 -96.94 -17.96 -2.44
N THR H 622 -97.49 -17.45 -3.54
CA THR H 622 -98.90 -17.04 -3.52
C THR H 622 -99.82 -18.23 -3.29
N GLU H 623 -99.55 -19.36 -3.95
CA GLU H 623 -100.43 -20.52 -3.81
C GLU H 623 -100.41 -21.06 -2.38
N ASN H 624 -99.24 -21.05 -1.73
CA ASN H 624 -99.17 -21.65 -0.40
C ASN H 624 -99.59 -20.69 0.69
N LEU H 625 -99.46 -19.37 0.46
CA LEU H 625 -99.69 -18.41 1.52
C LEU H 625 -101.03 -17.69 1.41
N LEU H 626 -101.42 -17.28 0.21
CA LEU H 626 -102.54 -16.34 0.08
C LEU H 626 -103.92 -16.97 0.29
N PRO H 627 -104.31 -18.06 -0.40
CA PRO H 627 -105.73 -18.46 -0.36
C PRO H 627 -106.24 -18.82 1.01
N GLY H 628 -105.36 -19.26 1.92
CA GLY H 628 -105.82 -19.62 3.25
C GLY H 628 -106.41 -18.46 4.01
N ARG H 629 -105.78 -17.28 3.90
CA ARG H 629 -106.17 -16.04 4.55
C ARG H 629 -106.11 -16.14 6.07
N GLU H 630 -105.35 -17.08 6.65
CA GLU H 630 -105.24 -17.14 8.10
C GLU H 630 -103.95 -16.48 8.58
N LEU H 631 -102.86 -16.66 7.85
CA LEU H 631 -101.57 -16.16 8.32
C LEU H 631 -101.47 -14.65 8.21
N LEU H 632 -101.90 -14.09 7.08
CA LEU H 632 -101.77 -12.65 6.87
C LEU H 632 -103.02 -11.92 7.34
N LEU H 633 -102.81 -10.70 7.82
CA LEU H 633 -103.93 -9.86 8.24
C LEU H 633 -104.77 -9.47 7.03
N GLN H 634 -106.09 -9.55 7.19
CA GLN H 634 -107.03 -9.31 6.11
C GLN H 634 -107.64 -7.93 6.27
N THR H 635 -107.80 -7.22 5.15
CA THR H 635 -108.35 -5.87 5.14
C THR H 635 -109.53 -5.81 4.19
N ASN H 636 -110.53 -4.99 4.55
CA ASN H 636 -111.72 -4.81 3.75
C ASN H 636 -112.46 -3.57 4.24
N LEU H 637 -113.38 -3.06 3.43
CA LEU H 637 -114.19 -1.91 3.78
C LEU H 637 -115.55 -2.37 4.28
N ILE H 638 -115.98 -1.80 5.41
CA ILE H 638 -117.26 -2.14 6.02
C ILE H 638 -117.97 -0.84 6.36
N ASN H 639 -119.31 -0.88 6.38
CA ASN H 639 -120.08 0.28 6.77
C ASN H 639 -120.22 0.36 8.28
N TYR H 640 -120.30 1.59 8.79
CA TYR H 640 -120.57 1.78 10.20
C TYR H 640 -122.01 1.36 10.51
N VAL H 641 -122.22 0.79 11.69
CA VAL H 641 -123.53 0.33 12.12
C VAL H 641 -123.82 0.95 13.47
N THR H 642 -125.01 1.55 13.60
CA THR H 642 -125.43 2.21 14.82
C THR H 642 -126.78 1.64 15.24
N SER H 643 -127.01 1.58 16.54
CA SER H 643 -128.24 1.01 17.10
C SER H 643 -128.90 2.01 18.03
N ILE H 644 -130.22 2.15 17.89
CA ILE H 644 -131.02 3.11 18.64
C ILE H 644 -132.09 2.34 19.40
N ARG H 645 -132.30 2.70 20.67
CA ARG H 645 -133.26 2.01 21.51
C ARG H 645 -134.15 3.01 22.25
N PRO H 646 -135.41 2.67 22.52
CA PRO H 646 -136.21 3.48 23.44
C PRO H 646 -135.79 3.21 24.88
N ASN H 647 -136.13 4.14 25.76
CA ASN H 647 -135.78 4.02 27.18
C ASN H 647 -136.81 3.14 27.87
N ILE H 648 -137.00 1.94 27.32
CA ILE H 648 -137.91 0.94 27.85
C ILE H 648 -137.09 -0.25 28.32
N PHE H 649 -137.09 -0.49 29.62
CA PHE H 649 -136.31 -1.57 30.21
C PHE H 649 -137.22 -2.53 30.95
N VAL H 650 -137.18 -3.80 30.56
CA VAL H 650 -138.01 -4.84 31.16
C VAL H 650 -137.10 -6.01 31.54
N GLY H 651 -137.39 -6.63 32.68
CA GLY H 651 -136.61 -7.75 33.15
C GLY H 651 -137.39 -8.56 34.17
N ARG H 652 -136.82 -9.71 34.54
CA ARG H 652 -137.43 -10.62 35.49
C ARG H 652 -136.52 -10.79 36.69
N ALA H 653 -137.09 -10.75 37.89
CA ALA H 653 -136.39 -11.07 39.12
C ALA H 653 -137.43 -11.47 40.17
N GLU H 654 -136.95 -12.12 41.23
CA GLU H 654 -137.87 -12.54 42.28
C GLU H 654 -138.45 -11.32 42.99
N GLY H 655 -139.78 -11.27 43.07
CA GLY H 655 -140.44 -10.13 43.67
C GLY H 655 -140.43 -8.87 42.84
N SER H 656 -140.01 -8.95 41.58
CA SER H 656 -139.91 -7.76 40.76
C SER H 656 -141.28 -7.17 40.47
N THR H 657 -141.34 -5.86 40.29
CA THR H 657 -142.61 -5.18 40.06
C THR H 657 -143.01 -5.24 38.60
N GLN H 658 -142.08 -5.61 37.72
CA GLN H 658 -142.34 -5.53 36.28
C GLN H 658 -143.25 -6.65 35.82
N TYR H 659 -143.93 -6.41 34.70
CA TYR H 659 -144.79 -7.42 34.10
C TYR H 659 -143.97 -8.34 33.20
N GLY H 660 -144.44 -9.58 33.05
CA GLY H 660 -143.63 -10.59 32.39
C GLY H 660 -143.50 -10.41 30.90
N LYS H 661 -144.61 -10.16 30.21
CA LYS H 661 -144.67 -10.21 28.75
C LYS H 661 -144.77 -8.81 28.18
N TRP H 662 -144.01 -8.54 27.11
CA TRP H 662 -144.01 -7.24 26.47
C TRP H 662 -144.00 -7.41 24.96
N TYR H 663 -144.60 -6.44 24.26
CA TYR H 663 -144.76 -6.49 22.81
C TYR H 663 -144.50 -5.11 22.24
N PHE H 664 -143.74 -5.05 21.15
CA PHE H 664 -143.49 -3.82 20.43
C PHE H 664 -143.38 -4.12 18.94
N GLU H 665 -143.63 -3.10 18.13
CA GLU H 665 -143.75 -3.25 16.68
C GLU H 665 -142.84 -2.24 16.00
N VAL H 666 -142.19 -2.68 14.93
CA VAL H 666 -141.33 -1.83 14.11
C VAL H 666 -141.71 -2.03 12.66
N MET H 667 -142.03 -0.94 11.97
CA MET H 667 -142.40 -1.01 10.56
C MET H 667 -141.47 -0.15 9.74
N VAL H 668 -141.07 -0.66 8.59
CA VAL H 668 -139.99 -0.07 7.79
C VAL H 668 -140.59 0.95 6.83
N ASP H 669 -140.01 2.15 6.81
CA ASP H 669 -140.47 3.17 5.88
C ASP H 669 -139.66 3.17 4.58
N GLU H 670 -138.34 3.12 4.68
CA GLU H 670 -137.47 3.20 3.51
C GLU H 670 -136.19 2.44 3.77
N VAL H 671 -135.79 1.63 2.79
CA VAL H 671 -134.50 0.93 2.81
C VAL H 671 -133.85 1.11 1.44
N VAL H 672 -132.58 1.46 1.44
CA VAL H 672 -131.76 1.48 0.23
C VAL H 672 -130.91 0.21 0.27
N PRO H 673 -131.16 -0.78 -0.59
CA PRO H 673 -130.46 -2.07 -0.45
C PRO H 673 -128.95 -1.95 -0.54
N PHE H 674 -128.44 -1.09 -1.43
CA PHE H 674 -127.00 -0.90 -1.58
C PHE H 674 -126.72 0.60 -1.70
N LEU H 675 -126.55 1.25 -0.55
CA LEU H 675 -126.08 2.63 -0.55
C LEU H 675 -124.58 2.68 -0.80
N THR H 676 -123.86 1.67 -0.31
CA THR H 676 -122.44 1.49 -0.60
C THR H 676 -122.26 0.12 -1.24
N ALA H 677 -120.99 -0.27 -1.39
CA ALA H 677 -120.71 -1.59 -1.95
C ALA H 677 -121.25 -2.70 -1.07
N GLN H 678 -121.10 -2.57 0.24
CA GLN H 678 -121.60 -3.57 1.17
C GLN H 678 -123.08 -3.33 1.45
N ALA H 679 -123.84 -4.43 1.53
CA ALA H 679 -125.28 -4.32 1.65
C ALA H 679 -125.69 -3.63 2.95
N THR H 680 -126.77 -2.86 2.88
CA THR H 680 -127.29 -2.18 4.05
C THR H 680 -127.77 -3.18 5.08
N HIS H 681 -127.54 -2.88 6.36
CA HIS H 681 -127.83 -3.79 7.46
C HIS H 681 -128.99 -3.23 8.27
N LEU H 682 -130.05 -4.02 8.40
CA LEU H 682 -131.21 -3.65 9.22
C LEU H 682 -131.61 -4.85 10.04
N ARG H 683 -131.77 -4.65 11.35
CA ARG H 683 -132.09 -5.74 12.26
C ARG H 683 -132.89 -5.21 13.44
N VAL H 684 -133.91 -5.96 13.84
CA VAL H 684 -134.79 -5.59 14.94
C VAL H 684 -134.79 -6.72 15.95
N GLY H 685 -134.74 -6.36 17.23
CA GLY H 685 -134.75 -7.38 18.27
C GLY H 685 -134.69 -6.80 19.66
N TRP H 686 -134.25 -7.64 20.59
CA TRP H 686 -134.14 -7.29 22.00
C TRP H 686 -132.68 -7.40 22.41
N ALA H 687 -132.29 -6.64 23.44
CA ALA H 687 -130.92 -6.64 23.91
C ALA H 687 -130.88 -6.44 25.42
N LEU H 688 -129.90 -7.06 26.08
CA LEU H 688 -129.71 -6.89 27.51
C LEU H 688 -128.93 -5.60 27.77
N THR H 689 -129.34 -4.87 28.81
CA THR H 689 -128.63 -3.63 29.15
C THR H 689 -127.19 -3.90 29.53
N GLU H 690 -126.96 -4.92 30.34
CA GLU H 690 -125.61 -5.30 30.75
C GLU H 690 -125.00 -6.18 29.68
N GLY H 691 -123.87 -5.74 29.13
CA GLY H 691 -123.11 -6.55 28.20
C GLY H 691 -123.28 -6.21 26.74
N TYR H 692 -124.36 -5.54 26.35
CA TYR H 692 -124.57 -5.13 24.97
C TYR H 692 -123.98 -3.75 24.76
N SER H 693 -122.77 -3.69 24.20
CA SER H 693 -122.06 -2.44 23.98
C SER H 693 -121.60 -2.39 22.52
N PRO H 694 -122.51 -2.11 21.60
CA PRO H 694 -122.09 -1.94 20.20
C PRO H 694 -121.25 -0.67 20.07
N TYR H 695 -120.00 -0.86 19.66
CA TYR H 695 -119.05 0.24 19.57
C TYR H 695 -118.84 0.58 18.10
N PRO H 696 -118.85 1.85 17.73
CA PRO H 696 -118.68 2.21 16.33
C PRO H 696 -117.34 1.77 15.79
N GLY H 697 -117.34 1.36 14.52
CA GLY H 697 -116.12 0.98 13.86
C GLY H 697 -115.74 -0.47 14.09
N GLY H 698 -114.50 -0.65 14.54
CA GLY H 698 -113.97 -1.99 14.72
C GLY H 698 -114.74 -2.75 15.79
N GLY H 699 -114.93 -4.04 15.54
CA GLY H 699 -115.60 -4.90 16.48
C GLY H 699 -115.29 -6.36 16.21
N GLU H 700 -116.03 -7.23 16.89
CA GLU H 700 -115.85 -8.66 16.71
C GLU H 700 -116.38 -9.10 15.34
N GLY H 701 -115.79 -10.16 14.82
CA GLY H 701 -116.16 -10.62 13.49
C GLY H 701 -115.49 -9.76 12.44
N TRP H 702 -116.29 -9.33 11.46
CA TRP H 702 -115.81 -8.42 10.43
C TRP H 702 -116.32 -7.00 10.62
N GLY H 703 -116.68 -6.62 11.83
CA GLY H 703 -117.19 -5.29 12.10
C GLY H 703 -118.66 -5.16 11.83
N GLY H 704 -119.14 -3.92 11.96
CA GLY H 704 -120.55 -3.66 11.79
C GLY H 704 -121.42 -4.40 12.78
N ASN H 705 -121.02 -4.43 14.05
CA ASN H 705 -121.73 -5.20 15.05
C ASN H 705 -123.06 -4.52 15.39
N GLY H 706 -124.14 -5.29 15.30
CA GLY H 706 -125.46 -4.78 15.60
C GLY H 706 -126.20 -5.76 16.49
N VAL H 707 -127.54 -5.73 16.36
CA VAL H 707 -128.36 -6.65 17.12
C VAL H 707 -128.12 -8.07 16.63
N GLY H 708 -127.85 -8.98 17.56
CA GLY H 708 -127.59 -10.36 17.22
C GLY H 708 -126.14 -10.68 16.94
N ASP H 709 -125.24 -9.71 16.97
CA ASP H 709 -123.83 -9.96 16.77
C ASP H 709 -123.12 -10.37 18.05
N ASP H 710 -123.82 -10.37 19.18
CA ASP H 710 -123.27 -10.80 20.45
C ASP H 710 -124.30 -11.66 21.17
N LEU H 711 -123.85 -12.28 22.28
CA LEU H 711 -124.73 -13.18 23.01
C LEU H 711 -125.71 -12.41 23.89
N TYR H 712 -125.57 -11.09 23.96
CA TYR H 712 -126.46 -10.29 24.79
C TYR H 712 -127.65 -9.78 24.00
N SER H 713 -127.59 -9.84 22.67
CA SER H 713 -128.62 -9.30 21.81
C SER H 713 -129.14 -10.38 20.88
N TYR H 714 -130.42 -10.34 20.57
CA TYR H 714 -131.08 -11.28 19.68
C TYR H 714 -131.90 -10.51 18.67
N GLY H 715 -131.67 -10.77 17.38
CA GLY H 715 -132.23 -9.93 16.34
C GLY H 715 -132.83 -10.75 15.22
N PHE H 716 -133.42 -10.02 14.26
CA PHE H 716 -134.14 -10.59 13.14
C PHE H 716 -134.08 -9.62 11.97
N ASP H 717 -133.57 -10.08 10.82
CA ASP H 717 -133.39 -9.21 9.67
C ASP H 717 -134.41 -9.47 8.56
N GLY H 718 -135.45 -10.24 8.82
CA GLY H 718 -136.38 -10.63 7.79
C GLY H 718 -136.08 -11.96 7.14
N LEU H 719 -134.85 -12.46 7.27
CA LEU H 719 -134.44 -13.71 6.67
C LEU H 719 -133.72 -14.63 7.61
N HIS H 720 -133.14 -14.12 8.70
CA HIS H 720 -132.34 -14.92 9.62
C HIS H 720 -132.62 -14.49 11.04
N LEU H 721 -132.35 -15.40 11.97
CA LEU H 721 -132.30 -15.09 13.39
C LEU H 721 -130.85 -14.94 13.80
N TRP H 722 -130.52 -13.79 14.39
CA TRP H 722 -129.15 -13.43 14.68
C TRP H 722 -128.89 -13.50 16.18
N THR H 723 -127.90 -14.30 16.56
CA THR H 723 -127.42 -14.34 17.93
C THR H 723 -126.01 -14.91 17.93
N GLY H 724 -125.15 -14.32 18.76
CA GLY H 724 -123.77 -14.77 18.85
C GLY H 724 -123.02 -14.65 17.54
N HIS H 725 -123.34 -13.63 16.74
CA HIS H 725 -122.69 -13.39 15.45
C HIS H 725 -122.86 -14.57 14.50
N VAL H 726 -123.95 -15.33 14.64
CA VAL H 726 -124.25 -16.44 13.77
C VAL H 726 -125.64 -16.24 13.18
N ALA H 727 -125.72 -16.29 11.85
CA ALA H 727 -126.98 -16.13 11.13
C ALA H 727 -127.59 -17.49 10.87
N ARG H 728 -128.78 -17.72 11.42
CA ARG H 728 -129.50 -18.97 11.24
C ARG H 728 -130.74 -18.72 10.39
N PRO H 729 -130.83 -19.31 9.20
CA PRO H 729 -131.98 -19.03 8.33
C PRO H 729 -133.28 -19.45 8.98
N VAL H 730 -134.31 -18.63 8.77
CA VAL H 730 -135.63 -18.85 9.35
C VAL H 730 -136.66 -18.85 8.22
N THR H 731 -137.75 -19.58 8.44
CA THR H 731 -138.78 -19.76 7.43
C THR H 731 -139.97 -18.87 7.74
N SER H 732 -140.38 -18.09 6.76
CA SER H 732 -141.57 -17.25 6.86
C SER H 732 -142.33 -17.28 5.54
N PRO H 733 -143.65 -17.18 5.58
CA PRO H 733 -144.42 -17.12 4.33
C PRO H 733 -144.05 -15.89 3.52
N GLY H 734 -143.60 -16.14 2.29
CA GLY H 734 -143.13 -15.05 1.44
C GLY H 734 -141.94 -14.33 2.03
N GLN H 735 -140.98 -15.08 2.57
CA GLN H 735 -139.86 -14.48 3.28
C GLN H 735 -138.99 -13.66 2.34
N HIS H 736 -138.44 -12.57 2.87
CA HIS H 736 -137.55 -11.71 2.12
C HIS H 736 -136.78 -10.83 3.10
N LEU H 737 -135.72 -10.21 2.60
CA LEU H 737 -134.99 -9.25 3.42
C LEU H 737 -135.87 -8.05 3.73
N LEU H 738 -135.62 -7.43 4.89
CA LEU H 738 -136.45 -6.34 5.34
C LEU H 738 -136.59 -5.26 4.27
N ALA H 739 -137.83 -5.02 3.85
CA ALA H 739 -138.15 -4.16 2.73
C ALA H 739 -139.06 -3.05 3.22
N PRO H 740 -139.14 -1.94 2.49
CA PRO H 740 -140.05 -0.87 2.90
C PRO H 740 -141.49 -1.34 2.95
N GLU H 741 -142.24 -0.78 3.90
CA GLU H 741 -143.65 -1.08 4.18
C GLU H 741 -143.83 -2.46 4.81
N ASP H 742 -142.80 -3.03 5.41
CA ASP H 742 -142.90 -4.28 6.15
C ASP H 742 -142.94 -3.97 7.64
N VAL H 743 -143.81 -4.67 8.36
CA VAL H 743 -144.00 -4.46 9.80
C VAL H 743 -143.45 -5.67 10.54
N VAL H 744 -142.51 -5.43 11.44
CA VAL H 744 -141.90 -6.47 12.26
C VAL H 744 -142.44 -6.33 13.68
N SER H 745 -143.08 -7.39 14.17
CA SER H 745 -143.62 -7.42 15.52
C SER H 745 -142.81 -8.39 16.36
N CYS H 746 -142.23 -7.88 17.45
CA CYS H 746 -141.38 -8.68 18.32
C CYS H 746 -142.06 -8.84 19.67
N CYS H 747 -142.16 -10.08 20.13
CA CYS H 747 -142.80 -10.40 21.40
C CYS H 747 -141.77 -11.05 22.32
N LEU H 748 -141.72 -10.59 23.57
CA LEU H 748 -140.79 -11.10 24.56
C LEU H 748 -141.57 -11.56 25.79
N ASP H 749 -141.40 -12.81 26.16
CA ASP H 749 -141.96 -13.36 27.39
C ASP H 749 -140.81 -13.76 28.31
N LEU H 750 -140.77 -13.15 29.50
CA LEU H 750 -139.67 -13.41 30.41
C LEU H 750 -139.89 -14.70 31.20
N SER H 751 -141.10 -15.25 31.13
CA SER H 751 -141.41 -16.43 31.92
C SER H 751 -140.72 -17.68 31.38
N VAL H 752 -140.77 -17.88 30.06
CA VAL H 752 -140.23 -19.11 29.49
C VAL H 752 -138.72 -19.25 29.71
N PRO H 753 -137.87 -18.25 29.40
CA PRO H 753 -138.10 -17.00 28.65
C PRO H 753 -138.08 -17.26 27.15
N SER H 754 -138.77 -16.47 26.34
CA SER H 754 -138.80 -16.69 24.89
C SER H 754 -138.95 -15.37 24.16
N ILE H 755 -138.43 -15.34 22.94
CA ILE H 755 -138.57 -14.21 22.03
C ILE H 755 -139.11 -14.73 20.72
N SER H 756 -140.20 -14.13 20.25
CA SER H 756 -140.86 -14.54 19.01
C SER H 756 -141.03 -13.33 18.11
N PHE H 757 -141.03 -13.56 16.80
CA PHE H 757 -141.18 -12.51 15.81
C PHE H 757 -142.32 -12.85 14.88
N ARG H 758 -143.01 -11.82 14.40
CA ARG H 758 -144.00 -11.94 13.33
C ARG H 758 -143.76 -10.84 12.32
N ILE H 759 -143.66 -11.20 11.05
CA ILE H 759 -143.39 -10.26 9.97
C ILE H 759 -144.66 -10.07 9.16
N ASN H 760 -145.06 -8.81 8.98
CA ASN H 760 -146.28 -8.47 8.23
C ASN H 760 -147.50 -9.19 8.79
N GLY H 761 -147.49 -9.44 10.10
CA GLY H 761 -148.58 -10.12 10.75
C GLY H 761 -148.58 -11.62 10.63
N CYS H 762 -147.61 -12.21 9.93
CA CYS H 762 -147.52 -13.64 9.79
C CYS H 762 -146.42 -14.18 10.71
N PRO H 763 -146.62 -15.34 11.32
CA PRO H 763 -145.62 -15.85 12.28
C PRO H 763 -144.31 -16.20 11.59
N VAL H 764 -143.22 -16.07 12.34
CA VAL H 764 -141.90 -16.49 11.89
C VAL H 764 -141.49 -17.69 12.72
N GLN H 765 -141.18 -18.80 12.05
CA GLN H 765 -140.90 -20.08 12.71
C GLN H 765 -139.48 -20.06 13.30
N GLY H 766 -139.32 -19.24 14.33
CA GLY H 766 -138.06 -19.14 15.03
C GLY H 766 -138.22 -18.59 16.44
N VAL H 767 -137.65 -19.27 17.43
CA VAL H 767 -137.80 -18.90 18.83
C VAL H 767 -136.43 -18.85 19.48
N PHE H 768 -136.23 -17.86 20.34
CA PHE H 768 -135.06 -17.76 21.21
C PHE H 768 -135.49 -18.14 22.62
N GLU H 769 -134.89 -19.19 23.18
CA GLU H 769 -135.26 -19.63 24.52
C GLU H 769 -134.00 -19.86 25.35
N ALA H 770 -134.21 -19.98 26.65
CA ALA H 770 -133.18 -20.34 27.63
C ALA H 770 -132.04 -19.35 27.70
N PHE H 771 -132.27 -18.09 27.37
CA PHE H 771 -131.22 -17.09 27.50
C PHE H 771 -131.15 -16.58 28.94
N ASN H 772 -130.02 -15.94 29.26
CA ASN H 772 -129.82 -15.42 30.61
C ASN H 772 -130.78 -14.27 30.89
N LEU H 773 -131.11 -14.10 32.16
CA LEU H 773 -132.06 -13.08 32.60
C LEU H 773 -131.47 -12.11 33.62
N ASP H 774 -130.15 -12.05 33.75
CA ASP H 774 -129.49 -11.19 34.73
C ASP H 774 -129.29 -9.79 34.13
N GLY H 775 -130.41 -9.12 33.90
CA GLY H 775 -130.38 -7.78 33.36
C GLY H 775 -131.76 -7.33 32.94
N LEU H 776 -131.80 -6.23 32.20
CA LEU H 776 -133.04 -5.68 31.67
C LEU H 776 -133.00 -5.72 30.16
N PHE H 777 -134.17 -5.88 29.53
CA PHE H 777 -134.27 -6.01 28.09
C PHE H 777 -134.90 -4.74 27.52
N PHE H 778 -134.34 -4.24 26.43
CA PHE H 778 -134.87 -3.08 25.76
C PHE H 778 -135.03 -3.36 24.27
N PRO H 779 -136.08 -2.85 23.64
CA PRO H 779 -136.17 -2.95 22.18
C PRO H 779 -135.02 -2.21 21.54
N VAL H 780 -134.50 -2.76 20.44
CA VAL H 780 -133.33 -2.20 19.79
C VAL H 780 -133.38 -2.52 18.30
N VAL H 781 -132.99 -1.53 17.50
CA VAL H 781 -132.85 -1.70 16.05
C VAL H 781 -131.46 -1.22 15.66
N SER H 782 -130.72 -2.06 14.96
CA SER H 782 -129.39 -1.74 14.47
C SER H 782 -129.47 -1.52 12.97
N PHE H 783 -128.92 -0.41 12.50
CA PHE H 783 -129.05 -0.01 11.11
C PHE H 783 -127.73 0.55 10.61
N SER H 784 -127.40 0.22 9.36
CA SER H 784 -126.38 0.98 8.65
C SER H 784 -127.03 2.20 8.02
N ALA H 785 -126.21 3.01 7.37
CA ALA H 785 -126.73 4.21 6.72
C ALA H 785 -127.58 3.82 5.51
N GLY H 786 -128.65 4.60 5.30
CA GLY H 786 -129.49 4.41 4.14
C GLY H 786 -130.84 3.78 4.41
N VAL H 787 -131.30 3.75 5.66
CA VAL H 787 -132.58 3.17 6.02
C VAL H 787 -133.32 4.12 6.94
N LYS H 788 -134.62 4.27 6.69
CA LYS H 788 -135.52 5.00 7.58
C LYS H 788 -136.57 4.04 8.10
N VAL H 789 -136.68 3.94 9.42
CA VAL H 789 -137.62 3.02 10.05
C VAL H 789 -138.34 3.75 11.17
N ARG H 790 -139.53 3.26 11.53
CA ARG H 790 -140.36 3.88 12.55
C ARG H 790 -140.63 2.88 13.67
N PHE H 791 -140.82 3.41 14.88
CA PHE H 791 -140.90 2.61 16.09
C PHE H 791 -142.30 2.75 16.68
N LEU H 792 -143.00 1.62 16.81
CA LEU H 792 -144.35 1.60 17.36
C LEU H 792 -144.32 0.91 18.72
N LEU H 793 -144.79 1.61 19.74
CA LEU H 793 -144.77 1.09 21.10
C LEU H 793 -146.13 1.09 21.77
N GLY H 794 -147.20 1.40 21.03
CA GLY H 794 -148.53 1.41 21.60
C GLY H 794 -148.86 2.73 22.26
N GLY H 795 -150.11 2.82 22.71
CA GLY H 795 -150.58 4.05 23.33
C GLY H 795 -150.56 5.20 22.34
N ARG H 796 -150.01 6.33 22.79
CA ARG H 796 -149.86 7.50 21.93
C ARG H 796 -148.52 7.56 21.24
N HIS H 797 -147.70 6.52 21.37
CA HIS H 797 -146.40 6.47 20.72
C HIS H 797 -146.37 5.57 19.51
N GLY H 798 -147.52 5.30 18.90
CA GLY H 798 -147.57 4.49 17.69
C GLY H 798 -148.63 3.41 17.77
N GLU H 799 -149.55 3.40 16.82
CA GLU H 799 -150.59 2.39 16.81
C GLU H 799 -150.07 1.10 16.19
N PHE H 800 -150.29 -0.02 16.89
CA PHE H 800 -149.87 -1.30 16.38
C PHE H 800 -150.66 -1.65 15.13
N LYS H 801 -149.95 -1.99 14.05
CA LYS H 801 -150.61 -2.42 12.84
C LYS H 801 -151.33 -3.75 13.06
N PHE H 802 -150.76 -4.61 13.89
CA PHE H 802 -151.36 -5.90 14.25
C PHE H 802 -151.51 -5.95 15.75
N LEU H 803 -152.64 -6.49 16.22
CA LEU H 803 -152.90 -6.52 17.64
C LEU H 803 -151.91 -7.44 18.35
N PRO H 804 -151.48 -7.11 19.56
CA PRO H 804 -150.53 -7.96 20.26
C PRO H 804 -151.17 -9.29 20.63
N PRO H 805 -150.37 -10.34 20.77
CA PRO H 805 -150.91 -11.61 21.23
C PRO H 805 -151.46 -11.47 22.64
N PRO H 806 -152.45 -12.29 23.01
CA PRO H 806 -153.09 -12.12 24.30
C PRO H 806 -152.10 -12.28 25.46
N GLY H 807 -152.30 -11.47 26.49
CA GLY H 807 -151.43 -11.49 27.64
C GLY H 807 -150.14 -10.73 27.49
N TYR H 808 -149.93 -10.04 26.37
CA TYR H 808 -148.71 -9.31 26.09
C TYR H 808 -148.97 -7.82 26.24
N ALA H 809 -148.10 -7.14 26.99
CA ALA H 809 -148.41 -5.74 27.19
C ALA H 809 -147.64 -4.87 26.21
N PRO H 810 -148.22 -3.75 25.79
CA PRO H 810 -147.48 -2.81 24.95
C PRO H 810 -146.28 -2.23 25.68
N CYS H 811 -145.24 -1.91 24.92
CA CYS H 811 -143.99 -1.48 25.53
C CYS H 811 -144.10 -0.10 26.15
N HIS H 812 -145.08 0.70 25.72
CA HIS H 812 -145.21 2.06 26.26
C HIS H 812 -145.63 2.03 27.72
N GLU H 813 -146.20 0.90 28.17
CA GLU H 813 -146.60 0.79 29.57
C GLU H 813 -145.38 0.65 30.48
N ALA H 814 -144.24 0.25 29.92
CA ALA H 814 -143.08 -0.05 30.75
C ALA H 814 -142.25 1.19 31.04
N VAL H 815 -142.66 2.35 30.50
CA VAL H 815 -141.90 3.57 30.75
C VAL H 815 -142.03 3.96 32.22
N LEU H 816 -140.92 4.39 32.79
CA LEU H 816 -140.88 4.70 34.21
C LEU H 816 -141.55 6.05 34.49
N PRO H 817 -142.11 6.24 35.69
CA PRO H 817 -142.78 7.51 35.98
C PRO H 817 -141.89 8.73 35.86
N ARG H 818 -140.63 8.62 36.27
CA ARG H 818 -139.72 9.75 36.12
C ARG H 818 -139.27 9.92 34.68
N GLU H 819 -138.96 8.81 34.01
CA GLU H 819 -138.45 8.89 32.65
C GLU H 819 -139.54 9.35 31.68
N ARG H 820 -139.12 10.05 30.64
CA ARG H 820 -139.98 10.39 29.52
C ARG H 820 -139.49 9.61 28.30
N LEU H 821 -140.43 9.03 27.57
CA LEU H 821 -140.06 8.15 26.46
C LEU H 821 -139.25 8.93 25.42
N ARG H 822 -138.12 8.35 25.03
CA ARG H 822 -137.20 9.00 24.12
C ARG H 822 -136.37 7.93 23.42
N LEU H 823 -135.72 8.35 22.34
CA LEU H 823 -134.87 7.46 21.55
C LEU H 823 -133.42 7.86 21.74
N GLU H 824 -132.60 6.91 22.17
CA GLU H 824 -131.23 7.21 22.57
C GLU H 824 -130.26 6.18 22.02
N PRO H 825 -129.00 6.57 21.83
CA PRO H 825 -127.97 5.57 21.52
C PRO H 825 -127.58 4.79 22.77
N ILE H 826 -126.77 3.76 22.56
CA ILE H 826 -126.35 2.85 23.62
C ILE H 826 -124.85 2.96 23.82
N LYS H 827 -124.44 3.30 25.05
CA LYS H 827 -123.03 3.37 25.44
C LYS H 827 -122.22 4.22 24.46
N GLU H 828 -122.70 5.42 24.18
CA GLU H 828 -121.97 6.36 23.34
C GLU H 828 -120.96 7.12 24.21
N TYR H 829 -119.76 7.31 23.68
CA TYR H 829 -118.74 8.01 24.44
C TYR H 829 -118.69 9.49 24.08
N ARG H 830 -119.17 9.84 22.89
CA ARG H 830 -119.20 11.21 22.42
C ARG H 830 -120.60 11.53 21.92
N ARG H 831 -120.99 12.79 22.04
CA ARG H 831 -122.30 13.26 21.57
C ARG H 831 -122.13 14.65 20.99
N GLU H 832 -122.81 14.91 19.87
CA GLU H 832 -122.69 16.22 19.23
C GLU H 832 -123.25 17.31 20.12
N GLY H 833 -122.52 18.41 20.21
CA GLY H 833 -122.93 19.54 21.02
C GLY H 833 -122.88 20.84 20.24
N PRO H 834 -123.54 21.87 20.75
CA PRO H 834 -123.59 23.15 20.02
C PRO H 834 -122.23 23.79 19.83
N ARG H 835 -121.50 24.02 20.92
CA ARG H 835 -120.18 24.63 20.81
C ARG H 835 -119.19 23.66 20.17
N GLY H 836 -119.35 22.37 20.40
CA GLY H 836 -118.49 21.36 19.83
C GLY H 836 -118.87 19.98 20.30
N PRO H 837 -118.19 18.95 19.80
CA PRO H 837 -118.49 17.58 20.23
C PRO H 837 -118.26 17.43 21.73
N HIS H 838 -119.17 16.70 22.37
CA HIS H 838 -119.14 16.50 23.82
C HIS H 838 -118.72 15.08 24.13
N LEU H 839 -117.64 14.93 24.90
CA LEU H 839 -117.29 13.63 25.43
C LEU H 839 -118.27 13.26 26.55
N VAL H 840 -118.66 11.99 26.58
CA VAL H 840 -119.65 11.50 27.52
C VAL H 840 -119.05 10.35 28.31
N GLY H 841 -119.21 10.37 29.63
CA GLY H 841 -118.74 9.31 30.47
C GLY H 841 -119.69 8.13 30.47
N PRO H 842 -119.35 7.08 31.22
CA PRO H 842 -120.22 5.91 31.29
C PRO H 842 -121.59 6.25 31.85
N SER H 843 -122.61 5.59 31.31
CA SER H 843 -123.98 5.86 31.74
C SER H 843 -124.40 4.93 32.86
N ARG H 844 -125.08 5.48 33.86
CA ARG H 844 -125.62 4.67 34.94
C ARG H 844 -126.73 3.76 34.41
N CYS H 845 -126.71 2.51 34.87
CA CYS H 845 -127.61 1.48 34.37
C CYS H 845 -128.48 0.96 35.50
N LEU H 846 -129.78 0.82 35.23
CA LEU H 846 -130.69 0.23 36.19
C LEU H 846 -130.56 -1.29 36.18
N SER H 847 -131.26 -1.95 37.10
CA SER H 847 -131.21 -3.40 37.20
C SER H 847 -132.52 -3.95 37.74
N HIS H 848 -132.75 -5.24 37.43
CA HIS H 848 -133.94 -5.92 37.94
C HIS H 848 -133.94 -5.96 39.45
N THR H 849 -132.76 -6.12 40.07
CA THR H 849 -132.67 -6.06 41.52
C THR H 849 -133.09 -4.70 42.04
N ASP H 850 -132.71 -3.63 41.34
CA ASP H 850 -133.19 -2.30 41.69
C ASP H 850 -134.70 -2.21 41.56
N PHE H 851 -135.27 -2.93 40.60
CA PHE H 851 -136.73 -2.95 40.48
C PHE H 851 -137.37 -3.75 41.61
N VAL H 852 -136.63 -4.66 42.21
CA VAL H 852 -137.20 -5.45 43.31
C VAL H 852 -137.24 -4.61 44.57
N PRO H 853 -138.39 -4.43 45.22
CA PRO H 853 -138.41 -3.72 46.50
C PRO H 853 -137.71 -4.52 47.59
N CYS H 854 -137.08 -3.80 48.51
CA CYS H 854 -136.33 -4.40 49.62
C CYS H 854 -136.60 -3.62 50.90
N PRO H 855 -137.77 -3.82 51.51
CA PRO H 855 -138.07 -3.13 52.76
C PRO H 855 -137.31 -3.74 53.93
N VAL H 856 -137.33 -3.03 55.06
CA VAL H 856 -136.75 -3.58 56.28
C VAL H 856 -137.61 -4.76 56.73
N ASP H 857 -137.01 -5.65 57.51
CA ASP H 857 -137.69 -6.88 57.91
C ASP H 857 -138.95 -6.57 58.69
N THR H 858 -140.07 -7.16 58.26
CA THR H 858 -141.36 -7.00 58.92
C THR H 858 -141.72 -8.20 59.78
N VAL H 859 -140.80 -9.16 59.95
CA VAL H 859 -141.11 -10.39 60.68
C VAL H 859 -141.15 -10.14 62.18
N GLN H 860 -140.15 -9.44 62.70
CA GLN H 860 -139.91 -9.36 64.14
C GLN H 860 -140.48 -8.06 64.67
N ILE H 861 -141.34 -8.15 65.68
CA ILE H 861 -142.08 -7.01 66.21
C ILE H 861 -141.76 -6.84 67.69
N VAL H 862 -141.35 -5.63 68.07
CA VAL H 862 -141.24 -5.24 69.48
C VAL H 862 -141.93 -3.89 69.64
N LEU H 863 -142.91 -3.84 70.55
CA LEU H 863 -143.67 -2.62 70.81
C LEU H 863 -143.79 -2.40 72.31
N PRO H 864 -143.38 -1.24 72.82
CA PRO H 864 -143.68 -0.91 74.22
C PRO H 864 -145.18 -0.79 74.43
N PRO H 865 -145.67 -0.93 75.66
CA PRO H 865 -147.12 -0.82 75.89
C PRO H 865 -147.67 0.57 75.65
N HIS H 866 -146.96 1.59 76.12
CA HIS H 866 -147.37 2.97 75.84
C HIS H 866 -147.33 3.23 74.34
N LEU H 867 -146.31 2.72 73.65
CA LEU H 867 -146.28 2.84 72.20
C LEU H 867 -147.43 2.07 71.56
N GLU H 868 -147.91 1.01 72.21
CA GLU H 868 -149.01 0.24 71.62
C GLU H 868 -150.33 1.01 71.71
N ARG H 869 -150.63 1.56 72.89
CA ARG H 869 -151.83 2.37 73.00
C ARG H 869 -151.72 3.60 72.11
N ILE H 870 -150.51 4.14 71.96
CA ILE H 870 -150.31 5.28 71.08
C ILE H 870 -150.40 4.84 69.62
N ARG H 871 -150.10 3.57 69.34
CA ARG H 871 -150.30 3.02 68.00
C ARG H 871 -151.78 3.02 67.65
N GLU H 872 -152.62 2.56 68.57
CA GLU H 872 -154.06 2.62 68.33
C GLU H 872 -154.52 4.06 68.13
N LYS H 873 -154.09 4.96 69.02
CA LYS H 873 -154.49 6.36 68.91
C LYS H 873 -153.97 6.98 67.63
N LEU H 874 -152.79 6.57 67.19
CA LEU H 874 -152.17 7.15 66.00
C LEU H 874 -152.83 6.63 64.73
N ALA H 875 -153.28 5.37 64.75
CA ALA H 875 -154.06 4.88 63.63
C ALA H 875 -155.37 5.66 63.51
N GLU H 876 -156.06 5.88 64.62
CA GLU H 876 -157.24 6.74 64.57
C GLU H 876 -156.89 8.14 64.09
N ASN H 877 -155.73 8.67 64.54
CA ASN H 877 -155.34 10.02 64.17
C ASN H 877 -155.06 10.13 62.68
N ILE H 878 -154.36 9.15 62.10
CA ILE H 878 -154.08 9.20 60.68
C ILE H 878 -155.36 8.99 59.88
N HIS H 879 -156.32 8.24 60.44
CA HIS H 879 -157.67 8.28 59.86
C HIS H 879 -158.21 9.70 59.82
N GLU H 880 -158.05 10.45 60.91
CA GLU H 880 -158.58 11.82 60.94
C GLU H 880 -157.87 12.74 59.95
N LEU H 881 -156.53 12.63 59.86
CA LEU H 881 -155.80 13.43 58.87
C LEU H 881 -156.19 13.06 57.44
N TRP H 882 -156.33 11.76 57.16
CA TRP H 882 -156.73 11.35 55.81
C TRP H 882 -158.15 11.81 55.52
N ALA H 883 -159.01 11.83 56.54
CA ALA H 883 -160.33 12.41 56.39
C ALA H 883 -160.27 13.89 56.06
N LEU H 884 -159.36 14.61 56.71
CA LEU H 884 -159.16 16.02 56.39
C LEU H 884 -158.70 16.19 54.95
N THR H 885 -157.78 15.34 54.49
CA THR H 885 -157.37 15.40 53.09
C THR H 885 -158.55 15.13 52.16
N ARG H 886 -159.42 14.19 52.54
CA ARG H 886 -160.59 13.90 51.72
C ARG H 886 -161.53 15.11 51.67
N ILE H 887 -161.70 15.82 52.78
CA ILE H 887 -162.59 16.98 52.77
C ILE H 887 -161.96 18.12 51.96
N GLU H 888 -160.63 18.21 51.95
CA GLU H 888 -159.99 19.12 51.01
C GLU H 888 -160.30 18.72 49.57
N GLN H 889 -160.26 17.42 49.29
CA GLN H 889 -160.66 16.92 47.97
C GLN H 889 -162.13 17.17 47.68
N GLY H 890 -162.95 17.37 48.72
CA GLY H 890 -164.38 17.52 48.55
C GLY H 890 -165.19 16.29 48.88
N TRP H 891 -164.58 15.26 49.46
CA TRP H 891 -165.29 14.04 49.77
C TRP H 891 -166.37 14.28 50.83
N THR H 892 -167.50 13.61 50.67
CA THR H 892 -168.57 13.60 51.66
C THR H 892 -168.73 12.19 52.20
N TYR H 893 -169.50 12.05 53.28
CA TYR H 893 -169.72 10.74 53.86
C TYR H 893 -170.69 9.94 53.01
N GLY H 894 -170.43 8.64 52.92
CA GLY H 894 -171.32 7.71 52.26
C GLY H 894 -171.10 6.29 52.71
N PRO H 895 -172.19 5.50 52.78
CA PRO H 895 -172.02 4.09 53.17
C PRO H 895 -171.11 3.32 52.22
N VAL H 896 -171.13 3.66 50.94
CA VAL H 896 -170.22 3.02 49.99
C VAL H 896 -168.98 3.88 49.80
N ARG H 897 -167.87 3.23 49.44
CA ARG H 897 -166.61 3.91 49.22
C ARG H 897 -166.22 3.80 47.75
N ASP H 898 -166.25 4.94 47.06
CA ASP H 898 -165.80 5.02 45.68
C ASP H 898 -165.08 6.35 45.47
N ASP H 899 -163.98 6.30 44.71
CA ASP H 899 -163.24 7.52 44.42
C ASP H 899 -164.08 8.49 43.60
N ASN H 900 -164.80 7.99 42.60
CA ASN H 900 -165.67 8.84 41.80
C ASN H 900 -166.86 9.35 42.62
N LYS H 901 -167.42 8.49 43.47
CA LYS H 901 -168.59 8.88 44.25
C LYS H 901 -168.24 9.90 45.33
N ARG H 902 -166.96 9.97 45.70
CA ARG H 902 -166.48 10.88 46.75
C ARG H 902 -167.20 10.62 48.07
N LEU H 903 -167.56 9.37 48.30
CA LEU H 903 -168.27 8.95 49.50
C LEU H 903 -167.37 8.02 50.31
N HIS H 904 -167.28 8.27 51.61
CA HIS H 904 -166.40 7.49 52.48
C HIS H 904 -167.07 7.23 53.81
N PRO H 905 -167.28 5.96 54.20
CA PRO H 905 -167.76 5.67 55.55
C PRO H 905 -166.79 6.11 56.63
N CYS H 906 -165.49 6.08 56.33
CA CYS H 906 -164.49 6.49 57.32
C CYS H 906 -164.54 7.99 57.56
N LEU H 907 -164.99 8.76 56.58
CA LEU H 907 -165.06 10.21 56.69
C LEU H 907 -166.35 10.61 57.42
N VAL H 908 -166.42 10.22 58.69
CA VAL H 908 -167.46 10.69 59.58
C VAL H 908 -166.88 11.19 60.90
N ASN H 909 -166.11 10.34 61.59
CA ASN H 909 -165.49 10.68 62.86
C ASN H 909 -164.62 9.50 63.28
N PHE H 910 -163.61 9.79 64.12
CA PHE H 910 -162.59 8.80 64.43
C PHE H 910 -163.18 7.57 65.13
N HIS H 911 -164.14 7.79 66.04
CA HIS H 911 -164.72 6.66 66.77
C HIS H 911 -165.88 6.06 65.99
N SER H 912 -166.52 6.85 65.14
CA SER H 912 -167.70 6.36 64.43
C SER H 912 -167.34 5.80 63.06
N LEU H 913 -166.07 5.90 62.66
CA LEU H 913 -165.63 5.17 61.48
C LEU H 913 -165.44 3.70 61.86
N PRO H 914 -165.58 2.77 60.91
CA PRO H 914 -165.63 1.35 61.29
C PRO H 914 -164.36 0.88 61.99
N GLU H 915 -164.55 0.07 63.02
CA GLU H 915 -163.41 -0.60 63.65
C GLU H 915 -162.63 -1.51 62.70
N PRO H 916 -163.25 -2.31 61.84
CA PRO H 916 -162.45 -3.04 60.85
C PRO H 916 -161.65 -2.13 59.93
N GLU H 917 -162.21 -0.98 59.56
CA GLU H 917 -161.45 -0.01 58.78
C GLU H 917 -160.27 0.54 59.57
N ARG H 918 -160.47 0.73 60.88
CA ARG H 918 -159.36 1.13 61.74
C ARG H 918 -158.29 0.05 61.79
N ASN H 919 -158.71 -1.22 61.78
CA ASN H 919 -157.77 -2.33 61.96
C ASN H 919 -156.75 -2.39 60.85
N TYR H 920 -157.14 -2.00 59.63
CA TYR H 920 -156.17 -1.91 58.54
C TYR H 920 -155.09 -0.87 58.84
N ASN H 921 -155.47 0.21 59.54
CA ASN H 921 -154.50 1.23 59.86
C ASN H 921 -153.90 1.02 61.25
N LEU H 922 -154.56 0.22 62.10
CA LEU H 922 -153.88 -0.27 63.29
C LEU H 922 -152.66 -1.11 62.89
N GLN H 923 -152.83 -1.98 61.89
CA GLN H 923 -151.73 -2.83 61.46
C GLN H 923 -150.57 -2.01 60.89
N MET H 924 -150.86 -1.09 59.97
CA MET H 924 -149.79 -0.32 59.36
C MET H 924 -149.21 0.70 60.33
N SER H 925 -150.01 1.13 61.32
CA SER H 925 -149.45 1.96 62.38
C SER H 925 -148.44 1.17 63.20
N GLY H 926 -148.80 -0.06 63.60
CA GLY H 926 -147.84 -0.91 64.26
C GLY H 926 -146.60 -1.13 63.41
N GLU H 927 -146.79 -1.26 62.10
CA GLU H 927 -145.65 -1.33 61.20
C GLU H 927 -144.80 -0.07 61.28
N THR H 928 -145.43 1.10 61.37
CA THR H 928 -144.65 2.34 61.44
C THR H 928 -143.78 2.39 62.68
N LEU H 929 -144.38 2.15 63.86
CA LEU H 929 -143.57 2.12 65.07
C LEU H 929 -142.50 1.03 65.03
N LYS H 930 -142.86 -0.16 64.57
CA LYS H 930 -141.89 -1.26 64.54
C LYS H 930 -140.75 -0.95 63.58
N THR H 931 -141.03 -0.24 62.49
CA THR H 931 -139.98 0.14 61.56
C THR H 931 -139.12 1.26 62.12
N LEU H 932 -139.70 2.13 62.94
CA LEU H 932 -138.87 3.06 63.69
C LEU H 932 -137.90 2.32 64.60
N LEU H 933 -138.40 1.27 65.26
CA LEU H 933 -137.51 0.44 66.08
C LEU H 933 -136.45 -0.25 65.22
N ALA H 934 -136.84 -0.77 64.05
CA ALA H 934 -135.94 -1.57 63.24
C ALA H 934 -134.84 -0.73 62.61
N LEU H 935 -135.18 0.50 62.22
CA LEU H 935 -134.19 1.37 61.58
C LEU H 935 -133.11 1.79 62.56
N GLY H 936 -133.32 1.54 63.85
CA GLY H 936 -132.44 2.03 64.88
C GLY H 936 -132.95 3.25 65.59
N CYS H 937 -134.12 3.77 65.20
CA CYS H 937 -134.68 4.94 65.85
C CYS H 937 -135.31 4.55 67.18
N HIS H 938 -134.94 5.27 68.23
CA HIS H 938 -135.45 5.02 69.58
C HIS H 938 -136.64 5.94 69.85
N VAL H 939 -137.81 5.34 70.05
CA VAL H 939 -139.03 6.07 70.38
C VAL H 939 -139.49 5.64 71.77
N GLY H 940 -140.04 6.58 72.52
CA GLY H 940 -140.53 6.29 73.84
C GLY H 940 -141.25 7.51 74.40
N MET H 941 -142.03 7.26 75.47
CA MET H 941 -142.82 8.30 76.10
C MET H 941 -141.88 9.29 76.79
N ALA H 942 -142.28 10.56 76.80
CA ALA H 942 -141.57 11.55 77.61
C ALA H 942 -142.49 12.13 78.67
N ASP H 943 -143.73 12.43 78.30
CA ASP H 943 -144.75 12.93 79.22
C ASP H 943 -146.02 12.13 79.03
N GLU H 944 -146.59 11.64 80.13
CA GLU H 944 -147.87 10.93 80.06
C GLU H 944 -149.03 11.92 79.92
N LYS H 945 -148.92 13.08 80.58
CA LYS H 945 -150.01 14.05 80.52
C LYS H 945 -150.13 14.67 79.13
N ALA H 946 -149.02 14.78 78.41
CA ALA H 946 -149.07 15.23 77.03
C ALA H 946 -149.88 14.25 76.18
N GLU H 947 -149.70 12.95 76.41
CA GLU H 947 -150.53 11.95 75.76
C GLU H 947 -151.99 12.12 76.17
N ASP H 948 -152.23 12.31 77.47
CA ASP H 948 -153.61 12.34 77.97
C ASP H 948 -154.39 13.52 77.41
N ASN H 949 -153.78 14.70 77.36
CA ASN H 949 -154.45 15.90 76.87
C ASN H 949 -153.66 16.49 75.71
N LEU H 950 -154.30 16.59 74.56
CA LEU H 950 -153.67 17.14 73.36
C LEU H 950 -154.69 17.96 72.59
N LYS H 951 -154.22 19.08 72.03
CA LYS H 951 -155.09 19.95 71.25
C LYS H 951 -155.40 19.28 69.91
N LYS H 952 -156.69 19.25 69.58
CA LYS H 952 -157.19 18.54 68.40
C LYS H 952 -157.60 19.54 67.34
N THR H 953 -157.12 19.33 66.11
CA THR H 953 -157.62 20.10 64.98
C THR H 953 -159.11 19.84 64.81
N LYS H 954 -159.85 20.87 64.44
CA LYS H 954 -161.30 20.76 64.27
C LYS H 954 -161.64 20.97 62.80
N LEU H 955 -162.48 20.10 62.26
CA LEU H 955 -162.83 20.17 60.85
C LEU H 955 -163.55 21.49 60.57
N PRO H 956 -163.18 22.20 59.50
CA PRO H 956 -163.80 23.50 59.23
C PRO H 956 -165.29 23.38 58.98
N LYS H 957 -166.03 24.40 59.43
CA LYS H 957 -167.48 24.40 59.23
C LYS H 957 -167.83 24.62 57.77
N THR H 958 -167.01 25.39 57.05
CA THR H 958 -167.29 25.67 55.64
C THR H 958 -167.22 24.40 54.79
N TYR H 959 -166.22 23.56 55.04
CA TYR H 959 -166.06 22.32 54.30
C TYR H 959 -166.61 21.17 55.15
N MET H 960 -167.77 20.66 54.75
CA MET H 960 -168.48 19.66 55.53
C MET H 960 -168.77 18.44 54.67
N MET H 961 -168.84 17.28 55.31
CA MET H 961 -169.32 16.08 54.64
C MET H 961 -170.77 15.79 55.06
N SER H 962 -171.31 14.69 54.53
CA SER H 962 -172.75 14.46 54.59
C SER H 962 -173.27 14.38 56.02
N ASN H 963 -172.54 13.69 56.90
CA ASN H 963 -173.01 13.55 58.28
C ASN H 963 -173.06 14.89 59.00
N GLY H 964 -172.06 15.73 58.79
CA GLY H 964 -171.93 16.95 59.55
C GLY H 964 -171.11 16.82 60.81
N TYR H 965 -170.65 15.62 61.15
CA TYR H 965 -169.75 15.44 62.27
C TYR H 965 -168.41 16.10 61.96
N LYS H 966 -167.66 16.41 63.00
CA LYS H 966 -166.34 17.01 62.83
C LYS H 966 -165.27 16.06 63.36
N PRO H 967 -164.53 15.38 62.49
CA PRO H 967 -163.37 14.62 62.95
C PRO H 967 -162.34 15.55 63.56
N ALA H 968 -161.63 15.04 64.58
CA ALA H 968 -160.69 15.85 65.36
C ALA H 968 -159.30 15.22 65.32
N PRO H 969 -158.53 15.53 64.29
CA PRO H 969 -157.11 15.14 64.28
C PRO H 969 -156.30 15.96 65.27
N LEU H 970 -155.21 15.36 65.75
CA LEU H 970 -154.29 16.09 66.60
C LEU H 970 -153.69 17.26 65.83
N ASP H 971 -153.66 18.42 66.47
CA ASP H 971 -153.10 19.59 65.82
C ASP H 971 -151.59 19.44 65.69
N LEU H 972 -151.07 19.78 64.51
CA LEU H 972 -149.66 19.66 64.22
C LEU H 972 -148.95 21.01 64.17
N SER H 973 -149.62 22.08 64.59
CA SER H 973 -149.02 23.40 64.55
C SER H 973 -147.91 23.55 65.58
N HIS H 974 -148.14 23.05 66.81
CA HIS H 974 -147.14 23.21 67.86
C HIS H 974 -145.93 22.32 67.61
N VAL H 975 -146.12 21.22 66.90
CA VAL H 975 -145.04 20.25 66.72
C VAL H 975 -144.04 20.76 65.68
N ARG H 976 -142.76 20.61 65.99
CA ARG H 976 -141.68 20.95 65.07
C ARG H 976 -140.78 19.74 64.92
N LEU H 977 -140.14 19.63 63.75
CA LEU H 977 -139.33 18.47 63.39
C LEU H 977 -137.91 18.91 63.07
N THR H 978 -136.94 18.15 63.58
CA THR H 978 -135.54 18.40 63.25
C THR H 978 -135.24 17.90 61.84
N PRO H 979 -134.22 18.47 61.18
CA PRO H 979 -133.87 17.98 59.83
C PRO H 979 -133.49 16.51 59.80
N ALA H 980 -132.79 16.03 60.83
CA ALA H 980 -132.50 14.61 60.92
C ALA H 980 -133.78 13.79 61.06
N GLN H 981 -134.76 14.32 61.80
CA GLN H 981 -136.05 13.65 61.91
C GLN H 981 -136.78 13.65 60.58
N THR H 982 -136.61 14.70 59.77
CA THR H 982 -137.20 14.71 58.44
C THR H 982 -136.55 13.67 57.54
N THR H 983 -135.22 13.52 57.63
CA THR H 983 -134.55 12.45 56.90
C THR H 983 -135.06 11.08 57.34
N LEU H 984 -135.25 10.91 58.65
CA LEU H 984 -135.89 9.72 59.17
C LEU H 984 -137.27 9.53 58.56
N VAL H 985 -138.04 10.61 58.44
CA VAL H 985 -139.38 10.54 57.86
C VAL H 985 -139.30 10.06 56.42
N ASP H 986 -138.32 10.56 55.67
CA ASP H 986 -138.12 10.10 54.30
C ASP H 986 -137.83 8.60 54.27
N ARG H 987 -136.99 8.13 55.19
CA ARG H 987 -136.65 6.70 55.21
C ARG H 987 -137.87 5.84 55.56
N LEU H 988 -138.68 6.27 56.52
CA LEU H 988 -139.90 5.51 56.81
C LEU H 988 -140.90 5.55 55.67
N ALA H 989 -141.01 6.69 54.97
CA ALA H 989 -141.88 6.72 53.80
C ALA H 989 -141.40 5.74 52.74
N GLU H 990 -140.09 5.72 52.50
CA GLU H 990 -139.49 4.73 51.62
C GLU H 990 -139.86 3.31 52.03
N ASN H 991 -139.67 2.98 53.31
CA ASN H 991 -139.86 1.59 53.73
C ASN H 991 -141.33 1.19 53.72
N GLY H 992 -142.21 2.13 54.03
CA GLY H 992 -143.63 1.85 53.94
C GLY H 992 -144.07 1.60 52.50
N HIS H 993 -143.57 2.41 51.57
CA HIS H 993 -143.89 2.16 50.17
C HIS H 993 -143.31 0.84 49.71
N ASN H 994 -142.13 0.49 50.20
CA ASN H 994 -141.53 -0.80 49.83
C ASN H 994 -142.35 -1.97 50.37
N VAL H 995 -142.85 -1.85 51.60
CA VAL H 995 -143.71 -2.89 52.17
C VAL H 995 -144.98 -3.03 51.36
N TRP H 996 -145.58 -1.90 50.99
CA TRP H 996 -146.79 -1.93 50.16
C TRP H 996 -146.50 -2.57 48.81
N ALA H 997 -145.34 -2.27 48.22
CA ALA H 997 -144.97 -2.88 46.95
C ALA H 997 -144.80 -4.38 47.09
N ARG H 998 -144.17 -4.83 48.17
CA ARG H 998 -144.01 -6.27 48.39
C ARG H 998 -145.36 -6.96 48.54
N ASP H 999 -146.28 -6.35 49.28
CA ASP H 999 -147.58 -6.97 49.46
C ASP H 999 -148.36 -7.00 48.14
N ARG H 1000 -148.21 -5.95 47.33
CA ARG H 1000 -148.85 -5.93 46.01
C ARG H 1000 -148.27 -7.02 45.12
N VAL H 1001 -146.96 -7.21 45.16
CA VAL H 1001 -146.33 -8.28 44.38
C VAL H 1001 -146.86 -9.63 44.83
N ALA H 1002 -146.97 -9.83 46.13
CA ALA H 1002 -147.59 -11.06 46.64
C ALA H 1002 -149.01 -11.22 46.12
N GLN H 1003 -149.76 -10.12 46.04
CA GLN H 1003 -151.07 -10.15 45.42
C GLN H 1003 -150.98 -10.45 43.93
N GLY H 1004 -149.83 -10.16 43.32
CA GLY H 1004 -149.67 -10.31 41.90
C GLY H 1004 -149.71 -9.03 41.10
N TRP H 1005 -149.73 -7.88 41.77
CA TRP H 1005 -149.80 -6.61 41.06
C TRP H 1005 -148.48 -6.32 40.35
N SER H 1006 -148.56 -5.64 39.22
CA SER H 1006 -147.40 -5.30 38.42
C SER H 1006 -147.47 -3.83 38.01
N TYR H 1007 -146.31 -3.30 37.60
CA TYR H 1007 -146.24 -1.90 37.22
C TYR H 1007 -146.73 -1.69 35.79
N SER H 1008 -147.36 -0.55 35.55
CA SER H 1008 -147.76 -0.15 34.21
C SER H 1008 -147.91 1.37 34.17
N ALA H 1009 -147.61 1.96 33.02
CA ALA H 1009 -147.76 3.40 32.87
C ALA H 1009 -149.22 3.81 33.02
N VAL H 1010 -150.13 3.02 32.46
CA VAL H 1010 -151.56 3.22 32.63
C VAL H 1010 -152.03 2.29 33.74
N GLN H 1011 -153.19 2.59 34.30
CA GLN H 1011 -153.71 1.85 35.45
C GLN H 1011 -154.98 1.13 35.06
N ASP H 1012 -155.18 -0.06 35.62
CA ASP H 1012 -156.39 -0.85 35.42
C ASP H 1012 -156.52 -1.89 36.51
N ILE H 1013 -157.58 -1.77 37.33
CA ILE H 1013 -157.81 -2.76 38.38
C ILE H 1013 -158.01 -4.16 37.82
N PRO H 1014 -158.85 -4.41 36.81
CA PRO H 1014 -158.97 -5.78 36.29
C PRO H 1014 -157.66 -6.33 35.78
N ALA H 1015 -156.83 -5.50 35.14
CA ALA H 1015 -155.53 -5.97 34.67
C ALA H 1015 -154.57 -6.12 35.84
N ARG H 1016 -154.92 -5.56 37.00
CA ARG H 1016 -154.08 -5.61 38.19
C ARG H 1016 -152.72 -4.98 37.90
N ARG H 1017 -152.74 -3.71 37.52
CA ARG H 1017 -151.54 -2.97 37.14
C ARG H 1017 -151.63 -1.57 37.73
N ASN H 1018 -150.52 -1.08 38.29
CA ASN H 1018 -150.53 0.18 39.00
C ASN H 1018 -149.28 0.99 38.68
N PRO H 1019 -149.43 2.25 38.27
CA PRO H 1019 -148.26 3.13 38.16
C PRO H 1019 -147.59 3.37 39.49
N ARG H 1020 -148.37 3.40 40.58
CA ARG H 1020 -147.78 3.57 41.90
C ARG H 1020 -146.93 2.38 42.29
N LEU H 1021 -147.24 1.18 41.76
CA LEU H 1021 -146.54 -0.03 42.18
C LEU H 1021 -145.15 -0.03 41.56
N VAL H 1022 -144.23 0.61 42.26
CA VAL H 1022 -142.86 0.79 41.82
C VAL H 1022 -142.01 1.23 43.00
N PRO H 1023 -140.82 0.63 43.15
CA PRO H 1023 -139.99 0.94 44.33
C PRO H 1023 -139.71 2.43 44.47
N TYR H 1024 -139.26 2.80 45.68
CA TYR H 1024 -139.38 4.19 46.11
C TYR H 1024 -138.47 5.12 45.33
N ARG H 1025 -137.20 4.75 45.12
CA ARG H 1025 -136.32 5.64 44.37
C ARG H 1025 -136.85 5.85 42.95
N LEU H 1026 -137.39 4.79 42.35
CA LEU H 1026 -137.91 4.91 41.00
C LEU H 1026 -139.21 5.70 40.98
N LEU H 1027 -139.92 5.76 42.11
CA LEU H 1027 -141.19 6.45 42.18
C LEU H 1027 -140.99 7.96 41.99
N ASP H 1028 -142.00 8.62 41.45
CA ASP H 1028 -141.88 10.02 41.08
C ASP H 1028 -141.82 10.93 42.31
N GLU H 1029 -141.29 12.13 42.09
CA GLU H 1029 -141.04 13.05 43.20
C GLU H 1029 -142.34 13.49 43.86
N ALA H 1030 -143.38 13.77 43.07
CA ALA H 1030 -144.64 14.23 43.65
C ALA H 1030 -145.27 13.17 44.55
N THR H 1031 -145.33 11.93 44.07
CA THR H 1031 -145.92 10.86 44.86
C THR H 1031 -145.08 10.56 46.10
N LYS H 1032 -143.76 10.53 45.95
CA LYS H 1032 -142.94 10.26 47.12
C LYS H 1032 -143.01 11.41 48.12
N ARG H 1033 -143.23 12.62 47.62
CA ARG H 1033 -143.45 13.76 48.52
C ARG H 1033 -144.76 13.62 49.27
N SER H 1034 -145.80 13.15 48.59
CA SER H 1034 -147.07 12.91 49.29
C SER H 1034 -146.92 11.85 50.38
N ASN H 1035 -146.23 10.75 50.07
CA ASN H 1035 -146.01 9.73 51.08
C ASN H 1035 -145.15 10.25 52.22
N ARG H 1036 -144.13 11.05 51.90
CA ARG H 1036 -143.29 11.66 52.93
C ARG H 1036 -144.10 12.59 53.81
N ASP H 1037 -145.04 13.35 53.22
CA ASP H 1037 -145.92 14.20 54.02
C ASP H 1037 -146.80 13.38 54.94
N SER H 1038 -147.32 12.25 54.45
CA SER H 1038 -148.12 11.38 55.32
C SER H 1038 -147.30 10.87 56.50
N LEU H 1039 -146.09 10.38 56.24
CA LEU H 1039 -145.25 9.91 57.34
C LEU H 1039 -144.84 11.04 58.27
N CYS H 1040 -144.62 12.24 57.70
CA CYS H 1040 -144.27 13.39 58.52
C CYS H 1040 -145.45 13.79 59.42
N GLN H 1041 -146.67 13.67 58.92
CA GLN H 1041 -147.83 13.93 59.76
C GLN H 1041 -147.97 12.89 60.86
N ALA H 1042 -147.64 11.62 60.54
CA ALA H 1042 -147.62 10.60 61.60
C ALA H 1042 -146.61 10.94 62.68
N VAL H 1043 -145.41 11.36 62.28
CA VAL H 1043 -144.38 11.74 63.24
C VAL H 1043 -144.80 12.99 64.01
N ARG H 1044 -145.46 13.92 63.32
CA ARG H 1044 -146.00 15.11 63.97
C ARG H 1044 -146.97 14.73 65.07
N THR H 1045 -147.86 13.78 64.77
CA THR H 1045 -148.79 13.28 65.79
C THR H 1045 -148.05 12.59 66.92
N LEU H 1046 -146.94 11.90 66.60
CA LEU H 1046 -146.15 11.26 67.65
C LEU H 1046 -145.58 12.29 68.63
N LEU H 1047 -145.02 13.38 68.11
CA LEU H 1047 -144.58 14.46 68.99
C LEU H 1047 -145.75 15.10 69.73
N GLY H 1048 -146.89 15.24 69.06
CA GLY H 1048 -148.07 15.77 69.72
C GLY H 1048 -148.50 14.90 70.89
N TYR H 1049 -148.23 13.59 70.80
CA TYR H 1049 -148.43 12.70 71.94
C TYR H 1049 -147.43 12.99 73.05
N GLY H 1050 -146.38 13.75 72.75
CA GLY H 1050 -145.35 14.05 73.72
C GLY H 1050 -144.22 13.06 73.79
N TYR H 1051 -144.27 11.98 73.02
CA TYR H 1051 -143.22 10.98 73.05
C TYR H 1051 -141.93 11.53 72.43
N ASN H 1052 -140.80 10.98 72.85
CA ASN H 1052 -139.51 11.40 72.32
C ASN H 1052 -139.07 10.44 71.21
N ILE H 1053 -138.81 11.01 70.03
CA ILE H 1053 -138.35 10.24 68.87
C ILE H 1053 -137.00 10.78 68.46
N GLU H 1054 -136.01 9.90 68.35
CA GLU H 1054 -134.65 10.28 68.03
C GLU H 1054 -134.22 9.61 66.72
N PRO H 1055 -133.57 10.34 65.82
CA PRO H 1055 -133.23 9.78 64.52
C PRO H 1055 -131.99 8.89 64.61
N PRO H 1056 -132.03 7.70 64.02
CA PRO H 1056 -130.86 6.82 64.06
C PRO H 1056 -129.72 7.39 63.23
N ASP H 1057 -128.51 7.04 63.64
CA ASP H 1057 -127.32 7.49 62.91
C ASP H 1057 -127.30 6.91 61.51
N GLN H 1058 -127.00 7.76 60.54
CA GLN H 1058 -126.94 7.34 59.15
C GLN H 1058 -125.68 6.50 58.90
N GLU H 1059 -125.81 5.50 58.03
CA GLU H 1059 -124.71 4.65 57.65
C GLU H 1059 -124.43 4.78 56.15
N PRO H 1060 -123.23 5.14 55.75
CA PRO H 1060 -122.96 5.35 54.32
C PRO H 1060 -123.04 4.05 53.54
N SER H 1061 -123.46 4.17 52.28
CA SER H 1061 -123.55 3.03 51.37
C SER H 1061 -123.31 3.51 49.95
N GLN H 1062 -122.80 2.61 49.12
CA GLN H 1062 -122.53 2.90 47.71
C GLN H 1062 -123.20 1.84 46.85
N VAL H 1063 -123.94 2.29 45.83
CA VAL H 1063 -124.67 1.36 44.98
C VAL H 1063 -123.73 0.53 44.12
N GLU H 1064 -122.69 1.16 43.57
CA GLU H 1064 -121.73 0.49 42.68
C GLU H 1064 -122.45 -0.16 41.50
N ASN H 1065 -123.47 0.53 40.97
CA ASN H 1065 -124.19 0.01 39.81
C ASN H 1065 -123.27 -0.09 38.60
N GLN H 1066 -122.44 0.92 38.38
CA GLN H 1066 -121.44 0.85 37.33
C GLN H 1066 -120.27 -0.01 37.78
N SER H 1067 -119.78 -0.88 36.89
CA SER H 1067 -118.67 -1.75 37.22
C SER H 1067 -117.40 -0.95 37.47
N ARG H 1068 -116.55 -1.47 38.37
CA ARG H 1068 -115.41 -0.69 38.84
C ARG H 1068 -114.45 -0.34 37.71
N TRP H 1069 -114.31 -1.22 36.72
CA TRP H 1069 -113.41 -0.94 35.61
C TRP H 1069 -113.97 0.13 34.69
N ASP H 1070 -115.27 0.08 34.41
CA ASP H 1070 -115.91 1.09 33.59
C ASP H 1070 -116.51 2.23 34.41
N ARG H 1071 -115.96 2.51 35.59
CA ARG H 1071 -116.35 3.72 36.31
C ARG H 1071 -115.95 4.97 35.54
N VAL H 1072 -114.74 4.97 34.99
CA VAL H 1072 -114.12 6.17 34.42
C VAL H 1072 -113.71 5.87 32.99
N ARG H 1073 -114.07 6.77 32.08
CA ARG H 1073 -113.65 6.70 30.68
C ARG H 1073 -112.59 7.77 30.44
N ILE H 1074 -111.43 7.35 29.92
CA ILE H 1074 -110.28 8.23 29.74
C ILE H 1074 -110.13 8.51 28.26
N PHE H 1075 -110.08 9.79 27.90
CA PHE H 1075 -109.85 10.23 26.53
C PHE H 1075 -108.51 10.93 26.46
N ARG H 1076 -107.69 10.57 25.47
CA ARG H 1076 -106.38 11.17 25.29
C ARG H 1076 -106.09 11.30 23.81
N ALA H 1077 -105.15 12.19 23.48
CA ALA H 1077 -104.73 12.36 22.11
C ALA H 1077 -103.84 11.21 21.67
N GLU H 1078 -103.68 11.08 20.36
CA GLU H 1078 -102.83 10.03 19.80
C GLU H 1078 -101.37 10.25 20.20
N LYS H 1079 -100.63 9.15 20.35
CA LYS H 1079 -99.23 9.25 20.76
C LYS H 1079 -98.41 10.06 19.78
N SER H 1080 -98.82 10.09 18.51
CA SER H 1080 -98.07 10.82 17.51
C SER H 1080 -98.09 12.32 17.79
N TYR H 1081 -99.06 12.78 18.59
CA TYR H 1081 -99.18 14.21 18.84
C TYR H 1081 -98.41 14.63 20.09
N THR H 1082 -97.66 13.72 20.70
CA THR H 1082 -96.93 14.06 21.92
C THR H 1082 -95.91 15.15 21.65
N VAL H 1083 -95.68 15.99 22.65
CA VAL H 1083 -94.78 17.14 22.54
C VAL H 1083 -93.72 17.04 23.63
N GLN H 1084 -92.48 17.35 23.28
CA GLN H 1084 -91.38 17.35 24.23
C GLN H 1084 -90.76 18.72 24.41
N SER H 1085 -91.32 19.77 23.80
CA SER H 1085 -90.75 21.11 23.90
C SER H 1085 -91.84 22.14 23.66
N GLY H 1086 -91.56 23.36 24.05
CA GLY H 1086 -92.48 24.47 23.83
C GLY H 1086 -93.51 24.61 24.91
N ARG H 1087 -94.36 25.60 24.73
CA ARG H 1087 -95.46 25.90 25.65
C ARG H 1087 -96.77 25.66 24.93
N TRP H 1088 -97.66 24.88 25.55
CA TRP H 1088 -98.89 24.45 24.90
C TRP H 1088 -100.08 24.70 25.82
N TYR H 1089 -101.23 24.99 25.20
CA TYR H 1089 -102.44 25.37 25.91
C TYR H 1089 -103.64 24.68 25.26
N PHE H 1090 -104.52 24.13 26.08
CA PHE H 1090 -105.79 23.61 25.61
C PHE H 1090 -106.83 23.78 26.71
N GLU H 1091 -108.10 23.76 26.32
CA GLU H 1091 -109.20 24.13 27.19
C GLU H 1091 -110.16 22.97 27.34
N PHE H 1092 -110.61 22.72 28.56
CA PHE H 1092 -111.60 21.69 28.86
C PHE H 1092 -112.76 22.33 29.61
N GLU H 1093 -113.97 22.10 29.12
CA GLU H 1093 -115.16 22.71 29.68
C GLU H 1093 -116.03 21.65 30.32
N ALA H 1094 -116.42 21.88 31.57
CA ALA H 1094 -117.19 20.91 32.36
C ALA H 1094 -118.67 21.23 32.21
N VAL H 1095 -119.37 20.46 31.37
CA VAL H 1095 -120.81 20.64 31.23
C VAL H 1095 -121.53 20.24 32.50
N THR H 1096 -121.04 19.22 33.19
CA THR H 1096 -121.62 18.73 34.43
C THR H 1096 -120.70 19.06 35.60
N THR H 1097 -121.27 19.08 36.80
CA THR H 1097 -120.47 19.38 37.99
C THR H 1097 -119.81 18.13 38.55
N GLY H 1098 -120.05 16.97 37.94
CA GLY H 1098 -119.49 15.74 38.45
C GLY H 1098 -117.98 15.71 38.34
N GLU H 1099 -117.38 14.63 38.83
CA GLU H 1099 -115.92 14.55 38.86
C GLU H 1099 -115.37 14.18 37.49
N MET H 1100 -114.42 14.99 37.02
CA MET H 1100 -113.61 14.66 35.86
C MET H 1100 -112.19 15.14 36.12
N ARG H 1101 -111.24 14.45 35.51
CA ARG H 1101 -109.83 14.80 35.63
C ARG H 1101 -109.29 15.19 34.26
N VAL H 1102 -108.72 16.39 34.17
CA VAL H 1102 -108.15 16.89 32.93
C VAL H 1102 -106.73 17.37 33.23
N GLY H 1103 -105.80 17.00 32.36
CA GLY H 1103 -104.41 17.36 32.58
C GLY H 1103 -103.52 16.79 31.51
N TRP H 1104 -102.23 16.77 31.80
CA TRP H 1104 -101.24 16.27 30.85
C TRP H 1104 -100.71 14.92 31.31
N ALA H 1105 -100.61 13.98 30.36
CA ALA H 1105 -100.27 12.61 30.68
C ALA H 1105 -99.23 12.09 29.70
N ARG H 1106 -98.47 11.10 30.15
CA ARG H 1106 -97.49 10.46 29.29
C ARG H 1106 -98.16 9.43 28.38
N PRO H 1107 -97.56 9.12 27.23
CA PRO H 1107 -98.20 8.18 26.30
C PRO H 1107 -98.41 6.80 26.88
N GLU H 1108 -97.51 6.32 27.74
CA GLU H 1108 -97.56 4.93 28.18
C GLU H 1108 -98.53 4.73 29.32
N LEU H 1109 -99.39 5.69 29.62
CA LEU H 1109 -100.34 5.53 30.71
C LEU H 1109 -101.32 4.40 30.39
N ARG H 1110 -101.60 3.58 31.42
CA ARG H 1110 -102.52 2.48 31.23
C ARG H 1110 -103.96 2.96 31.33
N PRO H 1111 -104.88 2.32 30.63
CA PRO H 1111 -106.28 2.78 30.66
C PRO H 1111 -107.00 2.43 31.95
N ASP H 1112 -106.61 1.34 32.61
CA ASP H 1112 -107.34 0.90 33.80
C ASP H 1112 -107.00 1.76 35.01
N VAL H 1113 -105.75 2.22 35.11
CA VAL H 1113 -105.33 2.99 36.27
C VAL H 1113 -106.03 4.34 36.28
N GLU H 1114 -106.45 4.77 37.47
CA GLU H 1114 -107.06 6.08 37.62
C GLU H 1114 -106.03 7.17 37.31
N LEU H 1115 -106.51 8.26 36.72
CA LEU H 1115 -105.64 9.36 36.36
C LEU H 1115 -105.05 10.01 37.62
N GLY H 1116 -103.73 10.18 37.63
CA GLY H 1116 -103.05 10.80 38.74
C GLY H 1116 -102.66 9.87 39.85
N ALA H 1117 -103.22 8.65 39.89
CA ALA H 1117 -102.81 7.69 40.92
C ALA H 1117 -101.41 7.18 40.66
N ASP H 1118 -100.95 7.28 39.42
CA ASP H 1118 -99.61 6.90 39.03
C ASP H 1118 -98.87 8.11 38.49
N GLU H 1119 -97.57 7.92 38.22
CA GLU H 1119 -96.73 9.05 37.83
C GLU H 1119 -96.93 9.43 36.37
N LEU H 1120 -97.67 8.60 35.62
CA LEU H 1120 -97.74 8.81 34.18
C LEU H 1120 -98.66 9.96 33.80
N ALA H 1121 -99.41 10.49 34.77
CA ALA H 1121 -100.38 11.54 34.49
C ALA H 1121 -100.26 12.65 35.52
N TYR H 1122 -100.45 13.89 35.06
CA TYR H 1122 -100.59 15.06 35.93
C TYR H 1122 -101.93 15.70 35.63
N VAL H 1123 -102.89 15.60 36.56
CA VAL H 1123 -104.25 16.01 36.29
C VAL H 1123 -104.77 16.88 37.43
N PHE H 1124 -105.86 17.58 37.15
CA PHE H 1124 -106.59 18.38 38.12
C PHE H 1124 -108.05 18.00 38.06
N ASN H 1125 -108.64 17.69 39.22
CA ASN H 1125 -110.03 17.27 39.29
C ASN H 1125 -110.83 18.36 40.00
N GLY H 1126 -111.72 19.00 39.26
CA GLY H 1126 -112.43 20.15 39.79
C GLY H 1126 -113.37 19.80 40.92
N HIS H 1127 -114.05 18.65 40.81
CA HIS H 1127 -115.05 18.28 41.82
C HIS H 1127 -114.44 18.18 43.20
N ARG H 1128 -113.33 17.45 43.33
CA ARG H 1128 -112.63 17.38 44.61
C ARG H 1128 -112.06 18.74 44.99
N GLY H 1129 -111.52 19.47 44.01
CA GLY H 1129 -110.67 20.59 44.34
C GLY H 1129 -109.25 20.18 44.64
N GLN H 1130 -108.77 19.08 44.04
CA GLN H 1130 -107.44 18.55 44.28
C GLN H 1130 -106.71 18.37 42.95
N ARG H 1131 -105.39 18.32 43.03
CA ARG H 1131 -104.55 17.98 41.90
C ARG H 1131 -103.90 16.63 42.19
N TRP H 1132 -103.77 15.80 41.14
CA TRP H 1132 -103.28 14.44 41.30
C TRP H 1132 -102.00 14.24 40.50
N HIS H 1133 -100.98 13.74 41.18
CA HIS H 1133 -99.81 13.13 40.55
C HIS H 1133 -99.19 12.18 41.56
N LEU H 1134 -99.30 10.87 41.30
CA LEU H 1134 -98.81 9.86 42.23
C LEU H 1134 -99.43 10.03 43.60
N GLY H 1135 -100.68 10.48 43.63
CA GLY H 1135 -101.38 10.75 44.87
C GLY H 1135 -102.39 11.87 44.72
N SER H 1136 -102.85 12.42 45.84
CA SER H 1136 -103.81 13.52 45.85
C SER H 1136 -103.30 14.62 46.75
N GLU H 1137 -103.58 15.87 46.38
CA GLU H 1137 -103.12 17.03 47.12
C GLU H 1137 -104.03 18.20 46.79
N PRO H 1138 -104.68 18.82 47.77
CA PRO H 1138 -105.69 19.84 47.47
C PRO H 1138 -105.11 21.02 46.71
N PHE H 1139 -105.87 21.51 45.73
CA PHE H 1139 -105.40 22.59 44.88
C PHE H 1139 -106.57 23.17 44.11
N GLY H 1140 -106.66 24.50 44.12
CA GLY H 1140 -107.70 25.15 43.34
C GLY H 1140 -109.07 25.13 44.01
N ARG H 1141 -110.05 25.59 43.25
CA ARG H 1141 -111.42 25.76 43.72
C ARG H 1141 -112.34 24.82 42.97
N PRO H 1142 -113.35 24.26 43.63
CA PRO H 1142 -114.30 23.39 42.93
C PRO H 1142 -115.01 24.14 41.81
N TRP H 1143 -115.26 23.44 40.71
CA TRP H 1143 -115.85 24.06 39.54
C TRP H 1143 -117.37 23.95 39.56
N GLN H 1144 -118.00 24.74 38.69
CA GLN H 1144 -119.45 24.74 38.54
C GLN H 1144 -119.80 24.40 37.10
N SER H 1145 -121.10 24.21 36.87
CA SER H 1145 -121.56 23.87 35.53
C SER H 1145 -121.21 24.98 34.54
N GLY H 1146 -120.65 24.59 33.40
CA GLY H 1146 -120.23 25.53 32.40
C GLY H 1146 -118.85 26.13 32.59
N ASP H 1147 -118.16 25.79 33.66
CA ASP H 1147 -116.83 26.31 33.88
C ASP H 1147 -115.85 25.72 32.86
N VAL H 1148 -114.83 26.51 32.52
CA VAL H 1148 -113.82 26.11 31.54
C VAL H 1148 -112.47 26.11 32.24
N VAL H 1149 -111.75 25.00 32.13
CA VAL H 1149 -110.44 24.85 32.74
C VAL H 1149 -109.39 24.85 31.65
N GLY H 1150 -108.41 25.74 31.77
CA GLY H 1150 -107.32 25.84 30.81
C GLY H 1150 -106.06 25.20 31.38
N CYS H 1151 -105.55 24.22 30.65
CA CYS H 1151 -104.35 23.48 31.05
C CYS H 1151 -103.16 24.01 30.27
N MET H 1152 -102.08 24.30 30.97
CA MET H 1152 -100.90 24.94 30.40
C MET H 1152 -99.66 24.16 30.83
N ILE H 1153 -98.78 23.87 29.89
CA ILE H 1153 -97.50 23.22 30.18
C ILE H 1153 -96.41 23.94 29.40
N ASP H 1154 -95.31 24.26 30.07
CA ASP H 1154 -94.11 24.77 29.42
C ASP H 1154 -92.98 23.81 29.69
N LEU H 1155 -92.65 22.98 28.70
CA LEU H 1155 -91.64 21.96 28.89
C LEU H 1155 -90.27 22.58 29.13
N THR H 1156 -90.05 23.80 28.64
CA THR H 1156 -88.83 24.52 28.95
C THR H 1156 -88.81 24.95 30.41
N GLU H 1157 -89.92 25.53 30.89
CA GLU H 1157 -89.99 25.92 32.30
C GLU H 1157 -90.21 24.72 33.20
N ASN H 1158 -90.66 23.59 32.62
CA ASN H 1158 -90.96 22.37 33.34
C ASN H 1158 -92.01 22.55 34.42
N THR H 1159 -93.07 23.31 34.13
CA THR H 1159 -94.15 23.56 35.07
C THR H 1159 -95.49 23.38 34.37
N ILE H 1160 -96.52 23.01 35.13
CA ILE H 1160 -97.88 22.87 34.61
C ILE H 1160 -98.77 23.86 35.35
N ILE H 1161 -99.56 24.62 34.60
CA ILE H 1161 -100.41 25.67 35.16
C ILE H 1161 -101.85 25.37 34.79
N PHE H 1162 -102.74 25.45 35.77
CA PHE H 1162 -104.17 25.28 35.57
C PHE H 1162 -104.88 26.58 35.91
N THR H 1163 -105.74 27.04 35.01
CA THR H 1163 -106.54 28.24 35.22
C THR H 1163 -108.01 27.92 35.00
N LEU H 1164 -108.86 28.40 35.91
CA LEU H 1164 -110.30 28.18 35.84
C LEU H 1164 -111.00 29.47 35.47
N ASN H 1165 -111.76 29.44 34.37
CA ASN H 1165 -112.47 30.61 33.86
C ASN H 1165 -111.52 31.79 33.63
N GLY H 1166 -110.30 31.48 33.18
CA GLY H 1166 -109.31 32.50 32.91
C GLY H 1166 -108.53 32.97 34.11
N GLU H 1167 -108.85 32.48 35.31
CA GLU H 1167 -108.14 32.85 36.52
C GLU H 1167 -107.24 31.70 36.94
N VAL H 1168 -105.97 32.00 37.18
CA VAL H 1168 -105.01 30.96 37.53
C VAL H 1168 -105.41 30.34 38.87
N LEU H 1169 -105.57 29.03 38.87
CA LEU H 1169 -105.89 28.33 40.11
C LEU H 1169 -104.69 28.35 41.04
N MET H 1170 -104.94 28.71 42.30
CA MET H 1170 -103.90 28.94 43.28
C MET H 1170 -103.82 27.77 44.25
N SER H 1171 -102.63 27.19 44.37
CA SER H 1171 -102.41 26.16 45.37
C SER H 1171 -102.36 26.79 46.76
N ASP H 1172 -102.61 25.96 47.77
CA ASP H 1172 -102.53 26.39 49.17
C ASP H 1172 -101.06 26.37 49.59
N SER H 1173 -100.25 27.13 48.86
CA SER H 1173 -98.82 27.20 49.07
C SER H 1173 -98.28 28.39 48.29
N GLY H 1174 -96.95 28.52 48.29
CA GLY H 1174 -96.32 29.64 47.62
C GLY H 1174 -96.49 29.62 46.11
N SER H 1175 -96.30 28.45 45.50
CA SER H 1175 -96.23 28.37 44.05
C SER H 1175 -97.61 28.56 43.42
N GLU H 1176 -97.63 29.25 42.28
CA GLU H 1176 -98.83 29.40 41.46
C GLU H 1176 -98.96 28.28 40.43
N THR H 1177 -97.94 27.45 40.27
CA THR H 1177 -97.96 26.34 39.33
C THR H 1177 -98.35 25.08 40.07
N ALA H 1178 -99.25 24.29 39.49
CA ALA H 1178 -99.70 23.06 40.15
C ALA H 1178 -98.56 22.07 40.30
N PHE H 1179 -97.74 21.91 39.27
CA PHE H 1179 -96.63 20.97 39.27
C PHE H 1179 -95.36 21.69 38.86
N ARG H 1180 -94.24 21.27 39.43
CA ARG H 1180 -92.97 21.95 39.24
C ARG H 1180 -91.90 20.94 38.83
N GLU H 1181 -90.87 21.43 38.15
CA GLU H 1181 -89.65 20.66 37.83
C GLU H 1181 -89.97 19.31 37.19
N ILE H 1182 -91.14 19.21 36.55
CA ILE H 1182 -91.53 17.97 35.92
C ILE H 1182 -90.58 17.64 34.78
N GLU H 1183 -90.02 16.44 34.80
CA GLU H 1183 -89.08 16.03 33.78
C GLU H 1183 -89.77 15.86 32.44
N ILE H 1184 -89.06 16.20 31.36
CA ILE H 1184 -89.65 16.11 30.03
C ILE H 1184 -89.81 14.66 29.61
N GLY H 1185 -88.72 13.90 29.64
CA GLY H 1185 -88.79 12.49 29.32
C GLY H 1185 -89.32 12.22 27.93
N ASP H 1186 -90.29 11.31 27.85
CA ASP H 1186 -90.82 10.88 26.57
C ASP H 1186 -91.67 11.96 25.91
N GLY H 1187 -92.46 12.68 26.69
CA GLY H 1187 -93.35 13.69 26.14
C GLY H 1187 -94.56 13.85 27.03
N PHE H 1188 -95.57 14.53 26.48
CA PHE H 1188 -96.80 14.83 27.20
C PHE H 1188 -97.96 14.84 26.23
N LEU H 1189 -99.13 14.41 26.70
CA LEU H 1189 -100.32 14.30 25.89
C LEU H 1189 -101.51 14.83 26.67
N PRO H 1190 -102.35 15.68 26.08
CA PRO H 1190 -103.57 16.09 26.77
C PRO H 1190 -104.47 14.89 27.04
N VAL H 1191 -105.08 14.89 28.22
CA VAL H 1191 -105.88 13.76 28.67
C VAL H 1191 -107.06 14.28 29.49
N CYS H 1192 -108.18 13.56 29.44
CA CYS H 1192 -109.36 13.87 30.22
C CYS H 1192 -110.07 12.58 30.57
N SER H 1193 -110.39 12.40 31.85
CA SER H 1193 -111.13 11.25 32.33
C SER H 1193 -112.49 11.71 32.81
N LEU H 1194 -113.54 11.05 32.32
CA LEU H 1194 -114.92 11.42 32.64
C LEU H 1194 -115.55 10.34 33.49
N GLY H 1195 -116.14 10.75 34.61
CA GLY H 1195 -116.80 9.83 35.50
C GLY H 1195 -118.16 9.42 34.99
N PRO H 1196 -118.86 8.58 35.75
CA PRO H 1196 -120.18 8.11 35.30
C PRO H 1196 -121.19 9.24 35.24
N GLY H 1197 -121.94 9.28 34.15
CA GLY H 1197 -122.95 10.31 33.97
C GLY H 1197 -122.39 11.72 33.91
N GLN H 1198 -121.22 11.88 33.31
CA GLN H 1198 -120.55 13.16 33.23
C GLN H 1198 -120.31 13.52 31.77
N VAL H 1199 -120.56 14.78 31.42
CA VAL H 1199 -120.38 15.30 30.08
C VAL H 1199 -119.37 16.44 30.13
N GLY H 1200 -118.39 16.39 29.24
CA GLY H 1200 -117.39 17.44 29.14
C GLY H 1200 -116.99 17.69 27.71
N HIS H 1201 -116.62 18.93 27.43
CA HIS H 1201 -116.19 19.34 26.10
C HIS H 1201 -114.71 19.70 26.15
N LEU H 1202 -113.94 19.11 25.25
CA LEU H 1202 -112.49 19.28 25.22
C LEU H 1202 -112.09 19.99 23.95
N ASN H 1203 -111.47 21.16 24.09
CA ASN H 1203 -111.04 21.98 22.98
C ASN H 1203 -109.51 21.99 22.93
N LEU H 1204 -108.97 21.63 21.77
CA LEU H 1204 -107.53 21.55 21.59
C LEU H 1204 -106.97 22.75 20.84
N GLY H 1205 -107.78 23.79 20.66
CA GLY H 1205 -107.33 24.96 19.93
C GLY H 1205 -107.12 24.74 18.44
N GLN H 1206 -107.98 23.94 17.81
CA GLN H 1206 -107.96 23.85 16.36
C GLN H 1206 -108.30 25.18 15.73
N ASP H 1207 -109.30 25.87 16.27
CA ASP H 1207 -109.58 27.26 15.93
C ASP H 1207 -109.21 28.13 17.13
N VAL H 1208 -108.29 29.07 16.90
CA VAL H 1208 -107.81 29.91 18.00
C VAL H 1208 -108.93 30.76 18.56
N SER H 1209 -109.95 31.05 17.73
CA SER H 1209 -111.07 31.86 18.21
C SER H 1209 -112.02 31.03 19.07
N SER H 1210 -111.97 29.70 18.94
CA SER H 1210 -112.90 28.85 19.68
C SER H 1210 -112.67 28.96 21.18
N LEU H 1211 -111.40 28.97 21.61
CA LEU H 1211 -111.10 29.00 23.03
C LEU H 1211 -111.60 30.30 23.66
N ARG H 1212 -112.19 30.19 24.86
CA ARG H 1212 -112.81 31.34 25.49
C ARG H 1212 -111.81 32.19 26.24
N PHE H 1213 -110.90 31.56 26.99
CA PHE H 1213 -110.02 32.26 27.91
C PHE H 1213 -108.57 32.24 27.47
N PHE H 1214 -108.29 31.88 26.21
CA PHE H 1214 -106.92 31.87 25.74
C PHE H 1214 -106.34 33.28 25.70
N ALA H 1215 -107.14 34.26 25.29
CA ALA H 1215 -106.68 35.65 25.30
C ALA H 1215 -106.43 36.13 26.72
N ILE H 1216 -107.31 35.74 27.66
CA ILE H 1216 -107.16 36.19 29.04
C ILE H 1216 -105.90 35.61 29.67
N CYS H 1217 -105.64 34.33 29.46
CA CYS H 1217 -104.47 33.66 30.00
C CYS H 1217 -103.86 32.76 28.94
N GLY H 1218 -102.55 32.88 28.74
CA GLY H 1218 -101.83 32.05 27.80
C GLY H 1218 -101.39 32.75 26.53
N LEU H 1219 -102.15 33.74 26.05
CA LEU H 1219 -101.75 34.44 24.84
C LEU H 1219 -100.50 35.28 25.06
N GLN H 1220 -100.46 36.05 26.15
CA GLN H 1220 -99.32 36.92 26.40
C GLN H 1220 -98.13 36.14 26.91
N GLU H 1221 -98.37 34.98 27.54
CA GLU H 1221 -97.26 34.19 28.05
C GLU H 1221 -96.56 33.44 26.93
N GLY H 1222 -97.09 33.54 25.72
CA GLY H 1222 -96.52 32.83 24.58
C GLY H 1222 -96.99 31.41 24.44
N PHE H 1223 -97.95 30.96 25.23
CA PHE H 1223 -98.44 29.60 25.11
C PHE H 1223 -99.20 29.43 23.81
N GLU H 1224 -98.99 28.31 23.15
CA GLU H 1224 -99.59 28.04 21.86
C GLU H 1224 -100.70 27.01 22.02
N PRO H 1225 -101.80 27.14 21.31
CA PRO H 1225 -102.82 26.09 21.34
C PRO H 1225 -102.23 24.77 20.85
N PHE H 1226 -102.69 23.67 21.45
CA PHE H 1226 -102.09 22.38 21.16
C PHE H 1226 -102.28 22.00 19.69
N ALA H 1227 -103.45 22.30 19.14
CA ALA H 1227 -103.73 22.06 17.74
C ALA H 1227 -103.84 23.35 16.92
N ILE H 1228 -102.96 24.31 17.18
CA ILE H 1228 -103.13 25.64 16.61
C ILE H 1228 -103.02 25.60 15.09
N ASN H 1229 -102.01 24.91 14.55
CA ASN H 1229 -101.78 24.85 13.11
C ASN H 1229 -101.81 23.38 12.69
N MET H 1230 -103.02 22.87 12.48
CA MET H 1230 -103.24 21.48 12.11
C MET H 1230 -104.33 21.41 11.06
N GLN H 1231 -104.06 20.67 9.98
CA GLN H 1231 -105.02 20.58 8.89
CA GLN H 1231 -105.03 20.59 8.90
C GLN H 1231 -106.29 19.84 9.33
N ARG H 1232 -106.13 18.81 10.14
CA ARG H 1232 -107.24 17.97 10.57
C ARG H 1232 -107.33 17.92 12.08
N PRO H 1233 -108.51 17.66 12.62
CA PRO H 1233 -108.65 17.61 14.08
C PRO H 1233 -107.83 16.50 14.70
N VAL H 1234 -107.44 16.71 15.95
CA VAL H 1234 -106.59 15.74 16.65
C VAL H 1234 -107.34 14.42 16.82
N THR H 1235 -106.68 13.32 16.45
CA THR H 1235 -107.23 12.01 16.70
C THR H 1235 -107.18 11.69 18.19
N THR H 1236 -108.30 11.26 18.74
CA THR H 1236 -108.44 10.99 20.17
C THR H 1236 -108.61 9.49 20.39
N TRP H 1237 -107.98 8.98 21.43
CA TRP H 1237 -108.08 7.59 21.83
C TRP H 1237 -108.77 7.52 23.18
N PHE H 1238 -109.69 6.58 23.35
CA PHE H 1238 -110.47 6.45 24.57
C PHE H 1238 -110.31 5.05 25.13
N SER H 1239 -110.39 4.95 26.46
CA SER H 1239 -110.30 3.64 27.10
C SER H 1239 -111.60 2.88 26.92
N LYS H 1240 -111.53 1.76 26.21
CA LYS H 1240 -112.69 0.94 25.90
C LYS H 1240 -112.82 -0.15 26.94
N SER H 1241 -113.96 -0.18 27.62
CA SER H 1241 -114.19 -1.14 28.71
C SER H 1241 -114.77 -2.43 28.16
N LEU H 1242 -114.06 -2.97 27.17
CA LEU H 1242 -114.38 -4.27 26.59
C LEU H 1242 -113.21 -5.22 26.86
N PRO H 1243 -113.37 -6.20 27.74
CA PRO H 1243 -112.23 -7.07 28.08
C PRO H 1243 -111.76 -7.87 26.88
N GLN H 1244 -110.47 -7.73 26.57
CA GLN H 1244 -109.85 -8.43 25.45
C GLN H 1244 -108.71 -9.28 25.98
N PHE H 1245 -108.57 -10.49 25.45
CA PHE H 1245 -107.49 -11.36 25.87
C PHE H 1245 -106.15 -10.83 25.36
N GLU H 1246 -105.19 -10.71 26.27
CA GLU H 1246 -103.89 -10.16 25.95
C GLU H 1246 -102.81 -11.06 26.53
N PRO H 1247 -101.61 -11.04 25.95
CA PRO H 1247 -100.51 -11.84 26.50
C PRO H 1247 -100.19 -11.43 27.93
N VAL H 1248 -99.81 -12.40 28.73
CA VAL H 1248 -99.40 -12.09 30.11
C VAL H 1248 -98.09 -11.32 30.06
N PRO H 1249 -98.01 -10.12 30.61
CA PRO H 1249 -96.77 -9.33 30.53
C PRO H 1249 -95.63 -10.06 31.22
N PRO H 1250 -94.43 -10.03 30.63
CA PRO H 1250 -93.29 -10.67 31.28
C PRO H 1250 -92.95 -10.08 32.64
N GLU H 1251 -93.18 -8.78 32.83
CA GLU H 1251 -92.85 -8.11 34.07
C GLU H 1251 -94.05 -7.97 35.01
N HIS H 1252 -95.17 -8.60 34.68
CA HIS H 1252 -96.36 -8.44 35.50
C HIS H 1252 -96.10 -9.00 36.89
N PRO H 1253 -96.30 -8.21 37.95
CA PRO H 1253 -95.79 -8.62 39.26
C PRO H 1253 -96.50 -9.82 39.88
N HIS H 1254 -97.82 -9.85 39.83
CA HIS H 1254 -98.56 -10.85 40.60
C HIS H 1254 -98.52 -12.22 39.92
N TYR H 1255 -98.51 -12.27 38.59
CA TYR H 1255 -98.65 -13.51 37.86
C TYR H 1255 -97.42 -13.74 36.98
N GLU H 1256 -96.94 -14.97 36.95
CA GLU H 1256 -95.80 -15.38 36.15
C GLU H 1256 -96.14 -16.64 35.40
N VAL H 1257 -95.70 -16.73 34.14
CA VAL H 1257 -95.91 -17.90 33.30
C VAL H 1257 -94.55 -18.46 32.90
N ALA H 1258 -94.32 -19.73 33.20
CA ALA H 1258 -93.05 -20.39 32.91
C ALA H 1258 -93.30 -21.52 31.92
N ARG H 1259 -92.54 -21.51 30.83
CA ARG H 1259 -92.66 -22.51 29.78
C ARG H 1259 -91.59 -23.57 30.00
N MET H 1260 -92.03 -24.79 30.29
CA MET H 1260 -91.12 -25.90 30.54
C MET H 1260 -91.22 -26.90 29.40
N ASP H 1261 -90.08 -27.20 28.78
CA ASP H 1261 -90.04 -28.16 27.68
C ASP H 1261 -90.38 -29.55 28.18
N GLY H 1262 -91.04 -30.32 27.33
CA GLY H 1262 -91.50 -31.64 27.72
C GLY H 1262 -90.35 -32.62 27.89
N THR H 1263 -90.37 -33.35 29.00
CA THR H 1263 -89.43 -34.42 29.23
C THR H 1263 -89.95 -35.72 28.62
N VAL H 1264 -89.24 -36.82 28.91
CA VAL H 1264 -89.65 -38.11 28.39
C VAL H 1264 -90.93 -38.59 29.06
N ASP H 1265 -91.15 -38.19 30.31
CA ASP H 1265 -92.33 -38.67 31.04
C ASP H 1265 -93.46 -37.65 31.00
N THR H 1266 -93.13 -36.37 30.93
CA THR H 1266 -94.13 -35.31 30.97
C THR H 1266 -94.13 -34.55 29.65
N PRO H 1267 -95.30 -34.18 29.13
CA PRO H 1267 -95.34 -33.42 27.89
C PRO H 1267 -94.90 -31.99 28.13
N PRO H 1268 -94.75 -31.19 27.07
CA PRO H 1268 -94.53 -29.75 27.28
C PRO H 1268 -95.72 -29.12 28.01
N CYS H 1269 -95.41 -28.22 28.93
CA CYS H 1269 -96.44 -27.62 29.77
C CYS H 1269 -96.22 -26.12 29.89
N LEU H 1270 -97.32 -25.42 30.14
CA LEU H 1270 -97.32 -23.99 30.45
C LEU H 1270 -97.83 -23.82 31.87
N ARG H 1271 -96.97 -23.34 32.76
CA ARG H 1271 -97.27 -23.29 34.19
C ARG H 1271 -97.42 -21.85 34.64
N LEU H 1272 -98.48 -21.58 35.40
CA LEU H 1272 -98.74 -20.26 35.97
C LEU H 1272 -98.40 -20.29 37.45
N ALA H 1273 -97.59 -19.33 37.88
CA ALA H 1273 -97.20 -19.22 39.27
C ALA H 1273 -97.49 -17.80 39.75
N HIS H 1274 -97.94 -17.70 41.00
CA HIS H 1274 -98.26 -16.42 41.62
C HIS H 1274 -97.06 -15.98 42.45
N ARG H 1275 -96.34 -14.97 41.97
CA ARG H 1275 -95.11 -14.55 42.64
C ARG H 1275 -95.38 -14.01 44.03
N THR H 1276 -96.37 -13.13 44.15
CA THR H 1276 -96.56 -12.37 45.38
C THR H 1276 -97.40 -13.13 46.41
N TRP H 1277 -98.01 -14.25 46.02
CA TRP H 1277 -98.85 -15.02 46.92
C TRP H 1277 -98.11 -15.37 48.21
N GLY H 1278 -98.86 -15.42 49.31
CA GLY H 1278 -98.28 -15.72 50.60
C GLY H 1278 -97.60 -14.56 51.28
N SER H 1279 -97.74 -13.35 50.74
CA SER H 1279 -97.10 -12.18 51.32
C SER H 1279 -98.09 -11.02 51.31
N GLN H 1280 -97.63 -9.90 51.86
CA GLN H 1280 -98.44 -8.68 51.87
C GLN H 1280 -98.55 -8.15 50.45
N ASN H 1281 -99.52 -7.25 50.23
CA ASN H 1281 -99.86 -6.63 48.94
C ASN H 1281 -100.12 -7.66 47.85
N SER H 1282 -100.41 -8.91 48.21
CA SER H 1282 -100.80 -9.89 47.23
C SER H 1282 -102.17 -9.54 46.67
N LEU H 1283 -102.34 -9.71 45.37
CA LEU H 1283 -103.60 -9.45 44.69
C LEU H 1283 -104.26 -10.79 44.36
N VAL H 1284 -105.45 -11.01 44.91
CA VAL H 1284 -106.22 -12.22 44.66
C VAL H 1284 -107.51 -11.82 43.97
N GLU H 1285 -107.74 -12.41 42.79
CA GLU H 1285 -108.94 -12.13 42.02
C GLU H 1285 -109.16 -13.27 41.05
N MET H 1286 -110.33 -13.30 40.44
CA MET H 1286 -110.57 -14.30 39.41
C MET H 1286 -109.70 -14.00 38.20
N LEU H 1287 -108.91 -14.99 37.81
CA LEU H 1287 -107.96 -14.85 36.71
C LEU H 1287 -108.44 -15.65 35.52
N PHE H 1288 -108.60 -14.99 34.38
CA PHE H 1288 -109.10 -15.62 33.17
C PHE H 1288 -107.91 -15.88 32.25
N LEU H 1289 -107.68 -17.14 31.92
CA LEU H 1289 -106.55 -17.54 31.09
C LEU H 1289 -107.07 -18.26 29.86
N ARG H 1290 -106.44 -18.01 28.72
CA ARG H 1290 -106.75 -18.71 27.49
C ARG H 1290 -105.46 -18.90 26.68
N LEU H 1291 -105.47 -19.89 25.81
CA LEU H 1291 -104.31 -20.11 24.95
C LEU H 1291 -104.42 -19.25 23.70
N SER H 1292 -103.26 -18.88 23.14
CA SER H 1292 -103.24 -17.93 22.04
C SER H 1292 -103.91 -18.49 20.80
N LEU H 1293 -103.71 -19.77 20.52
CA LEU H 1293 -104.19 -20.28 19.24
C LEU H 1293 -105.44 -21.11 19.43
N PRO H 1294 -106.39 -21.04 18.51
CA PRO H 1294 -107.61 -21.84 18.65
C PRO H 1294 -107.52 -23.15 17.89
N VAL H 1295 -108.56 -23.96 18.06
CA VAL H 1295 -108.76 -25.17 17.27
C VAL H 1295 -110.06 -25.01 16.50
N GLN H 1296 -110.01 -25.22 15.19
CA GLN H 1296 -111.16 -25.02 14.32
C GLN H 1296 -111.78 -26.37 14.02
N PHE H 1297 -113.08 -26.51 14.30
CA PHE H 1297 -113.78 -27.75 13.98
C PHE H 1297 -113.87 -27.92 12.47
N HIS H 1298 -113.91 -29.18 12.03
CA HIS H 1298 -113.96 -29.48 10.60
C HIS H 1298 -115.16 -28.78 9.96
N GLN H 1299 -115.07 -28.54 8.65
CA GLN H 1299 -116.08 -27.75 7.98
C GLN H 1299 -117.41 -28.52 7.85
N HIS H 1300 -117.35 -29.75 7.38
CA HIS H 1300 -118.52 -30.61 7.25
C HIS H 1300 -118.40 -31.76 8.24
N PHE H 1301 -119.36 -31.84 9.16
CA PHE H 1301 -119.30 -32.86 10.19
C PHE H 1301 -119.48 -34.24 9.60
N ARG H 1302 -118.77 -35.20 10.17
CA ARG H 1302 -118.89 -36.58 9.71
C ARG H 1302 -120.32 -37.05 9.89
N CYS H 1303 -120.86 -37.70 8.85
CA CYS H 1303 -122.25 -38.15 8.89
C CYS H 1303 -122.47 -39.12 10.05
N THR H 1304 -123.56 -38.90 10.78
CA THR H 1304 -123.92 -39.71 11.94
C THR H 1304 -122.80 -39.74 12.97
N ASP H 1419 -96.33 -50.52 27.02
CA ASP H 1419 -97.76 -50.52 26.70
C ASP H 1419 -98.24 -49.10 26.42
N ASN H 1420 -99.51 -48.98 26.03
CA ASN H 1420 -100.15 -47.69 25.75
C ASN H 1420 -99.49 -46.96 24.59
N ARG H 1421 -99.30 -47.68 23.47
CA ARG H 1421 -98.82 -47.08 22.23
C ARG H 1421 -100.00 -46.78 21.33
N ASP H 1422 -99.92 -45.68 20.59
CA ASP H 1422 -100.96 -45.36 19.63
C ASP H 1422 -100.82 -46.26 18.39
N ASP H 1423 -101.94 -46.77 17.91
CA ASP H 1423 -101.92 -47.55 16.69
C ASP H 1423 -101.56 -46.65 15.51
N PRO H 1424 -100.63 -47.07 14.65
CA PRO H 1424 -100.13 -46.16 13.60
C PRO H 1424 -101.20 -45.66 12.65
N GLU H 1425 -102.18 -46.50 12.30
CA GLU H 1425 -103.19 -46.08 11.34
C GLU H 1425 -104.34 -45.35 12.03
N ILE H 1426 -104.68 -45.75 13.25
CA ILE H 1426 -105.72 -45.05 13.99
C ILE H 1426 -105.29 -43.64 14.33
N ILE H 1427 -104.04 -43.47 14.77
CA ILE H 1427 -103.59 -42.16 15.25
C ILE H 1427 -103.61 -41.14 14.12
N LEU H 1428 -103.48 -41.60 12.88
CA LEU H 1428 -103.59 -40.68 11.75
C LEU H 1428 -105.05 -40.50 11.33
N ASN H 1429 -105.86 -41.54 11.51
CA ASN H 1429 -107.27 -41.43 11.14
C ASN H 1429 -108.06 -40.63 12.18
N THR H 1430 -107.65 -40.70 13.44
CA THR H 1430 -108.44 -40.08 14.50
C THR H 1430 -108.47 -38.57 14.34
N THR H 1431 -109.64 -37.99 14.63
CA THR H 1431 -109.82 -36.55 14.66
C THR H 1431 -109.98 -36.00 16.07
N THR H 1432 -109.90 -36.86 17.08
CA THR H 1432 -110.02 -36.41 18.45
C THR H 1432 -108.69 -35.82 18.93
N TYR H 1433 -108.77 -34.67 19.60
CA TYR H 1433 -107.61 -33.97 20.09
C TYR H 1433 -107.71 -33.80 21.59
N TYR H 1434 -106.59 -33.91 22.28
CA TYR H 1434 -106.56 -33.96 23.73
C TYR H 1434 -105.84 -32.74 24.28
N TYR H 1435 -106.31 -32.25 25.42
CA TYR H 1435 -105.71 -31.11 26.11
C TYR H 1435 -106.05 -31.23 27.59
N SER H 1436 -105.04 -31.21 28.44
CA SER H 1436 -105.19 -31.49 29.86
C SER H 1436 -104.65 -30.33 30.67
N VAL H 1437 -105.27 -30.09 31.82
CA VAL H 1437 -104.85 -29.05 32.76
C VAL H 1437 -104.73 -29.67 34.14
N ARG H 1438 -103.60 -29.43 34.80
CA ARG H 1438 -103.32 -30.00 36.10
C ARG H 1438 -103.44 -28.94 37.17
N VAL H 1439 -104.26 -29.21 38.18
CA VAL H 1439 -104.42 -28.32 39.33
C VAL H 1439 -103.48 -28.81 40.42
N PHE H 1440 -102.52 -27.97 40.79
CA PHE H 1440 -101.51 -28.37 41.76
C PHE H 1440 -102.12 -28.54 43.14
N ALA H 1441 -101.44 -29.31 43.98
CA ALA H 1441 -101.87 -29.48 45.36
C ALA H 1441 -101.82 -28.15 46.10
N GLY H 1442 -102.80 -27.92 46.96
CA GLY H 1442 -102.93 -26.66 47.65
C GLY H 1442 -103.73 -25.61 46.93
N GLN H 1443 -104.13 -25.87 45.69
CA GLN H 1443 -105.01 -24.98 44.94
C GLN H 1443 -106.41 -25.57 44.94
N GLU H 1444 -107.37 -24.81 45.44
CA GLU H 1444 -108.72 -25.33 45.60
C GLU H 1444 -109.31 -25.70 44.24
N PRO H 1445 -109.72 -26.95 44.04
CA PRO H 1445 -110.36 -27.30 42.76
C PRO H 1445 -111.65 -26.55 42.52
N SER H 1446 -112.32 -26.10 43.58
CA SER H 1446 -113.57 -25.36 43.43
C SER H 1446 -113.32 -24.02 42.72
N CYS H 1447 -112.14 -23.45 42.88
CA CYS H 1447 -111.86 -22.15 42.29
C CYS H 1447 -111.40 -22.29 40.84
N VAL H 1448 -111.11 -23.52 40.40
CA VAL H 1448 -110.58 -23.71 39.06
C VAL H 1448 -111.72 -24.07 38.10
N TRP H 1449 -111.62 -23.54 36.88
CA TRP H 1449 -112.57 -23.84 35.82
C TRP H 1449 -111.78 -24.17 34.57
N VAL H 1450 -112.04 -25.33 33.97
CA VAL H 1450 -111.29 -25.81 32.81
C VAL H 1450 -112.27 -26.06 31.67
N GLY H 1451 -111.90 -25.61 30.47
CA GLY H 1451 -112.75 -25.81 29.31
C GLY H 1451 -112.22 -25.06 28.11
N TRP H 1452 -113.16 -24.64 27.26
CA TRP H 1452 -112.87 -23.90 26.04
C TRP H 1452 -113.71 -22.63 26.00
N VAL H 1453 -113.23 -21.63 25.27
CA VAL H 1453 -113.96 -20.39 25.05
C VAL H 1453 -113.92 -20.06 23.56
N THR H 1454 -115.05 -19.60 23.04
CA THR H 1454 -115.09 -19.07 21.69
C THR H 1454 -114.46 -17.67 21.66
N PRO H 1455 -114.02 -17.21 20.50
CA PRO H 1455 -113.39 -15.88 20.44
C PRO H 1455 -114.31 -14.75 20.86
N ASP H 1456 -115.63 -14.98 20.86
CA ASP H 1456 -116.56 -13.92 21.22
C ASP H 1456 -116.62 -13.69 22.72
N TYR H 1457 -115.92 -14.51 23.49
CA TYR H 1457 -116.02 -14.43 24.95
C TYR H 1457 -115.29 -13.18 25.46
N HIS H 1458 -116.04 -12.29 26.09
CA HIS H 1458 -115.49 -11.05 26.61
C HIS H 1458 -115.86 -10.78 28.06
N GLN H 1459 -116.87 -11.46 28.60
CA GLN H 1459 -117.28 -11.22 29.96
C GLN H 1459 -116.22 -11.69 30.94
N HIS H 1460 -115.90 -10.84 31.92
CA HIS H 1460 -115.09 -11.25 33.05
C HIS H 1460 -115.77 -10.76 34.33
N ASP H 1461 -115.87 -11.67 35.30
CA ASP H 1461 -116.63 -11.40 36.52
C ASP H 1461 -115.83 -11.89 37.71
N MET H 1462 -115.78 -11.08 38.77
CA MET H 1462 -115.03 -11.47 39.95
C MET H 1462 -115.77 -12.55 40.73
N ASN H 1463 -117.07 -12.70 40.49
CA ASN H 1463 -117.88 -13.77 41.06
C ASN H 1463 -118.36 -14.74 39.99
N PHE H 1464 -117.51 -15.08 39.03
CA PHE H 1464 -117.92 -15.86 37.87
C PHE H 1464 -118.31 -17.28 38.27
N ASP H 1465 -119.24 -17.86 37.52
CA ASP H 1465 -119.60 -19.26 37.68
C ASP H 1465 -120.28 -19.77 36.42
N LEU H 1466 -120.48 -21.10 36.41
CA LEU H 1466 -121.07 -21.74 35.23
C LEU H 1466 -122.48 -21.24 34.98
N SER H 1467 -123.17 -20.81 36.04
CA SER H 1467 -124.47 -20.17 35.85
C SER H 1467 -124.30 -18.79 35.24
N LYS H 1468 -123.19 -18.10 35.55
CA LYS H 1468 -122.95 -16.78 34.99
C LYS H 1468 -122.59 -16.87 33.51
N VAL H 1469 -122.10 -18.04 33.07
CA VAL H 1469 -121.81 -18.22 31.66
C VAL H 1469 -123.04 -17.95 30.80
N ARG H 1470 -122.85 -17.23 29.70
CA ARG H 1470 -123.94 -16.94 28.78
C ARG H 1470 -124.33 -18.19 27.99
N ALA H 1471 -125.64 -18.31 27.72
CA ALA H 1471 -126.17 -19.40 26.93
C ALA H 1471 -127.51 -18.98 26.33
N VAL H 1472 -127.79 -19.46 25.13
CA VAL H 1472 -129.04 -19.17 24.44
C VAL H 1472 -129.37 -20.34 23.53
N THR H 1473 -130.65 -20.71 23.46
CA THR H 1473 -131.12 -21.80 22.63
C THR H 1473 -131.99 -21.25 21.52
N VAL H 1474 -131.70 -21.67 20.29
CA VAL H 1474 -132.45 -21.27 19.10
C VAL H 1474 -133.18 -22.49 18.57
N THR H 1475 -134.49 -22.36 18.38
CA THR H 1475 -135.33 -23.46 17.92
C THR H 1475 -135.98 -23.09 16.60
N MET H 1476 -135.80 -23.95 15.60
CA MET H 1476 -136.44 -23.80 14.31
C MET H 1476 -137.49 -24.89 14.16
N GLY H 1477 -138.71 -24.49 13.79
CA GLY H 1477 -139.82 -25.42 13.79
C GLY H 1477 -140.70 -25.28 12.56
N ASP H 1478 -141.51 -26.30 12.33
CA ASP H 1478 -142.56 -26.24 11.34
C ASP H 1478 -143.71 -25.38 11.87
N GLU H 1479 -144.56 -24.90 10.96
CA GLU H 1479 -145.61 -23.98 11.35
C GLU H 1479 -146.55 -24.58 12.39
N GLN H 1480 -146.76 -25.89 12.35
CA GLN H 1480 -147.55 -26.59 13.36
C GLN H 1480 -146.64 -27.57 14.09
N GLY H 1481 -145.99 -27.10 15.15
CA GLY H 1481 -145.08 -27.95 15.89
C GLY H 1481 -143.95 -28.46 15.02
N ASN H 1482 -143.53 -29.69 15.28
CA ASN H 1482 -142.53 -30.38 14.46
C ASN H 1482 -141.26 -29.54 14.32
N VAL H 1483 -140.57 -29.31 15.45
CA VAL H 1483 -139.37 -28.50 15.42
C VAL H 1483 -138.30 -29.20 14.60
N HIS H 1484 -137.69 -28.44 13.69
CA HIS H 1484 -136.64 -29.01 12.84
C HIS H 1484 -135.38 -29.30 13.65
N SER H 1485 -134.93 -28.33 14.44
CA SER H 1485 -133.70 -28.49 15.21
C SER H 1485 -133.68 -27.46 16.33
N SER H 1486 -133.03 -27.84 17.42
CA SER H 1486 -132.80 -26.94 18.55
C SER H 1486 -131.31 -26.85 18.80
N LEU H 1487 -130.76 -25.65 18.73
CA LEU H 1487 -129.33 -25.42 18.84
C LEU H 1487 -129.05 -24.53 20.04
N LYS H 1488 -128.04 -24.91 20.82
CA LYS H 1488 -127.61 -24.14 21.98
C LYS H 1488 -126.25 -23.52 21.70
N CYS H 1489 -126.16 -22.20 21.89
CA CYS H 1489 -124.94 -21.46 21.64
C CYS H 1489 -124.46 -20.81 22.93
N SER H 1490 -123.20 -21.01 23.27
CA SER H 1490 -122.59 -20.42 24.45
C SER H 1490 -121.21 -19.91 24.10
N ASN H 1491 -120.79 -18.82 24.75
CA ASN H 1491 -119.48 -18.26 24.47
C ASN H 1491 -118.38 -19.04 25.16
N CYS H 1492 -118.73 -19.80 26.18
CA CYS H 1492 -117.75 -20.49 27.03
C CYS H 1492 -118.26 -21.86 27.40
N TYR H 1493 -117.48 -22.89 27.09
CA TYR H 1493 -117.78 -24.27 27.45
C TYR H 1493 -116.74 -24.76 28.45
N MET H 1494 -117.15 -24.91 29.70
CA MET H 1494 -116.23 -25.34 30.76
C MET H 1494 -116.93 -26.35 31.66
N VAL H 1495 -116.11 -27.00 32.48
CA VAL H 1495 -116.59 -27.86 33.55
C VAL H 1495 -115.96 -27.39 34.86
N TRP H 1496 -116.77 -27.31 35.90
CA TRP H 1496 -116.29 -26.84 37.19
C TRP H 1496 -115.34 -27.85 37.80
N GLY H 1497 -114.25 -27.37 38.40
CA GLY H 1497 -113.33 -28.27 39.06
C GLY H 1497 -113.87 -28.77 40.38
N GLY H 1498 -114.90 -28.10 40.91
CA GLY H 1498 -115.44 -28.50 42.19
C GLY H 1498 -116.13 -29.85 42.16
N ASP H 1499 -116.85 -30.15 41.07
CA ASP H 1499 -117.66 -31.37 41.04
C ASP H 1499 -116.77 -32.61 40.97
N PHE H 1500 -115.56 -32.48 40.43
CA PHE H 1500 -114.65 -33.62 40.38
C PHE H 1500 -114.24 -34.07 41.78
N VAL H 1501 -113.90 -33.12 42.66
CA VAL H 1501 -113.42 -33.49 43.99
C VAL H 1501 -114.57 -34.07 44.80
N SER H 1502 -114.27 -35.10 45.59
CA SER H 1502 -115.27 -35.71 46.44
C SER H 1502 -115.70 -34.72 47.52
N PRO H 1503 -116.99 -34.69 47.87
CA PRO H 1503 -117.45 -33.75 48.91
C PRO H 1503 -117.05 -34.19 50.31
N GLY H 1504 -115.75 -34.22 50.56
CA GLY H 1504 -115.26 -34.62 51.86
C GLY H 1504 -115.45 -33.53 52.89
N GLN H 1505 -115.88 -33.92 54.09
CA GLN H 1505 -116.09 -32.95 55.16
C GLN H 1505 -114.77 -32.34 55.61
N GLN H 1506 -113.71 -33.14 55.66
CA GLN H 1506 -112.38 -32.67 56.02
C GLN H 1506 -111.37 -33.17 55.01
N GLY H 1507 -110.29 -32.41 54.86
CA GLY H 1507 -109.28 -32.76 53.86
C GLY H 1507 -109.80 -32.67 52.45
N ARG H 1508 -110.61 -31.65 52.15
CA ARG H 1508 -111.10 -31.47 50.78
C ARG H 1508 -109.94 -31.21 49.83
N ILE H 1509 -108.95 -30.43 50.26
CA ILE H 1509 -107.73 -30.29 49.48
C ILE H 1509 -107.04 -31.65 49.40
N SER H 1510 -106.49 -31.96 48.24
CA SER H 1510 -105.86 -33.24 47.99
C SER H 1510 -104.36 -33.04 47.79
N HIS H 1511 -103.56 -33.81 48.53
CA HIS H 1511 -102.12 -33.81 48.30
C HIS H 1511 -101.82 -34.26 46.87
N THR H 1512 -102.65 -35.14 46.32
CA THR H 1512 -102.54 -35.51 44.92
C THR H 1512 -103.10 -34.40 44.04
N ASP H 1513 -102.36 -34.09 42.97
CA ASP H 1513 -102.81 -33.09 42.02
C ASP H 1513 -104.04 -33.60 41.26
N LEU H 1514 -104.94 -32.68 40.92
CA LEU H 1514 -106.11 -33.01 40.13
C LEU H 1514 -105.86 -32.59 38.69
N VAL H 1515 -105.97 -33.54 37.77
CA VAL H 1515 -105.67 -33.33 36.36
C VAL H 1515 -106.93 -33.54 35.55
N ILE H 1516 -107.44 -32.46 34.97
CA ILE H 1516 -108.65 -32.49 34.15
C ILE H 1516 -108.23 -32.47 32.69
N GLY H 1517 -108.76 -33.41 31.91
CA GLY H 1517 -108.44 -33.52 30.50
C GLY H 1517 -109.67 -33.22 29.66
N CYS H 1518 -109.45 -32.53 28.55
CA CYS H 1518 -110.52 -32.14 27.64
C CYS H 1518 -110.24 -32.75 26.26
N LEU H 1519 -111.24 -33.44 25.72
CA LEU H 1519 -111.15 -34.05 24.41
C LEU H 1519 -112.18 -33.43 23.48
N VAL H 1520 -111.75 -33.05 22.29
CA VAL H 1520 -112.62 -32.47 21.27
C VAL H 1520 -112.41 -33.23 19.97
N ASP H 1521 -113.50 -33.64 19.34
CA ASP H 1521 -113.46 -34.29 18.03
C ASP H 1521 -113.99 -33.30 17.01
N LEU H 1522 -113.11 -32.86 16.11
CA LEU H 1522 -113.49 -31.84 15.14
C LEU H 1522 -114.54 -32.36 14.16
N ALA H 1523 -114.44 -33.63 13.78
CA ALA H 1523 -115.39 -34.18 12.80
C ALA H 1523 -116.78 -34.34 13.40
N THR H 1524 -116.88 -34.91 14.61
CA THR H 1524 -118.18 -35.09 15.22
C THR H 1524 -118.70 -33.78 15.81
N GLY H 1525 -117.80 -32.95 16.34
CA GLY H 1525 -118.21 -31.77 17.04
C GLY H 1525 -118.65 -31.99 18.47
N LEU H 1526 -118.20 -33.06 19.10
CA LEU H 1526 -118.60 -33.42 20.46
C LEU H 1526 -117.44 -33.16 21.41
N MET H 1527 -117.75 -32.67 22.59
CA MET H 1527 -116.75 -32.32 23.60
C MET H 1527 -116.97 -33.17 24.84
N THR H 1528 -115.91 -33.78 25.34
CA THR H 1528 -115.96 -34.62 26.53
C THR H 1528 -114.81 -34.26 27.46
N PHE H 1529 -115.02 -34.47 28.76
CA PHE H 1529 -114.03 -34.13 29.77
C PHE H 1529 -113.80 -35.32 30.68
N THR H 1530 -112.55 -35.54 31.08
CA THR H 1530 -112.18 -36.61 32.00
C THR H 1530 -111.79 -35.99 33.33
N ALA H 1531 -112.40 -36.48 34.42
CA ALA H 1531 -112.12 -35.92 35.73
C ALA H 1531 -110.70 -36.23 36.18
N ASN H 1532 -110.39 -37.51 36.39
CA ASN H 1532 -109.06 -37.96 36.77
C ASN H 1532 -108.69 -39.21 35.97
N GLY H 1533 -108.96 -39.19 34.67
CA GLY H 1533 -108.92 -40.38 33.86
C GLY H 1533 -110.25 -41.09 33.72
N LYS H 1534 -111.30 -40.56 34.33
CA LYS H 1534 -112.65 -41.11 34.26
C LYS H 1534 -113.56 -40.10 33.59
N GLU H 1535 -114.31 -40.53 32.58
CA GLU H 1535 -115.11 -39.61 31.80
C GLU H 1535 -116.22 -38.99 32.65
N SER H 1536 -116.30 -37.67 32.61
CA SER H 1536 -117.37 -36.96 33.31
C SER H 1536 -118.67 -37.05 32.53
N ASN H 1537 -119.78 -36.87 33.24
CA ASN H 1537 -121.09 -36.95 32.59
C ASN H 1537 -121.33 -35.77 31.67
N THR H 1538 -120.74 -34.61 31.98
CA THR H 1538 -120.98 -33.41 31.19
C THR H 1538 -120.36 -33.52 29.80
N PHE H 1539 -121.08 -33.04 28.80
CA PHE H 1539 -120.59 -33.01 27.43
C PHE H 1539 -121.25 -31.85 26.70
N PHE H 1540 -120.65 -31.45 25.59
CA PHE H 1540 -121.10 -30.31 24.80
C PHE H 1540 -121.09 -30.68 23.32
N GLN H 1541 -122.00 -30.05 22.57
CA GLN H 1541 -122.07 -30.23 21.12
C GLN H 1541 -122.05 -28.87 20.45
N VAL H 1542 -121.20 -28.70 19.45
CA VAL H 1542 -121.02 -27.41 18.79
C VAL H 1542 -121.23 -27.58 17.29
N GLU H 1543 -121.61 -26.48 16.64
CA GLU H 1543 -121.85 -26.48 15.21
C GLU H 1543 -120.52 -26.51 14.45
N PRO H 1544 -120.55 -26.91 13.18
CA PRO H 1544 -119.31 -26.91 12.39
C PRO H 1544 -118.76 -25.51 12.20
N ASN H 1545 -117.45 -25.43 11.98
CA ASN H 1545 -116.65 -24.22 11.83
C ASN H 1545 -116.52 -23.47 13.15
N THR H 1546 -116.98 -24.04 14.26
CA THR H 1546 -116.82 -23.39 15.55
C THR H 1546 -115.34 -23.32 15.91
N LYS H 1547 -114.93 -22.17 16.42
CA LYS H 1547 -113.53 -21.91 16.77
C LYS H 1547 -113.42 -21.80 18.28
N LEU H 1548 -112.52 -22.60 18.87
CA LEU H 1548 -112.45 -22.73 20.31
C LEU H 1548 -111.01 -22.56 20.79
N PHE H 1549 -110.85 -21.84 21.91
CA PHE H 1549 -109.55 -21.64 22.53
C PHE H 1549 -109.48 -22.41 23.83
N PRO H 1550 -108.41 -23.15 24.10
CA PRO H 1550 -108.22 -23.72 25.43
C PRO H 1550 -108.14 -22.61 26.46
N ALA H 1551 -108.87 -22.77 27.56
CA ALA H 1551 -108.96 -21.72 28.55
C ALA H 1551 -109.15 -22.29 29.95
N VAL H 1552 -108.64 -21.56 30.94
CA VAL H 1552 -108.77 -21.93 32.35
C VAL H 1552 -109.11 -20.68 33.14
N PHE H 1553 -110.15 -20.77 33.95
CA PHE H 1553 -110.57 -19.69 34.84
C PHE H 1553 -110.29 -20.14 36.27
N VAL H 1554 -109.50 -19.37 37.01
CA VAL H 1554 -109.06 -19.80 38.33
C VAL H 1554 -108.93 -18.61 39.26
N LEU H 1555 -109.26 -18.83 40.54
CA LEU H 1555 -108.99 -17.91 41.62
C LEU H 1555 -107.82 -18.47 42.44
N PRO H 1556 -106.65 -17.86 42.37
CA PRO H 1556 -105.46 -18.48 42.94
C PRO H 1556 -105.47 -18.53 44.46
N THR H 1557 -105.26 -19.72 45.01
CA THR H 1557 -105.11 -19.92 46.45
C THR H 1557 -103.79 -20.57 46.82
N HIS H 1558 -102.79 -20.50 45.94
CA HIS H 1558 -101.52 -21.17 46.16
C HIS H 1558 -100.45 -20.48 45.31
N GLN H 1559 -99.18 -20.72 45.64
CA GLN H 1559 -98.10 -20.07 44.92
C GLN H 1559 -98.08 -20.49 43.45
N ASN H 1560 -98.26 -21.78 43.18
CA ASN H 1560 -98.39 -22.30 41.83
C ASN H 1560 -99.83 -22.73 41.63
N VAL H 1561 -100.51 -22.14 40.64
CA VAL H 1561 -101.95 -22.27 40.57
C VAL H 1561 -102.35 -23.45 39.68
N ILE H 1562 -102.04 -23.38 38.38
CA ILE H 1562 -102.47 -24.38 37.43
C ILE H 1562 -101.34 -24.66 36.45
N GLN H 1563 -101.57 -25.58 35.53
CA GLN H 1563 -100.58 -25.96 34.53
C GLN H 1563 -101.29 -26.44 33.27
N PHE H 1564 -100.87 -25.92 32.12
CA PHE H 1564 -101.41 -26.31 30.82
C PHE H 1564 -100.53 -27.41 30.24
N GLU H 1565 -101.04 -28.63 30.19
CA GLU H 1565 -100.30 -29.74 29.61
C GLU H 1565 -100.83 -30.03 28.21
N LEU H 1566 -99.96 -29.89 27.22
CA LEU H 1566 -100.32 -30.19 25.83
C LEU H 1566 -99.89 -31.62 25.49
N GLY H 1567 -100.35 -32.55 26.33
CA GLY H 1567 -100.04 -33.95 26.11
C GLY H 1567 -101.02 -34.60 25.17
N LYS H 1568 -100.80 -35.89 24.93
CA LYS H 1568 -101.66 -36.69 24.06
C LYS H 1568 -102.06 -37.97 24.79
N GLN H 1569 -103.33 -38.30 24.74
CA GLN H 1569 -103.79 -39.58 25.26
C GLN H 1569 -103.46 -40.68 24.25
N LYS H 1570 -103.55 -41.92 24.70
CA LYS H 1570 -103.30 -43.03 23.80
C LYS H 1570 -104.36 -43.05 22.70
N ASN H 1571 -103.89 -43.15 21.46
CA ASN H 1571 -104.71 -43.12 20.25
C ASN H 1571 -105.41 -41.78 20.06
N ILE H 1572 -104.97 -40.73 20.73
CA ILE H 1572 -105.57 -39.40 20.62
C ILE H 1572 -104.49 -38.41 20.20
N MET H 1573 -104.81 -37.61 19.18
CA MET H 1573 -103.84 -36.70 18.62
C MET H 1573 -103.56 -35.57 19.62
N PRO H 1574 -102.35 -35.03 19.63
CA PRO H 1574 -102.06 -33.89 20.51
C PRO H 1574 -102.66 -32.60 19.96
N LEU H 1575 -102.74 -31.60 20.84
CA LEU H 1575 -103.48 -30.38 20.54
C LEU H 1575 -102.73 -29.50 19.56
N SER H 1576 -101.39 -29.53 19.61
CA SER H 1576 -100.60 -28.76 18.65
C SER H 1576 -100.86 -29.22 17.23
N ALA H 1577 -101.13 -30.51 17.05
CA ALA H 1577 -101.51 -31.02 15.74
C ALA H 1577 -102.79 -30.35 15.24
N ALA H 1578 -103.76 -30.16 16.15
CA ALA H 1578 -104.99 -29.48 15.77
C ALA H 1578 -104.72 -28.02 15.41
N MET H 1579 -103.89 -27.34 16.20
CA MET H 1579 -103.64 -25.92 15.92
C MET H 1579 -102.91 -25.72 14.60
N PHE H 1580 -101.84 -26.47 14.35
CA PHE H 1580 -100.91 -26.17 13.27
C PHE H 1580 -101.11 -27.13 12.11
N LEU H 1581 -101.09 -26.57 10.89
CA LEU H 1581 -101.35 -27.37 9.69
C LEU H 1581 -100.26 -28.41 9.47
N SER H 1582 -99.01 -28.05 9.70
CA SER H 1582 -97.92 -28.99 9.42
C SER H 1582 -97.85 -30.10 10.46
N GLU H 1583 -98.43 -29.88 11.63
CA GLU H 1583 -98.22 -30.82 12.73
C GLU H 1583 -99.36 -31.84 12.83
N ARG H 1584 -100.40 -31.68 12.02
CA ARG H 1584 -101.56 -32.56 12.16
C ARG H 1584 -101.25 -33.98 11.71
N LYS H 1585 -100.09 -34.19 11.09
CA LYS H 1585 -99.65 -35.55 10.80
C LYS H 1585 -98.67 -36.04 11.86
N ASN H 1586 -98.10 -35.13 12.64
CA ASN H 1586 -97.07 -35.49 13.61
C ASN H 1586 -97.71 -35.76 14.97
N PRO H 1587 -97.60 -36.98 15.50
CA PRO H 1587 -98.22 -37.25 16.81
C PRO H 1587 -97.42 -36.74 17.98
N ALA H 1588 -96.23 -36.21 17.75
CA ALA H 1588 -95.40 -35.74 18.85
C ALA H 1588 -95.97 -34.43 19.40
N PRO H 1589 -96.22 -34.35 20.70
CA PRO H 1589 -96.69 -33.08 21.29
C PRO H 1589 -95.64 -31.99 21.15
N GLN H 1590 -96.11 -30.76 20.93
CA GLN H 1590 -95.24 -29.63 20.69
C GLN H 1590 -95.86 -28.36 21.27
N CYS H 1591 -95.01 -27.40 21.58
CA CYS H 1591 -95.42 -26.09 22.08
C CYS H 1591 -94.63 -25.02 21.34
N PRO H 1592 -95.06 -24.65 20.14
CA PRO H 1592 -94.34 -23.63 19.39
C PRO H 1592 -94.45 -22.28 20.07
N PRO H 1593 -93.54 -21.34 19.75
CA PRO H 1593 -93.52 -20.06 20.48
C PRO H 1593 -94.80 -19.26 20.37
N ARG H 1594 -95.50 -19.33 19.25
CA ARG H 1594 -96.72 -18.54 19.09
C ARG H 1594 -97.77 -18.92 20.11
N LEU H 1595 -97.84 -20.20 20.46
CA LEU H 1595 -98.78 -20.65 21.48
C LEU H 1595 -98.29 -20.23 22.85
N GLU H 1596 -99.07 -19.38 23.52
CA GLU H 1596 -98.64 -18.77 24.76
C GLU H 1596 -99.88 -18.31 25.53
N VAL H 1597 -99.73 -18.15 26.83
CA VAL H 1597 -100.88 -17.95 27.71
C VAL H 1597 -101.34 -16.51 27.68
N GLN H 1598 -102.62 -16.30 27.39
CA GLN H 1598 -103.21 -14.97 27.31
C GLN H 1598 -104.15 -14.78 28.50
N MET H 1599 -104.16 -13.57 29.05
CA MET H 1599 -104.95 -13.24 30.22
C MET H 1599 -105.88 -12.08 29.88
N LEU H 1600 -107.02 -12.03 30.57
CA LEU H 1600 -108.06 -11.08 30.21
C LEU H 1600 -107.84 -9.72 30.87
N MET H 1601 -107.70 -8.69 30.04
CA MET H 1601 -107.54 -7.30 30.49
C MET H 1601 -108.86 -6.56 30.33
N PRO H 1602 -109.43 -6.03 31.41
CA PRO H 1602 -110.77 -5.43 31.31
C PRO H 1602 -110.85 -4.22 30.39
N VAL H 1603 -109.82 -3.38 30.35
CA VAL H 1603 -109.85 -2.11 29.63
C VAL H 1603 -108.69 -2.07 28.66
N SER H 1604 -108.96 -1.60 27.44
CA SER H 1604 -107.94 -1.47 26.40
C SER H 1604 -108.12 -0.14 25.70
N TRP H 1605 -107.04 0.36 25.11
CA TRP H 1605 -107.10 1.62 24.37
C TRP H 1605 -107.73 1.41 23.01
N SER H 1606 -108.63 2.31 22.63
CA SER H 1606 -109.30 2.26 21.35
C SER H 1606 -109.31 3.64 20.73
N ARG H 1607 -109.36 3.67 19.40
CA ARG H 1607 -109.26 4.91 18.64
C ARG H 1607 -110.65 5.41 18.24
N MET H 1608 -110.96 6.64 18.62
CA MET H 1608 -112.24 7.23 18.27
C MET H 1608 -112.29 7.51 16.76
N PRO H 1609 -113.40 7.17 16.11
CA PRO H 1609 -113.52 7.49 14.68
C PRO H 1609 -113.52 9.00 14.46
N ASN H 1610 -113.00 9.41 13.30
CA ASN H 1610 -112.97 10.83 12.97
C ASN H 1610 -114.35 11.36 12.66
N HIS H 1611 -115.19 10.54 12.02
CA HIS H 1611 -116.54 10.92 11.64
C HIS H 1611 -117.51 9.89 12.17
N PHE H 1612 -118.67 10.35 12.62
CA PHE H 1612 -119.65 9.50 13.27
C PHE H 1612 -120.94 9.48 12.47
N LEU H 1613 -121.63 8.34 12.48
CA LEU H 1613 -122.88 8.20 11.77
C LEU H 1613 -123.91 9.16 12.34
N GLN H 1614 -124.62 9.87 11.46
CA GLN H 1614 -125.58 10.90 11.84
C GLN H 1614 -126.98 10.31 11.80
N VAL H 1615 -127.62 10.22 12.97
CA VAL H 1615 -128.95 9.65 13.11
C VAL H 1615 -129.87 10.72 13.67
N GLU H 1616 -131.02 10.90 13.04
CA GLU H 1616 -132.01 11.87 13.48
C GLU H 1616 -133.21 11.14 14.06
N THR H 1617 -133.57 11.51 15.28
CA THR H 1617 -134.65 10.85 16.02
C THR H 1617 -135.78 11.86 16.24
N ARG H 1618 -137.01 11.44 15.94
CA ARG H 1618 -138.16 12.30 16.07
C ARG H 1618 -139.42 11.46 16.02
N ARG H 1619 -140.42 11.86 16.79
CA ARG H 1619 -141.73 11.22 16.74
C ARG H 1619 -142.53 11.86 15.61
N ALA H 1620 -142.76 11.09 14.53
CA ALA H 1620 -143.46 11.62 13.38
C ALA H 1620 -144.89 12.02 13.73
N GLY H 1621 -145.55 11.21 14.54
CA GLY H 1621 -146.91 11.51 14.97
C GLY H 1621 -147.31 10.59 16.09
N GLU H 1622 -148.43 10.93 16.72
CA GLU H 1622 -148.95 10.10 17.80
C GLU H 1622 -149.33 8.71 17.29
N ARG H 1623 -149.95 8.65 16.11
CA ARG H 1623 -150.29 7.35 15.53
C ARG H 1623 -149.12 6.76 14.75
N LEU H 1624 -148.25 7.62 14.20
CA LEU H 1624 -147.14 7.13 13.40
C LEU H 1624 -146.02 6.58 14.27
N GLY H 1625 -145.78 7.19 15.42
CA GLY H 1625 -144.75 6.72 16.32
C GLY H 1625 -143.40 7.36 16.06
N TRP H 1626 -142.44 6.99 16.91
CA TRP H 1626 -141.09 7.53 16.81
C TRP H 1626 -140.35 6.95 15.62
N ALA H 1627 -139.58 7.81 14.95
CA ALA H 1627 -138.89 7.46 13.72
C ALA H 1627 -137.40 7.75 13.84
N VAL H 1628 -136.58 6.84 13.33
CA VAL H 1628 -135.15 7.05 13.19
C VAL H 1628 -134.80 6.94 11.72
N GLN H 1629 -133.71 7.59 11.31
CA GLN H 1629 -133.26 7.53 9.93
C GLN H 1629 -131.80 7.96 9.86
N CYS H 1630 -131.08 7.41 8.89
CA CYS H 1630 -129.68 7.73 8.64
C CYS H 1630 -129.41 7.61 7.15
N GLN H 1631 -129.16 8.74 6.50
CA GLN H 1631 -129.08 8.80 5.05
C GLN H 1631 -127.67 8.98 4.52
N ASP H 1632 -126.69 9.24 5.37
CA ASP H 1632 -125.34 9.55 4.94
C ASP H 1632 -124.41 8.37 5.17
N PRO H 1633 -123.84 7.78 4.13
CA PRO H 1633 -122.99 6.60 4.31
C PRO H 1633 -121.68 6.92 5.01
N LEU H 1634 -121.15 5.92 5.72
CA LEU H 1634 -119.85 6.01 6.36
C LEU H 1634 -119.21 4.63 6.35
N THR H 1635 -118.03 4.54 5.74
CA THR H 1635 -117.29 3.29 5.63
C THR H 1635 -115.91 3.49 6.25
N MET H 1636 -115.31 2.39 6.72
CA MET H 1636 -113.98 2.42 7.29
C MET H 1636 -113.20 1.20 6.82
N MET H 1637 -111.88 1.35 6.70
CA MET H 1637 -111.03 0.22 6.43
C MET H 1637 -110.83 -0.60 7.69
N ALA H 1638 -111.04 -1.91 7.59
CA ALA H 1638 -111.01 -2.80 8.74
C ALA H 1638 -109.90 -3.83 8.56
N LEU H 1639 -109.04 -3.96 9.56
CA LEU H 1639 -108.00 -4.97 9.59
C LEU H 1639 -108.45 -6.12 10.47
N HIS H 1640 -108.46 -7.32 9.90
CA HIS H 1640 -109.06 -8.50 10.53
C HIS H 1640 -107.96 -9.48 10.90
N ILE H 1641 -107.94 -9.91 12.16
CA ILE H 1641 -107.07 -10.97 12.62
C ILE H 1641 -107.84 -12.28 12.55
N PRO H 1642 -107.42 -13.24 11.71
CA PRO H 1642 -108.22 -14.46 11.55
C PRO H 1642 -108.33 -15.30 12.81
N GLU H 1643 -107.22 -15.54 13.51
CA GLU H 1643 -107.28 -16.36 14.71
C GLU H 1643 -108.14 -15.72 15.79
N GLU H 1644 -107.99 -14.41 15.98
CA GLU H 1644 -108.78 -13.73 17.00
C GLU H 1644 -110.23 -13.59 16.58
N ASN H 1645 -110.50 -13.67 15.27
CA ASN H 1645 -111.84 -13.48 14.71
C ASN H 1645 -112.43 -12.13 15.13
N ARG H 1646 -111.60 -11.10 15.13
CA ARG H 1646 -112.04 -9.73 15.38
C ARG H 1646 -111.32 -8.80 14.42
N CYS H 1647 -111.88 -7.61 14.25
CA CYS H 1647 -111.32 -6.62 13.34
C CYS H 1647 -111.16 -5.29 14.07
N MET H 1648 -110.18 -4.50 13.63
CA MET H 1648 -109.97 -3.15 14.13
C MET H 1648 -109.76 -2.23 12.95
N ASP H 1649 -109.91 -0.93 13.21
CA ASP H 1649 -109.67 0.07 12.17
C ASP H 1649 -108.22 0.03 11.71
N ILE H 1650 -108.01 0.28 10.42
CA ILE H 1650 -106.66 0.35 9.89
C ILE H 1650 -105.91 1.54 10.49
N LEU H 1651 -106.65 2.56 10.95
CA LEU H 1651 -106.01 3.72 11.54
C LEU H 1651 -105.52 3.42 12.95
N GLU H 1652 -106.07 2.37 13.57
CA GLU H 1652 -105.55 1.92 14.86
C GLU H 1652 -104.13 1.42 14.73
N LEU H 1653 -103.72 1.05 13.51
CA LEU H 1653 -102.40 0.47 13.31
C LEU H 1653 -101.31 1.50 13.50
N SER H 1654 -101.67 2.78 13.51
CA SER H 1654 -100.68 3.84 13.70
C SER H 1654 -100.09 3.79 15.11
N GLU H 1655 -100.83 3.21 16.06
CA GLU H 1655 -100.35 3.17 17.43
C GLU H 1655 -99.79 1.80 17.79
N ARG H 1656 -100.18 0.76 17.04
CA ARG H 1656 -99.66 -0.59 17.23
C ARG H 1656 -98.54 -0.82 16.22
N LEU H 1657 -97.31 -0.55 16.64
CA LEU H 1657 -96.20 -0.48 15.71
C LEU H 1657 -95.83 -1.85 15.17
N ASP H 1658 -95.94 -2.90 15.99
CA ASP H 1658 -95.61 -4.25 15.51
C ASP H 1658 -96.55 -4.68 14.40
N LEU H 1659 -97.86 -4.47 14.60
CA LEU H 1659 -98.83 -4.80 13.56
C LEU H 1659 -98.64 -3.93 12.33
N GLN H 1660 -98.32 -2.65 12.53
CA GLN H 1660 -98.09 -1.78 11.39
C GLN H 1660 -96.90 -2.26 10.57
N ARG H 1661 -95.80 -2.65 11.23
CA ARG H 1661 -94.65 -3.17 10.54
C ARG H 1661 -94.97 -4.45 9.79
N PHE H 1662 -95.70 -5.36 10.44
CA PHE H 1662 -96.05 -6.61 9.78
C PHE H 1662 -96.91 -6.37 8.56
N HIS H 1663 -97.86 -5.44 8.65
CA HIS H 1663 -98.72 -5.17 7.50
C HIS H 1663 -97.96 -4.47 6.38
N SER H 1664 -97.05 -3.57 6.72
CA SER H 1664 -96.23 -2.93 5.69
C SER H 1664 -95.39 -3.96 4.96
N HIS H 1665 -94.79 -4.89 5.69
CA HIS H 1665 -94.00 -5.93 5.04
C HIS H 1665 -94.89 -6.90 4.27
N THR H 1666 -96.15 -7.06 4.70
CA THR H 1666 -97.09 -7.85 3.91
C THR H 1666 -97.39 -7.19 2.57
N LEU H 1667 -97.57 -5.87 2.57
CA LEU H 1667 -97.75 -5.15 1.32
C LEU H 1667 -96.50 -5.27 0.44
N ARG H 1668 -95.32 -5.20 1.06
CA ARG H 1668 -94.09 -5.39 0.32
C ARG H 1668 -94.03 -6.79 -0.30
N LEU H 1669 -94.50 -7.79 0.44
CA LEU H 1669 -94.54 -9.14 -0.09
C LEU H 1669 -95.51 -9.25 -1.26
N TYR H 1670 -96.66 -8.59 -1.17
CA TYR H 1670 -97.57 -8.53 -2.31
C TYR H 1670 -96.88 -7.95 -3.53
N ARG H 1671 -96.16 -6.83 -3.34
CA ARG H 1671 -95.43 -6.23 -4.45
C ARG H 1671 -94.41 -7.21 -5.02
N ALA H 1672 -93.67 -7.89 -4.15
CA ALA H 1672 -92.62 -8.80 -4.61
C ALA H 1672 -93.20 -9.96 -5.42
N VAL H 1673 -94.29 -10.55 -4.94
CA VAL H 1673 -94.86 -11.69 -5.64
C VAL H 1673 -95.51 -11.25 -6.95
N CYS H 1674 -96.03 -10.03 -7.00
CA CYS H 1674 -96.61 -9.52 -8.24
C CYS H 1674 -95.61 -8.76 -9.09
N ALA H 1675 -94.34 -8.74 -8.72
CA ALA H 1675 -93.36 -7.89 -9.38
C ALA H 1675 -92.97 -8.45 -10.75
N LEU H 1676 -92.50 -7.54 -11.60
CA LEU H 1676 -91.85 -7.87 -12.86
C LEU H 1676 -92.78 -8.64 -13.80
N GLY H 1677 -94.05 -8.25 -13.83
CA GLY H 1677 -94.96 -8.75 -14.85
C GLY H 1677 -95.63 -10.06 -14.57
N ASN H 1678 -95.82 -10.43 -13.30
CA ASN H 1678 -96.56 -11.63 -12.95
C ASN H 1678 -98.05 -11.26 -12.88
N ASN H 1679 -98.69 -11.30 -14.04
CA ASN H 1679 -100.06 -10.80 -14.15
C ASN H 1679 -101.06 -11.74 -13.48
N ARG H 1680 -100.78 -13.04 -13.51
CA ARG H 1680 -101.62 -13.98 -12.78
C ARG H 1680 -101.63 -13.66 -11.29
N VAL H 1681 -100.45 -13.43 -10.72
CA VAL H 1681 -100.36 -13.06 -9.32
C VAL H 1681 -100.99 -11.69 -9.08
N ALA H 1682 -100.92 -10.81 -10.08
CA ALA H 1682 -101.57 -9.52 -9.97
C ALA H 1682 -103.08 -9.67 -9.83
N HIS H 1683 -103.69 -10.55 -10.64
CA HIS H 1683 -105.11 -10.83 -10.51
C HIS H 1683 -105.42 -11.45 -9.15
N ALA H 1684 -104.59 -12.40 -8.72
CA ALA H 1684 -104.79 -13.00 -7.41
C ALA H 1684 -104.76 -11.96 -6.31
N LEU H 1685 -103.86 -10.98 -6.42
CA LEU H 1685 -103.81 -9.88 -5.47
C LEU H 1685 -105.06 -9.04 -5.55
N CYS H 1686 -105.56 -8.81 -6.78
CA CYS H 1686 -106.81 -8.06 -6.94
C CYS H 1686 -107.95 -8.74 -6.21
N SER H 1687 -107.89 -10.06 -6.07
CA SER H 1687 -108.87 -10.74 -5.25
C SER H 1687 -108.72 -10.36 -3.77
N HIS H 1688 -107.49 -10.15 -3.32
CA HIS H 1688 -107.26 -9.91 -1.89
C HIS H 1688 -107.41 -8.44 -1.54
N VAL H 1689 -106.93 -7.54 -2.40
CA VAL H 1689 -107.07 -6.11 -2.20
C VAL H 1689 -107.97 -5.56 -3.31
N ASP H 1690 -109.16 -5.10 -2.92
CA ASP H 1690 -110.12 -4.61 -3.88
C ASP H 1690 -109.68 -3.26 -4.45
N GLN H 1691 -110.20 -2.94 -5.64
CA GLN H 1691 -109.89 -1.66 -6.24
C GLN H 1691 -110.49 -0.51 -5.43
N ALA H 1692 -111.70 -0.70 -4.90
CA ALA H 1692 -112.29 0.31 -4.03
C ALA H 1692 -111.46 0.46 -2.76
N GLN H 1693 -110.95 -0.65 -2.24
CA GLN H 1693 -110.06 -0.61 -1.09
C GLN H 1693 -108.82 0.21 -1.39
N LEU H 1694 -108.20 -0.02 -2.55
CA LEU H 1694 -107.00 0.73 -2.92
C LEU H 1694 -107.31 2.22 -3.06
N LEU H 1695 -108.41 2.56 -3.72
CA LEU H 1695 -108.75 3.97 -3.90
C LEU H 1695 -109.02 4.66 -2.57
N HIS H 1696 -109.75 3.99 -1.67
CA HIS H 1696 -110.03 4.59 -0.38
C HIS H 1696 -108.76 4.74 0.44
N ALA H 1697 -107.84 3.77 0.34
CA ALA H 1697 -106.56 3.89 1.01
C ALA H 1697 -105.77 5.06 0.45
N LEU H 1698 -105.87 5.30 -0.85
CA LEU H 1698 -105.22 6.47 -1.44
C LEU H 1698 -105.78 7.76 -0.86
N GLU H 1699 -107.11 7.87 -0.79
CA GLU H 1699 -107.75 9.11 -0.35
C GLU H 1699 -107.63 9.34 1.15
N ASP H 1700 -107.46 8.30 1.95
CA ASP H 1700 -107.50 8.41 3.40
C ASP H 1700 -106.27 9.18 3.88
N ALA H 1701 -106.49 10.18 4.73
CA ALA H 1701 -105.41 11.06 5.15
C ALA H 1701 -104.80 10.62 6.47
N HIS H 1702 -105.60 10.01 7.35
CA HIS H 1702 -105.09 9.63 8.66
C HIS H 1702 -104.27 8.35 8.59
N LEU H 1703 -104.20 7.75 7.40
CA LEU H 1703 -103.49 6.50 7.25
C LEU H 1703 -102.00 6.71 7.51
N PRO H 1704 -101.38 5.88 8.36
CA PRO H 1704 -99.96 6.08 8.67
C PRO H 1704 -99.09 5.96 7.41
N GLY H 1705 -97.98 6.71 7.42
CA GLY H 1705 -97.16 6.90 6.24
C GLY H 1705 -96.59 5.66 5.60
N PRO H 1706 -95.98 4.74 6.35
CA PRO H 1706 -95.48 3.52 5.70
C PRO H 1706 -96.57 2.72 5.01
N LEU H 1707 -97.73 2.61 5.63
CA LEU H 1707 -98.82 1.83 5.03
C LEU H 1707 -99.42 2.58 3.84
N ARG H 1708 -99.47 3.90 3.91
CA ARG H 1708 -99.97 4.69 2.79
C ARG H 1708 -99.05 4.55 1.57
N ALA H 1709 -97.74 4.66 1.79
CA ALA H 1709 -96.79 4.44 0.70
C ALA H 1709 -96.88 3.01 0.18
N GLY H 1710 -97.05 2.04 1.08
CA GLY H 1710 -97.20 0.66 0.65
C GLY H 1710 -98.43 0.46 -0.22
N TYR H 1711 -99.54 1.13 0.11
CA TYR H 1711 -100.76 0.97 -0.68
C TYR H 1711 -100.64 1.65 -2.04
N TYR H 1712 -100.02 2.83 -2.08
CA TYR H 1712 -99.76 3.46 -3.37
C TYR H 1712 -98.90 2.56 -4.25
N ASP H 1713 -97.80 2.06 -3.70
CA ASP H 1713 -96.92 1.18 -4.47
C ASP H 1713 -97.62 -0.12 -4.85
N LEU H 1714 -98.55 -0.57 -4.00
CA LEU H 1714 -99.30 -1.78 -4.33
C LEU H 1714 -100.22 -1.56 -5.52
N LEU H 1715 -100.92 -0.42 -5.54
CA LEU H 1715 -101.75 -0.12 -6.71
C LEU H 1715 -100.89 -0.05 -7.97
N ILE H 1716 -99.74 0.61 -7.88
CA ILE H 1716 -98.86 0.73 -9.04
C ILE H 1716 -98.37 -0.65 -9.47
N SER H 1717 -97.98 -1.50 -8.52
CA SER H 1717 -97.38 -2.79 -8.85
C SER H 1717 -98.44 -3.81 -9.21
N ILE H 1718 -99.72 -3.47 -9.03
CA ILE H 1718 -100.78 -4.37 -9.50
C ILE H 1718 -101.22 -3.98 -10.90
N HIS H 1719 -101.46 -2.68 -11.14
CA HIS H 1719 -102.09 -2.29 -12.39
C HIS H 1719 -101.16 -1.60 -13.38
N LEU H 1720 -100.18 -0.80 -12.92
CA LEU H 1720 -99.55 0.14 -13.82
C LEU H 1720 -98.13 -0.27 -14.19
N GLU H 1721 -97.56 -1.26 -13.50
CA GLU H 1721 -96.12 -1.51 -13.60
C GLU H 1721 -95.74 -2.01 -14.99
N SER H 1722 -96.52 -2.96 -15.54
CA SER H 1722 -96.13 -3.57 -16.81
C SER H 1722 -96.35 -2.61 -17.97
N ALA H 1723 -97.47 -1.88 -17.95
CA ALA H 1723 -97.71 -0.87 -18.96
C ALA H 1723 -96.63 0.20 -18.90
N CYS H 1724 -96.26 0.63 -17.70
CA CYS H 1724 -95.22 1.64 -17.56
C CYS H 1724 -93.88 1.13 -18.11
N ARG H 1725 -93.52 -0.11 -17.80
CA ARG H 1725 -92.25 -0.64 -18.29
C ARG H 1725 -92.24 -0.74 -19.81
N SER H 1726 -93.31 -1.27 -20.39
CA SER H 1726 -93.36 -1.38 -21.84
C SER H 1726 -93.33 -0.01 -22.51
N ARG H 1727 -94.06 0.96 -21.95
CA ARG H 1727 -94.06 2.29 -22.51
C ARG H 1727 -92.68 2.93 -22.41
N ARG H 1728 -92.00 2.75 -21.27
CA ARG H 1728 -90.66 3.29 -21.12
C ARG H 1728 -89.70 2.67 -22.14
N SER H 1729 -89.82 1.37 -22.36
CA SER H 1729 -88.99 0.72 -23.38
C SER H 1729 -89.26 1.32 -24.76
N MET H 1730 -90.53 1.62 -25.05
CA MET H 1730 -90.87 2.17 -26.37
C MET H 1730 -90.46 3.62 -26.50
N LEU H 1731 -90.36 4.35 -25.39
CA LEU H 1731 -90.26 5.81 -25.45
C LEU H 1731 -88.96 6.28 -26.09
N SER H 1732 -87.87 5.52 -25.92
CA SER H 1732 -86.59 5.97 -26.43
C SER H 1732 -86.59 6.08 -27.95
N GLU H 1733 -87.31 5.19 -28.62
CA GLU H 1733 -87.33 5.17 -30.08
C GLU H 1733 -88.48 6.00 -30.62
N TYR H 1734 -88.22 6.71 -31.72
CA TYR H 1734 -89.23 7.53 -32.39
C TYR H 1734 -89.42 7.02 -33.80
N ILE H 1735 -90.64 6.54 -34.10
CA ILE H 1735 -91.05 6.24 -35.47
C ILE H 1735 -92.22 7.15 -35.80
N VAL H 1736 -92.10 7.89 -36.89
CA VAL H 1736 -93.03 8.96 -37.23
C VAL H 1736 -93.73 8.60 -38.53
N PRO H 1737 -95.01 8.23 -38.50
CA PRO H 1737 -95.75 8.04 -39.75
C PRO H 1737 -95.89 9.35 -40.49
N LEU H 1738 -95.88 9.26 -41.82
CA LEU H 1738 -95.98 10.43 -42.69
C LEU H 1738 -97.45 10.76 -42.93
N THR H 1739 -98.14 11.10 -41.85
CA THR H 1739 -99.55 11.40 -41.87
C THR H 1739 -99.78 12.91 -41.86
N PRO H 1740 -100.96 13.37 -42.30
CA PRO H 1740 -101.23 14.82 -42.25
C PRO H 1740 -101.12 15.39 -40.85
N GLU H 1741 -101.43 14.62 -39.82
CA GLU H 1741 -101.20 15.08 -38.45
C GLU H 1741 -99.73 15.35 -38.22
N THR H 1742 -98.86 14.49 -38.73
CA THR H 1742 -97.42 14.74 -38.67
C THR H 1742 -97.06 16.01 -39.44
N ARG H 1743 -97.65 16.19 -40.62
CA ARG H 1743 -97.35 17.38 -41.41
CA ARG H 1743 -97.35 17.39 -41.41
C ARG H 1743 -97.75 18.65 -40.67
N ALA H 1744 -98.83 18.59 -39.87
CA ALA H 1744 -99.29 19.78 -39.17
C ALA H 1744 -98.33 20.19 -38.05
N ILE H 1745 -97.49 19.25 -37.58
CA ILE H 1745 -96.62 19.54 -36.45
C ILE H 1745 -95.56 20.56 -36.84
N THR H 1746 -95.39 21.56 -35.99
CA THR H 1746 -94.38 22.59 -36.17
C THR H 1746 -93.58 22.74 -34.88
N LEU H 1747 -92.34 23.20 -35.02
CA LEU H 1747 -91.45 23.33 -33.86
C LEU H 1747 -92.01 24.32 -32.85
N PHE H 1748 -92.52 25.45 -33.32
CA PHE H 1748 -93.02 26.49 -32.45
C PHE H 1748 -94.51 26.71 -32.70
N PRO H 1749 -95.30 26.89 -31.65
CA PRO H 1749 -96.66 27.39 -31.84
C PRO H 1749 -96.62 28.78 -32.43
N PRO H 1750 -97.64 29.19 -33.19
CA PRO H 1750 -97.58 30.49 -33.87
C PRO H 1750 -97.37 31.64 -32.90
N GLY H 1751 -96.54 32.58 -33.31
CA GLY H 1751 -96.21 33.74 -32.48
C GLY H 1751 -96.23 35.04 -33.26
N ARG H 1752 -96.87 36.07 -32.69
CA ARG H 1752 -97.02 37.34 -33.40
C ARG H 1752 -95.70 38.09 -33.48
N LYS H 1753 -94.98 38.17 -32.36
CA LYS H 1753 -93.82 39.07 -32.26
C LYS H 1753 -92.69 38.66 -33.18
N GLY H 1754 -92.44 37.36 -33.31
CA GLY H 1754 -91.33 36.90 -34.12
C GLY H 1754 -91.58 35.62 -34.89
N GLY H 1755 -91.35 35.64 -36.20
CA GLY H 1755 -91.54 34.43 -36.98
C GLY H 1755 -90.54 33.34 -36.64
N ASN H 1756 -89.27 33.71 -36.51
CA ASN H 1756 -88.25 32.72 -36.19
C ASN H 1756 -88.35 32.25 -34.74
N ALA H 1757 -88.51 33.19 -33.81
CA ALA H 1757 -88.57 32.87 -32.38
C ALA H 1757 -89.96 33.17 -31.86
N ARG H 1758 -90.65 32.14 -31.39
CA ARG H 1758 -91.95 32.25 -30.76
C ARG H 1758 -91.88 31.66 -29.37
N ARG H 1759 -92.89 31.95 -28.56
CA ARG H 1759 -92.92 31.43 -27.20
C ARG H 1759 -93.03 29.91 -27.23
N HIS H 1760 -92.21 29.26 -26.40
CA HIS H 1760 -92.24 27.81 -26.31
C HIS H 1760 -93.62 27.34 -25.86
N GLY H 1761 -94.14 26.33 -26.56
CA GLY H 1761 -95.34 25.68 -26.10
C GLY H 1761 -95.08 24.91 -24.81
N LEU H 1762 -96.14 24.73 -24.02
CA LEU H 1762 -95.99 24.01 -22.77
C LEU H 1762 -95.56 22.58 -23.05
N PRO H 1763 -94.49 22.10 -22.40
CA PRO H 1763 -94.02 20.74 -22.67
C PRO H 1763 -95.09 19.71 -22.34
N GLY H 1764 -95.19 18.70 -23.20
CA GLY H 1764 -96.20 17.67 -23.04
C GLY H 1764 -97.57 18.05 -23.54
N VAL H 1765 -97.74 19.26 -24.09
CA VAL H 1765 -99.01 19.72 -24.61
C VAL H 1765 -98.88 19.86 -26.12
N GLY H 1766 -99.75 19.19 -26.83
CA GLY H 1766 -99.73 19.25 -28.28
C GLY H 1766 -100.09 17.90 -28.87
N VAL H 1767 -99.70 17.72 -30.13
CA VAL H 1767 -99.97 16.51 -30.90
C VAL H 1767 -98.65 15.80 -31.15
N THR H 1768 -98.58 14.54 -30.72
CA THR H 1768 -97.42 13.69 -30.97
C THR H 1768 -97.85 12.49 -31.80
N THR H 1769 -97.16 12.25 -32.90
CA THR H 1769 -97.51 11.19 -33.83
C THR H 1769 -96.61 9.96 -33.70
N SER H 1770 -95.62 10.00 -32.81
CA SER H 1770 -94.76 8.84 -32.62
C SER H 1770 -95.60 7.65 -32.14
N LEU H 1771 -95.33 6.48 -32.71
CA LEU H 1771 -96.14 5.30 -32.47
C LEU H 1771 -95.71 4.63 -31.16
N ARG H 1772 -96.68 4.45 -30.27
CA ARG H 1772 -96.50 3.71 -29.03
C ARG H 1772 -97.63 2.69 -28.90
N PRO H 1773 -97.33 1.43 -28.59
CA PRO H 1773 -98.38 0.41 -28.53
C PRO H 1773 -99.41 0.74 -27.48
N PRO H 1774 -100.68 0.46 -27.76
CA PRO H 1774 -101.73 0.73 -26.76
C PRO H 1774 -101.59 -0.17 -25.55
N HIS H 1775 -102.02 0.34 -24.41
CA HIS H 1775 -102.03 -0.45 -23.20
C HIS H 1775 -103.15 -1.49 -23.26
N HIS H 1776 -102.85 -2.70 -22.82
CA HIS H 1776 -103.80 -3.80 -22.84
C HIS H 1776 -104.10 -4.24 -21.41
N PHE H 1777 -105.38 -4.26 -21.06
CA PHE H 1777 -105.80 -4.59 -19.71
C PHE H 1777 -106.94 -5.60 -19.78
N SER H 1778 -107.01 -6.46 -18.76
CA SER H 1778 -108.06 -7.45 -18.66
C SER H 1778 -108.87 -7.21 -17.40
N PRO H 1779 -110.19 -7.22 -17.46
CA PRO H 1779 -111.00 -7.00 -16.27
C PRO H 1779 -110.86 -8.17 -15.31
N PRO H 1780 -110.69 -7.89 -14.02
CA PRO H 1780 -110.60 -8.99 -13.05
C PRO H 1780 -111.96 -9.51 -12.62
N CYS H 1781 -112.28 -10.73 -13.02
CA CYS H 1781 -113.48 -11.42 -12.58
C CYS H 1781 -113.10 -12.83 -12.16
N PHE H 1782 -113.51 -13.22 -10.97
CA PHE H 1782 -113.10 -14.50 -10.42
C PHE H 1782 -114.22 -15.54 -10.44
N VAL H 1783 -115.32 -15.27 -11.15
CA VAL H 1783 -116.34 -16.29 -11.39
C VAL H 1783 -116.23 -16.90 -12.77
N ALA H 1784 -115.31 -16.41 -13.60
CA ALA H 1784 -115.17 -16.93 -14.96
C ALA H 1784 -114.67 -18.37 -14.93
N ALA H 1785 -115.07 -19.15 -15.92
CA ALA H 1785 -114.65 -20.54 -16.00
C ALA H 1785 -113.15 -20.65 -16.22
N LEU H 1786 -112.54 -21.66 -15.62
CA LEU H 1786 -111.12 -21.87 -15.78
C LEU H 1786 -110.81 -22.16 -17.24
N PRO H 1787 -109.70 -21.64 -17.77
CA PRO H 1787 -109.42 -21.83 -19.21
C PRO H 1787 -109.24 -23.29 -19.55
N ALA H 1788 -109.74 -23.67 -20.73
CA ALA H 1788 -109.60 -25.05 -21.19
C ALA H 1788 -108.17 -25.34 -21.62
N ALA H 1789 -107.44 -24.31 -22.03
CA ALA H 1789 -106.06 -24.49 -22.45
C ALA H 1789 -105.19 -24.94 -21.27
N GLY H 1790 -104.24 -25.82 -21.55
CA GLY H 1790 -103.38 -26.32 -20.50
C GLY H 1790 -102.43 -25.25 -19.99
N VAL H 1791 -101.91 -25.46 -18.79
CA VAL H 1791 -100.98 -24.52 -18.19
C VAL H 1791 -99.69 -24.48 -19.01
N ALA H 1792 -98.98 -23.35 -18.94
CA ALA H 1792 -97.77 -23.03 -19.66
C ALA H 1792 -98.02 -22.89 -21.17
N GLU H 1793 -99.25 -23.05 -21.63
CA GLU H 1793 -99.61 -22.89 -23.05
C GLU H 1793 -100.52 -21.71 -23.29
N ALA H 1794 -101.35 -21.35 -22.32
CA ALA H 1794 -102.27 -20.23 -22.49
C ALA H 1794 -101.50 -18.92 -22.64
N PRO H 1795 -102.06 -17.96 -23.36
CA PRO H 1795 -101.35 -16.67 -23.55
C PRO H 1795 -101.16 -15.96 -22.22
N ALA H 1796 -100.10 -15.16 -22.15
CA ALA H 1796 -99.78 -14.43 -20.94
C ALA H 1796 -100.93 -13.52 -20.53
N ARG H 1797 -101.26 -13.56 -19.25
CA ARG H 1797 -102.38 -12.78 -18.73
C ARG H 1797 -102.08 -11.29 -18.87
N LEU H 1798 -103.12 -10.52 -19.14
CA LEU H 1798 -103.01 -9.07 -19.16
C LEU H 1798 -103.11 -8.52 -17.74
N SER H 1799 -102.57 -7.32 -17.55
CA SER H 1799 -102.61 -6.70 -16.24
C SER H 1799 -104.06 -6.38 -15.86
N PRO H 1800 -104.41 -6.45 -14.58
CA PRO H 1800 -105.80 -6.20 -14.18
C PRO H 1800 -106.24 -4.77 -14.53
N ALA H 1801 -107.51 -4.65 -14.89
CA ALA H 1801 -108.04 -3.37 -15.34
C ALA H 1801 -108.33 -2.44 -14.17
N ILE H 1802 -108.28 -1.15 -14.44
CA ILE H 1802 -108.56 -0.10 -13.46
C ILE H 1802 -109.04 1.13 -14.20
N PRO H 1803 -110.05 1.83 -13.68
CA PRO H 1803 -110.59 3.00 -14.38
C PRO H 1803 -109.57 4.13 -14.40
N LEU H 1804 -108.94 4.34 -15.56
CA LEU H 1804 -107.76 5.19 -15.63
C LEU H 1804 -108.15 6.67 -15.56
N GLU H 1805 -109.26 7.06 -16.19
CA GLU H 1805 -109.67 8.45 -16.12
C GLU H 1805 -110.04 8.85 -14.69
N ALA H 1806 -110.78 7.99 -13.99
CA ALA H 1806 -111.11 8.26 -12.60
C ALA H 1806 -109.85 8.31 -11.74
N LEU H 1807 -108.92 7.38 -11.96
CA LEU H 1807 -107.69 7.36 -11.18
C LEU H 1807 -106.86 8.61 -11.44
N ARG H 1808 -106.82 9.08 -12.69
CA ARG H 1808 -106.01 10.25 -13.01
C ARG H 1808 -106.63 11.53 -12.44
N ASP H 1809 -107.97 11.64 -12.48
CA ASP H 1809 -108.62 12.77 -11.83
C ASP H 1809 -108.36 12.74 -10.33
N LYS H 1810 -108.44 11.55 -9.73
CA LYS H 1810 -108.13 11.42 -8.31
C LYS H 1810 -106.71 11.87 -8.01
N ALA H 1811 -105.74 11.44 -8.84
CA ALA H 1811 -104.35 11.78 -8.60
C ALA H 1811 -104.11 13.28 -8.73
N LEU H 1812 -104.75 13.91 -9.71
CA LEU H 1812 -104.67 15.37 -9.81
C LEU H 1812 -105.21 16.04 -8.56
N ARG H 1813 -106.34 15.54 -8.05
CA ARG H 1813 -106.89 16.10 -6.81
C ARG H 1813 -105.93 15.93 -5.65
N MET H 1814 -105.30 14.76 -5.53
CA MET H 1814 -104.35 14.53 -4.45
C MET H 1814 -103.16 15.48 -4.56
N LEU H 1815 -102.65 15.67 -5.77
CA LEU H 1815 -101.52 16.58 -5.94
C LEU H 1815 -101.90 18.01 -5.58
N GLY H 1816 -103.08 18.45 -5.98
CA GLY H 1816 -103.52 19.78 -5.61
C GLY H 1816 -103.69 19.94 -4.11
N GLU H 1817 -104.29 18.94 -3.46
CA GLU H 1817 -104.46 19.01 -2.01
C GLU H 1817 -103.12 19.00 -1.28
N ALA H 1818 -102.16 18.20 -1.77
CA ALA H 1818 -100.84 18.17 -1.17
C ALA H 1818 -100.12 19.50 -1.32
N VAL H 1819 -100.26 20.12 -2.49
CA VAL H 1819 -99.68 21.44 -2.71
C VAL H 1819 -100.30 22.46 -1.75
N ARG H 1820 -101.62 22.41 -1.59
CA ARG H 1820 -102.29 23.31 -0.66
C ARG H 1820 -101.81 23.09 0.77
N ASP H 1821 -101.65 21.82 1.17
CA ASP H 1821 -101.17 21.53 2.52
C ASP H 1821 -99.75 22.03 2.72
N GLY H 1822 -98.88 21.82 1.73
CA GLY H 1822 -97.53 22.34 1.83
C GLY H 1822 -97.49 23.85 1.96
N GLY H 1823 -98.36 24.54 1.23
CA GLY H 1823 -98.50 25.97 1.44
C GLY H 1823 -99.00 26.31 2.82
N GLN H 1824 -99.90 25.48 3.36
CA GLN H 1824 -100.45 25.74 4.69
C GLN H 1824 -99.39 25.57 5.77
N HIS H 1825 -98.42 24.70 5.54
CA HIS H 1825 -97.37 24.41 6.53
C HIS H 1825 -97.97 23.89 7.84
N ALA H 1826 -98.90 22.94 7.72
CA ALA H 1826 -99.52 22.36 8.91
C ALA H 1826 -98.52 21.52 9.68
N ARG H 1827 -98.75 21.39 10.99
CA ARG H 1827 -97.85 20.62 11.83
C ARG H 1827 -97.99 19.12 11.57
N ASP H 1828 -99.12 18.70 10.99
CA ASP H 1828 -99.36 17.29 10.75
C ASP H 1828 -99.50 17.02 9.26
N PRO H 1829 -98.43 16.73 8.55
CA PRO H 1829 -98.55 16.33 7.14
C PRO H 1829 -99.19 14.96 7.02
N VAL H 1830 -99.83 14.75 5.86
CA VAL H 1830 -100.44 13.46 5.61
C VAL H 1830 -99.38 12.37 5.61
N GLY H 1831 -99.63 11.30 6.35
CA GLY H 1831 -98.66 10.25 6.53
C GLY H 1831 -97.61 10.53 7.56
N GLY H 1832 -97.68 11.65 8.27
CA GLY H 1832 -96.75 11.97 9.32
C GLY H 1832 -95.49 12.68 8.87
N SER H 1833 -95.30 12.89 7.58
CA SER H 1833 -94.12 13.57 7.07
C SER H 1833 -94.42 14.17 5.71
N VAL H 1834 -93.66 15.22 5.37
CA VAL H 1834 -93.83 15.87 4.07
C VAL H 1834 -93.47 14.89 2.95
N GLU H 1835 -92.39 14.14 3.13
CA GLU H 1835 -92.01 13.17 2.12
C GLU H 1835 -93.05 12.06 2.00
N PHE H 1836 -93.62 11.63 3.12
CA PHE H 1836 -94.65 10.60 3.07
C PHE H 1836 -95.91 11.12 2.40
N GLN H 1837 -96.16 12.43 2.50
CA GLN H 1837 -97.33 13.01 1.86
C GLN H 1837 -97.11 13.17 0.36
N PHE H 1838 -95.89 13.52 -0.05
CA PHE H 1838 -95.69 13.92 -1.44
C PHE H 1838 -95.21 12.76 -2.32
N VAL H 1839 -94.29 11.94 -1.81
CA VAL H 1839 -93.63 10.94 -2.66
C VAL H 1839 -94.61 9.98 -3.31
N PRO H 1840 -95.57 9.37 -2.60
CA PRO H 1840 -96.48 8.43 -3.29
C PRO H 1840 -97.31 9.08 -4.38
N VAL H 1841 -97.88 10.26 -4.11
CA VAL H 1841 -98.68 10.94 -5.11
C VAL H 1841 -97.83 11.31 -6.31
N LEU H 1842 -96.60 11.76 -6.06
CA LEU H 1842 -95.70 12.12 -7.16
C LEU H 1842 -95.35 10.89 -8.00
N LYS H 1843 -95.10 9.74 -7.36
CA LYS H 1843 -94.84 8.54 -8.12
C LYS H 1843 -96.04 8.14 -8.97
N LEU H 1844 -97.24 8.22 -8.41
CA LEU H 1844 -98.42 7.87 -9.17
C LEU H 1844 -98.61 8.80 -10.36
N VAL H 1845 -98.42 10.09 -10.15
CA VAL H 1845 -98.57 11.07 -11.24
C VAL H 1845 -97.52 10.84 -12.32
N SER H 1846 -96.27 10.57 -11.91
CA SER H 1846 -95.22 10.31 -12.88
C SER H 1846 -95.51 9.06 -13.69
N THR H 1847 -95.99 8.00 -13.02
CA THR H 1847 -96.32 6.77 -13.74
C THR H 1847 -97.44 7.01 -14.74
N LEU H 1848 -98.48 7.75 -14.33
CA LEU H 1848 -99.57 8.03 -15.26
C LEU H 1848 -99.11 8.88 -16.43
N LEU H 1849 -98.23 9.86 -16.17
CA LEU H 1849 -97.69 10.68 -17.25
C LEU H 1849 -96.90 9.83 -18.23
N VAL H 1850 -96.05 8.93 -17.73
CA VAL H 1850 -95.29 8.06 -18.61
C VAL H 1850 -96.21 7.18 -19.43
N MET H 1851 -97.24 6.63 -18.79
CA MET H 1851 -98.20 5.79 -19.50
C MET H 1851 -98.99 6.58 -20.52
N GLY H 1852 -99.05 7.91 -20.35
CA GLY H 1852 -99.76 8.76 -21.28
C GLY H 1852 -101.23 8.91 -21.02
N ILE H 1853 -101.70 8.61 -19.82
CA ILE H 1853 -103.13 8.71 -19.51
C ILE H 1853 -103.56 10.17 -19.50
N PHE H 1854 -102.69 11.06 -19.02
CA PHE H 1854 -103.08 12.44 -18.79
C PHE H 1854 -103.35 13.17 -20.10
N GLY H 1855 -104.43 13.95 -20.11
CA GLY H 1855 -104.72 14.78 -21.26
C GLY H 1855 -103.95 16.09 -21.23
N ASP H 1856 -104.23 16.93 -22.24
CA ASP H 1856 -103.51 18.20 -22.35
C ASP H 1856 -103.88 19.15 -21.22
N GLU H 1857 -105.17 19.23 -20.87
CA GLU H 1857 -105.58 20.08 -19.77
C GLU H 1857 -105.01 19.59 -18.44
N ASP H 1858 -104.98 18.27 -18.25
CA ASP H 1858 -104.37 17.72 -17.04
C ASP H 1858 -102.89 18.02 -16.99
N VAL H 1859 -102.21 17.96 -18.13
CA VAL H 1859 -100.79 18.31 -18.17
C VAL H 1859 -100.60 19.77 -17.82
N LYS H 1860 -101.49 20.64 -18.30
CA LYS H 1860 -101.43 22.04 -17.92
C LYS H 1860 -101.59 22.22 -16.43
N GLN H 1861 -102.54 21.50 -15.83
CA GLN H 1861 -102.73 21.60 -14.38
C GLN H 1861 -101.49 21.11 -13.62
N ILE H 1862 -100.88 20.03 -14.08
CA ILE H 1862 -99.67 19.52 -13.43
C ILE H 1862 -98.55 20.54 -13.54
N LEU H 1863 -98.39 21.15 -14.72
CA LEU H 1863 -97.36 22.17 -14.89
C LEU H 1863 -97.62 23.37 -13.99
N LYS H 1864 -98.87 23.77 -13.84
CA LYS H 1864 -99.21 24.87 -12.94
C LYS H 1864 -98.86 24.52 -11.50
N MET H 1865 -99.15 23.28 -11.09
CA MET H 1865 -98.77 22.85 -9.75
C MET H 1865 -97.26 22.87 -9.55
N ILE H 1866 -96.51 22.47 -10.59
CA ILE H 1866 -95.05 22.49 -10.48
C ILE H 1866 -94.54 23.92 -10.34
N GLU H 1867 -95.00 24.81 -11.22
CA GLU H 1867 -94.59 26.21 -11.17
C GLU H 1867 -95.65 27.09 -11.81
N PRO H 1868 -96.53 27.70 -11.01
CA PRO H 1868 -97.65 28.47 -11.58
C PRO H 1868 -97.23 29.65 -12.43
N GLU H 1869 -96.13 30.32 -12.05
CA GLU H 1869 -95.74 31.53 -12.78
C GLU H 1869 -95.15 31.20 -14.14
N VAL H 1870 -94.26 30.21 -14.21
CA VAL H 1870 -93.54 29.95 -15.45
C VAL H 1870 -94.48 29.37 -16.50
N PHE H 1871 -95.29 28.39 -16.13
CA PHE H 1871 -96.08 27.63 -17.09
C PHE H 1871 -97.47 28.17 -17.32
N THR H 1872 -97.82 29.32 -16.75
CA THR H 1872 -99.08 29.95 -17.09
C THR H 1872 -99.07 30.39 -18.54
N GLU H 1873 -100.24 30.35 -19.17
CA GLU H 1873 -100.37 30.62 -20.60
C GLU H 1873 -101.22 31.87 -20.82
N GLU H 1874 -100.81 32.70 -21.77
CA GLU H 1874 -101.53 33.92 -22.09
C GLU H 1874 -101.71 34.07 -23.60
N LEU H 1922 -102.65 27.57 0.05
CA LEU H 1922 -101.83 28.33 -0.87
C LEU H 1922 -101.35 27.43 -2.02
N GLU H 1923 -101.47 27.94 -3.24
CA GLU H 1923 -101.05 27.20 -4.43
C GLU H 1923 -99.55 27.42 -4.68
N GLU H 1924 -98.78 27.18 -3.63
CA GLU H 1924 -97.34 27.33 -3.71
C GLU H 1924 -96.74 26.37 -4.74
N GLY H 1925 -95.73 26.84 -5.46
CA GLY H 1925 -95.03 25.98 -6.39
C GLY H 1925 -94.27 24.87 -5.67
N LEU H 1926 -94.29 23.69 -6.28
CA LEU H 1926 -93.55 22.57 -5.73
C LEU H 1926 -92.06 22.90 -5.66
N LEU H 1927 -91.54 23.56 -6.69
CA LEU H 1927 -90.14 23.97 -6.67
C LEU H 1927 -89.86 24.96 -5.55
N GLN H 1928 -90.86 25.78 -5.21
CA GLN H 1928 -90.69 26.77 -4.16
C GLN H 1928 -90.87 26.14 -2.78
N MET H 1929 -91.41 24.93 -2.72
CA MET H 1929 -91.82 24.35 -1.45
C MET H 1929 -90.64 23.91 -0.58
N LYS H 1930 -89.42 23.93 -1.11
CA LYS H 1930 -88.21 23.56 -0.37
C LYS H 1930 -88.30 22.12 0.16
N LEU H 1931 -89.09 21.31 -0.55
CA LEU H 1931 -89.38 19.94 -0.18
C LEU H 1931 -88.11 19.09 -0.05
N PRO H 1932 -88.17 17.99 0.70
CA PRO H 1932 -86.96 17.20 0.97
C PRO H 1932 -86.47 16.42 -0.25
N GLU H 1933 -85.47 15.56 0.00
CA GLU H 1933 -84.66 15.00 -1.08
C GLU H 1933 -85.41 13.95 -1.89
N SER H 1934 -86.21 13.10 -1.23
CA SER H 1934 -86.98 12.12 -1.99
C SER H 1934 -88.01 12.81 -2.89
N VAL H 1935 -88.68 13.83 -2.36
CA VAL H 1935 -89.60 14.60 -3.18
C VAL H 1935 -88.85 15.32 -4.29
N LYS H 1936 -87.59 15.70 -4.02
CA LYS H 1936 -86.75 16.27 -5.06
C LYS H 1936 -86.49 15.27 -6.18
N LEU H 1937 -86.25 14.01 -5.81
CA LEU H 1937 -86.02 12.98 -6.81
C LEU H 1937 -87.27 12.76 -7.67
N GLN H 1938 -88.45 12.76 -7.04
CA GLN H 1938 -89.69 12.64 -7.80
C GLN H 1938 -89.89 13.84 -8.71
N MET H 1939 -89.58 15.04 -8.22
CA MET H 1939 -89.61 16.24 -9.05
C MET H 1939 -88.70 16.08 -10.26
N CYS H 1940 -87.51 15.52 -10.05
CA CYS H 1940 -86.59 15.28 -11.14
C CYS H 1940 -87.17 14.30 -12.15
N ASN H 1941 -87.87 13.27 -11.68
CA ASN H 1941 -88.50 12.33 -12.60
C ASN H 1941 -89.55 13.02 -13.47
N LEU H 1942 -90.39 13.85 -12.86
CA LEU H 1942 -91.40 14.56 -13.64
C LEU H 1942 -90.77 15.52 -14.65
N LEU H 1943 -89.74 16.26 -14.21
CA LEU H 1943 -89.07 17.17 -15.12
C LEU H 1943 -88.38 16.42 -16.25
N GLU H 1944 -87.84 15.24 -15.95
CA GLU H 1944 -87.23 14.42 -16.98
C GLU H 1944 -88.27 13.98 -18.01
N TYR H 1945 -89.47 13.61 -17.55
CA TYR H 1945 -90.52 13.26 -18.50
C TYR H 1945 -90.85 14.44 -19.40
N PHE H 1946 -90.93 15.64 -18.83
CA PHE H 1946 -91.25 16.82 -19.64
C PHE H 1946 -90.14 17.13 -20.63
N CYS H 1947 -88.89 16.96 -20.24
CA CYS H 1947 -87.78 17.16 -21.17
C CYS H 1947 -87.80 16.13 -22.29
N ASP H 1948 -88.18 14.89 -21.97
CA ASP H 1948 -88.35 13.89 -23.02
C ASP H 1948 -89.46 14.28 -23.98
N GLN H 1949 -90.55 14.85 -23.46
CA GLN H 1949 -91.61 15.35 -24.33
C GLN H 1949 -91.09 16.44 -25.25
N GLU H 1950 -90.26 17.34 -24.73
CA GLU H 1950 -89.69 18.38 -25.58
C GLU H 1950 -88.80 17.80 -26.67
N LEU H 1951 -87.98 16.81 -26.33
CA LEU H 1951 -87.14 16.17 -27.33
C LEU H 1951 -87.99 15.47 -28.39
N GLN H 1952 -89.05 14.80 -27.97
CA GLN H 1952 -89.96 14.15 -28.91
C GLN H 1952 -90.58 15.16 -29.85
N HIS H 1953 -90.99 16.31 -29.31
CA HIS H 1953 -91.57 17.36 -30.15
C HIS H 1953 -90.55 17.87 -31.17
N ARG H 1954 -89.30 18.06 -30.75
CA ARG H 1954 -88.26 18.47 -31.68
C ARG H 1954 -88.09 17.45 -32.80
N VAL H 1955 -88.05 16.17 -32.45
CA VAL H 1955 -87.85 15.13 -33.46
C VAL H 1955 -89.03 15.09 -34.43
N GLU H 1956 -90.25 15.20 -33.91
CA GLU H 1956 -91.43 15.16 -34.77
C GLU H 1956 -91.47 16.36 -35.71
N SER H 1957 -91.11 17.55 -35.21
CA SER H 1957 -91.05 18.71 -36.08
C SER H 1957 -89.98 18.55 -37.15
N LEU H 1958 -88.85 17.95 -36.78
CA LEU H 1958 -87.82 17.63 -37.76
C LEU H 1958 -88.37 16.71 -38.84
N ALA H 1959 -89.14 15.69 -38.46
CA ALA H 1959 -89.71 14.78 -39.44
C ALA H 1959 -90.70 15.48 -40.35
N ALA H 1960 -91.54 16.36 -39.79
CA ALA H 1960 -92.50 17.09 -40.62
C ALA H 1960 -91.80 17.98 -41.64
N PHE H 1961 -90.81 18.76 -41.18
CA PHE H 1961 -90.05 19.58 -42.11
C PHE H 1961 -89.33 18.71 -43.14
N ALA H 1962 -88.87 17.53 -42.72
CA ALA H 1962 -88.26 16.60 -43.66
C ALA H 1962 -89.22 16.23 -44.77
N GLU H 1963 -90.48 15.93 -44.40
CA GLU H 1963 -91.47 15.59 -45.40
C GLU H 1963 -91.68 16.72 -46.41
N ARG H 1964 -91.93 17.94 -45.91
CA ARG H 1964 -92.18 19.03 -46.84
C ARG H 1964 -90.95 19.30 -47.71
N TYR H 1965 -89.76 19.27 -47.10
CA TYR H 1965 -88.55 19.60 -47.83
C TYR H 1965 -88.23 18.55 -48.89
N VAL H 1966 -88.45 17.27 -48.59
CA VAL H 1966 -88.16 16.25 -49.60
C VAL H 1966 -89.16 16.34 -50.73
N ASP H 1967 -90.41 16.68 -50.43
CA ASP H 1967 -91.36 16.90 -51.51
C ASP H 1967 -90.90 18.01 -52.45
N LYS H 1968 -90.51 19.16 -51.87
CA LYS H 1968 -90.04 20.27 -52.70
C LYS H 1968 -88.77 19.91 -53.47
N LEU H 1969 -87.84 19.20 -52.81
CA LEU H 1969 -86.60 18.83 -53.47
C LEU H 1969 -86.83 17.86 -54.61
N GLN H 1970 -87.75 16.91 -54.44
CA GLN H 1970 -88.06 15.98 -55.52
C GLN H 1970 -88.68 16.70 -56.70
N ALA H 1971 -89.60 17.64 -56.43
CA ALA H 1971 -90.15 18.44 -57.53
C ALA H 1971 -89.05 19.22 -58.24
N ASN H 1972 -88.14 19.82 -57.47
CA ASN H 1972 -87.05 20.58 -58.07
C ASN H 1972 -86.15 19.69 -58.91
N GLN H 1973 -85.86 18.47 -58.45
CA GLN H 1973 -84.99 17.57 -59.20
C GLN H 1973 -85.66 17.13 -60.50
N ARG H 1974 -86.98 16.89 -60.45
CA ARG H 1974 -87.71 16.61 -61.68
C ARG H 1974 -87.60 17.78 -62.66
N SER H 1975 -87.75 19.00 -62.15
CA SER H 1975 -87.59 20.16 -63.02
C SER H 1975 -86.18 20.24 -63.60
N ARG H 1976 -85.16 19.97 -62.77
CA ARG H 1976 -83.79 20.02 -63.25
C ARG H 1976 -83.55 19.02 -64.37
N TYR H 1977 -84.08 17.80 -64.23
CA TYR H 1977 -83.99 16.84 -65.32
C TYR H 1977 -84.71 17.35 -66.55
N ALA H 1978 -85.88 17.97 -66.37
CA ALA H 1978 -86.65 18.49 -67.50
C ALA H 1978 -85.84 19.50 -68.30
N LEU H 1979 -85.24 20.49 -67.63
CA LEU H 1979 -84.42 21.45 -68.37
C LEU H 1979 -83.08 20.83 -68.80
N LEU H 1980 -82.68 19.73 -68.17
CA LEU H 1980 -81.44 19.09 -68.59
C LEU H 1980 -81.60 18.42 -69.95
N MET H 1981 -82.78 17.89 -70.23
CA MET H 1981 -83.02 17.31 -71.55
C MET H 1981 -82.81 18.33 -72.67
N ARG H 1982 -83.36 19.54 -72.51
CA ARG H 1982 -83.11 20.59 -73.51
C ARG H 1982 -81.67 21.07 -73.46
N ALA H 1983 -81.10 21.16 -72.26
CA ALA H 1983 -79.73 21.68 -72.13
C ALA H 1983 -78.72 20.76 -72.80
N PHE H 1984 -79.04 19.48 -72.93
CA PHE H 1984 -78.15 18.57 -73.63
C PHE H 1984 -78.00 18.98 -75.10
N THR H 1985 -79.12 19.33 -75.74
CA THR H 1985 -79.05 19.92 -77.07
C THR H 1985 -78.38 21.28 -77.04
N MET H 1986 -78.59 22.04 -75.96
CA MET H 1986 -77.93 23.34 -75.83
C MET H 1986 -76.41 23.17 -75.78
N SER H 1987 -75.92 22.23 -74.97
CA SER H 1987 -74.51 21.97 -74.83
C SER H 1987 -74.32 20.67 -74.07
N ALA H 1988 -73.43 19.81 -74.57
CA ALA H 1988 -73.17 18.54 -73.89
C ALA H 1988 -72.28 18.73 -72.67
N ALA H 1989 -71.39 19.72 -72.72
CA ALA H 1989 -70.39 19.88 -71.67
C ALA H 1989 -71.03 20.20 -70.32
N GLU H 1990 -72.03 21.09 -70.31
CA GLU H 1990 -72.71 21.42 -69.06
C GLU H 1990 -73.54 20.25 -68.55
N THR H 1991 -74.29 19.60 -69.44
CA THR H 1991 -75.06 18.43 -69.04
C THR H 1991 -74.15 17.25 -68.75
N ALA H 1992 -72.87 17.33 -69.14
CA ALA H 1992 -71.92 16.32 -68.70
C ALA H 1992 -71.79 16.31 -67.19
N ARG H 1993 -71.75 17.49 -66.57
CA ARG H 1993 -71.67 17.54 -65.11
C ARG H 1993 -73.06 17.46 -64.48
N ARG H 1994 -74.03 18.20 -65.03
CA ARG H 1994 -75.38 18.16 -64.47
C ARG H 1994 -76.00 16.77 -64.58
N THR H 1995 -75.47 15.92 -65.47
CA THR H 1995 -75.94 14.55 -65.53
C THR H 1995 -75.24 13.69 -64.49
N ARG H 1996 -73.96 13.99 -64.21
CA ARG H 1996 -73.22 13.24 -63.21
C ARG H 1996 -73.94 13.26 -61.86
N GLU H 1997 -74.53 14.40 -61.51
CA GLU H 1997 -75.21 14.49 -60.22
C GLU H 1997 -76.46 13.63 -60.20
N PHE H 1998 -77.16 13.51 -61.34
CA PHE H 1998 -78.29 12.58 -61.41
C PHE H 1998 -77.81 11.13 -61.37
N ARG H 1999 -76.62 10.86 -61.92
CA ARG H 1999 -76.10 9.49 -61.89
C ARG H 1999 -75.61 9.12 -60.50
N SER H 2000 -75.31 10.12 -59.68
CA SER H 2000 -74.84 9.86 -58.33
C SER H 2000 -75.95 9.21 -57.50
N PRO H 2001 -75.58 8.38 -56.52
CA PRO H 2001 -76.60 7.69 -55.74
C PRO H 2001 -77.46 8.69 -54.98
N PRO H 2002 -78.72 8.34 -54.70
CA PRO H 2002 -79.65 9.33 -54.14
C PRO H 2002 -79.21 9.89 -52.81
N GLN H 2003 -78.52 9.09 -51.99
CA GLN H 2003 -78.00 9.60 -50.73
C GLN H 2003 -76.99 10.72 -50.98
N GLU H 2004 -76.04 10.50 -51.89
CA GLU H 2004 -75.08 11.55 -52.22
C GLU H 2004 -75.77 12.74 -52.88
N GLN H 2005 -76.82 12.48 -53.64
CA GLN H 2005 -77.59 13.57 -54.24
C GLN H 2005 -78.16 14.48 -53.17
N ILE H 2006 -78.85 13.90 -52.19
CA ILE H 2006 -79.47 14.72 -51.17
C ILE H 2006 -78.41 15.31 -50.25
N ASN H 2007 -77.23 14.68 -50.20
CA ASN H 2007 -76.09 15.32 -49.53
C ASN H 2007 -75.70 16.61 -50.21
N MET H 2008 -75.49 16.59 -51.54
CA MET H 2008 -75.01 17.80 -52.19
C MET H 2008 -76.10 18.86 -52.21
N LEU H 2009 -77.36 18.44 -52.36
CA LEU H 2009 -78.45 19.41 -52.31
C LEU H 2009 -78.56 20.04 -50.94
N LEU H 2010 -78.38 19.24 -49.88
CA LEU H 2010 -78.49 19.79 -48.52
C LEU H 2010 -77.29 20.66 -48.18
N HIS H 2011 -76.12 20.36 -48.74
CA HIS H 2011 -74.87 20.96 -48.31
C HIS H 2011 -74.68 22.32 -49.01
N PHE H 2012 -75.24 23.35 -48.37
CA PHE H 2012 -74.98 24.74 -48.71
C PHE H 2012 -74.87 25.62 -47.47
N LYS H 2013 -74.55 25.04 -46.31
CA LYS H 2013 -74.57 25.79 -45.07
C LYS H 2013 -73.49 26.85 -45.02
N ASP H 2014 -72.30 26.54 -45.51
CA ASP H 2014 -71.17 27.45 -45.36
C ASP H 2014 -71.33 28.70 -46.22
N GLU H 2015 -72.27 28.69 -47.16
CA GLU H 2015 -72.64 29.76 -48.07
C GLU H 2015 -71.56 30.07 -49.10
N ALA H 2016 -70.40 29.43 -49.01
CA ALA H 2016 -69.40 29.48 -50.09
C ALA H 2016 -69.61 28.38 -51.12
N ASP H 2017 -70.54 27.47 -50.87
CA ASP H 2017 -70.82 26.35 -51.75
C ASP H 2017 -72.14 26.51 -52.50
N GLU H 2018 -72.62 27.74 -52.68
CA GLU H 2018 -73.88 27.95 -53.38
C GLU H 2018 -73.77 27.57 -54.85
N GLU H 2019 -72.61 27.82 -55.47
CA GLU H 2019 -72.46 27.57 -56.89
C GLU H 2019 -72.57 26.10 -57.23
N ASP H 2020 -72.01 25.22 -56.39
CA ASP H 2020 -72.10 23.79 -56.64
C ASP H 2020 -73.48 23.25 -56.29
N CYS H 2021 -74.15 23.87 -55.32
CA CYS H 2021 -75.49 23.45 -54.95
C CYS H 2021 -76.49 23.90 -56.02
N PRO H 2022 -77.22 22.98 -56.64
CA PRO H 2022 -78.20 23.38 -57.66
C PRO H 2022 -79.56 23.76 -57.10
N LEU H 2023 -79.73 23.77 -55.78
CA LEU H 2023 -81.02 24.05 -55.20
C LEU H 2023 -81.42 25.50 -55.46
N PRO H 2024 -82.71 25.78 -55.61
CA PRO H 2024 -83.14 27.18 -55.73
C PRO H 2024 -82.94 27.94 -54.43
N GLU H 2025 -82.72 29.24 -54.56
CA GLU H 2025 -82.39 30.06 -53.41
C GLU H 2025 -83.55 30.15 -52.43
N ASP H 2026 -84.78 30.12 -52.93
CA ASP H 2026 -85.93 30.14 -52.02
C ASP H 2026 -85.99 28.87 -51.17
N ILE H 2027 -85.72 27.72 -51.78
CA ILE H 2027 -85.69 26.47 -51.03
C ILE H 2027 -84.57 26.49 -49.99
N ARG H 2028 -83.39 26.99 -50.40
CA ARG H 2028 -82.30 27.14 -49.45
C ARG H 2028 -82.70 28.06 -48.30
N GLN H 2029 -83.41 29.14 -48.62
CA GLN H 2029 -83.83 30.09 -47.60
C GLN H 2029 -84.81 29.47 -46.62
N ASP H 2030 -85.75 28.65 -47.12
CA ASP H 2030 -86.68 28.00 -46.21
C ASP H 2030 -85.96 27.01 -45.30
N LEU H 2031 -84.98 26.28 -45.83
CA LEU H 2031 -84.18 25.42 -44.97
C LEU H 2031 -83.44 26.23 -43.90
N GLN H 2032 -82.86 27.37 -44.30
CA GLN H 2032 -82.15 28.20 -43.33
C GLN H 2032 -83.10 28.73 -42.26
N ASP H 2033 -84.31 29.13 -42.65
CA ASP H 2033 -85.29 29.58 -41.67
C ASP H 2033 -85.65 28.48 -40.70
N PHE H 2034 -85.85 27.26 -41.19
CA PHE H 2034 -86.16 26.17 -40.28
C PHE H 2034 -84.99 25.88 -39.35
N HIS H 2035 -83.76 25.99 -39.86
CA HIS H 2035 -82.59 25.79 -39.02
C HIS H 2035 -82.54 26.82 -37.92
N GLN H 2036 -82.83 28.08 -38.25
CA GLN H 2036 -82.89 29.12 -37.23
C GLN H 2036 -83.97 28.84 -36.20
N ASP H 2037 -85.14 28.37 -36.65
CA ASP H 2037 -86.19 28.00 -35.71
C ASP H 2037 -85.75 26.88 -34.79
N LEU H 2038 -85.07 25.87 -35.33
CA LEU H 2038 -84.59 24.77 -34.50
C LEU H 2038 -83.57 25.25 -33.47
N LEU H 2039 -82.66 26.12 -33.90
CA LEU H 2039 -81.68 26.67 -32.96
C LEU H 2039 -82.35 27.48 -31.87
N ALA H 2040 -83.37 28.27 -32.23
CA ALA H 2040 -84.09 29.03 -31.23
C ALA H 2040 -84.81 28.11 -30.25
N HIS H 2041 -85.42 27.04 -30.76
CA HIS H 2041 -86.14 26.12 -29.90
C HIS H 2041 -85.20 25.42 -28.92
N CYS H 2042 -84.02 25.02 -29.39
CA CYS H 2042 -83.08 24.33 -28.51
C CYS H 2042 -82.46 25.28 -27.50
N GLY H 2043 -82.59 26.59 -27.73
CA GLY H 2043 -81.92 27.57 -26.90
C GLY H 2043 -80.44 27.72 -27.20
N ILE H 2044 -79.92 27.01 -28.19
CA ILE H 2044 -78.50 27.07 -28.52
C ILE H 2044 -78.13 28.48 -28.99
N GLN H 2045 -78.94 29.08 -29.85
CA GLN H 2045 -78.69 30.42 -30.33
C GLN H 2045 -79.82 31.33 -29.86
N LEU H 2046 -79.46 32.49 -29.33
CA LEU H 2046 -80.44 33.45 -28.85
C LEU H 2046 -81.27 34.03 -30.00
N GLU H 2088 -86.20 39.63 -15.54
CA GLU H 2088 -86.00 38.27 -16.04
C GLU H 2088 -85.76 37.36 -14.84
N LYS H 2089 -86.37 37.72 -13.71
CA LYS H 2089 -86.30 36.85 -12.53
C LYS H 2089 -86.96 35.51 -12.80
N LYS H 2090 -88.11 35.53 -13.47
CA LYS H 2090 -88.74 34.29 -13.88
C LYS H 2090 -87.92 33.64 -15.00
N PRO H 2091 -87.65 32.34 -14.92
CA PRO H 2091 -86.89 31.68 -16.01
C PRO H 2091 -87.58 31.78 -17.36
N GLN H 2092 -88.91 31.83 -17.38
CA GLN H 2092 -89.76 31.99 -18.56
C GLN H 2092 -89.69 30.79 -19.51
N SER H 2093 -88.96 29.74 -19.18
CA SER H 2093 -88.90 28.55 -20.02
C SER H 2093 -88.55 27.33 -19.16
N LEU H 2094 -88.92 26.16 -19.67
CA LEU H 2094 -88.68 24.93 -18.92
C LEU H 2094 -87.20 24.68 -18.72
N GLN H 2095 -86.40 24.90 -19.76
CA GLN H 2095 -84.97 24.64 -19.67
C GLN H 2095 -84.30 25.55 -18.64
N GLU H 2096 -84.59 26.85 -18.70
CA GLU H 2096 -84.03 27.77 -17.72
C GLU H 2096 -84.53 27.45 -16.32
N LEU H 2097 -85.80 27.08 -16.20
CA LEU H 2097 -86.34 26.73 -14.89
C LEU H 2097 -85.60 25.54 -14.29
N VAL H 2098 -85.39 24.49 -15.09
CA VAL H 2098 -84.70 23.30 -14.59
C VAL H 2098 -83.25 23.65 -14.23
N SER H 2099 -82.58 24.42 -15.07
CA SER H 2099 -81.19 24.78 -14.80
C SER H 2099 -81.07 25.55 -13.49
N HIS H 2100 -81.86 26.62 -13.34
CA HIS H 2100 -81.81 27.41 -12.12
CA HIS H 2100 -81.81 27.41 -12.12
C HIS H 2100 -82.21 26.58 -10.90
N MET H 2101 -83.21 25.72 -11.06
CA MET H 2101 -83.64 24.87 -9.96
C MET H 2101 -82.55 23.92 -9.50
N VAL H 2102 -81.86 23.27 -10.44
CA VAL H 2102 -80.78 22.35 -10.07
C VAL H 2102 -79.65 23.10 -9.39
N VAL H 2103 -79.24 24.23 -9.97
CA VAL H 2103 -78.14 25.01 -9.38
C VAL H 2103 -78.53 25.49 -7.99
N ARG H 2104 -79.79 25.88 -7.81
CA ARG H 2104 -80.20 26.43 -6.52
C ARG H 2104 -80.26 25.34 -5.46
N TRP H 2105 -80.74 24.14 -5.82
CA TRP H 2105 -80.71 23.05 -4.86
C TRP H 2105 -79.29 22.74 -4.43
N ALA H 2106 -78.39 22.62 -5.41
CA ALA H 2106 -77.00 22.28 -5.09
C ALA H 2106 -76.33 23.37 -4.26
N GLN H 2107 -76.68 24.63 -4.53
CA GLN H 2107 -76.14 25.73 -3.73
C GLN H 2107 -76.73 25.71 -2.32
N GLU H 2108 -77.98 25.31 -2.19
CA GLU H 2108 -78.64 25.34 -0.87
C GLU H 2108 -78.08 24.26 0.04
N ASP H 2109 -77.90 23.05 -0.47
CA ASP H 2109 -77.44 22.00 0.42
C ASP H 2109 -76.60 20.97 -0.32
N TYR H 2110 -75.68 20.36 0.41
CA TYR H 2110 -74.92 19.22 -0.10
C TYR H 2110 -75.86 18.02 -0.21
N VAL H 2111 -76.03 17.53 -1.43
CA VAL H 2111 -76.96 16.44 -1.71
C VAL H 2111 -76.32 15.14 -1.25
N GLN H 2112 -77.04 14.41 -0.40
CA GLN H 2112 -76.51 13.16 0.13
C GLN H 2112 -76.82 11.98 -0.80
N SER H 2113 -77.97 12.03 -1.47
CA SER H 2113 -78.40 10.89 -2.26
C SER H 2113 -77.65 10.84 -3.59
N PRO H 2114 -76.87 9.78 -3.84
CA PRO H 2114 -76.20 9.66 -5.15
C PRO H 2114 -77.19 9.63 -6.31
N GLU H 2115 -78.32 8.95 -6.13
CA GLU H 2115 -79.34 8.93 -7.18
C GLU H 2115 -79.86 10.32 -7.46
N LEU H 2116 -80.13 11.09 -6.40
CA LEU H 2116 -80.65 12.44 -6.58
C LEU H 2116 -79.64 13.32 -7.30
N VAL H 2117 -78.37 13.28 -6.89
CA VAL H 2117 -77.40 14.16 -7.51
C VAL H 2117 -77.17 13.76 -8.97
N ARG H 2118 -77.12 12.46 -9.24
CA ARG H 2118 -76.99 11.99 -10.61
C ARG H 2118 -78.16 12.46 -11.46
N ALA H 2119 -79.39 12.35 -10.93
CA ALA H 2119 -80.56 12.77 -11.69
C ALA H 2119 -80.55 14.26 -11.98
N MET H 2120 -80.23 15.08 -10.98
CA MET H 2120 -80.28 16.52 -11.19
C MET H 2120 -79.19 16.97 -12.17
N PHE H 2121 -78.00 16.37 -12.09
CA PHE H 2121 -76.95 16.75 -13.02
C PHE H 2121 -77.24 16.25 -14.43
N SER H 2122 -77.88 15.09 -14.56
CA SER H 2122 -78.32 14.64 -15.87
C SER H 2122 -79.33 15.62 -16.46
N LEU H 2123 -80.28 16.07 -15.65
CA LEU H 2123 -81.25 17.05 -16.13
C LEU H 2123 -80.56 18.35 -16.55
N LEU H 2124 -79.62 18.82 -15.75
CA LEU H 2124 -78.91 20.05 -16.08
C LEU H 2124 -78.15 19.92 -17.39
N HIS H 2125 -77.49 18.78 -17.60
CA HIS H 2125 -76.77 18.55 -18.84
C HIS H 2125 -77.73 18.53 -20.03
N ARG H 2126 -78.90 17.89 -19.85
CA ARG H 2126 -79.88 17.87 -20.94
C ARG H 2126 -80.35 19.28 -21.28
N GLN H 2127 -80.58 20.11 -20.27
CA GLN H 2127 -81.00 21.48 -20.55
C GLN H 2127 -79.90 22.27 -21.24
N TYR H 2128 -78.63 22.03 -20.88
CA TYR H 2128 -77.56 22.85 -21.44
C TYR H 2128 -77.24 22.49 -22.88
N ASP H 2129 -77.44 21.22 -23.27
CA ASP H 2129 -77.13 20.79 -24.64
C ASP H 2129 -78.37 20.16 -25.28
N GLY H 2130 -79.26 21.03 -25.76
CA GLY H 2130 -80.42 20.55 -26.49
C GLY H 2130 -80.05 20.03 -27.87
N LEU H 2131 -79.10 20.71 -28.53
CA LEU H 2131 -78.65 20.24 -29.83
C LEU H 2131 -77.94 18.90 -29.70
N GLY H 2132 -77.14 18.72 -28.65
CA GLY H 2132 -76.53 17.41 -28.43
C GLY H 2132 -77.54 16.34 -28.14
N GLU H 2133 -78.57 16.66 -27.34
CA GLU H 2133 -79.63 15.69 -27.08
C GLU H 2133 -80.32 15.29 -28.38
N LEU H 2134 -80.64 16.26 -29.23
CA LEU H 2134 -81.29 15.96 -30.50
C LEU H 2134 -80.37 15.15 -31.41
N LEU H 2135 -79.07 15.45 -31.40
CA LEU H 2135 -78.12 14.68 -32.19
C LEU H 2135 -78.08 13.24 -31.76
N ARG H 2136 -78.08 12.98 -30.45
CA ARG H 2136 -78.06 11.60 -29.99
C ARG H 2136 -79.40 10.90 -30.23
N ALA H 2137 -80.50 11.66 -30.22
CA ALA H 2137 -81.82 11.05 -30.41
C ALA H 2137 -82.09 10.74 -31.87
N LEU H 2138 -81.55 11.53 -32.78
CA LEU H 2138 -81.88 11.37 -34.20
C LEU H 2138 -81.60 9.99 -34.77
N PRO H 2139 -80.49 9.30 -34.45
CA PRO H 2139 -80.32 7.94 -35.00
C PRO H 2139 -81.45 7.01 -34.64
N ARG H 2140 -82.14 7.26 -33.53
CA ARG H 2140 -83.28 6.43 -33.16
C ARG H 2140 -84.50 6.78 -33.98
N ALA H 2141 -84.51 7.97 -34.59
CA ALA H 2141 -85.68 8.44 -35.32
C ALA H 2141 -85.81 7.73 -36.66
N TYR H 2142 -87.05 7.50 -37.08
CA TYR H 2142 -87.35 6.84 -38.34
C TYR H 2142 -88.72 7.30 -38.82
N THR H 2143 -88.87 7.36 -40.15
CA THR H 2143 -90.13 7.76 -40.76
C THR H 2143 -90.62 6.65 -41.67
N ILE H 2144 -91.92 6.33 -41.54
CA ILE H 2144 -92.54 5.25 -42.31
C ILE H 2144 -93.79 5.79 -42.99
N SER H 2145 -94.20 5.10 -44.05
CA SER H 2145 -95.43 5.44 -44.74
C SER H 2145 -96.64 5.10 -43.87
N PRO H 2146 -97.75 5.84 -44.01
CA PRO H 2146 -98.94 5.52 -43.20
C PRO H 2146 -99.49 4.13 -43.46
N SER H 2147 -99.21 3.55 -44.63
CA SER H 2147 -99.71 2.21 -44.93
C SER H 2147 -99.09 1.17 -44.01
N SER H 2148 -97.81 1.32 -43.68
CA SER H 2148 -97.13 0.30 -42.89
C SER H 2148 -97.32 0.53 -41.40
N VAL H 2149 -98.22 1.43 -41.02
CA VAL H 2149 -98.39 1.80 -39.62
C VAL H 2149 -98.86 0.61 -38.80
N GLU H 2150 -99.89 -0.09 -39.28
CA GLU H 2150 -100.46 -1.18 -38.49
C GLU H 2150 -99.49 -2.34 -38.34
N ASP H 2151 -98.84 -2.72 -39.44
CA ASP H 2151 -97.90 -3.83 -39.39
C ASP H 2151 -96.69 -3.49 -38.52
N THR H 2152 -96.17 -2.27 -38.66
CA THR H 2152 -95.10 -1.82 -37.78
C THR H 2152 -95.55 -1.82 -36.33
N MET H 2153 -96.83 -1.53 -36.10
CA MET H 2153 -97.34 -1.44 -34.73
C MET H 2153 -97.39 -2.82 -34.11
N SER H 2154 -97.82 -3.82 -34.89
CA SER H 2154 -97.79 -5.20 -34.42
C SER H 2154 -96.36 -5.66 -34.16
N LEU H 2155 -95.43 -5.26 -35.03
CA LEU H 2155 -94.03 -5.57 -34.81
C LEU H 2155 -93.54 -4.98 -33.49
N LEU H 2156 -93.94 -3.74 -33.19
CA LEU H 2156 -93.57 -3.12 -31.93
C LEU H 2156 -94.18 -3.87 -30.76
N GLU H 2157 -95.41 -4.36 -30.90
CA GLU H 2157 -96.01 -5.16 -29.84
C GLU H 2157 -95.21 -6.43 -29.57
N CYS H 2158 -94.82 -7.13 -30.62
CA CYS H 2158 -94.01 -8.35 -30.43
C CYS H 2158 -92.66 -8.03 -29.81
N LEU H 2159 -92.03 -6.92 -30.23
CA LEU H 2159 -90.77 -6.52 -29.64
C LEU H 2159 -90.93 -6.19 -28.16
N GLY H 2160 -92.05 -5.58 -27.79
CA GLY H 2160 -92.32 -5.32 -26.38
C GLY H 2160 -92.50 -6.61 -25.60
N GLN H 2161 -93.19 -7.59 -26.18
CA GLN H 2161 -93.30 -8.89 -25.53
C GLN H 2161 -91.93 -9.51 -25.32
N ILE H 2162 -91.05 -9.39 -26.31
CA ILE H 2162 -89.70 -9.93 -26.15
C ILE H 2162 -88.95 -9.22 -25.02
N ARG H 2163 -89.00 -7.89 -25.02
CA ARG H 2163 -88.25 -7.15 -24.00
C ARG H 2163 -88.82 -7.37 -22.60
N SER H 2164 -90.10 -7.77 -22.53
CA SER H 2164 -90.72 -7.97 -21.22
C SER H 2164 -90.16 -9.20 -20.52
N LEU H 2165 -89.62 -10.16 -21.28
CA LEU H 2165 -89.22 -11.43 -20.67
C LEU H 2165 -87.75 -11.41 -20.25
N LEU H 2166 -86.99 -10.42 -20.70
CA LEU H 2166 -85.59 -10.36 -20.31
C LEU H 2166 -85.44 -10.16 -18.81
N ILE H 2167 -86.31 -9.36 -18.21
CA ILE H 2167 -86.30 -9.18 -16.76
C ILE H 2167 -86.86 -10.42 -16.06
N VAL H 2168 -87.55 -11.28 -16.81
CA VAL H 2168 -88.13 -12.47 -16.24
C VAL H 2168 -87.15 -13.63 -16.33
N GLN H 2169 -87.04 -14.41 -15.25
CA GLN H 2169 -86.18 -15.58 -15.27
C GLN H 2169 -86.66 -16.57 -16.31
N MET H 2170 -85.73 -17.12 -17.09
CA MET H 2170 -86.11 -17.84 -18.29
C MET H 2170 -86.67 -19.21 -17.95
N GLY H 2171 -87.80 -19.55 -18.55
CA GLY H 2171 -88.47 -20.80 -18.29
C GLY H 2171 -89.16 -21.35 -19.52
N PRO H 2172 -89.88 -22.48 -19.35
CA PRO H 2172 -90.49 -23.12 -20.53
C PRO H 2172 -91.61 -22.32 -21.18
N GLN H 2173 -92.58 -21.84 -20.41
CA GLN H 2173 -93.66 -21.07 -20.99
C GLN H 2173 -93.14 -19.75 -21.56
N GLU H 2174 -92.20 -19.12 -20.86
CA GLU H 2174 -91.56 -17.93 -21.39
C GLU H 2174 -90.86 -18.22 -22.70
N GLU H 2175 -90.24 -19.40 -22.81
CA GLU H 2175 -89.59 -19.78 -24.05
C GLU H 2175 -90.60 -19.96 -25.18
N ASN H 2176 -91.74 -20.58 -24.88
CA ASN H 2176 -92.77 -20.70 -25.91
C ASN H 2176 -93.24 -19.33 -26.37
N LEU H 2177 -93.44 -18.40 -25.43
CA LEU H 2177 -93.89 -17.06 -25.79
C LEU H 2177 -92.84 -16.34 -26.63
N MET H 2178 -91.56 -16.48 -26.27
CA MET H 2178 -90.49 -15.89 -27.07
C MET H 2178 -90.44 -16.48 -28.46
N ILE H 2179 -90.60 -17.79 -28.59
CA ILE H 2179 -90.61 -18.41 -29.92
C ILE H 2179 -91.75 -17.84 -30.75
N GLN H 2180 -92.94 -17.70 -30.14
CA GLN H 2180 -94.07 -17.15 -30.86
C GLN H 2180 -93.80 -15.71 -31.29
N SER H 2181 -93.24 -14.90 -30.39
CA SER H 2181 -92.98 -13.49 -30.71
C SER H 2181 -91.95 -13.37 -31.83
N ILE H 2182 -90.88 -14.16 -31.77
CA ILE H 2182 -89.86 -14.11 -32.81
C ILE H 2182 -90.46 -14.53 -34.14
N GLY H 2183 -91.26 -15.59 -34.14
CA GLY H 2183 -91.90 -16.02 -35.37
C GLY H 2183 -92.81 -14.96 -35.95
N ASN H 2184 -93.56 -14.26 -35.10
CA ASN H 2184 -94.40 -13.16 -35.57
C ASN H 2184 -93.56 -12.06 -36.19
N ILE H 2185 -92.41 -11.75 -35.57
CA ILE H 2185 -91.54 -10.71 -36.13
C ILE H 2185 -91.02 -11.11 -37.51
N MET H 2186 -90.58 -12.36 -37.66
CA MET H 2186 -90.13 -12.80 -38.98
C MET H 2186 -91.26 -12.75 -40.00
N ASN H 2187 -92.47 -13.14 -39.58
CA ASN H 2187 -93.60 -13.13 -40.51
C ASN H 2187 -93.99 -11.71 -40.91
N ASN H 2188 -93.56 -10.72 -40.14
CA ASN H 2188 -93.92 -9.33 -40.44
C ASN H 2188 -93.13 -8.81 -41.63
N LYS H 2189 -93.85 -8.14 -42.55
CA LYS H 2189 -93.20 -7.63 -43.76
C LYS H 2189 -92.39 -6.37 -43.47
N VAL H 2190 -92.76 -5.63 -42.42
CA VAL H 2190 -91.99 -4.45 -42.04
C VAL H 2190 -90.59 -4.86 -41.59
N PHE H 2191 -90.46 -6.07 -41.03
CA PHE H 2191 -89.15 -6.59 -40.67
C PHE H 2191 -88.30 -6.83 -41.91
N TYR H 2192 -88.94 -6.90 -43.08
CA TYR H 2192 -88.19 -7.08 -44.32
C TYR H 2192 -87.90 -5.74 -44.98
N GLN H 2193 -88.89 -4.85 -45.00
CA GLN H 2193 -88.81 -3.64 -45.80
C GLN H 2193 -87.93 -2.58 -45.16
N HIS H 2194 -87.75 -2.63 -43.84
CA HIS H 2194 -87.01 -1.60 -43.10
C HIS H 2194 -85.97 -2.25 -42.19
N PRO H 2195 -84.93 -2.85 -42.78
CA PRO H 2195 -83.84 -3.36 -41.94
C PRO H 2195 -83.15 -2.28 -41.15
N ASN H 2196 -83.13 -1.05 -41.67
CA ASN H 2196 -82.57 0.05 -40.89
C ASN H 2196 -83.41 0.35 -39.66
N LEU H 2197 -84.73 0.29 -39.78
CA LEU H 2197 -85.59 0.45 -38.61
C LEU H 2197 -85.38 -0.68 -37.62
N MET H 2198 -85.22 -1.91 -38.11
CA MET H 2198 -84.92 -3.02 -37.22
C MET H 2198 -83.59 -2.80 -36.49
N ARG H 2199 -82.58 -2.30 -37.20
CA ARG H 2199 -81.29 -2.01 -36.56
C ARG H 2199 -81.44 -0.92 -35.50
N ALA H 2200 -82.18 0.14 -35.82
CA ALA H 2200 -82.37 1.23 -34.86
C ALA H 2200 -83.09 0.75 -33.62
N LEU H 2201 -84.09 -0.13 -33.79
CA LEU H 2201 -84.79 -0.67 -32.63
C LEU H 2201 -83.88 -1.52 -31.78
N GLY H 2202 -82.80 -2.04 -32.35
CA GLY H 2202 -81.91 -2.91 -31.60
C GLY H 2202 -82.45 -4.29 -31.35
N MET H 2203 -83.41 -4.75 -32.17
CA MET H 2203 -84.02 -6.05 -31.92
C MET H 2203 -83.03 -7.18 -32.11
N HIS H 2204 -82.06 -7.02 -33.01
CA HIS H 2204 -81.03 -8.03 -33.14
C HIS H 2204 -80.21 -8.12 -31.87
N GLU H 2205 -79.88 -6.98 -31.27
CA GLU H 2205 -79.20 -7.00 -29.98
C GLU H 2205 -80.06 -7.68 -28.92
N THR H 2206 -81.36 -7.39 -28.91
CA THR H 2206 -82.25 -7.98 -27.90
C THR H 2206 -82.29 -9.50 -28.01
N VAL H 2207 -82.48 -10.01 -29.23
CA VAL H 2207 -82.45 -11.44 -29.43
C VAL H 2207 -81.09 -12.00 -29.08
N MET H 2208 -80.03 -11.19 -29.26
CA MET H 2208 -78.72 -11.66 -28.84
C MET H 2208 -78.61 -11.80 -27.33
N GLU H 2209 -79.17 -10.85 -26.55
CA GLU H 2209 -79.03 -11.03 -25.11
C GLU H 2209 -79.89 -12.18 -24.61
N VAL H 2210 -81.05 -12.44 -25.24
CA VAL H 2210 -81.78 -13.65 -24.80
C VAL H 2210 -80.97 -14.90 -25.15
N MET H 2211 -80.36 -14.92 -26.34
CA MET H 2211 -79.38 -15.96 -26.67
C MET H 2211 -78.34 -16.13 -25.56
N VAL H 2212 -77.68 -15.05 -25.17
CA VAL H 2212 -76.49 -15.18 -24.33
C VAL H 2212 -76.89 -15.51 -22.90
N ASN H 2213 -78.04 -15.04 -22.45
CA ASN H 2213 -78.53 -15.50 -21.15
C ASN H 2213 -78.78 -17.00 -21.17
N VAL H 2214 -79.53 -17.48 -22.18
CA VAL H 2214 -79.84 -18.90 -22.25
C VAL H 2214 -78.56 -19.72 -22.32
N LEU H 2215 -77.58 -19.26 -23.09
CA LEU H 2215 -76.33 -20.01 -23.22
C LEU H 2215 -75.49 -19.95 -21.95
N GLY H 2216 -75.12 -18.73 -21.54
CA GLY H 2216 -74.20 -18.59 -20.41
C GLY H 2216 -74.80 -19.04 -19.10
N GLY H 2217 -76.08 -19.39 -19.08
CA GLY H 2217 -76.67 -20.05 -17.95
C GLY H 2217 -76.39 -21.54 -18.02
N GLY H 2218 -75.35 -21.97 -17.30
CA GLY H 2218 -74.98 -23.37 -17.22
C GLY H 2218 -74.74 -24.06 -18.55
N GLU H 2219 -73.84 -23.51 -19.38
CA GLU H 2219 -73.66 -24.04 -20.73
C GLU H 2219 -73.19 -25.50 -20.73
N THR H 2220 -72.11 -25.79 -20.02
CA THR H 2220 -71.45 -27.08 -20.18
C THR H 2220 -72.24 -28.20 -19.50
N LYS H 2221 -72.80 -27.92 -18.32
CA LYS H 2221 -73.51 -28.96 -17.57
C LYS H 2221 -74.74 -29.43 -18.33
N GLU H 2222 -75.47 -28.52 -18.95
CA GLU H 2222 -76.68 -28.89 -19.68
C GLU H 2222 -76.98 -27.82 -20.71
N ILE H 2223 -77.66 -28.23 -21.78
CA ILE H 2223 -78.17 -27.33 -22.80
C ILE H 2223 -79.67 -27.25 -22.62
N ARG H 2224 -80.17 -26.06 -22.30
CA ARG H 2224 -81.59 -25.87 -22.02
C ARG H 2224 -82.14 -24.79 -22.95
N PHE H 2225 -83.41 -24.96 -23.31
CA PHE H 2225 -84.09 -24.14 -24.32
C PHE H 2225 -83.36 -24.21 -25.66
N PRO H 2226 -83.10 -25.43 -26.16
CA PRO H 2226 -82.47 -25.54 -27.48
C PRO H 2226 -83.35 -24.97 -28.60
N LYS H 2227 -84.67 -25.07 -28.45
CA LYS H 2227 -85.55 -24.44 -29.43
C LYS H 2227 -85.45 -22.92 -29.36
N MET H 2228 -85.19 -22.39 -28.16
CA MET H 2228 -84.81 -20.98 -28.07
C MET H 2228 -83.56 -20.68 -28.90
N VAL H 2229 -82.55 -21.54 -28.82
CA VAL H 2229 -81.33 -21.29 -29.60
C VAL H 2229 -81.62 -21.33 -31.10
N THR H 2230 -82.44 -22.30 -31.53
CA THR H 2230 -82.77 -22.40 -32.95
C THR H 2230 -83.54 -21.18 -33.44
N SER H 2231 -84.53 -20.72 -32.65
CA SER H 2231 -85.25 -19.52 -33.03
C SER H 2231 -84.32 -18.31 -33.02
N CYS H 2232 -83.33 -18.32 -32.12
CA CYS H 2232 -82.37 -17.23 -32.06
C CYS H 2232 -81.55 -17.14 -33.34
N CYS H 2233 -81.12 -18.27 -33.90
CA CYS H 2233 -80.79 -18.18 -35.33
C CYS H 2233 -81.93 -17.65 -36.15
N ARG H 2234 -83.02 -18.40 -36.29
CA ARG H 2234 -84.01 -18.03 -37.31
C ARG H 2234 -84.06 -16.52 -37.44
N PHE H 2235 -84.23 -15.82 -36.32
CA PHE H 2235 -84.19 -14.37 -36.32
C PHE H 2235 -82.82 -13.82 -36.74
N LEU H 2236 -81.76 -14.08 -35.95
CA LEU H 2236 -80.47 -13.41 -36.17
C LEU H 2236 -79.76 -13.92 -37.43
N CYS H 2237 -79.71 -15.22 -37.59
CA CYS H 2237 -79.22 -15.84 -38.82
C CYS H 2237 -79.91 -15.23 -40.06
N TYR H 2238 -81.24 -15.09 -40.05
CA TYR H 2238 -81.85 -14.54 -41.25
C TYR H 2238 -81.59 -13.03 -41.31
N PHE H 2239 -81.53 -12.37 -40.15
CA PHE H 2239 -81.16 -10.96 -40.07
C PHE H 2239 -79.86 -10.70 -40.79
N CYS H 2240 -78.87 -11.56 -40.59
CA CYS H 2240 -77.68 -11.54 -41.41
C CYS H 2240 -78.05 -11.67 -42.88
N ARG H 2241 -78.95 -12.58 -43.20
CA ARG H 2241 -79.28 -12.79 -44.62
C ARG H 2241 -79.93 -11.55 -45.26
N ILE H 2242 -80.57 -10.69 -44.47
CA ILE H 2242 -81.37 -9.61 -45.07
C ILE H 2242 -80.47 -8.54 -45.67
N SER H 2243 -79.66 -7.88 -44.84
CA SER H 2243 -78.91 -6.72 -45.29
C SER H 2243 -77.47 -6.81 -44.81
N ARG H 2244 -76.57 -6.13 -45.53
CA ARG H 2244 -75.15 -6.19 -45.19
C ARG H 2244 -74.78 -5.27 -44.05
N GLN H 2245 -75.54 -4.19 -43.84
CA GLN H 2245 -75.36 -3.45 -42.59
C GLN H 2245 -75.72 -4.32 -41.40
N ASN H 2246 -76.79 -5.11 -41.54
CA ASN H 2246 -77.11 -6.12 -40.54
C ASN H 2246 -75.97 -7.13 -40.41
N GLN H 2247 -75.39 -7.52 -41.54
CA GLN H 2247 -74.26 -8.45 -41.51
C GLN H 2247 -73.09 -7.88 -40.74
N ARG H 2248 -72.80 -6.59 -40.94
CA ARG H 2248 -71.71 -5.94 -40.20
C ARG H 2248 -72.02 -5.88 -38.72
N SER H 2249 -73.26 -5.51 -38.37
CA SER H 2249 -73.63 -5.45 -36.96
C SER H 2249 -73.48 -6.81 -36.30
N MET H 2250 -73.82 -7.88 -37.02
CA MET H 2250 -73.62 -9.22 -36.49
C MET H 2250 -72.14 -9.60 -36.48
N PHE H 2251 -71.37 -9.05 -37.42
CA PHE H 2251 -69.93 -9.29 -37.47
C PHE H 2251 -69.25 -8.75 -36.23
N ASP H 2252 -69.73 -7.63 -35.70
CA ASP H 2252 -69.18 -7.12 -34.45
C ASP H 2252 -69.35 -8.13 -33.32
N HIS H 2253 -70.39 -8.97 -33.40
CA HIS H 2253 -70.62 -9.96 -32.36
C HIS H 2253 -70.03 -11.32 -32.74
N LEU H 2254 -69.42 -11.41 -33.92
CA LEU H 2254 -69.00 -12.70 -34.44
C LEU H 2254 -67.93 -13.34 -33.57
N SER H 2255 -67.07 -12.52 -32.97
CA SER H 2255 -66.02 -13.07 -32.12
C SER H 2255 -66.59 -13.87 -30.95
N TYR H 2256 -67.64 -13.34 -30.33
CA TYR H 2256 -68.26 -14.04 -29.21
C TYR H 2256 -69.10 -15.20 -29.73
N LEU H 2257 -69.79 -14.99 -30.86
CA LEU H 2257 -70.57 -16.05 -31.46
C LEU H 2257 -69.72 -17.28 -31.76
N LEU H 2258 -68.44 -17.06 -32.10
CA LEU H 2258 -67.55 -18.18 -32.32
C LEU H 2258 -67.33 -19.00 -31.06
N GLU H 2259 -67.16 -18.34 -29.92
CA GLU H 2259 -67.01 -19.07 -28.66
C GLU H 2259 -68.31 -19.77 -28.29
N ASN H 2260 -69.45 -19.21 -28.72
CA ASN H 2260 -70.71 -19.92 -28.53
C ASN H 2260 -70.81 -21.13 -29.44
N SER H 2261 -70.06 -21.12 -30.55
CA SER H 2261 -70.24 -22.15 -31.57
C SER H 2261 -69.78 -23.52 -31.08
N GLY H 2262 -68.99 -23.56 -30.02
CA GLY H 2262 -68.42 -24.83 -29.57
C GLY H 2262 -69.47 -25.82 -29.10
N ILE H 2263 -70.36 -25.39 -28.22
CA ILE H 2263 -71.31 -26.32 -27.61
C ILE H 2263 -72.61 -26.38 -28.42
N GLY H 2264 -72.97 -25.26 -29.06
CA GLY H 2264 -74.16 -25.26 -29.90
C GLY H 2264 -74.04 -26.20 -31.08
N LEU H 2265 -72.80 -26.53 -31.46
CA LEU H 2265 -72.59 -27.47 -32.56
C LEU H 2265 -73.16 -28.83 -32.22
N GLY H 2266 -72.95 -29.30 -30.99
CA GLY H 2266 -73.56 -30.55 -30.57
C GLY H 2266 -75.07 -30.49 -30.57
N MET H 2267 -75.61 -29.30 -30.29
CA MET H 2267 -77.06 -29.12 -30.34
C MET H 2267 -77.51 -29.13 -31.81
N GLN H 2268 -78.72 -29.65 -32.04
CA GLN H 2268 -79.20 -29.91 -33.39
CA GLN H 2268 -79.21 -29.92 -33.37
C GLN H 2268 -79.62 -28.63 -34.10
N GLY H 2269 -79.70 -28.71 -35.42
CA GLY H 2269 -80.22 -27.59 -36.19
C GLY H 2269 -79.31 -26.39 -36.19
N SER H 2270 -79.92 -25.20 -36.14
CA SER H 2270 -79.18 -23.96 -36.28
C SER H 2270 -78.36 -23.67 -35.02
N THR H 2271 -77.18 -23.10 -35.23
CA THR H 2271 -76.19 -22.87 -34.18
C THR H 2271 -75.59 -21.47 -34.29
N PRO H 2272 -74.97 -20.98 -33.22
CA PRO H 2272 -74.20 -19.73 -33.34
C PRO H 2272 -73.10 -19.81 -34.38
N LEU H 2273 -72.60 -21.01 -34.66
CA LEU H 2273 -71.69 -21.17 -35.79
C LEU H 2273 -72.39 -20.79 -37.09
N ASP H 2274 -73.66 -21.18 -37.24
CA ASP H 2274 -74.43 -20.72 -38.39
C ASP H 2274 -74.62 -19.21 -38.36
N VAL H 2275 -74.78 -18.63 -37.17
CA VAL H 2275 -74.87 -17.17 -37.08
C VAL H 2275 -73.62 -16.53 -37.68
N ALA H 2276 -72.45 -17.00 -37.22
CA ALA H 2276 -71.19 -16.43 -37.67
C ALA H 2276 -70.98 -16.67 -39.16
N ALA H 2277 -71.35 -17.86 -39.64
CA ALA H 2277 -71.21 -18.16 -41.06
C ALA H 2277 -72.09 -17.24 -41.91
N ALA H 2278 -73.32 -17.01 -41.47
CA ALA H 2278 -74.20 -16.10 -42.19
C ALA H 2278 -73.67 -14.67 -42.13
N SER H 2279 -72.91 -14.34 -41.07
CA SER H 2279 -72.35 -13.00 -40.98
C SER H 2279 -71.31 -12.73 -42.06
N VAL H 2280 -70.40 -13.69 -42.29
CA VAL H 2280 -69.26 -13.43 -43.17
C VAL H 2280 -69.61 -13.65 -44.63
N ILE H 2281 -70.56 -14.55 -44.90
CA ILE H 2281 -70.77 -15.03 -46.27
C ILE H 2281 -71.19 -13.87 -47.16
N ASP H 2282 -70.71 -13.90 -48.41
CA ASP H 2282 -70.99 -12.96 -49.50
C ASP H 2282 -70.32 -11.61 -49.32
N ASN H 2283 -69.54 -11.41 -48.25
CA ASN H 2283 -68.87 -10.14 -48.01
C ASN H 2283 -67.37 -10.35 -48.02
N ASN H 2284 -66.73 -9.97 -49.13
CA ASN H 2284 -65.27 -10.02 -49.18
C ASN H 2284 -64.65 -9.09 -48.14
N GLU H 2285 -65.27 -7.94 -47.92
CA GLU H 2285 -64.76 -6.99 -46.93
C GLU H 2285 -64.87 -7.54 -45.52
N LEU H 2286 -65.99 -8.19 -45.20
CA LEU H 2286 -66.10 -8.82 -43.89
C LEU H 2286 -65.14 -9.99 -43.75
N ALA H 2287 -64.86 -10.69 -44.85
CA ALA H 2287 -63.84 -11.73 -44.82
C ALA H 2287 -62.46 -11.14 -44.54
N LEU H 2288 -62.15 -10.00 -45.16
CA LEU H 2288 -60.87 -9.34 -44.91
C LEU H 2288 -60.76 -8.86 -43.47
N ALA H 2289 -61.85 -8.29 -42.95
CA ALA H 2289 -61.83 -7.80 -41.57
C ALA H 2289 -61.81 -8.94 -40.56
N LEU H 2290 -62.03 -10.17 -41.03
CA LEU H 2290 -62.07 -11.31 -40.13
C LEU H 2290 -60.69 -11.54 -39.53
N GLN H 2291 -60.66 -11.81 -38.23
CA GLN H 2291 -59.39 -11.82 -37.50
C GLN H 2291 -58.69 -13.17 -37.62
N GLU H 2292 -57.36 -13.10 -37.74
CA GLU H 2292 -56.55 -14.31 -37.71
C GLU H 2292 -56.68 -15.02 -36.37
N GLN H 2293 -56.93 -14.26 -35.30
CA GLN H 2293 -57.18 -14.89 -34.01
C GLN H 2293 -58.50 -15.66 -34.05
N ASP H 2294 -59.51 -15.10 -34.72
CA ASP H 2294 -60.76 -15.83 -34.91
C ASP H 2294 -60.54 -17.11 -35.68
N LEU H 2295 -59.77 -17.04 -36.76
CA LEU H 2295 -59.44 -18.24 -37.52
C LEU H 2295 -58.71 -19.25 -36.66
N GLU H 2296 -57.80 -18.78 -35.80
CA GLU H 2296 -57.08 -19.66 -34.91
C GLU H 2296 -58.02 -20.35 -33.95
N LYS H 2297 -59.00 -19.63 -33.41
CA LYS H 2297 -59.95 -20.24 -32.49
C LYS H 2297 -60.80 -21.30 -33.19
N VAL H 2298 -61.23 -21.02 -34.42
CA VAL H 2298 -61.99 -22.01 -35.17
C VAL H 2298 -61.14 -23.24 -35.44
N VAL H 2299 -59.87 -23.04 -35.81
CA VAL H 2299 -58.99 -24.17 -36.09
C VAL H 2299 -58.74 -24.98 -34.82
N SER H 2300 -58.65 -24.29 -33.67
CA SER H 2300 -58.49 -24.99 -32.40
C SER H 2300 -59.71 -25.85 -32.10
N TYR H 2301 -60.91 -25.31 -32.36
CA TYR H 2301 -62.13 -26.10 -32.20
C TYR H 2301 -62.10 -27.34 -33.10
N LEU H 2302 -61.70 -27.16 -34.35
CA LEU H 2302 -61.63 -28.28 -35.28
C LEU H 2302 -60.62 -29.32 -34.82
N ALA H 2303 -59.48 -28.86 -34.31
CA ALA H 2303 -58.47 -29.78 -33.78
C ALA H 2303 -59.01 -30.56 -32.59
N GLY H 2304 -59.74 -29.88 -31.71
CA GLY H 2304 -60.39 -30.58 -30.61
C GLY H 2304 -61.34 -31.65 -31.10
N CYS H 2305 -62.09 -31.35 -32.16
CA CYS H 2305 -62.96 -32.37 -32.77
C CYS H 2305 -62.13 -33.52 -33.31
N GLY H 2306 -60.93 -33.24 -33.81
CA GLY H 2306 -60.08 -34.30 -34.32
C GLY H 2306 -59.58 -35.24 -33.23
N LEU H 2307 -59.36 -34.71 -32.03
CA LEU H 2307 -58.79 -35.53 -30.97
C LEU H 2307 -59.83 -36.43 -30.31
N GLN H 2308 -61.00 -35.88 -29.99
CA GLN H 2308 -61.96 -36.57 -29.14
C GLN H 2308 -63.29 -36.75 -29.86
N SER H 2309 -63.94 -37.88 -29.56
CA SER H 2309 -65.30 -38.10 -30.04
C SER H 2309 -66.29 -37.23 -29.27
N CYS H 2310 -67.38 -36.89 -29.92
CA CYS H 2310 -68.39 -36.06 -29.29
C CYS H 2310 -69.10 -36.85 -28.19
N PRO H 2311 -69.52 -36.18 -27.11
CA PRO H 2311 -70.12 -36.93 -25.99
C PRO H 2311 -71.47 -37.53 -26.31
N MET H 2312 -72.29 -36.86 -27.13
CA MET H 2312 -73.64 -37.35 -27.36
C MET H 2312 -73.63 -38.66 -28.13
N LEU H 2313 -72.66 -38.85 -29.02
CA LEU H 2313 -72.53 -40.12 -29.72
C LEU H 2313 -72.30 -41.25 -28.73
N LEU H 2314 -71.45 -41.03 -27.74
CA LEU H 2314 -71.26 -42.02 -26.68
C LEU H 2314 -72.55 -42.22 -25.90
N ALA H 2315 -73.25 -41.13 -25.59
CA ALA H 2315 -74.49 -41.23 -24.82
C ALA H 2315 -75.55 -42.00 -25.59
N LYS H 2316 -75.66 -41.77 -26.90
CA LYS H 2316 -76.65 -42.49 -27.70
C LYS H 2316 -76.35 -43.98 -27.74
N GLY H 2317 -75.11 -44.36 -27.45
CA GLY H 2317 -74.69 -45.74 -27.60
C GLY H 2317 -73.99 -46.03 -28.92
N TYR H 2318 -73.61 -45.01 -29.67
CA TYR H 2318 -72.95 -45.20 -30.94
C TYR H 2318 -71.59 -45.88 -30.73
N PRO H 2319 -71.18 -46.78 -31.62
CA PRO H 2319 -69.82 -47.30 -31.54
C PRO H 2319 -68.84 -46.19 -31.89
N ASP H 2320 -68.11 -45.72 -30.88
CA ASP H 2320 -67.36 -44.47 -30.99
C ASP H 2320 -66.10 -44.66 -31.83
N ILE H 2321 -65.70 -43.59 -32.50
CA ILE H 2321 -64.37 -43.54 -33.11
C ILE H 2321 -63.51 -42.57 -32.29
N GLY H 2322 -62.21 -42.56 -32.59
CA GLY H 2322 -61.32 -41.66 -31.89
C GLY H 2322 -61.67 -40.20 -32.09
N TRP H 2323 -62.39 -39.90 -33.16
CA TRP H 2323 -62.65 -38.52 -33.57
C TRP H 2323 -64.14 -38.32 -33.87
N ASN H 2324 -64.60 -37.08 -33.74
CA ASN H 2324 -65.97 -36.73 -34.04
C ASN H 2324 -66.04 -36.00 -35.37
N PRO H 2325 -66.66 -36.58 -36.39
CA PRO H 2325 -66.64 -35.93 -37.71
C PRO H 2325 -67.65 -34.82 -37.89
N CYS H 2326 -68.75 -34.80 -37.14
CA CYS H 2326 -69.82 -33.84 -37.40
C CYS H 2326 -69.38 -32.41 -37.07
N GLY H 2327 -68.83 -32.20 -35.87
CA GLY H 2327 -68.33 -30.89 -35.54
C GLY H 2327 -67.19 -30.45 -36.45
N GLY H 2328 -66.37 -31.41 -36.86
CA GLY H 2328 -65.35 -31.12 -37.85
C GLY H 2328 -65.96 -30.60 -39.14
N GLU H 2329 -67.03 -31.24 -39.62
CA GLU H 2329 -67.69 -30.79 -40.83
C GLU H 2329 -68.20 -29.36 -40.66
N ARG H 2330 -68.80 -29.08 -39.51
CA ARG H 2330 -69.36 -27.75 -39.31
C ARG H 2330 -68.28 -26.68 -39.30
N TYR H 2331 -67.20 -26.92 -38.56
CA TYR H 2331 -66.10 -25.95 -38.55
C TYR H 2331 -65.46 -25.83 -39.92
N LEU H 2332 -65.35 -26.93 -40.65
CA LEU H 2332 -64.75 -26.88 -41.98
C LEU H 2332 -65.60 -26.05 -42.93
N ASP H 2333 -66.93 -26.17 -42.86
CA ASP H 2333 -67.77 -25.35 -43.73
C ASP H 2333 -67.69 -23.88 -43.33
N PHE H 2334 -67.58 -23.60 -42.03
CA PHE H 2334 -67.37 -22.21 -41.62
C PHE H 2334 -66.08 -21.66 -42.21
N LEU H 2335 -64.99 -22.43 -42.11
CA LEU H 2335 -63.73 -21.97 -42.67
C LEU H 2335 -63.82 -21.83 -44.20
N ARG H 2336 -64.60 -22.70 -44.83
CA ARG H 2336 -64.81 -22.59 -46.27
C ARG H 2336 -65.49 -21.30 -46.64
N PHE H 2337 -66.50 -20.90 -45.87
CA PHE H 2337 -67.10 -19.58 -46.07
C PHE H 2337 -66.08 -18.48 -45.82
N ALA H 2338 -65.20 -18.67 -44.85
CA ALA H 2338 -64.19 -17.67 -44.54
C ALA H 2338 -63.21 -17.46 -45.70
N VAL H 2339 -62.82 -18.55 -46.38
CA VAL H 2339 -61.74 -18.44 -47.36
C VAL H 2339 -62.28 -18.11 -48.74
N PHE H 2340 -63.50 -18.55 -49.05
CA PHE H 2340 -64.08 -18.36 -50.37
C PHE H 2340 -65.23 -17.38 -50.27
N VAL H 2341 -65.18 -16.31 -51.06
CA VAL H 2341 -66.25 -15.32 -51.10
C VAL H 2341 -66.55 -14.99 -52.56
N ASN H 2342 -67.82 -15.10 -52.93
CA ASN H 2342 -68.31 -14.70 -54.25
C ASN H 2342 -67.56 -15.43 -55.37
N GLY H 2343 -67.27 -16.70 -55.15
CA GLY H 2343 -66.59 -17.49 -56.15
C GLY H 2343 -65.12 -17.17 -56.34
N GLU H 2344 -64.53 -16.36 -55.46
CA GLU H 2344 -63.13 -15.98 -55.54
C GLU H 2344 -62.48 -16.20 -54.18
N SER H 2345 -61.27 -16.76 -54.20
CA SER H 2345 -60.55 -16.99 -52.96
C SER H 2345 -59.93 -15.70 -52.45
N VAL H 2346 -59.90 -15.55 -51.12
CA VAL H 2346 -59.21 -14.45 -50.48
C VAL H 2346 -57.88 -14.96 -49.94
N GLU H 2347 -56.79 -14.38 -50.45
CA GLU H 2347 -55.47 -14.95 -50.21
C GLU H 2347 -55.07 -14.91 -48.75
N GLU H 2348 -55.38 -13.80 -48.05
CA GLU H 2348 -54.93 -13.67 -46.67
C GLU H 2348 -55.57 -14.72 -45.78
N ASN H 2349 -56.90 -14.81 -45.82
CA ASN H 2349 -57.60 -15.80 -44.98
C ASN H 2349 -57.24 -17.21 -45.41
N ALA H 2350 -57.10 -17.45 -46.72
CA ALA H 2350 -56.72 -18.78 -47.19
C ALA H 2350 -55.37 -19.18 -46.62
N ASN H 2351 -54.39 -18.28 -46.66
CA ASN H 2351 -53.07 -18.59 -46.15
C ASN H 2351 -53.09 -18.82 -44.64
N VAL H 2352 -53.80 -17.98 -43.90
CA VAL H 2352 -53.86 -18.17 -42.45
C VAL H 2352 -54.49 -19.52 -42.11
N VAL H 2353 -55.59 -19.85 -42.79
CA VAL H 2353 -56.27 -21.12 -42.55
C VAL H 2353 -55.35 -22.28 -42.86
N VAL H 2354 -54.64 -22.22 -44.00
CA VAL H 2354 -53.81 -23.35 -44.40
C VAL H 2354 -52.63 -23.50 -43.45
N ARG H 2355 -52.06 -22.38 -42.96
CA ARG H 2355 -50.95 -22.49 -42.03
C ARG H 2355 -51.40 -23.08 -40.70
N LEU H 2356 -52.55 -22.65 -40.19
CA LEU H 2356 -53.05 -23.22 -38.94
C LEU H 2356 -53.34 -24.71 -39.12
N LEU H 2357 -53.97 -25.07 -40.24
CA LEU H 2357 -54.33 -26.46 -40.49
C LEU H 2357 -53.09 -27.34 -40.56
N ILE H 2358 -52.06 -26.90 -41.28
CA ILE H 2358 -50.85 -27.70 -41.41
C ILE H 2358 -50.09 -27.72 -40.09
N ARG H 2359 -50.29 -26.69 -39.25
CA ARG H 2359 -49.69 -26.72 -37.92
C ARG H 2359 -50.33 -27.78 -37.05
N LYS H 2360 -51.64 -28.00 -37.19
CA LYS H 2360 -52.30 -29.05 -36.41
C LYS H 2360 -52.89 -30.11 -37.34
N PRO H 2361 -52.18 -31.23 -37.55
CA PRO H 2361 -52.71 -32.27 -38.46
C PRO H 2361 -53.96 -32.96 -37.94
N GLU H 2362 -54.23 -32.86 -36.64
CA GLU H 2362 -55.45 -33.45 -36.11
C GLU H 2362 -56.68 -32.85 -36.76
N CYS H 2363 -56.55 -31.61 -37.25
CA CYS H 2363 -57.62 -31.03 -38.06
C CYS H 2363 -57.84 -31.84 -39.33
N PHE H 2364 -56.76 -32.28 -39.96
CA PHE H 2364 -56.90 -33.16 -41.12
C PHE H 2364 -57.56 -34.48 -40.73
N GLY H 2365 -57.18 -35.02 -39.58
CA GLY H 2365 -57.86 -36.18 -39.05
C GLY H 2365 -57.06 -37.46 -39.18
N PRO H 2366 -57.68 -38.59 -38.82
CA PRO H 2366 -56.94 -39.86 -38.83
C PRO H 2366 -56.37 -40.21 -40.19
N ALA H 2367 -57.12 -39.98 -41.26
CA ALA H 2367 -56.52 -40.05 -42.59
C ALA H 2367 -55.80 -38.75 -42.87
N LEU H 2368 -54.77 -38.81 -43.71
CA LEU H 2368 -53.88 -37.69 -43.94
C LEU H 2368 -53.22 -37.22 -42.64
N ARG H 2369 -53.13 -38.14 -41.67
CA ARG H 2369 -52.50 -37.78 -40.40
CA ARG H 2369 -52.49 -37.81 -40.40
C ARG H 2369 -51.02 -37.47 -40.59
N GLY H 2370 -50.35 -38.21 -41.47
CA GLY H 2370 -48.91 -38.11 -41.59
C GLY H 2370 -48.28 -39.35 -41.01
N GLU H 2371 -47.74 -39.24 -39.80
CA GLU H 2371 -47.14 -40.39 -39.15
C GLU H 2371 -48.21 -41.42 -38.83
N GLY H 2372 -48.08 -42.60 -39.43
CA GLY H 2372 -49.00 -43.69 -39.13
C GLY H 2372 -50.43 -43.41 -39.50
N GLY H 2373 -50.66 -42.80 -40.66
CA GLY H 2373 -51.99 -42.48 -41.13
C GLY H 2373 -52.30 -43.17 -42.45
N SER H 2374 -53.51 -43.73 -42.53
CA SER H 2374 -53.95 -44.37 -43.76
C SER H 2374 -54.20 -43.33 -44.84
N GLY H 2375 -54.20 -43.78 -46.09
CA GLY H 2375 -54.48 -42.87 -47.19
C GLY H 2375 -55.92 -42.41 -47.16
N LEU H 2376 -56.17 -41.26 -47.80
CA LEU H 2376 -57.52 -40.71 -47.82
C LEU H 2376 -58.47 -41.62 -48.59
N LEU H 2377 -58.01 -42.18 -49.71
CA LEU H 2377 -58.83 -43.12 -50.47
C LEU H 2377 -59.14 -44.36 -49.64
N ALA H 2378 -58.14 -44.87 -48.92
CA ALA H 2378 -58.37 -46.03 -48.06
C ALA H 2378 -59.38 -45.72 -46.97
N ALA H 2379 -59.29 -44.52 -46.38
CA ALA H 2379 -60.23 -44.13 -45.35
C ALA H 2379 -61.64 -44.01 -45.91
N ILE H 2380 -61.78 -43.47 -47.12
CA ILE H 2380 -63.10 -43.37 -47.73
C ILE H 2380 -63.67 -44.76 -48.00
N GLU H 2381 -62.84 -45.68 -48.49
CA GLU H 2381 -63.31 -47.05 -48.72
C GLU H 2381 -63.70 -47.71 -47.40
N GLU H 2382 -62.94 -47.44 -46.34
CA GLU H 2382 -63.29 -47.97 -45.03
C GLU H 2382 -64.63 -47.40 -44.55
N ALA H 2383 -64.87 -46.12 -44.81
CA ALA H 2383 -66.16 -45.52 -44.45
C ALA H 2383 -67.30 -46.16 -45.22
N ILE H 2384 -67.08 -46.46 -46.51
CA ILE H 2384 -68.10 -47.14 -47.29
C ILE H 2384 -68.37 -48.53 -46.72
N ARG H 2385 -67.30 -49.25 -46.34
CA ARG H 2385 -67.48 -50.56 -45.72
C ARG H 2385 -68.23 -50.45 -44.39
N ILE H 2386 -67.96 -49.39 -43.64
CA ILE H 2386 -68.68 -49.16 -42.38
C ILE H 2386 -70.16 -48.95 -42.66
N SER H 2387 -70.47 -48.15 -43.67
CA SER H 2387 -71.87 -47.92 -44.04
C SER H 2387 -72.54 -49.22 -44.45
N GLU H 2388 -71.82 -50.08 -45.18
CA GLU H 2388 -72.36 -51.39 -45.51
C GLU H 2388 -72.60 -52.21 -44.24
N ASP H 2389 -71.70 -52.10 -43.27
CA ASP H 2389 -71.76 -52.95 -42.09
C ASP H 2389 -72.89 -52.50 -41.16
N PRO H 2390 -73.87 -53.36 -40.88
CA PRO H 2390 -74.92 -53.00 -39.93
C PRO H 2390 -74.34 -52.81 -38.53
N ALA H 2391 -74.93 -51.88 -37.78
CA ALA H 2391 -74.58 -51.54 -36.40
C ALA H 2391 -73.22 -50.86 -36.30
N ARG H 2392 -72.51 -50.66 -37.41
CA ARG H 2392 -71.31 -49.83 -37.36
C ARG H 2392 -71.66 -48.36 -37.51
N ASP H 2393 -72.56 -48.03 -38.45
CA ASP H 2393 -73.01 -46.65 -38.60
C ASP H 2393 -73.78 -46.18 -37.38
N GLY H 2394 -74.64 -47.04 -36.82
CA GLY H 2394 -75.52 -46.63 -35.76
C GLY H 2394 -75.40 -47.50 -34.52
N PRO H 2395 -76.04 -47.07 -33.43
CA PRO H 2395 -75.93 -47.82 -32.18
C PRO H 2395 -76.69 -49.14 -32.21
N GLY H 2396 -77.92 -49.14 -32.73
CA GLY H 2396 -78.74 -50.33 -32.70
C GLY H 2396 -79.08 -50.79 -31.30
N VAL H 2397 -79.41 -49.85 -30.41
CA VAL H 2397 -79.71 -50.16 -29.03
C VAL H 2397 -80.98 -51.01 -28.94
N PRO H 2410 -83.73 -43.49 -40.21
CA PRO H 2410 -83.78 -42.33 -39.32
C PRO H 2410 -85.19 -41.87 -39.00
N PRO H 2411 -85.92 -42.65 -38.20
CA PRO H 2411 -87.29 -42.25 -37.83
C PRO H 2411 -87.36 -40.91 -37.13
N GLU H 2412 -86.37 -40.59 -36.29
CA GLU H 2412 -86.35 -39.31 -35.61
C GLU H 2412 -85.75 -38.22 -36.50
N GLU H 2413 -85.12 -38.62 -37.59
CA GLU H 2413 -84.45 -37.80 -38.60
C GLU H 2413 -83.16 -37.18 -38.07
N ASN H 2414 -82.88 -37.30 -36.78
CA ASN H 2414 -81.60 -36.89 -36.22
C ASN H 2414 -80.58 -38.01 -36.23
N ARG H 2415 -80.95 -39.18 -36.74
CA ARG H 2415 -80.03 -40.30 -36.81
C ARG H 2415 -78.84 -39.96 -37.70
N VAL H 2416 -77.65 -40.25 -37.18
CA VAL H 2416 -76.39 -39.93 -37.86
C VAL H 2416 -75.71 -41.24 -38.22
N HIS H 2417 -75.31 -41.36 -39.48
CA HIS H 2417 -74.60 -42.55 -39.96
C HIS H 2417 -73.10 -42.24 -39.94
N LEU H 2418 -72.34 -43.08 -39.24
CA LEU H 2418 -70.92 -42.78 -39.03
C LEU H 2418 -70.13 -42.80 -40.33
N GLY H 2419 -70.42 -43.74 -41.21
CA GLY H 2419 -69.73 -43.76 -42.48
C GLY H 2419 -69.96 -42.51 -43.29
N HIS H 2420 -71.23 -42.08 -43.39
CA HIS H 2420 -71.53 -40.85 -44.09
C HIS H 2420 -70.89 -39.65 -43.41
N ALA H 2421 -70.82 -39.67 -42.08
CA ALA H 2421 -70.18 -38.57 -41.37
C ALA H 2421 -68.70 -38.47 -41.70
N ILE H 2422 -68.01 -39.60 -41.71
CA ILE H 2422 -66.58 -39.60 -42.05
C ILE H 2422 -66.38 -39.13 -43.47
N MET H 2423 -67.20 -39.65 -44.39
CA MET H 2423 -67.08 -39.28 -45.79
C MET H 2423 -67.35 -37.79 -45.99
N SER H 2424 -68.36 -37.25 -45.31
CA SER H 2424 -68.66 -35.83 -45.42
C SER H 2424 -67.56 -34.99 -44.82
N PHE H 2425 -66.95 -35.45 -43.72
CA PHE H 2425 -65.83 -34.71 -43.15
C PHE H 2425 -64.68 -34.62 -44.15
N TYR H 2426 -64.32 -35.74 -44.76
CA TYR H 2426 -63.21 -35.70 -45.70
C TYR H 2426 -63.55 -34.88 -46.93
N ALA H 2427 -64.78 -34.99 -47.42
CA ALA H 2427 -65.19 -34.17 -48.55
C ALA H 2427 -65.12 -32.69 -48.22
N ALA H 2428 -65.60 -32.30 -47.03
CA ALA H 2428 -65.59 -30.90 -46.65
C ALA H 2428 -64.17 -30.39 -46.44
N LEU H 2429 -63.30 -31.21 -45.84
CA LEU H 2429 -61.91 -30.80 -45.65
C LEU H 2429 -61.22 -30.60 -46.99
N ILE H 2430 -61.45 -31.51 -47.93
CA ILE H 2430 -60.80 -31.39 -49.23
C ILE H 2430 -61.38 -30.19 -49.99
N ASP H 2431 -62.67 -29.94 -49.84
CA ASP H 2431 -63.26 -28.75 -50.44
C ASP H 2431 -62.62 -27.47 -49.88
N LEU H 2432 -62.44 -27.41 -48.56
CA LEU H 2432 -61.80 -26.25 -47.96
C LEU H 2432 -60.37 -26.08 -48.47
N LEU H 2433 -59.63 -27.18 -48.55
CA LEU H 2433 -58.26 -27.11 -49.03
C LEU H 2433 -58.21 -26.63 -50.48
N GLY H 2434 -59.13 -27.12 -51.31
CA GLY H 2434 -59.17 -26.68 -52.70
C GLY H 2434 -59.53 -25.22 -52.83
N ARG H 2435 -60.46 -24.74 -52.00
CA ARG H 2435 -60.82 -23.34 -52.05
C ARG H 2435 -59.69 -22.47 -51.52
N CYS H 2436 -58.84 -23.03 -50.65
CA CYS H 2436 -57.71 -22.27 -50.12
C CYS H 2436 -56.58 -22.18 -51.13
N ALA H 2437 -56.67 -22.92 -52.23
CA ALA H 2437 -55.58 -22.96 -53.19
C ALA H 2437 -55.41 -21.59 -53.85
N PRO H 2438 -54.18 -21.18 -54.14
CA PRO H 2438 -53.97 -19.90 -54.82
C PRO H 2438 -54.52 -19.93 -56.23
N GLU H 2439 -54.90 -18.75 -56.73
CA GLU H 2439 -55.50 -18.65 -58.05
C GLU H 2439 -54.44 -18.70 -59.14
N MET H 2440 -54.89 -19.02 -60.35
CA MET H 2440 -53.98 -19.26 -61.45
C MET H 2440 -53.29 -17.97 -61.90
N HIS H 2441 -53.88 -16.81 -61.62
CA HIS H 2441 -53.18 -15.56 -61.91
C HIS H 2441 -51.98 -15.39 -60.98
N LEU H 2442 -52.15 -15.71 -59.70
CA LEU H 2442 -51.01 -15.69 -58.79
C LEU H 2442 -49.96 -16.72 -59.19
N ILE H 2443 -50.40 -17.91 -59.62
CA ILE H 2443 -49.46 -18.92 -60.04
C ILE H 2443 -48.68 -18.47 -61.27
N GLN H 2444 -49.37 -17.87 -62.24
CA GLN H 2444 -48.69 -17.34 -63.42
C GLN H 2444 -47.72 -16.23 -63.05
N ALA H 2445 -48.08 -15.40 -62.06
CA ALA H 2445 -47.16 -14.39 -61.57
C ALA H 2445 -45.95 -15.04 -60.91
N GLY H 2446 -46.05 -16.32 -60.57
CA GLY H 2446 -44.95 -17.03 -59.96
C GLY H 2446 -44.64 -16.60 -58.54
N LYS H 2447 -45.63 -16.11 -57.81
CA LYS H 2447 -45.37 -15.59 -56.48
C LYS H 2447 -45.05 -16.73 -55.51
N GLY H 2448 -44.00 -16.52 -54.71
CA GLY H 2448 -43.43 -17.61 -53.94
C GLY H 2448 -44.40 -18.20 -52.93
N GLU H 2449 -45.16 -17.34 -52.26
CA GLU H 2449 -46.13 -17.84 -51.28
C GLU H 2449 -47.19 -18.70 -51.96
N ALA H 2450 -47.67 -18.28 -53.13
CA ALA H 2450 -48.66 -19.07 -53.85
C ALA H 2450 -48.09 -20.43 -54.26
N LEU H 2451 -46.87 -20.45 -54.80
CA LEU H 2451 -46.26 -21.71 -55.19
C LEU H 2451 -46.06 -22.60 -53.97
N ARG H 2452 -45.63 -22.03 -52.85
CA ARG H 2452 -45.41 -22.81 -51.64
C ARG H 2452 -46.72 -23.41 -51.13
N ILE H 2453 -47.79 -22.63 -51.13
CA ILE H 2453 -49.08 -23.13 -50.65
C ILE H 2453 -49.57 -24.26 -51.56
N ARG H 2454 -49.46 -24.09 -52.88
CA ARG H 2454 -49.89 -25.15 -53.78
C ARG H 2454 -49.06 -26.40 -53.58
N ALA H 2455 -47.76 -26.25 -53.35
CA ALA H 2455 -46.91 -27.40 -53.09
C ALA H 2455 -47.33 -28.10 -51.80
N ILE H 2456 -47.65 -27.34 -50.76
CA ILE H 2456 -48.09 -27.95 -49.51
C ILE H 2456 -49.37 -28.74 -49.72
N LEU H 2457 -50.33 -28.16 -50.45
CA LEU H 2457 -51.58 -28.88 -50.68
C LEU H 2457 -51.35 -30.15 -51.49
N ARG H 2458 -50.49 -30.08 -52.51
CA ARG H 2458 -50.21 -31.27 -53.31
C ARG H 2458 -49.54 -32.35 -52.48
N SER H 2459 -48.62 -31.95 -51.60
CA SER H 2459 -48.00 -32.92 -50.70
C SER H 2459 -49.03 -33.53 -49.76
N LEU H 2460 -50.00 -32.72 -49.31
CA LEU H 2460 -51.01 -33.23 -48.39
C LEU H 2460 -51.90 -34.27 -49.06
N VAL H 2461 -52.43 -33.98 -50.24
CA VAL H 2461 -53.45 -34.80 -50.88
C VAL H 2461 -52.85 -35.41 -52.14
N PRO H 2462 -52.80 -36.74 -52.25
CA PRO H 2462 -52.28 -37.35 -53.47
C PRO H 2462 -53.28 -37.30 -54.62
N LEU H 2463 -52.77 -36.97 -55.81
CA LEU H 2463 -53.59 -36.99 -57.01
C LEU H 2463 -54.13 -38.38 -57.28
N ASP H 2464 -53.34 -39.41 -56.98
CA ASP H 2464 -53.82 -40.78 -57.11
C ASP H 2464 -54.98 -41.04 -56.17
N ASP H 2465 -54.91 -40.51 -54.94
CA ASP H 2465 -56.04 -40.64 -54.03
C ASP H 2465 -57.28 -39.96 -54.57
N LEU H 2466 -57.14 -38.77 -55.13
CA LEU H 2466 -58.29 -38.09 -55.71
C LEU H 2466 -58.89 -38.92 -56.86
N VAL H 2467 -58.04 -39.43 -57.74
CA VAL H 2467 -58.53 -40.21 -58.87
C VAL H 2467 -59.22 -41.48 -58.39
N GLY H 2468 -58.67 -42.10 -57.35
CA GLY H 2468 -59.29 -43.28 -56.80
C GLY H 2468 -60.67 -43.01 -56.22
N ILE H 2469 -60.81 -41.88 -55.50
CA ILE H 2469 -62.11 -41.57 -54.93
C ILE H 2469 -63.12 -41.25 -56.04
N ILE H 2470 -62.68 -40.54 -57.08
CA ILE H 2470 -63.57 -40.28 -58.20
C ILE H 2470 -63.97 -41.59 -58.89
N SER H 2471 -63.04 -42.55 -58.93
CA SER H 2471 -63.32 -43.79 -59.64
C SER H 2471 -64.15 -44.74 -58.80
N LEU H 2472 -64.41 -44.37 -57.55
CA LEU H 2472 -65.21 -45.24 -56.69
C LEU H 2472 -66.63 -45.36 -57.23
N PRO H 2473 -67.20 -46.56 -57.26
CA PRO H 2473 -68.55 -46.72 -57.79
C PRO H 2473 -69.58 -46.05 -56.89
N LEU H 2474 -70.65 -45.57 -57.53
CA LEU H 2474 -71.76 -44.93 -56.84
C LEU H 2474 -72.98 -45.83 -56.95
N GLN H 2475 -73.65 -46.05 -55.82
CA GLN H 2475 -74.88 -46.84 -55.84
C GLN H 2475 -75.92 -46.15 -56.71
N ILE H 2476 -76.51 -46.91 -57.63
CA ILE H 2476 -77.46 -46.40 -58.60
C ILE H 2476 -78.82 -47.01 -58.28
N PRO H 2477 -79.90 -46.23 -58.28
CA PRO H 2477 -81.23 -46.82 -58.06
C PRO H 2477 -81.51 -47.89 -59.11
N THR H 2478 -82.10 -48.99 -58.65
CA THR H 2478 -82.27 -50.16 -59.48
C THR H 2478 -83.73 -50.62 -59.44
N LEU H 2479 -84.12 -51.31 -60.50
CA LEU H 2479 -85.49 -51.82 -60.65
C LEU H 2479 -85.51 -53.28 -60.27
N GLY H 2480 -86.32 -53.62 -59.26
CA GLY H 2480 -86.38 -54.99 -58.80
C GLY H 2480 -87.49 -55.19 -57.80
N LYS H 2481 -87.63 -56.45 -57.37
CA LYS H 2481 -88.65 -56.85 -56.40
C LYS H 2481 -90.04 -56.46 -56.90
N ASP H 2482 -90.43 -57.07 -58.02
CA ASP H 2482 -91.69 -56.92 -58.76
C ASP H 2482 -91.77 -55.56 -59.43
N GLY H 2483 -90.69 -54.78 -59.37
CA GLY H 2483 -90.68 -53.45 -59.93
C GLY H 2483 -90.66 -52.34 -58.92
N ALA H 2484 -90.49 -52.64 -57.64
CA ALA H 2484 -90.39 -51.59 -56.63
C ALA H 2484 -89.04 -50.88 -56.75
N LEU H 2485 -89.09 -49.55 -56.64
CA LEU H 2485 -87.86 -48.76 -56.72
C LEU H 2485 -86.99 -49.01 -55.51
N VAL H 2486 -85.72 -49.35 -55.76
CA VAL H 2486 -84.72 -49.54 -54.72
C VAL H 2486 -83.77 -48.36 -54.78
N GLN H 2487 -83.81 -47.51 -53.76
CA GLN H 2487 -83.02 -46.30 -53.74
C GLN H 2487 -82.11 -46.27 -52.52
N PRO H 2488 -80.83 -45.95 -52.69
CA PRO H 2488 -79.96 -45.79 -51.53
C PRO H 2488 -80.37 -44.58 -50.71
N LYS H 2489 -80.14 -44.67 -49.40
CA LYS H 2489 -80.47 -43.54 -48.52
C LYS H 2489 -79.37 -42.50 -48.56
N MET H 2490 -79.76 -41.23 -48.65
CA MET H 2490 -78.78 -40.16 -48.77
C MET H 2490 -77.91 -40.07 -47.53
N SER H 2491 -78.51 -40.24 -46.35
CA SER H 2491 -77.77 -40.02 -45.12
C SER H 2491 -76.85 -41.19 -44.80
N ALA H 2492 -76.87 -42.24 -45.62
CA ALA H 2492 -76.12 -43.44 -45.30
C ALA H 2492 -75.35 -44.01 -46.49
N SER H 2493 -75.09 -43.23 -47.53
CA SER H 2493 -74.46 -43.75 -48.73
C SER H 2493 -73.48 -42.75 -49.32
N PHE H 2494 -72.60 -43.25 -50.18
CA PHE H 2494 -71.65 -42.39 -50.88
C PHE H 2494 -72.39 -41.51 -51.88
N VAL H 2495 -71.98 -40.26 -51.99
CA VAL H 2495 -72.85 -39.27 -52.62
C VAL H 2495 -72.06 -38.44 -53.63
N PRO H 2496 -72.71 -38.04 -54.71
CA PRO H 2496 -72.00 -37.28 -55.75
C PRO H 2496 -71.45 -35.94 -55.29
N ASP H 2497 -71.98 -35.31 -54.23
CA ASP H 2497 -71.32 -34.09 -53.77
C ASP H 2497 -70.00 -34.42 -53.10
N HIS H 2498 -69.95 -35.57 -52.42
CA HIS H 2498 -68.68 -36.07 -51.90
C HIS H 2498 -67.69 -36.26 -53.03
N LYS H 2499 -68.15 -36.78 -54.17
CA LYS H 2499 -67.26 -36.89 -55.33
C LYS H 2499 -66.92 -35.52 -55.90
N ALA H 2500 -67.86 -34.58 -55.85
CA ALA H 2500 -67.67 -33.27 -56.44
C ALA H 2500 -66.61 -32.46 -55.70
N SER H 2501 -66.51 -32.66 -54.39
CA SER H 2501 -65.44 -32.02 -53.64
C SER H 2501 -64.07 -32.49 -54.13
N MET H 2502 -63.95 -33.80 -54.36
CA MET H 2502 -62.72 -34.35 -54.92
C MET H 2502 -62.40 -33.71 -56.26
N VAL H 2503 -63.41 -33.61 -57.13
CA VAL H 2503 -63.19 -33.07 -58.46
C VAL H 2503 -62.78 -31.61 -58.39
N LEU H 2504 -63.42 -30.83 -57.51
CA LEU H 2504 -63.09 -29.42 -57.37
C LEU H 2504 -61.66 -29.25 -56.90
N PHE H 2505 -61.24 -30.05 -55.91
CA PHE H 2505 -59.85 -29.97 -55.46
C PHE H 2505 -58.88 -30.32 -56.58
N LEU H 2506 -59.20 -31.37 -57.35
CA LEU H 2506 -58.35 -31.77 -58.46
C LEU H 2506 -58.20 -30.66 -59.48
N ASP H 2507 -59.30 -29.99 -59.81
CA ASP H 2507 -59.21 -28.87 -60.74
C ASP H 2507 -58.43 -27.70 -60.14
N ARG H 2508 -58.60 -27.45 -58.85
CA ARG H 2508 -58.03 -26.26 -58.25
C ARG H 2508 -56.53 -26.34 -58.08
N VAL H 2509 -56.02 -27.47 -57.56
CA VAL H 2509 -54.62 -27.56 -57.13
C VAL H 2509 -53.76 -28.32 -58.14
N TYR H 2510 -54.30 -29.36 -58.77
CA TYR H 2510 -53.50 -30.15 -59.71
C TYR H 2510 -53.74 -29.70 -61.13
N GLY H 2511 -54.97 -29.37 -61.48
CA GLY H 2511 -55.29 -29.06 -62.86
C GLY H 2511 -55.20 -30.32 -63.70
N ILE H 2512 -55.19 -30.11 -65.01
CA ILE H 2512 -55.02 -31.19 -65.98
C ILE H 2512 -53.74 -30.93 -66.76
N GLU H 2513 -52.69 -31.65 -66.40
CA GLU H 2513 -51.38 -31.40 -67.01
C GLU H 2513 -51.37 -31.77 -68.49
N ASN H 2514 -52.03 -32.85 -68.86
CA ASN H 2514 -51.89 -33.36 -70.21
C ASN H 2514 -53.13 -34.13 -70.62
N GLN H 2515 -53.26 -34.31 -71.94
CA GLN H 2515 -54.46 -34.92 -72.52
C GLN H 2515 -54.56 -36.40 -72.19
N ASP H 2516 -53.43 -37.09 -72.08
CA ASP H 2516 -53.49 -38.51 -71.75
C ASP H 2516 -53.96 -38.72 -70.30
N PHE H 2517 -53.49 -37.87 -69.38
CA PHE H 2517 -54.01 -37.93 -68.03
C PHE H 2517 -55.50 -37.57 -67.99
N LEU H 2518 -55.90 -36.59 -68.80
CA LEU H 2518 -57.32 -36.24 -68.89
C LEU H 2518 -58.14 -37.46 -69.30
N LEU H 2519 -57.71 -38.14 -70.36
CA LEU H 2519 -58.45 -39.32 -70.82
C LEU H 2519 -58.45 -40.42 -69.77
N HIS H 2520 -57.33 -40.60 -69.08
CA HIS H 2520 -57.28 -41.60 -68.01
C HIS H 2520 -58.31 -41.29 -66.93
N VAL H 2521 -58.38 -40.04 -66.48
CA VAL H 2521 -59.31 -39.70 -65.41
C VAL H 2521 -60.75 -39.86 -65.88
N LEU H 2522 -61.01 -39.58 -67.16
CA LEU H 2522 -62.36 -39.78 -67.67
C LEU H 2522 -62.73 -41.25 -67.71
N ASP H 2523 -61.83 -42.10 -68.21
CA ASP H 2523 -62.20 -43.51 -68.36
C ASP H 2523 -62.27 -44.20 -67.00
N VAL H 2524 -61.59 -43.66 -65.98
CA VAL H 2524 -61.69 -44.30 -64.67
C VAL H 2524 -62.90 -43.77 -63.90
N GLY H 2525 -63.08 -42.45 -63.84
CA GLY H 2525 -64.11 -41.91 -62.97
C GLY H 2525 -65.26 -41.18 -63.62
N PHE H 2526 -65.02 -40.47 -64.72
CA PHE H 2526 -66.04 -39.60 -65.27
C PHE H 2526 -67.02 -40.35 -66.16
N LEU H 2527 -66.50 -41.06 -67.15
CA LEU H 2527 -67.37 -41.78 -68.09
C LEU H 2527 -68.35 -42.71 -67.41
N PRO H 2528 -67.99 -43.50 -66.39
CA PRO H 2528 -69.01 -44.25 -65.67
C PRO H 2528 -70.09 -43.37 -65.07
N ASP H 2529 -69.72 -42.17 -64.59
CA ASP H 2529 -70.72 -41.30 -63.99
C ASP H 2529 -71.69 -40.75 -65.03
N MET H 2530 -71.19 -40.30 -66.18
CA MET H 2530 -72.12 -39.83 -67.20
C MET H 2530 -72.97 -40.97 -67.74
N ARG H 2531 -72.39 -42.17 -67.87
CA ARG H 2531 -73.19 -43.31 -68.31
C ARG H 2531 -74.29 -43.64 -67.31
N ALA H 2532 -73.97 -43.62 -66.02
CA ALA H 2532 -74.97 -43.89 -65.00
C ALA H 2532 -76.07 -42.84 -65.01
N ALA H 2533 -75.69 -41.57 -65.19
CA ALA H 2533 -76.69 -40.51 -65.26
C ALA H 2533 -77.57 -40.67 -66.47
N ALA H 2534 -77.00 -41.02 -67.62
CA ALA H 2534 -77.80 -41.24 -68.83
C ALA H 2534 -78.77 -42.40 -68.63
N SER H 2535 -78.32 -43.47 -67.97
CA SER H 2535 -79.22 -44.56 -67.66
C SER H 2535 -80.33 -44.11 -66.72
N LEU H 2536 -79.99 -43.28 -65.73
CA LEU H 2536 -81.00 -42.80 -64.78
C LEU H 2536 -81.96 -41.83 -65.44
N ASP H 2537 -81.63 -41.35 -66.64
CA ASP H 2537 -82.44 -40.35 -67.33
C ASP H 2537 -83.62 -41.05 -68.03
N THR H 2538 -84.40 -41.75 -67.22
CA THR H 2538 -85.63 -42.39 -67.68
C THR H 2538 -86.76 -42.00 -66.73
N ALA H 2539 -87.99 -42.10 -67.23
CA ALA H 2539 -89.13 -41.59 -66.50
C ALA H 2539 -89.28 -42.24 -65.13
N THR H 2540 -88.89 -43.51 -65.02
CA THR H 2540 -89.08 -44.22 -63.75
C THR H 2540 -87.93 -43.97 -62.78
N PHE H 2541 -86.77 -43.55 -63.29
CA PHE H 2541 -85.62 -43.26 -62.44
C PHE H 2541 -85.28 -41.77 -62.33
N SER H 2542 -85.87 -40.91 -63.15
CA SER H 2542 -85.47 -39.51 -63.17
C SER H 2542 -85.84 -38.80 -61.87
N THR H 2543 -86.89 -39.27 -61.20
CA THR H 2543 -87.35 -38.60 -59.98
C THR H 2543 -86.41 -38.86 -58.81
N THR H 2544 -85.60 -39.90 -58.89
CA THR H 2544 -84.82 -40.35 -57.75
C THR H 2544 -83.77 -39.31 -57.35
N GLU H 2545 -83.51 -39.25 -56.03
CA GLU H 2545 -82.58 -38.26 -55.52
C GLU H 2545 -81.14 -38.57 -55.93
N MET H 2546 -80.80 -39.85 -56.13
CA MET H 2546 -79.52 -40.16 -56.77
C MET H 2546 -79.43 -39.58 -58.17
N ALA H 2547 -80.50 -39.69 -58.96
CA ALA H 2547 -80.47 -39.11 -60.30
C ALA H 2547 -80.28 -37.60 -60.23
N LEU H 2548 -81.03 -36.95 -59.36
CA LEU H 2548 -80.92 -35.49 -59.25
C LEU H 2548 -79.54 -35.06 -58.77
N ALA H 2549 -79.00 -35.76 -57.77
CA ALA H 2549 -77.68 -35.42 -57.24
C ALA H 2549 -76.59 -35.69 -58.27
N LEU H 2550 -76.72 -36.79 -59.03
CA LEU H 2550 -75.77 -37.07 -60.09
C LEU H 2550 -75.79 -35.97 -61.15
N ASN H 2551 -76.98 -35.53 -61.55
CA ASN H 2551 -77.08 -34.45 -62.52
C ASN H 2551 -76.45 -33.17 -61.98
N ARG H 2552 -76.72 -32.84 -60.72
CA ARG H 2552 -76.14 -31.63 -60.13
C ARG H 2552 -74.61 -31.72 -60.09
N TYR H 2553 -74.09 -32.87 -59.66
CA TYR H 2553 -72.65 -33.04 -59.56
C TYR H 2553 -71.98 -32.96 -60.92
N LEU H 2554 -72.59 -33.56 -61.94
CA LEU H 2554 -72.03 -33.47 -63.28
C LEU H 2554 -72.04 -32.03 -63.80
N CYS H 2555 -73.15 -31.32 -63.58
CA CYS H 2555 -73.26 -29.98 -64.16
C CYS H 2555 -72.46 -28.95 -63.37
N LEU H 2556 -72.07 -29.29 -62.13
CA LEU H 2556 -71.33 -28.32 -61.33
C LEU H 2556 -69.83 -28.44 -61.56
N ALA H 2557 -69.29 -29.66 -61.55
CA ALA H 2557 -67.84 -29.85 -61.62
C ALA H 2557 -67.39 -30.56 -62.88
N VAL H 2558 -67.91 -31.75 -63.15
CA VAL H 2558 -67.35 -32.61 -64.20
C VAL H 2558 -67.48 -31.96 -65.57
N LEU H 2559 -68.67 -31.48 -65.90
CA LEU H 2559 -68.87 -30.87 -67.20
C LEU H 2559 -68.09 -29.57 -67.39
N PRO H 2560 -68.04 -28.64 -66.43
CA PRO H 2560 -67.15 -27.48 -66.62
C PRO H 2560 -65.68 -27.87 -66.76
N LEU H 2561 -65.23 -28.89 -66.02
CA LEU H 2561 -63.86 -29.35 -66.18
C LEU H 2561 -63.62 -29.87 -67.60
N ILE H 2562 -64.54 -30.70 -68.09
CA ILE H 2562 -64.41 -31.23 -69.45
C ILE H 2562 -64.41 -30.11 -70.47
N THR H 2563 -65.27 -29.11 -70.27
CA THR H 2563 -65.34 -27.97 -71.17
C THR H 2563 -64.01 -27.22 -71.20
N LYS H 2564 -63.38 -27.04 -70.04
CA LYS H 2564 -62.07 -26.41 -70.00
C LYS H 2564 -61.04 -27.26 -70.73
N CYS H 2565 -61.12 -28.58 -70.62
CA CYS H 2565 -60.09 -29.47 -71.16
C CYS H 2565 -60.36 -29.92 -72.58
N ALA H 2566 -61.33 -29.32 -73.27
CA ALA H 2566 -61.61 -29.70 -74.65
C ALA H 2566 -60.44 -29.49 -75.61
N PRO H 2567 -59.67 -28.39 -75.54
CA PRO H 2567 -58.49 -28.30 -76.44
C PRO H 2567 -57.54 -29.47 -76.26
N LEU H 2568 -57.41 -29.99 -75.04
CA LEU H 2568 -56.66 -31.23 -74.85
C LEU H 2568 -57.36 -32.40 -75.53
N PHE H 2569 -58.69 -32.40 -75.52
CA PHE H 2569 -59.45 -33.44 -76.20
C PHE H 2569 -59.16 -33.45 -77.69
N ALA H 2570 -58.77 -32.29 -78.24
CA ALA H 2570 -58.62 -32.16 -79.69
C ALA H 2570 -57.58 -33.12 -80.25
N GLY H 2571 -56.64 -33.58 -79.43
CA GLY H 2571 -55.45 -34.23 -79.96
C GLY H 2571 -55.67 -35.66 -80.40
N THR H 2572 -56.03 -36.55 -79.47
CA THR H 2572 -55.85 -37.99 -79.62
C THR H 2572 -56.68 -38.55 -80.77
N GLU H 2573 -56.05 -39.42 -81.55
CA GLU H 2573 -56.77 -40.22 -82.55
C GLU H 2573 -56.95 -41.66 -82.05
N HIS H 2574 -56.22 -42.04 -81.00
CA HIS H 2574 -56.23 -43.43 -80.54
C HIS H 2574 -57.35 -43.68 -79.52
N ARG H 2575 -57.56 -42.73 -78.61
CA ARG H 2575 -58.70 -42.79 -77.69
C ARG H 2575 -60.01 -42.39 -78.35
N ALA H 2576 -60.07 -42.38 -79.68
CA ALA H 2576 -61.21 -41.80 -80.38
C ALA H 2576 -62.49 -42.60 -80.13
N ILE H 2577 -62.39 -43.91 -79.92
CA ILE H 2577 -63.60 -44.69 -79.65
C ILE H 2577 -64.21 -44.26 -78.33
N MET H 2578 -63.39 -44.16 -77.28
CA MET H 2578 -63.90 -43.72 -75.99
C MET H 2578 -64.36 -42.27 -76.05
N VAL H 2579 -63.69 -41.46 -76.87
CA VAL H 2579 -64.13 -40.07 -77.07
C VAL H 2579 -65.52 -40.05 -77.68
N ASP H 2580 -65.77 -40.87 -78.70
CA ASP H 2580 -67.09 -40.93 -79.29
C ASP H 2580 -68.13 -41.41 -78.30
N SER H 2581 -67.76 -42.38 -77.46
CA SER H 2581 -68.68 -42.84 -76.42
C SER H 2581 -69.04 -41.71 -75.47
N MET H 2582 -68.05 -40.90 -75.07
CA MET H 2582 -68.35 -39.77 -74.20
C MET H 2582 -69.25 -38.77 -74.90
N LEU H 2583 -69.02 -38.57 -76.21
CA LEU H 2583 -69.87 -37.67 -76.98
C LEU H 2583 -71.32 -38.14 -76.97
N HIS H 2584 -71.54 -39.43 -77.18
CA HIS H 2584 -72.91 -39.95 -77.14
CA HIS H 2584 -72.91 -39.95 -77.14
C HIS H 2584 -73.52 -39.78 -75.75
N THR H 2585 -72.75 -40.06 -74.70
CA THR H 2585 -73.29 -39.93 -73.36
C THR H 2585 -73.66 -38.48 -73.05
N VAL H 2586 -72.81 -37.53 -73.42
CA VAL H 2586 -73.10 -36.13 -73.13
C VAL H 2586 -74.27 -35.64 -73.99
N TYR H 2587 -74.42 -36.19 -75.19
CA TYR H 2587 -75.59 -35.86 -76.00
C TYR H 2587 -76.87 -36.35 -75.34
N ARG H 2588 -76.88 -37.60 -74.87
CA ARG H 2588 -78.05 -38.12 -74.19
C ARG H 2588 -78.35 -37.32 -72.94
N LEU H 2589 -77.31 -36.88 -72.22
CA LEU H 2589 -77.53 -35.99 -71.09
C LEU H 2589 -78.15 -34.68 -71.52
N SER H 2590 -77.72 -34.14 -72.67
CA SER H 2590 -78.29 -32.90 -73.18
C SER H 2590 -79.78 -33.06 -73.45
N ARG H 2591 -80.16 -34.16 -74.09
CA ARG H 2591 -81.59 -34.45 -74.28
C ARG H 2591 -82.10 -35.23 -73.06
N GLY H 2592 -82.18 -34.52 -71.94
CA GLY H 2592 -82.56 -35.14 -70.69
C GLY H 2592 -83.90 -34.68 -70.15
N ARG H 2593 -84.65 -35.60 -69.55
CA ARG H 2593 -85.94 -35.28 -68.98
C ARG H 2593 -85.79 -34.91 -67.51
N SER H 2594 -86.63 -33.95 -67.07
CA SER H 2594 -86.60 -33.44 -65.70
C SER H 2594 -85.21 -32.88 -65.35
N LEU H 2595 -84.76 -31.93 -66.16
CA LEU H 2595 -83.46 -31.29 -65.98
C LEU H 2595 -83.64 -29.79 -66.10
N THR H 2596 -83.10 -29.05 -65.14
CA THR H 2596 -83.30 -27.61 -65.13
C THR H 2596 -82.53 -26.93 -66.27
N LYS H 2597 -82.88 -25.67 -66.53
CA LYS H 2597 -82.37 -24.98 -67.71
C LYS H 2597 -80.88 -24.73 -67.60
N ALA H 2598 -80.40 -24.29 -66.44
CA ALA H 2598 -78.97 -24.05 -66.26
C ALA H 2598 -78.18 -25.33 -66.42
N GLN H 2599 -78.66 -26.42 -65.84
CA GLN H 2599 -78.02 -27.71 -66.03
C GLN H 2599 -77.96 -28.05 -67.52
N ARG H 2600 -79.09 -27.93 -68.20
CA ARG H 2600 -79.17 -28.33 -69.61
C ARG H 2600 -78.22 -27.52 -70.47
N ASP H 2601 -78.15 -26.20 -70.27
CA ASP H 2601 -77.29 -25.41 -71.14
C ASP H 2601 -75.83 -25.59 -70.76
N VAL H 2602 -75.55 -26.02 -69.52
CA VAL H 2602 -74.18 -26.45 -69.20
C VAL H 2602 -73.80 -27.67 -70.03
N ILE H 2603 -74.68 -28.67 -70.09
CA ILE H 2603 -74.38 -29.82 -70.95
C ILE H 2603 -74.21 -29.38 -72.40
N GLU H 2604 -75.08 -28.48 -72.87
CA GLU H 2604 -75.02 -28.06 -74.26
C GLU H 2604 -73.70 -27.36 -74.57
N ASP H 2605 -73.25 -26.47 -73.69
CA ASP H 2605 -71.97 -25.78 -73.92
C ASP H 2605 -70.80 -26.76 -73.90
N CYS H 2606 -70.82 -27.71 -72.96
CA CYS H 2606 -69.74 -28.69 -72.91
C CYS H 2606 -69.70 -29.52 -74.19
N LEU H 2607 -70.85 -29.97 -74.67
CA LEU H 2607 -70.90 -30.75 -75.89
C LEU H 2607 -70.44 -29.93 -77.08
N MET H 2608 -70.82 -28.64 -77.13
CA MET H 2608 -70.38 -27.78 -78.22
C MET H 2608 -68.86 -27.66 -78.24
N ALA H 2609 -68.24 -27.41 -77.08
CA ALA H 2609 -66.79 -27.28 -77.04
C ALA H 2609 -66.11 -28.58 -77.45
N LEU H 2610 -66.59 -29.71 -76.93
CA LEU H 2610 -66.04 -31.00 -77.34
C LEU H 2610 -66.10 -31.17 -78.85
N CYS H 2611 -67.24 -30.86 -79.44
CA CYS H 2611 -67.42 -31.10 -80.87
C CYS H 2611 -66.53 -30.18 -81.70
N ARG H 2612 -66.38 -28.92 -81.28
CA ARG H 2612 -65.52 -28.01 -82.02
CA ARG H 2612 -65.51 -28.01 -82.03
C ARG H 2612 -64.06 -28.49 -82.01
N TYR H 2613 -63.57 -28.89 -80.84
CA TYR H 2613 -62.16 -29.26 -80.78
C TYR H 2613 -61.90 -30.64 -81.37
N ILE H 2614 -62.89 -31.52 -81.36
CA ILE H 2614 -62.67 -32.90 -81.82
C ILE H 2614 -62.56 -32.92 -83.34
N ARG H 2615 -61.67 -33.78 -83.84
CA ARG H 2615 -61.45 -33.91 -85.27
C ARG H 2615 -62.71 -34.42 -85.98
N PRO H 2616 -62.89 -34.08 -87.25
CA PRO H 2616 -64.14 -34.42 -87.94
C PRO H 2616 -64.43 -35.92 -88.03
N SER H 2617 -63.40 -36.76 -88.11
CA SER H 2617 -63.62 -38.18 -88.35
C SER H 2617 -64.41 -38.82 -87.20
N MET H 2618 -64.14 -38.41 -85.96
CA MET H 2618 -64.84 -38.99 -84.82
C MET H 2618 -66.29 -38.53 -84.78
N LEU H 2619 -66.56 -37.35 -85.34
CA LEU H 2619 -67.89 -36.76 -85.21
C LEU H 2619 -68.92 -37.50 -86.07
N GLN H 2620 -68.49 -38.55 -86.77
CA GLN H 2620 -69.39 -39.27 -87.66
C GLN H 2620 -70.47 -40.01 -86.88
N HIS H 2621 -70.08 -40.70 -85.81
CA HIS H 2621 -71.05 -41.52 -85.08
C HIS H 2621 -72.09 -40.65 -84.38
N LEU H 2622 -71.64 -39.56 -83.76
CA LEU H 2622 -72.59 -38.60 -83.18
C LEU H 2622 -73.41 -37.94 -84.27
N LEU H 2623 -72.79 -37.67 -85.42
CA LEU H 2623 -73.48 -36.99 -86.51
C LEU H 2623 -74.62 -37.85 -87.05
N ARG H 2624 -74.46 -39.17 -87.01
CA ARG H 2624 -75.53 -40.04 -87.49
C ARG H 2624 -76.75 -39.99 -86.57
N ARG H 2625 -76.51 -40.01 -85.25
CA ARG H 2625 -77.62 -39.88 -84.31
C ARG H 2625 -78.27 -38.51 -84.42
N LEU H 2626 -77.47 -37.47 -84.64
CA LEU H 2626 -78.03 -36.14 -84.89
C LEU H 2626 -78.84 -36.13 -86.18
N VAL H 2627 -78.38 -36.85 -87.20
CA VAL H 2627 -79.11 -36.96 -88.46
C VAL H 2627 -80.48 -37.56 -88.21
N PHE H 2628 -80.55 -38.55 -87.32
CA PHE H 2628 -81.86 -39.10 -86.98
C PHE H 2628 -82.70 -38.10 -86.19
N ASP H 2629 -82.10 -37.38 -85.24
CA ASP H 2629 -82.88 -36.56 -84.31
C ASP H 2629 -83.40 -35.28 -84.96
N VAL H 2630 -82.59 -34.61 -85.77
CA VAL H 2630 -82.90 -33.24 -86.19
C VAL H 2630 -84.19 -33.12 -86.98
N PRO H 2631 -84.48 -33.95 -87.98
CA PRO H 2631 -85.59 -33.64 -88.89
C PRO H 2631 -86.95 -33.50 -88.21
N ILE H 2632 -87.13 -34.09 -87.03
CA ILE H 2632 -88.38 -33.88 -86.30
C ILE H 2632 -88.55 -32.41 -85.94
N LEU H 2633 -87.45 -31.69 -85.78
CA LEU H 2633 -87.45 -30.26 -85.46
C LEU H 2633 -88.20 -29.98 -84.16
N ASN H 2634 -88.07 -30.88 -83.20
CA ASN H 2634 -88.57 -30.63 -81.87
C ASN H 2634 -87.66 -29.63 -81.14
N GLU H 2635 -88.12 -29.18 -79.98
CA GLU H 2635 -87.36 -28.19 -79.21
C GLU H 2635 -86.02 -28.76 -78.77
N PHE H 2636 -85.92 -30.09 -78.67
CA PHE H 2636 -84.65 -30.70 -78.27
C PHE H 2636 -83.70 -30.83 -79.45
N ALA H 2637 -84.17 -30.54 -80.67
CA ALA H 2637 -83.30 -30.69 -81.83
C ALA H 2637 -82.62 -29.37 -82.19
N LYS H 2638 -83.00 -28.29 -81.52
CA LYS H 2638 -82.48 -26.97 -81.87
C LYS H 2638 -80.98 -26.86 -81.63
N MET H 2639 -80.53 -27.10 -80.40
CA MET H 2639 -79.10 -26.97 -80.16
C MET H 2639 -78.31 -28.05 -80.90
N PRO H 2640 -78.86 -29.24 -81.17
CA PRO H 2640 -78.19 -30.11 -82.15
C PRO H 2640 -78.01 -29.46 -83.51
N LEU H 2641 -78.99 -28.72 -84.00
CA LEU H 2641 -78.84 -28.13 -85.33
C LEU H 2641 -77.86 -26.97 -85.30
N LYS H 2642 -77.84 -26.21 -84.20
CA LYS H 2642 -76.85 -25.16 -84.05
C LYS H 2642 -75.44 -25.75 -84.02
N LEU H 2643 -75.27 -26.84 -83.28
CA LEU H 2643 -73.99 -27.53 -83.24
C LEU H 2643 -73.60 -28.02 -84.62
N LEU H 2644 -74.55 -28.55 -85.38
CA LEU H 2644 -74.26 -28.98 -86.75
C LEU H 2644 -73.83 -27.79 -87.61
N THR H 2645 -74.47 -26.64 -87.43
CA THR H 2645 -74.07 -25.44 -88.15
C THR H 2645 -72.60 -25.11 -87.89
N ASN H 2646 -72.21 -25.04 -86.61
CA ASN H 2646 -70.83 -24.71 -86.28
C ASN H 2646 -69.87 -25.77 -86.82
N HIS H 2647 -70.22 -27.05 -86.67
CA HIS H 2647 -69.32 -28.12 -87.09
C HIS H 2647 -69.11 -28.10 -88.59
N TYR H 2648 -70.18 -27.88 -89.37
CA TYR H 2648 -70.04 -27.87 -90.82
C TYR H 2648 -69.35 -26.60 -91.29
N GLU H 2649 -69.47 -25.50 -90.54
CA GLU H 2649 -68.67 -24.33 -90.85
C GLU H 2649 -67.19 -24.61 -90.62
N ARG H 2650 -66.87 -25.38 -89.59
CA ARG H 2650 -65.46 -25.68 -89.30
C ARG H 2650 -64.87 -26.62 -90.36
N CYS H 2651 -65.58 -27.69 -90.70
CA CYS H 2651 -65.04 -28.75 -91.53
C CYS H 2651 -65.56 -28.69 -92.97
N TRP H 2652 -66.01 -27.53 -93.43
CA TRP H 2652 -66.53 -27.42 -94.79
C TRP H 2652 -65.46 -27.78 -95.81
N LYS H 2653 -64.23 -27.36 -95.58
CA LYS H 2653 -63.13 -27.71 -96.48
C LYS H 2653 -62.92 -29.22 -96.50
N TYR H 2654 -62.97 -29.86 -95.33
CA TYR H 2654 -62.76 -31.29 -95.24
C TYR H 2654 -63.83 -32.04 -96.02
N TYR H 2655 -65.08 -31.60 -95.93
CA TYR H 2655 -66.15 -32.30 -96.64
C TYR H 2655 -66.11 -31.99 -98.14
N CYS H 2656 -65.72 -30.77 -98.51
CA CYS H 2656 -65.88 -30.35 -99.90
C CYS H 2656 -64.68 -30.71 -100.76
N LEU H 2657 -63.49 -30.26 -100.38
CA LEU H 2657 -62.35 -30.38 -101.28
C LEU H 2657 -61.97 -31.85 -101.47
N PRO H 2658 -61.62 -32.24 -102.70
CA PRO H 2658 -61.19 -33.63 -102.92
C PRO H 2658 -59.96 -34.00 -102.11
N THR H 2659 -59.04 -33.07 -101.92
CA THR H 2659 -57.87 -33.33 -101.08
C THR H 2659 -58.28 -33.42 -99.62
N GLY H 2660 -59.28 -32.64 -99.21
CA GLY H 2660 -59.72 -32.64 -97.83
C GLY H 2660 -58.95 -31.64 -96.99
N TRP H 2661 -59.32 -31.61 -95.70
CA TRP H 2661 -58.66 -30.71 -94.77
C TRP H 2661 -57.20 -31.10 -94.59
N ALA H 2662 -56.36 -30.11 -94.36
CA ALA H 2662 -54.93 -30.35 -94.17
C ALA H 2662 -54.72 -31.12 -92.88
N ASN H 2663 -54.14 -32.31 -92.99
CA ASN H 2663 -53.76 -33.22 -91.91
C ASN H 2663 -54.96 -33.81 -91.18
N PHE H 2664 -56.19 -33.42 -91.51
CA PHE H 2664 -57.38 -33.98 -90.90
C PHE H 2664 -58.01 -35.08 -91.73
N GLY H 2665 -57.32 -35.55 -92.78
CA GLY H 2665 -57.87 -36.59 -93.62
C GLY H 2665 -58.90 -36.07 -94.59
N VAL H 2666 -59.63 -37.00 -95.19
CA VAL H 2666 -60.63 -36.69 -96.20
C VAL H 2666 -61.92 -37.43 -95.85
N THR H 2667 -63.01 -36.98 -96.44
CA THR H 2667 -64.33 -37.56 -96.16
C THR H 2667 -64.40 -38.99 -96.66
N SER H 2668 -65.05 -39.86 -95.88
CA SER H 2668 -65.16 -41.26 -96.25
C SER H 2668 -66.39 -41.51 -97.12
N GLU H 2669 -67.09 -40.45 -97.50
CA GLU H 2669 -68.20 -40.41 -98.46
C GLU H 2669 -69.43 -41.09 -97.87
N GLU H 2670 -69.27 -41.80 -96.75
CA GLU H 2670 -70.44 -42.23 -96.00
C GLU H 2670 -71.00 -41.09 -95.18
N GLU H 2671 -70.12 -40.33 -94.52
CA GLU H 2671 -70.56 -39.12 -93.84
C GLU H 2671 -71.08 -38.09 -94.84
N LEU H 2672 -70.62 -38.16 -96.09
CA LEU H 2672 -71.23 -37.32 -97.13
C LEU H 2672 -72.67 -37.72 -97.39
N HIS H 2673 -72.96 -39.02 -97.45
CA HIS H 2673 -74.33 -39.47 -97.57
C HIS H 2673 -75.16 -39.03 -96.38
N LEU H 2674 -74.59 -39.13 -95.18
CA LEU H 2674 -75.29 -38.66 -93.99
C LEU H 2674 -75.58 -37.17 -94.07
N THR H 2675 -74.61 -36.39 -94.54
CA THR H 2675 -74.79 -34.95 -94.66
C THR H 2675 -75.89 -34.61 -95.66
N ARG H 2676 -75.90 -35.32 -96.80
CA ARG H 2676 -76.95 -35.11 -97.79
C ARG H 2676 -78.32 -35.44 -97.22
N LYS H 2677 -78.43 -36.57 -96.52
CA LYS H 2677 -79.71 -36.95 -95.94
C LYS H 2677 -80.16 -35.93 -94.90
N LEU H 2678 -79.21 -35.44 -94.09
CA LEU H 2678 -79.54 -34.42 -93.11
C LEU H 2678 -80.05 -33.14 -93.78
N PHE H 2679 -79.37 -32.70 -94.84
CA PHE H 2679 -79.80 -31.51 -95.54
C PHE H 2679 -81.23 -31.67 -96.06
N TRP H 2680 -81.50 -32.80 -96.73
CA TRP H 2680 -82.82 -32.99 -97.32
C TRP H 2680 -83.89 -33.11 -96.24
N GLY H 2681 -83.58 -33.79 -95.14
CA GLY H 2681 -84.54 -33.91 -94.06
C GLY H 2681 -84.88 -32.57 -93.45
N ILE H 2682 -83.86 -31.76 -93.14
CA ILE H 2682 -84.13 -30.44 -92.58
C ILE H 2682 -84.90 -29.59 -93.56
N PHE H 2683 -84.55 -29.65 -94.85
CA PHE H 2683 -85.22 -28.83 -95.85
C PHE H 2683 -86.70 -29.20 -95.94
N ASP H 2684 -87.02 -30.49 -96.05
CA ASP H 2684 -88.42 -30.90 -96.15
C ASP H 2684 -89.19 -30.58 -94.87
N SER H 2685 -88.56 -30.79 -93.70
CA SER H 2685 -89.25 -30.50 -92.45
C SER H 2685 -89.54 -29.01 -92.33
N LEU H 2686 -88.58 -28.16 -92.69
CA LEU H 2686 -88.82 -26.72 -92.64
C LEU H 2686 -89.89 -26.31 -93.64
N ALA H 2687 -89.92 -26.95 -94.81
CA ALA H 2687 -90.96 -26.65 -95.79
C ALA H 2687 -92.34 -26.99 -95.25
N HIS H 2688 -92.46 -28.13 -94.57
CA HIS H 2688 -93.76 -28.54 -94.06
C HIS H 2688 -94.19 -27.72 -92.84
N LYS H 2689 -93.23 -27.34 -91.99
CA LYS H 2689 -93.56 -26.68 -90.74
C LYS H 2689 -94.22 -25.33 -90.96
N LYS H 2690 -95.16 -24.99 -90.08
CA LYS H 2690 -95.73 -23.65 -90.06
C LYS H 2690 -94.65 -22.66 -89.61
N TYR H 2691 -94.68 -21.46 -90.17
CA TYR H 2691 -93.60 -20.51 -89.98
C TYR H 2691 -93.45 -20.12 -88.50
N ASP H 2692 -92.27 -20.40 -87.95
CA ASP H 2692 -91.89 -19.90 -86.64
C ASP H 2692 -90.60 -19.11 -86.79
N GLN H 2693 -90.59 -17.88 -86.26
CA GLN H 2693 -89.48 -16.98 -86.53
C GLN H 2693 -88.16 -17.53 -86.00
N GLU H 2694 -88.15 -17.98 -84.75
CA GLU H 2694 -86.91 -18.46 -84.14
C GLU H 2694 -86.42 -19.71 -84.86
N LEU H 2695 -87.33 -20.65 -85.14
CA LEU H 2695 -86.92 -21.89 -85.80
C LEU H 2695 -86.33 -21.61 -87.18
N TYR H 2696 -87.00 -20.76 -87.97
CA TYR H 2696 -86.47 -20.42 -89.30
C TYR H 2696 -85.13 -19.71 -89.18
N ARG H 2697 -85.04 -18.71 -88.29
CA ARG H 2697 -83.83 -17.93 -88.14
C ARG H 2697 -82.64 -18.82 -87.80
N MET H 2698 -82.84 -19.79 -86.92
CA MET H 2698 -81.71 -20.54 -86.41
C MET H 2698 -81.43 -21.77 -87.28
N ALA H 2699 -82.44 -22.23 -88.03
CA ALA H 2699 -82.25 -23.37 -88.92
C ALA H 2699 -81.57 -22.96 -90.22
N MET H 2700 -81.88 -21.77 -90.74
CA MET H 2700 -81.33 -21.39 -92.04
C MET H 2700 -79.80 -21.39 -92.08
N PRO H 2701 -79.07 -20.96 -91.05
CA PRO H 2701 -77.61 -21.10 -91.10
C PRO H 2701 -77.17 -22.54 -91.20
N CYS H 2702 -77.89 -23.46 -90.53
CA CYS H 2702 -77.55 -24.87 -90.63
C CYS H 2702 -77.67 -25.37 -92.06
N LEU H 2703 -78.76 -25.01 -92.73
CA LEU H 2703 -78.94 -25.43 -94.12
C LEU H 2703 -77.86 -24.86 -95.01
N CYS H 2704 -77.52 -23.58 -94.81
CA CYS H 2704 -76.46 -22.98 -95.63
C CYS H 2704 -75.12 -23.67 -95.38
N ALA H 2705 -74.79 -23.96 -94.13
CA ALA H 2705 -73.52 -24.61 -93.82
C ALA H 2705 -73.45 -26.00 -94.41
N ILE H 2706 -74.55 -26.78 -94.30
CA ILE H 2706 -74.56 -28.12 -94.86
C ILE H 2706 -74.42 -28.05 -96.38
N ALA H 2707 -75.13 -27.12 -97.02
CA ALA H 2707 -75.02 -26.98 -98.47
C ALA H 2707 -73.61 -26.62 -98.90
N GLY H 2708 -72.96 -25.73 -98.14
CA GLY H 2708 -71.58 -25.40 -98.45
C GLY H 2708 -70.64 -26.58 -98.26
N ALA H 2709 -70.89 -27.39 -97.23
CA ALA H 2709 -70.04 -28.55 -96.98
C ALA H 2709 -70.17 -29.59 -98.09
N LEU H 2710 -71.40 -29.84 -98.54
CA LEU H 2710 -71.60 -30.88 -99.54
C LEU H 2710 -71.00 -30.46 -100.88
N PRO H 2711 -70.16 -31.31 -101.49
CA PRO H 2711 -69.64 -31.00 -102.82
C PRO H 2711 -70.75 -31.07 -103.86
N PRO H 2712 -70.82 -30.10 -104.76
CA PRO H 2712 -71.85 -30.15 -105.80
C PRO H 2712 -71.73 -31.36 -106.70
N ASP H 2713 -70.52 -31.83 -106.96
CA ASP H 2713 -70.33 -32.96 -107.85
C ASP H 2713 -70.76 -34.27 -107.18
N TYR H 2714 -70.90 -34.25 -105.86
CA TYR H 2714 -71.08 -35.48 -105.11
C TYR H 2714 -72.36 -36.20 -105.49
N VAL H 2715 -72.25 -37.51 -105.66
CA VAL H 2715 -73.39 -38.39 -105.92
C VAL H 2715 -73.46 -39.41 -104.80
N ASP H 2716 -74.62 -39.50 -104.16
CA ASP H 2716 -74.82 -40.51 -103.12
C ASP H 2716 -74.67 -41.90 -103.74
N ALA H 2717 -74.09 -42.82 -102.96
CA ALA H 2717 -73.80 -44.16 -103.48
C ALA H 2717 -75.05 -44.84 -103.99
N SER H 2718 -76.20 -44.59 -103.35
CA SER H 2718 -77.47 -45.15 -103.76
C SER H 2718 -78.53 -44.06 -103.75
N TYR H 2719 -79.29 -43.94 -104.83
CA TYR H 2719 -80.45 -43.05 -104.88
C TYR H 2719 -81.65 -43.83 -104.34
N SER H 2720 -81.59 -44.13 -103.05
CA SER H 2720 -82.60 -44.91 -102.37
C SER H 2720 -83.17 -44.09 -101.22
N SER H 2721 -84.49 -44.03 -101.14
CA SER H 2721 -85.20 -43.32 -100.08
C SER H 2721 -85.97 -44.33 -99.24
N LYS H 2722 -85.72 -44.32 -97.93
CA LYS H 2722 -86.43 -45.23 -97.04
C LYS H 2722 -87.92 -44.92 -97.01
N ALA H 2723 -88.28 -43.66 -97.19
CA ALA H 2723 -89.66 -43.15 -97.16
C ALA H 2723 -90.34 -43.39 -95.82
N GLU H 2724 -89.58 -43.67 -94.77
CA GLU H 2724 -90.17 -43.88 -93.46
C GLU H 2724 -90.68 -42.57 -92.87
N LYS H 2725 -91.74 -42.66 -92.07
CA LYS H 2725 -92.35 -41.51 -91.43
C LYS H 2725 -92.77 -40.45 -92.45
N ASN H 2734 -84.13 -45.51 -77.14
CA ASN H 2734 -83.24 -46.62 -77.46
C ASN H 2734 -83.68 -47.32 -78.74
N PHE H 2735 -83.07 -48.46 -79.03
CA PHE H 2735 -83.37 -49.26 -80.20
C PHE H 2735 -83.93 -50.61 -79.75
N ASP H 2736 -85.15 -50.92 -80.17
CA ASP H 2736 -85.84 -52.13 -79.75
C ASP H 2736 -85.97 -53.09 -80.93
N PRO H 2737 -85.19 -54.16 -80.98
CA PRO H 2737 -85.33 -55.14 -82.07
C PRO H 2737 -86.26 -56.28 -81.71
N ARG H 2738 -87.12 -56.68 -82.64
CA ARG H 2738 -88.04 -57.78 -82.37
C ARG H 2738 -87.63 -59.01 -83.16
N PRO H 2739 -87.70 -60.20 -82.56
CA PRO H 2739 -87.24 -61.41 -83.25
C PRO H 2739 -88.27 -61.90 -84.26
N VAL H 2740 -87.77 -62.60 -85.28
CA VAL H 2740 -88.65 -63.19 -86.28
C VAL H 2740 -88.78 -64.69 -86.01
N GLU H 2741 -90.03 -65.17 -85.96
CA GLU H 2741 -90.33 -66.54 -85.60
C GLU H 2741 -90.83 -67.30 -86.83
N THR H 2742 -90.55 -68.59 -86.88
CA THR H 2742 -91.02 -69.47 -87.95
C THR H 2742 -91.71 -70.71 -87.42
N LEU H 2743 -91.95 -70.80 -86.12
CA LEU H 2743 -92.59 -71.98 -85.57
C LEU H 2743 -93.99 -72.16 -86.13
N ASN H 2744 -94.70 -71.05 -86.36
CA ASN H 2744 -96.02 -71.13 -86.97
C ASN H 2744 -95.93 -71.45 -88.46
N VAL H 2745 -94.91 -70.90 -89.15
CA VAL H 2745 -94.77 -71.12 -90.58
C VAL H 2745 -94.35 -72.56 -90.84
N ILE H 2746 -94.96 -73.17 -91.86
CA ILE H 2746 -94.66 -74.56 -92.20
C ILE H 2746 -93.24 -74.66 -92.76
N ILE H 2747 -92.63 -75.83 -92.58
CA ILE H 2747 -91.25 -76.08 -92.99
C ILE H 2747 -91.24 -77.33 -93.86
N PRO H 2748 -90.70 -77.26 -95.08
CA PRO H 2748 -90.67 -78.46 -95.93
C PRO H 2748 -89.83 -79.56 -95.32
N GLU H 2749 -90.31 -80.80 -95.46
CA GLU H 2749 -89.54 -81.94 -94.97
C GLU H 2749 -88.40 -82.29 -95.91
N LYS H 2750 -88.55 -81.96 -97.20
CA LYS H 2750 -87.47 -82.19 -98.16
C LYS H 2750 -86.24 -81.36 -97.81
N LEU H 2751 -86.46 -80.09 -97.44
CA LEU H 2751 -85.35 -79.27 -96.99
C LEU H 2751 -84.84 -79.69 -95.62
N ASP H 2752 -85.75 -80.17 -94.76
CA ASP H 2752 -85.38 -80.47 -93.38
C ASP H 2752 -84.30 -81.54 -93.31
N SER H 2753 -84.33 -82.51 -94.23
CA SER H 2753 -83.24 -83.49 -94.29
C SER H 2753 -81.92 -82.80 -94.64
N PHE H 2754 -81.96 -81.84 -95.57
CA PHE H 2754 -80.77 -81.07 -95.89
C PHE H 2754 -80.29 -80.27 -94.68
N ILE H 2755 -81.22 -79.76 -93.87
CA ILE H 2755 -80.84 -78.99 -92.70
C ILE H 2755 -80.20 -79.89 -91.65
N ASN H 2756 -80.72 -81.11 -91.51
CA ASN H 2756 -80.07 -82.08 -90.61
C ASN H 2756 -78.67 -82.42 -91.11
N LYS H 2757 -78.52 -82.59 -92.42
CA LYS H 2757 -77.19 -82.83 -92.99
C LYS H 2757 -76.28 -81.63 -92.73
N PHE H 2758 -76.83 -80.42 -92.79
CA PHE H 2758 -76.07 -79.22 -92.46
C PHE H 2758 -75.67 -79.21 -90.99
N ALA H 2759 -76.55 -79.68 -90.11
CA ALA H 2759 -76.20 -79.78 -88.70
C ALA H 2759 -75.04 -80.75 -88.50
N GLU H 2760 -75.09 -81.91 -89.15
CA GLU H 2760 -73.96 -82.84 -89.09
C GLU H 2760 -72.70 -82.20 -89.65
N TYR H 2761 -72.83 -81.42 -90.72
CA TYR H 2761 -71.68 -80.74 -91.30
C TYR H 2761 -71.13 -79.68 -90.36
N THR H 2762 -72.00 -79.06 -89.55
CA THR H 2762 -71.52 -78.04 -88.61
C THR H 2762 -70.79 -78.70 -87.44
N HIS H 2763 -71.27 -79.86 -86.98
CA HIS H 2763 -70.49 -80.61 -86.01
C HIS H 2763 -69.15 -81.05 -86.60
N GLU H 2764 -69.16 -81.49 -87.86
CA GLU H 2764 -67.91 -81.83 -88.54
C GLU H 2764 -67.01 -80.61 -88.67
N LYS H 2765 -67.59 -79.42 -88.82
CA LYS H 2765 -66.81 -78.20 -88.95
C LYS H 2765 -66.23 -77.78 -87.59
N TRP H 2766 -66.95 -78.07 -86.51
CA TRP H 2766 -66.36 -77.88 -85.19
C TRP H 2766 -65.17 -78.83 -84.99
N ALA H 2767 -65.30 -80.07 -85.47
CA ALA H 2767 -64.16 -80.98 -85.45
C ALA H 2767 -63.02 -80.45 -86.32
N PHE H 2768 -63.35 -79.84 -87.45
CA PHE H 2768 -62.34 -79.24 -88.32
C PHE H 2768 -61.64 -78.07 -87.63
N ASP H 2769 -62.41 -77.27 -86.88
CA ASP H 2769 -61.81 -76.18 -86.12
C ASP H 2769 -60.90 -76.71 -85.03
N LYS H 2770 -61.26 -77.85 -84.43
CA LYS H 2770 -60.38 -78.49 -83.47
C LYS H 2770 -59.11 -79.01 -84.15
N ILE H 2771 -59.23 -79.49 -85.37
CA ILE H 2771 -58.05 -79.90 -86.14
C ILE H 2771 -57.15 -78.70 -86.40
N GLN H 2772 -57.74 -77.56 -86.79
CA GLN H 2772 -56.97 -76.33 -86.94
C GLN H 2772 -56.35 -75.91 -85.62
N ASN H 2773 -57.01 -76.24 -84.50
CA ASN H 2773 -56.43 -75.98 -83.19
C ASN H 2773 -55.27 -76.91 -82.90
N ASN H 2774 -55.11 -77.96 -83.71
CA ASN H 2774 -54.08 -79.00 -83.60
C ASN H 2774 -54.22 -79.78 -82.30
N TRP H 2775 -55.37 -79.72 -81.63
CA TRP H 2775 -55.62 -80.49 -80.43
C TRP H 2775 -56.75 -81.47 -80.70
N SER H 2776 -56.50 -82.75 -80.41
CA SER H 2776 -57.47 -83.79 -80.71
C SER H 2776 -58.73 -83.62 -79.87
N TYR H 2777 -59.88 -83.81 -80.50
CA TYR H 2777 -61.15 -83.72 -79.79
C TYR H 2777 -61.26 -84.85 -78.77
N GLY H 2778 -61.80 -84.54 -77.59
CA GLY H 2778 -61.92 -85.52 -76.54
C GLY H 2778 -63.35 -85.80 -76.10
N GLU H 2779 -63.64 -87.07 -75.84
CA GLU H 2779 -64.97 -87.42 -75.33
C GLU H 2779 -65.21 -86.79 -73.96
N ASN H 2780 -64.21 -86.83 -73.09
CA ASN H 2780 -64.33 -86.23 -71.77
C ASN H 2780 -64.05 -84.73 -71.83
N VAL H 2781 -64.54 -84.02 -70.81
CA VAL H 2781 -64.37 -82.58 -70.69
C VAL H 2781 -63.11 -82.31 -69.88
N ASP H 2782 -62.24 -81.45 -70.41
CA ASP H 2782 -60.96 -81.13 -69.78
C ASP H 2782 -60.47 -79.78 -70.32
N GLU H 2783 -59.87 -78.98 -69.42
CA GLU H 2783 -59.51 -77.61 -69.77
C GLU H 2783 -58.27 -77.54 -70.66
N GLU H 2784 -57.26 -78.37 -70.38
CA GLU H 2784 -55.98 -78.24 -71.07
C GLU H 2784 -56.12 -78.55 -72.55
N LEU H 2785 -57.01 -79.48 -72.91
CA LEU H 2785 -57.21 -79.80 -74.32
C LEU H 2785 -57.86 -78.64 -75.07
N LYS H 2786 -58.70 -77.87 -74.38
CA LYS H 2786 -59.46 -76.77 -74.97
C LYS H 2786 -60.36 -77.28 -76.11
N THR H 2787 -60.90 -78.47 -75.93
CA THR H 2787 -61.76 -79.10 -76.92
C THR H 2787 -63.15 -79.28 -76.34
N HIS H 2788 -64.17 -79.15 -77.18
CA HIS H 2788 -65.54 -79.37 -76.73
C HIS H 2788 -65.73 -80.85 -76.38
N PRO H 2789 -66.23 -81.15 -75.18
CA PRO H 2789 -66.37 -82.57 -74.78
C PRO H 2789 -67.27 -83.38 -75.68
N MET H 2790 -68.33 -82.78 -76.24
CA MET H 2790 -69.31 -83.57 -76.98
C MET H 2790 -68.82 -83.87 -78.40
N LEU H 2791 -67.67 -83.33 -78.78
CA LEU H 2791 -67.01 -83.79 -79.99
C LEU H 2791 -66.59 -85.25 -79.82
N ARG H 2792 -67.24 -86.13 -80.57
CA ARG H 2792 -67.03 -87.56 -80.43
C ARG H 2792 -67.03 -88.20 -81.81
N PRO H 2793 -66.41 -89.37 -81.96
CA PRO H 2793 -66.59 -90.13 -83.20
C PRO H 2793 -68.04 -90.53 -83.38
N TYR H 2794 -68.48 -90.62 -84.64
CA TYR H 2794 -69.90 -90.82 -84.90
C TYR H 2794 -70.40 -92.15 -84.35
N LYS H 2795 -69.53 -93.17 -84.32
CA LYS H 2795 -69.93 -94.44 -83.70
C LYS H 2795 -70.20 -94.26 -82.21
N THR H 2796 -69.33 -93.53 -81.51
CA THR H 2796 -69.56 -93.26 -80.10
C THR H 2796 -70.51 -92.08 -79.91
N PHE H 2797 -70.79 -91.35 -80.98
CA PHE H 2797 -71.70 -90.21 -80.90
C PHE H 2797 -73.12 -90.67 -80.60
N SER H 2798 -73.76 -89.99 -79.65
CA SER H 2798 -75.17 -90.21 -79.41
C SER H 2798 -76.00 -89.38 -80.38
N GLU H 2799 -77.15 -89.92 -80.79
CA GLU H 2799 -77.98 -89.21 -81.75
C GLU H 2799 -78.68 -88.02 -81.10
N LYS H 2800 -79.01 -88.13 -79.81
CA LYS H 2800 -79.76 -87.08 -79.14
C LYS H 2800 -78.96 -85.77 -79.10
N ASP H 2801 -77.67 -85.86 -78.79
CA ASP H 2801 -76.85 -84.66 -78.80
C ASP H 2801 -76.72 -84.09 -80.20
N LYS H 2802 -76.74 -84.96 -81.22
CA LYS H 2802 -76.81 -84.50 -82.60
C LYS H 2802 -78.09 -83.71 -82.83
N GLU H 2803 -79.17 -84.10 -82.16
CA GLU H 2803 -80.46 -83.44 -82.37
C GLU H 2803 -80.51 -82.06 -81.69
N ILE H 2804 -79.91 -81.93 -80.51
CA ILE H 2804 -80.05 -80.68 -79.76
C ILE H 2804 -79.30 -79.54 -80.46
N TYR H 2805 -78.14 -79.83 -81.03
CA TYR H 2805 -77.40 -78.80 -81.75
C TYR H 2805 -77.95 -78.64 -83.16
N ARG H 2806 -78.76 -79.61 -83.60
CA ARG H 2806 -79.44 -79.47 -84.89
C ARG H 2806 -80.41 -78.30 -84.87
N TRP H 2807 -80.98 -78.00 -83.70
CA TRP H 2807 -82.06 -77.01 -83.63
C TRP H 2807 -81.62 -75.59 -83.98
N PRO H 2808 -80.44 -75.09 -83.58
CA PRO H 2808 -80.03 -73.77 -84.08
C PRO H 2808 -79.93 -73.67 -85.60
N ILE H 2809 -79.46 -74.71 -86.27
CA ILE H 2809 -79.40 -74.69 -87.73
C ILE H 2809 -80.81 -74.76 -88.31
N LYS H 2810 -81.68 -75.57 -87.69
CA LYS H 2810 -83.11 -75.50 -87.97
C LYS H 2810 -83.63 -74.08 -87.87
N GLU H 2811 -83.23 -73.34 -86.85
CA GLU H 2811 -83.74 -71.99 -86.63
C GLU H 2811 -83.21 -71.02 -87.68
N SER H 2812 -81.95 -71.19 -88.10
CA SER H 2812 -81.41 -70.36 -89.16
C SER H 2812 -82.17 -70.57 -90.46
N LEU H 2813 -82.35 -71.83 -90.85
CA LEU H 2813 -83.15 -72.11 -92.05
C LEU H 2813 -84.60 -71.66 -91.85
N LYS H 2814 -85.07 -71.66 -90.61
CA LYS H 2814 -86.43 -71.21 -90.33
C LYS H 2814 -86.58 -69.72 -90.58
N ALA H 2815 -85.62 -68.92 -90.13
CA ALA H 2815 -85.65 -67.50 -90.45
C ALA H 2815 -85.58 -67.28 -91.96
N MET H 2816 -84.71 -68.06 -92.63
CA MET H 2816 -84.64 -68.01 -94.08
C MET H 2816 -86.01 -68.22 -94.71
N ILE H 2817 -86.72 -69.28 -94.30
CA ILE H 2817 -88.04 -69.56 -94.86
C ILE H 2817 -89.03 -68.46 -94.48
N ALA H 2818 -88.95 -67.97 -93.25
CA ALA H 2818 -89.94 -67.03 -92.74
C ALA H 2818 -89.92 -65.72 -93.52
N TRP H 2819 -88.72 -65.22 -93.85
CA TRP H 2819 -88.63 -63.95 -94.57
C TRP H 2819 -88.98 -64.12 -96.04
N GLU H 2820 -90.22 -64.53 -96.28
CA GLU H 2820 -90.83 -64.71 -97.61
C GLU H 2820 -89.85 -65.28 -98.62
N TRP H 2821 -89.17 -66.36 -98.25
CA TRP H 2821 -88.21 -67.04 -99.10
C TRP H 2821 -88.54 -68.53 -99.15
N THR H 2822 -88.58 -69.09 -100.36
CA THR H 2822 -88.90 -70.49 -100.58
C THR H 2822 -87.72 -71.17 -101.26
N ILE H 2823 -87.36 -72.35 -100.75
CA ILE H 2823 -86.19 -73.10 -101.21
C ILE H 2823 -86.64 -74.15 -102.22
N GLU H 2824 -85.82 -74.39 -103.23
CA GLU H 2824 -86.04 -75.43 -104.22
C GLU H 2824 -84.79 -75.61 -105.05
N LYS H 2825 -84.43 -76.87 -105.29
CA LYS H 2825 -83.25 -77.23 -106.06
C LYS H 2825 -83.66 -78.01 -107.30
N ALA H 2826 -83.19 -77.58 -108.47
CA ALA H 2826 -83.45 -78.32 -109.70
C ALA H 2826 -82.78 -79.68 -109.67
N ARG H 2827 -81.54 -79.75 -109.21
CA ARG H 2827 -80.84 -81.02 -109.11
C ARG H 2827 -81.32 -81.81 -107.90
N GLU H 2828 -81.20 -83.13 -107.99
CA GLU H 2828 -81.59 -84.02 -106.92
C GLU H 2828 -80.34 -84.66 -106.30
N GLY H 2829 -80.21 -84.53 -104.99
CA GLY H 2829 -79.07 -85.09 -104.28
C GLY H 2829 -79.47 -86.13 -103.25
N GLU H 2830 -78.90 -87.33 -103.36
CA GLU H 2830 -79.19 -88.43 -102.45
C GLU H 2830 -80.68 -88.74 -102.38
N TYR H 2855 -63.91 -88.46 -88.16
CA TYR H 2855 -64.78 -87.44 -87.60
C TYR H 2855 -64.45 -86.08 -88.22
N ASN H 2856 -63.88 -86.11 -89.42
CA ASN H 2856 -63.56 -84.90 -90.15
C ASN H 2856 -64.36 -84.86 -91.45
N PRO H 2857 -64.98 -83.73 -91.80
CA PRO H 2857 -65.75 -83.66 -93.04
C PRO H 2857 -64.83 -83.77 -94.25
N GLN H 2858 -65.38 -84.32 -95.34
CA GLN H 2858 -64.61 -84.36 -96.58
C GLN H 2858 -64.50 -82.98 -97.21
N PRO H 2859 -65.59 -82.24 -97.49
CA PRO H 2859 -65.43 -80.85 -97.91
C PRO H 2859 -65.59 -79.90 -96.72
N PRO H 2860 -64.75 -78.88 -96.63
CA PRO H 2860 -65.00 -77.83 -95.64
C PRO H 2860 -65.88 -76.73 -96.22
N ASP H 2861 -66.79 -76.22 -95.39
CA ASP H 2861 -67.70 -75.16 -95.79
C ASP H 2861 -67.11 -73.82 -95.36
N LEU H 2862 -66.79 -72.98 -96.34
CA LEU H 2862 -66.16 -71.69 -96.10
C LEU H 2862 -67.04 -70.58 -96.63
N SER H 2863 -67.23 -69.54 -95.82
CA SER H 2863 -68.05 -68.40 -96.24
C SER H 2863 -67.30 -67.54 -97.26
N GLY H 2864 -66.00 -67.76 -97.41
CA GLY H 2864 -65.21 -66.93 -98.31
C GLY H 2864 -65.48 -67.21 -99.78
N VAL H 2865 -66.01 -68.40 -100.09
CA VAL H 2865 -66.24 -68.77 -101.47
C VAL H 2865 -67.32 -67.87 -102.07
N THR H 2866 -67.32 -67.75 -103.40
CA THR H 2866 -68.21 -66.83 -104.08
C THR H 2866 -69.66 -67.31 -103.99
N LEU H 2867 -70.59 -66.39 -104.22
CA LEU H 2867 -72.01 -66.67 -104.12
C LEU H 2867 -72.78 -65.64 -104.95
N SER H 2868 -74.02 -65.99 -105.28
CA SER H 2868 -74.86 -65.09 -106.06
C SER H 2868 -75.14 -63.79 -105.30
N ARG H 2869 -75.29 -62.69 -106.05
CA ARG H 2869 -75.51 -61.40 -105.41
C ARG H 2869 -76.87 -61.36 -104.71
N GLU H 2870 -77.90 -61.93 -105.34
CA GLU H 2870 -79.20 -62.00 -104.69
CA GLU H 2870 -79.20 -62.01 -104.69
C GLU H 2870 -79.14 -62.87 -103.44
N LEU H 2871 -78.40 -63.98 -103.50
CA LEU H 2871 -78.24 -64.84 -102.34
C LEU H 2871 -77.51 -64.09 -101.22
N GLN H 2872 -76.51 -63.29 -101.57
CA GLN H 2872 -75.81 -62.47 -100.58
C GLN H 2872 -76.72 -61.41 -99.98
N ALA H 2873 -77.61 -60.84 -100.79
CA ALA H 2873 -78.57 -59.87 -100.25
C ALA H 2873 -79.52 -60.54 -99.27
N MET H 2874 -80.00 -61.74 -99.61
CA MET H 2874 -80.82 -62.50 -98.65
C MET H 2874 -80.04 -62.81 -97.39
N ALA H 2875 -78.75 -63.13 -97.53
CA ALA H 2875 -77.92 -63.43 -96.36
C ALA H 2875 -77.73 -62.18 -95.49
N GLU H 2876 -77.61 -61.01 -96.11
CA GLU H 2876 -77.49 -59.78 -95.32
C GLU H 2876 -78.81 -59.47 -94.61
N GLN H 2877 -79.94 -59.75 -95.27
CA GLN H 2877 -81.22 -59.61 -94.58
C GLN H 2877 -81.31 -60.57 -93.40
N LEU H 2878 -80.85 -61.81 -93.59
CA LEU H 2878 -80.77 -62.76 -92.48
C LEU H 2878 -79.84 -62.27 -91.40
N ALA H 2879 -78.78 -61.54 -91.76
CA ALA H 2879 -77.89 -60.96 -90.77
C ALA H 2879 -78.61 -59.94 -89.91
N GLU H 2880 -79.42 -59.09 -90.55
CA GLU H 2880 -80.24 -58.16 -89.77
C GLU H 2880 -81.22 -58.91 -88.87
N ASN H 2881 -81.79 -60.01 -89.39
CA ASN H 2881 -82.72 -60.80 -88.58
C ASN H 2881 -82.03 -61.41 -87.37
N TYR H 2882 -80.84 -61.99 -87.56
CA TYR H 2882 -80.10 -62.56 -86.45
C TYR H 2882 -79.70 -61.49 -85.44
N HIS H 2883 -79.28 -60.33 -85.94
CA HIS H 2883 -78.94 -59.22 -85.06
C HIS H 2883 -80.15 -58.79 -84.24
N ASN H 2884 -81.33 -58.76 -84.84
CA ASN H 2884 -82.52 -58.35 -84.09
C ASN H 2884 -82.92 -59.42 -83.08
N THR H 2885 -82.76 -60.70 -83.44
CA THR H 2885 -83.05 -61.76 -82.47
C THR H 2885 -82.14 -61.67 -81.25
N TRP H 2886 -80.83 -61.46 -81.48
CA TRP H 2886 -79.92 -61.30 -80.34
C TRP H 2886 -80.20 -60.01 -79.58
N GLY H 2887 -80.53 -58.93 -80.30
CA GLY H 2887 -80.87 -57.69 -79.64
C GLY H 2887 -82.17 -57.79 -78.87
N ARG H 2888 -82.99 -58.80 -79.18
CA ARG H 2888 -84.20 -59.01 -78.39
C ARG H 2888 -83.87 -59.40 -76.96
N LYS H 2889 -83.00 -60.40 -76.76
CA LYS H 2889 -82.61 -60.75 -75.40
C LYS H 2889 -81.77 -59.64 -74.77
N LYS H 2890 -80.95 -58.95 -75.57
CA LYS H 2890 -80.21 -57.82 -75.03
C LYS H 2890 -81.15 -56.71 -74.54
N LYS H 2891 -82.23 -56.46 -75.28
CA LYS H 2891 -83.18 -55.44 -74.89
C LYS H 2891 -84.04 -55.90 -73.73
N GLN H 2892 -84.27 -57.21 -73.60
CA GLN H 2892 -84.92 -57.73 -72.41
C GLN H 2892 -84.05 -57.50 -71.17
N GLU H 2893 -82.75 -57.70 -71.31
CA GLU H 2893 -81.84 -57.37 -70.21
C GLU H 2893 -81.87 -55.86 -69.91
N LEU H 2894 -81.86 -55.03 -70.95
CA LEU H 2894 -81.82 -53.59 -70.76
C LEU H 2894 -83.10 -53.06 -70.12
N GLU H 2895 -84.25 -53.61 -70.53
CA GLU H 2895 -85.53 -53.04 -70.10
C GLU H 2895 -85.82 -53.35 -68.65
N ALA H 2896 -85.23 -54.41 -68.11
CA ALA H 2896 -85.38 -54.69 -66.68
C ALA H 2896 -84.80 -53.55 -65.85
N LYS H 2897 -83.62 -53.07 -66.22
CA LYS H 2897 -83.09 -51.86 -65.60
C LYS H 2897 -83.95 -50.65 -65.96
N GLY H 2898 -84.41 -50.58 -67.21
CA GLY H 2898 -85.28 -49.51 -67.65
C GLY H 2898 -84.60 -48.22 -68.01
N GLY H 2899 -83.27 -48.19 -68.05
CA GLY H 2899 -82.57 -46.95 -68.35
C GLY H 2899 -81.38 -47.11 -69.28
N GLY H 2900 -81.12 -46.08 -70.08
CA GLY H 2900 -80.00 -46.10 -70.99
C GLY H 2900 -80.25 -47.01 -72.17
N THR H 2901 -79.19 -47.18 -72.97
CA THR H 2901 -79.22 -48.09 -74.11
C THR H 2901 -78.05 -49.05 -74.02
N HIS H 2902 -78.27 -50.30 -74.43
CA HIS H 2902 -77.18 -51.26 -74.50
C HIS H 2902 -76.22 -50.83 -75.61
N PRO H 2903 -74.91 -50.88 -75.37
CA PRO H 2903 -73.95 -50.31 -76.34
C PRO H 2903 -73.99 -50.97 -77.70
N LEU H 2904 -74.47 -52.21 -77.80
CA LEU H 2904 -74.34 -52.99 -79.02
C LEU H 2904 -75.62 -53.16 -79.81
N LEU H 2905 -76.75 -52.60 -79.37
CA LEU H 2905 -77.99 -52.71 -80.13
C LEU H 2905 -78.33 -51.36 -80.75
N VAL H 2906 -78.08 -51.24 -82.04
CA VAL H 2906 -78.43 -50.06 -82.83
C VAL H 2906 -78.97 -50.55 -84.17
N PRO H 2907 -79.72 -49.75 -84.93
CA PRO H 2907 -80.28 -50.23 -86.20
C PRO H 2907 -79.17 -50.65 -87.17
N TYR H 2908 -79.55 -51.58 -88.07
CA TYR H 2908 -78.55 -52.24 -88.91
C TYR H 2908 -77.82 -51.25 -89.81
N ASP H 2909 -78.56 -50.30 -90.40
CA ASP H 2909 -77.91 -49.29 -91.23
C ASP H 2909 -77.01 -48.39 -90.39
N THR H 2910 -77.36 -48.19 -89.12
CA THR H 2910 -76.56 -47.31 -88.27
C THR H 2910 -75.28 -47.98 -87.81
N LEU H 2911 -75.32 -49.28 -87.52
CA LEU H 2911 -74.14 -49.96 -87.02
C LEU H 2911 -73.11 -50.17 -88.12
N THR H 2912 -71.85 -50.27 -87.72
CA THR H 2912 -70.75 -50.41 -88.66
C THR H 2912 -70.79 -51.78 -89.33
N ALA H 2913 -70.07 -51.89 -90.45
CA ALA H 2913 -70.10 -53.11 -91.24
C ALA H 2913 -69.54 -54.31 -90.47
N LYS H 2914 -68.49 -54.07 -89.67
CA LYS H 2914 -67.81 -55.19 -88.99
C LYS H 2914 -68.73 -55.90 -88.01
N GLU H 2915 -69.55 -55.15 -87.25
CA GLU H 2915 -70.52 -55.80 -86.39
C GLU H 2915 -71.59 -56.51 -87.22
N LYS H 2916 -72.03 -55.89 -88.31
CA LYS H 2916 -72.89 -56.57 -89.26
C LYS H 2916 -72.17 -57.75 -89.90
N ALA H 2917 -70.83 -57.69 -89.93
CA ALA H 2917 -70.06 -58.69 -90.67
C ALA H 2917 -70.13 -60.07 -90.00
N ARG H 2918 -70.32 -60.12 -88.69
CA ARG H 2918 -70.38 -61.43 -88.02
C ARG H 2918 -71.67 -62.17 -88.38
N ASP H 2919 -72.81 -61.51 -88.23
CA ASP H 2919 -74.07 -62.13 -88.62
C ASP H 2919 -74.10 -62.39 -90.12
N ARG H 2920 -73.55 -61.46 -90.91
CA ARG H 2920 -73.44 -61.67 -92.34
C ARG H 2920 -72.58 -62.89 -92.65
N GLU H 2921 -71.51 -63.09 -91.87
CA GLU H 2921 -70.61 -64.21 -92.12
C GLU H 2921 -71.28 -65.54 -91.82
N LYS H 2922 -72.03 -65.63 -90.72
CA LYS H 2922 -72.71 -66.89 -90.43
C LYS H 2922 -73.85 -67.15 -91.42
N ALA H 2923 -74.54 -66.08 -91.84
CA ALA H 2923 -75.53 -66.23 -92.91
C ALA H 2923 -74.86 -66.67 -94.21
N GLN H 2924 -73.68 -66.12 -94.51
CA GLN H 2924 -72.94 -66.53 -95.70
C GLN H 2924 -72.52 -67.99 -95.60
N GLU H 2925 -72.14 -68.44 -94.41
CA GLU H 2925 -71.81 -69.85 -94.23
C GLU H 2925 -73.01 -70.74 -94.55
N LEU H 2926 -74.18 -70.36 -94.04
CA LEU H 2926 -75.41 -71.09 -94.39
C LEU H 2926 -75.65 -71.07 -95.89
N LEU H 2927 -75.50 -69.90 -96.52
CA LEU H 2927 -75.76 -69.77 -97.95
C LEU H 2927 -74.75 -70.55 -98.77
N LYS H 2928 -73.50 -70.63 -98.30
CA LYS H 2928 -72.50 -71.43 -98.99
C LYS H 2928 -72.85 -72.90 -98.91
N PHE H 2929 -73.35 -73.36 -97.76
CA PHE H 2929 -73.77 -74.75 -97.69
C PHE H 2929 -74.94 -75.02 -98.64
N LEU H 2930 -75.89 -74.10 -98.71
CA LEU H 2930 -76.98 -74.26 -99.69
C LEU H 2930 -76.43 -74.28 -101.11
N GLN H 2931 -75.44 -73.44 -101.40
CA GLN H 2931 -74.83 -73.41 -102.73
C GLN H 2931 -74.15 -74.73 -103.06
N MET H 2932 -73.42 -75.30 -102.10
CA MET H 2932 -72.75 -76.57 -102.34
C MET H 2932 -73.78 -77.69 -102.54
N ASN H 2933 -74.85 -77.68 -101.75
CA ASN H 2933 -75.88 -78.71 -101.92
C ASN H 2933 -76.69 -78.48 -103.19
N GLY H 2934 -76.60 -77.28 -103.77
CA GLY H 2934 -77.36 -76.95 -104.96
C GLY H 2934 -78.72 -76.34 -104.69
N TYR H 2935 -79.12 -76.21 -103.43
CA TYR H 2935 -80.42 -75.64 -103.11
C TYR H 2935 -80.46 -74.16 -103.46
N ALA H 2936 -81.54 -73.74 -104.11
CA ALA H 2936 -81.74 -72.37 -104.53
C ALA H 2936 -83.00 -71.81 -103.89
N VAL H 2937 -82.93 -70.57 -103.43
CA VAL H 2937 -84.06 -69.90 -102.78
C VAL H 2937 -84.33 -68.60 -103.49
N THR H 2938 -85.61 -68.34 -103.79
CA THR H 2938 -86.06 -67.15 -104.49
C THR H 2938 -87.06 -66.42 -103.62
N ARG H 2939 -87.04 -65.09 -103.68
CA ARG H 2939 -87.98 -64.27 -102.91
C ARG H 2939 -89.42 -64.58 -103.28
N LEU H 2946 -84.90 -44.87 -110.38
CA LEU H 2946 -84.76 -46.00 -111.30
C LEU H 2946 -83.97 -45.60 -112.54
N ASP H 2947 -82.79 -46.19 -112.69
CA ASP H 2947 -81.88 -45.90 -113.80
C ASP H 2947 -81.58 -44.40 -113.89
N THR H 2948 -81.41 -43.76 -112.73
CA THR H 2948 -81.11 -42.34 -112.71
C THR H 2948 -79.71 -42.08 -113.25
N SER H 2949 -79.61 -41.09 -114.14
CA SER H 2949 -78.32 -40.73 -114.70
C SER H 2949 -77.42 -40.13 -113.64
N SER H 2950 -76.11 -40.25 -113.84
CA SER H 2950 -75.15 -39.71 -112.89
C SER H 2950 -75.31 -38.20 -112.74
N ILE H 2951 -75.70 -37.52 -113.83
CA ILE H 2951 -75.93 -36.09 -113.75
C ILE H 2951 -77.12 -35.79 -112.85
N GLU H 2952 -78.21 -36.54 -113.00
CA GLU H 2952 -79.39 -36.29 -112.18
C GLU H 2952 -79.14 -36.66 -110.72
N LYS H 2953 -78.23 -37.60 -110.48
CA LYS H 2953 -77.98 -38.04 -109.11
C LYS H 2953 -77.24 -36.98 -108.31
N ARG H 2954 -76.67 -35.98 -108.99
CA ARG H 2954 -75.83 -35.01 -108.30
C ARG H 2954 -76.64 -34.13 -107.36
N PHE H 2955 -76.02 -33.80 -106.22
CA PHE H 2955 -76.69 -33.02 -105.19
C PHE H 2955 -77.08 -31.64 -105.71
N ALA H 2956 -76.19 -31.01 -106.47
CA ALA H 2956 -76.52 -29.72 -107.06
C ALA H 2956 -77.71 -29.83 -108.01
N PHE H 2957 -77.76 -30.92 -108.77
CA PHE H 2957 -78.89 -31.14 -109.67
C PHE H 2957 -80.20 -31.25 -108.91
N GLY H 2958 -80.23 -32.08 -107.86
CA GLY H 2958 -81.45 -32.20 -107.08
C GLY H 2958 -81.84 -30.90 -106.40
N PHE H 2959 -80.85 -30.18 -105.85
CA PHE H 2959 -81.13 -28.92 -105.18
C PHE H 2959 -81.71 -27.91 -106.14
N LEU H 2960 -81.16 -27.82 -107.35
CA LEU H 2960 -81.67 -26.88 -108.34
C LEU H 2960 -83.07 -27.28 -108.81
N GLN H 2961 -83.34 -28.58 -108.93
CA GLN H 2961 -84.69 -29.00 -109.28
C GLN H 2961 -85.68 -28.57 -108.22
N GLN H 2962 -85.32 -28.74 -106.94
CA GLN H 2962 -86.19 -28.29 -105.87
C GLN H 2962 -86.38 -26.78 -105.92
N LEU H 2963 -85.31 -26.04 -106.22
CA LEU H 2963 -85.43 -24.59 -106.34
C LEU H 2963 -86.37 -24.18 -107.45
N LEU H 2964 -86.32 -24.87 -108.60
CA LEU H 2964 -87.22 -24.53 -109.69
C LEU H 2964 -88.67 -24.86 -109.35
N ARG H 2965 -88.90 -25.97 -108.65
CA ARG H 2965 -90.26 -26.28 -108.24
C ARG H 2965 -90.80 -25.23 -107.28
N TRP H 2966 -89.99 -24.86 -106.28
CA TRP H 2966 -90.38 -23.75 -105.41
C TRP H 2966 -90.49 -22.44 -106.18
N MET H 2967 -89.79 -22.35 -107.32
CA MET H 2967 -89.82 -21.13 -108.12
C MET H 2967 -91.17 -20.98 -108.82
N ASP H 2968 -91.70 -22.08 -109.36
CA ASP H 2968 -93.03 -22.01 -109.95
C ASP H 2968 -94.08 -21.78 -108.86
N ILE H 2969 -93.89 -22.37 -107.67
CA ILE H 2969 -94.79 -22.04 -106.56
C ILE H 2969 -94.70 -20.56 -106.22
N SER H 2970 -93.49 -19.98 -106.33
CA SER H 2970 -93.32 -18.56 -106.08
C SER H 2970 -94.08 -17.72 -107.09
N GLN H 2971 -93.99 -18.09 -108.36
CA GLN H 2971 -94.77 -17.39 -109.37
C GLN H 2971 -96.26 -17.47 -109.04
N GLU H 2972 -96.72 -18.64 -108.59
CA GLU H 2972 -98.13 -18.79 -108.26
C GLU H 2972 -98.54 -17.84 -107.13
N PHE H 2973 -97.77 -17.81 -106.03
CA PHE H 2973 -98.26 -17.02 -104.91
C PHE H 2973 -98.05 -15.52 -105.15
N ILE H 2974 -97.07 -15.14 -105.97
CA ILE H 2974 -96.97 -13.72 -106.30
C ILE H 2974 -98.14 -13.31 -107.18
N ALA H 2975 -98.57 -14.18 -108.09
CA ALA H 2975 -99.77 -13.88 -108.87
C ALA H 2975 -100.99 -13.73 -107.97
N HIS H 2976 -101.12 -14.62 -106.98
CA HIS H 2976 -102.25 -14.54 -106.06
C HIS H 2976 -102.20 -13.25 -105.25
N LEU H 2977 -101.01 -12.85 -104.81
CA LEU H 2977 -100.86 -11.63 -104.02
C LEU H 2977 -101.15 -10.41 -104.87
N GLU H 2978 -100.72 -10.41 -106.14
CA GLU H 2978 -101.08 -9.32 -107.03
C GLU H 2978 -102.58 -9.22 -107.20
N ALA H 2979 -103.26 -10.37 -107.35
CA ALA H 2979 -104.70 -10.35 -107.46
C ALA H 2979 -105.35 -9.74 -106.22
N VAL H 2980 -104.89 -10.12 -105.03
CA VAL H 2980 -105.53 -9.64 -103.81
C VAL H 2980 -105.25 -8.15 -103.60
N VAL H 2981 -104.04 -7.69 -103.93
CA VAL H 2981 -103.74 -6.27 -103.74
C VAL H 2981 -104.50 -5.44 -104.77
N SER H 2982 -104.74 -6.01 -105.96
CA SER H 2982 -105.59 -5.33 -106.94
C SER H 2982 -107.02 -5.22 -106.43
N SER H 2983 -107.55 -6.31 -105.87
CA SER H 2983 -108.90 -6.28 -105.32
C SER H 2983 -109.10 -7.50 -104.43
N GLY H 2984 -109.97 -7.33 -103.43
CA GLY H 2984 -110.34 -8.42 -102.55
C GLY H 2984 -109.20 -9.04 -101.77
N ARG H 2985 -108.43 -8.21 -101.06
CA ARG H 2985 -107.31 -8.70 -100.28
C ARG H 2985 -107.82 -9.63 -99.18
N VAL H 2986 -107.05 -10.69 -98.90
CA VAL H 2986 -107.49 -11.78 -98.05
C VAL H 2986 -106.77 -11.69 -96.70
N GLU H 2987 -107.54 -11.78 -95.62
CA GLU H 2987 -106.96 -11.80 -94.28
C GLU H 2987 -106.10 -13.05 -94.08
N LYS H 2988 -106.60 -14.21 -94.48
CA LYS H 2988 -105.89 -15.46 -94.25
C LYS H 2988 -104.57 -15.49 -95.01
N SER H 2989 -104.62 -15.23 -96.32
CA SER H 2989 -103.48 -15.39 -97.21
C SER H 2989 -102.88 -16.79 -97.05
N PRO H 2990 -103.54 -17.83 -97.56
CA PRO H 2990 -103.02 -19.19 -97.36
C PRO H 2990 -101.62 -19.38 -97.93
N HIS H 2991 -101.28 -18.61 -98.96
CA HIS H 2991 -99.98 -18.75 -99.59
C HIS H 2991 -98.90 -18.05 -98.79
N GLU H 2992 -99.29 -17.28 -97.77
CA GLU H 2992 -98.34 -16.45 -97.04
C GLU H 2992 -97.31 -17.31 -96.31
N GLN H 2993 -97.70 -18.52 -95.88
CA GLN H 2993 -96.73 -19.42 -95.29
C GLN H 2993 -95.64 -19.79 -96.29
N GLU H 2994 -96.03 -20.10 -97.53
CA GLU H 2994 -95.06 -20.38 -98.56
C GLU H 2994 -94.20 -19.16 -98.86
N ILE H 2995 -94.80 -17.97 -98.85
CA ILE H 2995 -94.03 -16.75 -99.06
C ILE H 2995 -92.98 -16.58 -97.97
N LYS H 2996 -93.37 -16.82 -96.73
CA LYS H 2996 -92.45 -16.67 -95.61
C LYS H 2996 -91.31 -17.67 -95.70
N PHE H 2997 -91.61 -18.92 -96.04
CA PHE H 2997 -90.55 -19.91 -96.20
C PHE H 2997 -89.63 -19.56 -97.35
N PHE H 2998 -90.20 -19.04 -98.44
CA PHE H 2998 -89.41 -18.63 -99.60
C PHE H 2998 -88.49 -17.47 -99.25
N ALA H 2999 -88.97 -16.56 -98.41
CA ALA H 2999 -88.20 -15.36 -98.09
C ALA H 2999 -87.11 -15.64 -97.06
N LYS H 3000 -87.47 -16.30 -95.96
CA LYS H 3000 -86.52 -16.44 -94.85
C LYS H 3000 -85.42 -17.44 -95.17
N ILE H 3001 -85.75 -18.53 -95.87
CA ILE H 3001 -84.84 -19.64 -96.07
C ILE H 3001 -84.31 -19.70 -97.50
N LEU H 3002 -85.21 -19.72 -98.48
CA LEU H 3002 -84.79 -20.01 -99.85
C LEU H 3002 -83.83 -18.97 -100.40
N LEU H 3003 -84.14 -17.69 -100.20
CA LEU H 3003 -83.26 -16.66 -100.73
C LEU H 3003 -81.86 -16.68 -100.11
N PRO H 3004 -81.69 -16.68 -98.78
CA PRO H 3004 -80.32 -16.80 -98.26
C PRO H 3004 -79.64 -18.10 -98.63
N LEU H 3005 -80.39 -19.20 -98.69
CA LEU H 3005 -79.78 -20.47 -99.07
C LEU H 3005 -79.24 -20.42 -100.50
N ILE H 3006 -80.04 -19.87 -101.42
CA ILE H 3006 -79.60 -19.73 -102.81
C ILE H 3006 -78.39 -18.83 -102.88
N ASN H 3007 -78.43 -17.69 -102.18
CA ASN H 3007 -77.32 -16.76 -102.19
C ASN H 3007 -76.03 -17.43 -101.74
N GLN H 3008 -76.06 -18.09 -100.59
CA GLN H 3008 -74.85 -18.72 -100.06
C GLN H 3008 -74.36 -19.85 -100.97
N TYR H 3009 -75.28 -20.71 -101.42
CA TYR H 3009 -74.88 -21.86 -102.22
C TYR H 3009 -74.23 -21.43 -103.53
N PHE H 3010 -74.80 -20.43 -104.19
CA PHE H 3010 -74.25 -20.03 -105.48
C PHE H 3010 -73.12 -19.03 -105.31
N THR H 3011 -72.91 -18.53 -104.09
CA THR H 3011 -71.68 -17.79 -103.81
C THR H 3011 -70.50 -18.73 -103.64
N ASN H 3012 -70.73 -19.88 -103.00
CA ASN H 3012 -69.62 -20.80 -102.75
C ASN H 3012 -69.19 -21.54 -104.02
N HIS H 3013 -70.14 -21.98 -104.84
CA HIS H 3013 -69.85 -22.86 -105.96
C HIS H 3013 -69.97 -22.18 -107.32
N CYS H 3014 -69.83 -20.85 -107.35
CA CYS H 3014 -69.88 -20.14 -108.62
C CYS H 3014 -68.77 -20.61 -109.56
N LEU H 3015 -67.59 -20.86 -109.02
CA LEU H 3015 -66.48 -21.35 -109.85
C LEU H 3015 -66.81 -22.71 -110.45
N TYR H 3016 -67.39 -23.61 -109.65
CA TYR H 3016 -67.76 -24.91 -110.18
C TYR H 3016 -68.81 -24.79 -111.27
N PHE H 3017 -69.79 -23.91 -111.09
CA PHE H 3017 -70.82 -23.75 -112.11
C PHE H 3017 -70.25 -23.12 -113.37
N LEU H 3018 -69.27 -22.23 -113.22
CA LEU H 3018 -68.69 -21.58 -114.39
C LEU H 3018 -67.70 -22.49 -115.11
N SER H 3019 -67.20 -23.51 -114.41
CA SER H 3019 -66.19 -24.37 -115.00
C SER H 3019 -66.76 -25.15 -116.18
N THR H 3020 -65.88 -25.45 -117.13
CA THR H 3020 -66.20 -26.21 -118.33
C THR H 3020 -65.29 -27.42 -118.41
N PRO H 3021 -65.70 -28.49 -119.10
CA PRO H 3021 -64.81 -29.64 -119.23
C PRO H 3021 -63.48 -29.29 -119.88
N ALA H 3022 -63.46 -28.37 -120.83
CA ALA H 3022 -62.22 -27.96 -121.45
C ALA H 3022 -61.37 -27.12 -120.51
N LYS H 3023 -61.99 -26.16 -119.83
CA LYS H 3023 -61.28 -25.23 -118.96
C LYS H 3023 -62.02 -25.17 -117.63
N VAL H 3024 -61.31 -25.40 -116.53
CA VAL H 3024 -61.90 -25.50 -115.20
C VAL H 3024 -61.32 -24.38 -114.34
N LEU H 3025 -62.18 -23.43 -113.97
CA LEU H 3025 -61.78 -22.43 -112.99
C LEU H 3025 -61.81 -23.01 -111.57
N GLY H 3026 -62.79 -23.86 -111.29
CA GLY H 3026 -62.93 -24.38 -109.93
C GLY H 3026 -61.80 -25.32 -109.57
N SER H 3027 -61.65 -25.53 -108.25
CA SER H 3027 -60.61 -26.42 -107.77
C SER H 3027 -60.85 -27.86 -108.21
N GLY H 3028 -62.09 -28.33 -108.10
CA GLY H 3028 -62.40 -29.69 -108.48
C GLY H 3028 -63.75 -29.84 -109.14
N GLY H 3029 -63.79 -30.54 -110.27
CA GLY H 3029 -65.03 -30.84 -110.95
C GLY H 3029 -65.57 -29.66 -111.73
N HIS H 3030 -66.55 -29.95 -112.58
CA HIS H 3030 -67.19 -28.95 -113.40
C HIS H 3030 -68.68 -29.28 -113.52
N ALA H 3031 -69.49 -28.22 -113.61
CA ALA H 3031 -70.93 -28.40 -113.67
C ALA H 3031 -71.36 -28.99 -115.00
N SER H 3032 -72.41 -29.78 -114.97
CA SER H 3032 -72.98 -30.31 -116.21
C SER H 3032 -73.68 -29.21 -116.99
N ASN H 3033 -73.77 -29.42 -118.30
CA ASN H 3033 -74.48 -28.45 -119.13
C ASN H 3033 -75.93 -28.34 -118.71
N LYS H 3034 -76.54 -29.45 -118.32
CA LYS H 3034 -77.93 -29.41 -117.85
C LYS H 3034 -78.03 -28.57 -116.57
N GLU H 3035 -77.05 -28.70 -115.68
CA GLU H 3035 -77.04 -27.88 -114.46
C GLU H 3035 -76.89 -26.40 -114.80
N LYS H 3036 -76.04 -26.08 -115.78
CA LYS H 3036 -75.90 -24.68 -116.20
C LYS H 3036 -77.21 -24.15 -116.79
N GLU H 3037 -77.89 -24.97 -117.59
CA GLU H 3037 -79.18 -24.57 -118.12
C GLU H 3037 -80.19 -24.35 -117.00
N MET H 3038 -80.15 -25.21 -115.97
CA MET H 3038 -81.08 -25.10 -114.86
C MET H 3038 -80.83 -23.83 -114.05
N ILE H 3039 -79.56 -23.49 -113.80
CA ILE H 3039 -79.28 -22.26 -113.06
C ILE H 3039 -79.65 -21.03 -113.89
N THR H 3040 -79.44 -21.09 -115.21
CA THR H 3040 -79.87 -19.99 -116.06
C THR H 3040 -81.39 -19.82 -116.02
N SER H 3041 -82.12 -20.94 -116.06
CA SER H 3041 -83.57 -20.88 -115.96
C SER H 3041 -84.00 -20.30 -114.62
N LEU H 3042 -83.30 -20.67 -113.54
CA LEU H 3042 -83.62 -20.09 -112.24
C LEU H 3042 -83.40 -18.59 -112.23
N PHE H 3043 -82.31 -18.13 -112.85
CA PHE H 3043 -82.07 -16.69 -112.92
C PHE H 3043 -83.16 -15.97 -113.69
N CYS H 3044 -83.56 -16.52 -114.84
CA CYS H 3044 -84.62 -15.90 -115.62
C CYS H 3044 -85.94 -15.88 -114.85
N LYS H 3045 -86.25 -16.97 -114.16
CA LYS H 3045 -87.50 -17.02 -113.39
C LYS H 3045 -87.49 -16.01 -112.25
N LEU H 3046 -86.35 -15.87 -111.56
CA LEU H 3046 -86.26 -14.88 -110.49
C LEU H 3046 -86.41 -13.47 -111.04
N ALA H 3047 -85.80 -13.20 -112.20
CA ALA H 3047 -85.95 -11.88 -112.80
C ALA H 3047 -87.41 -11.59 -113.15
N ALA H 3048 -88.10 -12.58 -113.74
CA ALA H 3048 -89.50 -12.39 -114.07
C ALA H 3048 -90.34 -12.21 -112.82
N LEU H 3049 -90.02 -12.94 -111.75
CA LEU H 3049 -90.73 -12.80 -110.49
C LEU H 3049 -90.57 -11.38 -109.93
N VAL H 3050 -89.36 -10.83 -109.96
CA VAL H 3050 -89.11 -9.52 -109.39
C VAL H 3050 -89.53 -8.39 -110.31
N ARG H 3051 -89.80 -8.67 -111.59
CA ARG H 3051 -90.15 -7.62 -112.54
C ARG H 3051 -91.45 -6.95 -112.11
N HIS H 3052 -91.36 -5.68 -111.71
CA HIS H 3052 -92.44 -4.81 -111.29
C HIS H 3052 -93.10 -5.28 -109.98
N ARG H 3053 -92.47 -6.19 -109.23
CA ARG H 3053 -93.02 -6.66 -107.97
C ARG H 3053 -92.23 -6.18 -106.76
N VAL H 3054 -91.43 -5.12 -106.92
CA VAL H 3054 -90.58 -4.66 -105.83
C VAL H 3054 -91.43 -4.15 -104.67
N SER H 3055 -92.48 -3.38 -104.98
CA SER H 3055 -93.35 -2.86 -103.92
C SER H 3055 -94.05 -4.00 -103.20
N LEU H 3056 -94.55 -4.98 -103.94
CA LEU H 3056 -95.18 -6.14 -103.32
C LEU H 3056 -94.19 -6.93 -102.48
N PHE H 3057 -92.96 -7.09 -102.97
CA PHE H 3057 -91.95 -7.82 -102.22
C PHE H 3057 -91.62 -7.11 -100.91
N GLY H 3058 -91.52 -5.79 -100.95
CA GLY H 3058 -91.23 -5.05 -99.73
C GLY H 3058 -89.82 -5.31 -99.25
N THR H 3059 -89.70 -5.83 -98.02
CA THR H 3059 -88.39 -6.09 -97.45
C THR H 3059 -87.69 -7.24 -98.16
N ASP H 3060 -88.43 -8.04 -98.94
CA ASP H 3060 -87.82 -9.15 -99.65
C ASP H 3060 -87.00 -8.67 -100.83
N ALA H 3061 -87.27 -7.47 -101.32
CA ALA H 3061 -86.62 -7.00 -102.55
C ALA H 3061 -85.11 -6.91 -102.45
N PRO H 3062 -84.49 -6.39 -101.37
CA PRO H 3062 -83.02 -6.40 -101.32
C PRO H 3062 -82.43 -7.80 -101.39
N ALA H 3063 -83.02 -8.74 -100.66
CA ALA H 3063 -82.53 -10.12 -100.73
C ALA H 3063 -82.69 -10.68 -102.14
N VAL H 3064 -83.81 -10.38 -102.79
CA VAL H 3064 -84.05 -10.89 -104.13
C VAL H 3064 -83.01 -10.35 -105.10
N VAL H 3065 -82.70 -9.05 -105.01
CA VAL H 3065 -81.73 -8.49 -105.95
C VAL H 3065 -80.32 -8.99 -105.64
N ASN H 3066 -80.00 -9.22 -104.38
CA ASN H 3066 -78.71 -9.83 -104.06
C ASN H 3066 -78.61 -11.23 -104.66
N CYS H 3067 -79.68 -12.02 -104.53
CA CYS H 3067 -79.69 -13.35 -105.14
C CYS H 3067 -79.57 -13.24 -106.66
N LEU H 3068 -80.20 -12.22 -107.25
CA LEU H 3068 -80.10 -12.05 -108.69
C LEU H 3068 -78.68 -11.74 -109.12
N HIS H 3069 -77.97 -10.87 -108.39
CA HIS H 3069 -76.58 -10.61 -108.71
C HIS H 3069 -75.72 -11.87 -108.55
N ILE H 3070 -75.97 -12.64 -107.49
CA ILE H 3070 -75.19 -13.86 -107.28
C ILE H 3070 -75.44 -14.84 -108.41
N LEU H 3071 -76.70 -14.98 -108.84
CA LEU H 3071 -77.01 -15.86 -109.96
C LEU H 3071 -76.37 -15.36 -111.25
N ALA H 3072 -76.37 -14.04 -111.46
CA ALA H 3072 -75.78 -13.48 -112.66
C ALA H 3072 -74.29 -13.80 -112.73
N ARG H 3073 -73.58 -13.68 -111.60
CA ARG H 3073 -72.18 -14.09 -111.59
C ARG H 3073 -72.06 -15.60 -111.75
N SER H 3074 -73.05 -16.36 -111.29
CA SER H 3074 -72.92 -17.81 -111.27
C SER H 3074 -73.10 -18.43 -112.66
N LEU H 3075 -74.01 -17.88 -113.46
CA LEU H 3075 -74.42 -18.57 -114.67
C LEU H 3075 -73.35 -18.51 -115.75
N ASP H 3076 -73.19 -19.63 -116.47
CA ASP H 3076 -72.30 -19.72 -117.62
C ASP H 3076 -73.17 -19.62 -118.87
N ALA H 3077 -73.22 -18.42 -119.46
CA ALA H 3077 -74.17 -18.17 -120.53
C ALA H 3077 -73.72 -18.81 -121.85
N ARG H 3078 -72.41 -18.90 -122.07
CA ARG H 3078 -71.91 -19.41 -123.35
C ARG H 3078 -72.33 -20.85 -123.57
N THR H 3079 -72.10 -21.72 -122.59
CA THR H 3079 -72.45 -23.13 -122.75
C THR H 3079 -73.96 -23.30 -122.92
N VAL H 3080 -74.75 -22.54 -122.16
CA VAL H 3080 -76.20 -22.65 -122.27
C VAL H 3080 -76.66 -22.24 -123.67
N MET H 3081 -76.10 -21.14 -124.20
CA MET H 3081 -76.51 -20.68 -125.51
C MET H 3081 -76.07 -21.66 -126.60
N LYS H 3082 -74.86 -22.21 -126.50
CA LYS H 3082 -74.38 -23.11 -127.54
C LYS H 3082 -75.13 -24.44 -127.52
N SER H 3083 -75.27 -25.06 -126.34
CA SER H 3083 -75.92 -26.36 -126.19
C SER H 3083 -76.89 -26.28 -125.00
N GLY H 3084 -78.13 -25.89 -125.28
CA GLY H 3084 -79.14 -25.79 -124.26
C GLY H 3084 -80.54 -25.94 -124.84
N PRO H 3085 -81.50 -26.28 -123.98
CA PRO H 3085 -82.88 -26.40 -124.46
C PRO H 3085 -83.41 -25.07 -124.96
N GLU H 3086 -84.24 -25.15 -126.01
CA GLU H 3086 -84.72 -23.95 -126.67
C GLU H 3086 -85.51 -23.08 -125.71
N ILE H 3087 -86.24 -23.69 -124.78
CA ILE H 3087 -87.05 -22.88 -123.86
C ILE H 3087 -86.17 -22.10 -122.89
N VAL H 3088 -85.06 -22.68 -122.43
CA VAL H 3088 -84.17 -21.94 -121.55
C VAL H 3088 -83.46 -20.83 -122.31
N LYS H 3089 -82.97 -21.14 -123.51
CA LYS H 3089 -82.34 -20.09 -124.31
C LYS H 3089 -83.31 -18.95 -124.57
N ALA H 3090 -84.54 -19.27 -124.98
CA ALA H 3090 -85.55 -18.25 -125.25
C ALA H 3090 -85.91 -17.48 -123.99
N GLY H 3091 -85.86 -18.14 -122.82
CA GLY H 3091 -86.07 -17.42 -121.59
C GLY H 3091 -85.02 -16.36 -121.36
N LEU H 3092 -83.75 -16.70 -121.60
CA LEU H 3092 -82.69 -15.70 -121.48
C LEU H 3092 -82.90 -14.56 -122.47
N ARG H 3093 -83.23 -14.88 -123.72
CA ARG H 3093 -83.46 -13.84 -124.73
C ARG H 3093 -84.62 -12.95 -124.33
N SER H 3094 -85.71 -13.54 -123.81
CA SER H 3094 -86.86 -12.75 -123.39
C SER H 3094 -86.52 -11.88 -122.19
N PHE H 3095 -85.65 -12.36 -121.31
CA PHE H 3095 -85.21 -11.52 -120.20
C PHE H 3095 -84.47 -10.29 -120.71
N PHE H 3096 -83.60 -10.48 -121.71
CA PHE H 3096 -82.91 -9.33 -122.29
C PHE H 3096 -83.90 -8.37 -122.95
N GLU H 3097 -84.87 -8.89 -123.69
CA GLU H 3097 -85.85 -8.02 -124.33
C GLU H 3097 -86.67 -7.25 -123.31
N SER H 3098 -87.08 -7.91 -122.23
CA SER H 3098 -87.85 -7.24 -121.19
C SER H 3098 -87.02 -6.16 -120.50
N ALA H 3099 -85.74 -6.43 -120.26
CA ALA H 3099 -84.88 -5.41 -119.68
C ALA H 3099 -84.77 -4.20 -120.59
N SER H 3100 -84.62 -4.43 -121.90
CA SER H 3100 -84.56 -3.32 -122.85
C SER H 3100 -85.86 -2.53 -122.84
N GLU H 3101 -87.00 -3.22 -122.80
CA GLU H 3101 -88.29 -2.52 -122.80
C GLU H 3101 -88.46 -1.69 -121.52
N ASP H 3102 -88.02 -2.22 -120.38
CA ASP H 3102 -88.07 -1.45 -119.15
C ASP H 3102 -87.19 -0.21 -119.24
N ILE H 3103 -86.00 -0.35 -119.82
CA ILE H 3103 -85.12 0.80 -119.98
C ILE H 3103 -85.74 1.84 -120.91
N GLU H 3104 -86.49 1.40 -121.92
CA GLU H 3104 -87.18 2.34 -122.79
C GLU H 3104 -88.31 3.06 -122.04
N LYS H 3105 -89.06 2.32 -121.22
CA LYS H 3105 -90.04 3.00 -120.38
C LYS H 3105 -89.35 4.06 -119.53
N MET H 3106 -88.15 3.76 -119.03
CA MET H 3106 -87.38 4.73 -118.28
C MET H 3106 -86.95 5.93 -119.12
N VAL H 3107 -86.58 5.73 -120.39
CA VAL H 3107 -86.18 6.89 -121.18
C VAL H 3107 -87.38 7.81 -121.38
N GLU H 3108 -88.58 7.22 -121.54
CA GLU H 3108 -89.80 8.02 -121.52
C GLU H 3108 -89.98 8.74 -120.19
N ASN H 3109 -89.79 8.04 -119.07
CA ASN H 3109 -90.05 8.66 -117.77
C ASN H 3109 -89.14 9.86 -117.52
N LEU H 3110 -87.83 9.70 -117.67
CA LEU H 3110 -86.95 10.82 -117.40
C LEU H 3110 -86.88 11.79 -118.57
N ARG H 3111 -87.56 11.46 -119.68
CA ARG H 3111 -87.83 12.50 -120.66
C ARG H 3111 -88.79 13.53 -120.11
N LEU H 3112 -89.50 13.18 -119.04
CA LEU H 3112 -90.48 14.00 -118.32
C LEU H 3112 -91.66 14.36 -119.22
N GLY H 3113 -91.80 13.73 -120.38
CA GLY H 3113 -93.03 13.86 -121.14
C GLY H 3113 -94.21 13.31 -120.35
N LYS H 3114 -93.96 12.28 -119.54
CA LYS H 3114 -94.89 11.79 -118.54
C LYS H 3114 -94.18 11.75 -117.19
N VAL H 3115 -94.87 12.17 -116.14
CA VAL H 3115 -94.21 12.51 -114.88
C VAL H 3115 -93.53 11.29 -114.28
N SER H 3116 -94.22 10.16 -114.22
CA SER H 3116 -93.73 8.95 -113.57
C SER H 3116 -93.30 9.22 -112.12
N LYS H 3123 -97.77 5.85 -110.39
CA LYS H 3123 -98.64 4.79 -110.91
C LYS H 3123 -97.82 3.56 -111.32
N GLY H 3124 -98.42 2.71 -112.17
CA GLY H 3124 -97.74 1.49 -112.58
C GLY H 3124 -96.41 1.76 -113.27
N VAL H 3125 -96.35 2.81 -114.10
CA VAL H 3125 -95.10 3.17 -114.76
C VAL H 3125 -94.10 3.68 -113.74
N GLY H 3126 -94.56 4.44 -112.74
CA GLY H 3126 -93.68 4.82 -111.64
C GLY H 3126 -93.16 3.62 -110.89
N GLN H 3127 -94.01 2.60 -110.71
CA GLN H 3127 -93.57 1.36 -110.08
C GLN H 3127 -92.50 0.68 -110.94
N ASN H 3128 -92.67 0.70 -112.26
CA ASN H 3128 -91.65 0.14 -113.14
C ASN H 3128 -90.34 0.89 -113.01
N LEU H 3129 -90.40 2.22 -112.94
CA LEU H 3129 -89.19 3.02 -112.77
C LEU H 3129 -88.50 2.67 -111.47
N THR H 3130 -89.25 2.57 -110.38
CA THR H 3130 -88.67 2.20 -109.09
C THR H 3130 -88.06 0.81 -109.14
N TYR H 3131 -88.75 -0.14 -109.78
CA TYR H 3131 -88.24 -1.50 -109.90
C TYR H 3131 -86.92 -1.52 -110.64
N THR H 3132 -86.82 -0.80 -111.75
CA THR H 3132 -85.60 -0.88 -112.55
C THR H 3132 -84.45 -0.13 -111.88
N THR H 3133 -84.72 1.03 -111.26
CA THR H 3133 -83.63 1.73 -110.59
C THR H 3133 -83.19 0.96 -109.35
N VAL H 3134 -84.06 0.10 -108.82
CA VAL H 3134 -83.68 -0.72 -107.67
C VAL H 3134 -83.06 -2.02 -108.12
N ALA H 3135 -83.65 -2.70 -109.10
CA ALA H 3135 -83.27 -4.05 -109.43
C ALA H 3135 -82.64 -4.20 -110.81
N LEU H 3136 -83.34 -3.79 -111.87
CA LEU H 3136 -82.92 -4.16 -113.21
C LEU H 3136 -81.58 -3.53 -113.59
N LEU H 3137 -81.36 -2.26 -113.24
CA LEU H 3137 -80.09 -1.64 -113.56
C LEU H 3137 -78.90 -2.34 -112.89
N PRO H 3138 -78.87 -2.56 -111.57
CA PRO H 3138 -77.75 -3.31 -111.00
C PRO H 3138 -77.65 -4.74 -111.50
N VAL H 3139 -78.79 -5.41 -111.75
CA VAL H 3139 -78.74 -6.78 -112.22
C VAL H 3139 -78.12 -6.86 -113.61
N LEU H 3140 -78.55 -5.96 -114.51
CA LEU H 3140 -77.98 -5.93 -115.84
C LEU H 3140 -76.52 -5.53 -115.81
N THR H 3141 -76.15 -4.61 -114.91
CA THR H 3141 -74.76 -4.24 -114.77
C THR H 3141 -73.91 -5.44 -114.36
N THR H 3142 -74.38 -6.22 -113.39
CA THR H 3142 -73.64 -7.40 -112.96
C THR H 3142 -73.56 -8.43 -114.07
N LEU H 3143 -74.66 -8.63 -114.80
CA LEU H 3143 -74.65 -9.60 -115.90
C LEU H 3143 -73.65 -9.20 -116.97
N PHE H 3144 -73.65 -7.93 -117.36
CA PHE H 3144 -72.71 -7.46 -118.37
C PHE H 3144 -71.27 -7.55 -117.88
N GLN H 3145 -71.04 -7.21 -116.61
CA GLN H 3145 -69.70 -7.31 -116.05
C GLN H 3145 -69.19 -8.75 -116.10
N HIS H 3146 -70.04 -9.70 -115.72
CA HIS H 3146 -69.63 -11.10 -115.74
C HIS H 3146 -69.38 -11.58 -117.17
N ILE H 3147 -70.31 -11.26 -118.09
CA ILE H 3147 -70.19 -11.72 -119.46
C ILE H 3147 -69.00 -11.06 -120.15
N ALA H 3148 -68.54 -9.93 -119.62
CA ALA H 3148 -67.37 -9.28 -120.18
C ALA H 3148 -66.08 -9.83 -119.59
N GLN H 3149 -66.08 -10.12 -118.28
CA GLN H 3149 -64.90 -10.71 -117.67
C GLN H 3149 -64.59 -12.08 -118.27
N HIS H 3150 -65.62 -12.91 -118.44
CA HIS H 3150 -65.37 -14.26 -118.94
C HIS H 3150 -65.46 -14.38 -120.44
N GLN H 3151 -65.49 -13.27 -121.17
CA GLN H 3151 -65.54 -13.23 -122.63
C GLN H 3151 -66.76 -13.94 -123.20
N PHE H 3152 -67.74 -14.27 -122.37
CA PHE H 3152 -68.91 -14.99 -122.86
C PHE H 3152 -69.75 -14.12 -123.79
N GLY H 3153 -69.58 -12.80 -123.72
CA GLY H 3153 -70.45 -11.90 -124.45
C GLY H 3153 -70.32 -12.06 -125.96
N ASP H 3154 -69.09 -12.19 -126.45
CA ASP H 3154 -68.87 -12.20 -127.90
C ASP H 3154 -69.56 -13.38 -128.56
N ASP H 3155 -69.83 -14.44 -127.79
CA ASP H 3155 -70.49 -15.60 -128.37
C ASP H 3155 -71.97 -15.62 -128.00
N VAL H 3156 -72.31 -15.12 -126.81
CA VAL H 3156 -73.69 -15.15 -126.33
C VAL H 3156 -74.54 -14.16 -127.09
N ILE H 3157 -74.05 -12.92 -127.26
CA ILE H 3157 -74.86 -11.86 -127.83
C ILE H 3157 -74.73 -11.91 -129.35
N LEU H 3158 -75.54 -12.77 -129.99
CA LEU H 3158 -75.34 -12.98 -131.42
C LEU H 3158 -76.32 -12.16 -132.27
N ASP H 3159 -77.62 -12.42 -132.15
CA ASP H 3159 -78.55 -11.79 -133.08
C ASP H 3159 -79.62 -10.94 -132.40
N ASP H 3160 -80.36 -11.52 -131.45
CA ASP H 3160 -81.46 -10.79 -130.84
C ASP H 3160 -81.04 -10.17 -129.52
N VAL H 3161 -80.15 -10.84 -128.79
CA VAL H 3161 -79.50 -10.18 -127.67
C VAL H 3161 -78.74 -8.96 -128.17
N GLN H 3162 -78.20 -9.04 -129.39
CA GLN H 3162 -77.59 -7.87 -130.00
C GLN H 3162 -78.60 -6.76 -130.20
N VAL H 3163 -79.81 -7.09 -130.65
CA VAL H 3163 -80.83 -6.06 -130.85
C VAL H 3163 -81.23 -5.44 -129.53
N SER H 3164 -81.43 -6.26 -128.49
CA SER H 3164 -81.83 -5.72 -127.20
C SER H 3164 -80.74 -4.84 -126.59
N CYS H 3165 -79.48 -5.29 -126.68
CA CYS H 3165 -78.38 -4.48 -126.17
C CYS H 3165 -78.21 -3.21 -126.98
N TYR H 3166 -78.44 -3.28 -128.29
CA TYR H 3166 -78.43 -2.08 -129.12
C TYR H 3166 -79.46 -1.08 -128.64
N ARG H 3167 -80.70 -1.55 -128.43
CA ARG H 3167 -81.76 -0.67 -127.99
C ARG H 3167 -81.43 -0.05 -126.63
N THR H 3168 -80.89 -0.86 -125.72
CA THR H 3168 -80.52 -0.33 -124.40
C THR H 3168 -79.43 0.72 -124.51
N LEU H 3169 -78.39 0.45 -125.29
CA LEU H 3169 -77.31 1.42 -125.48
C LEU H 3169 -77.84 2.71 -126.07
N CYS H 3170 -78.65 2.62 -127.11
CA CYS H 3170 -79.14 3.82 -127.77
C CYS H 3170 -80.03 4.63 -126.84
N SER H 3171 -80.90 3.94 -126.10
CA SER H 3171 -81.81 4.62 -125.19
C SER H 3171 -81.06 5.29 -124.05
N ILE H 3172 -80.05 4.62 -123.49
CA ILE H 3172 -79.27 5.23 -122.42
C ILE H 3172 -78.51 6.44 -122.93
N TYR H 3173 -77.93 6.34 -124.13
CA TYR H 3173 -77.24 7.50 -124.70
C TYR H 3173 -78.21 8.63 -124.97
N SER H 3174 -79.49 8.32 -125.18
CA SER H 3174 -80.47 9.38 -125.40
C SER H 3174 -80.67 10.22 -124.13
N LEU H 3175 -80.40 9.64 -122.96
CA LEU H 3175 -80.64 10.36 -121.70
C LEU H 3175 -79.75 11.59 -121.57
N GLY H 3176 -78.49 11.49 -122.00
CA GLY H 3176 -77.52 12.52 -121.67
C GLY H 3176 -77.90 13.88 -122.22
N THR H 3177 -78.56 13.91 -123.37
CA THR H 3177 -79.02 15.18 -123.92
C THR H 3177 -80.06 15.84 -123.02
N THR H 3178 -80.99 15.06 -122.50
CA THR H 3178 -82.05 15.59 -121.65
C THR H 3178 -81.50 15.98 -120.29
N LYS H 3179 -81.99 17.09 -119.75
CA LYS H 3179 -81.54 17.62 -118.46
C LYS H 3179 -82.72 17.60 -117.49
N ASN H 3180 -82.54 16.91 -116.37
CA ASN H 3180 -83.54 16.81 -115.32
C ASN H 3180 -82.84 16.47 -114.01
N THR H 3181 -83.53 16.77 -112.90
CA THR H 3181 -83.01 16.38 -111.59
C THR H 3181 -82.96 14.86 -111.46
N TYR H 3182 -84.01 14.17 -111.92
CA TYR H 3182 -84.00 12.72 -111.87
C TYR H 3182 -82.96 12.15 -112.81
N VAL H 3183 -82.76 12.78 -113.97
CA VAL H 3183 -81.68 12.36 -114.86
C VAL H 3183 -80.34 12.52 -114.16
N GLU H 3184 -80.19 13.61 -113.39
CA GLU H 3184 -78.94 13.84 -112.68
C GLU H 3184 -78.71 12.77 -111.62
N LYS H 3185 -79.77 12.36 -110.92
CA LYS H 3185 -79.57 11.33 -109.90
C LYS H 3185 -79.37 9.95 -110.53
N LEU H 3186 -79.85 9.77 -111.77
CA LEU H 3186 -79.78 8.44 -112.37
C LEU H 3186 -78.51 8.24 -113.19
N ARG H 3187 -77.90 9.33 -113.65
CA ARG H 3187 -76.80 9.19 -114.61
C ARG H 3187 -75.59 8.40 -114.11
N PRO H 3188 -75.27 8.31 -112.81
CA PRO H 3188 -74.16 7.43 -112.43
C PRO H 3188 -74.41 5.96 -112.74
N ALA H 3189 -75.56 5.42 -112.29
CA ALA H 3189 -75.89 4.03 -112.56
C ALA H 3189 -76.04 3.80 -114.06
N LEU H 3190 -76.65 4.75 -114.77
CA LEU H 3190 -76.78 4.62 -116.22
C LEU H 3190 -75.42 4.56 -116.90
N GLY H 3191 -74.49 5.40 -116.46
CA GLY H 3191 -73.16 5.38 -117.04
C GLY H 3191 -72.43 4.09 -116.76
N GLU H 3192 -72.56 3.58 -115.53
CA GLU H 3192 -71.92 2.30 -115.21
C GLU H 3192 -72.49 1.17 -116.06
N CYS H 3193 -73.83 1.14 -116.20
CA CYS H 3193 -74.46 0.12 -117.02
C CYS H 3193 -74.02 0.23 -118.47
N LEU H 3194 -73.90 1.46 -118.99
CA LEU H 3194 -73.50 1.64 -120.37
C LEU H 3194 -72.05 1.23 -120.58
N ALA H 3195 -71.18 1.51 -119.60
CA ALA H 3195 -69.80 1.06 -119.69
C ALA H 3195 -69.72 -0.46 -119.73
N ARG H 3196 -70.50 -1.12 -118.87
CA ARG H 3196 -70.49 -2.58 -118.87
C ARG H 3196 -71.05 -3.13 -120.18
N LEU H 3197 -72.08 -2.47 -120.73
CA LEU H 3197 -72.62 -2.89 -122.02
C LEU H 3197 -71.60 -2.72 -123.13
N ALA H 3198 -70.82 -1.63 -123.08
CA ALA H 3198 -69.78 -1.43 -124.08
C ALA H 3198 -68.72 -2.52 -123.97
N ALA H 3199 -68.37 -2.90 -122.74
CA ALA H 3199 -67.42 -4.00 -122.56
C ALA H 3199 -67.99 -5.32 -123.06
N ALA H 3200 -69.31 -5.49 -122.96
CA ALA H 3200 -69.91 -6.78 -123.28
C ALA H 3200 -70.22 -6.91 -124.77
N MET H 3201 -70.44 -5.79 -125.46
CA MET H 3201 -70.99 -5.84 -126.80
C MET H 3201 -70.01 -6.51 -127.76
N PRO H 3202 -70.47 -7.43 -128.60
CA PRO H 3202 -69.58 -8.09 -129.57
C PRO H 3202 -69.38 -7.35 -130.87
N VAL H 3203 -70.14 -6.27 -131.12
CA VAL H 3203 -70.02 -5.49 -132.34
C VAL H 3203 -69.63 -4.06 -131.97
N ALA H 3204 -68.76 -3.47 -132.77
CA ALA H 3204 -68.28 -2.12 -132.52
C ALA H 3204 -69.35 -1.13 -132.99
N PHE H 3205 -70.09 -0.56 -132.02
CA PHE H 3205 -71.13 0.38 -132.38
C PHE H 3205 -70.56 1.74 -132.74
N LEU H 3206 -69.44 2.13 -132.09
CA LEU H 3206 -68.87 3.44 -132.33
C LEU H 3206 -68.40 3.60 -133.78
N GLU H 3207 -67.74 2.57 -134.32
CA GLU H 3207 -67.36 2.60 -135.72
C GLU H 3207 -68.39 1.85 -136.54
N PRO H 3208 -69.04 2.48 -137.51
CA PRO H 3208 -70.07 1.75 -138.27
C PRO H 3208 -69.53 0.98 -139.46
N GLN H 3209 -68.42 1.42 -140.05
CA GLN H 3209 -68.00 0.89 -141.34
C GLN H 3209 -67.66 -0.59 -141.26
N LEU H 3210 -66.96 -1.01 -140.21
CA LEU H 3210 -66.42 -2.35 -140.15
C LEU H 3210 -67.28 -3.31 -139.33
N ASN H 3211 -68.50 -2.94 -138.97
CA ASN H 3211 -69.39 -3.92 -138.35
C ASN H 3211 -69.72 -5.05 -139.32
N GLU H 3212 -69.86 -4.72 -140.61
CA GLU H 3212 -70.00 -5.75 -141.62
C GLU H 3212 -68.77 -6.64 -141.65
N TYR H 3213 -67.63 -6.08 -141.28
CA TYR H 3213 -66.40 -6.86 -141.30
C TYR H 3213 -66.32 -7.73 -140.06
N ASN H 3214 -67.00 -7.33 -138.98
CA ASN H 3214 -67.09 -8.18 -137.80
C ASN H 3214 -67.91 -9.42 -138.12
N ALA H 3215 -67.46 -10.56 -137.59
CA ALA H 3215 -68.22 -11.80 -137.75
C ALA H 3215 -69.45 -11.82 -136.85
N CYS H 3216 -69.31 -11.38 -135.59
CA CYS H 3216 -70.40 -11.44 -134.64
C CYS H 3216 -71.26 -10.18 -134.75
N SER H 3217 -71.74 -9.94 -135.97
CA SER H 3217 -72.63 -8.83 -136.27
C SER H 3217 -73.96 -9.38 -136.75
N VAL H 3218 -75.05 -8.69 -136.40
CA VAL H 3218 -76.37 -9.16 -136.80
C VAL H 3218 -76.50 -9.16 -138.31
N TYR H 3219 -75.80 -8.23 -138.99
CA TYR H 3219 -75.91 -8.15 -140.44
C TYR H 3219 -75.16 -9.27 -141.13
N THR H 3220 -74.04 -9.70 -140.54
CA THR H 3220 -73.30 -10.83 -141.12
C THR H 3220 -73.97 -12.14 -140.80
N THR H 3221 -74.53 -12.28 -139.60
CA THR H 3221 -75.17 -13.54 -139.22
C THR H 3221 -76.51 -13.71 -139.91
N LYS H 3222 -77.24 -12.62 -140.11
CA LYS H 3222 -78.58 -12.67 -140.69
C LYS H 3222 -78.53 -12.14 -142.12
N SER H 3223 -79.10 -12.90 -143.05
CA SER H 3223 -79.08 -12.53 -144.45
C SER H 3223 -79.95 -11.31 -144.69
N PRO H 3224 -79.73 -10.60 -145.80
CA PRO H 3224 -80.65 -9.49 -146.14
C PRO H 3224 -82.09 -9.96 -146.31
N ARG H 3225 -82.29 -11.18 -146.82
CA ARG H 3225 -83.64 -11.72 -146.89
C ARG H 3225 -84.12 -12.09 -145.50
N GLU H 3226 -83.19 -12.44 -144.61
CA GLU H 3226 -83.51 -12.56 -143.19
C GLU H 3226 -83.79 -11.18 -142.60
N ARG H 3227 -84.36 -11.17 -141.40
CA ARG H 3227 -84.94 -9.99 -140.75
C ARG H 3227 -86.10 -9.46 -141.57
N ALA H 3228 -86.70 -10.27 -142.44
CA ALA H 3228 -87.94 -9.86 -143.08
C ALA H 3228 -89.12 -9.97 -142.12
N ILE H 3229 -89.12 -11.00 -141.27
CA ILE H 3229 -90.19 -11.17 -140.30
C ILE H 3229 -90.12 -10.10 -139.22
N LEU H 3230 -88.92 -9.80 -138.74
CA LEU H 3230 -88.71 -8.75 -137.74
C LEU H 3230 -88.01 -7.57 -138.39
N GLY H 3231 -88.69 -6.42 -138.40
CA GLY H 3231 -88.15 -5.27 -139.09
C GLY H 3231 -86.86 -4.79 -138.45
N LEU H 3232 -85.81 -4.72 -139.25
CA LEU H 3232 -84.51 -4.24 -138.82
C LEU H 3232 -84.10 -3.04 -139.67
N PRO H 3233 -83.38 -2.08 -139.08
CA PRO H 3233 -83.01 -0.88 -139.83
C PRO H 3233 -82.09 -1.16 -141.02
N ASN H 3234 -81.46 -2.32 -141.04
CA ASN H 3234 -80.56 -2.84 -142.09
C ASN H 3234 -79.27 -2.02 -142.21
N SER H 3235 -79.09 -0.98 -141.40
CA SER H 3235 -77.86 -0.19 -141.43
C SER H 3235 -77.36 -0.01 -140.01
N VAL H 3236 -76.04 -0.19 -139.82
CA VAL H 3236 -75.45 -0.01 -138.51
C VAL H 3236 -75.63 1.42 -138.03
N GLU H 3237 -75.51 2.39 -138.94
CA GLU H 3237 -75.80 3.77 -138.59
C GLU H 3237 -77.28 3.94 -138.24
N GLU H 3238 -78.14 3.19 -138.92
CA GLU H 3238 -79.57 3.30 -138.67
C GLU H 3238 -79.97 2.62 -137.36
N MET H 3239 -79.06 1.82 -136.79
CA MET H 3239 -79.33 1.22 -135.48
C MET H 3239 -79.69 2.30 -134.46
N CYS H 3240 -78.87 3.34 -134.37
CA CYS H 3240 -79.26 4.63 -133.81
C CYS H 3240 -78.27 5.68 -134.29
N PRO H 3241 -78.77 6.75 -134.91
CA PRO H 3241 -77.85 7.79 -135.39
C PRO H 3241 -77.36 8.71 -134.29
N ASP H 3242 -78.03 8.73 -133.13
CA ASP H 3242 -77.68 9.71 -132.10
C ASP H 3242 -76.28 9.45 -131.55
N ILE H 3243 -75.87 8.18 -131.47
CA ILE H 3243 -74.50 7.94 -130.98
C ILE H 3243 -73.51 8.40 -132.05
N PRO H 3244 -72.53 9.23 -131.71
CA PRO H 3244 -71.59 9.69 -132.73
C PRO H 3244 -70.55 8.65 -133.08
N VAL H 3245 -69.88 8.88 -134.20
CA VAL H 3245 -68.78 8.01 -134.60
C VAL H 3245 -67.63 8.19 -133.60
N LEU H 3246 -66.78 7.16 -133.49
CA LEU H 3246 -65.71 7.18 -132.51
C LEU H 3246 -64.83 8.41 -132.64
N ASP H 3247 -64.39 8.73 -133.87
CA ASP H 3247 -63.49 9.85 -134.07
C ASP H 3247 -64.16 11.17 -133.70
N ARG H 3248 -65.44 11.33 -134.08
CA ARG H 3248 -66.16 12.56 -133.75
C ARG H 3248 -66.32 12.71 -132.24
N LEU H 3249 -66.63 11.60 -131.55
CA LEU H 3249 -66.74 11.65 -130.09
C LEU H 3249 -65.41 12.01 -129.45
N MET H 3250 -64.31 11.45 -129.95
CA MET H 3250 -63.01 11.80 -129.41
C MET H 3250 -62.69 13.26 -129.67
N ALA H 3251 -63.07 13.79 -130.82
CA ALA H 3251 -62.88 15.21 -131.09
C ALA H 3251 -63.67 16.06 -130.11
N ASP H 3252 -64.91 15.66 -129.80
CA ASP H 3252 -65.69 16.39 -128.81
C ASP H 3252 -65.03 16.37 -127.45
N ILE H 3253 -64.55 15.19 -127.02
CA ILE H 3253 -63.91 15.11 -125.71
C ILE H 3253 -62.66 15.97 -125.66
N GLY H 3254 -61.86 15.95 -126.73
CA GLY H 3254 -60.69 16.80 -126.78
C GLY H 3254 -61.04 18.27 -126.77
N GLY H 3255 -62.11 18.64 -127.47
CA GLY H 3255 -62.55 20.03 -127.46
C GLY H 3255 -62.97 20.50 -126.09
N LEU H 3256 -63.73 19.68 -125.36
CA LEU H 3256 -64.10 20.04 -124.01
C LEU H 3256 -62.88 20.13 -123.10
N ALA H 3257 -61.93 19.19 -123.26
CA ALA H 3257 -60.73 19.21 -122.43
C ALA H 3257 -59.91 20.47 -122.67
N GLU H 3258 -59.77 20.88 -123.93
CA GLU H 3258 -59.00 22.10 -124.22
C GLU H 3258 -59.76 23.35 -123.81
N SER H 3259 -61.10 23.31 -123.90
CA SER H 3259 -61.89 24.46 -123.49
C SER H 3259 -61.79 24.68 -121.98
N GLY H 3260 -61.83 23.60 -121.21
CA GLY H 3260 -61.74 23.73 -119.76
C GLY H 3260 -63.03 24.06 -119.07
N ALA H 3261 -64.17 23.83 -119.71
CA ALA H 3261 -65.45 24.09 -119.07
C ALA H 3261 -65.65 23.17 -117.88
N ARG H 3262 -66.37 23.68 -116.87
CA ARG H 3262 -66.58 22.91 -115.65
C ARG H 3262 -67.47 21.70 -115.92
N TYR H 3263 -67.51 20.79 -114.94
CA TYR H 3263 -68.27 19.57 -115.10
C TYR H 3263 -69.76 19.86 -115.24
N THR H 3264 -70.26 20.86 -114.52
CA THR H 3264 -71.69 21.16 -114.53
C THR H 3264 -72.16 21.59 -115.92
N GLU H 3265 -71.24 22.09 -116.75
CA GLU H 3265 -71.63 22.57 -118.07
C GLU H 3265 -72.09 21.43 -118.98
N MET H 3266 -71.32 20.35 -119.02
CA MET H 3266 -71.64 19.18 -119.83
C MET H 3266 -71.43 17.89 -119.01
N PRO H 3267 -72.26 17.70 -117.98
CA PRO H 3267 -72.05 16.54 -117.09
C PRO H 3267 -72.24 15.20 -117.77
N HIS H 3268 -72.98 15.16 -118.88
CA HIS H 3268 -73.31 13.88 -119.49
C HIS H 3268 -72.07 13.15 -119.99
N VAL H 3269 -71.15 13.88 -120.63
CA VAL H 3269 -69.99 13.22 -121.22
C VAL H 3269 -69.09 12.64 -120.13
N ILE H 3270 -69.00 13.32 -118.98
CA ILE H 3270 -68.24 12.76 -117.87
C ILE H 3270 -68.96 11.56 -117.27
N GLU H 3271 -70.28 11.65 -117.10
CA GLU H 3271 -70.99 10.62 -116.37
C GLU H 3271 -71.21 9.38 -117.22
N ILE H 3272 -71.40 9.54 -118.53
CA ILE H 3272 -71.80 8.46 -119.42
C ILE H 3272 -70.79 8.22 -120.53
N THR H 3273 -70.56 9.24 -121.36
CA THR H 3273 -69.75 9.06 -122.56
C THR H 3273 -68.31 8.68 -122.21
N LEU H 3274 -67.72 9.34 -121.22
CA LEU H 3274 -66.35 9.00 -120.85
C LEU H 3274 -66.21 7.59 -120.29
N PRO H 3275 -67.05 7.12 -119.36
CA PRO H 3275 -66.96 5.70 -118.97
C PRO H 3275 -67.23 4.74 -120.12
N MET H 3276 -68.16 5.08 -121.01
CA MET H 3276 -68.43 4.20 -122.13
C MET H 3276 -67.20 4.07 -123.03
N LEU H 3277 -66.52 5.19 -123.29
CA LEU H 3277 -65.31 5.15 -124.10
C LEU H 3277 -64.19 4.42 -123.37
N CYS H 3278 -64.09 4.61 -122.05
CA CYS H 3278 -63.04 3.94 -121.28
C CYS H 3278 -63.21 2.43 -121.32
N SER H 3279 -64.46 1.95 -121.25
CA SER H 3279 -64.70 0.52 -121.36
C SER H 3279 -64.58 0.04 -122.80
N TYR H 3280 -64.86 0.91 -123.76
CA TYR H 3280 -64.90 0.50 -125.16
C TYR H 3280 -63.50 0.35 -125.74
N LEU H 3281 -62.60 1.27 -125.40
CA LEU H 3281 -61.32 1.35 -126.12
C LEU H 3281 -60.44 0.11 -125.96
N PRO H 3282 -60.14 -0.40 -124.75
CA PRO H 3282 -59.20 -1.53 -124.66
C PRO H 3282 -59.71 -2.79 -125.34
N ARG H 3283 -61.01 -3.07 -125.18
CA ARG H 3283 -61.57 -4.30 -125.71
C ARG H 3283 -61.44 -4.36 -127.23
N TRP H 3284 -61.67 -3.25 -127.91
CA TRP H 3284 -61.52 -3.23 -129.36
C TRP H 3284 -60.07 -3.00 -129.76
N TRP H 3285 -59.26 -2.49 -128.84
CA TRP H 3285 -57.82 -2.38 -129.09
C TRP H 3285 -57.22 -3.77 -129.23
N GLU H 3286 -57.63 -4.71 -128.39
CA GLU H 3286 -57.07 -6.05 -128.46
C GLU H 3286 -57.39 -6.71 -129.79
N ARG H 3287 -58.61 -6.53 -130.30
CA ARG H 3287 -58.98 -7.15 -131.56
C ARG H 3287 -58.62 -6.27 -132.75
N GLY H 3288 -58.22 -5.04 -132.50
CA GLY H 3288 -57.80 -4.14 -133.53
C GLY H 3288 -56.34 -4.34 -133.91
N PRO H 3289 -55.84 -3.56 -134.87
CA PRO H 3289 -54.43 -3.65 -135.22
C PRO H 3289 -53.57 -3.06 -134.12
N GLU H 3290 -52.26 -3.33 -134.21
CA GLU H 3290 -51.20 -2.89 -133.30
C GLU H 3290 -51.27 -3.64 -131.97
N ALA H 3291 -52.32 -4.43 -131.75
CA ALA H 3291 -52.33 -5.36 -130.63
C ALA H 3291 -51.47 -6.56 -130.98
N PRO H 3292 -50.97 -7.29 -129.97
CA PRO H 3292 -50.11 -8.45 -130.26
C PRO H 3292 -50.89 -9.49 -131.04
N PRO H 3293 -50.57 -9.67 -132.32
CA PRO H 3293 -51.43 -10.45 -133.19
C PRO H 3293 -50.95 -11.89 -133.32
N PRO H 3294 -51.88 -12.84 -133.36
CA PRO H 3294 -51.58 -14.11 -134.02
C PRO H 3294 -51.72 -13.93 -135.52
N ALA H 3295 -50.59 -14.00 -136.24
CA ALA H 3295 -50.58 -13.52 -137.63
C ALA H 3295 -51.55 -14.28 -138.51
N LEU H 3296 -51.51 -15.61 -138.47
CA LEU H 3296 -52.39 -16.39 -139.34
C LEU H 3296 -53.86 -16.22 -138.99
N PRO H 3297 -54.31 -16.37 -137.74
CA PRO H 3297 -55.75 -16.15 -137.46
C PRO H 3297 -56.22 -14.74 -137.77
N ALA H 3298 -55.37 -13.73 -137.52
CA ALA H 3298 -55.77 -12.36 -137.79
C ALA H 3298 -55.50 -11.98 -139.25
N GLY H 3299 -54.82 -12.86 -139.99
CA GLY H 3299 -54.55 -12.58 -141.39
C GLY H 3299 -55.80 -12.61 -142.25
N ALA H 3300 -56.58 -13.69 -142.16
CA ALA H 3300 -57.72 -13.84 -143.05
C ALA H 3300 -58.79 -12.78 -142.82
N PRO H 3301 -59.31 -12.55 -141.61
CA PRO H 3301 -60.08 -11.33 -141.38
C PRO H 3301 -59.20 -10.21 -140.85
N PRO H 3302 -59.11 -9.09 -141.55
CA PRO H 3302 -58.47 -7.88 -140.99
C PRO H 3302 -59.36 -7.25 -139.93
N PRO H 3303 -58.81 -6.38 -139.08
CA PRO H 3303 -59.48 -6.06 -137.81
C PRO H 3303 -60.85 -5.45 -137.98
N CYS H 3304 -61.67 -5.59 -136.93
CA CYS H 3304 -62.98 -4.95 -136.89
C CYS H 3304 -62.89 -3.47 -136.54
N THR H 3305 -61.85 -3.07 -135.82
CA THR H 3305 -61.80 -1.75 -135.21
C THR H 3305 -60.46 -1.09 -135.56
N ALA H 3306 -60.45 0.24 -135.54
CA ALA H 3306 -59.25 1.02 -135.75
C ALA H 3306 -58.68 1.59 -134.45
N VAL H 3307 -59.19 1.17 -133.30
CA VAL H 3307 -58.72 1.71 -132.03
C VAL H 3307 -57.27 1.29 -131.81
N THR H 3308 -56.45 2.26 -131.40
CA THR H 3308 -55.03 2.03 -131.19
C THR H 3308 -54.57 2.64 -129.87
N SER H 3309 -53.34 2.30 -129.52
CA SER H 3309 -52.76 2.80 -128.27
C SER H 3309 -52.72 4.33 -128.25
N ASP H 3310 -52.56 4.96 -129.41
CA ASP H 3310 -52.62 6.41 -129.45
C ASP H 3310 -54.01 6.92 -129.12
N HIS H 3311 -55.05 6.21 -129.58
CA HIS H 3311 -56.41 6.56 -129.18
C HIS H 3311 -56.58 6.47 -127.66
N LEU H 3312 -56.13 5.36 -127.06
CA LEU H 3312 -56.28 5.23 -125.61
C LEU H 3312 -55.51 6.31 -124.87
N ASN H 3313 -54.29 6.62 -125.33
CA ASN H 3313 -53.48 7.64 -124.68
C ASN H 3313 -54.13 9.01 -124.79
N SER H 3314 -54.67 9.33 -125.97
CA SER H 3314 -55.35 10.60 -126.14
C SER H 3314 -56.57 10.71 -125.22
N LEU H 3315 -57.33 9.62 -125.09
CA LEU H 3315 -58.47 9.66 -124.19
C LEU H 3315 -58.03 9.90 -122.75
N LEU H 3316 -56.94 9.25 -122.33
CA LEU H 3316 -56.45 9.47 -120.97
C LEU H 3316 -56.00 10.90 -120.78
N GLY H 3317 -55.37 11.48 -121.79
CA GLY H 3317 -54.96 12.87 -121.71
C GLY H 3317 -56.14 13.81 -121.57
N ASN H 3318 -57.20 13.58 -122.35
CA ASN H 3318 -58.40 14.41 -122.21
C ASN H 3318 -59.02 14.24 -120.83
N ILE H 3319 -58.99 13.02 -120.29
CA ILE H 3319 -59.53 12.79 -118.95
C ILE H 3319 -58.75 13.60 -117.92
N LEU H 3320 -57.42 13.57 -118.01
CA LEU H 3320 -56.61 14.36 -117.09
C LEU H 3320 -56.89 15.85 -117.23
N ARG H 3321 -56.99 16.34 -118.46
CA ARG H 3321 -57.28 17.76 -118.65
C ARG H 3321 -58.62 18.13 -118.06
N ILE H 3322 -59.64 17.27 -118.22
CA ILE H 3322 -60.93 17.52 -117.61
C ILE H 3322 -60.81 17.61 -116.09
N ILE H 3323 -60.05 16.68 -115.50
CA ILE H 3323 -59.90 16.66 -114.05
C ILE H 3323 -59.25 17.96 -113.56
N VAL H 3324 -58.19 18.41 -114.26
CA VAL H 3324 -57.51 19.62 -113.82
C VAL H 3324 -58.36 20.86 -114.06
N ASN H 3325 -59.21 20.83 -115.09
CA ASN H 3325 -60.14 21.95 -115.28
C ASN H 3325 -61.13 22.03 -114.12
N ASN H 3326 -61.63 20.88 -113.66
CA ASN H 3326 -62.52 20.86 -112.51
C ASN H 3326 -61.77 20.69 -111.19
N LEU H 3327 -60.52 21.15 -111.11
CA LEU H 3327 -59.74 20.95 -109.90
C LEU H 3327 -60.18 21.91 -108.79
N GLY H 3328 -60.65 23.10 -109.16
CA GLY H 3328 -60.90 24.13 -108.17
C GLY H 3328 -62.14 23.87 -107.33
N ILE H 3329 -63.19 23.33 -107.94
CA ILE H 3329 -64.47 23.20 -107.25
C ILE H 3329 -64.32 22.33 -106.02
N ASP H 3330 -65.08 22.64 -104.98
CA ASP H 3330 -64.87 22.01 -103.67
C ASP H 3330 -65.18 20.52 -103.71
N GLU H 3331 -66.32 20.14 -104.28
CA GLU H 3331 -66.75 18.75 -104.27
C GLU H 3331 -67.22 18.34 -105.66
N ALA H 3332 -66.78 17.17 -106.11
CA ALA H 3332 -67.21 16.60 -107.38
C ALA H 3332 -67.31 15.09 -107.19
N THR H 3333 -68.55 14.58 -107.19
CA THR H 3333 -68.75 13.15 -107.04
C THR H 3333 -68.26 12.38 -108.26
N TRP H 3334 -68.10 13.08 -109.39
CA TRP H 3334 -67.75 12.40 -110.64
C TRP H 3334 -66.29 11.98 -110.67
N MET H 3335 -65.46 12.60 -109.84
CA MET H 3335 -64.02 12.42 -109.97
C MET H 3335 -63.59 11.00 -109.62
N LYS H 3336 -64.12 10.45 -108.52
CA LYS H 3336 -63.75 9.09 -108.14
C LYS H 3336 -64.19 8.08 -109.20
N ARG H 3337 -65.40 8.24 -109.72
CA ARG H 3337 -65.88 7.33 -110.76
C ARG H 3337 -65.06 7.45 -112.03
N LEU H 3338 -64.71 8.67 -112.43
CA LEU H 3338 -63.88 8.82 -113.61
C LEU H 3338 -62.51 8.20 -113.39
N ALA H 3339 -61.95 8.32 -112.19
CA ALA H 3339 -60.67 7.68 -111.91
C ALA H 3339 -60.77 6.17 -112.02
N VAL H 3340 -61.81 5.57 -111.43
CA VAL H 3340 -61.91 4.11 -111.43
C VAL H 3340 -62.19 3.59 -112.83
N PHE H 3341 -62.87 4.39 -113.66
CA PHE H 3341 -63.06 3.98 -115.05
C PHE H 3341 -61.80 4.17 -115.88
N ALA H 3342 -60.98 5.17 -115.53
CA ALA H 3342 -59.83 5.49 -116.37
C ALA H 3342 -58.61 4.68 -115.97
N GLN H 3343 -58.68 3.96 -114.85
CA GLN H 3343 -57.53 3.16 -114.44
C GLN H 3343 -57.06 2.15 -115.49
N PRO H 3344 -57.93 1.40 -116.18
CA PRO H 3344 -57.41 0.43 -117.18
C PRO H 3344 -56.62 1.06 -118.32
N ILE H 3345 -57.00 2.26 -118.76
CA ILE H 3345 -56.35 2.87 -119.93
C ILE H 3345 -54.94 3.33 -119.58
N VAL H 3346 -54.67 3.50 -118.28
CA VAL H 3346 -53.38 4.02 -117.84
C VAL H 3346 -52.24 3.10 -118.27
N SER H 3347 -52.43 1.79 -118.14
CA SER H 3347 -51.39 0.86 -118.53
C SER H 3347 -51.08 0.96 -120.02
N ARG H 3348 -52.09 1.26 -120.84
CA ARG H 3348 -51.88 1.34 -122.27
C ARG H 3348 -51.26 2.67 -122.68
N ALA H 3349 -51.41 3.70 -121.82
CA ALA H 3349 -50.94 5.03 -122.18
C ALA H 3349 -49.45 5.08 -122.48
N ARG H 3350 -49.03 6.11 -123.21
CA ARG H 3350 -47.64 6.26 -123.63
C ARG H 3350 -46.90 7.28 -122.76
N PRO H 3351 -45.57 7.17 -122.65
CA PRO H 3351 -44.84 8.00 -121.66
C PRO H 3351 -44.77 9.48 -121.99
N GLU H 3352 -44.74 9.84 -123.28
CA GLU H 3352 -44.65 11.25 -123.65
C GLU H 3352 -45.81 12.02 -123.03
N LEU H 3353 -46.95 11.35 -122.82
CA LEU H 3353 -48.06 12.02 -122.16
C LEU H 3353 -47.82 12.20 -120.67
N LEU H 3354 -47.11 11.25 -120.03
CA LEU H 3354 -46.81 11.45 -118.62
C LEU H 3354 -45.89 12.65 -118.45
N HIS H 3355 -44.97 12.85 -119.40
CA HIS H 3355 -44.19 14.07 -119.36
C HIS H 3355 -45.06 15.30 -119.63
N SER H 3356 -46.01 15.17 -120.58
CA SER H 3356 -46.82 16.31 -120.96
C SER H 3356 -47.91 16.62 -119.94
N HIS H 3357 -48.53 15.59 -119.37
CA HIS H 3357 -49.72 15.79 -118.54
C HIS H 3357 -49.46 15.60 -117.06
N PHE H 3358 -48.90 14.44 -116.66
CA PHE H 3358 -48.82 14.12 -115.24
C PHE H 3358 -47.97 15.13 -114.49
N ILE H 3359 -46.87 15.58 -115.09
CA ILE H 3359 -46.00 16.56 -114.41
C ILE H 3359 -46.74 17.86 -114.15
N PRO H 3360 -47.42 18.49 -115.12
CA PRO H 3360 -48.21 19.68 -114.77
C PRO H 3360 -49.33 19.42 -113.78
N THR H 3361 -50.00 18.26 -113.87
CA THR H 3361 -51.08 17.99 -112.92
C THR H 3361 -50.55 17.92 -111.49
N ILE H 3362 -49.48 17.15 -111.29
CA ILE H 3362 -48.91 17.02 -109.95
C ILE H 3362 -48.30 18.34 -109.51
N GLY H 3363 -47.83 19.15 -110.46
CA GLY H 3363 -47.34 20.48 -110.10
C GLY H 3363 -48.43 21.37 -109.55
N ARG H 3364 -49.60 21.39 -110.20
CA ARG H 3364 -50.72 22.15 -109.68
C ARG H 3364 -51.16 21.62 -108.32
N LEU H 3365 -51.19 20.28 -108.17
CA LEU H 3365 -51.56 19.70 -106.88
C LEU H 3365 -50.58 20.14 -105.79
N ARG H 3366 -49.28 20.12 -106.10
CA ARG H 3366 -48.28 20.52 -105.11
C ARG H 3366 -48.40 22.00 -104.76
N LYS H 3367 -48.68 22.84 -105.76
CA LYS H 3367 -48.85 24.27 -105.48
C LYS H 3367 -50.06 24.51 -104.59
N ARG H 3368 -51.18 23.83 -104.86
CA ARG H 3368 -52.34 23.96 -104.00
C ARG H 3368 -52.03 23.48 -102.59
N ALA H 3369 -51.31 22.36 -102.47
CA ALA H 3369 -50.94 21.87 -101.15
C ALA H 3369 -50.06 22.87 -100.41
N GLY H 3370 -49.15 23.52 -101.14
CA GLY H 3370 -48.33 24.54 -100.52
C GLY H 3370 -49.15 25.71 -100.01
N LYS H 3371 -50.13 26.17 -100.80
CA LYS H 3371 -50.98 27.25 -100.34
C LYS H 3371 -51.76 26.85 -99.10
N VAL H 3372 -52.32 25.64 -99.09
CA VAL H 3372 -53.12 25.21 -97.94
C VAL H 3372 -52.26 25.09 -96.69
N VAL H 3373 -51.06 24.51 -96.81
CA VAL H 3373 -50.21 24.36 -95.64
C VAL H 3373 -49.70 25.72 -95.17
N ALA H 3374 -49.50 26.65 -96.11
CA ALA H 3374 -49.13 28.01 -95.71
C ALA H 3374 -50.24 28.66 -94.90
N GLU H 3375 -51.50 28.50 -95.35
CA GLU H 3375 -52.61 29.04 -94.57
C GLU H 3375 -52.71 28.36 -93.20
N GLU H 3376 -52.48 27.05 -93.15
CA GLU H 3376 -52.56 26.34 -91.89
C GLU H 3376 -51.48 26.82 -90.91
N GLU H 3377 -50.25 27.02 -91.41
CA GLU H 3377 -49.19 27.52 -90.54
C GLU H 3377 -49.46 28.95 -90.13
N GLN H 3378 -50.11 29.74 -91.00
CA GLN H 3378 -50.52 31.09 -90.64
C GLN H 3378 -51.51 31.05 -89.48
N LEU H 3379 -52.47 30.13 -89.53
CA LEU H 3379 -53.41 29.98 -88.43
C LEU H 3379 -52.72 29.43 -87.19
N ARG H 3380 -51.65 28.65 -87.37
CA ARG H 3380 -50.98 28.02 -86.25
C ARG H 3380 -50.13 29.02 -85.47
N LEU H 3381 -49.47 29.95 -86.16
CA LEU H 3381 -48.43 30.74 -85.51
C LEU H 3381 -49.00 31.60 -84.38
N GLU H 3382 -50.24 32.05 -84.50
CA GLU H 3382 -50.92 32.74 -83.40
C GLU H 3382 -52.15 31.94 -83.00
N ALA H 3383 -52.42 31.91 -81.70
CA ALA H 3383 -53.57 31.20 -81.15
C ALA H 3383 -54.53 32.21 -80.53
N LYS H 3384 -55.71 32.34 -81.14
CA LYS H 3384 -56.69 33.32 -80.68
C LYS H 3384 -58.04 32.89 -81.23
N ALA H 3385 -59.12 33.40 -80.61
CA ALA H 3385 -60.45 32.90 -80.91
C ALA H 3385 -60.80 33.07 -82.39
N GLU H 3386 -60.54 34.25 -82.95
CA GLU H 3386 -60.78 34.45 -84.38
C GLU H 3386 -59.83 33.61 -85.22
N ALA H 3387 -58.63 33.34 -84.70
CA ALA H 3387 -57.72 32.43 -85.39
C ALA H 3387 -58.27 31.01 -85.39
N GLU H 3388 -58.93 30.62 -84.30
CA GLU H 3388 -59.64 29.34 -84.28
C GLU H 3388 -60.73 29.32 -85.34
N GLU H 3389 -61.42 30.44 -85.51
CA GLU H 3389 -62.32 30.59 -86.65
C GLU H 3389 -61.50 30.57 -87.94
N GLY H 3390 -62.01 29.86 -88.94
CA GLY H 3390 -61.25 29.63 -90.15
C GLY H 3390 -60.43 28.36 -90.13
N GLU H 3391 -60.28 27.71 -88.98
CA GLU H 3391 -59.73 26.37 -88.96
C GLU H 3391 -60.60 25.43 -89.78
N LEU H 3392 -61.93 25.61 -89.69
CA LEU H 3392 -62.82 24.80 -90.50
C LEU H 3392 -62.66 25.10 -91.98
N LEU H 3393 -62.40 26.36 -92.35
CA LEU H 3393 -62.23 26.67 -93.77
C LEU H 3393 -60.92 26.12 -94.30
N VAL H 3394 -59.86 26.16 -93.49
CA VAL H 3394 -58.60 25.56 -93.93
C VAL H 3394 -58.76 24.04 -94.01
N ARG H 3395 -59.61 23.46 -93.15
CA ARG H 3395 -59.91 22.03 -93.28
C ARG H 3395 -60.71 21.75 -94.54
N ASP H 3396 -61.58 22.67 -94.94
CA ASP H 3396 -62.32 22.50 -96.19
C ASP H 3396 -61.38 22.57 -97.39
N GLU H 3397 -60.40 23.48 -97.35
CA GLU H 3397 -59.40 23.52 -98.41
C GLU H 3397 -58.58 22.23 -98.42
N PHE H 3398 -58.23 21.72 -97.24
CA PHE H 3398 -57.57 20.42 -97.18
C PHE H 3398 -58.44 19.33 -97.75
N SER H 3399 -59.76 19.42 -97.54
CA SER H 3399 -60.67 18.40 -98.04
C SER H 3399 -60.74 18.42 -99.56
N VAL H 3400 -60.88 19.60 -100.16
CA VAL H 3400 -60.92 19.68 -101.61
C VAL H 3400 -59.59 19.22 -102.20
N LEU H 3401 -58.48 19.60 -101.57
CA LEU H 3401 -57.17 19.17 -102.05
C LEU H 3401 -57.03 17.66 -101.97
N CYS H 3402 -57.46 17.05 -100.86
CA CYS H 3402 -57.36 15.61 -100.71
C CYS H 3402 -58.26 14.88 -101.69
N ARG H 3403 -59.44 15.43 -101.97
CA ARG H 3403 -60.33 14.80 -102.95
C ARG H 3403 -59.70 14.82 -104.34
N ASP H 3404 -59.17 15.98 -104.74
CA ASP H 3404 -58.51 16.05 -106.04
C ASP H 3404 -57.30 15.12 -106.09
N LEU H 3405 -56.55 15.04 -105.00
CA LEU H 3405 -55.35 14.22 -104.98
C LEU H 3405 -55.71 12.74 -105.02
N TYR H 3406 -56.77 12.32 -104.34
CA TYR H 3406 -57.17 10.93 -104.38
C TYR H 3406 -57.81 10.58 -105.72
N ALA H 3407 -58.29 11.58 -106.45
CA ALA H 3407 -58.71 11.31 -107.81
C ALA H 3407 -57.53 11.14 -108.74
N LEU H 3408 -56.49 11.97 -108.59
CA LEU H 3408 -55.41 12.00 -109.57
C LEU H 3408 -54.34 10.95 -109.28
N TYR H 3409 -54.22 10.51 -108.02
CA TYR H 3409 -53.07 9.72 -107.62
C TYR H 3409 -53.12 8.24 -108.02
N PRO H 3410 -54.25 7.52 -108.00
CA PRO H 3410 -54.20 6.12 -108.41
C PRO H 3410 -53.71 5.93 -109.84
N LEU H 3411 -54.10 6.81 -110.76
CA LEU H 3411 -53.57 6.74 -112.12
C LEU H 3411 -52.06 6.93 -112.11
N LEU H 3412 -51.57 7.88 -111.32
CA LEU H 3412 -50.13 8.09 -111.23
C LEU H 3412 -49.42 6.87 -110.65
N ILE H 3413 -50.05 6.21 -109.67
CA ILE H 3413 -49.47 5.00 -109.09
C ILE H 3413 -49.35 3.91 -110.14
N ARG H 3414 -50.45 3.65 -110.86
CA ARG H 3414 -50.43 2.65 -111.92
C ARG H 3414 -49.36 2.96 -112.95
N TYR H 3415 -49.28 4.23 -113.34
CA TYR H 3415 -48.46 4.60 -114.48
C TYR H 3415 -46.99 4.61 -114.10
N VAL H 3416 -46.69 5.03 -112.86
CA VAL H 3416 -45.34 4.92 -112.32
C VAL H 3416 -44.93 3.45 -112.22
N ASP H 3417 -45.84 2.58 -111.79
CA ASP H 3417 -45.51 1.16 -111.74
C ASP H 3417 -45.20 0.62 -113.12
N ASN H 3418 -45.91 1.10 -114.15
CA ASN H 3418 -45.62 0.65 -115.51
C ASN H 3418 -44.26 1.16 -115.99
N ASN H 3419 -43.93 2.43 -115.73
CA ASN H 3419 -42.76 3.04 -116.35
C ASN H 3419 -41.53 3.08 -115.45
N ARG H 3420 -41.60 2.52 -114.25
CA ARG H 3420 -40.47 2.55 -113.33
C ARG H 3420 -39.30 1.75 -113.89
N ALA H 3421 -39.58 0.67 -114.61
CA ALA H 3421 -38.51 -0.12 -115.20
C ALA H 3421 -37.67 0.72 -116.15
N HIS H 3422 -38.34 1.42 -117.08
CA HIS H 3422 -37.61 2.27 -118.02
CA HIS H 3422 -37.61 2.27 -118.02
C HIS H 3422 -36.90 3.41 -117.31
N TRP H 3423 -37.56 4.03 -116.32
CA TRP H 3423 -36.92 5.12 -115.60
C TRP H 3423 -35.65 4.67 -114.90
N LEU H 3424 -35.69 3.50 -114.26
CA LEU H 3424 -34.52 3.01 -113.55
C LEU H 3424 -33.43 2.56 -114.52
N THR H 3425 -33.83 1.96 -115.65
CA THR H 3425 -32.85 1.54 -116.64
C THR H 3425 -32.13 2.74 -117.24
N GLU H 3426 -32.86 3.81 -117.56
CA GLU H 3426 -32.28 5.01 -118.12
C GLU H 3426 -32.80 6.19 -117.33
N PRO H 3427 -31.94 6.88 -116.57
CA PRO H 3427 -32.41 7.97 -115.71
C PRO H 3427 -33.10 9.07 -116.51
N ASN H 3428 -34.18 9.60 -115.94
CA ASN H 3428 -35.04 10.56 -116.63
C ASN H 3428 -35.22 11.80 -115.78
N ALA H 3429 -34.94 12.96 -116.38
CA ALA H 3429 -35.10 14.23 -115.67
C ALA H 3429 -36.56 14.47 -115.31
N ASN H 3430 -37.48 14.12 -116.22
CA ASN H 3430 -38.90 14.27 -115.91
C ASN H 3430 -39.30 13.39 -114.74
N ALA H 3431 -38.79 12.16 -114.70
CA ALA H 3431 -39.08 11.27 -113.57
C ALA H 3431 -38.55 11.85 -112.27
N GLU H 3432 -37.33 12.41 -112.30
CA GLU H 3432 -36.77 13.01 -111.10
C GLU H 3432 -37.60 14.22 -110.65
N GLU H 3433 -38.05 15.04 -111.61
CA GLU H 3433 -38.88 16.19 -111.25
C GLU H 3433 -40.20 15.75 -110.64
N LEU H 3434 -40.81 14.70 -111.21
CA LEU H 3434 -42.03 14.15 -110.63
C LEU H 3434 -41.78 13.63 -109.22
N PHE H 3435 -40.61 13.02 -109.00
CA PHE H 3435 -40.27 12.56 -107.66
C PHE H 3435 -40.15 13.73 -106.70
N ARG H 3436 -39.53 14.82 -107.13
CA ARG H 3436 -39.46 15.99 -106.28
C ARG H 3436 -40.85 16.49 -105.92
N MET H 3437 -41.75 16.52 -106.90
CA MET H 3437 -43.11 16.99 -106.65
C MET H 3437 -43.83 16.10 -105.64
N VAL H 3438 -43.82 14.78 -105.85
CA VAL H 3438 -44.54 13.89 -104.95
C VAL H 3438 -43.91 13.91 -103.57
N GLY H 3439 -42.57 14.05 -103.52
CA GLY H 3439 -41.91 14.15 -102.23
C GLY H 3439 -42.29 15.41 -101.46
N GLU H 3440 -42.39 16.53 -102.17
CA GLU H 3440 -42.84 17.76 -101.52
C GLU H 3440 -44.27 17.63 -101.00
N ILE H 3441 -45.15 17.00 -101.79
CA ILE H 3441 -46.51 16.79 -101.33
C ILE H 3441 -46.54 15.91 -100.09
N PHE H 3442 -45.74 14.83 -100.10
CA PHE H 3442 -45.67 13.96 -98.94
C PHE H 3442 -45.10 14.68 -97.72
N ILE H 3443 -44.14 15.58 -97.95
CA ILE H 3443 -43.57 16.35 -96.86
C ILE H 3443 -44.63 17.26 -96.23
N TYR H 3444 -45.41 17.94 -97.08
CA TYR H 3444 -46.51 18.74 -96.55
C TYR H 3444 -47.48 17.87 -95.77
N TRP H 3445 -47.80 16.68 -96.28
CA TRP H 3445 -48.74 15.81 -95.58
C TRP H 3445 -48.20 15.39 -94.22
N SER H 3446 -46.91 15.05 -94.16
CA SER H 3446 -46.30 14.64 -92.89
C SER H 3446 -46.26 15.79 -91.89
N LYS H 3447 -45.90 16.99 -92.36
CA LYS H 3447 -45.83 18.14 -91.48
C LYS H 3447 -47.22 18.51 -90.94
N SER H 3448 -48.23 18.46 -91.80
CA SER H 3448 -49.56 18.98 -91.47
C SER H 3448 -50.45 17.88 -90.91
N HIS H 3449 -50.66 17.92 -89.59
CA HIS H 3449 -51.61 17.00 -88.98
C HIS H 3449 -53.01 17.26 -89.52
N ASN H 3450 -53.32 18.50 -89.87
CA ASN H 3450 -54.59 18.79 -90.53
C ASN H 3450 -54.68 18.07 -91.87
N PHE H 3451 -53.61 18.08 -92.65
CA PHE H 3451 -53.59 17.32 -93.90
C PHE H 3451 -53.83 15.85 -93.64
N LYS H 3452 -53.15 15.28 -92.64
CA LYS H 3452 -53.30 13.86 -92.36
C LYS H 3452 -54.74 13.53 -91.97
N ARG H 3453 -55.31 14.28 -91.03
CA ARG H 3453 -56.65 13.98 -90.57
C ARG H 3453 -57.67 14.18 -91.68
N GLU H 3454 -57.49 15.21 -92.51
CA GLU H 3454 -58.45 15.46 -93.58
C GLU H 3454 -58.38 14.40 -94.66
N GLU H 3455 -57.17 13.92 -94.97
CA GLU H 3455 -57.05 12.82 -95.92
C GLU H 3455 -57.72 11.57 -95.38
N GLN H 3456 -57.52 11.28 -94.09
CA GLN H 3456 -58.19 10.13 -93.48
C GLN H 3456 -59.71 10.30 -93.52
N ASN H 3457 -60.19 11.53 -93.28
CA ASN H 3457 -61.62 11.79 -93.33
C ASN H 3457 -62.17 11.55 -94.74
N PHE H 3458 -61.46 12.03 -95.76
CA PHE H 3458 -61.93 11.79 -97.12
C PHE H 3458 -61.94 10.30 -97.43
N VAL H 3459 -60.95 9.57 -96.91
CA VAL H 3459 -60.93 8.12 -97.08
C VAL H 3459 -62.19 7.49 -96.50
N VAL H 3460 -62.53 7.85 -95.26
CA VAL H 3460 -63.66 7.17 -94.61
C VAL H 3460 -64.98 7.56 -95.26
N GLN H 3461 -65.14 8.83 -95.66
CA GLN H 3461 -66.36 9.20 -96.39
C GLN H 3461 -66.46 8.48 -97.73
N ASN H 3462 -65.34 8.30 -98.43
CA ASN H 3462 -65.38 7.48 -99.64
C ASN H 3462 -65.72 6.03 -99.33
N GLU H 3463 -65.32 5.56 -98.14
CA GLU H 3463 -65.41 4.17 -97.71
C GLU H 3463 -64.57 3.28 -98.61
N ILE H 3464 -63.58 3.84 -99.31
CA ILE H 3464 -62.75 3.05 -100.21
C ILE H 3464 -61.72 2.27 -99.39
N ASN H 3465 -61.42 1.05 -99.86
CA ASN H 3465 -60.41 0.24 -99.17
C ASN H 3465 -59.02 0.85 -99.32
N ASN H 3466 -58.82 1.65 -100.35
CA ASN H 3466 -57.58 2.36 -100.72
C ASN H 3466 -56.50 1.37 -101.17
N MET H 3467 -56.75 0.07 -101.08
CA MET H 3467 -55.93 -0.94 -101.73
C MET H 3467 -56.47 -1.33 -103.09
N SER H 3468 -57.59 -0.74 -103.50
CA SER H 3468 -58.23 -1.13 -104.75
C SER H 3468 -57.33 -0.86 -105.94
N PHE H 3469 -56.50 0.18 -105.87
CA PHE H 3469 -55.63 0.51 -106.99
C PHE H 3469 -54.44 -0.45 -107.08
N LEU H 3470 -53.88 -0.84 -105.95
CA LEU H 3470 -52.85 -1.88 -105.96
C LEU H 3470 -53.40 -3.21 -106.45
N THR H 3471 -54.60 -3.58 -105.99
CA THR H 3471 -55.25 -4.79 -106.49
C THR H 3471 -55.60 -4.65 -107.96
N ALA H 3472 -55.85 -3.42 -108.43
CA ALA H 3472 -56.10 -3.20 -109.84
C ALA H 3472 -54.84 -3.43 -110.67
N ASP H 3473 -53.69 -3.00 -110.15
CA ASP H 3473 -52.42 -3.35 -110.81
C ASP H 3473 -52.22 -4.86 -110.84
N SER H 3474 -52.49 -5.52 -109.72
CA SER H 3474 -52.35 -6.98 -109.66
C SER H 3474 -53.27 -7.67 -110.68
N LYS H 3475 -54.51 -7.19 -110.80
CA LYS H 3475 -55.42 -7.70 -111.83
C LYS H 3475 -54.90 -7.37 -113.23
N SER H 3476 -54.28 -6.20 -113.38
CA SER H 3476 -53.78 -5.76 -114.67
C SER H 3476 -52.69 -6.69 -115.18
N LYS H 3477 -51.83 -7.20 -114.30
CA LYS H 3477 -50.91 -8.23 -114.79
C LYS H 3477 -51.65 -9.55 -114.88
N MET H 3478 -52.57 -9.80 -113.94
CA MET H 3478 -53.22 -11.10 -113.74
C MET H 3478 -52.25 -12.15 -113.24
N ALA H 3479 -51.84 -12.03 -111.98
CA ALA H 3479 -51.10 -13.10 -111.32
C ALA H 3479 -51.96 -14.35 -111.23
N ARG H 3498 -57.67 -7.69 -92.37
CA ARG H 3498 -58.87 -7.36 -91.61
C ARG H 3498 -58.96 -5.85 -91.37
N ARG H 3499 -58.70 -5.44 -90.13
CA ARG H 3499 -58.71 -4.02 -89.80
C ARG H 3499 -57.62 -3.27 -90.57
N GLY H 3500 -56.43 -3.85 -90.63
CA GLY H 3500 -55.37 -3.25 -91.44
C GLY H 3500 -55.68 -3.27 -92.92
N ASP H 3501 -56.43 -4.29 -93.36
CA ASP H 3501 -56.80 -4.38 -94.77
C ASP H 3501 -57.71 -3.23 -95.19
N ARG H 3502 -58.65 -2.85 -94.31
CA ARG H 3502 -59.62 -1.82 -94.66
C ARG H 3502 -58.92 -0.49 -94.94
N TYR H 3503 -58.03 -0.06 -94.05
CA TYR H 3503 -57.30 1.18 -94.22
C TYR H 3503 -56.03 1.13 -93.39
N SER H 3504 -54.94 1.64 -93.96
CA SER H 3504 -53.66 1.63 -93.28
C SER H 3504 -52.76 2.69 -93.90
N VAL H 3505 -51.50 2.70 -93.46
CA VAL H 3505 -50.55 3.69 -93.95
C VAL H 3505 -50.21 3.44 -95.41
N GLN H 3506 -49.70 2.25 -95.73
CA GLN H 3506 -49.31 1.97 -97.11
C GLN H 3506 -50.50 2.03 -98.04
N THR H 3507 -51.72 1.90 -97.50
CA THR H 3507 -52.92 2.06 -98.31
C THR H 3507 -53.14 3.53 -98.68
N SER H 3508 -52.66 4.45 -97.84
CA SER H 3508 -52.85 5.87 -98.12
C SER H 3508 -52.07 6.28 -99.35
N LEU H 3509 -52.71 7.05 -100.22
CA LEU H 3509 -52.18 7.29 -101.56
C LEU H 3509 -50.88 8.08 -101.53
N ILE H 3510 -50.80 9.10 -100.67
CA ILE H 3510 -49.61 9.96 -100.70
C ILE H 3510 -48.37 9.17 -100.31
N VAL H 3511 -48.44 8.39 -99.24
CA VAL H 3511 -47.29 7.60 -98.82
C VAL H 3511 -47.01 6.47 -99.80
N ALA H 3512 -48.06 5.83 -100.31
CA ALA H 3512 -47.86 4.74 -101.26
C ALA H 3512 -47.14 5.24 -102.51
N THR H 3513 -47.58 6.38 -103.05
CA THR H 3513 -46.94 6.93 -104.24
C THR H 3513 -45.52 7.39 -103.93
N LEU H 3514 -45.30 7.95 -102.73
CA LEU H 3514 -43.96 8.34 -102.37
C LEU H 3514 -43.03 7.14 -102.34
N LYS H 3515 -43.48 6.03 -101.76
CA LYS H 3515 -42.68 4.81 -101.77
C LYS H 3515 -42.43 4.31 -103.19
N LYS H 3516 -43.47 4.33 -104.03
CA LYS H 3516 -43.31 3.81 -105.39
C LYS H 3516 -42.29 4.63 -106.17
N MET H 3517 -42.32 5.96 -106.01
CA MET H 3517 -41.42 6.80 -106.81
C MET H 3517 -40.11 7.09 -106.07
N LEU H 3518 -39.97 6.57 -104.85
CA LEU H 3518 -38.70 6.70 -104.15
C LEU H 3518 -37.50 6.11 -104.90
N PRO H 3519 -37.58 4.94 -105.54
CA PRO H 3519 -36.38 4.39 -106.19
C PRO H 3519 -35.73 5.33 -107.18
N ILE H 3520 -36.51 6.18 -107.86
CA ILE H 3520 -35.91 7.16 -108.75
C ILE H 3520 -35.06 8.15 -107.97
N GLY H 3521 -35.58 8.60 -106.82
CA GLY H 3521 -34.83 9.52 -105.98
C GLY H 3521 -33.57 8.90 -105.40
N LEU H 3522 -33.63 7.61 -105.08
CA LEU H 3522 -32.43 6.94 -104.61
C LEU H 3522 -31.44 6.75 -105.77
N ASN H 3523 -31.95 6.49 -106.97
CA ASN H 3523 -31.08 6.26 -108.13
C ASN H 3523 -30.34 7.53 -108.51
N MET H 3524 -31.02 8.68 -108.47
CA MET H 3524 -30.35 9.92 -108.88
C MET H 3524 -29.20 10.25 -107.95
N CYS H 3525 -29.34 9.98 -106.66
CA CYS H 3525 -28.25 10.20 -105.73
C CYS H 3525 -27.14 9.17 -105.95
N ALA H 3526 -25.89 9.64 -105.88
CA ALA H 3526 -24.75 8.76 -106.06
C ALA H 3526 -24.56 7.88 -104.83
N PRO H 3527 -23.94 6.70 -105.00
CA PRO H 3527 -23.62 5.88 -103.82
C PRO H 3527 -22.72 6.59 -102.83
N THR H 3528 -21.75 7.37 -103.31
CA THR H 3528 -20.90 8.16 -102.42
C THR H 3528 -21.73 9.19 -101.65
N ASP H 3529 -22.89 9.55 -102.20
CA ASP H 3529 -23.74 10.55 -101.58
C ASP H 3529 -24.41 10.02 -100.33
N GLN H 3530 -24.26 8.73 -100.03
CA GLN H 3530 -25.10 8.11 -99.01
C GLN H 3530 -24.72 8.57 -97.61
N ASP H 3531 -23.42 8.81 -97.37
CA ASP H 3531 -23.02 9.33 -96.06
C ASP H 3531 -23.53 10.76 -95.87
N LEU H 3532 -23.46 11.57 -96.92
CA LEU H 3532 -24.08 12.89 -96.88
C LEU H 3532 -25.57 12.78 -96.61
N ILE H 3533 -26.23 11.80 -97.21
CA ILE H 3533 -27.64 11.57 -96.97
C ILE H 3533 -27.89 11.26 -95.50
N MET H 3534 -27.06 10.39 -94.92
CA MET H 3534 -27.23 10.01 -93.53
C MET H 3534 -27.06 11.20 -92.59
N LEU H 3535 -26.03 12.02 -92.84
CA LEU H 3535 -25.80 13.15 -91.95
C LEU H 3535 -26.85 14.24 -92.14
N ALA H 3536 -27.39 14.36 -93.36
CA ALA H 3536 -28.51 15.28 -93.56
C ALA H 3536 -29.78 14.76 -92.91
N LYS H 3537 -29.93 13.43 -92.84
CA LYS H 3537 -31.01 12.86 -92.05
C LYS H 3537 -30.86 13.21 -90.58
N THR H 3538 -29.63 13.16 -90.07
CA THR H 3538 -29.40 13.61 -88.69
C THR H 3538 -29.78 15.07 -88.52
N ARG H 3539 -29.43 15.91 -89.50
CA ARG H 3539 -29.81 17.32 -89.44
C ARG H 3539 -31.33 17.50 -89.42
N TYR H 3540 -32.05 16.74 -90.26
CA TYR H 3540 -33.51 16.84 -90.26
C TYR H 3540 -34.10 16.33 -88.97
N ALA H 3541 -33.44 15.36 -88.33
CA ALA H 3541 -33.83 14.99 -86.97
C ALA H 3541 -33.58 16.15 -86.01
N LEU H 3542 -32.58 16.99 -86.31
CA LEU H 3542 -32.35 18.17 -85.50
C LEU H 3542 -33.37 19.26 -85.81
N LYS H 3543 -34.22 19.04 -86.81
CA LYS H 3543 -35.33 19.92 -87.14
C LYS H 3543 -34.88 21.28 -87.66
N ASP H 3544 -33.64 21.38 -88.14
CA ASP H 3544 -33.21 22.59 -88.82
C ASP H 3544 -33.82 22.65 -90.21
N THR H 3545 -33.92 23.86 -90.75
CA THR H 3545 -34.64 24.07 -92.00
C THR H 3545 -33.86 23.55 -93.20
N ASP H 3546 -34.55 23.45 -94.33
CA ASP H 3546 -33.96 22.87 -95.53
C ASP H 3546 -32.76 23.68 -96.02
N GLU H 3547 -32.85 25.01 -95.97
CA GLU H 3547 -31.71 25.83 -96.39
C GLU H 3547 -30.53 25.67 -95.44
N GLU H 3548 -30.81 25.57 -94.14
CA GLU H 3548 -29.74 25.36 -93.18
C GLU H 3548 -29.03 24.03 -93.41
N VAL H 3549 -29.80 22.96 -93.66
CA VAL H 3549 -29.15 21.67 -93.90
C VAL H 3549 -28.47 21.68 -95.25
N ARG H 3550 -28.95 22.49 -96.19
CA ARG H 3550 -28.23 22.65 -97.46
C ARG H 3550 -26.85 23.27 -97.24
N GLU H 3551 -26.78 24.34 -96.42
CA GLU H 3551 -25.49 24.96 -96.14
C GLU H 3551 -24.60 24.00 -95.36
N PHE H 3552 -25.18 23.25 -94.43
CA PHE H 3552 -24.40 22.28 -93.66
C PHE H 3552 -23.85 21.19 -94.57
N LEU H 3553 -24.63 20.79 -95.59
CA LEU H 3553 -24.15 19.86 -96.60
C LEU H 3553 -23.01 20.47 -97.40
N GLN H 3554 -23.13 21.75 -97.75
CA GLN H 3554 -22.03 22.43 -98.43
C GLN H 3554 -20.75 22.38 -97.61
N ASN H 3555 -20.87 22.53 -96.30
CA ASN H 3555 -19.70 22.38 -95.43
C ASN H 3555 -19.27 20.92 -95.30
N ASN H 3556 -20.21 20.00 -95.52
CA ASN H 3556 -19.98 18.59 -95.17
C ASN H 3556 -19.58 17.72 -96.36
N LEU H 3557 -19.29 18.31 -97.52
CA LEU H 3557 -19.04 17.51 -98.72
C LEU H 3557 -17.88 16.54 -98.53
N HIS H 3558 -16.80 17.01 -97.90
CA HIS H 3558 -15.62 16.16 -97.75
C HIS H 3558 -15.78 15.15 -96.63
N LEU H 3559 -16.85 15.24 -95.85
CA LEU H 3559 -17.16 14.14 -94.92
C LEU H 3559 -17.81 12.97 -95.65
N GLN H 3560 -18.21 13.15 -96.91
CA GLN H 3560 -18.88 12.07 -97.63
C GLN H 3560 -17.90 10.94 -97.88
N GLY H 3561 -18.43 9.72 -97.93
CA GLY H 3561 -17.57 8.55 -98.11
C GLY H 3561 -16.88 8.56 -99.45
N LYS H 3562 -15.60 8.20 -99.45
CA LYS H 3562 -14.82 8.14 -100.68
C LYS H 3562 -14.91 6.75 -101.30
N VAL H 3563 -14.72 6.69 -102.62
CA VAL H 3563 -14.89 5.43 -103.34
C VAL H 3563 -13.80 4.43 -102.95
N GLU H 3564 -12.59 4.92 -102.69
CA GLU H 3564 -11.48 4.01 -102.39
C GLU H 3564 -11.58 3.47 -100.97
N GLY H 3565 -12.39 4.10 -100.12
CA GLY H 3565 -12.50 3.66 -98.75
C GLY H 3565 -13.18 2.32 -98.59
N SER H 3566 -14.30 2.12 -99.30
CA SER H 3566 -15.14 0.95 -99.06
C SER H 3566 -15.30 0.12 -100.31
N PRO H 3567 -15.12 -1.20 -100.23
CA PRO H 3567 -15.32 -2.04 -101.43
C PRO H 3567 -16.77 -2.15 -101.87
N SER H 3568 -17.69 -2.34 -100.92
CA SER H 3568 -19.10 -2.41 -101.27
C SER H 3568 -19.55 -1.12 -101.93
N LEU H 3569 -19.19 0.01 -101.35
CA LEU H 3569 -19.50 1.30 -101.96
C LEU H 3569 -18.76 1.43 -103.29
N ARG H 3570 -17.62 0.76 -103.43
CA ARG H 3570 -16.89 0.81 -104.70
C ARG H 3570 -17.67 0.14 -105.81
N TRP H 3571 -18.19 -1.07 -105.57
CA TRP H 3571 -18.98 -1.72 -106.61
C TRP H 3571 -20.30 -0.99 -106.85
N GLN H 3572 -20.88 -0.40 -105.79
CA GLN H 3572 -22.07 0.42 -105.99
C GLN H 3572 -21.77 1.60 -106.91
N MET H 3573 -20.65 2.27 -106.71
CA MET H 3573 -20.33 3.42 -107.55
C MET H 3573 -19.98 2.96 -108.96
N ALA H 3574 -19.38 1.77 -109.09
CA ALA H 3574 -19.14 1.23 -110.43
C ALA H 3574 -20.45 1.02 -111.18
N LEU H 3575 -21.44 0.44 -110.51
CA LEU H 3575 -22.76 0.34 -111.12
C LEU H 3575 -23.30 1.73 -111.47
N TYR H 3576 -23.13 2.69 -110.56
CA TYR H 3576 -23.61 4.05 -110.80
C TYR H 3576 -22.99 4.64 -112.07
N ARG H 3577 -21.69 4.39 -112.27
CA ARG H 3577 -21.06 4.79 -113.53
C ARG H 3577 -21.65 4.02 -114.70
N GLY H 3578 -22.13 2.81 -114.45
CA GLY H 3578 -22.70 2.00 -115.53
C GLY H 3578 -23.90 2.65 -116.18
N LEU H 3579 -24.78 3.25 -115.39
CA LEU H 3579 -25.98 3.87 -115.95
C LEU H 3579 -25.61 5.05 -116.84
N PRO H 3580 -26.23 5.16 -118.02
CA PRO H 3580 -25.86 6.25 -118.94
C PRO H 3580 -26.23 7.63 -118.44
N GLY H 3581 -27.30 7.75 -117.63
CA GLY H 3581 -27.80 9.06 -117.27
C GLY H 3581 -26.84 9.87 -116.41
N ARG H 3582 -26.19 9.20 -115.45
CA ARG H 3582 -25.36 9.91 -114.48
C ARG H 3582 -24.07 10.42 -115.13
N GLU H 3583 -23.74 11.68 -114.86
CA GLU H 3583 -22.53 12.31 -115.39
C GLU H 3583 -21.72 12.91 -114.26
N GLU H 3584 -20.40 12.99 -114.48
CA GLU H 3584 -19.55 13.71 -113.54
C GLU H 3584 -19.92 15.18 -113.47
N ASP H 3585 -20.26 15.78 -114.62
CA ASP H 3585 -20.81 17.13 -114.61
C ASP H 3585 -22.18 17.14 -113.95
N ALA H 3586 -22.91 16.02 -114.02
CA ALA H 3586 -24.22 15.95 -113.38
C ALA H 3586 -24.09 15.93 -111.86
N ASP H 3587 -22.96 15.46 -111.34
CA ASP H 3587 -22.70 15.58 -109.90
C ASP H 3587 -21.74 16.76 -109.66
N ASP H 3588 -22.26 17.96 -109.86
CA ASP H 3588 -21.57 19.17 -109.42
C ASP H 3588 -21.75 19.29 -107.91
N PRO H 3589 -20.84 19.98 -107.21
CA PRO H 3589 -20.95 20.00 -105.74
C PRO H 3589 -22.29 20.51 -105.22
N GLU H 3590 -22.72 21.67 -105.72
CA GLU H 3590 -23.99 22.24 -105.27
C GLU H 3590 -25.17 21.35 -105.67
N LYS H 3591 -25.11 20.72 -106.84
CA LYS H 3591 -26.24 19.90 -107.23
C LYS H 3591 -26.28 18.60 -106.42
N ILE H 3592 -25.10 18.12 -106.02
CA ILE H 3592 -25.05 17.01 -105.05
C ILE H 3592 -25.69 17.42 -103.74
N VAL H 3593 -25.33 18.59 -103.21
CA VAL H 3593 -25.91 18.97 -101.92
C VAL H 3593 -27.42 19.15 -102.04
N ARG H 3594 -27.88 19.64 -103.20
CA ARG H 3594 -29.32 19.81 -103.41
C ARG H 3594 -30.05 18.47 -103.44
N ARG H 3595 -29.55 17.52 -104.25
CA ARG H 3595 -30.23 16.23 -104.35
C ARG H 3595 -30.15 15.46 -103.03
N VAL H 3596 -29.03 15.58 -102.31
CA VAL H 3596 -28.92 14.96 -101.01
C VAL H 3596 -29.92 15.56 -100.04
N GLN H 3597 -30.08 16.90 -100.07
CA GLN H 3597 -31.06 17.54 -99.21
C GLN H 3597 -32.47 17.01 -99.50
N GLU H 3598 -32.85 16.96 -100.78
CA GLU H 3598 -34.17 16.46 -101.13
C GLU H 3598 -34.37 15.02 -100.67
N VAL H 3599 -33.44 14.13 -101.02
CA VAL H 3599 -33.59 12.72 -100.70
C VAL H 3599 -33.60 12.53 -99.18
N SER H 3600 -32.81 13.31 -98.46
CA SER H 3600 -32.75 13.18 -97.00
C SER H 3600 -34.06 13.62 -96.36
N ALA H 3601 -34.64 14.73 -96.84
CA ALA H 3601 -35.93 15.15 -96.30
C ALA H 3601 -37.00 14.09 -96.56
N VAL H 3602 -37.02 13.56 -97.78
CA VAL H 3602 -37.99 12.51 -98.10
C VAL H 3602 -37.78 11.29 -97.21
N LEU H 3603 -36.53 10.88 -97.02
CA LEU H 3603 -36.25 9.69 -96.22
C LEU H 3603 -36.63 9.90 -94.76
N TYR H 3604 -36.35 11.08 -94.22
CA TYR H 3604 -36.69 11.36 -92.82
C TYR H 3604 -38.20 11.31 -92.62
N HIS H 3605 -38.95 12.06 -93.42
CA HIS H 3605 -40.39 12.04 -93.24
C HIS H 3605 -40.96 10.67 -93.59
N LEU H 3606 -40.28 9.93 -94.46
CA LEU H 3606 -40.74 8.59 -94.81
C LEU H 3606 -40.60 7.63 -93.64
N GLU H 3607 -39.48 7.66 -92.93
CA GLU H 3607 -39.35 6.79 -91.77
C GLU H 3607 -40.32 7.21 -90.66
N GLN H 3608 -40.51 8.52 -90.47
CA GLN H 3608 -41.49 8.96 -89.47
C GLN H 3608 -42.89 8.44 -89.82
N THR H 3609 -43.27 8.49 -91.09
CA THR H 3609 -44.56 7.95 -91.50
C THR H 3609 -44.60 6.43 -91.37
N GLU H 3610 -43.49 5.77 -91.72
CA GLU H 3610 -43.46 4.31 -91.74
C GLU H 3610 -43.65 3.74 -90.35
N HIS H 3611 -42.95 4.27 -89.35
CA HIS H 3611 -43.17 3.83 -87.98
C HIS H 3611 -43.92 4.91 -87.24
N PRO H 3612 -45.22 4.73 -86.96
CA PRO H 3612 -45.95 5.77 -86.23
C PRO H 3612 -45.61 5.82 -84.76
N TYR H 3613 -44.99 4.75 -84.22
CA TYR H 3613 -44.69 4.54 -82.81
C TYR H 3613 -45.84 4.95 -81.89
N LYS H 3614 -47.09 4.76 -82.33
CA LYS H 3614 -48.23 5.08 -81.48
C LYS H 3614 -48.35 4.11 -80.32
N SER H 3615 -48.03 2.84 -80.55
CA SER H 3615 -48.15 1.83 -79.50
C SER H 3615 -47.14 2.06 -78.39
N LYS H 3616 -47.50 1.63 -77.18
CA LYS H 3616 -46.71 1.71 -75.94
C LYS H 3616 -46.46 3.14 -75.50
N LYS H 3617 -47.00 4.16 -76.19
CA LYS H 3617 -46.84 5.53 -75.75
C LYS H 3617 -47.55 5.76 -74.41
N ALA H 3618 -48.77 5.26 -74.28
CA ALA H 3618 -49.56 5.40 -73.06
C ALA H 3618 -50.10 4.03 -72.65
N VAL H 3619 -49.31 3.30 -71.85
CA VAL H 3619 -49.75 2.02 -71.34
C VAL H 3619 -50.57 2.22 -70.07
N TRP H 3620 -51.76 1.65 -70.05
CA TRP H 3620 -52.70 1.83 -68.95
C TRP H 3620 -52.75 0.56 -68.10
N HIS H 3621 -52.56 0.73 -66.79
CA HIS H 3621 -52.53 -0.43 -65.89
C HIS H 3621 -53.93 -0.99 -65.66
N LYS H 3622 -54.94 -0.12 -65.67
CA LYS H 3622 -56.36 -0.49 -65.52
C LYS H 3622 -56.59 -1.49 -64.38
N LEU H 3623 -55.90 -1.27 -63.25
CA LEU H 3623 -56.08 -2.16 -62.10
C LEU H 3623 -57.50 -2.10 -61.57
N LEU H 3624 -58.06 -0.89 -61.46
CA LEU H 3624 -59.41 -0.70 -60.94
C LEU H 3624 -60.46 -0.56 -62.02
N SER H 3625 -60.09 -0.78 -63.30
CA SER H 3625 -60.99 -0.46 -64.40
C SER H 3625 -62.25 -1.30 -64.39
N LYS H 3626 -62.16 -2.55 -63.94
CA LYS H 3626 -63.34 -3.41 -63.91
C LYS H 3626 -64.36 -2.89 -62.90
N GLN H 3627 -63.92 -2.58 -61.68
CA GLN H 3627 -64.82 -2.01 -60.70
C GLN H 3627 -65.34 -0.66 -61.15
N ARG H 3628 -64.50 0.14 -61.82
CA ARG H 3628 -64.94 1.45 -62.30
C ARG H 3628 -66.01 1.31 -63.37
N ARG H 3629 -65.85 0.35 -64.30
CA ARG H 3629 -66.86 0.15 -65.33
C ARG H 3629 -68.17 -0.35 -64.73
N ARG H 3630 -68.09 -1.26 -63.75
CA ARG H 3630 -69.32 -1.69 -63.07
C ARG H 3630 -70.00 -0.52 -62.38
N ALA H 3631 -69.20 0.33 -61.70
CA ALA H 3631 -69.75 1.47 -60.97
C ALA H 3631 -70.39 2.48 -61.92
N VAL H 3632 -69.74 2.77 -63.05
CA VAL H 3632 -70.29 3.77 -63.96
C VAL H 3632 -71.55 3.24 -64.64
N VAL H 3633 -71.58 1.94 -64.94
CA VAL H 3633 -72.81 1.35 -65.48
C VAL H 3633 -73.94 1.49 -64.46
N ALA H 3634 -73.68 1.13 -63.20
CA ALA H 3634 -74.70 1.25 -62.17
C ALA H 3634 -75.17 2.70 -62.02
N CYS H 3635 -74.23 3.65 -62.04
CA CYS H 3635 -74.60 5.06 -61.91
C CYS H 3635 -75.43 5.52 -63.11
N PHE H 3636 -75.10 5.05 -64.31
CA PHE H 3636 -75.86 5.42 -65.49
C PHE H 3636 -77.30 4.91 -65.39
N ARG H 3637 -77.49 3.70 -64.85
CA ARG H 3637 -78.86 3.23 -64.61
C ARG H 3637 -79.34 3.46 -63.19
N MET H 3638 -78.71 4.35 -62.44
CA MET H 3638 -79.08 4.58 -61.05
C MET H 3638 -80.31 5.46 -60.95
N THR H 3639 -81.16 5.17 -59.96
CA THR H 3639 -82.51 5.73 -59.92
C THR H 3639 -82.54 7.06 -59.16
N PRO H 3640 -83.20 8.07 -59.71
CA PRO H 3640 -83.09 9.42 -59.13
C PRO H 3640 -83.83 9.57 -57.82
N LEU H 3641 -83.43 10.60 -57.07
CA LEU H 3641 -84.02 10.86 -55.75
C LEU H 3641 -85.50 11.17 -55.86
N TYR H 3642 -85.90 11.89 -56.91
CA TYR H 3642 -87.32 12.22 -57.07
C TYR H 3642 -88.13 10.97 -57.36
N ASN H 3643 -87.50 9.95 -57.94
CA ASN H 3643 -88.17 8.66 -58.10
C ASN H 3643 -88.21 7.89 -56.80
N LEU H 3644 -87.20 8.06 -55.96
CA LEU H 3644 -87.11 7.31 -54.71
C LEU H 3644 -88.26 7.67 -53.79
N PRO H 3645 -88.78 6.71 -53.00
CA PRO H 3645 -90.01 6.97 -52.24
C PRO H 3645 -89.86 8.03 -51.16
N THR H 3646 -91.01 8.55 -50.73
CA THR H 3646 -91.04 9.75 -49.89
C THR H 3646 -90.47 9.48 -48.50
N HIS H 3647 -90.90 8.42 -47.85
CA HIS H 3647 -90.43 8.15 -46.49
C HIS H 3647 -88.94 7.81 -46.47
N ARG H 3648 -88.47 7.05 -47.46
CA ARG H 3648 -87.05 6.77 -47.55
C ARG H 3648 -86.26 8.06 -47.78
N ALA H 3649 -86.76 8.93 -48.64
CA ALA H 3649 -86.11 10.22 -48.85
C ALA H 3649 -86.08 11.04 -47.57
N CYS H 3650 -87.15 10.96 -46.77
CA CYS H 3650 -87.16 11.64 -45.49
C CYS H 3650 -86.06 11.11 -44.58
N ASN H 3651 -85.87 9.79 -44.55
CA ASN H 3651 -84.82 9.22 -43.71
C ASN H 3651 -83.44 9.68 -44.17
N MET H 3652 -83.19 9.65 -45.47
CA MET H 3652 -81.90 10.15 -45.96
C MET H 3652 -81.72 11.63 -45.66
N PHE H 3653 -82.80 12.41 -45.75
CA PHE H 3653 -82.70 13.82 -45.41
C PHE H 3653 -82.35 14.00 -43.94
N LEU H 3654 -82.94 13.19 -43.06
CA LEU H 3654 -82.61 13.30 -41.65
C LEU H 3654 -81.13 13.02 -41.43
N GLU H 3655 -80.61 11.96 -42.05
CA GLU H 3655 -79.20 11.63 -41.89
C GLU H 3655 -78.31 12.74 -42.44
N SER H 3656 -78.60 13.20 -43.66
CA SER H 3656 -77.77 14.24 -44.29
C SER H 3656 -77.84 15.54 -43.50
N TYR H 3657 -79.01 15.89 -42.97
CA TYR H 3657 -79.15 17.13 -42.24
C TYR H 3657 -78.39 17.07 -40.92
N LYS H 3658 -78.47 15.94 -40.21
CA LYS H 3658 -77.70 15.82 -38.98
C LYS H 3658 -76.21 15.84 -39.28
N ALA H 3659 -75.81 15.34 -40.45
CA ALA H 3659 -74.39 15.30 -40.77
C ALA H 3659 -73.87 16.67 -41.20
N ALA H 3660 -74.68 17.46 -41.90
CA ALA H 3660 -74.15 18.65 -42.55
C ALA H 3660 -74.48 19.93 -41.78
N TRP H 3661 -75.55 19.93 -40.99
CA TRP H 3661 -75.98 21.14 -40.31
C TRP H 3661 -75.85 21.05 -38.80
N ILE H 3662 -76.47 20.05 -38.18
CA ILE H 3662 -76.44 19.96 -36.72
C ILE H 3662 -75.02 19.66 -36.24
N LEU H 3663 -74.32 18.75 -36.91
CA LEU H 3663 -72.95 18.43 -36.53
C LEU H 3663 -72.03 19.63 -36.72
N THR H 3664 -72.12 20.28 -37.88
CA THR H 3664 -71.24 21.41 -38.17
C THR H 3664 -71.49 22.58 -37.22
N GLU H 3665 -72.77 22.83 -36.90
CA GLU H 3665 -73.09 23.89 -35.96
C GLU H 3665 -72.49 23.59 -34.59
N ASP H 3666 -71.85 24.59 -34.00
CA ASP H 3666 -71.20 24.47 -32.70
C ASP H 3666 -71.66 25.59 -31.78
N HIS H 3667 -71.53 25.38 -30.49
CA HIS H 3667 -71.87 26.38 -29.48
C HIS H 3667 -71.16 26.04 -28.18
N SER H 3668 -70.52 27.03 -27.59
CA SER H 3668 -69.68 26.85 -26.41
C SER H 3668 -70.49 27.15 -25.15
N PHE H 3669 -71.11 26.12 -24.59
CA PHE H 3669 -71.79 26.23 -23.31
C PHE H 3669 -70.92 25.76 -22.16
N GLU H 3670 -69.74 25.20 -22.45
CA GLU H 3670 -68.94 24.58 -21.41
C GLU H 3670 -68.47 25.60 -20.38
N ASP H 3671 -67.92 26.72 -20.84
CA ASP H 3671 -67.44 27.73 -19.92
C ASP H 3671 -68.59 28.31 -19.09
N ARG H 3672 -69.73 28.57 -19.72
CA ARG H 3672 -70.86 29.13 -18.98
C ARG H 3672 -71.35 28.16 -17.92
N MET H 3673 -71.46 26.88 -18.26
CA MET H 3673 -71.89 25.89 -17.27
C MET H 3673 -70.90 25.79 -16.13
N ILE H 3674 -69.60 25.84 -16.45
CA ILE H 3674 -68.59 25.76 -15.39
C ILE H 3674 -68.67 26.96 -14.47
N ASP H 3675 -68.90 28.16 -15.04
CA ASP H 3675 -69.08 29.34 -14.19
C ASP H 3675 -70.31 29.18 -13.30
N ASP H 3676 -71.42 28.70 -13.86
CA ASP H 3676 -72.64 28.57 -13.09
C ASP H 3676 -72.49 27.56 -11.96
N LEU H 3677 -71.86 26.42 -12.25
CA LEU H 3677 -71.68 25.40 -11.22
C LEU H 3677 -70.65 25.83 -10.20
N SER H 3678 -69.67 26.64 -10.60
CA SER H 3678 -68.65 27.08 -9.67
C SER H 3678 -69.18 28.14 -8.72
N LYS H 3679 -70.07 29.01 -9.20
CA LYS H 3679 -70.60 30.07 -8.37
C LYS H 3679 -71.40 29.50 -7.21
N ALA H 3680 -71.12 30.00 -6.01
CA ALA H 3680 -71.86 29.67 -4.81
C ALA H 3680 -72.71 30.88 -4.44
N GLY H 3681 -74.02 30.69 -4.40
CA GLY H 3681 -74.93 31.80 -4.18
C GLY H 3681 -75.70 31.72 -2.87
N GLU H 3682 -75.90 32.88 -2.24
CA GLU H 3682 -76.70 33.11 -1.04
C GLU H 3682 -76.01 32.64 0.25
N GLN H 3683 -74.82 32.04 0.19
CA GLN H 3683 -74.16 31.62 1.41
C GLN H 3683 -73.65 32.83 2.20
N GLU H 3684 -73.40 33.94 1.52
CA GLU H 3684 -72.92 35.14 2.20
C GLU H 3684 -73.99 35.68 3.15
N GLU H 3685 -75.26 35.69 2.73
CA GLU H 3685 -76.33 36.07 3.64
C GLU H 3685 -76.66 34.93 4.59
N GLU H 3686 -76.52 33.68 4.12
CA GLU H 3686 -76.75 32.53 4.98
C GLU H 3686 -75.73 32.49 6.12
N GLU H 3687 -74.47 32.81 5.81
CA GLU H 3687 -73.41 32.91 6.82
C GLU H 3687 -73.22 31.57 7.53
N GLU H 3688 -72.70 30.59 6.80
CA GLU H 3688 -72.29 29.34 7.42
C GLU H 3688 -70.82 29.43 7.84
N GLU H 3689 -70.48 28.65 8.86
CA GLU H 3689 -69.11 28.62 9.34
C GLU H 3689 -68.17 28.06 8.28
N VAL H 3690 -67.01 28.70 8.12
CA VAL H 3690 -66.05 28.26 7.12
C VAL H 3690 -65.54 26.86 7.46
N GLU H 3691 -65.66 26.47 8.74
CA GLU H 3691 -65.33 25.11 9.14
C GLU H 3691 -66.28 24.10 8.50
N GLU H 3692 -67.57 24.46 8.36
CA GLU H 3692 -68.53 23.57 7.73
C GLU H 3692 -68.12 23.26 6.29
N LYS H 3693 -67.88 24.29 5.49
CA LYS H 3693 -67.31 24.16 4.14
C LYS H 3693 -68.16 23.19 3.31
N LYS H 3694 -69.39 23.60 3.02
CA LYS H 3694 -70.23 22.81 2.15
C LYS H 3694 -69.80 23.01 0.70
N PRO H 3695 -69.69 21.93 -0.08
CA PRO H 3695 -69.21 22.07 -1.46
C PRO H 3695 -70.18 22.84 -2.34
N ASP H 3696 -69.61 23.58 -3.29
CA ASP H 3696 -70.40 24.21 -4.34
C ASP H 3696 -70.82 23.14 -5.35
N PRO H 3697 -71.77 23.46 -6.25
CA PRO H 3697 -72.28 22.42 -7.16
C PRO H 3697 -71.19 21.72 -7.96
N LEU H 3698 -70.20 22.44 -8.46
CA LEU H 3698 -69.12 21.81 -9.20
C LEU H 3698 -68.34 20.85 -8.32
N HIS H 3699 -68.08 21.24 -7.07
CA HIS H 3699 -67.36 20.36 -6.16
C HIS H 3699 -68.18 19.12 -5.84
N GLN H 3700 -69.50 19.28 -5.69
CA GLN H 3700 -70.35 18.12 -5.45
C GLN H 3700 -70.34 17.17 -6.65
N LEU H 3701 -70.37 17.72 -7.87
CA LEU H 3701 -70.31 16.88 -9.05
C LEU H 3701 -68.99 16.11 -9.12
N VAL H 3702 -67.88 16.81 -8.86
CA VAL H 3702 -66.57 16.16 -8.89
C VAL H 3702 -66.50 15.08 -7.82
N LEU H 3703 -67.01 15.37 -6.62
CA LEU H 3703 -67.02 14.38 -5.55
C LEU H 3703 -67.87 13.18 -5.91
N HIS H 3704 -69.00 13.39 -6.58
CA HIS H 3704 -69.84 12.28 -6.98
C HIS H 3704 -69.12 11.39 -7.98
N PHE H 3705 -68.45 11.98 -8.97
CA PHE H 3705 -67.69 11.18 -9.93
C PHE H 3705 -66.53 10.46 -9.26
N SER H 3706 -65.86 11.13 -8.31
CA SER H 3706 -64.78 10.49 -7.57
C SER H 3706 -65.28 9.30 -6.77
N ARG H 3707 -66.45 9.45 -6.13
CA ARG H 3707 -67.03 8.33 -5.40
C ARG H 3707 -67.41 7.20 -6.34
N THR H 3708 -67.90 7.54 -7.53
CA THR H 3708 -68.20 6.50 -8.52
C THR H 3708 -66.94 5.73 -8.90
N ALA H 3709 -65.83 6.44 -9.06
CA ALA H 3709 -64.56 5.77 -9.35
C ALA H 3709 -64.10 4.92 -8.16
N LEU H 3710 -64.36 5.39 -6.94
CA LEU H 3710 -63.78 4.75 -5.76
C LEU H 3710 -64.40 3.39 -5.48
N THR H 3711 -65.70 3.22 -5.74
CA THR H 3711 -66.35 1.95 -5.47
C THR H 3711 -65.69 0.83 -6.26
N GLU H 3712 -65.45 -0.30 -5.58
CA GLU H 3712 -64.78 -1.43 -6.21
C GLU H 3712 -65.68 -2.06 -7.26
N LYS H 3713 -65.11 -2.32 -8.43
CA LYS H 3713 -65.82 -2.91 -9.54
C LYS H 3713 -64.93 -3.91 -10.24
N SER H 3714 -65.53 -4.98 -10.77
CA SER H 3714 -64.79 -5.92 -11.59
C SER H 3714 -64.25 -5.23 -12.84
N LYS H 3715 -65.09 -4.43 -13.50
CA LYS H 3715 -64.66 -3.58 -14.59
C LYS H 3715 -65.36 -2.24 -14.42
N LEU H 3716 -64.74 -1.19 -14.93
CA LEU H 3716 -65.30 0.15 -14.76
C LEU H 3716 -66.45 0.38 -15.73
N ASP H 3717 -67.61 0.70 -15.19
CA ASP H 3717 -68.82 0.83 -16.00
C ASP H 3717 -68.78 2.10 -16.84
N GLU H 3718 -69.35 2.02 -18.03
CA GLU H 3718 -69.38 3.17 -18.94
C GLU H 3718 -70.49 4.13 -18.53
N ASP H 3719 -70.13 5.38 -18.26
CA ASP H 3719 -71.07 6.39 -17.82
C ASP H 3719 -71.08 7.56 -18.78
N TYR H 3720 -72.16 7.69 -19.56
CA TYR H 3720 -72.29 8.81 -20.48
C TYR H 3720 -72.25 10.15 -19.75
N LEU H 3721 -72.80 10.19 -18.52
CA LEU H 3721 -72.76 11.42 -17.75
C LEU H 3721 -71.32 11.83 -17.43
N TYR H 3722 -70.52 10.87 -16.97
CA TYR H 3722 -69.11 11.18 -16.70
C TYR H 3722 -68.40 11.61 -17.95
N MET H 3723 -68.64 10.92 -19.07
CA MET H 3723 -67.97 11.31 -20.31
C MET H 3723 -68.33 12.75 -20.71
N ALA H 3724 -69.61 13.07 -20.69
CA ALA H 3724 -70.04 14.41 -21.10
C ALA H 3724 -69.46 15.47 -20.18
N TYR H 3725 -69.50 15.24 -18.86
CA TYR H 3725 -69.03 16.25 -17.93
C TYR H 3725 -67.51 16.40 -18.01
N ALA H 3726 -66.79 15.29 -18.23
CA ALA H 3726 -65.35 15.38 -18.41
C ALA H 3726 -65.01 16.19 -19.66
N ASP H 3727 -65.74 15.97 -20.74
CA ASP H 3727 -65.53 16.78 -21.94
C ASP H 3727 -65.80 18.24 -21.66
N ILE H 3728 -66.88 18.54 -20.94
CA ILE H 3728 -67.22 19.92 -20.63
C ILE H 3728 -66.12 20.59 -19.81
N MET H 3729 -65.62 19.89 -18.80
CA MET H 3729 -64.56 20.44 -17.96
C MET H 3729 -63.27 20.65 -18.76
N ALA H 3730 -62.93 19.70 -19.63
CA ALA H 3730 -61.73 19.86 -20.45
C ALA H 3730 -61.85 21.06 -21.38
N LYS H 3731 -63.02 21.24 -22.01
CA LYS H 3731 -63.23 22.39 -22.86
C LYS H 3731 -63.14 23.69 -22.07
N SER H 3732 -63.70 23.70 -20.86
CA SER H 3732 -63.63 24.90 -20.04
C SER H 3732 -62.19 25.26 -19.72
N CYS H 3733 -61.37 24.26 -19.36
CA CYS H 3733 -59.97 24.55 -19.07
C CYS H 3733 -59.23 25.05 -20.30
N HIS H 3734 -59.37 24.37 -21.44
CA HIS H 3734 -58.57 24.78 -22.59
C HIS H 3734 -59.00 26.16 -23.10
N LEU H 3735 -60.30 26.44 -23.12
CA LEU H 3735 -60.82 27.78 -23.37
C LEU H 3735 -60.25 28.38 -24.67
N GLU H 3736 -59.95 27.52 -25.62
CA GLU H 3736 -59.40 27.97 -26.90
C GLU H 3736 -59.94 27.11 -28.05
N VAL H 3749 -49.99 37.67 -36.01
CA VAL H 3749 -49.10 36.56 -35.68
C VAL H 3749 -48.15 36.95 -34.54
N GLU H 3750 -48.25 38.20 -34.11
CA GLU H 3750 -47.44 38.72 -33.01
C GLU H 3750 -48.27 38.68 -31.74
N VAL H 3751 -47.60 38.52 -30.60
CA VAL H 3751 -48.27 38.44 -29.31
C VAL H 3751 -47.57 39.39 -28.34
N SER H 3752 -48.35 40.25 -27.70
CA SER H 3752 -47.81 41.12 -26.67
C SER H 3752 -47.46 40.30 -25.43
N PHE H 3753 -46.41 40.72 -24.72
CA PHE H 3753 -46.00 40.01 -23.52
C PHE H 3753 -47.10 40.03 -22.47
N GLU H 3754 -47.75 41.19 -22.30
CA GLU H 3754 -48.81 41.30 -21.31
C GLU H 3754 -49.97 40.37 -21.64
N GLU H 3755 -50.37 40.30 -22.90
CA GLU H 3755 -51.50 39.45 -23.26
C GLU H 3755 -51.11 37.97 -23.21
N LYS H 3756 -49.84 37.65 -23.48
CA LYS H 3756 -49.38 36.28 -23.30
C LYS H 3756 -49.46 35.86 -21.84
N GLU H 3757 -49.00 36.73 -20.94
CA GLU H 3757 -49.10 36.44 -19.52
C GLU H 3757 -50.57 36.38 -19.09
N MET H 3758 -51.43 37.16 -19.75
CA MET H 3758 -52.86 37.10 -19.47
C MET H 3758 -53.44 35.75 -19.87
N GLU H 3759 -53.06 35.22 -21.03
CA GLU H 3759 -53.53 33.89 -21.40
C GLU H 3759 -53.02 32.84 -20.42
N LYS H 3760 -51.76 32.94 -20.00
CA LYS H 3760 -51.25 31.99 -19.02
C LYS H 3760 -52.04 32.07 -17.72
N GLN H 3761 -52.31 33.28 -17.23
CA GLN H 3761 -53.03 33.43 -15.97
C GLN H 3761 -54.48 32.97 -16.10
N ARG H 3762 -55.10 33.21 -17.25
CA ARG H 3762 -56.46 32.73 -17.48
C ARG H 3762 -56.53 31.22 -17.47
N LEU H 3763 -55.58 30.57 -18.15
CA LEU H 3763 -55.53 29.11 -18.13
C LEU H 3763 -55.28 28.60 -16.72
N LEU H 3764 -54.40 29.28 -15.98
CA LEU H 3764 -54.15 28.88 -14.60
C LEU H 3764 -55.41 29.01 -13.76
N TYR H 3765 -56.21 30.06 -13.98
CA TYR H 3765 -57.41 30.25 -13.17
C TYR H 3765 -58.46 29.20 -13.50
N GLN H 3766 -58.60 28.84 -14.78
CA GLN H 3766 -59.54 27.77 -15.14
C GLN H 3766 -59.10 26.44 -14.53
N GLN H 3767 -57.82 26.10 -14.67
CA GLN H 3767 -57.31 24.89 -14.06
C GLN H 3767 -57.46 24.94 -12.55
N SER H 3768 -57.43 26.15 -11.98
CA SER H 3768 -57.67 26.29 -10.54
C SER H 3768 -59.11 25.96 -10.19
N ARG H 3769 -60.06 26.47 -10.96
CA ARG H 3769 -61.46 26.10 -10.71
C ARG H 3769 -61.60 24.60 -10.71
N LEU H 3770 -60.97 23.91 -11.66
CA LEU H 3770 -61.14 22.47 -11.73
C LEU H 3770 -60.42 21.74 -10.60
N HIS H 3771 -59.16 22.09 -10.33
CA HIS H 3771 -58.35 21.24 -9.45
C HIS H 3771 -58.52 21.61 -7.99
N THR H 3772 -59.17 22.74 -7.71
CA THR H 3772 -59.57 23.02 -6.33
C THR H 3772 -60.75 22.15 -5.93
N ARG H 3773 -61.42 21.54 -6.91
CA ARG H 3773 -62.54 20.66 -6.61
C ARG H 3773 -62.08 19.23 -6.40
N GLY H 3774 -60.84 18.92 -6.76
CA GLY H 3774 -60.36 17.56 -6.71
C GLY H 3774 -60.34 16.83 -8.04
N ALA H 3775 -60.33 17.58 -9.16
CA ALA H 3775 -60.38 16.94 -10.47
C ALA H 3775 -59.14 16.08 -10.72
N ALA H 3776 -57.99 16.48 -10.17
CA ALA H 3776 -56.79 15.67 -10.33
C ALA H 3776 -56.95 14.30 -9.67
N GLU H 3777 -57.42 14.29 -8.42
CA GLU H 3777 -57.66 13.03 -7.74
C GLU H 3777 -58.70 12.21 -8.48
N MET H 3778 -59.75 12.86 -8.98
CA MET H 3778 -60.77 12.13 -9.72
C MET H 3778 -60.20 11.51 -10.98
N VAL H 3779 -59.31 12.22 -11.67
CA VAL H 3779 -58.69 11.67 -12.89
C VAL H 3779 -57.84 10.45 -12.56
N LEU H 3780 -57.02 10.55 -11.51
CA LEU H 3780 -56.18 9.41 -11.14
C LEU H 3780 -57.03 8.21 -10.74
N GLN H 3781 -58.10 8.44 -9.96
CA GLN H 3781 -58.99 7.35 -9.60
C GLN H 3781 -59.67 6.77 -10.84
N MET H 3782 -60.03 7.62 -11.80
CA MET H 3782 -60.68 7.13 -13.00
C MET H 3782 -59.76 6.19 -13.77
N ILE H 3783 -58.48 6.56 -13.90
CA ILE H 3783 -57.53 5.69 -14.57
C ILE H 3783 -57.37 4.38 -13.82
N SER H 3784 -57.16 4.47 -12.50
CA SER H 3784 -57.04 3.26 -11.70
C SER H 3784 -58.26 2.36 -11.85
N ALA H 3785 -59.42 2.96 -12.08
CA ALA H 3785 -60.64 2.19 -12.27
C ALA H 3785 -60.68 1.54 -13.66
N CYS H 3786 -60.21 2.26 -14.67
CA CYS H 3786 -60.12 1.65 -16.00
C CYS H 3786 -59.23 0.42 -15.98
N LYS H 3787 -58.20 0.43 -15.14
CA LYS H 3787 -57.35 -0.75 -14.95
C LYS H 3787 -56.71 -1.21 -16.25
N GLY H 3788 -56.33 -0.26 -17.09
CA GLY H 3788 -55.65 -0.60 -18.33
C GLY H 3788 -56.53 -1.18 -19.42
N GLU H 3789 -57.82 -0.85 -19.42
CA GLU H 3789 -58.72 -1.24 -20.50
C GLU H 3789 -59.07 -0.01 -21.33
N THR H 3790 -58.75 -0.07 -22.62
CA THR H 3790 -59.00 1.07 -23.50
C THR H 3790 -60.49 1.31 -23.64
N GLY H 3791 -60.87 2.58 -23.76
CA GLY H 3791 -62.26 2.93 -23.91
C GLY H 3791 -62.47 4.43 -23.97
N ALA H 3792 -63.71 4.79 -24.30
CA ALA H 3792 -64.05 6.21 -24.40
C ALA H 3792 -63.91 6.90 -23.06
N MET H 3793 -64.18 6.18 -21.96
CA MET H 3793 -64.11 6.82 -20.66
C MET H 3793 -62.67 7.09 -20.25
N VAL H 3794 -61.76 6.15 -20.53
CA VAL H 3794 -60.35 6.42 -20.26
C VAL H 3794 -59.83 7.52 -21.18
N SER H 3795 -60.34 7.58 -22.41
CA SER H 3795 -59.97 8.68 -23.29
C SER H 3795 -60.39 10.02 -22.71
N SER H 3796 -61.63 10.10 -22.21
CA SER H 3796 -62.12 11.34 -21.62
C SER H 3796 -61.32 11.71 -20.37
N THR H 3797 -60.98 10.71 -19.55
CA THR H 3797 -60.19 10.97 -18.36
C THR H 3797 -58.82 11.53 -18.73
N LEU H 3798 -58.17 10.94 -19.74
CA LEU H 3798 -56.87 11.43 -20.16
C LEU H 3798 -56.96 12.84 -20.72
N LYS H 3799 -58.02 13.14 -21.49
CA LYS H 3799 -58.19 14.48 -22.00
C LYS H 3799 -58.39 15.50 -20.88
N LEU H 3800 -59.17 15.13 -19.86
CA LEU H 3800 -59.35 16.02 -18.72
C LEU H 3800 -58.05 16.24 -17.97
N GLY H 3801 -57.27 15.19 -17.78
CA GLY H 3801 -55.97 15.34 -17.15
C GLY H 3801 -55.06 16.25 -17.94
N ILE H 3802 -55.04 16.10 -19.26
CA ILE H 3802 -54.24 16.97 -20.11
C ILE H 3802 -54.71 18.41 -19.98
N SER H 3803 -56.03 18.62 -19.93
CA SER H 3803 -56.55 19.97 -19.81
C SER H 3803 -56.14 20.62 -18.50
N ILE H 3804 -56.16 19.87 -17.41
CA ILE H 3804 -55.80 20.47 -16.13
C ILE H 3804 -54.28 20.51 -15.94
N LEU H 3805 -53.53 19.83 -16.82
CA LEU H 3805 -52.09 19.82 -16.68
C LEU H 3805 -51.40 20.71 -17.72
N ASN H 3806 -52.16 21.26 -18.66
CA ASN H 3806 -51.56 21.99 -19.77
C ASN H 3806 -50.72 23.16 -19.27
N GLY H 3807 -49.58 23.37 -19.91
CA GLY H 3807 -48.63 24.36 -19.48
C GLY H 3807 -47.73 23.92 -18.34
N GLY H 3808 -47.84 22.67 -17.91
CA GLY H 3808 -47.06 22.21 -16.78
C GLY H 3808 -47.48 22.84 -15.47
N ASN H 3809 -48.69 22.57 -15.02
CA ASN H 3809 -49.20 23.22 -13.83
C ASN H 3809 -48.64 22.55 -12.58
N ALA H 3810 -47.76 23.27 -11.89
CA ALA H 3810 -47.04 22.69 -10.75
C ALA H 3810 -47.99 22.34 -9.61
N GLU H 3811 -49.06 23.13 -9.44
CA GLU H 3811 -50.02 22.84 -8.38
C GLU H 3811 -50.71 21.49 -8.63
N VAL H 3812 -51.17 21.28 -9.86
CA VAL H 3812 -51.81 20.00 -10.20
C VAL H 3812 -50.81 18.87 -10.08
N GLN H 3813 -49.57 19.09 -10.53
CA GLN H 3813 -48.56 18.04 -10.41
C GLN H 3813 -48.33 17.66 -8.95
N GLN H 3814 -48.23 18.66 -8.08
CA GLN H 3814 -48.04 18.39 -6.65
C GLN H 3814 -49.23 17.63 -6.08
N LYS H 3815 -50.46 18.01 -6.47
CA LYS H 3815 -51.63 17.32 -5.95
C LYS H 3815 -51.66 15.86 -6.39
N MET H 3816 -51.37 15.59 -7.67
CA MET H 3816 -51.34 14.22 -8.14
C MET H 3816 -50.26 13.41 -7.43
N LEU H 3817 -49.07 13.99 -7.26
CA LEU H 3817 -47.99 13.27 -6.61
C LEU H 3817 -48.34 12.96 -5.16
N ASP H 3818 -48.91 13.92 -4.44
CA ASP H 3818 -49.31 13.68 -3.07
C ASP H 3818 -50.38 12.61 -2.98
N TYR H 3819 -51.37 12.65 -3.88
CA TYR H 3819 -52.41 11.63 -3.86
C TYR H 3819 -51.84 10.24 -4.09
N LEU H 3820 -50.98 10.11 -5.10
CA LEU H 3820 -50.37 8.81 -5.37
C LEU H 3820 -49.55 8.33 -4.18
N LYS H 3821 -48.76 9.23 -3.58
CA LYS H 3821 -47.90 8.84 -2.47
C LYS H 3821 -48.71 8.40 -1.25
N ASP H 3822 -49.81 9.10 -0.96
CA ASP H 3822 -50.60 8.72 0.20
C ASP H 3822 -51.40 7.46 -0.05
N LYS H 3823 -51.91 7.29 -1.27
CA LYS H 3823 -52.66 6.08 -1.59
C LYS H 3823 -51.78 4.84 -1.57
N LYS H 3824 -50.57 4.94 -2.13
CA LYS H 3824 -49.66 3.81 -2.26
C LYS H 3824 -50.31 2.63 -2.95
N GLU H 3825 -51.03 2.91 -4.04
CA GLU H 3825 -51.69 1.88 -4.83
C GLU H 3825 -50.86 1.57 -6.07
N VAL H 3826 -50.85 0.30 -6.48
CA VAL H 3826 -50.12 -0.08 -7.68
C VAL H 3826 -51.05 -0.08 -8.88
N GLY H 3827 -52.35 0.12 -8.63
CA GLY H 3827 -53.32 0.02 -9.70
C GLY H 3827 -53.15 1.08 -10.77
N PHE H 3828 -52.79 2.30 -10.37
CA PHE H 3828 -52.63 3.37 -11.34
C PHE H 3828 -51.52 3.08 -12.33
N PHE H 3829 -50.34 2.71 -11.83
CA PHE H 3829 -49.22 2.45 -12.72
C PHE H 3829 -49.44 1.16 -13.51
N GLN H 3830 -50.11 0.17 -12.89
CA GLN H 3830 -50.45 -1.04 -13.63
C GLN H 3830 -51.38 -0.73 -14.80
N SER H 3831 -52.37 0.14 -14.57
CA SER H 3831 -53.28 0.54 -15.63
C SER H 3831 -52.53 1.30 -16.73
N ILE H 3832 -51.63 2.19 -16.34
CA ILE H 3832 -50.86 2.93 -17.34
C ILE H 3832 -50.02 1.99 -18.18
N GLN H 3833 -49.36 1.02 -17.55
CA GLN H 3833 -48.52 0.08 -18.28
C GLN H 3833 -49.35 -0.80 -19.21
N ALA H 3834 -50.52 -1.26 -18.74
CA ALA H 3834 -51.39 -2.05 -19.59
C ALA H 3834 -51.87 -1.24 -20.79
N LEU H 3835 -52.26 0.01 -20.56
CA LEU H 3835 -52.67 0.87 -21.67
C LEU H 3835 -51.54 1.06 -22.66
N MET H 3836 -50.31 1.21 -22.16
CA MET H 3836 -49.15 1.32 -23.04
C MET H 3836 -49.01 0.09 -23.91
N GLN H 3837 -49.15 -1.10 -23.32
CA GLN H 3837 -49.03 -2.32 -24.10
C GLN H 3837 -50.16 -2.47 -25.10
N THR H 3838 -51.32 -1.88 -24.81
CA THR H 3838 -52.44 -1.99 -25.74
C THR H 3838 -52.30 -1.03 -26.92
N CYS H 3839 -51.40 -0.05 -26.81
CA CYS H 3839 -51.22 0.91 -27.89
C CYS H 3839 -50.73 0.21 -29.15
N SER H 3840 -51.31 0.57 -30.29
CA SER H 3840 -51.01 -0.10 -31.54
C SER H 3840 -49.90 0.62 -32.30
N VAL H 3841 -49.32 -0.11 -33.26
CA VAL H 3841 -48.28 0.41 -34.13
C VAL H 3841 -48.67 0.14 -35.57
N LEU H 3842 -47.88 0.66 -36.50
CA LEU H 3842 -48.15 0.46 -37.91
C LEU H 3842 -48.09 -1.01 -38.27
N ASP H 3843 -49.11 -1.49 -38.98
CA ASP H 3843 -49.21 -2.89 -39.37
C ASP H 3843 -49.36 -3.01 -40.88
N LEU H 3844 -48.37 -3.61 -41.53
CA LEU H 3844 -48.41 -3.78 -42.97
C LEU H 3844 -49.57 -4.68 -43.39
N ASN H 3845 -49.87 -5.70 -42.58
CA ASN H 3845 -50.96 -6.62 -42.92
C ASN H 3845 -52.29 -5.89 -42.94
N ALA H 3846 -52.58 -5.10 -41.89
CA ALA H 3846 -53.81 -4.32 -41.87
C ALA H 3846 -53.82 -3.27 -42.97
N PHE H 3847 -52.65 -2.70 -43.28
CA PHE H 3847 -52.59 -1.72 -44.36
C PHE H 3847 -52.97 -2.34 -45.69
N GLU H 3848 -52.46 -3.54 -45.98
CA GLU H 3848 -52.77 -4.19 -47.25
C GLU H 3848 -54.22 -4.66 -47.27
N ARG H 3849 -54.76 -5.05 -46.11
CA ARG H 3849 -56.20 -5.32 -46.03
C ARG H 3849 -57.01 -4.08 -46.37
N GLN H 3850 -56.60 -2.92 -45.86
CA GLN H 3850 -57.28 -1.67 -46.19
C GLN H 3850 -57.16 -1.37 -47.68
N ASN H 3851 -56.01 -1.68 -48.27
CA ASN H 3851 -55.84 -1.47 -49.71
C ASN H 3851 -56.82 -2.34 -50.50
N LYS H 3852 -56.95 -3.62 -50.12
CA LYS H 3852 -57.93 -4.47 -50.78
C LYS H 3852 -59.35 -3.93 -50.60
N ALA H 3853 -59.68 -3.47 -49.40
CA ALA H 3853 -61.02 -2.95 -49.15
C ALA H 3853 -61.31 -1.70 -49.98
N GLU H 3854 -60.35 -0.78 -50.07
CA GLU H 3854 -60.59 0.45 -50.82
C GLU H 3854 -60.64 0.17 -52.32
N GLY H 3855 -59.87 -0.82 -52.80
CA GLY H 3855 -60.04 -1.26 -54.16
C GLY H 3855 -61.39 -1.92 -54.38
N LEU H 3856 -61.93 -2.56 -53.34
CA LEU H 3856 -63.20 -3.26 -53.45
C LEU H 3856 -64.37 -2.28 -53.55
N GLY H 3857 -64.38 -1.25 -52.71
CA GLY H 3857 -65.39 -0.21 -52.86
C GLY H 3857 -66.80 -0.61 -52.47
N MET H 3858 -67.06 -0.79 -51.18
CA MET H 3858 -68.38 -1.18 -50.70
C MET H 3858 -69.51 -0.32 -51.29
N VAL H 3859 -70.64 -0.97 -51.54
CA VAL H 3859 -71.85 -0.34 -52.05
C VAL H 3859 -73.01 -0.72 -51.15
N ASN H 3860 -73.80 0.28 -50.74
CA ASN H 3860 -74.86 0.01 -49.76
C ASN H 3860 -76.20 -0.26 -50.44
N GLU H 3861 -77.01 -1.10 -49.77
CA GLU H 3861 -78.33 -1.45 -50.28
C GLU H 3861 -79.25 -0.24 -50.31
N ASP H 3862 -79.33 0.48 -49.20
CA ASP H 3862 -80.16 1.67 -49.14
C ASP H 3862 -79.60 2.72 -50.09
N GLY H 3863 -80.29 2.91 -51.21
CA GLY H 3863 -79.70 3.72 -52.27
C GLY H 3863 -78.45 3.06 -52.80
N THR H 3864 -77.34 3.81 -52.75
CA THR H 3864 -76.05 3.32 -53.23
C THR H 3864 -74.96 4.15 -52.56
N VAL H 3865 -73.80 3.54 -52.37
CA VAL H 3865 -72.65 4.21 -51.75
C VAL H 3865 -71.43 4.00 -52.64
N ILE H 3866 -70.74 5.09 -52.97
CA ILE H 3866 -69.57 5.06 -53.84
C ILE H 3866 -68.37 5.55 -53.05
N ASN H 3867 -67.24 4.85 -53.19
CA ASN H 3867 -65.99 5.18 -52.51
C ASN H 3867 -66.17 5.22 -50.99
N ARG H 3868 -66.76 4.16 -50.43
CA ARG H 3868 -66.85 4.07 -48.99
C ARG H 3868 -65.48 3.77 -48.40
N GLN H 3869 -65.10 4.54 -47.39
CA GLN H 3869 -63.82 4.37 -46.70
C GLN H 3869 -64.07 4.11 -45.24
N ASN H 3870 -63.80 2.88 -44.81
CA ASN H 3870 -63.96 2.52 -43.40
C ASN H 3870 -62.87 3.17 -42.56
N GLY H 3871 -63.11 3.22 -41.25
CA GLY H 3871 -62.05 3.66 -40.36
C GLY H 3871 -60.84 2.76 -40.47
N GLU H 3872 -59.70 3.38 -40.79
CA GLU H 3872 -58.50 2.61 -41.11
C GLU H 3872 -58.05 1.79 -39.91
N LYS H 3873 -57.62 0.55 -40.19
CA LYS H 3873 -57.22 -0.35 -39.12
C LYS H 3873 -55.86 0.03 -38.56
N VAL H 3874 -54.99 0.58 -39.40
CA VAL H 3874 -53.65 0.96 -38.97
C VAL H 3874 -53.73 2.23 -38.12
N MET H 3875 -53.06 2.19 -36.97
CA MET H 3875 -53.01 3.33 -36.06
C MET H 3875 -54.42 3.79 -35.67
N ALA H 3876 -55.28 2.83 -35.34
CA ALA H 3876 -56.66 3.17 -34.99
C ALA H 3876 -56.71 4.00 -33.72
N ASP H 3877 -55.90 3.67 -32.73
CA ASP H 3877 -55.86 4.38 -31.47
C ASP H 3877 -54.73 5.42 -31.40
N ASP H 3878 -54.39 6.03 -32.54
CA ASP H 3878 -53.25 6.94 -32.56
C ASP H 3878 -53.49 8.16 -31.69
N GLU H 3879 -54.69 8.74 -31.75
CA GLU H 3879 -54.97 9.91 -30.93
C GLU H 3879 -54.95 9.56 -29.44
N PHE H 3880 -55.42 8.36 -29.09
CA PHE H 3880 -55.36 7.93 -27.71
C PHE H 3880 -53.92 7.75 -27.25
N THR H 3881 -53.07 7.21 -28.13
CA THR H 3881 -51.66 7.07 -27.80
C THR H 3881 -51.02 8.44 -27.56
N GLN H 3882 -51.31 9.39 -28.45
CA GLN H 3882 -50.78 10.74 -28.27
C GLN H 3882 -51.24 11.33 -26.95
N ASP H 3883 -52.51 11.17 -26.60
CA ASP H 3883 -52.99 11.81 -25.38
C ASP H 3883 -52.41 11.13 -24.13
N LEU H 3884 -52.22 9.82 -24.17
CA LEU H 3884 -51.60 9.15 -23.03
C LEU H 3884 -50.16 9.61 -22.82
N PHE H 3885 -49.37 9.64 -23.90
CA PHE H 3885 -47.98 10.06 -23.76
C PHE H 3885 -47.88 11.54 -23.45
N ARG H 3886 -48.83 12.34 -23.94
CA ARG H 3886 -48.92 13.74 -23.57
C ARG H 3886 -49.21 13.89 -22.08
N PHE H 3887 -50.08 13.02 -21.55
CA PHE H 3887 -50.37 13.06 -20.12
C PHE H 3887 -49.12 12.79 -19.30
N LEU H 3888 -48.33 11.78 -19.69
CA LEU H 3888 -47.09 11.53 -18.96
C LEU H 3888 -46.11 12.69 -19.10
N GLN H 3889 -45.97 13.24 -20.31
CA GLN H 3889 -45.09 14.39 -20.50
C GLN H 3889 -45.53 15.57 -19.65
N LEU H 3890 -46.85 15.75 -19.48
CA LEU H 3890 -47.35 16.86 -18.67
C LEU H 3890 -47.15 16.59 -17.20
N LEU H 3891 -47.16 15.33 -16.79
CA LEU H 3891 -46.77 15.00 -15.43
C LEU H 3891 -45.33 15.42 -15.16
N CYS H 3892 -44.45 15.15 -16.10
CA CYS H 3892 -43.03 15.48 -15.90
C CYS H 3892 -42.66 16.89 -16.37
N GLU H 3893 -43.61 17.68 -16.86
CA GLU H 3893 -43.31 18.98 -17.43
C GLU H 3893 -42.77 19.94 -16.37
N GLY H 3894 -41.94 20.88 -16.81
CA GLY H 3894 -41.32 21.82 -15.92
C GLY H 3894 -40.14 21.28 -15.15
N HIS H 3895 -39.62 20.12 -15.56
CA HIS H 3895 -38.51 19.46 -14.87
C HIS H 3895 -38.87 19.15 -13.42
N ASN H 3896 -40.00 18.45 -13.24
CA ASN H 3896 -40.45 18.10 -11.90
C ASN H 3896 -39.73 16.82 -11.47
N ASN H 3897 -38.63 16.99 -10.74
CA ASN H 3897 -37.75 15.87 -10.42
C ASN H 3897 -38.45 14.80 -9.61
N ASP H 3898 -39.33 15.22 -8.68
CA ASP H 3898 -40.02 14.24 -7.86
C ASP H 3898 -40.90 13.33 -8.72
N PHE H 3899 -41.61 13.89 -9.70
CA PHE H 3899 -42.46 13.06 -10.53
C PHE H 3899 -41.64 12.25 -11.52
N GLN H 3900 -40.50 12.77 -11.97
CA GLN H 3900 -39.62 11.97 -12.81
C GLN H 3900 -39.13 10.73 -12.06
N ASN H 3901 -38.64 10.93 -10.84
CA ASN H 3901 -38.19 9.79 -10.03
C ASN H 3901 -39.33 8.85 -9.70
N TYR H 3902 -40.53 9.39 -9.44
CA TYR H 3902 -41.66 8.53 -9.15
C TYR H 3902 -42.04 7.69 -10.36
N LEU H 3903 -42.00 8.28 -11.55
CA LEU H 3903 -42.29 7.53 -12.77
C LEU H 3903 -41.27 6.42 -12.96
N ARG H 3904 -39.99 6.69 -12.64
CA ARG H 3904 -39.01 5.62 -12.74
C ARG H 3904 -39.28 4.52 -11.72
N THR H 3905 -39.23 4.86 -10.43
CA THR H 3905 -39.49 3.90 -9.37
C THR H 3905 -40.46 4.51 -8.37
N GLN H 3906 -41.36 3.67 -7.84
CA GLN H 3906 -42.27 4.06 -6.78
C GLN H 3906 -41.87 3.32 -5.51
N THR H 3907 -41.41 4.06 -4.51
CA THR H 3907 -40.86 3.43 -3.31
C THR H 3907 -41.94 2.87 -2.42
N GLY H 3908 -42.97 3.66 -2.11
CA GLY H 3908 -44.00 3.22 -1.18
C GLY H 3908 -44.77 2.01 -1.67
N ASN H 3909 -44.99 1.94 -2.98
CA ASN H 3909 -45.74 0.82 -3.54
C ASN H 3909 -44.98 -0.48 -3.35
N THR H 3910 -45.73 -1.57 -3.16
CA THR H 3910 -45.11 -2.88 -3.00
C THR H 3910 -44.37 -3.30 -4.27
N THR H 3911 -44.96 -3.04 -5.43
CA THR H 3911 -44.34 -3.34 -6.72
C THR H 3911 -44.13 -2.04 -7.48
N THR H 3912 -43.02 -1.95 -8.20
CA THR H 3912 -42.63 -0.77 -8.94
C THR H 3912 -42.67 -1.05 -10.43
N ILE H 3913 -43.23 -0.13 -11.20
CA ILE H 3913 -43.27 -0.22 -12.66
C ILE H 3913 -42.48 0.94 -13.24
N ASN H 3914 -41.60 0.64 -14.20
CA ASN H 3914 -40.73 1.65 -14.80
C ASN H 3914 -41.41 2.20 -16.05
N ILE H 3915 -42.10 3.33 -15.90
CA ILE H 3915 -42.80 3.94 -17.03
C ILE H 3915 -41.81 4.38 -18.09
N ILE H 3916 -40.61 4.77 -17.68
CA ILE H 3916 -39.59 5.16 -18.64
C ILE H 3916 -39.23 3.99 -19.55
N ILE H 3917 -39.02 2.82 -18.96
CA ILE H 3917 -38.70 1.63 -19.75
C ILE H 3917 -39.88 1.21 -20.61
N CYS H 3918 -41.09 1.36 -20.08
CA CYS H 3918 -42.28 1.05 -20.88
C CYS H 3918 -42.36 1.95 -22.11
N THR H 3919 -42.07 3.24 -21.93
CA THR H 3919 -42.05 4.17 -23.05
C THR H 3919 -40.99 3.76 -24.07
N VAL H 3920 -39.82 3.33 -23.59
CA VAL H 3920 -38.76 2.89 -24.51
C VAL H 3920 -39.23 1.67 -25.30
N ASP H 3921 -39.90 0.73 -24.64
CA ASP H 3921 -40.39 -0.45 -25.35
C ASP H 3921 -41.41 -0.08 -26.42
N TYR H 3922 -42.34 0.82 -26.10
CA TYR H 3922 -43.30 1.24 -27.11
C TYR H 3922 -42.61 1.93 -28.27
N LEU H 3923 -41.60 2.76 -27.97
CA LEU H 3923 -40.87 3.44 -29.04
C LEU H 3923 -40.15 2.43 -29.93
N LEU H 3924 -39.61 1.38 -29.33
CA LEU H 3924 -38.98 0.33 -30.13
C LEU H 3924 -39.99 -0.36 -31.04
N ARG H 3925 -41.18 -0.67 -30.52
CA ARG H 3925 -42.20 -1.27 -31.36
C ARG H 3925 -42.58 -0.36 -32.52
N LEU H 3926 -42.75 0.94 -32.23
CA LEU H 3926 -43.09 1.89 -33.30
C LEU H 3926 -41.97 1.99 -34.32
N GLN H 3927 -40.71 1.97 -33.86
CA GLN H 3927 -39.59 2.04 -34.77
C GLN H 3927 -39.54 0.83 -35.69
N GLU H 3928 -39.77 -0.35 -35.15
CA GLU H 3928 -39.81 -1.55 -35.99
C GLU H 3928 -40.95 -1.47 -37.00
N SER H 3929 -42.11 -0.98 -36.57
CA SER H 3929 -43.23 -0.83 -37.50
C SER H 3929 -42.89 0.13 -38.64
N ILE H 3930 -42.27 1.27 -38.30
CA ILE H 3930 -41.91 2.25 -39.33
C ILE H 3930 -40.86 1.67 -40.27
N SER H 3931 -39.91 0.91 -39.72
CA SER H 3931 -38.91 0.27 -40.57
C SER H 3931 -39.53 -0.72 -41.53
N ASP H 3932 -40.51 -1.51 -41.06
CA ASP H 3932 -41.19 -2.45 -41.94
C ASP H 3932 -41.97 -1.71 -43.03
N PHE H 3933 -42.62 -0.61 -42.66
CA PHE H 3933 -43.34 0.18 -43.66
C PHE H 3933 -42.38 0.72 -44.72
N TYR H 3934 -41.23 1.23 -44.28
CA TYR H 3934 -40.24 1.72 -45.23
C TYR H 3934 -39.73 0.60 -46.12
N TRP H 3935 -39.50 -0.58 -45.55
CA TRP H 3935 -39.04 -1.71 -46.35
C TRP H 3935 -40.07 -2.07 -47.42
N TYR H 3936 -41.35 -2.07 -47.04
CA TYR H 3936 -42.39 -2.36 -48.02
C TYR H 3936 -42.41 -1.30 -49.12
N TYR H 3937 -42.19 -0.04 -48.77
CA TYR H 3937 -42.31 1.02 -49.76
C TYR H 3937 -41.03 1.23 -50.55
N SER H 3938 -39.93 0.60 -50.12
CA SER H 3938 -38.66 0.79 -50.81
C SER H 3938 -38.71 0.26 -52.24
N GLY H 3939 -39.35 -0.89 -52.44
CA GLY H 3939 -39.49 -1.42 -53.78
C GLY H 3939 -40.29 -0.51 -54.69
N LYS H 3940 -41.35 0.10 -54.15
CA LYS H 3940 -42.15 1.03 -54.93
C LYS H 3940 -41.36 2.29 -55.26
N ASP H 3941 -41.67 2.88 -56.41
CA ASP H 3941 -40.98 4.10 -56.81
C ASP H 3941 -41.38 5.29 -55.95
N VAL H 3942 -42.66 5.39 -55.62
CA VAL H 3942 -43.17 6.51 -54.84
C VAL H 3942 -44.19 6.00 -53.83
N ILE H 3943 -44.14 6.54 -52.62
CA ILE H 3943 -45.14 6.22 -51.61
C ILE H 3943 -46.45 6.89 -51.99
N GLU H 3944 -47.52 6.11 -52.01
CA GLU H 3944 -48.82 6.64 -52.38
C GLU H 3944 -49.50 7.32 -51.18
N GLU H 3945 -50.69 7.89 -51.45
CA GLU H 3945 -51.28 8.87 -50.54
C GLU H 3945 -51.68 8.25 -49.20
N GLN H 3946 -52.30 7.07 -49.23
CA GLN H 3946 -52.68 6.42 -47.99
C GLN H 3946 -51.45 6.06 -47.15
N GLY H 3947 -50.39 5.57 -47.80
CA GLY H 3947 -49.15 5.33 -47.10
C GLY H 3947 -48.57 6.60 -46.51
N LYS H 3948 -48.72 7.72 -47.21
CA LYS H 3948 -48.25 9.00 -46.69
C LYS H 3948 -49.01 9.38 -45.44
N ARG H 3949 -50.33 9.20 -45.43
CA ARG H 3949 -51.11 9.50 -44.23
C ARG H 3949 -50.68 8.59 -43.07
N ASN H 3950 -50.47 7.31 -43.36
CA ASN H 3950 -50.05 6.38 -42.30
C ASN H 3950 -48.70 6.78 -41.72
N PHE H 3951 -47.76 7.16 -42.58
CA PHE H 3951 -46.46 7.63 -42.11
C PHE H 3951 -46.60 8.90 -41.29
N SER H 3952 -47.50 9.81 -41.70
CA SER H 3952 -47.70 11.04 -40.95
C SER H 3952 -48.23 10.73 -39.55
N LYS H 3953 -49.20 9.84 -39.43
CA LYS H 3953 -49.71 9.48 -38.11
C LYS H 3953 -48.64 8.83 -37.25
N ALA H 3954 -47.88 7.89 -37.84
CA ALA H 3954 -46.84 7.22 -37.08
C ALA H 3954 -45.79 8.21 -36.60
N MET H 3955 -45.44 9.18 -37.45
CA MET H 3955 -44.40 10.13 -37.07
C MET H 3955 -44.91 11.15 -36.05
N SER H 3956 -46.21 11.47 -36.09
CA SER H 3956 -46.76 12.29 -35.02
C SER H 3956 -46.70 11.57 -33.67
N VAL H 3957 -47.06 10.28 -33.67
CA VAL H 3957 -46.94 9.50 -32.44
C VAL H 3957 -45.49 9.44 -31.98
N ALA H 3958 -44.57 9.27 -32.93
CA ALA H 3958 -43.15 9.22 -32.59
C ALA H 3958 -42.67 10.54 -32.00
N LYS H 3959 -43.13 11.67 -32.55
CA LYS H 3959 -42.81 12.97 -31.96
C LYS H 3959 -43.29 13.05 -30.53
N GLN H 3960 -44.52 12.59 -30.28
CA GLN H 3960 -45.04 12.64 -28.91
C GLN H 3960 -44.19 11.78 -27.98
N VAL H 3961 -43.80 10.59 -28.41
CA VAL H 3961 -43.02 9.71 -27.56
C VAL H 3961 -41.63 10.30 -27.30
N PHE H 3962 -41.02 10.88 -28.32
CA PHE H 3962 -39.72 11.52 -28.14
C PHE H 3962 -39.82 12.69 -27.17
N ASN H 3963 -40.89 13.48 -27.28
CA ASN H 3963 -41.08 14.57 -26.34
C ASN H 3963 -41.27 14.06 -24.92
N SER H 3964 -41.98 12.94 -24.77
CA SER H 3964 -42.17 12.37 -23.43
C SER H 3964 -40.84 11.91 -22.84
N LEU H 3965 -40.01 11.22 -23.63
CA LEU H 3965 -38.71 10.78 -23.14
C LEU H 3965 -37.82 11.97 -22.79
N THR H 3966 -37.84 13.00 -23.64
CA THR H 3966 -37.12 14.23 -23.35
C THR H 3966 -37.58 14.84 -22.04
N GLU H 3967 -38.89 14.82 -21.80
CA GLU H 3967 -39.41 15.39 -20.56
C GLU H 3967 -38.97 14.57 -19.35
N TYR H 3968 -38.93 13.25 -19.50
CA TYR H 3968 -38.44 12.41 -18.41
C TYR H 3968 -36.99 12.74 -18.06
N ILE H 3969 -36.13 12.89 -19.07
CA ILE H 3969 -34.70 12.96 -18.77
C ILE H 3969 -34.27 14.39 -18.50
N GLN H 3970 -35.03 15.37 -18.98
CA GLN H 3970 -34.58 16.75 -18.89
C GLN H 3970 -34.64 17.27 -17.45
N GLY H 3971 -33.75 18.20 -17.14
CA GLY H 3971 -33.72 18.82 -15.83
C GLY H 3971 -32.35 19.01 -15.21
N PRO H 3972 -31.42 18.04 -15.35
CA PRO H 3972 -31.56 16.65 -15.78
C PRO H 3972 -31.99 15.76 -14.64
N CYS H 3973 -32.61 14.61 -14.92
CA CYS H 3973 -32.87 13.60 -13.91
C CYS H 3973 -31.87 12.47 -14.13
N THR H 3974 -30.89 12.39 -13.22
CA THR H 3974 -29.77 11.47 -13.42
C THR H 3974 -30.22 10.01 -13.43
N GLY H 3975 -31.17 9.67 -12.57
CA GLY H 3975 -31.67 8.31 -12.55
C GLY H 3975 -32.32 7.91 -13.86
N ASN H 3976 -33.17 8.79 -14.41
CA ASN H 3976 -33.80 8.52 -15.70
C ASN H 3976 -32.76 8.48 -16.80
N GLN H 3977 -31.73 9.33 -16.72
CA GLN H 3977 -30.66 9.30 -17.71
C GLN H 3977 -29.95 7.96 -17.71
N GLN H 3978 -29.63 7.43 -16.52
CA GLN H 3978 -28.97 6.12 -16.46
C GLN H 3978 -29.90 5.02 -16.94
N SER H 3979 -31.18 5.10 -16.58
CA SER H 3979 -32.14 4.09 -17.04
C SER H 3979 -32.23 4.07 -18.55
N LEU H 3980 -32.24 5.23 -19.19
CA LEU H 3980 -32.21 5.28 -20.65
C LEU H 3980 -30.88 4.78 -21.19
N ALA H 3981 -29.79 5.06 -20.48
CA ALA H 3981 -28.47 4.63 -20.94
C ALA H 3981 -28.37 3.12 -21.03
N HIS H 3982 -28.90 2.41 -20.02
CA HIS H 3982 -28.82 0.96 -20.00
C HIS H 3982 -30.00 0.28 -20.68
N SER H 3983 -30.87 1.04 -21.35
CA SER H 3983 -32.04 0.47 -21.99
C SER H 3983 -31.74 0.15 -23.46
N ARG H 3984 -32.82 -0.17 -24.19
CA ARG H 3984 -32.77 -0.46 -25.61
C ARG H 3984 -32.94 0.79 -26.47
N LEU H 3985 -32.91 1.96 -25.85
CA LEU H 3985 -33.11 3.21 -26.57
C LEU H 3985 -32.06 3.37 -27.66
N TRP H 3986 -30.85 2.88 -27.45
CA TRP H 3986 -29.83 3.02 -28.48
C TRP H 3986 -30.15 2.20 -29.71
N ASP H 3987 -30.65 0.98 -29.53
CA ASP H 3987 -31.09 0.19 -30.68
C ASP H 3987 -32.25 0.86 -31.39
N ALA H 3988 -33.20 1.41 -30.62
CA ALA H 3988 -34.30 2.13 -31.24
C ALA H 3988 -33.80 3.32 -32.07
N VAL H 3989 -32.84 4.07 -31.52
CA VAL H 3989 -32.31 5.24 -32.21
C VAL H 3989 -31.54 4.82 -33.46
N VAL H 3990 -30.83 3.69 -33.38
CA VAL H 3990 -30.10 3.20 -34.55
C VAL H 3990 -31.07 2.86 -35.68
N GLY H 3991 -32.14 2.14 -35.35
CA GLY H 3991 -33.15 1.85 -36.36
C GLY H 3991 -33.77 3.11 -36.93
N PHE H 3992 -34.06 4.08 -36.05
CA PHE H 3992 -34.65 5.33 -36.51
C PHE H 3992 -33.70 6.07 -37.44
N LEU H 3993 -32.40 6.06 -37.15
CA LEU H 3993 -31.44 6.73 -38.02
C LEU H 3993 -31.38 6.05 -39.38
N HIS H 3994 -31.38 4.72 -39.40
CA HIS H 3994 -31.38 4.02 -40.69
C HIS H 3994 -32.61 4.39 -41.51
N VAL H 3995 -33.78 4.33 -40.88
CA VAL H 3995 -35.02 4.69 -41.58
C VAL H 3995 -34.97 6.13 -42.05
N PHE H 3996 -34.47 7.03 -41.22
CA PHE H 3996 -34.42 8.45 -41.58
C PHE H 3996 -33.52 8.68 -42.78
N ALA H 3997 -32.32 8.11 -42.76
CA ALA H 3997 -31.39 8.30 -43.88
C ALA H 3997 -31.99 7.81 -45.18
N HIS H 3998 -32.44 6.55 -45.21
CA HIS H 3998 -32.98 6.02 -46.45
C HIS H 3998 -34.27 6.74 -46.84
N MET H 3999 -35.06 7.15 -45.86
CA MET H 3999 -36.36 7.73 -46.14
C MET H 3999 -36.20 9.12 -46.74
N MET H 4000 -35.26 9.91 -46.21
CA MET H 4000 -34.91 11.19 -46.83
C MET H 4000 -34.37 10.98 -48.23
N MET H 4001 -33.47 10.00 -48.40
CA MET H 4001 -32.91 9.74 -49.72
C MET H 4001 -34.00 9.44 -50.73
N LYS H 4002 -35.05 8.73 -50.30
CA LYS H 4002 -36.16 8.44 -51.20
C LYS H 4002 -37.05 9.66 -51.42
N LEU H 4003 -37.31 10.43 -50.36
CA LEU H 4003 -38.26 11.54 -50.47
C LEU H 4003 -37.70 12.69 -51.28
N ALA H 4004 -36.37 12.77 -51.37
CA ALA H 4004 -35.76 13.94 -52.00
C ALA H 4004 -36.08 13.99 -53.49
N GLN H 4005 -36.40 12.86 -54.09
CA GLN H 4005 -36.55 12.81 -55.54
C GLN H 4005 -37.89 13.38 -56.01
N ASP H 4006 -38.97 13.11 -55.30
CA ASP H 4006 -40.31 13.47 -55.75
C ASP H 4006 -40.77 14.73 -55.02
N SER H 4007 -41.50 15.59 -55.74
CA SER H 4007 -41.96 16.85 -55.16
C SER H 4007 -43.13 16.64 -54.22
N SER H 4008 -43.98 15.65 -54.49
CA SER H 4008 -45.12 15.40 -53.62
C SER H 4008 -44.67 14.84 -52.28
N GLN H 4009 -43.43 14.34 -52.21
CA GLN H 4009 -42.96 13.70 -50.99
C GLN H 4009 -42.31 14.70 -50.04
N ILE H 4010 -42.25 15.97 -50.42
CA ILE H 4010 -41.43 16.93 -49.68
C ILE H 4010 -42.14 17.39 -48.42
N GLU H 4011 -43.47 17.34 -48.39
CA GLU H 4011 -44.18 17.70 -47.16
C GLU H 4011 -43.94 16.65 -46.08
N LEU H 4012 -44.11 15.37 -46.43
CA LEU H 4012 -43.73 14.30 -45.53
C LEU H 4012 -42.25 14.37 -45.19
N LEU H 4013 -41.43 14.90 -46.12
CA LEU H 4013 -40.02 15.06 -45.83
C LEU H 4013 -39.79 16.12 -44.76
N LYS H 4014 -40.53 17.22 -44.81
CA LYS H 4014 -40.43 18.22 -43.73
C LYS H 4014 -40.85 17.61 -42.40
N GLU H 4015 -41.93 16.86 -42.40
CA GLU H 4015 -42.40 16.25 -41.15
C GLU H 4015 -41.37 15.26 -40.61
N LEU H 4016 -40.76 14.48 -41.49
CA LEU H 4016 -39.71 13.55 -41.08
C LEU H 4016 -38.50 14.30 -40.53
N LEU H 4017 -38.15 15.42 -41.16
CA LEU H 4017 -37.03 16.23 -40.69
C LEU H 4017 -37.27 16.75 -39.29
N ASP H 4018 -38.49 17.24 -39.02
CA ASP H 4018 -38.77 17.73 -37.67
C ASP H 4018 -38.77 16.59 -36.66
N LEU H 4019 -39.19 15.39 -37.08
CA LEU H 4019 -39.10 14.23 -36.19
C LEU H 4019 -37.63 13.91 -35.86
N GLN H 4020 -36.75 14.00 -36.86
CA GLN H 4020 -35.33 13.82 -36.58
C GLN H 4020 -34.82 14.89 -35.62
N LYS H 4021 -35.31 16.12 -35.77
CA LYS H 4021 -34.91 17.17 -34.84
C LYS H 4021 -35.34 16.82 -33.42
N ASP H 4022 -36.54 16.27 -33.26
CA ASP H 4022 -36.99 15.86 -31.94
C ASP H 4022 -36.11 14.75 -31.36
N MET H 4023 -35.71 13.79 -32.20
CA MET H 4023 -34.82 12.74 -31.70
C MET H 4023 -33.49 13.33 -31.25
N VAL H 4024 -32.94 14.25 -32.03
CA VAL H 4024 -31.65 14.86 -31.68
C VAL H 4024 -31.79 15.68 -30.40
N VAL H 4025 -32.94 16.33 -30.21
CA VAL H 4025 -33.20 17.04 -28.97
C VAL H 4025 -33.21 16.08 -27.80
N MET H 4026 -33.80 14.89 -27.98
CA MET H 4026 -33.77 13.88 -26.93
C MET H 4026 -32.34 13.46 -26.61
N LEU H 4027 -31.53 13.26 -27.64
CA LEU H 4027 -30.13 12.89 -27.40
C LEU H 4027 -29.38 13.98 -26.66
N LEU H 4028 -29.58 15.24 -27.06
CA LEU H 4028 -28.93 16.35 -26.38
C LEU H 4028 -29.38 16.43 -24.92
N SER H 4029 -30.65 16.12 -24.67
CA SER H 4029 -31.14 16.06 -23.30
C SER H 4029 -30.45 14.95 -22.52
N LEU H 4030 -30.20 13.82 -23.17
CA LEU H 4030 -29.40 12.78 -22.55
C LEU H 4030 -28.00 13.27 -22.23
N LEU H 4031 -27.49 14.23 -23.02
CA LEU H 4031 -26.13 14.70 -22.80
C LEU H 4031 -26.06 15.81 -21.76
N GLU H 4032 -27.20 16.20 -21.18
CA GLU H 4032 -27.19 17.27 -20.20
C GLU H 4032 -26.48 16.84 -18.92
N GLY H 4033 -25.65 17.74 -18.39
CA GLY H 4033 -24.89 17.44 -17.20
C GLY H 4033 -23.87 16.33 -17.36
N ASN H 4034 -23.20 16.29 -18.51
CA ASN H 4034 -22.27 15.22 -18.84
C ASN H 4034 -20.83 15.71 -18.66
N VAL H 4035 -20.03 14.92 -17.96
CA VAL H 4035 -18.63 15.27 -17.77
C VAL H 4035 -17.82 14.86 -18.99
N VAL H 4036 -16.57 15.35 -19.03
CA VAL H 4036 -15.67 14.96 -20.11
C VAL H 4036 -15.36 13.47 -20.01
N ASN H 4037 -15.39 12.80 -21.16
CA ASN H 4037 -15.27 11.33 -21.23
C ASN H 4037 -16.34 10.65 -20.39
N GLY H 4038 -17.56 11.17 -20.44
CA GLY H 4038 -18.65 10.56 -19.71
C GLY H 4038 -19.12 9.28 -20.37
N MET H 4039 -19.70 8.40 -19.55
CA MET H 4039 -20.15 7.10 -20.04
C MET H 4039 -21.36 7.25 -20.95
N ILE H 4040 -22.24 8.21 -20.67
CA ILE H 4040 -23.33 8.53 -21.59
C ILE H 4040 -22.80 8.95 -22.95
N ALA H 4041 -21.83 9.87 -22.95
CA ALA H 4041 -21.28 10.36 -24.20
C ALA H 4041 -20.55 9.25 -24.96
N ARG H 4042 -19.84 8.39 -24.24
CA ARG H 4042 -19.16 7.29 -24.90
C ARG H 4042 -20.16 6.32 -25.52
N GLN H 4043 -21.28 6.05 -24.84
CA GLN H 4043 -22.31 5.22 -25.46
C GLN H 4043 -22.88 5.88 -26.70
N MET H 4044 -23.05 7.22 -26.65
CA MET H 4044 -23.54 7.92 -27.83
C MET H 4044 -22.58 7.78 -29.00
N VAL H 4045 -21.28 7.88 -28.73
CA VAL H 4045 -20.30 7.71 -29.81
C VAL H 4045 -20.33 6.29 -30.35
N ASP H 4046 -20.44 5.29 -29.46
CA ASP H 4046 -20.52 3.91 -29.94
C ASP H 4046 -21.76 3.69 -30.79
N MET H 4047 -22.88 4.29 -30.39
CA MET H 4047 -24.12 4.15 -31.14
C MET H 4047 -24.04 4.86 -32.49
N LEU H 4048 -23.36 6.01 -32.55
CA LEU H 4048 -23.10 6.64 -33.83
C LEU H 4048 -22.23 5.75 -34.71
N VAL H 4049 -21.24 5.09 -34.11
CA VAL H 4049 -20.33 4.23 -34.86
C VAL H 4049 -21.08 3.03 -35.42
N GLU H 4050 -22.00 2.47 -34.64
CA GLU H 4050 -22.77 1.32 -35.11
C GLU H 4050 -23.61 1.68 -36.32
N SER H 4051 -24.20 2.88 -36.32
CA SER H 4051 -24.98 3.38 -37.44
C SER H 4051 -24.16 4.31 -38.34
N SER H 4052 -22.88 4.02 -38.51
CA SER H 4052 -21.98 4.95 -39.20
C SER H 4052 -22.44 5.20 -40.64
N SER H 4053 -22.87 4.16 -41.34
CA SER H 4053 -23.30 4.34 -42.72
C SER H 4053 -24.49 5.28 -42.82
N ASN H 4054 -25.49 5.10 -41.94
CA ASN H 4054 -26.67 5.96 -41.99
C ASN H 4054 -26.33 7.38 -41.57
N VAL H 4055 -25.46 7.53 -40.57
CA VAL H 4055 -25.03 8.87 -40.15
C VAL H 4055 -24.32 9.57 -41.30
N GLU H 4056 -23.46 8.84 -42.01
CA GLU H 4056 -22.75 9.41 -43.15
C GLU H 4056 -23.71 9.77 -44.26
N MET H 4057 -24.75 8.95 -44.46
CA MET H 4057 -25.76 9.28 -45.46
C MET H 4057 -26.48 10.58 -45.12
N ILE H 4058 -26.85 10.76 -43.86
CA ILE H 4058 -27.51 11.99 -43.43
C ILE H 4058 -26.59 13.19 -43.63
N LEU H 4059 -25.34 13.06 -43.20
CA LEU H 4059 -24.38 14.16 -43.35
C LEU H 4059 -24.14 14.47 -44.81
N LYS H 4060 -24.09 13.44 -45.66
CA LYS H 4060 -23.93 13.64 -47.09
C LYS H 4060 -25.11 14.39 -47.67
N PHE H 4061 -26.33 14.03 -47.27
CA PHE H 4061 -27.51 14.77 -47.69
C PHE H 4061 -27.35 16.25 -47.39
N PHE H 4062 -27.04 16.57 -46.13
CA PHE H 4062 -26.96 17.97 -45.73
C PHE H 4062 -25.85 18.70 -46.47
N ASP H 4063 -24.66 18.11 -46.54
CA ASP H 4063 -23.53 18.79 -47.15
C ASP H 4063 -23.72 18.95 -48.65
N MET H 4064 -24.28 17.95 -49.32
CA MET H 4064 -24.56 18.06 -50.74
C MET H 4064 -25.52 19.19 -51.03
N PHE H 4065 -26.56 19.34 -50.21
CA PHE H 4065 -27.52 20.41 -50.50
C PHE H 4065 -26.94 21.78 -50.18
N LEU H 4066 -26.13 21.88 -49.12
CA LEU H 4066 -25.45 23.16 -48.86
C LEU H 4066 -24.51 23.52 -50.00
N LYS H 4067 -23.72 22.55 -50.49
CA LYS H 4067 -22.81 22.81 -51.59
C LYS H 4067 -23.57 23.15 -52.86
N LEU H 4068 -24.74 22.52 -53.08
CA LEU H 4068 -25.54 22.84 -54.24
C LEU H 4068 -26.03 24.29 -54.18
N LYS H 4069 -26.44 24.75 -52.99
CA LYS H 4069 -26.83 26.15 -52.88
C LYS H 4069 -25.65 27.08 -53.18
N ASP H 4070 -24.48 26.79 -52.60
CA ASP H 4070 -23.34 27.67 -52.88
C ASP H 4070 -22.95 27.62 -54.34
N ILE H 4071 -23.21 26.49 -55.02
CA ILE H 4071 -22.84 26.34 -56.42
C ILE H 4071 -23.81 27.11 -57.32
N VAL H 4072 -25.11 27.05 -57.03
CA VAL H 4072 -26.04 27.89 -57.78
C VAL H 4072 -25.76 29.35 -57.47
N GLY H 4073 -25.04 29.62 -56.38
CA GLY H 4073 -24.53 30.96 -56.15
C GLY H 4073 -23.22 31.24 -56.87
N SER H 4074 -22.65 30.22 -57.51
CA SER H 4074 -21.27 30.32 -58.00
C SER H 4074 -21.20 30.86 -59.42
N GLU H 4075 -20.15 31.65 -59.67
CA GLU H 4075 -19.98 32.30 -60.96
C GLU H 4075 -19.71 31.28 -62.08
N ALA H 4076 -18.95 30.23 -61.78
CA ALA H 4076 -18.68 29.21 -62.78
C ALA H 4076 -19.98 28.55 -63.24
N PHE H 4077 -20.86 28.23 -62.29
CA PHE H 4077 -22.15 27.66 -62.66
C PHE H 4077 -22.99 28.66 -63.45
N GLN H 4078 -22.97 29.93 -63.05
CA GLN H 4078 -23.71 30.94 -63.79
C GLN H 4078 -23.20 31.08 -65.22
N ASP H 4079 -21.89 30.92 -65.42
CA ASP H 4079 -21.35 30.92 -66.77
C ASP H 4079 -21.77 29.67 -67.53
N TYR H 4080 -21.83 28.54 -66.84
CA TYR H 4080 -22.28 27.31 -67.50
C TYR H 4080 -23.72 27.42 -67.98
N VAL H 4081 -24.60 28.01 -67.19
CA VAL H 4081 -25.99 28.19 -67.60
C VAL H 4081 -26.05 29.37 -68.57
N THR H 4082 -26.71 29.16 -69.71
CA THR H 4082 -26.82 30.18 -70.75
C THR H 4082 -28.26 30.59 -71.03
N ASP H 4083 -29.24 29.93 -70.43
CA ASP H 4083 -30.62 30.25 -70.70
C ASP H 4083 -30.96 31.64 -70.16
N PRO H 4084 -31.69 32.46 -70.93
CA PRO H 4084 -32.21 33.71 -70.35
C PRO H 4084 -33.13 33.46 -69.17
N ARG H 4085 -33.87 32.35 -69.19
CA ARG H 4085 -34.73 32.01 -68.05
C ARG H 4085 -33.89 31.47 -66.89
N GLY H 4086 -32.63 31.14 -67.14
CA GLY H 4086 -31.78 30.52 -66.14
C GLY H 4086 -31.96 29.02 -66.00
N LEU H 4087 -32.82 28.41 -66.80
CA LEU H 4087 -33.04 26.97 -66.70
C LEU H 4087 -31.87 26.23 -67.34
N ILE H 4088 -31.39 25.19 -66.67
CA ILE H 4088 -30.19 24.46 -67.08
C ILE H 4088 -30.57 23.02 -67.44
N SER H 4089 -29.97 22.52 -68.51
CA SER H 4089 -30.21 21.13 -68.92
C SER H 4089 -29.47 20.18 -67.97
N LYS H 4090 -29.98 18.94 -67.90
CA LYS H 4090 -29.37 17.95 -67.03
C LYS H 4090 -27.94 17.67 -67.44
N LYS H 4091 -27.66 17.63 -68.75
CA LYS H 4091 -26.28 17.47 -69.21
C LYS H 4091 -25.44 18.68 -68.83
N ASP H 4092 -25.96 19.89 -69.08
CA ASP H 4092 -25.24 21.10 -68.71
C ASP H 4092 -25.06 21.19 -67.20
N PHE H 4093 -26.09 20.81 -66.45
CA PHE H 4093 -26.02 20.80 -64.99
C PHE H 4093 -24.93 19.83 -64.53
N GLN H 4094 -24.86 18.65 -65.16
CA GLN H 4094 -23.83 17.67 -64.84
C GLN H 4094 -22.44 18.22 -65.10
N LYS H 4095 -22.20 18.77 -66.30
CA LYS H 4095 -20.86 19.25 -66.60
C LYS H 4095 -20.50 20.45 -65.72
N ALA H 4096 -21.50 21.24 -65.33
CA ALA H 4096 -21.24 22.35 -64.43
C ALA H 4096 -20.73 21.86 -63.09
N MET H 4097 -21.43 20.90 -62.46
CA MET H 4097 -20.91 20.42 -61.18
C MET H 4097 -19.57 19.72 -61.32
N ASP H 4098 -19.37 18.93 -62.38
CA ASP H 4098 -18.06 18.28 -62.50
C ASP H 4098 -16.97 19.31 -62.76
N SER H 4099 -17.33 20.47 -63.30
CA SER H 4099 -16.39 21.58 -63.35
C SER H 4099 -16.10 22.10 -61.94
N GLN H 4100 -17.14 22.16 -61.09
CA GLN H 4100 -16.90 22.58 -59.70
C GLN H 4100 -16.12 21.52 -58.93
N LYS H 4101 -16.30 20.25 -59.26
CA LYS H 4101 -15.63 19.08 -58.67
C LYS H 4101 -15.98 18.83 -57.21
N GLN H 4102 -16.91 19.59 -56.61
CA GLN H 4102 -17.26 19.32 -55.22
C GLN H 4102 -18.10 18.05 -55.09
N PHE H 4103 -18.86 17.72 -56.12
CA PHE H 4103 -19.72 16.55 -56.14
C PHE H 4103 -19.14 15.49 -57.06
N THR H 4104 -19.22 14.23 -56.63
CA THR H 4104 -18.82 13.13 -57.49
C THR H 4104 -19.96 12.77 -58.45
N GLY H 4105 -19.68 11.81 -59.34
CA GLY H 4105 -20.66 11.38 -60.32
C GLY H 4105 -21.94 10.81 -59.78
N PRO H 4106 -21.90 9.87 -58.82
CA PRO H 4106 -23.16 9.43 -58.20
C PRO H 4106 -23.89 10.57 -57.50
N GLU H 4107 -23.15 11.51 -56.91
CA GLU H 4107 -23.79 12.67 -56.31
C GLU H 4107 -24.52 13.51 -57.35
N ILE H 4108 -23.89 13.69 -58.51
CA ILE H 4108 -24.53 14.43 -59.59
C ILE H 4108 -25.79 13.71 -60.06
N GLN H 4109 -25.72 12.38 -60.19
CA GLN H 4109 -26.89 11.62 -60.60
C GLN H 4109 -28.01 11.75 -59.58
N PHE H 4110 -27.67 11.68 -58.29
CA PHE H 4110 -28.70 11.84 -57.26
C PHE H 4110 -29.30 13.24 -57.27
N LEU H 4111 -28.48 14.25 -57.50
CA LEU H 4111 -29.00 15.62 -57.59
C LEU H 4111 -29.93 15.76 -58.78
N LEU H 4112 -29.58 15.14 -59.91
CA LEU H 4112 -30.46 15.13 -61.07
C LEU H 4112 -31.79 14.47 -60.74
N SER H 4113 -31.74 13.36 -60.02
CA SER H 4113 -32.98 12.69 -59.60
C SER H 4113 -33.81 13.58 -58.69
N CYS H 4114 -33.17 14.27 -57.76
CA CYS H 4114 -33.89 15.15 -56.84
C CYS H 4114 -34.54 16.30 -57.58
N SER H 4115 -33.84 16.89 -58.54
CA SER H 4115 -34.39 18.00 -59.30
C SER H 4115 -35.56 17.53 -60.15
N GLU H 4116 -36.67 18.25 -60.06
CA GLU H 4116 -37.87 17.93 -60.83
C GLU H 4116 -37.67 18.40 -62.27
N ALA H 4117 -37.16 17.51 -63.11
CA ALA H 4117 -36.92 17.85 -64.50
C ALA H 4117 -38.24 17.99 -65.25
N ASP H 4118 -38.36 19.09 -65.99
CA ASP H 4118 -39.53 19.33 -66.82
C ASP H 4118 -39.43 18.53 -68.13
N GLU H 4119 -40.38 18.78 -69.03
CA GLU H 4119 -40.43 18.03 -70.29
C GLU H 4119 -39.22 18.33 -71.16
N ASN H 4120 -38.66 19.53 -71.04
CA ASN H 4120 -37.44 19.85 -71.79
C ASN H 4120 -36.21 19.35 -71.05
N GLU H 4121 -36.40 18.75 -69.88
CA GLU H 4121 -35.38 18.35 -68.92
C GLU H 4121 -34.67 19.60 -68.39
N MET H 4122 -35.34 20.76 -68.43
CA MET H 4122 -34.76 21.99 -67.93
C MET H 4122 -34.77 21.96 -66.41
N ILE H 4123 -33.82 22.62 -65.77
CA ILE H 4123 -33.73 22.67 -64.31
C ILE H 4123 -33.65 24.12 -63.85
N ASN H 4124 -34.51 24.47 -62.88
CA ASN H 4124 -34.47 25.79 -62.27
C ASN H 4124 -33.67 25.72 -60.97
N PHE H 4125 -32.41 26.17 -61.02
CA PHE H 4125 -31.50 25.92 -59.91
C PHE H 4125 -31.89 26.72 -58.67
N GLU H 4126 -32.59 27.85 -58.84
CA GLU H 4126 -32.97 28.63 -57.67
C GLU H 4126 -33.93 27.85 -56.78
N GLU H 4127 -35.02 27.32 -57.36
CA GLU H 4127 -35.95 26.53 -56.58
C GLU H 4127 -35.34 25.20 -56.17
N PHE H 4128 -34.49 24.62 -57.04
CA PHE H 4128 -33.83 23.37 -56.67
C PHE H 4128 -32.93 23.58 -55.45
N ALA H 4129 -32.40 24.79 -55.27
CA ALA H 4129 -31.55 25.06 -54.13
C ALA H 4129 -32.36 25.38 -52.88
N ASN H 4130 -33.32 26.31 -52.99
CA ASN H 4130 -34.04 26.73 -51.80
C ASN H 4130 -35.18 25.80 -51.41
N ARG H 4131 -35.40 24.73 -52.18
CA ARG H 4131 -36.50 23.82 -51.86
C ARG H 4131 -36.27 23.10 -50.54
N PHE H 4132 -35.03 22.71 -50.27
CA PHE H 4132 -34.71 21.88 -49.12
C PHE H 4132 -33.97 22.60 -48.00
N GLN H 4133 -33.55 23.85 -48.21
CA GLN H 4133 -32.76 24.52 -47.19
C GLN H 4133 -33.61 24.89 -45.97
N GLU H 4134 -34.80 25.41 -46.19
CA GLU H 4134 -35.65 25.78 -45.07
C GLU H 4134 -36.04 24.61 -44.19
N PRO H 4135 -36.54 23.48 -44.70
CA PRO H 4135 -36.88 22.37 -43.79
C PRO H 4135 -35.68 21.79 -43.07
N ALA H 4136 -34.50 21.83 -43.67
CA ALA H 4136 -33.36 21.11 -43.13
C ALA H 4136 -32.56 21.96 -42.15
N ARG H 4137 -32.94 23.23 -41.98
CA ARG H 4137 -32.14 24.13 -41.15
C ARG H 4137 -32.12 23.67 -39.69
N ASP H 4138 -33.29 23.38 -39.13
CA ASP H 4138 -33.37 23.03 -37.71
C ASP H 4138 -32.63 21.72 -37.42
N ILE H 4139 -32.84 20.70 -38.24
CA ILE H 4139 -32.19 19.42 -38.00
C ILE H 4139 -30.69 19.53 -38.24
N GLY H 4140 -30.28 20.30 -39.24
CA GLY H 4140 -28.86 20.51 -39.47
C GLY H 4140 -28.19 21.21 -38.30
N PHE H 4141 -28.84 22.25 -37.76
CA PHE H 4141 -28.29 22.95 -36.61
C PHE H 4141 -28.21 22.02 -35.40
N ASN H 4142 -29.24 21.22 -35.17
CA ASN H 4142 -29.21 20.30 -34.05
C ASN H 4142 -28.11 19.24 -34.21
N VAL H 4143 -27.91 18.76 -35.43
CA VAL H 4143 -26.84 17.79 -35.69
C VAL H 4143 -25.48 18.43 -35.44
N ALA H 4144 -25.30 19.68 -35.89
CA ALA H 4144 -24.05 20.38 -35.62
C ALA H 4144 -23.82 20.55 -34.13
N VAL H 4145 -24.87 20.91 -33.39
CA VAL H 4145 -24.76 21.06 -31.95
C VAL H 4145 -24.36 19.75 -31.30
N LEU H 4146 -25.00 18.66 -31.71
CA LEU H 4146 -24.70 17.36 -31.12
C LEU H 4146 -23.27 16.93 -31.41
N LEU H 4147 -22.82 17.12 -32.65
CA LEU H 4147 -21.46 16.75 -32.99
C LEU H 4147 -20.44 17.59 -32.25
N THR H 4148 -20.70 18.90 -32.13
CA THR H 4148 -19.79 19.76 -31.37
C THR H 4148 -19.73 19.35 -29.91
N ASN H 4149 -20.89 19.10 -29.30
CA ASN H 4149 -20.93 18.72 -27.90
C ASN H 4149 -20.19 17.41 -27.67
N LEU H 4150 -20.41 16.42 -28.53
CA LEU H 4150 -19.72 15.14 -28.39
C LEU H 4150 -18.23 15.30 -28.60
N SER H 4151 -17.82 16.11 -29.57
CA SER H 4151 -16.39 16.32 -29.80
C SER H 4151 -15.72 16.95 -28.61
N GLU H 4152 -16.37 17.95 -28.00
CA GLU H 4152 -15.74 18.64 -26.88
C GLU H 4152 -15.78 17.81 -25.61
N HIS H 4153 -16.74 16.89 -25.49
CA HIS H 4153 -16.83 16.12 -24.26
C HIS H 4153 -16.04 14.81 -24.37
N VAL H 4154 -15.78 14.34 -25.59
CA VAL H 4154 -14.98 13.14 -25.83
C VAL H 4154 -13.90 13.51 -26.84
N PRO H 4155 -12.85 14.23 -26.45
CA PRO H 4155 -11.95 14.81 -27.45
C PRO H 4155 -11.02 13.80 -28.11
N HIS H 4156 -10.81 12.64 -27.49
CA HIS H 4156 -9.71 11.78 -27.93
C HIS H 4156 -10.15 10.77 -28.98
N ASP H 4157 -11.44 10.52 -29.10
CA ASP H 4157 -11.91 9.43 -29.95
C ASP H 4157 -11.69 9.76 -31.42
N PRO H 4158 -11.08 8.86 -32.20
CA PRO H 4158 -10.84 9.16 -33.63
C PRO H 4158 -12.08 8.99 -34.49
N ARG H 4159 -13.00 8.10 -34.12
CA ARG H 4159 -14.24 7.95 -34.87
C ARG H 4159 -15.07 9.22 -34.82
N LEU H 4160 -15.09 9.89 -33.67
CA LEU H 4160 -15.76 11.17 -33.57
C LEU H 4160 -15.11 12.20 -34.49
N ARG H 4161 -13.78 12.20 -34.56
CA ARG H 4161 -13.09 13.12 -35.46
C ARG H 4161 -13.45 12.83 -36.91
N ASN H 4162 -13.57 11.55 -37.27
CA ASN H 4162 -14.01 11.21 -38.61
C ASN H 4162 -15.39 11.78 -38.90
N PHE H 4163 -16.35 11.56 -38.00
CA PHE H 4163 -17.69 12.13 -38.18
C PHE H 4163 -17.61 13.65 -38.33
N LEU H 4164 -16.76 14.30 -37.55
CA LEU H 4164 -16.62 15.75 -37.66
C LEU H 4164 -16.08 16.15 -39.03
N GLU H 4165 -15.11 15.38 -39.55
CA GLU H 4165 -14.57 15.68 -40.87
C GLU H 4165 -15.65 15.58 -41.94
N LEU H 4166 -16.52 14.57 -41.86
CA LEU H 4166 -17.61 14.47 -42.83
C LEU H 4166 -18.60 15.61 -42.68
N ALA H 4167 -18.85 16.07 -41.47
CA ALA H 4167 -19.78 17.17 -41.24
C ALA H 4167 -19.10 18.53 -41.24
N GLU H 4168 -17.94 18.66 -41.90
CA GLU H 4168 -17.18 19.90 -41.84
C GLU H 4168 -17.95 21.06 -42.46
N SER H 4169 -18.61 20.83 -43.60
CA SER H 4169 -19.34 21.91 -44.26
C SER H 4169 -20.55 22.34 -43.43
N ILE H 4170 -21.25 21.39 -42.82
CA ILE H 4170 -22.39 21.73 -41.96
C ILE H 4170 -21.92 22.56 -40.78
N LEU H 4171 -20.83 22.13 -40.14
CA LEU H 4171 -20.30 22.87 -38.99
C LEU H 4171 -19.86 24.27 -39.41
N GLU H 4172 -19.25 24.39 -40.59
CA GLU H 4172 -18.84 25.70 -41.08
C GLU H 4172 -20.04 26.59 -41.34
N TYR H 4173 -21.10 26.03 -41.92
CA TYR H 4173 -22.28 26.84 -42.23
C TYR H 4173 -22.94 27.33 -40.94
N PHE H 4174 -23.02 26.46 -39.93
CA PHE H 4174 -23.73 26.82 -38.70
C PHE H 4174 -22.83 27.40 -37.63
N ARG H 4175 -21.55 27.62 -37.93
CA ARG H 4175 -20.66 28.23 -36.93
C ARG H 4175 -21.09 29.63 -36.51
N PRO H 4176 -21.45 30.56 -37.40
CA PRO H 4176 -21.89 31.88 -36.92
C PRO H 4176 -23.16 31.85 -36.09
N TYR H 4177 -23.97 30.80 -36.22
CA TYR H 4177 -25.21 30.74 -35.46
C TYR H 4177 -25.06 29.93 -34.19
N LEU H 4178 -24.09 29.01 -34.16
CA LEU H 4178 -23.87 28.20 -32.97
C LEU H 4178 -23.26 29.05 -31.87
N GLY H 4179 -24.04 29.27 -30.81
CA GLY H 4179 -23.56 30.03 -29.67
C GLY H 4179 -23.25 29.12 -28.50
N ARG H 4180 -22.09 29.31 -27.89
CA ARG H 4180 -21.67 28.50 -26.75
C ARG H 4180 -21.33 29.42 -25.60
N ILE H 4181 -21.78 29.06 -24.40
CA ILE H 4181 -21.40 29.72 -23.17
C ILE H 4181 -21.14 28.65 -22.13
N GLU H 4182 -20.38 29.02 -21.10
CA GLU H 4182 -20.18 28.18 -19.94
C GLU H 4182 -20.88 28.81 -18.75
N ILE H 4183 -21.58 28.00 -17.97
CA ILE H 4183 -22.32 28.47 -16.81
C ILE H 4183 -21.85 27.70 -15.59
N MET H 4184 -22.06 28.29 -14.43
CA MET H 4184 -21.67 27.64 -13.19
C MET H 4184 -22.76 26.65 -12.82
N GLY H 4185 -22.56 25.39 -13.22
CA GLY H 4185 -23.67 24.47 -13.34
C GLY H 4185 -24.37 24.14 -12.04
N ALA H 4186 -25.49 23.44 -12.18
CA ALA H 4186 -26.30 23.08 -11.01
C ALA H 4186 -25.53 22.16 -10.07
N SER H 4187 -24.73 21.24 -10.62
CA SER H 4187 -24.03 20.26 -9.81
C SER H 4187 -22.76 20.82 -9.17
N ARG H 4188 -22.63 22.15 -9.08
CA ARG H 4188 -21.38 22.76 -8.64
C ARG H 4188 -20.24 22.29 -9.53
N ARG H 4189 -20.48 22.25 -10.83
CA ARG H 4189 -19.50 21.87 -11.82
C ARG H 4189 -19.73 22.71 -13.07
N ILE H 4190 -18.64 23.16 -13.70
CA ILE H 4190 -18.77 24.02 -14.87
C ILE H 4190 -19.31 23.22 -16.05
N GLU H 4191 -20.35 23.75 -16.69
CA GLU H 4191 -20.95 23.13 -17.85
C GLU H 4191 -20.93 24.09 -19.03
N ARG H 4192 -20.85 23.53 -20.24
CA ARG H 4192 -20.91 24.29 -21.48
C ARG H 4192 -22.30 24.14 -22.09
N ILE H 4193 -22.85 25.24 -22.58
CA ILE H 4193 -24.20 25.31 -23.09
C ILE H 4193 -24.16 25.75 -24.54
N TYR H 4194 -24.89 25.03 -25.40
CA TYR H 4194 -24.99 25.35 -26.82
C TYR H 4194 -26.39 25.79 -27.14
N PHE H 4195 -26.52 26.87 -27.91
CA PHE H 4195 -27.81 27.45 -28.23
C PHE H 4195 -27.73 28.15 -29.58
N GLU H 4196 -28.90 28.47 -30.12
CA GLU H 4196 -28.97 29.13 -31.42
C GLU H 4196 -28.90 30.64 -31.28
N ILE H 4197 -28.20 31.28 -32.21
CA ILE H 4197 -28.14 32.73 -32.31
C ILE H 4197 -28.82 33.15 -33.59
N SER H 4198 -29.84 33.99 -33.47
CA SER H 4198 -30.59 34.43 -34.64
C SER H 4198 -29.76 35.37 -35.50
N GLU H 4199 -29.96 35.28 -36.81
CA GLU H 4199 -29.29 36.20 -37.73
C GLU H 4199 -29.70 37.63 -37.45
N THR H 4200 -30.98 37.88 -37.16
CA THR H 4200 -31.42 39.22 -36.81
C THR H 4200 -30.77 39.69 -35.53
N ASN H 4201 -30.63 38.80 -34.54
CA ASN H 4201 -29.96 39.16 -33.30
C ASN H 4201 -28.53 39.58 -33.54
N ARG H 4202 -27.79 38.79 -34.33
CA ARG H 4202 -26.40 39.15 -34.62
C ARG H 4202 -26.33 40.46 -35.40
N ALA H 4203 -27.23 40.64 -36.36
CA ALA H 4203 -27.22 41.87 -37.16
C ALA H 4203 -27.47 43.10 -36.29
N GLN H 4204 -28.42 43.01 -35.35
CA GLN H 4204 -28.66 44.13 -34.44
C GLN H 4204 -27.46 44.36 -33.53
N TRP H 4205 -26.79 43.28 -33.12
CA TRP H 4205 -25.59 43.42 -32.29
C TRP H 4205 -24.47 44.13 -33.04
N GLU H 4206 -24.38 43.90 -34.36
CA GLU H 4206 -23.27 44.47 -35.12
C GLU H 4206 -23.50 45.95 -35.42
N MET H 4207 -24.65 46.48 -35.02
CA MET H 4207 -24.96 47.87 -35.34
C MET H 4207 -24.00 48.82 -34.63
N PRO H 4208 -23.57 49.89 -35.30
CA PRO H 4208 -22.56 50.78 -34.70
C PRO H 4208 -22.99 51.45 -33.41
N GLN H 4209 -24.26 51.85 -33.27
CA GLN H 4209 -24.67 52.50 -32.03
C GLN H 4209 -24.71 51.50 -30.88
N VAL H 4210 -25.09 50.25 -31.17
CA VAL H 4210 -25.05 49.20 -30.17
C VAL H 4210 -23.61 48.95 -29.74
N LYS H 4211 -22.69 48.92 -30.70
CA LYS H 4211 -21.28 48.75 -30.36
C LYS H 4211 -20.76 49.92 -29.51
N GLU H 4212 -21.19 51.13 -29.83
CA GLU H 4212 -20.80 52.29 -29.04
C GLU H 4212 -21.29 52.19 -27.61
N SER H 4213 -22.55 51.79 -27.43
CA SER H 4213 -23.09 51.60 -26.09
C SER H 4213 -22.33 50.52 -25.34
N LYS H 4214 -21.95 49.44 -26.04
CA LYS H 4214 -21.17 48.39 -25.42
C LYS H 4214 -19.82 48.91 -24.96
N ARG H 4215 -19.17 49.73 -25.79
CA ARG H 4215 -17.87 50.30 -25.41
C ARG H 4215 -18.02 51.19 -24.18
N GLN H 4216 -19.04 52.04 -24.16
CA GLN H 4216 -19.27 52.91 -23.02
C GLN H 4216 -19.51 52.10 -21.75
N PHE H 4217 -20.34 51.06 -21.84
CA PHE H 4217 -20.62 50.23 -20.68
C PHE H 4217 -19.36 49.53 -20.18
N ILE H 4218 -18.56 48.98 -21.10
CA ILE H 4218 -17.34 48.29 -20.72
C ILE H 4218 -16.40 49.25 -19.99
N PHE H 4219 -16.24 50.46 -20.53
CA PHE H 4219 -15.40 51.43 -19.86
C PHE H 4219 -15.90 51.73 -18.45
N ASP H 4220 -17.21 51.97 -18.31
CA ASP H 4220 -17.75 52.31 -17.00
C ASP H 4220 -17.54 51.20 -15.99
N VAL H 4221 -17.84 49.96 -16.36
CA VAL H 4221 -17.72 48.87 -15.37
C VAL H 4221 -16.26 48.61 -15.04
N VAL H 4222 -15.40 48.56 -16.05
CA VAL H 4222 -13.99 48.25 -15.77
C VAL H 4222 -13.35 49.36 -14.95
N ASN H 4223 -13.81 50.60 -15.11
CA ASN H 4223 -13.23 51.68 -14.33
C ASN H 4223 -13.78 51.71 -12.91
N GLU H 4224 -15.10 51.76 -12.74
CA GLU H 4224 -15.68 51.92 -11.41
C GLU H 4224 -16.71 50.84 -11.06
N GLY H 4225 -16.37 49.56 -11.21
CA GLY H 4225 -17.26 48.48 -10.85
C GLY H 4225 -16.51 47.38 -10.11
N GLY H 4226 -17.16 46.85 -9.07
CA GLY H 4226 -16.63 45.66 -8.42
C GLY H 4226 -17.08 44.40 -9.13
N GLU H 4227 -16.33 43.32 -8.92
CA GLU H 4227 -16.57 42.09 -9.67
C GLU H 4227 -17.96 41.52 -9.39
N ALA H 4228 -18.38 41.51 -8.12
CA ALA H 4228 -19.71 41.00 -7.80
C ALA H 4228 -20.80 41.88 -8.39
N GLU H 4229 -20.64 43.20 -8.28
CA GLU H 4229 -21.62 44.12 -8.84
C GLU H 4229 -21.58 44.11 -10.36
N LYS H 4230 -20.48 43.63 -10.94
CA LYS H 4230 -20.28 43.76 -12.37
C LYS H 4230 -21.21 42.83 -13.15
N MET H 4231 -21.51 41.64 -12.60
CA MET H 4231 -22.51 40.78 -13.23
C MET H 4231 -23.87 41.44 -13.29
N GLU H 4232 -24.29 42.09 -12.19
CA GLU H 4232 -25.59 42.75 -12.20
C GLU H 4232 -25.61 43.90 -13.19
N LEU H 4233 -24.53 44.69 -13.22
CA LEU H 4233 -24.45 45.77 -14.20
C LEU H 4233 -24.49 45.23 -15.62
N PHE H 4234 -23.83 44.09 -15.85
CA PHE H 4234 -23.79 43.50 -17.18
C PHE H 4234 -25.17 43.01 -17.60
N VAL H 4235 -25.92 42.39 -16.69
CA VAL H 4235 -27.27 41.94 -17.02
C VAL H 4235 -28.17 43.14 -17.31
N SER H 4236 -28.06 44.19 -16.50
CA SER H 4236 -28.84 45.40 -16.77
C SER H 4236 -28.50 46.00 -18.12
N PHE H 4237 -27.21 46.00 -18.47
CA PHE H 4237 -26.81 46.48 -19.79
C PHE H 4237 -27.39 45.62 -20.89
N CYS H 4238 -27.44 44.30 -20.68
CA CYS H 4238 -28.04 43.41 -21.67
C CYS H 4238 -29.51 43.74 -21.88
N GLU H 4239 -30.24 43.99 -20.79
CA GLU H 4239 -31.65 44.35 -20.93
C GLU H 4239 -31.83 45.67 -21.66
N ASP H 4240 -31.00 46.66 -21.33
CA ASP H 4240 -31.06 47.94 -22.02
C ASP H 4240 -30.74 47.78 -23.50
N THR H 4241 -29.77 46.91 -23.82
CA THR H 4241 -29.41 46.67 -25.21
C THR H 4241 -30.55 46.00 -25.96
N ILE H 4242 -31.26 45.07 -25.31
CA ILE H 4242 -32.41 44.44 -25.95
C ILE H 4242 -33.47 45.49 -26.28
N PHE H 4243 -33.74 46.38 -25.32
CA PHE H 4243 -34.73 47.42 -25.59
C PHE H 4243 -34.27 48.35 -26.70
N GLU H 4244 -32.97 48.68 -26.73
CA GLU H 4244 -32.44 49.52 -27.79
C GLU H 4244 -32.57 48.83 -29.15
N MET H 4245 -32.37 47.52 -29.18
CA MET H 4245 -32.56 46.77 -30.42
C MET H 4245 -34.01 46.83 -30.88
N GLN H 4246 -34.96 46.72 -29.95
CA GLN H 4246 -36.36 46.87 -30.34
C GLN H 4246 -36.63 48.27 -30.90
N ILE H 4247 -36.07 49.30 -30.27
CA ILE H 4247 -36.26 50.66 -30.78
C ILE H 4247 -35.70 50.79 -32.19
N ALA H 4248 -34.50 50.25 -32.42
CA ALA H 4248 -33.89 50.32 -33.73
C ALA H 4248 -34.73 49.58 -34.77
N ALA H 4249 -35.25 48.41 -34.40
CA ALA H 4249 -36.11 47.66 -35.32
C ALA H 4249 -37.36 48.46 -35.67
N GLN H 4250 -37.98 49.10 -34.68
CA GLN H 4250 -39.17 49.88 -34.96
C GLN H 4250 -38.86 51.07 -35.86
N ILE H 4251 -37.77 51.80 -35.57
CA ILE H 4251 -37.49 53.01 -36.34
C ILE H 4251 -37.02 52.65 -37.75
N SER H 4252 -36.47 51.46 -37.93
CA SER H 4252 -36.09 51.03 -39.26
C SER H 4252 -37.33 50.82 -40.13
N GLU H 4253 -37.30 51.37 -41.34
CA GLU H 4253 -38.41 51.27 -42.26
C GLU H 4253 -38.00 50.44 -43.47
N PRO H 4254 -38.81 49.45 -43.88
CA PRO H 4254 -38.50 48.57 -45.00
C PRO H 4254 -38.51 49.30 -46.35
N PHE H 4540 -59.05 61.57 -42.95
CA PHE H 4540 -57.72 61.42 -43.53
C PHE H 4540 -56.67 61.44 -42.42
N TRP H 4541 -57.14 61.29 -41.19
CA TRP H 4541 -56.23 61.20 -40.04
C TRP H 4541 -55.25 60.04 -40.19
N GLY H 4542 -55.69 58.94 -40.81
CA GLY H 4542 -54.82 57.77 -40.92
C GLY H 4542 -53.61 58.00 -41.79
N GLU H 4543 -53.81 58.60 -42.97
CA GLU H 4543 -52.68 58.86 -43.85
C GLU H 4543 -51.76 59.91 -43.28
N LEU H 4544 -52.33 60.93 -42.62
CA LEU H 4544 -51.49 61.90 -41.93
C LEU H 4544 -50.68 61.22 -40.84
N GLU H 4545 -51.27 60.26 -40.13
CA GLU H 4545 -50.56 59.56 -39.06
C GLU H 4545 -49.42 58.71 -39.60
N VAL H 4546 -49.65 58.01 -40.72
CA VAL H 4546 -48.57 57.16 -41.26
C VAL H 4546 -47.45 58.04 -41.81
N GLN H 4547 -47.79 59.16 -42.44
CA GLN H 4547 -46.74 60.09 -42.86
C GLN H 4547 -45.99 60.65 -41.66
N ARG H 4548 -46.70 60.94 -40.56
CA ARG H 4548 -46.04 61.48 -39.38
C ARG H 4548 -45.09 60.48 -38.75
N VAL H 4549 -45.50 59.20 -38.68
CA VAL H 4549 -44.60 58.19 -38.12
C VAL H 4549 -43.42 57.95 -39.05
N LYS H 4550 -43.64 58.04 -40.37
CA LYS H 4550 -42.50 57.94 -41.29
C LYS H 4550 -41.52 59.09 -41.06
N PHE H 4551 -42.05 60.30 -40.86
CA PHE H 4551 -41.20 61.45 -40.62
C PHE H 4551 -40.41 61.29 -39.32
N LEU H 4552 -41.07 60.85 -38.26
CA LEU H 4552 -40.39 60.64 -36.99
C LEU H 4552 -39.32 59.56 -37.11
N ASN H 4553 -39.63 58.47 -37.83
CA ASN H 4553 -38.65 57.41 -38.02
C ASN H 4553 -37.44 57.91 -38.82
N TYR H 4554 -37.70 58.72 -39.84
CA TYR H 4554 -36.60 59.26 -40.63
C TYR H 4554 -35.73 60.19 -39.80
N LEU H 4555 -36.35 60.99 -38.92
CA LEU H 4555 -35.57 61.83 -38.02
C LEU H 4555 -34.74 60.98 -37.06
N SER H 4556 -35.32 59.90 -36.54
CA SER H 4556 -34.60 59.07 -35.58
C SER H 4556 -33.43 58.34 -36.23
N ARG H 4557 -33.63 57.85 -37.45
CA ARG H 4557 -32.54 57.17 -38.15
C ARG H 4557 -31.39 58.12 -38.45
N ASN H 4558 -31.71 59.35 -38.83
CA ASN H 4558 -30.73 60.32 -39.26
C ASN H 4558 -30.37 61.32 -38.17
N PHE H 4559 -30.43 60.93 -36.89
CA PHE H 4559 -30.19 61.86 -35.80
C PHE H 4559 -28.74 62.33 -35.78
N TYR H 4560 -27.79 61.40 -35.92
CA TYR H 4560 -26.38 61.79 -35.90
C TYR H 4560 -26.01 62.58 -37.14
N THR H 4561 -26.61 62.25 -38.28
CA THR H 4561 -26.41 63.03 -39.48
C THR H 4561 -26.92 64.45 -39.29
N LEU H 4562 -28.07 64.60 -38.63
CA LEU H 4562 -28.59 65.93 -38.33
C LEU H 4562 -27.67 66.70 -37.40
N ARG H 4563 -27.11 66.01 -36.40
CA ARG H 4563 -26.17 66.66 -35.49
C ARG H 4563 -24.94 67.17 -36.24
N PHE H 4564 -24.38 66.32 -37.12
CA PHE H 4564 -23.22 66.73 -37.90
C PHE H 4564 -23.57 67.89 -38.84
N LEU H 4565 -24.76 67.85 -39.43
CA LEU H 4565 -25.18 68.93 -40.30
C LEU H 4565 -25.31 70.24 -39.53
N ALA H 4566 -25.82 70.17 -38.29
CA ALA H 4566 -25.88 71.36 -37.46
C ALA H 4566 -24.50 71.92 -37.16
N LEU H 4567 -23.55 71.03 -36.85
CA LEU H 4567 -22.18 71.48 -36.61
C LEU H 4567 -21.60 72.15 -37.86
N PHE H 4568 -21.81 71.56 -39.03
CA PHE H 4568 -21.31 72.13 -40.27
C PHE H 4568 -21.94 73.49 -40.54
N LEU H 4569 -23.25 73.62 -40.27
CA LEU H 4569 -23.92 74.89 -40.47
C LEU H 4569 -23.38 75.96 -39.53
N ALA H 4570 -23.11 75.59 -38.28
CA ALA H 4570 -22.51 76.54 -37.35
C ALA H 4570 -21.15 76.99 -37.84
N PHE H 4571 -20.34 76.05 -38.34
CA PHE H 4571 -19.04 76.41 -38.88
C PHE H 4571 -19.16 77.38 -40.05
N ALA H 4572 -20.09 77.11 -40.97
CA ALA H 4572 -20.26 77.98 -42.12
C ALA H 4572 -20.73 79.37 -41.70
N ILE H 4573 -21.66 79.43 -40.75
CA ILE H 4573 -22.15 80.72 -40.25
C ILE H 4573 -21.01 81.52 -39.64
N ASN H 4574 -20.17 80.86 -38.84
CA ASN H 4574 -19.07 81.58 -38.21
C ASN H 4574 -18.04 82.03 -39.23
N PHE H 4575 -17.76 81.19 -40.24
CA PHE H 4575 -16.86 81.59 -41.31
C PHE H 4575 -17.39 82.83 -42.02
N ILE H 4576 -18.69 82.88 -42.28
CA ILE H 4576 -19.29 84.10 -42.83
C ILE H 4576 -19.09 85.26 -41.87
N LEU H 4577 -19.27 85.01 -40.56
CA LEU H 4577 -19.16 86.06 -39.57
C LEU H 4577 -17.77 86.65 -39.50
N LEU H 4578 -16.75 85.89 -39.94
CA LEU H 4578 -15.38 86.40 -39.87
C LEU H 4578 -15.22 87.66 -40.72
N PHE H 4579 -16.09 87.86 -41.71
CA PHE H 4579 -15.94 89.02 -42.59
C PHE H 4579 -16.63 90.25 -42.01
N TYR H 4580 -17.23 90.12 -40.83
CA TYR H 4580 -18.00 91.21 -40.26
C TYR H 4580 -17.06 92.36 -39.88
N LYS H 4581 -17.54 93.59 -40.05
CA LYS H 4581 -16.75 94.76 -39.73
C LYS H 4581 -17.68 95.87 -39.26
N VAL H 4582 -17.11 96.84 -38.54
CA VAL H 4582 -17.87 97.92 -37.92
C VAL H 4582 -17.29 99.24 -38.39
N SER H 4583 -18.17 100.18 -38.76
CA SER H 4583 -17.77 101.51 -39.14
C SER H 4583 -18.81 102.52 -38.66
N ASP H 4584 -18.33 103.72 -38.32
CA ASP H 4584 -19.24 104.76 -37.84
C ASP H 4584 -20.21 105.20 -38.93
N SER H 4585 -19.73 105.32 -40.16
CA SER H 4585 -20.61 105.69 -41.27
C SER H 4585 -21.56 104.55 -41.57
N PRO H 4586 -22.78 104.85 -42.01
CA PRO H 4586 -23.73 103.78 -42.38
C PRO H 4586 -23.23 103.04 -43.61
N PRO H 4587 -23.65 101.77 -43.78
CA PRO H 4587 -23.25 100.95 -44.94
C PRO H 4587 -23.59 101.59 -46.27
N ASN H 4626 -23.65 109.28 -34.49
CA ASN H 4626 -22.43 108.93 -33.75
C ASN H 4626 -22.52 107.51 -33.23
N MET H 4627 -23.24 106.66 -33.95
CA MET H 4627 -23.43 105.26 -33.57
C MET H 4627 -22.76 104.38 -34.60
N VAL H 4628 -22.05 103.34 -34.13
CA VAL H 4628 -21.29 102.49 -35.02
C VAL H 4628 -22.20 101.47 -35.70
N TYR H 4629 -21.91 101.16 -36.96
CA TYR H 4629 -22.74 100.30 -37.78
C TYR H 4629 -22.03 98.98 -38.00
N TYR H 4630 -22.75 97.87 -37.81
CA TYR H 4630 -22.23 96.53 -38.03
C TYR H 4630 -22.74 96.04 -39.39
N PHE H 4631 -21.83 95.65 -40.27
CA PHE H 4631 -22.22 95.14 -41.57
C PHE H 4631 -21.17 94.18 -42.10
N LEU H 4632 -21.62 93.18 -42.85
CA LEU H 4632 -20.69 92.31 -43.57
C LEU H 4632 -20.03 93.07 -44.70
N GLU H 4633 -18.75 92.81 -44.91
CA GLU H 4633 -17.98 93.46 -45.97
C GLU H 4633 -17.53 92.40 -46.97
N GLU H 4634 -18.24 92.31 -48.09
CA GLU H 4634 -17.90 91.36 -49.13
C GLU H 4634 -18.20 91.98 -50.49
N SER H 4635 -17.34 91.69 -51.46
CA SER H 4635 -17.52 92.23 -52.80
C SER H 4635 -18.73 91.63 -53.49
N THR H 4636 -18.93 90.31 -53.33
CA THR H 4636 -20.00 89.64 -54.06
C THR H 4636 -21.37 90.07 -53.56
N GLY H 4637 -21.55 90.17 -52.25
CA GLY H 4637 -22.84 90.49 -51.68
C GLY H 4637 -23.76 89.31 -51.48
N TYR H 4638 -23.32 88.09 -51.80
CA TYR H 4638 -24.15 86.92 -51.58
C TYR H 4638 -24.18 86.54 -50.11
N MET H 4639 -23.19 87.00 -49.34
CA MET H 4639 -22.96 86.44 -48.02
C MET H 4639 -24.04 86.81 -47.03
N GLU H 4640 -24.63 88.00 -47.15
CA GLU H 4640 -25.71 88.36 -46.24
C GLU H 4640 -26.95 87.47 -46.42
N PRO H 4641 -27.51 87.30 -47.63
CA PRO H 4641 -28.61 86.31 -47.77
C PRO H 4641 -28.18 84.90 -47.43
N ALA H 4642 -26.94 84.54 -47.75
CA ALA H 4642 -26.46 83.20 -47.42
C ALA H 4642 -26.48 82.98 -45.91
N LEU H 4643 -26.03 83.98 -45.14
CA LEU H 4643 -26.04 83.89 -43.69
C LEU H 4643 -27.46 83.81 -43.16
N TRP H 4644 -28.38 84.59 -43.73
CA TRP H 4644 -29.76 84.55 -43.26
C TRP H 4644 -30.37 83.17 -43.47
N CYS H 4645 -30.25 82.63 -44.68
CA CYS H 4645 -30.78 81.29 -44.95
C CYS H 4645 -30.08 80.24 -44.10
N LEU H 4646 -28.77 80.38 -43.90
CA LEU H 4646 -28.03 79.41 -43.10
C LEU H 4646 -28.50 79.43 -41.65
N SER H 4647 -28.76 80.60 -41.10
CA SER H 4647 -29.28 80.69 -39.74
C SER H 4647 -30.64 80.04 -39.63
N LEU H 4648 -31.53 80.32 -40.59
CA LEU H 4648 -32.86 79.69 -40.56
C LEU H 4648 -32.74 78.17 -40.62
N LEU H 4649 -31.91 77.66 -41.53
CA LEU H 4649 -31.76 76.22 -41.68
C LEU H 4649 -31.13 75.60 -40.45
N HIS H 4650 -30.19 76.32 -39.81
CA HIS H 4650 -29.57 75.81 -38.59
C HIS H 4650 -30.59 75.69 -37.47
N THR H 4651 -31.46 76.68 -37.31
CA THR H 4651 -32.48 76.57 -36.28
C THR H 4651 -33.43 75.42 -36.57
N LEU H 4652 -33.82 75.26 -37.84
CA LEU H 4652 -34.68 74.13 -38.20
C LEU H 4652 -34.01 72.80 -37.89
N VAL H 4653 -32.71 72.69 -38.19
CA VAL H 4653 -31.99 71.44 -37.95
C VAL H 4653 -31.87 71.17 -36.45
N ALA H 4654 -31.69 72.23 -35.65
CA ALA H 4654 -31.66 72.05 -34.20
C ALA H 4654 -32.99 71.51 -33.69
N PHE H 4655 -34.09 72.06 -34.19
CA PHE H 4655 -35.41 71.57 -33.80
C PHE H 4655 -35.59 70.11 -34.20
N LEU H 4656 -35.14 69.76 -35.41
CA LEU H 4656 -35.23 68.38 -35.86
C LEU H 4656 -34.38 67.46 -35.00
N CYS H 4657 -33.22 67.93 -34.55
CA CYS H 4657 -32.38 67.13 -33.66
C CYS H 4657 -33.08 66.89 -32.34
N ILE H 4658 -33.75 67.90 -31.79
CA ILE H 4658 -34.48 67.71 -30.55
C ILE H 4658 -35.57 66.65 -30.72
N ILE H 4659 -36.33 66.74 -31.82
CA ILE H 4659 -37.39 65.76 -32.04
C ILE H 4659 -36.81 64.36 -32.21
N GLY H 4660 -35.71 64.23 -32.98
CA GLY H 4660 -35.10 62.94 -33.16
C GLY H 4660 -34.58 62.34 -31.86
N TYR H 4661 -34.00 63.18 -31.01
CA TYR H 4661 -33.53 62.69 -29.71
C TYR H 4661 -34.70 62.23 -28.85
N ASN H 4662 -35.82 62.96 -28.90
CA ASN H 4662 -37.00 62.52 -28.16
C ASN H 4662 -37.51 61.19 -28.69
N CYS H 4663 -37.37 60.96 -29.99
CA CYS H 4663 -37.89 59.72 -30.57
C CYS H 4663 -36.89 58.57 -30.47
N LEU H 4664 -35.65 58.87 -30.09
CA LEU H 4664 -34.59 57.86 -30.13
C LEU H 4664 -34.06 57.47 -28.76
N LYS H 4665 -33.71 58.45 -27.91
CA LYS H 4665 -33.00 58.14 -26.67
C LYS H 4665 -33.91 58.25 -25.45
N VAL H 4666 -34.93 59.11 -25.54
CA VAL H 4666 -35.88 59.25 -24.44
C VAL H 4666 -36.54 57.92 -24.08
N PRO H 4667 -36.95 57.08 -25.03
CA PRO H 4667 -37.47 55.76 -24.63
C PRO H 4667 -36.49 54.96 -23.81
N LEU H 4668 -35.20 54.99 -24.13
CA LEU H 4668 -34.22 54.28 -23.32
C LEU H 4668 -34.12 54.85 -21.92
N VAL H 4669 -34.13 56.19 -21.80
CA VAL H 4669 -34.05 56.81 -20.49
C VAL H 4669 -35.24 56.40 -19.63
N ILE H 4670 -36.45 56.47 -20.21
CA ILE H 4670 -37.64 56.10 -19.47
C ILE H 4670 -37.62 54.61 -19.12
N PHE H 4671 -37.14 53.77 -20.03
CA PHE H 4671 -37.05 52.34 -19.76
C PHE H 4671 -36.15 52.07 -18.57
N LYS H 4672 -34.96 52.69 -18.55
CA LYS H 4672 -34.05 52.47 -17.43
C LYS H 4672 -34.66 52.94 -16.12
N ARG H 4673 -35.27 54.13 -16.13
CA ARG H 4673 -35.83 54.66 -14.89
C ARG H 4673 -36.97 53.80 -14.38
N GLU H 4674 -37.87 53.38 -15.27
CA GLU H 4674 -38.97 52.52 -14.86
C GLU H 4674 -38.48 51.18 -14.36
N LYS H 4675 -37.46 50.61 -15.02
CA LYS H 4675 -36.94 49.32 -14.58
C LYS H 4675 -36.34 49.41 -13.19
N GLU H 4676 -35.49 50.42 -12.94
CA GLU H 4676 -34.87 50.55 -11.63
C GLU H 4676 -35.93 50.84 -10.57
N LEU H 4677 -36.93 51.66 -10.90
CA LEU H 4677 -38.00 51.93 -9.95
C LEU H 4677 -38.78 50.67 -9.60
N ALA H 4678 -39.11 49.87 -10.60
CA ALA H 4678 -39.85 48.63 -10.36
C ALA H 4678 -39.03 47.67 -9.50
N ARG H 4679 -37.74 47.54 -9.78
CA ARG H 4679 -36.92 46.62 -9.00
C ARG H 4679 -36.77 47.09 -7.56
N LYS H 4680 -36.60 48.40 -7.35
CA LYS H 4680 -36.55 48.91 -5.99
C LYS H 4680 -37.89 48.71 -5.27
N LEU H 4681 -38.99 48.88 -6.00
CA LEU H 4681 -40.31 48.69 -5.41
C LEU H 4681 -40.51 47.25 -4.95
N GLU H 4682 -40.11 46.29 -5.78
CA GLU H 4682 -40.44 44.90 -5.51
C GLU H 4682 -39.40 44.19 -4.65
N PHE H 4683 -38.12 44.23 -5.04
CA PHE H 4683 -37.13 43.46 -4.31
C PHE H 4683 -36.79 44.08 -2.97
N ASP H 4684 -36.78 45.42 -2.89
CA ASP H 4684 -36.41 46.10 -1.67
C ASP H 4684 -37.60 46.73 -0.95
N GLY H 4685 -38.75 46.86 -1.60
CA GLY H 4685 -39.87 47.53 -0.95
C GLY H 4685 -39.58 48.96 -0.59
N LEU H 4686 -39.03 49.72 -1.54
CA LEU H 4686 -38.48 51.04 -1.22
C LEU H 4686 -39.56 51.97 -0.69
N TYR H 4687 -40.68 52.10 -1.39
CA TYR H 4687 -41.71 53.03 -0.95
C TYR H 4687 -42.62 52.39 0.08
N ILE H 4688 -42.51 51.08 0.27
CA ILE H 4688 -43.29 50.41 1.29
C ILE H 4688 -42.52 50.34 2.60
N THR H 4689 -41.38 49.64 2.59
CA THR H 4689 -40.58 49.46 3.79
C THR H 4689 -39.62 50.61 4.04
N GLU H 4690 -38.77 50.95 3.06
CA GLU H 4690 -37.76 51.97 3.29
C GLU H 4690 -38.38 53.35 3.49
N GLN H 4691 -39.26 53.76 2.59
CA GLN H 4691 -39.97 55.03 2.68
C GLN H 4691 -39.01 56.21 2.87
N PRO H 4692 -38.28 56.61 1.82
CA PRO H 4692 -37.31 57.70 1.98
C PRO H 4692 -38.01 59.03 2.21
N GLY H 4693 -37.72 59.65 3.35
CA GLY H 4693 -38.26 60.96 3.67
C GLY H 4693 -37.46 62.08 3.04
N ASP H 4694 -37.63 62.27 1.73
CA ASP H 4694 -36.83 63.21 0.96
C ASP H 4694 -35.34 62.88 1.06
N ASP H 4695 -35.02 61.58 1.07
CA ASP H 4695 -33.62 61.17 1.08
C ASP H 4695 -32.98 61.40 -0.28
N ASP H 4696 -33.67 61.02 -1.35
CA ASP H 4696 -33.16 61.15 -2.72
C ASP H 4696 -34.15 61.93 -3.56
N VAL H 4697 -33.64 62.87 -4.35
CA VAL H 4697 -34.51 63.71 -5.17
C VAL H 4697 -35.19 62.88 -6.26
N LYS H 4698 -34.45 61.96 -6.88
CA LYS H 4698 -35.06 61.08 -7.86
C LYS H 4698 -36.13 60.21 -7.22
N GLY H 4699 -35.87 59.71 -6.01
CA GLY H 4699 -36.87 58.92 -5.31
C GLY H 4699 -38.11 59.72 -5.00
N GLN H 4700 -37.94 60.98 -4.61
CA GLN H 4700 -39.11 61.84 -4.36
C GLN H 4700 -39.89 62.08 -5.65
N TRP H 4701 -39.19 62.31 -6.75
CA TRP H 4701 -39.88 62.53 -8.02
C TRP H 4701 -40.63 61.29 -8.48
N ASP H 4702 -40.09 60.11 -8.16
CA ASP H 4702 -40.71 58.88 -8.66
C ASP H 4702 -42.03 58.59 -7.96
N ARG H 4703 -42.36 59.37 -6.91
CA ARG H 4703 -43.59 59.11 -6.17
C ARG H 4703 -44.83 59.36 -7.01
N LEU H 4704 -44.75 60.30 -7.97
CA LEU H 4704 -45.93 60.64 -8.75
C LEU H 4704 -46.36 59.50 -9.65
N VAL H 4705 -45.41 58.69 -10.13
CA VAL H 4705 -45.72 57.76 -11.20
C VAL H 4705 -46.35 56.48 -10.65
N LEU H 4706 -46.14 56.19 -9.36
CA LEU H 4706 -46.65 54.95 -8.79
C LEU H 4706 -48.16 54.88 -8.87
N ASN H 4707 -48.84 56.00 -8.61
CA ASN H 4707 -50.30 56.01 -8.64
C ASN H 4707 -50.81 55.85 -10.07
N THR H 4708 -50.03 56.31 -11.04
CA THR H 4708 -50.51 56.39 -12.42
C THR H 4708 -50.76 55.00 -13.00
N PRO H 4709 -51.79 54.86 -13.86
CA PRO H 4709 -52.02 53.56 -14.50
C PRO H 4709 -50.94 53.17 -15.48
N SER H 4710 -50.26 54.15 -16.07
CA SER H 4710 -49.36 53.88 -17.19
C SER H 4710 -47.91 53.73 -16.74
N PHE H 4711 -47.67 53.54 -15.45
CA PHE H 4711 -46.28 53.51 -14.98
C PHE H 4711 -45.46 52.40 -15.60
N PRO H 4712 -45.91 51.15 -15.68
CA PRO H 4712 -45.03 50.11 -16.27
C PRO H 4712 -45.06 50.11 -17.79
N SER H 4713 -45.43 51.22 -18.43
CA SER H 4713 -45.61 51.21 -19.88
C SER H 4713 -44.31 50.90 -20.62
N ASN H 4714 -43.31 51.78 -20.49
CA ASN H 4714 -42.10 51.64 -21.28
C ASN H 4714 -41.33 50.37 -20.93
N TYR H 4715 -41.24 50.05 -19.64
CA TYR H 4715 -40.58 48.84 -19.18
C TYR H 4715 -41.49 47.64 -19.44
N TRP H 4716 -40.88 46.45 -19.61
CA TRP H 4716 -41.63 45.35 -20.22
C TRP H 4716 -42.65 44.75 -19.25
N ASP H 4717 -42.30 44.68 -17.96
CA ASP H 4717 -43.16 44.00 -16.99
C ASP H 4717 -44.33 44.90 -16.62
N LYS H 4718 -45.52 44.55 -17.09
CA LYS H 4718 -46.74 45.27 -16.76
C LYS H 4718 -47.39 44.75 -15.49
N PHE H 4719 -46.83 43.72 -14.87
CA PHE H 4719 -47.41 43.12 -13.67
C PHE H 4719 -46.58 43.39 -12.43
N VAL H 4720 -45.67 44.37 -12.49
CA VAL H 4720 -44.82 44.64 -11.34
C VAL H 4720 -45.64 45.19 -10.19
N LYS H 4721 -46.70 45.94 -10.49
CA LYS H 4721 -47.60 46.40 -9.43
C LYS H 4721 -48.23 45.23 -8.70
N ARG H 4722 -48.74 44.25 -9.46
CA ARG H 4722 -49.37 43.09 -8.84
C ARG H 4722 -48.35 42.27 -8.05
N LYS H 4723 -47.14 42.13 -8.58
CA LYS H 4723 -46.11 41.39 -7.84
C LYS H 4723 -45.73 42.10 -6.55
N VAL H 4724 -45.60 43.42 -6.59
CA VAL H 4724 -45.33 44.19 -5.38
C VAL H 4724 -46.45 44.01 -4.37
N LEU H 4725 -47.69 44.01 -4.84
CA LEU H 4725 -48.82 43.79 -3.94
C LEU H 4725 -48.74 42.42 -3.29
N ASP H 4726 -48.56 41.37 -4.10
CA ASP H 4726 -48.50 40.02 -3.53
C ASP H 4726 -47.31 39.85 -2.59
N LYS H 4727 -46.26 40.64 -2.80
CA LYS H 4727 -45.08 40.50 -1.94
C LYS H 4727 -45.26 41.20 -0.61
N HIS H 4728 -45.64 42.49 -0.64
CA HIS H 4728 -45.68 43.29 0.59
C HIS H 4728 -47.08 43.71 1.00
N GLY H 4729 -48.11 42.95 0.62
CA GLY H 4729 -49.45 43.31 1.05
C GLY H 4729 -49.70 43.02 2.51
N ASP H 4730 -49.30 41.84 2.98
CA ASP H 4730 -49.79 41.33 4.26
C ASP H 4730 -49.41 42.24 5.42
N ILE H 4731 -48.19 42.77 5.42
CA ILE H 4731 -47.71 43.49 6.61
C ILE H 4731 -47.86 45.00 6.46
N PHE H 4732 -48.46 45.45 5.36
CA PHE H 4732 -49.15 46.74 5.32
C PHE H 4732 -50.64 46.64 4.99
N GLY H 4733 -51.12 45.48 4.58
CA GLY H 4733 -52.52 45.44 4.18
C GLY H 4733 -52.69 45.61 2.69
N ARG H 4734 -53.70 44.91 2.15
CA ARG H 4734 -53.95 44.96 0.72
C ARG H 4734 -54.31 46.37 0.27
N GLU H 4735 -55.15 47.06 1.05
CA GLU H 4735 -55.68 48.35 0.61
C GLU H 4735 -54.60 49.42 0.57
N ARG H 4736 -53.63 49.37 1.49
CA ARG H 4736 -52.58 50.38 1.49
C ARG H 4736 -51.70 50.25 0.25
N ILE H 4737 -51.30 49.04 -0.10
CA ILE H 4737 -50.52 48.83 -1.31
C ILE H 4737 -51.36 49.17 -2.54
N ALA H 4738 -52.66 48.87 -2.49
CA ALA H 4738 -53.53 49.19 -3.62
C ALA H 4738 -53.61 50.69 -3.85
N GLU H 4739 -53.75 51.48 -2.79
CA GLU H 4739 -53.83 52.93 -2.96
C GLU H 4739 -52.46 53.50 -3.30
N LEU H 4740 -51.39 52.86 -2.83
CA LEU H 4740 -50.05 53.32 -3.19
C LEU H 4740 -49.80 53.14 -4.68
N LEU H 4741 -50.12 51.98 -5.22
CA LEU H 4741 -49.86 51.69 -6.64
C LEU H 4741 -51.02 52.04 -7.54
N GLY H 4742 -52.11 52.58 -7.00
CA GLY H 4742 -53.24 52.98 -7.81
C GLY H 4742 -53.95 51.82 -8.50
N MET H 4743 -54.12 50.70 -7.81
CA MET H 4743 -54.90 49.58 -8.33
C MET H 4743 -56.25 49.52 -7.63
N ASP H 4744 -57.26 49.10 -8.38
CA ASP H 4744 -58.46 48.54 -7.77
C ASP H 4744 -58.24 47.06 -7.50
N LEU H 4745 -58.65 46.61 -6.31
CA LEU H 4745 -58.40 45.22 -5.95
C LEU H 4745 -59.29 44.27 -6.74
N ALA H 4746 -60.51 44.71 -7.08
CA ALA H 4746 -61.42 43.84 -7.82
C ALA H 4746 -61.01 43.73 -9.28
N SER H 4747 -60.32 44.74 -9.80
CA SER H 4747 -59.94 44.74 -11.21
C SER H 4747 -59.00 43.59 -11.53
N LEU H 4748 -57.99 43.36 -10.69
CA LEU H 4748 -57.05 42.28 -10.96
C LEU H 4748 -57.74 40.92 -10.89
N GLU H 4749 -58.69 40.77 -9.97
CA GLU H 4749 -59.43 39.50 -9.88
C GLU H 4749 -60.27 39.27 -11.13
N ILE H 4750 -60.98 40.30 -11.61
CA ILE H 4750 -61.84 40.08 -12.78
C ILE H 4750 -60.98 39.85 -14.02
N THR H 4751 -59.85 40.54 -14.14
CA THR H 4751 -58.94 40.28 -15.26
C THR H 4751 -58.40 38.85 -15.20
N ALA H 4752 -58.06 38.37 -14.01
CA ALA H 4752 -57.62 36.98 -13.88
C ALA H 4752 -58.74 36.02 -14.25
N HIS H 4753 -59.98 36.37 -13.93
CA HIS H 4753 -61.10 35.47 -14.17
C HIS H 4753 -61.41 35.37 -15.66
N ASN H 4754 -61.42 36.50 -16.37
CA ASN H 4754 -61.69 36.50 -17.80
C ASN H 4754 -61.10 37.73 -18.46
N GLU H 4755 -61.09 37.70 -19.79
CA GLU H 4755 -60.56 38.78 -20.62
C GLU H 4755 -61.72 39.52 -21.28
N ARG H 4756 -61.69 40.85 -21.20
CA ARG H 4756 -62.68 41.70 -21.85
C ARG H 4756 -61.96 42.73 -22.71
N LYS H 4757 -62.40 42.87 -23.95
CA LYS H 4757 -61.77 43.79 -24.90
C LYS H 4757 -62.73 44.94 -25.20
N PRO H 4758 -62.35 46.18 -24.87
CA PRO H 4758 -63.16 47.33 -25.29
C PRO H 4758 -62.68 47.93 -26.60
N ASP H 4759 -63.60 48.38 -27.44
CA ASP H 4759 -63.20 48.98 -28.70
C ASP H 4759 -62.78 50.43 -28.48
N PRO H 4760 -61.68 50.88 -29.07
CA PRO H 4760 -61.28 52.28 -28.94
C PRO H 4760 -61.86 53.12 -30.06
N PRO H 4761 -62.55 54.21 -29.74
CA PRO H 4761 -63.02 55.13 -30.78
C PRO H 4761 -61.85 55.89 -31.38
N PRO H 4762 -61.84 56.06 -32.71
CA PRO H 4762 -60.72 56.78 -33.37
C PRO H 4762 -60.94 58.28 -33.41
N GLY H 4763 -61.01 58.88 -32.22
CA GLY H 4763 -61.24 60.31 -32.11
C GLY H 4763 -60.14 61.06 -31.40
N LEU H 4764 -59.95 62.33 -31.77
CA LEU H 4764 -58.91 63.13 -31.13
C LEU H 4764 -59.21 63.32 -29.65
N LEU H 4765 -60.47 63.57 -29.30
CA LEU H 4765 -60.84 63.61 -27.89
C LEU H 4765 -60.65 62.26 -27.22
N THR H 4766 -61.08 61.18 -27.87
CA THR H 4766 -60.89 59.85 -27.29
C THR H 4766 -59.43 59.61 -26.94
N TRP H 4767 -58.53 60.16 -27.75
CA TRP H 4767 -57.11 60.16 -27.37
C TRP H 4767 -56.83 61.21 -26.29
N LEU H 4768 -57.68 62.24 -26.19
CA LEU H 4768 -57.41 63.31 -25.23
C LEU H 4768 -57.56 62.83 -23.80
N MET H 4769 -58.69 62.22 -23.44
CA MET H 4769 -58.72 61.67 -22.08
C MET H 4769 -58.00 60.34 -21.98
N SER H 4770 -57.46 59.84 -23.09
CA SER H 4770 -56.58 58.67 -23.02
C SER H 4770 -55.26 59.03 -22.35
N ILE H 4771 -54.86 60.31 -22.40
CA ILE H 4771 -53.61 60.72 -21.79
C ILE H 4771 -53.73 60.71 -20.27
N ASP H 4772 -52.63 60.41 -19.60
CA ASP H 4772 -52.55 60.46 -18.15
C ASP H 4772 -51.58 61.57 -17.75
N VAL H 4773 -52.13 62.65 -17.20
CA VAL H 4773 -51.34 63.87 -17.02
C VAL H 4773 -50.27 63.67 -15.97
N LYS H 4774 -50.53 62.83 -14.96
CA LYS H 4774 -49.53 62.61 -13.93
C LYS H 4774 -48.31 61.88 -14.49
N TYR H 4775 -48.54 60.84 -15.29
CA TYR H 4775 -47.43 60.16 -15.95
C TYR H 4775 -46.71 61.10 -16.91
N GLN H 4776 -47.47 61.93 -17.64
CA GLN H 4776 -46.83 62.85 -18.57
C GLN H 4776 -45.95 63.85 -17.83
N ILE H 4777 -46.40 64.35 -16.69
CA ILE H 4777 -45.62 65.31 -15.91
C ILE H 4777 -44.36 64.65 -15.37
N TRP H 4778 -44.49 63.44 -14.85
CA TRP H 4778 -43.30 62.73 -14.35
C TRP H 4778 -42.31 62.46 -15.48
N LYS H 4779 -42.82 62.08 -16.64
CA LYS H 4779 -41.95 61.82 -17.79
C LYS H 4779 -41.25 63.10 -18.23
N PHE H 4780 -41.96 64.22 -18.24
CA PHE H 4780 -41.34 65.48 -18.63
C PHE H 4780 -40.28 65.90 -17.62
N GLY H 4781 -40.51 65.64 -16.34
CA GLY H 4781 -39.48 65.90 -15.35
C GLY H 4781 -38.24 65.05 -15.58
N VAL H 4782 -38.44 63.76 -15.86
CA VAL H 4782 -37.31 62.88 -16.14
C VAL H 4782 -36.54 63.37 -17.36
N ILE H 4783 -37.24 63.78 -18.41
CA ILE H 4783 -36.59 64.25 -19.62
C ILE H 4783 -35.82 65.53 -19.36
N PHE H 4784 -36.42 66.47 -18.61
CA PHE H 4784 -35.77 67.74 -18.37
C PHE H 4784 -34.59 67.60 -17.41
N THR H 4785 -34.54 66.51 -16.65
CA THR H 4785 -33.38 66.26 -15.80
C THR H 4785 -32.25 65.62 -16.59
N ASP H 4786 -32.48 65.32 -17.87
CA ASP H 4786 -31.48 64.61 -18.66
C ASP H 4786 -30.48 65.58 -19.28
N ASN H 4787 -29.19 65.26 -19.14
CA ASN H 4787 -28.15 66.17 -19.59
C ASN H 4787 -28.14 66.33 -21.11
N SER H 4788 -28.34 65.24 -21.85
CA SER H 4788 -28.33 65.34 -23.31
C SER H 4788 -29.49 66.18 -23.81
N PHE H 4789 -30.67 65.98 -23.24
CA PHE H 4789 -31.82 66.78 -23.64
C PHE H 4789 -31.61 68.25 -23.27
N LEU H 4790 -31.03 68.50 -22.10
CA LEU H 4790 -30.74 69.88 -21.72
C LEU H 4790 -29.73 70.52 -22.67
N TYR H 4791 -28.73 69.76 -23.10
CA TYR H 4791 -27.78 70.26 -24.08
C TYR H 4791 -28.46 70.61 -25.39
N LEU H 4792 -29.34 69.74 -25.88
CA LEU H 4792 -30.02 70.02 -27.13
C LEU H 4792 -30.95 71.22 -27.00
N GLY H 4793 -31.61 71.36 -25.86
CA GLY H 4793 -32.44 72.52 -25.62
C GLY H 4793 -31.62 73.81 -25.58
N TRP H 4794 -30.45 73.76 -24.95
CA TRP H 4794 -29.58 74.94 -24.93
C TRP H 4794 -29.11 75.26 -26.34
N TYR H 4795 -28.83 74.23 -27.15
CA TYR H 4795 -28.47 74.45 -28.54
C TYR H 4795 -29.58 75.18 -29.29
N MET H 4796 -30.83 74.73 -29.12
CA MET H 4796 -31.95 75.39 -29.80
C MET H 4796 -32.13 76.82 -29.31
N VAL H 4797 -32.01 77.04 -28.01
CA VAL H 4797 -32.16 78.37 -27.44
C VAL H 4797 -31.08 79.30 -27.99
N MET H 4798 -29.85 78.80 -28.08
CA MET H 4798 -28.76 79.60 -28.64
C MET H 4798 -28.99 79.87 -30.12
N SER H 4799 -29.63 78.94 -30.83
CA SER H 4799 -29.95 79.20 -32.24
C SER H 4799 -30.96 80.33 -32.37
N LEU H 4800 -31.99 80.33 -31.52
CA LEU H 4800 -32.95 81.43 -31.55
C LEU H 4800 -32.27 82.76 -31.18
N LEU H 4801 -31.40 82.72 -30.17
CA LEU H 4801 -30.68 83.93 -29.81
C LEU H 4801 -29.76 84.37 -30.95
N GLY H 4802 -29.27 83.43 -31.74
CA GLY H 4802 -28.50 83.77 -32.92
C GLY H 4802 -29.33 84.46 -33.98
N HIS H 4803 -30.59 84.02 -34.12
CA HIS H 4803 -31.52 84.77 -34.96
C HIS H 4803 -31.69 86.19 -34.44
N TYR H 4804 -31.75 86.35 -33.12
CA TYR H 4804 -31.82 87.69 -32.55
C TYR H 4804 -30.58 88.51 -32.91
N ASN H 4805 -29.40 87.95 -32.67
CA ASN H 4805 -28.13 88.58 -33.02
C ASN H 4805 -27.19 87.50 -33.53
N ASN H 4806 -26.62 87.72 -34.72
CA ASN H 4806 -25.94 86.64 -35.44
C ASN H 4806 -24.75 86.10 -34.65
N PHE H 4807 -24.10 86.93 -33.84
CA PHE H 4807 -22.92 86.48 -33.13
C PHE H 4807 -23.22 85.45 -32.06
N PHE H 4808 -24.49 85.26 -31.70
CA PHE H 4808 -24.84 84.22 -30.74
C PHE H 4808 -24.67 82.84 -31.34
N PHE H 4809 -24.49 82.75 -32.66
CA PHE H 4809 -24.22 81.47 -33.30
C PHE H 4809 -22.81 80.98 -33.02
N ALA H 4810 -21.96 81.83 -32.44
CA ALA H 4810 -20.60 81.41 -32.12
C ALA H 4810 -20.58 80.36 -31.01
N ALA H 4811 -21.59 80.37 -30.15
CA ALA H 4811 -21.62 79.42 -29.04
C ALA H 4811 -21.78 77.99 -29.55
N HIS H 4812 -22.37 77.83 -30.73
CA HIS H 4812 -22.57 76.48 -31.28
C HIS H 4812 -21.25 75.85 -31.70
N LEU H 4813 -20.19 76.64 -31.81
CA LEU H 4813 -18.89 76.08 -32.14
C LEU H 4813 -18.34 75.25 -30.99
N LEU H 4814 -18.91 75.38 -29.80
CA LEU H 4814 -18.46 74.59 -28.67
C LEU H 4814 -18.91 73.14 -28.81
N ASP H 4815 -19.84 72.88 -29.72
CA ASP H 4815 -20.38 71.54 -29.86
C ASP H 4815 -19.33 70.56 -30.37
N ILE H 4816 -18.43 71.02 -31.24
CA ILE H 4816 -17.39 70.15 -31.78
C ILE H 4816 -16.46 69.69 -30.67
N ALA H 4817 -16.33 70.49 -29.61
CA ALA H 4817 -15.52 70.09 -28.47
C ALA H 4817 -16.09 68.84 -27.81
N MET H 4818 -17.38 68.86 -27.47
CA MET H 4818 -17.98 67.70 -26.83
C MET H 4818 -18.14 66.56 -27.82
N GLY H 4819 -18.13 66.87 -29.11
CA GLY H 4819 -18.21 65.81 -30.12
C GLY H 4819 -16.98 64.93 -30.15
N VAL H 4820 -15.80 65.52 -29.96
CA VAL H 4820 -14.56 64.76 -30.05
C VAL H 4820 -14.14 64.30 -28.66
N LYS H 4821 -13.67 63.05 -28.57
CA LYS H 4821 -13.36 62.45 -27.26
C LYS H 4821 -12.22 63.18 -26.57
N THR H 4822 -11.18 63.54 -27.32
CA THR H 4822 -10.04 64.23 -26.71
C THR H 4822 -10.45 65.57 -26.13
N LEU H 4823 -11.24 66.34 -26.87
CA LEU H 4823 -11.69 67.63 -26.36
C LEU H 4823 -12.65 67.46 -25.20
N ARG H 4824 -13.46 66.40 -25.23
CA ARG H 4824 -14.34 66.13 -24.10
C ARG H 4824 -13.54 65.81 -22.85
N THR H 4825 -12.46 65.05 -23.00
CA THR H 4825 -11.58 64.79 -21.86
C THR H 4825 -10.92 66.07 -21.38
N ILE H 4826 -10.55 66.95 -22.30
CA ILE H 4826 -9.96 68.24 -21.90
C ILE H 4826 -10.95 69.03 -21.06
N LEU H 4827 -12.21 69.10 -21.50
CA LEU H 4827 -13.23 69.81 -20.72
C LEU H 4827 -13.46 69.14 -19.37
N SER H 4828 -13.50 67.80 -19.35
CA SER H 4828 -13.79 67.10 -18.10
C SER H 4828 -12.61 67.19 -17.13
N SER H 4829 -11.42 67.53 -17.63
CA SER H 4829 -10.26 67.64 -16.76
C SER H 4829 -10.42 68.80 -15.77
N VAL H 4830 -11.03 69.90 -16.21
CA VAL H 4830 -11.15 71.06 -15.33
C VAL H 4830 -12.12 70.79 -14.20
N THR H 4831 -13.01 69.82 -14.37
CA THR H 4831 -13.97 69.49 -13.31
C THR H 4831 -13.54 68.24 -12.56
N HIS H 4832 -12.56 67.50 -13.09
CA HIS H 4832 -12.14 66.27 -12.44
C HIS H 4832 -11.55 66.55 -11.06
N ASN H 4833 -10.80 67.64 -10.94
CA ASN H 4833 -10.26 68.10 -9.67
C ASN H 4833 -10.85 69.44 -9.25
N GLY H 4834 -12.15 69.65 -9.45
CA GLY H 4834 -12.73 70.96 -9.29
C GLY H 4834 -12.67 71.48 -7.86
N LYS H 4835 -12.88 70.60 -6.88
CA LYS H 4835 -12.83 71.02 -5.49
C LYS H 4835 -11.43 71.50 -5.12
N GLN H 4836 -10.41 70.74 -5.50
CA GLN H 4836 -9.03 71.16 -5.24
C GLN H 4836 -8.72 72.46 -5.97
N LEU H 4837 -9.19 72.60 -7.21
CA LEU H 4837 -8.95 73.84 -7.95
C LEU H 4837 -9.57 75.03 -7.23
N VAL H 4838 -10.81 74.90 -6.79
CA VAL H 4838 -11.47 76.02 -6.10
C VAL H 4838 -10.74 76.36 -4.82
N MET H 4839 -10.33 75.34 -4.04
CA MET H 4839 -9.65 75.62 -2.80
C MET H 4839 -8.29 76.29 -3.02
N THR H 4840 -7.54 75.85 -4.04
CA THR H 4840 -6.23 76.45 -4.25
C THR H 4840 -6.35 77.86 -4.83
N VAL H 4841 -7.39 78.11 -5.63
CA VAL H 4841 -7.63 79.47 -6.09
C VAL H 4841 -8.00 80.36 -4.91
N GLY H 4842 -8.79 79.84 -3.97
CA GLY H 4842 -9.08 80.60 -2.77
C GLY H 4842 -7.84 80.90 -1.95
N LEU H 4843 -6.93 79.92 -1.84
CA LEU H 4843 -5.69 80.15 -1.12
C LEU H 4843 -4.82 81.20 -1.82
N LEU H 4844 -4.78 81.16 -3.16
CA LEU H 4844 -4.06 82.19 -3.90
C LEU H 4844 -4.67 83.56 -3.64
N ALA H 4845 -6.00 83.64 -3.63
CA ALA H 4845 -6.65 84.92 -3.32
C ALA H 4845 -6.30 85.39 -1.92
N VAL H 4846 -6.24 84.47 -0.95
CA VAL H 4846 -5.92 84.85 0.42
C VAL H 4846 -4.50 85.38 0.52
N VAL H 4847 -3.53 84.70 -0.11
CA VAL H 4847 -2.15 85.15 0.00
C VAL H 4847 -1.97 86.48 -0.72
N VAL H 4848 -2.65 86.66 -1.85
CA VAL H 4848 -2.58 87.93 -2.56
C VAL H 4848 -3.20 89.04 -1.71
N TYR H 4849 -4.27 88.70 -0.98
CA TYR H 4849 -4.87 89.69 -0.09
C TYR H 4849 -3.93 90.10 1.03
N LEU H 4850 -3.19 89.14 1.59
CA LEU H 4850 -2.21 89.48 2.61
C LEU H 4850 -1.12 90.38 2.05
N TYR H 4851 -0.63 90.07 0.85
CA TYR H 4851 0.37 90.91 0.22
C TYR H 4851 -0.19 92.30 -0.05
N THR H 4852 -1.46 92.38 -0.44
CA THR H 4852 -2.12 93.67 -0.66
C THR H 4852 -2.20 94.46 0.63
N VAL H 4853 -2.52 93.80 1.74
CA VAL H 4853 -2.58 94.48 3.02
C VAL H 4853 -1.21 95.06 3.38
N VAL H 4854 -0.16 94.27 3.18
CA VAL H 4854 1.19 94.77 3.49
C VAL H 4854 1.52 95.97 2.61
N ALA H 4855 1.23 95.87 1.32
CA ALA H 4855 1.53 96.98 0.40
C ALA H 4855 0.74 98.22 0.78
N PHE H 4856 -0.53 98.06 1.12
CA PHE H 4856 -1.37 99.20 1.50
C PHE H 4856 -0.83 99.87 2.76
N ASN H 4857 -0.36 99.08 3.72
CA ASN H 4857 0.15 99.69 4.95
C ASN H 4857 1.48 100.40 4.72
N PHE H 4858 2.40 99.80 3.96
CA PHE H 4858 3.75 100.34 3.90
C PHE H 4858 4.21 100.82 2.53
N PHE H 4859 3.98 100.08 1.45
CA PHE H 4859 4.60 100.35 0.17
C PHE H 4859 3.69 101.13 -0.78
N ARG H 4860 2.91 102.08 -0.26
CA ARG H 4860 1.94 102.78 -1.10
C ARG H 4860 2.61 103.60 -2.19
N LYS H 4861 3.75 104.20 -1.89
CA LYS H 4861 4.35 105.16 -2.81
C LYS H 4861 4.76 104.50 -4.13
N PHE H 4862 5.22 103.26 -4.07
CA PHE H 4862 5.75 102.61 -5.27
C PHE H 4862 4.63 102.26 -6.25
N TYR H 4863 3.38 102.34 -5.81
CA TYR H 4863 2.30 101.75 -6.61
C TYR H 4863 1.71 102.77 -7.58
N ASN H 4864 2.33 103.93 -7.71
CA ASN H 4864 1.86 104.91 -8.68
C ASN H 4864 2.15 104.38 -10.08
N LYS H 4865 1.13 104.39 -10.94
CA LYS H 4865 1.25 103.88 -12.30
C LYS H 4865 1.16 104.96 -13.35
N SER H 4866 1.30 106.23 -12.96
CA SER H 4866 1.25 107.34 -13.89
C SER H 4866 2.64 107.98 -13.96
N GLU H 4867 3.17 108.09 -15.18
CA GLU H 4867 4.50 108.68 -15.35
C GLU H 4867 4.47 110.19 -15.21
N ASP H 4868 3.33 110.82 -15.53
CA ASP H 4868 3.25 112.27 -15.49
C ASP H 4868 3.18 112.76 -14.04
N GLU H 4869 3.96 113.80 -13.74
CA GLU H 4869 3.98 114.34 -12.40
C GLU H 4869 2.66 115.02 -12.04
N ASP H 4870 2.06 115.72 -13.01
CA ASP H 4870 0.85 116.50 -12.72
C ASP H 4870 -0.32 115.60 -12.33
N GLU H 4871 -0.53 114.51 -13.06
CA GLU H 4871 -1.65 113.62 -12.79
C GLU H 4871 -1.14 112.26 -12.30
N PRO H 4872 -1.21 112.00 -11.01
CA PRO H 4872 -0.87 110.66 -10.52
C PRO H 4872 -2.08 109.76 -10.37
N ASP H 4873 -1.92 108.46 -10.57
CA ASP H 4873 -2.94 107.48 -10.25
C ASP H 4873 -2.34 106.46 -9.29
N MET H 4874 -3.09 106.13 -8.24
CA MET H 4874 -2.60 105.30 -7.15
C MET H 4874 -3.38 104.01 -7.11
N LYS H 4875 -2.68 102.89 -6.93
CA LYS H 4875 -3.36 101.60 -6.83
C LYS H 4875 -3.65 101.24 -5.38
N CYS H 4876 -2.70 101.49 -4.48
CA CYS H 4876 -2.87 101.19 -3.06
C CYS H 4876 -3.39 102.35 -2.23
N ASP H 4877 -3.94 103.40 -2.85
CA ASP H 4877 -4.61 104.42 -2.05
C ASP H 4877 -5.92 103.87 -1.48
N ASP H 4878 -6.48 102.85 -2.12
CA ASP H 4878 -7.68 102.17 -1.65
C ASP H 4878 -7.41 100.67 -1.61
N MET H 4879 -7.86 100.02 -0.53
CA MET H 4879 -7.56 98.60 -0.36
C MET H 4879 -8.18 97.76 -1.46
N MET H 4880 -9.43 98.05 -1.82
CA MET H 4880 -10.08 97.29 -2.89
C MET H 4880 -9.37 97.50 -4.21
N THR H 4881 -8.99 98.73 -4.51
CA THR H 4881 -8.26 99.02 -5.74
C THR H 4881 -6.94 98.27 -5.78
N CYS H 4882 -6.21 98.23 -4.66
CA CYS H 4882 -4.91 97.57 -4.67
C CYS H 4882 -5.08 96.05 -4.73
N TYR H 4883 -6.11 95.52 -4.10
CA TYR H 4883 -6.38 94.09 -4.21
C TYR H 4883 -6.68 93.69 -5.66
N LEU H 4884 -7.53 94.48 -6.32
CA LEU H 4884 -7.83 94.21 -7.72
C LEU H 4884 -6.58 94.36 -8.58
N PHE H 4885 -5.76 95.37 -8.32
CA PHE H 4885 -4.53 95.57 -9.06
C PHE H 4885 -3.61 94.38 -8.91
N HIS H 4886 -3.44 93.88 -7.68
CA HIS H 4886 -2.62 92.70 -7.46
C HIS H 4886 -3.17 91.51 -8.24
N MET H 4887 -4.42 91.11 -7.96
CA MET H 4887 -4.97 89.93 -8.60
C MET H 4887 -5.01 90.06 -10.12
N TYR H 4888 -4.96 91.28 -10.64
CA TYR H 4888 -5.06 91.46 -12.08
C TYR H 4888 -3.70 91.43 -12.75
N VAL H 4889 -2.71 92.16 -12.21
CA VAL H 4889 -1.44 92.31 -12.91
C VAL H 4889 -0.33 91.46 -12.29
N GLY H 4890 -0.30 91.32 -10.96
CA GLY H 4890 0.79 90.59 -10.33
C GLY H 4890 0.77 89.11 -10.67
N VAL H 4891 -0.42 88.51 -10.67
CA VAL H 4891 -0.53 87.09 -10.98
C VAL H 4891 -0.16 86.82 -12.43
N ARG H 4892 -0.56 87.72 -13.34
CA ARG H 4892 -0.27 87.52 -14.75
C ARG H 4892 1.21 87.78 -15.05
N ALA H 4893 1.83 88.70 -14.33
CA ALA H 4893 3.22 89.05 -14.59
C ALA H 4893 4.14 87.90 -14.26
N GLY H 4894 5.15 87.69 -15.11
CA GLY H 4894 6.10 86.62 -14.88
C GLY H 4894 6.98 86.86 -13.67
N GLY H 4895 7.41 88.10 -13.49
CA GLY H 4895 8.28 88.41 -12.35
C GLY H 4895 7.50 88.69 -11.08
N GLY H 4896 6.19 88.78 -11.19
CA GLY H 4896 5.37 89.12 -10.04
C GLY H 4896 5.00 90.59 -10.03
N ILE H 4897 4.57 91.04 -8.86
CA ILE H 4897 4.14 92.43 -8.72
C ILE H 4897 5.32 93.37 -8.84
N GLY H 4898 6.51 92.93 -8.43
CA GLY H 4898 7.67 93.79 -8.45
C GLY H 4898 8.04 94.26 -9.85
N ASP H 4899 7.69 93.46 -10.86
CA ASP H 4899 7.87 93.91 -12.23
C ASP H 4899 7.02 95.13 -12.53
N GLU H 4900 5.76 95.12 -12.05
CA GLU H 4900 4.86 96.23 -12.35
C GLU H 4900 5.20 97.47 -11.53
N ILE H 4901 5.46 97.32 -10.23
CA ILE H 4901 5.60 98.51 -9.41
C ILE H 4901 7.01 99.08 -9.52
N GLU H 4902 7.18 100.28 -8.97
CA GLU H 4902 8.37 101.08 -9.21
C GLU H 4902 9.58 100.53 -8.46
N ASP H 4903 10.76 100.75 -9.05
CA ASP H 4903 12.00 100.21 -8.50
C ASP H 4903 12.30 100.85 -7.14
N PRO H 4904 12.58 100.05 -6.12
CA PRO H 4904 12.83 100.58 -4.77
C PRO H 4904 14.27 100.98 -4.48
N ALA H 4905 15.12 101.13 -5.49
CA ALA H 4905 16.54 101.41 -5.24
C ALA H 4905 16.69 102.74 -4.51
N GLY H 4906 17.59 102.76 -3.53
CA GLY H 4906 17.84 103.97 -2.77
C GLY H 4906 16.67 104.41 -1.91
N ASP H 4907 16.03 103.48 -1.22
CA ASP H 4907 14.91 103.79 -0.35
C ASP H 4907 15.12 103.06 0.98
N GLU H 4908 14.57 103.64 2.05
CA GLU H 4908 14.78 103.07 3.38
C GLU H 4908 14.08 101.74 3.52
N TYR H 4909 13.05 101.49 2.70
CA TYR H 4909 12.32 100.23 2.72
C TYR H 4909 12.78 99.26 1.65
N GLU H 4910 13.97 99.48 1.08
CA GLU H 4910 14.38 98.71 -0.09
C GLU H 4910 14.50 97.23 0.21
N LEU H 4911 15.10 96.88 1.35
CA LEU H 4911 15.32 95.46 1.65
C LEU H 4911 14.00 94.75 1.91
N TYR H 4912 13.11 95.36 2.72
CA TYR H 4912 11.80 94.76 2.93
C TYR H 4912 11.05 94.65 1.61
N ARG H 4913 11.23 95.61 0.71
CA ARG H 4913 10.49 95.58 -0.54
C ARG H 4913 11.01 94.48 -1.47
N VAL H 4914 12.33 94.28 -1.52
CA VAL H 4914 12.86 93.20 -2.35
C VAL H 4914 12.46 91.85 -1.78
N VAL H 4915 12.43 91.74 -0.45
CA VAL H 4915 11.93 90.51 0.17
C VAL H 4915 10.46 90.29 -0.22
N PHE H 4916 9.67 91.36 -0.18
CA PHE H 4916 8.26 91.28 -0.52
C PHE H 4916 8.06 90.82 -1.96
N ASP H 4917 8.80 91.41 -2.89
CA ASP H 4917 8.69 91.03 -4.30
C ASP H 4917 9.14 89.60 -4.53
N ILE H 4918 10.27 89.21 -3.95
CA ILE H 4918 10.79 87.87 -4.17
C ILE H 4918 9.84 86.82 -3.60
N THR H 4919 9.33 87.05 -2.40
CA THR H 4919 8.40 86.10 -1.79
C THR H 4919 7.09 86.03 -2.57
N PHE H 4920 6.61 87.18 -3.07
CA PHE H 4920 5.43 87.15 -3.92
C PHE H 4920 5.66 86.30 -5.17
N PHE H 4921 6.78 86.53 -5.85
CA PHE H 4921 7.06 85.79 -7.07
C PHE H 4921 7.24 84.31 -6.80
N PHE H 4922 7.80 83.96 -5.64
CA PHE H 4922 7.98 82.56 -5.30
C PHE H 4922 6.66 81.88 -4.97
N PHE H 4923 5.86 82.49 -4.09
CA PHE H 4923 4.66 81.82 -3.59
C PHE H 4923 3.54 81.82 -4.62
N VAL H 4924 3.33 82.93 -5.30
CA VAL H 4924 2.18 83.09 -6.18
C VAL H 4924 2.50 82.70 -7.62
N ILE H 4925 3.50 83.34 -8.21
CA ILE H 4925 3.81 83.10 -9.62
C ILE H 4925 4.28 81.66 -9.83
N VAL H 4926 5.14 81.17 -8.95
CA VAL H 4926 5.74 79.86 -9.11
C VAL H 4926 4.89 78.76 -8.50
N ILE H 4927 4.73 78.77 -7.18
CA ILE H 4927 4.18 77.62 -6.48
C ILE H 4927 2.70 77.45 -6.79
N LEU H 4928 1.91 78.50 -6.56
CA LEU H 4928 0.46 78.34 -6.62
C LEU H 4928 -0.03 78.21 -8.07
N LEU H 4929 0.50 79.02 -8.97
CA LEU H 4929 0.15 78.87 -10.38
C LEU H 4929 0.59 77.52 -10.90
N ALA H 4930 1.80 77.07 -10.52
CA ALA H 4930 2.26 75.76 -10.92
C ALA H 4930 1.34 74.66 -10.39
N ILE H 4931 0.82 74.84 -9.18
CA ILE H 4931 -0.06 73.83 -8.58
C ILE H 4931 -1.39 73.77 -9.32
N ILE H 4932 -1.95 74.93 -9.67
CA ILE H 4932 -3.21 74.93 -10.42
C ILE H 4932 -3.03 74.29 -11.80
N GLN H 4933 -1.97 74.69 -12.50
CA GLN H 4933 -1.65 74.05 -13.77
C GLN H 4933 -1.48 72.55 -13.60
N GLY H 4934 -0.81 72.13 -12.54
CA GLY H 4934 -0.62 70.72 -12.30
C GLY H 4934 -1.92 69.99 -12.07
N LEU H 4935 -2.83 70.61 -11.31
CA LEU H 4935 -4.13 69.99 -11.11
C LEU H 4935 -4.82 69.73 -12.44
N ILE H 4936 -4.88 70.74 -13.31
CA ILE H 4936 -5.55 70.55 -14.60
C ILE H 4936 -4.84 69.49 -15.45
N ILE H 4937 -3.52 69.59 -15.57
CA ILE H 4937 -2.79 68.71 -16.48
C ILE H 4937 -2.79 67.28 -15.96
N ASP H 4938 -2.63 67.09 -14.65
CA ASP H 4938 -2.67 65.75 -14.09
C ASP H 4938 -4.07 65.17 -14.19
N ALA H 4939 -5.11 65.98 -14.09
CA ALA H 4939 -6.45 65.46 -14.34
C ALA H 4939 -6.57 64.93 -15.77
N PHE H 4940 -6.08 65.70 -16.74
CA PHE H 4940 -6.09 65.26 -18.13
C PHE H 4940 -5.34 63.94 -18.30
N GLY H 4941 -4.10 63.90 -17.81
CA GLY H 4941 -3.29 62.70 -17.96
C GLY H 4941 -3.89 61.51 -17.24
N GLU H 4942 -4.47 61.74 -16.06
CA GLU H 4942 -5.07 60.65 -15.29
C GLU H 4942 -6.27 60.08 -16.03
N LEU H 4943 -7.09 60.92 -16.66
CA LEU H 4943 -8.20 60.40 -17.43
C LEU H 4943 -7.72 59.58 -18.62
N ARG H 4944 -6.69 60.06 -19.34
CA ARG H 4944 -6.17 59.29 -20.46
C ARG H 4944 -5.59 57.96 -19.99
N ASP H 4945 -4.89 57.97 -18.86
CA ASP H 4945 -4.37 56.72 -18.30
C ASP H 4945 -5.50 55.78 -17.90
N GLN H 4946 -6.64 56.34 -17.46
CA GLN H 4946 -7.78 55.47 -17.18
C GLN H 4946 -8.27 54.79 -18.45
N GLN H 4947 -8.35 55.53 -19.56
CA GLN H 4947 -8.72 54.89 -20.81
C GLN H 4947 -7.76 53.75 -21.16
N GLU H 4948 -6.46 54.03 -21.11
CA GLU H 4948 -5.48 53.02 -21.46
C GLU H 4948 -5.54 51.83 -20.51
N GLN H 4949 -5.77 52.08 -19.23
CA GLN H 4949 -5.83 51.00 -18.24
C GLN H 4949 -7.06 50.12 -18.47
N VAL H 4950 -8.19 50.73 -18.84
CA VAL H 4950 -9.37 49.94 -19.15
C VAL H 4950 -9.09 49.03 -20.35
N LYS H 4951 -8.46 49.59 -21.39
CA LYS H 4951 -8.13 48.77 -22.55
C LYS H 4951 -7.19 47.63 -22.16
N GLU H 4952 -6.18 47.93 -21.35
CA GLU H 4952 -5.21 46.91 -20.95
C GLU H 4952 -5.87 45.82 -20.12
N ASP H 4953 -6.77 46.19 -19.20
CA ASP H 4953 -7.45 45.21 -18.38
C ASP H 4953 -8.32 44.30 -19.23
N MET H 4954 -9.01 44.87 -20.23
CA MET H 4954 -9.77 44.04 -21.15
C MET H 4954 -8.87 43.07 -21.90
N GLU H 4955 -7.68 43.52 -22.29
CA GLU H 4955 -6.76 42.64 -23.02
C GLU H 4955 -6.17 41.57 -22.11
N THR H 4956 -6.09 41.85 -20.80
CA THR H 4956 -5.37 40.93 -19.91
C THR H 4956 -6.28 39.91 -19.26
N LYS H 4957 -7.50 40.30 -18.90
CA LYS H 4957 -8.37 39.36 -18.19
C LYS H 4957 -9.64 39.12 -18.97
N CYS H 4958 -10.21 37.93 -18.79
CA CYS H 4958 -11.53 37.65 -19.32
C CYS H 4958 -12.57 38.44 -18.52
N PHE H 4959 -13.52 39.04 -19.22
CA PHE H 4959 -14.47 39.93 -18.58
C PHE H 4959 -15.46 39.16 -17.73
N ILE H 4960 -15.67 37.88 -18.04
CA ILE H 4960 -16.69 37.10 -17.35
C ILE H 4960 -16.10 36.37 -16.15
N CYS H 4961 -15.06 35.57 -16.37
CA CYS H 4961 -14.52 34.72 -15.33
C CYS H 4961 -13.37 35.33 -14.54
N GLY H 4962 -12.73 36.38 -15.04
CA GLY H 4962 -11.71 37.06 -14.30
C GLY H 4962 -10.34 36.41 -14.31
N ILE H 4963 -10.17 35.31 -15.05
CA ILE H 4963 -8.87 34.66 -15.13
C ILE H 4963 -7.98 35.42 -16.11
N GLY H 4964 -6.71 35.60 -15.74
CA GLY H 4964 -5.81 36.37 -16.56
C GLY H 4964 -5.49 35.68 -17.89
N SER H 4965 -4.93 36.46 -18.81
CA SER H 4965 -4.62 35.92 -20.14
C SER H 4965 -3.50 34.89 -20.07
N ASP H 4966 -2.63 34.99 -19.07
CA ASP H 4966 -1.44 34.15 -19.05
C ASP H 4966 -1.79 32.67 -18.94
N TYR H 4967 -2.82 32.34 -18.16
CA TYR H 4967 -3.20 30.94 -18.00
C TYR H 4967 -3.67 30.34 -19.32
N PHE H 4968 -4.44 31.11 -20.10
CA PHE H 4968 -4.92 30.61 -21.38
C PHE H 4968 -3.83 30.64 -22.44
N ASP H 4969 -2.85 31.53 -22.29
CA ASP H 4969 -1.89 31.76 -23.36
C ASP H 4969 -0.89 30.63 -23.50
N THR H 4970 -0.87 29.71 -22.54
CA THR H 4970 -0.01 28.54 -22.68
C THR H 4970 -0.33 27.78 -23.96
N THR H 4971 -1.61 27.52 -24.20
CA THR H 4971 -2.05 27.12 -25.52
C THR H 4971 -2.01 28.34 -26.45
N PRO H 4972 -1.45 28.20 -27.65
CA PRO H 4972 -1.38 29.34 -28.57
C PRO H 4972 -2.77 29.88 -28.88
N HIS H 4973 -2.88 31.20 -28.94
CA HIS H 4973 -4.15 31.92 -29.11
C HIS H 4973 -5.18 31.48 -28.08
N GLY H 4974 -4.72 31.04 -26.91
CA GLY H 4974 -5.64 30.51 -25.91
C GLY H 4974 -6.60 31.56 -25.39
N PHE H 4975 -6.09 32.74 -25.04
CA PHE H 4975 -6.95 33.80 -24.56
C PHE H 4975 -7.91 34.28 -25.65
N GLU H 4976 -7.41 34.38 -26.88
CA GLU H 4976 -8.27 34.80 -27.98
C GLU H 4976 -9.43 33.83 -28.17
N THR H 4977 -9.16 32.52 -28.15
CA THR H 4977 -10.23 31.55 -28.28
C THR H 4977 -11.17 31.61 -27.07
N HIS H 4978 -10.61 31.76 -25.87
CA HIS H 4978 -11.44 31.81 -24.67
C HIS H 4978 -12.41 32.97 -24.72
N THR H 4979 -11.95 34.13 -25.16
CA THR H 4979 -12.84 35.30 -25.24
C THR H 4979 -13.77 35.20 -26.43
N LEU H 4980 -13.35 34.53 -27.51
CA LEU H 4980 -14.15 34.53 -28.72
C LEU H 4980 -15.30 33.53 -28.64
N GLU H 4981 -15.03 32.29 -28.25
CA GLU H 4981 -16.11 31.31 -28.15
C GLU H 4981 -16.50 31.02 -26.71
N GLU H 4982 -15.56 30.63 -25.84
CA GLU H 4982 -15.94 30.05 -24.57
C GLU H 4982 -16.67 31.04 -23.66
N HIS H 4983 -16.14 32.26 -23.53
CA HIS H 4983 -16.69 33.23 -22.59
C HIS H 4983 -17.01 34.57 -23.24
N ASN H 4984 -17.69 34.56 -24.39
CA ASN H 4984 -18.01 35.80 -25.07
C ASN H 4984 -19.22 36.47 -24.42
N LEU H 4985 -19.03 37.72 -23.97
CA LEU H 4985 -20.16 38.43 -23.35
C LEU H 4985 -21.26 38.68 -24.38
N ALA H 4986 -20.90 38.82 -25.64
CA ALA H 4986 -21.92 38.86 -26.69
C ALA H 4986 -22.72 37.58 -26.70
N ASN H 4987 -22.05 36.44 -26.52
CA ASN H 4987 -22.77 35.18 -26.45
C ASN H 4987 -23.68 35.11 -25.24
N TYR H 4988 -23.25 35.69 -24.11
CA TYR H 4988 -24.11 35.73 -22.94
C TYR H 4988 -25.36 36.55 -23.19
N MET H 4989 -25.21 37.72 -23.82
CA MET H 4989 -26.37 38.52 -24.16
C MET H 4989 -27.29 37.77 -25.12
N PHE H 4990 -26.70 37.10 -26.11
CA PHE H 4990 -27.49 36.34 -27.07
C PHE H 4990 -28.24 35.21 -26.37
N PHE H 4991 -27.61 34.58 -25.38
CA PHE H 4991 -28.30 33.55 -24.60
C PHE H 4991 -29.47 34.14 -23.85
N LEU H 4992 -29.29 35.33 -23.28
CA LEU H 4992 -30.41 35.97 -22.56
C LEU H 4992 -31.57 36.26 -23.50
N MET H 4993 -31.29 36.81 -24.69
CA MET H 4993 -32.36 37.07 -25.64
C MET H 4993 -33.03 35.78 -26.10
N TYR H 4994 -32.24 34.74 -26.34
CA TYR H 4994 -32.78 33.45 -26.77
C TYR H 4994 -33.67 32.85 -25.69
N LEU H 4995 -33.28 32.98 -24.42
CA LEU H 4995 -34.12 32.53 -23.32
C LEU H 4995 -35.42 33.31 -23.28
N ILE H 4996 -35.36 34.62 -23.49
CA ILE H 4996 -36.58 35.43 -23.46
C ILE H 4996 -37.53 35.01 -24.57
N ASN H 4997 -37.02 34.81 -25.78
CA ASN H 4997 -37.90 34.47 -26.89
C ASN H 4997 -38.41 33.04 -26.80
N LYS H 4998 -37.59 32.12 -26.29
CA LYS H 4998 -37.99 30.72 -26.24
C LYS H 4998 -39.10 30.50 -25.24
N ASP H 4999 -39.90 29.47 -25.48
CA ASP H 4999 -40.99 29.13 -24.59
C ASP H 4999 -40.48 28.43 -23.33
N GLU H 5000 -41.12 28.74 -22.20
CA GLU H 5000 -40.72 28.13 -20.93
C GLU H 5000 -40.91 26.62 -20.96
N THR H 5001 -41.99 26.15 -21.58
CA THR H 5001 -42.19 24.71 -21.71
C THR H 5001 -41.15 24.10 -22.63
N GLU H 5002 -40.53 24.91 -23.50
CA GLU H 5002 -39.53 24.38 -24.42
C GLU H 5002 -38.14 24.47 -23.82
N HIS H 5003 -37.98 25.20 -22.72
CA HIS H 5003 -36.68 25.33 -22.08
C HIS H 5003 -36.14 23.96 -21.67
N THR H 5004 -34.85 23.75 -21.89
CA THR H 5004 -34.18 22.55 -21.39
C THR H 5004 -33.89 22.70 -19.91
N GLY H 5005 -33.19 21.70 -19.35
CA GLY H 5005 -32.87 21.76 -17.94
C GLY H 5005 -31.95 22.90 -17.58
N GLN H 5006 -30.84 23.02 -18.30
CA GLN H 5006 -29.89 24.10 -18.04
C GLN H 5006 -30.51 25.46 -18.35
N GLU H 5007 -31.27 25.54 -19.44
CA GLU H 5007 -31.94 26.79 -19.77
C GLU H 5007 -32.92 27.21 -18.70
N SER H 5008 -33.71 26.25 -18.18
CA SER H 5008 -34.65 26.57 -17.12
C SER H 5008 -33.91 26.99 -15.85
N TYR H 5009 -32.80 26.33 -15.55
CA TYR H 5009 -32.03 26.69 -14.36
C TYR H 5009 -31.53 28.13 -14.46
N VAL H 5010 -30.94 28.48 -15.61
CA VAL H 5010 -30.43 29.84 -15.79
C VAL H 5010 -31.57 30.86 -15.79
N TRP H 5011 -32.71 30.49 -16.38
CA TRP H 5011 -33.88 31.37 -16.38
C TRP H 5011 -34.38 31.65 -14.97
N LYS H 5012 -34.42 30.61 -14.14
CA LYS H 5012 -34.84 30.79 -12.76
C LYS H 5012 -33.87 31.68 -12.00
N MET H 5013 -32.56 31.46 -12.18
CA MET H 5013 -31.60 32.33 -11.52
C MET H 5013 -31.76 33.76 -12.00
N TYR H 5014 -32.01 33.95 -13.30
CA TYR H 5014 -32.17 35.30 -13.85
C TYR H 5014 -33.38 36.01 -13.27
N GLN H 5015 -34.53 35.33 -13.21
CA GLN H 5015 -35.71 35.97 -12.63
C GLN H 5015 -35.56 36.19 -11.14
N GLU H 5016 -34.75 35.36 -10.49
CA GLU H 5016 -34.45 35.60 -9.08
C GLU H 5016 -33.37 36.65 -8.87
N ARG H 5017 -32.79 37.16 -9.96
CA ARG H 5017 -31.70 38.14 -9.91
C ARG H 5017 -30.51 37.61 -9.14
N CYS H 5018 -30.24 36.31 -9.27
CA CYS H 5018 -29.07 35.69 -8.67
C CYS H 5018 -28.10 35.30 -9.77
N TRP H 5019 -26.87 35.78 -9.66
CA TRP H 5019 -25.88 35.66 -10.72
C TRP H 5019 -24.85 34.58 -10.46
N ASP H 5020 -25.22 33.53 -9.71
CA ASP H 5020 -24.27 32.49 -9.39
C ASP H 5020 -23.97 31.61 -10.59
N PHE H 5021 -24.80 31.66 -11.64
CA PHE H 5021 -24.58 30.80 -12.80
C PHE H 5021 -23.42 31.30 -13.63
N PHE H 5022 -23.06 32.57 -13.51
CA PHE H 5022 -21.90 33.08 -14.21
C PHE H 5022 -20.64 32.41 -13.68
N PRO H 5023 -19.77 31.91 -14.55
CA PRO H 5023 -18.50 31.35 -14.06
C PRO H 5023 -17.65 32.43 -13.41
N ALA H 5024 -17.11 32.11 -12.24
CA ALA H 5024 -16.36 33.07 -11.43
C ALA H 5024 -15.04 32.43 -11.02
N GLY H 5025 -13.96 32.84 -11.68
CA GLY H 5025 -12.67 32.26 -11.39
C GLY H 5025 -12.52 30.81 -11.79
N ASP H 5026 -13.39 30.30 -12.65
CA ASP H 5026 -13.34 28.92 -13.09
C ASP H 5026 -13.71 28.85 -14.56
N CYS H 5027 -13.15 27.86 -15.24
CA CYS H 5027 -13.35 27.67 -16.67
C CYS H 5027 -13.53 26.18 -16.97
N PHE H 5028 -14.14 25.90 -18.11
CA PHE H 5028 -14.29 24.51 -18.54
C PHE H 5028 -12.92 23.86 -18.73
N ARG H 5029 -11.99 24.57 -19.37
CA ARG H 5029 -10.68 24.01 -19.62
C ARG H 5029 -9.84 23.94 -18.35
N LYS H 5030 -10.16 24.78 -17.37
CA LYS H 5030 -9.45 24.71 -16.09
C LYS H 5030 -9.96 23.55 -15.25
N GLN H 5031 -11.27 23.30 -15.27
CA GLN H 5031 -11.83 22.24 -14.43
C GLN H 5031 -11.51 20.86 -14.99
N TYR H 5032 -11.53 20.72 -16.31
CA TYR H 5032 -11.30 19.43 -16.95
C TYR H 5032 -9.91 19.32 -17.55
N GLU H 5033 -8.93 20.02 -16.99
CA GLU H 5033 -7.61 20.09 -17.61
C GLU H 5033 -6.93 18.72 -17.67
N ASP H 5034 -7.05 17.94 -16.60
CA ASP H 5034 -6.40 16.63 -16.58
C ASP H 5034 -7.04 15.68 -17.58
N GLN H 5035 -8.38 15.67 -17.64
CA GLN H 5035 -9.06 14.78 -18.58
C GLN H 5035 -8.80 15.19 -20.02
N LEU H 5036 -8.75 16.51 -20.28
CA LEU H 5036 -8.41 16.98 -21.61
C LEU H 5036 -6.99 16.60 -21.99
N SER H 5037 -6.06 16.70 -21.05
CA SER H 5037 -4.67 16.33 -21.29
C SER H 5037 -4.47 14.83 -21.16
#